data_8BD3
#
_entry.id   8BD3
#
_cell.length_a   1.00
_cell.length_b   1.00
_cell.length_c   1.00
_cell.angle_alpha   90.00
_cell.angle_beta   90.00
_cell.angle_gamma   90.00
#
_symmetry.space_group_name_H-M   'P 1'
#
loop_
_entity.id
_entity.type
_entity.pdbx_description
1 polymer 'Chlorophyll a-b binding protein, chloroplastic'
2 polymer 'Chlorophyll a-b binding protein, chloroplastic'
3 polymer 'Chlorophyll a-b binding of LHCII'
4 polymer 'Chlorophyll a-b binding of LHCII'
5 polymer 'Photosystem II protein D1'
6 polymer 'Photosystem II CP47 reaction center protein'
7 polymer 'Photosystem II CP43 reaction center protein'
8 polymer 'Photosystem II D2 protein'
9 polymer 'Cytochrome b559 subunit alpha'
10 polymer 'Cytochrome b559 subunit beta'
11 polymer 'Photosystem II reaction center protein H'
12 polymer 'Photosystem II reaction center protein I'
13 polymer 'Photosystem II reaction center protein J'
14 polymer 'Photosystem II reaction center protein K'
15 polymer 'Photosystem II reaction center protein L'
16 polymer 'Photosystem II reaction center protein M'
17 polymer 'Chloroplast oxygen-evolving enhancer protein 1'
18 polymer 'Chlorophyll a b binding CP29'
19 polymer 'Chlorophyll a b-binding CP26'
20 polymer 'Photosystem II reaction center protein T'
21 polymer 'Photosystem II reaction center protein Ycf12'
22 polymer 'Photosystem II reaction center W protein'
23 polymer 'Photosystem II reaction center protein X'
24 polymer 'Multifunctional fusion protein'
25 polymer 'Photosystem II reaction center protein Z'
26 polymer 'Chloroplast oxygen-evolving enhancer protein 3'
27 polymer 'Chloroplast PsbY'
28 polymer 'Chloroplast photosystem II 10 kDa protein'
29 polymer 'Photosystem II oxygen evolving enhancer 2'
30 non-polymer 'CHLOROPHYLL B'
31 non-polymer 'CHLOROPHYLL A'
32 non-polymer "(3R,3'R,6S)-4,5-DIDEHYDRO-5,6-DIHYDRO-BETA,BETA-CAROTENE-3,3'-DIOL"
33 non-polymer 1,2-DIPALMITOYL-PHOSPHATIDYL-GLYCEROLE
34 non-polymer 1,2-DISTEAROYL-MONOGALACTOSYL-DIGLYCERIDE
35 non-polymer (3R)-beta,beta-caroten-3-ol
36 non-polymer (1R,3R)-6-{(3E,5E,7E,9E,11E,13E,15E,17E)-18-[(1S,4R,6R)-4-HYDROXY-2,2,6-TRIMETHYL-7-OXABICYCLO[4.1.0]HEPT-1-YL]-3,7,12,16-TETRAMETHYLOCTADECA-1,3,5,7,9,11,13,15,17-NONAENYLIDENE}-1,5,5-TRIMETHYLCYCLOHEXANE-1,3-DIOL
37 non-polymer "(3S,5R,6S,3'S,5'R,6'S)-5,6,5',6'-DIEPOXY-5,6,5',6'- TETRAHYDRO-BETA,BETA-CAROTENE-3,3'-DIOL"
38 non-polymer 1,2-DI-O-ACYL-3-O-[6-DEOXY-6-SULFO-ALPHA-D-GLUCOPYRANOSYL]-SN-GLYCEROL
39 non-polymer 'CA-MN4-O5 CLUSTER'
40 non-polymer 'FE (II) ION'
41 non-polymer 'CHLORIDE ION'
42 non-polymer 'PHEOPHYTIN A'
43 non-polymer BETA-CAROTENE
44 non-polymer 2,3-DIMETHYL-5-(3,7,11,15,19,23,27,31,35-NONAMETHYL-2,6,10,14,18,22,26,30,34-HEXATRIACONTANONAENYL-2,5-CYCLOHEXADIENE-1,4-DIONE-2,3-DIMETHYL-5-SOLANESYL-1,4-BENZOQUINONE
45 non-polymer 'DIGALACTOSYL DIACYL GLYCEROL (DGDG)'
46 non-polymer 'BICARBONATE ION'
47 non-polymer 'PROTOPORPHYRIN IX CONTAINING FE'
48 non-polymer DODECYL-ALPHA-D-MALTOSIDE
49 water water
#
loop_
_entity_poly.entity_id
_entity_poly.type
_entity_poly.pdbx_seq_one_letter_code
_entity_poly.pdbx_strand_id
1 'polypeptide(L)'
;SQWYGPDRPKFLGPYSTNFVPSYLTGEFPGDYGWDTSGLSADPATFARYREIEVIHARWAMLGALGCVVPELLDGTNHIA
WFKAGAEIFGDDGIQYLGIPGLINAKSIVATLIVQVVLMSYVEGYRVNGGPAGTGLDAVYPGGNFDPLGLADDPDTLAEL
KVKEIKNGRLAMLSMFGFFIQAIVTGEGPIKNLNDHLADASANNFYALYAKNLA
;
1,7
2 'polypeptide(L)'
;EFYGPDRAKWLGPFSEGSVPSYLKGEFPGDYGWDTAGLSADPETFARYREIEVIHARWAMLGALGCLTPELLQNNGAADF
GEAAVWFKAGASIFNEDGLNYLGNPSLIHAQSIVAVLLTQLVIMGAAEAYRYSGEGPVETSGDSLYPGGFFDPLGLADDP
DTLAELKVKEIKNGRLAMFSMFGFFVQGLVTGKSPLENLADHLAEPSVNNGFASATKFLPLP
;
2,4,G,9,q,g
3 'polypeptide(L)'
;VEWYGPNRPQFLGPFSNPPSYLKGEFPGDYGWDTAGLSADPETFARYRELEVIHARWAMLGALGCVTPELLQRNGVANFG
EAVWFKAGAQIFQEGGLDYLGNPSLIHAQSIVAILLTQLVLMGLIEGYRVNGGPAGEGLDALYPGEAFDPLGLADDPDTF
AELKVKELKNGRLAMVSMLGFGVQGLITRKGPIENLADHLAAPDATNFWVDYAPKSAGIGY
;
3,5,N,8,p,n
4 'polypeptide(L)'
;EFYGPDRVKFLGPFSGNTPSYLKGEYPGDYGWDTAGLSADPETFARYRELEVIHARWAMLGALGCVTPELLQRNGAANFG
EAVWFKAGAQIFQEGGLDYLGNPNLVHAQSIVAILLTQVVLMGLIEGYRVNGGPAGEVVDPIYPGEAFDPLGLADDPDTL
AELKVKEIKNGRLAMVSMFGFFIQAIVTGKGPVQNLSDHLASPSTDNFYSLYAKTLA
;
6,0
5 'polypeptide(L)'
;ESTSLWARFCEWVTSTENRLYIGWFGVLMIPTLLTATSVFIIAFIAAPPVDIDGIREPVSGSLLYGNNIITGAIIPTSNA
IGLHFYPIWEAASLDEWLYNGGPYQLIVCHFFLGVCSYMGREWELSFRLGMRPWIAVAYSAPVAAATAVFIIYPLGQGSF
SDGMPLGISGTFNFMIVFQAEHNILMHPFHMLGVAGVFGGSLFSAMHGSLVTSSLIRETTENESANEGYKFGQEEETYNI
VAAHGYFGRLIFQYASFNNSRSLHFFLAAWPVVGIWFTALGISTMAFNLNGFNFNQSVVDSQGRVINTWADIINRANLGM
EVMHERNAHNFPLDLA
;
A,a
6 'polypeptide(L)'
;GLPWYRVHTVVLNDPGRLIAVHLMHTSLVSGWAGSMAFYELAVFDPSDPVLNPMWRQGMFVLPFMTRLGITQSWGGWTIS
GETASNPGIWSYEGVAAAHIILSGLLFAASIWHWVYWDLELFRDPRTSNPALDLPKIFGIHLFLSGLLCFGFGAFHVTGL
FGPGIWVSDPYGITGTVQAVAPSWDATGFDPYNPGGISAHHIAAGILGVLAGLFHLCVRPPQRLYNGLRMGNIETVLSSS
IAAVFWAAFVVSGTMWYGSAATPIELFGPTRYQWDLGFFQQEIERRVQTSLAEGKSASQAWAEIPEKLAFYDYIGNNPAK
GGLFRAGAMNSGDGIAVGWLGHAVFKDKQGNELFVRRMPTFFETFPVVLLDKDGVVRADVPFRRSESKYSIEQVGVSVTF
YGGELDGVTFSDPATVKKYARRAQLGEIFEFDRATLQSDGVFRTSPRGWFTFAHLCFALLFFFGHIWHGARTIFRDVFAG
IDADLDEQVEFGAFLKLGDTSTRR
;
B,b
7 'polypeptide(L)'
;GRDQESTGFAWWAGNARLINLSGKLLGAHVAHAGLIVFWAGAMNLFEVAHFVPEKPMYEQGLILLPHLATLGYGVGPGGE
VIDTYPYFVSGVLHLISSAVLGFGGVYHSLVGPETLEESFPFFGYVWKDKNKMTTILGIHLIVLGLGAWLLVWKAMYFGG
IYDTWAPGGGDVRIITNPTVSPGVIFGYLFRSPFGGDGWIVSVDNMEDVIGGHIWIGTLCIFGGIWHILTKPWAWARRAF
VWSGEAYLSYSLGAISIMGFTACCMAWFNTTAYPSEFYGPTGPEASQSQTFTFLVRDQRLGANVASAQGPTGLGKYLMRS
PTGEIIFGGETMRFWDFRGPWLEPLRGPNGLDLNKLKNDIQPWQERRAAEYMTHAPLGSLNSVGGVATEINAVNYVSPRS
WLATSHFCLGFFFFVGHLWHAGRARAAAAGFEKGIDRDNEPVLSMRPL
;
C,c
8 'polypeptide(L)'
;KRGWFDVVDDWLRRDRFVFVGWSGLLLFPTAYLALGGWFTGTTFVTSWYTHGLASSYLEGCNFLTAAVSTPANSMGHSLL
FLWGPEAQGDFTRWCQLGGLWTFVALHGSFSLIGFMLRQFEIARSVKIRPYNAIAFSAPISVFVSVFLIYPLGQSGWFFA
PSFGVAAIFRFILFFQGFHNWTLNPFHMMGVAGVLGAALLCAIHGATVENTLFEDGDGANTFRAFNPTQAEETYSMVTAN
RFWSQIFGVAFSNKRWLHFFMLFVPVTGLWMSAIGVVGLALNLRAYDFVSQEIRAAEDPEFETFYTKNILLNEGIRAWMA
AQDQPHEKLVFPEEVLPRGNAL
;
D,d
9 'polypeptide(L)'
;SGATGERPFSDILTSIRYWVIHSITIPSLFIAGWLFVSTGLAYDVFGSPRPNEYFTEDRQETPLITDRFNALEQVKKLSE
V
;
E,e
10 'polypeptide(L)' KSYTYPIFTVRWLAVHALAVPTVFFLGAITAMQFIQR F,f
11 'polypeptide(L)' DTGISTPLGTLLKPLNSEYGKVAPGWGTTVLMGIFMALFAVFLVIILEIYNSSVLLDDVTMSWESLA H,h
12 'polypeptide(L)' MLTLKIFVYTVVTFFVSLFIFGFLSNDPGRNPGQ I,i
13 'polypeptide(L)' GTTGRIPLWLVGTVAGVAVIALVGIFFYGSYVGLGSSL J,j
14 'polypeptide(L)' KLPEAYAPFDPIVDVLPVIPVLFLLLALVWQASVSFR K,k
15 'polypeptide(L)' AKPNPNKQSVELNRTSLYWGLLLIFVLAVLFSSYIFN L,l
16 'polypeptide(L)'
;(UNK)(UNK)(UNK)(UNK)(UNK)(UNK)(UNK)(UNK)(UNK)(UNK)(UNK)(UNK)(UNK)(UNK)(UNK)(UNK)
(UNK)(UNK)(UNK)(UNK)(UNK)(UNK)(UNK)(UNK)(UNK)MEVNILGVIATALFIIIPTSFLLILYVKTASQ
;
M,m
17 'polypeptide(L)'
;LTFDQLQGLTYLQVKGTGIANTCPTLDSGSSNVKDLKPGTYKLGKFCMEPTSFTVKEESQFKGGDAEFVPTKLMTRLTYT
LDEMSGQFKVDGSGNVELKETDGIDYAPVTVQLPGGERVPFLFSVKELDAKGNADGFGGEFVVPSYRGATFLDPKGRGAA
TGYDTAVALPAAGDDEEYLKENIKSAGAMKGQAVFSIAKVDAATGEIAGVFESVQPSDTDLGAKAPKDVKITGLWYAQLS
;
O,o
18 'polypeptide(L)'
;RSGGAGYRQYSGDALWLPNTERPAWLDGSLPGDRGFDPLGLSRPAEYLQIDLDELDQNAAVNKAGGVVGAFTPVADQVST
DSLAPYSEVFGLQRFRECELIHGRWAMLACLGALVQEGVTGDSWVAAQTLVYNQPQYAGIDLPFDIYTLAVLNSVLMGGV
ELFRNSELDPERR(CSU)YPGGAFDPLNLASDDSERTQKLREAEIKHARLAMVSFLGYTVQAWYTGEGALGSLNKFANGF
;
R,r
19 'polypeptide(L)'
;VSRSGGWLGSDSQNINLDKWYGPDRVLYLPGGLLARDEINPVLNGTLPGDYGYDPLGLAKDAETLAKYRANELLHARWAM
LAAAGAIIPEGLAANGADVKGATWFETGAAMLNGGTLNWFAVPFVNFNNPLPLFAVVAINVALMAAAENYRRTEDGPAGY
APGVGKFDESVYSNMDNLYPGGPFDPLGLADDPEVLAELKVKEIKNGRLAMVSFLGFAVQAAVTGEGPYANWSKHVADPF
GYNLLTILSSEDRAAVL
;
S,s
20 'polypeptide(L)' MEALVYTFLLVGTLGIIFFAIFFREPPRIV T,t
21 'polypeptide(L)' NLEIVLQLTALLFIVAAGPLVIVLLSSRGGNL V,v
22 'polypeptide(L)' LVDDRLAGEGTGKILGINDPSLFWAITIVFTIVWGVFYVSTREIDAASDRENDDDFGLTL W,w
23 'polypeptide(L)' AATPSLNNLIGSVVAGGLVLAAIAGAITAVSNFDSIR X,x
24 'polypeptide(L)'
;VWYGPDRPKFLGPFSDGLVPAYLTGEFPGDYGWDTSGLSADPETFKKYRTIEVIHARWAMLGALGCIFPEVLEKYSGVQF
GEAVWFKAGAQIFADGGLNYLGNSGLVHAQSIVATLVVQVLLMGAVEIYRANGEGPNGFGEGQDTLYPGGAFDPLGLADD
PDTLAELKVKEIKNGRLAMLSMLGFFVQAIVTGKGPLDNLLQHLEEPGEFNFYALYANSLA
;
Y,y
25 'polypeptide(L)' MLLIFQLALFAFIVVSFLLVVGVPVVLATPEGWAENKGTVFSGIGIWFLLVFLVGILNSFVV Z,z
26 'polypeptide(L)'
;LDLFDDRKARQAGFDIIYEARDLDLPQGVRDGLAQARENLDVAKARIKEAEKRIDADLDAYIAKAYWTEGRNELRRQVGT
LRFDLNAVADTLPKAAKKEAQAAKNEFLAAVEALDLQLRKKNGDKAAAALADTKAKLDAVIAKL
;
U,u
27 'polypeptide(L)' DNRFGTIALLAVPVIGWVLFNILGPLQNQLNAMS Q1,q1
28 'polypeptide(L)'
;KIDISKQGLNSIQNETVKLNLMGKSKTMESKDWVDPQGRKGKGYGVYRFANKYGANVDGYSPIYTPDTWSESGDSYKLGT
KGLIAWAGLIVVLLGVGINLVISTSALG
;
P1,p1
29 'polypeptide(L)'
;AYGDAARVFAGNITNKSGFIPYAGEGFALLIPSKWNPSKEQDFPGVVLRYEDNGDAVNNLVVLVQKVGKNNIDELGSPDK
FLQDNAYLFGESAAFTGETLSEGGFLPNKVAAASVLDVQEATDKKGKKYYKYEVLTRSADGDEGGRHQLIAATVSNGNLY
LIKVQCGDKRWFKGAKREAIGAWDSFTV
;
F1,f1
#
# COMPACT_ATOMS: atom_id res chain seq x y z
N SER A 1 -82.75 -34.47 -60.33
CA SER A 1 -84.21 -34.72 -60.35
C SER A 1 -84.77 -34.45 -61.75
N GLN A 2 -84.48 -33.26 -62.30
CA GLN A 2 -84.96 -32.92 -63.66
C GLN A 2 -84.36 -33.91 -64.65
N TRP A 3 -83.25 -34.56 -64.29
CA TRP A 3 -82.57 -35.50 -65.21
C TRP A 3 -83.19 -36.89 -65.08
N TYR A 4 -84.20 -37.04 -64.22
CA TYR A 4 -84.86 -38.35 -64.03
C TYR A 4 -86.37 -38.21 -64.22
N GLY A 5 -87.04 -39.30 -64.59
CA GLY A 5 -88.51 -39.26 -64.78
C GLY A 5 -88.89 -38.88 -66.20
N PRO A 6 -90.18 -38.67 -66.51
CA PRO A 6 -90.62 -38.36 -67.88
C PRO A 6 -90.19 -36.96 -68.34
N ASP A 7 -90.15 -35.99 -67.42
CA ASP A 7 -89.79 -34.59 -67.77
C ASP A 7 -88.31 -34.52 -68.17
N ARG A 8 -87.56 -35.60 -67.94
CA ARG A 8 -86.10 -35.57 -68.23
C ARG A 8 -85.85 -35.05 -69.64
N PRO A 9 -84.74 -34.31 -69.89
CA PRO A 9 -84.42 -33.84 -71.24
C PRO A 9 -84.39 -34.99 -72.24
N LYS A 10 -84.33 -34.68 -73.53
CA LYS A 10 -84.30 -35.72 -74.54
C LYS A 10 -83.31 -35.33 -75.65
N PHE A 11 -82.80 -36.35 -76.35
CA PHE A 11 -81.72 -36.11 -77.30
C PHE A 11 -82.20 -35.31 -78.51
N LEU A 12 -83.47 -35.44 -78.86
CA LEU A 12 -84.06 -34.67 -79.95
C LEU A 12 -84.73 -33.39 -79.46
N GLY A 13 -84.63 -33.08 -78.18
CA GLY A 13 -85.20 -31.87 -77.64
C GLY A 13 -86.71 -31.84 -77.78
N PRO A 14 -87.26 -30.81 -78.47
CA PRO A 14 -88.71 -30.74 -78.70
C PRO A 14 -89.23 -31.92 -79.53
N TYR A 15 -88.50 -32.29 -80.58
CA TYR A 15 -88.96 -33.38 -81.49
C TYR A 15 -88.64 -34.76 -80.89
N SER A 16 -88.94 -34.95 -79.61
CA SER A 16 -88.73 -36.29 -78.99
C SER A 16 -89.88 -36.62 -78.03
N THR A 17 -90.83 -35.68 -77.88
CA THR A 17 -91.98 -35.88 -76.96
C THR A 17 -92.75 -37.13 -77.38
N ASN A 18 -92.81 -37.41 -78.68
CA ASN A 18 -93.59 -38.57 -79.19
C ASN A 18 -92.64 -39.67 -79.66
N PHE A 19 -91.33 -39.53 -79.35
CA PHE A 19 -90.33 -40.51 -79.84
C PHE A 19 -89.49 -41.00 -78.65
N VAL A 20 -90.09 -41.79 -77.76
CA VAL A 20 -89.36 -42.30 -76.56
C VAL A 20 -89.57 -43.81 -76.44
N PRO A 21 -88.50 -44.63 -76.44
CA PRO A 21 -88.64 -46.07 -76.25
C PRO A 21 -89.38 -46.38 -74.94
N SER A 22 -90.34 -47.30 -74.97
CA SER A 22 -91.09 -47.65 -73.77
C SER A 22 -90.17 -48.06 -72.63
N TYR A 23 -89.11 -48.83 -72.94
CA TYR A 23 -88.25 -49.35 -71.89
C TYR A 23 -87.45 -48.24 -71.21
N LEU A 24 -87.26 -47.11 -71.90
CA LEU A 24 -86.57 -45.97 -71.32
C LEU A 24 -87.57 -45.12 -70.56
N THR A 25 -87.45 -45.08 -69.23
CA THR A 25 -88.39 -44.35 -68.39
C THR A 25 -87.75 -43.32 -67.48
N GLY A 26 -86.46 -43.05 -67.60
CA GLY A 26 -85.83 -42.05 -66.77
C GLY A 26 -85.40 -42.52 -65.40
N GLU A 27 -85.32 -43.83 -65.18
CA GLU A 27 -84.88 -44.37 -63.91
C GLU A 27 -83.37 -44.50 -63.81
N PHE A 28 -82.64 -44.20 -64.88
CA PHE A 28 -81.19 -44.32 -64.87
C PHE A 28 -80.56 -43.01 -65.29
N PRO A 29 -79.37 -42.69 -64.79
CA PRO A 29 -78.73 -41.42 -65.14
C PRO A 29 -78.39 -41.37 -66.62
N GLY A 30 -78.40 -40.16 -67.17
CA GLY A 30 -78.09 -39.97 -68.58
C GLY A 30 -79.09 -40.62 -69.50
N ASP A 31 -80.37 -40.54 -69.17
CA ASP A 31 -81.44 -41.13 -69.98
C ASP A 31 -82.07 -40.01 -70.79
N TYR A 32 -81.50 -39.77 -71.98
CA TYR A 32 -82.00 -38.75 -72.89
C TYR A 32 -82.88 -39.36 -73.98
N GLY A 33 -83.47 -40.52 -73.72
CA GLY A 33 -84.18 -41.23 -74.75
C GLY A 33 -83.25 -41.94 -75.71
N TRP A 34 -83.29 -41.55 -76.98
CA TRP A 34 -82.52 -42.20 -78.03
C TRP A 34 -82.88 -43.67 -78.13
N ASP A 35 -81.88 -44.55 -78.18
CA ASP A 35 -82.09 -45.98 -78.39
C ASP A 35 -83.00 -46.24 -79.59
N THR A 36 -82.71 -45.55 -80.69
CA THR A 36 -83.52 -45.69 -81.89
C THR A 36 -83.35 -47.06 -82.55
N SER A 37 -82.29 -47.79 -82.21
CA SER A 37 -82.03 -49.10 -82.79
C SER A 37 -82.58 -50.23 -81.93
N GLY A 38 -83.21 -49.92 -80.80
CA GLY A 38 -83.79 -50.94 -79.95
C GLY A 38 -82.78 -51.89 -79.36
N LEU A 39 -81.53 -51.45 -79.21
CA LEU A 39 -80.48 -52.34 -78.73
C LEU A 39 -80.73 -52.78 -77.31
N SER A 40 -81.23 -51.89 -76.46
CA SER A 40 -81.49 -52.20 -75.06
C SER A 40 -82.94 -52.59 -74.80
N ALA A 41 -83.61 -53.16 -75.80
CA ALA A 41 -84.98 -53.63 -75.59
C ALA A 41 -85.03 -54.74 -74.55
N ASP A 42 -84.07 -55.66 -74.59
CA ASP A 42 -83.98 -56.68 -73.55
C ASP A 42 -83.56 -56.03 -72.24
N PRO A 43 -84.33 -56.20 -71.16
CA PRO A 43 -83.93 -55.60 -69.88
C PRO A 43 -82.57 -56.07 -69.40
N ALA A 44 -82.23 -57.35 -69.64
CA ALA A 44 -80.92 -57.85 -69.26
C ALA A 44 -79.82 -57.18 -70.07
N THR A 45 -80.03 -57.04 -71.38
CA THR A 45 -79.04 -56.40 -72.22
C THR A 45 -78.88 -54.92 -71.88
N PHE A 46 -79.98 -54.28 -71.47
CA PHE A 46 -79.91 -52.89 -71.05
C PHE A 46 -78.98 -52.74 -69.84
N ALA A 47 -79.12 -53.62 -68.86
CA ALA A 47 -78.29 -53.55 -67.66
C ALA A 47 -76.82 -53.76 -68.01
N ARG A 48 -76.55 -54.71 -68.89
CA ARG A 48 -75.18 -54.97 -69.30
C ARG A 48 -74.60 -53.81 -70.09
N TYR A 49 -75.41 -53.24 -71.00
CA TYR A 49 -74.95 -52.10 -71.78
C TYR A 49 -74.72 -50.89 -70.88
N ARG A 50 -75.59 -50.69 -69.90
CA ARG A 50 -75.46 -49.50 -69.02
C ARG A 50 -74.10 -49.53 -68.32
N GLU A 51 -73.69 -50.71 -67.84
CA GLU A 51 -72.37 -50.86 -67.17
C GLU A 51 -71.25 -50.56 -68.17
N ILE A 52 -71.33 -51.13 -69.37
CA ILE A 52 -70.26 -50.93 -70.39
C ILE A 52 -70.13 -49.44 -70.67
N GLU A 53 -71.26 -48.73 -70.75
CA GLU A 53 -71.22 -47.28 -71.07
C GLU A 53 -70.42 -46.54 -69.99
N VAL A 54 -70.74 -46.78 -68.71
CA VAL A 54 -70.05 -46.05 -67.61
C VAL A 54 -68.56 -46.44 -67.61
N ILE A 55 -68.26 -47.71 -67.87
CA ILE A 55 -66.83 -48.17 -67.93
C ILE A 55 -66.16 -47.48 -69.11
N HIS A 56 -66.67 -47.67 -70.32
CA HIS A 56 -66.09 -47.02 -71.49
C HIS A 56 -65.92 -45.52 -71.24
N ALA A 57 -66.88 -44.94 -70.50
CA ALA A 57 -66.83 -43.48 -70.20
C ALA A 57 -65.69 -43.18 -69.24
N ARG A 58 -65.65 -43.84 -68.08
CA ARG A 58 -64.60 -43.56 -67.06
C ARG A 58 -63.22 -43.72 -67.70
N TRP A 59 -63.08 -44.67 -68.64
CA TRP A 59 -61.78 -44.84 -69.35
C TRP A 59 -61.54 -43.64 -70.26
N ALA A 60 -62.54 -43.27 -71.08
CA ALA A 60 -62.39 -42.16 -72.00
C ALA A 60 -62.01 -40.88 -71.27
N MET A 61 -62.60 -40.63 -70.10
CA MET A 61 -62.26 -39.44 -69.34
C MET A 61 -60.80 -39.47 -68.91
N LEU A 62 -60.32 -40.63 -68.45
CA LEU A 62 -58.90 -40.77 -68.18
C LEU A 62 -58.08 -40.60 -69.47
N GLY A 63 -58.56 -41.18 -70.56
CA GLY A 63 -57.83 -41.07 -71.82
C GLY A 63 -57.82 -39.66 -72.36
N ALA A 64 -58.96 -38.98 -72.30
CA ALA A 64 -59.07 -37.63 -72.84
C ALA A 64 -58.13 -36.68 -72.12
N LEU A 65 -58.12 -36.74 -70.78
CA LEU A 65 -57.16 -35.96 -70.02
C LEU A 65 -55.74 -36.42 -70.29
N GLY A 66 -55.53 -37.73 -70.38
CA GLY A 66 -54.19 -38.26 -70.55
C GLY A 66 -53.60 -38.02 -71.92
N CYS A 67 -54.45 -37.84 -72.94
CA CYS A 67 -53.95 -37.56 -74.28
C CYS A 67 -53.59 -36.10 -74.47
N VAL A 68 -53.88 -35.24 -73.49
CA VAL A 68 -53.67 -33.81 -73.63
C VAL A 68 -52.47 -33.33 -72.84
N VAL A 69 -52.37 -33.76 -71.57
CA VAL A 69 -51.29 -33.28 -70.67
C VAL A 69 -49.92 -33.43 -71.34
N PRO A 70 -49.46 -34.65 -71.69
CA PRO A 70 -48.12 -34.83 -72.24
C PRO A 70 -47.90 -33.91 -73.46
N GLU A 71 -48.97 -33.57 -74.18
CA GLU A 71 -48.86 -32.70 -75.38
C GLU A 71 -48.89 -31.23 -74.94
N LEU A 72 -49.17 -30.97 -73.67
CA LEU A 72 -49.30 -29.57 -73.17
C LEU A 72 -48.14 -29.26 -72.21
N LEU A 73 -47.12 -30.12 -72.17
CA LEU A 73 -45.99 -29.92 -71.28
C LEU A 73 -44.71 -29.82 -72.09
N ASP A 74 -43.89 -28.81 -71.78
CA ASP A 74 -42.62 -28.66 -72.49
C ASP A 74 -41.63 -29.75 -72.10
N GLY A 75 -41.77 -30.26 -70.87
CA GLY A 75 -40.87 -31.33 -70.41
C GLY A 75 -41.07 -32.61 -71.21
N THR A 76 -42.30 -32.87 -71.64
CA THR A 76 -42.61 -34.10 -72.42
C THR A 76 -42.44 -33.81 -73.91
N ASN A 77 -41.94 -32.62 -74.25
CA ASN A 77 -41.72 -32.25 -75.67
C ASN A 77 -43.07 -32.17 -76.38
N HIS A 78 -44.15 -31.96 -75.62
CA HIS A 78 -45.51 -31.87 -76.23
C HIS A 78 -45.73 -33.09 -77.14
N ILE A 79 -45.30 -34.27 -76.69
CA ILE A 79 -45.42 -35.51 -77.52
C ILE A 79 -46.90 -35.78 -77.81
N ALA A 80 -47.21 -36.22 -79.03
CA ALA A 80 -48.61 -36.55 -79.40
C ALA A 80 -49.01 -37.87 -78.75
N TRP A 81 -50.31 -38.04 -78.48
CA TRP A 81 -50.80 -39.27 -77.79
C TRP A 81 -50.50 -40.51 -78.65
N PHE A 82 -50.64 -40.39 -79.98
CA PHE A 82 -50.47 -41.57 -80.86
C PHE A 82 -48.98 -41.83 -81.12
N LYS A 83 -48.10 -40.96 -80.63
CA LYS A 83 -46.64 -41.12 -80.87
C LYS A 83 -45.91 -41.23 -79.53
N ALA A 84 -46.60 -41.63 -78.47
CA ALA A 84 -45.99 -41.71 -77.12
C ALA A 84 -45.45 -43.13 -76.88
N GLY A 85 -46.22 -44.15 -77.28
CA GLY A 85 -45.80 -45.55 -77.02
C GLY A 85 -44.41 -45.83 -77.56
N ALA A 86 -44.06 -45.24 -78.71
CA ALA A 86 -42.75 -45.51 -79.34
C ALA A 86 -41.61 -45.03 -78.44
N GLU A 87 -41.89 -44.12 -77.51
CA GLU A 87 -40.84 -43.55 -76.64
C GLU A 87 -40.12 -44.67 -75.89
N ILE A 88 -40.84 -45.74 -75.54
CA ILE A 88 -40.22 -46.90 -74.83
C ILE A 88 -39.00 -47.37 -75.62
N PHE A 89 -39.04 -47.25 -76.95
CA PHE A 89 -37.92 -47.74 -77.79
C PHE A 89 -36.86 -46.65 -77.92
N GLY A 90 -37.09 -45.51 -77.27
CA GLY A 90 -36.13 -44.39 -77.32
C GLY A 90 -34.86 -44.70 -76.56
N ASP A 91 -33.81 -43.91 -76.76
CA ASP A 91 -32.50 -44.17 -76.10
C ASP A 91 -32.68 -44.09 -74.58
N ASP A 92 -33.42 -43.09 -74.10
CA ASP A 92 -33.61 -42.89 -72.64
C ASP A 92 -34.90 -43.58 -72.18
N GLY A 93 -35.58 -44.28 -73.10
CA GLY A 93 -36.84 -44.96 -72.76
C GLY A 93 -37.90 -43.97 -72.30
N ILE A 94 -38.67 -44.33 -71.26
CA ILE A 94 -39.78 -43.44 -70.80
C ILE A 94 -39.37 -42.73 -69.51
N GLN A 95 -39.26 -41.40 -69.54
CA GLN A 95 -38.95 -40.63 -68.35
C GLN A 95 -40.15 -39.74 -68.05
N TYR A 96 -40.81 -40.02 -66.94
CA TYR A 96 -42.00 -39.26 -66.57
C TYR A 96 -41.67 -37.79 -66.42
N LEU A 97 -42.55 -36.94 -66.96
CA LEU A 97 -42.37 -35.49 -66.93
C LEU A 97 -41.09 -35.05 -67.64
N GLY A 98 -40.43 -35.95 -68.35
CA GLY A 98 -39.20 -35.64 -69.04
C GLY A 98 -38.04 -35.43 -68.08
N ILE A 99 -38.22 -35.88 -66.84
CA ILE A 99 -37.16 -35.72 -65.80
C ILE A 99 -36.36 -37.02 -65.73
N PRO A 100 -35.03 -37.00 -65.99
CA PRO A 100 -34.23 -38.22 -65.98
C PRO A 100 -34.32 -38.91 -64.61
N GLY A 101 -34.53 -40.23 -64.60
CA GLY A 101 -34.62 -40.98 -63.34
C GLY A 101 -36.02 -41.47 -63.06
N LEU A 102 -37.03 -40.73 -63.53
CA LEU A 102 -38.45 -41.11 -63.29
C LEU A 102 -38.80 -42.34 -64.12
N ILE A 103 -39.10 -43.46 -63.47
CA ILE A 103 -39.48 -44.70 -64.15
C ILE A 103 -38.30 -45.26 -64.93
N ASN A 104 -37.85 -44.52 -65.95
CA ASN A 104 -36.73 -44.94 -66.81
C ASN A 104 -37.02 -46.27 -67.48
N ALA A 105 -38.27 -46.48 -67.86
CA ALA A 105 -38.67 -47.76 -68.51
C ALA A 105 -38.06 -47.83 -69.91
N LYS A 106 -37.52 -48.99 -70.28
CA LYS A 106 -36.86 -49.14 -71.60
C LYS A 106 -37.22 -50.50 -72.20
N SER A 107 -37.99 -51.31 -71.48
CA SER A 107 -38.37 -52.66 -71.98
C SER A 107 -39.90 -52.77 -72.08
N ILE A 108 -40.41 -52.86 -73.29
CA ILE A 108 -41.90 -52.88 -73.43
C ILE A 108 -42.44 -54.24 -72.95
N VAL A 109 -41.59 -55.27 -72.94
CA VAL A 109 -42.05 -56.59 -72.45
C VAL A 109 -42.32 -56.52 -70.94
N ALA A 110 -41.41 -55.86 -70.21
CA ALA A 110 -41.58 -55.76 -68.75
C ALA A 110 -42.86 -54.98 -68.41
N THR A 111 -43.13 -53.90 -69.15
CA THR A 111 -44.34 -53.10 -68.87
C THR A 111 -45.59 -53.95 -69.12
N LEU A 112 -45.58 -54.70 -70.23
CA LEU A 112 -46.79 -55.50 -70.55
C LEU A 112 -46.99 -56.60 -69.51
N ILE A 113 -45.89 -57.19 -69.02
CA ILE A 113 -46.01 -58.23 -67.97
C ILE A 113 -46.66 -57.64 -66.72
N VAL A 114 -46.18 -56.46 -66.32
CA VAL A 114 -46.72 -55.84 -65.09
C VAL A 114 -48.18 -55.41 -65.33
N GLN A 115 -48.44 -54.84 -66.50
CA GLN A 115 -49.82 -54.37 -66.79
C GLN A 115 -50.78 -55.57 -66.82
N VAL A 116 -50.37 -56.66 -67.45
CA VAL A 116 -51.30 -57.82 -67.56
C VAL A 116 -51.60 -58.35 -66.16
N VAL A 117 -50.57 -58.49 -65.34
CA VAL A 117 -50.79 -59.08 -63.99
C VAL A 117 -51.60 -58.09 -63.13
N LEU A 118 -51.19 -56.83 -63.12
CA LEU A 118 -51.87 -55.86 -62.21
C LEU A 118 -53.31 -55.62 -62.68
N MET A 119 -53.53 -55.49 -63.98
CA MET A 119 -54.86 -55.17 -64.46
C MET A 119 -55.79 -56.38 -64.37
N SER A 120 -55.25 -57.57 -64.49
CA SER A 120 -56.09 -58.78 -64.39
C SER A 120 -56.68 -58.90 -62.99
N TYR A 121 -55.87 -58.64 -61.96
CA TYR A 121 -56.40 -58.62 -60.59
C TYR A 121 -57.44 -57.52 -60.43
N VAL A 122 -57.13 -56.32 -60.91
CA VAL A 122 -58.01 -55.17 -60.72
C VAL A 122 -59.35 -55.42 -61.39
N GLU A 123 -59.33 -55.88 -62.64
CA GLU A 123 -60.57 -56.16 -63.35
C GLU A 123 -61.32 -57.32 -62.70
N GLY A 124 -60.58 -58.33 -62.23
CA GLY A 124 -61.22 -59.43 -61.52
C GLY A 124 -61.90 -58.99 -60.25
N TYR A 125 -61.24 -58.11 -59.48
CA TYR A 125 -61.85 -57.60 -58.26
C TYR A 125 -63.11 -56.80 -58.56
N ARG A 126 -63.12 -56.09 -59.68
CA ARG A 126 -64.32 -55.31 -60.08
C ARG A 126 -65.46 -56.25 -60.44
N VAL A 127 -65.14 -57.49 -60.82
CA VAL A 127 -66.20 -58.45 -61.28
C VAL A 127 -66.81 -59.19 -60.09
N ASN A 128 -66.00 -59.86 -59.26
CA ASN A 128 -66.56 -60.67 -58.15
C ASN A 128 -66.05 -60.16 -56.80
N GLY A 129 -65.93 -58.84 -56.64
CA GLY A 129 -65.51 -58.30 -55.37
C GLY A 129 -64.05 -58.57 -55.08
N GLY A 130 -63.57 -58.01 -53.96
CA GLY A 130 -62.16 -58.20 -53.60
C GLY A 130 -61.80 -57.43 -52.34
N PRO A 131 -60.51 -57.19 -52.06
CA PRO A 131 -60.10 -56.53 -50.81
C PRO A 131 -60.74 -55.14 -50.66
N ALA A 132 -60.90 -54.42 -51.78
CA ALA A 132 -61.48 -53.05 -51.73
C ALA A 132 -62.93 -53.11 -51.25
N GLY A 133 -63.71 -54.09 -51.73
CA GLY A 133 -65.14 -54.16 -51.35
C GLY A 133 -65.83 -55.41 -51.86
N THR A 134 -66.80 -55.92 -51.10
CA THR A 134 -67.56 -57.12 -51.54
C THR A 134 -69.06 -56.85 -51.40
N GLY A 135 -69.84 -57.19 -52.43
CA GLY A 135 -71.31 -57.02 -52.37
C GLY A 135 -71.73 -55.59 -52.67
N LEU A 136 -70.81 -54.77 -53.17
CA LEU A 136 -71.14 -53.36 -53.52
C LEU A 136 -71.71 -53.32 -54.94
N ASP A 137 -72.31 -52.18 -55.33
CA ASP A 137 -72.84 -52.04 -56.71
C ASP A 137 -71.70 -52.26 -57.70
N ALA A 138 -72.00 -52.87 -58.86
CA ALA A 138 -70.95 -53.19 -59.84
C ALA A 138 -70.34 -51.91 -60.42
N VAL A 139 -71.17 -50.93 -60.76
CA VAL A 139 -70.65 -49.70 -61.43
C VAL A 139 -70.38 -48.61 -60.39
N TYR A 140 -71.12 -48.64 -59.27
CA TYR A 140 -70.96 -47.59 -58.23
C TYR A 140 -70.61 -48.23 -56.89
N PRO A 141 -69.41 -48.83 -56.74
CA PRO A 141 -69.06 -49.53 -55.50
C PRO A 141 -69.18 -48.60 -54.29
N GLY A 142 -68.48 -47.46 -54.31
CA GLY A 142 -68.49 -46.55 -53.15
C GLY A 142 -67.44 -46.98 -52.14
N GLY A 143 -67.62 -46.59 -50.87
CA GLY A 143 -66.67 -46.98 -49.81
C GLY A 143 -65.25 -46.55 -50.17
N ASN A 144 -64.37 -47.52 -50.42
CA ASN A 144 -62.96 -47.20 -50.73
C ASN A 144 -62.89 -46.36 -52.00
N PHE A 145 -63.90 -46.46 -52.87
CA PHE A 145 -63.87 -45.71 -54.16
C PHE A 145 -64.59 -44.37 -53.99
N ASP A 146 -65.08 -44.07 -52.79
CA ASP A 146 -65.68 -42.74 -52.52
C ASP A 146 -65.08 -42.21 -51.23
N PRO A 147 -63.76 -41.99 -51.15
CA PRO A 147 -63.11 -41.56 -49.91
C PRO A 147 -63.64 -40.22 -49.39
N LEU A 148 -63.86 -39.25 -50.29
CA LEU A 148 -64.29 -37.89 -49.85
C LEU A 148 -65.79 -37.89 -49.53
N GLY A 149 -66.44 -39.06 -49.60
CA GLY A 149 -67.85 -39.13 -49.27
C GLY A 149 -68.67 -38.06 -49.96
N LEU A 150 -68.27 -37.71 -51.18
CA LEU A 150 -69.00 -36.68 -51.96
C LEU A 150 -70.43 -37.16 -52.19
N ALA A 151 -70.58 -38.39 -52.70
CA ALA A 151 -71.91 -38.93 -53.01
C ALA A 151 -72.45 -39.73 -51.82
N ASP A 152 -72.87 -39.04 -50.75
CA ASP A 152 -73.47 -39.73 -49.58
C ASP A 152 -74.97 -39.47 -49.55
N ASP A 153 -75.41 -38.34 -50.12
CA ASP A 153 -76.86 -38.01 -50.18
C ASP A 153 -77.46 -38.66 -51.43
N PRO A 154 -78.47 -39.53 -51.31
CA PRO A 154 -79.03 -40.23 -52.48
C PRO A 154 -79.35 -39.21 -53.58
N ASP A 155 -79.91 -38.06 -53.21
CA ASP A 155 -80.25 -37.00 -54.21
C ASP A 155 -78.96 -36.54 -54.90
N THR A 156 -77.93 -36.21 -54.12
CA THR A 156 -76.65 -35.72 -54.72
C THR A 156 -76.06 -36.83 -55.59
N LEU A 157 -76.09 -38.08 -55.10
CA LEU A 157 -75.52 -39.22 -55.87
C LEU A 157 -76.23 -39.28 -57.23
N ALA A 158 -77.55 -39.14 -57.24
CA ALA A 158 -78.32 -39.21 -58.49
C ALA A 158 -77.83 -38.13 -59.46
N GLU A 159 -77.74 -36.89 -58.98
CA GLU A 159 -77.31 -35.76 -59.85
C GLU A 159 -75.87 -35.99 -60.32
N LEU A 160 -75.01 -36.43 -59.41
CA LEU A 160 -73.57 -36.63 -59.75
C LEU A 160 -73.45 -37.77 -60.78
N LYS A 161 -74.29 -38.80 -60.66
CA LYS A 161 -74.28 -39.91 -61.66
C LYS A 161 -74.51 -39.30 -63.05
N VAL A 162 -75.43 -38.35 -63.14
CA VAL A 162 -75.71 -37.67 -64.44
C VAL A 162 -74.47 -36.86 -64.83
N LYS A 163 -73.86 -36.17 -63.86
CA LYS A 163 -72.64 -35.41 -64.15
C LYS A 163 -71.53 -36.32 -64.66
N GLU A 164 -71.39 -37.50 -64.06
CA GLU A 164 -70.35 -38.42 -64.51
C GLU A 164 -70.59 -38.90 -65.93
N ILE A 165 -71.83 -39.34 -66.22
CA ILE A 165 -72.10 -39.93 -67.53
C ILE A 165 -72.04 -38.86 -68.62
N LYS A 166 -72.46 -37.63 -68.30
CA LYS A 166 -72.46 -36.58 -69.31
C LYS A 166 -71.05 -36.10 -69.62
N ASN A 167 -70.23 -35.86 -68.58
CA ASN A 167 -68.83 -35.58 -68.83
C ASN A 167 -68.16 -36.77 -69.51
N GLY A 168 -68.53 -37.99 -69.11
CA GLY A 168 -67.96 -39.16 -69.73
C GLY A 168 -68.37 -39.32 -71.19
N ARG A 169 -69.66 -39.10 -71.48
CA ARG A 169 -70.12 -39.22 -72.87
C ARG A 169 -69.43 -38.21 -73.76
N LEU A 170 -69.21 -36.99 -73.25
CA LEU A 170 -68.46 -36.00 -74.00
C LEU A 170 -67.03 -36.45 -74.23
N ALA A 171 -66.42 -37.06 -73.20
CA ALA A 171 -65.07 -37.58 -73.33
C ALA A 171 -65.00 -38.71 -74.34
N MET A 172 -66.02 -39.58 -74.35
CA MET A 172 -66.04 -40.67 -75.32
C MET A 172 -66.12 -40.14 -76.74
N LEU A 173 -67.00 -39.16 -76.97
CA LEU A 173 -67.12 -38.58 -78.31
C LEU A 173 -65.85 -37.84 -78.70
N SER A 174 -65.26 -37.11 -77.75
CA SER A 174 -64.03 -36.38 -78.05
C SER A 174 -62.86 -37.31 -78.30
N MET A 175 -62.81 -38.44 -77.59
CA MET A 175 -61.76 -39.41 -77.85
C MET A 175 -61.89 -40.00 -79.25
N PHE A 176 -63.12 -40.28 -79.68
CA PHE A 176 -63.33 -40.67 -81.06
C PHE A 176 -62.87 -39.57 -82.00
N GLY A 177 -63.03 -38.31 -81.60
CA GLY A 177 -62.44 -37.22 -82.34
C GLY A 177 -60.93 -37.31 -82.38
N PHE A 178 -60.32 -37.61 -81.23
CA PHE A 178 -58.86 -37.75 -81.19
C PHE A 178 -58.38 -38.84 -82.12
N PHE A 179 -59.11 -39.96 -82.18
CA PHE A 179 -58.70 -41.07 -83.02
C PHE A 179 -58.71 -40.69 -84.49
N ILE A 180 -59.82 -40.12 -84.95
CA ILE A 180 -59.96 -39.82 -86.38
C ILE A 180 -59.06 -38.66 -86.79
N GLN A 181 -59.07 -37.60 -85.98
CA GLN A 181 -58.23 -36.41 -86.29
C GLN A 181 -56.79 -36.86 -86.44
N ALA A 182 -56.34 -37.78 -85.59
CA ALA A 182 -54.94 -38.28 -85.65
C ALA A 182 -54.71 -38.98 -86.99
N ILE A 183 -55.67 -39.78 -87.45
CA ILE A 183 -55.52 -40.54 -88.73
C ILE A 183 -55.59 -39.58 -89.92
N VAL A 184 -56.37 -38.49 -89.81
CA VAL A 184 -56.54 -37.51 -90.91
C VAL A 184 -55.46 -36.43 -90.81
N THR A 185 -55.44 -35.67 -89.72
CA THR A 185 -54.46 -34.56 -89.57
C THR A 185 -53.04 -35.13 -89.44
N GLY A 186 -52.87 -36.21 -88.68
CA GLY A 186 -51.53 -36.78 -88.46
C GLY A 186 -50.76 -36.01 -87.39
N GLU A 187 -51.41 -35.02 -86.77
CA GLU A 187 -50.76 -34.20 -85.71
C GLU A 187 -51.51 -34.37 -84.39
N GLY A 188 -50.97 -33.83 -83.30
CA GLY A 188 -51.62 -33.94 -81.98
C GLY A 188 -52.91 -33.16 -81.91
N PRO A 189 -53.86 -33.54 -81.03
CA PRO A 189 -55.12 -32.81 -80.86
C PRO A 189 -54.89 -31.32 -80.52
N ILE A 190 -53.96 -31.05 -79.60
CA ILE A 190 -53.69 -29.64 -79.19
C ILE A 190 -53.14 -28.87 -80.40
N LYS A 191 -52.28 -29.51 -81.18
CA LYS A 191 -51.73 -28.86 -82.40
C LYS A 191 -52.90 -28.49 -83.32
N ASN A 192 -53.86 -29.40 -83.48
CA ASN A 192 -55.03 -29.15 -84.35
C ASN A 192 -55.77 -27.90 -83.85
N LEU A 193 -55.98 -27.80 -82.53
CA LEU A 193 -56.71 -26.64 -81.97
C LEU A 193 -55.92 -25.37 -82.24
N ASN A 194 -54.59 -25.41 -82.04
CA ASN A 194 -53.74 -24.23 -82.27
C ASN A 194 -53.92 -23.77 -83.71
N ASP A 195 -53.91 -24.70 -84.66
CA ASP A 195 -54.06 -24.36 -86.10
C ASP A 195 -55.43 -23.71 -86.34
N HIS A 196 -56.49 -24.30 -85.77
CA HIS A 196 -57.86 -23.77 -85.98
C HIS A 196 -57.98 -22.39 -85.32
N LEU A 197 -57.24 -22.16 -84.23
CA LEU A 197 -57.26 -20.85 -83.58
C LEU A 197 -56.50 -19.83 -84.41
N ALA A 198 -55.44 -20.25 -85.11
CA ALA A 198 -54.66 -19.30 -85.89
C ALA A 198 -55.44 -18.81 -87.11
N ASP A 199 -55.78 -19.73 -88.01
CA ASP A 199 -56.55 -19.40 -89.21
C ASP A 199 -57.72 -20.38 -89.28
N ALA A 200 -58.84 -19.98 -88.72
CA ALA A 200 -59.98 -20.89 -88.60
C ALA A 200 -60.50 -21.31 -89.97
N SER A 201 -60.73 -20.35 -90.85
CA SER A 201 -61.21 -20.68 -92.19
C SER A 201 -60.16 -21.46 -92.97
N ALA A 202 -58.89 -21.07 -92.84
CA ALA A 202 -57.83 -21.75 -93.58
C ALA A 202 -57.51 -23.11 -92.99
N ASN A 203 -57.47 -23.22 -91.66
CA ASN A 203 -57.08 -24.47 -90.99
C ASN A 203 -58.32 -25.12 -90.40
N ASN A 204 -59.00 -25.91 -91.22
CA ASN A 204 -60.10 -26.74 -90.75
C ASN A 204 -60.01 -28.09 -91.44
N PHE A 205 -61.00 -28.95 -91.22
CA PHE A 205 -61.05 -30.24 -91.88
C PHE A 205 -61.25 -30.14 -93.38
N TYR A 206 -62.14 -29.25 -93.82
CA TYR A 206 -62.51 -29.19 -95.23
C TYR A 206 -61.48 -28.44 -96.07
N ALA A 207 -60.70 -27.56 -95.45
CA ALA A 207 -59.78 -26.72 -96.24
C ALA A 207 -58.58 -27.54 -96.73
N LEU A 208 -58.13 -28.52 -95.94
CA LEU A 208 -56.89 -29.24 -96.37
C LEU A 208 -57.00 -30.77 -96.19
N TYR A 209 -58.17 -31.33 -95.90
CA TYR A 209 -58.20 -32.80 -95.68
C TYR A 209 -59.35 -33.47 -96.45
N ALA A 210 -60.54 -32.86 -96.48
CA ALA A 210 -61.70 -33.53 -97.10
C ALA A 210 -61.37 -33.99 -98.53
N LYS A 211 -60.78 -33.14 -99.35
CA LYS A 211 -60.52 -33.51 -100.78
C LYS A 211 -59.58 -34.71 -100.85
N ASN A 212 -58.58 -34.79 -99.99
CA ASN A 212 -57.60 -35.88 -100.14
C ASN A 212 -58.14 -37.18 -99.56
N LEU A 213 -59.37 -37.20 -99.05
CA LEU A 213 -59.88 -38.42 -98.36
C LEU A 213 -60.65 -39.27 -99.36
N ALA A 214 -60.40 -39.04 -100.65
CA ALA A 214 -61.07 -39.82 -101.71
C ALA A 214 -60.71 -39.19 -103.06
N GLU B 1 -66.43 -80.42 -64.83
CA GLU B 1 -65.29 -79.74 -65.44
C GLU B 1 -65.70 -78.84 -66.60
N PHE B 2 -66.70 -79.27 -67.36
CA PHE B 2 -67.17 -78.48 -68.50
C PHE B 2 -68.69 -78.41 -68.58
N TYR B 3 -69.40 -78.96 -67.60
CA TYR B 3 -70.85 -78.88 -67.55
C TYR B 3 -71.27 -78.69 -66.10
N GLY B 4 -72.46 -78.16 -65.91
CA GLY B 4 -73.01 -77.97 -64.59
C GLY B 4 -72.52 -76.71 -63.92
N PRO B 5 -73.00 -76.46 -62.70
CA PRO B 5 -72.63 -75.21 -62.01
C PRO B 5 -71.15 -75.09 -61.69
N ASP B 6 -70.44 -76.21 -61.47
CA ASP B 6 -69.04 -76.18 -61.10
C ASP B 6 -68.12 -76.25 -62.32
N ARG B 7 -68.60 -75.86 -63.49
CA ARG B 7 -67.80 -75.96 -64.70
C ARG B 7 -66.67 -74.96 -64.70
N ALA B 8 -65.67 -75.23 -65.53
CA ALA B 8 -64.58 -74.28 -65.73
C ALA B 8 -65.13 -73.01 -66.37
N LYS B 9 -64.60 -71.85 -65.92
CA LYS B 9 -65.14 -70.55 -66.42
C LYS B 9 -64.02 -69.67 -66.99
N TRP B 10 -64.37 -68.62 -67.74
CA TRP B 10 -63.36 -67.77 -68.41
C TRP B 10 -62.52 -66.94 -67.43
N LEU B 11 -63.14 -66.40 -66.38
CA LEU B 11 -62.38 -65.52 -65.44
C LEU B 11 -61.81 -66.35 -64.30
N GLY B 12 -61.91 -67.68 -64.40
CA GLY B 12 -61.33 -68.56 -63.37
C GLY B 12 -61.87 -68.23 -61.99
N PRO B 13 -61.01 -67.86 -61.01
CA PRO B 13 -61.47 -67.62 -59.64
C PRO B 13 -62.41 -66.41 -59.57
N PHE B 14 -62.26 -65.45 -60.49
CA PHE B 14 -63.07 -64.21 -60.44
C PHE B 14 -64.32 -64.35 -61.34
N SER B 15 -64.56 -65.54 -61.87
CA SER B 15 -65.70 -65.72 -62.82
C SER B 15 -67.01 -65.91 -62.05
N GLU B 16 -66.94 -65.93 -60.72
CA GLU B 16 -68.15 -66.20 -59.89
C GLU B 16 -69.25 -65.18 -60.21
N GLY B 17 -68.90 -63.89 -60.32
CA GLY B 17 -69.93 -62.85 -60.51
C GLY B 17 -70.01 -62.36 -61.95
N SER B 18 -69.38 -63.08 -62.89
CA SER B 18 -69.40 -62.68 -64.32
C SER B 18 -70.23 -63.68 -65.13
N VAL B 19 -70.88 -64.65 -64.47
CA VAL B 19 -71.63 -65.70 -65.22
C VAL B 19 -73.06 -65.21 -65.47
N PRO B 20 -73.43 -64.93 -66.74
CA PRO B 20 -74.79 -64.50 -67.06
C PRO B 20 -75.78 -65.61 -66.70
N SER B 21 -76.87 -65.27 -66.01
CA SER B 21 -77.86 -66.28 -65.58
C SER B 21 -78.14 -67.29 -66.70
N TYR B 22 -78.61 -66.81 -67.86
CA TYR B 22 -78.99 -67.72 -68.93
C TYR B 22 -77.89 -68.71 -69.26
N LEU B 23 -76.64 -68.40 -68.92
CA LEU B 23 -75.53 -69.33 -69.14
C LEU B 23 -75.43 -70.25 -67.93
N LYS B 24 -75.85 -71.51 -68.09
CA LYS B 24 -75.94 -72.43 -66.98
C LYS B 24 -75.06 -73.66 -67.12
N GLY B 25 -74.40 -73.86 -68.25
CA GLY B 25 -73.57 -75.02 -68.46
C GLY B 25 -74.26 -76.20 -69.13
N GLU B 26 -75.33 -75.95 -69.88
CA GLU B 26 -76.03 -77.01 -70.59
C GLU B 26 -75.57 -77.15 -72.03
N PHE B 27 -74.56 -76.39 -72.44
CA PHE B 27 -74.04 -76.42 -73.80
C PHE B 27 -72.53 -76.49 -73.76
N PRO B 28 -71.90 -77.02 -74.81
CA PRO B 28 -70.44 -77.18 -74.79
C PRO B 28 -69.73 -75.83 -74.66
N GLY B 29 -68.64 -75.85 -73.89
CA GLY B 29 -67.81 -74.66 -73.74
C GLY B 29 -68.52 -73.48 -73.13
N ASP B 30 -69.40 -73.73 -72.16
CA ASP B 30 -70.16 -72.65 -71.51
C ASP B 30 -69.37 -72.10 -70.32
N TYR B 31 -68.23 -71.47 -70.61
CA TYR B 31 -67.39 -70.87 -69.54
C TYR B 31 -68.13 -69.68 -68.92
N GLY B 32 -69.26 -69.27 -69.53
CA GLY B 32 -70.05 -68.16 -68.98
C GLY B 32 -69.49 -66.80 -69.35
N TRP B 33 -69.06 -66.63 -70.61
CA TRP B 33 -68.52 -65.32 -71.06
C TRP B 33 -69.53 -64.60 -71.96
N ASP B 34 -70.39 -63.77 -71.37
CA ASP B 34 -71.33 -62.97 -72.14
C ASP B 34 -71.44 -61.58 -71.52
N THR B 35 -70.30 -60.94 -71.30
CA THR B 35 -70.28 -59.63 -70.65
C THR B 35 -71.20 -58.63 -71.35
N ALA B 36 -71.16 -58.57 -72.69
CA ALA B 36 -72.03 -57.65 -73.39
C ALA B 36 -73.50 -58.06 -73.27
N GLY B 37 -73.76 -59.36 -73.29
CA GLY B 37 -75.11 -59.85 -73.10
C GLY B 37 -75.90 -60.02 -74.39
N LEU B 38 -75.24 -60.51 -75.44
CA LEU B 38 -75.93 -60.76 -76.69
C LEU B 38 -76.82 -61.99 -76.63
N SER B 39 -76.46 -62.97 -75.81
CA SER B 39 -77.21 -64.21 -75.69
C SER B 39 -78.30 -64.12 -74.63
N ALA B 40 -78.78 -62.92 -74.32
CA ALA B 40 -79.88 -62.79 -73.37
C ALA B 40 -81.14 -63.45 -73.90
N ASP B 41 -81.44 -63.26 -75.18
CA ASP B 41 -82.59 -63.91 -75.81
C ASP B 41 -82.23 -65.36 -76.12
N PRO B 42 -83.03 -66.34 -75.66
CA PRO B 42 -82.69 -67.74 -75.95
C PRO B 42 -82.60 -68.04 -77.44
N GLU B 43 -83.49 -67.47 -78.25
CA GLU B 43 -83.44 -67.70 -79.69
C GLU B 43 -82.15 -67.16 -80.28
N THR B 44 -81.75 -65.96 -79.86
CA THR B 44 -80.49 -65.39 -80.35
C THR B 44 -79.31 -66.21 -79.87
N PHE B 45 -79.38 -66.71 -78.65
CA PHE B 45 -78.36 -67.60 -78.13
C PHE B 45 -78.28 -68.88 -78.98
N ALA B 46 -79.44 -69.45 -79.29
CA ALA B 46 -79.46 -70.65 -80.15
C ALA B 46 -78.73 -70.34 -81.46
N ARG B 47 -79.09 -69.25 -82.12
CA ARG B 47 -78.47 -68.90 -83.43
C ARG B 47 -76.96 -68.67 -83.23
N TYR B 48 -76.59 -67.89 -82.21
CA TYR B 48 -75.16 -67.56 -81.99
C TYR B 48 -74.38 -68.86 -81.78
N ARG B 49 -74.94 -69.81 -81.02
CA ARG B 49 -74.22 -71.07 -80.73
C ARG B 49 -73.89 -71.77 -82.05
N GLU B 50 -74.87 -71.88 -82.94
CA GLU B 50 -74.64 -72.55 -84.25
C GLU B 50 -73.56 -71.78 -85.02
N ILE B 51 -73.67 -70.46 -85.07
CA ILE B 51 -72.69 -69.63 -85.83
C ILE B 51 -71.29 -69.89 -85.27
N GLU B 52 -71.14 -69.89 -83.95
CA GLU B 52 -69.80 -70.07 -83.32
C GLU B 52 -69.24 -71.42 -83.76
N VAL B 53 -70.04 -72.48 -83.68
CA VAL B 53 -69.53 -73.85 -84.02
C VAL B 53 -69.15 -73.88 -85.50
N ILE B 54 -70.01 -73.33 -86.38
CA ILE B 54 -69.74 -73.33 -87.84
C ILE B 54 -68.42 -72.57 -88.07
N HIS B 55 -68.27 -71.41 -87.45
CA HIS B 55 -67.02 -70.62 -87.61
C HIS B 55 -65.83 -71.45 -87.13
N ALA B 56 -65.98 -72.15 -86.01
CA ALA B 56 -64.86 -72.94 -85.44
C ALA B 56 -64.44 -74.03 -86.43
N ARG B 57 -65.41 -74.77 -86.97
CA ARG B 57 -65.09 -75.88 -87.91
C ARG B 57 -64.43 -75.29 -89.16
N TRP B 58 -64.95 -74.17 -89.68
CA TRP B 58 -64.32 -73.51 -90.85
C TRP B 58 -62.91 -73.05 -90.46
N ALA B 59 -62.75 -72.49 -89.26
CA ALA B 59 -61.43 -71.99 -88.83
C ALA B 59 -60.46 -73.16 -88.66
N MET B 60 -60.94 -74.28 -88.11
CA MET B 60 -60.08 -75.45 -87.94
C MET B 60 -59.52 -75.91 -89.28
N LEU B 61 -60.38 -75.96 -90.30
CA LEU B 61 -59.90 -76.27 -91.65
C LEU B 61 -58.95 -75.19 -92.14
N GLY B 62 -59.29 -73.92 -91.87
CA GLY B 62 -58.46 -72.83 -92.33
C GLY B 62 -57.06 -72.86 -91.76
N ALA B 63 -56.97 -73.15 -90.46
CA ALA B 63 -55.64 -73.18 -89.79
C ALA B 63 -54.76 -74.20 -90.50
N LEU B 64 -55.13 -75.48 -90.43
CA LEU B 64 -54.35 -76.54 -91.12
C LEU B 64 -54.18 -76.14 -92.59
N GLY B 65 -55.25 -75.67 -93.24
CA GLY B 65 -55.15 -75.35 -94.64
C GLY B 65 -54.14 -74.25 -94.93
N CYS B 66 -54.11 -73.22 -94.08
CA CYS B 66 -53.20 -72.10 -94.30
C CYS B 66 -51.74 -72.47 -94.04
N LEU B 67 -51.48 -73.66 -93.51
CA LEU B 67 -50.08 -73.99 -93.13
C LEU B 67 -49.56 -75.19 -93.93
N THR B 68 -50.45 -76.07 -94.42
CA THR B 68 -49.99 -77.28 -95.09
C THR B 68 -49.11 -76.97 -96.30
N PRO B 69 -49.48 -76.05 -97.22
CA PRO B 69 -48.62 -75.79 -98.36
C PRO B 69 -47.24 -75.28 -97.97
N GLU B 70 -47.20 -74.23 -97.16
CA GLU B 70 -45.93 -73.62 -96.78
C GLU B 70 -45.04 -74.59 -96.01
N LEU B 71 -45.63 -75.33 -95.07
CA LEU B 71 -44.84 -76.28 -94.26
C LEU B 71 -44.25 -77.34 -95.20
N LEU B 72 -45.07 -77.88 -96.10
CA LEU B 72 -44.61 -78.90 -97.04
C LEU B 72 -43.47 -78.36 -97.90
N GLN B 73 -43.68 -77.22 -98.53
CA GLN B 73 -42.69 -76.71 -99.48
C GLN B 73 -41.45 -76.19 -98.79
N ASN B 74 -41.59 -75.79 -97.53
CA ASN B 74 -40.41 -75.30 -96.77
C ASN B 74 -39.45 -76.47 -96.55
N ASN B 75 -40.00 -77.67 -96.33
CA ASN B 75 -39.16 -78.89 -96.17
C ASN B 75 -39.97 -80.08 -96.70
N GLY B 76 -39.78 -80.44 -97.97
CA GLY B 76 -40.57 -81.51 -98.54
C GLY B 76 -40.69 -81.43 -100.05
N ALA B 77 -41.93 -81.45 -100.55
CA ALA B 77 -42.15 -81.45 -101.99
C ALA B 77 -41.59 -80.21 -102.66
N ALA B 78 -41.75 -79.05 -102.00
CA ALA B 78 -41.25 -77.75 -102.46
C ALA B 78 -41.86 -77.32 -103.78
N ASP B 79 -42.95 -77.94 -104.20
CA ASP B 79 -43.54 -77.61 -105.50
C ASP B 79 -44.25 -76.25 -105.46
N PHE B 80 -44.88 -75.92 -104.34
CA PHE B 80 -45.60 -74.66 -104.22
C PHE B 80 -44.65 -73.48 -104.36
N GLY B 81 -44.76 -72.78 -105.49
CA GLY B 81 -43.90 -71.64 -105.73
C GLY B 81 -44.59 -70.32 -105.47
N GLU B 82 -44.27 -69.69 -104.33
CA GLU B 82 -44.74 -68.36 -103.97
C GLU B 82 -46.24 -68.34 -103.72
N ALA B 83 -46.91 -69.47 -103.94
CA ALA B 83 -48.32 -69.62 -103.63
C ALA B 83 -48.46 -70.43 -102.36
N ALA B 84 -47.35 -70.60 -101.65
CA ALA B 84 -47.34 -71.32 -100.39
C ALA B 84 -47.74 -70.46 -99.20
N VAL B 85 -47.41 -69.16 -99.25
CA VAL B 85 -47.81 -68.23 -98.20
C VAL B 85 -49.29 -67.95 -98.45
N TRP B 86 -50.14 -68.47 -97.57
CA TRP B 86 -51.61 -68.40 -97.79
C TRP B 86 -52.03 -67.09 -98.44
N PHE B 87 -52.05 -66.00 -97.69
CA PHE B 87 -52.55 -64.71 -98.24
C PHE B 87 -52.13 -64.57 -99.68
N LYS B 88 -50.90 -64.96 -99.99
CA LYS B 88 -50.44 -64.72 -101.39
C LYS B 88 -50.52 -66.03 -102.16
N ALA B 89 -51.66 -66.73 -102.06
CA ALA B 89 -51.80 -68.05 -102.73
C ALA B 89 -52.97 -68.03 -103.72
N GLY B 90 -53.84 -67.02 -103.65
CA GLY B 90 -55.01 -67.01 -104.51
C GLY B 90 -54.67 -66.91 -105.98
N ALA B 91 -53.63 -66.13 -106.32
CA ALA B 91 -53.26 -65.94 -107.72
C ALA B 91 -52.68 -67.19 -108.35
N SER B 92 -52.65 -68.29 -107.60
CA SER B 92 -52.18 -69.58 -108.18
C SER B 92 -53.02 -69.92 -109.40
N ILE B 93 -54.29 -69.50 -109.41
CA ILE B 93 -55.19 -69.77 -110.56
C ILE B 93 -54.84 -68.81 -111.71
N PHE B 94 -53.93 -67.86 -111.46
CA PHE B 94 -53.53 -66.88 -112.49
C PHE B 94 -52.12 -67.19 -113.00
N ASN B 95 -51.62 -68.40 -112.71
CA ASN B 95 -50.28 -68.82 -113.22
C ASN B 95 -50.43 -69.33 -114.65
N GLU B 96 -49.56 -68.87 -115.56
CA GLU B 96 -49.61 -69.39 -116.96
C GLU B 96 -49.87 -70.90 -116.90
N ASP B 97 -49.14 -71.61 -116.03
CA ASP B 97 -49.30 -73.08 -115.95
C ASP B 97 -50.72 -73.37 -115.47
N GLY B 98 -51.07 -72.85 -114.29
CA GLY B 98 -52.42 -73.04 -113.73
C GLY B 98 -52.36 -73.33 -112.24
N LEU B 99 -53.53 -73.47 -111.60
CA LEU B 99 -53.54 -73.85 -110.16
C LEU B 99 -53.35 -75.37 -110.10
N ASN B 100 -52.10 -75.82 -110.15
CA ASN B 100 -51.80 -77.28 -110.16
C ASN B 100 -51.63 -77.76 -108.71
N TYR B 101 -52.48 -78.68 -108.26
CA TYR B 101 -52.43 -79.16 -106.85
C TYR B 101 -51.03 -79.71 -106.55
N LEU B 102 -50.52 -79.44 -105.36
CA LEU B 102 -49.17 -79.94 -104.94
C LEU B 102 -48.14 -79.53 -105.99
N GLY B 103 -48.36 -78.40 -106.67
CA GLY B 103 -47.44 -77.94 -107.72
C GLY B 103 -47.30 -79.00 -108.81
N ASN B 104 -48.31 -79.85 -108.96
CA ASN B 104 -48.27 -80.94 -109.97
C ASN B 104 -49.21 -80.57 -111.13
N PRO B 105 -48.69 -80.26 -112.33
CA PRO B 105 -49.54 -79.82 -113.45
C PRO B 105 -50.68 -80.83 -113.70
N SER B 106 -50.37 -82.12 -113.58
CA SER B 106 -51.41 -83.17 -113.79
C SER B 106 -52.56 -82.95 -112.79
N LEU B 107 -52.25 -82.53 -111.56
CA LEU B 107 -53.29 -82.40 -110.52
C LEU B 107 -54.14 -81.14 -110.76
N ILE B 108 -55.43 -81.31 -111.03
CA ILE B 108 -56.37 -80.16 -111.20
C ILE B 108 -55.95 -79.29 -112.39
N HIS B 109 -54.78 -78.67 -112.33
CA HIS B 109 -54.34 -77.76 -113.38
C HIS B 109 -55.43 -76.76 -113.77
N ALA B 110 -56.27 -76.39 -112.80
CA ALA B 110 -57.31 -75.38 -113.07
C ALA B 110 -56.65 -74.14 -113.67
N GLN B 111 -57.40 -73.35 -114.44
CA GLN B 111 -56.84 -72.08 -114.99
C GLN B 111 -57.98 -71.05 -115.12
N SER B 112 -59.23 -71.50 -115.05
CA SER B 112 -60.38 -70.58 -115.22
C SER B 112 -60.88 -70.10 -113.85
N ILE B 113 -60.74 -68.80 -113.57
CA ILE B 113 -61.15 -68.24 -112.26
C ILE B 113 -62.68 -68.34 -112.13
N VAL B 114 -63.42 -67.92 -113.16
CA VAL B 114 -64.90 -67.94 -113.10
C VAL B 114 -65.36 -69.38 -112.87
N ALA B 115 -64.71 -70.35 -113.52
CA ALA B 115 -65.09 -71.77 -113.35
C ALA B 115 -65.12 -72.12 -111.87
N VAL B 116 -63.97 -72.07 -111.19
CA VAL B 116 -63.91 -72.45 -109.75
C VAL B 116 -64.97 -71.65 -108.98
N LEU B 117 -65.15 -70.38 -109.34
CA LEU B 117 -66.17 -69.53 -108.67
C LEU B 117 -67.53 -70.23 -108.77
N LEU B 118 -68.00 -70.48 -110.00
CA LEU B 118 -69.35 -71.07 -110.19
C LEU B 118 -69.42 -72.44 -109.51
N THR B 119 -68.39 -73.27 -109.70
CA THR B 119 -68.38 -74.63 -109.11
C THR B 119 -68.61 -74.53 -107.59
N GLN B 120 -67.78 -73.75 -106.89
CA GLN B 120 -67.88 -73.62 -105.41
C GLN B 120 -69.28 -73.10 -105.06
N LEU B 121 -69.76 -72.09 -105.79
CA LEU B 121 -71.10 -71.51 -105.49
C LEU B 121 -72.13 -72.64 -105.52
N VAL B 122 -72.06 -73.50 -106.54
CA VAL B 122 -73.04 -74.62 -106.70
C VAL B 122 -72.79 -75.65 -105.59
N ILE B 123 -71.54 -76.09 -105.43
CA ILE B 123 -71.21 -77.14 -104.42
C ILE B 123 -71.56 -76.61 -103.03
N MET B 124 -71.04 -75.44 -102.67
CA MET B 124 -71.27 -74.88 -101.31
C MET B 124 -72.74 -74.48 -101.16
N GLY B 125 -73.33 -73.91 -102.21
CA GLY B 125 -74.72 -73.43 -102.13
C GLY B 125 -75.64 -74.55 -101.66
N ALA B 126 -75.59 -75.70 -102.33
CA ALA B 126 -76.50 -76.82 -101.99
C ALA B 126 -76.21 -77.30 -100.56
N ALA B 127 -74.94 -77.49 -100.22
CA ALA B 127 -74.58 -78.02 -98.89
C ALA B 127 -75.08 -77.07 -97.81
N GLU B 128 -74.79 -75.77 -97.95
CA GLU B 128 -75.24 -74.76 -96.96
C GLU B 128 -76.78 -74.76 -96.96
N ALA B 129 -77.38 -74.95 -98.14
CA ALA B 129 -78.86 -74.99 -98.24
C ALA B 129 -79.41 -76.15 -97.41
N TYR B 130 -78.81 -77.34 -97.55
CA TYR B 130 -79.25 -78.51 -96.77
C TYR B 130 -79.07 -78.21 -95.27
N ARG B 131 -77.94 -77.60 -94.92
CA ARG B 131 -77.65 -77.30 -93.49
C ARG B 131 -78.74 -76.38 -92.95
N TYR B 132 -79.14 -75.37 -93.71
CA TYR B 132 -80.20 -74.43 -93.27
C TYR B 132 -81.55 -75.15 -93.23
N SER B 133 -81.79 -76.04 -94.20
CA SER B 133 -83.10 -76.73 -94.29
C SER B 133 -83.34 -77.62 -93.07
N GLY B 134 -82.30 -78.30 -92.58
CA GLY B 134 -82.47 -79.24 -91.46
C GLY B 134 -82.86 -80.64 -91.94
N GLU B 135 -82.56 -80.96 -93.20
CA GLU B 135 -82.98 -82.28 -93.75
C GLU B 135 -82.28 -82.51 -95.10
N GLY B 136 -82.05 -83.77 -95.46
CA GLY B 136 -81.37 -84.10 -96.74
C GLY B 136 -81.41 -85.59 -97.04
N PRO B 137 -80.86 -86.05 -98.18
CA PRO B 137 -80.79 -87.48 -98.47
C PRO B 137 -79.92 -88.19 -97.44
N VAL B 138 -78.80 -87.56 -97.04
CA VAL B 138 -77.87 -88.16 -96.04
C VAL B 138 -78.57 -88.20 -94.68
N GLU B 139 -78.13 -89.11 -93.79
CA GLU B 139 -78.70 -89.18 -92.43
C GLU B 139 -78.45 -87.84 -91.74
N THR B 140 -79.46 -87.27 -91.06
CA THR B 140 -79.30 -85.92 -90.46
C THR B 140 -79.28 -86.01 -88.93
N SER B 141 -79.58 -87.19 -88.37
CA SER B 141 -79.54 -87.38 -86.90
C SER B 141 -80.57 -86.47 -86.23
N GLY B 142 -81.19 -85.58 -86.99
CA GLY B 142 -82.22 -84.66 -86.43
C GLY B 142 -81.63 -83.36 -85.93
N ASP B 143 -80.31 -83.31 -85.73
CA ASP B 143 -79.64 -82.09 -85.21
C ASP B 143 -78.89 -81.39 -86.35
N SER B 144 -79.29 -80.16 -86.67
CA SER B 144 -78.62 -79.40 -87.76
C SER B 144 -77.17 -79.12 -87.38
N LEU B 145 -76.94 -78.60 -86.18
CA LEU B 145 -75.56 -78.27 -85.72
C LEU B 145 -74.76 -79.56 -85.60
N TYR B 146 -75.42 -80.66 -85.19
CA TYR B 146 -74.71 -81.94 -85.01
C TYR B 146 -75.42 -83.05 -85.81
N PRO B 147 -75.26 -83.10 -87.15
CA PRO B 147 -75.86 -84.14 -87.97
C PRO B 147 -74.93 -85.34 -88.12
N GLY B 148 -74.62 -86.02 -87.02
CA GLY B 148 -73.67 -87.15 -87.07
C GLY B 148 -74.26 -88.37 -87.77
N GLY B 149 -75.53 -88.30 -88.15
CA GLY B 149 -76.19 -89.47 -88.76
C GLY B 149 -75.36 -90.05 -89.91
N PHE B 150 -74.84 -89.18 -90.78
CA PHE B 150 -74.04 -89.64 -91.94
C PHE B 150 -72.64 -89.02 -91.86
N PHE B 151 -72.55 -87.79 -91.33
CA PHE B 151 -71.25 -87.08 -91.28
C PHE B 151 -70.36 -87.73 -90.21
N ASP B 152 -70.84 -88.78 -89.55
CA ASP B 152 -70.00 -89.51 -88.57
C ASP B 152 -69.86 -90.97 -89.02
N PRO B 153 -69.05 -91.26 -90.06
CA PRO B 153 -68.86 -92.62 -90.54
C PRO B 153 -68.10 -93.48 -89.53
N LEU B 154 -67.05 -92.91 -88.90
CA LEU B 154 -66.22 -93.70 -87.96
C LEU B 154 -67.01 -93.98 -86.68
N GLY B 155 -68.18 -93.34 -86.52
CA GLY B 155 -69.01 -93.54 -85.32
C GLY B 155 -68.22 -93.24 -84.06
N LEU B 156 -67.31 -92.26 -84.12
CA LEU B 156 -66.50 -91.88 -82.94
C LEU B 156 -67.42 -91.38 -81.84
N ALA B 157 -68.70 -91.15 -82.14
CA ALA B 157 -69.65 -90.63 -81.14
C ALA B 157 -70.89 -91.54 -81.10
N ASP B 158 -70.75 -92.73 -80.52
CA ASP B 158 -71.89 -93.69 -80.45
C ASP B 158 -72.51 -93.65 -79.06
N ASP B 159 -71.76 -93.21 -78.04
CA ASP B 159 -72.32 -93.07 -76.67
C ASP B 159 -72.41 -91.58 -76.31
N PRO B 160 -73.47 -91.14 -75.60
CA PRO B 160 -73.63 -89.72 -75.28
C PRO B 160 -72.49 -89.24 -74.38
N ASP B 161 -72.01 -90.10 -73.48
CA ASP B 161 -70.95 -89.69 -72.53
C ASP B 161 -69.76 -89.13 -73.31
N THR B 162 -69.30 -89.86 -74.34
CA THR B 162 -68.18 -89.37 -75.18
C THR B 162 -68.64 -88.10 -75.92
N LEU B 163 -69.81 -88.14 -76.55
CA LEU B 163 -70.26 -86.98 -77.37
C LEU B 163 -70.09 -85.68 -76.58
N ALA B 164 -70.56 -85.66 -75.33
CA ALA B 164 -70.42 -84.46 -74.49
C ALA B 164 -68.96 -84.00 -74.48
N GLU B 165 -68.08 -84.77 -73.83
CA GLU B 165 -66.67 -84.42 -73.79
C GLU B 165 -66.12 -84.16 -75.19
N LEU B 166 -66.56 -84.95 -76.17
CA LEU B 166 -66.10 -84.75 -77.54
C LEU B 166 -66.57 -83.42 -78.09
N LYS B 167 -67.80 -83.00 -77.74
CA LYS B 167 -68.29 -81.70 -78.17
C LYS B 167 -67.42 -80.58 -77.60
N VAL B 168 -67.07 -80.70 -76.32
CA VAL B 168 -66.21 -79.71 -75.69
C VAL B 168 -64.85 -79.68 -76.37
N LYS B 169 -64.32 -80.86 -76.69
CA LYS B 169 -63.05 -80.91 -77.41
C LYS B 169 -63.15 -80.27 -78.78
N GLU B 170 -64.30 -80.43 -79.44
CA GLU B 170 -64.48 -79.85 -80.77
C GLU B 170 -64.45 -78.33 -80.71
N ILE B 171 -65.25 -77.75 -79.83
CA ILE B 171 -65.37 -76.30 -79.79
C ILE B 171 -64.08 -75.68 -79.29
N LYS B 172 -63.45 -76.28 -78.27
CA LYS B 172 -62.25 -75.70 -77.70
C LYS B 172 -61.10 -75.72 -78.68
N ASN B 173 -60.92 -76.83 -79.41
CA ASN B 173 -59.96 -76.80 -80.52
C ASN B 173 -60.42 -75.81 -81.59
N GLY B 174 -61.74 -75.69 -81.77
CA GLY B 174 -62.25 -74.73 -82.73
C GLY B 174 -62.02 -73.28 -82.30
N ARG B 175 -62.24 -72.98 -81.02
CA ARG B 175 -62.00 -71.63 -80.53
C ARG B 175 -60.56 -71.23 -80.73
N LEU B 176 -59.63 -72.11 -80.38
CA LEU B 176 -58.21 -71.84 -80.61
C LEU B 176 -57.93 -71.62 -82.08
N ALA B 177 -58.66 -72.33 -82.96
CA ALA B 177 -58.52 -72.10 -84.39
C ALA B 177 -59.02 -70.72 -84.77
N MET B 178 -60.21 -70.35 -84.28
CA MET B 178 -60.76 -69.03 -84.57
C MET B 178 -59.83 -67.93 -84.06
N PHE B 179 -59.30 -68.11 -82.85
CA PHE B 179 -58.36 -67.13 -82.31
C PHE B 179 -57.09 -67.07 -83.15
N SER B 180 -56.58 -68.22 -83.58
CA SER B 180 -55.37 -68.25 -84.37
C SER B 180 -55.61 -67.78 -85.80
N MET B 181 -56.81 -68.05 -86.34
CA MET B 181 -57.13 -67.54 -87.67
C MET B 181 -57.11 -66.02 -87.69
N PHE B 182 -57.69 -65.40 -86.66
CA PHE B 182 -57.57 -63.96 -86.50
C PHE B 182 -56.11 -63.54 -86.41
N GLY B 183 -55.27 -64.39 -85.84
CA GLY B 183 -53.84 -64.12 -85.81
C GLY B 183 -53.22 -64.12 -87.20
N PHE B 184 -53.59 -65.10 -88.01
CA PHE B 184 -53.02 -65.19 -89.38
C PHE B 184 -53.37 -63.92 -90.12
N PHE B 185 -54.63 -63.52 -90.06
CA PHE B 185 -55.09 -62.30 -90.78
C PHE B 185 -54.24 -61.10 -90.39
N VAL B 186 -54.19 -60.74 -89.11
CA VAL B 186 -53.50 -59.54 -88.65
C VAL B 186 -52.00 -59.64 -88.93
N GLN B 187 -51.41 -60.81 -88.66
CA GLN B 187 -49.98 -60.97 -88.91
C GLN B 187 -49.67 -60.84 -90.39
N GLY B 188 -50.59 -61.32 -91.23
CA GLY B 188 -50.40 -61.15 -92.67
C GLY B 188 -50.38 -59.70 -93.04
N LEU B 189 -51.40 -58.95 -92.61
CA LEU B 189 -51.49 -57.52 -92.96
C LEU B 189 -50.34 -56.74 -92.32
N VAL B 190 -50.07 -56.94 -91.04
CA VAL B 190 -49.04 -56.12 -90.35
C VAL B 190 -47.65 -56.45 -90.88
N THR B 191 -47.33 -57.74 -91.03
CA THR B 191 -45.98 -58.13 -91.40
C THR B 191 -45.82 -58.40 -92.89
N GLY B 192 -46.81 -59.02 -93.51
CA GLY B 192 -46.64 -59.39 -94.92
C GLY B 192 -45.74 -60.59 -95.07
N LYS B 193 -45.65 -61.42 -94.04
CA LYS B 193 -44.87 -62.64 -94.10
C LYS B 193 -45.73 -63.82 -93.76
N SER B 194 -45.29 -65.00 -94.18
CA SER B 194 -46.04 -66.22 -93.92
C SER B 194 -46.02 -66.53 -92.43
N PRO B 195 -47.01 -67.28 -91.94
CA PRO B 195 -47.07 -67.54 -90.49
C PRO B 195 -45.82 -68.17 -89.92
N LEU B 196 -45.18 -69.07 -90.68
CA LEU B 196 -43.95 -69.74 -90.20
C LEU B 196 -42.80 -68.74 -90.20
N GLU B 197 -42.75 -67.85 -91.21
CA GLU B 197 -41.70 -66.84 -91.26
C GLU B 197 -41.77 -65.92 -90.04
N ASN B 198 -42.97 -65.55 -89.64
CA ASN B 198 -43.13 -64.79 -88.40
C ASN B 198 -42.66 -65.61 -87.21
N LEU B 199 -42.96 -66.92 -87.23
CA LEU B 199 -42.49 -67.81 -86.14
C LEU B 199 -40.96 -67.86 -86.16
N ALA B 200 -40.36 -67.90 -87.35
CA ALA B 200 -38.91 -67.98 -87.46
C ALA B 200 -38.26 -66.72 -86.90
N ASP B 201 -38.84 -65.55 -87.18
CA ASP B 201 -38.28 -64.30 -86.69
C ASP B 201 -38.31 -64.25 -85.17
N HIS B 202 -39.41 -64.69 -84.56
CA HIS B 202 -39.50 -64.71 -83.11
C HIS B 202 -38.43 -65.61 -82.52
N LEU B 203 -38.20 -66.76 -83.15
CA LEU B 203 -37.22 -67.73 -82.61
C LEU B 203 -35.81 -67.14 -82.69
N ALA B 204 -35.50 -66.43 -83.77
CA ALA B 204 -34.15 -65.88 -83.94
C ALA B 204 -33.85 -64.84 -82.87
N GLU B 205 -34.72 -63.85 -82.72
CA GLU B 205 -34.53 -62.78 -81.74
C GLU B 205 -35.87 -62.47 -81.10
N PRO B 206 -36.25 -63.22 -80.05
CA PRO B 206 -37.59 -63.04 -79.47
C PRO B 206 -37.87 -61.64 -78.97
N SER B 207 -36.87 -61.00 -78.35
CA SER B 207 -37.07 -59.63 -77.87
C SER B 207 -37.18 -58.65 -79.02
N VAL B 208 -36.27 -58.73 -79.98
CA VAL B 208 -36.24 -57.77 -81.08
C VAL B 208 -37.40 -58.03 -82.03
N ASN B 209 -37.64 -59.29 -82.38
CA ASN B 209 -38.67 -59.63 -83.36
C ASN B 209 -39.96 -60.01 -82.64
N ASN B 210 -40.68 -58.98 -82.21
CA ASN B 210 -41.98 -59.15 -81.58
C ASN B 210 -42.98 -58.24 -82.26
N GLY B 211 -44.21 -58.25 -81.76
CA GLY B 211 -45.24 -57.41 -82.34
C GLY B 211 -44.92 -55.93 -82.26
N PHE B 212 -44.20 -55.52 -81.23
CA PHE B 212 -43.88 -54.12 -81.05
C PHE B 212 -42.76 -53.63 -81.95
N ALA B 213 -42.07 -54.53 -82.65
CA ALA B 213 -41.07 -54.10 -83.62
C ALA B 213 -41.73 -53.37 -84.78
N SER B 214 -42.94 -53.79 -85.16
CA SER B 214 -43.70 -53.17 -86.23
C SER B 214 -44.81 -52.27 -85.69
N ALA B 215 -44.67 -51.77 -84.47
CA ALA B 215 -45.71 -50.93 -83.89
C ALA B 215 -45.82 -49.59 -84.62
N THR B 216 -44.69 -49.00 -84.99
CA THR B 216 -44.67 -47.68 -85.60
C THR B 216 -44.92 -47.70 -87.10
N LYS B 217 -45.15 -48.89 -87.66
CA LYS B 217 -45.36 -49.01 -89.13
C LYS B 217 -46.84 -48.93 -89.42
N PHE B 218 -47.50 -47.93 -88.84
CA PHE B 218 -48.94 -47.69 -89.10
C PHE B 218 -49.17 -46.31 -88.55
N LEU B 219 -48.08 -45.71 -88.06
CA LEU B 219 -48.19 -44.33 -87.51
C LEU B 219 -48.88 -43.45 -88.55
N PRO B 220 -49.87 -42.62 -88.16
CA PRO B 220 -50.52 -41.71 -89.11
C PRO B 220 -49.65 -40.48 -89.32
N LEU B 221 -48.60 -40.60 -90.14
CA LEU B 221 -47.69 -39.45 -90.41
C LEU B 221 -48.53 -38.28 -90.93
N PRO B 222 -48.28 -37.04 -90.46
CA PRO B 222 -49.03 -35.87 -90.91
C PRO B 222 -49.32 -35.95 -92.42
N VAL C 1 -100.28 -64.22 -99.97
CA VAL C 1 -99.47 -65.47 -99.94
C VAL C 1 -98.24 -65.29 -100.83
N GLU C 2 -98.41 -64.66 -101.99
CA GLU C 2 -97.27 -64.46 -102.93
C GLU C 2 -96.26 -63.51 -102.28
N TRP C 3 -96.69 -62.71 -101.29
CA TRP C 3 -95.78 -61.72 -100.67
C TRP C 3 -96.06 -61.58 -99.17
N TYR C 4 -97.05 -62.29 -98.63
CA TYR C 4 -97.28 -62.23 -97.19
C TYR C 4 -97.70 -63.55 -96.57
N GLY C 5 -98.30 -64.46 -97.34
CA GLY C 5 -98.77 -65.71 -96.80
C GLY C 5 -97.63 -66.65 -96.46
N PRO C 6 -97.94 -67.79 -95.84
CA PRO C 6 -96.88 -68.76 -95.53
C PRO C 6 -96.17 -69.29 -96.77
N ASN C 7 -96.78 -69.18 -97.94
CA ASN C 7 -96.16 -69.59 -99.18
C ASN C 7 -95.22 -68.55 -99.75
N ARG C 8 -94.75 -67.61 -98.94
CA ARG C 8 -93.83 -66.56 -99.36
C ARG C 8 -92.63 -67.12 -100.10
N PRO C 9 -92.08 -66.37 -101.06
CA PRO C 9 -90.80 -66.76 -101.65
C PRO C 9 -89.68 -66.53 -100.65
N GLN C 10 -88.88 -67.56 -100.39
CA GLN C 10 -87.82 -67.45 -99.36
C GLN C 10 -86.50 -66.99 -99.99
N PHE C 11 -85.50 -66.72 -99.16
CA PHE C 11 -84.19 -66.20 -99.67
C PHE C 11 -83.32 -67.38 -100.14
N LEU C 12 -83.73 -68.61 -99.82
CA LEU C 12 -82.90 -69.79 -100.18
C LEU C 12 -83.65 -70.64 -101.22
N GLY C 13 -84.79 -70.14 -101.73
CA GLY C 13 -85.56 -70.87 -102.74
C GLY C 13 -86.15 -72.15 -102.20
N PRO C 14 -86.05 -73.30 -102.90
CA PRO C 14 -86.68 -74.56 -102.46
C PRO C 14 -86.26 -74.97 -101.07
N PHE C 15 -84.99 -74.78 -100.72
CA PHE C 15 -84.52 -75.04 -99.38
C PHE C 15 -85.05 -73.98 -98.42
N SER C 16 -86.08 -74.31 -97.65
CA SER C 16 -86.77 -73.32 -96.86
C SER C 16 -86.88 -73.76 -95.41
N ASN C 17 -86.62 -72.84 -94.50
CA ASN C 17 -86.79 -73.06 -93.07
C ASN C 17 -86.85 -71.71 -92.36
N PRO C 18 -87.95 -70.97 -92.50
CA PRO C 18 -88.04 -69.64 -91.90
C PRO C 18 -88.01 -69.70 -90.39
N PRO C 19 -87.45 -68.70 -89.72
CA PRO C 19 -87.50 -68.65 -88.26
C PRO C 19 -88.91 -68.40 -87.77
N SER C 20 -89.15 -68.74 -86.50
CA SER C 20 -90.50 -68.71 -85.96
C SER C 20 -91.06 -67.29 -85.91
N TYR C 21 -90.25 -66.31 -85.51
CA TYR C 21 -90.76 -64.95 -85.37
C TYR C 21 -91.06 -64.32 -86.71
N LEU C 22 -90.25 -64.62 -87.74
CA LEU C 22 -90.53 -64.14 -89.08
C LEU C 22 -91.66 -64.96 -89.66
N LYS C 23 -92.87 -64.40 -89.65
CA LYS C 23 -94.06 -65.10 -90.10
C LYS C 23 -94.61 -64.58 -91.42
N GLY C 24 -94.10 -63.47 -91.94
CA GLY C 24 -94.56 -62.91 -93.18
C GLY C 24 -95.57 -61.79 -93.06
N GLU C 25 -95.70 -61.17 -91.90
CA GLU C 25 -96.65 -60.09 -91.69
C GLU C 25 -96.11 -58.74 -92.11
N PHE C 26 -94.88 -58.68 -92.61
CA PHE C 26 -94.25 -57.44 -93.01
C PHE C 26 -93.58 -57.64 -94.36
N PRO C 27 -93.46 -56.58 -95.16
CA PRO C 27 -92.94 -56.73 -96.52
C PRO C 27 -91.50 -57.22 -96.53
N GLY C 28 -91.15 -57.97 -97.57
CA GLY C 28 -89.80 -58.45 -97.73
C GLY C 28 -89.43 -59.61 -96.83
N ASP C 29 -90.42 -60.28 -96.24
CA ASP C 29 -90.16 -61.34 -95.25
C ASP C 29 -89.79 -62.63 -95.98
N TYR C 30 -88.53 -62.68 -96.43
CA TYR C 30 -87.96 -63.88 -97.00
C TYR C 30 -87.44 -64.84 -95.94
N GLY C 31 -87.71 -64.52 -94.67
CA GLY C 31 -87.22 -65.35 -93.55
C GLY C 31 -85.71 -65.51 -93.59
N TRP C 32 -84.97 -64.43 -93.32
CA TRP C 32 -83.48 -64.48 -93.42
C TRP C 32 -82.82 -63.94 -92.15
N ASP C 33 -83.45 -64.11 -90.99
CA ASP C 33 -82.79 -63.69 -89.72
C ASP C 33 -81.93 -64.85 -89.22
N THR C 34 -80.85 -65.17 -89.95
CA THR C 34 -79.97 -66.32 -89.59
C THR C 34 -79.23 -66.01 -88.28
N ALA C 35 -79.04 -64.73 -87.97
CA ALA C 35 -78.26 -64.35 -86.76
C ALA C 35 -79.21 -64.08 -85.59
N GLY C 36 -80.52 -64.25 -85.80
CA GLY C 36 -81.46 -64.01 -84.73
C GLY C 36 -81.42 -62.61 -84.16
N LEU C 37 -80.92 -61.63 -84.92
CA LEU C 37 -80.85 -60.26 -84.43
C LEU C 37 -82.23 -59.69 -84.18
N SER C 38 -83.25 -60.19 -84.88
CA SER C 38 -84.59 -59.65 -84.78
C SER C 38 -85.51 -60.51 -83.93
N ALA C 39 -84.96 -61.30 -83.01
CA ALA C 39 -85.78 -62.14 -82.15
C ALA C 39 -86.69 -61.31 -81.27
N ASP C 40 -86.16 -60.25 -80.65
CA ASP C 40 -86.96 -59.37 -79.83
C ASP C 40 -87.90 -58.55 -80.69
N PRO C 41 -89.22 -58.58 -80.41
CA PRO C 41 -90.16 -57.86 -81.27
C PRO C 41 -89.89 -56.36 -81.37
N GLU C 42 -89.51 -55.73 -80.26
CA GLU C 42 -89.23 -54.30 -80.29
C GLU C 42 -87.98 -54.00 -81.12
N THR C 43 -86.94 -54.81 -80.95
CA THR C 43 -85.75 -54.64 -81.77
C THR C 43 -86.07 -54.94 -83.24
N PHE C 44 -86.89 -55.96 -83.48
CA PHE C 44 -87.32 -56.26 -84.84
C PHE C 44 -88.10 -55.10 -85.44
N ALA C 45 -88.97 -54.47 -84.64
CA ALA C 45 -89.73 -53.33 -85.11
C ALA C 45 -88.81 -52.17 -85.48
N ARG C 46 -87.82 -51.89 -84.63
CA ARG C 46 -86.87 -50.84 -84.93
C ARG C 46 -85.99 -51.21 -86.12
N TYR C 47 -85.63 -52.48 -86.24
CA TYR C 47 -84.84 -52.93 -87.38
C TYR C 47 -85.62 -52.77 -88.68
N ARG C 48 -86.92 -53.03 -88.65
CA ARG C 48 -87.74 -52.80 -89.84
C ARG C 48 -87.77 -51.32 -90.20
N GLU C 49 -87.86 -50.46 -89.20
CA GLU C 49 -87.81 -49.02 -89.43
C GLU C 49 -86.49 -48.63 -90.08
N LEU C 50 -85.39 -49.19 -89.58
CA LEU C 50 -84.08 -48.87 -90.12
C LEU C 50 -83.91 -49.36 -91.56
N GLU C 51 -84.45 -50.55 -91.85
CA GLU C 51 -84.28 -51.12 -93.19
C GLU C 51 -84.96 -50.27 -94.25
N VAL C 52 -86.18 -49.80 -93.95
CA VAL C 52 -86.91 -48.98 -94.93
C VAL C 52 -86.17 -47.67 -95.15
N ILE C 53 -85.71 -47.03 -94.08
CA ILE C 53 -85.08 -45.72 -94.20
C ILE C 53 -83.73 -45.85 -94.89
N HIS C 54 -82.93 -46.85 -94.48
CA HIS C 54 -81.65 -47.08 -95.18
C HIS C 54 -81.90 -47.38 -96.65
N ALA C 55 -82.99 -48.06 -96.96
CA ALA C 55 -83.32 -48.34 -98.36
C ALA C 55 -83.74 -47.07 -99.10
N ARG C 56 -84.63 -46.29 -98.49
CA ARG C 56 -85.14 -45.09 -99.14
C ARG C 56 -84.02 -44.11 -99.44
N TRP C 57 -83.11 -43.90 -98.49
CA TRP C 57 -81.96 -43.04 -98.73
C TRP C 57 -81.05 -43.62 -99.79
N ALA C 58 -80.86 -44.94 -99.80
CA ALA C 58 -80.00 -45.58 -100.79
C ALA C 58 -80.58 -45.44 -102.19
N MET C 59 -81.90 -45.53 -102.32
CA MET C 59 -82.54 -45.37 -103.62
C MET C 59 -82.26 -43.98 -104.19
N LEU C 60 -82.42 -42.95 -103.37
CA LEU C 60 -82.04 -41.61 -103.78
C LEU C 60 -80.53 -41.54 -104.04
N GLY C 61 -79.75 -42.18 -103.19
CA GLY C 61 -78.31 -42.18 -103.38
C GLY C 61 -77.87 -42.90 -104.64
N ALA C 62 -78.59 -43.97 -104.99
CA ALA C 62 -78.25 -44.76 -106.19
C ALA C 62 -78.28 -43.83 -107.41
N LEU C 63 -79.44 -43.26 -107.72
CA LEU C 63 -79.58 -42.36 -108.90
C LEU C 63 -78.70 -41.12 -108.69
N GLY C 64 -78.74 -40.55 -107.48
CA GLY C 64 -77.96 -39.33 -107.19
C GLY C 64 -76.48 -39.51 -107.52
N CYS C 65 -75.96 -40.72 -107.42
CA CYS C 65 -74.51 -40.96 -107.65
C CYS C 65 -74.26 -41.31 -109.11
N VAL C 66 -75.31 -41.66 -109.86
CA VAL C 66 -75.13 -42.10 -111.27
C VAL C 66 -75.60 -40.99 -112.20
N THR C 67 -76.71 -40.32 -111.86
CA THR C 67 -77.28 -39.27 -112.76
C THR C 67 -76.21 -38.25 -113.15
N PRO C 68 -75.60 -37.49 -112.21
CA PRO C 68 -74.64 -36.45 -112.57
C PRO C 68 -73.51 -37.00 -113.45
N GLU C 69 -72.98 -38.17 -113.09
CA GLU C 69 -71.88 -38.79 -113.88
C GLU C 69 -72.40 -39.13 -115.29
N LEU C 70 -73.51 -39.84 -115.36
CA LEU C 70 -74.07 -40.28 -116.68
C LEU C 70 -74.30 -39.06 -117.58
N LEU C 71 -75.05 -38.07 -117.10
CA LEU C 71 -75.37 -36.89 -117.94
C LEU C 71 -74.09 -36.30 -118.52
N GLN C 72 -73.08 -36.11 -117.66
CA GLN C 72 -71.78 -35.58 -118.13
C GLN C 72 -71.20 -36.54 -119.17
N ARG C 73 -71.22 -37.84 -118.88
CA ARG C 73 -70.66 -38.85 -119.82
C ARG C 73 -71.49 -38.84 -121.10
N ASN C 74 -72.78 -38.52 -121.01
CA ASN C 74 -73.67 -38.48 -122.20
C ASN C 74 -73.59 -37.09 -122.84
N GLY C 75 -72.66 -36.25 -122.37
CA GLY C 75 -72.46 -34.91 -122.95
C GLY C 75 -73.68 -34.03 -122.70
N VAL C 76 -74.67 -34.55 -121.97
CA VAL C 76 -75.92 -33.80 -121.69
C VAL C 76 -75.56 -32.50 -120.94
N ALA C 77 -74.64 -32.60 -119.97
CA ALA C 77 -74.26 -31.42 -119.16
C ALA C 77 -72.89 -31.65 -118.50
N ASN C 78 -72.10 -30.58 -118.34
CA ASN C 78 -70.80 -30.71 -117.61
C ASN C 78 -71.08 -30.52 -116.12
N PHE C 79 -70.34 -31.23 -115.25
CA PHE C 79 -70.61 -31.16 -113.79
C PHE C 79 -69.36 -30.72 -113.02
N GLY C 80 -68.19 -30.80 -113.66
CA GLY C 80 -66.93 -30.45 -112.97
C GLY C 80 -66.53 -31.54 -112.00
N GLU C 81 -67.52 -32.28 -111.49
CA GLU C 81 -67.23 -33.42 -110.57
C GLU C 81 -68.22 -34.54 -110.86
N ALA C 82 -68.07 -35.22 -112.00
CA ALA C 82 -69.02 -36.28 -112.40
C ALA C 82 -68.99 -37.43 -111.38
N VAL C 83 -67.79 -37.94 -111.07
CA VAL C 83 -67.65 -39.08 -110.11
C VAL C 83 -68.29 -38.68 -108.78
N TRP C 84 -69.24 -39.48 -108.29
CA TRP C 84 -69.96 -39.18 -107.04
C TRP C 84 -69.00 -39.04 -105.88
N PHE C 85 -68.01 -39.93 -105.79
CA PHE C 85 -67.09 -39.92 -104.62
C PHE C 85 -66.36 -38.58 -104.55
N LYS C 86 -65.92 -38.07 -105.68
CA LYS C 86 -65.12 -36.81 -105.68
C LYS C 86 -66.06 -35.61 -105.82
N ALA C 87 -67.35 -35.85 -106.03
CA ALA C 87 -68.30 -34.73 -106.26
C ALA C 87 -68.19 -33.68 -105.16
N GLY C 88 -68.16 -34.11 -103.89
CA GLY C 88 -68.13 -33.15 -102.77
C GLY C 88 -67.02 -32.13 -102.91
N ALA C 89 -65.87 -32.52 -103.48
CA ALA C 89 -64.73 -31.62 -103.57
C ALA C 89 -64.97 -30.44 -104.50
N GLN C 90 -66.06 -30.44 -105.27
CA GLN C 90 -66.29 -29.35 -106.21
C GLN C 90 -66.60 -28.04 -105.51
N ILE C 91 -66.96 -28.08 -104.23
CA ILE C 91 -67.18 -26.85 -103.48
C ILE C 91 -65.88 -26.06 -103.34
N PHE C 92 -64.74 -26.73 -103.47
CA PHE C 92 -63.44 -26.06 -103.40
C PHE C 92 -62.93 -25.64 -104.78
N GLN C 93 -63.75 -25.78 -105.82
CA GLN C 93 -63.38 -25.26 -107.13
C GLN C 93 -63.45 -23.74 -107.13
N GLU C 94 -62.84 -23.14 -108.16
CA GLU C 94 -62.80 -21.69 -108.27
C GLU C 94 -64.20 -21.10 -108.34
N GLY C 95 -65.08 -21.71 -109.12
CA GLY C 95 -66.44 -21.22 -109.23
C GLY C 95 -67.36 -21.82 -108.19
N GLY C 96 -66.79 -22.61 -107.28
CA GLY C 96 -67.62 -23.30 -106.30
C GLY C 96 -68.44 -24.38 -106.96
N LEU C 97 -69.60 -24.66 -106.38
CA LEU C 97 -70.49 -25.69 -106.85
C LEU C 97 -71.58 -25.05 -107.71
N ASP C 98 -71.69 -25.51 -108.96
CA ASP C 98 -72.70 -25.01 -109.89
C ASP C 98 -73.51 -26.20 -110.37
N TYR C 99 -74.83 -26.15 -110.13
CA TYR C 99 -75.71 -27.29 -110.54
C TYR C 99 -75.72 -27.39 -112.06
N LEU C 100 -75.58 -28.60 -112.59
CA LEU C 100 -75.55 -28.80 -114.07
C LEU C 100 -74.48 -27.88 -114.67
N GLY C 101 -73.38 -27.68 -113.95
CA GLY C 101 -72.28 -26.83 -114.46
C GLY C 101 -72.77 -25.50 -114.99
N ASN C 102 -73.86 -24.96 -114.44
CA ASN C 102 -74.33 -23.65 -114.86
C ASN C 102 -73.96 -22.62 -113.81
N PRO C 103 -73.12 -21.64 -114.13
CA PRO C 103 -72.71 -20.65 -113.12
C PRO C 103 -73.85 -19.79 -112.60
N SER C 104 -74.96 -19.72 -113.34
CA SER C 104 -76.09 -18.90 -112.95
C SER C 104 -77.05 -19.63 -112.00
N LEU C 105 -76.74 -20.88 -111.67
CA LEU C 105 -77.54 -21.64 -110.71
C LEU C 105 -77.06 -21.36 -109.29
N ILE C 106 -77.43 -22.24 -108.34
CA ILE C 106 -77.24 -21.99 -106.92
C ILE C 106 -75.89 -21.36 -106.59
N HIS C 107 -74.84 -21.77 -107.31
CA HIS C 107 -73.52 -21.13 -107.24
C HIS C 107 -73.01 -21.04 -105.81
N ALA C 108 -73.08 -22.16 -105.10
CA ALA C 108 -72.64 -22.20 -103.72
C ALA C 108 -71.12 -22.14 -103.64
N GLN C 109 -70.62 -21.43 -102.63
CA GLN C 109 -69.18 -21.23 -102.46
C GLN C 109 -68.67 -21.56 -101.07
N SER C 110 -69.50 -21.52 -100.03
CA SER C 110 -69.06 -21.73 -98.66
C SER C 110 -69.55 -23.09 -98.19
N ILE C 111 -68.61 -23.96 -97.79
CA ILE C 111 -68.98 -25.26 -97.27
C ILE C 111 -69.71 -25.11 -95.94
N VAL C 112 -69.34 -24.11 -95.15
CA VAL C 112 -70.01 -23.87 -93.88
C VAL C 112 -71.48 -23.57 -94.11
N ALA C 113 -71.78 -22.72 -95.10
CA ALA C 113 -73.16 -22.36 -95.37
C ALA C 113 -73.99 -23.56 -95.81
N ILE C 114 -73.39 -24.44 -96.61
CA ILE C 114 -74.07 -25.66 -97.01
C ILE C 114 -74.37 -26.51 -95.78
N LEU C 115 -73.35 -26.74 -94.95
CA LEU C 115 -73.49 -27.62 -93.80
C LEU C 115 -74.44 -27.03 -92.76
N LEU C 116 -74.32 -25.72 -92.50
CA LEU C 116 -75.15 -25.08 -91.50
C LEU C 116 -76.64 -25.18 -91.86
N THR C 117 -76.96 -24.93 -93.12
CA THR C 117 -78.35 -25.03 -93.57
C THR C 117 -78.82 -26.48 -93.50
N GLN C 118 -77.97 -27.43 -93.88
CA GLN C 118 -78.36 -28.83 -93.88
C GLN C 118 -78.70 -29.31 -92.47
N LEU C 119 -77.93 -28.86 -91.48
CA LEU C 119 -78.22 -29.21 -90.09
C LEU C 119 -79.59 -28.69 -89.67
N VAL C 120 -79.90 -27.45 -90.05
CA VAL C 120 -81.17 -26.85 -89.66
C VAL C 120 -82.33 -27.54 -90.37
N LEU C 121 -82.22 -27.66 -91.70
CA LEU C 121 -83.32 -28.26 -92.49
C LEU C 121 -83.48 -29.74 -92.14
N MET C 122 -82.43 -30.54 -92.37
CA MET C 122 -82.52 -32.00 -92.13
C MET C 122 -82.97 -32.25 -90.68
N GLY C 123 -82.48 -31.43 -89.74
CA GLY C 123 -82.86 -31.59 -88.33
C GLY C 123 -84.37 -31.57 -88.16
N LEU C 124 -85.02 -30.52 -88.67
CA LEU C 124 -86.49 -30.40 -88.55
C LEU C 124 -87.16 -31.56 -89.29
N ILE C 125 -86.72 -31.85 -90.51
CA ILE C 125 -87.34 -32.93 -91.33
C ILE C 125 -87.28 -34.25 -90.55
N GLU C 126 -86.09 -34.60 -90.04
CA GLU C 126 -85.92 -35.87 -89.29
C GLU C 126 -86.78 -35.80 -88.03
N GLY C 127 -86.79 -34.65 -87.35
CA GLY C 127 -87.64 -34.49 -86.16
C GLY C 127 -89.10 -34.67 -86.52
N TYR C 128 -89.49 -34.22 -87.72
CA TYR C 128 -90.89 -34.40 -88.18
C TYR C 128 -91.17 -35.88 -88.38
N ARG C 129 -90.27 -36.60 -89.05
CA ARG C 129 -90.53 -38.03 -89.36
C ARG C 129 -90.73 -38.82 -88.06
N VAL C 130 -90.16 -38.34 -86.94
CA VAL C 130 -90.24 -39.09 -85.67
C VAL C 130 -91.32 -38.50 -84.75
N ASN C 131 -91.35 -37.17 -84.61
CA ASN C 131 -92.32 -36.53 -83.68
C ASN C 131 -93.47 -35.89 -84.46
N GLY C 132 -93.62 -36.26 -85.73
CA GLY C 132 -94.68 -35.65 -86.57
C GLY C 132 -94.42 -34.16 -86.78
N GLY C 133 -95.45 -33.41 -87.17
CA GLY C 133 -95.29 -31.97 -87.41
C GLY C 133 -96.34 -31.43 -88.38
N PRO C 134 -96.11 -30.27 -89.03
CA PRO C 134 -97.10 -29.66 -89.91
C PRO C 134 -97.56 -30.56 -91.05
N ALA C 135 -96.67 -31.42 -91.55
CA ALA C 135 -97.04 -32.37 -92.60
C ALA C 135 -97.50 -33.70 -92.00
N GLY C 136 -98.44 -33.61 -91.08
CA GLY C 136 -99.03 -34.79 -90.48
C GLY C 136 -98.62 -35.03 -89.04
N GLU C 137 -99.59 -35.31 -88.17
CA GLU C 137 -99.33 -35.61 -86.75
C GLU C 137 -100.12 -36.85 -86.38
N GLY C 138 -99.42 -37.97 -86.17
CA GLY C 138 -100.08 -39.23 -85.79
C GLY C 138 -100.13 -40.23 -86.93
N LEU C 139 -99.44 -39.94 -88.04
CA LEU C 139 -99.45 -40.85 -89.22
C LEU C 139 -98.52 -42.04 -88.96
N ASP C 140 -98.60 -43.08 -89.80
CA ASP C 140 -97.73 -44.27 -89.65
C ASP C 140 -96.26 -43.82 -89.59
N ALA C 141 -95.47 -44.45 -88.73
CA ALA C 141 -94.07 -44.04 -88.58
C ALA C 141 -93.31 -44.17 -89.89
N LEU C 142 -93.55 -45.25 -90.63
CA LEU C 142 -92.86 -45.48 -91.90
C LEU C 142 -93.70 -45.12 -93.12
N TYR C 143 -95.03 -45.24 -93.00
CA TYR C 143 -95.89 -44.99 -94.18
C TYR C 143 -96.93 -43.93 -93.82
N PRO C 144 -96.52 -42.66 -93.60
CA PRO C 144 -97.47 -41.62 -93.19
C PRO C 144 -98.52 -41.39 -94.27
N GLY C 145 -98.13 -41.54 -95.54
CA GLY C 145 -99.06 -41.31 -96.65
C GLY C 145 -99.61 -39.89 -96.62
N GLU C 146 -100.87 -39.70 -96.98
CA GLU C 146 -101.51 -38.36 -96.92
C GLU C 146 -100.60 -37.33 -97.60
N ALA C 147 -100.10 -36.36 -96.84
CA ALA C 147 -99.23 -35.31 -97.41
C ALA C 147 -98.04 -35.96 -98.12
N PHE C 148 -97.56 -37.10 -97.61
CA PHE C 148 -96.42 -37.81 -98.23
C PHE C 148 -96.95 -38.83 -99.24
N ASP C 149 -98.23 -38.72 -99.59
CA ASP C 149 -98.80 -39.61 -100.63
C ASP C 149 -99.83 -38.80 -101.42
N PRO C 150 -99.46 -37.67 -102.06
CA PRO C 150 -100.45 -36.84 -102.78
C PRO C 150 -101.16 -37.57 -103.91
N LEU C 151 -100.42 -38.42 -104.64
CA LEU C 151 -101.02 -39.13 -105.80
C LEU C 151 -101.92 -40.25 -105.30
N GLY C 152 -101.92 -40.50 -103.98
CA GLY C 152 -102.78 -41.56 -103.40
C GLY C 152 -102.66 -42.84 -104.19
N LEU C 153 -101.44 -43.23 -104.55
CA LEU C 153 -101.25 -44.45 -105.38
C LEU C 153 -101.34 -45.69 -104.48
N ALA C 154 -101.67 -45.50 -103.20
CA ALA C 154 -101.73 -46.63 -102.25
C ALA C 154 -103.12 -46.72 -101.61
N ASP C 155 -104.11 -46.06 -102.22
CA ASP C 155 -105.49 -46.06 -101.66
C ASP C 155 -106.00 -47.51 -101.57
N ASP C 156 -105.61 -48.35 -102.54
CA ASP C 156 -106.01 -49.79 -102.51
C ASP C 156 -105.09 -50.53 -101.55
N PRO C 157 -105.60 -51.07 -100.42
CA PRO C 157 -104.74 -51.71 -99.42
C PRO C 157 -103.99 -52.91 -100.03
N ASP C 158 -104.72 -53.79 -100.73
CA ASP C 158 -104.08 -54.97 -101.38
C ASP C 158 -102.86 -54.48 -102.16
N THR C 159 -103.07 -53.63 -103.17
CA THR C 159 -101.95 -53.09 -103.93
C THR C 159 -100.91 -52.48 -103.00
N PHE C 160 -101.37 -51.74 -101.99
CA PHE C 160 -100.45 -51.07 -101.08
C PHE C 160 -99.55 -52.06 -100.36
N ALA C 161 -100.12 -53.18 -99.93
CA ALA C 161 -99.33 -54.19 -99.24
C ALA C 161 -98.25 -54.77 -100.14
N GLU C 162 -98.61 -55.19 -101.34
CA GLU C 162 -97.62 -55.74 -102.26
C GLU C 162 -96.71 -54.66 -102.81
N LEU C 163 -97.19 -53.41 -102.87
CA LEU C 163 -96.33 -52.32 -103.34
C LEU C 163 -95.27 -51.99 -102.30
N LYS C 164 -95.57 -52.20 -101.02
CA LYS C 164 -94.56 -51.99 -99.98
C LYS C 164 -93.38 -52.92 -100.19
N VAL C 165 -93.65 -54.17 -100.56
CA VAL C 165 -92.57 -55.12 -100.83
C VAL C 165 -91.79 -54.70 -102.06
N LYS C 166 -92.45 -54.01 -103.00
CA LYS C 166 -91.75 -53.45 -104.15
C LYS C 166 -90.74 -52.40 -103.70
N GLU C 167 -91.12 -51.59 -102.72
CA GLU C 167 -90.25 -50.54 -102.22
C GLU C 167 -88.97 -51.13 -101.63
N LEU C 168 -89.12 -52.13 -100.76
CA LEU C 168 -87.95 -52.75 -100.15
C LEU C 168 -87.09 -53.44 -101.19
N LYS C 169 -87.72 -54.22 -102.07
CA LYS C 169 -86.97 -55.01 -103.05
C LYS C 169 -86.19 -54.10 -104.00
N ASN C 170 -86.83 -53.03 -104.49
CA ASN C 170 -86.08 -52.02 -105.23
C ASN C 170 -85.07 -51.33 -104.32
N GLY C 171 -85.46 -51.05 -103.08
CA GLY C 171 -84.55 -50.41 -102.15
C GLY C 171 -83.39 -51.30 -101.73
N ARG C 172 -83.68 -52.57 -101.42
CA ARG C 172 -82.63 -53.48 -100.98
C ARG C 172 -81.58 -53.68 -102.06
N LEU C 173 -82.02 -53.75 -103.32
CA LEU C 173 -81.07 -53.78 -104.42
C LEU C 173 -80.27 -52.48 -104.47
N ALA C 174 -80.94 -51.35 -104.22
CA ALA C 174 -80.24 -50.06 -104.23
C ALA C 174 -79.18 -50.01 -103.16
N MET C 175 -79.48 -50.55 -101.97
CA MET C 175 -78.50 -50.60 -100.90
C MET C 175 -77.28 -51.40 -101.32
N VAL C 176 -77.51 -52.57 -101.93
CA VAL C 176 -76.40 -53.40 -102.39
C VAL C 176 -75.60 -52.65 -103.46
N SER C 177 -76.32 -51.99 -104.36
CA SER C 177 -75.64 -51.22 -105.44
C SER C 177 -74.79 -50.11 -104.81
N MET C 178 -75.35 -49.42 -103.82
CA MET C 178 -74.59 -48.33 -103.15
C MET C 178 -73.30 -48.90 -102.56
N LEU C 179 -73.40 -50.05 -101.88
CA LEU C 179 -72.19 -50.70 -101.30
C LEU C 179 -71.20 -50.99 -102.44
N GLY C 180 -71.70 -51.53 -103.55
CA GLY C 180 -70.83 -51.82 -104.70
C GLY C 180 -70.15 -50.56 -105.22
N PHE C 181 -70.92 -49.49 -105.35
CA PHE C 181 -70.36 -48.22 -105.89
C PHE C 181 -69.13 -47.88 -105.06
N GLY C 182 -69.34 -47.65 -103.78
CA GLY C 182 -68.21 -47.31 -102.88
C GLY C 182 -67.05 -48.28 -102.98
N VAL C 183 -67.31 -49.56 -102.78
CA VAL C 183 -66.17 -50.53 -102.78
C VAL C 183 -65.44 -50.44 -104.12
N GLN C 184 -66.19 -50.40 -105.22
CA GLN C 184 -65.56 -50.35 -106.57
C GLN C 184 -64.75 -49.06 -106.67
N GLY C 185 -65.28 -47.97 -106.11
CA GLY C 185 -64.56 -46.69 -106.11
C GLY C 185 -63.26 -46.83 -105.36
N LEU C 186 -63.34 -47.24 -104.09
CA LEU C 186 -62.14 -47.38 -103.25
C LEU C 186 -61.14 -48.31 -103.94
N ILE C 187 -61.60 -49.11 -104.91
CA ILE C 187 -60.70 -50.10 -105.55
C ILE C 187 -60.34 -49.61 -106.96
N THR C 188 -61.33 -49.41 -107.82
CA THR C 188 -61.10 -48.96 -109.21
C THR C 188 -60.68 -47.49 -109.22
N ARG C 189 -61.21 -46.69 -108.30
CA ARG C 189 -60.90 -45.24 -108.27
C ARG C 189 -61.57 -44.59 -109.48
N LYS C 190 -62.52 -45.29 -110.10
CA LYS C 190 -63.26 -44.75 -111.27
C LYS C 190 -64.75 -44.75 -110.95
N GLY C 191 -65.52 -43.83 -111.55
CA GLY C 191 -66.97 -43.77 -111.31
C GLY C 191 -67.63 -45.10 -111.64
N PRO C 192 -68.73 -45.50 -110.95
CA PRO C 192 -69.33 -46.82 -111.19
C PRO C 192 -69.66 -47.00 -112.67
N ILE C 193 -70.20 -45.96 -113.31
CA ILE C 193 -70.57 -46.04 -114.75
C ILE C 193 -69.32 -46.37 -115.57
N GLU C 194 -68.22 -45.67 -115.28
CA GLU C 194 -66.94 -45.93 -116.02
C GLU C 194 -66.55 -47.39 -115.82
N ASN C 195 -66.64 -47.89 -114.58
CA ASN C 195 -66.28 -49.30 -114.30
C ASN C 195 -67.15 -50.22 -115.16
N LEU C 196 -68.45 -49.91 -115.27
CA LEU C 196 -69.37 -50.73 -116.10
C LEU C 196 -68.84 -50.77 -117.53
N ALA C 197 -68.61 -49.60 -118.14
CA ALA C 197 -68.10 -49.54 -119.52
C ALA C 197 -66.91 -50.50 -119.66
N ASP C 198 -66.01 -50.48 -118.68
CA ASP C 198 -64.83 -51.38 -118.71
C ASP C 198 -65.29 -52.81 -118.92
N HIS C 199 -66.07 -53.35 -117.98
CA HIS C 199 -66.52 -54.76 -118.07
C HIS C 199 -67.09 -55.02 -119.46
N LEU C 200 -68.07 -54.22 -119.88
CA LEU C 200 -68.72 -54.44 -121.19
C LEU C 200 -67.64 -54.44 -122.28
N ALA C 201 -66.61 -53.61 -122.13
CA ALA C 201 -65.52 -53.55 -123.13
C ALA C 201 -64.81 -54.91 -123.21
N ALA C 202 -64.47 -55.50 -122.06
CA ALA C 202 -63.82 -56.83 -122.03
C ALA C 202 -64.26 -57.59 -120.78
N PRO C 203 -65.50 -58.15 -120.74
CA PRO C 203 -66.00 -58.79 -119.52
C PRO C 203 -65.14 -60.01 -119.14
N ASP C 204 -64.74 -60.80 -120.13
CA ASP C 204 -63.86 -61.97 -119.88
C ASP C 204 -62.52 -61.46 -119.32
N ALA C 205 -62.12 -60.25 -119.74
CA ALA C 205 -60.80 -59.71 -119.31
C ALA C 205 -60.99 -58.69 -118.19
N THR C 206 -61.13 -57.40 -118.54
CA THR C 206 -61.21 -56.34 -117.50
C THR C 206 -62.32 -56.66 -116.50
N ASN C 207 -61.95 -57.11 -115.29
CA ASN C 207 -62.93 -57.40 -114.22
C ASN C 207 -62.17 -57.59 -112.90
N PHE C 208 -62.84 -57.53 -111.77
CA PHE C 208 -62.13 -57.79 -110.50
C PHE C 208 -61.54 -59.20 -110.54
N TRP C 209 -60.84 -59.59 -109.48
CA TRP C 209 -60.23 -60.95 -109.42
C TRP C 209 -59.03 -60.99 -110.37
N VAL C 210 -59.20 -60.50 -111.59
CA VAL C 210 -58.08 -60.47 -112.58
C VAL C 210 -57.46 -59.07 -112.56
N ASP C 211 -58.28 -58.03 -112.53
CA ASP C 211 -57.77 -56.63 -112.57
C ASP C 211 -57.19 -56.21 -111.21
N TYR C 212 -57.73 -56.69 -110.08
CA TYR C 212 -57.25 -56.17 -108.77
C TYR C 212 -56.90 -57.28 -107.77
N ALA C 213 -57.70 -58.35 -107.68
CA ALA C 213 -57.47 -59.37 -106.64
C ALA C 213 -55.98 -59.74 -106.54
N PRO C 214 -55.26 -60.04 -107.65
CA PRO C 214 -53.86 -60.49 -107.57
C PRO C 214 -52.94 -59.40 -106.98
N LYS C 215 -53.44 -58.18 -106.80
CA LYS C 215 -52.57 -57.18 -106.12
C LYS C 215 -53.30 -56.73 -104.85
N SER C 216 -53.90 -57.68 -104.15
CA SER C 216 -54.68 -57.34 -102.91
C SER C 216 -53.95 -57.90 -101.70
N ALA C 217 -52.75 -58.47 -101.91
CA ALA C 217 -52.01 -59.08 -100.80
C ALA C 217 -50.52 -59.19 -101.15
N GLY C 218 -49.80 -58.07 -101.15
CA GLY C 218 -48.36 -58.09 -101.47
C GLY C 218 -47.99 -57.08 -102.56
N ILE C 219 -48.98 -56.50 -103.24
CA ILE C 219 -48.70 -55.47 -104.29
C ILE C 219 -49.86 -54.46 -104.27
N GLY C 220 -49.62 -53.22 -104.72
CA GLY C 220 -50.65 -52.16 -104.59
C GLY C 220 -51.74 -52.13 -105.65
N TYR C 221 -52.91 -52.69 -105.36
CA TYR C 221 -54.05 -52.55 -106.30
C TYR C 221 -54.69 -51.18 -106.06
N GLU D 1 -28.90 -80.55 -15.84
CA GLU D 1 -28.74 -79.67 -16.98
C GLU D 1 -28.41 -80.46 -18.24
N PHE D 2 -27.73 -81.59 -18.08
CA PHE D 2 -27.35 -82.43 -19.22
C PHE D 2 -28.09 -83.76 -19.23
N TYR D 3 -29.15 -83.89 -18.45
CA TYR D 3 -29.95 -85.10 -18.43
C TYR D 3 -31.41 -84.73 -18.16
N GLY D 4 -32.30 -85.67 -18.48
CA GLY D 4 -33.70 -85.48 -18.21
C GLY D 4 -34.39 -84.65 -19.28
N PRO D 5 -35.59 -84.15 -18.97
CA PRO D 5 -36.35 -83.37 -19.95
C PRO D 5 -35.92 -81.92 -20.07
N ASP D 6 -35.18 -81.41 -19.07
CA ASP D 6 -34.70 -80.00 -19.10
C ASP D 6 -33.25 -79.97 -19.59
N ARG D 7 -32.83 -80.99 -20.35
CA ARG D 7 -31.44 -81.07 -20.83
C ARG D 7 -31.17 -79.96 -21.84
N ALA D 8 -29.92 -79.51 -21.96
CA ALA D 8 -29.56 -78.48 -22.96
C ALA D 8 -29.82 -79.02 -24.36
N LYS D 9 -30.13 -78.14 -25.32
CA LYS D 9 -30.49 -78.63 -26.68
C LYS D 9 -29.56 -78.01 -27.73
N TRP D 10 -29.48 -78.64 -28.91
CA TRP D 10 -28.57 -78.15 -29.98
C TRP D 10 -29.03 -76.80 -30.52
N LEU D 11 -30.35 -76.57 -30.55
CA LEU D 11 -30.87 -75.32 -31.14
C LEU D 11 -31.25 -74.32 -30.04
N GLY D 12 -30.71 -74.48 -28.84
CA GLY D 12 -30.96 -73.52 -27.80
C GLY D 12 -32.44 -73.27 -27.57
N PRO D 13 -32.84 -72.00 -27.49
CA PRO D 13 -34.25 -71.68 -27.25
C PRO D 13 -35.19 -72.04 -28.38
N PHE D 14 -34.63 -72.31 -29.57
CA PHE D 14 -35.46 -72.68 -30.74
C PHE D 14 -35.39 -74.20 -30.95
N SER D 15 -35.26 -74.97 -29.88
CA SER D 15 -35.08 -76.44 -30.01
C SER D 15 -36.36 -77.18 -29.61
N GLU D 16 -37.23 -76.54 -28.82
CA GLU D 16 -38.44 -77.24 -28.30
C GLU D 16 -39.09 -78.04 -29.43
N GLY D 17 -39.29 -77.43 -30.60
CA GLY D 17 -39.92 -78.12 -31.73
C GLY D 17 -39.05 -79.21 -32.30
N SER D 18 -37.74 -78.96 -32.42
CA SER D 18 -36.82 -79.94 -33.04
C SER D 18 -36.28 -80.93 -31.99
N VAL D 19 -37.18 -81.53 -31.20
CA VAL D 19 -36.74 -82.56 -30.20
C VAL D 19 -37.29 -83.91 -30.64
N PRO D 20 -36.47 -84.78 -31.26
CA PRO D 20 -36.93 -86.12 -31.63
C PRO D 20 -37.50 -86.83 -30.41
N SER D 21 -38.68 -87.46 -30.54
CA SER D 21 -39.33 -88.13 -29.39
C SER D 21 -38.40 -89.20 -28.80
N TYR D 22 -37.75 -89.99 -29.65
CA TYR D 22 -36.88 -91.09 -29.16
C TYR D 22 -35.82 -90.49 -28.23
N LEU D 23 -35.18 -89.39 -28.64
CA LEU D 23 -34.20 -88.71 -27.76
C LEU D 23 -34.95 -88.15 -26.54
N LYS D 24 -34.60 -88.60 -25.34
CA LYS D 24 -35.34 -88.16 -24.12
C LYS D 24 -34.35 -87.63 -23.08
N GLY D 25 -33.09 -88.06 -23.14
CA GLY D 25 -32.12 -87.65 -22.16
C GLY D 25 -31.52 -88.77 -21.34
N GLU D 26 -31.78 -90.02 -21.70
CA GLU D 26 -31.23 -91.14 -20.94
C GLU D 26 -29.73 -91.25 -21.12
N PHE D 27 -29.24 -90.93 -22.29
CA PHE D 27 -27.85 -91.19 -22.65
C PHE D 27 -27.05 -89.91 -22.70
N PRO D 28 -25.74 -89.98 -22.48
CA PRO D 28 -24.92 -88.77 -22.47
C PRO D 28 -24.86 -88.12 -23.85
N GLY D 29 -24.76 -86.78 -23.83
CA GLY D 29 -24.68 -86.04 -25.06
C GLY D 29 -25.97 -85.87 -25.81
N ASP D 30 -27.10 -86.20 -25.19
CA ASP D 30 -28.41 -86.09 -25.82
C ASP D 30 -28.84 -84.63 -25.81
N TYR D 31 -28.46 -83.92 -26.88
CA TYR D 31 -28.91 -82.55 -27.09
C TYR D 31 -30.17 -82.48 -27.94
N GLY D 32 -30.70 -83.65 -28.31
CA GLY D 32 -31.93 -83.70 -29.12
C GLY D 32 -31.66 -83.34 -30.57
N TRP D 33 -30.58 -83.89 -31.14
CA TRP D 33 -30.22 -83.52 -32.54
C TRP D 33 -30.24 -84.76 -33.45
N ASP D 34 -31.44 -85.17 -33.88
CA ASP D 34 -31.55 -86.27 -34.87
C ASP D 34 -32.53 -85.80 -35.94
N THR D 35 -32.17 -84.75 -36.68
CA THR D 35 -33.09 -84.16 -37.67
C THR D 35 -33.49 -85.21 -38.72
N ALA D 36 -32.53 -86.01 -39.18
CA ALA D 36 -32.82 -87.02 -40.22
C ALA D 36 -33.57 -88.20 -39.60
N GLY D 37 -33.32 -88.49 -38.32
CA GLY D 37 -34.01 -89.59 -37.64
C GLY D 37 -33.28 -90.91 -37.80
N LEU D 38 -31.99 -90.85 -38.16
CA LEU D 38 -31.18 -92.08 -38.36
C LEU D 38 -31.33 -92.99 -37.12
N SER D 39 -31.63 -92.40 -35.96
CA SER D 39 -31.74 -93.19 -34.75
C SER D 39 -33.17 -93.28 -34.27
N ALA D 40 -34.11 -93.37 -35.21
CA ALA D 40 -35.51 -93.61 -34.83
C ALA D 40 -35.70 -95.00 -34.26
N ASP D 41 -34.97 -95.99 -34.79
CA ASP D 41 -35.04 -97.36 -34.29
C ASP D 41 -34.22 -97.46 -33.00
N PRO D 42 -34.79 -97.95 -31.91
CA PRO D 42 -34.01 -98.07 -30.66
C PRO D 42 -32.78 -98.94 -30.81
N GLU D 43 -32.84 -99.99 -31.62
CA GLU D 43 -31.69 -100.85 -31.84
C GLU D 43 -30.57 -100.09 -32.54
N THR D 44 -30.88 -99.50 -33.69
CA THR D 44 -29.87 -98.73 -34.43
C THR D 44 -29.40 -97.55 -33.60
N PHE D 45 -30.26 -97.03 -32.71
CA PHE D 45 -29.84 -95.98 -31.81
C PHE D 45 -28.69 -96.43 -30.92
N ALA D 46 -28.82 -97.63 -30.36
CA ALA D 46 -27.75 -98.16 -29.47
C ALA D 46 -26.45 -98.30 -30.27
N ARG D 47 -26.52 -98.91 -31.46
CA ARG D 47 -25.32 -99.11 -32.29
C ARG D 47 -24.68 -97.75 -32.56
N TYR D 48 -25.47 -96.78 -33.02
CA TYR D 48 -24.93 -95.43 -33.34
C TYR D 48 -24.29 -94.84 -32.08
N ARG D 49 -24.95 -94.99 -30.93
CA ARG D 49 -24.37 -94.48 -29.70
C ARG D 49 -23.00 -95.09 -29.43
N GLU D 50 -22.85 -96.38 -29.71
CA GLU D 50 -21.55 -97.02 -29.57
C GLU D 50 -20.55 -96.43 -30.55
N ILE D 51 -20.92 -96.35 -31.83
CA ILE D 51 -20.03 -95.88 -32.89
C ILE D 51 -19.57 -94.46 -32.60
N GLU D 52 -20.48 -93.62 -32.09
CA GLU D 52 -20.11 -92.25 -31.77
C GLU D 52 -19.02 -92.21 -30.71
N VAL D 53 -19.17 -93.02 -29.66
CA VAL D 53 -18.19 -93.03 -28.57
C VAL D 53 -16.86 -93.57 -29.08
N ILE D 54 -16.90 -94.61 -29.91
CA ILE D 54 -15.66 -95.17 -30.44
C ILE D 54 -14.95 -94.17 -31.35
N HIS D 55 -15.70 -93.57 -32.29
CA HIS D 55 -15.14 -92.53 -33.13
C HIS D 55 -14.59 -91.39 -32.28
N ALA D 56 -15.26 -91.09 -31.16
CA ALA D 56 -14.84 -89.98 -30.31
C ALA D 56 -13.52 -90.29 -29.60
N ARG D 57 -13.42 -91.47 -29.01
CA ARG D 57 -12.19 -91.83 -28.26
C ARG D 57 -11.02 -91.93 -29.23
N TRP D 58 -11.23 -92.55 -30.40
CA TRP D 58 -10.16 -92.61 -31.43
C TRP D 58 -9.73 -91.19 -31.79
N ALA D 59 -10.69 -90.27 -31.94
CA ALA D 59 -10.37 -88.87 -32.32
C ALA D 59 -9.62 -88.19 -31.17
N MET D 60 -10.14 -88.28 -29.94
CA MET D 60 -9.51 -87.61 -28.82
C MET D 60 -8.04 -87.97 -28.70
N LEU D 61 -7.71 -89.26 -28.90
CA LEU D 61 -6.31 -89.66 -29.00
C LEU D 61 -5.66 -89.04 -30.23
N GLY D 62 -6.37 -89.06 -31.36
CA GLY D 62 -5.78 -88.59 -32.60
C GLY D 62 -5.42 -87.12 -32.57
N ALA D 63 -6.20 -86.31 -31.84
CA ALA D 63 -5.92 -84.88 -31.77
C ALA D 63 -4.54 -84.61 -31.21
N LEU D 64 -4.20 -85.23 -30.08
CA LEU D 64 -2.85 -85.12 -29.55
C LEU D 64 -1.85 -85.78 -30.50
N GLY D 65 -2.20 -86.95 -31.03
CA GLY D 65 -1.29 -87.65 -31.92
C GLY D 65 -0.99 -86.86 -33.18
N CYS D 66 -1.89 -85.97 -33.58
CA CYS D 66 -1.68 -85.12 -34.74
C CYS D 66 -1.04 -83.79 -34.39
N LEU D 67 -0.83 -83.52 -33.10
CA LEU D 67 -0.28 -82.19 -32.70
C LEU D 67 0.95 -82.36 -31.80
N THR D 68 0.95 -83.38 -30.94
CA THR D 68 2.08 -83.61 -30.00
C THR D 68 3.42 -83.53 -30.73
N PRO D 69 3.69 -84.34 -31.78
CA PRO D 69 5.00 -84.32 -32.44
C PRO D 69 5.38 -82.89 -32.86
N GLU D 70 4.45 -82.19 -33.51
CA GLU D 70 4.72 -80.82 -34.01
C GLU D 70 5.23 -79.95 -32.84
N LEU D 71 4.44 -79.88 -31.77
CA LEU D 71 4.84 -79.08 -30.58
C LEU D 71 6.32 -79.32 -30.32
N LEU D 72 6.69 -80.55 -29.94
CA LEU D 72 8.11 -80.87 -29.63
C LEU D 72 8.98 -80.41 -30.79
N GLN D 73 8.63 -80.82 -32.01
CA GLN D 73 9.41 -80.42 -33.21
C GLN D 73 9.73 -78.93 -33.15
N ASN D 74 8.83 -78.13 -32.57
CA ASN D 74 9.03 -76.66 -32.52
C ASN D 74 9.04 -76.19 -31.07
N ASN D 75 9.26 -77.11 -30.12
CA ASN D 75 9.20 -76.74 -28.67
C ASN D 75 10.63 -76.60 -28.13
N GLY D 76 11.63 -76.66 -29.02
CA GLY D 76 13.04 -76.54 -28.59
C GLY D 76 13.57 -77.85 -28.05
N ALA D 77 12.74 -78.89 -28.02
CA ALA D 77 13.16 -80.23 -27.55
C ALA D 77 12.72 -81.28 -28.56
N ALA D 78 13.48 -82.38 -28.68
CA ALA D 78 13.10 -83.48 -29.60
C ALA D 78 13.24 -83.03 -31.06
N ASP D 79 12.89 -83.91 -32.01
CA ASP D 79 12.97 -83.56 -33.45
C ASP D 79 12.29 -84.67 -34.27
N PHE D 80 11.55 -84.30 -35.31
CA PHE D 80 10.85 -85.30 -36.16
C PHE D 80 10.89 -84.80 -37.62
N GLY D 81 11.27 -83.54 -37.83
CA GLY D 81 11.29 -82.96 -39.18
C GLY D 81 9.90 -82.99 -39.81
N GLU D 82 9.78 -83.58 -40.99
CA GLU D 82 8.45 -83.72 -41.64
C GLU D 82 7.55 -84.59 -40.77
N ALA D 83 8.12 -85.62 -40.14
CA ALA D 83 7.31 -86.54 -39.29
C ALA D 83 6.41 -85.72 -38.36
N ALA D 84 6.85 -84.51 -37.98
CA ALA D 84 5.99 -83.65 -37.12
C ALA D 84 4.63 -83.50 -37.77
N VAL D 85 4.60 -83.20 -39.07
CA VAL D 85 3.30 -83.07 -39.81
C VAL D 85 2.56 -84.40 -39.70
N TRP D 86 1.38 -84.40 -39.07
CA TRP D 86 0.63 -85.67 -38.85
C TRP D 86 0.40 -86.37 -40.20
N PHE D 87 0.12 -85.59 -41.26
CA PHE D 87 -0.18 -86.19 -42.58
C PHE D 87 1.12 -86.32 -43.39
N LYS D 88 2.27 -86.13 -42.74
CA LYS D 88 3.58 -86.28 -43.43
C LYS D 88 4.46 -87.23 -42.61
N ALA D 89 3.89 -87.89 -41.60
CA ALA D 89 4.68 -88.82 -40.74
C ALA D 89 4.52 -90.26 -41.25
N GLY D 90 3.66 -90.46 -42.25
CA GLY D 90 3.41 -91.82 -42.79
C GLY D 90 4.65 -92.39 -43.47
N ALA D 91 5.45 -91.54 -44.13
CA ALA D 91 6.61 -92.03 -44.89
C ALA D 91 7.87 -92.04 -44.01
N SER D 92 7.74 -91.60 -42.76
CA SER D 92 8.90 -91.61 -41.82
C SER D 92 9.37 -93.05 -41.63
N ILE D 93 8.44 -94.02 -41.66
CA ILE D 93 8.82 -95.45 -41.53
C ILE D 93 9.73 -95.81 -42.71
N PHE D 94 9.38 -95.37 -43.92
CA PHE D 94 10.18 -95.67 -45.14
C PHE D 94 11.56 -95.03 -45.01
N ASN D 95 11.66 -93.93 -44.25
CA ASN D 95 12.98 -93.27 -44.02
C ASN D 95 14.02 -94.35 -43.67
N GLU D 96 15.12 -94.39 -44.42
CA GLU D 96 16.21 -95.37 -44.15
C GLU D 96 16.72 -95.17 -42.72
N ASP D 97 16.83 -93.91 -42.28
CA ASP D 97 17.35 -93.61 -40.92
C ASP D 97 16.48 -94.32 -39.88
N GLY D 98 15.27 -94.75 -40.27
CA GLY D 98 14.35 -95.43 -39.35
C GLY D 98 13.31 -94.47 -38.82
N LEU D 99 12.05 -94.91 -38.75
CA LEU D 99 10.98 -94.06 -38.17
C LEU D 99 11.43 -93.63 -36.78
N ASN D 100 11.96 -94.57 -35.99
CA ASN D 100 12.52 -94.24 -34.65
C ASN D 100 11.39 -93.70 -33.76
N TYR D 101 11.74 -92.87 -32.78
CA TYR D 101 10.73 -92.25 -31.88
C TYR D 101 11.40 -91.07 -31.18
N LEU D 102 10.73 -89.92 -31.13
CA LEU D 102 11.35 -88.71 -30.54
C LEU D 102 12.70 -88.49 -31.23
N GLY D 103 12.75 -88.72 -32.54
CA GLY D 103 14.02 -88.58 -33.29
C GLY D 103 15.13 -89.41 -32.66
N ASN D 104 14.79 -90.56 -32.08
CA ASN D 104 15.81 -91.45 -31.47
C ASN D 104 15.93 -92.74 -32.27
N PRO D 105 17.04 -92.96 -33.02
CA PRO D 105 17.24 -94.23 -33.74
C PRO D 105 17.36 -95.37 -32.71
N SER D 106 17.87 -95.05 -31.53
CA SER D 106 18.02 -96.08 -30.45
C SER D 106 16.63 -96.55 -30.01
N LEU D 107 15.58 -95.80 -30.36
CA LEU D 107 14.20 -96.17 -29.94
C LEU D 107 13.66 -97.27 -30.87
N ILE D 108 12.37 -97.20 -31.22
CA ILE D 108 11.75 -98.28 -32.05
C ILE D 108 12.59 -98.47 -33.32
N HIS D 109 13.11 -97.38 -33.88
CA HIS D 109 13.96 -97.47 -35.10
C HIS D 109 13.27 -98.34 -36.16
N ALA D 110 11.93 -98.29 -36.21
CA ALA D 110 11.19 -99.14 -37.16
C ALA D 110 11.47 -98.67 -38.59
N GLN D 111 11.62 -99.62 -39.52
CA GLN D 111 11.86 -99.27 -40.94
C GLN D 111 11.04 -100.19 -41.83
N SER D 112 10.80 -101.43 -41.37
CA SER D 112 9.99 -102.40 -42.16
C SER D 112 8.51 -102.05 -42.01
N ILE D 113 7.99 -101.17 -42.88
CA ILE D 113 6.55 -100.81 -42.84
C ILE D 113 5.75 -102.12 -42.92
N VAL D 114 6.02 -102.92 -43.95
CA VAL D 114 5.29 -104.22 -44.14
C VAL D 114 5.14 -104.89 -42.77
N ALA D 115 6.15 -104.76 -41.90
CA ALA D 115 6.09 -105.42 -40.57
C ALA D 115 5.12 -104.66 -39.65
N VAL D 116 5.33 -103.35 -39.49
CA VAL D 116 4.48 -102.54 -38.57
C VAL D 116 3.02 -102.75 -38.96
N LEU D 117 2.75 -102.92 -40.27
CA LEU D 117 1.36 -103.09 -40.75
C LEU D 117 0.77 -104.36 -40.11
N LEU D 118 1.47 -105.48 -40.22
CA LEU D 118 0.93 -106.78 -39.70
C LEU D 118 0.78 -106.70 -38.17
N THR D 119 1.73 -106.06 -37.48
CA THR D 119 1.68 -106.01 -36.01
C THR D 119 0.36 -105.39 -35.56
N GLN D 120 0.03 -104.20 -36.07
CA GLN D 120 -1.21 -103.50 -35.62
C GLN D 120 -2.40 -104.36 -36.03
N LEU D 121 -2.34 -104.99 -37.19
CA LEU D 121 -3.49 -105.81 -37.68
C LEU D 121 -3.83 -106.86 -36.61
N VAL D 122 -2.83 -107.59 -36.13
CA VAL D 122 -3.07 -108.66 -35.12
C VAL D 122 -3.40 -108.03 -33.77
N ILE D 123 -2.56 -107.10 -33.30
CA ILE D 123 -2.78 -106.50 -31.95
C ILE D 123 -4.16 -105.85 -31.91
N MET D 124 -4.42 -104.90 -32.80
CA MET D 124 -5.75 -104.23 -32.84
C MET D 124 -6.82 -105.27 -33.17
N GLY D 125 -6.58 -106.09 -34.19
CA GLY D 125 -7.54 -107.14 -34.57
C GLY D 125 -8.02 -107.89 -33.34
N ALA D 126 -7.09 -108.27 -32.47
CA ALA D 126 -7.44 -109.03 -31.24
C ALA D 126 -8.18 -108.11 -30.29
N ALA D 127 -7.65 -106.91 -30.03
CA ALA D 127 -8.27 -105.98 -29.06
C ALA D 127 -9.70 -105.64 -29.50
N GLU D 128 -9.88 -105.27 -30.78
CA GLU D 128 -11.22 -104.94 -31.32
C GLU D 128 -12.10 -106.18 -31.22
N ALA D 129 -11.53 -107.37 -31.46
CA ALA D 129 -12.29 -108.62 -31.34
C ALA D 129 -12.77 -108.78 -29.89
N TYR D 130 -11.87 -108.52 -28.93
CA TYR D 130 -12.27 -108.59 -27.49
C TYR D 130 -13.38 -107.57 -27.24
N ARG D 131 -13.19 -106.36 -27.75
CA ARG D 131 -14.23 -105.30 -27.60
C ARG D 131 -15.55 -105.78 -28.19
N TYR D 132 -15.51 -106.35 -29.41
CA TYR D 132 -16.75 -106.78 -30.09
C TYR D 132 -17.50 -107.79 -29.23
N SER D 133 -16.76 -108.71 -28.61
CA SER D 133 -17.38 -109.74 -27.74
C SER D 133 -17.05 -109.45 -26.27
N GLY D 134 -16.76 -110.48 -25.49
CA GLY D 134 -16.37 -110.28 -24.08
C GLY D 134 -15.20 -111.18 -23.70
N GLU D 135 -14.29 -110.69 -22.86
CA GLU D 135 -13.08 -111.48 -22.51
C GLU D 135 -12.82 -111.39 -20.99
N GLY D 136 -12.38 -112.49 -20.39
CA GLY D 136 -12.08 -112.52 -18.94
C GLY D 136 -11.12 -111.41 -18.53
N PRO D 137 -10.05 -111.12 -19.29
CA PRO D 137 -9.14 -110.02 -18.94
C PRO D 137 -9.90 -108.82 -18.37
N VAL D 138 -11.03 -108.47 -18.97
CA VAL D 138 -11.86 -107.35 -18.44
C VAL D 138 -12.45 -107.77 -17.10
N GLU D 139 -12.04 -107.09 -16.01
CA GLU D 139 -12.54 -107.46 -14.66
C GLU D 139 -14.04 -107.18 -14.58
N THR D 140 -14.47 -106.01 -15.06
CA THR D 140 -15.91 -105.66 -15.07
C THR D 140 -16.33 -105.30 -16.50
N SER D 141 -16.83 -106.28 -17.25
CA SER D 141 -17.30 -106.01 -18.64
C SER D 141 -18.69 -105.35 -18.57
N GLY D 142 -19.20 -105.12 -17.35
CA GLY D 142 -20.52 -104.49 -17.18
C GLY D 142 -21.19 -104.20 -18.51
N ASP D 143 -20.76 -103.14 -19.20
CA ASP D 143 -21.32 -102.81 -20.54
C ASP D 143 -20.16 -102.65 -21.54
N SER D 144 -20.32 -103.17 -22.75
CA SER D 144 -19.20 -103.12 -23.74
C SER D 144 -18.79 -101.67 -23.98
N LEU D 145 -19.75 -100.80 -24.32
CA LEU D 145 -19.42 -99.39 -24.64
C LEU D 145 -18.62 -98.78 -23.49
N TYR D 146 -18.96 -99.15 -22.25
CA TYR D 146 -18.28 -98.54 -21.11
C TYR D 146 -17.71 -99.65 -20.23
N PRO D 147 -16.51 -100.21 -20.56
CA PRO D 147 -15.97 -101.34 -19.80
C PRO D 147 -15.62 -100.96 -18.35
N GLY D 148 -14.49 -100.28 -18.14
CA GLY D 148 -14.08 -99.87 -16.79
C GLY D 148 -13.36 -100.99 -16.06
N GLY D 149 -14.07 -102.08 -15.75
CA GLY D 149 -13.46 -103.24 -15.08
C GLY D 149 -11.99 -103.01 -14.74
N PHE D 150 -11.08 -103.39 -15.64
CA PHE D 150 -9.62 -103.16 -15.41
C PHE D 150 -9.22 -101.82 -16.03
N PHE D 151 -9.95 -101.38 -17.06
CA PHE D 151 -9.60 -100.12 -17.77
C PHE D 151 -9.57 -98.96 -16.76
N ASP D 152 -10.59 -98.88 -15.90
CA ASP D 152 -10.66 -97.79 -14.89
C ASP D 152 -9.55 -97.98 -13.86
N PRO D 153 -8.26 -97.89 -14.25
CA PRO D 153 -7.17 -98.15 -13.30
C PRO D 153 -7.24 -97.26 -12.07
N LEU D 154 -7.49 -95.96 -12.26
CA LEU D 154 -7.55 -95.00 -11.12
C LEU D 154 -8.93 -95.13 -10.46
N GLY D 155 -9.80 -95.98 -11.01
CA GLY D 155 -11.15 -96.14 -10.45
C GLY D 155 -11.87 -94.81 -10.34
N LEU D 156 -11.85 -94.01 -11.42
CA LEU D 156 -12.47 -92.67 -11.39
C LEU D 156 -13.98 -92.80 -11.64
N ALA D 157 -14.46 -94.03 -11.86
CA ALA D 157 -15.90 -94.26 -12.13
C ALA D 157 -16.60 -94.80 -10.88
N ASP D 158 -16.04 -94.53 -9.69
CA ASP D 158 -16.62 -95.09 -8.44
C ASP D 158 -18.05 -94.60 -8.25
N ASP D 159 -18.27 -93.28 -8.19
CA ASP D 159 -19.63 -92.76 -7.93
C ASP D 159 -20.43 -92.76 -9.23
N PRO D 160 -21.56 -93.52 -9.29
CA PRO D 160 -22.35 -93.61 -10.52
C PRO D 160 -22.81 -92.22 -11.02
N ASP D 161 -23.29 -91.39 -10.09
CA ASP D 161 -23.81 -90.05 -10.49
C ASP D 161 -22.66 -89.24 -11.11
N THR D 162 -21.47 -89.34 -10.53
CA THR D 162 -20.32 -88.64 -11.13
C THR D 162 -20.03 -89.27 -12.50
N LEU D 163 -20.20 -90.58 -12.63
CA LEU D 163 -19.87 -91.27 -13.91
C LEU D 163 -20.69 -90.61 -15.01
N ALA D 164 -21.96 -90.33 -14.72
CA ALA D 164 -22.85 -89.72 -15.73
C ALA D 164 -22.30 -88.36 -16.15
N GLU D 165 -22.11 -87.44 -15.20
CA GLU D 165 -21.50 -86.14 -15.57
C GLU D 165 -20.17 -86.41 -16.26
N LEU D 166 -19.52 -87.51 -15.87
CA LEU D 166 -18.19 -87.79 -16.44
C LEU D 166 -18.37 -88.29 -17.87
N LYS D 167 -19.41 -89.08 -18.11
CA LYS D 167 -19.57 -89.68 -19.45
C LYS D 167 -19.84 -88.57 -20.44
N VAL D 168 -20.65 -87.59 -20.03
CA VAL D 168 -20.90 -86.42 -20.90
C VAL D 168 -19.56 -85.73 -21.11
N LYS D 169 -18.88 -85.36 -20.01
CA LYS D 169 -17.62 -84.59 -20.17
C LYS D 169 -16.75 -85.33 -21.18
N GLU D 170 -17.01 -86.62 -21.35
CA GLU D 170 -16.24 -87.42 -22.32
C GLU D 170 -16.78 -87.12 -23.72
N ILE D 171 -17.99 -87.59 -24.01
CA ILE D 171 -18.54 -87.43 -25.35
C ILE D 171 -18.40 -85.99 -25.81
N LYS D 172 -18.54 -85.05 -24.89
CA LYS D 172 -18.47 -83.64 -25.25
C LYS D 172 -17.07 -83.23 -25.68
N ASN D 173 -16.06 -83.61 -24.90
CA ASN D 173 -14.68 -83.46 -25.36
C ASN D 173 -14.46 -84.29 -26.62
N GLY D 174 -15.08 -85.47 -26.69
CA GLY D 174 -14.91 -86.33 -27.85
C GLY D 174 -15.51 -85.74 -29.11
N ARG D 175 -16.72 -85.21 -29.02
CA ARG D 175 -17.35 -84.58 -30.17
C ARG D 175 -16.53 -83.38 -30.65
N LEU D 176 -16.01 -82.60 -29.70
CA LEU D 176 -15.11 -81.51 -30.05
C LEU D 176 -13.88 -82.02 -30.76
N ALA D 177 -13.32 -83.13 -30.28
CA ALA D 177 -12.17 -83.74 -30.96
C ALA D 177 -12.56 -84.28 -32.32
N MET D 178 -13.72 -84.93 -32.41
CA MET D 178 -14.18 -85.43 -33.70
C MET D 178 -14.37 -84.29 -34.70
N PHE D 179 -14.99 -83.20 -34.26
CA PHE D 179 -15.19 -82.06 -35.12
C PHE D 179 -13.85 -81.44 -35.52
N SER D 180 -12.94 -81.31 -34.54
CA SER D 180 -11.64 -80.70 -34.81
C SER D 180 -10.80 -81.57 -35.72
N MET D 181 -10.89 -82.89 -35.58
CA MET D 181 -10.14 -83.77 -36.46
C MET D 181 -10.56 -83.61 -37.90
N PHE D 182 -11.87 -83.46 -38.14
CA PHE D 182 -12.35 -83.18 -39.48
C PHE D 182 -11.74 -81.90 -40.01
N GLY D 183 -11.48 -80.93 -39.12
CA GLY D 183 -10.76 -79.74 -39.52
C GLY D 183 -9.35 -80.05 -39.97
N PHE D 184 -8.65 -80.86 -39.18
CA PHE D 184 -7.25 -81.22 -39.51
C PHE D 184 -7.22 -81.87 -40.89
N PHE D 185 -8.10 -82.83 -41.14
CA PHE D 185 -8.13 -83.53 -42.44
C PHE D 185 -8.36 -82.50 -43.55
N VAL D 186 -9.37 -81.64 -43.38
CA VAL D 186 -9.72 -80.64 -44.44
C VAL D 186 -8.57 -79.63 -44.57
N GLN D 187 -8.20 -78.97 -43.48
CA GLN D 187 -7.15 -77.91 -43.56
C GLN D 187 -5.91 -78.50 -44.24
N GLY D 188 -5.58 -79.76 -43.95
CA GLY D 188 -4.42 -80.40 -44.60
C GLY D 188 -4.66 -80.58 -46.08
N LEU D 189 -5.86 -81.04 -46.46
CA LEU D 189 -6.19 -81.25 -47.88
C LEU D 189 -6.26 -79.90 -48.60
N VAL D 190 -6.50 -78.81 -47.86
CA VAL D 190 -6.69 -77.48 -48.48
C VAL D 190 -5.37 -76.69 -48.40
N THR D 191 -4.92 -76.36 -47.19
CA THR D 191 -3.71 -75.52 -47.03
C THR D 191 -2.44 -76.35 -47.27
N GLY D 192 -2.55 -77.68 -47.15
CA GLY D 192 -1.35 -78.53 -47.30
C GLY D 192 -0.27 -78.10 -46.33
N LYS D 193 -0.66 -77.61 -45.15
CA LYS D 193 0.31 -77.14 -44.14
C LYS D 193 -0.02 -77.76 -42.78
N SER D 194 0.90 -77.70 -41.82
CA SER D 194 0.63 -78.24 -40.51
C SER D 194 -0.53 -77.49 -39.85
N PRO D 195 -1.45 -78.17 -39.15
CA PRO D 195 -2.53 -77.50 -38.45
C PRO D 195 -1.97 -76.40 -37.54
N LEU D 196 -1.02 -76.76 -36.68
CA LEU D 196 -0.40 -75.77 -35.76
C LEU D 196 0.20 -74.63 -36.58
N GLU D 197 0.79 -74.96 -37.74
CA GLU D 197 1.37 -73.92 -38.63
C GLU D 197 0.25 -73.01 -39.10
N ASN D 198 -0.87 -73.59 -39.55
CA ASN D 198 -2.01 -72.80 -40.02
C ASN D 198 -2.47 -71.82 -38.94
N LEU D 199 -2.43 -72.25 -37.68
CA LEU D 199 -2.82 -71.38 -36.58
C LEU D 199 -1.95 -70.12 -36.55
N ALA D 200 -0.66 -70.28 -36.86
CA ALA D 200 0.23 -69.13 -36.92
C ALA D 200 -0.16 -68.19 -38.06
N ASP D 201 -0.56 -68.76 -39.21
CA ASP D 201 -0.95 -67.95 -40.35
C ASP D 201 -2.14 -67.06 -40.04
N HIS D 202 -3.17 -67.64 -39.39
CA HIS D 202 -4.32 -66.84 -38.96
C HIS D 202 -3.89 -65.79 -37.96
N LEU D 203 -3.02 -66.15 -37.02
CA LEU D 203 -2.58 -65.18 -36.03
C LEU D 203 -1.71 -64.08 -36.63
N ALA D 204 -1.19 -64.31 -37.85
CA ALA D 204 -0.38 -63.27 -38.50
C ALA D 204 -1.27 -62.21 -39.14
N GLU D 205 -2.10 -62.60 -40.11
CA GLU D 205 -3.02 -61.69 -40.76
C GLU D 205 -4.40 -62.35 -40.82
N PRO D 206 -5.16 -62.28 -39.73
CA PRO D 206 -6.45 -63.00 -39.69
C PRO D 206 -7.43 -62.57 -40.76
N SER D 207 -7.45 -61.28 -41.11
CA SER D 207 -8.38 -60.80 -42.12
C SER D 207 -8.07 -61.39 -43.49
N VAL D 208 -6.80 -61.58 -43.79
CA VAL D 208 -6.37 -62.07 -45.10
C VAL D 208 -6.12 -63.58 -45.07
N ASN D 209 -5.38 -64.07 -44.08
CA ASN D 209 -5.06 -65.50 -43.98
C ASN D 209 -6.22 -66.22 -43.31
N ASN D 210 -7.28 -66.44 -44.10
CA ASN D 210 -8.48 -67.10 -43.62
C ASN D 210 -8.81 -68.25 -44.56
N GLY D 211 -9.91 -68.94 -44.27
CA GLY D 211 -10.35 -70.01 -45.15
C GLY D 211 -10.69 -69.51 -46.54
N PHE D 212 -11.24 -68.30 -46.63
CA PHE D 212 -11.65 -67.76 -47.91
C PHE D 212 -10.46 -67.37 -48.79
N ALA D 213 -9.26 -67.26 -48.20
CA ALA D 213 -8.08 -66.97 -49.01
C ALA D 213 -7.79 -68.09 -49.99
N SER D 214 -8.19 -69.32 -49.62
CA SER D 214 -7.96 -70.50 -50.50
C SER D 214 -9.30 -71.02 -51.01
N ALA D 215 -10.28 -70.12 -51.22
CA ALA D 215 -11.64 -70.55 -51.64
C ALA D 215 -11.69 -70.72 -53.16
N THR D 216 -10.68 -70.26 -53.88
CA THR D 216 -10.70 -70.32 -55.37
C THR D 216 -9.71 -71.37 -55.87
N LYS D 217 -9.06 -72.12 -54.97
CA LYS D 217 -8.04 -73.10 -55.38
C LYS D 217 -8.66 -74.20 -56.23
N PHE D 218 -9.87 -74.67 -55.86
CA PHE D 218 -10.48 -75.82 -56.58
C PHE D 218 -11.47 -75.31 -57.62
N LEU D 219 -11.28 -74.09 -58.11
CA LEU D 219 -12.19 -73.51 -59.13
C LEU D 219 -12.14 -74.36 -60.40
N PRO D 220 -13.25 -75.01 -60.81
CA PRO D 220 -13.28 -75.80 -62.03
C PRO D 220 -12.79 -74.96 -63.22
N LEU D 221 -11.82 -75.47 -63.97
CA LEU D 221 -11.25 -74.72 -65.12
C LEU D 221 -11.71 -75.39 -66.43
N PRO D 222 -11.95 -74.62 -67.51
CA PRO D 222 -12.44 -75.19 -68.77
C PRO D 222 -11.40 -76.09 -69.44
N VAL E 1 -27.35 -125.46 -42.09
CA VAL E 1 -26.05 -126.15 -42.32
C VAL E 1 -24.96 -125.39 -41.56
N GLU E 2 -23.71 -125.85 -41.64
CA GLU E 2 -22.60 -125.09 -41.00
C GLU E 2 -22.66 -123.65 -41.55
N TRP E 3 -22.92 -123.50 -42.85
CA TRP E 3 -23.04 -122.16 -43.47
C TRP E 3 -24.28 -121.42 -42.94
N TYR E 4 -25.40 -122.13 -42.81
CA TYR E 4 -26.66 -121.49 -42.31
C TYR E 4 -26.82 -121.83 -40.83
N GLY E 5 -28.08 -121.88 -40.35
CA GLY E 5 -28.33 -122.29 -38.96
C GLY E 5 -27.80 -121.32 -37.92
N PRO E 6 -28.02 -121.56 -36.62
CA PRO E 6 -27.59 -120.63 -35.56
C PRO E 6 -26.07 -120.61 -35.45
N ASN E 7 -25.43 -121.79 -35.47
CA ASN E 7 -23.95 -121.87 -35.33
C ASN E 7 -23.33 -121.74 -36.73
N ARG E 8 -23.72 -120.71 -37.49
CA ARG E 8 -23.16 -120.50 -38.84
C ARG E 8 -21.78 -119.83 -38.69
N PRO E 9 -20.99 -119.69 -39.78
CA PRO E 9 -19.69 -119.02 -39.70
C PRO E 9 -19.88 -117.54 -39.30
N GLN E 10 -18.89 -116.98 -38.60
CA GLN E 10 -19.01 -115.57 -38.13
C GLN E 10 -17.90 -114.73 -38.78
N PHE E 11 -18.17 -113.46 -39.04
CA PHE E 11 -17.19 -112.58 -39.72
C PHE E 11 -15.99 -112.35 -38.81
N LEU E 12 -16.07 -112.83 -37.56
CA LEU E 12 -14.95 -112.65 -36.60
C LEU E 12 -14.57 -114.01 -35.98
N GLY E 13 -15.08 -115.11 -36.54
CA GLY E 13 -14.69 -116.46 -36.06
C GLY E 13 -14.95 -116.65 -34.58
N PRO E 14 -13.93 -116.98 -33.76
CA PRO E 14 -14.13 -117.26 -32.34
C PRO E 14 -14.90 -116.11 -31.65
N PHE E 15 -14.35 -114.90 -31.70
CA PHE E 15 -15.07 -113.73 -31.14
C PHE E 15 -16.27 -113.44 -32.05
N SER E 16 -17.49 -113.46 -31.50
CA SER E 16 -18.67 -113.10 -32.33
C SER E 16 -19.90 -112.86 -31.45
N ASN E 17 -20.64 -111.79 -31.72
CA ASN E 17 -21.90 -111.49 -30.98
C ASN E 17 -23.01 -111.27 -32.00
N PRO E 18 -23.36 -112.27 -32.84
CA PRO E 18 -24.37 -112.09 -33.89
C PRO E 18 -25.54 -111.24 -33.36
N PRO E 19 -25.96 -110.17 -34.08
CA PRO E 19 -27.12 -109.37 -33.65
C PRO E 19 -28.37 -110.22 -33.55
N SER E 20 -29.33 -109.72 -32.76
CA SER E 20 -30.56 -110.46 -32.53
C SER E 20 -31.37 -110.65 -33.81
N TYR E 21 -31.22 -109.70 -34.74
CA TYR E 21 -31.97 -109.77 -36.02
C TYR E 21 -31.23 -110.66 -37.01
N LEU E 22 -29.90 -110.77 -36.87
CA LEU E 22 -29.11 -111.67 -37.76
C LEU E 22 -29.06 -113.07 -37.14
N LYS E 23 -29.85 -114.01 -37.68
CA LYS E 23 -29.93 -115.36 -37.08
C LYS E 23 -29.60 -116.43 -38.13
N GLY E 24 -28.54 -116.22 -38.91
CA GLY E 24 -28.10 -117.22 -39.91
C GLY E 24 -29.30 -117.81 -40.65
N GLU E 25 -30.26 -116.97 -41.02
CA GLU E 25 -31.49 -117.44 -41.71
C GLU E 25 -31.32 -117.24 -43.23
N PHE E 26 -30.52 -116.25 -43.63
CA PHE E 26 -30.32 -115.97 -45.08
C PHE E 26 -28.87 -116.24 -45.46
N PRO E 27 -28.54 -116.45 -46.75
CA PRO E 27 -27.18 -116.79 -47.16
C PRO E 27 -26.18 -115.67 -46.82
N GLY E 28 -24.95 -116.03 -46.47
CA GLY E 28 -23.91 -115.03 -46.17
C GLY E 28 -24.06 -114.41 -44.79
N ASP E 29 -24.95 -114.96 -43.97
CA ASP E 29 -25.20 -114.37 -42.62
C ASP E 29 -24.04 -114.72 -41.68
N TYR E 30 -23.06 -113.83 -41.55
CA TYR E 30 -21.94 -114.05 -40.60
C TYR E 30 -22.16 -113.18 -39.35
N GLY E 31 -23.32 -112.51 -39.28
CA GLY E 31 -23.62 -111.64 -38.14
C GLY E 31 -22.89 -110.31 -38.20
N TRP E 32 -22.63 -109.81 -39.41
CA TRP E 32 -21.87 -108.53 -39.57
C TRP E 32 -22.82 -107.36 -39.81
N ASP E 33 -23.32 -106.74 -38.73
CA ASP E 33 -24.18 -105.53 -38.86
C ASP E 33 -23.90 -104.63 -37.65
N THR E 34 -22.65 -104.20 -37.48
CA THR E 34 -22.27 -103.40 -36.29
C THR E 34 -23.06 -102.08 -36.28
N ALA E 35 -23.26 -101.47 -37.44
CA ALA E 35 -23.99 -100.19 -37.51
C ALA E 35 -25.50 -100.44 -37.36
N GLY E 36 -25.92 -101.70 -37.45
CA GLY E 36 -27.35 -102.05 -37.27
C GLY E 36 -28.24 -101.32 -38.27
N LEU E 37 -27.86 -101.30 -39.55
CA LEU E 37 -28.70 -100.66 -40.59
C LEU E 37 -29.87 -101.60 -40.92
N SER E 38 -29.68 -102.91 -40.76
CA SER E 38 -30.72 -103.89 -41.13
C SER E 38 -31.61 -104.20 -39.92
N ALA E 39 -31.55 -103.35 -38.89
CA ALA E 39 -32.37 -103.56 -37.67
C ALA E 39 -33.84 -103.76 -38.08
N ASP E 40 -34.34 -102.91 -38.98
CA ASP E 40 -35.75 -103.02 -39.44
C ASP E 40 -35.85 -104.16 -40.47
N PRO E 41 -36.80 -105.10 -40.32
CA PRO E 41 -36.91 -106.23 -41.24
C PRO E 41 -37.11 -105.76 -42.69
N GLU E 42 -37.96 -104.75 -42.89
CA GLU E 42 -38.26 -104.24 -44.25
C GLU E 42 -36.96 -103.72 -44.89
N THR E 43 -36.21 -102.89 -44.15
CA THR E 43 -34.94 -102.36 -44.66
C THR E 43 -33.97 -103.53 -44.88
N PHE E 44 -33.93 -104.47 -43.94
CA PHE E 44 -33.04 -105.66 -44.07
C PHE E 44 -33.39 -106.40 -45.36
N ALA E 45 -34.69 -106.59 -45.61
CA ALA E 45 -35.13 -107.30 -46.83
C ALA E 45 -34.60 -106.56 -48.07
N ARG E 46 -34.88 -105.26 -48.16
CA ARG E 46 -34.43 -104.45 -49.32
C ARG E 46 -32.91 -104.53 -49.41
N TYR E 47 -32.22 -104.44 -48.27
CA TYR E 47 -30.74 -104.46 -48.26
C TYR E 47 -30.24 -105.81 -48.79
N ARG E 48 -30.90 -106.91 -48.37
CA ARG E 48 -30.51 -108.25 -48.87
C ARG E 48 -30.68 -108.28 -50.39
N GLU E 49 -31.82 -107.78 -50.89
CA GLU E 49 -32.02 -107.70 -52.36
C GLU E 49 -30.85 -106.92 -52.98
N LEU E 50 -30.64 -105.68 -52.53
CA LEU E 50 -29.56 -104.88 -53.08
C LEU E 50 -28.23 -105.63 -53.02
N GLU E 51 -28.00 -106.33 -51.91
CA GLU E 51 -26.71 -107.06 -51.74
C GLU E 51 -26.58 -108.09 -52.87
N VAL E 52 -27.59 -108.93 -53.05
CA VAL E 52 -27.52 -110.01 -54.08
C VAL E 52 -27.33 -109.35 -55.46
N ILE E 53 -28.12 -108.32 -55.76
CA ILE E 53 -28.03 -107.66 -57.10
C ILE E 53 -26.64 -107.05 -57.27
N HIS E 54 -26.24 -106.13 -56.38
CA HIS E 54 -24.91 -105.56 -56.46
C HIS E 54 -23.86 -106.65 -56.58
N ALA E 55 -24.14 -107.81 -55.98
CA ALA E 55 -23.19 -108.95 -56.03
C ALA E 55 -23.19 -109.56 -57.43
N ARG E 56 -24.36 -109.94 -57.95
CA ARG E 56 -24.44 -110.58 -59.28
C ARG E 56 -23.84 -109.62 -60.33
N TRP E 57 -24.22 -108.35 -60.26
CA TRP E 57 -23.66 -107.34 -61.21
C TRP E 57 -22.14 -107.30 -61.08
N ALA E 58 -21.63 -107.28 -59.84
CA ALA E 58 -20.16 -107.19 -59.63
C ALA E 58 -19.46 -108.39 -60.27
N MET E 59 -20.02 -109.59 -60.08
CA MET E 59 -19.36 -110.81 -60.62
C MET E 59 -19.24 -110.69 -62.14
N LEU E 60 -20.33 -110.31 -62.82
CA LEU E 60 -20.26 -110.10 -64.28
C LEU E 60 -19.25 -108.99 -64.58
N GLY E 61 -19.24 -107.94 -63.75
CA GLY E 61 -18.28 -106.83 -63.95
C GLY E 61 -16.85 -107.28 -63.70
N ALA E 62 -16.65 -108.18 -62.74
CA ALA E 62 -15.29 -108.65 -62.40
C ALA E 62 -14.66 -109.34 -63.61
N LEU E 63 -15.43 -110.16 -64.32
CA LEU E 63 -14.91 -110.89 -65.51
C LEU E 63 -14.87 -109.94 -66.71
N GLY E 64 -16.01 -109.34 -67.05
CA GLY E 64 -16.08 -108.42 -68.20
C GLY E 64 -14.96 -107.40 -68.16
N CYS E 65 -14.48 -107.04 -66.97
CA CYS E 65 -13.41 -106.03 -66.82
C CYS E 65 -12.04 -106.67 -67.04
N VAL E 66 -11.99 -108.01 -67.03
CA VAL E 66 -10.68 -108.73 -67.17
C VAL E 66 -10.67 -109.54 -68.48
N THR E 67 -11.84 -110.00 -68.92
CA THR E 67 -11.91 -110.85 -70.14
C THR E 67 -11.02 -110.24 -71.23
N PRO E 68 -11.37 -109.06 -71.83
CA PRO E 68 -10.58 -108.50 -72.91
C PRO E 68 -9.15 -108.25 -72.40
N GLU E 69 -9.04 -107.82 -71.14
CA GLU E 69 -7.71 -107.52 -70.56
C GLU E 69 -6.82 -108.76 -70.68
N LEU E 70 -7.30 -109.92 -70.21
CA LEU E 70 -6.50 -111.17 -70.27
C LEU E 70 -6.19 -111.48 -71.73
N LEU E 71 -7.23 -111.59 -72.57
CA LEU E 71 -7.02 -111.97 -73.99
C LEU E 71 -5.99 -111.01 -74.60
N GLN E 72 -6.16 -109.70 -74.37
CA GLN E 72 -5.24 -108.69 -74.95
C GLN E 72 -3.86 -108.82 -74.33
N ARG E 73 -3.78 -108.89 -72.99
CA ARG E 73 -2.46 -108.94 -72.30
C ARG E 73 -1.72 -110.21 -72.74
N ASN E 74 -2.45 -111.32 -72.88
CA ASN E 74 -1.81 -112.57 -73.38
C ASN E 74 -2.84 -113.37 -74.19
N GLY E 75 -2.44 -113.81 -75.39
CA GLY E 75 -3.36 -114.60 -76.25
C GLY E 75 -3.84 -113.80 -77.43
N VAL E 76 -4.45 -114.46 -78.41
CA VAL E 76 -4.90 -113.77 -79.65
C VAL E 76 -6.01 -112.78 -79.30
N ALA E 77 -5.69 -111.48 -79.26
CA ALA E 77 -6.72 -110.45 -78.99
C ALA E 77 -6.26 -109.11 -79.59
N ASN E 78 -7.21 -108.32 -80.10
CA ASN E 78 -6.87 -107.01 -80.73
C ASN E 78 -7.82 -105.93 -80.20
N PHE E 79 -8.24 -106.04 -78.93
CA PHE E 79 -9.10 -105.00 -78.32
C PHE E 79 -8.39 -103.65 -78.41
N GLY E 80 -9.10 -102.59 -78.79
CA GLY E 80 -8.50 -101.25 -78.81
C GLY E 80 -7.84 -100.96 -77.47
N GLU E 81 -8.64 -100.89 -76.40
CA GLU E 81 -8.09 -100.68 -75.04
C GLU E 81 -8.78 -101.66 -74.09
N ALA E 82 -8.17 -102.83 -73.85
CA ALA E 82 -8.78 -103.86 -72.99
C ALA E 82 -8.97 -103.31 -71.57
N VAL E 83 -8.22 -102.27 -71.22
CA VAL E 83 -8.34 -101.64 -69.86
C VAL E 83 -9.83 -101.35 -69.60
N TRP E 84 -10.36 -101.87 -68.49
CA TRP E 84 -11.80 -101.69 -68.19
C TRP E 84 -12.12 -100.20 -68.04
N PHE E 85 -11.20 -99.43 -67.45
CA PHE E 85 -11.43 -97.97 -67.27
C PHE E 85 -10.95 -97.22 -68.51
N LYS E 86 -11.18 -97.78 -69.70
CA LYS E 86 -10.81 -97.11 -70.98
C LYS E 86 -11.68 -97.67 -72.10
N ALA E 87 -12.45 -98.72 -71.81
CA ALA E 87 -13.29 -99.38 -72.84
C ALA E 87 -14.25 -98.37 -73.49
N GLY E 88 -14.79 -97.42 -72.72
CA GLY E 88 -15.79 -96.49 -73.25
C GLY E 88 -15.26 -95.70 -74.44
N ALA E 89 -14.01 -95.22 -74.35
CA ALA E 89 -13.44 -94.39 -75.43
C ALA E 89 -13.44 -95.14 -76.76
N GLN E 90 -13.55 -96.48 -76.71
CA GLN E 90 -13.48 -97.30 -77.95
C GLN E 90 -14.59 -96.89 -78.93
N ILE E 91 -15.72 -96.39 -78.41
CA ILE E 91 -16.83 -95.93 -79.30
C ILE E 91 -16.34 -94.71 -80.09
N PHE E 92 -15.44 -93.92 -79.50
CA PHE E 92 -14.93 -92.69 -80.18
C PHE E 92 -13.75 -93.05 -81.08
N GLN E 93 -13.35 -94.32 -81.11
CA GLN E 93 -12.21 -94.76 -81.97
C GLN E 93 -12.56 -94.54 -83.44
N GLU E 94 -11.55 -94.47 -84.31
CA GLU E 94 -11.78 -94.30 -85.76
C GLU E 94 -12.73 -95.39 -86.26
N GLY E 95 -12.33 -96.65 -86.09
CA GLY E 95 -13.18 -97.79 -86.50
C GLY E 95 -14.30 -98.02 -85.51
N GLY E 96 -14.35 -97.21 -84.45
CA GLY E 96 -15.41 -97.36 -83.42
C GLY E 96 -15.16 -98.56 -82.54
N LEU E 97 -16.22 -99.09 -81.92
CA LEU E 97 -16.06 -100.25 -80.99
C LEU E 97 -16.33 -101.54 -81.76
N ASP E 98 -15.28 -102.27 -82.12
CA ASP E 98 -15.44 -103.56 -82.85
C ASP E 98 -15.23 -104.70 -81.86
N TYR E 99 -16.27 -105.50 -81.61
CA TYR E 99 -16.19 -106.61 -80.64
C TYR E 99 -15.00 -107.50 -81.00
N LEU E 100 -14.21 -107.91 -80.01
CA LEU E 100 -13.02 -108.76 -80.27
C LEU E 100 -12.24 -108.21 -81.46
N GLY E 101 -12.13 -106.88 -81.57
CA GLY E 101 -11.38 -106.26 -82.68
C GLY E 101 -11.85 -106.80 -84.02
N ASN E 102 -13.15 -107.09 -84.16
CA ASN E 102 -13.70 -107.59 -85.44
C ASN E 102 -14.58 -106.51 -86.09
N PRO E 103 -14.20 -105.98 -87.28
CA PRO E 103 -15.01 -104.99 -87.98
C PRO E 103 -16.42 -105.53 -88.24
N SER E 104 -16.57 -106.86 -88.27
CA SER E 104 -17.90 -107.49 -88.51
C SER E 104 -18.59 -107.73 -87.17
N LEU E 105 -17.89 -107.48 -86.06
CA LEU E 105 -18.47 -107.76 -84.71
C LEU E 105 -19.05 -106.47 -84.11
N ILE E 106 -20.33 -106.20 -84.36
CA ILE E 106 -21.01 -105.01 -83.74
C ILE E 106 -20.49 -103.71 -84.39
N HIS E 107 -19.18 -103.48 -84.34
CA HIS E 107 -18.60 -102.28 -85.02
C HIS E 107 -19.51 -101.09 -84.75
N ALA E 108 -19.70 -100.71 -83.48
CA ALA E 108 -20.62 -99.60 -83.13
C ALA E 108 -19.92 -98.25 -83.39
N GLN E 109 -20.64 -97.29 -83.96
CA GLN E 109 -20.03 -95.98 -84.30
C GLN E 109 -20.83 -94.84 -83.68
N SER E 110 -21.82 -95.16 -82.83
CA SER E 110 -22.69 -94.11 -82.23
C SER E 110 -22.99 -94.43 -80.75
N ILE E 111 -22.42 -93.65 -79.83
CA ILE E 111 -22.66 -93.87 -78.37
C ILE E 111 -24.15 -93.64 -78.09
N VAL E 112 -24.76 -92.67 -78.77
CA VAL E 112 -26.20 -92.35 -78.54
C VAL E 112 -27.03 -93.63 -78.76
N ALA E 113 -26.74 -94.35 -79.85
CA ALA E 113 -27.48 -95.59 -80.15
C ALA E 113 -27.31 -96.59 -79.00
N ILE E 114 -26.08 -96.71 -78.49
CA ILE E 114 -25.83 -97.60 -77.32
C ILE E 114 -26.78 -97.18 -76.20
N LEU E 115 -26.71 -95.92 -75.76
CA LEU E 115 -27.55 -95.44 -74.62
C LEU E 115 -29.02 -95.79 -74.89
N LEU E 116 -29.56 -95.33 -76.01
CA LEU E 116 -31.02 -95.54 -76.27
C LEU E 116 -31.34 -97.03 -76.20
N THR E 117 -30.55 -97.86 -76.89
CA THR E 117 -30.82 -99.33 -76.90
C THR E 117 -30.79 -99.86 -75.47
N GLN E 118 -29.75 -99.52 -74.72
CA GLN E 118 -29.61 -100.01 -73.32
C GLN E 118 -30.81 -99.52 -72.51
N LEU E 119 -31.22 -98.27 -72.71
CA LEU E 119 -32.35 -97.70 -71.91
C LEU E 119 -33.59 -98.57 -72.10
N VAL E 120 -33.94 -98.87 -73.37
CA VAL E 120 -35.16 -99.68 -73.66
C VAL E 120 -34.93 -101.11 -73.17
N LEU E 121 -33.72 -101.65 -73.40
CA LEU E 121 -33.42 -103.05 -73.02
C LEU E 121 -33.46 -103.19 -71.50
N MET E 122 -32.53 -102.55 -70.80
CA MET E 122 -32.44 -102.67 -69.32
C MET E 122 -33.77 -102.22 -68.69
N GLY E 123 -34.40 -101.19 -69.26
CA GLY E 123 -35.68 -100.70 -68.73
C GLY E 123 -36.66 -101.85 -68.53
N LEU E 124 -37.06 -102.50 -69.63
CA LEU E 124 -38.02 -103.63 -69.55
C LEU E 124 -37.44 -104.72 -68.65
N ILE E 125 -36.16 -105.08 -68.87
CA ILE E 125 -35.51 -106.14 -68.06
C ILE E 125 -35.71 -105.84 -66.58
N GLU E 126 -35.14 -104.74 -66.08
CA GLU E 126 -35.28 -104.36 -64.66
C GLU E 126 -36.77 -104.15 -64.35
N GLY E 127 -37.53 -103.63 -65.30
CA GLY E 127 -38.98 -103.44 -65.11
C GLY E 127 -39.66 -104.76 -64.81
N TYR E 128 -39.38 -105.81 -65.60
CA TYR E 128 -39.94 -107.15 -65.30
C TYR E 128 -39.26 -107.70 -64.04
N ARG E 129 -37.99 -107.34 -63.83
CA ARG E 129 -37.22 -107.88 -62.67
C ARG E 129 -37.89 -107.44 -61.37
N VAL E 130 -38.86 -106.52 -61.44
CA VAL E 130 -39.48 -106.00 -60.18
C VAL E 130 -40.90 -106.57 -60.02
N ASN E 131 -41.72 -106.51 -61.07
CA ASN E 131 -43.14 -106.96 -60.94
C ASN E 131 -43.38 -108.18 -61.84
N GLY E 132 -42.32 -108.82 -62.32
CA GLY E 132 -42.48 -109.95 -63.25
C GLY E 132 -42.67 -109.48 -64.67
N GLY E 133 -42.80 -110.40 -65.62
CA GLY E 133 -42.95 -110.04 -67.05
C GLY E 133 -43.16 -111.26 -67.92
N PRO E 134 -42.66 -111.29 -69.18
CA PRO E 134 -42.91 -112.41 -70.08
C PRO E 134 -42.23 -113.70 -69.58
N ALA E 135 -40.92 -113.66 -69.37
CA ALA E 135 -40.17 -114.87 -68.95
C ALA E 135 -40.61 -115.30 -67.55
N GLY E 136 -40.75 -114.36 -66.61
CA GLY E 136 -41.07 -114.74 -65.22
C GLY E 136 -42.29 -114.02 -64.67
N GLU E 137 -43.19 -114.76 -64.00
CA GLU E 137 -44.37 -114.14 -63.37
C GLU E 137 -44.56 -114.73 -61.96
N GLY E 138 -44.71 -113.87 -60.94
CA GLY E 138 -44.94 -114.35 -59.56
C GLY E 138 -43.76 -115.16 -59.05
N LEU E 139 -42.60 -115.03 -59.69
CA LEU E 139 -41.38 -115.76 -59.25
C LEU E 139 -40.71 -114.99 -58.10
N ASP E 140 -39.78 -115.63 -57.39
CA ASP E 140 -39.06 -114.95 -56.27
C ASP E 140 -38.35 -113.71 -56.81
N ALA E 141 -38.26 -112.65 -55.98
CA ALA E 141 -37.61 -111.40 -56.42
C ALA E 141 -36.14 -111.63 -56.73
N LEU E 142 -35.40 -112.23 -55.80
CA LEU E 142 -33.93 -112.43 -56.00
C LEU E 142 -33.69 -113.78 -56.68
N TYR E 143 -34.60 -114.73 -56.48
CA TYR E 143 -34.40 -116.09 -57.05
C TYR E 143 -35.64 -116.51 -57.83
N PRO E 144 -35.93 -115.90 -59.00
CA PRO E 144 -37.11 -116.24 -59.78
C PRO E 144 -37.07 -117.71 -60.24
N GLY E 145 -35.89 -118.21 -60.60
CA GLY E 145 -35.77 -119.59 -61.10
C GLY E 145 -36.48 -119.76 -62.43
N GLU E 146 -37.29 -120.80 -62.57
CA GLU E 146 -38.06 -121.00 -63.83
C GLU E 146 -37.09 -120.93 -65.01
N ALA E 147 -37.37 -120.07 -65.99
CA ALA E 147 -36.46 -119.89 -67.14
C ALA E 147 -35.08 -119.47 -66.64
N PHE E 148 -35.04 -118.65 -65.58
CA PHE E 148 -33.76 -118.18 -65.01
C PHE E 148 -33.04 -119.34 -64.33
N ASP E 149 -33.66 -120.52 -64.32
CA ASP E 149 -33.01 -121.72 -63.74
C ASP E 149 -33.17 -122.87 -64.74
N PRO E 150 -32.59 -122.79 -65.96
CA PRO E 150 -32.80 -123.83 -66.98
C PRO E 150 -32.14 -125.17 -66.63
N LEU E 151 -30.91 -125.15 -66.12
CA LEU E 151 -30.18 -126.43 -65.84
C LEU E 151 -30.71 -127.03 -64.54
N GLY E 152 -31.55 -126.30 -63.81
CA GLY E 152 -32.15 -126.84 -62.57
C GLY E 152 -31.10 -127.31 -61.57
N LEU E 153 -30.05 -126.52 -61.35
CA LEU E 153 -29.03 -126.87 -60.33
C LEU E 153 -29.53 -126.45 -58.95
N ALA E 154 -30.79 -126.00 -58.86
CA ALA E 154 -31.32 -125.50 -57.57
C ALA E 154 -32.54 -126.32 -57.13
N ASP E 155 -32.80 -127.44 -57.81
CA ASP E 155 -34.01 -128.26 -57.49
C ASP E 155 -33.92 -128.76 -56.04
N ASP E 156 -32.75 -129.24 -55.62
CA ASP E 156 -32.57 -129.74 -54.23
C ASP E 156 -32.48 -128.54 -53.28
N PRO E 157 -33.26 -128.50 -52.18
CA PRO E 157 -33.25 -127.36 -51.28
C PRO E 157 -31.84 -127.12 -50.73
N ASP E 158 -31.20 -128.18 -50.22
CA ASP E 158 -29.84 -128.05 -49.64
C ASP E 158 -28.89 -127.50 -50.70
N THR E 159 -28.93 -128.06 -51.92
CA THR E 159 -28.02 -127.60 -53.00
C THR E 159 -28.31 -126.12 -53.29
N PHE E 160 -29.59 -125.78 -53.44
CA PHE E 160 -29.97 -124.37 -53.70
C PHE E 160 -29.44 -123.50 -52.55
N ALA E 161 -29.69 -123.94 -51.31
CA ALA E 161 -29.24 -123.18 -50.12
C ALA E 161 -27.72 -122.97 -50.20
N GLU E 162 -26.95 -124.06 -50.17
CA GLU E 162 -25.46 -123.93 -50.18
C GLU E 162 -25.05 -123.07 -51.37
N LEU E 163 -25.65 -123.30 -52.55
CA LEU E 163 -25.27 -122.54 -53.77
C LEU E 163 -25.58 -121.05 -53.56
N LYS E 164 -26.66 -120.73 -52.85
CA LYS E 164 -26.99 -119.32 -52.55
C LYS E 164 -25.83 -118.70 -51.76
N VAL E 165 -25.36 -119.40 -50.71
CA VAL E 165 -24.19 -118.88 -49.92
C VAL E 165 -23.00 -118.76 -50.87
N LYS E 166 -22.81 -119.75 -51.74
CA LYS E 166 -21.67 -119.73 -52.70
C LYS E 166 -21.80 -118.50 -53.60
N GLU E 167 -23.00 -118.27 -54.15
CA GLU E 167 -23.24 -117.12 -55.03
C GLU E 167 -22.94 -115.83 -54.27
N LEU E 168 -23.51 -115.67 -53.07
CA LEU E 168 -23.32 -114.42 -52.30
C LEU E 168 -21.84 -114.23 -51.95
N LYS E 169 -21.18 -115.30 -51.50
CA LYS E 169 -19.75 -115.20 -51.09
C LYS E 169 -18.92 -114.83 -52.32
N ASN E 170 -19.19 -115.46 -53.46
CA ASN E 170 -18.46 -115.12 -54.71
C ASN E 170 -18.77 -113.67 -55.08
N GLY E 171 -20.04 -113.28 -54.99
CA GLY E 171 -20.43 -111.89 -55.33
C GLY E 171 -19.75 -110.88 -54.43
N ARG E 172 -19.74 -111.15 -53.12
CA ARG E 172 -19.07 -110.24 -52.15
C ARG E 172 -17.60 -110.12 -52.55
N LEU E 173 -16.96 -111.25 -52.87
CA LEU E 173 -15.57 -111.22 -53.31
C LEU E 173 -15.43 -110.39 -54.58
N ALA E 174 -16.36 -110.55 -55.51
CA ALA E 174 -16.35 -109.74 -56.73
C ALA E 174 -16.56 -108.27 -56.41
N MET E 175 -17.47 -107.97 -55.48
CA MET E 175 -17.72 -106.58 -55.10
C MET E 175 -16.46 -105.96 -54.50
N VAL E 176 -15.78 -106.71 -53.63
CA VAL E 176 -14.51 -106.18 -53.05
C VAL E 176 -13.48 -106.06 -54.18
N SER E 177 -13.48 -107.03 -55.10
CA SER E 177 -12.48 -107.02 -56.21
C SER E 177 -12.71 -105.81 -57.12
N MET E 178 -13.98 -105.55 -57.47
CA MET E 178 -14.29 -104.40 -58.36
C MET E 178 -13.87 -103.11 -57.65
N LEU E 179 -14.11 -103.02 -56.34
CA LEU E 179 -13.65 -101.83 -55.58
C LEU E 179 -12.14 -101.71 -55.75
N GLY E 180 -11.41 -102.82 -55.58
CA GLY E 180 -9.94 -102.79 -55.71
C GLY E 180 -9.51 -102.28 -57.07
N PHE E 181 -10.11 -102.81 -58.14
CA PHE E 181 -9.73 -102.40 -59.51
C PHE E 181 -9.89 -100.88 -59.64
N GLY E 182 -11.03 -100.35 -59.20
CA GLY E 182 -11.28 -98.91 -59.31
C GLY E 182 -10.26 -98.10 -58.54
N VAL E 183 -10.03 -98.47 -57.27
CA VAL E 183 -9.09 -97.69 -56.41
C VAL E 183 -7.72 -97.66 -57.10
N GLN E 184 -7.23 -98.81 -57.55
CA GLN E 184 -5.93 -98.86 -58.27
C GLN E 184 -6.07 -98.08 -59.57
N GLY E 185 -7.08 -98.42 -60.37
CA GLY E 185 -7.33 -97.70 -61.64
C GLY E 185 -7.31 -96.20 -61.43
N LEU E 186 -7.68 -95.75 -60.23
CA LEU E 186 -7.68 -94.29 -59.91
C LEU E 186 -6.25 -93.86 -59.56
N ILE E 187 -5.45 -94.75 -58.97
CA ILE E 187 -4.07 -94.39 -58.54
C ILE E 187 -3.08 -94.90 -59.58
N THR E 188 -2.83 -96.22 -59.60
CA THR E 188 -1.89 -96.81 -60.58
C THR E 188 -2.27 -96.35 -61.99
N ARG E 189 -3.57 -96.12 -62.22
CA ARG E 189 -4.04 -95.74 -63.58
C ARG E 189 -3.57 -96.79 -64.59
N LYS E 190 -3.52 -98.06 -64.16
CA LYS E 190 -3.11 -99.17 -65.07
C LYS E 190 -4.09 -100.33 -64.91
N GLY E 191 -4.22 -101.16 -65.95
CA GLY E 191 -5.13 -102.32 -65.89
C GLY E 191 -4.87 -103.13 -64.64
N PRO E 192 -5.90 -103.70 -63.98
CA PRO E 192 -5.71 -104.42 -62.71
C PRO E 192 -4.70 -105.56 -62.86
N ILE E 193 -4.81 -106.34 -63.95
CA ILE E 193 -3.90 -107.51 -64.15
C ILE E 193 -2.47 -106.97 -64.28
N GLU E 194 -2.28 -105.84 -64.96
CA GLU E 194 -0.94 -105.24 -65.08
C GLU E 194 -0.44 -104.88 -63.68
N ASN E 195 -1.33 -104.35 -62.84
CA ASN E 195 -0.95 -103.97 -61.44
C ASN E 195 -0.44 -105.22 -60.72
N LEU E 196 -1.17 -106.34 -60.85
CA LEU E 196 -0.73 -107.61 -60.22
C LEU E 196 0.59 -108.05 -60.87
N ALA E 197 0.64 -108.08 -62.21
CA ALA E 197 1.86 -108.47 -62.93
C ALA E 197 3.06 -107.76 -62.28
N ASP E 198 2.93 -106.45 -62.06
CA ASP E 198 4.02 -105.66 -61.44
C ASP E 198 4.27 -106.22 -60.03
N HIS E 199 3.21 -106.47 -59.27
CA HIS E 199 3.37 -106.98 -57.88
C HIS E 199 4.12 -108.32 -57.91
N LEU E 200 3.81 -109.17 -58.90
CA LEU E 200 4.52 -110.46 -59.04
C LEU E 200 6.00 -110.17 -59.33
N ALA E 201 6.28 -109.21 -60.21
CA ALA E 201 7.68 -108.89 -60.58
C ALA E 201 8.48 -108.46 -59.35
N ALA E 202 7.89 -107.62 -58.50
CA ALA E 202 8.59 -107.13 -57.29
C ALA E 202 7.56 -106.75 -56.21
N PRO E 203 7.01 -107.69 -55.42
CA PRO E 203 5.95 -107.35 -54.46
C PRO E 203 6.42 -106.22 -53.54
N ASP E 204 7.68 -106.28 -53.06
CA ASP E 204 8.21 -105.24 -52.15
C ASP E 204 8.34 -103.92 -52.92
N ALA E 205 8.85 -103.98 -54.16
CA ALA E 205 9.04 -102.75 -54.96
C ALA E 205 7.69 -102.22 -55.47
N THR E 206 6.67 -103.08 -55.52
CA THR E 206 5.37 -102.67 -56.10
C THR E 206 4.26 -102.70 -55.04
N ASN E 207 4.62 -102.77 -53.77
CA ASN E 207 3.56 -102.68 -52.72
C ASN E 207 3.06 -101.23 -52.73
N PHE E 208 1.74 -101.02 -52.61
CA PHE E 208 1.21 -99.64 -52.72
C PHE E 208 1.96 -98.74 -51.75
N TRP E 209 2.17 -99.21 -50.53
CA TRP E 209 2.90 -98.40 -49.50
C TRP E 209 4.18 -97.83 -50.13
N VAL E 210 4.69 -98.47 -51.18
CA VAL E 210 5.94 -97.99 -51.84
C VAL E 210 5.59 -97.37 -53.19
N ASP E 211 4.51 -97.84 -53.82
CA ASP E 211 4.10 -97.32 -55.15
C ASP E 211 3.67 -95.86 -55.05
N TYR E 212 2.43 -95.61 -54.65
CA TYR E 212 1.91 -94.22 -54.64
C TYR E 212 1.36 -93.87 -53.26
N ALA E 213 1.31 -94.85 -52.35
CA ALA E 213 0.83 -94.59 -50.98
C ALA E 213 1.69 -93.51 -50.30
N PRO E 214 3.04 -93.52 -50.44
CA PRO E 214 3.86 -92.46 -49.88
C PRO E 214 3.64 -91.17 -50.67
N LYS E 215 3.15 -91.27 -51.90
CA LYS E 215 2.90 -90.07 -52.75
C LYS E 215 1.50 -89.54 -52.46
N SER E 216 0.86 -90.00 -51.38
CA SER E 216 -0.53 -89.58 -51.07
C SER E 216 -0.54 -88.29 -50.26
N ALA E 217 0.63 -87.76 -49.90
CA ALA E 217 0.67 -86.57 -49.02
C ALA E 217 1.83 -85.65 -49.40
N GLY E 218 1.54 -84.45 -49.92
CA GLY E 218 2.59 -83.47 -50.24
C GLY E 218 3.61 -84.01 -51.23
N ILE E 219 3.18 -84.90 -52.13
CA ILE E 219 4.11 -85.44 -53.18
C ILE E 219 3.26 -86.01 -54.33
N GLY E 220 3.14 -85.26 -55.42
CA GLY E 220 2.28 -85.70 -56.55
C GLY E 220 2.55 -87.16 -56.87
N TYR E 221 1.48 -87.98 -56.89
CA TYR E 221 1.62 -89.42 -57.21
C TYR E 221 2.56 -89.59 -58.41
N GLU F 1 -55.08 -89.65 -59.45
CA GLU F 1 -53.93 -89.75 -60.35
C GLU F 1 -52.62 -89.55 -59.59
N PHE F 2 -52.63 -88.67 -58.59
CA PHE F 2 -51.45 -88.40 -57.78
C PHE F 2 -51.66 -88.75 -56.31
N TYR F 3 -52.81 -89.31 -55.96
CA TYR F 3 -53.10 -89.69 -54.58
C TYR F 3 -53.86 -91.01 -54.58
N GLY F 4 -53.94 -91.63 -53.41
CA GLY F 4 -54.65 -92.87 -53.25
C GLY F 4 -53.88 -94.06 -53.79
N PRO F 5 -54.49 -95.25 -53.69
CA PRO F 5 -53.80 -96.44 -54.22
C PRO F 5 -53.66 -96.43 -55.73
N ASP F 6 -54.68 -95.96 -56.45
CA ASP F 6 -54.67 -95.98 -57.91
C ASP F 6 -54.00 -94.73 -58.46
N ARG F 7 -52.77 -94.52 -58.04
CA ARG F 7 -51.97 -93.37 -58.44
C ARG F 7 -50.95 -93.79 -59.49
N VAL F 8 -50.17 -92.84 -59.94
CA VAL F 8 -49.08 -93.11 -60.87
C VAL F 8 -47.84 -93.49 -60.09
N LYS F 9 -46.99 -94.30 -60.72
CA LYS F 9 -45.79 -94.82 -60.07
C LYS F 9 -44.56 -94.46 -60.86
N PHE F 10 -43.40 -94.47 -60.22
CA PHE F 10 -42.14 -94.04 -60.88
C PHE F 10 -41.74 -95.04 -61.97
N LEU F 11 -42.20 -96.29 -61.88
CA LEU F 11 -41.77 -97.32 -62.86
C LEU F 11 -42.89 -97.56 -63.88
N GLY F 12 -43.76 -96.55 -64.06
CA GLY F 12 -44.83 -96.67 -65.07
C GLY F 12 -45.62 -97.96 -64.93
N PRO F 13 -45.80 -98.74 -66.02
CA PRO F 13 -46.61 -99.96 -65.98
C PRO F 13 -46.02 -101.03 -65.04
N PHE F 14 -44.73 -101.33 -65.18
CA PHE F 14 -44.11 -102.41 -64.36
C PHE F 14 -43.66 -101.85 -63.02
N SER F 15 -44.62 -101.43 -62.18
CA SER F 15 -44.30 -100.89 -60.84
C SER F 15 -45.30 -101.42 -59.81
N GLY F 16 -45.70 -102.69 -59.96
CA GLY F 16 -46.70 -103.27 -59.04
C GLY F 16 -46.19 -103.43 -57.63
N ASN F 17 -44.91 -103.81 -57.47
CA ASN F 17 -44.36 -104.08 -56.12
C ASN F 17 -43.93 -102.76 -55.47
N THR F 18 -44.90 -101.96 -55.02
CA THR F 18 -44.58 -100.68 -54.32
C THR F 18 -44.64 -100.92 -52.81
N PRO F 19 -43.75 -100.31 -52.00
CA PRO F 19 -43.72 -100.54 -50.55
C PRO F 19 -45.07 -100.26 -49.92
N SER F 20 -45.37 -100.98 -48.84
CA SER F 20 -46.67 -100.84 -48.19
C SER F 20 -46.84 -99.45 -47.58
N TYR F 21 -45.78 -98.94 -46.95
CA TYR F 21 -45.89 -97.65 -46.26
C TYR F 21 -46.11 -96.51 -47.24
N LEU F 22 -45.60 -96.65 -48.46
CA LEU F 22 -45.88 -95.68 -49.52
C LEU F 22 -47.22 -96.06 -50.15
N LYS F 23 -48.28 -95.45 -49.65
CA LYS F 23 -49.64 -95.79 -50.07
C LYS F 23 -50.42 -94.54 -50.43
N GLY F 24 -49.77 -93.60 -51.12
CA GLY F 24 -50.43 -92.44 -51.67
C GLY F 24 -51.11 -91.53 -50.66
N GLU F 25 -50.44 -91.27 -49.55
CA GLU F 25 -50.95 -90.35 -48.53
C GLU F 25 -50.22 -89.02 -48.51
N TYR F 26 -49.21 -88.84 -49.35
CA TYR F 26 -48.40 -87.64 -49.36
C TYR F 26 -48.13 -87.23 -50.79
N PRO F 27 -47.89 -85.95 -51.04
CA PRO F 27 -47.59 -85.51 -52.41
C PRO F 27 -46.29 -86.11 -52.91
N GLY F 28 -46.27 -86.43 -54.20
CA GLY F 28 -45.10 -87.00 -54.82
C GLY F 28 -44.84 -88.46 -54.51
N ASP F 29 -45.86 -89.20 -54.08
CA ASP F 29 -45.69 -90.60 -53.71
C ASP F 29 -45.78 -91.46 -54.96
N TYR F 30 -44.63 -91.88 -55.46
CA TYR F 30 -44.55 -92.78 -56.60
C TYR F 30 -44.10 -94.18 -56.23
N GLY F 31 -43.99 -94.47 -54.92
CA GLY F 31 -43.57 -95.78 -54.48
C GLY F 31 -42.16 -96.14 -54.88
N TRP F 32 -41.21 -95.23 -54.67
CA TRP F 32 -39.84 -95.44 -55.12
C TRP F 32 -38.89 -95.79 -53.98
N ASP F 33 -39.40 -96.08 -52.78
CA ASP F 33 -38.48 -96.45 -51.70
C ASP F 33 -38.01 -97.89 -51.92
N THR F 34 -37.11 -98.03 -52.90
CA THR F 34 -36.57 -99.36 -53.21
C THR F 34 -35.55 -99.80 -52.18
N ALA F 35 -34.91 -98.86 -51.49
CA ALA F 35 -33.91 -99.18 -50.48
C ALA F 35 -34.50 -99.31 -49.08
N GLY F 36 -35.80 -99.15 -48.93
CA GLY F 36 -36.44 -99.28 -47.63
C GLY F 36 -35.96 -98.27 -46.61
N LEU F 37 -35.40 -97.14 -47.08
CA LEU F 37 -34.85 -96.14 -46.17
C LEU F 37 -35.92 -95.48 -45.31
N SER F 38 -37.19 -95.58 -45.71
CA SER F 38 -38.28 -94.93 -45.00
C SER F 38 -39.30 -95.93 -44.47
N ALA F 39 -38.86 -97.15 -44.15
CA ALA F 39 -39.76 -98.13 -43.55
C ALA F 39 -40.27 -97.64 -42.21
N ASP F 40 -39.40 -97.05 -41.41
CA ASP F 40 -39.79 -96.46 -40.14
C ASP F 40 -40.67 -95.26 -40.40
N PRO F 41 -41.91 -95.23 -39.89
CA PRO F 41 -42.76 -94.06 -40.13
C PRO F 41 -42.18 -92.77 -39.59
N GLU F 42 -41.44 -92.84 -38.48
CA GLU F 42 -40.83 -91.63 -37.93
C GLU F 42 -39.70 -91.13 -38.83
N THR F 43 -38.87 -92.05 -39.32
CA THR F 43 -37.82 -91.66 -40.26
C THR F 43 -38.43 -91.19 -41.57
N PHE F 44 -39.53 -91.81 -41.99
CA PHE F 44 -40.20 -91.39 -43.22
C PHE F 44 -40.70 -89.95 -43.11
N ALA F 45 -41.25 -89.60 -41.95
CA ALA F 45 -41.74 -88.21 -41.74
C ALA F 45 -40.57 -87.23 -41.86
N ARG F 46 -39.47 -87.50 -41.17
CA ARG F 46 -38.29 -86.58 -41.19
C ARG F 46 -37.76 -86.46 -42.62
N TYR F 47 -37.71 -87.57 -43.35
CA TYR F 47 -37.19 -87.55 -44.74
C TYR F 47 -38.11 -86.67 -45.60
N ARG F 48 -39.42 -86.73 -45.34
CA ARG F 48 -40.35 -85.91 -46.10
C ARG F 48 -40.08 -84.43 -45.88
N GLU F 49 -39.77 -84.04 -44.64
CA GLU F 49 -39.38 -82.66 -44.37
C GLU F 49 -38.07 -82.33 -45.07
N LEU F 50 -37.13 -83.28 -45.07
CA LEU F 50 -35.85 -83.05 -45.73
C LEU F 50 -36.03 -82.88 -47.24
N GLU F 51 -36.91 -83.67 -47.84
CA GLU F 51 -37.09 -83.57 -49.29
C GLU F 51 -37.67 -82.22 -49.68
N VAL F 52 -38.68 -81.75 -48.95
CA VAL F 52 -39.33 -80.50 -49.31
C VAL F 52 -38.36 -79.33 -49.14
N ILE F 53 -37.58 -79.34 -48.04
CA ILE F 53 -36.65 -78.25 -47.80
C ILE F 53 -35.53 -78.26 -48.84
N HIS F 54 -34.95 -79.43 -49.11
CA HIS F 54 -33.93 -79.52 -50.15
C HIS F 54 -34.50 -79.07 -51.49
N ALA F 55 -35.76 -79.41 -51.75
CA ALA F 55 -36.38 -79.05 -53.03
C ALA F 55 -36.61 -77.55 -53.13
N ARG F 56 -37.12 -76.93 -52.07
CA ARG F 56 -37.37 -75.49 -52.08
C ARG F 56 -36.07 -74.71 -52.23
N TRP F 57 -35.01 -75.17 -51.55
CA TRP F 57 -33.71 -74.53 -51.71
C TRP F 57 -33.19 -74.71 -53.13
N ALA F 58 -33.37 -75.90 -53.71
CA ALA F 58 -32.87 -76.15 -55.05
C ALA F 58 -33.59 -75.28 -56.08
N MET F 59 -34.90 -75.10 -55.91
CA MET F 59 -35.65 -74.28 -56.85
C MET F 59 -35.16 -72.84 -56.85
N LEU F 60 -34.87 -72.29 -55.67
CA LEU F 60 -34.22 -70.98 -55.60
C LEU F 60 -32.83 -71.04 -56.20
N GLY F 61 -32.08 -72.11 -55.90
CA GLY F 61 -30.72 -72.21 -56.41
C GLY F 61 -30.69 -72.35 -57.93
N ALA F 62 -31.60 -73.14 -58.48
CA ALA F 62 -31.64 -73.33 -59.93
C ALA F 62 -31.90 -72.01 -60.64
N LEU F 63 -32.88 -71.25 -60.15
CA LEU F 63 -33.20 -69.93 -60.77
C LEU F 63 -32.05 -68.95 -60.52
N GLY F 64 -31.48 -68.97 -59.32
CA GLY F 64 -30.41 -68.01 -58.96
C GLY F 64 -29.09 -68.31 -59.66
N CYS F 65 -28.91 -69.55 -60.12
CA CYS F 65 -27.63 -69.95 -60.78
C CYS F 65 -27.73 -69.69 -62.28
N VAL F 66 -28.89 -69.20 -62.75
CA VAL F 66 -29.09 -68.94 -64.16
C VAL F 66 -29.29 -67.46 -64.44
N THR F 67 -30.09 -66.80 -63.61
CA THR F 67 -30.43 -65.36 -63.84
C THR F 67 -29.17 -64.51 -64.00
N PRO F 68 -28.24 -64.44 -63.02
CA PRO F 68 -27.09 -63.55 -63.14
C PRO F 68 -26.36 -63.81 -64.46
N GLU F 69 -26.32 -65.08 -64.91
CA GLU F 69 -25.63 -65.43 -66.16
C GLU F 69 -26.52 -65.08 -67.36
N LEU F 70 -27.80 -65.43 -67.29
CA LEU F 70 -28.72 -65.19 -68.40
C LEU F 70 -28.83 -63.71 -68.72
N LEU F 71 -28.90 -62.86 -67.68
CA LEU F 71 -28.94 -61.42 -67.91
C LEU F 71 -27.63 -60.93 -68.52
N GLN F 72 -26.51 -61.47 -68.06
CA GLN F 72 -25.22 -61.10 -68.62
C GLN F 72 -25.14 -61.49 -70.10
N ARG F 73 -25.62 -62.68 -70.43
CA ARG F 73 -25.55 -63.15 -71.81
C ARG F 73 -26.38 -62.27 -72.74
N ASN F 74 -27.58 -61.87 -72.28
CA ASN F 74 -28.44 -61.03 -73.10
C ASN F 74 -28.02 -59.57 -73.12
N GLY F 75 -27.01 -59.20 -72.33
CA GLY F 75 -26.54 -57.83 -72.28
C GLY F 75 -27.32 -56.91 -71.38
N ALA F 76 -28.21 -57.46 -70.54
CA ALA F 76 -29.01 -56.60 -69.67
C ALA F 76 -28.19 -56.00 -68.54
N ALA F 77 -27.15 -56.69 -68.08
CA ALA F 77 -26.35 -56.19 -66.96
C ALA F 77 -24.93 -56.68 -67.11
N ASN F 78 -24.03 -56.02 -66.37
CA ASN F 78 -22.61 -56.36 -66.35
C ASN F 78 -22.24 -56.81 -64.94
N PHE F 79 -22.44 -58.10 -64.66
CA PHE F 79 -22.07 -58.64 -63.36
C PHE F 79 -20.56 -58.84 -63.29
N GLY F 80 -20.03 -58.85 -62.08
CA GLY F 80 -18.62 -59.15 -61.88
C GLY F 80 -18.26 -60.50 -62.45
N GLU F 81 -18.88 -61.56 -61.90
CA GLU F 81 -18.77 -62.92 -62.43
C GLU F 81 -20.19 -63.47 -62.49
N ALA F 82 -20.76 -63.50 -63.69
CA ALA F 82 -22.13 -63.96 -63.83
C ALA F 82 -22.26 -65.46 -63.60
N VAL F 83 -21.22 -66.23 -63.87
CA VAL F 83 -21.29 -67.67 -63.67
C VAL F 83 -21.41 -67.96 -62.18
N TRP F 84 -22.29 -68.90 -61.84
CA TRP F 84 -22.62 -69.14 -60.44
C TRP F 84 -21.43 -69.68 -59.66
N PHE F 85 -20.61 -70.53 -60.28
CA PHE F 85 -19.49 -71.11 -59.55
C PHE F 85 -18.27 -70.20 -59.51
N LYS F 86 -18.37 -68.97 -60.00
CA LYS F 86 -17.32 -67.96 -59.80
C LYS F 86 -17.87 -66.68 -59.18
N ALA F 87 -19.15 -66.65 -58.83
CA ALA F 87 -19.75 -65.43 -58.29
C ALA F 87 -19.22 -65.12 -56.90
N GLY F 88 -18.72 -66.14 -56.19
CA GLY F 88 -18.22 -65.91 -54.85
C GLY F 88 -16.98 -65.02 -54.83
N ALA F 89 -16.12 -65.16 -55.85
CA ALA F 89 -14.88 -64.40 -55.86
C ALA F 89 -15.10 -62.91 -56.06
N GLN F 90 -16.32 -62.51 -56.41
CA GLN F 90 -16.64 -61.11 -56.61
C GLN F 90 -16.33 -60.28 -55.36
N ILE F 91 -16.44 -60.90 -54.18
CA ILE F 91 -16.17 -60.18 -52.94
C ILE F 91 -14.70 -59.78 -52.86
N PHE F 92 -13.82 -60.51 -53.53
CA PHE F 92 -12.39 -60.23 -53.50
C PHE F 92 -11.94 -59.23 -54.54
N GLN F 93 -12.84 -58.75 -55.41
CA GLN F 93 -12.45 -57.80 -56.42
C GLN F 93 -12.18 -56.43 -55.79
N GLU F 94 -11.66 -55.53 -56.62
CA GLU F 94 -11.29 -54.20 -56.12
C GLU F 94 -12.52 -53.44 -55.63
N GLY F 95 -13.62 -53.49 -56.37
CA GLY F 95 -14.84 -52.80 -56.01
C GLY F 95 -15.81 -53.61 -55.16
N GLY F 96 -15.42 -54.79 -54.72
CA GLY F 96 -16.33 -55.60 -53.94
C GLY F 96 -17.44 -56.16 -54.81
N LEU F 97 -18.49 -56.63 -54.14
CA LEU F 97 -19.64 -57.22 -54.80
C LEU F 97 -20.70 -56.15 -54.95
N ASP F 98 -21.00 -55.78 -56.19
CA ASP F 98 -22.04 -54.81 -56.51
C ASP F 98 -23.21 -55.55 -57.13
N TYR F 99 -24.38 -55.43 -56.52
CA TYR F 99 -25.57 -56.09 -57.04
C TYR F 99 -25.93 -55.50 -58.40
N LEU F 100 -26.28 -56.39 -59.33
CA LEU F 100 -26.60 -56.00 -60.70
C LEU F 100 -25.47 -55.22 -61.37
N GLY F 101 -24.27 -55.26 -60.78
CA GLY F 101 -23.17 -54.46 -61.26
C GLY F 101 -23.25 -52.99 -60.93
N ASN F 102 -24.22 -52.56 -60.13
CA ASN F 102 -24.38 -51.16 -59.79
C ASN F 102 -23.61 -50.87 -58.51
N PRO F 103 -22.64 -49.95 -58.53
CA PRO F 103 -21.89 -49.65 -57.29
C PRO F 103 -22.76 -49.08 -56.18
N ASN F 104 -23.91 -48.50 -56.49
CA ASN F 104 -24.78 -47.90 -55.49
C ASN F 104 -25.73 -48.91 -54.88
N LEU F 105 -25.67 -50.16 -55.32
CA LEU F 105 -26.39 -51.26 -54.68
C LEU F 105 -25.53 -51.82 -53.55
N VAL F 106 -25.79 -53.06 -53.15
CA VAL F 106 -25.29 -53.62 -51.90
C VAL F 106 -23.85 -53.18 -51.61
N HIS F 107 -22.97 -53.33 -52.60
CA HIS F 107 -21.60 -52.83 -52.52
C HIS F 107 -20.87 -53.37 -51.30
N ALA F 108 -20.79 -54.69 -51.22
CA ALA F 108 -20.17 -55.35 -50.08
C ALA F 108 -18.67 -55.52 -50.33
N GLN F 109 -17.87 -55.26 -49.29
CA GLN F 109 -16.42 -55.32 -49.40
C GLN F 109 -15.78 -56.16 -48.30
N SER F 110 -16.52 -57.07 -47.68
CA SER F 110 -15.99 -57.85 -46.57
C SER F 110 -16.70 -59.19 -46.54
N ILE F 111 -15.96 -60.27 -46.82
CA ILE F 111 -16.55 -61.60 -46.78
C ILE F 111 -16.83 -62.01 -45.34
N VAL F 112 -16.04 -61.51 -44.39
CA VAL F 112 -16.30 -61.79 -42.98
C VAL F 112 -17.64 -61.19 -42.57
N ALA F 113 -17.91 -59.96 -43.01
CA ALA F 113 -19.19 -59.33 -42.71
C ALA F 113 -20.35 -60.10 -43.32
N ILE F 114 -20.17 -60.58 -44.55
CA ILE F 114 -21.22 -61.37 -45.19
C ILE F 114 -21.47 -62.65 -44.42
N LEU F 115 -20.40 -63.33 -44.00
CA LEU F 115 -20.54 -64.57 -43.27
C LEU F 115 -21.20 -64.35 -41.91
N LEU F 116 -20.73 -63.34 -41.17
CA LEU F 116 -21.27 -63.07 -39.84
C LEU F 116 -22.75 -62.70 -39.90
N THR F 117 -23.12 -61.88 -40.88
CA THR F 117 -24.52 -61.52 -41.04
C THR F 117 -25.36 -62.73 -41.40
N GLN F 118 -24.84 -63.58 -42.29
CA GLN F 118 -25.60 -64.76 -42.71
C GLN F 118 -25.83 -65.71 -41.56
N VAL F 119 -24.81 -65.91 -40.72
CA VAL F 119 -24.95 -66.82 -39.59
C VAL F 119 -26.06 -66.36 -38.66
N VAL F 120 -26.11 -65.07 -38.35
CA VAL F 120 -27.12 -64.56 -37.43
C VAL F 120 -28.49 -64.59 -38.08
N LEU F 121 -28.60 -64.14 -39.33
CA LEU F 121 -29.90 -64.08 -39.98
C LEU F 121 -30.42 -65.47 -40.28
N MET F 122 -29.59 -66.33 -40.88
CA MET F 122 -30.03 -67.69 -41.15
C MET F 122 -30.27 -68.46 -39.85
N GLY F 123 -29.44 -68.22 -38.84
CA GLY F 123 -29.63 -68.90 -37.58
C GLY F 123 -30.97 -68.60 -36.95
N LEU F 124 -31.42 -67.35 -37.05
CA LEU F 124 -32.69 -66.97 -36.42
C LEU F 124 -33.87 -67.52 -37.21
N ILE F 125 -33.86 -67.36 -38.53
CA ILE F 125 -35.04 -67.75 -39.31
C ILE F 125 -35.15 -69.27 -39.39
N GLU F 126 -34.02 -69.97 -39.41
CA GLU F 126 -34.06 -71.42 -39.33
C GLU F 126 -34.59 -71.87 -37.97
N GLY F 127 -34.20 -71.17 -36.90
CA GLY F 127 -34.81 -71.42 -35.61
C GLY F 127 -36.29 -71.08 -35.60
N TYR F 128 -36.68 -70.01 -36.30
CA TYR F 128 -38.09 -69.67 -36.42
C TYR F 128 -38.83 -70.75 -37.20
N ARG F 129 -38.17 -71.36 -38.18
CA ARG F 129 -38.83 -72.38 -38.99
C ARG F 129 -39.21 -73.60 -38.17
N VAL F 130 -38.41 -73.93 -37.15
CA VAL F 130 -38.60 -75.17 -36.41
C VAL F 130 -39.38 -74.94 -35.12
N ASN F 131 -39.28 -73.74 -34.55
CA ASN F 131 -39.92 -73.44 -33.28
C ASN F 131 -41.02 -72.39 -33.38
N GLY F 132 -41.11 -71.66 -34.49
CA GLY F 132 -42.02 -70.55 -34.57
C GLY F 132 -41.37 -69.27 -34.07
N GLY F 133 -41.85 -68.15 -34.61
CA GLY F 133 -41.32 -66.86 -34.25
C GLY F 133 -42.20 -65.73 -34.75
N PRO F 134 -41.56 -64.64 -35.18
CA PRO F 134 -42.33 -63.46 -35.62
C PRO F 134 -43.30 -63.73 -36.75
N ALA F 135 -42.94 -64.57 -37.71
CA ALA F 135 -43.79 -64.78 -38.87
C ALA F 135 -44.99 -65.65 -38.54
N GLY F 136 -44.87 -66.50 -37.52
CA GLY F 136 -46.01 -67.29 -37.11
C GLY F 136 -45.57 -68.48 -36.29
N GLU F 137 -46.58 -69.16 -35.75
CA GLU F 137 -46.36 -70.38 -34.97
C GLU F 137 -46.31 -71.60 -35.89
N VAL F 138 -45.71 -72.67 -35.38
CA VAL F 138 -45.53 -73.89 -36.16
C VAL F 138 -46.73 -74.79 -35.93
N VAL F 139 -47.39 -75.19 -37.02
CA VAL F 139 -48.40 -76.22 -36.97
C VAL F 139 -47.95 -77.35 -37.89
N ASP F 140 -47.79 -77.05 -39.17
CA ASP F 140 -47.20 -77.98 -40.13
C ASP F 140 -45.77 -77.56 -40.36
N PRO F 141 -44.77 -78.39 -40.03
CA PRO F 141 -43.38 -77.94 -40.11
C PRO F 141 -42.94 -77.50 -41.50
N ILE F 142 -43.54 -78.04 -42.55
CA ILE F 142 -43.14 -77.69 -43.92
C ILE F 142 -44.21 -76.96 -44.69
N TYR F 143 -45.43 -76.89 -44.18
CA TYR F 143 -46.54 -76.17 -44.84
C TYR F 143 -47.18 -75.21 -43.87
N PRO F 144 -46.47 -74.15 -43.48
CA PRO F 144 -47.03 -73.23 -42.48
C PRO F 144 -48.20 -72.42 -43.00
N GLY F 145 -48.08 -71.87 -44.21
CA GLY F 145 -49.16 -71.04 -44.73
C GLY F 145 -49.30 -69.75 -43.93
N GLU F 146 -50.54 -69.27 -43.86
CA GLU F 146 -50.88 -68.04 -43.17
C GLU F 146 -50.05 -66.87 -43.70
N ALA F 147 -49.05 -66.44 -42.92
CA ALA F 147 -48.19 -65.36 -43.37
C ALA F 147 -47.40 -65.76 -44.60
N PHE F 148 -47.16 -67.05 -44.79
CA PHE F 148 -46.39 -67.54 -45.93
C PHE F 148 -47.27 -67.94 -47.10
N ASP F 149 -48.57 -67.71 -47.01
CA ASP F 149 -49.47 -67.86 -48.15
C ASP F 149 -50.37 -66.64 -48.23
N PRO F 150 -49.78 -65.45 -48.42
CA PRO F 150 -50.61 -64.23 -48.43
C PRO F 150 -51.61 -64.19 -49.57
N LEU F 151 -51.25 -64.70 -50.74
CA LEU F 151 -52.18 -64.72 -51.86
C LEU F 151 -53.32 -65.70 -51.66
N GLY F 152 -53.22 -66.61 -50.69
CA GLY F 152 -54.28 -67.57 -50.45
C GLY F 152 -54.50 -68.52 -51.61
N LEU F 153 -53.42 -68.89 -52.29
CA LEU F 153 -53.51 -69.83 -53.43
C LEU F 153 -53.81 -71.23 -52.89
N ALA F 154 -53.52 -71.48 -51.62
CA ALA F 154 -53.75 -72.81 -51.02
C ALA F 154 -55.01 -72.78 -50.14
N ASP F 155 -55.81 -71.71 -50.25
CA ASP F 155 -57.02 -71.58 -49.39
C ASP F 155 -57.92 -72.80 -49.61
N ASP F 156 -58.19 -73.15 -50.87
CA ASP F 156 -59.03 -74.34 -51.18
C ASP F 156 -58.25 -75.61 -50.82
N PRO F 157 -58.79 -76.52 -49.99
CA PRO F 157 -58.07 -77.71 -49.57
C PRO F 157 -57.70 -78.59 -50.78
N ASP F 158 -58.66 -78.81 -51.68
CA ASP F 158 -58.42 -79.67 -52.87
C ASP F 158 -57.29 -79.07 -53.70
N THR F 159 -57.32 -77.74 -53.91
CA THR F 159 -56.29 -77.08 -54.74
C THR F 159 -54.92 -77.27 -54.08
N LEU F 160 -54.85 -77.10 -52.75
CA LEU F 160 -53.56 -77.25 -52.02
C LEU F 160 -53.04 -78.67 -52.27
N ALA F 161 -53.89 -79.68 -52.11
CA ALA F 161 -53.47 -81.07 -52.36
C ALA F 161 -52.79 -81.14 -53.74
N GLU F 162 -53.49 -80.66 -54.78
CA GLU F 162 -52.92 -80.68 -56.12
C GLU F 162 -51.66 -79.83 -56.19
N LEU F 163 -51.71 -78.63 -55.58
CA LEU F 163 -50.56 -77.74 -55.64
C LEU F 163 -49.39 -78.29 -54.83
N LYS F 164 -49.66 -79.13 -53.84
CA LYS F 164 -48.59 -79.78 -53.10
C LYS F 164 -47.76 -80.67 -54.02
N VAL F 165 -48.42 -81.41 -54.90
CA VAL F 165 -47.71 -82.24 -55.86
C VAL F 165 -46.90 -81.37 -56.80
N LYS F 166 -47.49 -80.26 -57.26
CA LYS F 166 -46.80 -79.38 -58.20
C LYS F 166 -45.52 -78.82 -57.61
N GLU F 167 -45.53 -78.53 -56.30
CA GLU F 167 -44.33 -77.98 -55.67
C GLU F 167 -43.20 -79.00 -55.62
N ILE F 168 -43.51 -80.22 -55.17
CA ILE F 168 -42.46 -81.22 -55.02
C ILE F 168 -41.94 -81.66 -56.38
N LYS F 169 -42.82 -81.70 -57.39
CA LYS F 169 -42.40 -82.13 -58.72
C LYS F 169 -41.49 -81.09 -59.37
N ASN F 170 -41.89 -79.81 -59.31
CA ASN F 170 -40.96 -78.76 -59.74
C ASN F 170 -39.72 -78.75 -58.86
N GLY F 171 -39.88 -79.06 -57.58
CA GLY F 171 -38.73 -79.12 -56.68
C GLY F 171 -37.80 -80.28 -57.01
N ARG F 172 -38.36 -81.46 -57.25
CA ARG F 172 -37.54 -82.62 -57.58
C ARG F 172 -36.78 -82.39 -58.87
N LEU F 173 -37.45 -81.82 -59.87
CA LEU F 173 -36.79 -81.49 -61.12
C LEU F 173 -35.64 -80.51 -60.89
N ALA F 174 -35.85 -79.53 -60.00
CA ALA F 174 -34.80 -78.58 -59.70
C ALA F 174 -33.61 -79.25 -59.02
N MET F 175 -33.88 -80.19 -58.11
CA MET F 175 -32.80 -80.88 -57.42
C MET F 175 -31.93 -81.65 -58.41
N VAL F 176 -32.55 -82.33 -59.36
CA VAL F 176 -31.79 -83.07 -60.37
C VAL F 176 -31.00 -82.10 -61.23
N SER F 177 -31.66 -81.07 -61.74
CA SER F 177 -31.01 -80.11 -62.63
C SER F 177 -29.91 -79.35 -61.91
N MET F 178 -30.15 -78.98 -60.65
CA MET F 178 -29.12 -78.30 -59.87
C MET F 178 -27.94 -79.24 -59.61
N PHE F 179 -28.23 -80.52 -59.39
CA PHE F 179 -27.17 -81.51 -59.31
C PHE F 179 -26.39 -81.57 -60.61
N GLY F 180 -27.09 -81.39 -61.74
CA GLY F 180 -26.40 -81.29 -63.01
C GLY F 180 -25.49 -80.08 -63.09
N PHE F 181 -25.96 -78.94 -62.56
CA PHE F 181 -25.15 -77.72 -62.56
C PHE F 181 -23.81 -77.96 -61.88
N PHE F 182 -23.82 -78.70 -60.78
CA PHE F 182 -22.56 -79.00 -60.08
C PHE F 182 -21.63 -79.81 -60.97
N ILE F 183 -22.14 -80.88 -61.56
CA ILE F 183 -21.28 -81.78 -62.33
C ILE F 183 -20.81 -81.11 -63.61
N GLN F 184 -21.73 -80.40 -64.29
CA GLN F 184 -21.36 -79.74 -65.54
C GLN F 184 -20.32 -78.67 -65.30
N ALA F 185 -20.39 -77.98 -64.17
CA ALA F 185 -19.37 -77.01 -63.83
C ALA F 185 -18.02 -77.68 -63.64
N ILE F 186 -18.01 -78.81 -62.93
CA ILE F 186 -16.75 -79.54 -62.65
C ILE F 186 -16.17 -80.05 -63.97
N VAL F 187 -17.03 -80.50 -64.89
CA VAL F 187 -16.54 -81.08 -66.17
C VAL F 187 -16.38 -79.96 -67.21
N THR F 188 -17.48 -79.36 -67.65
CA THR F 188 -17.41 -78.33 -68.72
C THR F 188 -16.58 -77.13 -68.23
N GLY F 189 -16.71 -76.77 -66.96
CA GLY F 189 -16.00 -75.57 -66.46
C GLY F 189 -16.66 -74.31 -66.97
N LYS F 190 -17.86 -74.43 -67.53
CA LYS F 190 -18.58 -73.26 -68.09
C LYS F 190 -19.99 -73.22 -67.50
N GLY F 191 -20.56 -72.01 -67.37
CA GLY F 191 -21.91 -71.86 -66.78
C GLY F 191 -22.95 -72.67 -67.53
N PRO F 192 -24.03 -73.14 -66.87
CA PRO F 192 -25.06 -73.96 -67.52
C PRO F 192 -25.73 -73.28 -68.70
N VAL F 193 -25.89 -71.96 -68.64
CA VAL F 193 -26.43 -71.22 -69.78
C VAL F 193 -25.47 -71.32 -70.96
N GLN F 194 -24.18 -71.19 -70.68
CA GLN F 194 -23.14 -71.33 -71.74
C GLN F 194 -23.19 -72.75 -72.29
N ASN F 195 -23.14 -73.75 -71.40
CA ASN F 195 -23.14 -75.17 -71.83
C ASN F 195 -24.36 -75.41 -72.72
N LEU F 196 -25.53 -74.92 -72.30
CA LEU F 196 -26.77 -75.09 -73.10
C LEU F 196 -26.56 -74.47 -74.48
N SER F 197 -26.14 -73.19 -74.52
CA SER F 197 -25.94 -72.49 -75.82
C SER F 197 -25.07 -73.36 -76.73
N ASP F 198 -23.96 -73.87 -76.19
CA ASP F 198 -23.02 -74.69 -77.02
C ASP F 198 -23.77 -75.88 -77.61
N HIS F 199 -24.45 -76.66 -76.78
CA HIS F 199 -25.15 -77.87 -77.28
C HIS F 199 -26.19 -77.45 -78.32
N LEU F 200 -26.99 -76.43 -78.02
CA LEU F 200 -28.06 -76.03 -78.96
C LEU F 200 -27.43 -75.60 -80.29
N ALA F 201 -26.27 -74.93 -80.22
CA ALA F 201 -25.56 -74.51 -81.45
C ALA F 201 -25.20 -75.75 -82.27
N SER F 202 -24.56 -76.74 -81.63
CA SER F 202 -24.18 -78.00 -82.33
C SER F 202 -24.47 -79.19 -81.42
N PRO F 203 -25.71 -79.71 -81.38
CA PRO F 203 -26.05 -80.81 -80.45
C PRO F 203 -25.32 -82.10 -80.82
N SER F 204 -24.57 -82.08 -81.93
CA SER F 204 -23.86 -83.31 -82.39
C SER F 204 -22.43 -83.34 -81.84
N THR F 205 -21.78 -82.18 -81.73
CA THR F 205 -20.36 -82.15 -81.28
C THR F 205 -20.25 -81.50 -79.90
N ASP F 206 -21.11 -80.51 -79.62
CA ASP F 206 -21.02 -79.77 -78.33
C ASP F 206 -21.76 -80.57 -77.24
N ASN F 207 -21.71 -81.89 -77.34
CA ASN F 207 -22.34 -82.75 -76.28
C ASN F 207 -21.26 -83.25 -75.33
N PHE F 208 -21.65 -83.84 -74.20
CA PHE F 208 -20.67 -84.32 -73.20
C PHE F 208 -19.82 -85.45 -73.77
N TYR F 209 -20.43 -86.33 -74.57
CA TYR F 209 -19.71 -87.50 -75.12
C TYR F 209 -18.66 -87.04 -76.12
N SER F 210 -19.05 -86.15 -77.05
CA SER F 210 -18.10 -85.65 -78.08
C SER F 210 -16.92 -84.98 -77.38
N LEU F 211 -17.19 -84.15 -76.36
CA LEU F 211 -16.09 -83.51 -75.58
C LEU F 211 -15.83 -84.36 -74.34
N TYR F 212 -15.04 -83.84 -73.39
CA TYR F 212 -14.84 -84.56 -72.10
C TYR F 212 -14.98 -86.06 -72.29
N ALA F 213 -16.03 -86.66 -71.70
CA ALA F 213 -16.28 -88.11 -71.84
C ALA F 213 -15.00 -88.89 -71.52
N LYS F 214 -14.29 -89.36 -72.55
CA LYS F 214 -13.07 -90.17 -72.34
C LYS F 214 -12.08 -89.40 -71.45
N THR F 215 -12.13 -88.07 -71.52
CA THR F 215 -11.19 -87.23 -70.73
C THR F 215 -11.34 -87.56 -69.25
N LEU F 216 -12.57 -87.82 -68.79
CA LEU F 216 -12.82 -88.12 -67.36
C LEU F 216 -12.01 -89.35 -66.96
N ALA F 217 -12.05 -90.39 -67.79
CA ALA F 217 -11.25 -91.61 -67.51
C ALA F 217 -11.70 -92.23 -66.18
N GLU G 1 9.28 -17.03 52.79
CA GLU G 1 10.02 -17.80 53.78
C GLU G 1 11.52 -17.55 53.66
N SER G 2 12.06 -17.73 52.44
CA SER G 2 13.51 -17.54 52.21
C SER G 2 13.90 -16.09 52.49
N THR G 3 14.98 -15.88 53.25
CA THR G 3 15.42 -14.51 53.61
C THR G 3 16.77 -14.21 52.95
N SER G 4 17.59 -15.23 52.73
CA SER G 4 18.93 -15.03 52.12
C SER G 4 18.77 -14.52 50.68
N LEU G 5 19.71 -13.71 50.21
CA LEU G 5 19.67 -13.20 48.81
C LEU G 5 19.76 -14.39 47.85
N TRP G 6 20.73 -15.27 48.06
CA TRP G 6 20.93 -16.42 47.13
C TRP G 6 19.72 -17.35 47.20
N ALA G 7 19.18 -17.57 48.40
CA ALA G 7 18.01 -18.44 48.56
C ALA G 7 16.83 -17.84 47.78
N ARG G 8 16.70 -16.52 47.82
CA ARG G 8 15.60 -15.83 47.08
C ARG G 8 15.94 -15.80 45.59
N PHE G 9 17.22 -15.62 45.24
CA PHE G 9 17.60 -15.63 43.83
C PHE G 9 17.39 -17.01 43.21
N CYS G 10 17.78 -18.06 43.94
CA CYS G 10 17.64 -19.40 43.39
C CYS G 10 16.17 -19.79 43.25
N GLU G 11 15.31 -19.31 44.15
CA GLU G 11 13.88 -19.54 44.00
C GLU G 11 13.32 -18.84 42.77
N TRP G 12 13.76 -17.61 42.51
CA TRP G 12 13.29 -16.90 41.34
C TRP G 12 13.79 -17.55 40.05
N VAL G 13 15.04 -18.00 40.03
CA VAL G 13 15.62 -18.59 38.83
C VAL G 13 14.89 -19.87 38.46
N THR G 14 14.59 -20.71 39.44
CA THR G 14 13.91 -21.98 39.20
C THR G 14 12.41 -21.86 39.30
N SER G 15 11.88 -20.64 39.44
CA SER G 15 10.44 -20.46 39.58
C SER G 15 9.74 -20.88 38.30
N THR G 16 8.67 -21.67 38.44
CA THR G 16 7.84 -22.06 37.32
C THR G 16 6.70 -21.09 37.09
N GLU G 17 6.64 -20.00 37.85
CA GLU G 17 5.64 -18.98 37.65
C GLU G 17 6.09 -17.88 36.71
N ASN G 18 7.35 -17.90 36.26
CA ASN G 18 7.80 -16.95 35.27
C ASN G 18 7.13 -17.26 33.94
N ARG G 19 6.87 -16.21 33.16
CA ARG G 19 6.25 -16.39 31.85
C ARG G 19 7.10 -17.28 30.96
N LEU G 20 8.41 -17.03 30.95
CA LEU G 20 9.39 -17.90 30.30
C LEU G 20 10.28 -18.47 31.38
N TYR G 21 10.39 -19.79 31.44
CA TYR G 21 11.22 -20.42 32.45
C TYR G 21 12.69 -20.05 32.23
N ILE G 22 13.38 -19.70 33.31
CA ILE G 22 14.78 -19.34 33.22
C ILE G 22 15.64 -20.53 33.60
N GLY G 23 15.55 -20.97 34.85
CA GLY G 23 16.36 -22.08 35.31
C GLY G 23 17.83 -21.77 35.26
N TRP G 24 18.63 -22.75 35.69
CA TRP G 24 20.08 -22.55 35.74
C TRP G 24 20.71 -22.65 34.37
N PHE G 25 20.16 -23.48 33.49
CA PHE G 25 20.63 -23.49 32.11
C PHE G 25 20.23 -22.21 31.40
N GLY G 26 19.23 -21.50 31.91
CA GLY G 26 18.82 -20.26 31.29
C GLY G 26 19.72 -19.09 31.61
N VAL G 27 20.42 -19.13 32.75
CA VAL G 27 21.39 -18.08 33.03
C VAL G 27 22.60 -18.24 32.11
N LEU G 28 22.75 -19.38 31.47
CA LEU G 28 23.72 -19.57 30.40
C LEU G 28 23.11 -19.38 29.02
N MET G 29 21.86 -19.82 28.82
CA MET G 29 21.23 -19.73 27.51
C MET G 29 20.92 -18.30 27.13
N ILE G 30 20.32 -17.54 28.05
CA ILE G 30 19.84 -16.19 27.73
C ILE G 30 20.99 -15.26 27.35
N PRO G 31 22.05 -15.12 28.16
CA PRO G 31 23.13 -14.21 27.75
C PRO G 31 23.84 -14.62 26.47
N THR G 32 24.03 -15.92 26.25
CA THR G 32 24.72 -16.36 25.04
C THR G 32 23.86 -16.16 23.81
N LEU G 33 22.58 -16.51 23.88
CA LEU G 33 21.72 -16.40 22.71
C LEU G 33 21.40 -14.94 22.39
N LEU G 34 21.28 -14.09 23.41
CA LEU G 34 21.09 -12.67 23.16
C LEU G 34 22.33 -12.04 22.55
N THR G 35 23.51 -12.46 23.00
CA THR G 35 24.75 -11.95 22.42
C THR G 35 24.85 -12.34 20.94
N ALA G 36 24.59 -13.61 20.64
CA ALA G 36 24.64 -14.06 19.26
C ALA G 36 23.55 -13.40 18.42
N THR G 37 22.35 -13.23 18.99
CA THR G 37 21.27 -12.59 18.26
C THR G 37 21.60 -11.15 17.91
N SER G 38 22.18 -10.41 18.87
CA SER G 38 22.48 -9.01 18.65
C SER G 38 23.50 -8.83 17.53
N VAL G 39 24.60 -9.58 17.60
CA VAL G 39 25.64 -9.42 16.59
C VAL G 39 25.15 -9.93 15.24
N PHE G 40 24.34 -10.99 15.24
CA PHE G 40 23.83 -11.53 13.97
C PHE G 40 22.98 -10.50 13.24
N ILE G 41 22.06 -9.86 13.95
CA ILE G 41 21.18 -8.89 13.31
C ILE G 41 21.99 -7.69 12.83
N ILE G 42 22.92 -7.21 13.66
CA ILE G 42 23.76 -6.09 13.27
C ILE G 42 24.64 -6.46 12.08
N ALA G 43 25.24 -7.65 12.11
CA ALA G 43 26.13 -8.05 11.03
C ALA G 43 25.36 -8.36 9.75
N PHE G 44 24.17 -8.94 9.87
CA PHE G 44 23.40 -9.24 8.66
C PHE G 44 22.96 -7.98 7.95
N ILE G 45 22.87 -6.85 8.65
CA ILE G 45 22.41 -5.61 8.06
C ILE G 45 23.58 -4.73 7.64
N ALA G 46 24.62 -4.63 8.46
CA ALA G 46 25.64 -3.60 8.23
C ALA G 46 27.05 -4.16 8.40
N ALA G 47 27.27 -5.40 7.99
CA ALA G 47 28.68 -5.72 8.19
C ALA G 47 29.47 -5.54 6.91
N PRO G 48 30.73 -5.13 7.00
CA PRO G 48 31.55 -4.95 5.79
C PRO G 48 31.88 -6.30 5.16
N PRO G 49 32.35 -6.30 3.91
CA PRO G 49 32.72 -7.57 3.28
C PRO G 49 33.84 -8.28 4.03
N VAL G 50 33.83 -9.60 3.95
CA VAL G 50 34.72 -10.45 4.71
C VAL G 50 35.58 -11.26 3.75
N ASP G 51 36.88 -11.30 4.02
CA ASP G 51 37.84 -12.07 3.23
C ASP G 51 37.79 -13.51 3.73
N ILE G 52 36.84 -14.28 3.20
CA ILE G 52 36.62 -15.64 3.71
C ILE G 52 37.75 -16.59 3.34
N ASP G 53 38.26 -16.53 2.13
CA ASP G 53 39.24 -17.51 1.67
C ASP G 53 40.66 -17.18 2.07
N GLY G 54 40.88 -16.08 2.79
CA GLY G 54 42.23 -15.70 3.14
C GLY G 54 43.08 -15.21 1.98
N ILE G 55 42.48 -15.04 0.81
CA ILE G 55 43.20 -14.60 -0.37
C ILE G 55 42.95 -13.12 -0.67
N ARG G 56 42.58 -12.35 0.35
CA ARG G 56 42.37 -10.91 0.22
C ARG G 56 41.33 -10.58 -0.83
N GLU G 57 40.26 -11.38 -0.89
CA GLU G 57 39.14 -11.17 -1.79
C GLU G 57 37.86 -11.14 -0.96
N PRO G 58 37.48 -9.99 -0.44
CA PRO G 58 36.33 -9.93 0.47
C PRO G 58 35.02 -10.27 -0.23
N VAL G 59 34.12 -10.88 0.53
CA VAL G 59 32.82 -11.31 0.03
C VAL G 59 31.74 -10.56 0.79
N SER G 60 30.91 -9.83 0.07
CA SER G 60 29.86 -9.03 0.70
C SER G 60 28.70 -9.91 1.12
N GLY G 61 28.24 -9.72 2.36
CA GLY G 61 27.14 -10.53 2.86
C GLY G 61 26.08 -9.75 3.58
N SER G 62 26.14 -8.43 3.52
CA SER G 62 25.25 -7.55 4.28
C SER G 62 24.21 -6.92 3.38
N LEU G 63 23.07 -6.57 3.99
CA LEU G 63 22.00 -5.92 3.25
C LEU G 63 22.42 -4.54 2.75
N LEU G 64 23.13 -3.80 3.57
CA LEU G 64 23.56 -2.46 3.18
C LEU G 64 24.69 -2.49 2.23
N TYR G 65 25.17 -3.66 1.84
CA TYR G 65 26.27 -3.75 0.90
C TYR G 65 25.87 -4.41 -0.41
N GLY G 66 24.58 -4.43 -0.73
CA GLY G 66 24.11 -4.90 -2.01
C GLY G 66 23.46 -6.26 -2.05
N ASN G 67 23.22 -6.89 -0.90
CA ASN G 67 22.57 -8.18 -0.87
C ASN G 67 21.10 -8.03 -0.53
N ASN G 68 20.31 -9.02 -0.92
CA ASN G 68 18.93 -9.11 -0.49
C ASN G 68 18.84 -10.15 0.62
N ILE G 69 17.62 -10.48 1.02
CA ILE G 69 17.43 -11.43 2.12
C ILE G 69 17.94 -12.80 1.75
N ILE G 70 17.76 -13.23 0.50
CA ILE G 70 18.22 -14.55 0.09
C ILE G 70 19.73 -14.62 0.01
N THR G 71 20.37 -13.60 -0.56
CA THR G 71 21.81 -13.66 -0.74
C THR G 71 22.59 -13.12 0.44
N GLY G 72 21.93 -12.45 1.39
CA GLY G 72 22.64 -11.98 2.56
C GLY G 72 23.09 -13.11 3.45
N ALA G 73 24.24 -12.91 4.09
CA ALA G 73 24.79 -13.95 4.96
C ALA G 73 25.85 -13.35 5.85
N ILE G 74 26.11 -14.01 6.97
CA ILE G 74 27.28 -13.71 7.79
C ILE G 74 28.39 -14.62 7.28
N ILE G 75 29.43 -14.01 6.71
CA ILE G 75 30.48 -14.78 6.05
C ILE G 75 31.34 -15.46 7.11
N PRO G 76 31.74 -16.72 6.92
CA PRO G 76 32.62 -17.36 7.89
C PRO G 76 33.95 -16.65 8.06
N THR G 77 34.66 -17.04 9.11
CA THR G 77 35.95 -16.43 9.42
C THR G 77 36.95 -16.70 8.31
N SER G 78 37.95 -15.84 8.22
CA SER G 78 38.95 -15.93 7.16
C SER G 78 39.72 -17.25 7.25
N ASN G 79 40.14 -17.73 6.08
CA ASN G 79 40.95 -18.95 6.04
C ASN G 79 42.33 -18.72 6.65
N ALA G 80 42.81 -17.48 6.67
CA ALA G 80 44.06 -17.18 7.35
C ALA G 80 43.97 -17.45 8.83
N ILE G 81 42.81 -17.16 9.43
CA ILE G 81 42.60 -17.45 10.84
C ILE G 81 42.67 -18.96 11.09
N GLY G 82 41.99 -19.73 10.27
CA GLY G 82 41.94 -21.17 10.50
C GLY G 82 41.02 -21.48 11.68
N LEU G 83 41.47 -22.36 12.56
CA LEU G 83 40.75 -22.69 13.78
C LEU G 83 41.17 -21.83 14.94
N HIS G 84 42.04 -20.85 14.72
CA HIS G 84 42.53 -20.03 15.81
C HIS G 84 41.42 -19.20 16.41
N PHE G 85 41.47 -19.05 17.73
CA PHE G 85 40.50 -18.23 18.42
C PHE G 85 40.69 -16.77 18.05
N TYR G 86 39.61 -16.11 17.65
CA TYR G 86 39.67 -14.73 17.17
C TYR G 86 38.58 -13.91 17.85
N PRO G 87 38.74 -13.62 19.14
CA PRO G 87 37.81 -12.69 19.80
C PRO G 87 38.10 -11.27 19.36
N ILE G 88 37.16 -10.38 19.67
CA ILE G 88 37.31 -9.00 19.20
C ILE G 88 38.52 -8.35 19.85
N TRP G 89 38.92 -8.81 21.03
CA TRP G 89 40.05 -8.20 21.72
C TRP G 89 41.40 -8.68 21.20
N GLU G 90 41.43 -9.73 20.39
CA GLU G 90 42.67 -10.17 19.76
C GLU G 90 42.93 -9.46 18.44
N ALA G 91 42.03 -8.58 18.02
CA ALA G 91 42.21 -7.78 16.82
C ALA G 91 42.67 -6.38 17.18
N ALA G 92 43.54 -5.81 16.36
CA ALA G 92 44.05 -4.48 16.63
C ALA G 92 42.93 -3.45 16.60
N SER G 93 42.00 -3.58 15.65
CA SER G 93 40.90 -2.66 15.51
C SER G 93 39.64 -3.45 15.21
N LEU G 94 38.49 -2.86 15.50
CA LEU G 94 37.22 -3.48 15.16
C LEU G 94 37.02 -3.56 13.65
N ASP G 95 37.68 -2.69 12.88
CA ASP G 95 37.66 -2.81 11.43
C ASP G 95 38.38 -4.07 10.98
N GLU G 96 39.51 -4.38 11.60
CA GLU G 96 40.23 -5.61 11.28
C GLU G 96 39.43 -6.83 11.68
N TRP G 97 38.76 -6.77 12.83
CA TRP G 97 37.93 -7.89 13.28
C TRP G 97 36.81 -8.17 12.28
N LEU G 98 36.18 -7.12 11.76
CA LEU G 98 35.12 -7.29 10.77
C LEU G 98 35.67 -7.82 9.47
N TYR G 99 36.86 -7.37 9.07
CA TYR G 99 37.43 -7.77 7.78
C TYR G 99 37.77 -9.25 7.76
N ASN G 100 38.24 -9.78 8.89
CA ASN G 100 38.69 -11.16 8.96
C ASN G 100 37.58 -12.14 9.30
N GLY G 101 36.34 -11.69 9.35
CA GLY G 101 35.25 -12.59 9.68
C GLY G 101 35.10 -12.86 11.16
N GLY G 102 35.39 -11.87 11.98
CA GLY G 102 35.22 -11.99 13.41
C GLY G 102 33.82 -12.31 13.86
N PRO G 103 32.80 -11.60 13.34
CA PRO G 103 31.44 -11.83 13.82
C PRO G 103 30.96 -13.26 13.70
N TYR G 104 31.48 -14.01 12.73
CA TYR G 104 31.06 -15.40 12.56
C TYR G 104 31.46 -16.24 13.78
N GLN G 105 32.69 -16.10 14.23
CA GLN G 105 33.14 -16.86 15.39
C GLN G 105 32.40 -16.46 16.65
N LEU G 106 32.14 -15.17 16.81
CA LEU G 106 31.39 -14.72 17.97
C LEU G 106 29.99 -15.31 17.98
N ILE G 107 29.33 -15.35 16.82
CA ILE G 107 28.00 -15.94 16.75
C ILE G 107 28.06 -17.44 17.00
N VAL G 108 28.96 -18.12 16.30
CA VAL G 108 28.98 -19.59 16.36
C VAL G 108 29.35 -20.07 17.75
N CYS G 109 30.33 -19.41 18.38
CA CYS G 109 30.75 -19.85 19.71
C CYS G 109 29.65 -19.61 20.75
N HIS G 110 29.02 -18.44 20.73
CA HIS G 110 27.95 -18.18 21.68
C HIS G 110 26.69 -18.99 21.32
N PHE G 111 26.47 -19.24 20.02
CA PHE G 111 25.29 -20.00 19.62
C PHE G 111 25.40 -21.47 20.02
N PHE G 112 26.59 -22.04 19.91
CA PHE G 112 26.77 -23.43 20.34
C PHE G 112 26.50 -23.59 21.82
N LEU G 113 26.95 -22.63 22.63
CA LEU G 113 26.63 -22.65 24.05
C LEU G 113 25.15 -22.44 24.28
N GLY G 114 24.49 -21.65 23.44
CA GLY G 114 23.07 -21.42 23.61
C GLY G 114 22.22 -22.64 23.38
N VAL G 115 22.50 -23.41 22.32
CA VAL G 115 21.70 -24.59 22.02
C VAL G 115 21.97 -25.70 23.03
N CYS G 116 23.21 -25.82 23.49
CA CYS G 116 23.50 -26.78 24.54
C CYS G 116 22.77 -26.42 25.83
N SER G 117 22.71 -25.12 26.15
CA SER G 117 21.97 -24.70 27.33
C SER G 117 20.46 -24.74 27.10
N TYR G 118 20.02 -24.50 25.86
CA TYR G 118 18.61 -24.67 25.54
C TYR G 118 18.18 -26.11 25.72
N MET G 119 19.06 -27.06 25.38
CA MET G 119 18.76 -28.46 25.59
C MET G 119 18.65 -28.79 27.07
N GLY G 120 19.56 -28.26 27.88
CA GLY G 120 19.47 -28.48 29.31
C GLY G 120 18.28 -27.79 29.93
N ARG G 121 17.94 -26.60 29.42
CA ARG G 121 16.78 -25.88 29.92
C ARG G 121 15.49 -26.65 29.64
N GLU G 122 15.45 -27.42 28.54
CA GLU G 122 14.30 -28.27 28.29
C GLU G 122 14.19 -29.38 29.33
N TRP G 123 15.33 -29.98 29.71
CA TRP G 123 15.29 -30.96 30.78
C TRP G 123 14.83 -30.33 32.09
N GLU G 124 15.33 -29.13 32.38
CA GLU G 124 15.10 -28.53 33.70
C GLU G 124 13.63 -28.26 33.93
N LEU G 125 12.93 -27.72 32.93
CA LEU G 125 11.51 -27.44 33.10
C LEU G 125 10.72 -28.73 33.27
N SER G 126 11.11 -29.80 32.57
CA SER G 126 10.42 -31.07 32.74
C SER G 126 10.56 -31.58 34.16
N PHE G 127 11.75 -31.43 34.73
CA PHE G 127 11.96 -31.84 36.12
C PHE G 127 11.16 -30.98 37.08
N ARG G 128 11.06 -29.68 36.80
CA ARG G 128 10.29 -28.79 37.68
C ARG G 128 8.79 -29.05 37.57
N LEU G 129 8.33 -29.53 36.41
CA LEU G 129 6.92 -29.83 36.22
C LEU G 129 6.57 -31.28 36.50
N GLY G 130 7.55 -32.11 36.85
CA GLY G 130 7.27 -33.49 37.16
C GLY G 130 6.84 -34.34 35.98
N MET G 131 7.45 -34.14 34.81
CA MET G 131 7.19 -34.96 33.64
C MET G 131 8.46 -35.72 33.25
N ARG G 132 8.30 -36.65 32.31
CA ARG G 132 9.41 -37.49 31.92
C ARG G 132 10.45 -36.70 31.13
N PRO G 133 11.72 -36.97 31.35
CA PRO G 133 12.79 -36.07 30.92
C PRO G 133 13.43 -36.36 29.57
N TRP G 134 12.70 -36.63 28.50
CA TRP G 134 13.39 -37.01 27.28
C TRP G 134 12.99 -36.17 26.08
N ILE G 135 12.34 -35.04 26.29
CA ILE G 135 12.20 -34.07 25.21
C ILE G 135 13.55 -33.50 24.85
N ALA G 136 14.43 -33.33 25.83
CA ALA G 136 15.79 -32.85 25.55
C ALA G 136 16.57 -33.84 24.71
N VAL G 137 16.32 -35.14 24.87
CA VAL G 137 16.99 -36.15 24.06
C VAL G 137 16.56 -36.02 22.59
N ALA G 138 15.26 -35.81 22.37
CA ALA G 138 14.79 -35.58 21.00
C ALA G 138 15.35 -34.29 20.42
N TYR G 139 15.63 -33.31 21.28
CA TYR G 139 16.25 -32.07 20.83
C TYR G 139 17.75 -32.21 20.60
N SER G 140 18.36 -33.30 21.07
CA SER G 140 19.77 -33.51 20.80
C SER G 140 20.03 -33.78 19.32
N ALA G 141 19.02 -34.27 18.59
CA ALA G 141 19.22 -34.51 17.17
C ALA G 141 19.44 -33.22 16.38
N PRO G 142 18.58 -32.21 16.45
CA PRO G 142 18.91 -30.95 15.78
C PRO G 142 20.15 -30.26 16.35
N VAL G 143 20.42 -30.43 17.64
CA VAL G 143 21.63 -29.86 18.23
C VAL G 143 22.87 -30.48 17.62
N ALA G 144 22.85 -31.81 17.44
CA ALA G 144 23.99 -32.48 16.82
C ALA G 144 24.20 -31.99 15.40
N ALA G 145 23.12 -31.80 14.64
CA ALA G 145 23.25 -31.32 13.28
C ALA G 145 23.82 -29.90 13.24
N ALA G 146 23.33 -29.04 14.13
CA ALA G 146 23.87 -27.69 14.21
C ALA G 146 25.32 -27.69 14.66
N THR G 147 25.66 -28.57 15.61
CA THR G 147 27.03 -28.66 16.08
C THR G 147 27.95 -29.22 14.99
N ALA G 148 27.43 -30.11 14.15
CA ALA G 148 28.25 -30.71 13.12
C ALA G 148 28.64 -29.71 12.04
N VAL G 149 27.72 -28.85 11.62
CA VAL G 149 28.03 -27.94 10.52
C VAL G 149 28.69 -26.66 10.97
N PHE G 150 28.63 -26.31 12.26
CA PHE G 150 29.25 -25.10 12.76
C PHE G 150 30.54 -25.33 13.52
N ILE G 151 30.73 -26.52 14.10
CA ILE G 151 31.89 -26.76 14.94
C ILE G 151 32.73 -27.91 14.41
N ILE G 152 32.12 -29.08 14.28
CA ILE G 152 32.89 -30.30 14.02
C ILE G 152 33.44 -30.30 12.60
N TYR G 153 32.63 -29.92 11.63
CA TYR G 153 33.13 -29.86 10.26
C TYR G 153 34.25 -28.84 10.11
N PRO G 154 34.15 -27.62 10.62
CA PRO G 154 35.33 -26.75 10.65
C PRO G 154 36.51 -27.34 11.41
N LEU G 155 36.24 -28.09 12.47
CA LEU G 155 37.31 -28.68 13.26
C LEU G 155 38.11 -29.67 12.44
N GLY G 156 37.43 -30.61 11.79
CA GLY G 156 38.13 -31.61 11.00
C GLY G 156 38.80 -31.02 9.77
N GLN G 157 38.14 -30.05 9.14
CA GLN G 157 38.70 -29.46 7.92
C GLN G 157 39.85 -28.50 8.23
N GLY G 158 39.90 -27.98 9.45
CA GLY G 158 41.00 -27.14 9.88
C GLY G 158 40.74 -25.65 9.83
N SER G 159 39.53 -25.21 9.50
CA SER G 159 39.25 -23.79 9.39
C SER G 159 37.77 -23.54 9.61
N PHE G 160 37.47 -22.44 10.31
CA PHE G 160 36.10 -21.98 10.44
C PHE G 160 35.53 -21.47 9.13
N SER G 161 36.37 -21.20 8.14
CA SER G 161 35.87 -20.79 6.83
C SER G 161 35.08 -21.89 6.15
N ASP G 162 35.24 -23.14 6.59
CA ASP G 162 34.53 -24.27 6.03
C ASP G 162 33.23 -24.57 6.77
N GLY G 163 32.86 -23.76 7.74
CA GLY G 163 31.57 -23.90 8.36
C GLY G 163 30.47 -23.38 7.47
N MET G 164 29.24 -23.66 7.87
CA MET G 164 28.10 -23.22 7.08
C MET G 164 27.93 -21.71 7.25
N PRO G 165 27.89 -20.94 6.18
CA PRO G 165 27.59 -19.52 6.31
C PRO G 165 26.20 -19.31 6.88
N LEU G 166 26.05 -18.23 7.65
CA LEU G 166 24.78 -17.91 8.29
C LEU G 166 23.89 -17.13 7.32
N GLY G 167 23.47 -17.82 6.28
CA GLY G 167 22.63 -17.20 5.27
C GLY G 167 22.00 -18.26 4.39
N ILE G 168 21.04 -17.81 3.58
CA ILE G 168 20.29 -18.73 2.75
C ILE G 168 21.13 -19.20 1.56
N SER G 169 21.58 -18.27 0.73
CA SER G 169 22.46 -18.64 -0.38
C SER G 169 23.79 -19.19 0.13
N GLY G 170 24.24 -18.71 1.30
CA GLY G 170 25.44 -19.27 1.89
C GLY G 170 25.29 -20.73 2.26
N THR G 171 24.09 -21.12 2.69
CA THR G 171 23.83 -22.52 2.98
C THR G 171 23.94 -23.38 1.72
N PHE G 172 23.43 -22.88 0.60
CA PHE G 172 23.47 -23.65 -0.63
C PHE G 172 24.91 -23.84 -1.10
N ASN G 173 25.75 -22.82 -0.96
CA ASN G 173 27.15 -22.96 -1.29
C ASN G 173 27.81 -24.01 -0.41
N PHE G 174 27.40 -24.09 0.85
CA PHE G 174 27.93 -25.10 1.75
C PHE G 174 27.57 -26.51 1.26
N MET G 175 26.33 -26.71 0.82
CA MET G 175 25.90 -28.04 0.40
C MET G 175 26.57 -28.46 -0.90
N ILE G 176 26.68 -27.54 -1.86
CA ILE G 176 27.21 -27.89 -3.17
C ILE G 176 28.68 -28.25 -3.08
N VAL G 177 29.45 -27.45 -2.34
CA VAL G 177 30.86 -27.76 -2.14
C VAL G 177 31.01 -29.06 -1.35
N PHE G 178 30.10 -29.31 -0.42
CA PHE G 178 30.14 -30.53 0.37
C PHE G 178 29.94 -31.76 -0.52
N GLN G 179 29.03 -31.67 -1.47
CA GLN G 179 28.83 -32.79 -2.40
C GLN G 179 30.06 -33.02 -3.26
N ALA G 180 30.68 -31.95 -3.74
CA ALA G 180 31.82 -32.07 -4.63
C ALA G 180 33.03 -32.69 -3.95
N GLU G 181 33.19 -32.49 -2.65
CA GLU G 181 34.36 -32.96 -1.93
C GLU G 181 34.15 -34.27 -1.19
N HIS G 182 32.92 -34.56 -0.78
CA HIS G 182 32.64 -35.74 0.02
C HIS G 182 31.65 -36.69 -0.58
N ASN G 183 30.91 -36.30 -1.62
CA ASN G 183 29.86 -37.11 -2.21
C ASN G 183 28.85 -37.53 -1.14
N ILE G 184 28.25 -36.52 -0.51
CA ILE G 184 27.37 -36.76 0.63
C ILE G 184 26.12 -37.52 0.22
N LEU G 185 25.66 -37.34 -1.02
CA LEU G 185 24.46 -38.04 -1.46
C LEU G 185 24.65 -39.55 -1.43
N MET G 186 25.85 -40.03 -1.72
CA MET G 186 26.14 -41.45 -1.73
C MET G 186 26.54 -41.97 -0.36
N HIS G 187 26.54 -41.11 0.66
CA HIS G 187 26.85 -41.54 2.00
C HIS G 187 25.62 -42.15 2.64
N PRO G 188 25.73 -43.31 3.29
CA PRO G 188 24.53 -43.93 3.87
C PRO G 188 23.87 -43.12 4.97
N PHE G 189 24.55 -42.11 5.51
CA PHE G 189 23.98 -41.35 6.62
C PHE G 189 23.09 -40.21 6.14
N HIS G 190 23.46 -39.54 5.04
CA HIS G 190 22.50 -38.62 4.44
C HIS G 190 21.31 -39.40 3.89
N MET G 191 21.55 -40.65 3.46
CA MET G 191 20.45 -41.52 3.07
C MET G 191 19.51 -41.79 4.24
N LEU G 192 20.07 -42.05 5.42
CA LEU G 192 19.25 -42.20 6.61
C LEU G 192 18.63 -40.88 7.02
N GLY G 193 19.35 -39.78 6.84
CA GLY G 193 18.79 -38.48 7.11
C GLY G 193 17.61 -38.17 6.22
N VAL G 194 17.71 -38.50 4.93
CA VAL G 194 16.60 -38.27 4.01
C VAL G 194 15.41 -39.13 4.40
N ALA G 195 15.65 -40.41 4.73
CA ALA G 195 14.55 -41.24 5.22
C ALA G 195 13.99 -40.71 6.52
N GLY G 196 14.82 -40.04 7.33
CA GLY G 196 14.32 -39.45 8.55
C GLY G 196 13.34 -38.32 8.33
N VAL G 197 13.62 -37.46 7.35
CA VAL G 197 12.76 -36.30 7.11
C VAL G 197 11.65 -36.63 6.12
N PHE G 198 11.91 -37.44 5.11
CA PHE G 198 10.82 -37.91 4.27
C PHE G 198 9.86 -38.79 5.06
N GLY G 199 10.41 -39.70 5.86
CA GLY G 199 9.56 -40.52 6.71
C GLY G 199 8.86 -39.70 7.78
N GLY G 200 9.59 -38.79 8.42
CA GLY G 200 8.98 -37.93 9.42
C GLY G 200 7.89 -37.06 8.83
N SER G 201 8.10 -36.55 7.62
CA SER G 201 7.06 -35.81 6.93
C SER G 201 5.88 -36.72 6.59
N LEU G 202 6.17 -37.95 6.18
CA LEU G 202 5.08 -38.90 5.90
C LEU G 202 4.31 -39.22 7.17
N PHE G 203 5.02 -39.48 8.27
CA PHE G 203 4.35 -39.88 9.50
C PHE G 203 3.58 -38.73 10.11
N SER G 204 4.10 -37.51 9.98
CA SER G 204 3.37 -36.34 10.44
C SER G 204 2.07 -36.18 9.67
N ALA G 205 2.13 -36.35 8.35
CA ALA G 205 0.93 -36.22 7.53
C ALA G 205 -0.06 -37.35 7.83
N MET G 206 0.43 -38.57 7.99
CA MET G 206 -0.45 -39.69 8.27
C MET G 206 -1.09 -39.56 9.64
N HIS G 207 -0.29 -39.28 10.66
CA HIS G 207 -0.85 -39.14 12.00
C HIS G 207 -1.81 -37.97 12.07
N GLY G 208 -1.47 -36.85 11.44
CA GLY G 208 -2.36 -35.72 11.44
C GLY G 208 -3.65 -35.99 10.68
N SER G 209 -3.55 -36.68 9.55
CA SER G 209 -4.75 -36.98 8.76
C SER G 209 -5.60 -38.05 9.42
N LEU G 210 -4.97 -39.04 10.05
CA LEU G 210 -5.73 -40.08 10.73
C LEU G 210 -6.47 -39.57 11.95
N VAL G 211 -5.84 -38.70 12.74
CA VAL G 211 -6.53 -38.13 13.89
C VAL G 211 -7.63 -37.18 13.43
N THR G 212 -7.37 -36.38 12.41
CA THR G 212 -8.39 -35.46 11.90
C THR G 212 -9.57 -36.24 11.31
N SER G 213 -9.29 -37.36 10.64
CA SER G 213 -10.35 -38.18 10.07
C SER G 213 -11.23 -38.83 11.12
N SER G 214 -10.79 -38.90 12.38
CA SER G 214 -11.49 -39.63 13.41
C SER G 214 -12.06 -38.71 14.49
N LEU G 215 -12.24 -37.43 14.19
CA LEU G 215 -12.74 -36.50 15.20
C LEU G 215 -14.18 -36.83 15.54
N ILE G 216 -14.46 -36.94 16.83
CA ILE G 216 -15.81 -37.25 17.28
C ILE G 216 -16.68 -36.02 17.11
N ARG G 217 -17.86 -36.21 16.54
CA ARG G 217 -18.74 -35.09 16.23
C ARG G 217 -19.16 -34.38 17.51
N GLU G 218 -18.75 -33.12 17.64
CA GLU G 218 -19.10 -32.30 18.79
C GLU G 218 -19.45 -30.87 18.41
N THR G 219 -19.53 -30.56 17.12
CA THR G 219 -19.83 -29.21 16.66
C THR G 219 -20.78 -29.29 15.48
N THR G 220 -21.17 -28.14 14.97
CA THR G 220 -21.96 -28.03 13.77
C THR G 220 -21.05 -27.70 12.59
N GLU G 221 -21.64 -27.56 11.42
CA GLU G 221 -20.87 -27.30 10.21
C GLU G 221 -20.57 -25.83 9.99
N ASN G 222 -21.18 -24.93 10.76
CA ASN G 222 -20.87 -23.51 10.69
C ASN G 222 -19.80 -23.12 11.69
N GLU G 223 -19.18 -24.11 12.34
CA GLU G 223 -18.12 -23.83 13.33
C GLU G 223 -16.87 -24.65 12.98
N SER G 224 -15.69 -24.20 13.41
CA SER G 224 -14.46 -24.99 13.19
C SER G 224 -14.54 -26.29 14.00
N ALA G 225 -14.03 -27.39 13.46
CA ALA G 225 -14.01 -28.67 14.20
C ALA G 225 -13.16 -28.50 15.47
N ASN G 226 -12.19 -27.59 15.41
CA ASN G 226 -11.29 -27.34 16.58
C ASN G 226 -12.14 -26.97 17.78
N GLU G 227 -13.28 -26.31 17.56
CA GLU G 227 -14.14 -25.86 18.68
C GLU G 227 -14.66 -27.06 19.48
N GLY G 228 -14.67 -28.25 18.88
CA GLY G 228 -15.14 -29.44 19.58
C GLY G 228 -14.23 -29.87 20.71
N TYR G 229 -13.00 -29.38 20.72
CA TYR G 229 -12.05 -29.69 21.78
C TYR G 229 -11.95 -28.51 22.74
N LYS G 230 -12.05 -28.80 24.03
CA LYS G 230 -11.90 -27.81 25.08
C LYS G 230 -10.59 -28.08 25.80
N PHE G 231 -9.75 -27.06 25.92
CA PHE G 231 -8.46 -27.23 26.57
C PHE G 231 -8.66 -27.65 28.02
N GLY G 232 -8.12 -28.81 28.36
CA GLY G 232 -8.31 -29.40 29.67
C GLY G 232 -9.29 -30.55 29.70
N GLN G 233 -9.78 -30.99 28.54
CA GLN G 233 -10.70 -32.12 28.46
C GLN G 233 -10.09 -33.36 29.09
N GLU G 234 -10.89 -34.08 29.85
CA GLU G 234 -10.46 -35.34 30.41
C GLU G 234 -10.78 -36.52 29.50
N GLU G 235 -11.61 -36.33 28.49
CA GLU G 235 -11.99 -37.37 27.55
C GLU G 235 -11.27 -37.18 26.22
N GLU G 236 -11.22 -38.24 25.43
CA GLU G 236 -10.53 -38.21 24.16
C GLU G 236 -11.37 -37.50 23.09
N THR G 237 -10.70 -36.72 22.25
CA THR G 237 -11.37 -35.93 21.23
C THR G 237 -11.48 -36.64 19.90
N TYR G 238 -10.86 -37.80 19.74
CA TYR G 238 -11.00 -38.58 18.52
C TYR G 238 -10.98 -40.06 18.88
N ASN G 239 -11.52 -40.87 17.97
CA ASN G 239 -11.69 -42.30 18.21
C ASN G 239 -10.47 -43.04 17.66
N ILE G 240 -9.64 -43.54 18.56
CA ILE G 240 -8.41 -44.21 18.14
C ILE G 240 -8.72 -45.54 17.47
N VAL G 241 -9.74 -46.24 17.96
CA VAL G 241 -10.12 -47.52 17.37
C VAL G 241 -10.59 -47.33 15.93
N ALA G 242 -11.36 -46.26 15.68
CA ALA G 242 -11.81 -45.99 14.32
C ALA G 242 -10.64 -45.70 13.39
N ALA G 243 -9.68 -44.90 13.85
CA ALA G 243 -8.51 -44.59 13.03
C ALA G 243 -7.68 -45.85 12.77
N HIS G 244 -7.52 -46.69 13.78
CA HIS G 244 -6.79 -47.95 13.59
C HIS G 244 -7.53 -48.86 12.61
N GLY G 245 -8.86 -48.85 12.66
CA GLY G 245 -9.63 -49.64 11.72
C GLY G 245 -9.42 -49.20 10.28
N TYR G 246 -9.38 -47.89 10.06
CA TYR G 246 -9.15 -47.39 8.71
C TYR G 246 -7.76 -47.77 8.21
N PHE G 247 -6.73 -47.48 8.99
CA PHE G 247 -5.37 -47.77 8.55
C PHE G 247 -5.11 -49.27 8.53
N GLY G 248 -5.82 -50.02 9.36
CA GLY G 248 -5.72 -51.47 9.30
C GLY G 248 -6.20 -52.02 7.97
N ARG G 249 -7.31 -51.50 7.46
CA ARG G 249 -7.78 -51.94 6.16
C ARG G 249 -6.95 -51.36 5.03
N LEU G 250 -6.32 -50.20 5.28
CA LEU G 250 -5.57 -49.52 4.23
C LEU G 250 -4.39 -50.34 3.76
N ILE G 251 -3.67 -50.99 4.67
CA ILE G 251 -2.57 -51.85 4.26
C ILE G 251 -2.83 -53.28 4.72
N PHE G 252 -2.82 -53.49 6.03
CA PHE G 252 -3.27 -54.73 6.66
C PHE G 252 -3.26 -54.51 8.17
N GLN G 253 -3.99 -55.37 8.88
CA GLN G 253 -4.37 -55.07 10.25
C GLN G 253 -3.17 -54.83 11.15
N TYR G 254 -2.09 -55.59 10.94
CA TYR G 254 -0.96 -55.57 11.84
C TYR G 254 0.14 -54.59 11.42
N ALA G 255 -0.11 -53.79 10.40
CA ALA G 255 0.79 -52.71 10.01
C ALA G 255 0.45 -51.40 10.70
N SER G 256 -0.53 -51.41 11.60
CA SER G 256 -1.00 -50.21 12.27
C SER G 256 -0.73 -50.31 13.76
N PHE G 257 -0.44 -49.17 14.38
CA PHE G 257 -0.27 -49.11 15.82
C PHE G 257 -1.63 -49.03 16.49
N ASN G 258 -1.99 -50.07 17.22
CA ASN G 258 -3.17 -50.00 18.06
C ASN G 258 -2.93 -49.20 19.32
N ASN G 259 -1.67 -48.98 19.68
CA ASN G 259 -1.27 -48.35 20.92
C ASN G 259 -0.84 -46.92 20.63
N SER G 260 -1.52 -45.94 21.24
CA SER G 260 -1.13 -44.55 21.07
C SER G 260 0.25 -44.27 21.63
N ARG G 261 0.63 -44.95 22.71
CA ARG G 261 1.94 -44.73 23.28
C ARG G 261 3.03 -45.26 22.37
N SER G 262 2.84 -46.45 21.80
CA SER G 262 3.80 -46.97 20.84
C SER G 262 3.84 -46.12 19.59
N LEU G 263 2.68 -45.65 19.13
CA LEU G 263 2.62 -44.82 17.94
C LEU G 263 3.40 -43.53 18.12
N HIS G 264 3.26 -42.90 19.29
CA HIS G 264 3.91 -41.61 19.50
C HIS G 264 5.39 -41.78 19.76
N PHE G 265 5.81 -42.89 20.34
CA PHE G 265 7.24 -43.16 20.42
C PHE G 265 7.83 -43.33 19.03
N PHE G 266 7.12 -44.04 18.16
CA PHE G 266 7.58 -44.21 16.78
C PHE G 266 7.65 -42.87 16.07
N LEU G 267 6.66 -42.00 16.31
CA LEU G 267 6.67 -40.68 15.70
C LEU G 267 7.87 -39.86 16.16
N ALA G 268 8.37 -40.11 17.36
CA ALA G 268 9.52 -39.39 17.87
C ALA G 268 10.83 -40.05 17.46
N ALA G 269 10.88 -41.39 17.52
CA ALA G 269 12.13 -42.09 17.30
C ALA G 269 12.59 -41.97 15.85
N TRP G 270 11.67 -42.13 14.90
CA TRP G 270 12.06 -42.22 13.50
C TRP G 270 12.79 -40.97 13.02
N PRO G 271 12.26 -39.75 13.22
CA PRO G 271 13.02 -38.57 12.79
C PRO G 271 14.24 -38.30 13.63
N VAL G 272 14.18 -38.56 14.94
CA VAL G 272 15.33 -38.28 15.79
C VAL G 272 16.50 -39.20 15.45
N VAL G 273 16.22 -40.49 15.28
CA VAL G 273 17.28 -41.41 14.90
C VAL G 273 17.84 -41.06 13.54
N GLY G 274 16.97 -40.70 12.60
CA GLY G 274 17.44 -40.33 11.27
C GLY G 274 18.32 -39.09 11.29
N ILE G 275 17.93 -38.09 12.06
CA ILE G 275 18.74 -36.87 12.14
C ILE G 275 20.03 -37.13 12.92
N TRP G 276 20.02 -38.08 13.86
CA TRP G 276 21.26 -38.44 14.55
C TRP G 276 22.30 -38.97 13.58
N PHE G 277 21.86 -39.79 12.63
CA PHE G 277 22.83 -40.39 11.71
C PHE G 277 23.32 -39.39 10.67
N THR G 278 22.44 -38.54 10.15
CA THR G 278 22.90 -37.54 9.20
C THR G 278 23.78 -36.50 9.86
N ALA G 279 23.56 -36.23 11.15
CA ALA G 279 24.49 -35.39 11.90
C ALA G 279 25.83 -36.09 12.07
N LEU G 280 25.81 -37.39 12.31
CA LEU G 280 27.05 -38.16 12.34
C LEU G 280 27.70 -38.20 10.97
N GLY G 281 26.91 -38.27 9.92
CA GLY G 281 27.45 -38.29 8.58
C GLY G 281 28.30 -37.09 8.26
N ILE G 282 27.80 -35.90 8.58
CA ILE G 282 28.60 -34.69 8.38
C ILE G 282 29.82 -34.72 9.28
N SER G 283 29.65 -35.21 10.50
CA SER G 283 30.79 -35.30 11.42
C SER G 283 31.83 -36.29 10.93
N THR G 284 31.40 -37.44 10.40
CA THR G 284 32.36 -38.38 9.84
C THR G 284 33.02 -37.81 8.59
N MET G 285 32.25 -37.14 7.73
CA MET G 285 32.84 -36.54 6.55
C MET G 285 33.69 -35.32 6.88
N ALA G 286 33.61 -34.82 8.11
CA ALA G 286 34.54 -33.78 8.55
C ALA G 286 35.97 -34.31 8.56
N PHE G 287 36.14 -35.59 8.88
CA PHE G 287 37.44 -36.23 8.86
C PHE G 287 37.68 -36.98 7.56
N ASN G 288 37.02 -36.56 6.48
CA ASN G 288 37.25 -37.03 5.12
C ASN G 288 36.99 -38.52 4.96
N LEU G 289 36.00 -39.07 5.65
CA LEU G 289 35.51 -40.41 5.36
C LEU G 289 34.29 -40.25 4.46
N ASN G 290 34.55 -40.12 3.16
CA ASN G 290 33.53 -39.71 2.22
C ASN G 290 32.53 -40.83 1.97
N GLY G 291 31.51 -40.50 1.18
CA GLY G 291 30.50 -41.46 0.82
C GLY G 291 31.03 -42.47 -0.19
N PHE G 292 30.15 -43.34 -0.62
CA PHE G 292 30.52 -44.42 -1.53
C PHE G 292 31.08 -43.87 -2.83
N ASN G 293 32.17 -44.46 -3.30
CA ASN G 293 32.83 -44.05 -4.53
C ASN G 293 32.81 -45.24 -5.49
N PHE G 294 31.82 -45.26 -6.38
CA PHE G 294 31.66 -46.32 -7.36
C PHE G 294 32.11 -45.90 -8.76
N ASN G 295 33.03 -44.95 -8.85
CA ASN G 295 33.51 -44.50 -10.14
C ASN G 295 34.35 -45.58 -10.81
N GLN G 296 34.02 -45.89 -12.06
CA GLN G 296 34.73 -46.91 -12.84
C GLN G 296 34.69 -48.26 -12.14
N SER G 297 33.56 -48.56 -11.50
CA SER G 297 33.35 -49.85 -10.87
C SER G 297 32.99 -50.94 -11.86
N VAL G 298 32.36 -50.60 -12.97
CA VAL G 298 31.92 -51.57 -13.95
C VAL G 298 32.84 -51.47 -15.16
N VAL G 299 33.57 -52.55 -15.44
CA VAL G 299 34.44 -52.63 -16.59
C VAL G 299 34.08 -53.88 -17.38
N ASP G 300 34.25 -53.81 -18.69
CA ASP G 300 33.85 -54.91 -19.56
C ASP G 300 34.96 -55.96 -19.56
N SER G 301 34.85 -56.94 -20.46
CA SER G 301 35.81 -58.04 -20.49
C SER G 301 37.21 -57.58 -20.84
N GLN G 302 37.33 -56.63 -21.78
CA GLN G 302 38.62 -56.14 -22.23
C GLN G 302 39.16 -55.00 -21.39
N GLY G 303 38.46 -54.59 -20.36
CA GLY G 303 38.93 -53.56 -19.46
C GLY G 303 38.29 -52.20 -19.67
N ARG G 304 37.52 -52.01 -20.74
CA ARG G 304 36.86 -50.74 -20.97
C ARG G 304 35.86 -50.47 -19.85
N VAL G 305 35.90 -49.26 -19.32
CA VAL G 305 35.02 -48.90 -18.21
C VAL G 305 33.66 -48.51 -18.77
N ILE G 306 32.61 -49.18 -18.29
CA ILE G 306 31.24 -48.86 -18.66
C ILE G 306 30.67 -47.92 -17.61
N ASN G 307 30.23 -46.75 -18.05
CA ASN G 307 29.76 -45.76 -17.11
C ASN G 307 28.43 -46.19 -16.49
N THR G 308 28.18 -45.68 -15.28
CA THR G 308 26.90 -45.88 -14.62
C THR G 308 26.33 -44.53 -14.21
N TRP G 309 25.25 -44.53 -13.45
CA TRP G 309 24.74 -43.26 -12.95
C TRP G 309 25.67 -42.66 -11.92
N ALA G 310 26.47 -43.48 -11.25
CA ALA G 310 27.45 -42.96 -10.30
C ALA G 310 28.52 -42.15 -11.02
N ASP G 311 28.91 -42.56 -12.22
CA ASP G 311 29.91 -41.82 -12.98
C ASP G 311 29.36 -40.49 -13.46
N ILE G 312 28.06 -40.43 -13.79
CA ILE G 312 27.45 -39.17 -14.17
C ILE G 312 27.43 -38.21 -12.98
N ILE G 313 27.22 -38.74 -11.79
CA ILE G 313 27.31 -37.91 -10.58
C ILE G 313 28.73 -37.37 -10.43
N ASN G 314 29.73 -38.21 -10.71
CA ASN G 314 31.11 -37.77 -10.62
C ASN G 314 31.40 -36.64 -11.59
N ARG G 315 30.77 -36.66 -12.76
CA ARG G 315 30.94 -35.57 -13.72
C ARG G 315 30.41 -34.27 -13.15
N ALA G 316 29.25 -34.31 -12.49
CA ALA G 316 28.75 -33.12 -11.81
C ALA G 316 29.64 -32.74 -10.64
N ASN G 317 30.11 -33.72 -9.88
CA ASN G 317 31.03 -33.44 -8.78
C ASN G 317 32.31 -32.83 -9.29
N LEU G 318 32.79 -33.29 -10.45
CA LEU G 318 34.00 -32.73 -11.03
C LEU G 318 33.82 -31.25 -11.34
N GLY G 319 32.66 -30.87 -11.86
CA GLY G 319 32.43 -29.48 -12.22
C GLY G 319 32.45 -28.56 -11.01
N MET G 320 31.82 -28.98 -9.91
CA MET G 320 31.83 -28.15 -8.71
C MET G 320 33.24 -28.08 -8.12
N GLU G 321 33.98 -29.18 -8.18
CA GLU G 321 35.31 -29.21 -7.55
C GLU G 321 36.24 -28.21 -8.19
N VAL G 322 36.23 -28.11 -9.53
CA VAL G 322 37.16 -27.23 -10.23
C VAL G 322 36.71 -25.78 -10.25
N MET G 323 35.56 -25.46 -9.66
CA MET G 323 35.06 -24.10 -9.65
C MET G 323 34.95 -23.48 -8.27
N HIS G 324 34.74 -24.29 -7.23
CA HIS G 324 34.70 -23.73 -5.89
C HIS G 324 36.08 -23.22 -5.50
N GLU G 325 36.12 -22.03 -4.89
CA GLU G 325 37.35 -21.40 -4.46
C GLU G 325 38.37 -21.37 -5.61
N ARG G 326 38.00 -20.59 -6.63
CA ARG G 326 38.73 -20.59 -7.88
C ARG G 326 40.19 -20.18 -7.71
N ASN G 327 40.43 -19.14 -6.92
CA ASN G 327 41.75 -18.54 -6.79
C ASN G 327 42.47 -19.02 -5.54
N ALA G 328 41.90 -19.97 -4.82
CA ALA G 328 42.44 -20.37 -3.52
C ALA G 328 43.44 -21.50 -3.59
N HIS G 329 43.45 -22.29 -4.67
CA HIS G 329 44.28 -23.48 -4.75
C HIS G 329 45.46 -23.21 -5.66
N ASN G 330 46.67 -23.44 -5.15
CA ASN G 330 47.89 -23.37 -5.94
C ASN G 330 48.40 -24.73 -6.34
N PHE G 331 47.84 -25.80 -5.81
CA PHE G 331 48.36 -27.13 -6.03
C PHE G 331 47.21 -28.10 -6.33
N PRO G 332 47.48 -29.14 -7.12
CA PRO G 332 46.37 -29.90 -7.73
C PRO G 332 45.47 -30.62 -6.74
N LEU G 333 45.99 -31.06 -5.60
CA LEU G 333 45.19 -31.83 -4.66
C LEU G 333 44.49 -30.91 -3.67
N ASP G 334 43.20 -31.16 -3.43
CA ASP G 334 42.44 -30.41 -2.43
C ASP G 334 42.47 -31.14 -1.10
N LEU G 335 43.68 -31.18 -0.52
CA LEU G 335 43.88 -31.86 0.75
C LEU G 335 43.30 -31.10 1.92
N ALA G 336 43.14 -29.78 1.79
CA ALA G 336 42.56 -28.98 2.85
C ALA G 336 41.04 -28.95 2.72
N GLY H 1 -18.70 -19.29 15.61
CA GLY H 1 -18.34 -18.41 14.52
C GLY H 1 -17.84 -19.15 13.30
N LEU H 2 -18.19 -18.65 12.13
CA LEU H 2 -17.81 -19.28 10.88
C LEU H 2 -16.33 -18.99 10.58
N PRO H 3 -15.54 -20.03 10.21
CA PRO H 3 -14.14 -19.81 9.83
C PRO H 3 -14.05 -18.91 8.60
N TRP H 4 -12.89 -18.28 8.41
CA TRP H 4 -12.72 -17.33 7.27
C TRP H 4 -12.71 -18.08 5.94
N TYR H 5 -12.43 -19.38 5.96
CA TYR H 5 -12.30 -20.17 4.70
C TYR H 5 -13.64 -20.80 4.33
N ARG H 6 -14.71 -20.48 5.06
CA ARG H 6 -16.05 -21.02 4.75
C ARG H 6 -17.06 -19.87 4.61
N VAL H 7 -16.58 -18.63 4.49
CA VAL H 7 -17.50 -17.45 4.45
C VAL H 7 -18.41 -17.55 3.22
N HIS H 8 -17.86 -17.89 2.06
CA HIS H 8 -18.64 -17.90 0.84
C HIS H 8 -19.51 -19.15 0.72
N THR H 9 -19.64 -19.93 1.78
CA THR H 9 -20.55 -21.07 1.81
C THR H 9 -21.97 -20.68 2.19
N VAL H 10 -22.22 -19.40 2.47
CA VAL H 10 -23.57 -18.97 2.81
C VAL H 10 -24.51 -19.02 1.63
N VAL H 11 -23.99 -18.98 0.40
CA VAL H 11 -24.82 -19.11 -0.79
C VAL H 11 -24.87 -20.54 -1.30
N LEU H 12 -24.42 -21.50 -0.48
CA LEU H 12 -24.46 -22.91 -0.87
C LEU H 12 -25.88 -23.36 -1.13
N ASN H 13 -26.82 -22.96 -0.28
CA ASN H 13 -28.21 -23.37 -0.38
C ASN H 13 -29.13 -22.17 -0.62
N ASP H 14 -28.64 -21.16 -1.34
CA ASP H 14 -29.41 -19.97 -1.66
C ASP H 14 -29.29 -19.73 -3.16
N PRO H 15 -30.16 -20.33 -3.96
CA PRO H 15 -30.02 -20.21 -5.43
C PRO H 15 -30.07 -18.78 -5.91
N GLY H 16 -30.86 -17.93 -5.27
CA GLY H 16 -30.94 -16.54 -5.69
C GLY H 16 -29.62 -15.81 -5.53
N ARG H 17 -28.98 -15.97 -4.38
CA ARG H 17 -27.70 -15.30 -4.16
C ARG H 17 -26.53 -16.05 -4.72
N LEU H 18 -26.68 -17.33 -5.05
CA LEU H 18 -25.64 -18.02 -5.81
C LEU H 18 -25.50 -17.42 -7.20
N ILE H 19 -26.63 -17.11 -7.85
CA ILE H 19 -26.59 -16.43 -9.14
C ILE H 19 -25.95 -15.05 -9.00
N ALA H 20 -26.33 -14.32 -7.95
CA ALA H 20 -25.76 -13.00 -7.73
C ALA H 20 -24.26 -13.07 -7.51
N VAL H 21 -23.79 -14.07 -6.76
CA VAL H 21 -22.36 -14.22 -6.52
C VAL H 21 -21.66 -14.66 -7.79
N HIS H 22 -22.29 -15.49 -8.61
CA HIS H 22 -21.69 -15.90 -9.87
C HIS H 22 -21.75 -14.79 -10.90
N LEU H 23 -22.72 -13.88 -10.76
CA LEU H 23 -22.76 -12.70 -11.63
C LEU H 23 -21.65 -11.72 -11.30
N MET H 24 -21.18 -11.72 -10.05
CA MET H 24 -20.12 -10.81 -9.66
C MET H 24 -18.77 -11.26 -10.21
N HIS H 25 -18.46 -12.56 -10.14
CA HIS H 25 -17.24 -13.06 -10.76
C HIS H 25 -17.28 -12.79 -12.26
N THR H 26 -18.43 -13.01 -12.88
CA THR H 26 -18.57 -12.73 -14.31
C THR H 26 -18.33 -11.27 -14.61
N SER H 27 -18.85 -10.37 -13.75
CA SER H 27 -18.61 -8.95 -13.93
C SER H 27 -17.13 -8.61 -13.80
N LEU H 28 -16.44 -9.24 -12.85
CA LEU H 28 -15.02 -8.96 -12.65
C LEU H 28 -14.18 -9.49 -13.80
N VAL H 29 -14.48 -10.70 -14.28
CA VAL H 29 -13.68 -11.30 -15.34
C VAL H 29 -13.80 -10.49 -16.62
N SER H 30 -15.02 -10.10 -16.99
CA SER H 30 -15.18 -9.23 -18.15
C SER H 30 -14.61 -7.85 -17.88
N GLY H 31 -14.70 -7.38 -16.63
CA GLY H 31 -14.07 -6.13 -16.28
C GLY H 31 -12.56 -6.19 -16.43
N TRP H 32 -11.95 -7.31 -16.07
CA TRP H 32 -10.53 -7.48 -16.26
C TRP H 32 -10.17 -7.49 -17.74
N ALA H 33 -10.96 -8.18 -18.55
CA ALA H 33 -10.67 -8.28 -19.97
C ALA H 33 -10.70 -6.91 -20.63
N GLY H 34 -11.69 -6.09 -20.29
CA GLY H 34 -11.73 -4.74 -20.81
C GLY H 34 -10.58 -3.89 -20.31
N SER H 35 -10.29 -3.97 -19.01
CA SER H 35 -9.19 -3.20 -18.46
C SER H 35 -7.86 -3.65 -19.03
N MET H 36 -7.67 -4.96 -19.16
CA MET H 36 -6.40 -5.47 -19.68
C MET H 36 -6.20 -5.05 -21.13
N ALA H 37 -7.25 -5.12 -21.94
CA ALA H 37 -7.12 -4.73 -23.34
C ALA H 37 -6.77 -3.24 -23.46
N PHE H 38 -7.38 -2.40 -22.65
CA PHE H 38 -7.15 -0.94 -22.78
C PHE H 38 -5.71 -0.67 -22.39
N TYR H 39 -5.22 -1.24 -21.30
CA TYR H 39 -3.80 -1.11 -20.93
C TYR H 39 -2.94 -1.56 -22.11
N GLU H 40 -3.13 -2.76 -22.62
CA GLU H 40 -2.25 -3.23 -23.69
C GLU H 40 -2.26 -2.28 -24.87
N LEU H 41 -3.44 -1.76 -25.24
CA LEU H 41 -3.51 -0.81 -26.33
C LEU H 41 -2.77 0.49 -26.03
N ALA H 42 -2.62 0.83 -24.77
CA ALA H 42 -1.88 2.04 -24.38
C ALA H 42 -0.37 1.81 -24.40
N VAL H 43 0.08 0.57 -24.50
CA VAL H 43 1.53 0.26 -24.42
C VAL H 43 1.97 -0.35 -25.74
N PHE H 44 1.06 -0.95 -26.49
CA PHE H 44 1.43 -1.66 -27.71
C PHE H 44 1.91 -0.69 -28.78
N ASP H 45 2.98 -1.08 -29.47
CA ASP H 45 3.51 -0.31 -30.58
C ASP H 45 3.28 -1.07 -31.87
N PRO H 46 2.34 -0.65 -32.72
CA PRO H 46 2.06 -1.38 -33.96
C PRO H 46 2.91 -0.99 -35.15
N SER H 47 3.96 -0.19 -34.95
CA SER H 47 4.74 0.34 -36.07
C SER H 47 5.51 -0.76 -36.79
N ASP H 48 6.01 -1.75 -36.06
CA ASP H 48 6.93 -2.72 -36.62
C ASP H 48 6.41 -4.13 -36.41
N PRO H 49 5.52 -4.64 -37.28
CA PRO H 49 4.96 -5.97 -37.06
C PRO H 49 5.94 -7.11 -37.28
N VAL H 50 7.09 -6.88 -37.91
CA VAL H 50 8.01 -7.94 -38.27
C VAL H 50 9.09 -8.13 -37.21
N LEU H 51 9.71 -7.04 -36.75
CA LEU H 51 10.76 -7.13 -35.75
C LEU H 51 10.30 -6.72 -34.36
N ASN H 52 9.10 -6.17 -34.22
CA ASN H 52 8.52 -5.87 -32.92
C ASN H 52 7.07 -6.35 -32.89
N PRO H 53 6.85 -7.66 -32.95
CA PRO H 53 5.48 -8.17 -32.98
C PRO H 53 4.81 -8.03 -31.63
N MET H 54 3.57 -8.53 -31.55
CA MET H 54 2.84 -8.50 -30.29
C MET H 54 3.55 -9.33 -29.24
N TRP H 55 4.00 -10.52 -29.60
CA TRP H 55 4.54 -11.44 -28.61
C TRP H 55 5.88 -10.99 -28.05
N ARG H 56 6.54 -10.02 -28.68
CA ARG H 56 7.74 -9.45 -28.11
C ARG H 56 7.47 -8.29 -27.16
N GLN H 57 6.24 -7.78 -27.13
CA GLN H 57 5.89 -6.66 -26.28
C GLN H 57 5.10 -7.09 -25.05
N GLY H 58 5.05 -8.39 -24.77
CA GLY H 58 4.35 -8.86 -23.59
C GLY H 58 2.84 -8.77 -23.68
N MET H 59 2.29 -8.67 -24.88
CA MET H 59 0.84 -8.54 -25.04
C MET H 59 0.20 -9.90 -24.82
N PHE H 60 -0.72 -9.97 -23.86
CA PHE H 60 -1.33 -11.22 -23.45
C PHE H 60 -2.73 -11.43 -24.03
N VAL H 61 -3.60 -10.43 -23.95
CA VAL H 61 -4.95 -10.56 -24.49
C VAL H 61 -5.06 -10.07 -25.92
N LEU H 62 -4.10 -9.26 -26.39
CA LEU H 62 -4.11 -8.85 -27.79
C LEU H 62 -4.03 -10.02 -28.75
N PRO H 63 -3.19 -11.05 -28.54
CA PRO H 63 -3.21 -12.20 -29.46
C PRO H 63 -4.54 -12.91 -29.49
N PHE H 64 -5.28 -12.93 -28.38
CA PHE H 64 -6.53 -13.67 -28.33
C PHE H 64 -7.64 -12.92 -29.06
N MET H 65 -7.63 -11.59 -29.03
CA MET H 65 -8.53 -10.84 -29.89
C MET H 65 -8.16 -11.02 -31.34
N THR H 66 -6.86 -11.02 -31.65
CA THR H 66 -6.42 -11.15 -33.03
C THR H 66 -6.69 -12.55 -33.57
N ARG H 67 -6.66 -13.56 -32.69
CA ARG H 67 -6.81 -14.94 -33.13
C ARG H 67 -8.18 -15.17 -33.75
N LEU H 68 -9.20 -14.47 -33.28
CA LEU H 68 -10.56 -14.70 -33.75
C LEU H 68 -11.00 -13.74 -34.83
N GLY H 69 -10.26 -12.66 -35.07
CA GLY H 69 -10.61 -11.80 -36.19
C GLY H 69 -10.47 -10.31 -35.97
N ILE H 70 -10.20 -9.89 -34.73
CA ILE H 70 -10.01 -8.47 -34.47
C ILE H 70 -8.62 -8.07 -34.95
N THR H 71 -8.57 -7.19 -35.94
CA THR H 71 -7.30 -6.79 -36.51
C THR H 71 -7.11 -5.29 -36.62
N GLN H 72 -8.14 -4.48 -36.44
CA GLN H 72 -8.06 -3.06 -36.68
C GLN H 72 -8.31 -2.29 -35.39
N SER H 73 -7.73 -1.10 -35.32
CA SER H 73 -7.90 -0.22 -34.18
C SER H 73 -8.60 1.06 -34.61
N TRP H 74 -9.25 1.71 -33.65
CA TRP H 74 -9.82 3.04 -33.92
C TRP H 74 -8.73 4.05 -34.22
N GLY H 75 -7.50 3.79 -33.81
CA GLY H 75 -6.39 4.66 -34.15
C GLY H 75 -6.01 4.67 -35.61
N GLY H 76 -6.61 3.78 -36.41
CA GLY H 76 -6.37 3.75 -37.83
C GLY H 76 -5.35 2.76 -38.30
N TRP H 77 -4.75 1.99 -37.39
CA TRP H 77 -3.74 1.01 -37.77
C TRP H 77 -4.31 -0.40 -37.72
N THR H 78 -3.67 -1.29 -38.47
CA THR H 78 -4.04 -2.70 -38.52
C THR H 78 -2.86 -3.52 -38.00
N ILE H 79 -3.17 -4.68 -37.43
CA ILE H 79 -2.13 -5.52 -36.85
C ILE H 79 -1.16 -6.02 -37.92
N SER H 80 -1.62 -6.13 -39.16
CA SER H 80 -0.72 -6.55 -40.23
C SER H 80 0.18 -5.41 -40.68
N GLY H 81 -0.16 -4.18 -40.35
CA GLY H 81 0.60 -3.01 -40.75
C GLY H 81 -0.06 -2.17 -41.81
N GLU H 82 -1.03 -2.71 -42.53
CA GLU H 82 -1.77 -1.93 -43.50
C GLU H 82 -2.62 -0.88 -42.80
N THR H 83 -3.18 0.03 -43.58
CA THR H 83 -4.02 1.08 -43.03
C THR H 83 -5.45 0.59 -42.84
N ALA H 84 -6.08 1.05 -41.77
CA ALA H 84 -7.43 0.61 -41.45
C ALA H 84 -8.43 1.15 -42.46
N SER H 85 -9.48 0.37 -42.68
CA SER H 85 -10.56 0.73 -43.61
C SER H 85 -11.88 0.66 -42.84
N ASN H 86 -12.27 1.78 -42.24
CA ASN H 86 -13.51 1.89 -41.48
C ASN H 86 -13.58 0.78 -40.44
N PRO H 87 -12.83 0.88 -39.35
CA PRO H 87 -12.75 -0.25 -38.40
C PRO H 87 -14.10 -0.72 -37.88
N GLY H 88 -15.05 0.20 -37.71
CA GLY H 88 -16.34 -0.18 -37.19
C GLY H 88 -16.30 -0.35 -35.69
N ILE H 89 -17.38 -0.93 -35.16
CA ILE H 89 -17.50 -1.10 -33.72
C ILE H 89 -16.47 -2.09 -33.20
N TRP H 90 -16.30 -3.22 -33.90
CA TRP H 90 -15.47 -4.31 -33.38
C TRP H 90 -14.01 -4.06 -33.76
N SER H 91 -13.41 -3.13 -33.05
CA SER H 91 -11.99 -2.89 -33.07
C SER H 91 -11.37 -3.40 -31.78
N TYR H 92 -10.07 -3.20 -31.63
CA TYR H 92 -9.46 -3.49 -30.35
C TYR H 92 -10.04 -2.61 -29.25
N GLU H 93 -10.25 -1.32 -29.55
CA GLU H 93 -10.86 -0.42 -28.58
C GLU H 93 -12.33 -0.74 -28.38
N GLY H 94 -13.02 -1.13 -29.45
CA GLY H 94 -14.43 -1.44 -29.33
C GLY H 94 -14.68 -2.69 -28.49
N VAL H 95 -13.87 -3.73 -28.72
CA VAL H 95 -14.03 -4.96 -27.94
C VAL H 95 -13.68 -4.71 -26.48
N ALA H 96 -12.65 -3.90 -26.23
CA ALA H 96 -12.31 -3.54 -24.86
C ALA H 96 -13.44 -2.78 -24.20
N ALA H 97 -14.05 -1.84 -24.92
CA ALA H 97 -15.18 -1.09 -24.37
C ALA H 97 -16.39 -1.98 -24.13
N ALA H 98 -16.61 -2.96 -25.01
CA ALA H 98 -17.75 -3.85 -24.86
C ALA H 98 -17.63 -4.71 -23.62
N HIS H 99 -16.45 -5.31 -23.40
CA HIS H 99 -16.26 -6.11 -22.18
C HIS H 99 -16.38 -5.24 -20.93
N ILE H 100 -16.03 -3.95 -21.04
CA ILE H 100 -16.19 -3.04 -19.91
C ILE H 100 -17.66 -2.73 -19.66
N ILE H 101 -18.42 -2.42 -20.70
CA ILE H 101 -19.84 -2.12 -20.54
C ILE H 101 -20.58 -3.34 -20.01
N LEU H 102 -20.25 -4.52 -20.55
CA LEU H 102 -20.83 -5.76 -20.05
C LEU H 102 -20.53 -5.94 -18.57
N SER H 103 -19.34 -5.54 -18.13
CA SER H 103 -18.98 -5.67 -16.73
C SER H 103 -19.90 -4.84 -15.84
N GLY H 104 -20.25 -3.63 -16.29
CA GLY H 104 -21.16 -2.81 -15.52
C GLY H 104 -22.57 -3.37 -15.48
N LEU H 105 -23.04 -3.92 -16.59
CA LEU H 105 -24.38 -4.50 -16.63
C LEU H 105 -24.47 -5.73 -15.74
N LEU H 106 -23.44 -6.58 -15.76
CA LEU H 106 -23.42 -7.74 -14.88
C LEU H 106 -23.32 -7.33 -13.42
N PHE H 107 -22.62 -6.23 -13.15
CA PHE H 107 -22.57 -5.71 -11.79
C PHE H 107 -23.95 -5.29 -11.32
N ALA H 108 -24.72 -4.61 -12.18
CA ALA H 108 -26.05 -4.18 -11.82
C ALA H 108 -27.00 -5.36 -11.63
N ALA H 109 -26.91 -6.35 -12.52
CA ALA H 109 -27.74 -7.54 -12.39
C ALA H 109 -27.40 -8.30 -11.12
N SER H 110 -26.13 -8.32 -10.74
CA SER H 110 -25.73 -9.00 -9.52
C SER H 110 -26.39 -8.37 -8.30
N ILE H 111 -26.50 -7.05 -8.27
CA ILE H 111 -27.17 -6.38 -7.16
C ILE H 111 -28.64 -6.77 -7.12
N TRP H 112 -29.30 -6.79 -8.29
CA TRP H 112 -30.70 -7.15 -8.32
C TRP H 112 -30.91 -8.59 -7.88
N HIS H 113 -30.18 -9.53 -8.49
CA HIS H 113 -30.37 -10.93 -8.16
C HIS H 113 -29.93 -11.24 -6.74
N TRP H 114 -29.24 -10.31 -6.08
CA TRP H 114 -28.86 -10.47 -4.68
C TRP H 114 -29.94 -9.96 -3.73
N VAL H 115 -30.49 -8.78 -4.03
CA VAL H 115 -31.55 -8.22 -3.19
C VAL H 115 -32.82 -9.06 -3.30
N TYR H 116 -33.19 -9.42 -4.53
CA TYR H 116 -34.39 -10.21 -4.76
C TYR H 116 -34.02 -11.68 -4.90
N TRP H 117 -33.57 -12.23 -3.77
CA TRP H 117 -33.17 -13.63 -3.72
C TRP H 117 -34.34 -14.58 -3.56
N ASP H 118 -35.40 -14.14 -2.88
CA ASP H 118 -36.52 -15.02 -2.54
C ASP H 118 -37.54 -15.02 -3.69
N LEU H 119 -37.16 -15.68 -4.77
CA LEU H 119 -38.02 -15.84 -5.93
C LEU H 119 -38.71 -17.19 -5.87
N GLU H 120 -39.96 -17.23 -6.32
CA GLU H 120 -40.70 -18.49 -6.32
C GLU H 120 -40.08 -19.49 -7.29
N LEU H 121 -39.24 -19.02 -8.21
CA LEU H 121 -38.58 -19.92 -9.15
C LEU H 121 -37.69 -20.91 -8.42
N PHE H 122 -36.97 -20.45 -7.40
CA PHE H 122 -36.02 -21.28 -6.67
C PHE H 122 -36.67 -22.07 -5.54
N ARG H 123 -37.98 -22.26 -5.58
CA ARG H 123 -38.70 -22.99 -4.54
C ARG H 123 -39.15 -24.32 -5.10
N ASP H 124 -38.93 -25.38 -4.34
CA ASP H 124 -39.40 -26.69 -4.72
C ASP H 124 -40.92 -26.72 -4.62
N PRO H 125 -41.64 -26.98 -5.71
CA PRO H 125 -43.11 -26.97 -5.63
C PRO H 125 -43.68 -28.02 -4.70
N ARG H 126 -42.94 -29.08 -4.41
CA ARG H 126 -43.41 -30.15 -3.53
C ARG H 126 -43.18 -29.87 -2.06
N THR H 127 -42.05 -29.25 -1.71
CA THR H 127 -41.71 -29.00 -0.32
C THR H 127 -41.67 -27.54 0.06
N SER H 128 -41.67 -26.63 -0.92
CA SER H 128 -41.57 -25.19 -0.73
C SER H 128 -40.24 -24.76 -0.15
N ASN H 129 -39.20 -25.59 -0.28
CA ASN H 129 -37.86 -25.26 0.17
C ASN H 129 -36.98 -24.89 -1.01
N PRO H 130 -35.98 -24.04 -0.82
CA PRO H 130 -35.09 -23.69 -1.91
C PRO H 130 -34.36 -24.90 -2.46
N ALA H 131 -34.52 -25.15 -3.75
CA ALA H 131 -33.89 -26.30 -4.38
C ALA H 131 -33.67 -26.01 -5.85
N LEU H 132 -32.69 -26.69 -6.42
CA LEU H 132 -32.38 -26.62 -7.84
C LEU H 132 -32.42 -28.03 -8.42
N ASP H 133 -33.15 -28.20 -9.52
CA ASP H 133 -33.22 -29.48 -10.22
C ASP H 133 -32.00 -29.58 -11.13
N LEU H 134 -30.87 -29.90 -10.52
CA LEU H 134 -29.59 -29.91 -11.24
C LEU H 134 -29.57 -30.79 -12.48
N PRO H 135 -30.13 -32.01 -12.48
CA PRO H 135 -30.16 -32.77 -13.73
C PRO H 135 -30.89 -32.06 -14.88
N LYS H 136 -31.97 -31.34 -14.60
CA LYS H 136 -32.63 -30.58 -15.65
C LYS H 136 -31.85 -29.32 -16.00
N ILE H 137 -31.31 -28.62 -14.99
CA ILE H 137 -30.56 -27.40 -15.26
C ILE H 137 -29.35 -27.70 -16.12
N PHE H 138 -28.72 -28.84 -15.89
CA PHE H 138 -27.57 -29.22 -16.70
C PHE H 138 -27.97 -29.42 -18.15
N GLY H 139 -29.12 -30.05 -18.40
CA GLY H 139 -29.60 -30.21 -19.75
C GLY H 139 -29.85 -28.88 -20.43
N ILE H 140 -30.43 -27.92 -19.70
CA ILE H 140 -30.67 -26.60 -20.26
C ILE H 140 -29.35 -25.93 -20.61
N HIS H 141 -28.43 -25.88 -19.66
CA HIS H 141 -27.21 -25.12 -19.85
C HIS H 141 -26.24 -25.85 -20.78
N LEU H 142 -26.44 -27.16 -20.97
CA LEU H 142 -25.64 -27.89 -21.96
C LEU H 142 -26.16 -27.68 -23.37
N PHE H 143 -27.47 -27.59 -23.53
CA PHE H 143 -28.06 -27.32 -24.83
C PHE H 143 -27.60 -25.97 -25.37
N LEU H 144 -27.50 -24.98 -24.48
CA LEU H 144 -26.97 -23.68 -24.88
C LEU H 144 -25.51 -23.79 -25.27
N SER H 145 -24.74 -24.58 -24.53
CA SER H 145 -23.34 -24.79 -24.87
C SER H 145 -23.20 -25.44 -26.23
N GLY H 146 -23.99 -26.48 -26.50
CA GLY H 146 -23.94 -27.10 -27.81
C GLY H 146 -24.36 -26.16 -28.92
N LEU H 147 -25.41 -25.37 -28.66
CA LEU H 147 -25.87 -24.41 -29.66
C LEU H 147 -24.82 -23.35 -29.95
N LEU H 148 -24.18 -22.83 -28.90
CA LEU H 148 -23.16 -21.81 -29.07
C LEU H 148 -21.87 -22.38 -29.65
N CYS H 149 -21.52 -23.62 -29.30
CA CYS H 149 -20.37 -24.28 -29.91
C CYS H 149 -20.59 -24.47 -31.40
N PHE H 150 -21.80 -24.90 -31.79
CA PHE H 150 -22.09 -25.10 -33.21
C PHE H 150 -22.01 -23.79 -33.97
N GLY H 151 -22.66 -22.74 -33.46
CA GLY H 151 -22.67 -21.48 -34.16
C GLY H 151 -21.29 -20.87 -34.34
N PHE H 152 -20.42 -21.05 -33.35
CA PHE H 152 -19.07 -20.52 -33.46
C PHE H 152 -18.31 -21.20 -34.58
N GLY H 153 -18.45 -22.51 -34.72
CA GLY H 153 -17.74 -23.22 -35.77
C GLY H 153 -18.42 -23.14 -37.12
N ALA H 154 -19.73 -22.94 -37.14
CA ALA H 154 -20.48 -22.93 -38.39
C ALA H 154 -20.58 -21.55 -39.01
N PHE H 155 -20.65 -20.49 -38.20
CA PHE H 155 -20.76 -19.15 -38.73
C PHE H 155 -19.49 -18.34 -38.54
N HIS H 156 -18.94 -18.33 -37.34
CA HIS H 156 -17.81 -17.47 -37.04
C HIS H 156 -16.52 -18.03 -37.65
N VAL H 157 -16.15 -19.25 -37.29
CA VAL H 157 -14.92 -19.85 -37.81
C VAL H 157 -15.04 -20.14 -39.31
N THR H 158 -16.16 -20.73 -39.72
CA THR H 158 -16.34 -21.13 -41.11
C THR H 158 -16.32 -19.94 -42.07
N GLY H 159 -16.78 -18.78 -41.63
CA GLY H 159 -16.84 -17.61 -42.48
C GLY H 159 -18.18 -17.39 -43.13
N LEU H 160 -19.15 -18.27 -42.89
CA LEU H 160 -20.50 -18.06 -43.42
C LEU H 160 -21.07 -16.73 -42.92
N PHE H 161 -20.97 -16.49 -41.63
CA PHE H 161 -21.36 -15.21 -41.05
C PHE H 161 -20.37 -14.95 -39.91
N GLY H 162 -19.28 -14.26 -40.24
CA GLY H 162 -18.23 -14.02 -39.29
C GLY H 162 -16.90 -13.79 -39.97
N PRO H 163 -15.87 -13.49 -39.18
CA PRO H 163 -14.57 -13.14 -39.76
C PRO H 163 -13.68 -14.33 -40.09
N GLY H 164 -13.93 -15.49 -39.49
CA GLY H 164 -12.99 -16.59 -39.59
C GLY H 164 -12.01 -16.57 -38.44
N ILE H 165 -10.87 -17.23 -38.58
CA ILE H 165 -9.84 -17.24 -37.55
C ILE H 165 -8.50 -16.97 -38.20
N TRP H 166 -7.52 -16.66 -37.37
CA TRP H 166 -6.17 -16.40 -37.85
C TRP H 166 -5.56 -17.70 -38.36
N VAL H 167 -5.13 -17.69 -39.62
CA VAL H 167 -4.44 -18.81 -40.24
C VAL H 167 -3.11 -18.32 -40.76
N SER H 168 -2.05 -19.05 -40.47
CA SER H 168 -0.70 -18.65 -40.86
C SER H 168 -0.08 -19.73 -41.73
N ASP H 169 0.94 -19.32 -42.49
CA ASP H 169 1.75 -20.28 -43.21
C ASP H 169 2.61 -21.06 -42.23
N PRO H 170 3.16 -22.20 -42.64
CA PRO H 170 3.91 -23.03 -41.68
C PRO H 170 5.03 -22.30 -40.96
N TYR H 171 5.65 -21.31 -41.60
CA TYR H 171 6.80 -20.61 -41.02
C TYR H 171 6.43 -19.23 -40.50
N GLY H 172 5.15 -18.97 -40.29
CA GLY H 172 4.71 -17.76 -39.62
C GLY H 172 5.10 -16.48 -40.32
N ILE H 173 5.32 -16.55 -41.62
CA ILE H 173 5.71 -15.36 -42.38
C ILE H 173 4.47 -14.58 -42.79
N THR H 174 3.53 -15.25 -43.44
CA THR H 174 2.33 -14.62 -43.98
C THR H 174 1.12 -15.23 -43.29
N GLY H 175 0.54 -14.51 -42.34
CA GLY H 175 -0.65 -14.98 -41.67
C GLY H 175 -1.72 -13.93 -41.65
N THR H 176 -2.96 -14.32 -41.94
CA THR H 176 -4.09 -13.41 -41.94
C THR H 176 -5.29 -14.12 -41.33
N VAL H 177 -6.33 -13.34 -41.07
CA VAL H 177 -7.61 -13.90 -40.63
C VAL H 177 -8.37 -14.39 -41.85
N GLN H 178 -8.64 -15.68 -41.91
CA GLN H 178 -9.27 -16.29 -43.06
C GLN H 178 -10.46 -17.13 -42.61
N ALA H 179 -11.36 -17.37 -43.56
CA ALA H 179 -12.48 -18.28 -43.33
C ALA H 179 -12.03 -19.69 -43.66
N VAL H 180 -11.98 -20.55 -42.65
CA VAL H 180 -11.50 -21.92 -42.83
C VAL H 180 -12.68 -22.84 -43.05
N ALA H 181 -12.50 -23.83 -43.90
CA ALA H 181 -13.55 -24.80 -44.17
C ALA H 181 -13.33 -26.06 -43.35
N PRO H 182 -14.38 -26.63 -42.79
CA PRO H 182 -14.22 -27.84 -41.98
C PRO H 182 -13.60 -28.96 -42.78
N SER H 183 -12.70 -29.69 -42.15
CA SER H 183 -12.07 -30.87 -42.74
C SER H 183 -12.59 -32.08 -41.98
N TRP H 184 -13.41 -32.89 -42.66
CA TRP H 184 -14.15 -33.96 -42.01
C TRP H 184 -13.43 -35.30 -42.03
N ASP H 185 -12.33 -35.43 -42.77
CA ASP H 185 -11.58 -36.67 -42.80
C ASP H 185 -10.63 -36.76 -41.61
N ALA H 186 -9.69 -37.71 -41.66
CA ALA H 186 -8.76 -37.89 -40.56
C ALA H 186 -7.90 -36.65 -40.33
N THR H 187 -7.67 -35.86 -41.38
CA THR H 187 -6.87 -34.66 -41.22
C THR H 187 -7.55 -33.63 -40.32
N GLY H 188 -8.84 -33.81 -40.04
CA GLY H 188 -9.49 -32.96 -39.08
C GLY H 188 -8.97 -33.09 -37.67
N PHE H 189 -8.27 -34.18 -37.36
CA PHE H 189 -7.69 -34.40 -36.05
C PHE H 189 -6.20 -34.11 -36.01
N ASP H 190 -5.67 -33.56 -37.08
CA ASP H 190 -4.32 -33.01 -37.06
C ASP H 190 -4.35 -31.73 -36.23
N PRO H 191 -3.58 -31.64 -35.15
CA PRO H 191 -3.62 -30.43 -34.32
C PRO H 191 -3.17 -29.18 -35.05
N TYR H 192 -2.39 -29.32 -36.12
CA TYR H 192 -1.89 -28.18 -36.87
C TYR H 192 -2.71 -27.88 -38.11
N ASN H 193 -3.88 -28.50 -38.25
CA ASN H 193 -4.76 -28.23 -39.36
C ASN H 193 -5.87 -27.31 -38.88
N PRO H 194 -5.91 -26.06 -39.33
CA PRO H 194 -6.97 -25.15 -38.86
C PRO H 194 -8.36 -25.58 -39.29
N GLY H 195 -8.49 -26.42 -40.33
CA GLY H 195 -9.78 -26.91 -40.71
C GLY H 195 -10.41 -27.83 -39.69
N GLY H 196 -9.61 -28.41 -38.81
CA GLY H 196 -10.16 -29.24 -37.76
C GLY H 196 -10.92 -28.46 -36.72
N ILE H 197 -10.60 -27.18 -36.56
CA ILE H 197 -11.27 -26.37 -35.54
C ILE H 197 -12.72 -26.12 -35.90
N SER H 198 -12.98 -25.74 -37.15
CA SER H 198 -14.36 -25.52 -37.58
C SER H 198 -15.14 -26.83 -37.57
N ALA H 199 -14.52 -27.91 -38.02
CA ALA H 199 -15.20 -29.21 -38.04
C ALA H 199 -15.52 -29.69 -36.64
N HIS H 200 -14.60 -29.46 -35.70
CA HIS H 200 -14.84 -29.91 -34.33
C HIS H 200 -16.00 -29.15 -33.70
N HIS H 201 -15.96 -27.82 -33.75
CA HIS H 201 -16.98 -27.05 -33.05
C HIS H 201 -18.35 -27.21 -33.70
N ILE H 202 -18.41 -27.65 -34.95
CA ILE H 202 -19.69 -27.99 -35.56
C ILE H 202 -20.17 -29.34 -35.05
N ALA H 203 -19.32 -30.36 -35.10
CA ALA H 203 -19.74 -31.70 -34.72
C ALA H 203 -19.97 -31.80 -33.21
N ALA H 204 -19.08 -31.24 -32.41
CA ALA H 204 -19.29 -31.22 -30.98
C ALA H 204 -20.52 -30.38 -30.62
N GLY H 205 -20.79 -29.33 -31.40
CA GLY H 205 -21.99 -28.56 -31.18
C GLY H 205 -23.26 -29.36 -31.45
N ILE H 206 -23.26 -30.15 -32.52
CA ILE H 206 -24.42 -30.99 -32.82
C ILE H 206 -24.62 -32.00 -31.70
N LEU H 207 -23.55 -32.66 -31.29
CA LEU H 207 -23.67 -33.63 -30.20
C LEU H 207 -24.00 -32.94 -28.88
N GLY H 208 -23.50 -31.73 -28.69
CA GLY H 208 -23.85 -30.98 -27.49
C GLY H 208 -25.33 -30.66 -27.43
N VAL H 209 -25.94 -30.33 -28.58
CA VAL H 209 -27.36 -30.08 -28.62
C VAL H 209 -28.14 -31.34 -28.31
N LEU H 210 -27.78 -32.45 -28.97
CA LEU H 210 -28.50 -33.70 -28.77
C LEU H 210 -28.33 -34.22 -27.34
N ALA H 211 -27.12 -34.12 -26.79
CA ALA H 211 -26.92 -34.49 -25.40
C ALA H 211 -27.74 -33.61 -24.47
N GLY H 212 -27.81 -32.31 -24.77
CA GLY H 212 -28.66 -31.43 -24.01
C GLY H 212 -30.12 -31.84 -24.08
N LEU H 213 -30.58 -32.27 -25.25
CA LEU H 213 -31.94 -32.77 -25.37
C LEU H 213 -32.17 -34.01 -24.52
N PHE H 214 -31.23 -34.96 -24.59
CA PHE H 214 -31.35 -36.16 -23.78
C PHE H 214 -31.34 -35.83 -22.30
N HIS H 215 -30.32 -35.07 -21.86
CA HIS H 215 -30.20 -34.74 -20.46
C HIS H 215 -31.33 -33.83 -19.99
N LEU H 216 -32.12 -33.27 -20.91
CA LEU H 216 -33.32 -32.51 -20.60
C LEU H 216 -34.57 -33.38 -20.49
N CYS H 217 -34.58 -34.56 -21.10
CA CYS H 217 -35.76 -35.41 -21.13
C CYS H 217 -35.68 -36.57 -20.16
N VAL H 218 -34.54 -37.25 -20.08
CA VAL H 218 -34.43 -38.48 -19.32
C VAL H 218 -33.97 -38.17 -17.90
N ARG H 219 -34.73 -38.65 -16.92
CA ARG H 219 -34.36 -38.47 -15.53
C ARG H 219 -33.16 -39.34 -15.19
N PRO H 220 -32.33 -38.90 -14.24
CA PRO H 220 -31.17 -39.70 -13.86
C PRO H 220 -31.58 -40.99 -13.20
N PRO H 221 -30.78 -42.04 -13.32
CA PRO H 221 -31.07 -43.28 -12.61
C PRO H 221 -31.03 -43.05 -11.11
N GLN H 222 -31.87 -43.80 -10.39
CA GLN H 222 -31.86 -43.69 -8.93
C GLN H 222 -30.51 -44.05 -8.36
N ARG H 223 -29.91 -45.14 -8.86
CA ARG H 223 -28.61 -45.58 -8.35
C ARG H 223 -27.53 -44.54 -8.63
N LEU H 224 -27.57 -43.94 -9.81
CA LEU H 224 -26.59 -42.92 -10.16
C LEU H 224 -26.84 -41.63 -9.41
N TYR H 225 -28.11 -41.32 -9.14
CA TYR H 225 -28.45 -40.10 -8.41
C TYR H 225 -27.87 -40.13 -7.00
N ASN H 226 -27.98 -41.27 -6.32
CA ASN H 226 -27.43 -41.39 -4.97
C ASN H 226 -25.92 -41.52 -5.00
N GLY H 227 -25.39 -42.28 -5.96
CA GLY H 227 -23.95 -42.48 -6.03
C GLY H 227 -23.18 -41.19 -6.25
N LEU H 228 -23.71 -40.30 -7.09
CA LEU H 228 -23.05 -39.05 -7.40
C LEU H 228 -23.59 -37.87 -6.61
N ARG H 229 -24.53 -38.09 -5.69
CA ARG H 229 -25.11 -37.03 -4.87
C ARG H 229 -25.65 -35.90 -5.74
N MET H 230 -26.49 -36.26 -6.70
CA MET H 230 -26.98 -35.26 -7.64
C MET H 230 -27.92 -34.26 -7.00
N GLY H 231 -28.37 -34.48 -5.77
CA GLY H 231 -29.19 -33.50 -5.09
C GLY H 231 -28.36 -32.43 -4.41
N ASN H 232 -27.04 -32.65 -4.36
CA ASN H 232 -26.13 -31.72 -3.72
C ASN H 232 -25.39 -30.93 -4.80
N ILE H 233 -25.45 -29.60 -4.69
CA ILE H 233 -24.82 -28.77 -5.71
C ILE H 233 -23.30 -28.81 -5.62
N GLU H 234 -22.74 -29.25 -4.48
CA GLU H 234 -21.30 -29.37 -4.39
C GLU H 234 -20.78 -30.49 -5.27
N THR H 235 -21.64 -31.43 -5.65
CA THR H 235 -21.26 -32.43 -6.64
C THR H 235 -20.96 -31.78 -7.98
N VAL H 236 -21.78 -30.81 -8.39
CA VAL H 236 -21.54 -30.11 -9.64
C VAL H 236 -20.23 -29.36 -9.58
N LEU H 237 -19.91 -28.78 -8.43
CA LEU H 237 -18.65 -28.07 -8.28
C LEU H 237 -17.46 -29.00 -8.42
N SER H 238 -17.55 -30.20 -7.82
CA SER H 238 -16.46 -31.16 -7.92
C SER H 238 -16.20 -31.57 -9.36
N SER H 239 -17.28 -31.89 -10.09
CA SER H 239 -17.12 -32.33 -11.47
C SER H 239 -16.72 -31.18 -12.39
N SER H 240 -17.26 -29.98 -12.15
CA SER H 240 -16.86 -28.82 -12.94
C SER H 240 -15.39 -28.47 -12.72
N ILE H 241 -14.94 -28.52 -11.47
CA ILE H 241 -13.53 -28.28 -11.19
C ILE H 241 -12.68 -29.35 -11.86
N ALA H 242 -13.17 -30.59 -11.87
CA ALA H 242 -12.45 -31.65 -12.57
C ALA H 242 -12.39 -31.38 -14.06
N ALA H 243 -13.52 -30.97 -14.65
CA ALA H 243 -13.54 -30.72 -16.08
C ALA H 243 -12.70 -29.51 -16.45
N VAL H 244 -12.67 -28.49 -15.60
CA VAL H 244 -11.94 -27.28 -15.94
C VAL H 244 -10.44 -27.48 -15.81
N PHE H 245 -9.99 -28.38 -14.92
CA PHE H 245 -8.55 -28.62 -14.88
C PHE H 245 -8.12 -29.62 -15.94
N TRP H 246 -9.03 -30.47 -16.40
CA TRP H 246 -8.75 -31.26 -17.59
C TRP H 246 -8.54 -30.35 -18.79
N ALA H 247 -9.39 -29.33 -18.93
CA ALA H 247 -9.26 -28.42 -20.07
C ALA H 247 -8.03 -27.54 -19.93
N ALA H 248 -7.65 -27.21 -18.69
CA ALA H 248 -6.45 -26.40 -18.47
C ALA H 248 -5.19 -27.15 -18.87
N PHE H 249 -5.14 -28.45 -18.58
CA PHE H 249 -3.99 -29.25 -19.01
C PHE H 249 -3.92 -29.34 -20.52
N VAL H 250 -5.07 -29.55 -21.17
CA VAL H 250 -5.09 -29.65 -22.62
C VAL H 250 -4.71 -28.32 -23.25
N VAL H 251 -5.26 -27.22 -22.73
CA VAL H 251 -5.01 -25.92 -23.34
C VAL H 251 -3.59 -25.46 -23.09
N SER H 252 -2.95 -25.98 -22.04
CA SER H 252 -1.54 -25.68 -21.82
C SER H 252 -0.66 -26.50 -22.75
N GLY H 253 -1.06 -27.74 -23.03
CA GLY H 253 -0.28 -28.56 -23.93
C GLY H 253 -0.27 -28.04 -25.35
N THR H 254 -1.43 -27.63 -25.86
CA THR H 254 -1.49 -27.13 -27.22
C THR H 254 -0.83 -25.76 -27.34
N MET H 255 -0.72 -25.02 -26.24
CA MET H 255 0.01 -23.77 -26.27
C MET H 255 1.51 -24.01 -26.29
N TRP H 256 1.98 -24.96 -25.48
CA TRP H 256 3.42 -25.23 -25.41
C TRP H 256 3.91 -25.95 -26.65
N TYR H 257 3.15 -26.91 -27.14
CA TYR H 257 3.53 -27.67 -28.32
C TYR H 257 3.13 -26.99 -29.61
N GLY H 258 2.22 -26.03 -29.56
CA GLY H 258 1.77 -25.37 -30.77
C GLY H 258 0.65 -26.14 -31.43
N SER H 259 -0.22 -25.39 -32.09
CA SER H 259 -1.35 -25.97 -32.82
C SER H 259 -1.89 -24.88 -33.73
N ALA H 260 -2.94 -25.22 -34.47
CA ALA H 260 -3.61 -24.24 -35.31
C ALA H 260 -4.27 -23.13 -34.50
N ALA H 261 -4.52 -23.36 -33.21
CA ALA H 261 -5.17 -22.38 -32.36
C ALA H 261 -4.16 -21.52 -31.60
N THR H 262 -2.87 -21.73 -31.78
CA THR H 262 -1.83 -20.92 -31.16
C THR H 262 -0.78 -20.57 -32.22
N PRO H 263 -1.13 -19.71 -33.17
CA PRO H 263 -0.16 -19.35 -34.22
C PRO H 263 1.06 -18.67 -33.63
N ILE H 264 2.23 -18.99 -34.19
CA ILE H 264 3.46 -18.37 -33.71
C ILE H 264 3.53 -16.89 -34.07
N GLU H 265 2.74 -16.46 -35.05
CA GLU H 265 2.71 -15.04 -35.39
C GLU H 265 2.00 -14.22 -34.34
N LEU H 266 1.23 -14.86 -33.47
CA LEU H 266 0.52 -14.18 -32.40
C LEU H 266 1.09 -14.45 -31.02
N PHE H 267 1.59 -15.65 -30.77
CA PHE H 267 2.11 -16.02 -29.47
C PHE H 267 3.61 -16.25 -29.44
N GLY H 268 4.29 -16.17 -30.57
CA GLY H 268 5.72 -16.41 -30.61
C GLY H 268 6.02 -17.85 -30.93
N PRO H 269 7.27 -18.14 -31.27
CA PRO H 269 7.66 -19.52 -31.58
C PRO H 269 7.58 -20.41 -30.35
N THR H 270 7.63 -21.71 -30.60
CA THR H 270 7.69 -22.70 -29.54
C THR H 270 9.14 -23.11 -29.30
N ARG H 271 9.40 -23.66 -28.12
CA ARG H 271 10.75 -24.08 -27.80
C ARG H 271 11.21 -25.24 -28.67
N TYR H 272 10.26 -25.98 -29.25
CA TYR H 272 10.62 -27.16 -30.04
C TYR H 272 11.04 -26.78 -31.46
N GLN H 273 10.62 -25.61 -31.93
CA GLN H 273 11.09 -25.14 -33.22
C GLN H 273 12.58 -24.84 -33.18
N TRP H 274 13.08 -24.29 -32.08
CA TRP H 274 14.51 -24.06 -31.94
C TRP H 274 15.25 -25.38 -31.73
N ASP H 275 14.69 -26.26 -30.91
CA ASP H 275 15.37 -27.53 -30.62
C ASP H 275 15.54 -28.36 -31.88
N LEU H 276 14.51 -28.42 -32.72
CA LEU H 276 14.51 -29.27 -33.90
C LEU H 276 15.03 -28.55 -35.14
N GLY H 277 15.47 -27.30 -35.00
CA GLY H 277 15.98 -26.55 -36.13
C GLY H 277 14.92 -26.32 -37.18
N PHE H 278 13.72 -25.97 -36.76
CA PHE H 278 12.60 -25.82 -37.68
C PHE H 278 12.82 -24.64 -38.62
N PHE H 279 13.22 -23.50 -38.07
CA PHE H 279 13.42 -22.32 -38.90
C PHE H 279 14.78 -22.33 -39.58
N GLN H 280 15.81 -22.83 -38.88
CA GLN H 280 17.13 -22.88 -39.48
C GLN H 280 17.15 -23.77 -40.71
N GLN H 281 16.44 -24.90 -40.66
CA GLN H 281 16.39 -25.78 -41.82
C GLN H 281 15.71 -25.09 -43.00
N GLU H 282 14.64 -24.34 -42.75
CA GLU H 282 13.96 -23.63 -43.82
C GLU H 282 14.85 -22.54 -44.41
N ILE H 283 15.57 -21.83 -43.56
CA ILE H 283 16.44 -20.75 -44.04
C ILE H 283 17.55 -21.31 -44.91
N GLU H 284 18.17 -22.41 -44.48
CA GLU H 284 19.24 -23.02 -45.29
C GLU H 284 18.68 -23.56 -46.59
N ARG H 285 17.45 -24.08 -46.57
CA ARG H 285 16.85 -24.60 -47.78
C ARG H 285 16.63 -23.51 -48.82
N ARG H 286 16.10 -22.36 -48.39
CA ARG H 286 15.87 -21.26 -49.32
C ARG H 286 17.18 -20.73 -49.88
N VAL H 287 18.20 -20.60 -49.02
CA VAL H 287 19.50 -20.15 -49.48
C VAL H 287 20.09 -21.15 -50.47
N GLN H 288 19.95 -22.44 -50.17
CA GLN H 288 20.51 -23.46 -51.05
C GLN H 288 19.84 -23.46 -52.41
N THR H 289 18.51 -23.27 -52.45
CA THR H 289 17.82 -23.20 -53.74
C THR H 289 18.27 -21.99 -54.54
N SER H 290 18.43 -20.84 -53.88
CA SER H 290 18.91 -19.66 -54.57
C SER H 290 20.33 -19.86 -55.08
N LEU H 291 21.16 -20.58 -54.32
CA LEU H 291 22.48 -20.95 -54.81
C LEU H 291 22.40 -21.88 -56.01
N ALA H 292 21.32 -22.67 -56.09
CA ALA H 292 21.15 -23.56 -57.24
C ALA H 292 20.79 -22.77 -58.49
N GLU H 293 20.21 -21.58 -58.34
CA GLU H 293 19.92 -20.70 -59.46
C GLU H 293 21.13 -19.86 -59.85
N GLY H 294 22.32 -20.23 -59.39
CA GLY H 294 23.51 -19.47 -59.72
C GLY H 294 23.53 -18.07 -59.17
N LYS H 295 22.94 -17.86 -57.99
CA LYS H 295 22.99 -16.56 -57.34
C LYS H 295 24.15 -16.52 -56.35
N SER H 296 24.69 -15.32 -56.16
CA SER H 296 25.77 -15.14 -55.21
C SER H 296 25.28 -15.40 -53.79
N ALA H 297 26.20 -15.85 -52.95
CA ALA H 297 25.86 -16.05 -51.54
C ALA H 297 25.49 -14.74 -50.88
N SER H 298 26.09 -13.64 -51.32
CA SER H 298 25.73 -12.34 -50.78
C SER H 298 24.29 -11.98 -51.13
N GLN H 299 23.86 -12.31 -52.35
CA GLN H 299 22.51 -11.95 -52.77
C GLN H 299 21.49 -13.03 -52.47
N ALA H 300 21.92 -14.29 -52.32
CA ALA H 300 20.98 -15.33 -51.90
C ALA H 300 20.51 -15.11 -50.47
N TRP H 301 21.43 -14.72 -49.59
CA TRP H 301 21.06 -14.45 -48.20
C TRP H 301 20.24 -13.19 -48.08
N ALA H 302 20.45 -12.23 -48.99
CA ALA H 302 19.65 -11.01 -48.97
C ALA H 302 18.19 -11.29 -49.27
N GLU H 303 17.90 -12.42 -49.92
CA GLU H 303 16.52 -12.75 -50.26
C GLU H 303 15.74 -13.24 -49.06
N ILE H 304 16.43 -13.76 -48.04
CA ILE H 304 15.81 -14.34 -46.86
C ILE H 304 14.99 -13.28 -46.13
N PRO H 305 13.70 -13.51 -45.89
CA PRO H 305 12.90 -12.52 -45.16
C PRO H 305 13.43 -12.30 -43.76
N GLU H 306 13.44 -11.04 -43.34
CA GLU H 306 13.92 -10.71 -42.01
C GLU H 306 13.02 -11.28 -40.93
N LYS H 307 11.73 -11.43 -41.23
CA LYS H 307 10.82 -12.05 -40.28
C LYS H 307 11.19 -13.51 -40.04
N LEU H 308 11.56 -14.22 -41.10
CA LEU H 308 11.95 -15.62 -40.95
C LEU H 308 13.22 -15.76 -40.14
N ALA H 309 14.19 -14.87 -40.37
CA ALA H 309 15.44 -14.95 -39.63
C ALA H 309 15.23 -14.65 -38.14
N PHE H 310 14.29 -13.74 -37.83
CA PHE H 310 14.05 -13.37 -36.45
C PHE H 310 13.52 -14.54 -35.63
N TYR H 311 12.80 -15.46 -36.26
CA TYR H 311 12.35 -16.66 -35.58
C TYR H 311 13.48 -17.59 -35.22
N ASP H 312 14.63 -17.46 -35.90
CA ASP H 312 15.77 -18.34 -35.69
C ASP H 312 16.72 -17.78 -34.64
N TYR H 313 16.20 -16.98 -33.74
CA TYR H 313 16.97 -16.34 -32.68
C TYR H 313 16.54 -16.94 -31.35
N ILE H 314 17.51 -17.40 -30.56
CA ILE H 314 17.19 -18.09 -29.32
C ILE H 314 16.57 -17.16 -28.29
N GLY H 315 16.66 -15.85 -28.51
CA GLY H 315 15.98 -14.92 -27.64
C GLY H 315 14.48 -14.92 -27.78
N ASN H 316 13.96 -15.44 -28.88
CA ASN H 316 12.53 -15.62 -29.07
C ASN H 316 12.04 -16.99 -28.63
N ASN H 317 12.92 -17.81 -28.12
CA ASN H 317 12.55 -19.10 -27.58
C ASN H 317 11.82 -18.90 -26.25
N PRO H 318 10.64 -19.50 -26.06
CA PRO H 318 9.92 -19.30 -24.80
C PRO H 318 10.50 -20.06 -23.63
N ALA H 319 11.52 -20.89 -23.84
CA ALA H 319 12.13 -21.66 -22.77
C ALA H 319 13.48 -21.09 -22.35
N LYS H 320 13.68 -19.79 -22.50
CA LYS H 320 14.93 -19.14 -22.14
C LYS H 320 14.73 -18.04 -21.12
N GLY H 321 13.53 -17.91 -20.57
CA GLY H 321 13.21 -16.84 -19.65
C GLY H 321 13.45 -17.22 -18.21
N GLY H 322 12.83 -16.44 -17.33
CA GLY H 322 12.95 -16.69 -15.90
C GLY H 322 11.64 -16.40 -15.23
N LEU H 323 11.44 -17.02 -14.07
CA LEU H 323 10.18 -16.87 -13.35
C LEU H 323 9.96 -15.43 -12.90
N PHE H 324 11.02 -14.73 -12.51
CA PHE H 324 10.90 -13.37 -12.01
C PHE H 324 11.59 -12.36 -12.92
N ARG H 325 11.97 -12.75 -14.13
CA ARG H 325 12.38 -11.80 -15.17
C ARG H 325 11.12 -11.23 -15.81
N ALA H 326 10.49 -10.31 -15.09
CA ALA H 326 9.19 -9.82 -15.50
C ALA H 326 9.31 -8.88 -16.70
N GLY H 327 8.22 -8.77 -17.44
CA GLY H 327 8.07 -7.79 -18.49
C GLY H 327 8.06 -8.42 -19.86
N ALA H 328 8.22 -7.56 -20.87
CA ALA H 328 8.23 -7.96 -22.26
C ALA H 328 9.60 -8.47 -22.66
N MET H 329 9.62 -9.28 -23.73
CA MET H 329 10.89 -9.74 -24.27
C MET H 329 11.75 -8.57 -24.73
N ASN H 330 11.13 -7.45 -25.11
CA ASN H 330 11.89 -6.25 -25.43
C ASN H 330 12.64 -5.74 -24.22
N SER H 331 12.08 -5.91 -23.02
CA SER H 331 12.77 -5.46 -21.81
C SER H 331 13.98 -6.32 -21.48
N GLY H 332 14.11 -7.50 -22.05
CA GLY H 332 15.23 -8.35 -21.75
C GLY H 332 16.45 -8.11 -22.60
N ASP H 333 16.34 -8.30 -23.91
CA ASP H 333 17.48 -8.16 -24.80
C ASP H 333 17.41 -6.93 -25.68
N GLY H 334 16.41 -6.08 -25.50
CA GLY H 334 16.26 -4.89 -26.30
C GLY H 334 15.19 -5.05 -27.36
N ILE H 335 15.00 -3.97 -28.10
CA ILE H 335 14.06 -3.94 -29.22
C ILE H 335 14.84 -4.23 -30.50
N ALA H 336 14.39 -5.23 -31.25
CA ALA H 336 15.08 -5.60 -32.48
C ALA H 336 15.03 -4.45 -33.48
N VAL H 337 16.19 -4.09 -34.00
CA VAL H 337 16.32 -2.99 -34.95
C VAL H 337 16.47 -3.50 -36.37
N GLY H 338 17.41 -4.41 -36.60
CA GLY H 338 17.59 -4.94 -37.93
C GLY H 338 18.44 -6.19 -37.89
N TRP H 339 18.35 -6.96 -38.98
CA TRP H 339 19.16 -8.14 -39.13
C TRP H 339 20.58 -7.75 -39.54
N LEU H 340 21.57 -8.37 -38.92
CA LEU H 340 22.96 -8.11 -39.27
C LEU H 340 23.45 -9.01 -40.40
N GLY H 341 22.60 -9.89 -40.92
CA GLY H 341 23.00 -10.80 -41.96
C GLY H 341 23.63 -12.06 -41.41
N HIS H 342 23.62 -13.10 -42.24
CA HIS H 342 24.19 -14.38 -41.83
C HIS H 342 25.69 -14.25 -41.69
N ALA H 343 26.23 -14.77 -40.59
CA ALA H 343 27.66 -14.75 -40.33
C ALA H 343 28.24 -16.12 -40.64
N VAL H 344 29.13 -16.18 -41.62
CA VAL H 344 29.82 -17.41 -41.98
C VAL H 344 31.26 -17.29 -41.52
N PHE H 345 31.70 -18.25 -40.71
CA PHE H 345 33.04 -18.24 -40.14
C PHE H 345 33.96 -19.10 -41.00
N LYS H 346 35.13 -18.57 -41.33
CA LYS H 346 36.06 -19.25 -42.21
C LYS H 346 37.39 -19.44 -41.52
N ASP H 347 37.98 -20.62 -41.71
CA ASP H 347 39.33 -20.91 -41.27
C ASP H 347 40.32 -20.11 -42.10
N LYS H 348 41.58 -20.09 -41.63
CA LYS H 348 42.62 -19.39 -42.38
C LYS H 348 42.84 -20.02 -43.74
N GLN H 349 42.68 -21.34 -43.83
CA GLN H 349 42.83 -22.04 -45.10
C GLN H 349 41.59 -21.93 -45.98
N GLY H 350 40.51 -21.35 -45.47
CA GLY H 350 39.30 -21.15 -46.25
C GLY H 350 38.15 -22.07 -45.89
N ASN H 351 38.38 -23.09 -45.07
CA ASN H 351 37.30 -23.98 -44.66
C ASN H 351 36.29 -23.23 -43.81
N GLU H 352 35.01 -23.55 -44.01
CA GLU H 352 33.94 -22.87 -43.32
C GLU H 352 33.67 -23.53 -41.97
N LEU H 353 33.56 -22.71 -40.94
CA LEU H 353 33.27 -23.18 -39.59
C LEU H 353 31.88 -22.77 -39.17
N PHE H 354 31.25 -23.62 -38.37
CA PHE H 354 29.89 -23.37 -37.88
C PHE H 354 29.92 -23.32 -36.36
N VAL H 355 29.32 -22.27 -35.80
CA VAL H 355 29.25 -22.13 -34.35
C VAL H 355 28.18 -23.06 -33.81
N ARG H 356 28.53 -23.87 -32.82
CA ARG H 356 27.57 -24.75 -32.19
C ARG H 356 26.51 -23.93 -31.47
N ARG H 357 25.26 -24.09 -31.88
CA ARG H 357 24.18 -23.30 -31.30
C ARG H 357 23.91 -23.73 -29.87
N MET H 358 23.49 -22.79 -29.06
CA MET H 358 23.25 -23.04 -27.65
C MET H 358 21.97 -23.84 -27.46
N PRO H 359 22.01 -25.00 -26.81
CA PRO H 359 20.77 -25.69 -26.48
C PRO H 359 19.96 -24.90 -25.46
N THR H 360 18.65 -25.15 -25.45
CA THR H 360 17.77 -24.39 -24.56
C THR H 360 18.08 -24.63 -23.10
N PHE H 361 18.67 -25.78 -22.77
CA PHE H 361 18.89 -26.13 -21.38
C PHE H 361 19.98 -25.33 -20.70
N PHE H 362 20.81 -24.62 -21.46
CA PHE H 362 22.03 -24.02 -20.92
C PHE H 362 21.82 -22.52 -20.71
N GLU H 363 22.06 -22.06 -19.48
CA GLU H 363 22.09 -20.63 -19.23
C GLU H 363 23.29 -19.99 -19.90
N THR H 364 24.44 -20.65 -19.85
CA THR H 364 25.61 -20.25 -20.59
C THR H 364 26.20 -21.48 -21.26
N PHE H 365 26.90 -21.27 -22.38
CA PHE H 365 27.33 -22.37 -23.20
C PHE H 365 28.67 -22.02 -23.84
N PRO H 366 29.66 -22.91 -23.78
CA PRO H 366 30.94 -22.63 -24.42
C PRO H 366 30.80 -22.44 -25.92
N VAL H 367 31.53 -21.48 -26.45
CA VAL H 367 31.49 -21.20 -27.89
C VAL H 367 32.55 -22.06 -28.58
N VAL H 368 32.10 -22.91 -29.50
CA VAL H 368 32.97 -23.86 -30.18
C VAL H 368 32.54 -23.90 -31.64
N LEU H 369 33.50 -23.86 -32.55
CA LEU H 369 33.23 -23.82 -33.98
C LEU H 369 33.53 -25.18 -34.60
N LEU H 370 32.57 -25.72 -35.33
CA LEU H 370 32.68 -27.02 -35.96
C LEU H 370 32.75 -26.87 -37.47
N ASP H 371 33.40 -27.82 -38.11
CA ASP H 371 33.47 -27.87 -39.57
C ASP H 371 32.32 -28.72 -40.11
N LYS H 372 32.40 -29.07 -41.40
CA LYS H 372 31.29 -29.77 -42.05
C LYS H 372 31.00 -31.11 -41.40
N ASP H 373 32.03 -31.87 -41.05
CA ASP H 373 31.81 -33.21 -40.51
C ASP H 373 31.64 -33.20 -38.99
N GLY H 374 31.58 -32.03 -38.36
CA GLY H 374 31.29 -31.95 -36.94
C GLY H 374 32.48 -31.94 -36.03
N VAL H 375 33.70 -31.86 -36.57
CA VAL H 375 34.89 -31.87 -35.74
C VAL H 375 35.15 -30.46 -35.22
N VAL H 376 35.53 -30.37 -33.94
CA VAL H 376 35.91 -29.09 -33.37
C VAL H 376 37.17 -28.57 -34.05
N ARG H 377 37.11 -27.35 -34.55
CA ARG H 377 38.26 -26.74 -35.21
C ARG H 377 38.78 -25.52 -34.49
N ALA H 378 37.90 -24.70 -33.92
CA ALA H 378 38.31 -23.54 -33.15
C ALA H 378 37.29 -23.27 -32.06
N ASP H 379 37.70 -22.49 -31.07
CA ASP H 379 36.84 -22.12 -29.96
C ASP H 379 37.50 -20.99 -29.19
N VAL H 380 36.74 -20.41 -28.27
CA VAL H 380 37.27 -19.41 -27.34
C VAL H 380 37.72 -20.14 -26.08
N PRO H 381 39.03 -20.32 -25.87
CA PRO H 381 39.48 -21.13 -24.74
C PRO H 381 39.23 -20.43 -23.42
N PHE H 382 38.83 -21.20 -22.41
CA PHE H 382 38.80 -20.69 -21.05
C PHE H 382 40.21 -20.57 -20.49
N ARG H 383 41.04 -21.59 -20.72
CA ARG H 383 42.43 -21.59 -20.27
C ARG H 383 43.30 -21.14 -21.44
N ARG H 384 43.69 -19.87 -21.43
CA ARG H 384 44.50 -19.31 -22.51
C ARG H 384 45.98 -19.36 -22.14
N SER H 385 46.45 -20.54 -21.85
CA SER H 385 47.85 -20.74 -21.47
C SER H 385 48.56 -21.74 -22.37
N GLU H 386 47.89 -22.84 -22.72
CA GLU H 386 48.41 -23.82 -23.66
C GLU H 386 47.30 -24.26 -24.61
N SER H 387 46.57 -23.28 -25.14
CA SER H 387 45.43 -23.56 -26.00
C SER H 387 45.88 -24.18 -27.32
N LYS H 388 45.00 -25.01 -27.90
CA LYS H 388 45.25 -25.60 -29.20
C LYS H 388 44.17 -25.26 -30.22
N TYR H 389 43.16 -24.48 -29.84
CA TYR H 389 42.05 -24.18 -30.73
C TYR H 389 41.66 -22.71 -30.74
N SER H 390 42.41 -21.83 -30.09
CA SER H 390 42.00 -20.44 -30.01
C SER H 390 41.94 -19.83 -31.40
N ILE H 391 40.95 -18.96 -31.63
CA ILE H 391 40.72 -18.42 -32.97
C ILE H 391 41.91 -17.59 -33.43
N GLU H 392 42.72 -17.10 -32.50
CA GLU H 392 43.92 -16.37 -32.91
C GLU H 392 44.91 -17.28 -33.62
N GLN H 393 45.11 -18.49 -33.12
CA GLN H 393 46.03 -19.43 -33.75
C GLN H 393 45.38 -20.28 -34.83
N VAL H 394 44.09 -20.12 -35.05
CA VAL H 394 43.42 -20.74 -36.20
C VAL H 394 43.10 -19.72 -37.29
N GLY H 395 43.17 -18.42 -36.99
CA GLY H 395 42.93 -17.39 -37.98
C GLY H 395 41.50 -17.33 -38.48
N VAL H 396 40.55 -17.46 -37.58
CA VAL H 396 39.14 -17.47 -37.94
C VAL H 396 38.69 -16.05 -38.30
N SER H 397 37.95 -15.93 -39.39
CA SER H 397 37.38 -14.67 -39.83
C SER H 397 35.88 -14.85 -40.03
N VAL H 398 35.15 -13.75 -39.91
CA VAL H 398 33.70 -13.77 -40.04
C VAL H 398 33.31 -12.77 -41.13
N THR H 399 32.46 -13.21 -42.05
CA THR H 399 31.93 -12.38 -43.12
C THR H 399 30.42 -12.46 -43.07
N PHE H 400 29.75 -11.33 -43.25
CA PHE H 400 28.30 -11.27 -43.19
C PHE H 400 27.70 -11.17 -44.58
N TYR H 401 26.70 -12.01 -44.84
CA TYR H 401 25.99 -12.02 -46.11
C TYR H 401 24.54 -11.61 -45.86
N GLY H 402 24.08 -10.59 -46.56
CA GLY H 402 22.76 -10.05 -46.34
C GLY H 402 22.72 -9.15 -45.12
N GLY H 403 21.56 -8.57 -44.89
CA GLY H 403 21.39 -7.74 -43.72
C GLY H 403 22.18 -6.44 -43.78
N GLU H 404 22.37 -5.84 -42.60
CA GLU H 404 23.07 -4.56 -42.52
C GLU H 404 24.55 -4.70 -42.86
N LEU H 405 25.22 -5.69 -42.27
CA LEU H 405 26.65 -5.85 -42.45
C LEU H 405 27.02 -6.68 -43.66
N ASP H 406 26.15 -6.73 -44.67
CA ASP H 406 26.45 -7.51 -45.87
C ASP H 406 27.77 -7.05 -46.48
N GLY H 407 28.61 -8.03 -46.82
CA GLY H 407 29.89 -7.73 -47.43
C GLY H 407 31.01 -7.47 -46.45
N VAL H 408 30.67 -6.88 -45.31
CA VAL H 408 31.68 -6.54 -44.31
C VAL H 408 32.27 -7.81 -43.72
N THR H 409 33.60 -7.84 -43.59
CA THR H 409 34.30 -8.97 -43.00
C THR H 409 35.20 -8.48 -41.88
N PHE H 410 35.23 -9.23 -40.79
CA PHE H 410 36.05 -8.94 -39.63
C PHE H 410 37.11 -10.01 -39.46
N SER H 411 38.33 -9.60 -39.15
CA SER H 411 39.43 -10.54 -38.95
C SER H 411 40.10 -10.42 -37.58
N ASP H 412 39.98 -9.30 -36.89
CA ASP H 412 40.59 -9.17 -35.57
C ASP H 412 39.93 -10.13 -34.60
N PRO H 413 40.69 -10.82 -33.76
CA PRO H 413 40.08 -11.85 -32.88
C PRO H 413 39.01 -11.31 -31.94
N ALA H 414 39.12 -10.06 -31.52
CA ALA H 414 38.16 -9.52 -30.55
C ALA H 414 36.76 -9.48 -31.12
N THR H 415 36.62 -8.98 -32.36
CA THR H 415 35.30 -8.93 -32.98
C THR H 415 34.83 -10.30 -33.44
N VAL H 416 35.75 -11.15 -33.88
CA VAL H 416 35.37 -12.50 -34.27
C VAL H 416 34.83 -13.27 -33.06
N LYS H 417 35.46 -13.10 -31.90
CA LYS H 417 34.90 -13.66 -30.68
C LYS H 417 33.54 -13.07 -30.38
N LYS H 418 33.39 -11.76 -30.56
CA LYS H 418 32.13 -11.10 -30.25
C LYS H 418 30.99 -11.67 -31.08
N TYR H 419 31.23 -11.89 -32.37
CA TYR H 419 30.19 -12.42 -33.23
C TYR H 419 30.04 -13.92 -33.12
N ALA H 420 31.09 -14.62 -32.70
CA ALA H 420 30.94 -16.04 -32.40
C ALA H 420 30.00 -16.25 -31.22
N ARG H 421 30.11 -15.39 -30.20
CA ARG H 421 29.17 -15.44 -29.09
C ARG H 421 27.75 -15.13 -29.55
N ARG H 422 27.61 -14.18 -30.48
CA ARG H 422 26.29 -13.89 -31.02
C ARG H 422 25.79 -15.01 -31.91
N ALA H 423 26.70 -15.76 -32.54
CA ALA H 423 26.28 -16.75 -33.53
C ALA H 423 25.66 -17.97 -32.88
N GLN H 424 26.07 -18.30 -31.66
CA GLN H 424 25.50 -19.44 -30.98
C GLN H 424 24.08 -19.18 -30.49
N LEU H 425 23.62 -17.93 -30.57
CA LEU H 425 22.25 -17.59 -30.25
C LEU H 425 21.34 -17.68 -31.47
N GLY H 426 21.87 -18.10 -32.61
CA GLY H 426 21.09 -18.19 -33.83
C GLY H 426 21.47 -17.09 -34.80
N GLU H 427 20.47 -16.45 -35.38
CA GLU H 427 20.72 -15.31 -36.26
C GLU H 427 21.10 -14.10 -35.43
N ILE H 428 21.90 -13.22 -36.03
CA ILE H 428 22.47 -12.06 -35.34
C ILE H 428 21.65 -10.84 -35.70
N PHE H 429 21.09 -10.19 -34.69
CA PHE H 429 20.27 -9.00 -34.86
C PHE H 429 20.86 -7.85 -34.06
N GLU H 430 20.52 -6.63 -34.48
CA GLU H 430 20.91 -5.44 -33.74
C GLU H 430 19.74 -5.02 -32.85
N PHE H 431 20.02 -4.85 -31.57
CA PHE H 431 18.99 -4.56 -30.58
C PHE H 431 19.22 -3.19 -29.98
N ASP H 432 18.11 -2.49 -29.70
CA ASP H 432 18.16 -1.19 -29.04
C ASP H 432 17.91 -1.39 -27.56
N ARG H 433 18.97 -1.24 -26.75
CA ARG H 433 18.88 -1.43 -25.31
C ARG H 433 18.84 -0.12 -24.54
N ALA H 434 18.58 0.99 -25.21
CA ALA H 434 18.58 2.29 -24.54
C ALA H 434 17.19 2.81 -24.22
N THR H 435 16.19 2.53 -25.07
CA THR H 435 14.87 3.10 -24.87
C THR H 435 14.24 2.59 -23.58
N LEU H 436 14.32 1.29 -23.34
CA LEU H 436 13.74 0.68 -22.15
C LEU H 436 14.79 0.16 -21.19
N GLN H 437 16.07 0.42 -21.46
CA GLN H 437 17.16 0.01 -20.58
C GLN H 437 17.12 -1.48 -20.30
N SER H 438 17.26 -2.26 -21.37
CA SER H 438 17.18 -3.71 -21.25
C SER H 438 18.36 -4.25 -20.48
N ASP H 439 18.08 -5.21 -19.59
CA ASP H 439 19.12 -5.76 -18.73
C ASP H 439 20.12 -6.59 -19.53
N GLY H 440 19.63 -7.43 -20.41
CA GLY H 440 20.46 -8.37 -21.14
C GLY H 440 20.14 -9.82 -20.88
N VAL H 441 19.09 -10.13 -20.12
CA VAL H 441 18.69 -11.51 -19.84
C VAL H 441 17.37 -11.79 -20.53
N PHE H 442 17.24 -12.97 -21.11
CA PHE H 442 16.09 -13.29 -21.92
C PHE H 442 14.83 -13.40 -21.07
N ARG H 443 13.69 -13.26 -21.74
CA ARG H 443 12.38 -13.37 -21.10
C ARG H 443 11.49 -14.27 -21.93
N THR H 444 10.41 -14.74 -21.32
CA THR H 444 9.49 -15.64 -22.00
C THR H 444 8.41 -14.87 -22.74
N SER H 445 7.94 -15.46 -23.83
CA SER H 445 6.86 -14.88 -24.62
C SER H 445 5.53 -15.12 -23.91
N PRO H 446 4.44 -14.57 -24.44
CA PRO H 446 3.12 -14.94 -23.91
C PRO H 446 2.84 -16.43 -23.99
N ARG H 447 3.49 -17.15 -24.90
CA ARG H 447 3.35 -18.60 -24.94
C ARG H 447 3.85 -19.23 -23.65
N GLY H 448 5.01 -18.79 -23.17
CA GLY H 448 5.54 -19.34 -21.93
C GLY H 448 4.71 -18.96 -20.72
N TRP H 449 4.27 -17.70 -20.64
CA TRP H 449 3.54 -17.25 -19.47
C TRP H 449 2.16 -17.90 -19.39
N PHE H 450 1.48 -18.04 -20.53
CA PHE H 450 0.18 -18.69 -20.53
C PHE H 450 0.29 -20.12 -20.08
N THR H 451 1.31 -20.84 -20.57
CA THR H 451 1.49 -22.24 -20.19
C THR H 451 1.73 -22.38 -18.71
N PHE H 452 2.61 -21.55 -18.16
CA PHE H 452 2.93 -21.64 -16.74
C PHE H 452 1.71 -21.33 -15.88
N ALA H 453 0.99 -20.27 -16.22
CA ALA H 453 -0.18 -19.89 -15.42
C ALA H 453 -1.24 -20.99 -15.44
N HIS H 454 -1.56 -21.50 -16.62
CA HIS H 454 -2.65 -22.46 -16.71
C HIS H 454 -2.20 -23.86 -16.31
N LEU H 455 -0.90 -24.12 -16.26
CA LEU H 455 -0.43 -25.37 -15.65
C LEU H 455 -0.51 -25.31 -14.13
N CYS H 456 -0.11 -24.18 -13.54
CA CYS H 456 -0.21 -24.03 -12.10
C CYS H 456 -1.65 -24.03 -11.64
N PHE H 457 -2.53 -23.36 -12.39
CA PHE H 457 -3.95 -23.41 -12.09
C PHE H 457 -4.50 -24.82 -12.22
N ALA H 458 -4.06 -25.54 -13.25
CA ALA H 458 -4.53 -26.91 -13.46
C ALA H 458 -4.13 -27.79 -12.29
N LEU H 459 -2.91 -27.63 -11.79
CA LEU H 459 -2.45 -28.44 -10.68
C LEU H 459 -3.18 -28.08 -9.39
N LEU H 460 -3.37 -26.79 -9.14
CA LEU H 460 -4.12 -26.37 -7.95
C LEU H 460 -5.56 -26.82 -8.03
N PHE H 461 -6.14 -26.81 -9.22
CA PHE H 461 -7.54 -27.22 -9.36
C PHE H 461 -7.73 -28.72 -9.23
N PHE H 462 -6.64 -29.49 -9.27
CA PHE H 462 -6.78 -30.95 -9.02
C PHE H 462 -7.12 -31.14 -7.53
N PHE H 463 -6.46 -30.37 -6.66
CA PHE H 463 -6.78 -30.43 -5.21
C PHE H 463 -8.23 -30.01 -5.02
N GLY H 464 -8.68 -29.00 -5.77
CA GLY H 464 -10.10 -28.59 -5.72
C GLY H 464 -11.01 -29.75 -6.06
N HIS H 465 -10.71 -30.50 -7.13
CA HIS H 465 -11.51 -31.68 -7.42
C HIS H 465 -11.54 -32.62 -6.23
N ILE H 466 -10.39 -32.86 -5.62
CA ILE H 466 -10.33 -33.84 -4.49
C ILE H 466 -11.08 -33.28 -3.29
N TRP H 467 -10.80 -32.04 -2.90
CA TRP H 467 -11.44 -31.45 -1.69
C TRP H 467 -12.95 -31.35 -1.88
N HIS H 468 -13.40 -30.57 -2.86
CA HIS H 468 -14.86 -30.38 -3.06
C HIS H 468 -15.48 -31.73 -3.41
N GLY H 469 -14.70 -32.62 -4.03
CA GLY H 469 -15.25 -33.94 -4.30
C GLY H 469 -15.39 -34.80 -3.05
N ALA H 470 -14.44 -34.68 -2.12
CA ALA H 470 -14.55 -35.41 -0.87
C ALA H 470 -15.59 -34.80 0.05
N ARG H 471 -15.83 -33.49 -0.10
CA ARG H 471 -16.82 -32.81 0.73
C ARG H 471 -18.23 -33.33 0.44
N THR H 472 -18.57 -33.48 -0.84
CA THR H 472 -19.93 -33.87 -1.20
C THR H 472 -20.21 -35.32 -0.82
N ILE H 473 -19.24 -36.21 -1.02
CA ILE H 473 -19.44 -37.61 -0.68
C ILE H 473 -19.48 -37.80 0.83
N PHE H 474 -18.56 -37.15 1.54
CA PHE H 474 -18.44 -37.30 2.98
C PHE H 474 -19.12 -36.16 3.72
N ARG H 475 -20.24 -35.69 3.19
CA ARG H 475 -20.93 -34.56 3.80
C ARG H 475 -21.52 -34.91 5.16
N ASP H 476 -21.96 -36.16 5.35
CA ASP H 476 -22.62 -36.54 6.59
C ASP H 476 -21.67 -36.61 7.77
N VAL H 477 -20.36 -36.58 7.50
CA VAL H 477 -19.34 -36.69 8.58
C VAL H 477 -18.43 -35.47 8.57
N PHE H 478 -18.90 -34.36 8.00
CA PHE H 478 -18.05 -33.15 7.87
C PHE H 478 -17.74 -32.58 9.26
N ALA H 479 -18.73 -32.58 10.16
CA ALA H 479 -18.53 -32.00 11.50
C ALA H 479 -17.92 -33.03 12.45
N GLY H 480 -17.75 -34.27 12.00
CA GLY H 480 -17.17 -35.29 12.84
C GLY H 480 -17.84 -36.62 12.60
N ILE H 481 -17.30 -37.65 13.24
CA ILE H 481 -17.81 -39.00 13.08
C ILE H 481 -18.75 -39.32 14.23
N ASP H 482 -19.52 -40.38 14.06
CA ASP H 482 -20.48 -40.78 15.08
C ASP H 482 -19.77 -41.21 16.36
N ALA H 483 -20.47 -41.06 17.48
CA ALA H 483 -19.87 -41.37 18.78
C ALA H 483 -19.50 -42.84 18.88
N ASP H 484 -20.49 -43.73 18.83
CA ASP H 484 -20.26 -45.16 18.96
C ASP H 484 -20.11 -45.76 17.58
N LEU H 485 -18.88 -46.11 17.22
CA LEU H 485 -18.57 -46.70 15.94
C LEU H 485 -17.74 -47.96 16.04
N ASP H 486 -17.25 -48.30 17.25
CA ASP H 486 -16.24 -49.35 17.38
C ASP H 486 -16.75 -50.70 16.89
N GLU H 487 -18.02 -51.00 17.15
CA GLU H 487 -18.56 -52.31 16.78
C GLU H 487 -18.48 -52.53 15.27
N GLN H 488 -18.79 -51.50 14.49
CA GLN H 488 -18.73 -51.63 13.04
C GLN H 488 -17.29 -51.70 12.53
N VAL H 489 -16.39 -50.94 13.16
CA VAL H 489 -15.01 -50.87 12.70
C VAL H 489 -14.19 -52.08 13.08
N GLU H 490 -14.71 -52.96 13.92
CA GLU H 490 -13.97 -54.14 14.36
C GLU H 490 -13.57 -55.01 13.19
N PHE H 491 -12.35 -55.56 13.26
CA PHE H 491 -11.87 -56.46 12.22
C PHE H 491 -12.52 -57.84 12.40
N GLY H 492 -13.19 -58.31 11.36
CA GLY H 492 -13.79 -59.62 11.36
C GLY H 492 -15.15 -59.71 12.02
N ALA H 493 -15.68 -58.61 12.55
CA ALA H 493 -17.01 -58.64 13.13
C ALA H 493 -18.06 -58.91 12.07
N PHE H 494 -17.86 -58.39 10.86
CA PHE H 494 -18.80 -58.56 9.76
C PHE H 494 -18.05 -59.04 8.53
N LEU H 495 -18.74 -59.81 7.70
CA LEU H 495 -18.14 -60.32 6.47
C LEU H 495 -17.81 -59.21 5.50
N LYS H 496 -18.69 -58.22 5.38
CA LYS H 496 -18.54 -57.11 4.44
C LYS H 496 -18.33 -55.82 5.23
N LEU H 497 -17.37 -55.02 4.79
CA LEU H 497 -17.03 -53.78 5.49
C LEU H 497 -18.24 -52.86 5.59
N GLY H 498 -18.51 -52.40 6.80
CA GLY H 498 -19.61 -51.48 7.04
C GLY H 498 -20.95 -52.14 7.20
N ASP H 499 -21.26 -53.11 6.34
CA ASP H 499 -22.56 -53.76 6.37
C ASP H 499 -22.75 -54.53 7.67
N THR H 500 -23.72 -54.08 8.47
CA THR H 500 -24.01 -54.68 9.76
C THR H 500 -24.86 -55.94 9.63
N SER H 501 -25.45 -56.20 8.47
CA SER H 501 -26.26 -57.37 8.25
C SER H 501 -25.45 -58.57 7.77
N THR H 502 -24.13 -58.44 7.71
CA THR H 502 -23.24 -59.52 7.30
C THR H 502 -22.38 -60.02 8.46
N ARG H 503 -22.96 -60.13 9.65
CA ARG H 503 -22.21 -60.49 10.83
C ARG H 503 -21.62 -61.89 10.70
N ARG H 504 -20.37 -62.03 11.11
CA ARG H 504 -19.65 -63.29 10.99
C ARG H 504 -20.08 -64.27 12.09
N GLY I 1 16.45 -66.28 34.43
CA GLY I 1 16.47 -64.87 34.77
C GLY I 1 15.15 -64.38 35.32
N ARG I 2 14.75 -63.18 34.90
CA ARG I 2 13.48 -62.59 35.29
C ARG I 2 12.63 -62.39 34.04
N ASP I 3 11.50 -61.71 34.23
CA ASP I 3 10.53 -61.49 33.17
C ASP I 3 9.87 -60.15 33.38
N GLN I 4 9.10 -59.71 32.40
CA GLN I 4 8.41 -58.45 32.54
C GLN I 4 7.27 -58.53 33.56
N GLU I 5 6.75 -59.73 33.81
CA GLU I 5 5.65 -59.88 34.75
C GLU I 5 6.05 -59.48 36.15
N SER I 6 7.28 -59.78 36.56
CA SER I 6 7.73 -59.52 37.92
C SER I 6 8.69 -58.34 38.02
N THR I 7 9.04 -57.70 36.91
CA THR I 7 10.01 -56.61 36.93
C THR I 7 9.48 -55.32 36.35
N GLY I 8 8.54 -55.37 35.40
CA GLY I 8 8.06 -54.18 34.75
C GLY I 8 8.95 -53.65 33.65
N PHE I 9 10.08 -54.30 33.38
CA PHE I 9 10.95 -53.95 32.28
C PHE I 9 10.78 -54.97 31.16
N ALA I 10 10.58 -54.49 29.94
CA ALA I 10 10.45 -55.39 28.81
C ALA I 10 11.79 -56.02 28.49
N TRP I 11 11.80 -56.93 27.51
CA TRP I 11 13.03 -57.62 27.15
C TRP I 11 14.07 -56.65 26.59
N TRP I 12 13.61 -55.63 25.86
CA TRP I 12 14.55 -54.68 25.27
C TRP I 12 15.14 -53.72 26.29
N ALA I 13 14.62 -53.69 27.52
CA ALA I 13 15.27 -53.04 28.64
C ALA I 13 15.67 -54.07 29.67
N GLY I 14 16.06 -55.26 29.22
CA GLY I 14 16.23 -56.38 30.13
C GLY I 14 17.39 -56.22 31.08
N ASN I 15 18.48 -55.61 30.62
CA ASN I 15 19.62 -55.44 31.51
C ASN I 15 19.33 -54.45 32.63
N ALA I 16 18.24 -53.72 32.55
CA ALA I 16 17.80 -52.88 33.65
C ALA I 16 17.26 -53.68 34.82
N ARG I 17 17.03 -54.97 34.65
CA ARG I 17 16.61 -55.85 35.72
C ARG I 17 17.76 -56.22 36.64
N LEU I 18 18.98 -55.81 36.32
CA LEU I 18 20.16 -56.12 37.11
C LEU I 18 20.58 -54.98 38.02
N ILE I 19 19.78 -53.91 38.11
CA ILE I 19 20.22 -52.73 38.84
C ILE I 19 20.48 -53.05 40.30
N ASN I 20 19.61 -53.84 40.92
CA ASN I 20 19.76 -54.19 42.33
C ASN I 20 20.23 -55.63 42.54
N LEU I 21 20.58 -56.34 41.47
CA LEU I 21 21.14 -57.69 41.59
C LEU I 21 22.66 -57.57 41.44
N SER I 22 23.32 -57.25 42.55
CA SER I 22 24.73 -56.90 42.50
C SER I 22 25.58 -58.08 42.01
N GLY I 23 25.23 -59.29 42.43
CA GLY I 23 26.00 -60.45 42.00
C GLY I 23 25.90 -60.71 40.51
N LYS I 24 24.68 -60.68 39.98
CA LYS I 24 24.53 -60.86 38.54
C LYS I 24 25.06 -59.65 37.77
N LEU I 25 24.91 -58.46 38.34
CA LEU I 25 25.46 -57.27 37.71
C LEU I 25 26.98 -57.36 37.62
N LEU I 26 27.61 -57.99 38.61
CA LEU I 26 29.06 -58.20 38.55
C LEU I 26 29.43 -59.08 37.37
N GLY I 27 28.71 -60.19 37.19
CA GLY I 27 29.01 -61.07 36.07
C GLY I 27 28.75 -60.41 34.74
N ALA I 28 27.77 -59.51 34.67
CA ALA I 28 27.52 -58.77 33.44
C ALA I 28 28.72 -57.89 33.09
N HIS I 29 29.29 -57.22 34.09
CA HIS I 29 30.40 -56.32 33.81
C HIS I 29 31.69 -57.10 33.55
N VAL I 30 31.86 -58.26 34.21
CA VAL I 30 33.04 -59.08 33.95
C VAL I 30 32.95 -59.73 32.56
N ALA I 31 31.75 -60.13 32.15
CA ALA I 31 31.59 -60.73 30.84
C ALA I 31 31.86 -59.73 29.71
N HIS I 32 31.37 -58.49 29.84
CA HIS I 32 31.68 -57.48 28.84
C HIS I 32 33.17 -57.17 28.83
N ALA I 33 33.81 -57.22 30.00
CA ALA I 33 35.26 -57.06 30.05
C ALA I 33 35.96 -58.16 29.28
N GLY I 34 35.46 -59.39 29.39
CA GLY I 34 36.02 -60.47 28.61
C GLY I 34 35.86 -60.25 27.12
N LEU I 35 34.75 -59.62 26.71
CA LEU I 35 34.57 -59.28 25.31
C LEU I 35 35.59 -58.25 24.84
N ILE I 36 35.87 -57.26 25.68
CA ILE I 36 36.84 -56.23 25.30
C ILE I 36 38.22 -56.83 25.15
N VAL I 37 38.64 -57.67 26.10
CA VAL I 37 39.92 -58.33 26.00
C VAL I 37 39.92 -59.31 24.85
N PHE I 38 38.79 -59.96 24.58
CA PHE I 38 38.70 -60.87 23.45
C PHE I 38 38.91 -60.13 22.14
N TRP I 39 38.23 -58.99 21.96
CA TRP I 39 38.38 -58.23 20.73
C TRP I 39 39.80 -57.74 20.56
N ALA I 40 40.42 -57.28 21.64
CA ALA I 40 41.81 -56.84 21.56
C ALA I 40 42.72 -57.97 21.13
N GLY I 41 42.51 -59.17 21.69
CA GLY I 41 43.31 -60.30 21.28
C GLY I 41 43.00 -60.76 19.87
N ALA I 42 41.71 -60.89 19.55
CA ALA I 42 41.31 -61.39 18.24
C ALA I 42 41.72 -60.41 17.14
N MET I 43 41.50 -59.12 17.37
CA MET I 43 41.85 -58.13 16.35
C MET I 43 43.37 -58.01 16.21
N ASN I 44 44.10 -58.19 17.30
CA ASN I 44 45.56 -58.17 17.22
C ASN I 44 46.07 -59.29 16.33
N LEU I 45 45.59 -60.51 16.57
CA LEU I 45 46.03 -61.64 15.76
C LEU I 45 45.57 -61.49 14.32
N PHE I 46 44.37 -60.92 14.12
CA PHE I 46 43.89 -60.68 12.77
C PHE I 46 44.79 -59.71 12.02
N GLU I 47 45.26 -58.67 12.69
CA GLU I 47 46.12 -57.70 12.04
C GLU I 47 47.52 -58.25 11.82
N VAL I 48 48.02 -59.05 12.76
CA VAL I 48 49.33 -59.67 12.58
C VAL I 48 49.31 -60.63 11.39
N ALA I 49 48.25 -61.43 11.28
CA ALA I 49 48.14 -62.36 10.16
C ALA I 49 48.08 -61.63 8.83
N HIS I 50 47.33 -60.54 8.75
CA HIS I 50 47.14 -59.80 7.52
C HIS I 50 48.18 -58.71 7.33
N PHE I 51 49.32 -58.82 7.99
CA PHE I 51 50.37 -57.81 7.90
C PHE I 51 51.42 -58.23 6.89
N VAL I 52 51.65 -57.38 5.90
CA VAL I 52 52.68 -57.60 4.89
C VAL I 52 53.77 -56.54 5.07
N PRO I 53 55.04 -56.94 5.14
CA PRO I 53 56.10 -55.96 5.43
C PRO I 53 56.40 -55.02 4.28
N GLU I 54 55.85 -55.24 3.09
CA GLU I 54 56.14 -54.38 1.96
C GLU I 54 55.36 -53.08 1.97
N LYS I 55 54.44 -52.91 2.91
CA LYS I 55 53.68 -51.69 3.06
C LYS I 55 53.83 -51.14 4.46
N PRO I 56 53.63 -49.85 4.66
CA PRO I 56 53.61 -49.31 6.01
C PRO I 56 52.34 -49.71 6.75
N MET I 57 52.35 -49.49 8.06
CA MET I 57 51.22 -49.89 8.89
C MET I 57 49.94 -49.18 8.48
N TYR I 58 50.01 -47.90 8.20
CA TYR I 58 48.80 -47.14 7.90
C TYR I 58 48.20 -47.46 6.55
N GLU I 59 48.90 -48.19 5.70
CA GLU I 59 48.38 -48.59 4.40
C GLU I 59 47.68 -49.94 4.45
N GLN I 60 47.63 -50.59 5.61
CA GLN I 60 47.09 -51.93 5.75
C GLN I 60 45.86 -51.99 6.64
N GLY I 61 45.32 -50.84 7.02
CA GLY I 61 44.12 -50.83 7.84
C GLY I 61 44.32 -51.37 9.23
N LEU I 62 45.50 -51.18 9.81
CA LEU I 62 45.81 -51.65 11.15
C LEU I 62 45.65 -50.49 12.12
N ILE I 63 44.88 -50.71 13.18
CA ILE I 63 44.71 -49.70 14.21
C ILE I 63 45.25 -50.14 15.57
N LEU I 64 45.47 -51.43 15.78
CA LEU I 64 46.01 -51.91 17.06
C LEU I 64 47.52 -52.02 17.03
N LEU I 65 48.08 -52.51 15.94
CA LEU I 65 49.53 -52.57 15.80
C LEU I 65 50.20 -51.21 15.97
N PRO I 66 49.68 -50.10 15.43
CA PRO I 66 50.29 -48.81 15.74
C PRO I 66 50.36 -48.49 17.21
N HIS I 67 49.36 -48.91 17.99
CA HIS I 67 49.41 -48.69 19.44
C HIS I 67 50.55 -49.46 20.08
N LEU I 68 50.78 -50.70 19.62
CA LEU I 68 51.93 -51.45 20.09
C LEU I 68 53.23 -50.84 19.62
N ALA I 69 53.26 -50.34 18.39
CA ALA I 69 54.49 -49.74 17.86
C ALA I 69 54.87 -48.48 18.63
N THR I 70 53.88 -47.66 18.99
CA THR I 70 54.18 -46.44 19.75
C THR I 70 54.75 -46.78 21.12
N LEU I 71 54.37 -47.92 21.69
CA LEU I 71 55.01 -48.41 22.90
C LEU I 71 56.41 -48.93 22.64
N GLY I 72 56.82 -49.04 21.39
CA GLY I 72 58.18 -49.43 21.06
C GLY I 72 58.37 -50.93 20.98
N TYR I 73 57.45 -51.63 20.33
CA TYR I 73 57.55 -53.06 20.13
C TYR I 73 57.74 -53.36 18.65
N GLY I 74 58.83 -54.05 18.33
CA GLY I 74 59.06 -54.50 16.97
C GLY I 74 59.17 -53.39 15.96
N VAL I 75 59.79 -52.27 16.34
CA VAL I 75 60.00 -51.14 15.43
C VAL I 75 61.45 -50.70 15.55
N GLY I 76 62.11 -50.54 14.41
CA GLY I 76 63.44 -50.00 14.37
C GLY I 76 63.44 -48.51 14.15
N PRO I 77 64.61 -47.93 13.94
CA PRO I 77 64.69 -46.49 13.65
C PRO I 77 63.93 -46.14 12.37
N GLY I 78 63.28 -44.98 12.39
CA GLY I 78 62.54 -44.51 11.24
C GLY I 78 61.15 -45.07 11.10
N GLY I 79 60.63 -45.76 12.11
CA GLY I 79 59.30 -46.31 12.03
C GLY I 79 59.20 -47.56 11.17
N GLU I 80 60.29 -48.29 11.01
CA GLU I 80 60.29 -49.52 10.22
C GLU I 80 60.01 -50.70 11.14
N VAL I 81 59.06 -51.54 10.75
CA VAL I 81 58.74 -52.73 11.54
C VAL I 81 59.79 -53.78 11.27
N ILE I 82 60.49 -54.21 12.33
CA ILE I 82 61.56 -55.19 12.21
C ILE I 82 61.10 -56.57 12.60
N ASP I 83 60.21 -56.68 13.58
CA ASP I 83 59.74 -57.97 14.06
C ASP I 83 58.30 -57.82 14.56
N THR I 84 57.44 -58.75 14.15
CA THR I 84 56.05 -58.73 14.58
C THR I 84 55.75 -59.75 15.66
N TYR I 85 56.75 -60.44 16.17
CA TYR I 85 56.52 -61.38 17.27
C TYR I 85 55.98 -60.70 18.52
N PRO I 86 56.49 -59.54 18.95
CA PRO I 86 55.85 -58.87 20.10
C PRO I 86 54.37 -58.59 19.88
N TYR I 87 53.98 -58.26 18.64
CA TYR I 87 52.57 -58.09 18.34
C TYR I 87 51.80 -59.39 18.48
N PHE I 88 52.45 -60.52 18.24
CA PHE I 88 51.77 -61.80 18.34
C PHE I 88 51.45 -62.16 19.78
N VAL I 89 52.42 -62.01 20.68
CA VAL I 89 52.20 -62.41 22.07
C VAL I 89 51.20 -61.47 22.73
N SER I 90 51.12 -60.22 22.27
CA SER I 90 50.09 -59.33 22.78
C SER I 90 48.71 -59.85 22.45
N GLY I 91 48.53 -60.33 21.21
CA GLY I 91 47.24 -60.87 20.83
C GLY I 91 46.90 -62.16 21.56
N VAL I 92 47.88 -63.04 21.70
CA VAL I 92 47.64 -64.32 22.38
C VAL I 92 47.32 -64.08 23.85
N LEU I 93 48.08 -63.21 24.51
CA LEU I 93 47.88 -62.98 25.93
C LEU I 93 46.49 -62.43 26.21
N HIS I 94 46.03 -61.50 25.39
CA HIS I 94 44.67 -60.99 25.54
C HIS I 94 43.64 -62.07 25.24
N LEU I 95 43.87 -62.84 24.18
CA LEU I 95 42.90 -63.85 23.79
C LEU I 95 42.72 -64.91 24.87
N ILE I 96 43.83 -65.38 25.46
CA ILE I 96 43.72 -66.36 26.53
C ILE I 96 43.12 -65.75 27.78
N SER I 97 43.51 -64.51 28.10
CA SER I 97 43.00 -63.86 29.29
C SER I 97 41.49 -63.62 29.20
N SER I 98 40.98 -63.43 27.98
CA SER I 98 39.54 -63.25 27.82
C SER I 98 38.77 -64.51 28.20
N ALA I 99 39.40 -65.68 28.06
CA ALA I 99 38.72 -66.93 28.39
C ALA I 99 38.42 -67.01 29.88
N VAL I 100 39.41 -66.73 30.73
CA VAL I 100 39.18 -66.76 32.16
C VAL I 100 38.28 -65.60 32.59
N LEU I 101 38.47 -64.43 31.97
CA LEU I 101 37.55 -63.32 32.21
C LEU I 101 36.15 -63.69 31.78
N GLY I 102 36.01 -64.39 30.65
CA GLY I 102 34.70 -64.82 30.20
C GLY I 102 34.07 -65.85 31.12
N PHE I 103 34.89 -66.74 31.67
CA PHE I 103 34.36 -67.74 32.61
C PHE I 103 33.80 -67.06 33.86
N GLY I 104 34.54 -66.10 34.41
CA GLY I 104 34.05 -65.40 35.58
C GLY I 104 32.79 -64.61 35.29
N GLY I 105 32.69 -64.04 34.09
CA GLY I 105 31.46 -63.37 33.71
C GLY I 105 30.30 -64.34 33.63
N VAL I 106 30.53 -65.51 33.04
CA VAL I 106 29.46 -66.51 32.92
C VAL I 106 29.15 -67.10 34.30
N TYR I 107 30.17 -67.35 35.11
CA TYR I 107 29.92 -67.89 36.44
C TYR I 107 29.14 -66.89 37.30
N HIS I 108 29.66 -65.66 37.41
CA HIS I 108 29.03 -64.68 38.29
C HIS I 108 27.66 -64.25 37.77
N SER I 109 27.31 -64.60 36.53
CA SER I 109 26.02 -64.23 35.95
C SER I 109 24.98 -65.34 36.05
N LEU I 110 25.35 -66.57 35.74
CA LEU I 110 24.38 -67.66 35.65
C LEU I 110 24.18 -68.43 36.93
N VAL I 111 25.25 -68.69 37.69
CA VAL I 111 25.18 -69.61 38.82
C VAL I 111 25.78 -69.04 40.09
N GLY I 112 26.40 -67.87 40.03
CA GLY I 112 26.91 -67.24 41.23
C GLY I 112 25.80 -66.61 42.05
N PRO I 113 26.19 -65.99 43.16
CA PRO I 113 25.20 -65.31 44.00
C PRO I 113 24.50 -64.20 43.23
N GLU I 114 23.19 -64.06 43.48
CA GLU I 114 22.44 -62.98 42.83
C GLU I 114 22.74 -61.64 43.48
N THR I 115 22.84 -61.61 44.79
CA THR I 115 23.18 -60.41 45.54
C THR I 115 24.32 -60.74 46.49
N LEU I 116 25.33 -59.89 46.51
CA LEU I 116 26.52 -60.12 47.33
C LEU I 116 26.41 -59.54 48.72
N GLU I 117 25.37 -58.77 49.02
CA GLU I 117 25.30 -58.03 50.28
C GLU I 117 25.24 -58.96 51.48
N GLU I 118 24.70 -60.17 51.31
CA GLU I 118 24.56 -61.09 52.44
C GLU I 118 25.82 -61.92 52.64
N SER I 119 26.28 -62.61 51.61
CA SER I 119 27.36 -63.57 51.76
C SER I 119 28.73 -62.90 51.76
N PHE I 120 28.90 -61.81 51.00
CA PHE I 120 30.20 -61.15 50.84
C PHE I 120 30.05 -59.67 51.14
N PRO I 121 30.10 -59.29 52.41
CA PRO I 121 29.93 -57.86 52.75
C PRO I 121 30.99 -56.98 52.14
N PHE I 122 32.21 -57.49 51.92
CA PHE I 122 33.25 -56.66 51.32
C PHE I 122 32.85 -56.20 49.92
N PHE I 123 32.31 -57.12 49.11
CA PHE I 123 31.93 -56.78 47.75
C PHE I 123 30.49 -56.33 47.63
N GLY I 124 29.64 -56.67 48.60
CA GLY I 124 28.27 -56.21 48.57
C GLY I 124 28.16 -54.70 48.64
N TYR I 125 27.15 -54.15 47.99
CA TYR I 125 26.95 -52.70 48.01
C TYR I 125 25.50 -52.41 47.73
N VAL I 126 25.04 -51.27 48.23
CA VAL I 126 23.77 -50.69 47.82
C VAL I 126 24.06 -49.30 47.28
N TRP I 127 23.44 -48.94 46.16
CA TRP I 127 23.76 -47.65 45.50
C TRP I 127 23.60 -46.47 46.46
N LYS I 128 22.68 -46.56 47.42
CA LYS I 128 22.41 -45.42 48.33
C LYS I 128 23.57 -45.25 49.32
N ASP I 129 24.40 -46.28 49.51
CA ASP I 129 25.51 -46.20 50.48
C ASP I 129 26.63 -45.35 49.87
N LYS I 130 26.62 -44.04 50.12
CA LYS I 130 27.62 -43.13 49.52
C LYS I 130 29.02 -43.54 49.98
N ASN I 131 29.18 -43.91 51.25
CA ASN I 131 30.51 -44.32 51.78
C ASN I 131 31.02 -45.52 50.98
N LYS I 132 30.19 -46.58 50.87
CA LYS I 132 30.63 -47.77 50.16
C LYS I 132 30.90 -47.48 48.70
N MET I 133 30.11 -46.60 48.09
CA MET I 133 30.32 -46.25 46.69
C MET I 133 31.65 -45.56 46.49
N THR I 134 32.05 -44.69 47.42
CA THR I 134 33.31 -44.00 47.28
C THR I 134 34.50 -44.95 47.44
N THR I 135 34.35 -45.96 48.30
CA THR I 135 35.43 -46.94 48.44
C THR I 135 35.67 -47.68 47.14
N ILE I 136 34.59 -48.12 46.48
CA ILE I 136 34.72 -48.75 45.17
C ILE I 136 35.31 -47.78 44.18
N LEU I 137 34.85 -46.52 44.21
CA LEU I 137 35.47 -45.49 43.40
C LEU I 137 36.93 -45.31 43.77
N GLY I 138 37.24 -45.31 45.07
CA GLY I 138 38.62 -45.15 45.48
C GLY I 138 39.49 -46.33 45.07
N ILE I 139 38.96 -47.55 45.20
CA ILE I 139 39.76 -48.73 44.88
C ILE I 139 40.09 -48.76 43.40
N HIS I 140 39.08 -48.61 42.54
CA HIS I 140 39.33 -48.67 41.11
C HIS I 140 40.08 -47.44 40.63
N LEU I 141 40.12 -46.40 41.45
CA LEU I 141 40.95 -45.24 41.15
C LEU I 141 42.43 -45.54 41.32
N ILE I 142 42.76 -46.42 42.27
CA ILE I 142 44.15 -46.78 42.49
C ILE I 142 44.67 -47.64 41.35
N VAL I 143 43.86 -48.59 40.87
CA VAL I 143 44.31 -49.47 39.79
C VAL I 143 44.50 -48.68 38.50
N LEU I 144 43.73 -47.60 38.32
CA LEU I 144 43.96 -46.71 37.18
C LEU I 144 45.27 -45.96 37.35
N GLY I 145 45.56 -45.50 38.56
CA GLY I 145 46.84 -44.87 38.80
C GLY I 145 48.00 -45.82 38.59
N LEU I 146 47.85 -47.06 39.02
CA LEU I 146 48.89 -48.06 38.78
C LEU I 146 49.05 -48.34 37.29
N GLY I 147 47.95 -48.35 36.55
CA GLY I 147 48.05 -48.53 35.12
C GLY I 147 48.79 -47.40 34.44
N ALA I 148 48.62 -46.18 34.94
CA ALA I 148 49.38 -45.05 34.42
C ALA I 148 50.86 -45.19 34.72
N TRP I 149 51.19 -45.71 35.91
CA TRP I 149 52.60 -45.89 36.27
C TRP I 149 53.26 -46.97 35.42
N LEU I 150 52.46 -47.91 34.90
CA LEU I 150 53.01 -48.89 33.98
C LEU I 150 53.56 -48.22 32.73
N LEU I 151 52.85 -47.20 32.24
CA LEU I 151 53.31 -46.50 31.05
C LEU I 151 54.64 -45.80 31.30
N VAL I 152 54.78 -45.14 32.45
CA VAL I 152 56.04 -44.45 32.74
C VAL I 152 57.14 -45.45 33.04
N TRP I 153 56.80 -46.59 33.65
CA TRP I 153 57.80 -47.63 33.84
C TRP I 153 58.26 -48.19 32.51
N LYS I 154 57.33 -48.36 31.57
CA LYS I 154 57.72 -48.78 30.23
C LYS I 154 58.61 -47.75 29.57
N ALA I 155 58.30 -46.47 29.73
CA ALA I 155 59.04 -45.42 29.05
C ALA I 155 60.37 -45.10 29.72
N MET I 156 60.58 -45.53 30.97
CA MET I 156 61.79 -45.18 31.69
C MET I 156 62.65 -46.36 32.07
N TYR I 157 62.10 -47.56 32.19
CA TYR I 157 62.88 -48.68 32.69
C TYR I 157 62.81 -49.91 31.78
N PHE I 158 61.72 -50.08 31.06
CA PHE I 158 61.50 -51.27 30.26
C PHE I 158 61.53 -50.89 28.79
N GLY I 159 62.74 -50.83 28.23
CA GLY I 159 62.89 -50.59 26.81
C GLY I 159 62.72 -49.14 26.41
N GLY I 160 61.56 -48.57 26.69
CA GLY I 160 61.28 -47.20 26.33
C GLY I 160 60.08 -47.10 25.41
N ILE I 161 59.80 -45.86 25.03
CA ILE I 161 58.67 -45.53 24.17
C ILE I 161 59.22 -44.98 22.87
N TYR I 162 58.52 -45.27 21.77
CA TYR I 162 58.94 -44.74 20.48
C TYR I 162 58.79 -43.23 20.48
N ASP I 163 59.89 -42.53 20.24
CA ASP I 163 59.90 -41.08 20.14
C ASP I 163 60.07 -40.70 18.68
N THR I 164 59.08 -40.01 18.13
CA THR I 164 59.16 -39.58 16.74
C THR I 164 60.01 -38.33 16.60
N TRP I 165 60.30 -37.63 17.70
CA TRP I 165 61.11 -36.43 17.70
C TRP I 165 62.55 -36.71 18.13
N ALA I 166 62.93 -37.97 18.22
CA ALA I 166 64.23 -38.32 18.77
C ALA I 166 65.34 -37.77 17.86
N PRO I 167 66.42 -37.25 18.42
CA PRO I 167 67.56 -36.83 17.60
C PRO I 167 68.14 -38.03 16.85
N GLY I 168 68.53 -37.79 15.60
CA GLY I 168 69.01 -38.85 14.75
C GLY I 168 67.94 -39.66 14.06
N GLY I 169 66.69 -39.22 14.12
CA GLY I 169 65.58 -39.95 13.54
C GLY I 169 64.71 -40.58 14.61
N GLY I 170 63.44 -40.78 14.28
CA GLY I 170 62.52 -41.42 15.19
C GLY I 170 62.96 -42.82 15.57
N ASP I 171 62.90 -43.14 16.86
CA ASP I 171 63.35 -44.44 17.32
C ASP I 171 62.79 -44.67 18.72
N VAL I 172 62.87 -45.92 19.17
CA VAL I 172 62.54 -46.24 20.54
C VAL I 172 63.57 -45.60 21.46
N ARG I 173 63.11 -44.87 22.47
CA ARG I 173 63.98 -44.07 23.29
C ARG I 173 63.59 -44.24 24.75
N ILE I 174 64.59 -44.30 25.63
CA ILE I 174 64.34 -44.28 27.06
C ILE I 174 64.14 -42.84 27.50
N ILE I 175 63.03 -42.60 28.19
CA ILE I 175 62.74 -41.25 28.70
C ILE I 175 63.38 -41.12 30.06
N THR I 176 64.38 -40.25 30.17
CA THR I 176 65.14 -40.11 31.41
C THR I 176 64.77 -38.86 32.20
N ASN I 177 64.21 -37.85 31.57
CA ASN I 177 63.86 -36.58 32.22
C ASN I 177 62.42 -36.24 31.90
N PRO I 178 61.45 -36.93 32.50
CA PRO I 178 60.05 -36.56 32.29
C PRO I 178 59.78 -35.16 32.84
N THR I 179 58.90 -34.45 32.14
CA THR I 179 58.58 -33.07 32.51
C THR I 179 57.45 -33.08 33.53
N VAL I 180 57.79 -32.86 34.79
CA VAL I 180 56.83 -32.89 35.87
C VAL I 180 56.63 -31.50 36.47
N SER I 181 57.05 -30.46 35.78
CA SER I 181 56.88 -29.10 36.27
C SER I 181 55.39 -28.74 36.32
N PRO I 182 54.92 -28.15 37.42
CA PRO I 182 53.49 -27.79 37.48
C PRO I 182 53.05 -26.84 36.38
N GLY I 183 53.89 -25.89 36.00
CA GLY I 183 53.51 -24.94 34.97
C GLY I 183 53.27 -25.61 33.62
N VAL I 184 54.11 -26.57 33.27
CA VAL I 184 53.93 -27.29 32.01
C VAL I 184 52.67 -28.13 32.04
N ILE I 185 52.44 -28.85 33.14
CA ILE I 185 51.27 -29.71 33.23
C ILE I 185 49.99 -28.88 33.24
N PHE I 186 49.94 -27.86 34.09
CA PHE I 186 48.77 -26.99 34.13
C PHE I 186 48.60 -26.21 32.85
N GLY I 187 49.71 -25.94 32.15
CA GLY I 187 49.61 -25.25 30.88
C GLY I 187 48.83 -26.04 29.84
N TYR I 188 49.03 -27.35 29.80
CA TYR I 188 48.28 -28.18 28.87
C TYR I 188 46.82 -28.33 29.29
N LEU I 189 46.58 -28.52 30.58
CA LEU I 189 45.21 -28.78 31.05
C LEU I 189 44.27 -27.61 30.81
N PHE I 190 44.72 -26.39 31.12
CA PHE I 190 43.86 -25.22 31.04
C PHE I 190 44.19 -24.36 29.83
N ARG I 191 44.73 -24.97 28.80
CA ARG I 191 44.95 -24.32 27.52
C ARG I 191 43.63 -24.26 26.75
N SER I 192 43.54 -23.31 25.85
CA SER I 192 42.36 -23.20 25.00
C SER I 192 42.28 -24.39 24.07
N PRO I 193 41.09 -24.82 23.67
CA PRO I 193 40.97 -25.87 22.65
C PRO I 193 41.03 -25.38 21.22
N PHE I 194 41.25 -24.09 20.99
CA PHE I 194 41.20 -23.54 19.64
C PHE I 194 42.54 -23.70 18.94
N GLY I 195 42.62 -23.15 17.74
CA GLY I 195 43.81 -23.33 16.92
C GLY I 195 45.04 -22.74 17.56
N GLY I 196 46.17 -23.40 17.34
CA GLY I 196 47.41 -22.95 17.94
C GLY I 196 47.58 -23.47 19.35
N ASP I 197 46.47 -23.53 20.09
CA ASP I 197 46.50 -24.02 21.47
C ASP I 197 46.17 -25.51 21.51
N GLY I 198 44.97 -25.87 21.07
CA GLY I 198 44.62 -27.27 20.96
C GLY I 198 44.49 -28.04 22.25
N TRP I 199 44.33 -27.35 23.38
CA TRP I 199 44.18 -27.99 24.69
C TRP I 199 45.29 -28.99 24.95
N ILE I 200 44.94 -30.23 25.27
CA ILE I 200 45.95 -31.26 25.56
C ILE I 200 46.35 -32.04 24.33
N VAL I 201 45.66 -31.86 23.20
CA VAL I 201 46.02 -32.51 21.95
C VAL I 201 47.34 -31.99 21.40
N SER I 202 47.85 -30.90 21.94
CA SER I 202 49.07 -30.27 21.45
C SER I 202 50.32 -30.70 22.20
N VAL I 203 50.26 -31.74 23.01
CA VAL I 203 51.45 -32.24 23.68
C VAL I 203 52.41 -32.78 22.64
N ASP I 204 53.65 -32.26 22.62
CA ASP I 204 54.55 -32.50 21.51
C ASP I 204 55.89 -33.09 21.95
N ASN I 205 55.97 -33.67 23.15
CA ASN I 205 57.16 -34.35 23.60
C ASN I 205 56.76 -35.62 24.32
N MET I 206 57.60 -36.65 24.21
CA MET I 206 57.39 -37.81 25.06
C MET I 206 57.77 -37.52 26.50
N GLU I 207 58.58 -36.50 26.73
CA GLU I 207 58.84 -36.04 28.09
C GLU I 207 57.58 -35.49 28.72
N ASP I 208 56.78 -34.76 27.94
CA ASP I 208 55.52 -34.23 28.46
C ASP I 208 54.45 -35.31 28.54
N VAL I 209 54.47 -36.26 27.61
CA VAL I 209 53.46 -37.32 27.64
C VAL I 209 53.64 -38.17 28.89
N ILE I 210 54.87 -38.64 29.14
CA ILE I 210 55.06 -39.49 30.31
C ILE I 210 55.26 -38.65 31.56
N GLY I 211 55.56 -37.37 31.40
CA GLY I 211 55.51 -36.47 32.54
C GLY I 211 54.10 -36.28 33.03
N GLY I 212 53.15 -36.19 32.12
CA GLY I 212 51.76 -36.08 32.51
C GLY I 212 51.23 -37.35 33.16
N HIS I 213 51.61 -38.52 32.63
CA HIS I 213 51.13 -39.77 33.21
C HIS I 213 51.73 -40.02 34.59
N ILE I 214 52.85 -39.35 34.91
CA ILE I 214 53.33 -39.37 36.29
C ILE I 214 52.38 -38.60 37.20
N TRP I 215 51.91 -37.44 36.75
CA TRP I 215 50.92 -36.69 37.51
C TRP I 215 49.62 -37.47 37.63
N ILE I 216 49.17 -38.07 36.53
CA ILE I 216 47.91 -38.81 36.55
C ILE I 216 48.03 -40.03 37.46
N GLY I 217 49.16 -40.73 37.37
CA GLY I 217 49.35 -41.88 38.25
C GLY I 217 49.35 -41.48 39.71
N THR I 218 49.97 -40.35 40.03
CA THR I 218 50.06 -39.91 41.42
C THR I 218 48.72 -39.38 41.91
N LEU I 219 48.05 -38.56 41.09
CA LEU I 219 46.75 -38.00 41.50
C LEU I 219 45.73 -39.10 41.72
N CYS I 220 45.69 -40.08 40.82
CA CYS I 220 44.71 -41.15 40.95
C CYS I 220 44.95 -41.99 42.20
N ILE I 221 46.22 -42.21 42.55
CA ILE I 221 46.51 -42.96 43.76
C ILE I 221 46.13 -42.16 45.00
N PHE I 222 46.51 -40.88 45.04
CA PHE I 222 46.11 -40.05 46.17
C PHE I 222 44.60 -39.86 46.20
N GLY I 223 43.98 -39.67 45.03
CA GLY I 223 42.54 -39.60 44.98
C GLY I 223 41.89 -40.90 45.37
N GLY I 224 42.52 -42.02 45.04
CA GLY I 224 42.00 -43.31 45.48
C GLY I 224 42.03 -43.45 46.99
N ILE I 225 43.15 -43.09 47.60
CA ILE I 225 43.26 -43.15 49.06
C ILE I 225 42.31 -42.14 49.69
N TRP I 226 42.18 -40.96 49.09
CA TRP I 226 41.26 -39.95 49.62
C TRP I 226 39.82 -40.44 49.59
N HIS I 227 39.38 -40.96 48.45
CA HIS I 227 38.00 -41.40 48.33
C HIS I 227 37.73 -42.70 49.07
N ILE I 228 38.77 -43.39 49.54
CA ILE I 228 38.58 -44.55 50.40
C ILE I 228 38.40 -44.16 51.86
N LEU I 229 39.17 -43.19 52.35
CA LEU I 229 39.14 -42.79 53.75
C LEU I 229 38.08 -41.76 54.07
N THR I 230 37.38 -41.22 53.07
CA THR I 230 36.39 -40.18 53.31
C THR I 230 35.09 -40.54 52.63
N LYS I 231 34.03 -40.09 53.19
CA LYS I 231 32.70 -40.13 52.61
C LYS I 231 32.37 -38.77 52.01
N PRO I 232 31.48 -38.70 51.02
CA PRO I 232 31.20 -37.42 50.37
C PRO I 232 30.66 -36.40 51.36
N TRP I 233 31.05 -35.13 51.16
CA TRP I 233 30.66 -34.06 52.11
C TRP I 233 29.21 -33.62 51.89
N ALA I 234 28.72 -32.72 52.72
CA ALA I 234 27.32 -32.25 52.63
C ALA I 234 27.07 -31.58 51.28
N TRP I 235 28.02 -30.76 50.82
CA TRP I 235 27.83 -30.01 49.56
C TRP I 235 27.64 -31.01 48.41
N ALA I 236 28.36 -32.12 48.43
CA ALA I 236 28.21 -33.16 47.39
C ALA I 236 26.89 -33.92 47.60
N ARG I 237 26.54 -34.19 48.85
CA ARG I 237 25.31 -34.98 49.15
C ARG I 237 24.07 -34.24 48.62
N ARG I 238 24.14 -32.91 48.53
CA ARG I 238 22.95 -32.12 48.10
C ARG I 238 23.10 -31.71 46.64
N ALA I 239 24.06 -32.28 45.92
CA ALA I 239 24.31 -31.85 44.52
C ALA I 239 24.14 -33.02 43.56
N PHE I 240 24.30 -34.25 44.04
CA PHE I 240 24.26 -35.41 43.10
C PHE I 240 23.10 -36.34 43.42
N VAL I 241 22.61 -37.07 42.42
CA VAL I 241 21.55 -38.09 42.68
C VAL I 241 22.28 -39.37 43.05
N TRP I 242 21.99 -39.95 44.22
CA TRP I 242 22.75 -41.14 44.68
C TRP I 242 22.01 -42.42 44.28
N SER I 243 21.92 -42.69 42.98
CA SER I 243 21.24 -43.91 42.49
C SER I 243 22.16 -44.64 41.50
N GLY I 244 21.96 -45.94 41.32
CA GLY I 244 22.80 -46.70 40.41
C GLY I 244 22.77 -46.18 39.00
N GLU I 245 21.58 -45.80 38.52
CA GLU I 245 21.49 -45.23 37.19
C GLU I 245 22.12 -43.84 37.13
N ALA I 246 22.10 -43.11 38.25
CA ALA I 246 22.74 -41.80 38.28
C ALA I 246 24.25 -41.94 38.15
N TYR I 247 24.85 -42.91 38.84
CA TYR I 247 26.29 -43.10 38.72
C TYR I 247 26.68 -43.49 37.31
N LEU I 248 25.83 -44.27 36.65
CA LEU I 248 26.10 -44.63 35.26
C LEU I 248 26.11 -43.41 34.36
N SER I 249 25.17 -42.50 34.56
CA SER I 249 25.08 -41.31 33.71
C SER I 249 26.29 -40.41 33.90
N TYR I 250 26.85 -40.37 35.11
CA TYR I 250 28.05 -39.59 35.33
C TYR I 250 29.21 -40.12 34.51
N SER I 251 29.35 -41.44 34.47
CA SER I 251 30.42 -42.04 33.67
C SER I 251 30.16 -41.87 32.19
N LEU I 252 28.90 -41.92 31.77
CA LEU I 252 28.57 -41.73 30.36
C LEU I 252 28.94 -40.34 29.90
N GLY I 253 28.66 -39.32 30.73
CA GLY I 253 29.10 -37.98 30.40
C GLY I 253 30.61 -37.86 30.36
N ALA I 254 31.29 -38.59 31.24
CA ALA I 254 32.75 -38.51 31.31
C ALA I 254 33.40 -39.12 30.07
N ILE I 255 32.98 -40.34 29.71
CA ILE I 255 33.67 -41.01 28.61
C ILE I 255 33.20 -40.47 27.27
N SER I 256 32.10 -39.72 27.26
CA SER I 256 31.75 -38.95 26.07
C SER I 256 32.83 -37.91 25.78
N ILE I 257 33.28 -37.21 26.83
CA ILE I 257 34.38 -36.26 26.66
C ILE I 257 35.65 -36.98 26.23
N MET I 258 35.92 -38.12 26.86
CA MET I 258 37.11 -38.90 26.50
C MET I 258 37.01 -39.40 25.07
N GLY I 259 35.82 -39.78 24.62
CA GLY I 259 35.66 -40.19 23.24
C GLY I 259 35.96 -39.08 22.25
N PHE I 260 35.45 -37.87 22.53
CA PHE I 260 35.73 -36.74 21.67
C PHE I 260 37.21 -36.38 21.67
N THR I 261 37.85 -36.45 22.84
CA THR I 261 39.27 -36.13 22.92
C THR I 261 40.11 -37.13 22.14
N ALA I 262 39.77 -38.41 22.22
CA ALA I 262 40.48 -39.42 21.43
C ALA I 262 40.31 -39.16 19.95
N CYS I 263 39.13 -38.68 19.55
CA CYS I 263 38.89 -38.33 18.15
C CYS I 263 39.84 -37.24 17.68
N CYS I 264 40.03 -36.21 18.52
CA CYS I 264 40.92 -35.11 18.15
C CYS I 264 42.38 -35.50 18.32
N MET I 265 42.68 -36.38 19.27
CA MET I 265 44.05 -36.86 19.41
C MET I 265 44.50 -37.61 18.18
N ALA I 266 43.69 -38.54 17.69
CA ALA I 266 44.05 -39.31 16.51
C ALA I 266 44.12 -38.45 15.26
N TRP I 267 43.42 -37.32 15.25
CA TRP I 267 43.35 -36.50 14.04
C TRP I 267 44.47 -35.48 13.95
N PHE I 268 44.86 -34.87 15.07
CA PHE I 268 45.88 -33.82 15.06
C PHE I 268 47.22 -34.25 15.60
N ASN I 269 47.26 -35.04 16.66
CA ASN I 269 48.52 -35.28 17.36
C ASN I 269 49.44 -36.15 16.53
N THR I 270 50.73 -35.80 16.55
CA THR I 270 51.75 -36.58 15.86
C THR I 270 52.80 -37.14 16.80
N THR I 271 52.68 -36.91 18.11
CA THR I 271 53.63 -37.44 19.07
C THR I 271 53.17 -38.78 19.62
N ALA I 272 52.00 -38.77 20.26
CA ALA I 272 51.43 -40.01 20.77
C ALA I 272 50.90 -40.88 19.64
N TYR I 273 50.68 -40.30 18.47
CA TYR I 273 50.25 -41.01 17.27
C TYR I 273 51.25 -40.66 16.18
N PRO I 274 52.40 -41.34 16.15
CA PRO I 274 53.41 -41.04 15.13
C PRO I 274 52.88 -41.26 13.73
N SER I 275 53.26 -40.38 12.81
CA SER I 275 52.86 -40.53 11.43
C SER I 275 53.49 -41.75 10.78
N GLU I 276 54.57 -42.29 11.37
CA GLU I 276 55.19 -43.49 10.83
C GLU I 276 54.24 -44.68 10.87
N PHE I 277 53.32 -44.70 11.83
CA PHE I 277 52.41 -45.83 12.01
C PHE I 277 50.97 -45.50 11.72
N TYR I 278 50.49 -44.32 12.12
CA TYR I 278 49.12 -43.93 11.88
C TYR I 278 48.95 -43.16 10.57
N GLY I 279 50.02 -42.87 9.86
CA GLY I 279 49.95 -42.09 8.64
C GLY I 279 49.90 -40.61 8.92
N PRO I 280 49.94 -39.81 7.86
CA PRO I 280 49.92 -38.37 8.05
C PRO I 280 48.59 -37.88 8.59
N THR I 281 48.63 -36.76 9.28
CA THR I 281 47.41 -36.12 9.72
C THR I 281 46.81 -35.28 8.58
N GLY I 282 45.65 -34.71 8.83
CA GLY I 282 45.05 -33.81 7.88
C GLY I 282 45.92 -32.62 7.58
N PRO I 283 46.35 -31.89 8.62
CA PRO I 283 47.31 -30.81 8.40
C PRO I 283 48.63 -31.26 7.81
N GLU I 284 49.11 -32.44 8.20
CA GLU I 284 50.41 -32.89 7.72
C GLU I 284 50.40 -33.13 6.22
N ALA I 285 49.35 -33.78 5.73
CA ALA I 285 49.28 -34.09 4.30
C ALA I 285 49.18 -32.81 3.47
N SER I 286 48.37 -31.86 3.92
CA SER I 286 48.26 -30.59 3.19
C SER I 286 49.58 -29.83 3.22
N GLN I 287 50.28 -29.88 4.35
CA GLN I 287 51.58 -29.23 4.45
C GLN I 287 52.62 -29.95 3.59
N SER I 288 52.44 -31.26 3.39
CA SER I 288 53.41 -32.02 2.61
C SER I 288 53.26 -31.75 1.12
N GLN I 289 52.05 -31.39 0.67
CA GLN I 289 51.85 -31.14 -0.74
C GLN I 289 52.63 -29.93 -1.21
N THR I 290 52.50 -28.81 -0.50
CA THR I 290 53.21 -27.60 -0.89
C THR I 290 54.71 -27.77 -0.72
N PHE I 291 55.13 -28.55 0.27
CA PHE I 291 56.55 -28.85 0.43
C PHE I 291 57.06 -29.67 -0.76
N THR I 292 56.25 -30.62 -1.22
CA THR I 292 56.64 -31.44 -2.36
C THR I 292 56.78 -30.61 -3.63
N PHE I 293 55.83 -29.71 -3.86
CA PHE I 293 55.89 -28.88 -5.07
C PHE I 293 56.94 -27.79 -4.95
N LEU I 294 57.23 -27.35 -3.72
CA LEU I 294 58.33 -26.41 -3.52
C LEU I 294 59.66 -27.04 -3.89
N VAL I 295 59.85 -28.31 -3.52
CA VAL I 295 61.11 -28.99 -3.80
C VAL I 295 61.26 -29.26 -5.28
N ARG I 296 60.19 -29.74 -5.93
CA ARG I 296 60.31 -30.15 -7.32
C ARG I 296 60.37 -28.94 -8.26
N ASP I 297 59.80 -27.82 -7.87
CA ASP I 297 59.84 -26.64 -8.72
C ASP I 297 61.17 -25.90 -8.60
N GLN I 298 61.84 -26.06 -7.46
CA GLN I 298 63.18 -25.48 -7.33
C GLN I 298 64.15 -26.13 -8.30
N ARG I 299 64.06 -27.44 -8.45
CA ARG I 299 64.93 -28.13 -9.41
C ARG I 299 64.66 -27.66 -10.82
N LEU I 300 63.40 -27.44 -11.17
CA LEU I 300 63.08 -26.86 -12.46
C LEU I 300 63.53 -25.42 -12.58
N GLY I 301 63.83 -24.76 -11.46
CA GLY I 301 64.40 -23.43 -11.49
C GLY I 301 63.35 -22.37 -11.25
N ALA I 302 63.25 -21.89 -10.01
CA ALA I 302 62.28 -20.87 -9.64
C ALA I 302 62.60 -20.41 -8.23
N ASN I 303 62.46 -19.12 -8.00
CA ASN I 303 62.67 -18.55 -6.66
C ASN I 303 61.36 -18.70 -5.91
N VAL I 304 61.30 -19.69 -5.03
CA VAL I 304 60.05 -19.99 -4.33
C VAL I 304 59.65 -18.86 -3.41
N ALA I 305 60.63 -18.13 -2.86
CA ALA I 305 60.29 -17.02 -1.98
C ALA I 305 59.64 -15.87 -2.73
N SER I 306 60.08 -15.62 -3.96
CA SER I 306 59.56 -14.51 -4.75
C SER I 306 58.38 -14.90 -5.63
N ALA I 307 58.01 -16.17 -5.68
CA ALA I 307 56.93 -16.61 -6.56
C ALA I 307 55.59 -16.14 -6.02
N GLN I 308 54.77 -15.57 -6.89
CA GLN I 308 53.44 -15.12 -6.53
C GLN I 308 52.38 -16.09 -7.06
N GLY I 309 51.30 -16.22 -6.31
CA GLY I 309 50.15 -16.95 -6.77
C GLY I 309 49.21 -16.03 -7.52
N PRO I 310 48.12 -16.57 -8.04
CA PRO I 310 47.15 -15.72 -8.73
C PRO I 310 46.57 -14.64 -7.86
N THR I 311 46.43 -14.90 -6.56
CA THR I 311 45.82 -13.94 -5.66
C THR I 311 46.77 -12.86 -5.18
N GLY I 312 48.06 -12.98 -5.47
CA GLY I 312 49.06 -12.05 -5.02
C GLY I 312 49.81 -12.50 -3.77
N LEU I 313 49.23 -13.44 -3.02
CA LEU I 313 49.95 -14.03 -1.91
C LEU I 313 51.02 -14.98 -2.43
N GLY I 314 51.97 -15.30 -1.55
CA GLY I 314 53.05 -16.20 -1.93
C GLY I 314 52.57 -17.55 -2.40
N LYS I 315 53.04 -17.98 -3.57
CA LYS I 315 52.64 -19.27 -4.08
C LYS I 315 53.18 -20.41 -3.22
N TYR I 316 54.43 -20.31 -2.79
CA TYR I 316 55.04 -21.30 -1.93
C TYR I 316 55.21 -20.85 -0.49
N LEU I 317 55.60 -19.60 -0.27
CA LEU I 317 55.88 -19.10 1.06
C LEU I 317 55.13 -17.81 1.31
N MET I 318 54.51 -17.71 2.48
CA MET I 318 53.81 -16.50 2.90
C MET I 318 54.01 -16.33 4.40
N ARG I 319 53.29 -15.38 4.99
CA ARG I 319 53.38 -15.11 6.41
C ARG I 319 52.04 -15.40 7.07
N SER I 320 52.09 -16.04 8.23
CA SER I 320 50.90 -16.24 9.03
C SER I 320 50.45 -14.91 9.62
N PRO I 321 49.19 -14.79 10.04
CA PRO I 321 48.71 -13.52 10.60
C PRO I 321 49.43 -13.12 11.88
N THR I 322 50.34 -13.96 12.37
CA THR I 322 51.22 -13.59 13.48
C THR I 322 52.64 -13.27 13.03
N GLY I 323 52.98 -13.48 11.75
CA GLY I 323 54.25 -13.07 11.20
C GLY I 323 55.17 -14.19 10.79
N GLU I 324 54.91 -15.43 11.24
CA GLU I 324 55.80 -16.53 10.92
C GLU I 324 55.74 -16.85 9.43
N ILE I 325 56.88 -17.20 8.87
CA ILE I 325 56.92 -17.63 7.47
C ILE I 325 56.37 -19.03 7.38
N ILE I 326 55.35 -19.21 6.53
CA ILE I 326 54.60 -20.46 6.42
C ILE I 326 54.47 -20.82 4.95
N PHE I 327 53.97 -22.03 4.71
CA PHE I 327 53.68 -22.46 3.35
C PHE I 327 52.44 -21.76 2.83
N GLY I 328 52.45 -21.45 1.53
CA GLY I 328 51.36 -20.75 0.90
C GLY I 328 50.29 -21.68 0.35
N GLY I 329 49.25 -21.08 -0.19
CA GLY I 329 48.10 -21.81 -0.68
C GLY I 329 47.02 -21.92 0.37
N GLU I 330 46.17 -22.93 0.20
CA GLU I 330 45.13 -23.19 1.18
C GLU I 330 45.69 -23.74 2.49
N THR I 331 46.85 -24.38 2.45
CA THR I 331 47.45 -24.91 3.67
C THR I 331 47.90 -23.81 4.62
N MET I 332 47.61 -22.54 4.31
CA MET I 332 47.88 -21.47 5.25
C MET I 332 47.10 -21.67 6.55
N ARG I 333 45.99 -22.41 6.50
CA ARG I 333 45.23 -22.70 7.70
C ARG I 333 45.97 -23.64 8.63
N PHE I 334 46.80 -24.52 8.09
CA PHE I 334 47.51 -25.53 8.86
C PHE I 334 48.90 -25.09 9.27
N TRP I 335 49.12 -23.78 9.40
CA TRP I 335 50.46 -23.29 9.65
C TRP I 335 50.98 -23.65 11.04
N ASP I 336 50.10 -24.03 11.95
CA ASP I 336 50.51 -24.44 13.28
C ASP I 336 50.87 -25.91 13.36
N PHE I 337 50.84 -26.62 12.24
CA PHE I 337 51.30 -28.00 12.21
C PHE I 337 52.79 -28.08 12.49
N ARG I 338 53.19 -29.07 13.29
CA ARG I 338 54.59 -29.36 13.56
C ARG I 338 54.82 -30.85 13.36
N GLY I 339 55.85 -31.20 12.60
CA GLY I 339 56.16 -32.58 12.33
C GLY I 339 57.65 -32.85 12.39
N PRO I 340 58.02 -34.10 12.67
CA PRO I 340 59.44 -34.43 12.78
C PRO I 340 60.23 -34.17 11.51
N TRP I 341 59.64 -34.34 10.34
CA TRP I 341 60.33 -34.11 9.08
C TRP I 341 60.39 -32.64 8.68
N LEU I 342 59.60 -31.79 9.34
CA LEU I 342 59.51 -30.38 8.96
C LEU I 342 60.20 -29.44 9.94
N GLU I 343 60.27 -29.80 11.21
CA GLU I 343 60.95 -28.95 12.19
C GLU I 343 62.41 -28.66 11.86
N PRO I 344 63.21 -29.59 11.35
CA PRO I 344 64.59 -29.24 11.00
C PRO I 344 64.72 -28.07 10.04
N LEU I 345 63.72 -27.81 9.20
CA LEU I 345 63.76 -26.69 8.28
C LEU I 345 63.19 -25.41 8.89
N ARG I 346 62.79 -25.45 10.15
CA ARG I 346 62.11 -24.34 10.78
C ARG I 346 63.02 -23.71 11.82
N GLY I 347 63.23 -22.40 11.71
CA GLY I 347 64.00 -21.67 12.68
C GLY I 347 63.08 -20.94 13.65
N PRO I 348 63.64 -20.03 14.45
CA PRO I 348 62.80 -19.29 15.40
C PRO I 348 61.72 -18.46 14.73
N ASN I 349 61.98 -17.95 13.53
CA ASN I 349 61.05 -17.05 12.86
C ASN I 349 60.08 -17.77 11.94
N GLY I 350 60.15 -19.08 11.85
CA GLY I 350 59.32 -19.84 10.93
C GLY I 350 60.17 -20.70 10.03
N LEU I 351 59.66 -21.04 8.85
CA LEU I 351 60.47 -21.77 7.88
C LEU I 351 61.67 -20.92 7.48
N ASP I 352 62.85 -21.52 7.50
CA ASP I 352 64.06 -20.81 7.12
C ASP I 352 64.22 -20.89 5.61
N LEU I 353 64.30 -19.74 4.95
CA LEU I 353 64.43 -19.72 3.50
C LEU I 353 65.73 -20.37 3.05
N ASN I 354 66.83 -20.10 3.76
CA ASN I 354 68.12 -20.65 3.37
C ASN I 354 68.12 -22.17 3.44
N LYS I 355 67.57 -22.72 4.53
CA LYS I 355 67.54 -24.16 4.67
C LYS I 355 66.57 -24.79 3.66
N LEU I 356 65.54 -24.05 3.26
CA LEU I 356 64.59 -24.58 2.28
C LEU I 356 65.18 -24.69 0.88
N LYS I 357 66.22 -23.91 0.58
CA LYS I 357 66.82 -23.93 -0.74
C LYS I 357 68.25 -24.45 -0.75
N ASN I 358 68.77 -24.86 0.40
CA ASN I 358 70.13 -25.40 0.45
C ASN I 358 70.27 -26.72 1.17
N ASP I 359 69.44 -27.02 2.18
CA ASP I 359 69.70 -28.12 3.10
C ASP I 359 68.42 -28.94 3.32
N ILE I 360 67.75 -29.29 2.22
CA ILE I 360 66.60 -30.19 2.28
C ILE I 360 67.13 -31.60 2.08
N GLN I 361 67.05 -32.42 3.11
CA GLN I 361 67.60 -33.76 3.02
C GLN I 361 66.68 -34.67 2.20
N PRO I 362 67.26 -35.67 1.53
CA PRO I 362 66.41 -36.59 0.76
C PRO I 362 65.34 -37.27 1.59
N TRP I 363 65.65 -37.65 2.84
CA TRP I 363 64.65 -38.34 3.66
C TRP I 363 63.47 -37.43 3.96
N GLN I 364 63.70 -36.13 4.10
CA GLN I 364 62.60 -35.20 4.29
C GLN I 364 61.71 -35.11 3.06
N GLU I 365 62.30 -35.12 1.87
CA GLU I 365 61.51 -35.11 0.66
C GLU I 365 60.70 -36.39 0.51
N ARG I 366 61.31 -37.53 0.85
CA ARG I 366 60.61 -38.80 0.74
C ARG I 366 59.45 -38.88 1.71
N ARG I 367 59.64 -38.36 2.93
CA ARG I 367 58.55 -38.35 3.90
C ARG I 367 57.38 -37.51 3.41
N ALA I 368 57.66 -36.30 2.92
CA ALA I 368 56.59 -35.43 2.45
C ALA I 368 55.90 -36.01 1.22
N ALA I 369 56.66 -36.62 0.32
CA ALA I 369 56.05 -37.23 -0.86
C ALA I 369 55.13 -38.37 -0.46
N GLU I 370 55.57 -39.21 0.48
CA GLU I 370 54.73 -40.31 0.93
C GLU I 370 53.50 -39.81 1.65
N TYR I 371 53.64 -38.75 2.45
CA TYR I 371 52.51 -38.26 3.25
C TYR I 371 51.45 -37.63 2.36
N MET I 372 51.87 -37.00 1.26
CA MET I 372 50.90 -36.34 0.39
C MET I 372 49.98 -37.34 -0.29
N THR I 373 50.52 -38.47 -0.73
CA THR I 373 49.69 -39.44 -1.45
C THR I 373 48.81 -40.23 -0.50
N HIS I 374 49.24 -40.38 0.76
CA HIS I 374 48.43 -41.06 1.77
C HIS I 374 47.67 -40.09 2.64
N ALA I 375 47.20 -39.00 2.04
CA ALA I 375 46.43 -38.02 2.77
C ALA I 375 45.18 -38.67 3.37
N PRO I 376 44.73 -38.23 4.52
CA PRO I 376 43.58 -38.87 5.18
C PRO I 376 42.27 -38.59 4.46
N LEU I 377 42.19 -38.92 3.17
CA LEU I 377 40.96 -38.77 2.41
C LEU I 377 40.62 -40.11 1.78
N GLY I 378 39.35 -40.50 1.90
CA GLY I 378 38.93 -41.78 1.36
C GLY I 378 37.43 -41.89 1.39
N SER I 379 36.93 -42.98 0.84
CA SER I 379 35.50 -43.22 0.76
C SER I 379 35.08 -44.28 1.75
N LEU I 380 33.76 -44.47 1.85
CA LEU I 380 33.21 -45.47 2.76
C LEU I 380 33.70 -46.87 2.39
N ASN I 381 33.77 -47.18 1.10
CA ASN I 381 34.28 -48.44 0.63
C ASN I 381 35.79 -48.47 0.49
N SER I 382 36.48 -47.53 1.15
CA SER I 382 37.94 -47.48 1.19
C SER I 382 38.54 -47.29 -0.20
N VAL I 383 38.05 -46.29 -0.92
CA VAL I 383 38.66 -45.86 -2.16
C VAL I 383 39.52 -44.64 -1.84
N GLY I 384 40.82 -44.76 -2.02
CA GLY I 384 41.70 -43.67 -1.65
C GLY I 384 41.51 -42.46 -2.55
N GLY I 385 41.66 -41.29 -1.98
CA GLY I 385 41.59 -40.04 -2.71
C GLY I 385 40.28 -39.31 -2.47
N VAL I 386 40.15 -38.18 -3.15
CA VAL I 386 38.99 -37.31 -3.05
C VAL I 386 37.77 -38.01 -3.62
N ALA I 387 36.58 -37.47 -3.36
CA ALA I 387 35.35 -38.08 -3.85
C ALA I 387 35.33 -38.17 -5.37
N THR I 388 36.02 -37.26 -6.05
CA THR I 388 36.07 -37.25 -7.51
C THR I 388 37.32 -37.97 -8.01
N GLU I 389 37.44 -39.24 -7.62
CA GLU I 389 38.57 -40.05 -8.03
C GLU I 389 38.07 -41.42 -8.44
N ILE I 390 38.88 -42.09 -9.26
CA ILE I 390 38.54 -43.39 -9.81
C ILE I 390 38.84 -44.48 -8.78
N ASN I 391 38.33 -45.67 -9.00
CA ASN I 391 38.55 -46.81 -8.12
C ASN I 391 39.91 -47.42 -8.43
N ALA I 392 40.96 -46.81 -7.90
CA ALA I 392 42.30 -47.30 -8.16
C ALA I 392 43.02 -47.72 -6.89
N VAL I 393 42.97 -46.89 -5.86
CA VAL I 393 43.72 -47.11 -4.63
C VAL I 393 42.75 -47.51 -3.53
N ASN I 394 43.08 -48.58 -2.82
CA ASN I 394 42.27 -49.09 -1.72
C ASN I 394 42.96 -48.65 -0.43
N TYR I 395 42.56 -47.49 0.08
CA TYR I 395 43.22 -46.92 1.26
C TYR I 395 42.30 -45.92 1.94
N VAL I 396 42.13 -46.08 3.25
CA VAL I 396 41.60 -45.04 4.12
C VAL I 396 42.51 -44.96 5.32
N SER I 397 42.86 -43.74 5.72
CA SER I 397 43.83 -43.56 6.79
C SER I 397 43.32 -44.13 8.10
N PRO I 398 44.17 -44.76 8.91
CA PRO I 398 43.74 -45.16 10.26
C PRO I 398 43.28 -43.98 11.10
N ARG I 399 43.83 -42.79 10.87
CA ARG I 399 43.36 -41.61 11.57
C ARG I 399 41.91 -41.32 11.21
N SER I 400 41.54 -41.53 9.96
CA SER I 400 40.13 -41.35 9.56
C SER I 400 39.23 -42.33 10.28
N TRP I 401 39.65 -43.59 10.37
CA TRP I 401 38.83 -44.58 11.06
C TRP I 401 38.77 -44.29 12.55
N LEU I 402 39.89 -43.95 13.16
CA LEU I 402 39.92 -43.71 14.60
C LEU I 402 39.14 -42.44 14.96
N ALA I 403 39.33 -41.37 14.20
CA ALA I 403 38.63 -40.12 14.51
C ALA I 403 37.14 -40.23 14.23
N THR I 404 36.79 -40.82 13.09
CA THR I 404 35.38 -40.89 12.70
C THR I 404 34.60 -41.80 13.63
N SER I 405 35.14 -42.97 13.96
CA SER I 405 34.43 -43.91 14.80
C SER I 405 34.26 -43.37 16.21
N HIS I 406 35.35 -42.89 16.82
CA HIS I 406 35.28 -42.49 18.21
C HIS I 406 34.59 -41.15 18.39
N PHE I 407 34.28 -40.44 17.30
CA PHE I 407 33.36 -39.32 17.42
C PHE I 407 31.92 -39.81 17.49
N CYS I 408 31.57 -40.79 16.66
CA CYS I 408 30.23 -41.36 16.71
C CYS I 408 29.98 -42.00 18.07
N LEU I 409 30.97 -42.73 18.59
CA LEU I 409 30.86 -43.27 19.93
C LEU I 409 30.78 -42.16 20.96
N GLY I 410 31.56 -41.10 20.77
CA GLY I 410 31.53 -39.99 21.69
C GLY I 410 30.18 -39.30 21.72
N PHE I 411 29.55 -39.14 20.55
CA PHE I 411 28.27 -38.45 20.51
C PHE I 411 27.16 -39.31 21.08
N PHE I 412 27.13 -40.59 20.72
CA PHE I 412 26.08 -41.47 21.22
C PHE I 412 26.17 -41.63 22.73
N PHE I 413 27.39 -41.67 23.26
CA PHE I 413 27.54 -41.75 24.71
C PHE I 413 27.24 -40.43 25.38
N PHE I 414 27.20 -39.34 24.63
CA PHE I 414 26.64 -38.12 25.18
C PHE I 414 25.13 -38.20 25.27
N VAL I 415 24.48 -38.81 24.28
CA VAL I 415 23.05 -39.08 24.37
C VAL I 415 22.78 -40.05 25.52
N GLY I 416 23.75 -40.90 25.84
CA GLY I 416 23.63 -41.71 27.03
C GLY I 416 23.57 -40.89 28.31
N HIS I 417 24.41 -39.86 28.41
CA HIS I 417 24.30 -38.94 29.54
C HIS I 417 22.92 -38.30 29.58
N LEU I 418 22.47 -37.77 28.44
CA LEU I 418 21.19 -37.10 28.42
C LEU I 418 20.06 -38.03 28.81
N TRP I 419 20.09 -39.27 28.30
CA TRP I 419 19.04 -40.22 28.62
C TRP I 419 19.16 -40.72 30.06
N HIS I 420 20.29 -41.35 30.39
CA HIS I 420 20.39 -42.02 31.67
C HIS I 420 20.45 -41.04 32.83
N ALA I 421 20.83 -39.78 32.58
CA ALA I 421 20.84 -38.79 33.65
C ALA I 421 19.47 -38.18 33.85
N GLY I 422 18.75 -37.94 32.76
CA GLY I 422 17.38 -37.49 32.90
C GLY I 422 16.53 -38.50 33.64
N ARG I 423 16.65 -39.78 33.26
CA ARG I 423 15.84 -40.80 33.91
C ARG I 423 16.24 -40.98 35.36
N ALA I 424 17.52 -40.77 35.68
CA ALA I 424 17.98 -40.94 37.05
C ALA I 424 17.33 -39.92 37.98
N ARG I 425 17.22 -38.68 37.53
CA ARG I 425 16.56 -37.65 38.34
C ARG I 425 15.07 -37.92 38.46
N ALA I 426 14.43 -38.28 37.35
CA ALA I 426 12.96 -38.49 37.36
C ALA I 426 12.62 -39.68 38.26
N ALA I 427 13.32 -40.80 38.11
CA ALA I 427 13.04 -42.01 38.91
C ALA I 427 13.22 -41.71 40.39
N ALA I 428 14.30 -41.01 40.75
CA ALA I 428 14.54 -40.65 42.17
C ALA I 428 13.43 -39.72 42.65
N ALA I 429 13.11 -38.69 41.87
CA ALA I 429 12.01 -37.78 42.23
C ALA I 429 10.71 -38.58 42.25
N GLY I 430 10.59 -39.57 41.38
CA GLY I 430 9.43 -40.44 41.40
C GLY I 430 8.35 -40.12 40.39
N PHE I 431 8.73 -39.68 39.19
CA PHE I 431 7.76 -39.49 38.12
C PHE I 431 8.31 -39.96 36.80
N GLU I 432 9.14 -41.00 36.81
CA GLU I 432 9.68 -41.56 35.59
C GLU I 432 8.68 -42.45 34.87
N LYS I 433 7.59 -42.81 35.51
CA LYS I 433 6.55 -43.64 34.90
C LYS I 433 5.36 -42.85 34.42
N GLY I 434 5.28 -41.57 34.81
CA GLY I 434 4.17 -40.72 34.30
C GLY I 434 3.66 -39.75 35.35
N ILE I 435 2.77 -38.85 34.95
CA ILE I 435 2.20 -37.83 35.88
C ILE I 435 1.04 -38.46 36.65
N ASP I 436 0.97 -38.21 37.96
CA ASP I 436 -0.15 -38.75 38.79
C ASP I 436 -1.45 -38.11 38.30
N ARG I 437 -2.43 -38.93 37.91
CA ARG I 437 -3.68 -38.38 37.33
C ARG I 437 -4.38 -37.52 38.37
N ASP I 438 -4.34 -37.92 39.65
CA ASP I 438 -5.06 -37.18 40.72
C ASP I 438 -4.18 -36.06 41.27
N ASN I 439 -2.86 -36.15 41.10
CA ASN I 439 -1.94 -35.15 41.66
C ASN I 439 -1.02 -34.59 40.56
N GLU I 440 -1.60 -33.91 39.57
CA GLU I 440 -0.78 -33.30 38.49
C GLU I 440 -0.19 -31.98 39.00
N PRO I 441 1.13 -31.79 38.96
CA PRO I 441 1.76 -30.59 39.52
C PRO I 441 1.29 -29.31 38.82
N VAL I 442 1.17 -29.32 37.50
CA VAL I 442 0.80 -28.09 36.74
C VAL I 442 -0.60 -27.62 37.19
N LEU I 443 -1.49 -28.55 37.48
CA LEU I 443 -2.89 -28.18 37.86
C LEU I 443 -2.87 -27.35 39.15
N SER I 444 -1.78 -27.40 39.91
CA SER I 444 -1.71 -26.68 41.21
C SER I 444 -0.89 -25.40 41.05
N MET I 445 -0.69 -24.92 39.82
CA MET I 445 0.15 -23.73 39.58
C MET I 445 -0.71 -22.58 39.05
N ARG I 446 -0.32 -21.34 39.32
CA ARG I 446 -1.03 -20.19 38.79
C ARG I 446 -0.93 -20.17 37.28
N PRO I 447 -2.02 -19.86 36.57
CA PRO I 447 -1.95 -19.77 35.11
C PRO I 447 -1.04 -18.65 34.65
N LEU I 448 -0.35 -18.89 33.54
CA LEU I 448 0.51 -17.87 32.94
C LEU I 448 -0.33 -16.78 32.30
N LYS J 1 -30.87 -62.97 -5.41
CA LYS J 1 -31.67 -62.25 -6.39
C LYS J 1 -31.06 -60.89 -6.71
N ARG J 2 -29.99 -60.56 -5.98
CA ARG J 2 -29.34 -59.27 -6.16
C ARG J 2 -28.71 -59.18 -7.54
N GLY J 3 -28.57 -57.95 -8.04
CA GLY J 3 -27.98 -57.74 -9.37
C GLY J 3 -26.46 -57.95 -9.37
N TRP J 4 -25.83 -57.87 -10.55
CA TRP J 4 -24.37 -58.07 -10.66
C TRP J 4 -23.64 -57.07 -9.76
N PHE J 5 -24.01 -55.79 -9.84
CA PHE J 5 -23.27 -54.76 -9.05
C PHE J 5 -23.32 -55.13 -7.57
N ASP J 6 -24.49 -55.57 -7.08
CA ASP J 6 -24.60 -55.83 -5.65
C ASP J 6 -23.83 -57.07 -5.25
N VAL J 7 -23.90 -58.13 -6.07
CA VAL J 7 -23.20 -59.40 -5.73
C VAL J 7 -21.69 -59.17 -5.81
N VAL J 8 -21.24 -58.43 -6.82
CA VAL J 8 -19.78 -58.13 -6.98
C VAL J 8 -19.34 -57.19 -5.86
N ASP J 9 -20.16 -56.18 -5.55
CA ASP J 9 -19.82 -55.23 -4.47
C ASP J 9 -19.65 -56.01 -3.16
N ASP J 10 -20.49 -57.02 -2.93
CA ASP J 10 -20.35 -57.83 -1.72
C ASP J 10 -18.98 -58.48 -1.65
N TRP J 11 -18.51 -59.02 -2.76
CA TRP J 11 -17.22 -59.71 -2.73
C TRP J 11 -16.06 -58.72 -2.65
N LEU J 12 -16.11 -57.64 -3.43
CA LEU J 12 -14.99 -56.70 -3.47
C LEU J 12 -14.77 -56.03 -2.12
N ARG J 13 -15.85 -55.66 -1.44
CA ARG J 13 -15.75 -54.97 -0.17
C ARG J 13 -15.85 -55.92 1.02
N ARG J 14 -15.55 -57.20 0.80
CA ARG J 14 -15.47 -58.15 1.89
C ARG J 14 -14.33 -57.79 2.83
N ASP J 15 -14.56 -57.93 4.13
CA ASP J 15 -13.58 -57.56 5.15
C ASP J 15 -12.60 -58.72 5.31
N ARG J 16 -11.63 -58.77 4.42
CA ARG J 16 -10.61 -59.80 4.43
C ARG J 16 -9.29 -59.23 4.92
N PHE J 17 -8.25 -60.07 4.90
CA PHE J 17 -6.96 -59.65 5.44
C PHE J 17 -6.40 -58.45 4.69
N VAL J 18 -6.43 -58.51 3.37
CA VAL J 18 -6.02 -57.38 2.53
C VAL J 18 -7.26 -56.95 1.77
N PHE J 19 -7.79 -55.78 2.12
CA PHE J 19 -9.00 -55.26 1.50
C PHE J 19 -8.76 -54.99 0.02
N VAL J 20 -9.69 -55.44 -0.81
CA VAL J 20 -9.57 -55.25 -2.25
C VAL J 20 -10.35 -54.01 -2.66
N GLY J 21 -11.65 -54.05 -2.50
CA GLY J 21 -12.50 -52.94 -2.89
C GLY J 21 -12.60 -52.77 -4.39
N TRP J 22 -13.42 -51.80 -4.80
CA TRP J 22 -13.55 -51.49 -6.21
C TRP J 22 -12.27 -50.85 -6.75
N SER J 23 -11.62 -50.03 -5.93
CA SER J 23 -10.37 -49.40 -6.35
C SER J 23 -9.24 -50.38 -6.45
N GLY J 24 -9.35 -51.54 -5.80
CA GLY J 24 -8.33 -52.56 -5.93
C GLY J 24 -8.26 -53.13 -7.32
N LEU J 25 -9.36 -53.06 -8.08
CA LEU J 25 -9.35 -53.47 -9.47
C LEU J 25 -8.39 -52.64 -10.31
N LEU J 26 -8.17 -51.39 -9.92
CA LEU J 26 -7.23 -50.51 -10.59
C LEU J 26 -5.88 -50.46 -9.90
N LEU J 27 -5.87 -50.56 -8.57
CA LEU J 27 -4.63 -50.43 -7.82
C LEU J 27 -3.74 -51.65 -7.99
N PHE J 28 -4.23 -52.83 -7.60
CA PHE J 28 -3.38 -54.01 -7.55
C PHE J 28 -2.80 -54.42 -8.89
N PRO J 29 -3.54 -54.43 -9.99
CA PRO J 29 -2.90 -54.70 -11.28
C PRO J 29 -1.81 -53.70 -11.61
N THR J 30 -2.12 -52.41 -11.56
CA THR J 30 -1.14 -51.39 -11.94
C THR J 30 0.00 -51.31 -10.95
N ALA J 31 -0.30 -51.43 -9.65
CA ALA J 31 0.76 -51.34 -8.64
C ALA J 31 1.72 -52.50 -8.75
N TYR J 32 1.21 -53.70 -9.04
CA TYR J 32 2.06 -54.87 -9.19
C TYR J 32 2.97 -54.74 -10.39
N LEU J 33 2.45 -54.22 -11.50
CA LEU J 33 3.26 -54.06 -12.69
C LEU J 33 4.30 -52.97 -12.52
N ALA J 34 3.95 -51.88 -11.83
CA ALA J 34 4.92 -50.84 -11.57
C ALA J 34 6.04 -51.35 -10.66
N LEU J 35 5.69 -52.11 -9.62
CA LEU J 35 6.71 -52.73 -8.79
C LEU J 35 7.51 -53.74 -9.60
N GLY J 36 6.82 -54.59 -10.35
CA GLY J 36 7.51 -55.59 -11.13
C GLY J 36 8.37 -54.98 -12.22
N GLY J 37 7.89 -53.92 -12.85
CA GLY J 37 8.67 -53.25 -13.88
C GLY J 37 9.97 -52.69 -13.33
N TRP J 38 9.90 -52.13 -12.13
CA TRP J 38 11.11 -51.56 -11.54
C TRP J 38 12.10 -52.64 -11.14
N PHE J 39 11.62 -53.69 -10.47
CA PHE J 39 12.51 -54.77 -10.07
C PHE J 39 13.10 -55.49 -11.28
N THR J 40 12.29 -55.71 -12.31
CA THR J 40 12.79 -56.33 -13.53
C THR J 40 13.80 -55.43 -14.23
N GLY J 41 13.50 -54.14 -14.31
CA GLY J 41 14.41 -53.22 -14.99
C GLY J 41 15.74 -53.06 -14.27
N THR J 42 15.71 -52.97 -12.94
CA THR J 42 16.94 -52.81 -12.19
C THR J 42 17.77 -54.07 -12.13
N THR J 43 17.20 -55.23 -12.48
CA THR J 43 17.90 -56.49 -12.40
C THR J 43 18.42 -57.00 -13.73
N PHE J 44 17.69 -56.80 -14.81
CA PHE J 44 18.11 -57.36 -16.09
C PHE J 44 18.20 -56.33 -17.20
N VAL J 45 17.35 -55.30 -17.19
CA VAL J 45 17.29 -54.37 -18.31
C VAL J 45 18.45 -53.38 -18.25
N THR J 46 19.06 -53.13 -19.40
CA THR J 46 20.19 -52.23 -19.52
C THR J 46 19.73 -50.85 -19.98
N SER J 47 20.59 -49.86 -19.71
CA SER J 47 20.45 -48.53 -20.29
C SER J 47 21.61 -48.22 -21.22
N TRP J 48 22.22 -49.26 -21.78
CA TRP J 48 23.39 -49.08 -22.64
C TRP J 48 23.02 -48.35 -23.93
N TYR J 49 21.88 -48.65 -24.51
CA TYR J 49 21.49 -48.07 -25.78
C TYR J 49 20.67 -46.80 -25.63
N THR J 50 20.29 -46.43 -24.43
CA THR J 50 19.55 -45.19 -24.21
C THR J 50 20.41 -44.09 -23.60
N HIS J 51 21.25 -44.43 -22.64
CA HIS J 51 22.09 -43.45 -21.97
C HIS J 51 23.57 -43.74 -22.09
N GLY J 52 23.95 -44.86 -22.70
CA GLY J 52 25.34 -45.26 -22.66
C GLY J 52 25.83 -45.60 -21.28
N LEU J 53 24.97 -46.18 -20.45
CA LEU J 53 25.29 -46.52 -19.08
C LEU J 53 24.86 -47.94 -18.79
N ALA J 54 25.46 -48.52 -17.75
CA ALA J 54 24.98 -49.78 -17.19
C ALA J 54 24.10 -49.45 -15.99
N SER J 55 22.92 -50.07 -15.93
CA SER J 55 21.99 -49.74 -14.85
C SER J 55 21.25 -50.96 -14.33
N SER J 56 21.88 -52.14 -14.34
CA SER J 56 21.24 -53.34 -13.84
C SER J 56 22.25 -54.16 -13.04
N TYR J 57 21.72 -54.99 -12.15
CA TYR J 57 22.57 -55.91 -11.41
C TYR J 57 23.30 -56.85 -12.34
N LEU J 58 22.62 -57.33 -13.39
CA LEU J 58 23.25 -58.23 -14.34
C LEU J 58 24.46 -57.59 -15.01
N GLU J 59 24.44 -56.28 -15.19
CA GLU J 59 25.57 -55.58 -15.76
C GLU J 59 26.64 -55.24 -14.74
N GLY J 60 26.37 -55.43 -13.45
CA GLY J 60 27.35 -55.18 -12.41
C GLY J 60 27.01 -54.05 -11.47
N CYS J 61 25.89 -53.36 -11.63
CA CYS J 61 25.53 -52.30 -10.70
C CYS J 61 25.02 -52.89 -9.40
N ASN J 62 25.05 -52.07 -8.36
CA ASN J 62 24.48 -52.43 -7.06
C ASN J 62 23.19 -51.66 -6.84
N PHE J 63 22.61 -51.84 -5.66
CA PHE J 63 21.32 -51.20 -5.35
C PHE J 63 21.40 -49.69 -5.51
N LEU J 64 22.56 -49.11 -5.24
CA LEU J 64 22.69 -47.65 -5.31
C LEU J 64 22.75 -47.15 -6.75
N THR J 65 23.34 -47.90 -7.67
CA THR J 65 23.55 -47.41 -9.02
C THR J 65 22.64 -48.04 -10.07
N ALA J 66 21.84 -49.04 -9.69
CA ALA J 66 20.91 -49.64 -10.63
C ALA J 66 19.68 -48.74 -10.79
N ALA J 67 19.12 -48.73 -11.99
CA ALA J 67 17.97 -47.86 -12.25
C ALA J 67 17.21 -48.37 -13.46
N VAL J 68 15.98 -47.88 -13.58
CA VAL J 68 15.17 -48.08 -14.78
C VAL J 68 15.21 -46.75 -15.53
N SER J 69 16.09 -46.67 -16.53
CA SER J 69 16.42 -45.39 -17.13
C SER J 69 15.39 -44.98 -18.19
N THR J 70 15.37 -43.69 -18.47
CA THR J 70 14.45 -43.09 -19.40
C THR J 70 14.82 -43.43 -20.83
N PRO J 71 13.89 -43.28 -21.77
CA PRO J 71 14.22 -43.49 -23.18
C PRO J 71 15.19 -42.44 -23.70
N ALA J 72 15.78 -42.73 -24.85
CA ALA J 72 16.67 -41.77 -25.49
C ALA J 72 15.91 -40.52 -25.89
N ASN J 73 16.63 -39.40 -25.99
CA ASN J 73 15.98 -38.13 -26.27
C ASN J 73 15.33 -38.11 -27.65
N SER J 74 15.86 -38.90 -28.58
CA SER J 74 15.28 -38.96 -29.92
C SER J 74 13.85 -39.46 -29.89
N MET J 75 13.47 -40.22 -28.86
CA MET J 75 12.11 -40.70 -28.73
C MET J 75 11.13 -39.59 -28.40
N GLY J 76 11.61 -38.42 -27.99
CA GLY J 76 10.72 -37.34 -27.64
C GLY J 76 9.84 -37.72 -26.47
N HIS J 77 8.56 -37.36 -26.55
CA HIS J 77 7.58 -37.74 -25.54
C HIS J 77 6.74 -38.92 -26.00
N SER J 78 7.33 -39.85 -26.74
CA SER J 78 6.61 -41.04 -27.16
C SER J 78 6.16 -41.83 -25.94
N LEU J 79 4.89 -42.24 -25.94
CA LEU J 79 4.41 -43.10 -24.87
C LEU J 79 5.11 -44.44 -24.88
N LEU J 80 5.67 -44.85 -26.02
CA LEU J 80 6.54 -46.01 -26.12
C LEU J 80 5.85 -47.27 -25.63
N PHE J 81 4.71 -47.56 -26.24
CA PHE J 81 4.02 -48.80 -25.97
C PHE J 81 4.82 -49.98 -26.50
N LEU J 82 4.49 -51.18 -26.00
CA LEU J 82 5.05 -52.38 -26.58
C LEU J 82 4.66 -52.54 -28.03
N TRP J 83 3.54 -51.97 -28.44
CA TRP J 83 3.02 -52.10 -29.78
C TRP J 83 3.15 -50.82 -30.60
N GLY J 84 3.79 -49.79 -30.07
CA GLY J 84 3.91 -48.55 -30.76
C GLY J 84 4.85 -48.62 -31.94
N PRO J 85 4.94 -47.54 -32.71
CA PRO J 85 5.83 -47.55 -33.89
C PRO J 85 7.29 -47.72 -33.52
N GLU J 86 7.64 -47.46 -32.27
CA GLU J 86 8.96 -47.78 -31.75
C GLU J 86 8.88 -49.11 -31.02
N ALA J 87 9.77 -50.05 -31.37
CA ALA J 87 9.78 -51.39 -30.80
C ALA J 87 8.41 -52.05 -30.99
N GLN J 88 8.09 -52.30 -32.26
CA GLN J 88 6.76 -52.74 -32.66
C GLN J 88 6.59 -54.21 -32.29
N GLY J 89 6.18 -54.43 -31.05
CA GLY J 89 5.89 -55.76 -30.57
C GLY J 89 7.09 -56.56 -30.12
N ASP J 90 8.30 -56.03 -30.25
CA ASP J 90 9.51 -56.76 -29.90
C ASP J 90 9.84 -56.47 -28.43
N PHE J 91 9.64 -57.46 -27.58
CA PHE J 91 9.77 -57.21 -26.14
C PHE J 91 11.20 -56.84 -25.77
N THR J 92 12.18 -57.59 -26.26
CA THR J 92 13.57 -57.33 -25.88
C THR J 92 14.03 -55.99 -26.41
N ARG J 93 13.64 -55.64 -27.64
CA ARG J 93 13.98 -54.32 -28.16
C ARG J 93 13.23 -53.23 -27.43
N TRP J 94 12.04 -53.54 -26.93
CA TRP J 94 11.28 -52.59 -26.12
C TRP J 94 12.03 -52.26 -24.85
N CYS J 95 12.63 -53.26 -24.21
CA CYS J 95 13.43 -53.00 -23.02
C CYS J 95 14.68 -52.20 -23.35
N GLN J 96 15.32 -52.52 -24.48
CA GLN J 96 16.53 -51.79 -24.88
C GLN J 96 16.24 -50.35 -25.25
N LEU J 97 15.01 -50.02 -25.63
CA LEU J 97 14.62 -48.67 -26.00
C LEU J 97 14.19 -47.84 -24.82
N GLY J 98 14.30 -48.36 -23.61
CA GLY J 98 13.83 -47.64 -22.44
C GLY J 98 12.32 -47.63 -22.28
N GLY J 99 11.62 -48.50 -23.00
CA GLY J 99 10.17 -48.55 -22.89
C GLY J 99 9.70 -48.98 -21.53
N LEU J 100 10.55 -49.63 -20.74
CA LEU J 100 10.17 -50.04 -19.41
C LEU J 100 9.99 -48.84 -18.48
N TRP J 101 10.64 -47.72 -18.79
CA TRP J 101 10.46 -46.53 -17.97
C TRP J 101 9.04 -45.99 -18.09
N THR J 102 8.56 -45.83 -19.32
CA THR J 102 7.18 -45.37 -19.51
C THR J 102 6.19 -46.40 -18.99
N PHE J 103 6.56 -47.68 -19.04
CA PHE J 103 5.72 -48.71 -18.44
C PHE J 103 5.58 -48.49 -16.93
N VAL J 104 6.71 -48.28 -16.25
CA VAL J 104 6.67 -48.04 -14.81
C VAL J 104 6.01 -46.70 -14.51
N ALA J 105 6.30 -45.68 -15.30
CA ALA J 105 5.75 -44.35 -15.05
C ALA J 105 4.24 -44.34 -15.24
N LEU J 106 3.74 -45.03 -16.26
CA LEU J 106 2.30 -44.97 -16.56
C LEU J 106 1.50 -45.88 -15.63
N HIS J 107 1.85 -47.17 -15.58
CA HIS J 107 1.17 -48.06 -14.64
C HIS J 107 1.41 -47.60 -13.20
N GLY J 108 2.52 -46.90 -12.96
CA GLY J 108 2.76 -46.35 -11.64
C GLY J 108 1.88 -45.16 -11.32
N SER J 109 1.60 -44.33 -12.33
CA SER J 109 0.76 -43.15 -12.10
C SER J 109 -0.69 -43.56 -11.88
N PHE J 110 -1.14 -44.64 -12.52
CA PHE J 110 -2.50 -45.13 -12.28
C PHE J 110 -2.60 -45.87 -10.97
N SER J 111 -1.48 -46.38 -10.45
CA SER J 111 -1.50 -46.98 -9.13
C SER J 111 -1.71 -45.93 -8.05
N LEU J 112 -1.13 -44.74 -8.25
CA LEU J 112 -1.34 -43.66 -7.29
C LEU J 112 -2.80 -43.23 -7.27
N ILE J 113 -3.45 -43.17 -8.43
CA ILE J 113 -4.87 -42.90 -8.47
C ILE J 113 -5.63 -44.02 -7.76
N GLY J 114 -5.26 -45.26 -8.03
CA GLY J 114 -5.94 -46.38 -7.40
C GLY J 114 -5.78 -46.38 -5.89
N PHE J 115 -4.60 -46.01 -5.40
CA PHE J 115 -4.40 -45.98 -3.95
C PHE J 115 -5.16 -44.84 -3.31
N MET J 116 -5.25 -43.70 -3.99
CA MET J 116 -6.03 -42.59 -3.44
C MET J 116 -7.52 -42.90 -3.47
N LEU J 117 -7.98 -43.60 -4.51
CA LEU J 117 -9.35 -44.07 -4.53
C LEU J 117 -9.59 -45.10 -3.44
N ARG J 118 -8.56 -45.88 -3.11
CA ARG J 118 -8.67 -46.85 -2.04
C ARG J 118 -8.90 -46.16 -0.70
N GLN J 119 -8.21 -45.05 -0.47
CA GLN J 119 -8.41 -44.30 0.77
C GLN J 119 -9.82 -43.75 0.85
N PHE J 120 -10.36 -43.24 -0.25
CA PHE J 120 -11.76 -42.84 -0.26
C PHE J 120 -12.68 -44.02 -0.03
N GLU J 121 -12.36 -45.15 -0.65
CA GLU J 121 -13.23 -46.32 -0.58
C GLU J 121 -13.33 -46.85 0.85
N ILE J 122 -12.19 -46.98 1.52
CA ILE J 122 -12.19 -47.53 2.88
C ILE J 122 -12.80 -46.54 3.87
N ALA J 123 -12.49 -45.25 3.71
CA ALA J 123 -12.98 -44.25 4.64
C ALA J 123 -14.51 -44.18 4.61
N ARG J 124 -15.10 -44.28 3.42
CA ARG J 124 -16.55 -44.28 3.33
C ARG J 124 -17.14 -45.53 3.97
N SER J 125 -16.49 -46.68 3.80
CA SER J 125 -16.98 -47.92 4.39
C SER J 125 -16.89 -47.88 5.92
N VAL J 126 -15.76 -47.41 6.44
CA VAL J 126 -15.57 -47.31 7.89
C VAL J 126 -16.30 -46.13 8.49
N LYS J 127 -16.85 -45.25 7.66
CA LYS J 127 -17.68 -44.12 8.10
C LYS J 127 -16.86 -43.10 8.87
N ILE J 128 -15.70 -42.75 8.32
CA ILE J 128 -14.84 -41.70 8.96
C ILE J 128 -14.65 -40.58 7.93
N ARG J 129 -13.89 -39.55 8.29
CA ARG J 129 -13.67 -38.39 7.38
C ARG J 129 -12.57 -38.74 6.38
N PRO J 130 -12.53 -38.13 5.17
CA PRO J 130 -11.55 -38.49 4.15
C PRO J 130 -10.30 -37.59 4.12
N TYR J 131 -9.65 -37.38 5.26
CA TYR J 131 -8.49 -36.44 5.30
C TYR J 131 -7.18 -37.17 4.97
N ASN J 132 -7.17 -38.50 5.03
CA ASN J 132 -5.94 -39.25 4.63
C ASN J 132 -5.83 -39.20 3.11
N ALA J 133 -6.97 -39.31 2.41
CA ALA J 133 -6.93 -39.19 0.96
C ALA J 133 -6.49 -37.79 0.54
N ILE J 134 -6.99 -36.76 1.22
CA ILE J 134 -6.58 -35.40 0.93
C ILE J 134 -5.10 -35.21 1.20
N ALA J 135 -4.57 -35.84 2.25
CA ALA J 135 -3.15 -35.76 2.52
C ALA J 135 -2.33 -36.44 1.43
N PHE J 136 -2.88 -37.46 0.79
CA PHE J 136 -2.16 -38.19 -0.24
C PHE J 136 -2.12 -37.44 -1.56
N SER J 137 -2.87 -36.34 -1.69
CA SER J 137 -2.78 -35.54 -2.90
C SER J 137 -1.40 -34.91 -3.05
N ALA J 138 -0.75 -34.60 -1.94
CA ALA J 138 0.57 -33.99 -2.00
C ALA J 138 1.63 -34.90 -2.63
N PRO J 139 1.77 -36.17 -2.25
CA PRO J 139 2.71 -37.03 -2.98
C PRO J 139 2.34 -37.22 -4.44
N ILE J 140 1.05 -37.22 -4.75
CA ILE J 140 0.64 -37.36 -6.14
C ILE J 140 1.02 -36.13 -6.94
N SER J 141 0.85 -34.95 -6.34
CA SER J 141 1.26 -33.72 -7.01
C SER J 141 2.76 -33.73 -7.29
N VAL J 142 3.55 -34.26 -6.35
CA VAL J 142 4.99 -34.35 -6.56
C VAL J 142 5.30 -35.31 -7.69
N PHE J 143 4.66 -36.48 -7.68
CA PHE J 143 4.92 -37.46 -8.74
C PHE J 143 4.46 -36.94 -10.09
N VAL J 144 3.28 -36.31 -10.14
CA VAL J 144 2.73 -35.85 -11.41
C VAL J 144 3.60 -34.76 -12.01
N SER J 145 4.05 -33.82 -11.18
CA SER J 145 4.85 -32.71 -11.71
C SER J 145 6.27 -33.13 -12.04
N VAL J 146 6.86 -34.01 -11.23
CA VAL J 146 8.28 -34.36 -11.42
C VAL J 146 8.44 -35.40 -12.52
N PHE J 147 7.60 -36.43 -12.52
CA PHE J 147 7.77 -37.53 -13.46
C PHE J 147 6.95 -37.38 -14.73
N LEU J 148 5.92 -36.53 -14.73
CA LEU J 148 5.14 -36.37 -15.93
C LEU J 148 5.24 -34.96 -16.50
N ILE J 149 4.92 -33.95 -15.70
CA ILE J 149 4.81 -32.59 -16.23
C ILE J 149 6.18 -32.06 -16.64
N TYR J 150 7.20 -32.29 -15.82
CA TYR J 150 8.51 -31.73 -16.12
C TYR J 150 9.09 -32.26 -17.42
N PRO J 151 9.16 -33.57 -17.66
CA PRO J 151 9.66 -34.03 -18.97
C PRO J 151 8.77 -33.60 -20.13
N LEU J 152 7.47 -33.44 -19.91
CA LEU J 152 6.59 -33.02 -20.98
C LEU J 152 6.88 -31.61 -21.44
N GLY J 153 7.37 -30.76 -20.53
CA GLY J 153 7.80 -29.43 -20.91
C GLY J 153 9.19 -29.37 -21.49
N GLN J 154 9.98 -30.41 -21.30
CA GLN J 154 11.34 -30.51 -21.81
C GLN J 154 11.32 -31.22 -23.16
N SER J 155 12.50 -31.62 -23.64
CA SER J 155 12.61 -32.24 -24.96
C SER J 155 11.89 -33.58 -25.00
N GLY J 156 11.99 -34.39 -23.95
CA GLY J 156 11.36 -35.68 -23.97
C GLY J 156 11.47 -36.35 -22.62
N TRP J 157 11.10 -37.63 -22.59
CA TRP J 157 11.18 -38.41 -21.35
C TRP J 157 12.62 -38.55 -20.86
N PHE J 158 13.60 -38.30 -21.74
CA PHE J 158 15.00 -38.46 -21.38
C PHE J 158 15.36 -37.66 -20.15
N PHE J 159 14.74 -36.50 -19.96
CA PHE J 159 15.09 -35.62 -18.86
C PHE J 159 14.21 -35.80 -17.64
N ALA J 160 13.30 -36.76 -17.67
CA ALA J 160 12.58 -37.14 -16.47
C ALA J 160 13.52 -37.89 -15.52
N PRO J 161 13.21 -37.92 -14.24
CA PRO J 161 14.05 -38.67 -13.31
C PRO J 161 13.91 -40.17 -13.55
N SER J 162 15.04 -40.82 -13.76
CA SER J 162 15.07 -42.27 -13.92
C SER J 162 14.86 -42.94 -12.57
N PHE J 163 14.18 -44.09 -12.58
CA PHE J 163 13.76 -44.76 -11.35
C PHE J 163 14.96 -45.50 -10.75
N GLY J 164 15.74 -44.77 -9.96
CA GLY J 164 16.86 -45.36 -9.28
C GLY J 164 17.41 -44.42 -8.24
N VAL J 165 18.28 -44.97 -7.38
CA VAL J 165 18.84 -44.17 -6.30
C VAL J 165 19.81 -43.14 -6.86
N ALA J 166 20.87 -43.61 -7.53
CA ALA J 166 21.85 -42.67 -8.09
C ALA J 166 21.25 -41.90 -9.26
N ALA J 167 20.30 -42.50 -9.97
CA ALA J 167 19.63 -41.79 -11.05
C ALA J 167 18.87 -40.57 -10.52
N ILE J 168 18.24 -40.72 -9.36
CA ILE J 168 17.59 -39.57 -8.74
C ILE J 168 18.62 -38.54 -8.30
N PHE J 169 19.78 -39.01 -7.83
CA PHE J 169 20.84 -38.09 -7.44
C PHE J 169 21.33 -37.28 -8.63
N ARG J 170 21.47 -37.93 -9.79
CA ARG J 170 21.83 -37.20 -11.00
C ARG J 170 20.74 -36.19 -11.36
N PHE J 171 19.49 -36.60 -11.23
CA PHE J 171 18.38 -35.69 -11.47
C PHE J 171 18.43 -34.50 -10.52
N ILE J 172 18.81 -34.75 -9.27
CA ILE J 172 18.93 -33.67 -8.30
C ILE J 172 20.05 -32.71 -8.68
N LEU J 173 21.23 -33.26 -8.99
CA LEU J 173 22.37 -32.41 -9.30
C LEU J 173 22.19 -31.73 -10.65
N PHE J 174 21.41 -32.33 -11.55
CA PHE J 174 21.06 -31.67 -12.79
C PHE J 174 20.26 -30.40 -12.53
N PHE J 175 19.36 -30.45 -11.55
CA PHE J 175 18.49 -29.31 -11.26
C PHE J 175 19.26 -28.16 -10.64
N GLN J 176 20.29 -28.47 -9.84
CA GLN J 176 21.13 -27.40 -9.32
C GLN J 176 21.92 -26.74 -10.43
N GLY J 177 22.58 -27.54 -11.26
CA GLY J 177 23.45 -26.97 -12.27
C GLY J 177 22.70 -26.23 -13.36
N PHE J 178 21.56 -26.76 -13.80
CA PHE J 178 20.85 -26.18 -14.92
C PHE J 178 19.70 -25.28 -14.52
N HIS J 179 19.04 -25.54 -13.40
CA HIS J 179 17.88 -24.78 -12.99
C HIS J 179 18.10 -23.91 -11.77
N ASN J 180 19.20 -24.11 -11.04
CA ASN J 180 19.45 -23.40 -9.79
C ASN J 180 18.28 -23.60 -8.84
N TRP J 181 17.86 -24.86 -8.72
CA TRP J 181 16.60 -25.19 -8.07
C TRP J 181 16.61 -24.86 -6.59
N THR J 182 17.78 -24.82 -5.97
CA THR J 182 17.87 -24.41 -4.56
C THR J 182 17.41 -22.98 -4.38
N LEU J 183 17.77 -22.09 -5.30
CA LEU J 183 17.40 -20.69 -5.21
C LEU J 183 15.92 -20.44 -5.45
N ASN J 184 15.20 -21.41 -5.96
CA ASN J 184 13.79 -21.21 -6.28
C ASN J 184 12.98 -21.07 -5.00
N PRO J 185 12.12 -20.06 -4.88
CA PRO J 185 11.32 -19.91 -3.66
C PRO J 185 10.31 -21.01 -3.44
N PHE J 186 10.09 -21.89 -4.42
CA PHE J 186 9.12 -22.95 -4.25
C PHE J 186 9.76 -24.21 -3.67
N HIS J 187 11.01 -24.50 -4.01
CA HIS J 187 11.72 -25.55 -3.27
C HIS J 187 11.97 -25.08 -1.85
N MET J 188 12.15 -23.77 -1.65
CA MET J 188 12.34 -23.25 -0.31
C MET J 188 11.13 -23.50 0.57
N MET J 189 9.93 -23.27 0.02
CA MET J 189 8.71 -23.57 0.77
C MET J 189 8.53 -25.08 0.92
N GLY J 190 8.98 -25.86 -0.07
CA GLY J 190 8.96 -27.30 0.07
C GLY J 190 9.89 -27.81 1.14
N VAL J 191 11.09 -27.22 1.23
CA VAL J 191 12.03 -27.61 2.27
C VAL J 191 11.46 -27.29 3.64
N ALA J 192 10.89 -26.09 3.80
CA ALA J 192 10.31 -25.71 5.09
C ALA J 192 9.17 -26.63 5.47
N GLY J 193 8.38 -27.07 4.49
CA GLY J 193 7.33 -28.02 4.78
C GLY J 193 7.86 -29.36 5.24
N VAL J 194 8.86 -29.89 4.55
CA VAL J 194 9.38 -31.21 4.90
C VAL J 194 10.16 -31.15 6.20
N LEU J 195 11.03 -30.14 6.35
CA LEU J 195 11.77 -30.02 7.60
C LEU J 195 10.85 -29.66 8.76
N GLY J 196 9.86 -28.80 8.50
CA GLY J 196 8.90 -28.48 9.55
C GLY J 196 8.06 -29.67 9.97
N ALA J 197 7.67 -30.50 9.00
CA ALA J 197 6.90 -31.70 9.33
C ALA J 197 7.75 -32.70 10.10
N ALA J 198 9.02 -32.86 9.74
CA ALA J 198 9.90 -33.72 10.50
C ALA J 198 10.08 -33.19 11.93
N LEU J 199 10.15 -31.87 12.08
CA LEU J 199 10.21 -31.28 13.41
C LEU J 199 8.94 -31.57 14.20
N LEU J 200 7.78 -31.42 13.56
CA LEU J 200 6.52 -31.66 14.25
C LEU J 200 6.36 -33.12 14.64
N CYS J 201 6.78 -34.02 13.76
CA CYS J 201 6.69 -35.45 14.07
C CYS J 201 7.52 -35.77 15.30
N ALA J 202 8.75 -35.25 15.37
CA ALA J 202 9.62 -35.55 16.50
C ALA J 202 9.16 -34.82 17.76
N ILE J 203 8.77 -33.56 17.64
CA ILE J 203 8.44 -32.79 18.82
C ILE J 203 7.13 -33.25 19.42
N HIS J 204 6.19 -33.68 18.58
CA HIS J 204 4.90 -34.15 19.08
C HIS J 204 5.03 -35.54 19.68
N GLY J 205 5.81 -36.41 19.03
CA GLY J 205 6.01 -37.73 19.58
C GLY J 205 6.71 -37.70 20.92
N ALA J 206 7.72 -36.83 21.05
CA ALA J 206 8.43 -36.73 22.32
C ALA J 206 7.58 -36.07 23.39
N THR J 207 6.78 -35.07 23.02
CA THR J 207 5.94 -34.39 23.99
C THR J 207 4.90 -35.33 24.58
N VAL J 208 4.27 -36.14 23.74
CA VAL J 208 3.30 -37.10 24.22
C VAL J 208 3.96 -38.12 25.14
N GLU J 209 5.13 -38.61 24.75
CA GLU J 209 5.80 -39.64 25.53
C GLU J 209 6.27 -39.13 26.88
N ASN J 210 6.51 -37.84 26.99
CA ASN J 210 7.04 -37.26 28.22
C ASN J 210 5.99 -36.54 29.04
N THR J 211 4.73 -36.53 28.59
CA THR J 211 3.63 -36.03 29.39
C THR J 211 2.61 -37.13 29.69
N LEU J 212 3.04 -38.39 29.55
CA LEU J 212 2.13 -39.53 29.76
C LEU J 212 1.68 -39.59 31.22
N PHE J 213 0.42 -39.97 31.46
CA PHE J 213 -0.07 -40.14 32.85
C PHE J 213 0.44 -41.48 33.39
N GLU J 214 0.59 -41.59 34.70
CA GLU J 214 1.04 -42.88 35.31
C GLU J 214 -0.17 -43.82 35.42
N ASP J 215 -0.36 -44.68 34.42
CA ASP J 215 -1.54 -45.59 34.42
C ASP J 215 -1.09 -47.02 34.70
N GLY J 216 0.05 -47.18 35.36
CA GLY J 216 0.56 -48.53 35.69
C GLY J 216 1.72 -48.49 36.67
N ASP J 217 2.12 -49.64 37.20
CA ASP J 217 3.24 -49.72 38.14
C ASP J 217 4.52 -50.18 37.49
N GLY J 218 4.51 -50.46 36.19
CA GLY J 218 5.68 -50.93 35.50
C GLY J 218 6.46 -49.78 34.88
N ALA J 219 7.78 -49.95 34.80
CA ALA J 219 8.60 -48.94 34.13
C ALA J 219 8.29 -48.89 32.65
N ASN J 220 7.89 -50.02 32.07
CA ASN J 220 7.46 -50.07 30.68
C ASN J 220 6.11 -49.38 30.56
N THR J 221 6.12 -48.12 30.13
CA THR J 221 4.90 -47.35 30.05
C THR J 221 4.06 -47.69 28.83
N PHE J 222 4.58 -48.50 27.91
CA PHE J 222 3.81 -48.84 26.71
C PHE J 222 2.60 -49.71 27.04
N ARG J 223 2.72 -50.55 28.05
CA ARG J 223 1.65 -51.49 28.36
C ARG J 223 0.48 -50.85 29.10
N ALA J 224 0.71 -49.69 29.72
CA ALA J 224 -0.35 -49.04 30.53
C ALA J 224 -1.27 -48.21 29.62
N PHE J 225 -1.92 -48.86 28.65
CA PHE J 225 -2.83 -48.14 27.72
C PHE J 225 -3.87 -49.09 27.16
N ASN J 226 -5.04 -48.58 26.80
CA ASN J 226 -6.09 -49.42 26.16
C ASN J 226 -6.69 -48.59 25.02
N PRO J 227 -6.71 -49.09 23.77
CA PRO J 227 -7.22 -48.30 22.65
C PRO J 227 -8.65 -47.81 22.91
N THR J 228 -9.39 -48.51 23.77
CA THR J 228 -10.82 -48.15 24.05
C THR J 228 -10.93 -47.28 25.31
N GLN J 229 -9.79 -46.91 25.90
CA GLN J 229 -9.78 -46.06 27.12
C GLN J 229 -10.41 -44.70 26.78
N ALA J 230 -11.26 -44.19 27.67
CA ALA J 230 -11.94 -42.88 27.43
C ALA J 230 -11.04 -41.74 27.90
N GLU J 231 -10.31 -41.93 29.00
CA GLU J 231 -9.42 -40.87 29.54
C GLU J 231 -8.24 -40.68 28.57
N GLU J 232 -7.69 -39.46 28.52
CA GLU J 232 -6.50 -39.20 27.65
C GLU J 232 -5.28 -39.89 28.26
N THR J 233 -4.31 -40.28 27.43
CA THR J 233 -3.12 -41.01 27.94
C THR J 233 -2.06 -40.02 28.41
N TYR J 234 -2.10 -38.78 27.93
CA TYR J 234 -1.04 -37.80 28.29
C TYR J 234 -1.68 -36.48 28.72
N SER J 235 -0.98 -35.71 29.55
CA SER J 235 -1.51 -34.42 30.07
C SER J 235 -1.27 -33.30 29.05
N MET J 236 -2.32 -32.84 28.38
CA MET J 236 -2.20 -31.70 27.43
C MET J 236 -1.86 -30.44 28.22
N VAL J 237 -2.41 -30.31 29.43
CA VAL J 237 -2.19 -29.09 30.27
C VAL J 237 -0.69 -28.99 30.60
N THR J 238 -0.08 -30.09 31.03
CA THR J 238 1.38 -30.09 31.34
C THR J 238 2.13 -29.81 30.04
N ALA J 239 1.77 -30.50 28.95
CA ALA J 239 2.43 -30.29 27.65
C ALA J 239 2.32 -28.81 27.27
N ASN J 240 1.13 -28.23 27.41
CA ASN J 240 0.94 -26.84 27.02
C ASN J 240 1.78 -25.91 27.89
N ARG J 241 1.83 -26.16 29.20
CA ARG J 241 2.62 -25.30 30.06
C ARG J 241 4.11 -25.47 29.82
N PHE J 242 4.52 -26.69 29.47
CA PHE J 242 5.93 -26.93 29.19
C PHE J 242 6.40 -26.10 28.01
N TRP J 243 5.68 -26.15 26.90
CA TRP J 243 6.14 -25.45 25.71
C TRP J 243 5.85 -23.95 25.77
N SER J 244 4.91 -23.54 26.60
CA SER J 244 4.68 -22.12 26.80
C SER J 244 5.85 -21.47 27.54
N GLN J 245 6.47 -22.18 28.47
CA GLN J 245 7.58 -21.64 29.23
C GLN J 245 8.93 -21.92 28.60
N ILE J 246 9.01 -22.85 27.66
CA ILE J 246 10.24 -23.15 26.95
C ILE J 246 10.34 -22.41 25.64
N PHE J 247 9.25 -22.41 24.86
CA PHE J 247 9.25 -21.83 23.53
C PHE J 247 8.47 -20.52 23.44
N GLY J 248 7.66 -20.20 24.45
CA GLY J 248 6.88 -19.00 24.47
C GLY J 248 5.48 -19.17 23.93
N VAL J 249 5.25 -20.18 23.11
CA VAL J 249 3.96 -20.45 22.51
C VAL J 249 3.77 -21.96 22.45
N ALA J 250 2.52 -22.40 22.63
CA ALA J 250 2.23 -23.82 22.68
C ALA J 250 0.84 -24.06 22.15
N PHE J 251 0.60 -25.29 21.72
CA PHE J 251 -0.74 -25.69 21.33
C PHE J 251 -1.63 -25.84 22.55
N SER J 252 -2.83 -25.29 22.47
CA SER J 252 -3.85 -25.53 23.47
C SER J 252 -5.01 -26.36 22.94
N ASN J 253 -5.06 -26.59 21.64
CA ASN J 253 -6.15 -27.33 21.02
C ASN J 253 -5.57 -28.59 20.39
N LYS J 254 -6.04 -29.75 20.84
CA LYS J 254 -5.53 -31.01 20.31
C LYS J 254 -5.90 -31.17 18.84
N ARG J 255 -7.10 -30.73 18.48
CA ARG J 255 -7.58 -30.90 17.08
C ARG J 255 -6.70 -30.04 16.16
N TRP J 256 -6.46 -28.78 16.53
CA TRP J 256 -5.62 -27.86 15.72
C TRP J 256 -4.22 -28.44 15.53
N LEU J 257 -3.64 -29.00 16.60
CA LEU J 257 -2.25 -29.54 16.53
C LEU J 257 -2.19 -30.60 15.43
N HIS J 258 -3.12 -31.54 15.43
CA HIS J 258 -3.07 -32.66 14.46
C HIS J 258 -3.35 -32.15 13.04
N PHE J 259 -4.25 -31.17 12.89
CA PHE J 259 -4.47 -30.59 11.53
C PHE J 259 -3.18 -29.90 11.06
N PHE J 260 -2.52 -29.19 11.97
CA PHE J 260 -1.23 -28.52 11.61
C PHE J 260 -0.23 -29.60 11.21
N MET J 261 -0.20 -30.73 11.93
CA MET J 261 0.70 -31.81 11.52
C MET J 261 0.38 -32.32 10.13
N LEU J 262 -0.84 -32.06 9.65
CA LEU J 262 -1.24 -32.50 8.28
C LEU J 262 -1.01 -31.37 7.28
N PHE J 263 -1.28 -30.12 7.67
CA PHE J 263 -1.18 -28.97 6.74
C PHE J 263 0.29 -28.70 6.35
N VAL J 264 1.20 -28.70 7.32
CA VAL J 264 2.62 -28.33 7.02
C VAL J 264 3.16 -29.21 5.89
N PRO J 265 3.22 -30.55 6.05
CA PRO J 265 3.83 -31.41 5.02
C PRO J 265 3.10 -31.32 3.67
N VAL J 266 1.78 -31.36 3.67
CA VAL J 266 1.00 -31.34 2.39
C VAL J 266 1.25 -30.02 1.66
N THR J 267 1.12 -28.89 2.37
CA THR J 267 1.32 -27.56 1.74
C THR J 267 2.74 -27.49 1.17
N GLY J 268 3.72 -28.00 1.91
CA GLY J 268 5.11 -27.97 1.45
C GLY J 268 5.29 -28.67 0.12
N LEU J 269 4.81 -29.92 0.03
CA LEU J 269 4.96 -30.70 -1.22
C LEU J 269 4.21 -30.00 -2.36
N TRP J 270 3.02 -29.46 -2.07
CA TRP J 270 2.21 -28.79 -3.10
C TRP J 270 2.93 -27.55 -3.63
N MET J 271 3.53 -26.75 -2.73
CA MET J 271 4.29 -25.55 -3.15
C MET J 271 5.48 -25.99 -4.00
N SER J 272 6.16 -27.04 -3.57
CA SER J 272 7.34 -27.56 -4.33
C SER J 272 6.88 -28.02 -5.72
N ALA J 273 5.68 -28.60 -5.80
CA ALA J 273 5.16 -29.05 -7.09
C ALA J 273 4.97 -27.90 -8.06
N ILE J 274 4.56 -26.74 -7.55
CA ILE J 274 4.38 -25.57 -8.40
C ILE J 274 5.71 -25.15 -9.01
N GLY J 275 6.78 -25.21 -8.22
CA GLY J 275 8.08 -24.80 -8.73
C GLY J 275 8.58 -25.69 -9.85
N VAL J 276 8.38 -27.00 -9.71
CA VAL J 276 8.82 -27.93 -10.76
C VAL J 276 8.00 -27.73 -12.02
N VAL J 277 6.73 -27.36 -11.88
CA VAL J 277 5.93 -27.00 -13.05
C VAL J 277 6.56 -25.82 -13.78
N GLY J 278 7.09 -24.86 -13.03
CA GLY J 278 7.79 -23.74 -13.64
C GLY J 278 9.08 -24.17 -14.32
N LEU J 279 9.80 -25.11 -13.73
CA LEU J 279 11.04 -25.58 -14.35
C LEU J 279 10.76 -26.40 -15.60
N ALA J 280 9.56 -26.95 -15.72
CA ALA J 280 9.20 -27.68 -16.93
C ALA J 280 9.34 -26.78 -18.16
N LEU J 281 9.06 -25.50 -17.99
CA LEU J 281 9.16 -24.54 -19.08
C LEU J 281 10.47 -23.76 -19.04
N ASN J 282 11.44 -24.21 -18.26
CA ASN J 282 12.66 -23.47 -17.95
C ASN J 282 12.37 -22.11 -17.36
N LEU J 283 11.17 -21.92 -16.80
CA LEU J 283 10.79 -20.68 -16.13
C LEU J 283 11.33 -20.74 -14.71
N ARG J 284 12.63 -20.54 -14.58
CA ARG J 284 13.33 -20.79 -13.34
C ARG J 284 13.79 -19.50 -12.68
N ALA J 285 13.89 -19.55 -11.36
CA ALA J 285 14.46 -18.45 -10.58
C ALA J 285 15.98 -18.64 -10.51
N TYR J 286 16.61 -18.50 -11.66
CA TYR J 286 18.02 -18.82 -11.78
C TYR J 286 18.91 -17.76 -11.13
N ASP J 287 18.61 -16.49 -11.37
CA ASP J 287 19.57 -15.45 -11.01
C ASP J 287 18.86 -14.18 -10.60
N PHE J 288 19.57 -13.36 -9.84
CA PHE J 288 19.13 -12.00 -9.51
C PHE J 288 19.85 -11.06 -10.47
N VAL J 289 19.08 -10.42 -11.35
CA VAL J 289 19.69 -9.61 -12.40
C VAL J 289 20.40 -8.41 -11.82
N SER J 290 19.85 -7.82 -10.75
CA SER J 290 20.46 -6.65 -10.16
C SER J 290 21.88 -6.93 -9.69
N GLN J 291 22.09 -8.08 -9.05
CA GLN J 291 23.43 -8.44 -8.62
C GLN J 291 24.33 -8.81 -9.79
N GLU J 292 23.76 -9.43 -10.83
CA GLU J 292 24.54 -9.76 -12.02
C GLU J 292 24.99 -8.50 -12.74
N ILE J 293 24.13 -7.49 -12.83
CA ILE J 293 24.55 -6.21 -13.40
C ILE J 293 25.65 -5.60 -12.55
N ARG J 294 25.45 -5.59 -11.23
CA ARG J 294 26.44 -5.03 -10.33
C ARG J 294 27.76 -5.78 -10.40
N ALA J 295 27.69 -7.11 -10.44
CA ALA J 295 28.91 -7.92 -10.48
C ALA J 295 29.68 -7.71 -11.77
N ALA J 296 28.97 -7.62 -12.90
CA ALA J 296 29.63 -7.41 -14.18
C ALA J 296 30.31 -6.05 -14.23
N GLU J 297 29.63 -5.01 -13.72
CA GLU J 297 30.21 -3.68 -13.72
C GLU J 297 31.31 -3.54 -12.69
N ASP J 298 31.12 -4.15 -11.51
CA ASP J 298 32.09 -4.02 -10.43
C ASP J 298 32.79 -5.34 -10.22
N PRO J 299 34.03 -5.51 -10.67
CA PRO J 299 34.68 -6.82 -10.58
C PRO J 299 35.16 -7.16 -9.18
N GLU J 300 34.79 -6.36 -8.19
CA GLU J 300 35.12 -6.64 -6.80
C GLU J 300 33.92 -7.00 -5.94
N PHE J 301 32.70 -6.92 -6.48
CA PHE J 301 31.51 -7.28 -5.73
C PHE J 301 31.28 -8.77 -5.86
N GLU J 302 31.37 -9.49 -4.75
CA GLU J 302 31.17 -10.92 -4.74
C GLU J 302 30.25 -11.28 -3.58
N THR J 303 29.28 -12.14 -3.83
CA THR J 303 28.41 -12.68 -2.81
C THR J 303 28.37 -14.20 -2.96
N PHE J 304 27.73 -14.85 -1.99
CA PHE J 304 27.60 -16.31 -2.08
C PHE J 304 26.69 -16.71 -3.24
N TYR J 305 25.82 -15.80 -3.66
CA TYR J 305 25.00 -16.08 -4.85
C TYR J 305 25.86 -16.15 -6.09
N THR J 306 26.80 -15.21 -6.26
CA THR J 306 27.66 -15.23 -7.44
C THR J 306 28.59 -16.42 -7.41
N LYS J 307 29.03 -16.84 -6.22
CA LYS J 307 29.83 -18.05 -6.13
C LYS J 307 29.04 -19.27 -6.59
N ASN J 308 27.76 -19.34 -6.24
CA ASN J 308 26.92 -20.44 -6.68
C ASN J 308 26.72 -20.41 -8.19
N ILE J 309 26.63 -19.21 -8.77
CA ILE J 309 26.45 -19.10 -10.22
C ILE J 309 27.64 -19.72 -10.95
N LEU J 310 28.84 -19.51 -10.44
CA LEU J 310 30.02 -20.11 -11.05
C LEU J 310 30.04 -21.62 -10.85
N LEU J 311 29.51 -22.09 -9.72
CA LEU J 311 29.42 -23.52 -9.48
C LEU J 311 28.49 -24.17 -10.49
N ASN J 312 27.36 -23.52 -10.79
CA ASN J 312 26.43 -24.07 -11.77
C ASN J 312 27.06 -24.15 -13.15
N GLU J 313 27.90 -23.17 -13.50
CA GLU J 313 28.59 -23.20 -14.79
C GLU J 313 29.53 -24.40 -14.86
N GLY J 314 30.20 -24.70 -13.76
CA GLY J 314 31.02 -25.90 -13.72
C GLY J 314 30.21 -27.17 -13.86
N ILE J 315 29.06 -27.23 -13.20
CA ILE J 315 28.22 -28.42 -13.29
C ILE J 315 27.75 -28.63 -14.71
N ARG J 316 27.27 -27.57 -15.36
CA ARG J 316 26.72 -27.70 -16.71
C ARG J 316 27.78 -28.15 -17.70
N ALA J 317 28.98 -27.55 -17.63
CA ALA J 317 29.97 -27.82 -18.65
C ALA J 317 30.60 -29.20 -18.51
N TRP J 318 30.86 -29.63 -17.28
CA TRP J 318 31.53 -30.90 -17.04
C TRP J 318 30.57 -32.08 -17.04
N MET J 319 29.27 -31.82 -17.10
CA MET J 319 28.26 -32.87 -17.06
C MET J 319 27.53 -33.04 -18.38
N ALA J 320 27.50 -32.01 -19.23
CA ALA J 320 26.67 -32.05 -20.43
C ALA J 320 27.14 -33.12 -21.41
N ALA J 321 28.45 -33.32 -21.52
CA ALA J 321 28.99 -34.20 -22.54
C ALA J 321 28.48 -35.63 -22.39
N GLN J 322 28.43 -36.13 -21.15
CA GLN J 322 27.98 -37.49 -20.91
C GLN J 322 26.52 -37.56 -20.51
N ASP J 323 26.01 -36.56 -19.78
CA ASP J 323 24.61 -36.59 -19.36
C ASP J 323 23.68 -36.36 -20.54
N GLN J 324 24.15 -35.67 -21.56
CA GLN J 324 23.34 -35.43 -22.74
C GLN J 324 24.07 -35.93 -23.99
N PRO J 325 24.15 -37.25 -24.18
CA PRO J 325 24.88 -37.77 -25.33
C PRO J 325 24.23 -37.44 -26.66
N HIS J 326 22.94 -37.11 -26.66
CA HIS J 326 22.24 -36.82 -27.92
C HIS J 326 22.72 -35.50 -28.51
N GLU J 327 23.18 -34.58 -27.67
CA GLU J 327 23.69 -33.30 -28.15
C GLU J 327 25.04 -33.42 -28.83
N LYS J 328 25.75 -34.54 -28.62
CA LYS J 328 27.04 -34.80 -29.24
C LYS J 328 28.01 -33.64 -28.99
N LEU J 329 28.15 -33.32 -27.71
CA LEU J 329 28.98 -32.19 -27.28
C LEU J 329 30.40 -32.68 -27.07
N VAL J 330 31.29 -32.32 -27.99
CA VAL J 330 32.71 -32.60 -27.87
C VAL J 330 33.36 -31.31 -27.40
N PHE J 331 33.58 -31.19 -26.10
CA PHE J 331 34.23 -30.02 -25.54
C PHE J 331 35.71 -30.31 -25.36
N PRO J 332 36.61 -29.65 -26.08
CA PRO J 332 38.03 -29.74 -25.74
C PRO J 332 38.25 -29.16 -24.35
N GLU J 333 39.22 -29.73 -23.64
CA GLU J 333 39.39 -29.40 -22.23
C GLU J 333 39.68 -27.91 -22.02
N GLU J 334 40.29 -27.26 -23.01
CA GLU J 334 40.64 -25.86 -22.84
C GLU J 334 39.42 -24.97 -22.71
N VAL J 335 38.27 -25.41 -23.23
CA VAL J 335 37.07 -24.58 -23.18
C VAL J 335 36.25 -24.82 -21.92
N LEU J 336 36.53 -25.87 -21.15
CA LEU J 336 35.79 -26.13 -19.93
C LEU J 336 36.21 -25.14 -18.85
N PRO J 337 35.27 -24.51 -18.16
CA PRO J 337 35.60 -23.58 -17.07
C PRO J 337 36.24 -24.32 -15.90
N ARG J 338 37.47 -23.94 -15.58
CA ARG J 338 38.23 -24.57 -14.52
C ARG J 338 38.99 -23.49 -13.75
N GLY J 339 38.97 -23.60 -12.43
CA GLY J 339 39.68 -22.67 -11.59
C GLY J 339 41.17 -22.96 -11.55
N ASN J 340 41.88 -22.18 -10.74
CA ASN J 340 43.30 -22.36 -10.60
C ASN J 340 43.62 -23.69 -9.93
N ALA J 341 44.60 -24.40 -10.50
CA ALA J 341 45.06 -25.71 -10.02
C ALA J 341 43.84 -26.65 -10.00
N LEU J 342 43.77 -27.57 -9.05
CA LEU J 342 42.68 -28.55 -8.96
C LEU J 342 42.40 -29.23 -10.30
N SER K 1 -9.90 -55.67 17.18
CA SER K 1 -9.10 -56.89 17.16
C SER K 1 -9.77 -57.96 16.31
N GLY K 2 -9.87 -59.17 16.83
CA GLY K 2 -10.46 -60.26 16.07
C GLY K 2 -9.59 -60.65 14.90
N ALA K 3 -10.20 -61.39 13.96
CA ALA K 3 -9.50 -61.91 12.80
C ALA K 3 -10.45 -61.93 11.61
N THR K 4 -9.88 -61.94 10.42
CA THR K 4 -10.64 -61.77 9.19
C THR K 4 -11.00 -63.09 8.53
N GLY K 5 -10.76 -64.22 9.18
CA GLY K 5 -11.14 -65.52 8.66
C GLY K 5 -10.00 -66.32 8.05
N GLU K 6 -8.84 -65.70 7.88
CA GLU K 6 -7.66 -66.41 7.32
C GLU K 6 -6.97 -67.20 8.45
N ARG K 7 -6.17 -68.21 8.12
CA ARG K 7 -5.43 -68.98 9.14
C ARG K 7 -4.30 -68.12 9.69
N PRO K 8 -4.06 -68.10 11.02
CA PRO K 8 -2.95 -67.33 11.58
C PRO K 8 -1.61 -67.73 10.92
N PHE K 9 -0.81 -66.74 10.53
CA PHE K 9 0.51 -67.01 9.89
C PHE K 9 1.38 -67.83 10.84
N SER K 10 1.36 -67.51 12.13
CA SER K 10 2.18 -68.24 13.12
C SER K 10 1.82 -69.73 13.08
N ASP K 11 0.53 -70.05 12.96
CA ASP K 11 0.09 -71.46 12.86
C ASP K 11 0.74 -72.10 11.63
N ILE K 12 0.64 -71.44 10.48
CA ILE K 12 1.17 -72.02 9.20
C ILE K 12 2.70 -72.11 9.27
N LEU K 13 3.36 -71.08 9.80
CA LEU K 13 4.86 -71.04 9.80
C LEU K 13 5.40 -71.97 10.89
N THR K 14 4.53 -72.57 11.70
CA THR K 14 4.98 -73.53 12.75
C THR K 14 4.53 -74.95 12.36
N SER K 15 3.62 -75.07 11.40
CA SER K 15 3.14 -76.38 10.97
C SER K 15 4.23 -77.12 10.21
N ILE K 16 4.22 -78.45 10.32
CA ILE K 16 5.23 -79.28 9.58
C ILE K 16 4.91 -79.26 8.09
N ARG K 17 3.62 -79.31 7.73
CA ARG K 17 3.25 -79.41 6.29
C ARG K 17 3.84 -78.21 5.53
N TYR K 18 3.74 -77.02 6.10
CA TYR K 18 4.23 -75.81 5.38
C TYR K 18 5.71 -75.98 5.02
N TRP K 19 6.52 -76.38 6.00
CA TRP K 19 7.99 -76.51 5.75
C TRP K 19 8.27 -77.68 4.82
N VAL K 20 7.49 -78.76 4.91
CA VAL K 20 7.67 -79.91 3.98
C VAL K 20 7.43 -79.41 2.56
N ILE K 21 6.39 -78.59 2.37
CA ILE K 21 6.04 -78.06 1.01
C ILE K 21 7.03 -76.97 0.61
N HIS K 22 7.41 -76.08 1.53
CA HIS K 22 8.27 -74.93 1.17
C HIS K 22 9.76 -75.29 1.26
N SER K 23 10.08 -76.50 1.69
CA SER K 23 11.51 -76.94 1.70
C SER K 23 11.89 -77.35 0.28
N ILE K 24 10.93 -77.36 -0.64
CA ILE K 24 11.20 -77.71 -2.06
C ILE K 24 10.82 -76.50 -2.93
N THR K 25 9.64 -75.93 -2.72
CA THR K 25 9.15 -74.82 -3.57
C THR K 25 10.13 -73.64 -3.53
N ILE K 26 10.46 -73.15 -2.33
CA ILE K 26 11.34 -71.95 -2.22
C ILE K 26 12.71 -72.27 -2.80
N PRO K 27 13.37 -73.39 -2.44
CA PRO K 27 14.65 -73.76 -3.04
C PRO K 27 14.57 -73.83 -4.57
N SER K 28 13.49 -74.41 -5.10
CA SER K 28 13.36 -74.58 -6.57
C SER K 28 13.29 -73.22 -7.26
N LEU K 29 12.52 -72.29 -6.69
CA LEU K 29 12.41 -70.92 -7.28
C LEU K 29 13.79 -70.28 -7.29
N PHE K 30 14.57 -70.47 -6.22
CA PHE K 30 15.94 -69.93 -6.16
C PHE K 30 16.79 -70.53 -7.28
N ILE K 31 16.77 -71.88 -7.40
CA ILE K 31 17.57 -72.52 -8.43
C ILE K 31 17.12 -72.07 -9.82
N ALA K 32 15.82 -71.92 -10.02
CA ALA K 32 15.33 -71.44 -11.31
C ALA K 32 15.86 -70.05 -11.61
N GLY K 33 15.90 -69.19 -10.59
CA GLY K 33 16.52 -67.89 -10.76
C GLY K 33 18.00 -67.99 -11.10
N TRP K 34 18.70 -68.92 -10.47
CA TRP K 34 20.11 -69.13 -10.78
C TRP K 34 20.29 -69.59 -12.21
N LEU K 35 19.47 -70.54 -12.65
CA LEU K 35 19.61 -71.07 -14.00
C LEU K 35 19.18 -70.06 -15.05
N PHE K 36 18.27 -69.16 -14.69
CA PHE K 36 17.85 -68.11 -15.62
C PHE K 36 19.02 -67.21 -15.99
N VAL K 37 19.98 -67.04 -15.07
CA VAL K 37 21.12 -66.18 -15.33
C VAL K 37 22.30 -66.99 -15.86
N SER K 38 22.57 -68.16 -15.26
CA SER K 38 23.74 -68.94 -15.65
C SER K 38 23.63 -69.44 -17.08
N THR K 39 22.43 -69.83 -17.50
CA THR K 39 22.26 -70.32 -18.86
C THR K 39 22.26 -69.20 -19.90
N GLY K 40 22.48 -67.96 -19.49
CA GLY K 40 22.50 -66.86 -20.43
C GLY K 40 21.14 -66.40 -20.89
N LEU K 41 20.07 -66.93 -20.30
CA LEU K 41 18.73 -66.58 -20.75
C LEU K 41 18.37 -65.15 -20.34
N ALA K 42 18.95 -64.67 -19.24
CA ALA K 42 18.68 -63.31 -18.78
C ALA K 42 19.17 -62.29 -19.79
N TYR K 43 20.34 -62.53 -20.37
CA TYR K 43 20.87 -61.64 -21.41
C TYR K 43 19.95 -61.63 -22.63
N ASP K 44 19.48 -62.80 -23.04
CA ASP K 44 18.75 -62.91 -24.29
C ASP K 44 17.35 -62.37 -24.18
N VAL K 45 16.68 -62.59 -23.05
CA VAL K 45 15.31 -62.13 -22.90
C VAL K 45 15.24 -60.60 -22.85
N PHE K 46 16.13 -59.98 -22.07
CA PHE K 46 16.06 -58.54 -21.86
C PHE K 46 17.10 -57.75 -22.63
N GLY K 47 17.99 -58.41 -23.37
CA GLY K 47 18.85 -57.71 -24.29
C GLY K 47 20.01 -56.97 -23.70
N SER K 48 20.28 -57.12 -22.41
CA SER K 48 21.42 -56.45 -21.80
C SER K 48 22.71 -57.04 -22.37
N PRO K 49 23.70 -56.21 -22.67
CA PRO K 49 24.94 -56.73 -23.27
C PRO K 49 25.70 -57.64 -22.31
N ARG K 50 26.30 -58.69 -22.86
CA ARG K 50 27.21 -59.50 -22.09
C ARG K 50 28.50 -58.71 -21.85
N PRO K 51 29.30 -59.11 -20.86
CA PRO K 51 30.51 -58.33 -20.55
C PRO K 51 31.46 -58.14 -21.71
N ASN K 52 31.30 -58.94 -22.78
CA ASN K 52 32.13 -58.83 -23.97
C ASN K 52 31.32 -58.37 -25.17
N GLU K 53 30.18 -57.71 -24.93
CA GLU K 53 29.30 -57.29 -26.01
C GLU K 53 29.03 -55.80 -26.03
N TYR K 54 29.60 -55.02 -25.10
CA TYR K 54 29.30 -53.60 -25.08
C TYR K 54 29.81 -52.91 -26.35
N PHE K 55 31.00 -53.27 -26.80
CA PHE K 55 31.60 -52.67 -27.98
C PHE K 55 31.86 -53.73 -29.03
N THR K 56 31.90 -53.30 -30.28
CA THR K 56 32.21 -54.15 -31.40
C THR K 56 33.39 -53.58 -32.16
N GLU K 57 33.83 -54.31 -33.18
CA GLU K 57 34.90 -53.79 -34.04
C GLU K 57 34.41 -52.58 -34.82
N ASP K 58 33.13 -52.55 -35.18
CA ASP K 58 32.59 -51.41 -35.90
C ASP K 58 32.41 -50.21 -34.98
N ARG K 59 31.87 -50.43 -33.78
CA ARG K 59 31.55 -49.36 -32.85
C ARG K 59 32.38 -49.54 -31.58
N GLN K 60 33.30 -48.61 -31.35
CA GLN K 60 34.13 -48.62 -30.15
C GLN K 60 33.71 -47.54 -29.15
N GLU K 61 32.53 -46.95 -29.33
CA GLU K 61 32.01 -45.93 -28.44
C GLU K 61 30.59 -46.31 -28.02
N THR K 62 30.00 -45.46 -27.19
CA THR K 62 28.66 -45.75 -26.67
C THR K 62 27.63 -45.63 -27.79
N PRO K 63 26.59 -46.46 -27.77
CA PRO K 63 25.53 -46.34 -28.77
C PRO K 63 24.72 -45.06 -28.59
N LEU K 64 24.08 -44.63 -29.67
CA LEU K 64 23.20 -43.46 -29.65
C LEU K 64 22.02 -43.75 -30.57
N ILE K 65 20.82 -43.74 -30.00
CA ILE K 65 19.58 -43.89 -30.77
C ILE K 65 19.21 -42.51 -31.29
N THR K 66 19.33 -42.31 -32.60
CA THR K 66 19.11 -41.02 -33.23
C THR K 66 17.89 -41.03 -34.15
N ASP K 67 16.97 -41.96 -33.93
CA ASP K 67 15.78 -42.04 -34.75
C ASP K 67 14.63 -42.54 -33.90
N ARG K 68 13.44 -42.03 -34.16
CA ARG K 68 12.27 -42.43 -33.39
C ARG K 68 11.48 -43.54 -34.06
N PHE K 69 11.07 -43.33 -35.32
CA PHE K 69 10.24 -44.30 -36.01
C PHE K 69 11.05 -45.41 -36.68
N ASN K 70 12.37 -45.30 -36.70
CA ASN K 70 13.25 -46.38 -37.10
C ASN K 70 14.14 -46.85 -35.97
N ALA K 71 13.72 -46.61 -34.72
CA ALA K 71 14.52 -47.00 -33.56
C ALA K 71 14.64 -48.51 -33.47
N LEU K 72 13.59 -49.23 -33.86
CA LEU K 72 13.64 -50.68 -33.82
C LEU K 72 14.72 -51.23 -34.73
N GLU K 73 14.83 -50.68 -35.94
CA GLU K 73 15.90 -51.09 -36.84
C GLU K 73 17.26 -50.62 -36.34
N GLN K 74 17.32 -49.41 -35.80
CA GLN K 74 18.60 -48.84 -35.40
C GLN K 74 19.19 -49.58 -34.20
N VAL K 75 18.34 -49.91 -33.22
CA VAL K 75 18.85 -50.57 -32.02
C VAL K 75 19.29 -51.99 -32.35
N LYS K 76 18.73 -52.60 -33.38
CA LYS K 76 19.21 -53.90 -33.83
C LYS K 76 20.62 -53.81 -34.39
N LYS K 77 20.91 -52.74 -35.13
CA LYS K 77 22.25 -52.56 -35.67
C LYS K 77 23.25 -52.24 -34.57
N LEU K 78 22.85 -51.45 -33.58
CA LEU K 78 23.74 -51.15 -32.46
C LEU K 78 23.99 -52.39 -31.61
N SER K 79 23.01 -53.28 -31.50
CA SER K 79 23.13 -54.48 -30.69
C SER K 79 23.71 -55.66 -31.45
N GLU K 80 23.99 -55.50 -32.74
CA GLU K 80 24.49 -56.61 -33.53
C GLU K 80 25.85 -57.07 -33.01
N VAL K 81 26.00 -58.38 -32.87
CA VAL K 81 27.24 -58.96 -32.39
C VAL K 81 28.03 -59.57 -33.55
N LYS L 1 -14.73 -74.02 18.95
CA LYS L 1 -13.68 -74.83 19.55
C LYS L 1 -12.68 -75.29 18.49
N SER L 2 -13.18 -75.93 17.44
CA SER L 2 -12.35 -76.39 16.34
C SER L 2 -12.37 -75.38 15.21
N TYR L 3 -11.19 -75.00 14.72
CA TYR L 3 -11.05 -74.02 13.66
C TYR L 3 -10.53 -74.71 12.41
N THR L 4 -11.22 -74.50 11.30
CA THR L 4 -10.79 -75.01 10.00
C THR L 4 -10.71 -73.81 9.06
N TYR L 5 -9.54 -73.60 8.47
CA TYR L 5 -9.37 -72.45 7.61
C TYR L 5 -9.16 -72.88 6.17
N PRO L 6 -9.51 -72.04 5.17
CA PRO L 6 -9.24 -72.36 3.77
C PRO L 6 -7.73 -72.17 3.48
N ILE L 7 -7.17 -73.02 2.63
CA ILE L 7 -5.71 -72.94 2.31
C ILE L 7 -5.46 -71.79 1.34
N PHE L 8 -6.24 -71.73 0.24
CA PHE L 8 -6.00 -70.68 -0.79
C PHE L 8 -7.01 -69.56 -0.63
N THR L 9 -6.53 -68.34 -0.40
CA THR L 9 -7.43 -67.16 -0.23
C THR L 9 -6.80 -65.96 -0.95
N VAL L 10 -7.47 -64.80 -0.88
CA VAL L 10 -6.91 -63.57 -1.50
C VAL L 10 -5.56 -63.27 -0.86
N ARG L 11 -5.45 -63.46 0.45
CA ARG L 11 -4.15 -63.24 1.16
C ARG L 11 -3.10 -64.16 0.57
N TRP L 12 -3.46 -65.41 0.29
CA TRP L 12 -2.49 -66.39 -0.27
C TRP L 12 -1.95 -65.86 -1.60
N LEU L 13 -2.83 -65.37 -2.47
CA LEU L 13 -2.41 -64.85 -3.79
C LEU L 13 -1.47 -63.66 -3.58
N ALA L 14 -1.80 -62.77 -2.65
CA ALA L 14 -0.97 -61.57 -2.39
C ALA L 14 0.41 -62.00 -1.93
N VAL L 15 0.48 -62.91 -0.95
CA VAL L 15 1.80 -63.36 -0.40
C VAL L 15 2.62 -63.97 -1.53
N HIS L 16 1.99 -64.79 -2.38
CA HIS L 16 2.75 -65.52 -3.43
C HIS L 16 3.00 -64.60 -4.63
N ALA L 17 2.15 -63.61 -4.85
CA ALA L 17 2.37 -62.65 -5.96
C ALA L 17 3.68 -61.92 -5.72
N LEU L 18 4.07 -61.74 -4.45
CA LEU L 18 5.30 -60.98 -4.13
C LEU L 18 6.43 -61.93 -3.75
N ALA L 19 6.14 -62.99 -3.01
CA ALA L 19 7.20 -63.91 -2.52
C ALA L 19 7.80 -64.74 -3.66
N VAL L 20 6.95 -65.34 -4.50
CA VAL L 20 7.48 -66.25 -5.57
C VAL L 20 8.47 -65.48 -6.45
N PRO L 21 8.11 -64.31 -7.03
CA PRO L 21 9.01 -63.59 -7.92
C PRO L 21 10.26 -63.13 -7.16
N THR L 22 10.10 -62.74 -5.89
CA THR L 22 11.26 -62.27 -5.08
C THR L 22 12.29 -63.39 -4.95
N VAL L 23 11.85 -64.60 -4.59
CA VAL L 23 12.80 -65.73 -4.38
C VAL L 23 13.50 -66.02 -5.71
N PHE L 24 12.75 -66.00 -6.82
CA PHE L 24 13.36 -66.19 -8.15
C PHE L 24 14.41 -65.11 -8.38
N PHE L 25 14.01 -63.84 -8.20
CA PHE L 25 14.94 -62.74 -8.42
C PHE L 25 16.13 -62.84 -7.49
N LEU L 26 15.90 -63.24 -6.24
CA LEU L 26 17.02 -63.41 -5.30
C LEU L 26 17.96 -64.50 -5.78
N GLY L 27 17.43 -65.57 -6.36
CA GLY L 27 18.29 -66.58 -6.95
C GLY L 27 19.07 -66.05 -8.13
N ALA L 28 18.42 -65.25 -8.97
CA ALA L 28 19.09 -64.69 -10.13
C ALA L 28 20.19 -63.72 -9.72
N ILE L 29 19.92 -62.87 -8.74
CA ILE L 29 20.92 -61.90 -8.30
C ILE L 29 22.09 -62.60 -7.63
N THR L 30 21.81 -63.69 -6.91
CA THR L 30 22.90 -64.45 -6.30
C THR L 30 23.80 -65.07 -7.36
N ALA L 31 23.21 -65.55 -8.46
CA ALA L 31 24.02 -66.10 -9.54
C ALA L 31 24.91 -65.04 -10.16
N MET L 32 24.43 -63.79 -10.19
CA MET L 32 25.22 -62.71 -10.78
C MET L 32 26.47 -62.42 -9.97
N GLN L 33 26.47 -62.75 -8.68
CA GLN L 33 27.61 -62.43 -7.84
C GLN L 33 28.85 -63.22 -8.22
N PHE L 34 28.69 -64.31 -8.97
CA PHE L 34 29.80 -65.17 -9.33
C PHE L 34 30.13 -65.09 -10.81
N ILE L 35 29.61 -64.07 -11.50
CA ILE L 35 29.93 -63.87 -12.94
C ILE L 35 31.22 -63.07 -13.04
N GLN L 36 32.16 -63.53 -13.87
CA GLN L 36 33.48 -62.85 -13.99
C GLN L 36 33.55 -62.12 -15.34
N ARG L 37 34.03 -60.87 -15.33
CA ARG L 37 34.20 -60.10 -16.59
C ARG L 37 35.22 -60.81 -17.48
N GLU M 1 50.68 3.96 98.68
CA GLU M 1 50.98 4.39 97.29
C GLU M 1 51.80 3.30 96.59
N PHE M 2 52.68 2.63 97.34
CA PHE M 2 53.52 1.53 96.75
C PHE M 2 53.11 0.20 97.37
N TYR M 3 52.14 0.22 98.28
CA TYR M 3 51.63 -1.04 98.91
C TYR M 3 50.12 -0.89 99.11
N GLY M 4 49.41 -2.02 99.27
CA GLY M 4 47.96 -1.96 99.55
C GLY M 4 47.13 -1.91 98.28
N PRO M 5 45.78 -1.77 98.38
CA PRO M 5 44.92 -1.79 97.21
C PRO M 5 45.13 -0.62 96.25
N ASP M 6 45.30 0.60 96.76
CA ASP M 6 45.41 1.80 95.88
C ASP M 6 46.89 2.08 95.59
N ARG M 7 47.68 1.03 95.40
CA ARG M 7 49.12 1.20 95.07
C ARG M 7 49.26 1.65 93.62
N ALA M 8 50.43 2.18 93.25
CA ALA M 8 50.68 2.55 91.84
C ALA M 8 50.65 1.29 90.98
N LYS M 9 50.24 1.41 89.71
CA LYS M 9 50.10 0.18 88.86
C LYS M 9 50.82 0.38 87.52
N TRP M 10 51.09 -0.72 86.80
CA TRP M 10 51.87 -0.66 85.53
C TRP M 10 51.13 0.13 84.45
N LEU M 11 49.81 0.26 84.57
CA LEU M 11 49.03 0.96 83.53
C LEU M 11 48.47 2.27 84.10
N GLY M 12 48.86 2.62 85.32
CA GLY M 12 48.43 3.85 85.92
C GLY M 12 46.95 3.86 86.25
N PRO M 13 46.25 4.94 85.86
CA PRO M 13 44.83 5.05 86.18
C PRO M 13 43.95 4.02 85.48
N PHE M 14 44.46 3.32 84.47
CA PHE M 14 43.68 2.42 83.65
C PHE M 14 44.06 0.97 83.92
N SER M 15 44.35 0.65 85.17
CA SER M 15 44.85 -0.67 85.54
C SER M 15 43.91 -1.42 86.47
N GLU M 16 42.66 -0.98 86.62
CA GLU M 16 41.74 -1.65 87.54
C GLU M 16 41.48 -3.08 87.10
N GLY M 17 41.09 -3.26 85.85
CA GLY M 17 40.74 -4.58 85.35
C GLY M 17 41.90 -5.43 84.89
N SER M 18 43.12 -4.90 84.95
CA SER M 18 44.29 -5.60 84.46
C SER M 18 45.12 -6.24 85.57
N VAL M 19 44.79 -5.98 86.84
CA VAL M 19 45.57 -6.47 87.97
C VAL M 19 45.07 -7.86 88.33
N PRO M 20 45.94 -8.87 88.38
CA PRO M 20 45.51 -10.20 88.83
C PRO M 20 45.11 -10.20 90.29
N SER M 21 44.23 -11.14 90.63
CA SER M 21 43.74 -11.24 92.01
C SER M 21 44.83 -11.61 92.99
N TYR M 22 45.82 -12.39 92.54
CA TYR M 22 46.91 -12.85 93.44
C TYR M 22 47.89 -11.72 93.73
N LEU M 23 47.89 -10.66 92.91
CA LEU M 23 48.76 -9.49 93.19
C LEU M 23 47.95 -8.51 94.05
N LYS M 24 48.23 -8.46 95.35
CA LYS M 24 47.42 -7.62 96.27
C LYS M 24 48.27 -6.54 96.95
N GLY M 25 49.40 -6.18 96.34
CA GLY M 25 50.23 -5.12 96.89
C GLY M 25 50.83 -5.47 98.25
N GLU M 26 51.25 -6.73 98.41
CA GLU M 26 51.86 -7.19 99.65
C GLU M 26 53.38 -7.18 99.60
N PHE M 27 53.94 -7.12 98.39
CA PHE M 27 55.42 -7.20 98.25
C PHE M 27 55.94 -5.99 97.47
N PRO M 28 57.24 -5.66 97.58
CA PRO M 28 57.80 -4.50 96.88
C PRO M 28 57.71 -4.64 95.35
N GLY M 29 57.33 -3.56 94.65
CA GLY M 29 57.30 -3.59 93.18
C GLY M 29 56.02 -4.15 92.60
N ASP M 30 54.98 -4.29 93.43
CA ASP M 30 53.70 -4.89 92.97
C ASP M 30 52.89 -3.83 92.19
N TYR M 31 53.20 -3.64 90.91
CA TYR M 31 52.41 -2.71 90.07
C TYR M 31 51.31 -3.51 89.38
N GLY M 32 51.06 -4.73 89.84
CA GLY M 32 49.99 -5.58 89.28
C GLY M 32 50.25 -5.93 87.82
N TRP M 33 51.48 -6.36 87.50
CA TRP M 33 51.83 -6.71 86.10
C TRP M 33 52.16 -8.21 86.00
N ASP M 34 51.22 -9.01 85.51
CA ASP M 34 51.47 -10.46 85.26
C ASP M 34 50.49 -10.91 84.17
N THR M 35 50.56 -10.26 83.00
CA THR M 35 49.62 -10.57 81.90
C THR M 35 49.78 -12.01 81.43
N ALA M 36 50.85 -12.69 81.83
CA ALA M 36 51.11 -14.07 81.39
C ALA M 36 50.75 -15.07 82.51
N GLY M 37 50.29 -14.56 83.66
CA GLY M 37 49.89 -15.43 84.78
C GLY M 37 51.02 -16.35 85.20
N LEU M 38 52.27 -15.90 85.07
CA LEU M 38 53.44 -16.77 85.40
C LEU M 38 53.57 -16.90 86.92
N SER M 39 52.96 -15.99 87.68
CA SER M 39 53.10 -16.00 89.16
C SER M 39 51.78 -16.36 89.83
N ALA M 40 50.91 -17.09 89.12
CA ALA M 40 49.59 -17.46 89.68
C ALA M 40 49.78 -18.40 90.88
N ASP M 41 50.66 -19.40 90.76
CA ASP M 41 50.95 -20.30 91.88
C ASP M 41 51.79 -19.57 92.92
N PRO M 42 51.38 -19.60 94.19
CA PRO M 42 52.14 -18.84 95.21
C PRO M 42 53.59 -19.27 95.36
N GLU M 43 53.89 -20.56 95.20
CA GLU M 43 55.25 -21.03 95.40
C GLU M 43 56.18 -20.53 94.30
N THR M 44 55.69 -20.56 93.06
CA THR M 44 56.51 -20.10 91.91
C THR M 44 56.68 -18.58 92.01
N PHE M 45 55.66 -17.87 92.51
CA PHE M 45 55.73 -16.39 92.65
C PHE M 45 56.85 -16.04 93.62
N ALA M 46 56.91 -16.74 94.75
CA ALA M 46 57.95 -16.45 95.77
C ALA M 46 59.34 -16.63 95.15
N ARG M 47 59.54 -17.72 94.40
CA ARG M 47 60.87 -18.00 93.79
C ARG M 47 61.18 -16.91 92.76
N TYR M 48 60.18 -16.53 91.95
CA TYR M 48 60.39 -15.48 90.92
C TYR M 48 60.76 -14.16 91.60
N ARG M 49 60.16 -13.88 92.77
CA ARG M 49 60.45 -12.62 93.49
C ARG M 49 61.92 -12.63 93.93
N GLU M 50 62.40 -13.77 94.43
CA GLU M 50 63.83 -13.88 94.83
C GLU M 50 64.70 -13.67 93.59
N ILE M 51 64.35 -14.32 92.47
CA ILE M 51 65.18 -14.22 91.24
C ILE M 51 65.21 -12.75 90.80
N GLU M 52 64.07 -12.07 90.86
CA GLU M 52 63.98 -10.65 90.43
C GLU M 52 64.91 -9.80 91.30
N VAL M 53 64.85 -9.98 92.62
CA VAL M 53 65.67 -9.13 93.55
C VAL M 53 67.16 -9.43 93.32
N ILE M 54 67.53 -10.71 93.20
CA ILE M 54 68.95 -11.09 92.95
C ILE M 54 69.38 -10.50 91.62
N HIS M 55 68.56 -10.64 90.58
CA HIS M 55 68.88 -10.06 89.25
C HIS M 55 68.98 -8.53 89.38
N ALA M 56 68.00 -7.92 90.04
CA ALA M 56 67.98 -6.45 90.19
C ALA M 56 69.27 -6.01 90.88
N ARG M 57 69.77 -6.80 91.84
CA ARG M 57 70.96 -6.36 92.57
C ARG M 57 72.21 -6.52 91.73
N TRP M 58 72.30 -7.61 90.96
CA TRP M 58 73.42 -7.78 90.06
C TRP M 58 73.40 -6.73 88.96
N ALA M 59 72.21 -6.35 88.50
CA ALA M 59 72.11 -5.33 87.45
C ALA M 59 72.57 -3.98 87.96
N MET M 60 72.20 -3.62 89.19
CA MET M 60 72.66 -2.36 89.75
C MET M 60 74.17 -2.33 89.88
N LEU M 61 74.76 -3.43 90.32
CA LEU M 61 76.21 -3.54 90.30
C LEU M 61 76.74 -3.51 88.88
N GLY M 62 76.08 -4.21 87.97
CA GLY M 62 76.57 -4.28 86.60
C GLY M 62 76.47 -2.96 85.87
N ALA M 63 75.37 -2.23 86.05
CA ALA M 63 75.20 -0.96 85.37
C ALA M 63 76.27 0.04 85.80
N LEU M 64 76.56 0.09 87.10
CA LEU M 64 77.62 0.97 87.58
C LEU M 64 78.99 0.48 87.13
N GLY M 65 79.20 -0.83 87.10
CA GLY M 65 80.49 -1.36 86.70
C GLY M 65 80.75 -1.24 85.21
N CYS M 66 79.71 -1.18 84.40
CA CYS M 66 79.86 -1.06 82.96
C CYS M 66 80.09 0.38 82.52
N LEU M 67 80.03 1.34 83.42
CA LEU M 67 80.27 2.74 83.08
C LEU M 67 81.43 3.36 83.84
N THR M 68 81.76 2.84 85.01
CA THR M 68 82.78 3.46 85.84
C THR M 68 84.14 3.49 85.15
N PRO M 69 84.65 2.37 84.61
CA PRO M 69 85.94 2.46 83.92
C PRO M 69 85.94 3.40 82.73
N GLU M 70 84.82 3.47 82.00
CA GLU M 70 84.78 4.34 80.84
C GLU M 70 84.75 5.81 81.25
N LEU M 71 84.07 6.11 82.36
CA LEU M 71 84.07 7.48 82.88
C LEU M 71 85.47 7.91 83.30
N LEU M 72 86.20 7.02 83.96
CA LEU M 72 87.57 7.34 84.35
C LEU M 72 88.47 7.51 83.13
N GLN M 73 88.25 6.69 82.11
CA GLN M 73 89.02 6.81 80.87
C GLN M 73 88.78 8.17 80.22
N ASN M 74 87.52 8.63 80.21
CA ASN M 74 87.19 9.87 79.53
C ASN M 74 87.79 11.07 80.24
N ASN M 75 87.60 11.17 81.56
CA ASN M 75 88.10 12.34 82.27
C ASN M 75 89.59 12.27 82.57
N GLY M 76 90.24 11.14 82.28
CA GLY M 76 91.66 11.01 82.47
C GLY M 76 92.10 10.51 83.82
N ALA M 77 91.21 9.92 84.61
CA ALA M 77 91.60 9.41 85.91
C ALA M 77 92.43 8.14 85.80
N ALA M 78 92.24 7.38 84.73
CA ALA M 78 93.01 6.16 84.52
C ALA M 78 92.98 5.81 83.04
N ASP M 79 93.90 4.94 82.64
CA ASP M 79 94.02 4.50 81.26
C ASP M 79 93.80 2.99 81.19
N PHE M 80 92.86 2.56 80.35
CA PHE M 80 92.58 1.14 80.17
C PHE M 80 92.85 0.64 78.76
N GLY M 81 92.95 1.53 77.79
CA GLY M 81 93.05 1.08 76.41
C GLY M 81 91.70 0.69 75.88
N GLU M 82 91.64 -0.43 75.16
CA GLU M 82 90.38 -0.96 74.70
C GLU M 82 89.53 -1.51 75.84
N ALA M 83 90.14 -1.77 76.99
CA ALA M 83 89.42 -2.34 78.13
C ALA M 83 88.47 -1.36 78.78
N ALA M 84 88.48 -0.08 78.39
CA ALA M 84 87.53 0.87 78.93
C ALA M 84 86.10 0.47 78.60
N VAL M 85 85.87 0.00 77.38
CA VAL M 85 84.54 -0.45 76.98
C VAL M 85 84.20 -1.72 77.74
N TRP M 86 82.98 -1.79 78.27
CA TRP M 86 82.63 -2.89 79.17
C TRP M 86 82.65 -4.22 78.45
N PHE M 87 82.19 -4.26 77.21
CA PHE M 87 82.17 -5.52 76.48
C PHE M 87 83.51 -5.86 75.86
N LYS M 88 84.58 -5.17 76.23
CA LYS M 88 85.92 -5.50 75.82
C LYS M 88 86.86 -5.69 77.00
N ALA M 89 86.35 -5.64 78.23
CA ALA M 89 87.22 -5.73 79.40
C ALA M 89 87.72 -7.15 79.61
N GLY M 90 87.02 -8.13 79.05
CA GLY M 90 87.42 -9.54 79.24
C GLY M 90 88.77 -9.82 78.61
N ALA M 91 88.98 -9.39 77.37
CA ALA M 91 90.24 -9.69 76.65
C ALA M 91 91.44 -9.10 77.41
N SER M 92 91.21 -8.03 78.18
CA SER M 92 92.30 -7.37 78.94
C SER M 92 93.17 -8.42 79.63
N ILE M 93 92.55 -9.46 80.20
CA ILE M 93 93.33 -10.48 80.97
C ILE M 93 94.33 -11.15 80.03
N PHE M 94 94.14 -11.02 78.71
CA PHE M 94 95.04 -11.68 77.74
C PHE M 94 96.09 -10.70 77.23
N ASN M 95 96.21 -9.54 77.87
CA ASN M 95 97.23 -8.52 77.47
C ASN M 95 98.60 -8.94 78.04
N GLU M 96 99.69 -8.60 77.35
CA GLU M 96 101.01 -9.00 77.82
C GLU M 96 101.28 -8.48 79.22
N ASP M 97 100.87 -7.24 79.51
CA ASP M 97 101.10 -6.69 80.84
C ASP M 97 100.10 -7.22 81.86
N GLY M 98 99.02 -7.84 81.42
CA GLY M 98 98.01 -8.38 82.31
C GLY M 98 96.96 -7.36 82.70
N LEU M 99 95.88 -7.86 83.30
CA LEU M 99 94.78 -7.01 83.73
C LEU M 99 95.23 -6.24 84.96
N ASN M 100 95.51 -4.96 84.78
CA ASN M 100 95.95 -4.08 85.86
C ASN M 100 94.79 -3.21 86.30
N TYR M 101 94.40 -3.34 87.57
CA TYR M 101 93.30 -2.54 88.09
C TYR M 101 93.65 -1.06 88.00
N LEU M 102 92.70 -0.27 87.49
CA LEU M 102 92.89 1.17 87.27
C LEU M 102 94.08 1.46 86.36
N GLY M 103 94.53 0.47 85.60
CA GLY M 103 95.68 0.66 84.74
C GLY M 103 97.01 0.69 85.46
N ASN M 104 97.03 0.36 86.75
CA ASN M 104 98.26 0.46 87.53
C ASN M 104 98.88 -0.93 87.64
N PRO M 105 100.08 -1.15 87.08
CA PRO M 105 100.66 -2.50 87.11
C PRO M 105 100.98 -2.98 88.52
N SER M 106 101.13 -2.09 89.49
CA SER M 106 101.34 -2.48 90.88
C SER M 106 100.10 -3.06 91.52
N LEU M 107 98.95 -2.94 90.87
CA LEU M 107 97.70 -3.53 91.34
C LEU M 107 97.58 -4.97 90.84
N ILE M 108 96.36 -5.50 90.81
CA ILE M 108 96.11 -6.94 90.68
C ILE M 108 97.08 -7.59 89.71
N HIS M 109 97.24 -7.01 88.52
CA HIS M 109 98.21 -7.47 87.53
C HIS M 109 97.98 -8.94 87.17
N ALA M 110 96.71 -9.32 87.04
CA ALA M 110 96.36 -10.70 86.78
C ALA M 110 96.76 -11.11 85.37
N GLN M 111 97.20 -12.35 85.22
CA GLN M 111 97.61 -12.88 83.93
C GLN M 111 96.93 -14.19 83.54
N SER M 112 96.48 -15.00 84.50
CA SER M 112 95.96 -16.33 84.22
C SER M 112 94.45 -16.30 84.18
N ILE M 113 93.88 -16.69 83.04
CA ILE M 113 92.43 -16.79 82.92
C ILE M 113 91.90 -17.91 83.81
N VAL M 114 92.67 -18.98 83.95
CA VAL M 114 92.25 -20.09 84.81
C VAL M 114 92.18 -19.63 86.26
N ALA M 115 93.19 -18.86 86.71
CA ALA M 115 93.24 -18.44 88.10
C ALA M 115 92.08 -17.54 88.46
N VAL M 116 91.76 -16.58 87.59
CA VAL M 116 90.64 -15.68 87.87
C VAL M 116 89.32 -16.43 87.84
N LEU M 117 89.26 -17.54 87.10
CA LEU M 117 88.01 -18.29 86.97
C LEU M 117 87.85 -19.28 88.13
N LEU M 118 88.91 -20.01 88.46
CA LEU M 118 88.83 -20.95 89.57
C LEU M 118 88.62 -20.22 90.88
N THR M 119 89.26 -19.06 91.06
CA THR M 119 89.08 -18.29 92.29
C THR M 119 87.63 -17.86 92.44
N GLN M 120 87.02 -17.40 91.36
CA GLN M 120 85.62 -16.98 91.40
C GLN M 120 84.70 -18.15 91.71
N LEU M 121 84.99 -19.32 91.15
CA LEU M 121 84.16 -20.50 91.41
C LEU M 121 84.17 -20.86 92.88
N VAL M 122 85.34 -20.79 93.53
CA VAL M 122 85.43 -21.11 94.95
C VAL M 122 84.72 -20.05 95.77
N ILE M 123 84.99 -18.78 95.46
CA ILE M 123 84.46 -17.69 96.28
C ILE M 123 82.96 -17.54 96.08
N MET M 124 82.54 -17.29 94.83
CA MET M 124 81.12 -17.13 94.55
C MET M 124 80.36 -18.43 94.81
N GLY M 125 80.99 -19.57 94.58
CA GLY M 125 80.37 -20.83 94.91
C GLY M 125 80.05 -20.95 96.39
N ALA M 126 80.98 -20.50 97.24
CA ALA M 126 80.73 -20.49 98.67
C ALA M 126 79.67 -19.47 99.05
N ALA M 127 79.79 -18.25 98.52
CA ALA M 127 78.86 -17.19 98.86
C ALA M 127 77.45 -17.52 98.42
N GLU M 128 77.30 -18.03 97.20
CA GLU M 128 75.98 -18.38 96.70
C GLU M 128 75.41 -19.58 97.43
N ALA M 129 76.27 -20.54 97.80
CA ALA M 129 75.79 -21.72 98.52
C ALA M 129 75.21 -21.34 99.89
N TYR M 130 75.85 -20.40 100.58
CA TYR M 130 75.30 -19.94 101.86
C TYR M 130 73.96 -19.25 101.65
N ARG M 131 73.85 -18.46 100.59
CA ARG M 131 72.58 -17.74 100.33
C ARG M 131 71.46 -18.76 100.13
N TYR M 132 71.70 -19.77 99.28
CA TYR M 132 70.69 -20.83 99.05
C TYR M 132 70.41 -21.55 100.36
N SER M 133 71.43 -21.78 101.17
CA SER M 133 71.27 -22.49 102.47
C SER M 133 70.34 -21.68 103.38
N GLY M 134 70.52 -20.36 103.43
CA GLY M 134 69.72 -19.51 104.34
C GLY M 134 70.39 -19.37 105.69
N GLU M 135 71.48 -20.10 105.91
CA GLU M 135 72.21 -20.04 107.16
C GLU M 135 73.69 -19.87 106.88
N GLY M 136 74.40 -19.29 107.83
CA GLY M 136 75.82 -19.08 107.69
C GLY M 136 76.46 -18.56 108.95
N PRO M 137 77.78 -18.46 108.95
CA PRO M 137 78.47 -17.89 110.11
C PRO M 137 78.04 -16.48 110.44
N VAL M 138 77.75 -15.68 109.40
CA VAL M 138 77.33 -14.30 109.63
C VAL M 138 75.96 -14.29 110.29
N GLU M 139 75.64 -13.16 110.93
CA GLU M 139 74.36 -13.00 111.61
C GLU M 139 73.36 -12.38 110.66
N THR M 140 72.22 -13.06 110.47
CA THR M 140 71.19 -12.59 109.55
C THR M 140 69.83 -12.80 110.18
N SER M 141 68.84 -12.11 109.64
CA SER M 141 67.45 -12.33 110.01
C SER M 141 66.92 -13.57 109.31
N GLY M 142 65.65 -13.88 109.55
CA GLY M 142 65.05 -15.07 108.99
C GLY M 142 64.66 -14.97 107.53
N ASP M 143 64.82 -13.81 106.92
CA ASP M 143 64.46 -13.61 105.52
C ASP M 143 65.69 -13.85 104.66
N SER M 144 65.60 -14.83 103.75
CA SER M 144 66.72 -15.13 102.87
C SER M 144 66.96 -14.01 101.87
N LEU M 145 65.88 -13.44 101.34
CA LEU M 145 66.02 -12.34 100.38
C LEU M 145 66.59 -11.10 101.04
N TYR M 146 66.20 -10.85 102.29
CA TYR M 146 66.55 -9.64 103.02
C TYR M 146 67.25 -10.06 104.31
N PRO M 147 68.54 -10.39 104.24
CA PRO M 147 69.23 -10.89 105.44
C PRO M 147 69.31 -9.86 106.55
N GLY M 148 69.81 -8.67 106.25
CA GLY M 148 70.07 -7.71 107.31
C GLY M 148 71.22 -8.19 108.18
N GLY M 149 71.26 -7.67 109.41
CA GLY M 149 72.28 -8.07 110.35
C GLY M 149 73.68 -7.80 109.85
N PHE M 150 74.40 -8.86 109.49
CA PHE M 150 75.76 -8.70 108.99
C PHE M 150 75.80 -7.88 107.71
N PHE M 151 74.81 -8.05 106.84
CA PHE M 151 74.78 -7.36 105.57
C PHE M 151 74.15 -5.98 105.69
N ASP M 152 73.83 -5.55 106.89
CA ASP M 152 73.29 -4.21 107.15
C ASP M 152 74.11 -3.56 108.24
N PRO M 153 75.36 -3.18 107.95
CA PRO M 153 76.20 -2.52 108.97
C PRO M 153 75.55 -1.25 109.47
N LEU M 154 75.24 -0.33 108.57
CA LEU M 154 74.44 0.84 108.94
C LEU M 154 73.00 0.39 109.16
N GLY M 155 72.42 0.80 110.28
CA GLY M 155 71.12 0.28 110.67
C GLY M 155 69.96 0.87 109.88
N LEU M 156 70.09 0.91 108.55
CA LEU M 156 69.06 1.53 107.73
C LEU M 156 67.78 0.69 107.68
N ALA M 157 67.87 -0.60 107.96
CA ALA M 157 66.70 -1.46 107.98
C ALA M 157 66.09 -1.62 109.37
N ASP M 158 66.66 -0.96 110.37
CA ASP M 158 66.16 -1.10 111.75
C ASP M 158 64.72 -0.59 111.87
N ASP M 159 64.45 0.56 111.26
CA ASP M 159 63.09 1.11 111.28
C ASP M 159 62.21 0.32 110.33
N PRO M 160 61.11 -0.28 110.80
CA PRO M 160 60.34 -1.17 109.92
C PRO M 160 59.56 -0.44 108.84
N ASP M 161 59.06 0.77 109.12
CA ASP M 161 58.33 1.52 108.12
C ASP M 161 59.27 1.94 106.98
N THR M 162 60.47 2.41 107.33
CA THR M 162 61.42 2.82 106.30
C THR M 162 61.91 1.61 105.52
N LEU M 163 62.01 0.46 106.18
CA LEU M 163 62.46 -0.75 105.51
C LEU M 163 61.50 -1.15 104.40
N ALA M 164 60.20 -1.08 104.66
CA ALA M 164 59.22 -1.40 103.63
C ALA M 164 59.32 -0.44 102.46
N GLU M 165 59.51 0.85 102.74
CA GLU M 165 59.60 1.83 101.67
C GLU M 165 60.93 1.73 100.94
N LEU M 166 62.01 1.47 101.67
CA LEU M 166 63.31 1.31 101.03
C LEU M 166 63.33 0.08 100.14
N LYS M 167 62.53 -0.94 100.48
CA LYS M 167 62.43 -2.11 99.62
C LYS M 167 61.90 -1.75 98.24
N VAL M 168 60.91 -0.86 98.20
CA VAL M 168 60.40 -0.38 96.91
C VAL M 168 61.49 0.37 96.16
N LYS M 169 62.30 1.14 96.88
CA LYS M 169 63.39 1.85 96.23
C LYS M 169 64.41 0.90 95.65
N GLU M 170 64.68 -0.22 96.33
CA GLU M 170 65.64 -1.18 95.82
C GLU M 170 65.15 -1.82 94.54
N ILE M 171 63.90 -2.30 94.53
CA ILE M 171 63.39 -2.99 93.35
C ILE M 171 63.22 -2.02 92.19
N LYS M 172 62.83 -0.78 92.48
CA LYS M 172 62.58 0.18 91.41
C LYS M 172 63.89 0.68 90.81
N ASN M 173 64.89 0.97 91.64
CA ASN M 173 66.21 1.26 91.09
C ASN M 173 66.78 0.01 90.43
N GLY M 174 66.48 -1.16 91.00
CA GLY M 174 66.98 -2.42 90.44
C GLY M 174 66.38 -2.73 89.08
N ARG M 175 65.06 -2.58 88.94
CA ARG M 175 64.37 -2.87 87.66
C ARG M 175 64.87 -1.90 86.57
N LEU M 176 65.09 -0.64 86.93
CA LEU M 176 65.64 0.35 85.96
C LEU M 176 67.02 -0.12 85.51
N ALA M 177 67.83 -0.61 86.46
CA ALA M 177 69.19 -1.09 86.14
C ALA M 177 69.09 -2.28 85.18
N MET M 178 68.17 -3.22 85.46
CA MET M 178 68.03 -4.42 84.60
C MET M 178 67.63 -3.99 83.18
N PHE M 179 66.66 -3.07 83.07
CA PHE M 179 66.22 -2.58 81.74
C PHE M 179 67.41 -1.92 81.04
N SER M 180 68.15 -1.09 81.76
CA SER M 180 69.33 -0.38 81.17
C SER M 180 70.41 -1.38 80.80
N MET M 181 70.61 -2.41 81.65
CA MET M 181 71.62 -3.46 81.35
C MET M 181 71.23 -4.18 80.07
N PHE M 182 69.94 -4.52 79.92
CA PHE M 182 69.47 -5.13 78.65
C PHE M 182 69.80 -4.15 77.53
N GLY M 183 69.66 -2.85 77.80
CA GLY M 183 70.02 -1.83 76.80
C GLY M 183 71.51 -1.87 76.50
N PHE M 184 72.34 -2.08 77.53
CA PHE M 184 73.78 -2.21 77.28
C PHE M 184 74.08 -3.43 76.42
N PHE M 185 73.39 -4.54 76.68
CA PHE M 185 73.64 -5.75 75.90
C PHE M 185 73.24 -5.56 74.45
N VAL M 186 72.03 -5.04 74.20
CA VAL M 186 71.55 -4.93 72.83
C VAL M 186 72.33 -3.85 72.08
N GLN M 187 72.59 -2.72 72.73
CA GLN M 187 73.35 -1.67 72.06
C GLN M 187 74.77 -2.12 71.75
N GLY M 188 75.37 -2.90 72.64
CA GLY M 188 76.67 -3.48 72.34
C GLY M 188 76.63 -4.39 71.14
N LEU M 189 75.58 -5.21 71.05
CA LEU M 189 75.45 -6.12 69.91
C LEU M 189 75.12 -5.36 68.63
N VAL M 190 74.24 -4.38 68.71
CA VAL M 190 73.77 -3.70 67.49
C VAL M 190 74.79 -2.67 67.03
N THR M 191 75.07 -1.67 67.88
CA THR M 191 75.96 -0.59 67.48
C THR M 191 77.41 -1.03 67.46
N GLY M 192 77.82 -1.85 68.43
CA GLY M 192 79.20 -2.23 68.53
C GLY M 192 80.09 -1.24 69.25
N LYS M 193 79.52 -0.19 69.84
CA LYS M 193 80.28 0.81 70.55
C LYS M 193 79.83 0.88 72.00
N SER M 194 80.59 1.60 72.80
CA SER M 194 80.34 1.67 74.23
C SER M 194 79.07 2.48 74.51
N PRO M 195 78.43 2.24 75.65
CA PRO M 195 77.18 2.95 75.94
C PRO M 195 77.33 4.46 75.95
N LEU M 196 78.47 4.97 76.41
CA LEU M 196 78.68 6.41 76.46
C LEU M 196 78.91 6.98 75.07
N GLU M 197 79.54 6.21 74.19
CA GLU M 197 79.66 6.63 72.79
C GLU M 197 78.30 6.66 72.11
N ASN M 198 77.43 5.71 72.46
CA ASN M 198 76.06 5.73 71.95
C ASN M 198 75.33 6.98 72.43
N LEU M 199 75.51 7.34 73.69
CA LEU M 199 74.86 8.54 74.22
C LEU M 199 75.39 9.79 73.52
N ALA M 200 76.69 9.85 73.28
CA ALA M 200 77.28 11.02 72.65
C ALA M 200 76.75 11.21 71.23
N ASP M 201 76.55 10.10 70.51
CA ASP M 201 76.04 10.20 69.14
C ASP M 201 74.59 10.66 69.12
N HIS M 202 73.77 10.15 70.04
CA HIS M 202 72.39 10.61 70.13
C HIS M 202 72.34 12.10 70.42
N LEU M 203 73.22 12.57 71.30
CA LEU M 203 73.25 14.00 71.60
C LEU M 203 73.72 14.82 70.41
N ALA M 204 74.67 14.28 69.63
CA ALA M 204 75.22 15.04 68.51
C ALA M 204 74.17 15.30 67.45
N GLU M 205 73.37 14.29 67.11
CA GLU M 205 72.31 14.41 66.10
C GLU M 205 71.16 13.50 66.50
N PRO M 206 70.29 13.97 67.39
CA PRO M 206 69.21 13.10 67.88
C PRO M 206 68.28 12.58 66.78
N SER M 207 67.95 13.42 65.80
CA SER M 207 66.98 13.02 64.80
C SER M 207 67.54 11.98 63.84
N VAL M 208 68.86 11.89 63.73
CA VAL M 208 69.51 10.96 62.82
C VAL M 208 70.18 9.82 63.55
N ASN M 209 70.98 10.13 64.58
CA ASN M 209 71.71 9.11 65.33
C ASN M 209 70.81 8.55 66.42
N ASN M 210 69.91 7.67 66.01
CA ASN M 210 69.04 6.94 66.93
C ASN M 210 69.04 5.48 66.53
N GLY M 211 68.15 4.71 67.17
CA GLY M 211 68.13 3.27 66.95
C GLY M 211 67.79 2.89 65.52
N PHE M 212 66.93 3.66 64.86
CA PHE M 212 66.52 3.34 63.51
C PHE M 212 67.63 3.56 62.48
N ALA M 213 68.73 4.19 62.87
CA ALA M 213 69.87 4.28 61.97
C ALA M 213 70.48 2.90 61.71
N SER M 214 70.42 2.00 62.69
CA SER M 214 70.89 0.64 62.55
C SER M 214 69.76 -0.34 62.30
N ALA M 215 68.58 0.16 61.93
CA ALA M 215 67.42 -0.71 61.73
C ALA M 215 67.64 -1.69 60.59
N THR M 216 68.42 -1.31 59.59
CA THR M 216 68.66 -2.14 58.42
C THR M 216 70.02 -2.81 58.46
N LYS M 217 70.61 -2.94 59.65
CA LYS M 217 71.95 -3.49 59.77
C LYS M 217 71.98 -5.01 59.66
N PHE M 218 70.85 -5.68 59.86
CA PHE M 218 70.81 -7.14 59.84
C PHE M 218 69.82 -7.66 58.81
N LEU M 219 69.71 -6.96 57.68
CA LEU M 219 68.84 -7.43 56.61
C LEU M 219 69.39 -8.73 56.06
N PRO M 220 68.62 -9.81 56.07
CA PRO M 220 69.10 -11.06 55.47
C PRO M 220 69.27 -10.90 53.96
N LEU M 221 70.40 -11.35 53.46
CA LEU M 221 70.73 -11.21 52.05
C LEU M 221 70.69 -12.55 51.35
N PRO M 222 70.20 -12.63 50.11
CA PRO M 222 70.12 -13.88 49.36
C PRO M 222 71.49 -14.51 49.11
N ASP N 1 -44.32 -16.38 2.03
CA ASP N 1 -43.42 -17.53 2.07
C ASP N 1 -43.27 -18.14 0.68
N THR N 2 -44.26 -17.88 -0.19
CA THR N 2 -44.22 -18.43 -1.53
C THR N 2 -43.08 -17.84 -2.35
N GLY N 3 -42.53 -16.71 -1.93
CA GLY N 3 -41.48 -16.05 -2.67
C GLY N 3 -42.04 -14.99 -3.61
N ILE N 4 -41.14 -14.17 -4.14
CA ILE N 4 -41.54 -13.11 -5.05
C ILE N 4 -41.89 -13.72 -6.39
N SER N 5 -43.10 -13.43 -6.87
CA SER N 5 -43.53 -13.91 -8.17
C SER N 5 -43.22 -12.87 -9.24
N THR N 6 -42.62 -13.31 -10.33
CA THR N 6 -42.27 -12.45 -11.45
C THR N 6 -42.73 -13.11 -12.74
N PRO N 7 -43.03 -12.32 -13.77
CA PRO N 7 -43.43 -12.92 -15.05
C PRO N 7 -42.41 -13.88 -15.62
N LEU N 8 -41.12 -13.56 -15.50
CA LEU N 8 -40.09 -14.48 -15.95
C LEU N 8 -40.01 -15.70 -15.04
N GLY N 9 -40.30 -15.51 -13.75
CA GLY N 9 -40.25 -16.63 -12.83
C GLY N 9 -41.30 -17.67 -13.11
N THR N 10 -42.53 -17.24 -13.39
CA THR N 10 -43.59 -18.19 -13.73
C THR N 10 -43.29 -18.90 -15.05
N LEU N 11 -42.67 -18.20 -15.98
CA LEU N 11 -42.33 -18.80 -17.26
C LEU N 11 -41.31 -19.93 -17.10
N LEU N 12 -40.29 -19.71 -16.27
CA LEU N 12 -39.23 -20.68 -16.08
C LEU N 12 -39.51 -21.66 -14.96
N LYS N 13 -40.60 -21.47 -14.22
CA LYS N 13 -40.90 -22.36 -13.10
C LYS N 13 -41.01 -23.82 -13.49
N PRO N 14 -41.63 -24.21 -14.62
CA PRO N 14 -41.66 -25.64 -14.97
C PRO N 14 -40.30 -26.28 -15.09
N LEU N 15 -39.29 -25.54 -15.50
CA LEU N 15 -37.95 -26.10 -15.68
C LEU N 15 -37.26 -26.39 -14.36
N ASN N 16 -37.81 -25.95 -13.24
CA ASN N 16 -37.20 -26.20 -11.94
C ASN N 16 -38.20 -26.86 -11.00
N SER N 17 -38.89 -27.88 -11.49
CA SER N 17 -39.97 -28.49 -10.74
C SER N 17 -39.70 -29.93 -10.33
N GLU N 18 -39.03 -30.71 -11.16
CA GLU N 18 -38.83 -32.14 -10.91
C GLU N 18 -37.51 -32.38 -10.18
N TYR N 19 -37.40 -31.82 -8.98
CA TYR N 19 -36.12 -31.81 -8.29
C TYR N 19 -35.64 -33.23 -7.97
N GLY N 20 -36.48 -34.03 -7.33
CA GLY N 20 -36.04 -35.33 -6.86
C GLY N 20 -36.41 -36.50 -7.74
N LYS N 21 -37.14 -36.28 -8.83
CA LYS N 21 -37.59 -37.37 -9.67
C LYS N 21 -36.40 -38.10 -10.29
N VAL N 22 -36.40 -39.43 -10.17
CA VAL N 22 -35.34 -40.26 -10.73
C VAL N 22 -35.97 -41.48 -11.38
N ALA N 23 -35.24 -42.08 -12.30
CA ALA N 23 -35.65 -43.35 -12.87
C ALA N 23 -35.22 -44.49 -11.94
N PRO N 24 -36.10 -45.44 -11.66
CA PRO N 24 -35.76 -46.49 -10.70
C PRO N 24 -34.63 -47.37 -11.21
N GLY N 25 -33.87 -47.93 -10.27
CA GLY N 25 -32.83 -48.86 -10.63
C GLY N 25 -31.64 -48.18 -11.28
N TRP N 26 -31.02 -48.90 -12.21
CA TRP N 26 -29.85 -48.37 -12.90
C TRP N 26 -30.20 -47.51 -14.11
N GLY N 27 -31.46 -47.50 -14.54
CA GLY N 27 -31.88 -46.65 -15.64
C GLY N 27 -31.06 -46.85 -16.89
N THR N 28 -30.52 -45.75 -17.42
CA THR N 28 -29.72 -45.77 -18.65
C THR N 28 -28.23 -45.79 -18.36
N THR N 29 -27.82 -46.40 -17.24
CA THR N 29 -26.41 -46.40 -16.89
C THR N 29 -25.56 -47.19 -17.88
N VAL N 30 -26.06 -48.35 -18.30
CA VAL N 30 -25.29 -49.17 -19.24
C VAL N 30 -25.11 -48.43 -20.56
N LEU N 31 -26.16 -47.74 -21.01
CA LEU N 31 -26.06 -46.91 -22.20
C LEU N 31 -25.03 -45.81 -22.00
N MET N 32 -24.99 -45.21 -20.81
CA MET N 32 -23.98 -44.19 -20.52
C MET N 32 -22.58 -44.79 -20.55
N GLY N 33 -22.42 -46.01 -20.03
CA GLY N 33 -21.12 -46.64 -20.04
C GLY N 33 -20.62 -46.91 -21.45
N ILE N 34 -21.54 -47.17 -22.38
CA ILE N 34 -21.14 -47.37 -23.77
C ILE N 34 -20.52 -46.09 -24.33
N PHE N 35 -21.17 -44.96 -24.09
CA PHE N 35 -20.67 -43.70 -24.64
C PHE N 35 -19.37 -43.28 -23.98
N MET N 36 -19.21 -43.57 -22.69
CA MET N 36 -17.94 -43.29 -22.03
C MET N 36 -16.82 -44.13 -22.63
N ALA N 37 -17.10 -45.40 -22.92
CA ALA N 37 -16.09 -46.25 -23.54
C ALA N 37 -15.72 -45.75 -24.93
N LEU N 38 -16.72 -45.36 -25.72
CA LEU N 38 -16.43 -44.79 -27.03
C LEU N 38 -15.67 -43.48 -26.89
N PHE N 39 -16.04 -42.67 -25.90
CA PHE N 39 -15.33 -41.42 -25.67
C PHE N 39 -13.90 -41.67 -25.22
N ALA N 40 -13.70 -42.69 -24.38
CA ALA N 40 -12.35 -43.02 -23.95
C ALA N 40 -11.48 -43.44 -25.12
N VAL N 41 -12.03 -44.24 -26.02
CA VAL N 41 -11.28 -44.66 -27.21
C VAL N 41 -11.00 -43.47 -28.11
N PHE N 42 -11.97 -42.58 -28.27
CA PHE N 42 -11.75 -41.38 -29.07
C PHE N 42 -10.65 -40.51 -28.49
N LEU N 43 -10.64 -40.34 -27.17
CA LEU N 43 -9.60 -39.55 -26.53
C LEU N 43 -8.24 -40.19 -26.73
N VAL N 44 -8.16 -41.51 -26.66
CA VAL N 44 -6.91 -42.21 -26.87
C VAL N 44 -6.40 -41.96 -28.29
N ILE N 45 -7.28 -42.09 -29.29
CA ILE N 45 -6.84 -41.98 -30.67
C ILE N 45 -6.25 -40.61 -30.95
N ILE N 46 -6.93 -39.54 -30.52
CA ILE N 46 -6.43 -38.20 -30.79
C ILE N 46 -5.17 -37.94 -29.98
N LEU N 47 -5.05 -38.58 -28.81
CA LEU N 47 -3.82 -38.48 -28.04
C LEU N 47 -2.66 -39.14 -28.77
N GLU N 48 -2.89 -40.30 -29.37
CA GLU N 48 -1.82 -40.98 -30.10
C GLU N 48 -1.40 -40.20 -31.33
N ILE N 49 -2.36 -39.55 -32.00
CA ILE N 49 -2.04 -38.76 -33.18
C ILE N 49 -1.13 -37.60 -32.81
N TYR N 50 -1.47 -36.90 -31.74
CA TYR N 50 -0.64 -35.79 -31.27
C TYR N 50 0.68 -36.29 -30.72
N ASN N 51 0.67 -37.44 -30.04
CA ASN N 51 1.89 -38.02 -29.51
C ASN N 51 2.73 -38.71 -30.57
N SER N 52 2.20 -38.86 -31.78
CA SER N 52 2.84 -39.53 -32.91
C SER N 52 3.02 -41.02 -32.69
N SER N 53 2.30 -41.62 -31.73
CA SER N 53 2.31 -43.06 -31.58
C SER N 53 1.37 -43.75 -32.56
N VAL N 54 0.55 -42.98 -33.27
CA VAL N 54 -0.24 -43.48 -34.39
C VAL N 54 0.09 -42.61 -35.59
N LEU N 55 0.50 -43.24 -36.68
CA LEU N 55 0.91 -42.54 -37.89
C LEU N 55 -0.14 -42.75 -38.96
N LEU N 56 -0.82 -41.69 -39.37
CA LEU N 56 -1.80 -41.73 -40.44
C LEU N 56 -1.20 -41.13 -41.70
N ASP N 57 -1.50 -41.74 -42.85
CA ASP N 57 -0.87 -41.33 -44.10
C ASP N 57 -1.24 -39.90 -44.48
N ASP N 58 -2.51 -39.54 -44.32
CA ASP N 58 -2.95 -38.21 -44.75
C ASP N 58 -2.44 -37.13 -43.81
N VAL N 59 -2.50 -37.37 -42.50
CA VAL N 59 -2.08 -36.35 -41.55
C VAL N 59 -0.56 -36.28 -41.51
N THR N 60 -0.03 -35.08 -41.32
CA THR N 60 1.40 -34.90 -41.17
C THR N 60 1.81 -34.58 -39.75
N MET N 61 0.92 -33.95 -38.97
CA MET N 61 1.14 -33.67 -37.56
C MET N 61 2.42 -32.87 -37.36
N SER N 62 2.49 -31.73 -38.05
CA SER N 62 3.57 -30.78 -37.87
C SER N 62 3.11 -29.44 -38.38
N TRP N 63 3.94 -28.42 -38.16
CA TRP N 63 3.59 -27.08 -38.64
C TRP N 63 3.41 -27.06 -40.14
N GLU N 64 4.05 -27.99 -40.85
CA GLU N 64 4.02 -27.99 -42.31
C GLU N 64 2.64 -28.29 -42.85
N SER N 65 1.73 -28.77 -42.01
CA SER N 65 0.36 -28.99 -42.45
C SER N 65 -0.44 -27.70 -42.52
N LEU N 66 0.14 -26.58 -42.09
CA LEU N 66 -0.53 -25.29 -42.26
C LEU N 66 -0.58 -24.88 -43.72
N ALA N 67 0.27 -25.46 -44.55
CA ALA N 67 0.30 -25.13 -45.98
C ALA N 67 -0.97 -25.59 -46.67
N MET O 1 41.56 -2.91 24.10
CA MET O 1 40.88 -4.21 23.92
C MET O 1 40.98 -5.03 25.22
N LEU O 2 42.04 -4.80 26.00
CA LEU O 2 42.19 -5.50 27.30
C LEU O 2 41.00 -5.14 28.19
N THR O 3 40.62 -3.86 28.23
CA THR O 3 39.44 -3.44 29.01
C THR O 3 38.25 -4.28 28.56
N LEU O 4 38.06 -4.45 27.25
CA LEU O 4 36.98 -5.28 26.76
C LEU O 4 37.18 -6.73 27.22
N LYS O 5 38.42 -7.21 27.20
CA LYS O 5 38.68 -8.63 27.58
C LYS O 5 38.36 -8.81 29.07
N ILE O 6 38.78 -7.87 29.92
CA ILE O 6 38.55 -7.99 31.38
C ILE O 6 37.04 -7.90 31.66
N PHE O 7 36.34 -7.03 30.93
CA PHE O 7 34.86 -6.91 31.10
C PHE O 7 34.20 -8.24 30.74
N VAL O 8 34.60 -8.85 29.63
CA VAL O 8 34.00 -10.11 29.22
C VAL O 8 34.37 -11.23 30.19
N TYR O 9 35.62 -11.25 30.66
CA TYR O 9 36.01 -12.24 31.66
C TYR O 9 35.20 -12.09 32.93
N THR O 10 34.94 -10.84 33.34
CA THR O 10 34.08 -10.61 34.49
C THR O 10 32.66 -11.10 34.23
N VAL O 11 32.13 -10.83 33.04
CA VAL O 11 30.76 -11.21 32.72
C VAL O 11 30.62 -12.72 32.58
N VAL O 12 31.55 -13.34 31.84
CA VAL O 12 31.46 -14.78 31.62
C VAL O 12 31.62 -15.53 32.94
N THR O 13 32.55 -15.09 33.78
CA THR O 13 32.74 -15.73 35.08
C THR O 13 31.50 -15.56 35.95
N PHE O 14 30.82 -14.42 35.84
CA PHE O 14 29.64 -14.19 36.65
C PHE O 14 28.53 -15.17 36.33
N PHE O 15 28.24 -15.35 35.05
CA PHE O 15 27.14 -16.24 34.65
C PHE O 15 27.51 -17.70 34.85
N VAL O 16 28.78 -18.04 34.67
CA VAL O 16 29.21 -19.42 34.91
C VAL O 16 29.17 -19.73 36.40
N SER O 17 29.58 -18.78 37.23
CA SER O 17 29.52 -19.00 38.68
C SER O 17 28.09 -19.19 39.16
N LEU O 18 27.15 -18.42 38.62
CA LEU O 18 25.75 -18.62 38.96
C LEU O 18 25.28 -20.00 38.54
N PHE O 19 25.70 -20.45 37.36
CA PHE O 19 25.33 -21.77 36.89
C PHE O 19 25.90 -22.86 37.80
N ILE O 20 27.16 -22.70 38.22
CA ILE O 20 27.80 -23.73 39.03
C ILE O 20 27.17 -23.78 40.41
N PHE O 21 27.06 -22.63 41.08
CA PHE O 21 26.52 -22.63 42.43
C PHE O 21 25.01 -22.75 42.42
N GLY O 22 24.38 -22.49 41.28
CA GLY O 22 22.96 -22.74 41.18
C GLY O 22 22.63 -24.21 41.30
N PHE O 23 23.36 -25.05 40.58
CA PHE O 23 23.10 -26.49 40.67
C PHE O 23 23.65 -27.10 41.96
N LEU O 24 24.50 -26.37 42.67
CA LEU O 24 25.02 -26.87 43.97
C LEU O 24 24.05 -26.49 45.08
N SER O 25 23.01 -25.72 44.74
CA SER O 25 22.04 -25.24 45.77
C SER O 25 20.88 -26.23 45.92
N ASN O 26 21.17 -27.48 46.26
CA ASN O 26 20.12 -28.52 46.45
C ASN O 26 19.19 -28.52 45.25
N ASP O 27 19.75 -28.48 44.04
CA ASP O 27 18.92 -28.50 42.80
C ASP O 27 18.01 -29.72 42.83
N PRO O 28 18.51 -30.97 43.04
CA PRO O 28 17.65 -32.16 42.96
C PRO O 28 16.42 -32.08 43.85
N GLY O 29 16.48 -31.28 44.91
CA GLY O 29 15.33 -31.15 45.82
C GLY O 29 14.25 -30.25 45.25
N ARG O 30 14.58 -29.50 44.20
CA ARG O 30 13.60 -28.56 43.59
C ARG O 30 12.73 -29.33 42.58
N ASN O 31 11.89 -30.24 43.08
CA ASN O 31 10.99 -31.04 42.21
C ASN O 31 9.58 -31.05 42.81
N PRO O 32 8.50 -31.19 42.02
CA PRO O 32 7.14 -31.12 42.55
C PRO O 32 6.60 -32.41 43.15
N GLY O 33 7.44 -33.44 43.25
CA GLY O 33 6.97 -34.75 43.74
C GLY O 33 7.45 -35.05 45.14
N GLN O 34 6.86 -36.06 45.79
CA GLN O 34 7.29 -36.45 47.16
C GLN O 34 7.01 -37.95 47.36
N GLY P 1 -0.50 -88.81 12.06
CA GLY P 1 0.88 -88.84 11.63
C GLY P 1 1.84 -88.30 12.68
N THR P 2 2.94 -87.70 12.22
CA THR P 2 3.94 -87.15 13.13
C THR P 2 3.43 -85.87 13.78
N THR P 3 3.27 -85.90 15.10
CA THR P 3 2.76 -84.74 15.82
C THR P 3 3.91 -83.84 16.24
N GLY P 4 3.74 -82.54 16.05
CA GLY P 4 4.75 -81.58 16.43
C GLY P 4 4.62 -80.30 15.65
N ARG P 5 5.29 -79.28 16.16
CA ARG P 5 5.33 -77.97 15.51
C ARG P 5 6.74 -77.44 15.57
N ILE P 6 7.19 -76.82 14.49
CA ILE P 6 8.49 -76.15 14.52
C ILE P 6 8.40 -74.94 15.42
N PRO P 7 9.31 -74.76 16.39
CA PRO P 7 9.26 -73.56 17.23
C PRO P 7 9.41 -72.30 16.39
N LEU P 8 8.65 -71.26 16.76
CA LEU P 8 8.70 -70.02 16.01
C LEU P 8 10.06 -69.36 16.08
N TRP P 9 10.70 -69.39 17.26
CA TRP P 9 12.01 -68.76 17.40
C TRP P 9 13.04 -69.47 16.53
N LEU P 10 12.91 -70.77 16.37
CA LEU P 10 13.81 -71.50 15.47
C LEU P 10 13.59 -71.08 14.03
N VAL P 11 12.33 -70.86 13.64
CA VAL P 11 12.04 -70.39 12.29
C VAL P 11 12.65 -69.01 12.07
N GLY P 12 12.50 -68.12 13.04
CA GLY P 12 13.11 -66.81 12.93
C GLY P 12 14.62 -66.86 12.89
N THR P 13 15.21 -67.77 13.68
CA THR P 13 16.67 -67.88 13.71
C THR P 13 17.21 -68.36 12.38
N VAL P 14 16.64 -69.43 11.84
CA VAL P 14 17.11 -69.97 10.56
C VAL P 14 16.87 -68.98 9.44
N ALA P 15 15.68 -68.37 9.43
CA ALA P 15 15.39 -67.35 8.41
C ALA P 15 16.29 -66.14 8.59
N GLY P 16 16.56 -65.75 9.84
CA GLY P 16 17.46 -64.64 10.07
C GLY P 16 18.87 -64.93 9.58
N VAL P 17 19.35 -66.15 9.81
CA VAL P 17 20.68 -66.53 9.33
C VAL P 17 20.71 -66.52 7.80
N ALA P 18 19.66 -67.05 7.17
CA ALA P 18 19.62 -67.11 5.72
C ALA P 18 19.65 -65.71 5.11
N VAL P 19 18.90 -64.77 5.71
CA VAL P 19 18.93 -63.39 5.22
C VAL P 19 20.31 -62.79 5.39
N ILE P 20 20.94 -63.01 6.55
CA ILE P 20 22.28 -62.48 6.78
C ILE P 20 23.27 -63.11 5.79
N ALA P 21 23.12 -64.40 5.52
CA ALA P 21 23.97 -65.06 4.54
C ALA P 21 23.76 -64.45 3.16
N LEU P 22 22.50 -64.17 2.79
CA LEU P 22 22.23 -63.60 1.48
C LEU P 22 22.83 -62.21 1.34
N VAL P 23 22.72 -61.39 2.39
CA VAL P 23 23.32 -60.06 2.35
C VAL P 23 24.84 -60.17 2.26
N GLY P 24 25.42 -61.11 3.00
CA GLY P 24 26.86 -61.29 2.93
C GLY P 24 27.33 -61.68 1.55
N ILE P 25 26.57 -62.51 0.85
CA ILE P 25 26.94 -62.88 -0.51
C ILE P 25 26.87 -61.67 -1.42
N PHE P 26 25.87 -60.80 -1.23
CA PHE P 26 25.78 -59.59 -2.02
C PHE P 26 26.97 -58.66 -1.75
N PHE P 27 27.39 -58.55 -0.50
CA PHE P 27 28.57 -57.75 -0.20
C PHE P 27 29.84 -58.43 -0.68
N TYR P 28 29.88 -59.77 -0.65
CA TYR P 28 31.01 -60.48 -1.25
C TYR P 28 31.08 -60.19 -2.74
N GLY P 29 29.95 -60.27 -3.43
CA GLY P 29 29.94 -60.00 -4.85
C GLY P 29 30.25 -58.55 -5.19
N SER P 30 30.19 -57.66 -4.20
CA SER P 30 30.55 -56.28 -4.44
C SER P 30 32.04 -56.11 -4.62
N TYR P 31 32.84 -57.07 -4.16
CA TYR P 31 34.29 -56.99 -4.23
C TYR P 31 34.91 -57.89 -5.28
N VAL P 32 34.10 -58.73 -5.94
CA VAL P 32 34.60 -59.66 -6.95
C VAL P 32 33.71 -59.60 -8.18
N GLY P 33 34.25 -60.07 -9.29
CA GLY P 33 33.47 -60.19 -10.51
C GLY P 33 33.02 -58.87 -11.05
N LEU P 34 31.79 -58.84 -11.56
CA LEU P 34 31.23 -57.62 -12.13
C LEU P 34 31.01 -56.57 -11.05
N GLY P 35 31.24 -55.31 -11.41
CA GLY P 35 31.00 -54.22 -10.50
C GLY P 35 32.03 -54.04 -9.41
N SER P 36 33.14 -54.77 -9.47
CA SER P 36 34.16 -54.69 -8.44
C SER P 36 35.30 -53.74 -8.78
N SER P 37 35.25 -53.09 -9.94
CA SER P 37 36.30 -52.24 -10.50
C SER P 37 37.56 -53.01 -10.84
N LEU P 38 37.58 -54.33 -10.64
CA LEU P 38 38.77 -55.13 -10.88
C LEU P 38 38.71 -55.78 -12.25
N LYS Q 1 52.63 -61.48 9.10
CA LYS Q 1 52.04 -62.81 9.17
C LYS Q 1 52.29 -63.42 10.54
N LEU Q 2 51.67 -64.57 10.79
CA LEU Q 2 51.95 -65.32 12.00
C LEU Q 2 53.27 -66.07 11.88
N PRO Q 3 53.85 -66.51 12.98
CA PRO Q 3 55.02 -67.38 12.90
C PRO Q 3 54.69 -68.65 12.12
N GLU Q 4 55.74 -69.23 11.52
CA GLU Q 4 55.55 -70.38 10.64
C GLU Q 4 54.88 -71.54 11.35
N ALA Q 5 55.16 -71.71 12.65
CA ALA Q 5 54.54 -72.79 13.39
C ALA Q 5 53.03 -72.62 13.49
N TYR Q 6 52.53 -71.39 13.43
CA TYR Q 6 51.12 -71.10 13.55
C TYR Q 6 50.43 -70.92 12.21
N ALA Q 7 51.13 -71.18 11.10
CA ALA Q 7 50.55 -71.01 9.78
C ALA Q 7 49.31 -71.86 9.53
N PRO Q 8 49.26 -73.16 9.89
CA PRO Q 8 48.06 -73.94 9.60
C PRO Q 8 46.80 -73.41 10.27
N PHE Q 9 46.96 -72.66 11.35
CA PHE Q 9 45.83 -72.15 12.12
C PHE Q 9 45.38 -70.77 11.67
N ASP Q 10 45.97 -70.25 10.59
CA ASP Q 10 45.60 -68.93 10.09
C ASP Q 10 44.12 -68.76 9.79
N PRO Q 11 43.43 -69.72 9.15
CA PRO Q 11 41.99 -69.50 8.86
C PRO Q 11 41.14 -69.28 10.10
N ILE Q 12 41.49 -69.90 11.23
CA ILE Q 12 40.74 -69.66 12.47
C ILE Q 12 40.87 -68.20 12.89
N VAL Q 13 42.08 -67.65 12.81
CA VAL Q 13 42.30 -66.25 13.14
C VAL Q 13 41.50 -65.33 12.23
N ASP Q 14 41.30 -65.73 10.98
CA ASP Q 14 40.60 -64.87 10.02
C ASP Q 14 39.11 -64.72 10.32
N VAL Q 15 38.55 -65.53 11.22
CA VAL Q 15 37.14 -65.43 11.59
C VAL Q 15 36.93 -65.05 13.04
N LEU Q 16 37.98 -65.00 13.85
CA LEU Q 16 37.87 -64.69 15.26
C LEU Q 16 37.30 -63.30 15.54
N PRO Q 17 37.75 -62.23 14.87
CA PRO Q 17 37.30 -60.89 15.28
C PRO Q 17 35.81 -60.66 15.14
N VAL Q 18 35.08 -61.47 14.36
CA VAL Q 18 33.63 -61.27 14.24
C VAL Q 18 32.84 -61.94 15.35
N ILE Q 19 33.51 -62.68 16.25
CA ILE Q 19 32.79 -63.34 17.34
C ILE Q 19 32.07 -62.36 18.25
N PRO Q 20 32.66 -61.23 18.69
CA PRO Q 20 31.95 -60.36 19.62
C PRO Q 20 30.62 -59.84 19.10
N VAL Q 21 30.49 -59.58 17.80
CA VAL Q 21 29.21 -59.12 17.28
C VAL Q 21 28.19 -60.25 17.30
N LEU Q 22 28.66 -61.51 17.37
CA LEU Q 22 27.73 -62.63 17.46
C LEU Q 22 27.07 -62.72 18.83
N PHE Q 23 27.73 -62.19 19.87
CA PHE Q 23 27.14 -62.22 21.20
C PHE Q 23 25.90 -61.35 21.27
N LEU Q 24 25.89 -60.23 20.55
CA LEU Q 24 24.68 -59.42 20.47
C LEU Q 24 23.53 -60.21 19.85
N LEU Q 25 23.81 -60.94 18.77
CA LEU Q 25 22.79 -61.76 18.16
C LEU Q 25 22.45 -62.96 19.04
N LEU Q 26 23.46 -63.48 19.76
CA LEU Q 26 23.20 -64.61 20.66
C LEU Q 26 22.24 -64.22 21.77
N ALA Q 27 22.35 -62.99 22.27
CA ALA Q 27 21.41 -62.50 23.26
C ALA Q 27 20.01 -62.40 22.66
N LEU Q 28 19.91 -61.97 21.41
CA LEU Q 28 18.61 -61.86 20.75
C LEU Q 28 17.97 -63.23 20.57
N VAL Q 29 18.74 -64.21 20.10
CA VAL Q 29 18.18 -65.54 19.91
C VAL Q 29 17.89 -66.21 21.25
N TRP Q 30 18.65 -65.86 22.29
CA TRP Q 30 18.33 -66.37 23.62
C TRP Q 30 16.98 -65.84 24.09
N GLN Q 31 16.71 -64.56 23.86
CA GLN Q 31 15.43 -64.00 24.28
C GLN Q 31 14.28 -64.55 23.45
N ALA Q 32 14.53 -64.83 22.17
CA ALA Q 32 13.49 -65.44 21.34
C ALA Q 32 13.14 -66.83 21.83
N SER Q 33 14.13 -67.59 22.29
CA SER Q 33 13.89 -68.94 22.77
C SER Q 33 12.96 -68.95 23.97
N VAL Q 34 13.06 -67.97 24.84
CA VAL Q 34 12.20 -67.88 26.00
C VAL Q 34 10.98 -67.00 25.74
N SER Q 35 10.66 -66.77 24.47
CA SER Q 35 9.46 -66.04 24.06
C SER Q 35 9.48 -64.61 24.58
N PHE Q 36 10.66 -64.04 24.69
CA PHE Q 36 10.85 -62.65 25.11
C PHE Q 36 10.15 -62.38 26.43
N ARG Q 37 10.17 -63.35 27.34
CA ARG Q 37 9.44 -63.26 28.61
C ARG Q 37 9.73 -61.96 29.34
N ALA R 1 -40.25 -7.89 4.46
CA ALA R 1 -39.11 -8.29 5.28
C ALA R 1 -38.48 -9.57 4.75
N LYS R 2 -38.77 -10.68 5.43
CA LYS R 2 -38.20 -11.99 5.13
C LYS R 2 -36.68 -11.91 5.09
N PRO R 3 -36.02 -11.77 6.24
CA PRO R 3 -34.56 -11.74 6.25
C PRO R 3 -33.99 -13.06 5.75
N ASN R 4 -32.82 -12.99 5.15
CA ASN R 4 -32.20 -14.17 4.57
C ASN R 4 -31.82 -15.15 5.68
N PRO R 5 -32.25 -16.41 5.61
CA PRO R 5 -31.96 -17.37 6.68
C PRO R 5 -30.55 -17.96 6.63
N ASN R 6 -29.74 -17.60 5.63
CA ASN R 6 -28.41 -18.18 5.48
C ASN R 6 -27.33 -17.32 6.10
N LYS R 7 -27.70 -16.42 7.01
CA LYS R 7 -26.72 -15.51 7.59
C LYS R 7 -25.75 -16.25 8.49
N GLN R 8 -24.48 -15.91 8.37
CA GLN R 8 -23.43 -16.43 9.23
C GLN R 8 -22.49 -15.30 9.59
N SER R 9 -21.75 -15.48 10.68
CA SER R 9 -20.80 -14.48 11.15
C SER R 9 -19.40 -15.07 11.06
N VAL R 10 -18.53 -14.40 10.31
CA VAL R 10 -17.13 -14.82 10.23
C VAL R 10 -16.45 -14.55 11.56
N GLU R 11 -15.53 -15.44 11.92
CA GLU R 11 -14.81 -15.35 13.19
C GLU R 11 -13.33 -15.55 12.93
N LEU R 12 -12.49 -14.84 13.68
CA LEU R 12 -11.04 -14.99 13.58
C LEU R 12 -10.44 -14.73 14.96
N ASN R 13 -10.00 -15.79 15.64
CA ASN R 13 -9.42 -15.61 16.95
C ASN R 13 -8.01 -15.04 16.85
N ARG R 14 -7.46 -14.68 18.00
CA ARG R 14 -6.18 -13.97 18.01
C ARG R 14 -5.04 -14.85 17.51
N THR R 15 -5.07 -16.14 17.84
CA THR R 15 -4.02 -17.04 17.37
C THR R 15 -4.05 -17.18 15.86
N SER R 16 -5.24 -17.08 15.25
CA SER R 16 -5.31 -17.07 13.79
C SER R 16 -4.77 -15.78 13.22
N LEU R 17 -4.92 -14.68 13.95
CA LEU R 17 -4.34 -13.41 13.52
C LEU R 17 -2.82 -13.50 13.47
N TYR R 18 -2.22 -14.10 14.50
CA TYR R 18 -0.77 -14.22 14.53
C TYR R 18 -0.27 -15.17 13.44
N TRP R 19 -0.98 -16.28 13.22
CA TRP R 19 -0.61 -17.17 12.13
C TRP R 19 -0.77 -16.48 10.78
N GLY R 20 -1.85 -15.71 10.62
CA GLY R 20 -2.04 -14.99 9.36
C GLY R 20 -1.01 -13.91 9.15
N LEU R 21 -0.71 -13.13 10.20
CA LEU R 21 0.29 -12.07 10.09
C LEU R 21 1.66 -12.65 9.82
N LEU R 22 1.99 -13.76 10.49
CA LEU R 22 3.31 -14.41 10.26
C LEU R 22 3.38 -14.88 8.80
N LEU R 23 2.31 -15.51 8.31
CA LEU R 23 2.30 -16.04 6.91
C LEU R 23 2.50 -14.89 5.93
N ILE R 24 1.75 -13.80 6.10
CA ILE R 24 1.84 -12.66 5.13
C ILE R 24 3.25 -12.07 5.15
N PHE R 25 3.83 -11.91 6.35
CA PHE R 25 5.15 -11.29 6.43
C PHE R 25 6.25 -12.23 5.98
N VAL R 26 6.17 -13.51 6.39
CA VAL R 26 7.25 -14.48 6.04
C VAL R 26 7.19 -14.73 4.53
N LEU R 27 5.99 -14.69 3.94
CA LEU R 27 5.84 -14.88 2.48
C LEU R 27 6.46 -13.68 1.77
N ALA R 28 6.24 -12.48 2.29
CA ALA R 28 6.83 -11.25 1.70
C ALA R 28 8.35 -11.32 1.82
N VAL R 29 8.86 -11.72 2.99
CA VAL R 29 10.30 -11.86 3.16
C VAL R 29 10.87 -12.82 2.15
N LEU R 30 10.20 -13.96 1.94
CA LEU R 30 10.67 -14.95 0.99
C LEU R 30 10.65 -14.43 -0.44
N PHE R 31 9.57 -13.76 -0.84
CA PHE R 31 9.37 -13.41 -2.23
C PHE R 31 9.84 -12.00 -2.59
N SER R 32 10.13 -11.14 -1.61
CA SER R 32 10.50 -9.78 -1.93
C SER R 32 11.79 -9.72 -2.73
N SER R 33 12.78 -10.53 -2.36
CA SER R 33 14.05 -10.53 -3.08
C SER R 33 13.84 -10.85 -4.55
N TYR R 34 12.90 -11.74 -4.85
CA TYR R 34 12.65 -12.15 -6.23
C TYR R 34 11.86 -11.11 -7.00
N ILE R 35 10.89 -10.47 -6.34
CA ILE R 35 10.14 -9.41 -7.01
C ILE R 35 11.05 -8.23 -7.31
N PHE R 36 11.88 -7.84 -6.34
CA PHE R 36 12.89 -6.82 -6.62
C PHE R 36 13.91 -7.33 -7.62
N ASN R 37 14.23 -8.62 -7.56
CA ASN R 37 15.14 -9.26 -8.51
C ASN R 37 16.50 -8.59 -8.51
N UNK S 1 32.91 24.84 -20.18
CA UNK S 1 33.06 24.31 -18.83
C UNK S 1 32.88 22.80 -18.78
N UNK S 2 32.49 22.16 -19.88
CA UNK S 2 32.29 20.72 -19.92
C UNK S 2 33.56 19.97 -19.57
N UNK S 3 34.71 20.58 -19.80
CA UNK S 3 35.97 19.98 -19.34
C UNK S 3 35.99 19.92 -17.81
N UNK S 4 35.58 21.01 -17.15
CA UNK S 4 35.51 21.01 -15.70
C UNK S 4 34.31 20.21 -15.19
N UNK S 5 33.26 20.07 -15.99
CA UNK S 5 32.12 19.24 -15.60
C UNK S 5 32.54 17.79 -15.45
N UNK S 6 33.33 17.27 -16.40
CA UNK S 6 33.83 15.91 -16.32
C UNK S 6 35.11 15.80 -15.51
N UNK S 7 35.72 16.93 -15.16
CA UNK S 7 36.91 16.90 -14.30
C UNK S 7 36.56 16.39 -12.92
N UNK S 8 35.42 16.84 -12.37
CA UNK S 8 35.03 16.42 -11.03
C UNK S 8 34.63 14.95 -10.99
N UNK S 9 33.96 14.47 -12.05
CA UNK S 9 33.51 13.08 -12.06
C UNK S 9 34.68 12.12 -12.03
N UNK S 10 35.69 12.34 -12.88
CA UNK S 10 36.87 11.49 -12.85
C UNK S 10 37.67 11.71 -11.56
N UNK S 11 37.60 12.92 -11.01
CA UNK S 11 38.21 13.23 -9.72
C UNK S 11 37.26 12.79 -8.61
N UNK S 12 37.48 13.31 -7.41
CA UNK S 12 36.65 13.02 -6.24
C UNK S 12 35.17 12.90 -6.60
N UNK S 13 34.54 11.83 -6.12
CA UNK S 13 33.21 11.47 -6.58
C UNK S 13 32.17 12.52 -6.22
N UNK S 14 30.98 12.36 -6.79
CA UNK S 14 29.88 13.29 -6.56
C UNK S 14 29.19 12.94 -5.25
N UNK S 15 28.08 13.62 -4.96
CA UNK S 15 27.46 13.55 -3.64
C UNK S 15 26.35 12.51 -3.54
N UNK S 16 25.56 12.60 -2.48
CA UNK S 16 24.40 11.76 -2.20
C UNK S 16 24.81 10.33 -1.84
N UNK S 17 26.10 10.02 -2.00
CA UNK S 17 26.67 8.76 -1.54
C UNK S 17 25.89 7.55 -2.06
N UNK S 18 26.09 6.41 -1.40
CA UNK S 18 25.34 5.19 -1.64
C UNK S 18 25.65 4.24 -0.49
N UNK S 19 24.68 3.41 -0.11
CA UNK S 19 24.94 2.45 0.95
C UNK S 19 26.14 1.58 0.58
N UNK S 20 27.15 1.59 1.44
CA UNK S 20 28.38 0.84 1.20
C UNK S 20 29.13 1.35 -0.01
N UNK S 21 29.96 0.49 -0.61
CA UNK S 21 30.66 0.86 -1.83
C UNK S 21 29.69 1.23 -2.95
N UNK S 22 28.70 0.38 -3.18
CA UNK S 22 27.70 0.64 -4.22
C UNK S 22 26.43 -0.12 -3.89
N UNK S 23 25.33 0.60 -3.85
CA UNK S 23 24.03 -0.04 -3.63
C UNK S 23 22.93 0.56 -4.48
N UNK S 24 23.24 1.31 -5.54
CA UNK S 24 22.21 1.82 -6.44
C UNK S 24 21.31 0.71 -6.95
N UNK S 25 21.89 -0.25 -7.66
CA UNK S 25 21.16 -1.41 -8.18
C UNK S 25 19.89 -0.98 -8.89
N MET S 26 20.01 -0.05 -9.84
CA MET S 26 18.86 0.55 -10.51
C MET S 26 18.04 -0.52 -11.23
N GLU S 27 18.67 -1.66 -11.53
CA GLU S 27 17.93 -2.76 -12.14
C GLU S 27 16.80 -3.25 -11.24
N VAL S 28 16.90 -3.01 -9.92
CA VAL S 28 15.84 -3.39 -9.00
C VAL S 28 14.50 -2.84 -9.49
N ASN S 29 13.47 -3.69 -9.41
CA ASN S 29 12.21 -3.41 -10.09
C ASN S 29 11.56 -2.12 -9.61
N ILE S 30 11.79 -1.73 -8.36
CA ILE S 30 11.17 -0.55 -7.76
C ILE S 30 9.66 -0.74 -7.65
N LEU S 31 9.07 -1.40 -8.65
CA LEU S 31 7.62 -1.75 -8.59
C LEU S 31 7.49 -2.80 -7.50
N GLY S 32 8.57 -3.48 -7.16
CA GLY S 32 8.50 -4.41 -6.05
C GLY S 32 8.14 -3.74 -4.74
N VAL S 33 8.41 -2.45 -4.61
CA VAL S 33 8.01 -1.73 -3.40
C VAL S 33 6.49 -1.69 -3.30
N ILE S 34 5.82 -1.40 -4.42
CA ILE S 34 4.36 -1.40 -4.42
C ILE S 34 3.82 -2.82 -4.26
N ALA S 35 4.46 -3.78 -4.91
CA ALA S 35 4.05 -5.17 -4.78
C ALA S 35 4.20 -5.64 -3.35
N THR S 36 5.32 -5.31 -2.70
CA THR S 36 5.53 -5.72 -1.32
C THR S 36 4.60 -4.96 -0.39
N ALA S 37 4.38 -3.67 -0.63
CA ALA S 37 3.48 -2.91 0.23
C ALA S 37 2.05 -3.40 0.10
N LEU S 38 1.58 -3.62 -1.13
CA LEU S 38 0.21 -4.08 -1.32
C LEU S 38 0.02 -5.49 -0.80
N PHE S 39 1.01 -6.35 -0.97
CA PHE S 39 0.88 -7.72 -0.47
C PHE S 39 0.91 -7.78 1.05
N ILE S 40 1.43 -6.75 1.70
CA ILE S 40 1.45 -6.73 3.17
C ILE S 40 0.15 -6.14 3.69
N ILE S 41 -0.17 -4.93 3.24
CA ILE S 41 -1.25 -4.17 3.86
C ILE S 41 -2.61 -4.81 3.58
N ILE S 42 -2.84 -5.22 2.33
CA ILE S 42 -4.17 -5.71 1.94
C ILE S 42 -4.56 -6.96 2.72
N PRO S 43 -3.72 -8.00 2.79
CA PRO S 43 -4.11 -9.14 3.65
C PRO S 43 -4.06 -8.82 5.12
N THR S 44 -3.14 -7.96 5.56
CA THR S 44 -3.09 -7.58 6.97
C THR S 44 -4.39 -6.89 7.38
N SER S 45 -4.88 -5.98 6.54
CA SER S 45 -6.13 -5.29 6.83
C SER S 45 -7.28 -6.28 6.90
N PHE S 46 -7.28 -7.26 5.99
CA PHE S 46 -8.34 -8.27 5.99
C PHE S 46 -8.34 -9.05 7.30
N LEU S 47 -7.16 -9.41 7.80
CA LEU S 47 -7.09 -10.15 9.05
C LEU S 47 -7.48 -9.28 10.23
N LEU S 48 -7.06 -8.01 10.22
CA LEU S 48 -7.39 -7.13 11.33
C LEU S 48 -8.87 -6.82 11.39
N ILE S 49 -9.53 -6.74 10.24
CA ILE S 49 -10.97 -6.50 10.22
C ILE S 49 -11.70 -7.64 10.91
N LEU S 50 -11.30 -8.88 10.62
CA LEU S 50 -11.98 -10.02 11.19
C LEU S 50 -11.69 -10.18 12.67
N TYR S 51 -10.45 -9.92 13.08
CA TYR S 51 -10.09 -10.09 14.49
C TYR S 51 -10.81 -9.08 15.38
N VAL S 52 -10.78 -7.80 14.97
CA VAL S 52 -11.44 -6.76 15.77
C VAL S 52 -12.94 -7.02 15.85
N LYS S 53 -13.52 -7.50 14.75
CA LYS S 53 -14.92 -7.92 14.78
C LYS S 53 -15.13 -9.05 15.77
N THR S 54 -14.23 -10.02 15.78
CA THR S 54 -14.34 -11.17 16.66
C THR S 54 -14.06 -10.79 18.12
N ALA S 55 -13.01 -10.01 18.34
CA ALA S 55 -12.60 -9.68 19.71
C ALA S 55 -13.63 -8.84 20.44
N SER S 56 -14.52 -8.15 19.71
CA SER S 56 -15.49 -7.26 20.32
C SER S 56 -16.77 -7.96 20.74
N GLN S 57 -16.95 -9.22 20.38
CA GLN S 57 -18.17 -9.93 20.74
C GLN S 57 -17.91 -10.88 21.90
N VAL T 1 67.73 -44.31 100.63
CA VAL T 1 68.46 -43.32 101.47
C VAL T 1 69.58 -42.70 100.64
N GLU T 2 70.49 -43.53 100.10
CA GLU T 2 71.65 -43.01 99.35
C GLU T 2 71.17 -42.22 98.13
N TRP T 3 70.10 -42.68 97.48
CA TRP T 3 69.65 -42.00 96.22
C TRP T 3 68.19 -41.54 96.34
N TYR T 4 67.49 -41.96 97.39
CA TYR T 4 66.08 -41.54 97.59
C TYR T 4 65.86 -41.17 99.06
N GLY T 5 64.73 -40.51 99.36
CA GLY T 5 64.40 -40.18 100.76
C GLY T 5 65.02 -38.85 101.20
N PRO T 6 64.92 -38.48 102.50
CA PRO T 6 65.43 -37.19 102.97
C PRO T 6 66.96 -37.16 103.11
N ASN T 7 67.61 -38.33 103.02
CA ASN T 7 69.08 -38.39 103.20
C ASN T 7 69.75 -38.44 101.82
N ARG T 8 69.01 -38.11 100.77
CA ARG T 8 69.55 -38.19 99.38
C ARG T 8 70.60 -37.08 99.18
N PRO T 9 71.49 -37.17 98.17
CA PRO T 9 72.45 -36.10 97.90
C PRO T 9 71.75 -34.87 97.32
N GLN T 10 72.40 -33.69 97.41
CA GLN T 10 71.78 -32.43 96.93
C GLN T 10 72.71 -31.75 95.92
N PHE T 11 72.17 -30.87 95.07
CA PHE T 11 72.99 -30.25 94.00
C PHE T 11 74.03 -29.29 94.59
N LEU T 12 73.86 -28.88 95.84
CA LEU T 12 74.80 -27.94 96.44
C LEU T 12 75.56 -28.55 97.61
N GLY T 13 75.71 -29.87 97.59
CA GLY T 13 76.46 -30.56 98.65
C GLY T 13 75.91 -30.28 100.03
N PRO T 14 76.73 -29.85 101.02
CA PRO T 14 76.25 -29.63 102.38
C PRO T 14 75.11 -28.61 102.38
N PHE T 15 75.38 -27.41 101.82
CA PHE T 15 74.34 -26.35 101.72
C PHE T 15 73.13 -26.92 100.98
N SER T 16 72.23 -27.58 101.71
CA SER T 16 71.07 -28.24 101.06
C SER T 16 69.75 -27.74 101.66
N ASN T 17 68.96 -27.02 100.86
CA ASN T 17 67.63 -26.55 101.32
C ASN T 17 66.60 -27.01 100.29
N PRO T 18 66.33 -28.32 100.18
CA PRO T 18 65.44 -28.84 99.13
C PRO T 18 64.05 -28.19 99.14
N PRO T 19 63.48 -27.84 97.97
CA PRO T 19 62.13 -27.29 97.91
C PRO T 19 61.18 -28.31 98.53
N SER T 20 60.09 -27.85 99.15
CA SER T 20 59.16 -28.79 99.84
C SER T 20 58.67 -29.87 98.88
N TYR T 21 58.29 -29.50 97.66
CA TYR T 21 57.73 -30.47 96.69
C TYR T 21 58.79 -31.52 96.31
N LEU T 22 60.08 -31.16 96.39
CA LEU T 22 61.15 -32.14 96.12
C LEU T 22 61.39 -32.96 97.40
N LYS T 23 60.88 -34.19 97.46
CA LYS T 23 60.97 -34.99 98.70
C LYS T 23 61.70 -36.31 98.41
N GLY T 24 62.53 -36.34 97.37
CA GLY T 24 63.30 -37.55 97.03
C GLY T 24 62.39 -38.74 96.78
N GLU T 25 61.27 -38.52 96.08
CA GLU T 25 60.33 -39.62 95.75
C GLU T 25 60.61 -40.10 94.32
N PHE T 26 61.27 -39.28 93.52
CA PHE T 26 61.52 -39.64 92.10
C PHE T 26 63.03 -39.69 91.84
N PRO T 27 63.49 -40.42 90.80
CA PRO T 27 64.91 -40.56 90.51
C PRO T 27 65.57 -39.21 90.19
N GLY T 28 66.85 -39.05 90.52
CA GLY T 28 67.58 -37.81 90.19
C GLY T 28 67.05 -36.60 90.93
N ASP T 29 66.50 -36.79 92.13
CA ASP T 29 66.02 -35.63 92.93
C ASP T 29 67.18 -35.11 93.78
N TYR T 30 67.90 -34.10 93.28
CA TYR T 30 69.01 -33.49 94.06
C TYR T 30 68.47 -32.19 94.68
N GLY T 31 67.14 -32.04 94.71
CA GLY T 31 66.52 -30.83 95.29
C GLY T 31 66.93 -29.57 94.53
N TRP T 32 66.87 -29.60 93.20
CA TRP T 32 67.27 -28.43 92.39
C TRP T 32 66.08 -27.86 91.61
N ASP T 33 65.24 -27.04 92.26
CA ASP T 33 64.18 -26.35 91.56
C ASP T 33 64.18 -24.89 91.99
N THR T 34 65.35 -24.26 91.92
CA THR T 34 65.51 -22.89 92.41
C THR T 34 64.55 -21.92 91.73
N ALA T 35 64.16 -22.19 90.49
CA ALA T 35 63.21 -21.34 89.80
C ALA T 35 61.76 -21.67 90.12
N GLY T 36 61.51 -22.76 90.84
CA GLY T 36 60.15 -23.12 91.20
C GLY T 36 59.28 -23.48 90.02
N LEU T 37 59.85 -24.08 88.98
CA LEU T 37 59.08 -24.37 87.78
C LEU T 37 58.11 -25.53 88.00
N SER T 38 58.52 -26.52 88.80
CA SER T 38 57.71 -27.70 89.05
C SER T 38 56.95 -27.62 90.37
N ALA T 39 56.54 -26.43 90.79
CA ALA T 39 55.76 -26.30 92.00
C ALA T 39 54.40 -26.99 91.86
N ASP T 40 53.80 -26.89 90.68
CA ASP T 40 52.54 -27.56 90.42
C ASP T 40 52.77 -29.06 90.26
N PRO T 41 52.10 -29.90 91.04
CA PRO T 41 52.34 -31.35 90.93
C PRO T 41 52.06 -31.91 89.55
N GLU T 42 51.06 -31.40 88.85
CA GLU T 42 50.78 -31.87 87.50
C GLU T 42 51.91 -31.49 86.55
N THR T 43 52.41 -30.25 86.69
CA THR T 43 53.48 -29.77 85.79
C THR T 43 54.78 -30.52 86.09
N PHE T 44 55.06 -30.78 87.37
CA PHE T 44 56.28 -31.53 87.76
C PHE T 44 56.25 -32.89 87.07
N ALA T 45 55.11 -33.58 87.14
CA ALA T 45 54.98 -34.90 86.48
C ALA T 45 55.35 -34.75 85.00
N ARG T 46 54.75 -33.77 84.32
CA ARG T 46 55.02 -33.57 82.91
C ARG T 46 56.50 -33.25 82.68
N TYR T 47 57.10 -32.50 83.60
CA TYR T 47 58.52 -32.09 83.43
C TYR T 47 59.43 -33.31 83.63
N ARG T 48 59.07 -34.20 84.57
CA ARG T 48 59.90 -35.41 84.83
C ARG T 48 59.93 -36.28 83.57
N GLU T 49 58.78 -36.43 82.91
CA GLU T 49 58.70 -37.25 81.68
C GLU T 49 59.57 -36.63 80.59
N LEU T 50 59.49 -35.30 80.42
CA LEU T 50 60.31 -34.61 79.40
C LEU T 50 61.79 -34.86 79.68
N GLU T 51 62.20 -34.78 80.95
CA GLU T 51 63.62 -34.97 81.31
C GLU T 51 64.08 -36.38 80.90
N VAL T 52 63.29 -37.40 81.24
CA VAL T 52 63.70 -38.80 80.96
C VAL T 52 63.79 -39.00 79.44
N ILE T 53 62.77 -38.54 78.70
CA ILE T 53 62.76 -38.71 77.22
C ILE T 53 63.94 -37.94 76.62
N HIS T 54 64.15 -36.71 77.07
CA HIS T 54 65.30 -35.89 76.58
C HIS T 54 66.61 -36.61 76.90
N ALA T 55 66.71 -37.16 78.11
CA ALA T 55 67.94 -37.86 78.54
C ALA T 55 68.22 -39.07 77.64
N ARG T 56 67.19 -39.87 77.39
CA ARG T 56 67.37 -41.09 76.56
C ARG T 56 67.75 -40.68 75.13
N TRP T 57 67.10 -39.64 74.60
CA TRP T 57 67.45 -39.14 73.24
C TRP T 57 68.89 -38.59 73.26
N ALA T 58 69.24 -37.83 74.30
CA ALA T 58 70.58 -37.27 74.40
C ALA T 58 71.64 -38.35 74.48
N MET T 59 71.36 -39.43 75.20
CA MET T 59 72.32 -40.52 75.31
C MET T 59 72.55 -41.18 73.95
N LEU T 60 71.48 -41.40 73.19
CA LEU T 60 71.64 -41.93 71.84
C LEU T 60 72.36 -40.92 70.95
N GLY T 61 72.01 -39.65 71.07
CA GLY T 61 72.65 -38.63 70.26
C GLY T 61 74.12 -38.46 70.57
N ALA T 62 74.48 -38.46 71.85
CA ALA T 62 75.87 -38.26 72.25
C ALA T 62 76.75 -39.38 71.72
N LEU T 63 76.30 -40.62 71.84
CA LEU T 63 77.05 -41.73 71.27
C LEU T 63 77.01 -41.70 69.75
N GLY T 64 75.89 -41.28 69.18
CA GLY T 64 75.78 -41.24 67.72
C GLY T 64 76.48 -40.07 67.07
N CYS T 65 76.80 -39.03 67.84
CA CYS T 65 77.48 -37.87 67.30
C CYS T 65 79.00 -38.00 67.34
N VAL T 66 79.55 -39.04 67.97
CA VAL T 66 80.99 -39.20 68.05
C VAL T 66 81.40 -40.49 67.36
N THR T 67 80.47 -41.43 67.23
CA THR T 67 80.82 -42.73 66.68
C THR T 67 81.31 -42.64 65.24
N PRO T 68 80.61 -41.96 64.33
CA PRO T 68 81.18 -41.81 62.98
C PRO T 68 82.51 -41.08 62.96
N GLU T 69 82.69 -40.11 63.85
CA GLU T 69 83.93 -39.34 63.84
C GLU T 69 85.08 -40.14 64.44
N LEU T 70 84.80 -40.91 65.49
CA LEU T 70 85.84 -41.73 66.10
C LEU T 70 86.36 -42.78 65.12
N LEU T 71 85.44 -43.36 64.35
CA LEU T 71 85.85 -44.39 63.36
C LEU T 71 86.69 -43.73 62.27
N GLN T 72 86.30 -42.53 61.84
CA GLN T 72 87.04 -41.82 60.75
C GLN T 72 88.44 -41.46 61.23
N ARG T 73 88.53 -40.80 62.39
CA ARG T 73 89.85 -40.34 62.91
C ARG T 73 90.77 -41.56 63.06
N ASN T 74 90.21 -42.71 63.46
CA ASN T 74 91.03 -43.93 63.70
C ASN T 74 91.17 -44.71 62.39
N GLY T 75 90.74 -44.14 61.27
CA GLY T 75 90.89 -44.80 59.99
C GLY T 75 90.14 -46.11 59.88
N VAL T 76 89.30 -46.39 60.88
CA VAL T 76 88.52 -47.65 60.89
C VAL T 76 87.58 -47.67 59.69
N ALA T 77 86.91 -46.54 59.41
CA ALA T 77 85.94 -46.48 58.30
C ALA T 77 85.95 -45.09 57.66
N ASN T 78 85.47 -44.99 56.41
CA ASN T 78 85.43 -43.68 55.70
C ASN T 78 83.96 -43.27 55.51
N PHE T 79 83.60 -42.06 55.94
CA PHE T 79 82.22 -41.56 55.79
C PHE T 79 82.24 -40.33 54.88
N GLY T 80 81.18 -40.11 54.10
CA GLY T 80 81.10 -38.91 53.26
C GLY T 80 81.25 -37.66 54.10
N GLU T 81 80.69 -37.69 55.32
CA GLU T 81 80.83 -36.54 56.26
C GLU T 81 80.72 -37.11 57.67
N ALA T 82 81.86 -37.31 58.34
CA ALA T 82 81.84 -37.95 59.66
C ALA T 82 81.35 -37.00 60.74
N VAL T 83 81.67 -35.70 60.61
CA VAL T 83 81.28 -34.73 61.63
C VAL T 83 79.77 -34.69 61.73
N TRP T 84 79.25 -34.70 62.96
CA TRP T 84 77.78 -34.79 63.15
C TRP T 84 77.02 -33.65 62.47
N PHE T 85 77.48 -32.40 62.63
CA PHE T 85 76.70 -31.26 62.08
C PHE T 85 76.86 -31.19 60.56
N LYS T 86 77.43 -32.23 59.96
CA LYS T 86 77.61 -32.27 58.49
C LYS T 86 77.03 -33.58 57.93
N ALA T 87 76.63 -34.51 58.80
CA ALA T 87 76.17 -35.81 58.32
C ALA T 87 74.91 -35.68 57.47
N GLY T 88 74.05 -34.73 57.82
CA GLY T 88 72.83 -34.56 57.05
C GLY T 88 73.09 -34.18 55.61
N ALA T 89 74.17 -33.47 55.35
CA ALA T 89 74.50 -33.05 53.99
C ALA T 89 74.91 -34.21 53.10
N GLN T 90 75.14 -35.40 53.68
CA GLN T 90 75.58 -36.54 52.87
C GLN T 90 74.53 -36.95 51.85
N ILE T 91 73.26 -36.69 52.13
CA ILE T 91 72.20 -37.14 51.22
C ILE T 91 72.31 -36.44 49.88
N PHE T 92 72.90 -35.25 49.83
CA PHE T 92 73.02 -34.49 48.60
C PHE T 92 74.32 -34.77 47.86
N GLN T 93 75.15 -35.67 48.36
CA GLN T 93 76.37 -36.01 47.66
C GLN T 93 76.06 -36.92 46.48
N GLU T 94 77.09 -37.20 45.69
CA GLU T 94 76.97 -37.90 44.41
C GLU T 94 76.33 -39.27 44.55
N GLY T 95 76.97 -40.18 45.27
CA GLY T 95 76.45 -41.53 45.41
C GLY T 95 75.38 -41.68 46.46
N GLY T 96 75.04 -40.62 47.16
CA GLY T 96 74.05 -40.70 48.21
C GLY T 96 74.67 -41.04 49.54
N LEU T 97 73.81 -41.51 50.45
CA LEU T 97 74.21 -41.81 51.82
C LEU T 97 74.46 -43.31 51.94
N ASP T 98 75.71 -43.68 52.13
CA ASP T 98 76.11 -45.08 52.31
C ASP T 98 76.53 -45.27 53.75
N TYR T 99 75.91 -46.25 54.42
CA TYR T 99 76.22 -46.48 55.86
C TYR T 99 77.64 -47.02 56.00
N LEU T 100 78.47 -46.38 56.84
CA LEU T 100 79.87 -46.82 57.06
C LEU T 100 80.65 -46.73 55.76
N GLY T 101 80.10 -46.07 54.75
CA GLY T 101 80.80 -45.88 53.47
C GLY T 101 80.61 -47.05 52.52
N ASN T 102 80.09 -48.18 53.02
CA ASN T 102 79.90 -49.39 52.18
C ASN T 102 78.71 -49.15 51.25
N PRO T 103 78.91 -49.09 49.91
CA PRO T 103 77.81 -48.81 48.98
C PRO T 103 76.67 -49.82 49.04
N SER T 104 76.85 -50.95 49.70
CA SER T 104 75.83 -51.98 49.76
C SER T 104 74.88 -51.81 50.95
N LEU T 105 75.09 -50.79 51.78
CA LEU T 105 74.30 -50.59 52.98
C LEU T 105 73.42 -49.35 52.80
N ILE T 106 72.11 -49.53 52.94
CA ILE T 106 71.12 -48.46 52.90
C ILE T 106 71.15 -47.78 51.53
N HIS T 107 72.25 -47.09 51.24
CA HIS T 107 72.47 -46.46 49.94
C HIS T 107 71.32 -45.52 49.58
N ALA T 108 70.91 -44.72 50.55
CA ALA T 108 69.76 -43.83 50.36
C ALA T 108 70.09 -42.72 49.38
N GLN T 109 69.06 -42.28 48.64
CA GLN T 109 69.27 -41.28 47.60
C GLN T 109 68.37 -40.06 47.70
N SER T 110 67.17 -40.15 48.27
CA SER T 110 66.24 -39.03 48.31
C SER T 110 65.94 -38.64 49.74
N ILE T 111 66.01 -37.34 50.03
CA ILE T 111 65.69 -36.85 51.37
C ILE T 111 64.19 -36.97 51.63
N VAL T 112 63.38 -36.90 50.57
CA VAL T 112 61.93 -36.98 50.74
C VAL T 112 61.54 -38.36 51.26
N ALA T 113 62.19 -39.41 50.77
CA ALA T 113 61.91 -40.75 51.27
C ALA T 113 62.31 -40.88 52.74
N ILE T 114 63.44 -40.28 53.11
CA ILE T 114 63.88 -40.33 54.51
C ILE T 114 62.89 -39.57 55.39
N LEU T 115 62.46 -38.40 54.94
CA LEU T 115 61.55 -37.59 55.74
C LEU T 115 60.18 -38.26 55.88
N LEU T 116 59.61 -38.71 54.76
CA LEU T 116 58.28 -39.30 54.80
C LEU T 116 58.25 -40.58 55.62
N THR T 117 59.28 -41.42 55.47
CA THR T 117 59.32 -42.65 56.26
C THR T 117 59.47 -42.35 57.74
N GLN T 118 60.29 -41.36 58.09
CA GLN T 118 60.45 -41.00 59.48
C GLN T 118 59.16 -40.44 60.06
N LEU T 119 58.43 -39.66 59.26
CA LEU T 119 57.14 -39.15 59.72
C LEU T 119 56.18 -40.28 60.05
N VAL T 120 56.11 -41.29 59.19
CA VAL T 120 55.22 -42.41 59.46
C VAL T 120 55.76 -43.28 60.58
N LEU T 121 57.04 -43.61 60.53
CA LEU T 121 57.61 -44.53 61.51
C LEU T 121 57.63 -43.92 62.91
N MET T 122 58.16 -42.69 63.02
CA MET T 122 58.21 -42.05 64.33
C MET T 122 56.84 -41.59 64.79
N GLY T 123 55.94 -41.32 63.84
CA GLY T 123 54.58 -40.97 64.22
C GLY T 123 53.87 -42.10 64.93
N LEU T 124 54.03 -43.32 64.42
CA LEU T 124 53.46 -44.48 65.10
C LEU T 124 54.18 -44.76 66.41
N ILE T 125 55.51 -44.70 66.40
CA ILE T 125 56.30 -45.02 67.59
C ILE T 125 55.92 -44.13 68.75
N GLU T 126 55.89 -42.81 68.50
CA GLU T 126 55.56 -41.88 69.57
C GLU T 126 54.09 -42.04 69.98
N GLY T 127 53.23 -42.37 69.03
CA GLY T 127 51.85 -42.68 69.38
C GLY T 127 51.76 -43.92 70.25
N TYR T 128 52.56 -44.93 69.95
CA TYR T 128 52.57 -46.12 70.80
C TYR T 128 53.10 -45.79 72.19
N ARG T 129 54.05 -44.88 72.27
CA ARG T 129 54.67 -44.57 73.55
C ARG T 129 53.70 -43.87 74.50
N VAL T 130 52.82 -43.03 73.94
CA VAL T 130 51.89 -42.22 74.78
C VAL T 130 50.51 -42.89 74.89
N ASN T 131 50.09 -43.64 73.87
CA ASN T 131 48.73 -44.24 73.88
C ASN T 131 48.82 -45.75 74.07
N GLY T 132 50.03 -46.32 74.00
CA GLY T 132 50.16 -47.78 74.08
C GLY T 132 49.96 -48.40 72.71
N GLY T 133 50.41 -49.65 72.52
CA GLY T 133 50.30 -50.28 71.23
C GLY T 133 50.76 -51.71 71.22
N PRO T 134 51.50 -52.08 70.18
CA PRO T 134 51.88 -53.49 70.01
C PRO T 134 52.71 -54.04 71.16
N ALA T 135 53.58 -53.23 71.74
CA ALA T 135 54.45 -53.72 72.81
C ALA T 135 53.70 -53.85 74.11
N GLY T 136 52.54 -53.19 74.21
CA GLY T 136 51.72 -53.30 75.43
C GLY T 136 50.94 -52.02 75.69
N GLU T 137 49.90 -52.11 76.51
CA GLU T 137 49.09 -50.92 76.86
C GLU T 137 48.83 -50.94 78.37
N GLY T 138 48.84 -49.78 79.02
CA GLY T 138 48.68 -49.72 80.48
C GLY T 138 50.02 -49.77 81.18
N LEU T 139 51.11 -49.88 80.41
CA LEU T 139 52.47 -49.96 81.00
C LEU T 139 52.90 -48.55 81.45
N ASP T 140 53.81 -48.47 82.42
CA ASP T 140 54.32 -47.15 82.89
C ASP T 140 54.74 -46.32 81.67
N ALA T 141 54.48 -45.00 81.70
CA ALA T 141 54.81 -44.14 80.55
C ALA T 141 56.32 -44.06 80.35
N LEU T 142 57.08 -43.81 81.42
CA LEU T 142 58.55 -43.62 81.27
C LEU T 142 59.27 -44.96 81.43
N TYR T 143 58.70 -45.90 82.18
CA TYR T 143 59.38 -47.19 82.43
C TYR T 143 58.43 -48.34 82.09
N PRO T 144 58.13 -48.56 80.80
CA PRO T 144 57.17 -49.60 80.40
C PRO T 144 57.70 -51.00 80.72
N GLY T 145 58.98 -51.25 80.44
CA GLY T 145 59.56 -52.58 80.69
C GLY T 145 59.01 -53.61 79.72
N GLU T 146 58.70 -54.81 80.22
CA GLU T 146 58.16 -55.87 79.37
C GLU T 146 59.05 -56.10 78.16
N ALA T 147 58.53 -55.80 76.97
CA ALA T 147 59.32 -55.98 75.76
C ALA T 147 60.55 -55.08 75.74
N PHE T 148 60.52 -53.99 76.50
CA PHE T 148 61.65 -53.06 76.55
C PHE T 148 62.59 -53.34 77.70
N ASP T 149 62.35 -54.40 78.46
CA ASP T 149 63.32 -54.93 79.42
C ASP T 149 63.43 -56.45 79.25
N PRO T 150 63.87 -56.91 78.08
CA PRO T 150 63.98 -58.36 77.87
C PRO T 150 64.98 -59.03 78.80
N LEU T 151 66.07 -58.34 79.14
CA LEU T 151 67.07 -58.93 80.02
C LEU T 151 66.60 -58.98 81.47
N GLY T 152 65.50 -58.32 81.81
CA GLY T 152 65.01 -58.33 83.17
C GLY T 152 65.95 -57.69 84.16
N LEU T 153 66.71 -56.68 83.73
CA LEU T 153 67.64 -56.02 84.63
C LEU T 153 66.93 -55.20 85.70
N ALA T 154 65.62 -54.97 85.54
CA ALA T 154 64.83 -54.22 86.50
C ALA T 154 63.88 -55.09 87.30
N ASP T 155 64.13 -56.41 87.34
CA ASP T 155 63.23 -57.30 88.07
C ASP T 155 63.22 -56.98 89.56
N ASP T 156 64.39 -56.73 90.13
CA ASP T 156 64.49 -56.35 91.56
C ASP T 156 64.04 -54.90 91.72
N PRO T 157 63.00 -54.60 92.51
CA PRO T 157 62.55 -53.22 92.73
C PRO T 157 63.72 -52.33 93.18
N ASP T 158 64.56 -52.83 94.09
CA ASP T 158 65.70 -52.03 94.60
C ASP T 158 66.65 -51.70 93.45
N THR T 159 67.02 -52.73 92.67
CA THR T 159 67.94 -52.51 91.52
C THR T 159 67.28 -51.55 90.54
N PHE T 160 65.97 -51.72 90.30
CA PHE T 160 65.26 -50.86 89.31
C PHE T 160 65.36 -49.40 89.76
N ALA T 161 65.13 -49.14 91.04
CA ALA T 161 65.18 -47.76 91.57
C ALA T 161 66.58 -47.17 91.35
N GLU T 162 67.62 -47.92 91.73
CA GLU T 162 69.02 -47.43 91.58
C GLU T 162 69.33 -47.25 90.11
N LEU T 163 68.94 -48.22 89.28
CA LEU T 163 69.28 -48.18 87.83
C LEU T 163 68.53 -47.01 87.19
N LYS T 164 67.36 -46.65 87.71
CA LYS T 164 66.62 -45.46 87.20
C LYS T 164 67.43 -44.20 87.50
N VAL T 165 68.02 -44.12 88.70
CA VAL T 165 68.88 -42.96 89.06
C VAL T 165 70.09 -42.95 88.11
N LYS T 166 70.63 -44.12 87.80
CA LYS T 166 71.78 -44.21 86.86
C LYS T 166 71.35 -43.69 85.49
N GLU T 167 70.14 -44.05 85.04
CA GLU T 167 69.67 -43.61 83.74
C GLU T 167 69.63 -42.09 83.65
N LEU T 168 69.10 -41.44 84.68
CA LEU T 168 69.02 -40.00 84.67
C LEU T 168 70.40 -39.36 84.75
N LYS T 169 71.28 -39.91 85.58
CA LYS T 169 72.59 -39.29 85.77
C LYS T 169 73.46 -39.45 84.53
N ASN T 170 73.46 -40.63 83.91
CA ASN T 170 74.09 -40.76 82.61
C ASN T 170 73.37 -39.90 81.58
N GLY T 171 72.04 -39.86 81.66
CA GLY T 171 71.28 -39.06 80.71
C GLY T 171 71.52 -37.57 80.85
N ARG T 172 71.52 -37.07 82.09
CA ARG T 172 71.77 -35.65 82.29
C ARG T 172 73.16 -35.27 81.82
N LEU T 173 74.15 -36.13 82.07
CA LEU T 173 75.49 -35.87 81.55
C LEU T 173 75.51 -35.85 80.03
N ALA T 174 74.73 -36.73 79.41
CA ALA T 174 74.67 -36.77 77.93
C ALA T 174 74.02 -35.48 77.41
N MET T 175 72.99 -34.98 78.10
CA MET T 175 72.28 -33.76 77.66
C MET T 175 73.24 -32.56 77.69
N VAL T 176 74.03 -32.46 78.76
CA VAL T 176 75.02 -31.34 78.88
C VAL T 176 76.01 -31.44 77.73
N SER T 177 76.50 -32.66 77.45
CA SER T 177 77.51 -32.86 76.38
C SER T 177 76.92 -32.45 75.03
N MET T 178 75.64 -32.75 74.81
CA MET T 178 74.99 -32.40 73.53
C MET T 178 75.00 -30.87 73.37
N LEU T 179 74.68 -30.13 74.44
CA LEU T 179 74.74 -28.65 74.37
C LEU T 179 76.19 -28.26 74.05
N GLY T 180 77.16 -28.92 74.67
CA GLY T 180 78.57 -28.64 74.39
C GLY T 180 78.89 -28.86 72.92
N PHE T 181 78.51 -30.01 72.38
CA PHE T 181 78.75 -30.31 70.95
C PHE T 181 78.19 -29.16 70.10
N GLY T 182 76.92 -28.81 70.32
CA GLY T 182 76.28 -27.73 69.54
C GLY T 182 77.04 -26.42 69.67
N VAL T 183 77.24 -25.94 70.89
CA VAL T 183 77.93 -24.63 71.11
C VAL T 183 79.35 -24.73 70.53
N GLN T 184 80.09 -25.78 70.88
CA GLN T 184 81.48 -25.93 70.39
C GLN T 184 81.46 -25.99 68.86
N GLY T 185 80.54 -26.76 68.29
CA GLY T 185 80.45 -26.88 66.82
C GLY T 185 80.12 -25.55 66.18
N LEU T 186 79.21 -24.78 66.78
CA LEU T 186 78.82 -23.46 66.23
C LEU T 186 80.02 -22.50 66.29
N ILE T 187 80.86 -22.64 67.32
CA ILE T 187 82.03 -21.72 67.49
C ILE T 187 83.25 -22.28 66.75
N THR T 188 83.74 -23.44 67.15
CA THR T 188 84.96 -24.03 66.54
C THR T 188 84.69 -24.41 65.07
N ARG T 189 83.45 -24.81 64.76
CA ARG T 189 83.10 -25.26 63.38
C ARG T 189 83.87 -26.55 63.10
N LYS T 190 84.28 -27.26 64.15
CA LYS T 190 85.01 -28.55 63.99
C LYS T 190 84.28 -29.62 64.81
N GLY T 191 84.48 -30.90 64.44
CA GLY T 191 83.84 -32.00 65.17
C GLY T 191 84.26 -32.04 66.63
N PRO T 192 83.44 -32.57 67.56
CA PRO T 192 83.77 -32.56 68.99
C PRO T 192 85.04 -33.38 69.27
N ILE T 193 85.20 -34.52 68.60
CA ILE T 193 86.39 -35.39 68.81
C ILE T 193 87.64 -34.61 68.39
N GLU T 194 87.57 -33.91 67.26
CA GLU T 194 88.72 -33.09 66.78
C GLU T 194 89.01 -32.01 67.82
N ASN T 195 87.97 -31.38 68.36
CA ASN T 195 88.15 -30.30 69.37
C ASN T 195 88.87 -30.88 70.59
N LEU T 196 88.47 -32.07 71.03
CA LEU T 196 89.12 -32.71 72.21
C LEU T 196 90.60 -32.96 71.91
N ALA T 197 90.88 -33.48 70.72
CA ALA T 197 92.29 -33.72 70.32
C ALA T 197 93.07 -32.41 70.44
N ASP T 198 92.49 -31.31 69.97
CA ASP T 198 93.19 -30.00 70.02
C ASP T 198 93.51 -29.64 71.47
N HIS T 199 92.51 -29.75 72.37
CA HIS T 199 92.73 -29.38 73.79
C HIS T 199 93.85 -30.24 74.37
N LEU T 200 93.85 -31.54 74.06
CA LEU T 200 94.88 -32.46 74.61
C LEU T 200 96.24 -32.11 74.00
N ALA T 201 96.27 -31.71 72.73
CA ALA T 201 97.55 -31.38 72.05
C ALA T 201 98.18 -30.14 72.70
N ALA T 202 97.40 -29.07 72.86
CA ALA T 202 97.92 -27.83 73.48
C ALA T 202 96.81 -27.18 74.31
N PRO T 203 96.51 -27.66 75.54
CA PRO T 203 95.37 -27.13 76.30
C PRO T 203 95.49 -25.65 76.64
N ASP T 204 96.71 -25.15 76.81
CA ASP T 204 96.90 -23.74 77.25
C ASP T 204 96.70 -22.78 76.07
N ALA T 205 96.64 -23.29 74.83
CA ALA T 205 96.56 -22.39 73.67
C ALA T 205 95.24 -22.58 72.90
N THR T 206 94.65 -23.78 72.97
CA THR T 206 93.43 -24.06 72.17
C THR T 206 92.17 -23.97 73.04
N ASN T 207 92.32 -23.64 74.32
CA ASN T 207 91.14 -23.47 75.21
C ASN T 207 90.22 -22.40 74.61
N PHE T 208 88.92 -22.45 74.93
CA PHE T 208 87.95 -21.47 74.40
C PHE T 208 88.33 -20.07 74.87
N TRP T 209 88.64 -19.92 76.16
CA TRP T 209 88.92 -18.58 76.72
C TRP T 209 90.05 -17.89 75.94
N VAL T 210 91.06 -18.65 75.50
CA VAL T 210 92.22 -18.04 74.79
C VAL T 210 91.94 -18.03 73.28
N ASP T 211 91.40 -19.13 72.74
CA ASP T 211 91.21 -19.24 71.27
C ASP T 211 90.10 -18.32 70.76
N TYR T 212 88.89 -18.37 71.34
CA TYR T 212 87.76 -17.60 70.76
C TYR T 212 87.24 -16.51 71.69
N ALA T 213 87.26 -16.73 73.01
CA ALA T 213 86.67 -15.75 73.94
C ALA T 213 87.13 -14.33 73.60
N PRO T 214 88.44 -14.06 73.39
CA PRO T 214 88.92 -12.70 73.16
C PRO T 214 88.42 -12.12 71.82
N LYS T 215 87.91 -12.97 70.93
CA LYS T 215 87.42 -12.52 69.60
C LYS T 215 85.90 -12.67 69.54
N SER T 216 85.22 -12.49 70.68
CA SER T 216 83.74 -12.68 70.72
C SER T 216 83.04 -11.32 70.78
N ALA T 217 83.79 -10.24 70.60
CA ALA T 217 83.19 -8.88 70.69
C ALA T 217 83.99 -7.90 69.84
N GLY T 218 83.48 -7.56 68.65
CA GLY T 218 84.16 -6.56 67.79
C GLY T 218 85.06 -7.22 66.75
N ILE T 219 85.53 -8.43 67.04
CA ILE T 219 86.44 -9.16 66.09
C ILE T 219 85.83 -10.53 65.81
N GLY T 220 85.91 -10.99 64.55
CA GLY T 220 85.33 -12.30 64.17
C GLY T 220 86.12 -13.45 64.73
N TYR T 221 85.56 -14.66 64.71
CA TYR T 221 86.29 -15.86 65.19
C TYR T 221 87.28 -16.32 64.12
N LEU U 1 64.65 -6.87 19.95
CA LEU U 1 65.45 -8.09 19.87
C LEU U 1 66.51 -7.98 18.80
N THR U 2 67.77 -8.14 19.19
CA THR U 2 68.84 -8.21 18.23
C THR U 2 68.79 -9.55 17.49
N PHE U 3 69.64 -9.70 16.48
CA PHE U 3 69.65 -10.93 15.71
C PHE U 3 70.04 -12.11 16.59
N ASP U 4 71.03 -11.91 17.47
CA ASP U 4 71.45 -12.98 18.38
C ASP U 4 70.35 -13.32 19.37
N GLN U 5 69.63 -12.32 19.85
CA GLN U 5 68.53 -12.57 20.79
C GLN U 5 67.44 -13.41 20.15
N LEU U 6 67.10 -13.10 18.89
CA LEU U 6 66.07 -13.85 18.19
C LEU U 6 66.46 -15.30 18.00
N GLN U 7 67.72 -15.55 17.64
CA GLN U 7 68.17 -16.91 17.42
C GLN U 7 68.22 -17.72 18.71
N GLY U 8 68.18 -17.07 19.87
CA GLY U 8 68.12 -17.75 21.14
C GLY U 8 66.73 -18.07 21.61
N LEU U 9 65.73 -17.93 20.76
CA LEU U 9 64.34 -18.20 21.09
C LEU U 9 63.84 -19.37 20.27
N THR U 10 63.06 -20.24 20.90
CA THR U 10 62.47 -21.35 20.17
C THR U 10 61.28 -20.86 19.35
N TYR U 11 60.87 -21.68 18.38
CA TYR U 11 59.74 -21.31 17.54
C TYR U 11 58.47 -21.20 18.37
N LEU U 12 58.30 -22.07 19.36
CA LEU U 12 57.11 -22.01 20.20
C LEU U 12 57.11 -20.77 21.09
N GLN U 13 58.27 -20.21 21.37
CA GLN U 13 58.35 -18.97 22.12
C GLN U 13 58.10 -17.74 21.26
N VAL U 14 58.03 -17.91 19.94
CA VAL U 14 57.78 -16.83 19.01
C VAL U 14 56.39 -16.93 18.39
N LYS U 15 55.92 -18.14 18.15
CA LYS U 15 54.64 -18.36 17.51
C LYS U 15 53.52 -17.70 18.30
N GLY U 16 52.89 -16.69 17.68
CA GLY U 16 51.81 -15.95 18.28
C GLY U 16 52.23 -14.66 18.96
N THR U 17 53.52 -14.53 19.31
CA THR U 17 53.97 -13.31 19.99
C THR U 17 53.87 -12.11 19.06
N GLY U 18 54.18 -12.29 17.78
CA GLY U 18 54.21 -11.21 16.83
C GLY U 18 55.59 -10.68 16.53
N ILE U 19 56.63 -11.12 17.24
CA ILE U 19 57.98 -10.67 16.97
C ILE U 19 58.56 -11.32 15.73
N ALA U 20 57.87 -12.30 15.14
CA ALA U 20 58.31 -12.86 13.87
C ALA U 20 58.17 -11.85 12.75
N ASN U 21 57.30 -10.84 12.92
CA ASN U 21 57.11 -9.80 11.92
C ASN U 21 57.90 -8.54 12.23
N THR U 22 59.06 -8.69 12.87
CA THR U 22 59.89 -7.54 13.23
C THR U 22 61.30 -7.77 12.69
N CYS U 23 61.85 -6.77 12.02
CA CYS U 23 63.24 -6.85 11.61
C CYS U 23 64.14 -6.75 12.84
N PRO U 24 65.28 -7.44 12.83
CA PRO U 24 66.20 -7.34 13.95
C PRO U 24 66.72 -5.92 14.12
N THR U 25 66.97 -5.54 15.37
CA THR U 25 67.52 -4.24 15.72
C THR U 25 69.03 -4.37 15.89
N LEU U 26 69.75 -3.39 15.38
CA LEU U 26 71.21 -3.37 15.46
C LEU U 26 71.60 -2.42 16.58
N ASP U 27 71.93 -3.00 17.73
CA ASP U 27 72.43 -2.19 18.83
C ASP U 27 73.95 -2.07 18.75
N SER U 28 74.48 -1.10 19.50
CA SER U 28 75.92 -0.81 19.53
C SER U 28 76.34 -0.48 18.10
N GLY U 29 77.34 -1.14 17.54
CA GLY U 29 77.80 -0.80 16.20
C GLY U 29 78.36 0.60 16.15
N SER U 30 77.95 1.36 15.16
CA SER U 30 78.44 2.71 14.96
C SER U 30 77.47 3.45 14.06
N SER U 31 77.66 4.77 13.97
CA SER U 31 76.85 5.61 13.09
C SER U 31 77.58 6.01 11.82
N ASN U 32 78.79 5.50 11.60
CA ASN U 32 79.60 5.85 10.43
C ASN U 32 79.79 4.61 9.57
N VAL U 33 79.25 4.64 8.35
CA VAL U 33 79.43 3.54 7.42
C VAL U 33 80.89 3.41 7.00
N LYS U 34 81.70 4.42 7.31
CA LYS U 34 83.13 4.38 6.97
C LYS U 34 83.83 3.20 7.63
N ASP U 35 83.30 2.70 8.75
CA ASP U 35 83.88 1.54 9.40
C ASP U 35 83.79 0.30 8.52
N LEU U 36 82.90 0.29 7.55
CA LEU U 36 82.83 -0.79 6.58
C LEU U 36 83.98 -0.66 5.59
N LYS U 37 84.72 -1.74 5.42
CA LYS U 37 85.79 -1.76 4.43
C LYS U 37 85.18 -1.62 3.03
N PRO U 38 85.69 -0.71 2.20
CA PRO U 38 85.14 -0.55 0.86
C PRO U 38 85.24 -1.84 0.06
N GLY U 39 84.21 -2.12 -0.73
CA GLY U 39 84.18 -3.33 -1.52
C GLY U 39 82.75 -3.71 -1.84
N THR U 40 82.61 -4.89 -2.43
CA THR U 40 81.30 -5.42 -2.81
C THR U 40 80.95 -6.54 -1.82
N TYR U 41 80.00 -6.26 -0.94
CA TYR U 41 79.56 -7.25 0.03
C TYR U 41 78.38 -8.05 -0.53
N LYS U 42 78.03 -9.12 0.19
CA LYS U 42 76.86 -9.93 -0.22
C LYS U 42 75.70 -9.62 0.73
N LEU U 43 74.68 -8.89 0.26
CA LEU U 43 73.54 -8.50 1.14
C LEU U 43 72.82 -9.77 1.59
N GLY U 44 72.61 -9.92 2.89
CA GLY U 44 71.91 -11.11 3.43
C GLY U 44 71.03 -10.73 4.60
N LYS U 45 69.93 -11.47 4.80
CA LYS U 45 69.02 -11.22 5.94
C LYS U 45 68.44 -9.81 5.82
N PHE U 46 68.45 -9.24 4.62
CA PHE U 46 67.85 -7.89 4.41
C PHE U 46 66.36 -7.97 4.74
N CYS U 47 65.89 -7.13 5.65
CA CYS U 47 64.46 -7.15 6.05
C CYS U 47 63.97 -5.71 6.24
N MET U 48 62.75 -5.42 5.76
CA MET U 48 62.18 -4.06 5.87
C MET U 48 60.85 -4.13 6.63
N GLU U 49 60.85 -3.70 7.89
CA GLU U 49 59.61 -3.72 8.72
C GLU U 49 58.96 -2.33 8.66
N PRO U 50 57.78 -2.18 8.02
CA PRO U 50 57.10 -0.88 7.98
C PRO U 50 56.72 -0.41 9.37
N THR U 51 56.65 0.91 9.53
CA THR U 51 56.18 1.52 10.75
C THR U 51 54.95 2.39 10.53
N SER U 52 54.53 2.56 9.28
CA SER U 52 53.40 3.41 8.95
C SER U 52 52.99 3.16 7.51
N PHE U 53 51.68 3.19 7.25
CA PHE U 53 51.13 3.15 5.90
C PHE U 53 50.24 4.37 5.74
N THR U 54 50.54 5.22 4.77
CA THR U 54 49.71 6.36 4.43
C THR U 54 49.41 6.33 2.94
N VAL U 55 48.18 6.71 2.58
CA VAL U 55 47.72 6.66 1.20
C VAL U 55 47.30 8.06 0.78
N LYS U 56 47.81 8.50 -0.37
CA LYS U 56 47.49 9.83 -0.87
C LYS U 56 46.06 9.88 -1.37
N GLU U 57 45.33 10.92 -0.98
CA GLU U 57 43.95 11.12 -1.40
C GLU U 57 43.82 12.48 -2.09
N GLU U 58 43.11 12.50 -3.21
CA GLU U 58 42.83 13.76 -3.88
C GLU U 58 41.97 14.64 -3.00
N SER U 59 42.36 15.91 -2.89
CA SER U 59 41.69 16.84 -1.99
C SER U 59 40.41 17.34 -2.64
N GLN U 60 39.27 17.04 -2.03
CA GLN U 60 38.00 17.61 -2.46
C GLN U 60 37.89 19.09 -2.10
N PHE U 61 38.80 19.60 -1.26
CA PHE U 61 38.77 20.98 -0.81
C PHE U 61 39.50 21.87 -1.79
N LYS U 62 39.59 21.43 -3.05
CA LYS U 62 40.33 22.13 -4.10
C LYS U 62 41.78 22.30 -3.69
N GLY U 63 42.50 23.22 -4.35
CA GLY U 63 43.88 23.47 -4.01
C GLY U 63 44.84 22.42 -4.54
N GLY U 64 44.33 21.22 -4.81
CA GLY U 64 45.16 20.15 -5.35
C GLY U 64 46.26 19.71 -4.41
N ASP U 65 46.09 19.92 -3.11
CA ASP U 65 47.08 19.52 -2.12
C ASP U 65 46.80 18.09 -1.63
N ALA U 66 46.91 17.15 -2.57
CA ALA U 66 46.72 15.75 -2.24
C ALA U 66 47.77 15.30 -1.23
N GLU U 67 47.30 14.84 -0.08
CA GLU U 67 48.18 14.48 1.03
C GLU U 67 47.96 13.04 1.44
N PHE U 68 48.96 12.48 2.09
CA PHE U 68 48.90 11.09 2.55
C PHE U 68 48.15 11.04 3.87
N VAL U 69 46.94 10.50 3.83
CA VAL U 69 46.10 10.39 5.02
C VAL U 69 46.47 9.12 5.79
N PRO U 70 46.27 9.09 7.11
CA PRO U 70 46.57 7.87 7.86
C PRO U 70 45.55 6.78 7.58
N THR U 71 45.98 5.55 7.78
CA THR U 71 45.19 4.38 7.46
C THR U 71 45.09 3.46 8.67
N LYS U 72 44.27 2.42 8.53
CA LYS U 72 44.19 1.34 9.50
C LYS U 72 44.54 0.03 8.84
N LEU U 73 45.49 -0.69 9.42
CA LEU U 73 45.90 -1.98 8.87
C LEU U 73 44.77 -2.98 8.97
N MET U 74 44.61 -3.79 7.93
CA MET U 74 43.47 -4.68 7.81
C MET U 74 43.85 -6.15 7.71
N THR U 75 45.09 -6.48 7.41
CA THR U 75 45.49 -7.86 7.18
C THR U 75 46.44 -8.41 8.24
N ARG U 76 46.56 -7.73 9.39
CA ARG U 76 47.35 -8.20 10.51
C ARG U 76 48.83 -8.28 10.16
N LEU U 77 49.62 -8.96 10.99
CA LEU U 77 51.08 -8.88 10.92
C LEU U 77 51.61 -9.76 9.79
N THR U 78 51.44 -9.29 8.56
CA THR U 78 51.91 -10.03 7.39
C THR U 78 52.57 -9.10 6.38
N TYR U 79 53.23 -8.05 6.87
CA TYR U 79 53.63 -6.97 5.99
C TYR U 79 55.11 -6.62 6.00
N THR U 80 55.94 -7.46 6.63
CA THR U 80 57.40 -7.20 6.64
C THR U 80 58.10 -8.06 5.58
N LEU U 81 58.98 -7.45 4.78
CA LEU U 81 59.75 -8.20 3.77
C LEU U 81 61.04 -8.68 4.43
N ASP U 82 61.38 -9.97 4.30
CA ASP U 82 62.58 -10.50 4.99
C ASP U 82 63.28 -11.53 4.11
N GLU U 83 64.45 -12.01 4.54
CA GLU U 83 65.18 -13.07 3.79
C GLU U 83 65.60 -12.53 2.42
N MET U 84 65.47 -11.22 2.23
CA MET U 84 65.86 -10.59 0.93
C MET U 84 67.38 -10.61 0.83
N SER U 85 67.91 -11.04 -0.31
CA SER U 85 69.38 -11.12 -0.49
C SER U 85 69.81 -10.25 -1.67
N GLY U 86 71.12 -10.18 -1.92
CA GLY U 86 71.63 -9.39 -3.06
C GLY U 86 73.08 -8.98 -2.84
N GLN U 87 73.47 -7.86 -3.43
CA GLN U 87 74.83 -7.36 -3.27
C GLN U 87 74.79 -5.94 -2.73
N PHE U 88 75.77 -5.61 -1.90
CA PHE U 88 75.90 -4.29 -1.32
C PHE U 88 77.34 -3.82 -1.55
N LYS U 89 77.49 -2.71 -2.25
CA LYS U 89 78.81 -2.21 -2.63
C LYS U 89 79.07 -0.91 -1.89
N VAL U 90 80.17 -0.88 -1.14
CA VAL U 90 80.55 0.29 -0.35
C VAL U 90 81.75 0.96 -0.99
N ASP U 91 81.67 2.27 -1.15
CA ASP U 91 82.74 3.05 -1.74
C ASP U 91 83.50 3.78 -0.64
N GLY U 92 84.79 4.03 -0.89
CA GLY U 92 85.59 4.78 0.07
C GLY U 92 85.06 6.17 0.32
N SER U 93 84.55 6.82 -0.71
CA SER U 93 83.97 8.16 -0.58
C SER U 93 82.60 8.14 0.09
N GLY U 94 82.14 7.01 0.60
CA GLY U 94 80.85 6.92 1.23
C GLY U 94 79.69 6.59 0.31
N ASN U 95 79.95 6.41 -0.98
CA ASN U 95 78.88 6.07 -1.91
C ASN U 95 78.39 4.65 -1.67
N VAL U 96 77.08 4.46 -1.77
CA VAL U 96 76.42 3.21 -1.45
C VAL U 96 75.54 2.81 -2.62
N GLU U 97 75.61 1.54 -3.01
CA GLU U 97 74.71 1.00 -4.02
C GLU U 97 74.22 -0.36 -3.55
N LEU U 98 72.90 -0.48 -3.39
CA LEU U 98 72.25 -1.70 -2.92
C LEU U 98 71.41 -2.30 -4.03
N LYS U 99 71.43 -3.63 -4.15
CA LYS U 99 70.65 -4.31 -5.22
C LYS U 99 70.03 -5.60 -4.65
N GLU U 100 68.70 -5.66 -4.59
CA GLU U 100 68.01 -6.86 -4.05
C GLU U 100 67.88 -7.90 -5.17
N THR U 101 67.83 -9.18 -4.81
CA THR U 101 67.75 -10.27 -5.82
C THR U 101 66.58 -11.21 -5.50
N ASP U 102 66.64 -11.90 -4.37
CA ASP U 102 65.58 -12.89 -4.01
C ASP U 102 64.94 -12.53 -2.67
N GLY U 103 64.37 -13.51 -1.98
CA GLY U 103 63.73 -13.26 -0.67
C GLY U 103 62.24 -12.98 -0.83
N ILE U 104 61.55 -12.68 0.27
CA ILE U 104 60.11 -12.33 0.19
C ILE U 104 59.95 -11.15 -0.78
N ASP U 105 60.61 -10.02 -0.50
CA ASP U 105 60.61 -8.85 -1.43
C ASP U 105 59.20 -8.49 -1.88
N TYR U 106 58.16 -8.93 -1.16
CA TYR U 106 56.78 -8.52 -1.49
C TYR U 106 55.79 -9.08 -0.47
N ALA U 107 54.73 -8.34 -0.16
CA ALA U 107 53.72 -8.79 0.78
C ALA U 107 52.41 -8.06 0.51
N PRO U 108 51.33 -8.78 0.23
CA PRO U 108 50.03 -8.12 0.06
C PRO U 108 49.58 -7.48 1.35
N VAL U 109 49.19 -6.22 1.27
CA VAL U 109 48.71 -5.45 2.41
C VAL U 109 47.44 -4.72 2.03
N THR U 110 46.46 -4.72 2.92
CA THR U 110 45.23 -3.96 2.74
C THR U 110 45.08 -3.01 3.91
N VAL U 111 44.74 -1.76 3.62
CA VAL U 111 44.47 -0.77 4.65
C VAL U 111 43.15 -0.09 4.33
N GLN U 112 42.54 0.49 5.35
CA GLN U 112 41.25 1.13 5.22
C GLN U 112 41.36 2.62 5.50
N LEU U 113 40.89 3.42 4.56
CA LEU U 113 40.88 4.86 4.63
C LEU U 113 39.68 5.34 5.43
N PRO U 114 39.72 6.57 5.94
CA PRO U 114 38.50 7.17 6.51
C PRO U 114 37.36 7.18 5.51
N GLY U 115 36.22 6.62 5.91
CA GLY U 115 35.11 6.39 5.00
C GLY U 115 34.87 4.93 4.69
N GLY U 116 35.72 4.02 5.16
CA GLY U 116 35.51 2.61 4.94
C GLY U 116 35.99 2.07 3.62
N GLU U 117 36.96 2.73 2.99
CA GLU U 117 37.47 2.30 1.70
C GLU U 117 38.72 1.45 1.92
N ARG U 118 38.65 0.17 1.54
CA ARG U 118 39.80 -0.72 1.62
C ARG U 118 40.67 -0.52 0.39
N VAL U 119 41.91 -0.11 0.60
CA VAL U 119 42.86 0.03 -0.50
C VAL U 119 43.92 -1.06 -0.37
N PRO U 120 43.90 -2.07 -1.23
CA PRO U 120 44.97 -3.07 -1.21
C PRO U 120 46.18 -2.58 -2.00
N PHE U 121 47.35 -3.05 -1.60
CA PHE U 121 48.55 -2.80 -2.37
C PHE U 121 49.54 -3.92 -2.13
N LEU U 122 50.47 -4.07 -3.07
CA LEU U 122 51.50 -5.10 -2.99
C LEU U 122 52.80 -4.42 -2.56
N PHE U 123 52.99 -4.33 -1.25
CA PHE U 123 54.22 -3.79 -0.71
C PHE U 123 55.40 -4.63 -1.12
N SER U 124 56.22 -4.08 -2.02
CA SER U 124 57.35 -4.89 -2.57
C SER U 124 58.59 -4.03 -2.84
N VAL U 125 59.77 -4.63 -2.80
CA VAL U 125 61.03 -3.92 -3.16
C VAL U 125 61.65 -4.72 -4.30
N LYS U 126 60.81 -5.42 -5.07
CA LYS U 126 61.32 -6.30 -6.16
C LYS U 126 62.28 -5.53 -7.06
N GLU U 127 63.42 -6.16 -7.39
CA GLU U 127 64.41 -5.56 -8.28
C GLU U 127 64.80 -4.16 -7.82
N LEU U 128 65.00 -4.02 -6.51
CA LEU U 128 65.39 -2.74 -5.95
C LEU U 128 66.85 -2.46 -6.28
N ASP U 129 67.11 -1.32 -6.91
CA ASP U 129 68.45 -0.89 -7.29
C ASP U 129 68.62 0.53 -6.79
N ALA U 130 69.22 0.67 -5.61
CA ALA U 130 69.38 1.96 -4.96
C ALA U 130 70.83 2.39 -5.00
N LYS U 131 71.08 3.64 -5.37
CA LYS U 131 72.41 4.23 -5.37
C LYS U 131 72.36 5.58 -4.67
N GLY U 132 73.42 5.89 -3.94
CA GLY U 132 73.50 7.17 -3.26
C GLY U 132 74.52 7.09 -2.14
N ASN U 133 74.54 8.17 -1.36
CA ASN U 133 75.45 8.23 -0.23
C ASN U 133 74.84 7.53 0.99
N ALA U 134 75.62 7.50 2.07
CA ALA U 134 75.19 6.79 3.27
C ALA U 134 73.96 7.44 3.90
N ASP U 135 73.93 8.77 3.94
CA ASP U 135 72.80 9.46 4.57
C ASP U 135 71.49 9.19 3.83
N GLY U 136 71.53 9.18 2.50
CA GLY U 136 70.37 8.76 1.73
C GLY U 136 70.74 8.10 0.42
N PHE U 137 70.29 6.88 0.20
CA PHE U 137 70.50 6.19 -1.07
C PHE U 137 69.18 5.59 -1.51
N GLY U 138 68.65 6.10 -2.62
CA GLY U 138 67.37 5.68 -3.14
C GLY U 138 67.48 5.03 -4.51
N GLY U 139 66.35 4.50 -4.95
CA GLY U 139 66.27 3.87 -6.26
C GLY U 139 64.86 3.40 -6.51
N GLU U 140 64.64 2.90 -7.73
CA GLU U 140 63.33 2.42 -8.13
C GLU U 140 63.26 0.91 -8.03
N PHE U 141 62.04 0.41 -7.82
CA PHE U 141 61.80 -1.02 -7.72
C PHE U 141 60.53 -1.36 -8.50
N VAL U 142 60.40 -2.63 -8.85
CA VAL U 142 59.28 -3.12 -9.64
C VAL U 142 58.15 -3.50 -8.72
N VAL U 143 56.97 -2.94 -8.96
CA VAL U 143 55.76 -3.33 -8.24
C VAL U 143 54.90 -4.16 -9.20
N PRO U 144 54.89 -5.47 -9.07
CA PRO U 144 54.09 -6.30 -9.98
C PRO U 144 52.60 -6.14 -9.70
N SER U 145 51.80 -6.68 -10.62
CA SER U 145 50.36 -6.61 -10.47
C SER U 145 49.92 -7.29 -9.19
N TYR U 146 48.95 -6.67 -8.50
CA TYR U 146 48.47 -7.23 -7.24
C TYR U 146 47.87 -8.61 -7.45
N ARG U 147 47.07 -8.77 -8.50
CA ARG U 147 46.47 -10.05 -8.86
C ARG U 147 47.18 -10.62 -10.07
N GLY U 148 47.51 -11.91 -10.01
CA GLY U 148 48.21 -12.56 -11.10
C GLY U 148 47.36 -12.63 -12.36
N ALA U 149 48.00 -13.12 -13.43
CA ALA U 149 47.31 -13.22 -14.71
C ALA U 149 46.22 -14.27 -14.72
N THR U 150 46.23 -15.20 -13.76
CA THR U 150 45.25 -16.27 -13.69
C THR U 150 44.28 -16.11 -12.53
N PHE U 151 44.04 -14.87 -12.10
CA PHE U 151 43.10 -14.58 -11.03
C PHE U 151 41.72 -14.37 -11.64
N LEU U 152 40.76 -15.18 -11.20
CA LEU U 152 39.40 -15.07 -11.72
C LEU U 152 38.57 -14.16 -10.84
N ASP U 153 37.93 -13.18 -11.47
CA ASP U 153 37.03 -12.28 -10.77
C ASP U 153 35.72 -13.00 -10.45
N PRO U 154 34.88 -12.43 -9.59
CA PRO U 154 33.65 -13.12 -9.19
C PRO U 154 32.74 -13.53 -10.35
N LYS U 155 32.96 -13.04 -11.56
CA LYS U 155 32.18 -13.45 -12.71
C LYS U 155 32.93 -14.43 -13.61
N GLY U 156 34.08 -14.92 -13.18
CA GLY U 156 34.85 -15.85 -13.97
C GLY U 156 35.71 -15.22 -15.05
N ARG U 157 35.86 -13.90 -15.05
CA ARG U 157 36.67 -13.22 -16.05
C ARG U 157 38.09 -13.04 -15.53
N GLY U 158 39.06 -13.35 -16.38
CA GLY U 158 40.45 -13.16 -15.99
C GLY U 158 41.31 -12.67 -17.14
N ALA U 159 42.62 -12.64 -16.94
CA ALA U 159 43.54 -12.20 -17.97
C ALA U 159 44.04 -13.35 -18.83
N ALA U 160 44.73 -14.31 -18.21
CA ALA U 160 45.25 -15.47 -18.93
C ALA U 160 44.32 -16.67 -18.83
N THR U 161 43.28 -16.59 -18.02
CA THR U 161 42.33 -17.69 -17.86
C THR U 161 40.98 -17.08 -17.48
N GLY U 162 39.92 -17.60 -18.06
CA GLY U 162 38.57 -17.19 -17.72
C GLY U 162 37.81 -16.67 -18.92
N TYR U 163 36.59 -16.24 -18.64
CA TYR U 163 35.76 -15.64 -19.68
C TYR U 163 36.29 -14.27 -20.07
N ASP U 164 36.01 -13.89 -21.31
CA ASP U 164 36.35 -12.57 -21.81
C ASP U 164 35.13 -11.68 -21.93
N THR U 165 34.01 -12.09 -21.32
CA THR U 165 32.76 -11.36 -21.43
C THR U 165 31.90 -11.66 -20.22
N ALA U 166 30.76 -10.98 -20.15
CA ALA U 166 29.80 -11.19 -19.06
C ALA U 166 28.83 -12.29 -19.48
N VAL U 167 29.14 -13.52 -19.09
CA VAL U 167 28.32 -14.66 -19.50
C VAL U 167 26.94 -14.59 -18.87
N ALA U 168 26.83 -13.91 -17.73
CA ALA U 168 25.53 -13.77 -17.06
C ALA U 168 24.56 -12.97 -17.92
N LEU U 169 25.09 -12.15 -18.82
CA LEU U 169 24.27 -11.34 -19.72
C LEU U 169 24.45 -11.85 -21.14
N PRO U 170 23.67 -12.83 -21.58
CA PRO U 170 23.89 -13.39 -22.93
C PRO U 170 23.71 -12.37 -24.04
N ALA U 171 22.83 -11.40 -23.85
CA ALA U 171 22.58 -10.37 -24.86
C ALA U 171 23.41 -9.12 -24.63
N ALA U 172 23.27 -8.48 -23.46
CA ALA U 172 23.99 -7.24 -23.19
C ALA U 172 25.45 -7.45 -22.89
N GLY U 173 25.91 -8.69 -22.76
CA GLY U 173 27.34 -8.92 -22.62
C GLY U 173 28.07 -8.45 -23.88
N ASP U 174 29.33 -8.04 -23.69
CA ASP U 174 30.19 -7.44 -24.72
C ASP U 174 29.70 -6.07 -25.13
N ASP U 175 28.88 -5.40 -24.34
CA ASP U 175 28.50 -4.04 -24.64
C ASP U 175 29.61 -3.08 -24.23
N GLU U 176 29.46 -1.81 -24.65
CA GLU U 176 30.45 -0.79 -24.32
C GLU U 176 30.52 -0.56 -22.82
N GLU U 177 29.41 -0.80 -22.12
CA GLU U 177 29.39 -0.62 -20.67
C GLU U 177 30.35 -1.58 -19.97
N TYR U 178 30.50 -2.80 -20.47
CA TYR U 178 31.29 -3.82 -19.82
C TYR U 178 32.63 -4.11 -20.50
N LEU U 179 33.01 -3.31 -21.50
CA LEU U 179 34.26 -3.59 -22.21
C LEU U 179 35.46 -3.44 -21.29
N LYS U 180 35.46 -2.42 -20.43
CA LYS U 180 36.58 -2.21 -19.53
C LYS U 180 36.73 -3.36 -18.55
N GLU U 181 35.62 -3.84 -17.99
CA GLU U 181 35.70 -4.90 -17.00
C GLU U 181 36.02 -6.24 -17.63
N ASN U 182 35.53 -6.48 -18.85
CA ASN U 182 35.77 -7.77 -19.50
C ASN U 182 37.25 -7.98 -19.80
N ILE U 183 37.94 -6.92 -20.20
CA ILE U 183 39.35 -7.00 -20.56
C ILE U 183 40.18 -6.69 -19.32
N LYS U 184 41.10 -7.58 -18.99
CA LYS U 184 41.91 -7.46 -17.78
C LYS U 184 43.38 -7.60 -18.13
N SER U 185 44.21 -6.78 -17.49
CA SER U 185 45.64 -6.73 -17.72
C SER U 185 46.37 -6.86 -16.40
N ALA U 186 47.52 -7.53 -16.44
CA ALA U 186 48.35 -7.75 -15.26
C ALA U 186 49.72 -7.10 -15.40
N GLY U 187 49.77 -5.93 -16.02
CA GLY U 187 51.04 -5.22 -16.15
C GLY U 187 51.53 -4.69 -14.82
N ALA U 188 52.84 -4.54 -14.71
CA ALA U 188 53.48 -4.10 -13.48
C ALA U 188 53.66 -2.59 -13.49
N MET U 189 54.10 -2.06 -12.35
CA MET U 189 54.38 -0.63 -12.21
C MET U 189 55.70 -0.49 -11.47
N LYS U 190 56.04 0.74 -11.09
CA LYS U 190 57.31 1.01 -10.43
C LYS U 190 57.12 1.96 -9.27
N GLY U 191 57.99 1.85 -8.28
CA GLY U 191 57.94 2.71 -7.11
C GLY U 191 59.33 3.22 -6.77
N GLN U 192 59.36 4.23 -5.93
CA GLN U 192 60.60 4.88 -5.52
C GLN U 192 60.79 4.70 -4.02
N ALA U 193 61.94 4.18 -3.64
CA ALA U 193 62.28 3.95 -2.23
C ALA U 193 63.58 4.66 -1.91
N VAL U 194 63.61 5.37 -0.80
CA VAL U 194 64.80 6.08 -0.33
C VAL U 194 65.21 5.45 1.00
N PHE U 195 66.40 4.88 1.04
CA PHE U 195 66.91 4.26 2.26
C PHE U 195 67.91 5.18 2.94
N SER U 196 68.19 4.88 4.20
CA SER U 196 69.11 5.66 5.00
C SER U 196 69.77 4.74 6.02
N ILE U 197 71.07 4.89 6.20
CA ILE U 197 71.79 4.07 7.17
C ILE U 197 71.93 4.84 8.48
N ALA U 198 71.53 4.20 9.57
CA ALA U 198 71.61 4.80 10.89
C ALA U 198 72.58 4.10 11.83
N LYS U 199 72.71 2.78 11.73
CA LYS U 199 73.63 2.02 12.55
C LYS U 199 74.38 1.03 11.67
N VAL U 200 75.67 0.88 11.91
CA VAL U 200 76.50 -0.04 11.17
C VAL U 200 77.47 -0.69 12.15
N ASP U 201 77.47 -2.02 12.19
CA ASP U 201 78.37 -2.78 13.05
C ASP U 201 79.39 -3.47 12.16
N ALA U 202 80.59 -2.90 12.09
CA ALA U 202 81.62 -3.45 11.23
C ALA U 202 82.04 -4.85 11.68
N ALA U 203 82.13 -5.06 12.99
CA ALA U 203 82.62 -6.34 13.49
C ALA U 203 81.71 -7.49 13.06
N THR U 204 80.40 -7.30 13.17
CA THR U 204 79.44 -8.33 12.80
C THR U 204 78.94 -8.18 11.37
N GLY U 205 79.33 -7.13 10.67
CA GLY U 205 78.87 -6.95 9.31
C GLY U 205 77.37 -6.74 9.19
N GLU U 206 76.81 -5.92 10.08
CA GLU U 206 75.38 -5.67 10.11
C GLU U 206 75.12 -4.18 10.00
N ILE U 207 74.11 -3.83 9.20
CA ILE U 207 73.72 -2.44 9.00
C ILE U 207 72.22 -2.32 9.25
N ALA U 208 71.79 -1.12 9.59
CA ALA U 208 70.39 -0.84 9.88
C ALA U 208 70.10 0.61 9.59
N GLY U 209 68.82 0.95 9.55
CA GLY U 209 68.43 2.31 9.26
C GLY U 209 66.93 2.40 9.04
N VAL U 210 66.53 3.44 8.33
CA VAL U 210 65.14 3.71 8.01
C VAL U 210 64.98 3.78 6.51
N PHE U 211 63.74 3.68 6.06
CA PHE U 211 63.44 3.80 4.64
C PHE U 211 62.10 4.49 4.46
N GLU U 212 61.90 5.02 3.26
CA GLU U 212 60.61 5.58 2.86
C GLU U 212 60.35 5.13 1.43
N SER U 213 59.20 4.52 1.20
CA SER U 213 58.86 3.96 -0.10
C SER U 213 57.53 4.54 -0.56
N VAL U 214 57.43 4.87 -1.84
CA VAL U 214 56.20 5.36 -2.44
C VAL U 214 55.91 4.51 -3.66
N GLN U 215 54.75 3.86 -3.67
CA GLN U 215 54.37 2.94 -4.73
C GLN U 215 52.88 3.02 -4.99
N PRO U 216 52.44 2.62 -6.18
CA PRO U 216 51.01 2.60 -6.47
C PRO U 216 50.29 1.46 -5.76
N SER U 217 48.96 1.56 -5.73
CA SER U 217 48.12 0.56 -5.11
C SER U 217 47.66 -0.47 -6.13
N ASP U 218 46.78 -1.36 -5.70
CA ASP U 218 46.17 -2.32 -6.60
C ASP U 218 45.25 -1.60 -7.59
N THR U 219 45.35 -1.99 -8.86
CA THR U 219 44.53 -1.43 -9.92
C THR U 219 43.35 -2.32 -10.26
N ASP U 220 43.13 -3.39 -9.49
CA ASP U 220 42.05 -4.33 -9.73
C ASP U 220 42.12 -4.91 -11.14
N LEU U 221 43.34 -5.31 -11.53
CA LEU U 221 43.61 -5.84 -12.87
C LEU U 221 43.20 -4.83 -13.94
N GLY U 222 43.50 -3.56 -13.69
CA GLY U 222 43.20 -2.50 -14.62
C GLY U 222 41.79 -1.96 -14.56
N ALA U 223 41.01 -2.32 -13.55
CA ALA U 223 39.65 -1.85 -13.45
C ALA U 223 39.51 -0.53 -12.70
N LYS U 224 40.49 -0.17 -11.88
CA LYS U 224 40.44 1.08 -11.13
C LYS U 224 41.81 1.73 -11.14
N ALA U 225 41.82 3.04 -10.97
CA ALA U 225 43.06 3.81 -10.94
C ALA U 225 43.79 3.58 -9.62
N PRO U 226 45.11 3.34 -9.67
CA PRO U 226 45.85 3.08 -8.44
C PRO U 226 46.04 4.35 -7.63
N LYS U 227 45.97 4.22 -6.30
CA LYS U 227 46.33 5.30 -5.40
C LYS U 227 47.82 5.23 -5.08
N ASP U 228 48.31 6.28 -4.44
CA ASP U 228 49.72 6.37 -4.06
C ASP U 228 49.86 6.03 -2.59
N VAL U 229 50.75 5.08 -2.29
CA VAL U 229 50.94 4.58 -0.93
C VAL U 229 52.37 4.90 -0.50
N LYS U 230 52.50 5.54 0.65
CA LYS U 230 53.79 5.88 1.23
C LYS U 230 54.04 4.98 2.43
N ILE U 231 55.12 4.21 2.37
CA ILE U 231 55.48 3.25 3.41
C ILE U 231 56.77 3.72 4.06
N THR U 232 56.70 4.04 5.35
CA THR U 232 57.87 4.40 6.13
C THR U 232 58.13 3.32 7.17
N GLY U 233 59.40 3.04 7.43
CA GLY U 233 59.70 2.01 8.40
C GLY U 233 61.19 1.87 8.61
N LEU U 234 61.54 0.78 9.28
CA LEU U 234 62.92 0.44 9.58
C LEU U 234 63.41 -0.65 8.64
N TRP U 235 64.72 -0.82 8.59
CA TRP U 235 65.30 -1.90 7.80
C TRP U 235 66.58 -2.37 8.44
N TYR U 236 66.99 -3.58 8.07
CA TYR U 236 68.14 -4.24 8.65
C TYR U 236 68.73 -5.17 7.61
N ALA U 237 70.04 -5.38 7.68
CA ALA U 237 70.71 -6.26 6.74
C ALA U 237 72.01 -6.75 7.37
N GLN U 238 72.55 -7.83 6.79
CA GLN U 238 73.80 -8.42 7.25
C GLN U 238 74.74 -8.52 6.05
N LEU U 239 75.77 -7.69 6.04
CA LEU U 239 76.76 -7.74 4.97
C LEU U 239 77.73 -8.88 5.21
N SER U 240 78.01 -9.66 4.17
CA SER U 240 78.93 -10.79 4.28
C SER U 240 79.45 -11.20 2.91
N ARG V 1 -70.99 -59.72 -54.98
CA ARG V 1 -69.73 -60.05 -55.70
C ARG V 1 -68.88 -60.97 -54.82
N SER V 2 -68.87 -60.73 -53.51
CA SER V 2 -68.03 -61.54 -52.60
C SER V 2 -66.57 -61.40 -53.02
N GLY V 3 -65.89 -62.52 -53.27
CA GLY V 3 -64.49 -62.46 -53.75
C GLY V 3 -63.70 -63.68 -53.30
N GLY V 4 -62.94 -63.54 -52.22
CA GLY V 4 -62.11 -64.64 -51.73
C GLY V 4 -61.54 -65.48 -52.85
N ALA V 5 -61.11 -64.84 -53.93
CA ALA V 5 -60.58 -65.56 -55.09
C ALA V 5 -59.08 -65.32 -55.25
N GLY V 6 -58.66 -64.08 -55.37
CA GLY V 6 -57.25 -63.79 -55.58
C GLY V 6 -56.55 -63.27 -54.35
N TYR V 7 -57.18 -63.43 -53.19
CA TYR V 7 -56.62 -62.91 -51.95
C TYR V 7 -57.04 -63.80 -50.80
N ARG V 8 -56.25 -63.78 -49.72
CA ARG V 8 -56.58 -64.58 -48.51
C ARG V 8 -57.16 -63.63 -47.46
N GLN V 9 -58.48 -63.66 -47.28
CA GLN V 9 -59.14 -62.72 -46.33
C GLN V 9 -58.96 -63.28 -44.91
N TYR V 10 -57.72 -63.29 -44.41
CA TYR V 10 -57.46 -63.77 -43.02
C TYR V 10 -57.96 -62.70 -42.03
N SER V 11 -58.42 -63.13 -40.86
CA SER V 11 -58.96 -62.17 -39.86
C SER V 11 -57.95 -61.98 -38.73
N GLY V 12 -57.59 -60.72 -38.43
CA GLY V 12 -56.63 -60.43 -37.35
C GLY V 12 -56.38 -58.94 -37.22
N ASP V 13 -55.56 -58.54 -36.23
CA ASP V 13 -55.22 -57.11 -36.06
C ASP V 13 -53.89 -56.85 -36.78
N ALA V 14 -53.90 -56.04 -37.83
CA ALA V 14 -52.67 -55.76 -38.61
C ALA V 14 -51.59 -55.20 -37.68
N LEU V 15 -50.54 -55.98 -37.42
CA LEU V 15 -49.45 -55.51 -36.58
C LEU V 15 -48.15 -55.52 -37.38
N TRP V 16 -47.09 -54.96 -36.78
CA TRP V 16 -45.84 -54.79 -37.48
C TRP V 16 -45.12 -56.12 -37.72
N LEU V 17 -45.58 -57.19 -37.08
CA LEU V 17 -45.07 -58.54 -37.27
C LEU V 17 -46.24 -59.45 -37.61
N PRO V 18 -46.02 -60.49 -38.41
CA PRO V 18 -47.13 -61.38 -38.78
C PRO V 18 -47.82 -62.02 -37.58
N ASN V 19 -47.07 -62.33 -36.52
CA ASN V 19 -47.69 -62.77 -35.27
C ASN V 19 -46.95 -62.12 -34.11
N THR V 20 -47.70 -61.39 -33.30
CA THR V 20 -47.20 -60.73 -32.09
C THR V 20 -48.42 -60.13 -31.39
N GLU V 21 -48.18 -59.55 -30.22
CA GLU V 21 -49.25 -58.99 -29.40
C GLU V 21 -49.05 -57.49 -29.24
N ARG V 22 -50.15 -56.77 -29.19
CA ARG V 22 -50.08 -55.34 -28.92
C ARG V 22 -49.55 -55.11 -27.52
N PRO V 23 -48.66 -54.15 -27.31
CA PRO V 23 -48.29 -53.77 -25.95
C PRO V 23 -49.51 -53.26 -25.19
N ALA V 24 -49.50 -53.46 -23.88
CA ALA V 24 -50.64 -53.07 -23.05
C ALA V 24 -50.95 -51.59 -23.18
N TRP V 25 -49.93 -50.76 -23.37
CA TRP V 25 -50.18 -49.32 -23.47
C TRP V 25 -50.61 -48.92 -24.87
N LEU V 26 -50.46 -49.79 -25.86
CA LEU V 26 -50.88 -49.51 -27.23
C LEU V 26 -52.20 -50.24 -27.47
N ASP V 27 -53.31 -49.56 -27.20
CA ASP V 27 -54.62 -50.20 -27.31
C ASP V 27 -54.99 -50.46 -28.75
N GLY V 28 -54.83 -49.47 -29.61
CA GLY V 28 -55.25 -49.59 -31.00
C GLY V 28 -56.29 -48.55 -31.37
N SER V 29 -56.62 -47.70 -30.41
CA SER V 29 -57.60 -46.64 -30.67
C SER V 29 -57.00 -45.55 -31.55
N LEU V 30 -55.73 -45.22 -31.33
CA LEU V 30 -55.12 -44.14 -32.09
C LEU V 30 -54.96 -44.55 -33.54
N PRO V 31 -55.06 -43.61 -34.48
CA PRO V 31 -54.77 -43.93 -35.88
C PRO V 31 -53.33 -44.39 -36.05
N GLY V 32 -53.14 -45.40 -36.88
CA GLY V 32 -51.82 -45.92 -37.15
C GLY V 32 -51.23 -46.80 -36.08
N ASP V 33 -52.01 -47.19 -35.07
CA ASP V 33 -51.52 -48.08 -34.02
C ASP V 33 -51.29 -49.46 -34.60
N ARG V 34 -50.02 -49.83 -34.75
CA ARG V 34 -49.63 -51.13 -35.27
C ARG V 34 -48.97 -51.99 -34.21
N GLY V 35 -49.11 -51.62 -32.95
CA GLY V 35 -48.45 -52.34 -31.88
C GLY V 35 -46.95 -52.30 -31.93
N PHE V 36 -46.38 -51.21 -32.42
CA PHE V 36 -44.94 -51.09 -32.64
C PHE V 36 -44.37 -50.21 -31.56
N ASP V 37 -43.79 -50.83 -30.54
CA ASP V 37 -43.06 -50.10 -29.52
C ASP V 37 -42.11 -51.06 -28.82
N PRO V 38 -41.13 -51.63 -29.54
CA PRO V 38 -40.24 -52.61 -28.91
C PRO V 38 -39.45 -52.04 -27.75
N LEU V 39 -39.10 -50.76 -27.81
CA LEU V 39 -38.37 -50.11 -26.73
C LEU V 39 -39.27 -49.62 -25.60
N GLY V 40 -40.58 -49.69 -25.78
CA GLY V 40 -41.50 -49.26 -24.73
C GLY V 40 -41.38 -47.80 -24.38
N LEU V 41 -41.16 -46.94 -25.37
CA LEU V 41 -41.02 -45.51 -25.09
C LEU V 41 -42.32 -44.91 -24.62
N SER V 42 -43.46 -45.43 -25.08
CA SER V 42 -44.76 -44.95 -24.65
C SER V 42 -45.32 -45.71 -23.46
N ARG V 43 -44.57 -46.67 -22.92
CA ARG V 43 -45.00 -47.34 -21.72
C ARG V 43 -45.12 -46.33 -20.58
N PRO V 44 -46.21 -46.34 -19.82
CA PRO V 44 -46.33 -45.38 -18.71
C PRO V 44 -45.18 -45.48 -17.74
N ALA V 45 -44.39 -44.41 -17.64
CA ALA V 45 -43.14 -44.42 -16.90
C ALA V 45 -43.39 -44.31 -15.40
N GLU V 46 -42.57 -45.02 -14.64
CA GLU V 46 -42.60 -44.97 -13.18
C GLU V 46 -41.35 -44.28 -12.67
N TYR V 47 -41.52 -43.38 -11.72
CA TYR V 47 -40.42 -42.60 -11.17
C TYR V 47 -40.41 -42.69 -9.66
N LEU V 48 -39.23 -42.48 -9.06
CA LEU V 48 -39.12 -42.46 -7.59
C LEU V 48 -38.80 -41.02 -7.18
N GLN V 49 -39.37 -40.55 -6.07
CA GLN V 49 -39.06 -39.19 -5.59
C GLN V 49 -38.02 -39.26 -4.46
N ILE V 50 -36.86 -38.64 -4.65
CA ILE V 50 -35.83 -38.60 -3.56
C ILE V 50 -36.09 -37.32 -2.77
N ASP V 51 -35.83 -37.34 -1.45
CA ASP V 51 -36.10 -36.16 -0.60
C ASP V 51 -34.96 -35.15 -0.76
N LEU V 52 -35.19 -33.89 -0.38
CA LEU V 52 -34.17 -32.83 -0.55
C LEU V 52 -32.97 -33.10 0.37
N ASP V 53 -31.77 -33.21 -0.20
CA ASP V 53 -30.57 -33.39 0.60
C ASP V 53 -30.46 -32.27 1.62
N GLU V 54 -30.05 -32.63 2.83
CA GLU V 54 -29.87 -31.64 3.88
C GLU V 54 -28.59 -30.85 3.61
N LEU V 55 -28.71 -29.54 3.47
CA LEU V 55 -27.60 -28.66 3.16
C LEU V 55 -27.59 -27.46 4.09
N ASP V 56 -27.97 -27.69 5.35
CA ASP V 56 -28.00 -26.65 6.36
C ASP V 56 -26.71 -26.71 7.17
N GLN V 57 -25.87 -25.68 7.04
CA GLN V 57 -24.61 -25.68 7.78
C GLN V 57 -24.80 -25.35 9.25
N ASN V 58 -26.02 -25.02 9.68
CA ASN V 58 -26.32 -24.83 11.09
C ASN V 58 -26.61 -26.14 11.82
N ALA V 59 -26.60 -27.27 11.11
CA ALA V 59 -26.89 -28.57 11.68
C ALA V 59 -25.62 -29.39 11.77
N ALA V 60 -25.55 -30.23 12.80
CA ALA V 60 -24.37 -31.07 13.00
C ALA V 60 -24.25 -32.13 11.91
N VAL V 61 -25.35 -32.73 11.50
CA VAL V 61 -25.36 -33.80 10.51
C VAL V 61 -26.24 -33.37 9.34
N ASN V 62 -25.72 -33.53 8.13
CA ASN V 62 -26.45 -33.22 6.90
C ASN V 62 -26.52 -34.48 6.05
N LYS V 63 -27.52 -35.32 6.33
CA LYS V 63 -27.65 -36.61 5.59
C LYS V 63 -28.28 -36.34 4.22
N ALA V 64 -27.86 -37.08 3.19
CA ALA V 64 -28.45 -36.93 1.84
C ALA V 64 -29.89 -37.46 1.85
N GLY V 65 -30.71 -37.02 0.90
CA GLY V 65 -32.12 -37.45 0.86
C GLY V 65 -32.28 -38.89 0.44
N GLY V 66 -33.34 -39.55 0.90
CA GLY V 66 -33.61 -40.96 0.52
C GLY V 66 -34.94 -41.07 -0.23
N VAL V 67 -35.21 -42.24 -0.80
CA VAL V 67 -36.47 -42.43 -1.60
C VAL V 67 -37.65 -42.06 -0.70
N VAL V 68 -38.45 -41.07 -1.12
CA VAL V 68 -39.60 -40.61 -0.30
C VAL V 68 -40.88 -41.23 -0.87
N GLY V 69 -40.76 -41.99 -1.97
CA GLY V 69 -41.94 -42.70 -2.50
C GLY V 69 -41.87 -42.96 -4.00
N ALA V 70 -42.69 -43.91 -4.47
CA ALA V 70 -42.74 -44.23 -5.89
C ALA V 70 -44.05 -43.72 -6.48
N PHE V 71 -43.96 -42.96 -7.57
CA PHE V 71 -45.13 -42.38 -8.19
C PHE V 71 -45.07 -42.59 -9.69
N THR V 72 -46.24 -42.86 -10.28
CA THR V 72 -46.40 -42.91 -11.73
C THR V 72 -47.20 -41.68 -12.14
N PRO V 73 -46.54 -40.64 -12.65
CA PRO V 73 -47.26 -39.43 -13.02
C PRO V 73 -48.21 -39.69 -14.19
N VAL V 74 -49.32 -38.96 -14.19
CA VAL V 74 -50.29 -39.08 -15.28
C VAL V 74 -49.78 -38.28 -16.47
N ALA V 75 -49.62 -38.97 -17.61
CA ALA V 75 -49.13 -38.34 -18.81
C ALA V 75 -50.30 -37.76 -19.61
N ASP V 76 -49.96 -37.06 -20.70
CA ASP V 76 -50.96 -36.51 -21.62
C ASP V 76 -51.90 -35.54 -20.91
N GLN V 77 -51.33 -34.65 -20.10
CA GLN V 77 -52.08 -33.61 -19.40
C GLN V 77 -51.44 -32.28 -19.76
N VAL V 78 -52.10 -31.50 -20.60
CA VAL V 78 -51.56 -30.20 -21.00
C VAL V 78 -51.97 -29.14 -20.00
N SER V 79 -51.05 -28.24 -19.68
CA SER V 79 -51.28 -27.17 -18.74
C SER V 79 -50.95 -25.84 -19.39
N THR V 80 -51.14 -24.76 -18.63
CA THR V 80 -50.91 -23.42 -19.16
C THR V 80 -49.43 -23.05 -19.23
N ASP V 81 -48.53 -23.91 -18.76
CA ASP V 81 -47.10 -23.63 -18.86
C ASP V 81 -46.69 -23.58 -20.32
N SER V 82 -46.23 -22.40 -20.76
CA SER V 82 -45.82 -22.25 -22.15
C SER V 82 -44.60 -23.11 -22.47
N LEU V 83 -43.64 -23.17 -21.55
CA LEU V 83 -42.37 -23.83 -21.85
C LEU V 83 -42.48 -25.34 -21.76
N ALA V 84 -43.32 -25.86 -20.88
CA ALA V 84 -43.51 -27.31 -20.71
C ALA V 84 -44.98 -27.61 -20.51
N PRO V 85 -45.77 -27.62 -21.58
CA PRO V 85 -47.22 -27.81 -21.41
C PRO V 85 -47.60 -29.19 -20.92
N TYR V 86 -47.02 -30.24 -21.48
CA TYR V 86 -47.40 -31.58 -21.11
C TYR V 86 -46.88 -31.95 -19.72
N SER V 87 -47.60 -32.84 -19.05
CA SER V 87 -47.22 -33.25 -17.72
C SER V 87 -45.96 -34.11 -17.73
N GLU V 88 -45.84 -35.01 -18.71
CA GLU V 88 -44.70 -35.90 -18.81
C GLU V 88 -44.15 -35.90 -20.22
N VAL V 89 -42.83 -36.03 -20.35
CA VAL V 89 -42.22 -36.13 -21.66
C VAL V 89 -42.64 -37.41 -22.36
N PHE V 90 -42.63 -38.53 -21.64
CA PHE V 90 -42.90 -39.84 -22.23
C PHE V 90 -44.40 -40.14 -22.12
N GLY V 91 -45.17 -39.46 -22.96
CA GLY V 91 -46.59 -39.71 -23.06
C GLY V 91 -46.95 -40.09 -24.47
N LEU V 92 -47.97 -40.94 -24.61
CA LEU V 92 -48.38 -41.38 -25.93
C LEU V 92 -48.93 -40.22 -26.75
N GLN V 93 -49.74 -39.36 -26.13
CA GLN V 93 -50.38 -38.28 -26.88
C GLN V 93 -49.38 -37.18 -27.22
N ARG V 94 -48.42 -36.91 -26.34
CA ARG V 94 -47.38 -35.95 -26.69
C ARG V 94 -46.53 -36.47 -27.84
N PHE V 95 -46.20 -37.76 -27.81
CA PHE V 95 -45.42 -38.35 -28.91
C PHE V 95 -46.20 -38.33 -30.21
N ARG V 96 -47.52 -38.54 -30.16
CA ARG V 96 -48.30 -38.49 -31.39
C ARG V 96 -48.31 -37.09 -31.97
N GLU V 97 -48.36 -36.06 -31.13
CA GLU V 97 -48.20 -34.71 -31.64
C GLU V 97 -46.81 -34.52 -32.24
N CYS V 98 -45.78 -35.06 -31.59
CA CYS V 98 -44.44 -35.02 -32.17
C CYS V 98 -44.40 -35.81 -33.47
N GLU V 99 -45.06 -36.97 -33.52
CA GLU V 99 -45.07 -37.77 -34.73
C GLU V 99 -45.76 -37.04 -35.87
N LEU V 100 -46.86 -36.36 -35.55
CA LEU V 100 -47.60 -35.63 -36.58
C LEU V 100 -46.84 -34.41 -37.05
N ILE V 101 -46.26 -33.65 -36.12
CA ILE V 101 -45.54 -32.44 -36.51
C ILE V 101 -44.27 -32.79 -37.28
N HIS V 102 -43.49 -33.75 -36.78
CA HIS V 102 -42.34 -34.24 -37.53
C HIS V 102 -42.79 -34.75 -38.90
N GLY V 103 -43.92 -35.47 -38.93
CA GLY V 103 -44.38 -36.05 -40.18
C GLY V 103 -44.87 -35.02 -41.18
N ARG V 104 -45.63 -34.03 -40.71
CA ARG V 104 -46.15 -33.01 -41.63
C ARG V 104 -45.02 -32.15 -42.19
N TRP V 105 -44.01 -31.87 -41.39
CA TRP V 105 -42.85 -31.16 -41.91
C TRP V 105 -42.14 -31.98 -42.98
N ALA V 106 -42.01 -33.29 -42.76
CA ALA V 106 -41.34 -34.14 -43.73
C ALA V 106 -42.12 -34.23 -45.03
N MET V 107 -43.45 -34.22 -44.96
CA MET V 107 -44.25 -34.27 -46.18
C MET V 107 -44.02 -33.04 -47.04
N LEU V 108 -44.01 -31.85 -46.44
CA LEU V 108 -43.70 -30.64 -47.17
C LEU V 108 -42.27 -30.66 -47.69
N ALA V 109 -41.34 -31.14 -46.87
CA ALA V 109 -39.93 -31.14 -47.25
C ALA V 109 -39.69 -32.12 -48.39
N CYS V 110 -40.30 -33.30 -48.33
CA CYS V 110 -40.09 -34.29 -49.38
C CYS V 110 -40.60 -33.78 -50.72
N LEU V 111 -41.77 -33.14 -50.71
CA LEU V 111 -42.28 -32.53 -51.93
C LEU V 111 -41.48 -31.31 -52.32
N GLY V 112 -41.09 -30.50 -51.33
CA GLY V 112 -40.34 -29.29 -51.63
C GLY V 112 -38.97 -29.56 -52.22
N ALA V 113 -38.29 -30.60 -51.72
CA ALA V 113 -36.99 -30.96 -52.27
C ALA V 113 -37.10 -31.39 -53.72
N LEU V 114 -38.14 -32.15 -54.06
CA LEU V 114 -38.31 -32.63 -55.43
C LEU V 114 -38.65 -31.48 -56.37
N VAL V 115 -39.58 -30.61 -55.96
CA VAL V 115 -40.11 -29.60 -56.87
C VAL V 115 -39.03 -28.58 -57.23
N GLN V 116 -38.29 -28.10 -56.23
CA GLN V 116 -37.27 -27.09 -56.52
C GLN V 116 -36.12 -27.69 -57.32
N GLU V 117 -35.85 -28.99 -57.14
CA GLU V 117 -34.84 -29.63 -57.98
C GLU V 117 -35.30 -29.75 -59.41
N GLY V 118 -36.58 -30.04 -59.64
CA GLY V 118 -37.10 -30.12 -60.98
C GLY V 118 -37.40 -28.79 -61.63
N VAL V 119 -37.43 -27.72 -60.84
CA VAL V 119 -37.73 -26.40 -61.38
C VAL V 119 -36.44 -25.62 -61.61
N THR V 120 -35.53 -25.68 -60.64
CA THR V 120 -34.29 -24.92 -60.71
C THR V 120 -33.09 -25.73 -61.17
N GLY V 121 -33.15 -27.05 -61.06
CA GLY V 121 -32.01 -27.87 -61.44
C GLY V 121 -30.90 -27.90 -60.43
N ASP V 122 -31.14 -27.41 -59.22
CA ASP V 122 -30.13 -27.37 -58.17
C ASP V 122 -30.52 -28.34 -57.07
N SER V 123 -29.51 -29.03 -56.53
CA SER V 123 -29.75 -29.97 -55.44
C SER V 123 -30.28 -29.24 -54.23
N TRP V 124 -31.11 -29.93 -53.44
CA TRP V 124 -31.72 -29.29 -52.28
C TRP V 124 -30.66 -28.91 -51.24
N VAL V 125 -29.56 -29.67 -51.17
CA VAL V 125 -28.48 -29.30 -50.27
C VAL V 125 -27.75 -28.08 -50.79
N ALA V 126 -27.43 -28.07 -52.09
CA ALA V 126 -26.76 -26.90 -52.66
C ALA V 126 -27.71 -25.71 -52.75
N ALA V 127 -29.01 -25.96 -52.67
CA ALA V 127 -29.99 -24.88 -52.73
C ALA V 127 -29.84 -23.92 -51.56
N GLN V 128 -29.52 -24.46 -50.38
CA GLN V 128 -29.43 -23.60 -49.17
C GLN V 128 -28.36 -22.52 -49.39
N THR V 129 -27.16 -22.92 -49.82
CA THR V 129 -26.05 -21.97 -50.01
C THR V 129 -26.39 -20.97 -51.12
N LEU V 130 -26.98 -21.44 -52.22
CA LEU V 130 -27.28 -20.55 -53.37
C LEU V 130 -28.22 -19.43 -52.91
N VAL V 131 -29.30 -19.78 -52.20
CA VAL V 131 -30.29 -18.76 -51.76
C VAL V 131 -29.62 -17.84 -50.72
N TYR V 132 -28.73 -18.40 -49.89
CA TYR V 132 -28.00 -17.58 -48.89
C TYR V 132 -27.22 -16.47 -49.60
N ASN V 133 -26.49 -16.83 -50.65
CA ASN V 133 -25.66 -15.85 -51.38
C ASN V 133 -26.56 -14.95 -52.24
N GLN V 134 -27.51 -15.55 -52.97
CA GLN V 134 -28.45 -14.77 -53.80
C GLN V 134 -29.89 -15.20 -53.49
N PRO V 135 -30.62 -14.49 -52.60
CA PRO V 135 -32.01 -14.83 -52.33
C PRO V 135 -32.79 -14.88 -53.66
N GLN V 136 -33.43 -16.00 -53.95
CA GLN V 136 -34.14 -16.16 -55.24
C GLN V 136 -35.18 -17.28 -55.14
N TYR V 137 -36.27 -17.19 -55.91
CA TYR V 137 -37.29 -18.26 -55.91
C TYR V 137 -37.76 -18.49 -57.35
N ALA V 138 -37.71 -19.74 -57.82
CA ALA V 138 -38.15 -20.07 -59.19
C ALA V 138 -37.31 -19.30 -60.21
N GLY V 139 -36.11 -18.86 -59.81
CA GLY V 139 -35.21 -18.13 -60.72
C GLY V 139 -35.37 -16.63 -60.59
N ILE V 140 -36.51 -16.18 -60.06
CA ILE V 140 -36.74 -14.72 -59.85
C ILE V 140 -35.97 -14.29 -58.60
N ASP V 141 -35.16 -13.24 -58.72
CA ASP V 141 -34.40 -12.72 -57.55
C ASP V 141 -35.37 -12.02 -56.60
N LEU V 142 -35.36 -12.39 -55.31
CA LEU V 142 -36.28 -11.79 -54.33
C LEU V 142 -35.83 -10.36 -54.02
N PRO V 143 -36.75 -9.45 -53.64
CA PRO V 143 -36.39 -8.04 -53.40
C PRO V 143 -35.94 -7.79 -51.96
N PHE V 144 -35.46 -8.82 -51.27
CA PHE V 144 -35.05 -8.67 -49.86
C PHE V 144 -33.65 -9.27 -49.65
N ASP V 145 -32.76 -8.52 -48.99
CA ASP V 145 -31.45 -9.07 -48.68
C ASP V 145 -31.59 -10.23 -47.71
N ILE V 146 -30.58 -11.10 -47.68
CA ILE V 146 -30.69 -12.35 -46.85
C ILE V 146 -30.78 -12.01 -45.36
N TYR V 147 -30.16 -10.91 -44.92
CA TYR V 147 -30.16 -10.59 -43.47
C TYR V 147 -31.60 -10.41 -42.98
N THR V 148 -32.39 -9.65 -43.73
CA THR V 148 -33.80 -9.39 -43.35
C THR V 148 -34.57 -10.72 -43.36
N LEU V 149 -34.38 -11.53 -44.41
CA LEU V 149 -35.13 -12.80 -44.52
C LEU V 149 -34.79 -13.69 -43.32
N ALA V 150 -33.53 -13.70 -42.90
CA ALA V 150 -33.11 -14.53 -41.74
C ALA V 150 -33.93 -14.11 -40.52
N VAL V 151 -33.98 -12.81 -40.22
CA VAL V 151 -34.75 -12.30 -39.05
C VAL V 151 -36.23 -12.61 -39.29
N LEU V 152 -36.73 -12.35 -40.50
CA LEU V 152 -38.16 -12.55 -40.81
C LEU V 152 -38.53 -14.02 -40.62
N ASN V 153 -37.68 -14.93 -41.10
CA ASN V 153 -37.97 -16.39 -40.99
C ASN V 153 -38.12 -16.74 -39.52
N SER V 154 -37.17 -16.31 -38.68
CA SER V 154 -37.22 -16.61 -37.22
C SER V 154 -38.46 -15.98 -36.59
N VAL V 155 -38.75 -14.72 -36.94
CA VAL V 155 -39.90 -13.99 -36.33
C VAL V 155 -41.21 -14.63 -36.82
N LEU V 156 -41.33 -14.90 -38.11
CA LEU V 156 -42.59 -15.47 -38.67
C LEU V 156 -42.82 -16.86 -38.09
N MET V 157 -41.79 -17.71 -38.12
CA MET V 157 -41.93 -19.05 -37.54
C MET V 157 -42.07 -18.98 -36.04
N GLY V 158 -41.49 -17.96 -35.41
CA GLY V 158 -41.67 -17.79 -33.98
C GLY V 158 -43.11 -17.51 -33.61
N GLY V 159 -43.75 -16.59 -34.34
CA GLY V 159 -45.16 -16.32 -34.10
C GLY V 159 -46.04 -17.50 -34.44
N VAL V 160 -45.74 -18.17 -35.56
CA VAL V 160 -46.55 -19.29 -36.01
C VAL V 160 -46.54 -20.42 -34.99
N GLU V 161 -45.37 -20.73 -34.44
CA GLU V 161 -45.28 -21.83 -33.49
C GLU V 161 -45.81 -21.44 -32.13
N LEU V 162 -45.73 -20.16 -31.76
CA LEU V 162 -46.33 -19.70 -30.52
C LEU V 162 -47.85 -19.76 -30.59
N PHE V 163 -48.42 -19.49 -31.76
CA PHE V 163 -49.86 -19.69 -31.94
C PHE V 163 -50.22 -21.16 -31.77
N ARG V 164 -49.41 -22.04 -32.32
CA ARG V 164 -49.68 -23.47 -32.24
C ARG V 164 -49.70 -23.94 -30.79
N ASN V 165 -48.80 -23.42 -29.97
CA ASN V 165 -48.66 -23.90 -28.61
C ASN V 165 -49.78 -23.41 -27.70
N SER V 166 -50.63 -22.50 -28.17
CA SER V 166 -51.68 -21.97 -27.31
C SER V 166 -52.74 -23.02 -26.99
N GLU V 167 -52.92 -23.99 -27.88
CA GLU V 167 -53.98 -24.97 -27.70
C GLU V 167 -53.69 -25.87 -26.52
N LEU V 168 -54.73 -26.16 -25.72
CA LEU V 168 -54.60 -26.97 -24.52
C LEU V 168 -55.19 -28.36 -24.66
N ASP V 169 -56.22 -28.52 -25.47
CA ASP V 169 -56.80 -29.84 -25.67
C ASP V 169 -55.82 -30.71 -26.44
N PRO V 170 -55.38 -31.84 -25.88
CA PRO V 170 -54.36 -32.65 -26.55
C PRO V 170 -54.75 -33.13 -27.94
N GLU V 171 -56.01 -33.50 -28.13
CA GLU V 171 -56.44 -33.95 -29.46
C GLU V 171 -56.47 -32.79 -30.45
N ARG V 172 -56.84 -31.60 -29.98
CA ARG V 172 -56.89 -30.46 -30.87
C ARG V 172 -55.50 -29.92 -31.17
N ARG V 173 -54.50 -30.32 -30.39
CA ARG V 173 -53.13 -29.92 -30.69
C ARG V 173 -52.59 -30.69 -31.88
N TYR V 175 -54.84 -32.01 -34.15
CA TYR V 175 -55.85 -31.82 -35.19
C TYR V 175 -56.64 -30.54 -34.96
N PRO V 176 -56.02 -29.39 -35.22
CA PRO V 176 -56.67 -28.12 -34.87
C PRO V 176 -58.02 -27.92 -35.53
N GLY V 177 -58.17 -28.35 -36.78
CA GLY V 177 -59.42 -28.10 -37.46
C GLY V 177 -59.68 -26.62 -37.63
N GLY V 178 -60.96 -26.26 -37.67
CA GLY V 178 -61.32 -24.86 -37.77
C GLY V 178 -60.85 -24.28 -39.09
N ALA V 179 -59.99 -23.26 -38.99
CA ALA V 179 -59.46 -22.63 -40.19
C ALA V 179 -58.53 -23.55 -40.96
N PHE V 180 -58.01 -24.59 -40.30
CA PHE V 180 -57.11 -25.53 -40.96
C PHE V 180 -57.83 -26.70 -41.57
N ASP V 181 -59.15 -26.76 -41.46
CA ASP V 181 -59.97 -27.74 -42.17
C ASP V 181 -61.13 -27.01 -42.83
N PRO V 182 -60.85 -26.13 -43.80
CA PRO V 182 -61.93 -25.37 -44.42
C PRO V 182 -62.93 -26.24 -45.17
N LEU V 183 -62.48 -27.37 -45.73
CA LEU V 183 -63.37 -28.25 -46.46
C LEU V 183 -64.11 -29.23 -45.56
N ASN V 184 -63.81 -29.25 -44.26
CA ASN V 184 -64.51 -30.12 -43.31
C ASN V 184 -64.45 -31.59 -43.73
N LEU V 185 -63.27 -32.01 -44.20
CA LEU V 185 -63.12 -33.39 -44.64
C LEU V 185 -63.13 -34.36 -43.47
N ALA V 186 -62.40 -34.03 -42.39
CA ALA V 186 -62.28 -34.91 -41.23
C ALA V 186 -62.44 -34.10 -39.94
N SER V 187 -63.48 -33.27 -39.89
CA SER V 187 -63.80 -32.53 -38.68
C SER V 187 -64.84 -33.24 -37.81
N ASP V 188 -65.56 -34.20 -38.36
CA ASP V 188 -66.55 -34.95 -37.60
C ASP V 188 -65.90 -36.18 -36.97
N ASP V 189 -66.68 -36.96 -36.23
CA ASP V 189 -66.20 -38.18 -35.61
C ASP V 189 -66.58 -39.42 -36.41
N SER V 190 -66.65 -39.28 -37.73
CA SER V 190 -67.08 -40.38 -38.59
C SER V 190 -65.95 -41.39 -38.76
N GLU V 191 -66.28 -42.48 -39.48
CA GLU V 191 -65.25 -43.42 -39.89
C GLU V 191 -64.34 -42.82 -40.96
N ARG V 192 -64.88 -41.93 -41.80
CA ARG V 192 -64.05 -41.26 -42.79
C ARG V 192 -62.96 -40.43 -42.13
N THR V 193 -63.29 -39.78 -41.02
CA THR V 193 -62.28 -39.06 -40.26
C THR V 193 -61.17 -39.99 -39.79
N GLN V 194 -61.56 -41.13 -39.22
CA GLN V 194 -60.56 -42.12 -38.75
C GLN V 194 -59.70 -42.58 -39.92
N LYS V 195 -60.33 -42.92 -41.06
CA LYS V 195 -59.58 -43.42 -42.24
C LYS V 195 -58.67 -42.31 -42.76
N LEU V 196 -59.17 -41.07 -42.82
CA LEU V 196 -58.33 -39.93 -43.27
C LEU V 196 -57.14 -39.76 -42.32
N ARG V 197 -57.37 -39.88 -41.02
CA ARG V 197 -56.27 -39.75 -40.06
C ARG V 197 -55.29 -40.90 -40.22
N GLU V 198 -55.79 -42.09 -40.56
CA GLU V 198 -54.91 -43.22 -40.81
C GLU V 198 -54.05 -42.98 -42.05
N ALA V 199 -54.61 -42.36 -43.08
CA ALA V 199 -53.83 -42.02 -44.26
C ALA V 199 -52.74 -41.00 -43.92
N GLU V 200 -53.04 -40.07 -43.02
CA GLU V 200 -52.10 -39.00 -42.75
C GLU V 200 -50.84 -39.52 -42.06
N ILE V 201 -50.99 -40.41 -41.08
CA ILE V 201 -49.82 -40.93 -40.38
C ILE V 201 -48.99 -41.79 -41.32
N LYS V 202 -49.64 -42.53 -42.23
CA LYS V 202 -48.90 -43.35 -43.17
C LYS V 202 -48.08 -42.49 -44.12
N HIS V 203 -48.71 -41.46 -44.71
CA HIS V 203 -47.94 -40.55 -45.55
C HIS V 203 -46.89 -39.82 -44.72
N ALA V 204 -47.20 -39.52 -43.46
CA ALA V 204 -46.23 -38.82 -42.61
C ALA V 204 -45.03 -39.70 -42.28
N ARG V 205 -45.27 -40.95 -41.91
CA ARG V 205 -44.17 -41.87 -41.62
C ARG V 205 -43.36 -42.15 -42.87
N LEU V 206 -44.04 -42.25 -44.02
CA LEU V 206 -43.33 -42.42 -45.28
C LEU V 206 -42.40 -41.25 -45.55
N ALA V 207 -42.89 -40.02 -45.31
CA ALA V 207 -42.09 -38.84 -45.60
C ALA V 207 -40.93 -38.70 -44.63
N MET V 208 -41.13 -39.10 -43.37
CA MET V 208 -40.03 -39.05 -42.40
C MET V 208 -38.91 -39.99 -42.81
N VAL V 209 -39.25 -41.21 -43.22
CA VAL V 209 -38.23 -42.13 -43.70
C VAL V 209 -37.65 -41.63 -45.01
N SER V 210 -38.50 -41.10 -45.89
CA SER V 210 -38.04 -40.66 -47.20
C SER V 210 -37.04 -39.51 -47.08
N PHE V 211 -37.32 -38.55 -46.22
CA PHE V 211 -36.39 -37.43 -46.10
C PHE V 211 -35.12 -37.85 -45.38
N LEU V 212 -35.22 -38.81 -44.47
CA LEU V 212 -34.01 -39.43 -43.94
C LEU V 212 -33.21 -40.06 -45.06
N GLY V 213 -33.88 -40.56 -46.10
CA GLY V 213 -33.17 -41.05 -47.26
C GLY V 213 -32.46 -39.95 -48.02
N TYR V 214 -33.11 -38.79 -48.16
CA TYR V 214 -32.48 -37.68 -48.87
C TYR V 214 -31.17 -37.28 -48.24
N THR V 215 -31.16 -37.11 -46.92
CA THR V 215 -29.96 -36.59 -46.25
C THR V 215 -28.83 -37.61 -46.30
N VAL V 216 -29.14 -38.89 -46.08
CA VAL V 216 -28.09 -39.91 -46.10
C VAL V 216 -27.54 -40.08 -47.51
N GLN V 217 -28.42 -40.08 -48.51
CA GLN V 217 -27.96 -40.17 -49.88
C GLN V 217 -27.11 -38.96 -50.26
N ALA V 218 -27.50 -37.78 -49.81
CA ALA V 218 -26.69 -36.59 -50.05
C ALA V 218 -25.35 -36.69 -49.34
N TRP V 219 -25.33 -37.24 -48.13
CA TRP V 219 -24.06 -37.43 -47.44
C TRP V 219 -23.16 -38.41 -48.19
N TYR V 220 -23.73 -39.50 -48.70
CA TYR V 220 -22.93 -40.57 -49.28
C TYR V 220 -22.65 -40.32 -50.76
N THR V 221 -23.70 -40.19 -51.57
CA THR V 221 -23.49 -39.98 -53.00
C THR V 221 -23.08 -38.55 -53.31
N GLY V 222 -23.49 -37.60 -52.48
CA GLY V 222 -23.25 -36.21 -52.79
C GLY V 222 -24.28 -35.58 -53.69
N GLU V 223 -25.33 -36.29 -54.06
CA GLU V 223 -26.36 -35.80 -54.95
C GLU V 223 -27.64 -35.53 -54.18
N GLY V 224 -28.56 -34.82 -54.84
CA GLY V 224 -29.86 -34.54 -54.28
C GLY V 224 -30.84 -35.66 -54.56
N ALA V 225 -32.13 -35.37 -54.35
CA ALA V 225 -33.17 -36.40 -54.56
C ALA V 225 -33.16 -36.85 -56.02
N LEU V 226 -33.54 -35.98 -56.95
CA LEU V 226 -33.61 -36.34 -58.39
C LEU V 226 -32.21 -36.74 -58.87
N GLY V 227 -31.18 -36.05 -58.40
CA GLY V 227 -29.79 -36.37 -58.81
C GLY V 227 -29.40 -37.78 -58.42
N SER V 228 -29.72 -38.19 -57.18
CA SER V 228 -29.39 -39.56 -56.71
C SER V 228 -30.13 -40.58 -57.59
N LEU V 229 -31.36 -40.25 -57.98
CA LEU V 229 -32.16 -41.17 -58.84
C LEU V 229 -31.43 -41.36 -60.17
N ASN V 230 -30.96 -40.27 -60.77
CA ASN V 230 -30.23 -40.36 -62.07
C ASN V 230 -28.94 -41.16 -61.88
N LYS V 231 -28.21 -40.88 -60.79
CA LYS V 231 -26.92 -41.58 -60.52
C LYS V 231 -27.17 -43.09 -60.47
N PHE V 232 -28.22 -43.52 -59.77
CA PHE V 232 -28.49 -44.97 -59.62
C PHE V 232 -28.75 -45.60 -60.98
N ALA V 233 -29.56 -44.94 -61.82
CA ALA V 233 -29.90 -45.49 -63.15
C ALA V 233 -28.62 -45.66 -63.96
N ASN V 234 -27.74 -44.65 -63.94
CA ASN V 234 -26.48 -44.70 -64.73
C ASN V 234 -25.56 -45.77 -64.12
N GLY V 235 -25.61 -45.95 -62.79
CA GLY V 235 -24.73 -46.93 -62.12
C GLY V 235 -24.75 -48.28 -62.80
N PHE V 236 -25.89 -48.65 -63.41
CA PHE V 236 -25.98 -49.93 -64.08
C PHE V 236 -25.06 -49.98 -65.29
N VAL W 1 45.77 -53.28 82.02
CA VAL W 1 47.13 -53.34 81.41
C VAL W 1 47.24 -54.62 80.57
N SER W 2 47.92 -54.55 79.42
CA SER W 2 48.10 -55.73 78.54
C SER W 2 49.46 -55.66 77.84
N ARG W 3 50.02 -56.81 77.47
CA ARG W 3 51.31 -56.82 76.73
C ARG W 3 51.01 -56.82 75.24
N SER W 4 49.72 -56.81 74.87
CA SER W 4 49.35 -56.79 73.47
C SER W 4 48.44 -55.59 73.19
N GLY W 5 48.45 -55.12 71.94
CA GLY W 5 47.62 -53.99 71.59
C GLY W 5 47.63 -53.77 70.09
N GLY W 6 46.78 -52.85 69.66
CA GLY W 6 46.65 -52.55 68.25
C GLY W 6 47.83 -51.75 67.71
N TRP W 7 47.88 -51.67 66.38
CA TRP W 7 48.96 -51.00 65.68
C TRP W 7 48.57 -49.66 65.10
N LEU W 8 47.27 -49.36 65.07
CA LEU W 8 46.81 -48.12 64.40
C LEU W 8 45.97 -47.27 65.36
N GLY W 9 46.38 -47.19 66.63
CA GLY W 9 45.67 -46.32 67.59
C GLY W 9 44.82 -47.11 68.56
N SER W 10 43.97 -46.41 69.33
CA SER W 10 43.10 -47.08 70.32
C SER W 10 42.06 -47.95 69.60
N ASP W 11 41.73 -49.12 70.15
CA ASP W 11 40.71 -50.02 69.55
C ASP W 11 41.12 -50.36 68.12
N SER W 12 42.43 -50.54 67.88
CA SER W 12 42.91 -50.92 66.52
C SER W 12 43.28 -52.41 66.53
N GLN W 13 43.13 -53.08 67.67
CA GLN W 13 43.43 -54.53 67.74
C GLN W 13 42.16 -55.30 67.39
N ASN W 14 42.12 -55.91 66.20
CA ASN W 14 40.94 -56.67 65.77
C ASN W 14 41.45 -58.01 65.26
N ILE W 15 41.60 -58.96 66.17
CA ILE W 15 42.11 -60.32 65.79
C ILE W 15 40.91 -61.23 65.52
N ASN W 16 40.56 -61.43 64.25
CA ASN W 16 39.42 -62.33 63.89
C ASN W 16 39.96 -63.75 63.67
N LEU W 17 39.75 -64.65 64.64
CA LEU W 17 40.23 -66.04 64.52
C LEU W 17 39.22 -66.86 63.72
N ASP W 18 38.04 -66.30 63.46
CA ASP W 18 36.98 -67.05 62.74
C ASP W 18 37.41 -67.34 61.31
N LYS W 19 38.09 -66.38 60.67
CA LYS W 19 38.53 -66.56 59.25
C LYS W 19 39.56 -67.68 59.16
N TRP W 20 40.33 -67.92 60.24
CA TRP W 20 41.43 -68.90 60.18
C TRP W 20 41.08 -70.17 60.96
N TYR W 21 40.05 -70.11 61.82
CA TYR W 21 39.70 -71.27 62.68
C TYR W 21 38.18 -71.45 62.73
N GLY W 22 37.72 -72.69 62.78
CA GLY W 22 36.27 -72.94 62.92
C GLY W 22 35.59 -73.31 61.62
N PRO W 23 34.24 -73.40 61.58
CA PRO W 23 33.52 -73.80 60.38
C PRO W 23 33.67 -72.82 59.20
N ASP W 24 33.75 -71.52 59.48
CA ASP W 24 33.81 -70.51 58.40
C ASP W 24 35.27 -70.17 58.06
N ARG W 25 36.21 -71.03 58.47
CA ARG W 25 37.63 -70.81 58.09
C ARG W 25 37.72 -70.76 56.56
N VAL W 26 38.57 -69.87 56.04
CA VAL W 26 38.75 -69.75 54.55
C VAL W 26 39.28 -71.09 54.02
N LEU W 27 38.98 -71.41 52.76
CA LEU W 27 39.41 -72.67 52.17
C LEU W 27 40.21 -72.40 50.91
N TYR W 28 40.91 -73.42 50.43
CA TYR W 28 41.81 -73.26 49.29
C TYR W 28 41.06 -73.01 47.99
N LEU W 29 39.76 -73.31 47.95
CA LEU W 29 38.85 -73.01 46.87
C LEU W 29 37.70 -72.16 47.37
N PRO W 30 37.15 -71.28 46.55
CA PRO W 30 36.09 -70.37 47.02
C PRO W 30 34.80 -71.11 47.33
N GLY W 31 33.80 -70.34 47.74
CA GLY W 31 32.54 -70.92 48.15
C GLY W 31 31.80 -71.60 47.01
N GLY W 32 31.83 -70.99 45.82
CA GLY W 32 31.07 -71.50 44.71
C GLY W 32 31.70 -72.69 44.01
N LEU W 33 32.97 -73.00 44.31
CA LEU W 33 33.63 -74.14 43.72
C LEU W 33 33.67 -75.35 44.64
N LEU W 34 33.89 -75.14 45.93
CA LEU W 34 34.06 -76.22 46.89
C LEU W 34 33.08 -76.01 48.04
N ALA W 35 32.19 -76.98 48.23
CA ALA W 35 31.28 -76.94 49.36
C ALA W 35 32.00 -77.40 50.62
N ARG W 36 31.61 -76.83 51.76
CA ARG W 36 32.34 -77.09 53.00
C ARG W 36 32.18 -78.53 53.47
N ASP W 37 31.18 -79.25 52.98
CA ASP W 37 31.00 -80.65 53.35
C ASP W 37 31.91 -81.57 52.54
N GLU W 38 32.55 -81.08 51.50
CA GLU W 38 33.48 -81.87 50.70
C GLU W 38 34.88 -81.92 51.29
N ILE W 39 35.12 -81.20 52.39
CA ILE W 39 36.44 -81.16 53.02
C ILE W 39 36.63 -82.44 53.82
N ASN W 40 37.87 -82.92 53.86
CA ASN W 40 38.20 -84.09 54.67
C ASN W 40 37.80 -83.83 56.12
N PRO W 41 37.03 -84.75 56.74
CA PRO W 41 36.57 -84.51 58.11
C PRO W 41 37.68 -84.35 59.12
N VAL W 42 38.86 -84.94 58.89
CA VAL W 42 39.95 -84.82 59.84
C VAL W 42 40.44 -83.39 59.93
N LEU W 43 40.20 -82.59 58.89
CA LEU W 43 40.52 -81.17 58.91
C LEU W 43 39.30 -80.42 59.43
N ASN W 44 39.24 -80.23 60.75
CA ASN W 44 38.10 -79.64 61.40
C ASN W 44 38.28 -78.17 61.74
N GLY W 45 39.39 -77.56 61.34
CA GLY W 45 39.60 -76.15 61.63
C GLY W 45 40.17 -75.85 62.99
N THR W 46 40.95 -76.76 63.56
CA THR W 46 41.59 -76.53 64.84
C THR W 46 43.09 -76.28 64.72
N LEU W 47 43.68 -76.54 63.57
CA LEU W 47 45.10 -76.32 63.38
C LEU W 47 45.34 -75.04 62.58
N PRO W 48 46.44 -74.34 62.83
CA PRO W 48 46.72 -73.11 62.08
C PRO W 48 46.82 -73.36 60.59
N GLY W 49 46.22 -72.47 59.81
CA GLY W 49 46.28 -72.59 58.37
C GLY W 49 45.53 -73.77 57.80
N ASP W 50 44.47 -74.21 58.46
CA ASP W 50 43.63 -75.29 57.95
C ASP W 50 42.76 -74.73 56.83
N TYR W 51 43.30 -74.72 55.62
CA TYR W 51 42.54 -74.33 54.44
C TYR W 51 41.70 -75.47 53.90
N GLY W 52 41.60 -76.57 54.64
CA GLY W 52 40.84 -77.72 54.18
C GLY W 52 41.39 -78.34 52.93
N TYR W 53 42.70 -78.29 52.74
CA TYR W 53 43.34 -78.73 51.51
C TYR W 53 44.13 -79.99 51.79
N ASP W 54 43.58 -81.13 51.38
CA ASP W 54 44.35 -82.36 51.40
C ASP W 54 43.81 -83.33 50.36
N PRO W 55 44.05 -83.09 49.08
CA PRO W 55 43.80 -84.14 48.08
C PRO W 55 44.73 -85.30 48.34
N LEU W 56 44.46 -86.42 47.67
CA LEU W 56 45.16 -87.68 47.83
C LEU W 56 44.92 -88.29 49.21
N GLY W 57 44.17 -87.63 50.09
CA GLY W 57 43.80 -88.19 51.38
C GLY W 57 44.97 -88.62 52.22
N LEU W 58 46.01 -87.79 52.29
CA LEU W 58 47.22 -88.19 53.00
C LEU W 58 46.99 -88.27 54.51
N ALA W 59 46.22 -87.34 55.07
CA ALA W 59 45.92 -87.34 56.49
C ALA W 59 44.59 -88.04 56.70
N LYS W 60 44.61 -89.23 57.30
CA LYS W 60 43.41 -90.03 57.46
C LYS W 60 42.98 -90.17 58.92
N ASP W 61 43.70 -89.55 59.85
CA ASP W 61 43.32 -89.58 61.26
C ASP W 61 44.04 -88.45 61.97
N ALA W 62 43.64 -88.19 63.22
CA ALA W 62 44.24 -87.11 63.98
C ALA W 62 45.72 -87.37 64.23
N GLU W 63 46.09 -88.62 64.54
CA GLU W 63 47.49 -88.95 64.78
C GLU W 63 48.34 -88.68 63.55
N THR W 64 47.87 -89.10 62.37
CA THR W 64 48.61 -88.86 61.15
C THR W 64 48.72 -87.37 60.86
N LEU W 65 47.64 -86.63 61.09
CA LEU W 65 47.68 -85.18 60.91
C LEU W 65 48.66 -84.55 61.88
N ALA W 66 48.67 -84.99 63.13
CA ALA W 66 49.59 -84.43 64.12
C ALA W 66 51.04 -84.75 63.76
N LYS W 67 51.30 -85.97 63.29
CA LYS W 67 52.65 -86.34 62.90
C LYS W 67 53.12 -85.51 61.72
N TYR W 68 52.25 -85.29 60.73
CA TYR W 68 52.63 -84.53 59.55
C TYR W 68 52.77 -83.04 59.88
N ARG W 69 51.94 -82.52 60.79
CA ARG W 69 52.06 -81.12 61.17
C ARG W 69 53.38 -80.86 61.87
N ALA W 70 53.89 -81.85 62.61
CA ALA W 70 55.22 -81.72 63.16
C ALA W 70 56.25 -81.61 62.04
N ASN W 71 56.04 -82.35 60.95
CA ASN W 71 56.94 -82.24 59.81
C ASN W 71 56.74 -80.92 59.07
N GLU W 72 55.50 -80.50 58.87
CA GLU W 72 55.24 -79.30 58.10
C GLU W 72 55.83 -78.07 58.78
N LEU W 73 55.63 -77.95 60.09
CA LEU W 73 56.12 -76.78 60.81
C LEU W 73 57.64 -76.72 60.79
N LEU W 74 58.31 -77.87 60.89
CA LEU W 74 59.76 -77.89 60.85
C LEU W 74 60.29 -77.60 59.46
N HIS W 75 59.72 -78.25 58.44
CA HIS W 75 60.11 -77.94 57.07
C HIS W 75 59.84 -76.47 56.77
N ALA W 76 58.80 -75.90 57.36
CA ALA W 76 58.45 -74.51 57.10
C ALA W 76 59.42 -73.55 57.77
N ARG W 77 59.76 -73.80 59.04
CA ARG W 77 60.65 -72.91 59.75
C ARG W 77 62.05 -72.93 59.16
N TRP W 78 62.52 -74.11 58.75
CA TRP W 78 63.83 -74.20 58.11
C TRP W 78 63.83 -73.47 56.77
N ALA W 79 62.74 -73.59 56.00
CA ALA W 79 62.66 -72.91 54.73
C ALA W 79 62.63 -71.40 54.91
N MET W 80 61.98 -70.91 55.95
CA MET W 80 61.98 -69.49 56.22
C MET W 80 63.38 -68.98 56.49
N LEU W 81 64.15 -69.73 57.30
CA LEU W 81 65.56 -69.34 57.55
C LEU W 81 66.35 -69.46 56.25
N ALA W 82 66.14 -70.54 55.48
CA ALA W 82 66.89 -70.76 54.23
C ALA W 82 66.53 -69.69 53.20
N ALA W 83 65.24 -69.49 52.94
CA ALA W 83 64.80 -68.49 51.94
C ALA W 83 65.48 -67.16 52.24
N ALA W 84 65.41 -66.69 53.49
CA ALA W 84 66.07 -65.44 53.87
C ALA W 84 67.57 -65.56 53.72
N GLY W 85 68.15 -66.68 54.15
CA GLY W 85 69.59 -66.83 54.15
C GLY W 85 70.19 -67.20 52.82
N ALA W 86 69.37 -67.63 51.86
CA ALA W 86 69.90 -67.98 50.54
C ALA W 86 70.03 -66.78 49.62
N ILE W 87 69.24 -65.74 49.85
CA ILE W 87 69.19 -64.62 48.94
C ILE W 87 69.80 -63.35 49.53
N ILE W 88 69.80 -63.20 50.86
CA ILE W 88 70.34 -62.00 51.48
C ILE W 88 71.83 -61.84 51.21
N PRO W 89 72.68 -62.86 51.44
CA PRO W 89 74.11 -62.65 51.14
C PRO W 89 74.38 -62.36 49.68
N GLU W 90 73.62 -62.95 48.76
CA GLU W 90 73.84 -62.69 47.34
C GLU W 90 73.47 -61.25 46.98
N GLY W 91 72.39 -60.75 47.57
CA GLY W 91 72.03 -59.36 47.34
C GLY W 91 73.09 -58.39 47.81
N LEU W 92 73.78 -58.74 48.90
CA LEU W 92 74.89 -57.91 49.36
C LEU W 92 76.00 -57.85 48.34
N ALA W 93 76.41 -59.01 47.83
CA ALA W 93 77.53 -59.04 46.89
C ALA W 93 77.19 -58.32 45.59
N ALA W 94 75.94 -58.46 45.13
CA ALA W 94 75.55 -57.80 43.89
C ALA W 94 75.53 -56.28 44.04
N ASN W 95 75.38 -55.79 45.26
CA ASN W 95 75.36 -54.37 45.52
C ASN W 95 76.72 -53.82 45.93
N GLY W 96 77.75 -54.66 45.97
CA GLY W 96 79.11 -54.21 46.20
C GLY W 96 79.77 -54.74 47.46
N ALA W 97 79.01 -55.41 48.32
CA ALA W 97 79.60 -55.94 49.54
C ALA W 97 80.58 -57.07 49.22
N ASP W 98 81.60 -57.22 50.07
CA ASP W 98 82.62 -58.25 49.90
C ASP W 98 82.14 -59.52 50.57
N VAL W 99 81.45 -60.37 49.79
CA VAL W 99 80.94 -61.65 50.26
C VAL W 99 81.48 -62.73 49.33
N LYS W 100 82.14 -63.73 49.92
CA LYS W 100 82.73 -64.83 49.15
C LYS W 100 81.78 -66.01 49.16
N GLY W 101 81.31 -66.40 47.99
CA GLY W 101 80.28 -67.42 47.90
C GLY W 101 78.90 -66.81 48.04
N ALA W 102 78.56 -65.88 47.15
CA ALA W 102 77.30 -65.16 47.27
C ALA W 102 76.11 -66.08 47.03
N THR W 103 76.07 -66.76 45.89
CA THR W 103 74.95 -67.63 45.57
C THR W 103 74.92 -68.82 46.52
N TRP W 104 73.72 -69.19 46.95
CA TRP W 104 73.57 -70.20 47.99
C TRP W 104 74.13 -71.55 47.55
N PHE W 105 73.93 -71.91 46.28
CA PHE W 105 74.38 -73.19 45.79
C PHE W 105 75.83 -73.19 45.37
N GLU W 106 76.63 -72.23 45.85
CA GLU W 106 78.05 -72.20 45.55
C GLU W 106 78.86 -71.86 46.79
N THR W 107 78.19 -71.70 47.93
CA THR W 107 78.91 -71.39 49.17
C THR W 107 79.75 -72.57 49.62
N GLY W 108 79.27 -73.80 49.40
CA GLY W 108 80.02 -74.96 49.83
C GLY W 108 81.36 -75.07 49.13
N ALA W 109 81.39 -74.80 47.83
CA ALA W 109 82.64 -74.89 47.07
C ALA W 109 83.65 -73.86 47.56
N ALA W 110 83.18 -72.72 48.06
CA ALA W 110 84.09 -71.68 48.51
C ALA W 110 84.90 -72.14 49.72
N MET W 111 84.34 -73.02 50.54
CA MET W 111 85.07 -73.53 51.69
C MET W 111 86.04 -74.65 51.33
N LEU W 112 85.97 -75.16 50.11
CA LEU W 112 86.90 -76.20 49.68
C LEU W 112 88.30 -75.63 49.50
N ASN W 113 89.28 -76.52 49.50
CA ASN W 113 90.69 -76.17 49.30
C ASN W 113 91.20 -75.20 50.35
N GLY W 114 90.62 -75.26 51.56
CA GLY W 114 91.04 -74.41 52.65
C GLY W 114 90.50 -73.00 52.61
N GLY W 115 89.68 -72.65 51.63
CA GLY W 115 89.12 -71.32 51.58
C GLY W 115 88.13 -71.09 52.71
N THR W 116 88.01 -69.82 53.11
CA THR W 116 87.14 -69.42 54.19
C THR W 116 86.04 -68.52 53.67
N LEU W 117 85.12 -68.17 54.58
CA LEU W 117 83.98 -67.34 54.26
C LEU W 117 84.02 -66.08 55.11
N ASN W 118 83.37 -65.01 54.62
CA ASN W 118 83.24 -63.76 55.33
C ASN W 118 81.82 -63.64 55.86
N TRP W 119 81.67 -63.61 57.18
CA TRP W 119 80.36 -63.40 57.78
C TRP W 119 80.13 -61.91 57.99
N PHE W 120 79.04 -61.41 57.42
CA PHE W 120 78.72 -59.99 57.45
C PHE W 120 77.65 -59.74 58.50
N ALA W 121 78.05 -59.16 59.63
CA ALA W 121 77.08 -58.60 60.57
C ALA W 121 76.55 -57.29 59.99
N VAL W 122 75.66 -57.46 59.01
CA VAL W 122 75.32 -56.48 57.97
C VAL W 122 75.25 -55.04 58.47
N PRO W 123 74.55 -54.72 59.57
CA PRO W 123 74.50 -53.31 59.97
C PRO W 123 75.86 -52.74 60.28
N PHE W 124 76.85 -53.59 60.56
CA PHE W 124 78.14 -53.18 61.10
C PHE W 124 79.27 -53.98 60.47
N VAL W 125 80.42 -54.01 61.15
CA VAL W 125 81.63 -54.56 60.56
C VAL W 125 81.42 -55.98 60.04
N ASN W 126 82.19 -56.31 59.00
CA ASN W 126 82.24 -57.64 58.41
C ASN W 126 83.27 -58.46 59.18
N PHE W 127 83.36 -59.75 58.86
CA PHE W 127 84.28 -60.63 59.57
C PHE W 127 84.98 -61.54 58.57
N ASN W 128 86.28 -61.72 58.74
CA ASN W 128 87.02 -62.75 58.02
C ASN W 128 87.05 -64.00 58.88
N ASN W 129 85.92 -64.73 58.84
CA ASN W 129 85.68 -65.90 59.66
C ASN W 129 86.79 -66.94 59.48
N PRO W 130 87.59 -67.24 60.54
CA PRO W 130 88.74 -68.13 60.38
C PRO W 130 88.39 -69.63 60.37
N LEU W 131 87.17 -69.98 60.80
CA LEU W 131 86.81 -71.43 60.89
C LEU W 131 87.09 -72.11 59.55
N PRO W 132 87.94 -73.16 59.50
CA PRO W 132 88.19 -73.90 58.26
C PRO W 132 87.03 -74.85 57.96
N LEU W 133 87.07 -75.54 56.82
CA LEU W 133 85.94 -76.40 56.44
C LEU W 133 85.78 -77.58 57.38
N PHE W 134 86.90 -78.24 57.71
CA PHE W 134 86.83 -79.41 58.62
C PHE W 134 86.19 -78.97 59.94
N ALA W 135 86.64 -77.82 60.46
CA ALA W 135 86.11 -77.32 61.75
C ALA W 135 84.62 -77.01 61.60
N VAL W 136 84.25 -76.28 60.55
CA VAL W 136 82.82 -75.88 60.36
C VAL W 136 81.97 -77.16 60.34
N VAL W 137 82.41 -78.17 59.58
CA VAL W 137 81.62 -79.44 59.47
C VAL W 137 81.49 -80.04 60.88
N ALA W 138 82.57 -80.08 61.64
CA ALA W 138 82.54 -80.68 62.99
C ALA W 138 81.62 -79.87 63.92
N ILE W 139 81.87 -78.56 64.04
CA ILE W 139 81.08 -77.72 64.98
C ILE W 139 79.61 -77.74 64.58
N ASN W 140 79.31 -77.51 63.30
CA ASN W 140 77.90 -77.43 62.86
C ASN W 140 77.20 -78.75 63.18
N VAL W 141 77.84 -79.87 62.85
CA VAL W 141 77.21 -81.22 63.07
C VAL W 141 77.01 -81.42 64.58
N ALA W 142 78.02 -81.11 65.39
CA ALA W 142 77.92 -81.34 66.85
C ALA W 142 76.78 -80.51 67.42
N LEU W 143 76.74 -79.22 67.10
CA LEU W 143 75.70 -78.32 67.68
C LEU W 143 74.32 -78.75 67.16
N MET W 144 74.22 -79.09 65.87
CA MET W 144 72.91 -79.44 65.29
C MET W 144 72.44 -80.79 65.82
N ALA W 145 73.34 -81.78 65.90
CA ALA W 145 72.97 -83.07 66.44
C ALA W 145 72.49 -82.93 67.87
N ALA W 146 73.20 -82.14 68.68
CA ALA W 146 72.78 -81.94 70.07
C ALA W 146 71.44 -81.24 70.13
N ALA W 147 71.26 -80.20 69.33
CA ALA W 147 70.02 -79.43 69.35
C ALA W 147 68.83 -80.28 68.93
N GLU W 148 69.00 -81.11 67.91
CA GLU W 148 67.90 -81.93 67.42
C GLU W 148 67.58 -83.06 68.40
N ASN W 149 68.61 -83.61 69.05
CA ASN W 149 68.37 -84.66 70.04
C ASN W 149 67.58 -84.12 71.22
N TYR W 150 67.88 -82.89 71.66
CA TYR W 150 67.11 -82.28 72.73
C TYR W 150 65.66 -82.12 72.34
N ARG W 151 65.41 -81.69 71.10
CA ARG W 151 64.04 -81.62 70.61
C ARG W 151 63.42 -83.01 70.53
N ARG W 152 64.19 -83.99 70.07
CA ARG W 152 63.68 -85.36 69.95
C ARG W 152 63.31 -85.93 71.31
N THR W 153 64.22 -85.79 72.28
CA THR W 153 63.97 -86.35 73.62
C THR W 153 63.14 -85.42 74.50
N GLU W 154 62.82 -84.21 74.02
CA GLU W 154 62.00 -83.26 74.77
C GLU W 154 62.60 -82.93 76.14
N ASP W 155 63.93 -82.91 76.22
CA ASP W 155 64.62 -82.57 77.45
C ASP W 155 65.99 -82.03 77.10
N GLY W 156 66.46 -81.06 77.88
CA GLY W 156 67.74 -80.44 77.63
C GLY W 156 68.45 -79.99 78.89
N PRO W 157 69.64 -79.44 78.73
CA PRO W 157 70.39 -78.94 79.89
C PRO W 157 69.86 -77.62 80.40
N ALA W 158 70.15 -77.35 81.66
CA ALA W 158 69.81 -76.06 82.25
C ALA W 158 70.67 -74.97 81.63
N GLY W 159 70.10 -73.78 81.53
CA GLY W 159 70.81 -72.66 80.94
C GLY W 159 70.11 -71.35 81.16
N TYR W 160 70.47 -70.37 80.33
CA TYR W 160 69.95 -69.02 80.44
C TYR W 160 69.30 -68.59 79.14
N ALA W 161 68.10 -68.01 79.25
CA ALA W 161 67.42 -67.30 78.20
C ALA W 161 66.84 -66.02 78.77
N PRO W 162 66.92 -64.91 78.04
CA PRO W 162 66.55 -63.61 78.63
C PRO W 162 65.12 -63.52 79.12
N GLY W 163 64.17 -64.14 78.41
CA GLY W 163 62.79 -64.06 78.83
C GLY W 163 62.53 -64.74 80.16
N VAL W 164 63.19 -65.86 80.41
CA VAL W 164 62.97 -66.64 81.62
C VAL W 164 64.14 -66.51 82.59
N GLY W 165 65.15 -65.72 82.26
CA GLY W 165 66.33 -65.64 83.10
C GLY W 165 67.07 -66.96 83.12
N LYS W 166 67.37 -67.45 84.31
CA LYS W 166 68.04 -68.73 84.48
C LYS W 166 67.00 -69.81 84.72
N PHE W 167 67.09 -70.90 83.97
CA PHE W 167 66.14 -71.99 84.06
C PHE W 167 66.87 -73.30 84.27
N ASP W 168 66.14 -74.27 84.80
CA ASP W 168 66.64 -75.63 85.02
C ASP W 168 65.96 -76.59 84.05
N GLU W 169 66.26 -77.88 84.21
CA GLU W 169 65.69 -78.90 83.34
C GLU W 169 64.18 -78.99 83.46
N SER W 170 63.62 -78.44 84.53
CA SER W 170 62.18 -78.58 84.76
C SER W 170 61.36 -77.84 83.72
N VAL W 171 61.92 -76.77 83.14
CA VAL W 171 61.15 -75.97 82.18
C VAL W 171 60.89 -76.76 80.91
N TYR W 172 61.81 -77.66 80.54
CA TYR W 172 61.63 -78.43 79.32
C TYR W 172 60.41 -79.32 79.40
N SER W 173 60.05 -79.76 80.60
CA SER W 173 58.81 -80.48 80.78
C SER W 173 57.62 -79.55 80.52
N ASN W 174 56.52 -80.13 80.04
CA ASN W 174 55.29 -79.40 79.76
C ASN W 174 55.47 -78.39 78.64
N MET W 175 56.40 -78.63 77.73
CA MET W 175 56.59 -77.79 76.55
C MET W 175 56.03 -78.50 75.33
N ASP W 176 55.22 -77.80 74.54
CA ASP W 176 54.67 -78.36 73.32
C ASP W 176 55.81 -78.77 72.38
N ASN W 177 55.63 -79.92 71.73
CA ASN W 177 56.66 -80.41 70.84
C ASN W 177 56.90 -79.48 69.66
N LEU W 178 55.91 -78.67 69.32
CA LEU W 178 56.01 -77.76 68.17
C LEU W 178 56.08 -76.30 68.56
N TYR W 179 55.50 -75.93 69.69
CA TYR W 179 55.44 -74.54 70.16
C TYR W 179 55.99 -74.47 71.57
N PRO W 180 57.30 -74.70 71.75
CA PRO W 180 57.84 -74.83 73.11
C PRO W 180 57.62 -73.60 73.98
N GLY W 181 57.71 -72.41 73.40
CA GLY W 181 57.62 -71.22 74.21
C GLY W 181 58.75 -71.15 75.23
N GLY W 182 58.45 -70.56 76.37
CA GLY W 182 59.41 -70.47 77.45
C GLY W 182 60.66 -69.74 77.04
N PRO W 183 61.81 -70.42 77.15
CA PRO W 183 63.06 -69.80 76.71
C PRO W 183 63.04 -69.40 75.24
N PHE W 184 62.31 -70.13 74.40
CA PHE W 184 62.23 -69.85 72.98
C PHE W 184 61.35 -68.65 72.66
N ASP W 185 60.78 -67.99 73.67
CA ASP W 185 59.95 -66.81 73.48
C ASP W 185 60.46 -65.71 74.40
N PRO W 186 61.69 -65.22 74.17
CA PRO W 186 62.23 -64.20 75.08
C PRO W 186 61.42 -62.92 75.13
N LEU W 187 60.82 -62.52 74.00
CA LEU W 187 60.03 -61.30 73.98
C LEU W 187 58.62 -61.50 74.51
N GLY W 188 58.23 -62.73 74.81
CA GLY W 188 56.94 -63.00 75.40
C GLY W 188 55.75 -62.57 74.57
N LEU W 189 55.82 -62.81 73.26
CA LEU W 189 54.74 -62.44 72.35
C LEU W 189 53.62 -63.47 72.31
N ALA W 190 53.78 -64.59 73.02
CA ALA W 190 52.80 -65.66 73.04
C ALA W 190 51.88 -65.59 74.25
N ASP W 191 51.93 -64.50 75.03
CA ASP W 191 51.16 -64.43 76.26
C ASP W 191 49.66 -64.37 75.98
N ASP W 192 49.24 -63.58 75.00
CA ASP W 192 47.82 -63.42 74.72
C ASP W 192 47.31 -64.61 73.91
N PRO W 193 46.34 -65.38 74.41
CA PRO W 193 45.88 -66.55 73.64
C PRO W 193 45.32 -66.22 72.27
N GLU W 194 44.63 -65.08 72.14
CA GLU W 194 44.09 -64.71 70.84
C GLU W 194 45.19 -64.29 69.88
N VAL W 195 46.17 -63.56 70.40
CA VAL W 195 47.30 -63.15 69.57
C VAL W 195 48.12 -64.36 69.15
N LEU W 196 48.32 -65.29 70.08
CA LEU W 196 49.11 -66.49 69.76
C LEU W 196 48.45 -67.31 68.66
N ALA W 197 47.13 -67.44 68.70
CA ALA W 197 46.42 -68.20 67.68
C ALA W 197 46.59 -67.55 66.31
N GLU W 198 46.47 -66.22 66.25
CA GLU W 198 46.63 -65.53 64.98
C GLU W 198 48.07 -65.61 64.48
N LEU W 199 49.04 -65.44 65.39
CA LEU W 199 50.44 -65.47 64.98
C LEU W 199 50.85 -66.86 64.51
N LYS W 200 50.20 -67.91 65.02
CA LYS W 200 50.45 -69.25 64.52
C LYS W 200 50.05 -69.37 63.06
N VAL W 201 48.95 -68.72 62.67
CA VAL W 201 48.53 -68.73 61.28
C VAL W 201 49.56 -68.03 60.40
N LYS W 202 50.10 -66.91 60.88
CA LYS W 202 51.10 -66.19 60.09
C LYS W 202 52.39 -66.99 59.97
N GLU W 203 52.68 -67.84 60.95
CA GLU W 203 53.93 -68.60 60.93
C GLU W 203 53.94 -69.62 59.80
N ILE W 204 52.89 -70.42 59.70
CA ILE W 204 52.86 -71.44 58.66
C ILE W 204 52.64 -70.81 57.30
N LYS W 205 51.86 -69.73 57.24
CA LYS W 205 51.60 -69.09 55.96
C LYS W 205 52.86 -68.44 55.40
N ASN W 206 53.63 -67.75 56.23
CA ASN W 206 54.96 -67.33 55.79
C ASN W 206 55.84 -68.54 55.56
N GLY W 207 55.67 -69.59 56.37
CA GLY W 207 56.47 -70.79 56.18
C GLY W 207 56.17 -71.51 54.89
N ARG W 208 54.87 -71.68 54.58
CA ARG W 208 54.49 -72.34 53.33
C ARG W 208 54.93 -71.52 52.13
N LEU W 209 54.88 -70.19 52.26
CA LEU W 209 55.37 -69.32 51.16
C LEU W 209 56.87 -69.56 50.98
N ALA W 210 57.62 -69.67 52.08
CA ALA W 210 59.08 -69.86 51.99
C ALA W 210 59.40 -71.22 51.36
N MET W 211 58.65 -72.27 51.72
CA MET W 211 58.95 -73.63 51.21
C MET W 211 58.81 -73.63 49.69
N VAL W 212 57.71 -73.09 49.17
CA VAL W 212 57.48 -73.06 47.70
C VAL W 212 58.56 -72.16 47.07
N SER W 213 58.94 -71.09 47.77
CA SER W 213 59.97 -70.15 47.24
C SER W 213 61.30 -70.86 47.09
N PHE W 214 61.73 -71.59 48.12
CA PHE W 214 63.05 -72.29 48.06
C PHE W 214 62.99 -73.35 46.96
N LEU W 215 61.82 -74.00 46.80
CA LEU W 215 61.66 -74.98 45.70
C LEU W 215 61.99 -74.25 44.38
N GLY W 216 61.45 -73.05 44.20
CA GLY W 216 61.76 -72.25 43.01
C GLY W 216 63.23 -71.92 42.93
N PHE W 217 63.83 -71.50 44.04
CA PHE W 217 65.29 -71.20 44.08
C PHE W 217 66.06 -72.39 43.54
N ALA W 218 65.69 -73.60 43.97
CA ALA W 218 66.41 -74.82 43.52
C ALA W 218 66.16 -75.07 42.03
N VAL W 219 64.88 -75.12 41.64
CA VAL W 219 64.53 -75.37 40.21
C VAL W 219 65.20 -74.29 39.36
N GLN W 220 65.15 -73.03 39.80
CA GLN W 220 65.74 -71.94 39.04
C GLN W 220 67.25 -72.10 38.95
N ALA W 221 67.89 -72.57 40.02
CA ALA W 221 69.34 -72.79 39.96
C ALA W 221 69.68 -73.82 38.90
N ALA W 222 68.89 -74.89 38.81
CA ALA W 222 69.17 -75.94 37.83
C ALA W 222 68.99 -75.42 36.40
N VAL W 223 68.02 -74.54 36.18
CA VAL W 223 67.70 -74.11 34.83
C VAL W 223 68.59 -72.95 34.40
N THR W 224 68.51 -71.82 35.13
CA THR W 224 69.22 -70.63 34.69
C THR W 224 70.68 -70.64 35.15
N GLY W 225 71.02 -71.45 36.14
CA GLY W 225 72.40 -71.51 36.59
C GLY W 225 72.88 -70.26 37.31
N GLU W 226 71.98 -69.41 37.77
CA GLU W 226 72.34 -68.20 38.49
C GLU W 226 71.65 -68.21 39.85
N GLY W 227 72.10 -67.31 40.72
CA GLY W 227 71.51 -67.16 42.03
C GLY W 227 70.13 -66.53 41.94
N PRO W 228 69.32 -66.74 42.98
CA PRO W 228 67.95 -66.19 42.95
C PRO W 228 67.91 -64.68 42.82
N TYR W 229 68.86 -63.96 43.41
CA TYR W 229 68.89 -62.51 43.26
C TYR W 229 69.15 -62.12 41.82
N ALA W 230 70.06 -62.83 41.15
CA ALA W 230 70.37 -62.52 39.76
C ALA W 230 69.15 -62.74 38.87
N ASN W 231 68.38 -63.79 39.15
CA ASN W 231 67.15 -64.02 38.39
C ASN W 231 66.15 -62.90 38.62
N TRP W 232 65.99 -62.46 39.86
CA TRP W 232 65.03 -61.40 40.15
C TRP W 232 65.49 -60.07 39.56
N SER W 233 66.77 -59.75 39.72
CA SER W 233 67.27 -58.45 39.26
C SER W 233 67.13 -58.32 37.75
N LYS W 234 67.24 -59.43 37.02
CA LYS W 234 67.20 -59.35 35.57
C LYS W 234 65.78 -59.51 35.03
N HIS W 235 64.89 -60.18 35.78
CA HIS W 235 63.48 -60.11 35.43
C HIS W 235 62.97 -58.68 35.58
N VAL W 236 63.31 -58.03 36.69
CA VAL W 236 62.86 -56.65 36.88
C VAL W 236 63.53 -55.72 35.88
N ALA W 237 64.79 -55.98 35.52
CA ALA W 237 65.47 -55.12 34.55
C ALA W 237 64.81 -55.20 33.17
N ASP W 238 64.59 -56.40 32.67
CA ASP W 238 63.97 -56.62 31.36
C ASP W 238 63.00 -57.79 31.50
N PRO W 239 61.75 -57.52 31.89
CA PRO W 239 60.83 -58.64 32.19
C PRO W 239 60.51 -59.52 30.99
N PHE W 240 60.07 -58.94 29.87
CA PHE W 240 59.77 -59.76 28.72
C PHE W 240 61.03 -60.35 28.09
N GLY W 241 62.17 -59.68 28.26
CA GLY W 241 63.39 -60.18 27.65
C GLY W 241 64.07 -61.27 28.46
N TYR W 242 63.77 -61.34 29.76
CA TYR W 242 64.42 -62.28 30.66
C TYR W 242 63.36 -62.97 31.51
N ASN W 243 62.89 -64.12 31.05
CA ASN W 243 61.99 -64.95 31.83
C ASN W 243 62.24 -66.40 31.45
N LEU W 244 61.36 -67.28 31.92
CA LEU W 244 61.55 -68.71 31.66
C LEU W 244 61.52 -69.01 30.16
N LEU W 245 60.59 -68.39 29.44
CA LEU W 245 60.42 -68.69 28.03
C LEU W 245 61.66 -68.28 27.22
N THR W 246 62.24 -67.12 27.56
CA THR W 246 63.43 -66.67 26.85
C THR W 246 64.60 -67.61 27.08
N ILE W 247 64.75 -68.12 28.30
CA ILE W 247 65.83 -69.05 28.59
C ILE W 247 65.63 -70.36 27.84
N LEU W 248 64.41 -70.86 27.83
CA LEU W 248 64.13 -72.11 27.13
C LEU W 248 64.40 -71.97 25.64
N SER W 249 64.20 -70.77 25.09
CA SER W 249 64.46 -70.54 23.67
C SER W 249 65.90 -70.86 23.34
N SER W 250 66.85 -70.29 24.09
CA SER W 250 68.27 -70.62 23.99
C SER W 250 68.81 -70.41 22.58
N GLU W 251 68.19 -69.49 21.84
CA GLU W 251 68.63 -69.18 20.49
C GLU W 251 68.13 -67.79 20.13
N ASP W 252 68.81 -67.19 19.15
CA ASP W 252 68.43 -65.86 18.65
C ASP W 252 67.21 -66.03 17.75
N ARG W 253 66.03 -65.79 18.33
CA ARG W 253 64.79 -65.95 17.60
C ARG W 253 64.76 -65.04 16.38
N ALA W 254 64.61 -65.64 15.21
CA ALA W 254 64.58 -64.87 13.97
C ALA W 254 63.35 -63.98 13.94
N ALA W 255 63.54 -62.74 13.47
CA ALA W 255 62.43 -61.80 13.38
C ALA W 255 61.35 -62.36 12.46
N VAL W 256 60.11 -62.32 12.93
CA VAL W 256 59.00 -62.85 12.13
C VAL W 256 58.69 -61.92 10.98
N LEU W 257 58.33 -60.67 11.30
CA LEU W 257 58.05 -59.64 10.31
C LEU W 257 56.93 -60.06 9.36
N MET X 1 16.91 1.48 -1.74
CA MET X 1 15.56 1.45 -1.20
C MET X 1 15.14 0.03 -0.87
N GLU X 2 15.69 -0.94 -1.59
CA GLU X 2 15.39 -2.33 -1.29
C GLU X 2 15.86 -2.71 0.11
N ALA X 3 16.99 -2.14 0.54
CA ALA X 3 17.49 -2.40 1.88
C ALA X 3 16.51 -1.93 2.95
N LEU X 4 15.81 -0.83 2.68
CA LEU X 4 14.76 -0.37 3.59
C LEU X 4 13.63 -1.39 3.68
N VAL X 5 13.21 -1.92 2.53
CA VAL X 5 12.12 -2.88 2.50
C VAL X 5 12.53 -4.16 3.23
N TYR X 6 13.74 -4.65 2.95
CA TYR X 6 14.19 -5.89 3.57
C TYR X 6 14.27 -5.76 5.08
N THR X 7 14.84 -4.66 5.56
CA THR X 7 14.97 -4.47 7.00
C THR X 7 13.62 -4.32 7.66
N PHE X 8 12.70 -3.57 7.02
CA PHE X 8 11.36 -3.42 7.58
C PHE X 8 10.64 -4.75 7.66
N LEU X 9 10.78 -5.57 6.62
CA LEU X 9 10.13 -6.88 6.62
C LEU X 9 10.66 -7.76 7.74
N LEU X 10 11.98 -7.73 7.95
CA LEU X 10 12.58 -8.59 8.97
C LEU X 10 12.18 -8.15 10.37
N VAL X 11 12.31 -6.85 10.66
CA VAL X 11 11.96 -6.37 11.99
C VAL X 11 10.45 -6.43 12.20
N GLY X 12 9.69 -6.35 11.10
CA GLY X 12 8.26 -6.53 11.22
C GLY X 12 7.88 -7.93 11.64
N THR X 13 8.58 -8.93 11.09
CA THR X 13 8.33 -10.32 11.48
C THR X 13 8.69 -10.55 12.94
N LEU X 14 9.82 -9.98 13.38
CA LEU X 14 10.21 -10.12 14.79
C LEU X 14 9.22 -9.40 15.70
N GLY X 15 8.61 -8.32 15.21
CA GLY X 15 7.57 -7.66 15.99
C GLY X 15 6.37 -8.57 16.21
N ILE X 16 5.97 -9.31 15.18
CA ILE X 16 4.86 -10.25 15.31
C ILE X 16 5.23 -11.35 16.28
N ILE X 17 6.46 -11.83 16.23
CA ILE X 17 6.92 -12.89 17.13
C ILE X 17 6.83 -12.42 18.57
N PHE X 18 7.26 -11.19 18.84
CA PHE X 18 7.19 -10.66 20.20
C PHE X 18 5.76 -10.61 20.69
N PHE X 19 4.84 -10.13 19.86
CA PHE X 19 3.45 -9.99 20.28
C PHE X 19 2.79 -11.34 20.44
N ALA X 20 3.15 -12.31 19.60
CA ALA X 20 2.54 -13.64 19.70
C ALA X 20 2.91 -14.31 21.01
N ILE X 21 4.08 -14.02 21.55
CA ILE X 21 4.53 -14.67 22.77
C ILE X 21 3.91 -14.01 23.99
N PHE X 22 3.98 -12.69 24.10
CA PHE X 22 3.54 -11.99 25.30
C PHE X 22 2.11 -11.51 25.22
N PHE X 23 1.69 -10.98 24.08
CA PHE X 23 0.29 -10.59 23.89
C PHE X 23 -0.51 -11.68 23.21
N ARG X 24 -0.52 -12.87 23.80
CA ARG X 24 -1.29 -13.99 23.30
C ARG X 24 -2.58 -14.15 24.10
N GLU X 25 -3.51 -14.89 23.53
CA GLU X 25 -4.68 -15.30 24.29
C GLU X 25 -4.25 -16.37 25.28
N PRO X 26 -4.42 -16.17 26.58
CA PRO X 26 -4.01 -17.18 27.53
C PRO X 26 -4.87 -18.42 27.41
N PRO X 27 -4.27 -19.60 27.47
CA PRO X 27 -5.06 -20.84 27.46
C PRO X 27 -5.73 -21.09 28.78
N ARG X 28 -7.04 -20.93 28.83
CA ARG X 28 -7.80 -21.05 30.07
C ARG X 28 -8.51 -22.39 30.10
N ILE X 29 -8.42 -23.09 31.23
CA ILE X 29 -9.04 -24.40 31.37
C ILE X 29 -10.55 -24.26 31.36
N VAL X 30 -11.19 -24.85 30.36
CA VAL X 30 -12.65 -24.91 30.18
C VAL X 30 -13.41 -23.71 30.75
N ASN Y 1 41.93 -72.42 -3.19
CA ASN Y 1 40.69 -72.07 -2.49
C ASN Y 1 40.59 -72.81 -1.17
N LEU Y 2 41.66 -73.51 -0.80
CA LEU Y 2 41.67 -74.22 0.47
C LEU Y 2 41.55 -73.25 1.64
N GLU Y 3 42.10 -72.05 1.50
CA GLU Y 3 42.04 -71.07 2.58
C GLU Y 3 40.60 -70.67 2.88
N ILE Y 4 39.83 -70.33 1.84
CA ILE Y 4 38.46 -69.87 2.05
C ILE Y 4 37.58 -71.04 2.52
N VAL Y 5 37.89 -72.25 2.06
CA VAL Y 5 37.14 -73.42 2.54
C VAL Y 5 37.36 -73.62 4.03
N LEU Y 6 38.60 -73.45 4.48
CA LEU Y 6 38.89 -73.55 5.91
C LEU Y 6 38.25 -72.41 6.69
N GLN Y 7 38.25 -71.21 6.11
CA GLN Y 7 37.64 -70.07 6.80
C GLN Y 7 36.14 -70.28 6.97
N LEU Y 8 35.47 -70.75 5.92
CA LEU Y 8 34.04 -71.00 6.03
C LEU Y 8 33.75 -72.14 6.99
N THR Y 9 34.60 -73.17 7.00
CA THR Y 9 34.43 -74.28 7.94
C THR Y 9 34.57 -73.80 9.37
N ALA Y 10 35.59 -73.00 9.66
CA ALA Y 10 35.74 -72.44 11.00
C ALA Y 10 34.60 -71.50 11.33
N LEU Y 11 34.17 -70.72 10.34
CA LEU Y 11 33.03 -69.83 10.55
C LEU Y 11 31.77 -70.63 10.83
N LEU Y 12 31.64 -71.80 10.21
CA LEU Y 12 30.44 -72.62 10.42
C LEU Y 12 30.31 -73.05 11.87
N PHE Y 13 31.42 -73.44 12.49
CA PHE Y 13 31.38 -73.88 13.88
C PHE Y 13 30.94 -72.76 14.82
N ILE Y 14 31.59 -71.59 14.70
CA ILE Y 14 31.36 -70.54 15.69
C ILE Y 14 29.96 -69.97 15.57
N VAL Y 15 29.42 -69.86 14.36
CA VAL Y 15 28.08 -69.33 14.19
C VAL Y 15 27.06 -70.38 14.62
N ALA Y 16 27.53 -71.61 14.82
CA ALA Y 16 26.68 -72.68 15.33
C ALA Y 16 26.89 -72.96 16.80
N ALA Y 17 28.05 -72.62 17.36
CA ALA Y 17 28.33 -72.89 18.76
C ALA Y 17 27.35 -72.17 19.67
N GLY Y 18 27.02 -70.92 19.33
CA GLY Y 18 26.06 -70.16 20.08
C GLY Y 18 24.68 -70.78 20.09
N PRO Y 19 24.08 -70.91 18.91
CA PRO Y 19 22.77 -71.59 18.83
C PRO Y 19 22.78 -73.02 19.34
N LEU Y 20 23.92 -73.72 19.25
CA LEU Y 20 24.01 -75.06 19.80
C LEU Y 20 23.77 -75.05 21.30
N VAL Y 21 24.28 -74.03 21.99
CA VAL Y 21 24.05 -73.93 23.43
C VAL Y 21 22.57 -73.73 23.73
N ILE Y 22 21.91 -72.85 22.97
CA ILE Y 22 20.53 -72.52 23.26
C ILE Y 22 19.62 -73.71 22.99
N VAL Y 23 19.84 -74.42 21.87
CA VAL Y 23 18.95 -75.53 21.53
C VAL Y 23 19.14 -76.68 22.51
N LEU Y 24 20.39 -76.90 22.98
CA LEU Y 24 20.62 -77.94 23.97
C LEU Y 24 19.89 -77.63 25.27
N LEU Y 25 19.94 -76.37 25.70
CA LEU Y 25 19.22 -75.97 26.90
C LEU Y 25 17.71 -76.04 26.70
N SER Y 26 17.24 -75.64 25.52
CA SER Y 26 15.81 -75.72 25.23
C SER Y 26 15.33 -77.16 25.20
N SER Y 27 16.11 -78.04 24.56
CA SER Y 27 15.72 -79.44 24.47
C SER Y 27 15.76 -80.11 25.84
N ARG Y 28 16.81 -79.87 26.62
CA ARG Y 28 17.00 -80.50 27.92
C ARG Y 28 16.27 -79.77 29.03
N GLY Y 29 15.37 -78.85 28.69
CA GLY Y 29 14.63 -78.10 29.70
C GLY Y 29 15.53 -77.32 30.63
N GLY Y 30 16.54 -76.64 30.08
CA GLY Y 30 17.49 -75.91 30.88
C GLY Y 30 16.93 -74.60 31.39
N ASN Y 31 17.70 -73.98 32.29
CA ASN Y 31 17.34 -72.67 32.85
C ASN Y 31 17.90 -71.59 31.96
N LEU Y 32 17.29 -71.43 30.79
CA LEU Y 32 17.75 -70.43 29.84
C LEU Y 32 16.72 -69.31 29.67
N LEU Z 1 56.52 -2.27 13.65
CA LEU Z 1 55.11 -2.58 13.50
C LEU Z 1 54.28 -1.31 13.35
N VAL Z 2 53.04 -1.47 12.92
CA VAL Z 2 52.18 -0.33 12.62
C VAL Z 2 51.06 -0.15 13.64
N ASP Z 3 50.58 -1.22 14.27
CA ASP Z 3 49.49 -1.12 15.21
C ASP Z 3 49.82 -1.90 16.48
N ASP Z 4 48.94 -1.77 17.48
CA ASP Z 4 49.09 -2.46 18.74
C ASP Z 4 47.98 -3.48 18.91
N ARG Z 5 48.34 -4.62 19.48
CA ARG Z 5 47.39 -5.70 19.70
C ARG Z 5 47.85 -6.51 20.91
N LEU Z 6 46.92 -7.27 21.48
CA LEU Z 6 47.25 -8.10 22.63
C LEU Z 6 48.26 -9.18 22.25
N ALA Z 7 48.13 -9.72 21.04
CA ALA Z 7 49.06 -10.72 20.51
C ALA Z 7 49.15 -11.95 21.40
N GLY Z 8 48.02 -12.30 22.01
CA GLY Z 8 47.93 -13.50 22.81
C GLY Z 8 47.33 -14.69 22.10
N GLU Z 9 46.92 -14.53 20.84
CA GLU Z 9 46.29 -15.61 20.10
C GLU Z 9 47.26 -16.75 19.86
N GLY Z 10 46.81 -17.97 20.12
CA GLY Z 10 47.61 -19.14 19.83
C GLY Z 10 48.91 -19.20 20.61
N THR Z 11 48.87 -18.82 21.88
CA THR Z 11 50.06 -18.82 22.72
C THR Z 11 49.97 -19.77 23.90
N GLY Z 12 48.86 -20.49 24.04
CA GLY Z 12 48.73 -21.50 25.07
C GLY Z 12 48.83 -21.00 26.50
N LYS Z 13 48.16 -19.90 26.79
CA LYS Z 13 48.19 -19.33 28.12
C LYS Z 13 47.08 -19.95 28.98
N ILE Z 14 47.40 -20.16 30.26
CA ILE Z 14 46.45 -20.82 31.16
C ILE Z 14 45.22 -19.95 31.30
N LEU Z 15 44.06 -20.51 30.94
CA LEU Z 15 42.78 -19.82 31.00
C LEU Z 15 42.76 -18.54 30.15
N GLY Z 16 43.72 -18.40 29.24
CA GLY Z 16 43.80 -17.21 28.42
C GLY Z 16 44.22 -15.97 29.16
N ILE Z 17 44.92 -16.14 30.29
CA ILE Z 17 45.33 -15.00 31.11
C ILE Z 17 46.62 -14.42 30.56
N ASN Z 18 46.49 -13.41 29.69
CA ASN Z 18 47.68 -12.72 29.14
C ASN Z 18 48.25 -11.78 30.20
N ASP Z 19 47.37 -11.11 30.95
CA ASP Z 19 47.80 -10.16 32.00
C ASP Z 19 47.22 -10.58 33.35
N PRO Z 20 47.86 -10.25 34.50
CA PRO Z 20 47.38 -10.71 35.80
C PRO Z 20 46.02 -10.14 36.21
N SER Z 21 45.58 -9.05 35.57
CA SER Z 21 44.28 -8.41 35.92
C SER Z 21 43.13 -9.36 35.62
N LEU Z 22 43.25 -10.18 34.58
CA LEU Z 22 42.19 -11.16 34.23
C LEU Z 22 42.01 -12.14 35.39
N PHE Z 23 43.12 -12.50 36.05
CA PHE Z 23 43.05 -13.43 37.20
C PHE Z 23 42.15 -12.81 38.28
N TRP Z 24 42.34 -11.51 38.56
CA TRP Z 24 41.54 -10.84 39.62
C TRP Z 24 40.07 -10.77 39.18
N ALA Z 25 39.83 -10.56 37.88
CA ALA Z 25 38.44 -10.50 37.37
C ALA Z 25 37.73 -11.82 37.67
N ILE Z 26 38.37 -12.94 37.35
CA ILE Z 26 37.73 -14.28 37.57
C ILE Z 26 37.67 -14.57 39.06
N THR Z 27 38.77 -14.41 39.78
CA THR Z 27 38.82 -14.77 41.22
C THR Z 27 37.80 -13.94 42.02
N ILE Z 28 37.79 -12.62 41.84
CA ILE Z 28 36.88 -11.75 42.64
C ILE Z 28 35.43 -12.17 42.37
N VAL Z 29 35.06 -12.31 41.10
CA VAL Z 29 33.65 -12.65 40.74
C VAL Z 29 33.29 -14.00 41.36
N PHE Z 30 34.15 -15.01 41.19
CA PHE Z 30 33.83 -16.37 41.71
C PHE Z 30 33.71 -16.31 43.23
N THR Z 31 34.60 -15.59 43.89
CA THR Z 31 34.58 -15.49 45.37
C THR Z 31 33.26 -14.85 45.81
N ILE Z 32 32.85 -13.77 45.13
CA ILE Z 32 31.59 -13.06 45.50
C ILE Z 32 30.42 -14.04 45.39
N VAL Z 33 30.26 -14.67 44.22
CA VAL Z 33 29.17 -15.63 44.04
C VAL Z 33 29.28 -16.76 45.05
N TRP Z 34 30.50 -17.27 45.26
CA TRP Z 34 30.68 -18.30 46.28
C TRP Z 34 30.35 -17.75 47.66
N GLY Z 35 30.65 -16.48 47.90
CA GLY Z 35 30.39 -15.90 49.21
C GLY Z 35 28.91 -15.85 49.53
N VAL Z 36 28.09 -15.41 48.59
CA VAL Z 36 26.65 -15.31 48.83
C VAL Z 36 26.04 -16.71 48.88
N PHE Z 37 26.60 -17.65 48.12
CA PHE Z 37 26.12 -19.03 48.17
C PHE Z 37 26.44 -19.67 49.50
N TYR Z 38 27.64 -19.44 50.02
CA TYR Z 38 28.10 -20.13 51.22
C TYR Z 38 27.22 -19.79 52.42
N VAL Z 39 26.83 -18.52 52.54
CA VAL Z 39 26.05 -18.07 53.74
C VAL Z 39 24.57 -18.41 53.56
N SER Z 40 24.22 -19.21 52.56
CA SER Z 40 22.79 -19.52 52.29
C SER Z 40 22.55 -21.03 52.25
N THR Z 41 23.61 -21.83 52.35
CA THR Z 41 23.47 -23.31 52.24
C THR Z 41 22.48 -23.83 53.29
N ARG Z 42 22.64 -23.42 54.56
CA ARG Z 42 21.78 -23.95 55.64
C ARG Z 42 20.31 -23.66 55.33
N GLU Z 43 20.00 -22.42 54.95
CA GLU Z 43 18.60 -22.01 54.63
C GLU Z 43 18.07 -22.90 53.51
N ILE Z 44 18.84 -23.07 52.43
CA ILE Z 44 18.38 -23.89 51.27
C ILE Z 44 18.08 -25.31 51.74
N ASP Z 45 18.99 -25.91 52.53
CA ASP Z 45 18.81 -27.30 53.00
C ASP Z 45 17.60 -27.37 53.94
N ALA Z 46 17.39 -26.35 54.75
CA ALA Z 46 16.28 -26.35 55.73
C ALA Z 46 14.95 -26.60 55.01
N ALA Z 47 14.83 -26.11 53.77
CA ALA Z 47 13.59 -26.31 52.99
C ALA Z 47 13.33 -27.81 52.78
N SER Z 48 14.40 -28.62 52.73
CA SER Z 48 14.25 -30.08 52.50
C SER Z 48 13.48 -30.72 53.67
N ASP Z 49 13.57 -30.12 54.86
CA ASP Z 49 12.89 -30.67 56.07
C ASP Z 49 13.74 -31.80 56.66
N ARG Z 50 14.84 -32.16 55.99
CA ARG Z 50 15.76 -33.20 56.53
C ARG Z 50 17.07 -32.51 56.90
N GLU Z 51 17.91 -33.13 57.74
CA GLU Z 51 19.22 -32.50 58.00
C GLU Z 51 20.25 -33.09 57.04
N ASN Z 52 21.17 -32.27 56.53
CA ASN Z 52 22.15 -32.77 55.52
C ASN Z 52 23.09 -33.76 56.21
N ASP Z 53 22.55 -34.90 56.67
CA ASP Z 53 23.39 -35.95 57.29
C ASP Z 53 23.90 -36.89 56.19
N ASP Z 54 24.45 -38.05 56.57
CA ASP Z 54 25.04 -38.98 55.57
C ASP Z 54 23.95 -39.60 54.71
N ASP Z 55 22.68 -39.27 54.96
CA ASP Z 55 21.56 -39.89 54.20
C ASP Z 55 20.76 -38.79 53.50
N PHE Z 56 21.42 -37.69 53.13
CA PHE Z 56 20.71 -36.55 52.49
C PHE Z 56 20.93 -36.59 50.98
N GLY Z 57 19.94 -36.16 50.20
CA GLY Z 57 20.09 -36.10 48.73
C GLY Z 57 19.11 -37.00 48.00
N LEU Z 58 18.79 -36.66 46.74
CA LEU Z 58 17.90 -37.51 45.93
C LEU Z 58 18.53 -38.90 45.84
N THR Z 59 17.80 -39.94 46.26
CA THR Z 59 18.36 -41.32 46.26
C THR Z 59 17.25 -42.30 45.88
N LEU Z 60 17.49 -43.14 44.86
CA LEU Z 60 16.49 -44.18 44.48
C LEU Z 60 16.90 -45.49 45.16
N ALA AA 1 -6.61 -47.70 -46.02
CA ALA AA 1 -5.48 -46.82 -45.74
C ALA AA 1 -5.09 -46.91 -44.28
N ALA AA 2 -5.29 -48.07 -43.68
CA ALA AA 2 -4.92 -48.30 -42.29
C ALA AA 2 -3.45 -48.64 -42.21
N THR AA 3 -2.68 -47.78 -41.56
CA THR AA 3 -1.28 -48.02 -41.34
C THR AA 3 -1.08 -49.08 -40.26
N PRO AA 4 0.08 -49.75 -40.25
CA PRO AA 4 0.31 -50.75 -39.19
C PRO AA 4 0.26 -50.18 -37.80
N SER AA 5 0.61 -48.91 -37.62
CA SER AA 5 0.50 -48.27 -36.31
C SER AA 5 -0.97 -48.11 -35.92
N LEU AA 6 -1.83 -47.86 -36.90
CA LEU AA 6 -3.26 -47.76 -36.61
C LEU AA 6 -3.84 -49.10 -36.22
N ASN AA 7 -3.39 -50.18 -36.86
CA ASN AA 7 -3.88 -51.51 -36.53
C ASN AA 7 -3.52 -51.89 -35.10
N ASN AA 8 -2.30 -51.58 -34.67
CA ASN AA 8 -1.89 -51.91 -33.32
C ASN AA 8 -2.67 -51.09 -32.29
N LEU AA 9 -3.00 -49.84 -32.63
CA LEU AA 9 -3.84 -49.03 -31.74
C LEU AA 9 -5.21 -49.65 -31.58
N ILE AA 10 -5.79 -50.14 -32.68
CA ILE AA 10 -7.06 -50.86 -32.60
C ILE AA 10 -6.88 -52.16 -31.83
N GLY AA 11 -5.79 -52.88 -32.10
CA GLY AA 11 -5.51 -54.10 -31.36
C GLY AA 11 -5.31 -53.86 -29.88
N SER AA 12 -4.69 -52.73 -29.53
CA SER AA 12 -4.52 -52.40 -28.12
C SER AA 12 -5.84 -52.11 -27.44
N VAL AA 13 -6.76 -51.43 -28.14
CA VAL AA 13 -8.08 -51.16 -27.59
C VAL AA 13 -8.83 -52.47 -27.35
N VAL AA 14 -8.77 -53.38 -28.32
CA VAL AA 14 -9.42 -54.68 -28.15
C VAL AA 14 -8.76 -55.47 -27.02
N ALA AA 15 -7.43 -55.45 -26.97
CA ALA AA 15 -6.73 -56.16 -25.89
C ALA AA 15 -7.08 -55.55 -24.55
N GLY AA 16 -7.20 -54.24 -24.47
CA GLY AA 16 -7.63 -53.61 -23.23
C GLY AA 16 -9.02 -54.05 -22.80
N GLY AA 17 -9.92 -54.19 -23.76
CA GLY AA 17 -11.25 -54.71 -23.43
C GLY AA 17 -11.21 -56.13 -22.92
N LEU AA 18 -10.37 -56.98 -23.54
CA LEU AA 18 -10.24 -58.35 -23.10
C LEU AA 18 -9.69 -58.44 -21.68
N VAL AA 19 -8.71 -57.59 -21.35
CA VAL AA 19 -8.19 -57.55 -20.00
C VAL AA 19 -9.27 -57.13 -19.02
N LEU AA 20 -10.04 -56.10 -19.39
CA LEU AA 20 -11.15 -55.69 -18.54
C LEU AA 20 -12.22 -56.77 -18.46
N ALA AA 21 -12.51 -57.43 -19.58
CA ALA AA 21 -13.49 -58.51 -19.57
C ALA AA 21 -13.01 -59.68 -18.73
N ALA AA 22 -11.72 -60.01 -18.83
CA ALA AA 22 -11.17 -61.08 -18.01
C ALA AA 22 -11.26 -60.73 -16.52
N ILE AA 23 -10.95 -59.48 -16.19
CA ILE AA 23 -11.04 -59.04 -14.76
C ILE AA 23 -12.50 -59.16 -14.31
N ALA AA 24 -13.42 -58.55 -15.06
CA ALA AA 24 -14.85 -58.56 -14.66
C ALA AA 24 -15.35 -60.00 -14.57
N GLY AA 25 -15.01 -60.83 -15.56
CA GLY AA 25 -15.48 -62.23 -15.57
C GLY AA 25 -15.01 -62.98 -14.34
N ALA AA 26 -13.71 -62.86 -14.01
CA ALA AA 26 -13.16 -63.56 -12.83
C ALA AA 26 -13.85 -63.05 -11.57
N ILE AA 27 -14.00 -61.73 -11.44
CA ILE AA 27 -14.61 -61.14 -10.22
C ILE AA 27 -16.06 -61.63 -10.10
N THR AA 28 -16.81 -61.60 -11.21
CA THR AA 28 -18.24 -62.00 -11.16
C THR AA 28 -18.32 -63.48 -10.78
N ALA AA 29 -17.43 -64.31 -11.34
CA ALA AA 29 -17.45 -65.76 -11.05
C ALA AA 29 -17.20 -65.99 -9.56
N VAL AA 30 -16.12 -65.41 -9.02
CA VAL AA 30 -15.76 -65.63 -7.59
C VAL AA 30 -16.85 -65.02 -6.71
N SER AA 31 -17.37 -63.85 -7.10
CA SER AA 31 -18.40 -63.16 -6.30
C SER AA 31 -19.64 -64.06 -6.19
N ASN AA 32 -20.01 -64.73 -7.29
CA ASN AA 32 -21.19 -65.63 -7.30
C ASN AA 32 -20.84 -66.92 -6.54
N PHE AA 33 -19.66 -67.47 -6.78
CA PHE AA 33 -19.25 -68.74 -6.12
C PHE AA 33 -19.12 -68.50 -4.62
N ASP AA 34 -18.57 -67.35 -4.22
CA ASP AA 34 -18.39 -67.06 -2.80
C ASP AA 34 -19.28 -65.87 -2.46
N SER AA 35 -20.53 -66.16 -2.13
CA SER AA 35 -21.53 -65.13 -1.87
C SER AA 35 -21.87 -65.08 -0.39
N ILE AA 36 -22.18 -63.88 0.08
CA ILE AA 36 -22.64 -63.70 1.46
C ILE AA 36 -24.11 -64.12 1.56
N ARG AA 37 -24.58 -64.28 2.79
CA ARG AA 37 -25.93 -64.75 3.09
C ARG AA 37 -26.15 -66.16 2.52
N VAL BA 1 30.74 -30.90 67.76
CA VAL BA 1 31.83 -31.54 67.03
C VAL BA 1 33.17 -31.12 67.61
N TRP BA 2 33.31 -29.83 67.90
CA TRP BA 2 34.57 -29.27 68.35
C TRP BA 2 34.65 -29.09 69.86
N TYR BA 3 33.60 -29.45 70.58
CA TYR BA 3 33.57 -29.27 72.03
C TYR BA 3 33.18 -30.60 72.68
N GLY BA 4 33.55 -30.74 73.94
CA GLY BA 4 33.20 -31.91 74.69
C GLY BA 4 34.24 -33.00 74.57
N PRO BA 5 33.96 -34.15 75.19
CA PRO BA 5 34.95 -35.24 75.20
C PRO BA 5 35.14 -35.93 73.85
N ASP BA 6 34.24 -35.74 72.89
CA ASP BA 6 34.34 -36.40 71.59
C ASP BA 6 34.98 -35.51 70.54
N ARG BA 7 35.55 -34.38 70.95
CA ARG BA 7 36.21 -33.49 70.02
C ARG BA 7 37.43 -34.18 69.42
N PRO BA 8 37.86 -33.77 68.23
CA PRO BA 8 39.10 -34.30 67.68
C PRO BA 8 40.31 -33.83 68.47
N LYS BA 9 41.36 -34.64 68.44
CA LYS BA 9 42.58 -34.37 69.19
C LYS BA 9 43.80 -34.37 68.27
N PHE BA 10 44.90 -33.82 68.78
CA PHE BA 10 46.01 -33.43 67.91
C PHE BA 10 46.85 -34.62 67.45
N LEU BA 11 46.81 -35.74 68.17
CA LEU BA 11 47.52 -36.94 67.75
C LEU BA 11 46.60 -37.97 67.12
N GLY BA 12 45.38 -37.56 66.75
CA GLY BA 12 44.44 -38.47 66.08
C GLY BA 12 44.12 -39.69 66.92
N PRO BA 13 44.31 -40.93 66.41
CA PRO BA 13 43.91 -42.13 67.15
C PRO BA 13 44.78 -42.39 68.39
N PHE BA 14 45.95 -41.76 68.46
CA PHE BA 14 46.87 -42.01 69.61
C PHE BA 14 46.72 -40.90 70.66
N SER BA 15 45.85 -39.93 70.40
CA SER BA 15 45.67 -38.78 71.34
C SER BA 15 44.60 -39.12 72.37
N ASP BA 16 44.90 -40.05 73.29
CA ASP BA 16 43.92 -40.45 74.33
C ASP BA 16 44.67 -40.69 75.64
N GLY BA 17 45.96 -41.04 75.55
CA GLY BA 17 46.75 -41.33 76.75
C GLY BA 17 47.50 -40.11 77.25
N LEU BA 18 47.42 -38.99 76.51
CA LEU BA 18 48.09 -37.78 76.92
C LEU BA 18 47.18 -36.55 76.93
N VAL BA 19 45.88 -36.72 76.73
CA VAL BA 19 44.97 -35.59 76.86
C VAL BA 19 44.89 -35.24 78.34
N PRO BA 20 45.26 -34.03 78.74
CA PRO BA 20 45.22 -33.67 80.16
C PRO BA 20 43.80 -33.64 80.68
N ALA BA 21 43.67 -33.81 81.99
CA ALA BA 21 42.36 -33.73 82.62
C ALA BA 21 41.77 -32.34 82.50
N TYR BA 22 42.60 -31.30 82.63
CA TYR BA 22 42.10 -29.93 82.61
C TYR BA 22 41.74 -29.46 81.20
N LEU BA 23 42.09 -30.21 80.17
CA LEU BA 23 41.67 -29.91 78.81
C LEU BA 23 40.45 -30.76 78.49
N THR BA 24 39.26 -30.18 78.68
CA THR BA 24 38.02 -30.93 78.58
C THR BA 24 37.23 -30.67 77.31
N GLY BA 25 37.47 -29.56 76.63
CA GLY BA 25 36.71 -29.20 75.47
C GLY BA 25 35.76 -28.05 75.65
N GLU BA 26 35.99 -27.19 76.64
CA GLU BA 26 35.13 -26.03 76.86
C GLU BA 26 35.57 -24.81 76.08
N PHE BA 27 36.72 -24.86 75.41
CA PHE BA 27 37.21 -23.68 74.75
C PHE BA 27 37.56 -23.99 73.30
N PRO BA 28 37.44 -23.02 72.39
CA PRO BA 28 37.71 -23.29 70.99
C PRO BA 28 39.16 -23.64 70.75
N GLY BA 29 39.39 -24.51 69.77
CA GLY BA 29 40.73 -24.93 69.43
C GLY BA 29 41.33 -25.95 70.37
N ASP BA 30 40.52 -26.57 71.23
CA ASP BA 30 41.01 -27.53 72.21
C ASP BA 30 41.20 -28.86 71.52
N TYR BA 31 42.43 -29.15 71.13
CA TYR BA 31 42.81 -30.46 70.61
C TYR BA 31 43.50 -31.31 71.66
N GLY BA 32 43.50 -30.89 72.91
CA GLY BA 32 44.15 -31.63 73.97
C GLY BA 32 45.66 -31.70 73.87
N TRP BA 33 46.30 -30.61 73.48
CA TRP BA 33 47.75 -30.55 73.34
C TRP BA 33 48.29 -29.69 74.47
N ASP BA 34 48.68 -30.33 75.57
CA ASP BA 34 49.44 -29.65 76.60
C ASP BA 34 50.51 -30.56 77.18
N THR BA 35 51.26 -31.23 76.30
CA THR BA 35 52.21 -32.24 76.72
C THR BA 35 53.27 -31.73 77.69
N SER BA 36 53.53 -30.43 77.73
CA SER BA 36 54.48 -29.87 78.66
C SER BA 36 53.85 -29.38 79.96
N GLY BA 37 52.53 -29.46 80.08
CA GLY BA 37 51.86 -29.09 81.31
C GLY BA 37 51.97 -27.63 81.68
N LEU BA 38 51.98 -26.74 80.69
CA LEU BA 38 52.11 -25.32 80.99
C LEU BA 38 50.82 -24.72 81.51
N SER BA 39 49.68 -25.22 81.04
CA SER BA 39 48.37 -24.69 81.41
C SER BA 39 47.70 -25.54 82.48
N ALA BA 40 48.47 -26.18 83.36
CA ALA BA 40 47.86 -26.97 84.43
C ALA BA 40 47.06 -26.08 85.37
N ASP BA 41 47.59 -24.91 85.71
CA ASP BA 41 46.88 -23.99 86.58
C ASP BA 41 45.77 -23.29 85.80
N PRO BA 42 44.52 -23.31 86.30
CA PRO BA 42 43.43 -22.69 85.55
C PRO BA 42 43.61 -21.21 85.29
N GLU BA 43 44.21 -20.48 86.24
CA GLU BA 43 44.43 -19.05 86.04
C GLU BA 43 45.45 -18.80 84.94
N THR BA 44 46.54 -19.57 84.93
CA THR BA 44 47.53 -19.43 83.87
C THR BA 44 46.97 -19.89 82.54
N PHE BA 45 46.14 -20.93 82.55
CA PHE BA 45 45.49 -21.38 81.33
C PHE BA 45 44.60 -20.27 80.75
N LYS BA 46 43.87 -19.59 81.62
CA LYS BA 46 42.99 -18.48 81.15
C LYS BA 46 43.84 -17.44 80.43
N LYS BA 47 44.92 -16.99 81.06
CA LYS BA 47 45.77 -15.92 80.46
C LYS BA 47 46.42 -16.45 79.17
N TYR BA 48 47.00 -17.64 79.21
CA TYR BA 48 47.64 -18.23 78.01
C TYR BA 48 46.61 -18.28 76.87
N ARG BA 49 45.34 -18.51 77.21
CA ARG BA 49 44.31 -18.59 76.18
C ARG BA 49 44.09 -17.24 75.52
N THR BA 50 44.16 -16.16 76.29
CA THR BA 50 44.03 -14.80 75.70
C THR BA 50 45.27 -14.50 74.85
N ILE BA 51 46.46 -14.85 75.34
CA ILE BA 51 47.72 -14.55 74.61
C ILE BA 51 47.67 -15.25 73.25
N GLU BA 52 47.20 -16.50 73.22
CA GLU BA 52 47.14 -17.27 71.95
C GLU BA 52 46.23 -16.54 70.97
N VAL BA 53 45.02 -16.18 71.40
CA VAL BA 53 44.08 -15.54 70.48
C VAL BA 53 44.62 -14.20 70.00
N ILE BA 54 45.29 -13.46 70.88
CA ILE BA 54 45.87 -12.18 70.48
C ILE BA 54 47.05 -12.40 69.52
N HIS BA 55 47.95 -13.33 69.86
CA HIS BA 55 49.02 -13.66 68.92
C HIS BA 55 48.44 -14.17 67.60
N ALA BA 56 47.29 -14.83 67.66
CA ALA BA 56 46.68 -15.38 66.44
C ALA BA 56 46.10 -14.28 65.57
N ARG BA 57 45.42 -13.30 66.18
CA ARG BA 57 44.81 -12.23 65.39
C ARG BA 57 45.85 -11.32 64.79
N TRP BA 58 46.95 -11.07 65.51
CA TRP BA 58 48.05 -10.33 64.93
C TRP BA 58 48.71 -11.12 63.80
N ALA BA 59 48.85 -12.42 63.97
CA ALA BA 59 49.46 -13.24 62.93
C ALA BA 59 48.62 -13.25 61.66
N MET BA 60 47.29 -13.28 61.81
CA MET BA 60 46.43 -13.29 60.64
C MET BA 60 46.54 -11.97 59.88
N LEU BA 61 46.57 -10.85 60.60
CA LEU BA 61 46.84 -9.58 59.94
C LEU BA 61 48.26 -9.55 59.39
N GLY BA 62 49.22 -10.06 60.17
CA GLY BA 62 50.59 -10.07 59.71
C GLY BA 62 50.81 -10.93 58.49
N ALA BA 63 50.22 -12.12 58.47
CA ALA BA 63 50.39 -13.01 57.34
C ALA BA 63 49.82 -12.41 56.07
N LEU BA 64 48.63 -11.82 56.17
CA LEU BA 64 48.05 -11.16 55.00
C LEU BA 64 48.82 -9.91 54.63
N GLY BA 65 49.20 -9.10 55.62
CA GLY BA 65 49.93 -7.88 55.33
C GLY BA 65 51.34 -8.09 54.84
N CYS BA 66 51.96 -9.22 55.19
CA CYS BA 66 53.32 -9.49 54.75
C CYS BA 66 53.39 -10.01 53.32
N ILE BA 67 52.28 -10.39 52.71
CA ILE BA 67 52.32 -10.99 51.39
C ILE BA 67 51.48 -10.17 50.42
N PHE BA 68 50.52 -9.41 50.93
CA PHE BA 68 49.63 -8.67 50.04
C PHE BA 68 50.36 -7.64 49.20
N PRO BA 69 51.23 -6.77 49.75
CA PRO BA 69 51.98 -5.87 48.86
C PRO BA 69 52.86 -6.61 47.87
N GLU BA 70 53.42 -7.75 48.25
CA GLU BA 70 54.25 -8.51 47.32
C GLU BA 70 53.40 -9.11 46.22
N VAL BA 71 52.21 -9.61 46.55
CA VAL BA 71 51.28 -10.08 45.53
C VAL BA 71 50.88 -8.93 44.62
N LEU BA 72 50.58 -7.78 45.22
CA LEU BA 72 50.09 -6.64 44.46
C LEU BA 72 51.17 -6.06 43.54
N GLU BA 73 52.43 -6.19 43.90
CA GLU BA 73 53.49 -5.66 43.04
C GLU BA 73 53.70 -6.52 41.81
N LYS BA 74 53.66 -7.84 41.97
CA LYS BA 74 53.92 -8.73 40.84
C LYS BA 74 52.70 -8.88 39.93
N TYR BA 75 51.50 -8.89 40.51
CA TYR BA 75 50.29 -9.17 39.74
C TYR BA 75 49.39 -7.96 39.60
N SER BA 76 49.96 -6.76 39.67
CA SER BA 76 49.23 -5.54 39.38
C SER BA 76 50.23 -4.48 38.97
N GLY BA 77 49.71 -3.32 38.59
CA GLY BA 77 50.57 -2.22 38.18
C GLY BA 77 51.13 -1.40 39.31
N VAL BA 78 50.86 -1.78 40.56
CA VAL BA 78 51.33 -1.01 41.70
C VAL BA 78 52.83 -1.20 41.84
N GLN BA 79 53.54 -0.10 42.13
CA GLN BA 79 54.99 -0.09 42.26
C GLN BA 79 55.34 0.46 43.64
N PHE BA 80 55.41 -0.43 44.62
CA PHE BA 80 55.83 -0.03 45.96
C PHE BA 80 57.32 0.27 45.97
N GLY BA 81 57.75 1.06 46.96
CA GLY BA 81 59.18 1.22 47.17
C GLY BA 81 59.85 -0.08 47.55
N GLU BA 82 59.25 -0.83 48.47
CA GLU BA 82 59.73 -2.16 48.84
C GLU BA 82 58.51 -3.03 49.09
N ALA BA 83 58.23 -3.95 48.18
CA ALA BA 83 57.10 -4.85 48.37
C ALA BA 83 57.41 -5.95 49.39
N VAL BA 84 58.67 -6.33 49.55
CA VAL BA 84 59.02 -7.40 50.46
C VAL BA 84 58.82 -6.95 51.90
N TRP BA 85 58.22 -7.84 52.71
CA TRP BA 85 57.75 -7.44 54.03
C TRP BA 85 58.89 -7.07 54.96
N PHE BA 86 60.02 -7.77 54.88
CA PHE BA 86 61.13 -7.48 55.77
C PHE BA 86 62.07 -6.41 55.21
N LYS BA 87 61.65 -5.73 54.16
CA LYS BA 87 62.35 -4.55 53.68
C LYS BA 87 61.44 -3.33 53.61
N ALA BA 88 60.17 -3.46 54.00
CA ALA BA 88 59.25 -2.34 53.90
C ALA BA 88 59.51 -1.28 54.95
N GLY BA 89 60.19 -1.65 56.04
CA GLY BA 89 60.50 -0.66 57.06
C GLY BA 89 61.45 0.41 56.57
N ALA BA 90 62.42 0.02 55.73
CA ALA BA 90 63.42 0.95 55.24
C ALA BA 90 62.85 1.95 54.25
N GLN BA 91 61.61 1.78 53.82
CA GLN BA 91 61.01 2.74 52.89
C GLN BA 91 60.95 4.14 53.47
N ILE BA 92 60.78 4.26 54.78
CA ILE BA 92 60.62 5.58 55.38
C ILE BA 92 61.92 6.39 55.35
N PHE BA 93 63.05 5.74 55.09
CA PHE BA 93 64.32 6.43 54.95
C PHE BA 93 64.61 6.82 53.51
N ALA BA 94 63.73 6.50 52.58
CA ALA BA 94 63.94 6.83 51.18
C ALA BA 94 63.72 8.32 50.93
N ASP BA 95 64.15 8.78 49.77
CA ASP BA 95 64.06 10.21 49.44
C ASP BA 95 62.61 10.66 49.38
N GLY BA 96 61.75 9.87 48.75
CA GLY BA 96 60.35 10.25 48.68
C GLY BA 96 59.53 9.90 49.91
N GLY BA 97 60.11 9.19 50.86
CA GLY BA 97 59.35 8.74 52.00
C GLY BA 97 58.49 7.54 51.67
N LEU BA 98 57.66 7.18 52.64
CA LEU BA 98 56.79 6.00 52.49
C LEU BA 98 55.49 6.42 51.84
N ASN BA 99 55.29 6.01 50.60
CA ASN BA 99 54.09 6.35 49.84
C ASN BA 99 53.20 5.11 49.78
N TYR BA 100 51.99 5.25 50.30
CA TYR BA 100 51.05 4.14 50.28
C TYR BA 100 50.67 3.80 48.85
N LEU BA 101 50.75 2.50 48.52
CA LEU BA 101 50.50 2.00 47.17
C LEU BA 101 51.41 2.64 46.13
N GLY BA 102 52.57 3.13 46.56
CA GLY BA 102 53.50 3.78 45.66
C GLY BA 102 53.07 5.12 45.14
N ASN BA 103 52.00 5.70 45.69
CA ASN BA 103 51.47 6.97 45.24
C ASN BA 103 51.95 8.06 46.19
N SER BA 104 52.68 9.05 45.66
CA SER BA 104 53.27 10.10 46.53
C SER BA 104 52.17 10.96 47.17
N GLY BA 105 50.92 10.80 46.73
CA GLY BA 105 49.81 11.59 47.28
C GLY BA 105 49.15 10.87 48.45
N LEU BA 106 49.65 9.68 48.80
CA LEU BA 106 49.02 8.88 49.87
C LEU BA 106 49.96 8.77 51.07
N VAL BA 107 49.55 9.28 52.24
CA VAL BA 107 50.34 9.18 53.46
C VAL BA 107 51.63 9.99 53.33
N HIS BA 108 52.53 9.53 52.47
CA HIS BA 108 53.76 10.26 52.16
C HIS BA 108 54.58 10.49 53.42
N ALA BA 109 54.61 9.49 54.30
CA ALA BA 109 55.30 9.64 55.57
C ALA BA 109 56.81 9.73 55.35
N GLN BA 110 57.46 10.58 56.15
CA GLN BA 110 58.88 10.84 55.94
C GLN BA 110 59.69 10.94 57.21
N SER BA 111 59.11 10.72 58.38
CA SER BA 111 59.85 10.71 59.64
C SER BA 111 59.44 9.51 60.46
N ILE BA 112 60.41 8.67 60.82
CA ILE BA 112 60.11 7.45 61.56
C ILE BA 112 59.67 7.79 62.98
N VAL BA 113 60.22 8.86 63.56
CA VAL BA 113 59.87 9.21 64.93
C VAL BA 113 58.42 9.64 65.02
N ALA BA 114 57.93 10.38 64.03
CA ALA BA 114 56.53 10.82 64.06
C ALA BA 114 55.59 9.64 63.96
N THR BA 115 55.91 8.67 63.10
CA THR BA 115 55.08 7.48 63.00
C THR BA 115 55.11 6.68 64.29
N LEU BA 116 56.28 6.59 64.93
CA LEU BA 116 56.38 5.86 66.19
C LEU BA 116 55.56 6.52 67.28
N VAL BA 117 55.65 7.85 67.38
CA VAL BA 117 54.90 8.57 68.41
C VAL BA 117 53.41 8.38 68.21
N VAL BA 118 52.95 8.48 66.97
CA VAL BA 118 51.53 8.26 66.69
C VAL BA 118 51.14 6.82 67.00
N GLN BA 119 52.03 5.87 66.72
CA GLN BA 119 51.70 4.47 66.98
C GLN BA 119 51.58 4.20 68.47
N VAL BA 120 52.55 4.66 69.27
CA VAL BA 120 52.49 4.37 70.70
C VAL BA 120 51.32 5.10 71.35
N LEU BA 121 50.94 6.25 70.81
CA LEU BA 121 49.77 6.95 71.33
C LEU BA 121 48.48 6.22 70.97
N LEU BA 122 48.38 5.76 69.73
CA LEU BA 122 47.16 5.08 69.31
C LEU BA 122 47.12 3.65 69.83
N MET BA 123 48.19 2.89 69.61
CA MET BA 123 48.21 1.52 70.10
C MET BA 123 48.28 1.46 71.62
N GLY BA 124 48.94 2.43 72.24
CA GLY BA 124 48.96 2.48 73.69
C GLY BA 124 47.60 2.68 74.29
N ALA BA 125 46.81 3.58 73.71
CA ALA BA 125 45.46 3.81 74.19
C ALA BA 125 44.57 2.60 73.93
N VAL BA 126 44.67 2.03 72.73
CA VAL BA 126 43.83 0.90 72.36
C VAL BA 126 44.14 -0.32 73.21
N GLU BA 127 45.43 -0.61 73.40
CA GLU BA 127 45.80 -1.79 74.19
C GLU BA 127 45.45 -1.60 75.66
N ILE BA 128 45.42 -0.35 76.13
CA ILE BA 128 44.96 -0.08 77.48
C ILE BA 128 43.49 -0.41 77.62
N TYR BA 129 42.68 -0.03 76.63
CA TYR BA 129 41.25 -0.30 76.71
C TYR BA 129 40.98 -1.79 76.77
N ARG BA 130 41.67 -2.57 75.95
CA ARG BA 130 41.54 -4.02 76.01
C ARG BA 130 42.01 -4.56 77.34
N ALA BA 131 43.14 -4.04 77.85
CA ALA BA 131 43.66 -4.53 79.13
C ALA BA 131 42.72 -4.21 80.27
N ASN BA 132 42.29 -2.95 80.36
CA ASN BA 132 41.42 -2.54 81.46
C ASN BA 132 40.01 -3.06 81.32
N GLY BA 133 39.59 -3.41 80.11
CA GLY BA 133 38.26 -3.93 79.88
C GLY BA 133 37.21 -2.88 79.58
N GLU BA 134 37.53 -1.60 79.71
CA GLU BA 134 36.61 -0.54 79.36
C GLU BA 134 37.38 0.58 78.67
N GLY BA 135 36.84 1.05 77.55
CA GLY BA 135 37.45 2.12 76.80
C GLY BA 135 37.15 3.45 77.43
N PRO BA 136 37.28 4.53 76.67
CA PRO BA 136 36.97 5.86 77.20
C PRO BA 136 35.49 5.96 77.56
N ASN BA 137 35.22 6.55 78.71
CA ASN BA 137 33.85 6.73 79.22
C ASN BA 137 33.12 5.39 79.30
N GLY BA 138 33.84 4.35 79.70
CA GLY BA 138 33.25 3.04 79.86
C GLY BA 138 32.69 2.47 78.58
N PHE BA 139 33.46 2.52 77.50
CA PHE BA 139 32.97 2.07 76.21
C PHE BA 139 32.66 0.57 76.22
N GLY BA 140 33.50 -0.23 76.86
CA GLY BA 140 33.31 -1.66 76.82
C GLY BA 140 32.96 -2.31 78.14
N GLU BA 141 32.25 -1.58 79.00
CA GLU BA 141 31.85 -2.13 80.30
C GLU BA 141 30.96 -3.35 80.12
N GLY BA 142 31.39 -4.47 80.68
CA GLY BA 142 30.61 -5.68 80.68
C GLY BA 142 30.85 -6.61 79.52
N GLN BA 143 31.42 -6.11 78.42
CA GLN BA 143 31.71 -6.96 77.28
C GLN BA 143 32.92 -7.84 77.58
N ASP BA 144 32.94 -9.03 76.96
CA ASP BA 144 34.04 -9.96 77.14
C ASP BA 144 35.34 -9.32 76.68
N THR BA 145 36.39 -9.49 77.48
CA THR BA 145 37.67 -8.87 77.18
C THR BA 145 38.41 -9.55 76.05
N LEU BA 146 38.04 -10.78 75.70
CA LEU BA 146 38.63 -11.49 74.57
C LEU BA 146 37.72 -11.50 73.36
N TYR BA 147 36.41 -11.61 73.56
CA TYR BA 147 35.42 -11.65 72.50
C TYR BA 147 34.39 -10.58 72.75
N PRO BA 148 34.74 -9.31 72.51
CA PRO BA 148 33.83 -8.21 72.89
C PRO BA 148 32.49 -8.24 72.17
N GLY BA 149 32.50 -8.31 70.84
CA GLY BA 149 31.27 -8.16 70.12
C GLY BA 149 30.76 -6.73 70.21
N GLY BA 150 29.45 -6.58 70.02
CA GLY BA 150 28.87 -5.25 70.08
C GLY BA 150 29.42 -4.37 68.99
N ALA BA 151 30.16 -3.33 69.38
CA ALA BA 151 30.75 -2.44 68.40
C ALA BA 151 31.79 -3.14 67.53
N PHE BA 152 32.38 -4.23 68.04
CA PHE BA 152 33.35 -4.99 67.27
C PHE BA 152 32.72 -6.06 66.41
N ASP BA 153 31.39 -6.14 66.38
CA ASP BA 153 30.66 -7.04 65.51
C ASP BA 153 29.58 -6.26 64.78
N PRO BA 154 29.97 -5.30 63.92
CA PRO BA 154 28.96 -4.50 63.23
C PRO BA 154 28.01 -5.31 62.37
N LEU BA 155 28.51 -6.35 61.73
CA LEU BA 155 27.70 -7.18 60.86
C LEU BA 155 26.91 -8.24 61.61
N GLY BA 156 27.12 -8.37 62.91
CA GLY BA 156 26.33 -9.31 63.70
C GLY BA 156 26.50 -10.74 63.26
N LEU BA 157 27.69 -11.11 62.80
CA LEU BA 157 27.93 -12.48 62.34
C LEU BA 157 27.93 -13.48 63.48
N ALA BA 158 27.94 -13.02 64.73
CA ALA BA 158 27.98 -13.89 65.89
C ALA BA 158 26.87 -13.57 66.87
N ASP BA 159 25.67 -13.30 66.35
CA ASP BA 159 24.53 -13.09 67.24
C ASP BA 159 24.06 -14.40 67.85
N ASP BA 160 23.96 -15.44 67.03
CA ASP BA 160 23.54 -16.74 67.54
C ASP BA 160 24.67 -17.38 68.34
N PRO BA 161 24.43 -17.77 69.60
CA PRO BA 161 25.52 -18.36 70.40
C PRO BA 161 26.08 -19.65 69.80
N ASP BA 162 25.24 -20.45 69.12
CA ASP BA 162 25.75 -21.66 68.50
C ASP BA 162 26.66 -21.34 67.32
N THR BA 163 26.31 -20.32 66.54
CA THR BA 163 27.19 -19.87 65.48
C THR BA 163 28.48 -19.31 66.04
N LEU BA 164 28.39 -18.62 67.18
CA LEU BA 164 29.58 -18.06 67.82
C LEU BA 164 30.56 -19.14 68.19
N ALA BA 165 30.08 -20.24 68.78
CA ALA BA 165 30.96 -21.32 69.19
C ALA BA 165 31.67 -21.93 67.99
N GLU BA 166 30.95 -22.12 66.89
CA GLU BA 166 31.56 -22.65 65.68
C GLU BA 166 32.58 -21.70 65.10
N LEU BA 167 32.24 -20.41 65.04
CA LEU BA 167 33.11 -19.43 64.40
C LEU BA 167 34.36 -19.17 65.23
N LYS BA 168 34.30 -19.36 66.55
CA LYS BA 168 35.48 -19.17 67.37
C LYS BA 168 36.51 -20.25 67.10
N VAL BA 169 36.06 -21.43 66.69
CA VAL BA 169 36.99 -22.47 66.26
C VAL BA 169 37.62 -22.09 64.93
N LYS BA 170 36.85 -21.49 64.02
CA LYS BA 170 37.40 -21.03 62.76
C LYS BA 170 38.46 -19.96 62.98
N GLU BA 171 38.21 -19.04 63.91
CA GLU BA 171 39.15 -17.96 64.16
C GLU BA 171 40.46 -18.50 64.71
N ILE BA 172 40.40 -19.42 65.66
CA ILE BA 172 41.62 -19.92 66.29
C ILE BA 172 42.39 -20.82 65.34
N LYS BA 173 41.68 -21.55 64.47
CA LYS BA 173 42.37 -22.45 63.56
C LYS BA 173 42.99 -21.70 62.38
N ASN BA 174 42.31 -20.69 61.85
CA ASN BA 174 42.98 -19.81 60.89
C ASN BA 174 44.10 -19.04 61.57
N GLY BA 175 43.91 -18.67 62.83
CA GLY BA 175 44.95 -17.96 63.55
C GLY BA 175 46.17 -18.81 63.83
N ARG BA 176 45.97 -20.06 64.23
CA ARG BA 176 47.10 -20.95 64.47
C ARG BA 176 47.84 -21.26 63.17
N LEU BA 177 47.10 -21.41 62.07
CA LEU BA 177 47.75 -21.58 60.79
C LEU BA 177 48.55 -20.34 60.40
N ALA BA 178 48.01 -19.16 60.68
CA ALA BA 178 48.75 -17.93 60.38
C ALA BA 178 49.99 -17.80 61.23
N MET BA 179 49.90 -18.15 62.51
CA MET BA 179 51.06 -18.09 63.39
C MET BA 179 52.15 -19.04 62.90
N LEU BA 180 51.77 -20.25 62.53
CA LEU BA 180 52.74 -21.22 62.03
C LEU BA 180 53.37 -20.74 60.73
N SER BA 181 52.58 -20.08 59.88
CA SER BA 181 53.11 -19.59 58.61
C SER BA 181 53.97 -18.35 58.82
N MET BA 182 53.64 -17.51 59.79
CA MET BA 182 54.49 -16.36 60.09
C MET BA 182 55.86 -16.80 60.58
N LEU BA 183 55.92 -17.93 61.29
CA LEU BA 183 57.21 -18.54 61.58
C LEU BA 183 57.92 -18.91 60.29
N GLY BA 184 57.18 -19.43 59.32
CA GLY BA 184 57.77 -19.68 58.01
C GLY BA 184 58.30 -18.42 57.36
N PHE BA 185 57.52 -17.34 57.42
CA PHE BA 185 57.97 -16.09 56.83
C PHE BA 185 59.26 -15.61 57.48
N PHE BA 186 59.35 -15.73 58.80
CA PHE BA 186 60.54 -15.29 59.52
C PHE BA 186 61.76 -16.12 59.10
N VAL BA 187 61.64 -17.45 59.16
CA VAL BA 187 62.79 -18.30 58.89
C VAL BA 187 63.15 -18.28 57.40
N GLN BA 188 62.14 -18.29 56.53
CA GLN BA 188 62.43 -18.23 55.10
C GLN BA 188 63.09 -16.91 54.73
N ALA BA 189 62.72 -15.83 55.40
CA ALA BA 189 63.40 -14.56 55.20
C ALA BA 189 64.86 -14.66 55.62
N ILE BA 190 65.12 -15.30 56.76
CA ILE BA 190 66.48 -15.43 57.24
C ILE BA 190 67.31 -16.30 56.31
N VAL BA 191 66.75 -17.41 55.85
CA VAL BA 191 67.52 -18.39 55.09
C VAL BA 191 67.57 -18.05 53.62
N THR BA 192 66.42 -17.86 52.97
CA THR BA 192 66.42 -17.60 51.55
C THR BA 192 66.80 -16.16 51.23
N GLY BA 193 66.40 -15.22 52.08
CA GLY BA 193 66.65 -13.82 51.81
C GLY BA 193 65.74 -13.20 50.78
N LYS BA 194 64.67 -13.88 50.40
CA LYS BA 194 63.70 -13.37 49.44
C LYS BA 194 62.30 -13.40 50.04
N GLY BA 195 61.39 -12.69 49.39
CA GLY BA 195 60.03 -12.60 49.86
C GLY BA 195 59.31 -13.92 49.80
N PRO BA 196 58.29 -14.09 50.66
CA PRO BA 196 57.58 -15.37 50.69
C PRO BA 196 56.90 -15.73 49.39
N LEU BA 197 56.43 -14.74 48.62
CA LEU BA 197 55.86 -15.03 47.31
C LEU BA 197 56.93 -15.56 46.37
N ASP BA 198 58.14 -14.98 46.43
CA ASP BA 198 59.22 -15.47 45.59
C ASP BA 198 59.59 -16.90 45.94
N ASN BA 199 59.55 -17.24 47.23
CA ASN BA 199 59.83 -18.61 47.65
C ASN BA 199 58.79 -19.57 47.09
N LEU BA 200 57.53 -19.16 47.11
CA LEU BA 200 56.47 -20.01 46.58
C LEU BA 200 56.60 -20.18 45.07
N LEU BA 201 56.82 -19.08 44.36
CA LEU BA 201 56.92 -19.14 42.91
C LEU BA 201 58.18 -19.89 42.48
N GLN BA 202 59.19 -19.94 43.34
CA GLN BA 202 60.37 -20.73 43.05
C GLN BA 202 60.10 -22.22 43.27
N HIS BA 203 59.36 -22.56 44.32
CA HIS BA 203 58.94 -23.96 44.52
C HIS BA 203 58.12 -24.44 43.33
N LEU BA 204 57.25 -23.57 42.80
CA LEU BA 204 56.37 -23.99 41.73
C LEU BA 204 57.08 -24.07 40.38
N GLU BA 205 58.19 -23.37 40.21
CA GLU BA 205 58.94 -23.47 38.96
C GLU BA 205 59.47 -24.88 38.77
N GLU BA 206 60.11 -25.43 39.80
CA GLU BA 206 60.59 -26.82 39.77
C GLU BA 206 60.72 -27.28 41.20
N PRO BA 207 59.70 -27.94 41.74
CA PRO BA 207 59.71 -28.31 43.16
C PRO BA 207 60.88 -29.19 43.58
N GLY BA 208 61.30 -30.11 42.71
CA GLY BA 208 62.43 -30.95 43.06
C GLY BA 208 63.73 -30.17 43.16
N GLU BA 209 63.91 -29.17 42.30
CA GLU BA 209 65.16 -28.42 42.29
C GLU BA 209 65.13 -27.26 43.27
N PHE BA 210 63.98 -26.62 43.43
CA PHE BA 210 63.87 -25.41 44.27
C PHE BA 210 63.06 -25.75 45.52
N ASN BA 211 63.75 -26.24 46.54
CA ASN BA 211 63.16 -26.44 47.85
C ASN BA 211 64.24 -26.18 48.88
N PHE BA 212 63.87 -26.32 50.15
CA PHE BA 212 64.82 -26.03 51.22
C PHE BA 212 66.03 -26.94 51.16
N TYR BA 213 65.81 -28.23 50.91
CA TYR BA 213 66.90 -29.19 51.01
C TYR BA 213 67.84 -29.10 49.81
N ALA BA 214 67.32 -28.76 48.65
CA ALA BA 214 68.13 -28.69 47.44
C ALA BA 214 68.82 -27.35 47.27
N LEU BA 215 68.56 -26.38 48.14
CA LEU BA 215 69.13 -25.05 47.95
C LEU BA 215 69.89 -24.55 49.16
N TYR BA 216 69.38 -24.80 50.37
CA TYR BA 216 69.91 -24.08 51.52
C TYR BA 216 70.30 -24.98 52.68
N ALA BA 217 69.77 -26.20 52.71
CA ALA BA 217 69.98 -27.06 53.87
C ALA BA 217 71.45 -27.29 54.16
N ASN BA 218 72.25 -27.46 53.11
CA ASN BA 218 73.67 -27.73 53.29
C ASN BA 218 74.39 -26.54 53.91
N SER BA 219 73.91 -25.32 53.65
CA SER BA 219 74.60 -24.13 54.12
C SER BA 219 74.35 -23.85 55.59
N LEU BA 220 73.27 -24.40 56.16
CA LEU BA 220 72.90 -24.04 57.53
C LEU BA 220 73.86 -24.58 58.57
N ALA BA 221 74.79 -25.44 58.19
CA ALA BA 221 75.86 -25.87 59.08
C ALA BA 221 77.16 -25.98 58.31
N MET CA 1 59.78 -81.03 16.52
CA MET CA 1 58.78 -80.65 17.52
C MET CA 1 57.62 -79.91 16.88
N LEU CA 2 57.77 -79.56 15.60
CA LEU CA 2 56.74 -78.82 14.90
C LEU CA 2 55.43 -79.59 14.85
N LEU CA 3 55.50 -80.89 14.57
CA LEU CA 3 54.30 -81.71 14.56
C LEU CA 3 53.74 -81.87 15.97
N ILE CA 4 54.61 -82.01 16.97
CA ILE CA 4 54.15 -82.11 18.36
C ILE CA 4 53.47 -80.82 18.78
N PHE CA 5 54.07 -79.68 18.42
CA PHE CA 5 53.51 -78.39 18.81
C PHE CA 5 52.14 -78.18 18.18
N GLN CA 6 52.00 -78.52 16.90
CA GLN CA 6 50.73 -78.28 16.23
C GLN CA 6 49.65 -79.22 16.74
N LEU CA 7 50.02 -80.44 17.13
CA LEU CA 7 49.06 -81.34 17.75
C LEU CA 7 48.57 -80.77 19.08
N ALA CA 8 49.50 -80.22 19.87
CA ALA CA 8 49.11 -79.61 21.14
C ALA CA 8 48.22 -78.39 20.92
N LEU CA 9 48.54 -77.57 19.94
CA LEU CA 9 47.70 -76.42 19.64
C LEU CA 9 46.32 -76.85 19.16
N PHE CA 10 46.26 -77.88 18.32
CA PHE CA 10 44.97 -78.39 17.86
C PHE CA 10 44.18 -78.97 19.02
N ALA CA 11 44.85 -79.69 19.92
CA ALA CA 11 44.16 -80.21 21.09
C ALA CA 11 43.66 -79.07 21.96
N PHE CA 12 44.43 -77.98 22.05
CA PHE CA 12 44.00 -76.82 22.81
C PHE CA 12 42.77 -76.17 22.18
N ILE CA 13 42.71 -76.13 20.86
CA ILE CA 13 41.56 -75.57 20.18
C ILE CA 13 40.32 -76.43 20.41
N VAL CA 14 40.49 -77.76 20.33
CA VAL CA 14 39.36 -78.66 20.49
C VAL CA 14 38.79 -78.57 21.90
N VAL CA 15 39.66 -78.60 22.91
CA VAL CA 15 39.18 -78.53 24.29
C VAL CA 15 38.55 -77.18 24.58
N SER CA 16 39.04 -76.13 23.91
CA SER CA 16 38.44 -74.81 24.07
C SER CA 16 37.03 -74.79 23.51
N PHE CA 17 36.81 -75.47 22.38
CA PHE CA 17 35.47 -75.55 21.81
C PHE CA 17 34.54 -76.32 22.74
N LEU CA 18 35.03 -77.38 23.37
CA LEU CA 18 34.22 -78.14 24.31
C LEU CA 18 33.80 -77.27 25.49
N LEU CA 19 34.73 -76.46 26.00
CA LEU CA 19 34.42 -75.57 27.11
C LEU CA 19 33.47 -74.46 26.66
N VAL CA 20 33.62 -73.98 25.42
CA VAL CA 20 32.79 -72.87 24.95
C VAL CA 20 31.32 -73.28 24.94
N VAL CA 21 31.03 -74.52 24.58
CA VAL CA 21 29.66 -75.02 24.59
C VAL CA 21 29.35 -75.77 25.88
N GLY CA 22 30.30 -76.56 26.39
CA GLY CA 22 30.00 -77.39 27.55
C GLY CA 22 29.73 -76.58 28.81
N VAL CA 23 30.57 -75.58 29.08
CA VAL CA 23 30.45 -74.83 30.33
C VAL CA 23 29.11 -74.11 30.46
N PRO CA 24 28.65 -73.33 29.47
CA PRO CA 24 27.33 -72.69 29.64
C PRO CA 24 26.19 -73.68 29.78
N VAL CA 25 26.29 -74.84 29.13
CA VAL CA 25 25.19 -75.82 29.19
C VAL CA 25 25.06 -76.38 30.60
N VAL CA 26 26.18 -76.81 31.20
CA VAL CA 26 26.12 -77.37 32.54
C VAL CA 26 25.77 -76.30 33.55
N LEU CA 27 26.26 -75.07 33.35
CA LEU CA 27 25.95 -73.98 34.27
C LEU CA 27 24.45 -73.65 34.25
N ALA CA 28 23.86 -73.60 33.06
CA ALA CA 28 22.43 -73.33 32.98
C ALA CA 28 21.61 -74.50 33.50
N THR CA 29 22.09 -75.72 33.30
CA THR CA 29 21.40 -76.89 33.81
C THR CA 29 21.44 -76.90 35.33
N PRO CA 30 20.30 -77.03 36.01
CA PRO CA 30 20.29 -76.95 37.47
C PRO CA 30 21.14 -78.00 38.16
N GLU CA 31 21.02 -79.27 37.73
CA GLU CA 31 21.85 -80.31 38.30
C GLU CA 31 23.29 -80.24 37.82
N GLY CA 32 23.54 -79.54 36.71
CA GLY CA 32 24.85 -79.53 36.11
C GLY CA 32 25.95 -78.98 37.00
N TRP CA 33 25.70 -77.85 37.65
CA TRP CA 33 26.71 -77.26 38.50
C TRP CA 33 26.87 -78.01 39.81
N ALA CA 34 26.00 -78.97 40.10
CA ALA CA 34 26.15 -79.81 41.29
C ALA CA 34 26.80 -81.16 40.99
N GLU CA 35 26.50 -81.75 39.84
CA GLU CA 35 27.03 -83.07 39.51
C GLU CA 35 28.15 -83.02 38.47
N ASN CA 36 27.90 -82.36 37.33
CA ASN CA 36 28.94 -82.22 36.32
C ASN CA 36 30.01 -81.22 36.70
N LYS CA 37 29.92 -80.60 37.88
CA LYS CA 37 30.95 -79.68 38.32
C LYS CA 37 32.30 -80.36 38.43
N GLY CA 38 32.31 -81.66 38.70
CA GLY CA 38 33.57 -82.39 38.75
C GLY CA 38 34.25 -82.47 37.40
N THR CA 39 33.48 -82.77 36.34
CA THR CA 39 34.09 -82.93 35.03
C THR CA 39 34.40 -81.59 34.39
N VAL CA 40 33.75 -80.51 34.85
CA VAL CA 40 34.09 -79.18 34.35
C VAL CA 40 35.48 -78.78 34.83
N PHE CA 41 35.79 -79.05 36.10
CA PHE CA 41 37.10 -78.72 36.63
C PHE CA 41 38.20 -79.48 35.90
N SER CA 42 37.92 -80.72 35.49
CA SER CA 42 38.87 -81.46 34.68
C SER CA 42 39.09 -80.78 33.34
N GLY CA 43 38.02 -80.29 32.73
CA GLY CA 43 38.16 -79.55 31.48
C GLY CA 43 38.94 -78.27 31.65
N ILE CA 44 38.68 -77.54 32.74
CA ILE CA 44 39.43 -76.32 33.00
C ILE CA 44 40.90 -76.64 33.25
N GLY CA 45 41.17 -77.68 34.03
CA GLY CA 45 42.54 -78.04 34.33
C GLY CA 45 43.31 -78.47 33.09
N ILE CA 46 42.68 -79.27 32.23
CA ILE CA 46 43.32 -79.67 30.99
C ILE CA 46 43.56 -78.47 30.09
N TRP CA 47 42.59 -77.55 30.05
CA TRP CA 47 42.72 -76.36 29.22
C TRP CA 47 43.92 -75.52 29.67
N PHE CA 48 44.10 -75.35 30.97
CA PHE CA 48 45.24 -74.58 31.46
C PHE CA 48 46.55 -75.32 31.22
N LEU CA 49 46.54 -76.65 31.32
CA LEU CA 49 47.76 -77.41 31.07
C LEU CA 49 48.21 -77.25 29.64
N LEU CA 50 47.27 -77.26 28.70
CA LEU CA 50 47.62 -77.06 27.30
C LEU CA 50 48.11 -75.64 27.05
N VAL CA 51 47.58 -74.67 27.79
CA VAL CA 51 48.05 -73.29 27.64
C VAL CA 51 49.54 -73.21 27.96
N PHE CA 52 49.95 -73.83 29.07
CA PHE CA 52 51.35 -73.80 29.44
C PHE CA 52 52.19 -74.71 28.54
N LEU CA 53 51.62 -75.83 28.11
CA LEU CA 53 52.34 -76.74 27.22
C LEU CA 53 52.59 -76.08 25.86
N VAL CA 54 51.57 -75.41 25.31
CA VAL CA 54 51.76 -74.69 24.06
C VAL CA 54 52.71 -73.53 24.26
N GLY CA 55 52.66 -72.90 25.43
CA GLY CA 55 53.53 -71.78 25.73
C GLY CA 55 55.00 -72.14 25.75
N ILE CA 56 55.36 -73.23 26.43
CA ILE CA 56 56.76 -73.65 26.45
C ILE CA 56 57.18 -74.20 25.10
N LEU CA 57 56.29 -74.93 24.43
CA LEU CA 57 56.63 -75.49 23.13
C LEU CA 57 56.82 -74.41 22.08
N ASN CA 58 56.23 -73.23 22.30
CA ASN CA 58 56.43 -72.11 21.39
C ASN CA 58 57.90 -71.70 21.36
N SER CA 59 58.58 -71.82 22.50
CA SER CA 59 59.98 -71.40 22.57
C SER CA 59 60.88 -72.29 21.70
N PHE CA 60 60.62 -73.59 21.66
CA PHE CA 60 61.43 -74.52 20.90
C PHE CA 60 61.03 -74.60 19.43
N VAL CA 61 59.99 -73.89 19.01
CA VAL CA 61 59.47 -73.99 17.65
C VAL CA 61 59.40 -72.65 16.95
N VAL CA 62 59.54 -71.54 17.65
CA VAL CA 62 59.57 -70.23 17.03
C VAL CA 62 60.85 -69.52 17.42
N LEU DA 1 54.75 -24.11 -26.97
CA LEU DA 1 55.26 -23.39 -25.81
C LEU DA 1 56.76 -23.19 -25.93
N ASP DA 2 57.30 -22.25 -25.14
CA ASP DA 2 58.74 -22.09 -25.07
C ASP DA 2 59.36 -23.23 -24.28
N LEU DA 3 60.42 -23.81 -24.83
CA LEU DA 3 61.05 -24.97 -24.21
C LEU DA 3 62.16 -24.53 -23.25
N PHE DA 4 62.39 -25.37 -22.25
CA PHE DA 4 63.44 -25.15 -21.26
C PHE DA 4 64.18 -26.46 -21.06
N ASP DA 5 65.50 -26.38 -20.92
CA ASP DA 5 66.33 -27.56 -20.82
C ASP DA 5 66.54 -27.89 -19.35
N ASP DA 6 65.71 -28.78 -18.81
CA ASP DA 6 65.83 -29.26 -17.44
C ASP DA 6 66.20 -30.74 -17.40
N ARG DA 7 67.02 -31.18 -18.35
CA ARG DA 7 67.46 -32.57 -18.36
C ARG DA 7 68.41 -32.89 -17.21
N LYS DA 8 68.98 -31.87 -16.59
CA LYS DA 8 69.83 -32.08 -15.42
C LYS DA 8 69.01 -32.37 -14.16
N ALA DA 9 67.70 -32.16 -14.21
CA ALA DA 9 66.88 -32.29 -13.01
C ALA DA 9 66.91 -33.71 -12.46
N ARG DA 10 67.00 -34.71 -13.32
CA ARG DA 10 67.04 -36.09 -12.85
C ARG DA 10 68.24 -36.32 -11.94
N GLN DA 11 69.39 -35.75 -12.29
CA GLN DA 11 70.47 -35.62 -11.34
C GLN DA 11 70.05 -34.68 -10.21
N ALA DA 12 70.51 -34.98 -9.00
CA ALA DA 12 70.05 -34.32 -7.78
C ALA DA 12 68.62 -34.71 -7.46
N GLY DA 13 68.14 -35.79 -8.08
CA GLY DA 13 66.93 -36.45 -7.65
C GLY DA 13 65.63 -35.72 -7.89
N PHE DA 14 65.32 -35.39 -9.13
CA PHE DA 14 63.97 -34.96 -9.46
C PHE DA 14 62.96 -36.07 -9.25
N ASP DA 15 63.38 -37.33 -9.41
CA ASP DA 15 62.50 -38.48 -9.32
C ASP DA 15 62.45 -39.07 -7.92
N ILE DA 16 63.18 -38.50 -6.96
CA ILE DA 16 63.06 -38.96 -5.58
C ILE DA 16 61.64 -38.76 -5.07
N ILE DA 17 61.07 -37.60 -5.37
CA ILE DA 17 59.69 -37.33 -4.98
C ILE DA 17 58.74 -38.28 -5.67
N TYR DA 18 58.98 -38.57 -6.95
CA TYR DA 18 58.10 -39.47 -7.69
C TYR DA 18 58.33 -40.91 -7.27
N GLU DA 19 59.55 -41.26 -6.88
CA GLU DA 19 59.81 -42.62 -6.42
C GLU DA 19 59.08 -42.90 -5.11
N ALA DA 20 59.07 -41.92 -4.20
CA ALA DA 20 58.43 -42.12 -2.91
C ALA DA 20 56.91 -42.23 -3.02
N ARG DA 21 56.36 -41.69 -4.11
CA ARG DA 21 54.89 -41.68 -4.28
C ARG DA 21 54.45 -42.84 -5.16
N ASP DA 22 55.33 -43.82 -5.38
CA ASP DA 22 55.01 -44.99 -6.24
C ASP DA 22 54.56 -46.15 -5.35
N LEU DA 23 53.26 -46.47 -5.33
CA LEU DA 23 52.74 -47.53 -4.43
C LEU DA 23 53.25 -48.90 -4.92
N ASP DA 24 53.51 -49.03 -6.23
CA ASP DA 24 53.99 -50.32 -6.79
C ASP DA 24 55.29 -50.72 -6.09
N LEU DA 25 56.18 -49.74 -5.85
CA LEU DA 25 57.47 -50.02 -5.17
C LEU DA 25 57.21 -50.35 -3.70
N PRO DA 26 57.95 -51.30 -3.08
CA PRO DA 26 57.80 -51.59 -1.65
C PRO DA 26 58.13 -50.38 -0.80
N GLN DA 27 57.67 -50.43 0.46
CA GLN DA 27 57.88 -49.32 1.38
C GLN DA 27 59.36 -49.05 1.61
N GLY DA 28 60.19 -50.08 1.59
CA GLY DA 28 61.63 -49.87 1.75
C GLY DA 28 62.22 -49.05 0.62
N VAL DA 29 61.78 -49.31 -0.62
CA VAL DA 29 62.29 -48.57 -1.76
C VAL DA 29 61.80 -47.13 -1.73
N ARG DA 30 60.52 -46.93 -1.38
CA ARG DA 30 59.97 -45.59 -1.34
C ARG DA 30 60.67 -44.72 -0.31
N ASP DA 31 60.95 -45.26 0.86
CA ASP DA 31 61.54 -44.49 1.95
C ASP DA 31 63.05 -44.38 1.85
N GLY DA 32 63.68 -45.07 0.89
CA GLY DA 32 65.11 -45.03 0.74
C GLY DA 32 65.87 -45.95 1.66
N LEU DA 33 65.18 -46.76 2.47
CA LEU DA 33 65.87 -47.70 3.34
C LEU DA 33 66.53 -48.81 2.54
N ALA DA 34 65.88 -49.28 1.49
CA ALA DA 34 66.42 -50.37 0.70
C ALA DA 34 67.71 -49.94 -0.01
N GLN DA 35 67.76 -48.70 -0.50
CA GLN DA 35 68.96 -48.24 -1.20
C GLN DA 35 70.17 -48.24 -0.28
N ALA DA 36 70.01 -47.72 0.94
CA ALA DA 36 71.13 -47.66 1.88
C ALA DA 36 71.59 -49.06 2.27
N ARG DA 37 70.65 -49.97 2.51
CA ARG DA 37 71.02 -51.34 2.87
C ARG DA 37 71.71 -52.05 1.70
N GLU DA 38 71.21 -51.84 0.49
CA GLU DA 38 71.78 -52.48 -0.69
C GLU DA 38 73.19 -51.97 -0.94
N ASN DA 39 73.36 -50.66 -0.98
CA ASN DA 39 74.67 -50.04 -1.19
C ASN DA 39 75.10 -49.40 0.13
N LEU DA 40 75.95 -50.11 0.87
CA LEU DA 40 76.39 -49.60 2.17
C LEU DA 40 77.30 -48.39 2.04
N ASP DA 41 77.84 -48.12 0.85
CA ASP DA 41 78.74 -46.99 0.69
C ASP DA 41 78.03 -45.67 0.94
N VAL DA 42 76.78 -45.55 0.49
CA VAL DA 42 76.01 -44.34 0.77
C VAL DA 42 75.70 -44.23 2.26
N ALA DA 43 75.50 -45.37 2.92
CA ALA DA 43 75.25 -45.36 4.36
C ALA DA 43 76.49 -44.90 5.11
N LYS DA 44 77.67 -45.39 4.71
CA LYS DA 44 78.91 -44.96 5.35
C LYS DA 44 79.18 -43.49 5.09
N ALA DA 45 78.85 -43.01 3.89
CA ALA DA 45 79.08 -41.61 3.57
C ALA DA 45 78.24 -40.69 4.46
N ARG DA 46 76.98 -41.06 4.69
CA ARG DA 46 76.11 -40.22 5.51
C ARG DA 46 76.55 -40.23 6.96
N ILE DA 47 77.17 -41.32 7.41
CA ILE DA 47 77.72 -41.36 8.76
C ILE DA 47 78.88 -40.37 8.88
N LYS DA 48 79.74 -40.32 7.87
CA LYS DA 48 80.88 -39.40 7.90
C LYS DA 48 80.41 -37.95 7.87
N GLU DA 49 79.43 -37.65 7.02
CA GLU DA 49 78.89 -36.30 6.97
C GLU DA 49 78.20 -35.93 8.27
N ALA DA 50 77.48 -36.88 8.87
CA ALA DA 50 76.85 -36.63 10.17
C ALA DA 50 77.90 -36.34 11.23
N GLU DA 51 79.03 -37.04 11.17
CA GLU DA 51 80.12 -36.76 12.10
C GLU DA 51 80.67 -35.35 11.90
N LYS DA 52 80.76 -34.91 10.63
CA LYS DA 52 81.26 -33.57 10.35
C LYS DA 52 80.36 -32.50 10.97
N ARG DA 53 79.04 -32.68 10.84
CA ARG DA 53 78.10 -31.73 11.42
C ARG DA 53 78.25 -31.64 12.93
N ILE DA 54 78.41 -32.81 13.58
CA ILE DA 54 78.50 -32.85 15.04
C ILE DA 54 79.81 -32.23 15.51
N ASP DA 55 80.91 -32.55 14.83
CA ASP DA 55 82.22 -32.02 15.23
C ASP DA 55 82.56 -30.72 14.52
N ALA DA 56 81.64 -29.75 14.51
CA ALA DA 56 81.84 -28.48 13.84
C ALA DA 56 80.69 -27.52 14.11
N ASP DA 57 79.53 -27.79 13.50
CA ASP DA 57 78.40 -26.88 13.59
C ASP DA 57 77.88 -26.77 15.02
N LEU DA 58 77.82 -27.90 15.73
CA LEU DA 58 77.23 -27.90 17.06
C LEU DA 58 78.01 -27.00 18.03
N ASP DA 59 79.34 -27.01 17.92
CA ASP DA 59 80.16 -26.22 18.84
C ASP DA 59 79.86 -24.73 18.67
N ALA DA 60 79.72 -24.27 17.43
CA ALA DA 60 79.42 -22.87 17.19
C ALA DA 60 78.03 -22.51 17.70
N TYR DA 61 77.05 -23.39 17.48
CA TYR DA 61 75.69 -23.12 17.92
C TYR DA 61 75.62 -22.96 19.44
N ILE DA 62 76.30 -23.84 20.16
CA ILE DA 62 76.28 -23.78 21.62
C ILE DA 62 76.97 -22.52 22.11
N ALA DA 63 78.10 -22.18 21.51
CA ALA DA 63 78.84 -20.98 21.91
C ALA DA 63 78.03 -19.72 21.69
N LYS DA 64 77.32 -19.63 20.57
CA LYS DA 64 76.52 -18.46 20.24
C LYS DA 64 75.13 -18.52 20.84
N ALA DA 65 74.81 -19.56 21.61
CA ALA DA 65 73.50 -19.78 22.20
C ALA DA 65 72.39 -19.84 21.16
N TYR DA 66 72.66 -20.43 20.00
CA TYR DA 66 71.65 -20.68 18.99
C TYR DA 66 71.05 -22.06 19.26
N TRP DA 67 70.11 -22.09 20.21
CA TRP DA 67 69.59 -23.36 20.70
C TRP DA 67 68.75 -24.07 19.64
N THR DA 68 67.87 -23.33 18.96
CA THR DA 68 67.03 -23.95 17.95
C THR DA 68 67.84 -24.46 16.77
N GLU DA 69 68.90 -23.74 16.40
CA GLU DA 69 69.76 -24.22 15.33
C GLU DA 69 70.46 -25.52 15.72
N GLY DA 70 70.91 -25.61 16.97
CA GLY DA 70 71.60 -26.80 17.41
C GLY DA 70 70.70 -28.03 17.41
N ARG DA 71 69.47 -27.87 17.90
CA ARG DA 71 68.53 -28.98 17.92
C ARG DA 71 68.15 -29.40 16.50
N ASN DA 72 67.91 -28.44 15.62
CA ASN DA 72 67.58 -28.77 14.24
C ASN DA 72 68.75 -29.46 13.54
N GLU DA 73 69.97 -29.01 13.82
CA GLU DA 73 71.14 -29.64 13.22
C GLU DA 73 71.28 -31.09 13.68
N LEU DA 74 70.82 -31.40 14.87
CA LEU DA 74 70.83 -32.76 15.38
C LEU DA 74 69.80 -33.65 14.71
N ARG DA 75 68.89 -33.07 13.92
CA ARG DA 75 67.86 -33.83 13.24
C ARG DA 75 67.84 -33.63 11.73
N ARG DA 76 68.68 -32.75 11.18
CA ARG DA 76 68.78 -32.52 9.75
C ARG DA 76 70.13 -33.01 9.27
N GLN DA 77 70.12 -33.94 8.31
CA GLN DA 77 71.29 -34.65 7.79
C GLN DA 77 71.78 -35.64 8.84
N VAL DA 78 71.25 -35.54 10.06
CA VAL DA 78 71.50 -36.53 11.09
C VAL DA 78 70.27 -37.37 11.34
N GLY DA 79 69.11 -36.94 10.84
CA GLY DA 79 67.87 -37.66 10.99
C GLY DA 79 67.86 -39.05 10.39
N THR DA 80 68.96 -39.45 9.74
CA THR DA 80 69.13 -40.82 9.26
C THR DA 80 70.32 -41.52 9.91
N LEU DA 81 70.89 -40.93 10.96
CA LEU DA 81 72.09 -41.50 11.57
C LEU DA 81 71.78 -42.83 12.25
N ARG DA 82 70.65 -42.90 12.95
CA ARG DA 82 70.30 -44.13 13.65
C ARG DA 82 70.13 -45.29 12.67
N PHE DA 83 69.47 -45.02 11.55
CA PHE DA 83 69.30 -46.07 10.55
C PHE DA 83 70.63 -46.45 9.92
N ASP DA 84 71.47 -45.46 9.62
CA ASP DA 84 72.74 -45.73 8.97
C ASP DA 84 73.68 -46.50 9.89
N LEU DA 85 73.71 -46.15 11.18
CA LEU DA 85 74.53 -46.88 12.12
C LEU DA 85 74.08 -48.34 12.22
N ASN DA 86 72.76 -48.56 12.23
CA ASN DA 86 72.25 -49.93 12.25
C ASN DA 86 72.59 -50.66 10.96
N ALA DA 87 72.51 -49.96 9.83
CA ALA DA 87 72.77 -50.60 8.54
C ALA DA 87 74.20 -51.13 8.45
N VAL DA 88 75.16 -50.33 8.89
CA VAL DA 88 76.55 -50.76 8.86
C VAL DA 88 76.80 -51.84 9.90
N ALA DA 89 76.22 -51.69 11.10
CA ALA DA 89 76.50 -52.63 12.18
C ALA DA 89 75.95 -54.02 11.88
N ASP DA 90 74.92 -54.11 11.04
CA ASP DA 90 74.35 -55.40 10.71
C ASP DA 90 75.31 -56.23 9.88
N THR DA 91 76.13 -55.58 9.05
CA THR DA 91 77.06 -56.29 8.19
C THR DA 91 78.24 -56.85 8.97
N LEU DA 92 78.49 -56.32 10.17
CA LEU DA 92 79.62 -56.76 10.95
C LEU DA 92 79.42 -58.21 11.40
N PRO DA 93 80.53 -58.93 11.67
CA PRO DA 93 80.39 -60.29 12.22
C PRO DA 93 79.71 -60.26 13.58
N LYS DA 94 79.13 -61.41 13.97
CA LYS DA 94 78.27 -61.43 15.15
C LYS DA 94 78.99 -60.95 16.40
N ALA DA 95 80.23 -61.40 16.60
CA ALA DA 95 81.00 -60.95 17.75
C ALA DA 95 81.23 -59.44 17.71
N ALA DA 96 81.64 -58.92 16.54
CA ALA DA 96 81.82 -57.48 16.40
C ALA DA 96 80.48 -56.76 16.40
N LYS DA 97 79.43 -57.40 15.88
CA LYS DA 97 78.12 -56.77 15.83
C LYS DA 97 77.62 -56.45 17.23
N LYS DA 98 77.82 -57.39 18.17
CA LYS DA 98 77.39 -57.16 19.55
C LYS DA 98 78.10 -55.95 20.14
N GLU DA 99 79.40 -55.83 19.90
CA GLU DA 99 80.16 -54.72 20.47
C GLU DA 99 79.78 -53.40 19.80
N ALA DA 100 79.52 -53.43 18.50
CA ALA DA 100 79.11 -52.21 17.80
C ALA DA 100 77.75 -51.72 18.31
N GLN DA 101 76.84 -52.64 18.59
CA GLN DA 101 75.54 -52.25 19.12
C GLN DA 101 75.68 -51.59 20.47
N ALA DA 102 76.54 -52.13 21.34
CA ALA DA 102 76.76 -51.53 22.65
C ALA DA 102 77.36 -50.14 22.51
N ALA DA 103 78.31 -49.98 21.60
CA ALA DA 103 78.91 -48.66 21.37
C ALA DA 103 77.88 -47.68 20.82
N LYS DA 104 77.03 -48.15 19.91
CA LYS DA 104 76.03 -47.27 19.32
C LYS DA 104 75.06 -46.75 20.37
N ASN DA 105 74.65 -47.62 21.30
CA ASN DA 105 73.73 -47.21 22.35
C ASN DA 105 74.34 -46.14 23.24
N GLU DA 106 75.64 -46.24 23.51
CA GLU DA 106 76.32 -45.21 24.30
C GLU DA 106 76.29 -43.87 23.58
N PHE DA 107 76.55 -43.86 22.28
CA PHE DA 107 76.51 -42.62 21.51
C PHE DA 107 75.10 -42.04 21.47
N LEU DA 108 74.09 -42.89 21.29
CA LEU DA 108 72.72 -42.42 21.24
C LEU DA 108 72.30 -41.81 22.56
N ALA DA 109 72.75 -42.39 23.68
CA ALA DA 109 72.44 -41.82 24.98
C ALA DA 109 73.09 -40.44 25.14
N ALA DA 110 74.29 -40.27 24.61
CA ALA DA 110 74.97 -38.98 24.73
C ALA DA 110 74.30 -37.91 23.87
N VAL DA 111 73.88 -38.27 22.66
CA VAL DA 111 73.28 -37.28 21.77
C VAL DA 111 71.90 -36.86 22.29
N GLU DA 112 71.20 -37.77 22.97
CA GLU DA 112 69.93 -37.40 23.57
C GLU DA 112 70.14 -36.58 24.85
N ALA DA 113 71.18 -36.89 25.61
CA ALA DA 113 71.53 -36.07 26.75
C ALA DA 113 71.93 -34.67 26.33
N LEU DA 114 72.66 -34.57 25.22
CA LEU DA 114 72.98 -33.26 24.66
C LEU DA 114 71.72 -32.53 24.20
N ASP DA 115 70.77 -33.27 23.63
CA ASP DA 115 69.54 -32.63 23.16
C ASP DA 115 68.74 -32.05 24.32
N LEU DA 116 68.75 -32.72 25.47
CA LEU DA 116 68.08 -32.18 26.65
C LEU DA 116 68.67 -30.84 27.06
N GLN DA 117 70.00 -30.76 27.08
CA GLN DA 117 70.65 -29.52 27.50
C GLN DA 117 70.36 -28.39 26.53
N LEU DA 118 70.32 -28.69 25.23
CA LEU DA 118 69.92 -27.67 24.26
C LEU DA 118 68.48 -27.23 24.49
N ARG DA 119 67.60 -28.17 24.84
CA ARG DA 119 66.23 -27.82 25.17
C ARG DA 119 66.18 -26.96 26.43
N LYS DA 120 66.97 -27.32 27.44
CA LYS DA 120 67.03 -26.56 28.68
C LYS DA 120 67.76 -25.23 28.53
N LYS DA 121 68.40 -25.00 27.38
CA LYS DA 121 69.19 -23.79 27.14
C LYS DA 121 70.28 -23.63 28.19
N ASN DA 122 70.94 -24.73 28.52
CA ASN DA 122 72.02 -24.74 29.50
C ASN DA 122 73.34 -24.86 28.73
N GLY DA 123 74.06 -23.75 28.61
CA GLY DA 123 75.27 -23.74 27.81
C GLY DA 123 76.38 -24.60 28.40
N ASP DA 124 76.58 -24.51 29.71
CA ASP DA 124 77.70 -25.21 30.34
C ASP DA 124 77.52 -26.73 30.25
N LYS DA 125 76.31 -27.21 30.58
CA LYS DA 125 76.08 -28.65 30.54
C LYS DA 125 76.00 -29.16 29.12
N ALA DA 126 75.55 -28.31 28.18
CA ALA DA 126 75.50 -28.71 26.78
C ALA DA 126 76.89 -28.88 26.20
N ALA DA 127 77.81 -27.98 26.54
CA ALA DA 127 79.18 -28.10 26.07
C ALA DA 127 79.83 -29.36 26.60
N ALA DA 128 79.59 -29.68 27.88
CA ALA DA 128 80.08 -30.93 28.43
C ALA DA 128 79.44 -32.12 27.74
N ALA DA 129 78.14 -32.04 27.46
CA ALA DA 129 77.45 -33.13 26.78
C ALA DA 129 77.89 -33.24 25.33
N LEU DA 130 78.19 -32.11 24.69
CA LEU DA 130 78.69 -32.14 23.32
C LEU DA 130 80.04 -32.85 23.24
N ALA DA 131 80.94 -32.54 24.18
CA ALA DA 131 82.25 -33.18 24.18
C ALA DA 131 82.13 -34.69 24.37
N ASP DA 132 81.22 -35.11 25.26
CA ASP DA 132 80.97 -36.53 25.44
C ASP DA 132 80.40 -37.14 24.17
N THR DA 133 79.50 -36.44 23.49
CA THR DA 133 78.89 -36.98 22.28
C THR DA 133 79.93 -37.19 21.19
N LYS DA 134 80.85 -36.23 21.04
CA LYS DA 134 81.88 -36.36 20.02
C LYS DA 134 82.80 -37.54 20.32
N ALA DA 135 83.12 -37.76 21.59
CA ALA DA 135 83.97 -38.89 21.96
C ALA DA 135 83.27 -40.21 21.70
N LYS DA 136 81.98 -40.31 22.04
CA LYS DA 136 81.25 -41.56 21.84
C LYS DA 136 81.12 -41.87 20.35
N LEU DA 137 80.90 -40.84 19.52
CA LEU DA 137 80.72 -41.06 18.10
C LEU DA 137 81.98 -41.64 17.47
N ASP DA 138 83.15 -41.16 17.90
CA ASP DA 138 84.41 -41.65 17.35
C ASP DA 138 84.59 -43.14 17.65
N ALA DA 139 84.23 -43.56 18.86
CA ALA DA 139 84.34 -44.96 19.22
C ALA DA 139 83.41 -45.83 18.37
N VAL DA 140 82.19 -45.34 18.10
CA VAL DA 140 81.26 -46.10 17.29
C VAL DA 140 81.76 -46.26 15.87
N ILE DA 141 82.27 -45.17 15.29
CA ILE DA 141 82.74 -45.21 13.92
C ILE DA 141 83.95 -46.13 13.79
N ALA DA 142 84.81 -46.12 14.81
CA ALA DA 142 85.99 -46.99 14.79
C ALA DA 142 85.58 -48.46 14.74
N LYS DA 143 84.54 -48.82 15.50
CA LYS DA 143 84.07 -50.21 15.48
C LYS DA 143 83.39 -50.55 14.15
N LEU DA 144 82.74 -49.58 13.53
CA LEU DA 144 82.08 -49.81 12.25
C LEU DA 144 83.05 -49.70 11.09
N GLU EA 1 20.25 76.28 91.06
CA GLU EA 1 21.04 77.24 90.30
C GLU EA 1 20.45 77.45 88.91
N PHE EA 2 19.89 76.38 88.35
CA PHE EA 2 19.24 76.43 87.04
C PHE EA 2 17.74 76.18 87.11
N TYR EA 3 17.20 75.91 88.30
CA TYR EA 3 15.78 75.71 88.50
C TYR EA 3 15.31 76.53 89.69
N GLY EA 4 14.00 76.74 89.76
CA GLY EA 4 13.40 77.47 90.86
C GLY EA 4 13.48 78.97 90.67
N PRO EA 5 12.99 79.72 91.67
CA PRO EA 5 13.01 81.19 91.56
C PRO EA 5 14.40 81.79 91.62
N ASP EA 6 15.37 81.10 92.22
CA ASP EA 6 16.73 81.59 92.32
C ASP EA 6 17.60 81.20 91.15
N ARG EA 7 16.98 80.75 90.05
CA ARG EA 7 17.75 80.31 88.89
C ARG EA 7 18.50 81.48 88.29
N VAL EA 8 19.63 81.17 87.65
CA VAL EA 8 20.41 82.21 87.00
C VAL EA 8 19.65 82.76 85.81
N LYS EA 9 19.89 84.03 85.50
CA LYS EA 9 19.11 84.75 84.51
C LYS EA 9 19.97 85.25 83.37
N PHE EA 10 19.34 85.48 82.21
CA PHE EA 10 20.08 85.79 81.00
C PHE EA 10 20.76 87.15 81.07
N LEU EA 11 20.18 88.08 81.82
CA LEU EA 11 20.75 89.41 81.95
C LEU EA 11 21.59 89.55 83.21
N GLY EA 12 21.85 88.47 83.91
CA GLY EA 12 22.64 88.50 85.11
C GLY EA 12 21.96 89.28 86.22
N PRO EA 13 22.74 90.03 87.00
CA PRO EA 13 22.14 90.86 88.05
C PRO EA 13 21.14 91.87 87.52
N PHE EA 14 21.38 92.40 86.32
CA PHE EA 14 20.53 93.41 85.74
C PHE EA 14 19.21 92.86 85.23
N SER EA 15 18.94 91.58 85.44
CA SER EA 15 17.71 90.98 84.90
C SER EA 15 16.47 91.62 85.50
N GLY EA 16 16.47 91.80 86.83
CA GLY EA 16 15.37 92.45 87.51
C GLY EA 16 14.02 91.83 87.21
N ASN EA 17 13.19 92.53 86.46
CA ASN EA 17 11.87 92.02 86.10
C ASN EA 17 12.01 90.86 85.11
N THR EA 18 11.29 89.78 85.39
CA THR EA 18 11.25 88.61 84.54
C THR EA 18 9.79 88.26 84.23
N PRO EA 19 9.54 87.63 83.09
CA PRO EA 19 8.15 87.22 82.78
C PRO EA 19 7.60 86.31 83.86
N SER EA 20 6.34 86.59 84.25
CA SER EA 20 5.70 85.83 85.31
C SER EA 20 5.51 84.37 84.92
N TYR EA 21 5.13 84.12 83.67
CA TYR EA 21 4.95 82.75 83.19
C TYR EA 21 6.30 82.04 83.10
N LEU EA 22 7.39 82.79 82.95
CA LEU EA 22 8.70 82.19 82.78
C LEU EA 22 9.34 81.92 84.12
N LYS EA 23 8.69 81.08 84.93
CA LYS EA 23 9.25 80.66 86.21
C LYS EA 23 10.26 79.54 85.98
N GLY EA 24 10.62 78.82 87.03
CA GLY EA 24 11.55 77.71 86.86
C GLY EA 24 10.84 76.50 86.27
N GLU EA 25 11.16 75.31 86.77
CA GLU EA 25 10.52 74.04 86.44
C GLU EA 25 10.85 73.56 85.02
N TYR EA 26 11.59 74.32 84.23
CA TYR EA 26 11.95 73.88 82.89
C TYR EA 26 13.43 74.10 82.65
N PRO EA 27 14.08 73.20 81.91
CA PRO EA 27 15.51 73.34 81.67
C PRO EA 27 15.81 74.56 80.79
N GLY EA 28 16.96 75.16 81.03
CA GLY EA 28 17.40 76.29 80.23
C GLY EA 28 16.58 77.54 80.40
N ASP EA 29 15.98 77.74 81.57
CA ASP EA 29 15.14 78.91 81.81
C ASP EA 29 16.01 80.00 82.42
N TYR EA 30 16.31 81.03 81.62
CA TYR EA 30 17.07 82.17 82.08
C TYR EA 30 16.22 83.43 82.19
N GLY EA 31 14.91 83.29 82.14
CA GLY EA 31 14.01 84.44 82.24
C GLY EA 31 14.15 85.42 81.11
N TRP EA 32 14.23 84.92 79.87
CA TRP EA 32 14.35 85.76 78.68
C TRP EA 32 13.16 85.48 77.77
N ASP EA 33 12.09 86.23 77.94
CA ASP EA 33 11.01 86.26 76.96
C ASP EA 33 10.55 87.71 76.76
N THR EA 34 11.52 88.60 76.54
CA THR EA 34 11.21 90.02 76.43
C THR EA 34 10.19 90.31 75.34
N ALA EA 35 10.16 89.49 74.28
CA ALA EA 35 9.16 89.66 73.25
C ALA EA 35 7.78 89.17 73.68
N GLY EA 36 7.69 88.47 74.81
CA GLY EA 36 6.40 88.00 75.30
C GLY EA 36 5.70 87.05 74.37
N LEU EA 37 6.45 86.17 73.71
CA LEU EA 37 5.89 85.27 72.72
C LEU EA 37 5.31 83.99 73.34
N SER EA 38 5.71 83.65 74.56
CA SER EA 38 5.21 82.46 75.23
C SER EA 38 4.30 82.78 76.40
N ALA EA 39 3.51 83.85 76.29
CA ALA EA 39 2.58 84.19 77.36
C ALA EA 39 1.50 83.12 77.52
N ASP EA 40 1.00 82.60 76.40
CA ASP EA 40 0.01 81.53 76.44
C ASP EA 40 0.70 80.23 76.85
N PRO EA 41 0.25 79.55 77.89
CA PRO EA 41 0.93 78.30 78.30
C PRO EA 41 0.92 77.23 77.21
N GLU EA 42 -0.13 77.18 76.40
CA GLU EA 42 -0.16 76.21 75.30
C GLU EA 42 0.94 76.50 74.29
N THR EA 43 1.11 77.78 73.94
CA THR EA 43 2.17 78.14 73.00
C THR EA 43 3.55 77.95 73.62
N PHE EA 44 3.68 78.20 74.92
CA PHE EA 44 4.96 78.01 75.59
C PHE EA 44 5.41 76.56 75.51
N ALA EA 45 4.46 75.64 75.72
CA ALA EA 45 4.79 74.19 75.62
C ALA EA 45 5.30 73.90 74.21
N ARG EA 46 4.56 74.33 73.19
CA ARG EA 46 4.95 74.09 71.78
C ARG EA 46 6.35 74.67 71.53
N TYR EA 47 6.59 75.91 71.98
CA TYR EA 47 7.88 76.57 71.70
C TYR EA 47 9.01 75.79 72.40
N ARG EA 48 8.73 75.23 73.58
CA ARG EA 48 9.74 74.44 74.27
C ARG EA 48 10.13 73.22 73.45
N GLU EA 49 9.13 72.57 72.86
CA GLU EA 49 9.43 71.39 71.99
C GLU EA 49 10.21 71.83 70.76
N LEU EA 50 9.80 72.94 70.14
CA LEU EA 50 10.47 73.43 68.91
C LEU EA 50 11.93 73.75 69.23
N GLU EA 51 12.18 74.36 70.39
CA GLU EA 51 13.56 74.76 70.76
C GLU EA 51 14.43 73.51 70.86
N VAL EA 52 13.99 72.48 71.57
CA VAL EA 52 14.84 71.27 71.79
C VAL EA 52 15.00 70.48 70.50
N ILE EA 53 14.03 70.51 69.60
CA ILE EA 53 14.20 69.83 68.31
C ILE EA 53 15.13 70.64 67.41
N HIS EA 54 14.95 71.97 67.36
CA HIS EA 54 15.90 72.79 66.63
C HIS EA 54 17.29 72.67 67.25
N ALA EA 55 17.36 72.52 68.58
CA ALA EA 55 18.65 72.41 69.25
C ALA EA 55 19.34 71.09 68.93
N ARG EA 56 18.62 69.98 69.03
CA ARG EA 56 19.21 68.65 68.75
C ARG EA 56 19.68 68.60 67.29
N TRP EA 57 18.90 69.11 66.35
CA TRP EA 57 19.34 69.14 64.96
C TRP EA 57 20.59 70.00 64.80
N ALA EA 58 20.64 71.13 65.52
CA ALA EA 58 21.79 72.01 65.42
C ALA EA 58 23.06 71.33 65.92
N MET EA 59 22.95 70.61 67.02
CA MET EA 59 24.13 69.89 67.55
C MET EA 59 24.62 68.89 66.49
N LEU EA 60 23.72 68.10 65.92
CA LEU EA 60 24.10 67.19 64.85
C LEU EA 60 24.69 67.96 63.67
N GLY EA 61 24.07 69.08 63.32
CA GLY EA 61 24.55 69.86 62.19
C GLY EA 61 25.91 70.49 62.45
N ALA EA 62 26.11 71.03 63.65
CA ALA EA 62 27.39 71.64 63.97
C ALA EA 62 28.52 70.62 63.89
N LEU EA 63 28.31 69.44 64.46
CA LEU EA 63 29.32 68.41 64.38
C LEU EA 63 29.46 67.87 62.95
N GLY EA 64 28.36 67.83 62.21
CA GLY EA 64 28.38 67.28 60.87
C GLY EA 64 28.96 68.19 59.82
N CYS EA 65 28.96 69.50 60.06
CA CYS EA 65 29.52 70.46 59.11
C CYS EA 65 31.01 70.69 59.31
N VAL EA 66 31.58 70.16 60.39
CA VAL EA 66 32.97 70.46 60.75
C VAL EA 66 33.83 69.23 60.54
N THR EA 67 33.26 68.05 60.80
CA THR EA 67 34.06 66.82 60.74
C THR EA 67 34.62 66.53 59.36
N PRO EA 68 33.84 66.52 58.27
CA PRO EA 68 34.47 66.29 56.95
C PRO EA 68 35.51 67.34 56.60
N GLU EA 69 35.29 68.59 57.02
CA GLU EA 69 36.28 69.63 56.77
C GLU EA 69 37.54 69.40 57.60
N LEU EA 70 37.37 69.03 58.87
CA LEU EA 70 38.52 68.75 59.72
C LEU EA 70 39.34 67.59 59.15
N LEU EA 71 38.66 66.50 58.78
CA LEU EA 71 39.37 65.33 58.27
C LEU EA 71 40.09 65.63 56.97
N GLN EA 72 39.49 66.45 56.11
CA GLN EA 72 40.10 66.75 54.82
C GLN EA 72 41.40 67.53 55.00
N ARG EA 73 41.38 68.56 55.84
CA ARG EA 73 42.55 69.40 56.04
C ARG EA 73 43.49 68.87 57.11
N ASN EA 74 43.12 67.80 57.80
CA ASN EA 74 44.02 67.12 58.70
C ASN EA 74 44.67 65.90 58.05
N GLY EA 75 44.36 65.63 56.79
CA GLY EA 75 44.89 64.46 56.12
C GLY EA 75 44.27 63.14 56.53
N ALA EA 76 43.20 63.17 57.33
CA ALA EA 76 42.59 61.93 57.78
C ALA EA 76 41.89 61.22 56.64
N ALA EA 77 41.24 61.95 55.75
CA ALA EA 77 40.53 61.36 54.63
C ALA EA 77 40.36 62.40 53.53
N ASN EA 78 40.04 61.93 52.34
CA ASN EA 78 39.84 62.79 51.18
C ASN EA 78 38.40 62.68 50.71
N PHE EA 79 37.65 63.76 50.86
CA PHE EA 79 36.25 63.82 50.46
C PHE EA 79 36.13 64.50 49.10
N GLY EA 80 34.98 64.27 48.46
CA GLY EA 80 34.69 65.00 47.23
C GLY EA 80 34.53 66.49 47.47
N GLU EA 81 33.77 66.86 48.51
CA GLU EA 81 33.53 68.24 48.88
C GLU EA 81 33.47 68.31 50.40
N ALA EA 82 34.57 68.73 51.02
CA ALA EA 82 34.61 68.80 52.48
C ALA EA 82 33.70 69.89 53.02
N VAL EA 83 33.71 71.07 52.41
CA VAL EA 83 32.94 72.19 52.92
C VAL EA 83 31.46 71.86 52.88
N TRP EA 84 30.75 72.19 53.97
CA TRP EA 84 29.31 71.81 54.09
C TRP EA 84 28.47 72.49 53.00
N PHE EA 85 28.73 73.76 52.69
CA PHE EA 85 27.87 74.50 51.74
C PHE EA 85 28.18 74.05 50.30
N LYS EA 86 28.84 72.90 50.14
CA LYS EA 86 29.12 72.37 48.77
C LYS EA 86 29.01 70.85 48.77
N ALA EA 87 28.84 70.23 49.95
CA ALA EA 87 28.80 68.77 50.00
C ALA EA 87 27.61 68.20 49.24
N GLY EA 88 26.54 68.99 49.12
CA GLY EA 88 25.40 68.54 48.34
C GLY EA 88 25.73 68.39 46.87
N ALA EA 89 26.68 69.18 46.35
CA ALA EA 89 27.05 69.11 44.95
C ALA EA 89 27.77 67.81 44.59
N GLN EA 90 28.18 67.02 45.60
CA GLN EA 90 28.93 65.79 45.32
C GLN EA 90 28.12 64.83 44.46
N ILE EA 91 26.80 64.85 44.60
CA ILE EA 91 25.96 63.95 43.81
C ILE EA 91 26.05 64.29 42.34
N PHE EA 92 26.41 65.53 42.00
CA PHE EA 92 26.60 65.93 40.60
C PHE EA 92 28.07 65.88 40.23
N GLN EA 93 28.63 64.66 40.24
CA GLN EA 93 30.01 64.45 39.88
C GLN EA 93 30.12 63.13 39.11
N GLU EA 94 31.34 62.80 38.70
CA GLU EA 94 31.57 61.57 37.95
C GLU EA 94 31.32 60.32 38.79
N GLY EA 95 31.82 60.30 40.03
CA GLY EA 95 31.68 59.15 40.90
C GLY EA 95 30.54 59.22 41.88
N GLY EA 96 29.64 60.19 41.74
CA GLY EA 96 28.56 60.31 42.71
C GLY EA 96 29.11 60.66 44.07
N LEU EA 97 28.39 60.25 45.10
CA LEU EA 97 28.75 60.54 46.48
C LEU EA 97 29.30 59.27 47.13
N ASP EA 98 30.56 59.33 47.55
CA ASP EA 98 31.22 58.22 48.21
C ASP EA 98 31.55 58.64 49.63
N TYR EA 99 31.07 57.87 50.61
CA TYR EA 99 31.32 58.20 52.00
C TYR EA 99 32.80 58.06 52.31
N LEU EA 100 33.36 59.09 52.95
CA LEU EA 100 34.77 59.14 53.30
C LEU EA 100 35.68 59.00 52.09
N GLY EA 101 35.16 59.30 50.90
CA GLY EA 101 35.96 59.19 49.70
C GLY EA 101 36.21 57.78 49.24
N ASN EA 102 35.55 56.80 49.83
CA ASN EA 102 35.75 55.41 49.47
C ASN EA 102 34.73 55.02 48.41
N PRO EA 103 35.13 54.62 47.21
CA PRO EA 103 34.14 54.27 46.18
C PRO EA 103 33.27 53.10 46.57
N ASN EA 104 33.69 52.30 47.55
CA ASN EA 104 32.91 51.17 48.05
C ASN EA 104 32.18 51.51 49.34
N LEU EA 105 31.66 52.72 49.44
CA LEU EA 105 30.84 53.14 50.57
C LEU EA 105 29.68 53.95 50.03
N VAL EA 106 28.45 53.47 50.23
CA VAL EA 106 27.23 54.14 49.81
C VAL EA 106 27.19 54.23 48.29
N HIS EA 107 28.09 55.04 47.72
CA HIS EA 107 28.28 55.15 46.27
C HIS EA 107 26.98 55.57 45.59
N ALA EA 108 26.38 56.64 46.11
CA ALA EA 108 25.12 57.13 45.56
C ALA EA 108 25.36 57.84 44.23
N GLN EA 109 24.37 57.74 43.36
CA GLN EA 109 24.54 58.32 42.01
C GLN EA 109 23.29 59.11 41.60
N SER EA 110 22.17 58.95 42.31
CA SER EA 110 20.90 59.60 41.89
C SER EA 110 20.32 60.46 42.99
N ILE EA 111 20.30 61.78 42.79
CA ILE EA 111 19.80 62.68 43.82
C ILE EA 111 18.34 62.42 44.10
N VAL EA 112 17.59 62.04 43.07
CA VAL EA 112 16.16 61.72 43.31
C VAL EA 112 16.09 60.65 44.39
N ALA EA 113 16.60 59.45 44.10
CA ALA EA 113 16.61 58.33 45.07
C ALA EA 113 17.02 58.82 46.45
N ILE EA 114 18.03 59.67 46.52
CA ILE EA 114 18.39 60.21 47.83
C ILE EA 114 17.22 60.99 48.41
N LEU EA 115 16.59 61.81 47.59
CA LEU EA 115 15.46 62.61 48.05
C LEU EA 115 14.26 61.74 48.39
N LEU EA 116 13.96 60.76 47.52
CA LEU EA 116 12.82 59.89 47.76
C LEU EA 116 13.01 59.07 49.04
N THR EA 117 14.20 58.51 49.23
CA THR EA 117 14.44 57.69 50.40
C THR EA 117 14.37 58.51 51.68
N GLN EA 118 14.89 59.73 51.64
CA GLN EA 118 14.81 60.60 52.81
C GLN EA 118 13.37 60.93 53.15
N VAL EA 119 12.55 61.23 52.13
CA VAL EA 119 11.17 61.62 52.39
C VAL EA 119 10.42 60.49 53.08
N VAL EA 120 10.59 59.26 52.59
CA VAL EA 120 9.91 58.12 53.18
C VAL EA 120 10.43 57.83 54.58
N LEU EA 121 11.75 57.81 54.74
CA LEU EA 121 12.34 57.45 56.03
C LEU EA 121 12.12 58.55 57.06
N MET EA 122 12.33 59.81 56.67
CA MET EA 122 12.10 60.90 57.60
C MET EA 122 10.63 61.05 57.92
N GLY EA 123 9.76 60.84 56.93
CA GLY EA 123 8.33 60.93 57.19
C GLY EA 123 7.86 59.95 58.23
N LEU EA 124 8.30 58.69 58.11
CA LEU EA 124 7.94 57.69 59.10
C LEU EA 124 8.59 57.99 60.44
N ILE EA 125 9.85 58.41 60.44
CA ILE EA 125 10.55 58.69 61.69
C ILE EA 125 9.87 59.82 62.44
N GLU EA 126 9.56 60.91 61.73
CA GLU EA 126 8.89 62.03 62.38
C GLU EA 126 7.49 61.65 62.83
N GLY EA 127 6.80 60.83 62.05
CA GLY EA 127 5.52 60.31 62.49
C GLY EA 127 5.63 59.45 63.73
N TYR EA 128 6.69 58.64 63.81
CA TYR EA 128 6.92 57.85 65.02
C TYR EA 128 7.22 58.75 66.22
N ARG EA 129 7.88 59.87 65.96
CA ARG EA 129 8.27 60.79 67.07
C ARG EA 129 7.02 61.53 67.59
N VAL EA 130 5.93 61.54 66.82
CA VAL EA 130 4.74 62.34 67.23
C VAL EA 130 3.55 61.43 67.54
N ASN EA 131 3.69 60.11 67.35
CA ASN EA 131 2.52 59.21 67.55
C ASN EA 131 3.00 57.83 68.02
N GLY EA 132 4.29 57.70 68.34
CA GLY EA 132 4.83 56.43 68.77
C GLY EA 132 5.06 55.49 67.59
N GLY EA 133 5.64 54.34 67.89
CA GLY EA 133 5.93 53.37 66.88
C GLY EA 133 6.90 52.30 67.33
N PRO EA 134 7.72 51.80 66.40
CA PRO EA 134 8.62 50.69 66.72
C PRO EA 134 9.58 50.96 67.85
N ALA EA 135 10.05 52.20 67.99
CA ALA EA 135 11.03 52.49 69.04
C ALA EA 135 10.36 52.61 70.41
N GLY EA 136 9.13 53.07 70.45
CA GLY EA 136 8.43 53.17 71.72
C GLY EA 136 7.17 53.97 71.59
N GLU EA 137 6.37 53.91 72.65
CA GLU EA 137 5.19 54.75 72.75
C GLU EA 137 5.58 56.14 73.22
N VAL EA 138 4.70 57.10 72.98
CA VAL EA 138 4.96 58.50 73.29
C VAL EA 138 4.47 58.79 74.71
N VAL EA 139 5.37 59.27 75.56
CA VAL EA 139 5.03 59.79 76.88
C VAL EA 139 5.41 61.26 76.99
N ASP EA 140 6.70 61.56 76.84
CA ASP EA 140 7.16 62.94 76.68
C ASP EA 140 7.50 63.17 75.22
N PRO EA 141 6.87 64.11 74.53
CA PRO EA 141 7.19 64.31 73.11
C PRO EA 141 8.62 64.73 72.85
N ILE EA 142 9.36 65.18 73.86
CA ILE EA 142 10.75 65.57 73.69
C ILE EA 142 11.70 64.78 74.57
N TYR EA 143 11.21 64.02 75.54
CA TYR EA 143 12.18 63.22 76.34
C TYR EA 143 11.66 61.80 76.48
N PRO EA 144 11.63 61.00 75.39
CA PRO EA 144 11.10 59.62 75.43
C PRO EA 144 11.85 58.70 76.37
N GLY EA 145 13.17 58.70 76.33
CA GLY EA 145 13.92 57.75 77.12
C GLY EA 145 13.71 56.34 76.62
N GLU EA 146 13.76 55.38 77.55
CA GLU EA 146 13.56 53.98 77.25
C GLU EA 146 14.52 53.49 76.17
N ALA EA 147 13.98 53.20 74.98
CA ALA EA 147 14.84 52.76 73.88
C ALA EA 147 15.81 53.83 73.46
N PHE EA 148 15.52 55.10 73.78
CA PHE EA 148 16.39 56.22 73.43
C PHE EA 148 17.32 56.61 74.56
N ASP EA 149 17.32 55.87 75.66
CA ASP EA 149 18.36 55.99 76.69
C ASP EA 149 18.82 54.60 77.09
N PRO EA 150 19.42 53.85 76.15
CA PRO EA 150 19.88 52.50 76.50
C PRO EA 150 20.98 52.50 77.54
N LEU EA 151 21.84 53.53 77.53
CA LEU EA 151 22.94 53.59 78.48
C LEU EA 151 22.49 53.99 79.87
N GLY EA 152 21.28 54.53 80.00
CA GLY EA 152 20.76 54.89 81.31
C GLY EA 152 21.49 56.03 81.99
N LEU EA 153 21.93 57.02 81.22
CA LEU EA 153 22.60 58.17 81.82
C LEU EA 153 21.64 59.08 82.57
N ALA EA 154 20.34 58.93 82.34
CA ALA EA 154 19.33 59.74 83.00
C ALA EA 154 18.36 58.92 83.85
N ASP EA 155 18.82 57.80 84.41
CA ASP EA 155 17.95 57.00 85.26
C ASP EA 155 17.61 57.75 86.54
N ASP EA 156 18.60 58.39 87.15
CA ASP EA 156 18.36 59.14 88.38
C ASP EA 156 17.70 60.47 88.06
N PRO EA 157 16.56 60.79 88.69
CA PRO EA 157 15.87 62.05 88.36
C PRO EA 157 16.70 63.30 88.59
N ASP EA 158 17.57 63.31 89.61
CA ASP EA 158 18.41 64.48 89.85
C ASP EA 158 19.38 64.70 88.69
N THR EA 159 19.99 63.64 88.20
CA THR EA 159 20.87 63.76 87.04
C THR EA 159 20.09 64.12 85.79
N LEU EA 160 18.84 63.63 85.69
CA LEU EA 160 18.02 63.96 84.54
C LEU EA 160 17.74 65.46 84.48
N ALA EA 161 17.51 66.08 85.64
CA ALA EA 161 17.26 67.51 85.68
C ALA EA 161 18.47 68.29 85.17
N GLU EA 162 19.65 68.01 85.72
CA GLU EA 162 20.84 68.76 85.34
C GLU EA 162 21.25 68.45 83.91
N LEU EA 163 21.02 67.23 83.48
CA LEU EA 163 21.40 66.83 82.10
C LEU EA 163 20.55 67.57 81.07
N LYS EA 164 19.25 67.74 81.32
CA LYS EA 164 18.38 68.49 80.38
C LYS EA 164 18.95 69.89 80.18
N VAL EA 165 19.38 70.53 81.26
CA VAL EA 165 20.02 71.87 81.14
C VAL EA 165 21.23 71.74 80.23
N LYS EA 166 22.06 70.73 80.44
CA LYS EA 166 23.30 70.64 79.62
C LYS EA 166 22.92 70.56 78.14
N GLU EA 167 21.88 69.80 77.80
CA GLU EA 167 21.46 69.63 76.38
C GLU EA 167 20.99 70.96 75.80
N ILE EA 168 20.15 71.70 76.53
CA ILE EA 168 19.59 72.96 75.98
C ILE EA 168 20.73 73.97 75.89
N LYS EA 169 21.63 73.96 76.87
CA LYS EA 169 22.76 74.91 76.86
C LYS EA 169 23.66 74.57 75.67
N ASN EA 170 24.06 73.30 75.54
CA ASN EA 170 24.95 72.87 74.43
C ASN EA 170 24.17 73.06 73.13
N GLY EA 171 22.88 72.78 73.15
CA GLY EA 171 22.05 72.93 71.95
C GLY EA 171 22.00 74.36 71.51
N ARG EA 172 21.75 75.25 72.46
CA ARG EA 172 21.64 76.67 72.10
C ARG EA 172 22.95 77.17 71.51
N LEU EA 173 24.07 76.77 72.10
CA LEU EA 173 25.38 77.14 71.54
C LEU EA 173 25.52 76.60 70.13
N ALA EA 174 25.00 75.40 69.87
CA ALA EA 174 25.03 74.86 68.52
C ALA EA 174 24.17 75.68 67.57
N MET EA 175 23.00 76.12 68.02
CA MET EA 175 22.13 76.93 67.16
C MET EA 175 22.80 78.24 66.79
N VAL EA 176 23.42 78.90 67.76
CA VAL EA 176 24.12 80.16 67.48
C VAL EA 176 25.30 79.92 66.55
N SER EA 177 26.08 78.87 66.82
CA SER EA 177 27.24 78.57 65.99
C SER EA 177 26.83 78.14 64.59
N MET EA 178 25.76 77.36 64.49
CA MET EA 178 25.28 76.94 63.18
C MET EA 178 24.71 78.13 62.41
N PHE EA 179 24.07 79.07 63.11
CA PHE EA 179 23.66 80.30 62.47
C PHE EA 179 24.86 81.07 61.97
N GLY EA 180 25.96 81.04 62.71
CA GLY EA 180 27.20 81.63 62.23
C GLY EA 180 27.69 80.95 60.97
N PHE EA 181 27.62 79.61 60.93
CA PHE EA 181 28.05 78.87 59.75
C PHE EA 181 27.32 79.36 58.51
N PHE EA 182 26.02 79.62 58.64
CA PHE EA 182 25.25 80.12 57.50
C PHE EA 182 25.78 81.47 57.03
N ILE EA 183 25.99 82.39 57.96
CA ILE EA 183 26.44 83.77 57.60
C ILE EA 183 27.89 83.72 57.13
N GLN EA 184 28.77 83.10 57.90
CA GLN EA 184 30.22 83.09 57.55
C GLN EA 184 30.37 82.53 56.13
N ALA EA 185 29.56 81.53 55.77
CA ALA EA 185 29.65 80.90 54.43
C ALA EA 185 29.31 81.94 53.35
N ILE EA 186 28.25 82.72 53.58
CA ILE EA 186 27.82 83.74 52.57
C ILE EA 186 28.87 84.86 52.50
N VAL EA 187 29.28 85.39 53.65
CA VAL EA 187 30.27 86.51 53.67
C VAL EA 187 31.63 85.98 53.22
N THR EA 188 32.02 84.79 53.70
CA THR EA 188 33.30 84.18 53.29
C THR EA 188 33.01 82.83 52.62
N GLY EA 189 33.31 82.71 51.32
CA GLY EA 189 33.06 81.46 50.59
C GLY EA 189 33.88 80.32 51.14
N LYS EA 190 34.78 80.61 52.08
CA LYS EA 190 35.64 79.57 52.71
C LYS EA 190 34.82 78.79 53.74
N GLY EA 191 35.19 77.54 54.00
CA GLY EA 191 34.48 76.73 55.01
C GLY EA 191 34.72 77.25 56.42
N PRO EA 192 33.88 76.93 57.42
CA PRO EA 192 34.02 77.47 58.77
C PRO EA 192 35.32 77.08 59.44
N VAL EA 193 35.82 75.88 59.17
CA VAL EA 193 37.10 75.48 59.75
C VAL EA 193 38.24 76.28 59.13
N GLN EA 194 38.14 76.59 57.84
CA GLN EA 194 39.13 77.43 57.20
C GLN EA 194 39.13 78.83 57.81
N ASN EA 195 37.94 79.34 58.13
CA ASN EA 195 37.85 80.66 58.77
C ASN EA 195 38.58 80.67 60.10
N LEU EA 196 38.39 79.61 60.90
CA LEU EA 196 39.04 79.54 62.21
C LEU EA 196 40.55 79.54 62.08
N SER EA 197 41.07 78.82 61.09
CA SER EA 197 42.51 78.82 60.86
C SER EA 197 43.02 80.20 60.46
N ASP EA 198 42.26 80.90 59.62
CA ASP EA 198 42.67 82.24 59.20
C ASP EA 198 42.68 83.22 60.38
N HIS EA 199 41.67 83.14 61.24
CA HIS EA 199 41.65 83.98 62.43
C HIS EA 199 42.82 83.68 63.34
N LEU EA 200 43.20 82.40 63.45
CA LEU EA 200 44.37 82.05 64.25
C LEU EA 200 45.65 82.49 63.57
N ALA EA 201 45.68 82.47 62.23
CA ALA EA 201 46.89 82.85 61.51
C ALA EA 201 47.21 84.32 61.71
N SER EA 202 46.22 85.19 61.54
CA SER EA 202 46.41 86.63 61.68
C SER EA 202 45.10 87.26 62.13
N PRO EA 203 44.80 87.19 63.43
CA PRO EA 203 43.50 87.72 63.90
C PRO EA 203 43.31 89.20 63.63
N SER EA 204 44.39 89.98 63.67
CA SER EA 204 44.27 91.41 63.44
C SER EA 204 43.81 91.71 62.01
N THR EA 205 44.33 90.97 61.04
CA THR EA 205 44.01 91.23 59.64
C THR EA 205 42.90 90.34 59.10
N ASP EA 206 42.81 89.10 59.59
CA ASP EA 206 41.78 88.15 59.15
C ASP EA 206 40.66 88.12 60.20
N ASN EA 207 39.57 88.80 59.90
CA ASN EA 207 38.37 88.81 60.74
C ASN EA 207 37.25 89.42 59.91
N PHE EA 208 36.08 89.56 60.54
CA PHE EA 208 34.96 90.18 59.82
C PHE EA 208 35.24 91.63 59.51
N TYR EA 209 36.11 92.27 60.30
CA TYR EA 209 36.62 93.58 59.98
C TYR EA 209 37.98 93.43 59.30
N SER EA 210 38.49 94.52 58.73
CA SER EA 210 39.72 94.48 57.94
C SER EA 210 39.57 93.52 56.75
N LEU EA 211 38.33 93.17 56.43
CA LEU EA 211 37.98 92.26 55.34
C LEU EA 211 36.46 92.24 55.21
N TYR EA 212 35.95 91.93 54.03
CA TYR EA 212 34.52 91.98 53.76
C TYR EA 212 33.91 93.27 54.30
N ALA EA 213 32.90 93.16 55.16
CA ALA EA 213 32.27 94.28 55.84
C ALA EA 213 32.02 95.46 54.92
N LYS EA 214 33.08 96.22 54.62
CA LYS EA 214 33.00 97.34 53.68
C LYS EA 214 32.45 96.88 52.34
N THR EA 215 32.80 95.66 51.94
CA THR EA 215 32.25 95.11 50.70
C THR EA 215 30.75 94.88 50.83
N LEU EA 216 30.31 94.52 52.04
CA LEU EA 216 28.86 94.28 52.30
C LEU EA 216 28.12 95.61 52.21
N ALA EA 217 28.80 96.72 52.51
CA ALA EA 217 28.16 98.05 52.47
C ALA EA 217 26.73 97.95 52.99
N SER FA 1 41.84 18.47 98.19
CA SER FA 1 41.88 18.50 99.64
C SER FA 1 43.32 18.55 100.14
N GLN FA 2 44.23 17.93 99.37
CA GLN FA 2 45.64 17.98 99.75
C GLN FA 2 46.19 19.39 99.70
N TRP FA 3 45.54 20.27 98.96
CA TRP FA 3 45.99 21.65 98.81
C TRP FA 3 45.42 22.59 99.86
N TYR FA 4 44.60 22.08 100.77
CA TYR FA 4 44.00 22.88 101.83
C TYR FA 4 44.30 22.26 103.19
N GLY FA 5 43.95 22.98 104.23
CA GLY FA 5 44.14 22.50 105.58
C GLY FA 5 45.56 22.68 106.07
N PRO FA 6 45.84 22.16 107.28
CA PRO FA 6 47.19 22.29 107.83
C PRO FA 6 48.20 21.32 107.23
N ASP FA 7 47.76 20.33 106.47
CA ASP FA 7 48.65 19.35 105.87
C ASP FA 7 49.04 19.72 104.44
N ARG FA 8 48.72 20.95 104.02
CA ARG FA 8 49.00 21.38 102.66
C ARG FA 8 50.49 21.51 102.42
N PRO FA 9 50.93 21.34 101.19
CA PRO FA 9 52.33 21.58 100.86
C PRO FA 9 52.71 23.05 101.04
N LYS FA 10 53.98 23.27 101.36
CA LYS FA 10 54.46 24.60 101.73
C LYS FA 10 55.71 24.94 100.93
N PHE FA 11 55.96 26.24 100.81
CA PHE FA 11 56.96 26.74 99.87
C PHE FA 11 58.38 26.34 100.26
N LEU FA 12 58.60 26.03 101.53
CA LEU FA 12 59.93 25.68 102.02
C LEU FA 12 60.09 24.18 102.22
N GLY FA 13 59.22 23.38 101.60
CA GLY FA 13 59.32 21.94 101.65
C GLY FA 13 59.30 21.38 103.04
N PRO FA 14 60.21 20.45 103.32
CA PRO FA 14 60.32 19.92 104.69
C PRO FA 14 60.64 20.98 105.72
N TYR FA 15 61.43 21.99 105.36
CA TYR FA 15 61.81 23.04 106.30
C TYR FA 15 60.76 24.14 106.37
N SER FA 16 59.51 23.74 106.53
CA SER FA 16 58.42 24.71 106.67
C SER FA 16 57.44 24.31 107.76
N THR FA 17 57.58 23.14 108.37
CA THR FA 17 56.62 22.69 109.38
C THR FA 17 56.62 23.61 110.59
N ASN FA 18 57.79 24.08 111.02
CA ASN FA 18 57.89 24.97 112.17
C ASN FA 18 57.89 26.44 111.78
N PHE FA 19 57.70 26.74 110.48
CA PHE FA 19 57.77 28.11 109.98
C PHE FA 19 56.52 28.36 109.12
N VAL FA 20 55.43 28.75 109.78
CA VAL FA 20 54.16 29.01 109.11
C VAL FA 20 53.55 30.26 109.73
N PRO FA 21 53.20 31.28 108.95
CA PRO FA 21 52.49 32.42 109.52
C PRO FA 21 51.13 32.00 110.08
N SER FA 22 50.72 32.66 111.16
CA SER FA 22 49.46 32.31 111.81
C SER FA 22 48.26 32.56 110.91
N TYR FA 23 48.29 33.67 110.16
CA TYR FA 23 47.13 34.04 109.35
C TYR FA 23 46.91 33.05 108.20
N LEU FA 24 47.99 32.52 107.64
CA LEU FA 24 47.89 31.53 106.57
C LEU FA 24 47.59 30.17 107.18
N THR FA 25 46.33 29.76 107.11
CA THR FA 25 45.90 28.51 107.73
C THR FA 25 45.63 27.38 106.75
N GLY FA 26 45.42 27.67 105.49
CA GLY FA 26 45.05 26.68 104.51
C GLY FA 26 43.64 26.79 103.99
N GLU FA 27 43.03 27.97 104.04
CA GLU FA 27 41.65 28.16 103.58
C GLU FA 27 41.59 28.63 102.12
N PHE FA 28 42.58 29.33 101.68
CA PHE FA 28 42.49 29.90 100.35
C PHE FA 28 43.45 29.21 99.40
N PRO FA 29 43.09 29.13 98.12
CA PRO FA 29 43.94 28.39 97.17
C PRO FA 29 45.30 29.04 96.99
N GLY FA 30 46.28 28.21 96.68
CA GLY FA 30 47.64 28.69 96.53
C GLY FA 30 48.33 29.01 97.83
N ASP FA 31 47.86 28.44 98.93
CA ASP FA 31 48.45 28.69 100.25
C ASP FA 31 49.64 27.75 100.41
N TYR FA 32 50.84 28.31 100.34
CA TYR FA 32 52.07 27.56 100.62
C TYR FA 32 52.77 28.10 101.85
N GLY FA 33 52.11 28.95 102.63
CA GLY FA 33 52.70 29.46 103.85
C GLY FA 33 53.83 30.44 103.63
N TRP FA 34 53.91 31.05 102.45
CA TRP FA 34 54.99 31.98 102.15
C TRP FA 34 54.49 33.40 102.43
N ASP FA 35 54.60 33.81 103.69
CA ASP FA 35 54.32 35.18 104.08
C ASP FA 35 55.40 35.64 105.06
N THR FA 36 56.66 35.46 104.67
CA THR FA 36 57.78 35.81 105.53
C THR FA 36 57.71 37.26 105.98
N SER FA 37 57.38 38.17 105.08
CA SER FA 37 57.23 39.56 105.47
C SER FA 37 55.93 39.74 106.27
N GLY FA 38 55.81 40.89 106.91
CA GLY FA 38 54.63 41.16 107.71
C GLY FA 38 53.38 41.44 106.92
N LEU FA 39 53.46 41.43 105.60
CA LEU FA 39 52.31 41.75 104.75
C LEU FA 39 51.20 40.73 104.99
N SER FA 40 49.96 41.20 104.81
CA SER FA 40 48.76 40.39 104.95
C SER FA 40 48.52 39.91 106.38
N ALA FA 41 49.16 40.53 107.38
CA ALA FA 41 48.86 40.20 108.76
C ALA FA 41 47.42 40.55 109.09
N ASP FA 42 46.97 41.74 108.69
CA ASP FA 42 45.60 42.15 108.91
C ASP FA 42 44.71 41.52 107.84
N PRO FA 43 43.59 40.91 108.21
CA PRO FA 43 42.75 40.21 107.23
C PRO FA 43 42.25 41.12 106.11
N ALA FA 44 42.03 42.39 106.42
CA ALA FA 44 41.54 43.33 105.42
C ALA FA 44 42.53 43.48 104.27
N THR FA 45 43.81 43.69 104.60
CA THR FA 45 44.82 43.75 103.57
C THR FA 45 45.02 42.40 102.90
N PHE FA 46 44.96 41.32 103.68
CA PHE FA 46 45.12 39.98 103.13
C PHE FA 46 44.02 39.68 102.12
N ALA FA 47 42.78 40.04 102.45
CA ALA FA 47 41.69 39.84 101.50
C ALA FA 47 41.89 40.68 100.25
N ARG FA 48 42.35 41.91 100.42
CA ARG FA 48 42.64 42.78 99.27
C ARG FA 48 43.80 42.22 98.47
N TYR FA 49 44.84 41.74 99.15
CA TYR FA 49 46.01 41.21 98.45
C TYR FA 49 45.66 39.96 97.67
N ARG FA 50 44.78 39.12 98.24
CA ARG FA 50 44.46 37.84 97.56
C ARG FA 50 43.86 38.13 96.18
N GLU FA 51 42.94 39.11 96.11
CA GLU FA 51 42.31 39.46 94.81
C GLU FA 51 43.36 39.99 93.84
N ILE FA 52 44.25 40.88 94.31
CA ILE FA 52 45.25 41.49 93.39
C ILE FA 52 46.11 40.38 92.78
N GLU FA 53 46.45 39.37 93.58
CA GLU FA 53 47.30 38.25 93.08
C GLU FA 53 46.58 37.54 91.94
N VAL FA 54 45.30 37.21 92.13
CA VAL FA 54 44.52 36.48 91.09
C VAL FA 54 44.41 37.36 89.85
N ILE FA 55 44.19 38.67 90.05
CA ILE FA 55 44.09 39.61 88.89
C ILE FA 55 45.46 39.66 88.20
N HIS FA 56 46.51 40.06 88.92
CA HIS FA 56 47.85 40.05 88.34
C HIS FA 56 48.15 38.68 87.70
N ALA FA 57 47.55 37.63 88.27
CA ALA FA 57 47.77 36.26 87.74
C ALA FA 57 47.08 36.10 86.39
N ARG FA 58 45.75 36.29 86.35
CA ARG FA 58 44.99 36.09 85.08
C ARG FA 58 45.54 37.00 83.99
N TRP FA 59 45.95 38.22 84.35
CA TRP FA 59 46.58 39.14 83.36
C TRP FA 59 47.87 38.52 82.85
N ALA FA 60 48.74 38.06 83.76
CA ALA FA 60 50.02 37.51 83.37
C ALA FA 60 49.84 36.31 82.44
N MET FA 61 48.87 35.45 82.74
CA MET FA 61 48.62 34.29 81.90
C MET FA 61 48.22 34.70 80.49
N LEU FA 62 47.38 35.73 80.38
CA LEU FA 62 47.09 36.28 79.06
C LEU FA 62 48.34 36.89 78.44
N GLY FA 63 49.12 37.62 79.24
CA GLY FA 63 50.33 38.24 78.72
C GLY FA 63 51.37 37.23 78.29
N ALA FA 64 51.55 36.17 79.08
CA ALA FA 64 52.56 35.16 78.76
C ALA FA 64 52.24 34.48 77.43
N LEU FA 65 50.97 34.15 77.21
CA LEU FA 65 50.57 33.56 75.94
C LEU FA 65 50.74 34.56 74.79
N GLY FA 66 50.32 35.81 75.02
CA GLY FA 66 50.35 36.80 73.96
C GLY FA 66 51.72 37.34 73.67
N CYS FA 67 52.68 37.17 74.57
CA CYS FA 67 54.04 37.59 74.32
C CYS FA 67 54.84 36.52 73.57
N VAL FA 68 54.23 35.39 73.27
CA VAL FA 68 54.91 34.29 72.61
C VAL FA 68 54.30 33.99 71.25
N VAL FA 69 52.96 33.96 71.18
CA VAL FA 69 52.26 33.59 69.92
C VAL FA 69 52.78 34.42 68.75
N PRO FA 70 52.65 35.77 68.75
CA PRO FA 70 53.06 36.58 67.60
C PRO FA 70 54.52 36.31 67.23
N GLU FA 71 55.36 36.02 68.24
CA GLU FA 71 56.80 35.77 67.99
C GLU FA 71 57.00 34.36 67.41
N LEU FA 72 56.02 33.47 67.58
CA LEU FA 72 56.17 32.07 67.13
C LEU FA 72 55.47 31.88 65.78
N LEU FA 73 54.73 32.89 65.31
CA LEU FA 73 53.98 32.77 64.07
C LEU FA 73 54.65 33.56 62.97
N ASP FA 74 54.66 33.00 61.77
CA ASP FA 74 55.08 33.75 60.60
C ASP FA 74 53.94 34.64 60.14
N GLY FA 75 54.26 35.63 59.29
CA GLY FA 75 53.24 36.61 58.89
C GLY FA 75 53.26 37.77 59.87
N THR FA 76 53.46 37.47 61.15
CA THR FA 76 53.59 38.55 62.16
C THR FA 76 55.06 39.00 62.17
N ASN FA 77 55.89 38.35 61.33
CA ASN FA 77 57.32 38.71 61.23
C ASN FA 77 58.04 38.31 62.53
N HIS FA 78 57.47 37.35 63.27
CA HIS FA 78 58.08 36.91 64.56
C HIS FA 78 58.47 38.15 65.36
N ILE FA 79 57.54 39.10 65.50
CA ILE FA 79 57.83 40.37 66.24
C ILE FA 79 57.99 40.08 67.72
N ALA FA 80 58.93 40.77 68.39
CA ALA FA 80 59.11 40.61 69.84
C ALA FA 80 58.03 41.39 70.58
N TRP FA 81 57.57 40.89 71.73
CA TRP FA 81 56.48 41.55 72.49
C TRP FA 81 56.87 43.00 72.80
N PHE FA 82 58.15 43.25 73.08
CA PHE FA 82 58.60 44.61 73.49
C PHE FA 82 58.77 45.49 72.24
N LYS FA 83 58.47 44.94 71.06
CA LYS FA 83 58.65 45.71 69.79
C LYS FA 83 57.33 45.69 69.01
N ALA FA 84 56.28 45.10 69.58
CA ALA FA 84 54.98 44.98 68.86
C ALA FA 84 54.27 46.34 68.80
N GLY FA 85 54.30 47.11 69.89
CA GLY FA 85 53.55 48.39 69.93
C GLY FA 85 53.98 49.33 68.82
N ALA FA 86 55.26 49.36 68.48
CA ALA FA 86 55.78 50.32 67.47
C ALA FA 86 55.13 50.07 66.11
N GLU FA 87 54.67 48.85 65.84
CA GLU FA 87 54.13 48.51 64.50
C GLU FA 87 53.02 49.51 64.13
N ILE FA 88 52.23 49.97 65.10
CA ILE FA 88 51.10 50.88 64.79
C ILE FA 88 51.62 52.09 64.01
N PHE FA 89 52.88 52.46 64.21
CA PHE FA 89 53.46 53.59 63.50
C PHE FA 89 54.00 53.23 62.13
N GLY FA 90 54.08 51.94 61.82
CA GLY FA 90 54.53 51.54 60.49
C GLY FA 90 53.52 51.93 59.43
N ASP FA 91 53.99 51.97 58.18
CA ASP FA 91 53.12 52.38 57.09
C ASP FA 91 51.95 51.42 56.92
N ASP FA 92 52.22 50.13 57.05
CA ASP FA 92 51.14 49.10 56.91
C ASP FA 92 50.18 49.20 58.10
N GLY FA 93 50.71 49.46 59.30
CA GLY FA 93 49.85 49.51 60.50
C GLY FA 93 49.74 48.12 61.14
N ILE FA 94 48.75 47.93 62.02
CA ILE FA 94 48.58 46.63 62.71
C ILE FA 94 47.60 45.77 61.91
N GLN FA 95 48.10 44.81 61.15
CA GLN FA 95 47.24 43.88 60.38
C GLN FA 95 47.29 42.52 61.10
N TYR FA 96 46.23 42.15 61.82
CA TYR FA 96 46.25 40.92 62.65
C TYR FA 96 46.74 39.71 61.85
N LEU FA 97 47.56 38.86 62.46
CA LEU FA 97 48.05 37.62 61.80
C LEU FA 97 48.82 37.95 60.53
N GLY FA 98 49.10 39.24 60.28
CA GLY FA 98 49.84 39.66 59.08
C GLY FA 98 48.93 39.74 57.86
N ILE FA 99 47.69 39.23 57.99
CA ILE FA 99 46.72 39.28 56.86
C ILE FA 99 46.31 40.75 56.64
N PRO FA 100 46.59 41.33 55.45
CA PRO FA 100 46.18 42.70 55.16
C PRO FA 100 44.65 42.83 55.19
N GLY FA 101 44.14 43.96 55.72
CA GLY FA 101 42.69 44.20 55.73
C GLY FA 101 42.06 43.87 57.07
N LEU FA 102 42.71 42.99 57.86
CA LEU FA 102 42.11 42.56 59.15
C LEU FA 102 41.73 43.79 59.98
N ILE FA 103 42.71 44.45 60.60
CA ILE FA 103 42.40 45.62 61.48
C ILE FA 103 42.90 46.89 60.78
N ASN FA 104 44.11 46.84 60.23
CA ASN FA 104 44.69 48.01 59.52
C ASN FA 104 44.67 49.22 60.45
N ALA FA 105 44.96 49.01 61.73
CA ALA FA 105 45.00 50.12 62.71
C ALA FA 105 46.22 51.00 62.44
N LYS FA 106 46.04 52.32 62.44
CA LYS FA 106 47.16 53.24 62.23
C LYS FA 106 47.19 54.41 63.20
N SER FA 107 46.13 54.64 63.96
CA SER FA 107 46.07 55.74 64.91
C SER FA 107 46.23 55.18 66.31
N ILE FA 108 47.34 55.52 66.98
CA ILE FA 108 47.55 55.04 68.38
C ILE FA 108 46.53 55.72 69.30
N VAL FA 109 46.24 57.00 69.04
CA VAL FA 109 45.28 57.75 69.90
C VAL FA 109 43.92 57.07 69.84
N ALA FA 110 43.46 56.70 68.64
CA ALA FA 110 42.14 56.05 68.48
C ALA FA 110 42.12 54.73 69.27
N THR FA 111 43.19 53.94 69.14
CA THR FA 111 43.25 52.64 69.86
C THR FA 111 43.13 52.90 71.36
N LEU FA 112 43.92 53.83 71.88
CA LEU FA 112 43.90 54.13 73.34
C LEU FA 112 42.51 54.60 73.76
N ILE FA 113 41.87 55.45 72.94
CA ILE FA 113 40.54 56.01 73.31
C ILE FA 113 39.56 54.86 73.51
N VAL FA 114 39.46 53.93 72.55
CA VAL FA 114 38.47 52.83 72.66
C VAL FA 114 38.86 51.96 73.86
N GLN FA 115 40.16 51.67 74.01
CA GLN FA 115 40.63 50.82 75.15
C GLN FA 115 40.19 51.47 76.47
N VAL FA 116 40.42 52.78 76.62
CA VAL FA 116 40.08 53.46 77.92
C VAL FA 116 38.57 53.34 78.16
N VAL FA 117 37.77 53.65 77.15
CA VAL FA 117 36.27 53.63 77.31
C VAL FA 117 35.82 52.19 77.61
N LEU FA 118 36.31 51.22 76.85
CA LEU FA 118 35.87 49.81 77.02
C LEU FA 118 36.40 49.26 78.34
N MET FA 119 37.66 49.53 78.65
CA MET FA 119 38.25 48.93 79.85
C MET FA 119 37.65 49.55 81.11
N SER FA 120 37.31 50.83 81.06
CA SER FA 120 36.70 51.48 82.21
C SER FA 120 35.34 50.88 82.52
N TYR FA 121 34.52 50.64 81.50
CA TYR FA 121 33.25 49.95 81.71
C TYR FA 121 33.48 48.54 82.23
N VAL FA 122 34.42 47.83 81.64
CA VAL FA 122 34.68 46.44 82.04
C VAL FA 122 35.18 46.39 83.47
N GLU FA 123 36.18 47.21 83.80
CA GLU FA 123 36.72 47.20 85.15
C GLU FA 123 35.69 47.70 86.16
N GLY FA 124 34.87 48.67 85.75
CA GLY FA 124 33.79 49.12 86.62
C GLY FA 124 32.78 48.02 86.88
N TYR FA 125 32.41 47.27 85.85
CA TYR FA 125 31.49 46.16 86.03
C TYR FA 125 32.08 45.09 86.93
N ARG FA 126 33.39 44.90 86.84
CA ARG FA 126 34.06 43.84 87.65
C ARG FA 126 34.03 44.24 89.13
N VAL FA 127 33.96 45.53 89.42
CA VAL FA 127 34.04 45.99 90.85
C VAL FA 127 32.64 46.17 91.42
N ASN FA 128 31.74 46.85 90.71
CA ASN FA 128 30.40 47.17 91.29
C ASN FA 128 29.32 46.29 90.64
N GLY FA 129 29.72 45.19 89.98
CA GLY FA 129 28.74 44.35 89.27
C GLY FA 129 28.27 45.03 88.00
N GLY FA 130 27.39 44.37 87.24
CA GLY FA 130 26.96 44.95 85.94
C GLY FA 130 26.09 44.00 85.15
N PRO FA 131 25.96 44.18 83.82
CA PRO FA 131 25.09 43.35 82.99
C PRO FA 131 25.48 41.87 83.06
N ALA FA 132 26.79 41.57 83.04
CA ALA FA 132 27.25 40.17 83.04
C ALA FA 132 26.80 39.47 84.32
N GLY FA 133 26.87 40.16 85.46
CA GLY FA 133 26.47 39.55 86.75
C GLY FA 133 26.46 40.56 87.88
N THR FA 134 25.65 40.31 88.91
CA THR FA 134 25.58 41.22 90.09
C THR FA 134 25.44 40.38 91.36
N GLY FA 135 26.08 40.82 92.45
CA GLY FA 135 26.03 40.08 93.72
C GLY FA 135 26.77 38.75 93.63
N LEU FA 136 27.87 38.72 92.87
CA LEU FA 136 28.66 37.47 92.70
C LEU FA 136 30.03 37.66 93.36
N ASP FA 137 30.79 36.57 93.51
CA ASP FA 137 32.15 36.65 94.12
C ASP FA 137 33.00 37.63 93.30
N ALA FA 138 33.79 38.47 93.97
CA ALA FA 138 34.59 39.49 93.27
C ALA FA 138 35.61 38.84 92.34
N VAL FA 139 36.27 37.77 92.80
CA VAL FA 139 37.36 37.13 91.98
C VAL FA 139 36.77 35.93 91.23
N TYR FA 140 35.76 35.28 91.80
CA TYR FA 140 35.20 34.05 91.17
C TYR FA 140 33.71 34.25 90.89
N PRO FA 141 33.31 35.15 89.96
CA PRO FA 141 31.91 35.42 89.70
C PRO FA 141 31.20 34.18 89.16
N GLY FA 142 31.84 33.47 88.23
CA GLY FA 142 31.20 32.31 87.59
C GLY FA 142 30.08 32.74 86.68
N GLY FA 143 29.03 31.92 86.56
CA GLY FA 143 27.89 32.27 85.70
C GLY FA 143 28.34 32.52 84.27
N ASN FA 144 28.17 33.76 83.79
CA ASN FA 144 28.57 34.11 82.40
C ASN FA 144 30.08 33.89 82.25
N PHE FA 145 30.82 33.91 83.36
CA PHE FA 145 32.30 33.74 83.31
C PHE FA 145 32.65 32.27 83.47
N ASP FA 146 31.65 31.40 83.64
CA ASP FA 146 31.91 29.94 83.70
C ASP FA 146 30.88 29.26 82.80
N PRO FA 147 30.86 29.53 81.49
CA PRO FA 147 29.85 28.96 80.59
C PRO FA 147 29.87 27.43 80.57
N LEU FA 148 31.05 26.81 80.56
CA LEU FA 148 31.14 25.33 80.44
C LEU FA 148 30.89 24.67 81.80
N GLY FA 149 30.50 25.45 82.80
CA GLY FA 149 30.20 24.90 84.13
C GLY FA 149 31.27 23.94 84.60
N LEU FA 150 32.54 24.24 84.33
CA LEU FA 150 33.65 23.33 84.69
C LEU FA 150 33.82 23.30 86.22
N ALA FA 151 33.31 24.31 86.92
CA ALA FA 151 33.54 24.39 88.39
C ALA FA 151 32.24 24.22 89.17
N ASP FA 152 31.27 23.50 88.61
CA ASP FA 152 29.95 23.33 89.27
C ASP FA 152 30.15 22.66 90.64
N ASP FA 153 30.91 21.56 90.67
CA ASP FA 153 31.20 20.87 91.95
C ASP FA 153 32.09 21.78 92.82
N PRO FA 154 31.70 22.08 94.07
CA PRO FA 154 32.54 22.89 94.94
C PRO FA 154 33.94 22.27 95.06
N ASP FA 155 34.01 20.96 95.18
CA ASP FA 155 35.32 20.27 95.33
C ASP FA 155 36.17 20.53 94.08
N THR FA 156 35.60 20.33 92.90
CA THR FA 156 36.34 20.58 91.63
C THR FA 156 36.76 22.04 91.59
N LEU FA 157 35.86 22.95 91.94
CA LEU FA 157 36.17 24.40 91.91
C LEU FA 157 37.40 24.66 92.78
N ALA FA 158 37.45 24.03 93.96
CA ALA FA 158 38.58 24.27 94.89
C ALA FA 158 39.90 23.86 94.23
N GLU FA 159 39.97 22.65 93.68
CA GLU FA 159 41.22 22.16 93.04
C GLU FA 159 41.52 23.01 91.81
N LEU FA 160 40.48 23.34 91.04
CA LEU FA 160 40.67 24.15 89.80
C LEU FA 160 41.21 25.53 90.18
N LYS FA 161 40.71 26.09 91.29
CA LYS FA 161 41.21 27.41 91.77
C LYS FA 161 42.69 27.27 92.12
N VAL FA 162 43.09 26.14 92.69
CA VAL FA 162 44.54 25.90 92.97
C VAL FA 162 45.28 25.86 91.64
N LYS FA 163 44.70 25.20 90.64
CA LYS FA 163 45.32 25.16 89.31
C LYS FA 163 45.42 26.56 88.71
N GLU FA 164 44.39 27.39 88.90
CA GLU FA 164 44.43 28.73 88.33
C GLU FA 164 45.55 29.56 88.93
N ILE FA 165 45.68 29.53 90.27
CA ILE FA 165 46.68 30.37 90.91
C ILE FA 165 48.09 29.87 90.64
N LYS FA 166 48.28 28.54 90.64
CA LYS FA 166 49.61 28.00 90.40
C LYS FA 166 50.08 28.26 88.99
N ASN FA 167 49.18 28.11 88.01
CA ASN FA 167 49.51 28.49 86.64
C ASN FA 167 49.74 30.00 86.55
N GLY FA 168 48.94 30.78 87.27
CA GLY FA 168 49.10 32.22 87.24
C GLY FA 168 50.42 32.67 87.83
N ARG FA 169 50.80 32.09 88.96
CA ARG FA 169 52.06 32.45 89.60
C ARG FA 169 53.24 32.09 88.72
N LEU FA 170 53.17 30.95 88.02
CA LEU FA 170 54.21 30.61 87.06
C LEU FA 170 54.24 31.62 85.92
N ALA FA 171 53.06 32.05 85.45
CA ALA FA 171 53.02 33.06 84.40
C ALA FA 171 53.54 34.40 84.89
N MET FA 172 53.21 34.78 86.12
CA MET FA 172 53.71 36.04 86.67
C MET FA 172 55.23 36.01 86.78
N LEU FA 173 55.78 34.90 87.25
CA LEU FA 173 57.23 34.77 87.36
C LEU FA 173 57.88 34.80 85.98
N SER FA 174 57.29 34.11 85.01
CA SER FA 174 57.86 34.07 83.67
C SER FA 174 57.70 35.40 82.95
N MET FA 175 56.59 36.10 83.20
CA MET FA 175 56.43 37.45 82.64
C MET FA 175 57.50 38.38 83.18
N PHE FA 176 57.79 38.29 84.48
CA PHE FA 176 58.90 39.05 85.02
C PHE FA 176 60.21 38.66 84.35
N GLY FA 177 60.34 37.39 83.97
CA GLY FA 177 61.48 36.98 83.18
C GLY FA 177 61.50 37.65 81.81
N PHE FA 178 60.34 37.72 81.15
CA PHE FA 178 60.27 38.37 79.86
C PHE FA 178 60.75 39.81 79.94
N PHE FA 179 60.32 40.52 80.99
CA PHE FA 179 60.73 41.92 81.15
C PHE FA 179 62.23 42.06 81.25
N ILE FA 180 62.84 41.29 82.15
CA ILE FA 180 64.31 41.41 82.39
C ILE FA 180 65.07 40.83 81.21
N GLN FA 181 64.69 39.65 80.73
CA GLN FA 181 65.44 39.01 79.62
C GLN FA 181 65.49 39.98 78.44
N ALA FA 182 64.38 40.66 78.17
CA ALA FA 182 64.32 41.62 77.03
C ALA FA 182 65.26 42.79 77.32
N ILE FA 183 65.23 43.34 78.54
CA ILE FA 183 66.04 44.54 78.87
C ILE FA 183 67.53 44.18 78.82
N VAL FA 184 67.87 42.89 78.98
CA VAL FA 184 69.30 42.46 79.01
C VAL FA 184 69.68 41.91 77.64
N THR FA 185 68.98 40.87 77.18
CA THR FA 185 69.32 40.23 75.87
C THR FA 185 68.95 41.15 74.71
N GLY FA 186 67.83 41.86 74.82
CA GLY FA 186 67.36 42.72 73.72
C GLY FA 186 66.61 41.91 72.68
N GLU FA 187 66.40 40.62 72.94
CA GLU FA 187 65.71 39.75 71.97
C GLU FA 187 64.44 39.17 72.60
N GLY FA 188 63.52 38.63 71.78
CA GLY FA 188 62.26 38.07 72.30
C GLY FA 188 62.49 36.78 73.07
N PRO FA 189 61.57 36.39 73.98
CA PRO FA 189 61.77 35.20 74.81
C PRO FA 189 62.04 33.95 73.97
N ILE FA 190 61.30 33.79 72.86
CA ILE FA 190 61.47 32.59 71.98
C ILE FA 190 62.89 32.58 71.43
N LYS FA 191 63.37 33.73 70.94
CA LYS FA 191 64.75 33.81 70.40
C LYS FA 191 65.75 33.43 71.49
N ASN FA 192 65.57 33.99 72.70
CA ASN FA 192 66.47 33.67 73.83
C ASN FA 192 66.46 32.15 74.05
N LEU FA 193 65.27 31.55 74.08
CA LEU FA 193 65.13 30.09 74.34
C LEU FA 193 65.86 29.31 73.24
N ASN FA 194 65.63 29.69 71.98
CA ASN FA 194 66.25 28.95 70.84
C ASN FA 194 67.78 29.03 70.98
N ASP FA 195 68.30 30.20 71.29
CA ASP FA 195 69.78 30.38 71.42
C ASP FA 195 70.29 29.43 72.49
N HIS FA 196 69.63 29.39 73.65
CA HIS FA 196 70.04 28.45 74.73
C HIS FA 196 70.01 27.02 74.19
N LEU FA 197 68.90 26.62 73.57
CA LEU FA 197 68.78 25.26 73.07
C LEU FA 197 69.95 24.89 72.17
N ALA FA 198 70.39 25.81 71.31
CA ALA FA 198 71.47 25.52 70.39
C ALA FA 198 72.77 25.22 71.14
N ASP FA 199 73.29 26.22 71.85
CA ASP FA 199 74.55 26.10 72.59
C ASP FA 199 74.33 26.63 73.99
N ALA FA 200 73.89 25.75 74.89
CA ALA FA 200 73.53 26.19 76.23
C ALA FA 200 74.73 26.71 77.00
N SER FA 201 75.88 26.06 76.86
CA SER FA 201 77.06 26.49 77.60
C SER FA 201 77.53 27.86 77.15
N ALA FA 202 77.28 28.20 75.89
CA ALA FA 202 77.67 29.51 75.38
C ALA FA 202 76.55 30.52 75.50
N ASN FA 203 75.32 30.13 75.14
CA ASN FA 203 74.20 31.05 75.12
C ASN FA 203 73.42 30.94 76.43
N ASN FA 204 73.83 31.74 77.39
CA ASN FA 204 73.11 31.86 78.65
C ASN FA 204 73.45 33.21 79.26
N PHE FA 205 72.79 33.54 80.36
CA PHE FA 205 72.96 34.87 80.95
C PHE FA 205 74.40 35.10 81.39
N TYR FA 206 75.00 34.12 82.04
CA TYR FA 206 76.32 34.32 82.64
C TYR FA 206 77.39 34.48 81.57
N ALA FA 207 77.34 33.63 80.54
CA ALA FA 207 78.39 33.61 79.53
C ALA FA 207 78.20 34.69 78.47
N LEU FA 208 77.12 35.46 78.55
CA LEU FA 208 76.86 36.45 77.47
C LEU FA 208 76.73 37.88 78.00
N TYR FA 209 75.88 38.12 79.02
CA TYR FA 209 75.63 39.52 79.45
C TYR FA 209 76.00 39.75 80.92
N ALA FA 210 76.25 38.71 81.70
CA ALA FA 210 76.50 38.90 83.14
C ALA FA 210 77.68 39.87 83.35
N LYS FA 211 78.75 39.72 82.57
CA LYS FA 211 79.97 40.55 82.76
C LYS FA 211 79.68 42.03 82.51
N ASN FA 212 78.87 42.35 81.51
CA ASN FA 212 78.62 43.77 81.13
C ASN FA 212 77.50 44.38 81.98
N LEU FA 213 76.94 43.62 82.92
CA LEU FA 213 75.79 44.12 83.72
C LEU FA 213 76.30 45.06 84.83
N ALA FA 214 77.62 45.15 85.02
CA ALA FA 214 78.18 46.09 86.01
C ALA FA 214 79.23 46.97 85.33
N VAL GA 1 67.72 52.94 131.83
CA VAL GA 1 66.94 53.10 130.56
C VAL GA 1 67.83 53.77 129.51
N GLU GA 2 69.11 53.41 129.48
CA GLU GA 2 70.06 54.05 128.53
C GLU GA 2 69.69 53.69 127.09
N TRP GA 3 69.34 52.42 126.85
CA TRP GA 3 69.04 51.97 125.46
C TRP GA 3 67.61 51.45 125.35
N TYR GA 4 67.10 50.82 126.40
CA TYR GA 4 65.71 50.30 126.40
C TYR GA 4 64.86 51.10 127.39
N GLY GA 5 63.55 51.20 127.15
CA GLY GA 5 62.66 51.90 128.11
C GLY GA 5 62.19 53.24 127.57
N PRO GA 6 61.55 54.08 128.40
CA PRO GA 6 61.01 55.36 127.93
C PRO GA 6 62.10 56.45 127.77
N ASN GA 7 63.22 56.29 128.46
CA ASN GA 7 64.30 57.31 128.41
C ASN GA 7 65.35 56.89 127.38
N ARG GA 8 64.96 56.03 126.43
CA ARG GA 8 65.91 55.57 125.38
C ARG GA 8 66.22 56.74 124.44
N PRO GA 9 67.36 56.74 123.73
CA PRO GA 9 67.68 57.80 122.78
C PRO GA 9 66.74 57.72 121.57
N GLN GA 10 66.48 58.85 120.91
CA GLN GA 10 65.51 58.86 119.77
C GLN GA 10 66.21 59.35 118.49
N PHE GA 11 65.61 59.09 117.33
CA PHE GA 11 66.28 59.42 116.03
C PHE GA 11 66.30 60.94 115.80
N LEU GA 12 65.39 61.67 116.44
CA LEU GA 12 65.41 63.16 116.29
C LEU GA 12 65.91 63.78 117.61
N GLY GA 13 66.39 62.96 118.53
CA GLY GA 13 66.96 63.48 119.79
C GLY GA 13 65.93 64.21 120.63
N PRO GA 14 66.16 65.48 121.01
CA PRO GA 14 65.24 66.20 121.90
C PRO GA 14 63.83 66.33 121.31
N PHE GA 15 63.72 66.76 120.05
CA PHE GA 15 62.39 66.96 119.41
C PHE GA 15 61.89 65.60 118.90
N SER GA 16 61.53 64.70 119.80
CA SER GA 16 61.13 63.34 119.34
C SER GA 16 59.94 62.80 120.14
N ASN GA 17 58.88 62.38 119.44
CA ASN GA 17 57.70 61.76 120.12
C ASN GA 17 57.55 60.33 119.59
N PRO GA 18 57.91 59.29 120.37
CA PRO GA 18 57.87 57.91 119.87
C PRO GA 18 56.45 57.40 119.54
N PRO GA 19 56.27 56.57 118.49
CA PRO GA 19 54.96 56.00 118.18
C PRO GA 19 54.51 55.13 119.36
N SER GA 20 53.20 54.98 119.55
CA SER GA 20 52.68 54.22 120.71
C SER GA 20 53.23 52.79 120.72
N TYR GA 21 53.21 52.12 119.56
CA TYR GA 21 53.66 50.70 119.50
C TYR GA 21 55.17 50.60 119.80
N LEU GA 22 55.94 51.65 119.47
CA LEU GA 22 57.39 51.65 119.80
C LEU GA 22 57.55 52.05 121.27
N LYS GA 23 57.77 51.08 122.16
CA LYS GA 23 57.84 51.36 123.62
C LYS GA 23 59.22 50.98 124.16
N GLY GA 24 60.25 50.99 123.31
CA GLY GA 24 61.62 50.64 123.74
C GLY GA 24 61.68 49.24 124.32
N GLU GA 25 61.10 48.27 123.63
CA GLU GA 25 61.08 46.87 124.12
C GLU GA 25 62.07 46.04 123.31
N PHE GA 26 62.57 46.59 122.20
CA PHE GA 26 63.50 45.82 121.32
C PHE GA 26 64.72 46.68 121.00
N PRO GA 27 65.87 46.08 120.65
CA PRO GA 27 67.10 46.84 120.38
C PRO GA 27 66.92 47.83 119.23
N GLY GA 28 67.64 48.95 119.28
CA GLY GA 28 67.58 49.94 118.18
C GLY GA 28 66.23 50.61 118.05
N ASP GA 29 65.48 50.71 119.15
CA ASP GA 29 64.16 51.41 119.12
C ASP GA 29 64.38 52.92 119.32
N TYR GA 30 64.85 53.61 118.29
CA TYR GA 30 65.01 55.09 118.38
C TYR GA 30 63.66 55.76 118.07
N GLY GA 31 62.58 54.99 118.15
CA GLY GA 31 61.23 55.53 117.89
C GLY GA 31 61.11 56.14 116.51
N TRP GA 32 61.46 55.39 115.47
CA TRP GA 32 61.42 55.93 114.08
C TRP GA 32 60.48 55.10 113.20
N ASP GA 33 59.17 55.34 113.28
CA ASP GA 33 58.23 54.68 112.37
C ASP GA 33 57.25 55.72 111.82
N THR GA 34 57.80 56.82 111.31
CA THR GA 34 56.97 57.92 110.84
C THR GA 34 56.00 57.49 109.74
N ALA GA 35 56.34 56.45 108.99
CA ALA GA 35 55.44 55.95 107.96
C ALA GA 35 54.39 54.99 108.51
N GLY GA 36 54.45 54.67 109.80
CA GLY GA 36 53.48 53.75 110.39
C GLY GA 36 53.50 52.37 109.79
N LEU GA 37 54.67 51.90 109.34
CA LEU GA 37 54.75 50.63 108.65
C LEU GA 37 54.65 49.44 109.60
N SER GA 38 55.02 49.62 110.87
CA SER GA 38 54.99 48.53 111.85
C SER GA 38 53.91 48.75 112.90
N ALA GA 39 52.79 49.36 112.52
CA ALA GA 39 51.68 49.52 113.45
C ALA GA 39 51.10 48.15 113.83
N ASP GA 40 50.98 47.26 112.85
CA ASP GA 40 50.50 45.92 113.14
C ASP GA 40 51.57 45.14 113.90
N PRO GA 41 51.25 44.56 115.05
CA PRO GA 41 52.28 43.84 115.82
C PRO GA 41 52.92 42.68 115.07
N GLU GA 42 52.15 41.96 114.25
CA GLU GA 42 52.71 40.88 113.47
C GLU GA 42 53.67 41.41 112.41
N THR GA 43 53.28 42.48 111.73
CA THR GA 43 54.15 43.07 110.68
C THR GA 43 55.42 43.62 111.33
N PHE GA 44 55.29 44.23 112.52
CA PHE GA 44 56.47 44.77 113.25
C PHE GA 44 57.45 43.63 113.53
N ALA GA 45 56.94 42.51 114.05
CA ALA GA 45 57.81 41.36 114.38
C ALA GA 45 58.57 40.93 113.13
N ARG GA 46 57.86 40.69 112.03
CA ARG GA 46 58.51 40.23 110.81
C ARG GA 46 59.51 41.27 110.30
N TYR GA 47 59.20 42.54 110.49
CA TYR GA 47 60.10 43.62 110.00
C TYR GA 47 61.39 43.64 110.82
N ARG GA 48 61.27 43.40 112.14
CA ARG GA 48 62.46 43.37 113.02
C ARG GA 48 63.41 42.28 112.56
N GLU GA 49 62.87 41.10 112.22
CA GLU GA 49 63.71 39.96 111.78
C GLU GA 49 64.42 40.34 110.48
N LEU GA 50 63.71 40.95 109.54
CA LEU GA 50 64.33 41.36 108.25
C LEU GA 50 65.48 42.32 108.55
N GLU GA 51 65.28 43.26 109.48
CA GLU GA 51 66.32 44.26 109.80
C GLU GA 51 67.58 43.55 110.31
N VAL GA 52 67.43 42.64 111.28
CA VAL GA 52 68.61 41.96 111.88
C VAL GA 52 69.32 41.13 110.80
N ILE GA 53 68.56 40.38 110.01
CA ILE GA 53 69.17 39.49 108.96
C ILE GA 53 69.85 40.39 107.92
N HIS GA 54 69.18 41.46 107.50
CA HIS GA 54 69.77 42.41 106.52
C HIS GA 54 71.05 43.01 107.11
N ALA GA 55 71.00 43.39 108.39
CA ALA GA 55 72.16 44.04 109.04
C ALA GA 55 73.36 43.08 109.05
N ARG GA 56 73.12 41.82 109.39
CA ARG GA 56 74.22 40.82 109.48
C ARG GA 56 74.79 40.58 108.08
N TRP GA 57 73.92 40.45 107.09
CA TRP GA 57 74.39 40.27 105.68
C TRP GA 57 75.16 41.51 105.25
N ALA GA 58 74.68 42.70 105.61
CA ALA GA 58 75.34 43.94 105.23
C ALA GA 58 76.68 44.09 105.93
N MET GA 59 76.76 43.70 107.20
CA MET GA 59 78.03 43.76 107.91
C MET GA 59 79.07 42.85 107.25
N LEU GA 60 78.66 41.63 106.90
CA LEU GA 60 79.55 40.76 106.14
C LEU GA 60 79.85 41.34 104.77
N GLY GA 61 78.83 41.89 104.11
CA GLY GA 61 79.03 42.44 102.79
C GLY GA 61 79.94 43.65 102.77
N ALA GA 62 79.76 44.55 103.74
CA ALA GA 62 80.59 45.76 103.80
C ALA GA 62 82.05 45.39 104.01
N LEU GA 63 82.31 44.46 104.93
CA LEU GA 63 83.68 44.02 105.14
C LEU GA 63 84.22 43.28 103.92
N GLY GA 64 83.39 42.46 103.28
CA GLY GA 64 83.83 41.70 102.14
C GLY GA 64 83.98 42.50 100.87
N CYS GA 65 83.31 43.65 100.78
CA CYS GA 65 83.39 44.46 99.58
C CYS GA 65 84.62 45.36 99.53
N VAL GA 66 85.31 45.55 100.66
CA VAL GA 66 86.47 46.39 100.69
C VAL GA 66 87.76 45.59 100.92
N THR GA 67 87.67 44.41 101.50
CA THR GA 67 88.86 43.65 101.87
C THR GA 67 89.71 43.30 100.65
N PRO GA 68 89.15 42.77 99.55
CA PRO GA 68 89.99 42.56 98.37
C PRO GA 68 90.57 43.85 97.82
N GLU GA 69 89.85 44.96 97.90
CA GLU GA 69 90.37 46.21 97.35
C GLU GA 69 91.46 46.79 98.25
N LEU GA 70 91.31 46.64 99.56
CA LEU GA 70 92.34 47.13 100.47
C LEU GA 70 93.65 46.37 100.28
N LEU GA 71 93.54 45.07 100.07
CA LEU GA 71 94.75 44.22 99.87
C LEU GA 71 95.39 44.56 98.53
N GLN GA 72 94.57 44.76 97.50
CA GLN GA 72 95.09 45.07 96.14
C GLN GA 72 95.82 46.42 96.18
N ARG GA 73 95.22 47.42 96.84
CA ARG GA 73 95.83 48.78 96.89
C ARG GA 73 97.18 48.70 97.62
N ASN GA 74 97.21 48.11 98.81
CA ASN GA 74 98.43 48.05 99.59
C ASN GA 74 99.43 47.03 99.04
N GLY GA 75 99.09 46.34 97.96
CA GLY GA 75 100.00 45.39 97.36
C GLY GA 75 100.15 44.11 98.14
N VAL GA 76 99.21 43.85 99.05
CA VAL GA 76 99.25 42.62 99.90
C VAL GA 76 98.95 41.41 99.01
N ALA GA 77 98.07 41.58 98.02
CA ALA GA 77 97.70 40.44 97.13
C ALA GA 77 97.18 40.99 95.79
N ASN GA 78 97.24 40.16 94.75
CA ASN GA 78 96.73 40.58 93.41
C ASN GA 78 95.53 39.72 93.04
N PHE GA 79 94.37 40.34 92.85
CA PHE GA 79 93.13 39.59 92.51
C PHE GA 79 92.81 39.81 91.03
N GLY GA 80 92.13 38.84 90.39
CA GLY GA 80 91.71 39.04 88.99
C GLY GA 80 90.87 40.29 88.86
N GLU GA 81 89.99 40.54 89.84
CA GLU GA 81 89.16 41.77 89.86
C GLU GA 81 88.92 42.14 91.32
N ALA GA 82 89.70 43.07 91.87
CA ALA GA 82 89.60 43.37 93.29
C ALA GA 82 88.35 44.18 93.59
N VAL GA 83 87.87 44.96 92.63
CA VAL GA 83 86.69 45.80 92.88
C VAL GA 83 85.49 44.92 93.16
N TRP GA 84 84.72 45.28 94.19
CA TRP GA 84 83.58 44.40 94.63
C TRP GA 84 82.57 44.18 93.52
N PHE GA 85 82.20 45.22 92.77
CA PHE GA 85 81.13 45.06 91.75
C PHE GA 85 81.70 44.42 90.48
N LYS GA 86 82.84 43.74 90.61
CA LYS GA 86 83.48 43.10 89.43
C LYS GA 86 84.04 41.72 89.83
N ALA GA 87 84.01 41.38 91.11
CA ALA GA 87 84.54 40.10 91.55
C ALA GA 87 83.82 38.92 90.91
N GLY GA 88 82.53 39.08 90.62
CA GLY GA 88 81.79 38.00 90.00
C GLY GA 88 82.32 37.60 88.64
N ALA GA 89 82.83 38.56 87.88
CA ALA GA 89 83.33 38.31 86.54
C ALA GA 89 84.67 37.57 86.54
N GLN GA 90 85.29 37.37 87.71
CA GLN GA 90 86.53 36.61 87.76
C GLN GA 90 86.35 35.19 87.28
N ILE GA 91 85.15 34.63 87.42
CA ILE GA 91 84.94 33.24 87.06
C ILE GA 91 85.08 33.03 85.56
N PHE GA 92 84.92 34.09 84.77
CA PHE GA 92 85.00 33.99 83.32
C PHE GA 92 86.38 34.30 82.77
N GLN GA 93 87.36 34.56 83.64
CA GLN GA 93 88.70 34.83 83.17
C GLN GA 93 89.41 33.54 82.78
N GLU GA 94 90.67 33.67 82.39
CA GLU GA 94 91.42 32.55 81.80
C GLU GA 94 91.57 31.40 82.78
N GLY GA 95 92.06 31.68 83.98
CA GLY GA 95 92.30 30.66 84.96
C GLY GA 95 91.18 30.45 85.97
N GLY GA 96 90.01 31.03 85.74
CA GLY GA 96 88.97 30.91 86.73
C GLY GA 96 89.26 31.80 87.94
N LEU GA 97 88.60 31.47 89.04
CA LEU GA 97 88.67 32.28 90.25
C LEU GA 97 89.63 31.62 91.22
N ASP GA 98 90.72 32.33 91.55
CA ASP GA 98 91.71 31.85 92.50
C ASP GA 98 91.66 32.76 93.72
N TYR GA 99 91.49 32.16 94.90
CA TYR GA 99 91.37 32.98 96.14
C TYR GA 99 92.70 33.67 96.44
N LEU GA 100 92.66 34.99 96.65
CA LEU GA 100 93.89 35.75 96.97
C LEU GA 100 94.94 35.50 95.88
N GLY GA 101 94.50 35.23 94.64
CA GLY GA 101 95.44 34.99 93.53
C GLY GA 101 96.00 33.58 93.55
N ASN GA 102 96.47 33.11 94.70
CA ASN GA 102 97.08 31.76 94.81
C ASN GA 102 96.26 30.76 93.99
N PRO GA 103 96.80 30.21 92.88
CA PRO GA 103 96.09 29.20 92.09
C PRO GA 103 95.71 27.95 92.87
N SER GA 104 96.35 27.70 94.01
CA SER GA 104 96.07 26.50 94.78
C SER GA 104 94.85 26.64 95.67
N LEU GA 105 94.21 27.80 95.71
CA LEU GA 105 93.09 28.06 96.60
C LEU GA 105 91.81 28.08 95.79
N ILE GA 106 90.90 27.15 96.10
CA ILE GA 106 89.58 27.05 95.49
C ILE GA 106 89.71 26.74 94.00
N HIS GA 107 90.30 27.67 93.25
CA HIS GA 107 90.59 27.48 91.83
C HIS GA 107 89.32 27.11 91.06
N ALA GA 108 88.25 27.85 91.32
CA ALA GA 108 86.97 27.55 90.70
C ALA GA 108 87.00 27.86 89.21
N GLN GA 109 86.19 27.12 88.44
CA GLN GA 109 86.27 27.23 86.99
C GLN GA 109 84.90 27.41 86.34
N SER GA 110 83.84 26.92 86.96
CA SER GA 110 82.51 26.93 86.34
C SER GA 110 81.52 27.64 87.24
N ILE GA 111 80.75 28.55 86.66
CA ILE GA 111 79.75 29.29 87.42
C ILE GA 111 78.58 28.38 87.80
N VAL GA 112 78.30 27.38 86.97
CA VAL GA 112 77.18 26.47 87.24
C VAL GA 112 77.42 25.71 88.54
N ALA GA 113 78.65 25.23 88.75
CA ALA GA 113 78.99 24.53 89.98
C ALA GA 113 78.86 25.45 91.18
N ILE GA 114 79.30 26.71 91.04
CA ILE GA 114 79.16 27.66 92.13
C ILE GA 114 77.69 27.90 92.43
N LEU GA 115 76.88 28.08 91.39
CA LEU GA 115 75.47 28.39 91.58
C LEU GA 115 74.73 27.22 92.22
N LEU GA 116 74.96 26.00 91.71
CA LEU GA 116 74.20 24.85 92.19
C LEU GA 116 74.57 24.51 93.63
N THR GA 117 75.86 24.59 93.98
CA THR GA 117 76.26 24.32 95.36
C THR GA 117 75.70 25.36 96.30
N GLN GA 118 75.69 26.63 95.89
CA GLN GA 118 75.16 27.68 96.74
C GLN GA 118 73.68 27.47 96.99
N LEU GA 119 72.93 27.08 95.97
CA LEU GA 119 71.51 26.80 96.16
C LEU GA 119 71.30 25.68 97.15
N VAL GA 120 72.08 24.61 97.03
CA VAL GA 120 71.93 23.48 97.96
C VAL GA 120 72.40 23.87 99.35
N LEU GA 121 73.57 24.52 99.45
CA LEU GA 121 74.11 24.87 100.75
C LEU GA 121 73.25 25.93 101.44
N MET GA 122 72.95 27.02 100.75
CA MET GA 122 72.16 28.08 101.36
C MET GA 122 70.72 27.66 101.53
N GLY GA 123 70.21 26.80 100.66
CA GLY GA 123 68.85 26.30 100.82
C GLY GA 123 68.69 25.54 102.12
N LEU GA 124 69.65 24.68 102.44
CA LEU GA 124 69.62 23.96 103.71
C LEU GA 124 69.86 24.90 104.88
N ILE GA 125 70.83 25.81 104.73
CA ILE GA 125 71.20 26.70 105.83
C ILE GA 125 70.03 27.59 106.21
N GLU GA 126 69.40 28.22 105.21
CA GLU GA 126 68.26 29.07 105.50
C GLU GA 126 67.09 28.25 106.02
N GLY GA 127 66.96 27.01 105.56
CA GLY GA 127 65.96 26.12 106.11
C GLY GA 127 66.19 25.83 107.59
N TYR GA 128 67.46 25.70 107.98
CA TYR GA 128 67.77 25.48 109.38
C TYR GA 128 67.47 26.72 110.21
N ARG GA 129 67.65 27.90 109.62
CA ARG GA 129 67.44 29.13 110.38
C ARG GA 129 65.97 29.32 110.75
N VAL GA 130 65.07 28.94 109.84
CA VAL GA 130 63.61 29.18 110.06
C VAL GA 130 62.95 27.98 110.73
N ASN GA 131 63.29 26.75 110.32
CA ASN GA 131 62.60 25.55 110.86
C ASN GA 131 63.48 24.84 111.90
N GLY GA 132 64.67 25.38 112.16
CA GLY GA 132 65.61 24.70 113.08
C GLY GA 132 66.25 23.50 112.41
N GLY GA 133 67.47 23.15 112.82
CA GLY GA 133 68.17 22.05 112.18
C GLY GA 133 69.20 21.41 113.09
N PRO GA 134 70.36 21.09 112.51
CA PRO GA 134 71.41 20.42 113.29
C PRO GA 134 71.89 21.22 114.49
N ALA GA 135 71.96 22.54 114.36
CA ALA GA 135 72.47 23.36 115.44
C ALA GA 135 71.49 23.46 116.59
N GLY GA 136 70.24 23.10 116.34
CA GLY GA 136 69.23 23.10 117.41
C GLY GA 136 67.85 23.50 116.90
N GLU GA 137 66.80 22.92 117.50
CA GLU GA 137 65.41 23.28 117.12
C GLU GA 137 64.69 23.80 118.35
N GLY GA 138 64.18 25.04 118.30
CA GLY GA 138 63.49 25.64 119.45
C GLY GA 138 64.26 26.83 119.99
N LEU GA 139 65.28 27.28 119.26
CA LEU GA 139 66.12 28.43 119.71
C LEU GA 139 65.56 29.72 119.10
N ASP GA 140 65.83 30.86 119.73
CA ASP GA 140 65.36 32.18 119.21
C ASP GA 140 65.64 32.26 117.71
N ALA GA 141 64.71 32.84 116.94
CA ALA GA 141 64.88 32.95 115.48
C ALA GA 141 66.04 33.89 115.14
N LEU GA 142 66.07 35.08 115.77
CA LEU GA 142 67.11 36.09 115.43
C LEU GA 142 68.35 35.87 116.30
N TYR GA 143 68.18 35.31 117.49
CA TYR GA 143 69.34 35.16 118.43
C TYR GA 143 69.39 33.72 118.94
N PRO GA 144 69.75 32.73 118.11
CA PRO GA 144 69.74 31.33 118.53
C PRO GA 144 70.77 31.07 119.63
N GLY GA 145 71.97 31.62 119.51
CA GLY GA 145 73.04 31.39 120.51
C GLY GA 145 73.52 29.96 120.49
N GLU GA 146 73.72 29.35 121.66
CA GLU GA 146 74.12 27.96 121.74
C GLU GA 146 75.36 27.70 120.89
N ALA GA 147 75.20 26.92 119.81
CA ALA GA 147 76.31 26.67 118.92
C ALA GA 147 76.81 27.94 118.26
N PHE GA 148 75.94 28.93 118.07
CA PHE GA 148 76.31 30.19 117.45
C PHE GA 148 76.77 31.22 118.45
N ASP GA 149 76.94 30.83 119.71
CA ASP GA 149 77.62 31.65 120.71
C ASP GA 149 78.64 30.78 121.44
N PRO GA 150 79.66 30.29 120.72
CA PRO GA 150 80.67 29.47 121.40
C PRO GA 150 81.43 30.21 122.47
N LEU GA 151 81.70 31.49 122.28
CA LEU GA 151 82.43 32.27 123.28
C LEU GA 151 81.55 32.71 124.43
N GLY GA 152 80.23 32.53 124.33
CA GLY GA 152 79.33 32.83 125.41
C GLY GA 152 79.34 34.28 125.83
N LEU GA 153 79.42 35.18 124.87
CA LEU GA 153 79.39 36.61 125.16
C LEU GA 153 78.01 37.13 125.47
N ALA GA 154 77.01 36.24 125.52
CA ALA GA 154 75.62 36.62 125.77
C ALA GA 154 75.04 35.90 126.97
N ASP GA 155 75.89 35.31 127.81
CA ASP GA 155 75.38 34.61 128.99
C ASP GA 155 74.75 35.58 129.98
N ASP GA 156 75.39 36.73 130.17
CA ASP GA 156 74.83 37.77 131.07
C ASP GA 156 73.66 38.46 130.36
N PRO GA 157 72.42 38.38 130.87
CA PRO GA 157 71.27 38.97 130.19
C PRO GA 157 71.49 40.46 129.91
N ASP GA 158 71.98 41.21 130.89
CA ASP GA 158 72.16 42.67 130.72
C ASP GA 158 73.12 42.94 129.55
N THR GA 159 74.26 42.26 129.55
CA THR GA 159 75.26 42.46 128.46
C THR GA 159 74.63 42.06 127.13
N PHE GA 160 73.87 40.96 127.12
CA PHE GA 160 73.25 40.48 125.85
C PHE GA 160 72.34 41.58 125.29
N ALA GA 161 71.54 42.21 126.16
CA ALA GA 161 70.62 43.28 125.71
C ALA GA 161 71.44 44.42 125.10
N GLU GA 162 72.46 44.88 125.81
CA GLU GA 162 73.27 46.04 125.33
C GLU GA 162 74.00 45.64 124.05
N LEU GA 163 74.50 44.40 123.98
CA LEU GA 163 75.28 43.95 122.80
C LEU GA 163 74.34 43.82 121.59
N LYS GA 164 73.07 43.48 121.83
CA LYS GA 164 72.09 43.40 120.72
C LYS GA 164 71.92 44.80 120.10
N VAL GA 165 71.95 45.84 120.94
CA VAL GA 165 71.88 47.24 120.41
C VAL GA 165 73.10 47.47 119.53
N LYS GA 166 74.28 47.03 119.99
CA LYS GA 166 75.54 47.24 119.22
C LYS GA 166 75.46 46.50 117.87
N GLU GA 167 74.86 45.31 117.85
CA GLU GA 167 74.74 44.56 116.60
C GLU GA 167 73.92 45.34 115.58
N LEU GA 168 72.77 45.86 116.00
CA LEU GA 168 71.93 46.60 115.07
C LEU GA 168 72.60 47.89 114.62
N LYS GA 169 73.22 48.62 115.54
CA LYS GA 169 73.79 49.91 115.18
C LYS GA 169 74.98 49.76 114.25
N ASN GA 170 75.85 48.78 114.50
CA ASN GA 170 76.86 48.47 113.50
C ASN GA 170 76.22 47.94 112.23
N GLY GA 171 75.15 47.16 112.37
CA GLY GA 171 74.45 46.63 111.20
C GLY GA 171 73.76 47.70 110.39
N ARG GA 172 73.08 48.63 111.06
CA ARG GA 172 72.45 49.73 110.34
C ARG GA 172 73.49 50.62 109.67
N LEU GA 173 74.62 50.83 110.34
CA LEU GA 173 75.71 51.57 109.72
C LEU GA 173 76.23 50.83 108.50
N ALA GA 174 76.29 49.50 108.58
CA ALA GA 174 76.77 48.69 107.44
C ALA GA 174 75.76 48.77 106.30
N MET GA 175 74.47 48.69 106.61
CA MET GA 175 73.42 48.71 105.54
C MET GA 175 73.49 50.04 104.78
N VAL GA 176 73.65 51.15 105.50
CA VAL GA 176 73.74 52.49 104.85
C VAL GA 176 75.00 52.51 103.97
N SER GA 177 76.11 51.98 104.49
CA SER GA 177 77.39 51.99 103.73
C SER GA 177 77.24 51.14 102.46
N MET GA 178 76.54 50.02 102.55
CA MET GA 178 76.35 49.13 101.37
C MET GA 178 75.60 49.90 100.29
N LEU GA 179 74.49 50.55 100.65
CA LEU GA 179 73.75 51.38 99.67
C LEU GA 179 74.69 52.43 99.10
N GLY GA 180 75.51 53.03 99.95
CA GLY GA 180 76.49 54.04 99.46
C GLY GA 180 77.42 53.41 98.44
N PHE GA 181 77.98 52.24 98.76
CA PHE GA 181 78.91 51.55 97.82
C PHE GA 181 78.19 51.36 96.48
N GLY GA 182 76.95 50.85 96.51
CA GLY GA 182 76.21 50.59 95.26
C GLY GA 182 76.00 51.86 94.46
N VAL GA 183 75.48 52.91 95.10
CA VAL GA 183 75.20 54.19 94.39
C VAL GA 183 76.52 54.77 93.88
N GLN GA 184 77.56 54.79 94.73
CA GLN GA 184 78.87 55.35 94.32
C GLN GA 184 79.40 54.52 93.15
N GLY GA 185 79.30 53.20 93.25
CA GLY GA 185 79.76 52.32 92.16
C GLY GA 185 79.03 52.61 90.87
N LEU GA 186 77.71 52.80 90.95
CA LEU GA 186 76.90 53.03 89.72
C LEU GA 186 77.29 54.38 89.12
N ILE GA 187 77.60 55.37 89.96
CA ILE GA 187 77.92 56.75 89.45
C ILE GA 187 79.41 56.81 89.09
N THR GA 188 80.29 56.75 90.08
CA THR GA 188 81.75 56.88 89.84
C THR GA 188 82.26 55.69 89.01
N ARG GA 189 81.64 54.52 89.16
CA ARG GA 189 82.12 53.29 88.46
C ARG GA 189 83.55 53.00 88.91
N LYS GA 190 83.86 53.31 90.18
CA LYS GA 190 85.20 53.00 90.74
C LYS GA 190 84.99 52.37 92.12
N GLY GA 191 85.92 51.50 92.55
CA GLY GA 191 85.79 50.82 93.84
C GLY GA 191 85.55 51.80 94.98
N PRO GA 192 84.97 51.36 96.12
CA PRO GA 192 84.69 52.25 97.24
C PRO GA 192 85.98 52.88 97.80
N ILE GA 193 87.03 52.07 97.97
CA ILE GA 193 88.32 52.57 98.52
C ILE GA 193 88.88 53.63 97.57
N GLU GA 194 88.75 53.41 96.27
CA GLU GA 194 89.26 54.39 95.26
C GLU GA 194 88.53 55.72 95.44
N ASN GA 195 87.20 55.67 95.60
CA ASN GA 195 86.41 56.91 95.81
C ASN GA 195 86.96 57.64 97.04
N LEU GA 196 87.22 56.91 98.12
CA LEU GA 196 87.76 57.54 99.36
C LEU GA 196 89.11 58.19 99.05
N ALA GA 197 90.00 57.46 98.37
CA ALA GA 197 91.34 58.00 98.05
C ALA GA 197 91.19 59.35 97.34
N ASP GA 198 90.37 59.39 96.30
CA ASP GA 198 90.18 60.65 95.51
C ASP GA 198 89.70 61.76 96.45
N HIS GA 199 88.71 61.47 97.30
CA HIS GA 199 88.15 62.50 98.21
C HIS GA 199 89.27 63.03 99.11
N LEU GA 200 90.07 62.13 99.67
CA LEU GA 200 91.16 62.55 100.59
C LEU GA 200 92.16 63.41 99.80
N ALA GA 201 92.44 63.04 98.54
CA ALA GA 201 93.42 63.80 97.73
C ALA GA 201 92.92 65.22 97.47
N ALA GA 202 91.68 65.36 97.00
CA ALA GA 202 91.10 66.71 96.74
C ALA GA 202 89.63 66.69 97.17
N PRO GA 203 89.30 66.83 98.48
CA PRO GA 203 87.91 66.70 98.93
C PRO GA 203 86.97 67.79 98.39
N ASP GA 204 87.53 68.85 97.79
CA ASP GA 204 86.68 69.98 97.33
C ASP GA 204 86.42 69.85 95.82
N ALA GA 205 87.19 69.00 95.13
CA ALA GA 205 87.05 68.90 93.66
C ALA GA 205 86.69 67.48 93.23
N THR GA 206 86.35 66.62 94.19
CA THR GA 206 86.05 65.19 93.84
C THR GA 206 84.69 64.80 94.40
N ASN GA 207 84.10 65.63 95.26
CA ASN GA 207 82.78 65.33 95.86
C ASN GA 207 81.76 65.13 94.74
N PHE GA 208 80.67 64.39 95.01
CA PHE GA 208 79.63 64.13 93.99
C PHE GA 208 79.08 65.46 93.47
N TRP GA 209 78.79 66.39 94.38
CA TRP GA 209 78.19 67.69 93.98
C TRP GA 209 79.04 68.39 92.92
N VAL GA 210 80.37 68.24 92.98
CA VAL GA 210 81.25 69.00 92.05
C VAL GA 210 81.54 68.18 90.79
N ASP GA 211 81.53 66.85 90.88
CA ASP GA 211 81.94 66.02 89.70
C ASP GA 211 80.74 65.47 88.92
N TYR GA 212 79.72 64.95 89.62
CA TYR GA 212 78.61 64.28 88.88
C TYR GA 212 77.31 65.08 88.96
N ALA GA 213 76.99 65.66 90.11
CA ALA GA 213 75.70 66.38 90.26
C ALA GA 213 75.49 67.32 89.07
N PRO GA 214 76.46 68.18 88.68
CA PRO GA 214 76.26 69.15 87.61
C PRO GA 214 76.02 68.48 86.25
N LYS GA 215 76.31 67.18 86.15
CA LYS GA 215 76.15 66.45 84.86
C LYS GA 215 75.07 65.38 85.01
N SER GA 216 74.12 65.58 85.93
CA SER GA 216 73.08 64.54 86.17
C SER GA 216 71.79 64.93 85.43
N ALA GA 217 71.85 65.96 84.59
CA ALA GA 217 70.67 66.39 83.81
C ALA GA 217 71.11 67.05 82.50
N GLY GA 218 70.99 66.36 81.38
CA GLY GA 218 71.33 66.96 80.07
C GLY GA 218 72.75 66.68 79.63
N ILE GA 219 73.73 66.94 80.48
CA ILE GA 219 75.14 66.60 80.15
C ILE GA 219 75.48 65.28 80.83
N GLY GA 220 75.64 64.20 80.07
CA GLY GA 220 75.89 62.88 80.68
C GLY GA 220 77.25 62.82 81.35
N TYR GA 221 77.44 61.88 82.28
CA TYR GA 221 78.76 61.70 82.93
C TYR GA 221 79.09 60.20 83.01
N GLU HA 1 28.51 66.11 99.65
CA GLU HA 1 29.19 66.17 98.37
C GLU HA 1 30.60 65.61 98.49
N PHE HA 2 31.43 66.23 99.32
CA PHE HA 2 32.79 65.77 99.57
C PHE HA 2 32.96 65.18 100.96
N TYR HA 3 31.87 64.99 101.70
CA TYR HA 3 31.93 64.38 103.01
C TYR HA 3 30.70 63.49 103.19
N GLY HA 4 30.76 62.65 104.22
CA GLY HA 4 29.63 61.82 104.56
C GLY HA 4 29.51 60.61 103.67
N PRO HA 5 28.47 59.80 103.91
CA PRO HA 5 28.31 58.57 103.11
C PRO HA 5 28.13 58.81 101.62
N ASP HA 6 27.20 59.69 101.25
CA ASP HA 6 26.95 59.94 99.83
C ASP HA 6 27.90 60.99 99.28
N ARG HA 7 29.20 60.76 99.42
CA ARG HA 7 30.20 61.70 98.96
C ARG HA 7 30.62 61.37 97.53
N ALA HA 8 31.50 62.21 97.00
CA ALA HA 8 32.10 61.94 95.71
C ALA HA 8 33.04 60.75 95.79
N LYS HA 9 33.05 59.92 94.74
CA LYS HA 9 33.89 58.69 94.77
C LYS HA 9 34.88 58.68 93.60
N TRP HA 10 35.92 57.85 93.67
CA TRP HA 10 36.98 57.84 92.63
C TRP HA 10 36.51 57.16 91.35
N LEU HA 11 35.62 56.17 91.46
CA LEU HA 11 35.18 55.41 90.25
C LEU HA 11 33.81 55.93 89.80
N GLY HA 12 33.37 57.06 90.34
CA GLY HA 12 32.04 57.61 90.00
C GLY HA 12 30.96 56.59 90.30
N PRO HA 13 30.09 56.24 89.33
CA PRO HA 13 28.97 55.32 89.58
C PRO HA 13 29.45 53.93 90.03
N PHE HA 14 30.49 53.40 89.38
CA PHE HA 14 30.98 52.04 89.71
C PHE HA 14 31.95 52.10 90.90
N SER HA 15 31.53 52.74 91.99
CA SER HA 15 32.46 52.91 93.15
C SER HA 15 31.89 52.23 94.39
N GLU HA 16 30.58 51.97 94.41
CA GLU HA 16 29.94 51.37 95.60
C GLU HA 16 30.72 50.13 96.04
N GLY HA 17 31.08 49.25 95.10
CA GLY HA 17 31.79 48.01 95.44
C GLY HA 17 33.27 48.23 95.66
N SER HA 18 33.75 49.45 95.46
CA SER HA 18 35.21 49.73 95.58
C SER HA 18 35.49 50.62 96.81
N VAL HA 19 34.49 50.83 97.67
CA VAL HA 19 34.68 51.75 98.83
C VAL HA 19 35.10 50.92 100.05
N PRO HA 20 36.37 51.00 100.48
CA PRO HA 20 36.81 50.28 101.68
C PRO HA 20 36.00 50.74 102.89
N SER HA 21 35.56 49.80 103.72
CA SER HA 21 34.72 50.14 104.90
C SER HA 21 35.39 51.26 105.72
N TYR HA 22 36.66 51.06 106.13
CA TYR HA 22 37.36 52.05 106.98
C TYR HA 22 37.23 53.46 106.39
N LEU HA 23 37.03 53.57 105.07
CA LEU HA 23 36.79 54.91 104.46
C LEU HA 23 35.32 55.26 104.62
N LYS HA 24 35.00 56.19 105.51
CA LYS HA 24 33.57 56.51 105.80
C LYS HA 24 33.29 58.00 105.56
N GLY HA 25 34.16 58.68 104.81
CA GLY HA 25 33.91 60.08 104.49
C GLY HA 25 34.04 61.02 105.67
N GLU HA 26 35.07 60.84 106.49
CA GLU HA 26 35.35 61.73 107.61
C GLU HA 26 36.44 62.73 107.30
N PHE HA 27 37.56 62.22 106.76
CA PHE HA 27 38.73 63.11 106.45
C PHE HA 27 38.57 63.70 105.06
N PRO HA 28 39.30 64.78 104.71
CA PRO HA 28 39.21 65.40 103.39
C PRO HA 28 39.84 64.53 102.29
N GLY HA 29 39.24 64.53 101.10
CA GLY HA 29 39.80 63.76 99.97
C GLY HA 29 39.53 62.27 100.08
N ASP HA 30 38.45 61.89 100.79
CA ASP HA 30 38.07 60.46 100.89
C ASP HA 30 37.18 60.08 99.71
N TYR HA 31 37.75 59.82 98.54
CA TYR HA 31 36.95 59.37 97.37
C TYR HA 31 36.75 57.85 97.47
N GLY HA 32 37.29 57.23 98.54
CA GLY HA 32 37.14 55.78 98.73
C GLY HA 32 38.04 54.98 97.83
N TRP HA 33 39.31 55.36 97.72
CA TRP HA 33 40.26 54.66 96.81
C TRP HA 33 41.40 54.02 97.60
N ASP HA 34 41.19 52.82 98.14
CA ASP HA 34 42.28 52.08 98.82
C ASP HA 34 42.20 50.61 98.40
N THR HA 35 42.10 50.36 97.09
CA THR HA 35 41.97 48.98 96.56
C THR HA 35 43.05 48.08 97.18
N ALA HA 36 44.28 48.57 97.26
CA ALA HA 36 45.37 47.74 97.78
C ALA HA 36 45.15 47.39 99.25
N GLY HA 37 44.39 48.24 99.96
CA GLY HA 37 44.13 48.00 101.39
C GLY HA 37 45.29 48.46 102.25
N LEU HA 38 46.06 49.44 101.76
CA LEU HA 38 47.25 49.93 102.50
C LEU HA 38 46.82 50.63 103.80
N SER HA 39 45.70 51.35 103.76
CA SER HA 39 45.26 52.13 104.96
C SER HA 39 44.21 51.35 105.75
N ALA HA 40 44.29 50.02 105.72
CA ALA HA 40 43.35 49.18 106.51
C ALA HA 40 43.47 49.54 108.00
N ASP HA 41 44.68 49.45 108.56
CA ASP HA 41 44.88 49.76 109.97
C ASP HA 41 44.53 51.21 110.26
N PRO HA 42 43.84 51.49 111.37
CA PRO HA 42 43.56 52.90 111.72
C PRO HA 42 44.81 53.73 111.91
N GLU HA 43 45.87 53.14 112.47
CA GLU HA 43 47.09 53.87 112.72
C GLU HA 43 47.85 54.13 111.42
N THR HA 44 47.97 53.09 110.60
CA THR HA 44 48.70 53.24 109.31
C THR HA 44 48.01 54.30 108.46
N PHE HA 45 46.67 54.27 108.42
CA PHE HA 45 45.90 55.25 107.60
C PHE HA 45 46.23 56.66 108.07
N ALA HA 46 46.25 56.87 109.39
CA ALA HA 46 46.53 58.21 109.95
C ALA HA 46 47.91 58.69 109.48
N ARG HA 47 48.92 57.82 109.57
CA ARG HA 47 50.30 58.20 109.18
C ARG HA 47 50.31 58.56 107.69
N TYR HA 48 49.71 57.72 106.86
CA TYR HA 48 49.67 57.97 105.39
C TYR HA 48 48.95 59.29 105.12
N ARG HA 49 47.91 59.57 105.92
CA ARG HA 49 47.11 60.81 105.71
C ARG HA 49 48.04 62.02 105.88
N GLU HA 50 48.82 62.04 106.97
CA GLU HA 50 49.77 63.15 107.20
C GLU HA 50 50.77 63.19 106.05
N ILE HA 51 51.32 62.04 105.67
CA ILE HA 51 52.35 61.98 104.59
C ILE HA 51 51.74 62.56 103.31
N GLU HA 52 50.48 62.21 103.01
CA GLU HA 52 49.84 62.68 101.75
C GLU HA 52 49.79 64.21 101.76
N VAL HA 53 49.32 64.80 102.85
CA VAL HA 53 49.19 66.29 102.92
C VAL HA 53 50.57 66.92 102.78
N ILE HA 54 51.56 66.38 103.49
CA ILE HA 54 52.93 66.96 103.45
C ILE HA 54 53.44 66.90 102.02
N HIS HA 55 53.32 65.74 101.37
CA HIS HA 55 53.75 65.60 99.95
C HIS HA 55 52.95 66.58 99.10
N ALA HA 56 51.63 66.63 99.28
CA ALA HA 56 50.77 67.50 98.46
C ALA HA 56 51.25 68.95 98.58
N ARG HA 57 51.64 69.38 99.78
CA ARG HA 57 52.04 70.80 99.99
C ARG HA 57 53.40 71.04 99.31
N TRP HA 58 54.34 70.12 99.49
CA TRP HA 58 55.65 70.24 98.78
C TRP HA 58 55.40 70.27 97.28
N ALA HA 59 54.55 69.36 96.78
CA ALA HA 59 54.27 69.29 95.33
C ALA HA 59 53.75 70.64 94.82
N MET HA 60 52.78 71.22 95.55
CA MET HA 60 52.21 72.50 95.12
C MET HA 60 53.28 73.57 95.01
N LEU HA 61 54.16 73.66 96.01
CA LEU HA 61 55.29 74.58 95.91
C LEU HA 61 56.20 74.20 94.75
N GLY HA 62 56.39 72.91 94.54
CA GLY HA 62 57.26 72.46 93.46
C GLY HA 62 56.76 72.86 92.09
N ALA HA 63 55.44 72.77 91.88
CA ALA HA 63 54.86 73.07 90.58
C ALA HA 63 55.11 74.53 90.19
N LEU HA 64 54.87 75.45 91.12
CA LEU HA 64 55.20 76.85 90.86
C LEU HA 64 56.70 77.05 90.71
N GLY HA 65 57.48 76.38 91.57
CA GLY HA 65 58.93 76.55 91.53
C GLY HA 65 59.58 75.98 90.30
N CYS HA 66 58.94 75.03 89.63
CA CYS HA 66 59.49 74.43 88.44
C CYS HA 66 59.05 75.12 87.16
N LEU HA 67 58.22 76.15 87.25
CA LEU HA 67 57.71 76.84 86.07
C LEU HA 67 58.02 78.33 86.10
N THR HA 68 58.09 78.89 87.31
CA THR HA 68 58.29 80.33 87.45
C THR HA 68 59.56 80.85 86.80
N PRO HA 69 60.75 80.25 87.01
CA PRO HA 69 61.91 80.74 86.26
C PRO HA 69 61.74 80.64 84.76
N GLU HA 70 61.12 79.55 84.30
CA GLU HA 70 60.94 79.36 82.83
C GLU HA 70 60.00 80.44 82.32
N LEU HA 71 58.88 80.66 83.02
CA LEU HA 71 57.93 81.73 82.62
C LEU HA 71 58.70 83.04 82.47
N LEU HA 72 59.32 83.52 83.56
CA LEU HA 72 60.00 84.80 83.51
C LEU HA 72 61.03 84.83 82.39
N GLN HA 73 61.70 83.72 82.16
CA GLN HA 73 62.72 83.67 81.11
C GLN HA 73 62.11 83.89 79.73
N ASN HA 74 61.00 83.19 79.48
CA ASN HA 74 60.32 83.30 78.16
C ASN HA 74 59.79 84.73 78.00
N ASN HA 75 59.25 85.28 79.08
CA ASN HA 75 58.75 86.68 79.06
C ASN HA 75 58.80 87.24 80.49
N GLY HA 76 59.67 88.22 80.73
CA GLY HA 76 59.83 88.75 82.08
C GLY HA 76 61.26 89.10 82.40
N ALA HA 77 61.80 88.52 83.47
CA ALA HA 77 63.19 88.78 83.84
C ALA HA 77 64.14 88.36 82.72
N ALA HA 78 63.91 87.17 82.15
CA ALA HA 78 64.72 86.65 81.04
C ALA HA 78 66.20 86.62 81.40
N ASP HA 79 66.50 86.14 82.60
CA ASP HA 79 67.87 86.14 83.11
C ASP HA 79 68.40 84.78 83.51
N PHE HA 80 67.53 83.77 83.69
CA PHE HA 80 67.97 82.45 84.12
C PHE HA 80 68.45 81.63 82.92
N GLY HA 81 69.63 81.99 82.43
CA GLY HA 81 70.23 81.26 81.33
C GLY HA 81 70.45 79.80 81.63
N GLU HA 82 69.64 78.93 81.02
CA GLU HA 82 69.69 77.48 81.21
C GLU HA 82 69.29 77.10 82.63
N ALA HA 83 68.99 78.09 83.47
CA ALA HA 83 68.48 77.82 84.80
C ALA HA 83 66.96 77.98 84.87
N ALA HA 84 66.34 78.38 83.76
CA ALA HA 84 64.89 78.48 83.72
C ALA HA 84 64.24 77.10 83.87
N VAL HA 85 64.78 76.11 83.16
CA VAL HA 85 64.29 74.75 83.29
C VAL HA 85 64.64 74.21 84.66
N TRP HA 86 63.65 73.59 85.32
CA TRP HA 86 63.84 73.16 86.70
C TRP HA 86 64.93 72.10 86.80
N PHE HA 87 64.98 71.16 85.86
CA PHE HA 87 65.99 70.12 85.91
C PHE HA 87 67.31 70.56 85.31
N LYS HA 88 67.51 71.87 85.11
CA LYS HA 88 68.84 72.40 84.80
C LYS HA 88 69.13 73.67 85.59
N ALA HA 89 68.39 73.95 86.67
CA ALA HA 89 68.61 75.15 87.46
C ALA HA 89 69.63 74.92 88.57
N GLY HA 90 69.60 73.74 89.20
CA GLY HA 90 70.51 73.47 90.29
C GLY HA 90 71.97 73.50 89.85
N ALA HA 91 72.23 73.20 88.58
CA ALA HA 91 73.59 73.27 88.05
C ALA HA 91 74.11 74.69 87.97
N SER HA 92 73.25 75.69 88.10
CA SER HA 92 73.69 77.08 88.02
C SER HA 92 74.54 77.50 89.21
N ILE HA 93 74.59 76.67 90.25
CA ILE HA 93 75.40 77.00 91.43
C ILE HA 93 76.89 76.98 91.07
N PHE HA 94 77.27 76.16 90.11
CA PHE HA 94 78.67 76.07 89.68
C PHE HA 94 78.98 77.05 88.56
N ASN HA 95 78.12 78.04 88.33
CA ASN HA 95 78.37 79.04 87.31
C ASN HA 95 79.47 80.00 87.76
N GLU HA 96 79.97 80.78 86.80
CA GLU HA 96 81.04 81.73 87.10
C GLU HA 96 80.60 82.74 88.17
N ASP HA 97 79.39 83.28 88.02
CA ASP HA 97 78.78 84.08 89.08
C ASP HA 97 77.93 83.24 90.02
N GLY HA 98 77.79 81.95 89.75
CA GLY HA 98 77.00 81.09 90.61
C GLY HA 98 75.51 81.36 90.48
N LEU HA 99 74.77 80.99 91.52
CA LEU HA 99 73.32 81.13 91.52
C LEU HA 99 72.97 82.58 91.81
N ASN HA 100 72.40 83.26 90.82
CA ASN HA 100 71.97 84.65 90.94
C ASN HA 100 70.44 84.67 90.97
N TYR HA 101 69.88 85.12 92.08
CA TYR HA 101 68.43 85.18 92.19
C TYR HA 101 67.87 86.18 91.18
N LEU HA 102 66.80 85.79 90.49
CA LEU HA 102 66.22 86.57 89.41
C LEU HA 102 67.25 86.87 88.32
N GLY HA 103 68.34 86.11 88.32
CA GLY HA 103 69.44 86.34 87.41
C GLY HA 103 70.18 87.63 87.69
N ASN HA 104 70.00 88.16 88.90
CA ASN HA 104 70.63 89.42 89.29
C ASN HA 104 71.89 89.12 90.10
N PRO HA 105 73.06 89.58 89.66
CA PRO HA 105 74.28 89.31 90.43
C PRO HA 105 74.23 89.83 91.85
N SER HA 106 73.57 90.96 92.09
CA SER HA 106 73.52 91.54 93.43
C SER HA 106 72.73 90.66 94.39
N LEU HA 107 71.81 89.84 93.89
CA LEU HA 107 70.94 89.03 94.73
C LEU HA 107 71.63 87.69 95.02
N ILE HA 108 71.87 87.42 96.30
CA ILE HA 108 72.36 86.13 96.79
C ILE HA 108 73.78 85.88 96.30
N HIS HA 109 73.94 85.70 94.98
CA HIS HA 109 75.25 85.45 94.37
C HIS HA 109 75.94 84.25 95.00
N ALA HA 110 75.16 83.20 95.27
CA ALA HA 110 75.72 82.01 95.90
C ALA HA 110 76.67 81.29 94.95
N GLN HA 111 77.78 80.80 95.50
CA GLN HA 111 78.75 80.02 94.68
C GLN HA 111 79.34 78.89 95.52
N SER HA 112 78.72 78.55 96.66
CA SER HA 112 79.20 77.42 97.50
C SER HA 112 78.05 76.47 97.81
N ILE HA 113 78.02 75.31 97.14
CA ILE HA 113 76.90 74.34 97.35
C ILE HA 113 76.97 73.77 98.77
N VAL HA 114 78.17 73.51 99.27
CA VAL HA 114 78.31 72.90 100.63
C VAL HA 114 77.61 73.81 101.63
N ALA HA 115 77.86 75.12 101.54
CA ALA HA 115 77.23 76.08 102.47
C ALA HA 115 75.70 75.97 102.35
N VAL HA 116 75.20 75.92 101.11
CA VAL HA 116 73.73 75.81 100.89
C VAL HA 116 73.23 74.57 101.64
N LEU HA 117 73.92 73.44 101.45
CA LEU HA 117 73.47 72.18 102.09
C LEU HA 117 73.44 72.36 103.61
N LEU HA 118 74.53 72.89 104.18
CA LEU HA 118 74.60 73.04 105.66
C LEU HA 118 73.47 73.97 106.11
N THR HA 119 73.30 75.10 105.41
CA THR HA 119 72.25 76.08 105.79
C THR HA 119 70.88 75.38 105.73
N GLN HA 120 70.63 74.63 104.65
CA GLN HA 120 69.31 73.96 104.49
C GLN HA 120 69.14 72.89 105.57
N LEU HA 121 70.20 72.13 105.87
CA LEU HA 121 70.05 71.05 106.85
C LEU HA 121 69.60 71.59 108.20
N VAL HA 122 70.21 72.69 108.64
CA VAL HA 122 69.86 73.25 109.94
C VAL HA 122 68.47 73.89 109.88
N ILE HA 123 68.20 74.63 108.80
CA ILE HA 123 66.88 75.31 108.67
C ILE HA 123 65.79 74.25 108.58
N MET HA 124 65.77 73.49 107.48
CA MET HA 124 64.71 72.47 107.27
C MET HA 124 64.67 71.51 108.47
N GLY HA 125 65.84 71.10 108.95
CA GLY HA 125 65.89 70.13 110.07
C GLY HA 125 65.11 70.64 111.27
N ALA HA 126 65.37 71.88 111.68
CA ALA HA 126 64.69 72.45 112.88
C ALA HA 126 63.18 72.46 112.63
N ALA HA 127 62.75 72.99 111.50
CA ALA HA 127 61.30 73.09 111.21
C ALA HA 127 60.68 71.69 111.20
N GLU HA 128 61.33 70.74 110.52
CA GLU HA 128 60.80 69.36 110.42
C GLU HA 128 60.78 68.74 111.83
N ALA HA 129 61.82 68.99 112.62
CA ALA HA 129 61.88 68.45 114.00
C ALA HA 129 60.71 69.02 114.80
N TYR HA 130 60.42 70.31 114.64
CA TYR HA 130 59.28 70.93 115.35
C TYR HA 130 57.98 70.29 114.89
N ARG HA 131 57.84 70.08 113.57
CA ARG HA 131 56.62 69.45 113.02
C ARG HA 131 56.46 68.06 113.67
N TYR HA 132 57.54 67.29 113.75
CA TYR HA 132 57.50 65.94 114.37
C TYR HA 132 57.21 66.08 115.87
N SER HA 133 57.84 67.07 116.52
CA SER HA 133 57.68 67.23 117.98
C SER HA 133 56.21 67.52 118.34
N GLY HA 134 55.43 68.01 117.36
CA GLY HA 134 54.06 68.37 117.65
C GLY HA 134 53.89 69.55 118.57
N GLU HA 135 54.97 70.27 118.86
CA GLU HA 135 54.90 71.41 119.77
C GLU HA 135 56.11 72.31 119.59
N GLY HA 136 55.89 73.62 119.59
CA GLY HA 136 56.95 74.58 119.44
C GLY HA 136 56.58 75.96 119.95
N PRO HA 137 57.53 76.90 119.91
CA PRO HA 137 57.25 78.24 120.44
C PRO HA 137 56.11 78.94 119.71
N VAL HA 138 55.98 78.74 118.40
CA VAL HA 138 54.89 79.38 117.67
C VAL HA 138 53.58 78.68 118.00
N GLU HA 139 52.48 79.36 117.69
CA GLU HA 139 51.16 78.80 117.99
C GLU HA 139 50.90 77.57 117.14
N THR HA 140 50.60 76.45 117.81
CA THR HA 140 50.42 75.17 117.13
C THR HA 140 48.95 74.79 116.95
N SER HA 141 48.05 75.35 117.75
CA SER HA 141 46.61 75.12 117.66
C SER HA 141 46.23 73.65 117.88
N GLY HA 142 47.14 72.83 118.39
CA GLY HA 142 46.83 71.47 118.75
C GLY HA 142 46.42 70.58 117.59
N ASP HA 143 47.13 70.68 116.47
CA ASP HA 143 46.84 69.83 115.32
C ASP HA 143 48.14 69.66 114.53
N SER HA 144 48.74 68.48 114.62
CA SER HA 144 50.04 68.25 113.99
C SER HA 144 49.96 68.41 112.47
N LEU HA 145 48.89 67.88 111.87
CA LEU HA 145 48.74 68.01 110.43
C LEU HA 145 48.31 69.41 110.03
N TYR HA 146 47.46 70.05 110.84
CA TYR HA 146 46.88 71.35 110.50
C TYR HA 146 47.12 72.35 111.63
N PRO HA 147 48.35 72.83 111.77
CA PRO HA 147 48.68 73.80 112.83
C PRO HA 147 48.29 75.22 112.45
N GLY HA 148 47.01 75.55 112.69
CA GLY HA 148 46.49 76.82 112.20
C GLY HA 148 47.11 78.03 112.86
N GLY HA 149 47.28 77.98 114.17
CA GLY HA 149 47.58 79.15 114.98
C GLY HA 149 48.57 80.14 114.39
N PHE HA 150 49.83 79.75 114.28
CA PHE HA 150 50.84 80.65 113.73
C PHE HA 150 50.93 80.58 112.21
N PHE HA 151 50.76 79.41 111.62
CA PHE HA 151 50.96 79.20 110.20
C PHE HA 151 49.80 79.76 109.37
N ASP HA 152 48.79 80.35 110.00
CA ASP HA 152 47.63 80.91 109.30
C ASP HA 152 47.43 82.35 109.78
N PRO HA 153 48.28 83.28 109.33
CA PRO HA 153 48.11 84.68 109.77
C PRO HA 153 46.80 85.31 109.31
N LEU HA 154 46.35 84.99 108.10
CA LEU HA 154 45.15 85.62 107.57
C LEU HA 154 43.88 85.12 108.23
N GLY HA 155 43.95 84.06 109.04
CA GLY HA 155 42.79 83.57 109.75
C GLY HA 155 41.68 83.08 108.85
N LEU HA 156 42.06 82.44 107.73
CA LEU HA 156 41.08 81.88 106.82
C LEU HA 156 40.45 80.60 107.36
N ALA HA 157 41.07 79.99 108.37
CA ALA HA 157 40.50 78.80 108.99
C ALA HA 157 39.53 79.14 110.11
N ASP HA 158 38.99 80.36 110.12
CA ASP HA 158 38.13 80.83 111.20
C ASP HA 158 36.88 79.98 111.37
N ASP HA 159 36.14 79.75 110.28
CA ASP HA 159 34.95 78.97 110.57
C ASP HA 159 35.07 77.57 109.97
N PRO HA 160 34.55 76.57 110.67
CA PRO HA 160 34.71 75.18 110.21
C PRO HA 160 34.08 74.89 108.85
N ASP HA 161 33.00 75.57 108.51
CA ASP HA 161 32.35 75.33 107.22
C ASP HA 161 33.28 75.65 106.07
N THR HA 162 33.97 76.79 106.15
CA THR HA 162 34.99 77.10 105.17
C THR HA 162 36.18 76.14 105.30
N LEU HA 163 36.51 75.77 106.55
CA LEU HA 163 37.65 74.88 106.76
C LEU HA 163 37.44 73.54 106.06
N ALA HA 164 36.25 72.97 106.20
CA ALA HA 164 35.96 71.67 105.60
C ALA HA 164 36.12 71.72 104.08
N GLU HA 165 35.58 72.76 103.44
CA GLU HA 165 35.71 72.88 101.99
C GLU HA 165 37.10 73.32 101.60
N LEU HA 166 37.76 74.10 102.46
CA LEU HA 166 39.13 74.52 102.15
C LEU HA 166 40.10 73.35 102.26
N LYS HA 167 39.87 72.45 103.22
CA LYS HA 167 40.77 71.31 103.39
C LYS HA 167 40.69 70.35 102.22
N VAL HA 168 39.49 70.10 101.69
CA VAL HA 168 39.39 69.28 100.49
C VAL HA 168 39.95 70.03 99.28
N LYS HA 169 39.77 71.36 99.24
CA LYS HA 169 40.37 72.13 98.16
C LYS HA 169 41.89 72.07 98.22
N GLU HA 170 42.46 72.02 99.43
CA GLU HA 170 43.91 71.93 99.55
C GLU HA 170 44.42 70.62 98.99
N ILE HA 171 43.84 69.50 99.42
CA ILE HA 171 44.34 68.20 99.00
C ILE HA 171 44.09 67.98 97.51
N LYS HA 172 42.97 68.50 97.00
CA LYS HA 172 42.65 68.30 95.59
C LYS HA 172 43.55 69.13 94.68
N ASN HA 173 43.79 70.39 95.06
CA ASN HA 173 44.85 71.13 94.38
C ASN HA 173 46.20 70.48 94.63
N GLY HA 174 46.38 69.92 95.83
CA GLY HA 174 47.65 69.25 96.18
C GLY HA 174 47.85 67.99 95.37
N ARG HA 175 46.85 67.10 95.35
CA ARG HA 175 46.96 65.82 94.62
C ARG HA 175 47.23 66.11 93.14
N LEU HA 176 46.56 67.11 92.58
CA LEU HA 176 46.77 67.50 91.16
C LEU HA 176 48.25 67.87 90.98
N ALA HA 177 48.81 68.65 91.90
CA ALA HA 177 50.23 69.07 91.81
C ALA HA 177 51.14 67.85 91.91
N MET HA 178 50.87 66.96 92.88
CA MET HA 178 51.69 65.73 93.02
C MET HA 178 51.63 64.94 91.71
N PHE HA 179 50.42 64.76 91.16
CA PHE HA 179 50.27 64.02 89.88
C PHE HA 179 51.03 64.74 88.78
N SER HA 180 50.94 66.07 88.75
CA SER HA 180 51.62 66.86 87.69
C SER HA 180 53.14 66.85 87.91
N MET HA 181 53.58 66.98 89.17
CA MET HA 181 55.04 66.91 89.46
C MET HA 181 55.56 65.56 88.97
N PHE HA 182 54.87 64.46 89.32
CA PHE HA 182 55.26 63.14 88.79
C PHE HA 182 55.34 63.26 87.27
N GLY HA 183 54.41 64.03 86.69
CA GLY HA 183 54.47 64.28 85.23
C GLY HA 183 55.75 65.01 84.88
N PHE HA 184 56.08 66.09 85.60
CA PHE HA 184 57.29 66.88 85.27
C PHE HA 184 58.48 65.92 85.26
N PHE HA 185 58.61 65.10 86.31
CA PHE HA 185 59.79 64.20 86.40
C PHE HA 185 59.82 63.30 85.16
N VAL HA 186 58.74 62.54 84.94
CA VAL HA 186 58.71 61.57 83.80
C VAL HA 186 58.95 62.32 82.48
N GLN HA 187 58.17 63.37 82.21
CA GLN HA 187 58.29 64.09 80.92
C GLN HA 187 59.75 64.54 80.76
N GLY HA 188 60.35 65.08 81.83
CA GLY HA 188 61.73 65.57 81.76
C GLY HA 188 62.69 64.48 81.31
N LEU HA 189 62.62 63.31 81.94
CA LEU HA 189 63.53 62.19 81.60
C LEU HA 189 63.33 61.78 80.14
N VAL HA 190 62.09 61.53 79.73
CA VAL HA 190 61.82 61.02 78.35
C VAL HA 190 62.10 62.10 77.30
N THR HA 191 61.56 63.31 77.47
CA THR HA 191 61.73 64.35 76.41
C THR HA 191 63.09 65.02 76.54
N GLY HA 192 63.51 65.35 77.76
CA GLY HA 192 64.79 66.05 77.98
C GLY HA 192 64.63 67.56 77.88
N LYS HA 193 63.47 68.01 77.39
CA LYS HA 193 63.20 69.46 77.25
C LYS HA 193 62.43 69.97 78.47
N SER HA 194 62.32 71.29 78.64
CA SER HA 194 61.59 71.88 79.79
C SER HA 194 60.09 71.58 79.65
N PRO HA 195 59.33 71.46 80.75
CA PRO HA 195 57.90 71.11 80.68
C PRO HA 195 57.08 72.07 79.83
N LEU HA 196 57.40 73.36 79.90
CA LEU HA 196 56.60 74.37 79.15
C LEU HA 196 56.95 74.25 77.66
N GLU HA 197 58.16 73.78 77.35
CA GLU HA 197 58.54 73.57 75.93
C GLU HA 197 57.76 72.36 75.40
N ASN HA 198 57.66 71.30 76.21
CA ASN HA 198 56.89 70.10 75.81
C ASN HA 198 55.48 70.54 75.41
N LEU HA 199 54.87 71.40 76.22
CA LEU HA 199 53.49 71.89 75.93
C LEU HA 199 53.50 72.51 74.53
N ALA HA 200 54.36 73.49 74.31
CA ALA HA 200 54.45 74.15 72.99
C ALA HA 200 54.45 73.09 71.88
N ASP HA 201 55.24 72.03 72.05
CA ASP HA 201 55.33 70.99 71.03
C ASP HA 201 53.98 70.31 70.82
N HIS HA 202 53.28 70.01 71.92
CA HIS HA 202 51.97 69.37 71.80
C HIS HA 202 51.00 70.26 71.03
N LEU HA 203 51.05 71.57 71.28
CA LEU HA 203 50.18 72.48 70.55
C LEU HA 203 50.60 72.58 69.08
N ALA HA 204 51.90 72.40 68.80
CA ALA HA 204 52.38 72.53 67.43
C ALA HA 204 51.82 71.43 66.54
N GLU HA 205 51.94 70.17 66.97
CA GLU HA 205 51.42 69.02 66.23
C GLU HA 205 50.94 67.99 67.23
N PRO HA 206 49.70 68.11 67.69
CA PRO HA 206 49.23 67.19 68.76
C PRO HA 206 49.31 65.72 68.40
N SER HA 207 48.97 65.36 67.15
CA SER HA 207 49.03 63.96 66.75
C SER HA 207 50.47 63.47 66.68
N VAL HA 208 51.37 64.30 66.19
CA VAL HA 208 52.76 63.88 66.06
C VAL HA 208 53.53 64.07 67.37
N ASN HA 209 53.46 65.26 67.95
CA ASN HA 209 54.21 65.56 69.17
C ASN HA 209 53.37 65.15 70.37
N ASN HA 210 53.55 63.91 70.80
CA ASN HA 210 52.86 63.41 71.98
C ASN HA 210 53.73 62.36 72.65
N GLY HA 211 53.16 61.70 73.66
CA GLY HA 211 53.92 60.71 74.40
C GLY HA 211 54.36 59.53 73.55
N PHE HA 212 53.58 59.17 72.54
CA PHE HA 212 53.94 58.05 71.68
C PHE HA 212 54.96 58.41 70.62
N ALA HA 213 55.30 59.69 70.47
CA ALA HA 213 56.42 60.04 69.60
C ALA HA 213 57.73 59.48 70.15
N SER HA 214 57.90 59.52 71.47
CA SER HA 214 59.09 58.98 72.13
C SER HA 214 58.86 57.55 72.62
N ALA HA 215 58.00 56.81 71.93
CA ALA HA 215 57.67 55.46 72.37
C ALA HA 215 58.88 54.53 72.32
N THR HA 216 59.65 54.61 71.23
CA THR HA 216 60.77 53.64 71.05
C THR HA 216 62.09 54.21 71.63
N LYS HA 217 62.01 55.27 72.43
CA LYS HA 217 63.26 55.91 72.94
C LYS HA 217 64.04 54.89 73.78
N PHE HA 218 63.36 54.24 74.74
CA PHE HA 218 64.06 53.30 75.64
C PHE HA 218 63.75 51.85 75.22
N LEU HA 219 64.29 51.43 74.08
CA LEU HA 219 64.07 50.04 73.60
C LEU HA 219 65.37 49.26 73.77
N PRO HA 220 65.42 48.16 74.55
CA PRO HA 220 66.62 47.35 74.66
C PRO HA 220 67.09 46.95 73.26
N LEU HA 221 68.37 47.20 72.94
CA LEU HA 221 68.88 46.91 71.58
C LEU HA 221 69.85 45.72 71.64
N PRO HA 222 69.61 44.63 70.88
CA PRO HA 222 70.52 43.49 70.86
C PRO HA 222 71.93 43.92 70.46
N VAL IA 1 -10.10 112.78 76.00
CA VAL IA 1 -10.73 111.59 75.35
C VAL IA 1 -10.40 111.62 73.86
N GLU IA 2 -9.86 112.73 73.36
CA GLU IA 2 -9.49 112.85 71.93
C GLU IA 2 -8.76 111.57 71.50
N TRP IA 3 -7.50 111.43 71.91
CA TRP IA 3 -6.69 110.24 71.53
C TRP IA 3 -7.07 109.04 72.40
N TYR IA 4 -7.22 109.24 73.71
CA TYR IA 4 -7.55 108.12 74.63
C TYR IA 4 -9.05 108.10 74.91
N GLY IA 5 -9.80 107.31 74.13
CA GLY IA 5 -11.26 107.22 74.33
C GLY IA 5 -11.90 106.30 73.32
N PRO IA 6 -13.18 105.89 73.48
CA PRO IA 6 -13.86 105.08 72.46
C PRO IA 6 -14.04 105.79 71.13
N ASN IA 7 -14.03 107.12 71.11
CA ASN IA 7 -14.18 107.89 69.87
C ASN IA 7 -12.85 108.45 69.40
N ARG IA 8 -11.77 107.71 69.61
CA ARG IA 8 -10.44 108.11 69.19
C ARG IA 8 -10.28 107.97 67.69
N PRO IA 9 -9.30 108.64 67.10
CA PRO IA 9 -8.99 108.41 65.69
C PRO IA 9 -8.50 106.99 65.47
N GLN IA 10 -8.76 106.49 64.26
CA GLN IA 10 -8.47 105.10 63.93
C GLN IA 10 -7.77 105.02 62.58
N PHE IA 11 -7.15 103.86 62.34
CA PHE IA 11 -6.30 103.72 61.15
C PHE IA 11 -7.10 103.74 59.86
N LEU IA 12 -8.31 103.17 59.86
CA LEU IA 12 -9.19 103.25 58.70
C LEU IA 12 -10.20 104.38 58.80
N GLY IA 13 -10.19 105.14 59.89
CA GLY IA 13 -11.08 106.28 60.04
C GLY IA 13 -12.53 105.91 60.14
N PRO IA 14 -13.36 106.23 59.12
CA PRO IA 14 -14.79 105.91 59.14
C PRO IA 14 -15.05 104.41 59.29
N PHE IA 15 -14.66 103.62 58.28
CA PHE IA 15 -14.94 102.15 58.30
C PHE IA 15 -14.19 101.48 59.45
N SER IA 16 -13.16 102.13 59.99
CA SER IA 16 -12.33 101.48 61.04
C SER IA 16 -13.20 100.88 62.14
N ASN IA 17 -12.96 99.62 62.49
CA ASN IA 17 -13.71 98.94 63.59
C ASN IA 17 -12.68 98.48 64.63
N PRO IA 18 -12.72 98.96 65.89
CA PRO IA 18 -11.69 98.63 66.88
C PRO IA 18 -11.82 97.22 67.48
N PRO IA 19 -10.71 96.46 67.64
CA PRO IA 19 -10.75 95.16 68.31
C PRO IA 19 -11.13 95.29 69.77
N SER IA 20 -11.57 94.17 70.34
CA SER IA 20 -12.09 94.19 71.71
C SER IA 20 -11.00 94.57 72.71
N TYR IA 21 -9.80 94.01 72.57
CA TYR IA 21 -8.73 94.30 73.52
C TYR IA 21 -8.23 95.73 73.38
N LEU IA 22 -8.23 96.27 72.16
CA LEU IA 22 -7.82 97.65 71.95
C LEU IA 22 -8.94 98.58 72.39
N LYS IA 23 -8.68 99.37 73.44
CA LYS IA 23 -9.69 100.26 74.00
C LYS IA 23 -9.27 101.72 74.05
N GLY IA 24 -8.08 102.06 73.57
CA GLY IA 24 -7.60 103.43 73.61
C GLY IA 24 -6.97 103.85 74.92
N GLU IA 25 -6.83 102.93 75.88
CA GLU IA 25 -6.21 103.28 77.15
C GLU IA 25 -4.74 103.64 76.98
N PHE IA 26 -4.11 103.19 75.90
CA PHE IA 26 -2.71 103.46 75.62
C PHE IA 26 -2.58 104.34 74.40
N PRO IA 27 -1.51 105.13 74.31
CA PRO IA 27 -1.32 106.02 73.16
C PRO IA 27 -1.12 105.25 71.87
N GLY IA 28 -1.46 105.92 70.77
CA GLY IA 28 -1.30 105.33 69.45
C GLY IA 28 -2.33 104.27 69.10
N ASP IA 29 -3.42 104.19 69.87
CA ASP IA 29 -4.40 103.12 69.69
C ASP IA 29 -5.39 103.49 68.59
N TYR IA 30 -4.91 103.43 67.35
CA TYR IA 30 -5.76 103.61 66.20
C TYR IA 30 -6.57 102.36 65.85
N GLY IA 31 -6.58 101.36 66.71
CA GLY IA 31 -7.34 100.16 66.49
C GLY IA 31 -6.89 99.33 65.30
N TRP IA 32 -5.58 99.15 65.15
CA TRP IA 32 -5.01 98.40 64.03
C TRP IA 32 -4.33 97.15 64.57
N ASP IA 33 -5.11 96.08 64.75
CA ASP IA 33 -4.54 94.77 65.06
C ASP IA 33 -5.29 93.68 64.31
N THR IA 34 -5.51 93.89 63.02
CA THR IA 34 -6.30 92.93 62.25
C THR IA 34 -5.65 91.55 62.22
N ALA IA 35 -4.33 91.49 62.35
CA ALA IA 35 -3.65 90.20 62.42
C ALA IA 35 -3.97 89.48 63.71
N GLY IA 36 -4.18 90.22 64.80
CA GLY IA 36 -4.50 89.61 66.07
C GLY IA 36 -3.30 89.18 66.88
N LEU IA 37 -2.18 89.89 66.78
CA LEU IA 37 -0.97 89.53 67.49
C LEU IA 37 -0.91 90.10 68.90
N SER IA 38 -1.91 90.88 69.31
CA SER IA 38 -1.92 91.46 70.65
C SER IA 38 -3.15 91.07 71.44
N ALA IA 39 -3.79 89.95 71.12
CA ALA IA 39 -4.95 89.51 71.87
C ALA IA 39 -4.61 89.17 73.32
N ASP IA 40 -3.38 88.75 73.58
CA ASP IA 40 -2.96 88.44 74.93
C ASP IA 40 -2.52 89.70 75.65
N PRO IA 41 -3.09 90.03 76.81
CA PRO IA 41 -2.71 91.26 77.52
C PRO IA 41 -1.22 91.32 77.86
N GLU IA 42 -0.66 90.20 78.30
CA GLU IA 42 0.76 90.16 78.64
C GLU IA 42 1.62 90.32 77.40
N THR IA 43 1.24 89.67 76.30
CA THR IA 43 1.93 89.88 75.04
C THR IA 43 1.75 91.32 74.54
N PHE IA 44 0.54 91.86 74.69
CA PHE IA 44 0.28 93.23 74.26
C PHE IA 44 1.12 94.22 75.04
N ALA IA 45 1.27 94.00 76.34
CA ALA IA 45 2.11 94.87 77.15
C ALA IA 45 3.55 94.86 76.65
N ARG IA 46 4.06 93.66 76.33
CA ARG IA 46 5.43 93.56 75.84
C ARG IA 46 5.57 94.19 74.46
N TYR IA 47 4.56 94.03 73.61
CA TYR IA 47 4.62 94.62 72.28
C TYR IA 47 4.64 96.14 72.35
N ARG IA 48 3.90 96.72 73.29
CA ARG IA 48 3.89 98.18 73.45
C ARG IA 48 5.28 98.68 73.80
N GLU IA 49 5.97 97.98 74.70
CA GLU IA 49 7.33 98.37 75.05
C GLU IA 49 8.25 98.30 73.84
N LEU IA 50 8.14 97.23 73.05
CA LEU IA 50 8.95 97.10 71.85
C LEU IA 50 8.65 98.20 70.85
N GLU IA 51 7.37 98.57 70.73
CA GLU IA 51 6.99 99.59 69.77
C GLU IA 51 7.66 100.93 70.09
N VAL IA 52 7.59 101.35 71.36
CA VAL IA 52 8.15 102.64 71.73
C VAL IA 52 9.66 102.64 71.58
N ILE IA 53 10.31 101.55 71.98
CA ILE IA 53 11.76 101.47 71.87
C ILE IA 53 12.19 101.43 70.41
N HIS IA 54 11.51 100.61 69.60
CA HIS IA 54 11.76 100.64 68.16
C HIS IA 54 11.46 102.03 67.60
N ALA IA 55 10.47 102.72 68.17
CA ALA IA 55 10.15 104.08 67.74
C ALA IA 55 11.24 105.06 68.15
N ARG IA 56 11.67 105.01 69.41
CA ARG IA 56 12.63 105.98 69.91
C ARG IA 56 13.97 105.84 69.20
N TRP IA 57 14.45 104.61 69.01
CA TRP IA 57 15.71 104.40 68.32
C TRP IA 57 15.63 104.89 66.88
N ALA IA 58 14.50 104.63 66.21
CA ALA IA 58 14.35 105.07 64.83
C ALA IA 58 14.38 106.60 64.73
N MET IA 59 13.76 107.28 65.68
CA MET IA 59 13.82 108.74 65.69
C MET IA 59 15.25 109.23 65.78
N LEU IA 60 16.03 108.66 66.68
CA LEU IA 60 17.46 108.96 66.72
C LEU IA 60 18.14 108.51 65.43
N GLY IA 61 17.69 107.38 64.88
CA GLY IA 61 18.28 106.89 63.65
C GLY IA 61 18.02 107.80 62.47
N ALA IA 62 16.79 108.32 62.36
CA ALA IA 62 16.46 109.19 61.24
C ALA IA 62 17.30 110.46 61.25
N LEU IA 63 17.49 111.06 62.42
CA LEU IA 63 18.30 112.27 62.51
C LEU IA 63 19.78 111.94 62.33
N GLY IA 64 20.23 110.83 62.90
CA GLY IA 64 21.63 110.45 62.76
C GLY IA 64 21.99 110.02 61.36
N CYS IA 65 21.02 109.48 60.61
CA CYS IA 65 21.27 109.05 59.24
C CYS IA 65 21.27 110.21 58.25
N VAL IA 66 20.74 111.36 58.64
CA VAL IA 66 20.55 112.48 57.72
C VAL IA 66 21.56 113.60 57.99
N THR IA 67 22.07 113.69 59.21
CA THR IA 67 22.98 114.76 59.60
C THR IA 67 24.26 114.78 58.76
N PRO IA 68 25.00 113.65 58.62
CA PRO IA 68 26.26 113.66 57.89
C PRO IA 68 26.00 114.02 56.42
N GLU IA 69 24.97 113.42 55.83
CA GLU IA 69 24.65 113.67 54.39
C GLU IA 69 24.26 115.14 54.22
N LEU IA 70 23.44 115.67 55.13
CA LEU IA 70 22.96 117.07 54.99
C LEU IA 70 24.14 118.03 55.18
N LEU IA 71 24.76 118.04 56.36
CA LEU IA 71 25.86 118.96 56.63
C LEU IA 71 26.89 118.94 55.52
N GLN IA 72 26.93 117.86 54.74
CA GLN IA 72 27.97 117.69 53.74
C GLN IA 72 27.86 118.74 52.63
N ARG IA 73 26.64 119.16 52.31
CA ARG IA 73 26.39 120.11 51.23
C ARG IA 73 25.83 121.43 51.74
N ASN IA 74 24.74 121.38 52.49
CA ASN IA 74 24.13 122.62 53.00
C ASN IA 74 25.07 123.36 53.95
N GLY IA 75 25.91 122.64 54.67
CA GLY IA 75 26.87 123.26 55.55
C GLY IA 75 28.31 122.95 55.16
N VAL IA 76 29.22 123.07 56.11
CA VAL IA 76 30.62 122.73 55.90
C VAL IA 76 30.89 121.41 56.60
N ALA IA 77 31.20 120.38 55.81
CA ALA IA 77 31.46 119.06 56.36
C ALA IA 77 32.30 118.27 55.36
N ASN IA 78 33.20 117.44 55.88
CA ASN IA 78 34.09 116.63 55.06
C ASN IA 78 34.06 115.16 55.48
N PHE IA 79 32.87 114.64 55.77
CA PHE IA 79 32.73 113.23 56.14
C PHE IA 79 33.23 112.35 54.99
N GLY IA 80 33.89 111.25 55.36
CA GLY IA 80 34.46 110.36 54.37
C GLY IA 80 33.42 109.84 53.40
N GLU IA 81 32.29 109.40 53.94
CA GLU IA 81 31.12 109.03 53.15
C GLU IA 81 29.91 109.53 53.94
N ALA IA 82 29.26 110.59 53.44
CA ALA IA 82 28.12 111.18 54.17
C ALA IA 82 26.97 110.18 54.29
N VAL IA 83 26.90 109.20 53.38
CA VAL IA 83 25.76 108.22 53.38
C VAL IA 83 25.75 107.44 54.69
N TRP IA 84 24.57 107.25 55.29
CA TRP IA 84 24.45 106.54 56.59
C TRP IA 84 24.95 105.10 56.45
N PHE IA 85 24.61 104.44 55.35
CA PHE IA 85 25.01 103.03 55.16
C PHE IA 85 26.53 102.94 55.10
N LYS IA 86 27.16 103.81 54.32
CA LYS IA 86 28.64 103.77 54.18
C LYS IA 86 29.28 104.62 55.29
N ALA IA 87 29.02 104.26 56.55
CA ALA IA 87 29.57 105.02 57.70
C ALA IA 87 30.52 104.12 58.50
N GLY IA 88 30.47 102.81 58.26
CA GLY IA 88 31.38 101.88 58.97
C GLY IA 88 32.82 102.07 58.53
N ALA IA 89 33.03 102.31 57.25
CA ALA IA 89 34.40 102.47 56.70
C ALA IA 89 35.08 103.70 57.31
N GLN IA 90 34.32 104.59 57.95
CA GLN IA 90 34.96 105.74 58.58
C GLN IA 90 36.07 105.30 59.52
N ILE IA 91 35.84 104.22 60.28
CA ILE IA 91 36.91 103.68 61.11
C ILE IA 91 37.98 103.04 60.22
N PHE IA 92 37.58 102.47 59.08
CA PHE IA 92 38.54 101.93 58.14
C PHE IA 92 39.21 103.00 57.30
N GLN IA 93 38.97 104.27 57.59
CA GLN IA 93 39.64 105.36 56.88
C GLN IA 93 41.13 105.37 57.22
N GLU IA 94 41.86 106.20 56.49
CA GLU IA 94 43.30 106.29 56.70
C GLU IA 94 43.64 106.81 58.09
N GLY IA 95 42.94 107.84 58.55
CA GLY IA 95 43.20 108.41 59.85
C GLY IA 95 42.19 108.00 60.90
N GLY IA 96 41.40 106.98 60.59
CA GLY IA 96 40.35 106.55 61.47
C GLY IA 96 39.11 107.43 61.37
N LEU IA 97 38.11 107.08 62.18
CA LEU IA 97 36.88 107.86 62.23
C LEU IA 97 37.16 109.19 62.92
N ASP IA 98 37.04 110.29 62.18
CA ASP IA 98 37.26 111.63 62.72
C ASP IA 98 35.93 112.37 62.72
N TYR IA 99 35.48 112.76 63.91
CA TYR IA 99 34.22 113.47 64.05
C TYR IA 99 34.26 114.80 63.29
N LEU IA 100 33.29 115.01 62.42
CA LEU IA 100 33.19 116.22 61.59
C LEU IA 100 34.45 116.44 60.75
N GLY IA 101 35.24 115.39 60.55
CA GLY IA 101 36.48 115.49 59.81
C GLY IA 101 37.64 116.06 60.58
N ASN IA 102 37.46 116.42 61.85
CA ASN IA 102 38.54 117.01 62.63
C ASN IA 102 39.53 115.93 63.05
N PRO IA 103 40.82 116.09 62.74
CA PRO IA 103 41.79 115.06 63.12
C PRO IA 103 41.90 114.83 64.62
N SER IA 104 41.52 115.80 65.44
CA SER IA 104 41.57 115.63 66.89
C SER IA 104 40.26 115.10 67.47
N LEU IA 105 39.14 115.35 66.79
CA LEU IA 105 37.83 114.93 67.30
C LEU IA 105 37.74 113.42 67.25
N ILE IA 106 37.72 112.80 68.44
CA ILE IA 106 37.62 111.35 68.60
C ILE IA 106 38.83 110.67 68.00
N HIS IA 107 38.93 110.69 66.68
CA HIS IA 107 40.05 110.13 65.95
C HIS IA 107 40.28 108.66 66.32
N ALA IA 108 39.23 107.86 66.14
CA ALA IA 108 39.26 106.45 66.51
C ALA IA 108 39.52 105.59 65.28
N GLN IA 109 40.55 104.77 65.33
CA GLN IA 109 40.88 103.82 64.27
C GLN IA 109 41.06 102.42 64.84
N SER IA 110 40.17 102.02 65.75
CA SER IA 110 40.18 100.68 66.35
C SER IA 110 38.73 100.18 66.40
N ILE IA 111 38.39 99.28 65.50
CA ILE IA 111 37.04 98.70 65.51
C ILE IA 111 36.83 97.89 66.78
N VAL IA 112 37.90 97.25 67.26
CA VAL IA 112 37.79 96.45 68.49
C VAL IA 112 37.38 97.33 69.66
N ALA IA 113 38.04 98.47 69.81
CA ALA IA 113 37.80 99.32 70.98
C ALA IA 113 36.41 99.96 70.92
N ILE IA 114 36.02 100.48 69.75
CA ILE IA 114 34.74 101.16 69.63
C ILE IA 114 33.60 100.17 69.81
N LEU IA 115 33.77 98.93 69.32
CA LEU IA 115 32.75 97.91 69.49
C LEU IA 115 32.74 97.38 70.92
N LEU IA 116 33.93 97.16 71.50
CA LEU IA 116 34.00 96.67 72.87
C LEU IA 116 33.40 97.67 73.84
N THR IA 117 33.73 98.95 73.68
CA THR IA 117 33.21 99.98 74.58
C THR IA 117 31.69 100.04 74.51
N GLN IA 118 31.13 99.97 73.30
CA GLN IA 118 29.69 100.00 73.14
C GLN IA 118 29.03 98.85 73.89
N LEU IA 119 29.63 97.66 73.83
CA LEU IA 119 29.09 96.52 74.57
C LEU IA 119 29.14 96.79 76.07
N VAL IA 120 30.21 97.43 76.55
CA VAL IA 120 30.28 97.81 77.96
C VAL IA 120 29.27 98.92 78.25
N LEU IA 121 29.23 99.94 77.39
CA LEU IA 121 28.36 101.09 77.64
C LEU IA 121 26.89 100.69 77.52
N MET IA 122 26.48 100.24 76.33
CA MET IA 122 25.08 99.89 76.13
C MET IA 122 24.67 98.70 77.00
N GLY IA 123 25.64 97.86 77.37
CA GLY IA 123 25.32 96.73 78.22
C GLY IA 123 24.78 97.15 79.57
N LEU IA 124 25.42 98.16 80.18
CA LEU IA 124 24.92 98.67 81.45
C LEU IA 124 23.63 99.45 81.27
N ILE IA 125 23.56 100.27 80.21
CA ILE IA 125 22.39 101.12 80.00
C ILE IA 125 21.13 100.27 79.87
N GLU IA 126 21.19 99.27 78.99
CA GLU IA 126 20.04 98.39 78.82
C GLU IA 126 19.79 97.57 80.06
N GLY IA 127 20.86 97.18 80.75
CA GLY IA 127 20.70 96.49 82.02
C GLY IA 127 20.04 97.36 83.08
N TYR IA 128 20.48 98.62 83.16
CA TYR IA 128 19.86 99.56 84.09
C TYR IA 128 18.42 99.84 83.71
N ARG IA 129 18.13 99.86 82.40
CA ARG IA 129 16.78 100.13 81.93
C ARG IA 129 15.79 99.07 82.41
N VAL IA 130 16.27 97.86 82.68
CA VAL IA 130 15.39 96.74 83.00
C VAL IA 130 15.28 96.53 84.51
N ASN IA 131 16.40 96.55 85.23
CA ASN IA 131 16.38 96.30 86.65
C ASN IA 131 16.29 97.57 87.48
N GLY IA 132 16.23 98.74 86.86
CA GLY IA 132 16.09 99.97 87.61
C GLY IA 132 17.33 100.35 88.39
N GLY IA 133 18.39 100.75 87.70
CA GLY IA 133 19.62 101.15 88.35
C GLY IA 133 19.54 102.53 88.96
N PRO IA 134 20.71 103.14 89.23
CA PRO IA 134 20.73 104.40 89.99
C PRO IA 134 19.95 105.54 89.37
N ALA IA 135 19.96 105.68 88.05
CA ALA IA 135 19.25 106.76 87.37
C ALA IA 135 17.78 106.39 87.25
N GLY IA 136 17.14 106.21 88.41
CA GLY IA 136 15.77 105.75 88.47
C GLY IA 136 15.67 104.28 88.81
N GLU IA 137 15.27 103.99 90.06
CA GLU IA 137 15.27 102.60 90.52
C GLU IA 137 13.89 101.97 90.46
N GLY IA 138 12.83 102.73 90.73
CA GLY IA 138 11.50 102.17 90.77
C GLY IA 138 10.49 102.90 89.92
N LEU IA 139 10.91 103.39 88.77
CA LEU IA 139 10.05 104.16 87.87
C LEU IA 139 9.32 103.19 86.95
N ASP IA 140 8.45 103.76 86.11
CA ASP IA 140 7.78 102.97 85.10
C ASP IA 140 8.80 102.48 84.07
N ALA IA 141 8.59 101.26 83.55
CA ALA IA 141 9.57 100.66 82.66
C ALA IA 141 9.61 101.40 81.33
N LEU IA 142 8.47 101.49 80.65
CA LEU IA 142 8.44 102.12 79.34
C LEU IA 142 8.55 103.64 79.45
N TYR IA 143 7.99 104.22 80.51
CA TYR IA 143 8.00 105.66 80.68
C TYR IA 143 8.63 106.02 82.02
N PRO IA 144 9.96 106.02 82.11
CA PRO IA 144 10.59 106.26 83.42
C PRO IA 144 10.42 107.68 83.93
N GLY IA 145 10.64 108.68 83.07
CA GLY IA 145 10.60 110.06 83.53
C GLY IA 145 11.64 110.31 84.58
N GLU IA 146 11.28 111.13 85.57
CA GLU IA 146 12.16 111.46 86.69
C GLU IA 146 13.49 112.00 86.19
N ALA IA 147 14.58 111.30 86.48
CA ALA IA 147 15.90 111.76 86.06
C ALA IA 147 16.04 111.81 84.54
N PHE IA 148 15.33 110.97 83.81
CA PHE IA 148 15.34 111.01 82.36
C PHE IA 148 14.36 112.03 81.79
N ASP IA 149 13.88 112.95 82.63
CA ASP IA 149 13.06 114.07 82.19
C ASP IA 149 13.57 115.36 82.84
N PRO IA 150 14.78 115.80 82.48
CA PRO IA 150 15.36 116.97 83.17
C PRO IA 150 14.56 118.24 83.00
N LEU IA 151 14.03 118.51 81.81
CA LEU IA 151 13.29 119.75 81.58
C LEU IA 151 11.89 119.70 82.19
N GLY IA 152 11.37 118.52 82.50
CA GLY IA 152 10.06 118.43 83.11
C GLY IA 152 8.95 118.98 82.24
N LEU IA 153 9.02 118.70 80.93
CA LEU IA 153 7.97 119.18 80.00
C LEU IA 153 6.64 118.51 80.39
N ALA IA 154 6.58 117.18 80.37
CA ALA IA 154 5.35 116.46 80.70
C ALA IA 154 5.26 116.26 82.22
N ASP IA 155 4.97 117.33 82.96
CA ASP IA 155 4.82 117.23 84.44
C ASP IA 155 3.32 117.27 84.78
N ASP IA 156 2.46 117.38 83.77
CA ASP IA 156 1.03 117.38 83.99
C ASP IA 156 0.43 116.14 83.34
N PRO IA 157 -0.35 115.31 84.07
CA PRO IA 157 -0.86 114.05 83.51
C PRO IA 157 -1.51 114.26 82.13
N ASP IA 158 -2.52 115.14 82.06
CA ASP IA 158 -3.23 115.40 80.80
C ASP IA 158 -2.21 115.66 79.68
N THR IA 159 -1.36 116.67 79.87
CA THR IA 159 -0.36 117.04 78.83
C THR IA 159 0.52 115.82 78.53
N PHE IA 160 1.03 115.15 79.56
CA PHE IA 160 1.95 114.00 79.37
C PHE IA 160 1.28 112.98 78.44
N ALA IA 161 0.01 112.67 78.70
CA ALA IA 161 -0.71 111.66 77.88
C ALA IA 161 -0.67 112.07 76.40
N GLU IA 162 -0.98 113.33 76.12
CA GLU IA 162 -0.99 113.80 74.70
C GLU IA 162 0.43 113.73 74.13
N LEU IA 163 1.43 114.12 74.92
CA LEU IA 163 2.84 114.11 74.44
C LEU IA 163 3.23 112.68 74.10
N LYS IA 164 2.72 111.71 74.87
CA LYS IA 164 3.00 110.28 74.61
C LYS IA 164 2.50 109.94 73.20
N VAL IA 165 1.27 110.35 72.87
CA VAL IA 165 0.70 110.09 71.52
C VAL IA 165 1.65 110.70 70.48
N LYS IA 166 2.15 111.91 70.75
CA LYS IA 166 3.07 112.60 69.80
C LYS IA 166 4.35 111.78 69.67
N GLU IA 167 4.89 111.30 70.80
CA GLU IA 167 6.15 110.51 70.78
C GLU IA 167 5.98 109.32 69.83
N LEU IA 168 4.84 108.64 69.91
CA LEU IA 168 4.60 107.45 69.06
C LEU IA 168 4.42 107.87 67.61
N LYS IA 169 3.61 108.90 67.36
CA LYS IA 169 3.33 109.32 65.99
C LYS IA 169 4.58 109.83 65.29
N ASN IA 170 5.39 110.63 65.99
CA ASN IA 170 6.70 110.98 65.45
C ASN IA 170 7.57 109.74 65.34
N GLY IA 171 7.53 108.87 66.35
CA GLY IA 171 8.33 107.66 66.32
C GLY IA 171 7.89 106.69 65.25
N ARG IA 172 6.58 106.45 65.12
CA ARG IA 172 6.09 105.56 64.09
C ARG IA 172 6.41 106.09 62.70
N LEU IA 173 6.36 107.42 62.56
CA LEU IA 173 6.74 108.04 61.27
C LEU IA 173 8.22 107.78 61.04
N ALA IA 174 9.04 107.90 62.10
CA ALA IA 174 10.47 107.67 61.97
C ALA IA 174 10.77 106.23 61.60
N MET IA 175 10.04 105.27 62.19
CA MET IA 175 10.31 103.87 61.91
C MET IA 175 10.10 103.53 60.44
N VAL IA 176 8.99 104.05 59.88
CA VAL IA 176 8.72 103.80 58.43
C VAL IA 176 9.78 104.55 57.61
N SER IA 177 10.23 105.70 58.10
CA SER IA 177 11.23 106.51 57.35
C SER IA 177 12.55 105.74 57.24
N MET IA 178 13.00 105.13 58.34
CA MET IA 178 14.24 104.30 58.31
C MET IA 178 14.07 103.21 57.26
N LEU IA 179 12.91 102.55 57.25
CA LEU IA 179 12.65 101.49 56.24
C LEU IA 179 12.91 102.08 54.85
N GLY IA 180 12.24 103.19 54.53
CA GLY IA 180 12.47 103.85 53.23
C GLY IA 180 13.95 103.96 52.92
N PHE IA 181 14.72 104.54 53.85
CA PHE IA 181 16.17 104.76 53.59
C PHE IA 181 16.82 103.43 53.18
N GLY IA 182 16.54 102.37 53.95
CA GLY IA 182 17.15 101.05 53.66
C GLY IA 182 16.74 100.53 52.30
N VAL IA 183 15.43 100.37 52.07
CA VAL IA 183 14.96 99.78 50.78
C VAL IA 183 15.57 100.59 49.64
N GLN IA 184 15.50 101.91 49.72
CA GLN IA 184 16.02 102.76 48.61
C GLN IA 184 17.54 102.60 48.53
N GLY IA 185 18.25 102.61 49.66
CA GLY IA 185 19.71 102.37 49.62
C GLY IA 185 20.04 101.08 48.88
N LEU IA 186 19.17 100.08 49.01
CA LEU IA 186 19.38 98.79 48.28
C LEU IA 186 19.02 99.01 46.80
N ILE IA 187 17.80 99.45 46.54
CA ILE IA 187 17.34 99.64 45.13
C ILE IA 187 18.27 100.65 44.46
N THR IA 188 18.56 101.77 45.12
CA THR IA 188 19.48 102.80 44.55
C THR IA 188 20.55 103.15 45.59
N ARG IA 189 21.81 102.91 45.26
CA ARG IA 189 22.92 103.10 46.24
C ARG IA 189 23.18 104.61 46.42
N LYS IA 190 22.25 105.31 47.09
CA LYS IA 190 22.40 106.78 47.29
C LYS IA 190 21.85 107.14 48.67
N GLY IA 191 22.41 108.19 49.30
CA GLY IA 191 21.87 108.66 50.59
C GLY IA 191 20.45 109.15 50.42
N PRO IA 192 19.56 108.98 51.43
CA PRO IA 192 18.15 109.36 51.27
C PRO IA 192 18.03 110.77 50.66
N ILE IA 193 18.85 111.71 51.11
CA ILE IA 193 18.78 113.11 50.61
C ILE IA 193 19.06 113.13 49.10
N GLU IA 194 20.09 112.40 48.67
CA GLU IA 194 20.43 112.35 47.23
C GLU IA 194 19.23 111.81 46.46
N ASN IA 195 18.56 110.79 47.01
CA ASN IA 195 17.33 110.26 46.38
C ASN IA 195 16.31 111.39 46.32
N LEU IA 196 16.06 112.03 47.47
CA LEU IA 196 15.11 113.17 47.51
C LEU IA 196 15.52 114.17 46.42
N ALA IA 197 16.81 114.47 46.34
CA ALA IA 197 17.29 115.48 45.36
C ALA IA 197 16.86 115.06 43.96
N ASP IA 198 16.95 113.75 43.65
CA ASP IA 198 16.50 113.26 42.33
C ASP IA 198 15.01 113.58 42.16
N HIS IA 199 14.20 113.25 43.17
CA HIS IA 199 12.74 113.50 43.08
C HIS IA 199 12.49 115.01 42.96
N LEU IA 200 13.28 115.82 43.66
CA LEU IA 200 13.13 117.30 43.53
C LEU IA 200 13.51 117.70 42.10
N ALA IA 201 14.65 117.20 41.62
CA ALA IA 201 15.12 117.57 40.26
C ALA IA 201 14.08 117.13 39.23
N ALA IA 202 13.55 115.92 39.36
CA ALA IA 202 12.52 115.42 38.42
C ALA IA 202 11.65 114.39 39.15
N PRO IA 203 10.44 114.76 39.61
CA PRO IA 203 9.59 113.82 40.36
C PRO IA 203 8.97 112.78 39.42
N ASP IA 204 9.25 112.88 38.11
CA ASP IA 204 8.64 111.94 37.13
C ASP IA 204 9.74 111.23 36.33
N ALA IA 205 11.00 111.61 36.56
CA ALA IA 205 12.13 110.92 35.90
C ALA IA 205 12.82 109.99 36.90
N THR IA 206 12.34 109.96 38.16
CA THR IA 206 13.04 109.17 39.20
C THR IA 206 12.09 108.13 39.80
N ASN IA 207 10.79 108.43 39.84
CA ASN IA 207 9.82 107.50 40.46
C ASN IA 207 10.27 106.06 40.20
N PHE IA 208 10.66 105.37 41.28
CA PHE IA 208 11.09 103.95 41.18
C PHE IA 208 10.20 103.22 40.17
N TRP IA 209 8.91 103.56 40.12
CA TRP IA 209 7.94 102.91 39.20
C TRP IA 209 8.50 102.91 37.77
N VAL IA 210 9.63 103.60 37.57
CA VAL IA 210 10.30 103.60 36.24
C VAL IA 210 11.80 103.36 36.50
N ASP IA 211 12.44 104.28 37.22
CA ASP IA 211 13.91 104.20 37.46
C ASP IA 211 14.36 102.74 37.68
N TYR IA 212 13.61 101.93 38.45
CA TYR IA 212 14.08 100.56 38.75
C TYR IA 212 12.92 99.58 38.76
N ALA IA 213 11.69 100.08 38.69
CA ALA IA 213 10.50 99.19 38.81
C ALA IA 213 10.56 98.05 37.80
N PRO IA 214 10.73 98.34 36.49
CA PRO IA 214 10.85 97.27 35.52
C PRO IA 214 12.30 96.79 35.54
N LYS IA 215 12.98 96.93 36.69
CA LYS IA 215 14.36 96.41 36.84
C LYS IA 215 14.42 95.57 38.12
N SER IA 216 13.42 94.73 38.34
CA SER IA 216 13.41 93.83 39.52
C SER IA 216 13.16 92.40 39.05
N ALA IA 217 12.91 92.23 37.76
CA ALA IA 217 12.70 90.88 37.20
C ALA IA 217 13.39 90.83 35.84
N GLY IA 218 13.73 89.65 35.35
CA GLY IA 218 14.33 89.50 34.01
C GLY IA 218 15.70 90.15 33.92
N ILE IA 219 15.80 91.42 34.32
CA ILE IA 219 17.08 92.17 34.21
C ILE IA 219 17.06 93.26 35.27
N GLY IA 220 18.24 93.70 35.72
CA GLY IA 220 18.27 94.68 36.82
C GLY IA 220 19.38 95.68 36.61
N TYR IA 221 19.36 96.76 37.38
CA TYR IA 221 20.44 97.77 37.32
C TYR IA 221 21.79 97.07 37.52
N GLU JA 1 -15.61 63.40 57.39
CA GLU JA 1 -14.37 63.29 56.64
C GLU JA 1 -13.56 64.58 56.75
N PHE JA 2 -14.26 65.71 56.81
CA PHE JA 2 -13.63 67.02 56.94
C PHE JA 2 -14.14 67.78 58.15
N TYR JA 3 -15.04 67.20 58.93
CA TYR JA 3 -15.56 67.83 60.14
C TYR JA 3 -15.67 66.79 61.24
N GLY JA 4 -15.65 67.28 62.48
CA GLY JA 4 -15.81 66.42 63.62
C GLY JA 4 -14.51 65.77 64.06
N PRO JA 5 -14.59 64.97 65.13
CA PRO JA 5 -13.36 64.38 65.69
C PRO JA 5 -12.68 63.34 64.80
N ASP JA 6 -13.35 62.82 63.77
CA ASP JA 6 -12.77 61.83 62.88
C ASP JA 6 -12.45 62.40 61.50
N ARG JA 7 -12.09 63.67 61.45
CA ARG JA 7 -11.75 64.31 60.19
C ARG JA 7 -10.36 63.91 59.73
N ALA JA 8 -10.08 64.16 58.45
CA ALA JA 8 -8.75 63.91 57.92
C ALA JA 8 -7.76 64.89 58.53
N LYS JA 9 -6.58 64.38 58.92
CA LYS JA 9 -5.58 65.24 59.58
C LYS JA 9 -4.38 65.45 58.66
N TRP JA 10 -3.39 66.22 59.11
CA TRP JA 10 -2.22 66.57 58.24
C TRP JA 10 -1.16 65.48 58.28
N LEU JA 11 -1.05 64.76 59.40
CA LEU JA 11 0.02 63.74 59.54
C LEU JA 11 -0.58 62.35 59.35
N GLY JA 12 -1.75 62.26 58.70
CA GLY JA 12 -2.37 60.95 58.42
C GLY JA 12 -2.44 60.08 59.65
N PRO JA 13 -1.98 58.81 59.59
CA PRO JA 13 -2.09 57.90 60.73
C PRO JA 13 -1.25 58.36 61.93
N PHE JA 14 -0.25 59.20 61.69
CA PHE JA 14 0.66 59.64 62.79
C PHE JA 14 0.17 60.95 63.40
N SER JA 15 -1.05 61.37 63.07
CA SER JA 15 -1.54 62.71 63.54
C SER JA 15 -2.39 62.55 64.80
N GLU JA 16 -2.83 61.34 65.12
CA GLU JA 16 -3.77 61.16 66.27
C GLU JA 16 -3.14 61.71 67.56
N GLY JA 17 -1.81 61.60 67.70
CA GLY JA 17 -1.16 62.04 68.95
C GLY JA 17 -0.66 63.47 68.87
N SER JA 18 -0.86 64.15 67.74
CA SER JA 18 -0.32 65.52 67.58
C SER JA 18 -1.38 66.44 66.94
N VAL JA 19 -2.54 66.61 67.60
CA VAL JA 19 -3.58 67.54 67.07
C VAL JA 19 -3.90 68.55 68.18
N PRO JA 20 -3.66 69.86 67.97
CA PRO JA 20 -3.89 70.87 69.02
C PRO JA 20 -5.34 70.76 69.53
N SER JA 21 -5.50 70.78 70.87
CA SER JA 21 -6.85 70.65 71.47
C SER JA 21 -7.81 71.69 70.89
N TYR JA 22 -7.33 72.92 70.70
CA TYR JA 22 -8.23 74.01 70.20
C TYR JA 22 -8.77 73.62 68.82
N LEU JA 23 -7.95 73.00 67.99
CA LEU JA 23 -8.44 72.52 66.66
C LEU JA 23 -9.38 71.33 66.89
N LYS JA 24 -10.65 71.61 67.21
CA LYS JA 24 -11.62 70.55 67.45
C LYS JA 24 -12.35 70.09 66.19
N GLY JA 25 -12.14 70.76 65.07
CA GLY JA 25 -12.81 70.40 63.84
C GLY JA 25 -14.14 71.10 63.65
N GLU JA 26 -14.13 72.42 63.83
CA GLU JA 26 -15.34 73.21 63.72
C GLU JA 26 -15.32 74.19 62.55
N PHE JA 27 -14.21 74.32 61.85
CA PHE JA 27 -14.05 75.28 60.78
C PHE JA 27 -13.48 74.60 59.55
N PRO JA 28 -13.69 75.18 58.36
CA PRO JA 28 -13.17 74.57 57.14
C PRO JA 28 -11.65 74.43 57.16
N GLY JA 29 -11.16 73.36 56.54
CA GLY JA 29 -9.74 73.14 56.43
C GLY JA 29 -9.03 72.91 57.75
N ASP JA 30 -9.67 72.19 58.67
CA ASP JA 30 -9.07 71.90 59.98
C ASP JA 30 -8.49 70.50 59.93
N TYR JA 31 -7.19 70.42 59.64
CA TYR JA 31 -6.50 69.09 59.63
C TYR JA 31 -5.73 68.93 60.94
N GLY JA 32 -5.99 69.82 61.90
CA GLY JA 32 -5.32 69.75 63.21
C GLY JA 32 -3.83 70.01 63.08
N TRP JA 33 -3.45 71.08 62.38
CA TRP JA 33 -2.01 71.36 62.16
C TRP JA 33 -1.61 72.70 62.76
N ASP JA 34 -1.34 72.74 64.07
CA ASP JA 34 -0.83 73.99 64.70
C ASP JA 34 0.36 73.60 65.59
N THR JA 35 1.44 73.12 64.96
CA THR JA 35 2.63 72.65 65.72
C THR JA 35 3.23 73.82 66.51
N ALA JA 36 3.20 75.03 65.96
CA ALA JA 36 3.81 76.19 66.63
C ALA JA 36 2.88 76.74 67.70
N GLY JA 37 1.64 76.22 67.76
CA GLY JA 37 0.65 76.71 68.74
C GLY JA 37 0.34 78.18 68.54
N LEU JA 38 0.41 78.66 67.29
CA LEU JA 38 0.15 80.09 66.99
C LEU JA 38 -1.34 80.40 67.20
N SER JA 39 -2.23 79.48 66.83
CA SER JA 39 -3.68 79.73 66.93
C SER JA 39 -4.23 79.21 68.26
N ALA JA 40 -3.37 79.13 69.29
CA ALA JA 40 -3.82 78.69 70.62
C ALA JA 40 -4.81 79.71 71.20
N ASP JA 41 -4.51 81.00 71.04
CA ASP JA 41 -5.44 82.06 71.53
C ASP JA 41 -6.69 82.08 70.65
N PRO JA 42 -7.90 81.97 71.23
CA PRO JA 42 -9.13 81.92 70.44
C PRO JA 42 -9.22 83.12 69.49
N GLU JA 43 -8.97 84.33 70.01
CA GLU JA 43 -9.06 85.53 69.19
C GLU JA 43 -8.04 85.50 68.06
N THR JA 44 -6.80 85.13 68.40
CA THR JA 44 -5.73 85.10 67.38
C THR JA 44 -6.10 84.07 66.29
N PHE JA 45 -6.63 82.92 66.71
CA PHE JA 45 -7.03 81.86 65.75
C PHE JA 45 -8.04 82.46 64.77
N ALA JA 46 -9.05 83.17 65.29
CA ALA JA 46 -10.09 83.75 64.42
C ALA JA 46 -9.47 84.74 63.43
N ARG JA 47 -8.62 85.64 63.93
CA ARG JA 47 -8.00 86.67 63.05
C ARG JA 47 -7.18 85.98 61.96
N TYR JA 48 -6.39 84.96 62.34
CA TYR JA 48 -5.59 84.20 61.35
C TYR JA 48 -6.54 83.50 60.36
N ARG JA 49 -7.54 82.80 60.89
CA ARG JA 49 -8.49 82.05 60.03
C ARG JA 49 -9.00 83.00 58.95
N GLU JA 50 -9.29 84.25 59.31
CA GLU JA 50 -9.74 85.25 58.30
C GLU JA 50 -8.61 85.48 57.30
N ILE JA 51 -7.40 85.72 57.81
CA ILE JA 51 -6.23 85.99 56.91
C ILE JA 51 -6.06 84.81 55.97
N GLU JA 52 -6.13 83.57 56.49
CA GLU JA 52 -5.91 82.41 55.64
C GLU JA 52 -6.89 82.39 54.47
N VAL JA 53 -8.15 82.71 54.73
CA VAL JA 53 -9.15 82.71 53.67
C VAL JA 53 -8.84 83.82 52.66
N ILE JA 54 -8.44 84.99 53.15
CA ILE JA 54 -8.18 86.12 52.25
C ILE JA 54 -6.93 85.85 51.41
N HIS JA 55 -5.84 85.42 52.06
CA HIS JA 55 -4.63 85.08 51.32
C HIS JA 55 -4.93 84.02 50.27
N ALA JA 56 -5.82 83.09 50.61
CA ALA JA 56 -6.17 81.99 49.68
C ALA JA 56 -6.89 82.55 48.45
N ARG JA 57 -7.97 83.29 48.64
CA ARG JA 57 -8.77 83.81 47.50
C ARG JA 57 -7.87 84.68 46.61
N TRP JA 58 -7.08 85.58 47.20
CA TRP JA 58 -6.13 86.36 46.37
C TRP JA 58 -5.29 85.41 45.55
N ALA JA 59 -4.77 84.35 46.17
CA ALA JA 59 -3.90 83.38 45.47
C ALA JA 59 -4.70 82.69 44.36
N MET JA 60 -5.88 82.19 44.68
CA MET JA 60 -6.71 81.50 43.68
C MET JA 60 -6.92 82.38 42.46
N LEU JA 61 -7.16 83.67 42.66
CA LEU JA 61 -7.16 84.61 41.54
C LEU JA 61 -5.77 84.71 40.93
N GLY JA 62 -4.75 84.77 41.78
CA GLY JA 62 -3.36 84.93 41.28
C GLY JA 62 -2.96 83.79 40.35
N ALA JA 63 -3.36 82.56 40.68
CA ALA JA 63 -2.93 81.39 39.87
C ALA JA 63 -3.31 81.62 38.40
N LEU JA 64 -4.60 81.77 38.12
CA LEU JA 64 -5.07 81.98 36.72
C LEU JA 64 -4.43 83.27 36.19
N GLY JA 65 -4.45 84.34 36.99
CA GLY JA 65 -3.90 85.63 36.54
C GLY JA 65 -2.46 85.50 36.08
N CYS JA 66 -1.67 84.66 36.75
CA CYS JA 66 -0.23 84.53 36.42
C CYS JA 66 -0.04 83.61 35.22
N LEU JA 67 -1.04 82.76 34.91
CA LEU JA 67 -0.85 81.77 33.81
C LEU JA 67 -1.70 82.13 32.59
N THR JA 68 -2.81 82.84 32.78
CA THR JA 68 -3.74 83.14 31.65
C THR JA 68 -3.00 83.89 30.53
N PRO JA 69 -2.30 85.01 30.80
CA PRO JA 69 -1.68 85.80 29.73
C PRO JA 69 -0.71 84.95 28.88
N GLU JA 70 0.25 84.29 29.53
CA GLU JA 70 1.25 83.49 28.78
C GLU JA 70 0.55 82.34 28.06
N LEU JA 71 -0.44 81.73 28.70
CA LEU JA 71 -1.20 80.60 28.08
C LEU JA 71 -1.82 81.08 26.78
N LEU JA 72 -2.56 82.18 26.80
CA LEU JA 72 -3.26 82.67 25.57
C LEU JA 72 -2.22 82.85 24.47
N GLN JA 73 -1.16 83.63 24.73
CA GLN JA 73 -0.15 83.92 23.68
C GLN JA 73 0.36 82.59 23.12
N ASN JA 74 0.64 81.62 24.00
CA ASN JA 74 1.12 80.28 23.56
C ASN JA 74 -0.01 79.53 22.88
N ASN JA 75 -1.25 79.66 23.40
CA ASN JA 75 -2.41 78.92 22.84
C ASN JA 75 -2.59 79.30 21.37
N GLY JA 76 -1.88 80.31 20.91
CA GLY JA 76 -2.03 80.76 19.51
C GLY JA 76 -3.16 81.77 19.40
N ALA JA 77 -3.61 82.30 20.54
CA ALA JA 77 -4.67 83.33 20.54
C ALA JA 77 -4.12 84.59 21.22
N ALA JA 78 -4.28 85.76 20.57
CA ALA JA 78 -3.84 87.03 21.16
C ALA JA 78 -2.31 87.10 21.20
N ASP JA 79 -1.76 88.18 21.76
CA ASP JA 79 -0.29 88.35 21.86
C ASP JA 79 0.00 89.22 23.09
N PHE JA 80 1.15 89.00 23.74
CA PHE JA 80 1.46 89.73 24.97
C PHE JA 80 2.92 90.14 25.09
N GLY JA 81 3.85 89.41 24.50
CA GLY JA 81 5.26 89.74 24.68
C GLY JA 81 5.69 89.48 26.12
N GLU JA 82 6.30 90.48 26.75
CA GLU JA 82 6.72 90.34 28.13
C GLU JA 82 5.51 90.20 29.06
N ALA JA 83 4.34 90.60 28.58
CA ALA JA 83 3.13 90.50 29.40
C ALA JA 83 2.75 89.05 29.67
N ALA JA 84 3.25 88.11 28.87
CA ALA JA 84 2.99 86.70 29.12
C ALA JA 84 3.59 86.28 30.46
N VAL JA 85 4.84 86.67 30.71
CA VAL JA 85 5.51 86.33 31.95
C VAL JA 85 4.88 87.12 33.10
N TRP JA 86 4.26 86.40 34.02
CA TRP JA 86 3.52 87.08 35.13
C TRP JA 86 4.47 87.97 35.93
N PHE JA 87 5.76 87.63 35.99
CA PHE JA 87 6.66 88.42 36.85
C PHE JA 87 7.27 89.58 36.07
N LYS JA 88 7.01 89.63 34.76
CA LYS JA 88 7.53 90.72 33.91
C LYS JA 88 6.35 91.52 33.35
N ALA JA 89 5.13 91.09 33.65
CA ALA JA 89 3.95 91.77 33.07
C ALA JA 89 3.62 92.95 33.99
N GLY JA 90 4.66 93.57 34.54
CA GLY JA 90 4.48 94.71 35.45
C GLY JA 90 5.11 95.94 34.86
N ALA JA 91 5.52 95.85 33.60
CA ALA JA 91 6.05 97.04 32.90
C ALA JA 91 5.19 97.22 31.65
N SER JA 92 4.30 96.26 31.38
CA SER JA 92 3.54 96.35 30.10
C SER JA 92 2.96 97.77 29.95
N ILE JA 93 2.33 98.29 31.01
CA ILE JA 93 1.80 99.69 30.97
C ILE JA 93 2.97 100.66 30.83
N PHE JA 94 4.01 100.49 31.64
CA PHE JA 94 5.21 101.38 31.58
C PHE JA 94 5.88 101.23 30.21
N ASN JA 95 5.51 100.19 29.45
CA ASN JA 95 6.16 99.92 28.14
C ASN JA 95 5.53 100.79 27.06
N GLU JA 96 5.57 102.12 27.22
CA GLU JA 96 5.04 103.05 26.19
C GLU JA 96 3.70 102.54 25.65
N ASP JA 97 3.71 101.95 24.45
CA ASP JA 97 2.45 101.44 23.83
C ASP JA 97 1.49 101.02 24.94
N GLY JA 98 0.25 101.51 24.89
CA GLY JA 98 -0.74 101.20 25.95
C GLY JA 98 -0.62 99.76 26.44
N LEU JA 99 -0.84 99.54 27.73
CA LEU JA 99 -0.83 98.16 28.27
C LEU JA 99 -1.77 97.33 27.41
N ASN JA 100 -2.89 97.94 26.96
CA ASN JA 100 -3.85 97.23 26.10
C ASN JA 100 -4.45 96.06 26.88
N TYR JA 101 -4.75 94.97 26.18
CA TYR JA 101 -5.39 93.81 26.83
C TYR JA 101 -5.64 92.74 25.78
N LEU JA 102 -5.42 91.47 26.13
CA LEU JA 102 -5.58 90.39 25.11
C LEU JA 102 -4.95 90.87 23.80
N GLY JA 103 -3.92 91.72 23.89
CA GLY JA 103 -3.25 92.23 22.68
C GLY JA 103 -4.18 93.06 21.81
N ASN JA 104 -5.01 93.91 22.43
CA ASN JA 104 -5.94 94.80 21.67
C ASN JA 104 -5.76 96.23 22.16
N PRO JA 105 -5.04 97.10 21.42
CA PRO JA 105 -4.81 98.49 21.84
C PRO JA 105 -6.13 99.26 21.98
N SER JA 106 -7.18 98.78 21.30
CA SER JA 106 -8.51 99.43 21.39
C SER JA 106 -9.04 99.31 22.82
N LEU JA 107 -8.29 98.63 23.70
CA LEU JA 107 -8.77 98.39 25.09
C LEU JA 107 -8.10 99.38 26.05
N ILE JA 108 -7.83 98.94 27.29
CA ILE JA 108 -7.26 99.84 28.32
C ILE JA 108 -6.19 100.74 27.68
N HIS JA 109 -5.27 100.16 26.93
CA HIS JA 109 -4.16 100.96 26.32
C HIS JA 109 -3.54 101.83 27.41
N ALA JA 110 -3.43 101.31 28.63
CA ALA JA 110 -2.91 102.11 29.76
C ALA JA 110 -1.42 102.40 29.56
N GLN JA 111 -1.00 103.64 29.80
CA GLN JA 111 0.45 103.97 29.73
C GLN JA 111 0.86 104.68 31.02
N SER JA 112 -0.07 105.43 31.62
CA SER JA 112 0.22 106.18 32.87
C SER JA 112 0.29 105.23 34.06
N ILE JA 113 1.50 104.86 34.49
CA ILE JA 113 1.66 103.95 35.65
C ILE JA 113 1.08 104.63 36.89
N VAL JA 114 1.24 105.95 37.00
CA VAL JA 114 0.75 106.69 38.19
C VAL JA 114 -0.79 106.64 38.20
N ALA JA 115 -1.40 106.58 37.02
CA ALA JA 115 -2.88 106.49 36.95
C ALA JA 115 -3.36 105.21 37.66
N VAL JA 116 -3.08 104.05 37.05
CA VAL JA 116 -3.56 102.75 37.64
C VAL JA 116 -3.19 102.71 39.12
N LEU JA 117 -2.02 103.22 39.49
CA LEU JA 117 -1.56 103.15 40.90
C LEU JA 117 -2.55 103.89 41.81
N LEU JA 118 -2.79 105.17 41.54
CA LEU JA 118 -3.69 105.98 42.41
C LEU JA 118 -5.08 105.37 42.39
N THR JA 119 -5.68 105.25 41.20
CA THR JA 119 -7.05 104.69 41.08
C THR JA 119 -7.13 103.43 41.94
N GLN JA 120 -6.10 102.58 41.87
CA GLN JA 120 -6.10 101.30 42.64
C GLN JA 120 -6.31 101.60 44.13
N LEU JA 121 -5.46 102.44 44.70
CA LEU JA 121 -5.57 102.77 46.14
C LEU JA 121 -7.00 103.20 46.45
N VAL JA 122 -7.58 104.04 45.59
CA VAL JA 122 -8.94 104.58 45.85
C VAL JA 122 -9.98 103.46 45.74
N ILE JA 123 -9.96 102.75 44.61
CA ILE JA 123 -11.00 101.71 44.37
C ILE JA 123 -10.85 100.59 45.39
N MET JA 124 -9.68 99.96 45.48
CA MET JA 124 -9.53 98.79 46.39
C MET JA 124 -9.72 99.24 47.84
N GLY JA 125 -9.06 100.31 48.25
CA GLY JA 125 -9.20 100.82 49.63
C GLY JA 125 -10.64 100.78 50.10
N ALA JA 126 -11.54 101.36 49.31
CA ALA JA 126 -12.96 101.25 49.66
C ALA JA 126 -13.30 99.76 49.83
N ALA JA 127 -13.33 99.02 48.73
CA ALA JA 127 -13.74 97.59 48.78
C ALA JA 127 -13.10 96.88 49.98
N GLU JA 128 -11.93 97.34 50.42
CA GLU JA 128 -11.26 96.71 51.59
C GLU JA 128 -11.91 97.25 52.87
N ALA JA 129 -12.26 98.53 52.87
CA ALA JA 129 -12.91 99.15 54.05
C ALA JA 129 -14.24 98.45 54.32
N TYR JA 130 -15.01 98.17 53.28
CA TYR JA 130 -16.27 97.42 53.54
C TYR JA 130 -15.86 96.05 54.08
N ARG JA 131 -14.96 95.39 53.38
CA ARG JA 131 -14.57 94.03 53.82
C ARG JA 131 -14.14 94.11 55.29
N TYR JA 132 -13.42 95.17 55.67
CA TYR JA 132 -12.93 95.31 57.07
C TYR JA 132 -14.12 95.51 58.01
N SER JA 133 -15.13 96.27 57.57
CA SER JA 133 -16.31 96.53 58.42
C SER JA 133 -17.59 96.33 57.60
N GLY JA 134 -18.46 95.40 58.02
CA GLY JA 134 -19.74 95.18 57.32
C GLY JA 134 -20.39 96.50 56.93
N GLU JA 135 -20.93 96.59 55.72
CA GLU JA 135 -21.51 97.88 55.25
C GLU JA 135 -22.90 97.65 54.62
N GLY JA 136 -23.74 98.68 54.62
CA GLY JA 136 -25.10 98.56 54.07
C GLY JA 136 -25.11 98.15 52.61
N PRO JA 137 -24.29 98.73 51.70
CA PRO JA 137 -24.36 98.39 50.30
C PRO JA 137 -24.53 96.87 50.21
N VAL JA 138 -23.70 96.14 50.95
CA VAL JA 138 -23.75 94.66 50.87
C VAL JA 138 -25.16 94.19 51.25
N GLU JA 139 -25.86 93.53 50.32
CA GLU JA 139 -27.22 93.01 50.61
C GLU JA 139 -27.12 91.93 51.68
N THR JA 140 -26.14 91.04 51.57
CA THR JA 140 -26.00 89.93 52.55
C THR JA 140 -24.62 90.00 53.21
N SER JA 141 -24.53 90.63 54.38
CA SER JA 141 -23.23 90.80 55.06
C SER JA 141 -22.99 89.65 56.05
N GLY JA 142 -23.98 89.33 56.88
CA GLY JA 142 -23.82 88.26 57.88
C GLY JA 142 -22.40 88.23 58.44
N ASP JA 143 -21.70 87.10 58.27
CA ASP JA 143 -20.28 87.01 58.71
C ASP JA 143 -19.39 87.67 57.67
N SER JA 144 -18.39 88.44 58.11
CA SER JA 144 -17.49 89.15 57.17
C SER JA 144 -16.76 88.16 56.27
N LEU JA 145 -16.29 87.04 56.83
CA LEU JA 145 -15.51 86.06 56.04
C LEU JA 145 -16.37 85.47 54.92
N TYR JA 146 -17.69 85.38 55.12
CA TYR JA 146 -18.55 84.71 54.11
C TYR JA 146 -19.82 85.53 53.83
N PRO JA 147 -19.73 86.70 53.17
CA PRO JA 147 -20.93 87.46 52.81
C PRO JA 147 -21.77 86.61 51.84
N GLY JA 148 -23.10 86.62 51.98
CA GLY JA 148 -23.95 85.75 51.14
C GLY JA 148 -24.42 86.41 49.86
N GLY JA 149 -25.71 86.29 49.54
CA GLY JA 149 -26.28 86.86 48.31
C GLY JA 149 -25.45 87.97 47.69
N PHE JA 150 -25.26 89.08 48.41
CA PHE JA 150 -24.55 90.24 47.81
C PHE JA 150 -23.37 89.73 46.99
N PHE JA 151 -22.57 88.82 47.56
CA PHE JA 151 -21.43 88.23 46.81
C PHE JA 151 -21.85 86.86 46.26
N ASP JA 152 -22.73 86.16 46.98
CA ASP JA 152 -23.22 84.84 46.50
C ASP JA 152 -24.28 85.09 45.42
N PRO JA 153 -23.91 85.68 44.27
CA PRO JA 153 -24.91 86.01 43.25
C PRO JA 153 -25.67 84.78 42.74
N LEU JA 154 -24.94 83.70 42.40
CA LEU JA 154 -25.58 82.48 41.86
C LEU JA 154 -26.27 81.73 43.00
N GLY JA 155 -26.03 82.14 44.25
CA GLY JA 155 -26.69 81.51 45.40
C GLY JA 155 -26.34 80.04 45.53
N LEU JA 156 -25.09 79.68 45.22
CA LEU JA 156 -24.65 78.27 45.33
C LEU JA 156 -24.47 77.91 46.80
N ALA JA 157 -24.30 78.92 47.66
CA ALA JA 157 -24.12 78.68 49.11
C ALA JA 157 -25.46 78.70 49.83
N ASP JA 158 -26.56 78.89 49.08
CA ASP JA 158 -27.91 78.98 49.69
C ASP JA 158 -28.19 77.70 50.49
N ASP JA 159 -27.82 76.54 49.94
CA ASP JA 159 -28.00 75.26 50.67
C ASP JA 159 -27.00 75.22 51.83
N PRO JA 160 -27.46 75.14 53.11
CA PRO JA 160 -26.55 75.18 54.25
C PRO JA 160 -25.55 74.00 54.28
N ASP JA 161 -26.05 72.78 54.08
CA ASP JA 161 -25.17 71.59 54.16
C ASP JA 161 -24.06 71.72 53.10
N THR JA 162 -24.43 72.13 51.88
CA THR JA 162 -23.43 72.28 50.79
C THR JA 162 -22.42 73.35 51.20
N LEU JA 163 -22.88 74.42 51.86
CA LEU JA 163 -21.96 75.54 52.23
C LEU JA 163 -20.77 74.96 52.99
N ALA JA 164 -21.03 74.12 53.99
CA ALA JA 164 -19.92 73.48 54.75
C ALA JA 164 -18.97 72.79 53.76
N GLU JA 165 -19.44 71.73 53.11
CA GLU JA 165 -18.61 71.03 52.13
C GLU JA 165 -17.98 72.01 51.14
N LEU JA 166 -18.74 73.00 50.69
CA LEU JA 166 -18.22 73.95 49.72
C LEU JA 166 -17.15 74.83 50.34
N LYS JA 167 -17.32 75.21 51.60
CA LYS JA 167 -16.30 76.02 52.27
C LYS JA 167 -14.99 75.25 52.40
N VAL JA 168 -15.07 73.95 52.69
CA VAL JA 168 -13.87 73.12 52.73
C VAL JA 168 -13.22 73.08 51.36
N LYS JA 169 -14.02 72.96 50.30
CA LYS JA 169 -13.47 72.98 48.95
C LYS JA 169 -12.84 74.34 48.64
N GLU JA 170 -13.37 75.41 49.22
CA GLU JA 170 -12.82 76.73 48.96
C GLU JA 170 -11.41 76.86 49.53
N ILE JA 171 -11.23 76.50 50.80
CA ILE JA 171 -9.94 76.66 51.44
C ILE JA 171 -8.91 75.69 50.86
N LYS JA 172 -9.36 74.48 50.51
CA LYS JA 172 -8.43 73.47 50.00
C LYS JA 172 -7.94 73.82 48.61
N ASN JA 173 -8.86 74.23 47.72
CA ASN JA 173 -8.41 74.79 46.45
C ASN JA 173 -7.60 76.06 46.68
N GLY JA 174 -7.96 76.82 47.71
CA GLY JA 174 -7.19 78.02 48.04
C GLY JA 174 -5.79 77.70 48.53
N ARG JA 175 -5.68 76.72 49.44
CA ARG JA 175 -4.36 76.35 49.97
C ARG JA 175 -3.48 75.79 48.86
N LEU JA 176 -4.05 75.00 47.96
CA LEU JA 176 -3.30 74.51 46.82
C LEU JA 176 -2.82 75.67 45.96
N ALA JA 177 -3.67 76.67 45.75
CA ALA JA 177 -3.27 77.86 45.00
C ALA JA 177 -2.17 78.62 45.74
N MET JA 178 -2.31 78.78 47.06
CA MET JA 178 -1.29 79.46 47.83
C MET JA 178 0.04 78.73 47.73
N PHE JA 179 0.01 77.40 47.81
CA PHE JA 179 1.24 76.62 47.69
C PHE JA 179 1.85 76.78 46.31
N SER JA 180 1.03 76.79 45.26
CA SER JA 180 1.54 76.94 43.90
C SER JA 180 2.00 78.37 43.64
N MET JA 181 1.30 79.35 44.24
CA MET JA 181 1.72 80.73 44.10
C MET JA 181 3.10 80.95 44.72
N PHE JA 182 3.34 80.35 45.88
CA PHE JA 182 4.68 80.39 46.46
C PHE JA 182 5.66 79.67 45.56
N GLY JA 183 5.17 78.69 44.81
CA GLY JA 183 6.03 77.98 43.84
C GLY JA 183 6.39 78.90 42.69
N PHE JA 184 5.39 79.49 42.05
CA PHE JA 184 5.60 80.42 40.91
C PHE JA 184 6.64 81.47 41.31
N PHE JA 185 6.59 81.90 42.56
CA PHE JA 185 7.53 82.94 43.01
C PHE JA 185 8.93 82.37 43.00
N VAL JA 186 9.18 81.38 43.86
CA VAL JA 186 10.51 80.81 43.98
C VAL JA 186 11.01 80.32 42.63
N GLN JA 187 10.11 79.65 41.93
CA GLN JA 187 10.49 79.09 40.61
C GLN JA 187 11.07 80.23 39.77
N GLY JA 188 10.44 81.40 39.81
CA GLY JA 188 10.91 82.54 39.02
C GLY JA 188 12.21 83.10 39.53
N LEU JA 189 12.31 83.32 40.84
CA LEU JA 189 13.53 83.94 41.39
C LEU JA 189 14.72 83.04 41.09
N VAL JA 190 14.49 81.74 40.86
CA VAL JA 190 15.62 80.79 40.61
C VAL JA 190 15.75 80.53 39.12
N THR JA 191 14.70 80.02 38.47
CA THR JA 191 14.85 79.66 37.05
C THR JA 191 14.89 80.94 36.24
N GLY JA 192 14.04 81.91 36.58
CA GLY JA 192 14.00 83.17 35.84
C GLY JA 192 13.24 83.00 34.54
N LYS JA 193 12.40 81.97 34.46
CA LYS JA 193 11.59 81.77 33.23
C LYS JA 193 10.11 81.62 33.62
N SER JA 194 9.25 81.45 32.62
CA SER JA 194 7.79 81.35 32.89
C SER JA 194 7.47 80.06 33.65
N PRO JA 195 6.43 80.02 34.50
CA PRO JA 195 6.02 78.79 35.17
C PRO JA 195 5.71 77.73 34.10
N LEU JA 196 5.02 78.15 33.03
CA LEU JA 196 4.70 77.21 31.92
C LEU JA 196 6.02 76.73 31.30
N GLU JA 197 6.96 77.65 31.09
CA GLU JA 197 8.29 77.27 30.54
C GLU JA 197 8.92 76.22 31.46
N ASN JA 198 8.89 76.49 32.76
CA ASN JA 198 9.48 75.55 33.73
C ASN JA 198 8.85 74.18 33.46
N LEU JA 199 7.52 74.12 33.35
CA LEU JA 199 6.85 72.86 33.08
C LEU JA 199 7.38 72.22 31.80
N ALA JA 200 7.67 73.04 30.78
CA ALA JA 200 8.20 72.51 29.54
C ALA JA 200 9.56 71.87 29.74
N ASP JA 201 10.39 72.46 30.60
CA ASP JA 201 11.71 71.90 30.88
C ASP JA 201 11.59 70.54 31.56
N HIS JA 202 10.73 70.44 32.58
CA HIS JA 202 10.54 69.16 33.26
C HIS JA 202 9.98 68.12 32.29
N LEU JA 203 9.04 68.54 31.44
CA LEU JA 203 8.48 67.60 30.47
C LEU JA 203 9.53 67.17 29.44
N ALA JA 204 10.53 68.01 29.21
CA ALA JA 204 11.58 67.67 28.24
C ALA JA 204 12.53 66.62 28.81
N GLU JA 205 13.24 66.96 29.88
CA GLU JA 205 14.17 66.05 30.54
C GLU JA 205 13.87 66.02 32.03
N PRO JA 206 12.88 65.23 32.43
CA PRO JA 206 12.47 65.24 33.85
C PRO JA 206 13.60 64.90 34.82
N SER JA 207 14.51 64.02 34.41
CA SER JA 207 15.59 63.59 35.33
C SER JA 207 16.67 64.65 35.38
N VAL JA 208 16.86 65.37 34.28
CA VAL JA 208 17.90 66.41 34.23
C VAL JA 208 17.34 67.77 34.64
N ASN JA 209 16.18 68.13 34.10
CA ASN JA 209 15.58 69.44 34.36
C ASN JA 209 14.72 69.33 35.61
N ASN JA 210 15.25 69.81 36.73
CA ASN JA 210 14.50 69.83 37.98
C ASN JA 210 15.15 70.85 38.89
N GLY JA 211 14.61 70.97 40.11
CA GLY JA 211 15.08 71.98 41.03
C GLY JA 211 16.54 71.83 41.37
N PHE JA 212 17.04 70.60 41.41
CA PHE JA 212 18.43 70.37 41.76
C PHE JA 212 19.38 70.74 40.63
N ALA JA 213 18.87 70.98 39.42
CA ALA JA 213 19.74 71.40 38.32
C ALA JA 213 20.35 72.75 38.61
N SER JA 214 19.58 73.67 39.18
CA SER JA 214 20.04 74.99 39.58
C SER JA 214 20.36 75.07 41.06
N ALA JA 215 20.73 73.94 41.68
CA ALA JA 215 20.99 73.93 43.12
C ALA JA 215 22.22 74.75 43.46
N THR JA 216 23.25 74.70 42.61
CA THR JA 216 24.49 75.43 42.84
C THR JA 216 24.43 76.86 42.33
N LYS JA 217 23.25 77.34 41.96
CA LYS JA 217 23.15 78.68 41.35
C LYS JA 217 23.58 79.77 42.31
N PHE JA 218 23.22 79.64 43.59
CA PHE JA 218 23.53 80.74 44.54
C PHE JA 218 24.70 80.35 45.43
N LEU JA 219 25.56 79.45 44.97
CA LEU JA 219 26.75 79.07 45.79
C LEU JA 219 27.39 80.36 46.29
N PRO JA 220 27.73 80.48 47.60
CA PRO JA 220 28.41 81.68 48.12
C PRO JA 220 29.87 81.67 47.66
N LEU JA 221 30.10 81.66 46.35
CA LEU JA 221 31.49 81.61 45.81
C LEU JA 221 32.27 82.83 46.31
N PRO JA 222 33.56 82.69 46.68
CA PRO JA 222 34.38 83.83 47.10
C PRO JA 222 34.73 84.73 45.91
N GLU KA 1 -56.04 0.23 -10.70
CA GLU KA 1 -57.02 0.89 -11.57
C GLU KA 1 -56.42 1.22 -12.92
N SER KA 2 -55.17 1.70 -12.90
CA SER KA 2 -54.48 2.10 -14.15
C SER KA 2 -54.26 0.88 -15.05
N THR KA 3 -54.85 0.89 -16.26
CA THR KA 3 -54.71 -0.26 -17.19
C THR KA 3 -54.00 0.19 -18.48
N SER KA 4 -54.30 1.40 -18.95
CA SER KA 4 -53.66 1.93 -20.19
C SER KA 4 -52.14 1.96 -20.02
N LEU KA 5 -51.40 1.69 -21.08
CA LEU KA 5 -49.91 1.74 -21.02
C LEU KA 5 -49.48 3.13 -20.55
N TRP KA 6 -49.98 4.18 -21.19
CA TRP KA 6 -49.58 5.56 -20.83
C TRP KA 6 -49.97 5.86 -19.39
N ALA KA 7 -51.20 5.48 -19.00
CA ALA KA 7 -51.66 5.71 -17.61
C ALA KA 7 -50.71 5.00 -16.65
N ARG KA 8 -50.33 3.77 -16.97
CA ARG KA 8 -49.41 3.00 -16.09
C ARG KA 8 -48.01 3.62 -16.17
N PHE KA 9 -47.59 4.07 -17.35
CA PHE KA 9 -46.30 4.72 -17.47
C PHE KA 9 -46.26 6.04 -16.71
N CYS KA 10 -47.32 6.84 -16.84
CA CYS KA 10 -47.34 8.12 -16.15
C CYS KA 10 -47.41 7.93 -14.64
N GLU KA 11 -48.01 6.84 -14.18
CA GLU KA 11 -48.01 6.54 -12.75
C GLU KA 11 -46.62 6.16 -12.25
N TRP KA 12 -45.87 5.43 -13.08
CA TRP KA 12 -44.51 5.05 -12.69
C TRP KA 12 -43.58 6.26 -12.70
N VAL KA 13 -43.72 7.13 -13.70
CA VAL KA 13 -42.82 8.28 -13.80
C VAL KA 13 -43.02 9.21 -12.61
N THR KA 14 -44.27 9.48 -12.25
CA THR KA 14 -44.58 10.39 -11.17
C THR KA 14 -44.64 9.71 -9.81
N SER KA 15 -44.30 8.43 -9.74
CA SER KA 15 -44.34 7.71 -8.47
C SER KA 15 -43.32 8.26 -7.50
N THR KA 16 -43.73 8.45 -6.25
CA THR KA 16 -42.83 8.84 -5.18
C THR KA 16 -42.27 7.65 -4.43
N GLU KA 17 -42.53 6.44 -4.90
CA GLU KA 17 -42.00 5.24 -4.29
C GLU KA 17 -40.71 4.78 -4.94
N ASN KA 18 -40.23 5.49 -5.95
CA ASN KA 18 -38.94 5.18 -6.56
C ASN KA 18 -37.81 5.67 -5.67
N ARG KA 19 -36.71 4.93 -5.68
CA ARG KA 19 -35.56 5.30 -4.86
C ARG KA 19 -35.09 6.71 -5.18
N LEU KA 20 -34.93 7.00 -6.47
CA LEU KA 20 -34.69 8.36 -6.94
C LEU KA 20 -35.89 8.79 -7.75
N TYR KA 21 -36.40 9.98 -7.47
CA TYR KA 21 -37.62 10.44 -8.11
C TYR KA 21 -37.35 10.76 -9.57
N ILE KA 22 -37.92 9.99 -10.47
CA ILE KA 22 -38.06 10.41 -11.85
C ILE KA 22 -39.26 11.35 -11.92
N GLY KA 23 -39.23 12.28 -12.87
CA GLY KA 23 -40.38 13.12 -13.10
C GLY KA 23 -40.47 13.36 -14.59
N TRP KA 24 -41.41 14.22 -14.97
CA TRP KA 24 -41.42 14.65 -16.37
C TRP KA 24 -40.18 15.47 -16.67
N PHE KA 25 -39.67 16.22 -15.69
CA PHE KA 25 -38.35 16.80 -15.84
C PHE KA 25 -37.26 15.75 -15.74
N GLY KA 26 -37.54 14.63 -15.09
CA GLY KA 26 -36.57 13.56 -14.99
C GLY KA 26 -36.36 12.82 -16.30
N VAL KA 27 -37.40 12.72 -17.12
CA VAL KA 27 -37.23 12.13 -18.44
C VAL KA 27 -36.43 13.04 -19.37
N LEU KA 28 -36.24 14.30 -18.98
CA LEU KA 28 -35.30 15.19 -19.65
C LEU KA 28 -33.96 15.23 -18.95
N MET KA 29 -33.96 15.19 -17.62
CA MET KA 29 -32.72 15.31 -16.86
C MET KA 29 -31.83 14.09 -17.05
N ILE KA 30 -32.40 12.90 -16.91
CA ILE KA 30 -31.61 11.67 -16.92
C ILE KA 30 -30.90 11.46 -18.26
N PRO KA 31 -31.58 11.52 -19.41
CA PRO KA 31 -30.85 11.32 -20.68
C PRO KA 31 -29.81 12.39 -20.98
N THR KA 32 -30.11 13.65 -20.67
CA THR KA 32 -29.15 14.72 -20.95
C THR KA 32 -27.95 14.63 -20.01
N LEU KA 33 -28.19 14.41 -18.72
CA LEU KA 33 -27.09 14.36 -17.77
C LEU KA 33 -26.25 13.11 -17.94
N LEU KA 34 -26.87 11.99 -18.34
CA LEU KA 34 -26.08 10.80 -18.62
C LEU KA 34 -25.26 10.96 -19.88
N THR KA 35 -25.79 11.66 -20.88
CA THR KA 35 -25.04 11.93 -22.10
C THR KA 35 -23.84 12.82 -21.81
N ALA KA 36 -24.07 13.90 -21.06
CA ALA KA 36 -22.97 14.80 -20.71
C ALA KA 36 -21.96 14.11 -19.80
N THR KA 37 -22.43 13.29 -18.86
CA THR KA 37 -21.52 12.63 -17.94
C THR KA 37 -20.62 11.65 -18.66
N SER KA 38 -21.19 10.85 -19.57
CA SER KA 38 -20.41 9.83 -20.25
C SER KA 38 -19.37 10.45 -21.16
N VAL KA 39 -19.76 11.50 -21.89
CA VAL KA 39 -18.80 12.16 -22.78
C VAL KA 39 -17.72 12.86 -21.98
N PHE KA 40 -18.09 13.44 -20.84
CA PHE KA 40 -17.10 14.10 -19.99
C PHE KA 40 -16.06 13.10 -19.50
N ILE KA 41 -16.51 11.93 -19.03
CA ILE KA 41 -15.58 10.94 -18.50
C ILE KA 41 -14.67 10.42 -19.61
N ILE KA 42 -15.23 10.14 -20.79
CA ILE KA 42 -14.40 9.63 -21.88
C ILE KA 42 -13.43 10.70 -22.36
N ALA KA 43 -13.91 11.93 -22.51
CA ALA KA 43 -13.06 13.00 -23.01
C ALA KA 43 -12.00 13.40 -21.99
N PHE KA 44 -12.36 13.39 -20.70
CA PHE KA 44 -11.39 13.77 -19.69
C PHE KA 44 -10.23 12.77 -19.62
N ILE KA 45 -10.51 11.49 -19.86
CA ILE KA 45 -9.47 10.48 -19.74
C ILE KA 45 -8.66 10.41 -21.03
N ALA KA 46 -9.33 10.23 -22.17
CA ALA KA 46 -8.63 10.05 -23.43
C ALA KA 46 -9.35 10.84 -24.52
N ALA KA 47 -8.95 12.08 -24.71
CA ALA KA 47 -9.42 12.88 -25.83
C ALA KA 47 -8.21 13.56 -26.45
N PRO KA 48 -8.14 13.67 -27.77
CA PRO KA 48 -6.97 14.25 -28.41
C PRO KA 48 -6.88 15.73 -28.10
N PRO KA 49 -5.72 16.34 -28.35
CA PRO KA 49 -5.59 17.79 -28.16
C PRO KA 49 -6.57 18.55 -29.04
N VAL KA 50 -7.07 19.65 -28.50
CA VAL KA 50 -8.09 20.47 -29.15
C VAL KA 50 -7.49 21.80 -29.52
N ASP KA 51 -7.75 22.25 -30.75
CA ASP KA 51 -7.34 23.58 -31.20
C ASP KA 51 -8.39 24.58 -30.72
N ILE KA 52 -8.10 25.27 -29.62
CA ILE KA 52 -9.10 26.14 -29.02
C ILE KA 52 -9.07 27.55 -29.62
N ASP KA 53 -7.89 28.08 -29.91
CA ASP KA 53 -7.79 29.45 -30.39
C ASP KA 53 -8.02 29.58 -31.88
N GLY KA 54 -8.26 28.47 -32.58
CA GLY KA 54 -8.43 28.51 -34.01
C GLY KA 54 -7.18 28.83 -34.78
N ILE KA 55 -6.04 28.88 -34.11
CA ILE KA 55 -4.76 29.20 -34.74
C ILE KA 55 -3.96 27.94 -35.04
N ARG KA 56 -4.61 26.79 -35.11
CA ARG KA 56 -3.98 25.50 -35.38
C ARG KA 56 -2.92 25.14 -34.34
N GLU KA 57 -3.16 25.49 -33.08
CA GLU KA 57 -2.24 25.17 -31.99
C GLU KA 57 -2.99 24.31 -30.97
N PRO KA 58 -2.99 23.00 -31.12
CA PRO KA 58 -3.81 22.15 -30.24
C PRO KA 58 -3.38 22.25 -28.78
N VAL KA 59 -4.38 22.17 -27.90
CA VAL KA 59 -4.16 22.22 -26.46
C VAL KA 59 -4.59 20.88 -25.88
N SER KA 60 -3.69 20.23 -25.15
CA SER KA 60 -3.97 18.94 -24.57
C SER KA 60 -4.67 19.09 -23.22
N GLY KA 61 -5.67 18.24 -22.98
CA GLY KA 61 -6.40 18.34 -21.74
C GLY KA 61 -6.81 17.01 -21.13
N SER KA 62 -6.36 15.90 -21.69
CA SER KA 62 -6.77 14.58 -21.23
C SER KA 62 -5.66 13.91 -20.43
N LEU KA 63 -6.07 12.99 -19.56
CA LEU KA 63 -5.13 12.27 -18.71
C LEU KA 63 -4.14 11.45 -19.55
N LEU KA 64 -4.61 10.84 -20.63
CA LEU KA 64 -3.73 9.95 -21.43
C LEU KA 64 -2.79 10.76 -22.33
N TYR KA 65 -2.91 12.08 -22.31
CA TYR KA 65 -2.00 12.92 -23.07
C TYR KA 65 -1.13 13.78 -22.16
N GLY KA 66 -0.69 13.20 -21.05
CA GLY KA 66 0.22 13.87 -20.14
C GLY KA 66 -0.37 14.99 -19.31
N ASN KA 67 -1.59 14.82 -18.83
CA ASN KA 67 -2.19 15.75 -17.90
C ASN KA 67 -2.44 15.02 -16.59
N ASN KA 68 -2.40 15.75 -15.49
CA ASN KA 68 -2.84 15.19 -14.23
C ASN KA 68 -4.28 15.65 -13.96
N ILE KA 69 -4.76 15.36 -12.76
CA ILE KA 69 -6.14 15.72 -12.43
C ILE KA 69 -6.32 17.23 -12.42
N ILE KA 70 -5.32 17.96 -11.95
CA ILE KA 70 -5.45 19.41 -11.84
C ILE KA 70 -5.42 20.07 -13.22
N THR KA 71 -4.51 19.65 -14.10
CA THR KA 71 -4.37 20.35 -15.37
C THR KA 71 -5.30 19.80 -16.43
N GLY KA 72 -5.79 18.57 -16.27
CA GLY KA 72 -6.71 17.99 -17.22
C GLY KA 72 -7.99 18.78 -17.35
N ALA KA 73 -8.49 18.91 -18.57
CA ALA KA 73 -9.70 19.70 -18.82
C ALA KA 73 -10.29 19.25 -20.13
N ILE KA 74 -11.57 19.60 -20.32
CA ILE KA 74 -12.22 19.50 -21.63
C ILE KA 74 -12.04 20.86 -22.28
N ILE KA 75 -11.28 20.89 -23.37
CA ILE KA 75 -10.94 22.17 -24.00
C ILE KA 75 -12.16 22.72 -24.73
N PRO KA 76 -12.49 24.00 -24.60
CA PRO KA 76 -13.63 24.57 -25.31
C PRO KA 76 -13.50 24.45 -26.82
N THR KA 77 -14.61 24.69 -27.50
CA THR KA 77 -14.68 24.53 -28.94
C THR KA 77 -13.79 25.56 -29.63
N SER KA 78 -13.34 25.21 -30.84
CA SER KA 78 -12.40 26.04 -31.57
C SER KA 78 -12.96 27.43 -31.83
N ASN KA 79 -12.06 28.42 -31.82
CA ASN KA 79 -12.46 29.78 -32.14
C ASN KA 79 -12.93 29.92 -33.58
N ALA KA 80 -12.49 29.03 -34.47
CA ALA KA 80 -13.00 29.02 -35.83
C ALA KA 80 -14.48 28.69 -35.87
N ILE KA 81 -14.91 27.75 -35.00
CA ILE KA 81 -16.32 27.40 -34.93
C ILE KA 81 -17.15 28.60 -34.49
N GLY KA 82 -16.68 29.34 -33.51
CA GLY KA 82 -17.45 30.45 -33.00
C GLY KA 82 -18.66 29.96 -32.23
N LEU KA 83 -19.81 30.57 -32.48
CA LEU KA 83 -21.07 30.16 -31.88
C LEU KA 83 -21.82 29.18 -32.76
N HIS KA 84 -21.21 28.73 -33.85
CA HIS KA 84 -21.90 27.81 -34.75
C HIS KA 84 -22.18 26.49 -34.06
N PHE KA 85 -23.34 25.92 -34.35
CA PHE KA 85 -23.70 24.62 -33.82
C PHE KA 85 -22.84 23.56 -34.48
N TYR KA 86 -22.12 22.79 -33.67
CA TYR KA 86 -21.17 21.79 -34.17
C TYR KA 86 -21.46 20.44 -33.54
N PRO KA 87 -22.53 19.79 -33.96
CA PRO KA 87 -22.78 18.41 -33.50
C PRO KA 87 -21.84 17.44 -34.18
N ILE KA 88 -21.94 16.18 -33.79
CA ILE KA 88 -21.07 15.16 -34.37
C ILE KA 88 -21.35 15.01 -35.86
N TRP KA 89 -22.63 14.98 -36.24
CA TRP KA 89 -22.97 14.72 -37.63
C TRP KA 89 -22.59 15.86 -38.57
N GLU KA 90 -22.24 17.03 -38.06
CA GLU KA 90 -21.75 18.10 -38.90
C GLU KA 90 -20.26 18.01 -39.17
N ALA KA 91 -19.60 17.02 -38.62
CA ALA KA 91 -18.17 16.80 -38.85
C ALA KA 91 -17.99 15.66 -39.84
N ALA KA 92 -16.94 15.76 -40.65
CA ALA KA 92 -16.65 14.68 -41.60
C ALA KA 92 -16.31 13.40 -40.88
N SER KA 93 -15.58 13.48 -39.77
CA SER KA 93 -15.18 12.31 -39.00
C SER KA 93 -15.10 12.68 -37.54
N LEU KA 94 -15.09 11.65 -36.69
CA LEU KA 94 -14.92 11.88 -35.26
C LEU KA 94 -13.56 12.48 -34.95
N ASP KA 95 -12.56 12.21 -35.78
CA ASP KA 95 -11.24 12.80 -35.57
C ASP KA 95 -11.27 14.31 -35.80
N GLU KA 96 -11.99 14.74 -36.83
CA GLU KA 96 -12.17 16.18 -37.03
C GLU KA 96 -12.98 16.78 -35.90
N TRP KA 97 -14.02 16.09 -35.46
CA TRP KA 97 -14.88 16.58 -34.39
C TRP KA 97 -14.11 16.73 -33.10
N LEU KA 98 -13.26 15.76 -32.79
CA LEU KA 98 -12.43 15.86 -31.58
C LEU KA 98 -11.40 16.96 -31.69
N TYR KA 99 -10.86 17.16 -32.90
CA TYR KA 99 -9.82 18.17 -33.10
C TYR KA 99 -10.36 19.57 -32.86
N ASN KA 100 -11.59 19.84 -33.27
CA ASN KA 100 -12.15 21.18 -33.22
C ASN KA 100 -12.88 21.48 -31.93
N GLY KA 101 -12.86 20.58 -30.96
CA GLY KA 101 -13.48 20.83 -29.68
C GLY KA 101 -14.94 20.46 -29.61
N GLY KA 102 -15.37 19.47 -30.40
CA GLY KA 102 -16.74 19.03 -30.39
C GLY KA 102 -17.28 18.58 -29.05
N PRO KA 103 -16.53 17.80 -28.27
CA PRO KA 103 -17.09 17.33 -26.99
C PRO KA 103 -17.52 18.45 -26.06
N TYR KA 104 -16.84 19.58 -26.07
CA TYR KA 104 -17.21 20.68 -25.19
C TYR KA 104 -18.63 21.18 -25.50
N GLN KA 105 -18.93 21.37 -26.79
CA GLN KA 105 -20.28 21.81 -27.15
C GLN KA 105 -21.31 20.75 -26.79
N LEU KA 106 -20.99 19.47 -27.02
CA LEU KA 106 -21.92 18.41 -26.68
C LEU KA 106 -22.18 18.38 -25.17
N ILE KA 107 -21.11 18.46 -24.38
CA ILE KA 107 -21.27 18.38 -22.93
C ILE KA 107 -22.04 19.59 -22.42
N VAL KA 108 -21.67 20.78 -22.87
CA VAL KA 108 -22.28 22.00 -22.36
C VAL KA 108 -23.76 22.05 -22.71
N CYS KA 109 -24.11 21.67 -23.95
CA CYS KA 109 -25.50 21.74 -24.37
C CYS KA 109 -26.38 20.77 -23.60
N HIS KA 110 -25.95 19.51 -23.48
CA HIS KA 110 -26.74 18.55 -22.72
C HIS KA 110 -26.70 18.87 -21.23
N PHE KA 111 -25.61 19.47 -20.75
CA PHE KA 111 -25.54 19.85 -19.34
C PHE KA 111 -26.47 21.01 -19.02
N PHE KA 112 -26.57 21.98 -19.92
CA PHE KA 112 -27.47 23.10 -19.70
C PHE KA 112 -28.92 22.62 -19.59
N LEU KA 113 -29.32 21.71 -20.47
CA LEU KA 113 -30.65 21.12 -20.37
C LEU KA 113 -30.81 20.30 -19.10
N GLY KA 114 -29.73 19.64 -18.68
CA GLY KA 114 -29.81 18.82 -17.48
C GLY KA 114 -30.07 19.63 -16.23
N VAL KA 115 -29.35 20.73 -16.05
CA VAL KA 115 -29.52 21.52 -14.83
C VAL KA 115 -30.85 22.26 -14.84
N CYS KA 116 -31.30 22.71 -16.01
CA CYS KA 116 -32.63 23.29 -16.10
C CYS KA 116 -33.70 22.26 -15.74
N SER KA 117 -33.54 21.03 -16.22
CA SER KA 117 -34.47 19.97 -15.87
C SER KA 117 -34.31 19.55 -14.41
N TYR KA 118 -33.08 19.57 -13.90
CA TYR KA 118 -32.85 19.28 -12.49
C TYR KA 118 -33.55 20.30 -11.62
N MET KA 119 -33.58 21.56 -12.05
CA MET KA 119 -34.30 22.59 -11.33
C MET KA 119 -35.80 22.33 -11.37
N GLY KA 120 -36.32 21.94 -12.53
CA GLY KA 120 -37.73 21.60 -12.62
C GLY KA 120 -38.07 20.35 -11.84
N ARG KA 121 -37.13 19.39 -11.80
CA ARG KA 121 -37.36 18.17 -11.05
C ARG KA 121 -37.46 18.45 -9.55
N GLU KA 122 -36.73 19.45 -9.06
CA GLU KA 122 -36.82 19.81 -7.66
C GLU KA 122 -38.19 20.35 -7.31
N TRP KA 123 -38.76 21.19 -8.18
CA TRP KA 123 -40.12 21.65 -7.93
C TRP KA 123 -41.10 20.49 -7.95
N GLU KA 124 -40.92 19.56 -8.88
CA GLU KA 124 -41.91 18.51 -9.10
C GLU KA 124 -42.03 17.61 -7.88
N LEU KA 125 -40.90 17.22 -7.29
CA LEU KA 125 -40.95 16.38 -6.11
C LEU KA 125 -41.64 17.09 -4.95
N SER KA 126 -41.41 18.39 -4.82
CA SER KA 126 -42.07 19.15 -3.77
C SER KA 126 -43.58 19.13 -3.94
N PHE KA 127 -44.04 19.26 -5.18
CA PHE KA 127 -45.47 19.19 -5.46
C PHE KA 127 -46.02 17.80 -5.15
N ARG KA 128 -45.26 16.76 -5.49
CA ARG KA 128 -45.70 15.41 -5.18
C ARG KA 128 -45.67 15.12 -3.69
N LEU KA 129 -44.71 15.70 -2.97
CA LEU KA 129 -44.59 15.49 -1.54
C LEU KA 129 -45.40 16.48 -0.72
N GLY KA 130 -46.11 17.40 -1.37
CA GLY KA 130 -46.92 18.35 -0.64
C GLY KA 130 -46.14 19.42 0.09
N MET KA 131 -44.89 19.64 -0.30
CA MET KA 131 -44.09 20.68 0.32
C MET KA 131 -44.34 22.02 -0.36
N ARG KA 132 -43.75 23.05 0.19
CA ARG KA 132 -43.78 24.33 -0.48
C ARG KA 132 -42.75 24.35 -1.60
N PRO KA 133 -42.99 25.14 -2.63
CA PRO KA 133 -42.00 25.27 -3.72
C PRO KA 133 -40.85 26.14 -3.27
N TRP KA 134 -40.01 26.57 -4.21
CA TRP KA 134 -38.94 27.55 -4.06
C TRP KA 134 -37.66 26.96 -3.51
N ILE KA 135 -37.55 25.65 -3.33
CA ILE KA 135 -36.21 25.08 -3.29
C ILE KA 135 -35.57 25.23 -4.66
N ALA KA 136 -36.38 25.09 -5.72
CA ALA KA 136 -35.88 25.31 -7.07
C ALA KA 136 -35.49 26.77 -7.29
N VAL KA 137 -36.20 27.70 -6.64
CA VAL KA 137 -35.83 29.11 -6.74
C VAL KA 137 -34.45 29.33 -6.15
N ALA KA 138 -34.16 28.69 -5.01
CA ALA KA 138 -32.83 28.77 -4.44
C ALA KA 138 -31.80 28.14 -5.36
N TYR KA 139 -32.17 27.04 -6.01
CA TYR KA 139 -31.27 26.37 -6.94
C TYR KA 139 -31.10 27.13 -8.25
N SER KA 140 -31.97 28.10 -8.53
CA SER KA 140 -31.79 28.89 -9.73
C SER KA 140 -30.54 29.75 -9.66
N ALA KA 141 -30.07 30.06 -8.46
CA ALA KA 141 -28.85 30.86 -8.32
C ALA KA 141 -27.63 30.14 -8.84
N PRO KA 142 -27.33 28.89 -8.44
CA PRO KA 142 -26.22 28.19 -9.11
C PRO KA 142 -26.48 27.87 -10.57
N VAL KA 143 -27.74 27.66 -10.95
CA VAL KA 143 -28.06 27.41 -12.36
C VAL KA 143 -27.76 28.64 -13.20
N ALA KA 144 -28.12 29.82 -12.69
CA ALA KA 144 -27.81 31.05 -13.41
C ALA KA 144 -26.31 31.22 -13.60
N ALA KA 145 -25.52 30.89 -12.58
CA ALA KA 145 -24.08 31.01 -12.68
C ALA KA 145 -23.51 30.05 -13.72
N ALA KA 146 -24.04 28.83 -13.77
CA ALA KA 146 -23.55 27.85 -14.75
C ALA KA 146 -23.85 28.31 -16.18
N THR KA 147 -25.07 28.81 -16.41
CA THR KA 147 -25.41 29.28 -17.75
C THR KA 147 -24.61 30.53 -18.10
N ALA KA 148 -24.28 31.35 -17.10
CA ALA KA 148 -23.49 32.54 -17.37
C ALA KA 148 -22.12 32.20 -17.91
N VAL KA 149 -21.45 31.20 -17.32
CA VAL KA 149 -20.08 30.93 -17.73
C VAL KA 149 -20.01 29.96 -18.89
N PHE KA 150 -21.05 29.14 -19.10
CA PHE KA 150 -21.03 28.16 -20.18
C PHE KA 150 -21.82 28.58 -21.40
N ILE KA 151 -22.83 29.44 -21.25
CA ILE KA 151 -23.75 29.71 -22.34
C ILE KA 151 -23.74 31.19 -22.69
N ILE KA 152 -23.98 32.04 -21.69
CA ILE KA 152 -24.20 33.46 -21.98
C ILE KA 152 -22.89 34.15 -22.33
N TYR KA 153 -21.83 33.88 -21.56
CA TYR KA 153 -20.56 34.54 -21.85
C TYR KA 153 -20.03 34.18 -23.23
N PRO KA 154 -20.05 32.91 -23.68
CA PRO KA 154 -19.75 32.65 -25.09
C PRO KA 154 -20.68 33.36 -26.04
N LEU KA 155 -21.94 33.52 -25.67
CA LEU KA 155 -22.90 34.23 -26.52
C LEU KA 155 -22.48 35.67 -26.71
N GLY KA 156 -22.22 36.39 -25.61
CA GLY KA 156 -21.80 37.77 -25.73
C GLY KA 156 -20.45 37.91 -26.40
N GLN KA 157 -19.51 37.05 -26.04
CA GLN KA 157 -18.16 37.14 -26.59
C GLN KA 157 -18.09 36.60 -28.01
N GLY KA 158 -19.09 35.84 -28.43
CA GLY KA 158 -19.19 35.39 -29.80
C GLY KA 158 -18.50 34.09 -30.13
N SER KA 159 -18.14 33.29 -29.14
CA SER KA 159 -17.45 32.03 -29.40
C SER KA 159 -17.46 31.17 -28.15
N PHE KA 160 -17.71 29.87 -28.34
CA PHE KA 160 -17.65 28.93 -27.24
C PHE KA 160 -16.24 28.74 -26.70
N SER KA 161 -15.21 29.17 -27.44
CA SER KA 161 -13.86 29.11 -26.91
C SER KA 161 -13.69 29.99 -25.69
N ASP KA 162 -14.55 30.99 -25.53
CA ASP KA 162 -14.50 31.86 -24.37
C ASP KA 162 -15.31 31.34 -23.20
N GLY KA 163 -16.00 30.22 -23.35
CA GLY KA 163 -16.63 29.59 -22.22
C GLY KA 163 -15.61 29.00 -21.27
N MET KA 164 -16.06 28.72 -20.05
CA MET KA 164 -15.15 28.20 -19.05
C MET KA 164 -14.74 26.77 -19.43
N PRO KA 165 -13.45 26.48 -19.48
CA PRO KA 165 -13.02 25.10 -19.70
C PRO KA 165 -13.47 24.20 -18.57
N LEU KA 166 -13.76 22.95 -18.90
CA LEU KA 166 -14.27 21.99 -17.93
C LEU KA 166 -13.10 21.31 -17.22
N GLY KA 167 -12.37 22.11 -16.45
CA GLY KA 167 -11.21 21.59 -15.75
C GLY KA 167 -10.81 22.51 -14.63
N ILE KA 168 -9.89 22.02 -13.80
CA ILE KA 168 -9.44 22.78 -12.64
C ILE KA 168 -8.50 23.89 -13.07
N SER KA 169 -7.44 23.54 -13.79
CA SER KA 169 -6.54 24.57 -14.31
C SER KA 169 -7.22 25.39 -15.39
N GLY KA 170 -8.13 24.78 -16.14
CA GLY KA 170 -8.87 25.53 -17.14
C GLY KA 170 -9.74 26.61 -16.52
N THR KA 171 -10.31 26.32 -15.35
CA THR KA 171 -11.10 27.32 -14.65
C THR KA 171 -10.27 28.54 -14.30
N PHE KA 172 -9.06 28.32 -13.80
CA PHE KA 172 -8.22 29.42 -13.36
C PHE KA 172 -7.84 30.32 -14.53
N ASN KA 173 -7.55 29.72 -15.68
CA ASN KA 173 -7.26 30.52 -16.87
C ASN KA 173 -8.45 31.38 -17.25
N PHE KA 174 -9.66 30.83 -17.11
CA PHE KA 174 -10.87 31.59 -17.41
C PHE KA 174 -10.99 32.79 -16.48
N MET KA 175 -10.68 32.62 -15.19
CA MET KA 175 -10.80 33.71 -14.24
C MET KA 175 -9.75 34.78 -14.48
N ILE KA 176 -8.51 34.38 -14.73
CA ILE KA 176 -7.42 35.35 -14.90
C ILE KA 176 -7.68 36.22 -16.13
N VAL KA 177 -8.07 35.58 -17.24
CA VAL KA 177 -8.35 36.33 -18.46
C VAL KA 177 -9.56 37.22 -18.25
N PHE KA 178 -10.53 36.76 -17.48
CA PHE KA 178 -11.72 37.56 -17.20
C PHE KA 178 -11.36 38.85 -16.48
N GLN KA 179 -10.46 38.77 -15.50
CA GLN KA 179 -10.01 39.97 -14.80
C GLN KA 179 -9.28 40.92 -15.74
N ALA KA 180 -8.45 40.39 -16.63
CA ALA KA 180 -7.68 41.23 -17.53
C ALA KA 180 -8.58 42.01 -18.48
N GLU KA 181 -9.64 41.38 -18.98
CA GLU KA 181 -10.46 42.00 -20.00
C GLU KA 181 -11.70 42.70 -19.46
N HIS KA 182 -12.15 42.37 -18.26
CA HIS KA 182 -13.36 42.96 -17.71
C HIS KA 182 -13.18 43.59 -16.35
N ASN KA 183 -12.07 43.35 -15.66
CA ASN KA 183 -11.83 43.88 -14.32
C ASN KA 183 -12.98 43.50 -13.40
N ILE KA 184 -13.19 42.19 -13.27
CA ILE KA 184 -14.33 41.66 -12.54
C ILE KA 184 -14.24 42.00 -11.06
N LEU KA 185 -13.01 42.08 -10.53
CA LEU KA 185 -12.85 42.39 -9.12
C LEU KA 185 -13.46 43.74 -8.77
N MET KA 186 -13.35 44.71 -9.67
CA MET KA 186 -13.92 46.02 -9.47
C MET KA 186 -15.38 46.12 -9.91
N HIS KA 187 -15.95 45.04 -10.40
CA HIS KA 187 -17.36 45.04 -10.72
C HIS KA 187 -18.17 44.91 -9.44
N PRO KA 188 -19.20 45.73 -9.23
CA PRO KA 188 -19.98 45.64 -7.98
C PRO KA 188 -20.70 44.33 -7.81
N PHE KA 189 -20.86 43.54 -8.87
CA PHE KA 189 -21.61 42.30 -8.76
C PHE KA 189 -20.75 41.15 -8.26
N HIS KA 190 -19.47 41.09 -8.65
CA HIS KA 190 -18.58 40.14 -7.99
C HIS KA 190 -18.41 40.52 -6.53
N MET KA 191 -18.50 41.81 -6.21
CA MET KA 191 -18.47 42.25 -4.82
C MET KA 191 -19.68 41.73 -4.05
N LEU KA 192 -20.86 41.83 -4.64
CA LEU KA 192 -22.05 41.26 -4.01
C LEU KA 192 -21.97 39.74 -3.97
N GLY KA 193 -21.37 39.14 -5.00
CA GLY KA 193 -21.18 37.71 -4.99
C GLY KA 193 -20.23 37.26 -3.89
N VAL KA 194 -19.15 38.00 -3.68
CA VAL KA 194 -18.22 37.67 -2.62
C VAL KA 194 -18.89 37.85 -1.25
N ALA KA 195 -19.67 38.91 -1.10
CA ALA KA 195 -20.46 39.07 0.13
C ALA KA 195 -21.44 37.93 0.28
N GLY KA 196 -21.89 37.36 -0.83
CA GLY KA 196 -22.78 36.21 -0.77
C GLY KA 196 -22.12 34.97 -0.21
N VAL KA 197 -20.89 34.70 -0.64
CA VAL KA 197 -20.22 33.47 -0.21
C VAL KA 197 -19.50 33.69 1.12
N PHE KA 198 -18.90 34.86 1.30
CA PHE KA 198 -18.32 35.16 2.61
C PHE KA 198 -19.41 35.28 3.67
N GLY KA 199 -20.51 35.94 3.33
CA GLY KA 199 -21.63 35.99 4.26
C GLY KA 199 -22.27 34.63 4.48
N GLY KA 200 -22.49 33.89 3.40
CA GLY KA 200 -23.05 32.55 3.53
C GLY KA 200 -22.16 31.64 4.34
N SER KA 201 -20.85 31.72 4.11
CA SER KA 201 -19.90 30.94 4.92
C SER KA 201 -19.94 31.39 6.38
N LEU KA 202 -20.07 32.70 6.62
CA LEU KA 202 -20.18 33.20 7.98
C LEU KA 202 -21.47 32.70 8.63
N PHE KA 203 -22.59 32.82 7.92
CA PHE KA 203 -23.88 32.48 8.52
C PHE KA 203 -24.02 30.97 8.68
N SER KA 204 -23.42 30.19 7.79
CA SER KA 204 -23.41 28.75 7.97
C SER KA 204 -22.67 28.37 9.26
N ALA KA 205 -21.55 29.03 9.52
CA ALA KA 205 -20.76 28.74 10.74
C ALA KA 205 -21.54 29.24 11.97
N MET KA 206 -22.10 30.45 11.88
CA MET KA 206 -22.84 31.03 13.04
C MET KA 206 -24.04 30.16 13.36
N HIS KA 207 -24.85 29.81 12.36
CA HIS KA 207 -26.06 28.98 12.58
C HIS KA 207 -25.64 27.62 13.15
N GLY KA 208 -24.68 26.96 12.50
CA GLY KA 208 -24.23 25.64 12.97
C GLY KA 208 -23.69 25.70 14.38
N SER KA 209 -22.85 26.68 14.68
CA SER KA 209 -22.23 26.79 16.02
C SER KA 209 -23.30 27.11 17.07
N LEU KA 210 -24.22 28.02 16.75
CA LEU KA 210 -25.25 28.44 17.75
C LEU KA 210 -26.15 27.25 18.09
N VAL KA 211 -26.57 26.49 17.07
CA VAL KA 211 -27.46 25.31 17.30
C VAL KA 211 -26.69 24.25 18.08
N THR KA 212 -25.44 23.98 17.68
CA THR KA 212 -24.59 22.96 18.37
C THR KA 212 -24.33 23.40 19.81
N SER KA 213 -24.27 24.72 20.05
CA SER KA 213 -23.96 25.24 21.41
C SER KA 213 -25.20 25.16 22.30
N SER KA 214 -26.38 24.93 21.72
CA SER KA 214 -27.64 24.92 22.52
C SER KA 214 -28.29 23.54 22.51
N LEU KA 215 -27.53 22.48 22.23
CA LEU KA 215 -28.11 21.14 22.24
C LEU KA 215 -28.55 20.77 23.65
N ILE KA 216 -29.78 20.28 23.77
CA ILE KA 216 -30.30 19.87 25.06
C ILE KA 216 -29.68 18.54 25.46
N ARG KA 217 -29.23 18.44 26.70
CA ARG KA 217 -28.47 17.28 27.14
C ARG KA 217 -29.35 16.03 27.11
N GLU KA 218 -29.05 15.13 26.18
CA GLU KA 218 -29.83 13.91 26.04
C GLU KA 218 -28.94 12.67 25.89
N THR KA 219 -27.64 12.80 26.05
CA THR KA 219 -26.72 11.69 25.93
C THR KA 219 -25.73 11.75 27.09
N THR KA 220 -24.73 10.88 27.04
CA THR KA 220 -23.61 10.90 27.96
C THR KA 220 -22.34 11.27 27.19
N GLU KA 221 -21.26 11.44 27.93
CA GLU KA 221 -20.02 11.91 27.33
C GLU KA 221 -19.23 10.81 26.62
N ASN KA 222 -19.66 9.56 26.72
CA ASN KA 222 -19.00 8.48 26.01
C ASN KA 222 -19.63 8.21 24.65
N GLU KA 223 -20.58 9.05 24.26
CA GLU KA 223 -21.26 8.91 22.95
C GLU KA 223 -21.34 10.27 22.25
N SER KA 224 -21.57 10.28 20.94
CA SER KA 224 -21.69 11.56 20.19
C SER KA 224 -22.98 12.28 20.61
N ALA KA 225 -22.95 13.61 20.64
CA ALA KA 225 -24.17 14.38 20.97
C ALA KA 225 -25.23 14.14 19.89
N ASN KA 226 -24.79 13.75 18.69
CA ASN KA 226 -25.74 13.49 17.57
C ASN KA 226 -26.71 12.38 17.98
N GLU KA 227 -26.29 11.50 18.89
CA GLU KA 227 -27.16 10.38 19.36
C GLU KA 227 -28.41 10.96 20.03
N GLY KA 228 -28.36 12.19 20.52
CA GLY KA 228 -29.49 12.76 21.23
C GLY KA 228 -30.69 13.01 20.33
N TYR KA 229 -30.47 13.10 19.03
CA TYR KA 229 -31.56 13.32 18.09
C TYR KA 229 -31.97 11.99 17.48
N LYS KA 230 -33.28 11.74 17.49
CA LYS KA 230 -33.86 10.55 16.87
C LYS KA 230 -34.67 10.98 15.67
N PHE KA 231 -34.47 10.30 14.55
CA PHE KA 231 -35.14 10.68 13.31
C PHE KA 231 -36.64 10.60 13.46
N GLY KA 232 -37.32 11.72 13.26
CA GLY KA 232 -38.75 11.80 13.43
C GLY KA 232 -39.19 12.35 14.78
N GLN KA 233 -38.26 12.87 15.57
CA GLN KA 233 -38.62 13.49 16.85
C GLN KA 233 -39.62 14.61 16.64
N GLU KA 234 -40.63 14.65 17.51
CA GLU KA 234 -41.57 15.76 17.49
C GLU KA 234 -40.98 17.00 18.15
N GLU KA 235 -40.20 16.83 19.22
CA GLU KA 235 -39.72 17.97 19.98
C GLU KA 235 -38.43 18.52 19.38
N GLU KA 236 -38.06 19.72 19.82
CA GLU KA 236 -36.84 20.37 19.35
C GLU KA 236 -35.62 19.79 20.05
N THR KA 237 -34.54 19.66 19.29
CA THR KA 237 -33.30 19.08 19.80
C THR KA 237 -32.36 20.13 20.38
N TYR KA 238 -32.68 21.41 20.28
CA TYR KA 238 -31.86 22.45 20.87
C TYR KA 238 -32.76 23.58 21.32
N ASN KA 239 -32.26 24.36 22.28
CA ASN KA 239 -33.03 25.46 22.86
C ASN KA 239 -32.78 26.72 22.04
N ILE KA 240 -33.82 27.18 21.35
CA ILE KA 240 -33.69 28.39 20.54
C ILE KA 240 -33.52 29.61 21.41
N VAL KA 241 -34.24 29.66 22.55
CA VAL KA 241 -34.14 30.80 23.45
C VAL KA 241 -32.74 30.91 24.02
N ALA KA 242 -32.11 29.77 24.32
CA ALA KA 242 -30.74 29.79 24.83
C ALA KA 242 -29.77 30.34 23.81
N ALA KA 243 -29.91 29.93 22.55
CA ALA KA 243 -29.04 30.43 21.49
C ALA KA 243 -29.29 31.91 21.23
N HIS KA 244 -30.56 32.32 21.25
CA HIS KA 244 -30.86 33.74 21.09
C HIS KA 244 -30.31 34.56 22.25
N GLY KA 245 -30.38 34.01 23.46
CA GLY KA 245 -29.85 34.73 24.64
C GLY KA 245 -28.37 34.99 24.48
N TYR KA 246 -27.64 34.01 23.94
CA TYR KA 246 -26.17 34.16 23.74
C TYR KA 246 -25.88 35.16 22.63
N PHE KA 247 -26.52 34.99 21.47
CA PHE KA 247 -26.20 35.87 20.32
C PHE KA 247 -26.72 37.29 20.59
N GLY KA 248 -27.87 37.40 21.25
CA GLY KA 248 -28.36 38.72 21.59
C GLY KA 248 -27.53 39.43 22.64
N ARG KA 249 -26.55 38.74 23.22
CA ARG KA 249 -25.65 39.37 24.22
C ARG KA 249 -24.24 39.49 23.64
N LEU KA 250 -23.91 38.67 22.63
CA LEU KA 250 -22.58 38.76 21.97
C LEU KA 250 -22.48 40.11 21.26
N ILE KA 251 -23.56 40.57 20.65
CA ILE KA 251 -23.58 41.92 19.99
C ILE KA 251 -24.60 42.78 20.72
N PHE KA 252 -25.89 42.54 20.47
CA PHE KA 252 -26.96 43.23 21.19
C PHE KA 252 -28.28 42.58 20.80
N GLN KA 253 -29.29 42.82 21.64
CA GLN KA 253 -30.46 41.94 21.70
C GLN KA 253 -31.21 41.90 20.37
N TYR KA 254 -31.28 43.02 19.66
CA TYR KA 254 -32.13 43.13 18.50
C TYR KA 254 -31.40 42.86 17.20
N ALA KA 255 -30.16 42.37 17.27
CA ALA KA 255 -29.43 41.92 16.10
C ALA KA 255 -29.50 40.41 15.92
N SER KA 256 -30.39 39.74 16.65
CA SER KA 256 -30.51 38.29 16.62
C SER KA 256 -31.93 37.89 16.24
N PHE KA 257 -32.03 36.80 15.48
CA PHE KA 257 -33.32 36.27 15.03
C PHE KA 257 -33.88 35.36 16.11
N ASN KA 258 -34.80 35.88 16.93
CA ASN KA 258 -35.54 34.99 17.82
C ASN KA 258 -36.58 34.18 17.05
N ASN KA 259 -36.88 34.58 15.82
CA ASN KA 259 -37.80 33.85 14.95
C ASN KA 259 -36.99 32.83 14.16
N SER KA 260 -37.25 31.55 14.37
CA SER KA 260 -36.53 30.51 13.63
C SER KA 260 -36.94 30.50 12.17
N ARG KA 261 -38.19 30.87 11.87
CA ARG KA 261 -38.63 30.91 10.48
C ARG KA 261 -38.00 32.08 9.74
N SER KA 262 -37.86 33.23 10.40
CA SER KA 262 -37.18 34.37 9.78
C SER KA 262 -35.70 34.08 9.60
N LEU KA 263 -35.09 33.38 10.56
CA LEU KA 263 -33.67 33.10 10.50
C LEU KA 263 -33.33 32.28 9.27
N HIS KA 264 -34.15 31.27 8.97
CA HIS KA 264 -33.83 30.38 7.86
C HIS KA 264 -34.13 31.01 6.51
N PHE KA 265 -35.08 31.93 6.45
CA PHE KA 265 -35.25 32.70 5.22
C PHE KA 265 -34.02 33.56 4.95
N PHE KA 266 -33.50 34.21 5.99
CA PHE KA 266 -32.28 34.98 5.85
C PHE KA 266 -31.11 34.08 5.48
N LEU KA 267 -31.05 32.89 6.05
CA LEU KA 267 -30.01 31.94 5.68
C LEU KA 267 -30.11 31.55 4.21
N ALA KA 268 -31.31 31.56 3.66
CA ALA KA 268 -31.51 31.23 2.25
C ALA KA 268 -31.40 32.43 1.34
N ALA KA 269 -31.95 33.57 1.75
CA ALA KA 269 -31.98 34.73 0.87
C ALA KA 269 -30.59 35.29 0.61
N TRP KA 270 -29.75 35.33 1.64
CA TRP KA 270 -28.47 36.01 1.53
C TRP KA 270 -27.53 35.38 0.50
N PRO KA 271 -27.27 34.07 0.54
CA PRO KA 271 -26.38 33.51 -0.50
C PRO KA 271 -27.04 33.45 -1.87
N VAL KA 272 -28.36 33.24 -1.91
CA VAL KA 272 -29.03 33.12 -3.20
C VAL KA 272 -29.07 34.46 -3.92
N VAL KA 273 -29.41 35.53 -3.20
CA VAL KA 273 -29.39 36.86 -3.79
C VAL KA 273 -27.97 37.23 -4.19
N GLY KA 274 -26.99 36.87 -3.37
CA GLY KA 274 -25.61 37.17 -3.70
C GLY KA 274 -25.15 36.48 -4.97
N ILE KA 275 -25.48 35.20 -5.11
CA ILE KA 275 -25.07 34.45 -6.29
C ILE KA 275 -25.90 34.85 -7.50
N TRP KA 276 -27.11 35.35 -7.29
CA TRP KA 276 -27.88 35.89 -8.41
C TRP KA 276 -27.15 37.07 -9.05
N PHE KA 277 -26.59 37.95 -8.23
CA PHE KA 277 -25.97 39.15 -8.75
C PHE KA 277 -24.63 38.85 -9.42
N THR KA 278 -23.83 37.95 -8.82
CA THR KA 278 -22.57 37.59 -9.45
C THR KA 278 -22.81 36.83 -10.75
N ALA KA 279 -23.91 36.10 -10.84
CA ALA KA 279 -24.29 35.48 -12.11
C ALA KA 279 -24.67 36.54 -13.12
N LEU KA 280 -25.37 37.59 -12.68
CA LEU KA 280 -25.65 38.71 -13.57
C LEU KA 280 -24.39 39.47 -13.92
N GLY KA 281 -23.40 39.49 -13.02
CA GLY KA 281 -22.16 40.17 -13.32
C GLY KA 281 -21.45 39.57 -14.52
N ILE KA 282 -21.32 38.24 -14.55
CA ILE KA 282 -20.68 37.58 -15.67
C ILE KA 282 -21.52 37.77 -16.94
N SER KA 283 -22.85 37.72 -16.78
CA SER KA 283 -23.74 37.91 -17.92
C SER KA 283 -23.63 39.32 -18.48
N THR KA 284 -23.56 40.32 -17.61
CA THR KA 284 -23.40 41.69 -18.10
C THR KA 284 -22.03 41.89 -18.73
N MET KA 285 -20.98 41.37 -18.11
CA MET KA 285 -19.65 41.50 -18.67
C MET KA 285 -19.49 40.69 -19.95
N ALA KA 286 -20.42 39.77 -20.23
CA ALA KA 286 -20.45 39.13 -21.54
C ALA KA 286 -20.71 40.13 -22.65
N PHE KA 287 -21.45 41.19 -22.36
CA PHE KA 287 -21.72 42.26 -23.31
C PHE KA 287 -20.82 43.45 -23.09
N ASN KA 288 -19.64 43.23 -22.51
CA ASN KA 288 -18.55 44.18 -22.38
C ASN KA 288 -18.91 45.39 -21.54
N LEU KA 289 -19.82 45.25 -20.57
CA LEU KA 289 -20.06 46.29 -19.58
C LEU KA 289 -19.22 45.94 -18.35
N ASN KA 290 -17.98 46.42 -18.37
CA ASN KA 290 -16.97 45.95 -17.43
C ASN KA 290 -17.14 46.62 -16.08
N GLY KA 291 -16.24 46.27 -15.16
CA GLY KA 291 -16.25 46.83 -13.83
C GLY KA 291 -15.73 48.25 -13.83
N PHE KA 292 -15.71 48.83 -12.63
CA PHE KA 292 -15.27 50.21 -12.47
C PHE KA 292 -13.85 50.39 -12.98
N ASN KA 293 -13.64 51.46 -13.72
CA ASN KA 293 -12.32 51.82 -14.26
C ASN KA 293 -11.92 53.15 -13.65
N PHE KA 294 -11.02 53.11 -12.67
CA PHE KA 294 -10.55 54.29 -11.97
C PHE KA 294 -9.11 54.64 -12.33
N ASN KA 295 -8.65 54.19 -13.50
CA ASN KA 295 -7.29 54.45 -13.92
C ASN KA 295 -7.09 55.93 -14.17
N GLN KA 296 -6.03 56.49 -13.57
CA GLN KA 296 -5.68 57.90 -13.72
C GLN KA 296 -6.83 58.82 -13.30
N SER KA 297 -7.57 58.40 -12.27
CA SER KA 297 -8.64 59.23 -11.74
C SER KA 297 -8.11 60.36 -10.86
N VAL KA 298 -7.06 60.11 -10.09
CA VAL KA 298 -6.48 61.12 -9.22
C VAL KA 298 -5.35 61.81 -9.97
N VAL KA 299 -5.51 63.11 -10.19
CA VAL KA 299 -4.48 63.92 -10.84
C VAL KA 299 -4.22 65.14 -9.97
N ASP KA 300 -3.00 65.64 -10.01
CA ASP KA 300 -2.60 66.74 -9.15
C ASP KA 300 -2.93 68.06 -9.83
N SER KA 301 -2.44 69.17 -9.25
CA SER KA 301 -2.80 70.49 -9.73
C SER KA 301 -2.23 70.77 -11.11
N GLN KA 302 -1.02 70.29 -11.40
CA GLN KA 302 -0.36 70.57 -12.66
C GLN KA 302 -0.70 69.55 -13.75
N GLY KA 303 -1.54 68.57 -13.45
CA GLY KA 303 -1.97 67.60 -14.43
C GLY KA 303 -1.30 66.25 -14.31
N ARG KA 304 -0.29 66.11 -13.46
CA ARG KA 304 0.34 64.81 -13.25
C ARG KA 304 -0.66 63.83 -12.63
N VAL KA 305 -0.52 62.57 -13.00
CA VAL KA 305 -1.42 61.52 -12.52
C VAL KA 305 -0.81 60.91 -11.27
N ILE KA 306 -1.56 60.92 -10.18
CA ILE KA 306 -1.14 60.28 -8.93
C ILE KA 306 -1.80 58.89 -8.90
N ASN KA 307 -0.99 57.85 -8.94
CA ASN KA 307 -1.52 56.50 -8.99
C ASN KA 307 -2.21 56.15 -7.69
N THR KA 308 -3.14 55.21 -7.77
CA THR KA 308 -3.82 54.65 -6.61
C THR KA 308 -3.63 53.14 -6.61
N TRP KA 309 -4.35 52.46 -5.74
CA TRP KA 309 -4.34 51.00 -5.77
C TRP KA 309 -5.03 50.47 -7.01
N ALA KA 310 -5.93 51.26 -7.60
CA ALA KA 310 -6.57 50.84 -8.85
C ALA KA 310 -5.55 50.78 -9.98
N ASP KA 311 -4.59 51.72 -9.99
CA ASP KA 311 -3.58 51.72 -11.04
C ASP KA 311 -2.62 50.55 -10.91
N ILE KA 312 -2.34 50.13 -9.68
CA ILE KA 312 -1.54 48.93 -9.49
C ILE KA 312 -2.30 47.70 -9.99
N ILE KA 313 -3.62 47.68 -9.75
CA ILE KA 313 -4.44 46.61 -10.31
C ILE KA 313 -4.40 46.64 -11.82
N ASN KA 314 -4.37 47.84 -12.40
CA ASN KA 314 -4.32 47.95 -13.86
C ASN KA 314 -3.05 47.35 -14.43
N ARG KA 315 -1.91 47.58 -13.77
CA ARG KA 315 -0.64 47.04 -14.26
C ARG KA 315 -0.67 45.52 -14.27
N ALA KA 316 -1.32 44.91 -13.28
CA ALA KA 316 -1.52 43.46 -13.32
C ALA KA 316 -2.41 43.07 -14.50
N ASN KA 317 -3.46 43.85 -14.76
CA ASN KA 317 -4.32 43.57 -15.90
C ASN KA 317 -3.56 43.69 -17.22
N LEU KA 318 -2.65 44.66 -17.31
CA LEU KA 318 -1.83 44.78 -18.52
C LEU KA 318 -0.96 43.56 -18.71
N GLY KA 319 -0.46 42.98 -17.62
CA GLY KA 319 0.36 41.79 -17.74
C GLY KA 319 -0.43 40.61 -18.27
N MET KA 320 -1.62 40.38 -17.74
CA MET KA 320 -2.44 39.28 -18.22
C MET KA 320 -2.91 39.52 -19.65
N GLU KA 321 -3.28 40.76 -19.96
CA GLU KA 321 -3.86 41.05 -21.26
C GLU KA 321 -2.88 40.78 -22.39
N VAL KA 322 -1.64 41.23 -22.23
CA VAL KA 322 -0.67 41.09 -23.31
C VAL KA 322 -0.17 39.67 -23.45
N MET KA 323 -0.32 38.84 -22.41
CA MET KA 323 0.20 37.48 -22.45
C MET KA 323 -0.86 36.44 -22.76
N HIS KA 324 -2.14 36.73 -22.57
CA HIS KA 324 -3.17 35.76 -22.87
C HIS KA 324 -3.34 35.64 -24.38
N GLU KA 325 -3.41 34.40 -24.87
CA GLU KA 325 -3.57 34.14 -26.30
C GLU KA 325 -2.49 34.86 -27.12
N ARG KA 326 -1.25 34.44 -26.95
CA ARG KA 326 -0.11 35.15 -27.54
C ARG KA 326 -0.19 35.19 -29.06
N ASN KA 327 -0.55 34.08 -29.69
CA ASN KA 327 -0.47 33.93 -31.13
C ASN KA 327 -1.83 34.07 -31.80
N ALA KA 328 -2.78 34.72 -31.13
CA ALA KA 328 -4.14 34.81 -31.63
C ALA KA 328 -4.52 36.18 -32.15
N HIS KA 329 -3.80 37.23 -31.78
CA HIS KA 329 -4.16 38.58 -32.16
C HIS KA 329 -3.21 39.10 -33.22
N ASN KA 330 -3.77 39.69 -34.28
CA ASN KA 330 -2.99 40.39 -35.28
C ASN KA 330 -3.13 41.90 -35.19
N PHE KA 331 -4.05 42.40 -34.38
CA PHE KA 331 -4.34 43.82 -34.33
C PHE KA 331 -4.42 44.28 -32.88
N PRO KA 332 -4.07 45.54 -32.60
CA PRO KA 332 -3.85 45.95 -31.21
C PRO KA 332 -5.07 45.84 -30.31
N LEU KA 333 -6.25 46.16 -30.81
CA LEU KA 333 -7.43 46.19 -29.97
C LEU KA 333 -8.01 44.79 -29.81
N ASP KA 334 -8.24 44.39 -28.57
CA ASP KA 334 -8.86 43.10 -28.28
C ASP KA 334 -10.39 43.25 -28.24
N LEU KA 335 -10.94 43.55 -29.41
CA LEU KA 335 -12.38 43.70 -29.53
C LEU KA 335 -13.09 42.37 -29.39
N ALA KA 336 -12.47 41.30 -29.87
CA ALA KA 336 -13.03 39.96 -29.76
C ALA KA 336 -12.42 39.24 -28.56
N GLY LA 1 -21.39 3.66 20.63
CA GLY LA 1 -20.16 3.65 21.40
C GLY LA 1 -19.39 4.93 21.29
N LEU LA 2 -18.11 4.88 21.62
CA LEU LA 2 -17.27 6.06 21.54
C LEU LA 2 -17.07 6.47 20.09
N PRO LA 3 -17.16 7.78 19.75
CA PRO LA 3 -16.83 8.23 18.40
C PRO LA 3 -15.33 7.97 18.18
N TRP LA 4 -14.90 7.83 16.94
CA TRP LA 4 -13.48 7.50 16.64
C TRP LA 4 -12.56 8.60 17.15
N TYR LA 5 -13.06 9.83 17.28
CA TYR LA 5 -12.18 10.97 17.66
C TYR LA 5 -12.07 11.10 19.18
N ARG LA 6 -12.67 10.18 19.94
CA ARG LA 6 -12.64 10.24 21.43
C ARG LA 6 -12.08 8.93 21.98
N VAL LA 7 -11.41 8.12 21.15
CA VAL LA 7 -10.94 6.78 21.61
C VAL LA 7 -9.85 6.94 22.67
N HIS LA 8 -8.87 7.81 22.44
CA HIS LA 8 -7.76 7.97 23.36
C HIS LA 8 -8.14 8.76 24.61
N THR LA 9 -9.43 8.99 24.83
CA THR LA 9 -9.92 9.62 26.05
C THR LA 9 -10.10 8.63 27.18
N VAL LA 10 -9.85 7.34 26.94
CA VAL LA 10 -10.04 6.34 27.99
C VAL LA 10 -9.00 6.49 29.09
N VAL LA 11 -7.85 7.08 28.80
CA VAL LA 11 -6.80 7.23 29.80
C VAL LA 11 -6.86 8.63 30.40
N LEU LA 12 -8.01 9.29 30.24
CA LEU LA 12 -8.21 10.59 30.85
C LEU LA 12 -8.09 10.51 32.37
N ASN LA 13 -8.73 9.51 32.97
CA ASN LA 13 -8.77 9.36 34.42
C ASN LA 13 -8.11 8.05 34.85
N ASP LA 14 -7.08 7.63 34.12
CA ASP LA 14 -6.31 6.42 34.44
C ASP LA 14 -4.84 6.83 34.48
N PRO LA 15 -4.35 7.27 35.64
CA PRO LA 15 -2.95 7.75 35.69
C PRO LA 15 -1.93 6.71 35.27
N GLY LA 16 -2.17 5.45 35.59
CA GLY LA 16 -1.21 4.42 35.21
C GLY LA 16 -1.11 4.23 33.72
N ARG LA 17 -2.25 4.18 33.03
CA ARG LA 17 -2.22 3.99 31.59
C ARG LA 17 -1.99 5.27 30.83
N LEU LA 18 -2.14 6.42 31.48
CA LEU LA 18 -1.68 7.67 30.88
C LEU LA 18 -0.17 7.68 30.75
N ILE LA 19 0.53 7.23 31.78
CA ILE LA 19 1.99 7.14 31.72
C ILE LA 19 2.41 6.15 30.64
N ALA LA 20 1.71 5.03 30.53
CA ALA LA 20 2.03 4.05 29.51
C ALA LA 20 1.85 4.63 28.12
N VAL LA 21 0.79 5.41 27.92
CA VAL LA 21 0.52 6.00 26.62
C VAL LA 21 1.55 7.08 26.30
N HIS LA 22 1.98 7.83 27.31
CA HIS LA 22 2.99 8.86 27.07
C HIS LA 22 4.38 8.23 26.94
N LEU LA 23 4.57 7.05 27.52
CA LEU LA 23 5.79 6.28 27.29
C LEU LA 23 5.84 5.72 25.88
N MET LA 24 4.69 5.48 25.28
CA MET LA 24 4.67 4.95 23.92
C MET LA 24 4.98 6.04 22.89
N HIS LA 25 4.41 7.24 23.04
CA HIS LA 25 4.77 8.33 22.14
C HIS LA 25 6.25 8.64 22.27
N THR LA 26 6.78 8.61 23.48
CA THR LA 26 8.20 8.84 23.69
C THR LA 26 9.03 7.77 23.00
N SER LA 27 8.57 6.52 23.05
CA SER LA 27 9.28 5.44 22.36
C SER LA 27 9.28 5.66 20.86
N LEU LA 28 8.16 6.13 20.30
CA LEU LA 28 8.09 6.36 18.86
C LEU LA 28 8.95 7.54 18.45
N VAL LA 29 8.90 8.63 19.21
CA VAL LA 29 9.70 9.81 18.88
C VAL LA 29 11.18 9.49 18.94
N SER LA 30 11.60 8.79 19.98
CA SER LA 30 13.00 8.37 20.07
C SER LA 30 13.34 7.39 18.95
N GLY LA 31 12.44 6.47 18.65
CA GLY LA 31 12.68 5.54 17.56
C GLY LA 31 12.80 6.23 16.22
N TRP LA 32 12.01 7.29 16.01
CA TRP LA 32 12.13 8.06 14.77
C TRP LA 32 13.48 8.76 14.68
N ALA LA 33 13.95 9.33 15.79
CA ALA LA 33 15.22 10.05 15.78
C ALA LA 33 16.37 9.11 15.43
N GLY LA 34 16.38 7.92 16.00
CA GLY LA 34 17.40 6.95 15.64
C GLY LA 34 17.26 6.48 14.21
N SER LA 35 16.03 6.21 13.77
CA SER LA 35 15.81 5.78 12.40
C SER LA 35 16.15 6.88 11.41
N MET LA 36 15.77 8.13 11.73
CA MET LA 36 16.07 9.24 10.84
C MET LA 36 17.57 9.44 10.69
N ALA LA 37 18.31 9.34 11.79
CA ALA LA 37 19.75 9.51 11.73
C ALA LA 37 20.41 8.40 10.92
N PHE LA 38 19.98 7.16 11.14
CA PHE LA 38 20.54 6.04 10.37
C PHE LA 38 20.27 6.20 8.89
N TYR LA 39 19.06 6.65 8.53
CA TYR LA 39 18.75 6.88 7.13
C TYR LA 39 19.63 7.97 6.55
N GLU LA 40 19.84 9.06 7.31
CA GLU LA 40 20.67 10.15 6.81
C GLU LA 40 22.12 9.73 6.67
N LEU LA 41 22.63 8.96 7.63
CA LEU LA 41 24.00 8.47 7.53
C LEU LA 41 24.19 7.53 6.35
N ALA LA 42 23.13 6.87 5.90
CA ALA LA 42 23.20 6.02 4.72
C ALA LA 42 23.18 6.80 3.43
N VAL LA 43 22.83 8.09 3.49
CA VAL LA 43 22.74 8.94 2.31
C VAL LA 43 23.78 10.05 2.31
N PHE LA 44 24.22 10.52 3.46
CA PHE LA 44 25.11 11.67 3.55
C PHE LA 44 26.45 11.37 2.90
N ASP LA 45 26.96 12.36 2.17
CA ASP LA 45 28.29 12.27 1.58
C ASP LA 45 29.19 13.31 2.21
N PRO LA 46 30.11 12.93 3.10
CA PRO LA 46 30.99 13.89 3.75
C PRO LA 46 32.24 14.26 2.97
N SER LA 47 32.35 13.85 1.70
CA SER LA 47 33.58 14.04 0.96
C SER LA 47 33.85 15.52 0.67
N ASP LA 48 32.81 16.31 0.45
CA ASP LA 48 32.94 17.69 -0.03
C ASP LA 48 32.20 18.64 0.89
N PRO LA 49 32.77 18.99 2.05
CA PRO LA 49 32.06 19.90 2.97
C PRO LA 49 31.89 21.30 2.44
N VAL LA 50 32.77 21.78 1.57
CA VAL LA 50 32.73 23.18 1.16
C VAL LA 50 31.62 23.42 0.14
N LEU LA 51 31.55 22.59 -0.89
CA LEU LA 51 30.60 22.80 -1.96
C LEU LA 51 29.39 21.89 -1.88
N ASN LA 52 29.41 20.88 -1.01
CA ASN LA 52 28.27 19.99 -0.82
C ASN LA 52 28.06 19.78 0.67
N PRO LA 53 27.61 20.82 1.38
CA PRO LA 53 27.42 20.70 2.83
C PRO LA 53 26.23 19.80 3.16
N MET LA 54 25.95 19.70 4.45
CA MET LA 54 24.81 18.91 4.89
C MET LA 54 23.50 19.50 4.39
N TRP LA 55 23.35 20.82 4.49
CA TRP LA 55 22.11 21.47 4.11
C TRP LA 55 21.85 21.43 2.60
N ARG LA 56 22.87 21.12 1.81
CA ARG LA 56 22.69 20.91 0.39
C ARG LA 56 22.21 19.50 0.06
N GLN LA 57 22.22 18.59 1.04
CA GLN LA 57 21.84 17.22 0.82
C GLN LA 57 20.54 16.84 1.51
N GLY LA 58 19.81 17.80 2.06
CA GLY LA 58 18.55 17.49 2.71
C GLY LA 58 18.68 16.82 4.05
N MET LA 59 19.85 16.88 4.68
CA MET LA 59 20.00 16.31 6.01
C MET LA 59 19.27 17.18 7.02
N PHE LA 60 18.43 16.56 7.83
CA PHE LA 60 17.55 17.28 8.73
C PHE LA 60 17.91 17.14 10.20
N VAL LA 61 18.22 15.92 10.65
CA VAL LA 61 18.59 15.72 12.05
C VAL LA 61 20.11 15.76 12.19
N LEU LA 62 20.81 15.63 11.06
CA LEU LA 62 22.26 15.78 11.08
C LEU LA 62 22.71 17.15 11.58
N PRO LA 63 22.11 18.27 11.15
CA PRO LA 63 22.50 19.56 11.72
C PRO LA 63 22.30 19.66 13.22
N PHE LA 64 21.24 19.06 13.75
CA PHE LA 64 20.96 19.20 15.17
C PHE LA 64 21.94 18.39 16.02
N MET LA 65 22.37 17.23 15.51
CA MET LA 65 23.43 16.50 16.17
C MET LA 65 24.74 17.28 16.13
N THR LA 66 25.06 17.88 14.98
CA THR LA 66 26.29 18.64 14.84
C THR LA 66 26.25 19.92 15.65
N ARG LA 67 25.05 20.47 15.85
CA ARG LA 67 24.93 21.73 16.56
C ARG LA 67 25.40 21.61 18.00
N LEU LA 68 25.12 20.49 18.65
CA LEU LA 68 25.47 20.31 20.04
C LEU LA 68 26.80 19.62 20.27
N GLY LA 69 27.51 19.21 19.22
CA GLY LA 69 28.84 18.70 19.44
C GLY LA 69 29.23 17.42 18.75
N ILE LA 70 28.29 16.74 18.11
CA ILE LA 70 28.61 15.50 17.41
C ILE LA 70 29.22 15.85 16.06
N THR LA 71 30.49 15.51 15.88
CA THR LA 71 31.16 15.81 14.62
C THR LA 71 31.87 14.64 13.98
N GLN LA 72 32.00 13.51 14.66
CA GLN LA 72 32.78 12.38 14.15
C GLN LA 72 31.88 11.18 13.94
N SER LA 73 32.28 10.32 13.02
CA SER LA 73 31.54 9.13 12.67
C SER LA 73 32.42 7.90 12.88
N TRP LA 74 31.76 6.76 13.08
CA TRP LA 74 32.50 5.50 13.15
C TRP LA 74 33.17 5.17 11.84
N GLY LA 75 32.72 5.78 10.74
CA GLY LA 75 33.36 5.60 9.46
C GLY LA 75 34.71 6.28 9.34
N GLY LA 76 35.13 6.99 10.37
CA GLY LA 76 36.43 7.64 10.38
C GLY LA 76 36.46 9.04 9.82
N TRP LA 77 35.32 9.56 9.37
CA TRP LA 77 35.27 10.91 8.82
C TRP LA 77 34.70 11.88 9.83
N THR LA 78 35.09 13.14 9.69
CA THR LA 78 34.62 14.23 10.55
C THR LA 78 33.79 15.18 9.69
N ILE LA 79 32.81 15.83 10.33
CA ILE LA 79 31.94 16.74 9.59
C ILE LA 79 32.72 17.89 8.99
N SER LA 80 33.86 18.24 9.58
CA SER LA 80 34.68 19.32 9.05
C SER LA 80 35.54 18.88 7.88
N GLY LA 81 35.57 17.58 7.59
CA GLY LA 81 36.34 17.05 6.48
C GLY LA 81 37.65 16.40 6.88
N GLU LA 82 38.13 16.64 8.10
CA GLU LA 82 39.35 16.00 8.55
C GLU LA 82 39.06 14.55 8.95
N THR LA 83 40.09 13.87 9.43
CA THR LA 83 39.93 12.49 9.87
C THR LA 83 39.54 12.43 11.34
N ALA LA 84 38.83 11.37 11.69
CA ALA LA 84 38.32 11.20 13.05
C ALA LA 84 39.32 10.40 13.87
N SER LA 85 39.67 10.94 15.02
CA SER LA 85 40.58 10.28 15.95
C SER LA 85 39.76 9.66 17.08
N ASN LA 86 39.74 8.31 17.13
CA ASN LA 86 39.00 7.52 18.11
C ASN LA 86 37.65 8.14 18.41
N PRO LA 87 36.68 8.02 17.50
CA PRO LA 87 35.43 8.77 17.64
C PRO LA 87 34.71 8.51 18.95
N GLY LA 88 34.85 7.31 19.52
CA GLY LA 88 34.21 7.01 20.78
C GLY LA 88 32.77 6.60 20.61
N ILE LA 89 32.09 6.49 21.75
CA ILE LA 89 30.70 6.06 21.75
C ILE LA 89 29.82 7.06 21.03
N TRP LA 90 30.01 8.35 21.31
CA TRP LA 90 29.12 9.39 20.83
C TRP LA 90 29.54 9.88 19.44
N SER LA 91 29.27 9.03 18.45
CA SER LA 91 29.37 9.39 17.06
C SER LA 91 27.98 9.62 16.50
N TYR LA 92 27.92 9.89 15.19
CA TYR LA 92 26.63 10.00 14.55
C TYR LA 92 25.86 8.69 14.62
N GLU LA 93 26.57 7.56 14.47
CA GLU LA 93 25.94 6.26 14.61
C GLU LA 93 25.72 5.91 16.07
N GLY LA 94 26.64 6.31 16.94
CA GLY LA 94 26.47 6.05 18.35
C GLY LA 94 25.25 6.75 18.92
N VAL LA 95 25.05 8.01 18.52
CA VAL LA 95 23.85 8.72 18.94
C VAL LA 95 22.61 8.07 18.35
N ALA LA 96 22.68 7.66 17.08
CA ALA LA 96 21.54 7.03 16.45
C ALA LA 96 21.19 5.71 17.12
N ALA LA 97 22.21 4.91 17.46
CA ALA LA 97 21.95 3.65 18.15
C ALA LA 97 21.39 3.89 19.53
N ALA LA 98 21.88 4.93 20.22
CA ALA LA 98 21.39 5.22 21.56
C ALA LA 98 19.91 5.61 21.54
N HIS LA 99 19.52 6.48 20.61
CA HIS LA 99 18.11 6.86 20.52
C HIS LA 99 17.26 5.66 20.13
N ILE LA 100 17.84 4.70 19.40
CA ILE LA 100 17.10 3.47 19.07
C ILE LA 100 16.99 2.56 20.28
N ILE LA 101 18.10 2.36 21.00
CA ILE LA 101 18.08 1.48 22.16
C ILE LA 101 17.16 2.06 23.24
N LEU LA 102 17.19 3.38 23.41
CA LEU LA 102 16.26 4.02 24.33
C LEU LA 102 14.82 3.78 23.92
N SER LA 103 14.56 3.72 22.62
CA SER LA 103 13.20 3.48 22.14
C SER LA 103 12.68 2.12 22.58
N GLY LA 104 13.56 1.11 22.57
CA GLY LA 104 13.15 -0.21 23.01
C GLY LA 104 12.84 -0.27 24.49
N LEU LA 105 13.66 0.40 25.31
CA LEU LA 105 13.41 0.43 26.75
C LEU LA 105 12.11 1.16 27.07
N LEU LA 106 11.86 2.28 26.40
CA LEU LA 106 10.61 2.99 26.61
C LEU LA 106 9.42 2.18 26.15
N PHE LA 107 9.59 1.37 25.11
CA PHE LA 107 8.54 0.47 24.68
C PHE LA 107 8.25 -0.59 25.73
N ALA LA 108 9.30 -1.17 26.32
CA ALA LA 108 9.12 -2.17 27.36
C ALA LA 108 8.47 -1.56 28.59
N ALA LA 109 8.91 -0.37 28.99
CA ALA LA 109 8.32 0.29 30.14
C ALA LA 109 6.87 0.66 29.87
N SER LA 110 6.53 0.97 28.61
CA SER LA 110 5.16 1.26 28.26
C SER LA 110 4.26 0.05 28.51
N ILE LA 111 4.75 -1.14 28.17
CA ILE LA 111 3.97 -2.35 28.39
C ILE LA 111 3.78 -2.58 29.88
N TRP LA 112 4.84 -2.40 30.67
CA TRP LA 112 4.73 -2.63 32.11
C TRP LA 112 3.77 -1.64 32.76
N HIS LA 113 3.98 -0.34 32.53
CA HIS LA 113 3.14 0.66 33.17
C HIS LA 113 1.70 0.58 32.65
N TRP LA 114 1.48 -0.13 31.54
CA TRP LA 114 0.13 -0.36 31.02
C TRP LA 114 -0.55 -1.53 31.71
N VAL LA 115 0.15 -2.65 31.85
CA VAL LA 115 -0.41 -3.82 32.50
C VAL LA 115 -0.65 -3.55 33.99
N TYR LA 116 0.35 -2.98 34.66
CA TYR LA 116 0.26 -2.69 36.08
C TYR LA 116 -0.16 -1.24 36.28
N TRP LA 117 -1.39 -0.96 35.90
CA TRP LA 117 -1.95 0.38 36.00
C TRP LA 117 -2.54 0.70 37.36
N ASP LA 118 -2.83 -0.31 38.18
CA ASP LA 118 -3.53 -0.10 39.44
C ASP LA 118 -2.56 -0.01 40.62
N LEU LA 119 -1.69 0.99 40.56
CA LEU LA 119 -0.72 1.21 41.61
C LEU LA 119 -1.33 2.07 42.72
N GLU LA 120 -0.98 1.75 43.97
CA GLU LA 120 -1.48 2.53 45.09
C GLU LA 120 -0.94 3.95 45.08
N LEU LA 121 0.11 4.21 44.31
CA LEU LA 121 0.64 5.56 44.17
C LEU LA 121 -0.38 6.49 43.53
N PHE LA 122 -1.23 5.96 42.66
CA PHE LA 122 -2.13 6.78 41.84
C PHE LA 122 -3.47 7.03 42.49
N ARG LA 123 -3.68 6.55 43.71
CA ARG LA 123 -4.98 6.62 44.36
C ARG LA 123 -4.96 7.71 45.42
N ASP LA 124 -5.97 8.56 45.40
CA ASP LA 124 -6.06 9.64 46.37
C ASP LA 124 -6.28 9.06 47.76
N PRO LA 125 -5.39 9.33 48.72
CA PRO LA 125 -5.53 8.70 50.05
C PRO LA 125 -6.78 9.10 50.79
N ARG LA 126 -7.40 10.23 50.44
CA ARG LA 126 -8.59 10.70 51.12
C ARG LA 126 -9.86 10.01 50.65
N THR LA 127 -9.93 9.59 49.39
CA THR LA 127 -11.11 8.94 48.85
C THR LA 127 -10.83 7.61 48.16
N SER LA 128 -9.57 7.18 48.09
CA SER LA 128 -9.19 5.92 47.45
C SER LA 128 -9.63 5.87 45.99
N ASN LA 129 -9.57 7.01 45.31
CA ASN LA 129 -9.90 7.11 43.90
C ASN LA 129 -8.67 7.54 43.11
N PRO LA 130 -8.54 7.12 41.85
CA PRO LA 130 -7.42 7.56 41.04
C PRO LA 130 -7.43 9.07 40.85
N ALA LA 131 -6.34 9.72 41.25
CA ALA LA 131 -6.24 11.16 41.14
C ALA LA 131 -4.77 11.54 41.05
N LEU LA 132 -4.52 12.73 40.54
CA LEU LA 132 -3.19 13.29 40.44
C LEU LA 132 -3.19 14.68 41.06
N ASP LA 133 -2.23 14.93 41.94
CA ASP LA 133 -2.06 16.25 42.56
C ASP LA 133 -1.24 17.10 41.61
N LEU LA 134 -1.91 17.63 40.59
CA LEU LA 134 -1.25 18.36 39.51
C LEU LA 134 -0.42 19.55 40.00
N PRO LA 135 -0.87 20.38 40.95
CA PRO LA 135 -0.01 21.46 41.44
C PRO LA 135 1.32 20.97 41.99
N LYS LA 136 1.33 19.84 42.68
CA LYS LA 136 2.59 19.29 43.19
C LYS LA 136 3.40 18.61 42.09
N ILE LA 137 2.74 17.85 41.21
CA ILE LA 137 3.44 17.19 40.12
C ILE LA 137 4.12 18.23 39.24
N PHE LA 138 3.46 19.36 39.02
CA PHE LA 138 4.06 20.43 38.24
C PHE LA 138 5.33 20.93 38.90
N GLY LA 139 5.31 21.10 40.22
CA GLY LA 139 6.50 21.53 40.92
C GLY LA 139 7.63 20.54 40.81
N ILE LA 140 7.31 19.24 40.90
CA ILE LA 140 8.33 18.20 40.75
C ILE LA 140 8.92 18.24 39.36
N HIS LA 141 8.07 18.21 38.33
CA HIS LA 141 8.56 18.11 36.97
C HIS LA 141 9.13 19.44 36.49
N LEU LA 142 8.82 20.55 37.17
CA LEU LA 142 9.44 21.83 36.85
C LEU LA 142 10.83 21.95 37.47
N PHE LA 143 10.99 21.40 38.67
CA PHE LA 143 12.31 21.40 39.30
C PHE LA 143 13.32 20.64 38.46
N LEU LA 144 12.90 19.49 37.92
CA LEU LA 144 13.79 18.72 37.06
C LEU LA 144 14.12 19.47 35.79
N SER LA 145 13.13 20.17 35.22
CA SER LA 145 13.38 20.94 34.01
C SER LA 145 14.41 22.02 34.26
N GLY LA 146 14.25 22.77 35.35
CA GLY LA 146 15.22 23.81 35.67
C GLY LA 146 16.58 23.24 36.00
N LEU LA 147 16.61 22.11 36.69
CA LEU LA 147 17.88 21.45 37.00
C LEU LA 147 18.56 20.97 35.72
N LEU LA 148 17.78 20.42 34.78
CA LEU LA 148 18.35 19.96 33.52
C LEU LA 148 18.70 21.14 32.62
N CYS LA 149 17.92 22.22 32.69
CA CYS LA 149 18.25 23.42 31.95
C CYS LA 149 19.57 24.01 32.42
N PHE LA 150 19.75 24.08 33.74
CA PHE LA 150 21.00 24.63 34.29
C PHE LA 150 22.19 23.77 33.91
N GLY LA 151 22.05 22.45 33.99
CA GLY LA 151 23.17 21.57 33.71
C GLY LA 151 23.63 21.67 32.27
N PHE LA 152 22.67 21.77 31.34
CA PHE LA 152 23.02 21.91 29.93
C PHE LA 152 23.79 23.20 29.68
N GLY LA 153 23.33 24.30 30.25
CA GLY LA 153 24.02 25.55 30.10
C GLY LA 153 25.34 25.63 30.84
N ALA LA 154 25.38 25.10 32.06
CA ALA LA 154 26.58 25.24 32.89
C ALA LA 154 27.69 24.29 32.48
N PHE LA 155 27.36 23.07 32.06
CA PHE LA 155 28.35 22.06 31.74
C PHE LA 155 28.49 21.81 30.25
N HIS LA 156 27.38 21.54 29.56
CA HIS LA 156 27.45 21.13 28.18
C HIS LA 156 27.84 22.30 27.27
N VAL LA 157 27.08 23.40 27.33
CA VAL LA 157 27.34 24.53 26.45
C VAL LA 157 28.64 25.23 26.84
N THR LA 158 28.84 25.45 28.14
CA THR LA 158 30.03 26.15 28.61
C THR LA 158 31.30 25.37 28.28
N GLY LA 159 31.19 24.06 28.15
CA GLY LA 159 32.34 23.23 27.92
C GLY LA 159 33.09 22.83 29.18
N LEU LA 160 32.59 23.26 30.34
CA LEU LA 160 33.21 22.85 31.60
C LEU LA 160 33.26 21.34 31.72
N PHE LA 161 32.13 20.69 31.44
CA PHE LA 161 32.04 19.24 31.38
C PHE LA 161 31.23 18.87 30.15
N GLY LA 162 31.58 19.43 29.00
CA GLY LA 162 30.85 19.16 27.78
C GLY LA 162 31.61 19.59 26.55
N PRO LA 163 31.05 19.31 25.38
CA PRO LA 163 31.72 19.69 24.13
C PRO LA 163 31.56 21.15 23.76
N GLY LA 164 30.55 21.83 24.27
CA GLY LA 164 30.20 23.13 23.76
C GLY LA 164 29.17 23.02 22.67
N ILE LA 165 29.01 24.11 21.91
CA ILE LA 165 28.05 24.15 20.82
C ILE LA 165 28.75 24.68 19.57
N TRP LA 166 28.10 24.52 18.44
CA TRP LA 166 28.65 24.99 17.17
C TRP LA 166 28.65 26.51 17.12
N VAL LA 167 29.82 27.10 16.99
CA VAL LA 167 29.98 28.54 16.86
C VAL LA 167 30.70 28.82 15.55
N SER LA 168 30.17 29.74 14.77
CA SER LA 168 30.71 30.03 13.45
C SER LA 168 31.07 31.50 13.35
N ASP LA 169 31.92 31.81 12.39
CA ASP LA 169 32.24 33.19 12.05
C ASP LA 169 31.02 33.80 11.37
N PRO LA 170 30.98 35.14 11.25
CA PRO LA 170 29.79 35.76 10.65
C PRO LA 170 29.44 35.26 9.27
N TYR LA 171 30.43 34.86 8.47
CA TYR LA 171 30.19 34.48 7.09
C TYR LA 171 30.25 32.97 6.87
N GLY LA 172 30.22 32.20 7.95
CA GLY LA 172 30.13 30.76 7.87
C GLY LA 172 31.23 30.09 7.08
N ILE LA 173 32.47 30.57 7.24
CA ILE LA 173 33.60 30.02 6.50
C ILE LA 173 34.34 29.04 7.41
N THR LA 174 34.55 29.44 8.66
CA THR LA 174 35.24 28.60 9.65
C THR LA 174 34.34 28.48 10.87
N GLY LA 175 33.81 27.29 11.10
CA GLY LA 175 32.99 27.04 12.27
C GLY LA 175 33.27 25.71 12.90
N THR LA 176 33.41 25.68 14.23
CA THR LA 176 33.67 24.45 14.94
C THR LA 176 32.86 24.43 16.22
N VAL LA 177 32.80 23.26 16.84
CA VAL LA 177 32.22 23.13 18.17
C VAL LA 177 33.19 23.72 19.18
N GLN LA 178 32.76 24.78 19.86
CA GLN LA 178 33.60 25.49 20.80
C GLN LA 178 32.88 25.59 22.15
N ALA LA 179 33.67 25.77 23.20
CA ALA LA 179 33.13 26.07 24.51
C ALA LA 179 32.86 27.56 24.60
N VAL LA 180 31.60 27.94 24.78
CA VAL LA 180 31.21 29.34 24.82
C VAL LA 180 31.12 29.78 26.27
N ALA LA 181 31.44 31.03 26.51
CA ALA LA 181 31.39 31.62 27.84
C ALA LA 181 30.13 32.45 27.97
N PRO LA 182 29.39 32.32 29.06
CA PRO LA 182 28.17 33.12 29.22
C PRO LA 182 28.48 34.61 29.19
N SER LA 183 27.63 35.36 28.51
CA SER LA 183 27.72 36.81 28.46
C SER LA 183 26.54 37.38 29.23
N TRP LA 184 26.83 38.05 30.34
CA TRP LA 184 25.81 38.44 31.30
C TRP LA 184 25.30 39.86 31.12
N ASP LA 185 25.93 40.65 30.25
CA ASP LA 185 25.47 42.01 30.01
C ASP LA 185 24.35 42.01 28.98
N ALA LA 186 24.00 43.18 28.45
CA ALA LA 186 22.94 43.27 27.45
C ALA LA 186 23.27 42.49 26.20
N THR LA 187 24.55 42.20 25.92
CA THR LA 187 24.89 41.44 24.73
C THR LA 187 24.39 40.01 24.80
N GLY LA 188 24.08 39.52 26.00
CA GLY LA 188 23.52 38.19 26.11
C GLY LA 188 22.15 38.04 25.47
N PHE LA 189 21.46 39.14 25.21
CA PHE LA 189 20.17 39.13 24.56
C PHE LA 189 20.26 39.42 23.07
N ASP LA 190 21.47 39.54 22.54
CA ASP LA 190 21.66 39.53 21.10
C ASP LA 190 21.36 38.14 20.58
N PRO LA 191 20.40 37.96 19.67
CA PRO LA 191 20.09 36.61 19.17
C PRO LA 191 21.25 35.96 18.44
N TYR LA 192 22.20 36.74 17.95
CA TYR LA 192 23.33 36.22 17.21
C TYR LA 192 24.59 36.08 18.06
N ASN LA 193 24.50 36.34 19.36
CA ASN LA 193 25.63 36.13 20.25
C ASN LA 193 25.50 34.74 20.85
N PRO LA 194 26.39 33.80 20.54
CA PRO LA 194 26.28 32.47 21.13
C PRO LA 194 26.51 32.46 22.63
N GLY LA 195 27.15 33.49 23.18
CA GLY LA 195 27.35 33.54 24.62
C GLY LA 195 26.07 33.72 25.39
N GLY LA 196 25.02 34.22 24.73
CA GLY LA 196 23.74 34.37 25.39
C GLY LA 196 23.04 33.05 25.66
N ILE LA 197 23.37 32.02 24.88
CA ILE LA 197 22.71 30.73 25.04
C ILE LA 197 23.13 30.08 26.36
N SER LA 198 24.43 30.07 26.65
CA SER LA 198 24.88 29.51 27.92
C SER LA 198 24.44 30.37 29.09
N ALA LA 199 24.46 31.69 28.91
CA ALA LA 199 24.00 32.59 29.96
C ALA LA 199 22.51 32.38 30.24
N HIS LA 200 21.72 32.16 29.18
CA HIS LA 200 20.29 31.98 29.37
C HIS LA 200 19.98 30.69 30.09
N HIS LA 201 20.52 29.58 29.61
CA HIS LA 201 20.15 28.29 30.17
C HIS LA 201 20.67 28.14 31.60
N ILE LA 202 21.68 28.94 31.97
CA ILE LA 202 22.12 28.96 33.36
C ILE LA 202 21.14 29.73 34.22
N ALA LA 203 20.74 30.92 33.79
CA ALA LA 203 19.87 31.77 34.60
C ALA LA 203 18.45 31.23 34.63
N ALA LA 204 17.94 30.81 33.47
CA ALA LA 204 16.61 30.21 33.44
C ALA LA 204 16.59 28.90 34.23
N GLY LA 205 17.71 28.18 34.24
CA GLY LA 205 17.80 26.98 35.06
C GLY LA 205 17.73 27.29 36.54
N ILE LA 206 18.42 28.34 36.97
CA ILE LA 206 18.36 28.74 38.38
C ILE LA 206 16.95 29.14 38.76
N LEU LA 207 16.29 29.92 37.91
CA LEU LA 207 14.92 30.34 38.20
C LEU LA 207 13.97 29.15 38.17
N GLY LA 208 14.18 28.22 37.25
CA GLY LA 208 13.34 27.03 37.20
C GLY LA 208 13.43 26.20 38.46
N VAL LA 209 14.64 26.08 39.01
CA VAL LA 209 14.81 25.37 40.27
C VAL LA 209 14.08 26.09 41.39
N LEU LA 210 14.26 27.41 41.47
CA LEU LA 210 13.58 28.18 42.51
C LEU LA 210 12.07 28.19 42.31
N ALA LA 211 11.63 28.36 41.07
CA ALA LA 211 10.20 28.28 40.78
C ALA LA 211 9.65 26.90 41.09
N GLY LA 212 10.40 25.86 40.74
CA GLY LA 212 9.97 24.52 41.07
C GLY LA 212 9.84 24.30 42.56
N LEU LA 213 10.77 24.84 43.33
CA LEU LA 213 10.68 24.75 44.79
C LEU LA 213 9.47 25.49 45.32
N PHE LA 214 9.20 26.69 44.80
CA PHE LA 214 8.00 27.40 45.23
C PHE LA 214 6.75 26.62 44.86
N HIS LA 215 6.64 26.22 43.61
CA HIS LA 215 5.48 25.49 43.14
C HIS LA 215 5.39 24.10 43.77
N LEU LA 216 6.41 23.68 44.51
CA LEU LA 216 6.40 22.44 45.29
C LEU LA 216 6.00 22.65 46.75
N CYS LA 217 6.10 23.87 47.27
CA CYS LA 217 5.82 24.14 48.67
C CYS LA 217 4.49 24.84 48.89
N VAL LA 218 4.13 25.79 48.03
CA VAL LA 218 2.95 26.61 48.25
C VAL LA 218 1.77 26.02 47.47
N ARG LA 219 0.68 25.77 48.16
CA ARG LA 219 -0.53 25.26 47.54
C ARG LA 219 -1.21 26.34 46.71
N PRO LA 220 -1.86 25.97 45.63
CA PRO LA 220 -2.51 26.96 44.77
C PRO LA 220 -3.64 27.66 45.51
N PRO LA 221 -3.92 28.91 45.18
CA PRO LA 221 -5.04 29.61 45.80
C PRO LA 221 -6.36 28.95 45.42
N GLN LA 222 -7.34 29.07 46.30
CA GLN LA 222 -8.66 28.51 46.02
C GLN LA 222 -9.27 29.16 44.78
N ARG LA 223 -9.11 30.48 44.67
CA ARG LA 223 -9.66 31.20 43.53
C ARG LA 223 -9.05 30.73 42.21
N LEU LA 224 -7.73 30.58 42.20
CA LEU LA 224 -7.05 30.12 40.99
C LEU LA 224 -7.32 28.65 40.72
N TYR LA 225 -7.47 27.85 41.77
CA TYR LA 225 -7.72 26.43 41.59
C TYR LA 225 -9.04 26.20 40.88
N ASN LA 226 -10.10 26.92 41.29
CA ASN LA 226 -11.38 26.75 40.65
C ASN LA 226 -11.41 27.42 39.28
N GLY LA 227 -10.77 28.59 39.15
CA GLY LA 227 -10.80 29.30 37.89
C GLY LA 227 -10.15 28.51 36.77
N LEU LA 228 -8.99 27.92 37.04
CA LEU LA 228 -8.22 27.24 36.01
C LEU LA 228 -8.47 25.75 35.97
N ARG LA 229 -9.42 25.25 36.76
CA ARG LA 229 -9.77 23.84 36.77
C ARG LA 229 -8.56 22.97 37.08
N MET LA 230 -7.82 23.35 38.12
CA MET LA 230 -6.58 22.66 38.44
C MET LA 230 -6.79 21.23 38.87
N GLY LA 231 -8.02 20.83 39.18
CA GLY LA 231 -8.30 19.45 39.51
C GLY LA 231 -8.59 18.61 38.28
N ASN LA 232 -8.67 19.26 37.13
CA ASN LA 232 -8.91 18.61 35.86
C ASN LA 232 -7.61 18.55 35.08
N ILE LA 233 -7.21 17.36 34.66
CA ILE LA 233 -5.94 17.21 33.98
C ILE LA 233 -5.97 17.87 32.62
N GLU LA 234 -7.14 18.00 32.02
CA GLU LA 234 -7.23 18.62 30.70
C GLU LA 234 -6.89 20.10 30.76
N THR LA 235 -6.88 20.71 31.95
CA THR LA 235 -6.36 22.06 32.07
C THR LA 235 -4.86 22.10 31.76
N VAL LA 236 -4.14 21.07 32.19
CA VAL LA 236 -2.72 21.01 31.89
C VAL LA 236 -2.51 20.86 30.40
N LEU LA 237 -3.33 20.05 29.74
CA LEU LA 237 -3.21 19.88 28.30
C LEU LA 237 -3.45 21.18 27.56
N SER LA 238 -4.42 21.97 28.02
CA SER LA 238 -4.74 23.24 27.36
C SER LA 238 -3.55 24.20 27.42
N SER LA 239 -2.97 24.35 28.61
CA SER LA 239 -1.88 25.31 28.78
C SER LA 239 -0.57 24.77 28.22
N SER LA 240 -0.35 23.45 28.32
CA SER LA 240 0.84 22.86 27.72
C SER LA 240 0.83 22.99 26.21
N ILE LA 241 -0.34 22.84 25.59
CA ILE LA 241 -0.46 23.07 24.16
C ILE LA 241 -0.18 24.53 23.83
N ALA LA 242 -0.66 25.44 24.69
CA ALA LA 242 -0.38 26.85 24.48
C ALA LA 242 1.12 27.13 24.60
N ALA LA 243 1.78 26.53 25.58
CA ALA LA 243 3.21 26.73 25.76
C ALA LA 243 4.00 26.16 24.59
N VAL LA 244 3.53 25.05 24.01
CA VAL LA 244 4.29 24.39 22.97
C VAL LA 244 4.10 25.10 21.63
N PHE LA 245 2.94 25.73 21.41
CA PHE LA 245 2.77 26.46 20.15
C PHE LA 245 3.39 27.85 20.25
N TRP LA 246 3.50 28.39 21.45
CA TRP LA 246 4.30 29.59 21.65
C TRP LA 246 5.77 29.32 21.31
N ALA LA 247 6.28 28.18 21.77
CA ALA LA 247 7.67 27.85 21.52
C ALA LA 247 7.91 27.55 20.04
N ALA LA 248 6.96 26.91 19.38
CA ALA LA 248 7.10 26.61 17.97
C ALA LA 248 7.13 27.88 17.13
N PHE LA 249 6.34 28.88 17.50
CA PHE LA 249 6.40 30.16 16.80
C PHE LA 249 7.75 30.82 16.97
N VAL LA 250 8.29 30.80 18.18
CA VAL LA 250 9.61 31.39 18.43
C VAL LA 250 10.69 30.60 17.70
N VAL LA 251 10.62 29.28 17.77
CA VAL LA 251 11.65 28.44 17.16
C VAL LA 251 11.61 28.57 15.65
N SER LA 252 10.42 28.74 15.07
CA SER LA 252 10.32 29.00 13.64
C SER LA 252 10.89 30.35 13.27
N GLY LA 253 10.66 31.36 14.10
CA GLY LA 253 11.18 32.68 13.80
C GLY LA 253 12.69 32.73 13.81
N THR LA 254 13.32 32.15 14.84
CA THR LA 254 14.77 32.19 14.91
C THR LA 254 15.41 31.34 13.82
N MET LA 255 14.73 30.27 13.38
CA MET LA 255 15.24 29.50 12.25
C MET LA 255 15.17 30.30 10.96
N TRP LA 256 14.06 31.01 10.75
CA TRP LA 256 13.89 31.75 9.51
C TRP LA 256 14.74 33.00 9.48
N TYR LA 257 14.80 33.72 10.60
CA TYR LA 257 15.55 34.98 10.63
C TYR LA 257 17.03 34.76 10.91
N GLY LA 258 17.41 33.60 11.41
CA GLY LA 258 18.79 33.37 11.76
C GLY LA 258 19.07 33.69 13.20
N SER LA 259 19.97 32.90 13.80
CA SER LA 259 20.30 33.05 15.20
C SER LA 259 21.61 32.32 15.44
N ALA LA 260 22.18 32.52 16.63
CA ALA LA 260 23.36 31.76 17.01
C ALA LA 260 23.06 30.29 17.15
N ALA LA 261 21.80 29.92 17.34
CA ALA LA 261 21.38 28.54 17.46
C ALA LA 261 21.05 27.89 16.13
N THR LA 262 21.09 28.63 15.03
CA THR LA 262 20.84 28.11 13.69
C THR LA 262 21.94 28.59 12.76
N PRO LA 263 23.16 28.06 12.90
CA PRO LA 263 24.26 28.52 12.05
C PRO LA 263 24.01 28.23 10.57
N ILE LA 264 24.47 29.14 9.71
CA ILE LA 264 24.29 28.93 8.28
C ILE LA 264 25.17 27.79 7.79
N GLU LA 265 26.22 27.46 8.53
CA GLU LA 265 27.08 26.35 8.13
C GLU LA 265 26.39 25.01 8.27
N LEU LA 266 25.35 24.92 9.08
CA LEU LA 266 24.60 23.69 9.28
C LEU LA 266 23.24 23.69 8.62
N PHE LA 267 22.52 24.81 8.67
CA PHE LA 267 21.18 24.89 8.11
C PHE LA 267 21.12 25.67 6.82
N GLY LA 268 22.24 26.20 6.35
CA GLY LA 268 22.25 26.97 5.12
C GLY LA 268 21.93 28.43 5.37
N PRO LA 269 22.10 29.26 4.35
CA PRO LA 269 21.84 30.69 4.52
C PRO LA 269 20.36 30.95 4.75
N THR LA 270 20.08 32.20 5.19
CA THR LA 270 18.67 32.63 5.36
C THR LA 270 18.29 33.45 4.14
N ARG LA 271 17.00 33.72 3.93
CA ARG LA 271 16.54 34.45 2.72
C ARG LA 271 17.00 35.91 2.81
N TYR LA 272 17.09 36.45 4.02
CA TYR LA 272 17.44 37.89 4.19
C TYR LA 272 18.91 38.14 3.85
N GLN LA 273 19.75 37.11 3.98
CA GLN LA 273 21.19 37.25 3.67
C GLN LA 273 21.35 37.56 2.17
N TRP LA 274 20.58 36.89 1.32
CA TRP LA 274 20.62 37.17 -0.15
C TRP LA 274 19.97 38.52 -0.44
N ASP LA 275 18.82 38.79 0.16
CA ASP LA 275 18.07 40.05 -0.12
C ASP LA 275 18.93 41.26 0.25
N LEU LA 276 19.60 41.22 1.41
CA LEU LA 276 20.36 42.40 1.89
C LEU LA 276 21.81 42.31 1.42
N GLY LA 277 22.11 41.41 0.47
CA GLY LA 277 23.47 41.31 -0.08
C GLY LA 277 24.51 41.08 1.00
N PHE LA 278 24.22 40.24 1.99
CA PHE LA 278 25.18 39.94 3.07
C PHE LA 278 26.49 39.43 2.46
N PHE LA 279 26.45 38.27 1.82
CA PHE LA 279 27.69 37.65 1.28
C PHE LA 279 28.27 38.49 0.15
N GLN LA 280 27.42 39.05 -0.73
CA GLN LA 280 27.93 39.81 -1.89
C GLN LA 280 28.81 40.96 -1.40
N GLN LA 281 28.34 41.69 -0.38
CA GLN LA 281 29.10 42.85 0.14
C GLN LA 281 30.46 42.37 0.64
N GLU LA 282 30.49 41.26 1.40
CA GLU LA 282 31.76 40.73 1.95
C GLU LA 282 32.71 40.36 0.81
N ILE LA 283 32.20 39.66 -0.20
CA ILE LA 283 33.08 39.20 -1.33
C ILE LA 283 33.69 40.43 -2.01
N GLU LA 284 32.88 41.45 -2.27
CA GLU LA 284 33.36 42.68 -2.93
C GLU LA 284 34.29 43.44 -1.97
N ARG LA 285 33.95 43.47 -0.69
CA ARG LA 285 34.81 44.13 0.28
C ARG LA 285 36.20 43.50 0.29
N ARG LA 286 36.27 42.17 0.23
CA ARG LA 286 37.55 41.50 0.23
C ARG LA 286 38.31 41.76 -1.06
N VAL LA 287 37.61 41.79 -2.19
CA VAL LA 287 38.27 42.07 -3.46
C VAL LA 287 38.85 43.47 -3.47
N GLN LA 288 38.10 44.44 -2.94
CA GLN LA 288 38.58 45.82 -2.94
C GLN LA 288 39.82 45.99 -2.08
N THR LA 289 39.89 45.30 -0.95
CA THR LA 289 41.09 45.35 -0.13
C THR LA 289 42.28 44.76 -0.86
N SER LA 290 42.08 43.61 -1.52
CA SER LA 290 43.17 43.01 -2.28
C SER LA 290 43.58 43.89 -3.45
N LEU LA 291 42.61 44.49 -4.14
CA LEU LA 291 42.93 45.37 -5.25
C LEU LA 291 43.69 46.61 -4.79
N ALA LA 292 43.28 47.18 -3.66
CA ALA LA 292 43.95 48.38 -3.15
C ALA LA 292 45.39 48.07 -2.74
N GLU LA 293 45.63 46.87 -2.21
CA GLU LA 293 47.00 46.49 -1.88
C GLU LA 293 47.89 46.47 -3.12
N GLY LA 294 47.30 46.20 -4.28
CA GLY LA 294 48.05 46.18 -5.53
C GLY LA 294 47.95 44.88 -6.31
N LYS LA 295 47.20 43.89 -5.84
CA LYS LA 295 47.10 42.63 -6.55
C LYS LA 295 46.29 42.79 -7.84
N SER LA 296 46.47 41.82 -8.73
CA SER LA 296 45.74 41.82 -9.99
C SER LA 296 44.27 41.49 -9.76
N ALA LA 297 43.46 41.80 -10.78
CA ALA LA 297 42.04 41.46 -10.71
C ALA LA 297 41.84 39.96 -10.60
N SER LA 298 42.62 39.18 -11.35
CA SER LA 298 42.58 37.73 -11.22
C SER LA 298 43.09 37.29 -9.86
N GLN LA 299 44.15 37.94 -9.36
CA GLN LA 299 44.72 37.56 -8.07
C GLN LA 299 43.74 37.83 -6.94
N ALA LA 300 43.04 38.96 -6.99
CA ALA LA 300 42.11 39.30 -5.92
C ALA LA 300 40.94 38.31 -5.88
N TRP LA 301 40.39 37.96 -7.04
CA TRP LA 301 39.26 37.05 -7.06
C TRP LA 301 39.68 35.61 -6.80
N ALA LA 302 40.95 35.28 -7.07
CA ALA LA 302 41.44 33.94 -6.75
C ALA LA 302 41.47 33.72 -5.25
N GLU LA 303 41.62 34.79 -4.47
CA GLU LA 303 41.71 34.65 -3.02
C GLU LA 303 40.34 34.47 -2.38
N ILE LA 304 39.26 34.80 -3.09
CA ILE LA 304 37.92 34.69 -2.53
C ILE LA 304 37.61 33.22 -2.31
N PRO LA 305 37.32 32.80 -1.07
CA PRO LA 305 37.06 31.39 -0.81
C PRO LA 305 35.87 30.88 -1.60
N GLU LA 306 35.98 29.65 -2.10
CA GLU LA 306 34.89 29.06 -2.86
C GLU LA 306 33.68 28.79 -1.97
N LYS LA 307 33.91 28.56 -0.68
CA LYS LA 307 32.79 28.38 0.25
C LYS LA 307 32.00 29.66 0.41
N LEU LA 308 32.70 30.80 0.49
CA LEU LA 308 32.00 32.11 0.58
C LEU LA 308 31.22 32.36 -0.70
N ALA LA 309 31.77 31.97 -1.85
CA ALA LA 309 31.09 32.20 -3.15
C ALA LA 309 29.92 31.23 -3.33
N PHE LA 310 29.96 30.05 -2.68
CA PHE LA 310 28.79 29.13 -2.75
C PHE LA 310 27.60 29.90 -2.20
N TYR LA 311 27.77 30.55 -1.05
CA TYR LA 311 26.70 31.45 -0.56
C TYR LA 311 26.69 32.60 -1.56
N ASP LA 312 25.63 33.40 -1.63
CA ASP LA 312 25.55 34.47 -2.66
C ASP LA 312 25.00 33.84 -3.95
N TYR LA 313 24.55 32.58 -3.88
CA TYR LA 313 23.90 31.94 -5.04
C TYR LA 313 22.41 31.79 -4.69
N ILE LA 314 21.52 32.38 -5.48
CA ILE LA 314 20.07 32.36 -5.12
C ILE LA 314 19.60 30.92 -4.93
N GLY LA 315 20.28 29.96 -5.55
CA GLY LA 315 19.88 28.54 -5.42
C GLY LA 315 20.06 28.03 -4.01
N ASN LA 316 20.89 28.69 -3.20
CA ASN LA 316 21.10 28.27 -1.79
C ASN LA 316 20.21 29.13 -0.88
N ASN LA 317 19.29 29.91 -1.46
CA ASN LA 317 18.35 30.74 -0.65
C ASN LA 317 17.17 29.87 -0.23
N PRO LA 318 16.75 29.90 1.05
CA PRO LA 318 15.67 29.02 1.52
C PRO LA 318 14.29 29.42 0.98
N ALA LA 319 14.19 30.59 0.32
CA ALA LA 319 12.91 31.06 -0.18
C ALA LA 319 12.83 31.00 -1.70
N LYS LA 320 13.49 30.01 -2.31
CA LYS LA 320 13.42 29.81 -3.75
C LYS LA 320 12.90 28.42 -4.08
N GLY LA 321 12.36 27.70 -3.10
CA GLY LA 321 11.90 26.35 -3.29
C GLY LA 321 10.43 26.26 -3.62
N GLY LA 322 9.90 25.06 -3.50
CA GLY LA 322 8.49 24.83 -3.75
C GLY LA 322 7.94 23.86 -2.73
N LEU LA 323 6.63 23.92 -2.53
CA LEU LA 323 6.00 23.09 -1.51
C LEU LA 323 6.15 21.61 -1.84
N PHE LA 324 6.00 21.24 -3.11
CA PHE LA 324 6.09 19.86 -3.52
C PHE LA 324 7.31 19.57 -4.37
N ARG LA 325 8.24 20.51 -4.49
CA ARG LA 325 9.57 20.23 -5.04
C ARG LA 325 10.37 19.48 -3.97
N ALA LA 326 10.06 18.20 -3.85
CA ALA LA 326 10.57 17.40 -2.75
C ALA LA 326 12.03 17.05 -2.97
N GLY LA 327 12.68 16.65 -1.89
CA GLY LA 327 14.04 16.12 -1.94
C GLY LA 327 15.07 17.13 -1.48
N ALA LA 328 16.32 16.79 -1.76
CA ALA LA 328 17.47 17.60 -1.40
C ALA LA 328 17.70 18.70 -2.44
N MET LA 329 18.48 19.70 -2.04
CA MET LA 329 18.77 20.80 -2.96
C MET LA 329 19.59 20.32 -4.16
N ASN LA 330 20.37 19.25 -3.99
CA ASN LA 330 21.10 18.68 -5.12
C ASN LA 330 20.17 18.07 -6.15
N SER LA 331 18.95 17.71 -5.77
CA SER LA 331 17.96 17.24 -6.73
C SER LA 331 17.40 18.37 -7.59
N GLY LA 332 17.79 19.61 -7.31
CA GLY LA 332 17.30 20.75 -8.06
C GLY LA 332 18.29 21.21 -9.11
N ASP LA 333 19.07 22.24 -8.79
CA ASP LA 333 20.10 22.71 -9.70
C ASP LA 333 21.23 21.70 -9.91
N GLY LA 334 21.35 20.69 -9.07
CA GLY LA 334 22.39 19.70 -9.19
C GLY LA 334 23.39 19.79 -8.05
N ILE LA 335 24.44 19.00 -8.17
CA ILE LA 335 25.54 18.99 -7.21
C ILE LA 335 26.61 19.96 -7.70
N ALA LA 336 26.95 20.94 -6.88
CA ALA LA 336 27.96 21.91 -7.26
C ALA LA 336 29.33 21.25 -7.29
N VAL LA 337 30.04 21.42 -8.41
CA VAL LA 337 31.34 20.79 -8.60
C VAL LA 337 32.47 21.81 -8.54
N GLY LA 338 32.20 23.06 -8.86
CA GLY LA 338 33.24 24.06 -8.81
C GLY LA 338 32.70 25.43 -9.13
N TRP LA 339 33.51 26.43 -8.83
CA TRP LA 339 33.19 27.82 -9.08
C TRP LA 339 33.78 28.23 -10.42
N LEU LA 340 32.94 28.72 -11.33
CA LEU LA 340 33.43 29.18 -12.62
C LEU LA 340 34.30 30.43 -12.47
N GLY LA 341 33.97 31.27 -11.51
CA GLY LA 341 34.64 32.54 -11.32
C GLY LA 341 33.67 33.69 -11.42
N HIS LA 342 34.19 34.87 -11.11
CA HIS LA 342 33.38 36.08 -11.14
C HIS LA 342 33.27 36.58 -12.57
N ALA LA 343 32.07 36.53 -13.13
CA ALA LA 343 31.85 37.04 -14.48
C ALA LA 343 31.83 38.56 -14.46
N VAL LA 344 32.58 39.17 -15.36
CA VAL LA 344 32.71 40.62 -15.45
C VAL LA 344 32.24 41.03 -16.83
N PHE LA 345 31.08 41.71 -16.88
CA PHE LA 345 30.49 42.09 -18.15
C PHE LA 345 30.98 43.48 -18.53
N LYS LA 346 31.62 43.58 -19.68
CA LYS LA 346 32.18 44.84 -20.16
C LYS LA 346 31.45 45.26 -21.42
N ASP LA 347 31.21 46.56 -21.54
CA ASP LA 347 30.58 47.13 -22.71
C ASP LA 347 31.58 47.19 -23.86
N LYS LA 348 31.09 47.57 -25.04
CA LYS LA 348 31.97 47.72 -26.19
C LYS LA 348 33.02 48.79 -25.96
N GLN LA 349 32.67 49.83 -25.20
CA GLN LA 349 33.60 50.90 -24.85
C GLN LA 349 34.48 50.55 -23.66
N GLY LA 350 34.32 49.36 -23.09
CA GLY LA 350 35.03 48.99 -21.89
C GLY LA 350 34.31 49.34 -20.61
N ASN LA 351 33.15 49.97 -20.68
CA ASN LA 351 32.39 50.29 -19.49
C ASN LA 351 31.91 49.01 -18.81
N GLU LA 352 31.96 49.00 -17.49
CA GLU LA 352 31.60 47.82 -16.72
C GLU LA 352 30.09 47.79 -16.50
N LEU LA 353 29.47 46.64 -16.80
CA LEU LA 353 28.05 46.45 -16.64
C LEU LA 353 27.80 45.36 -15.60
N PHE LA 354 26.79 45.56 -14.77
CA PHE LA 354 26.43 44.62 -13.71
C PHE LA 354 25.04 44.08 -13.97
N VAL LA 355 24.91 42.76 -13.91
CA VAL LA 355 23.60 42.13 -14.07
C VAL LA 355 22.77 42.36 -12.83
N ARG LA 356 21.54 42.86 -13.01
CA ARG LA 356 20.63 43.07 -11.86
C ARG LA 356 20.21 41.69 -11.33
N ARG LA 357 20.62 41.36 -10.10
CA ARG LA 357 20.32 40.01 -9.54
C ARG LA 357 18.82 39.81 -9.40
N MET LA 358 18.35 38.56 -9.55
CA MET LA 358 16.90 38.26 -9.41
C MET LA 358 16.51 38.39 -7.94
N PRO LA 359 15.44 39.13 -7.59
CA PRO LA 359 14.96 39.21 -6.22
C PRO LA 359 14.37 37.86 -5.81
N THR LA 360 14.20 37.61 -4.51
CA THR LA 360 13.73 36.27 -4.04
C THR LA 360 12.25 36.07 -4.35
N PHE LA 361 11.52 37.12 -4.76
CA PHE LA 361 10.06 37.00 -4.98
C PHE LA 361 9.75 36.59 -6.41
N PHE LA 362 10.75 36.51 -7.30
CA PHE LA 362 10.44 36.26 -8.69
C PHE LA 362 10.80 34.83 -9.07
N GLU LA 363 9.84 34.14 -9.68
CA GLU LA 363 10.11 32.86 -10.30
C GLU LA 363 10.92 33.01 -11.57
N THR LA 364 10.66 34.07 -12.33
CA THR LA 364 11.38 34.39 -13.56
C THR LA 364 11.62 35.88 -13.61
N PHE LA 365 12.82 36.29 -14.00
CA PHE LA 365 13.20 37.70 -13.95
C PHE LA 365 13.86 38.12 -15.26
N PRO LA 366 13.45 39.24 -15.83
CA PRO LA 366 14.12 39.73 -17.05
C PRO LA 366 15.58 40.03 -16.76
N VAL LA 367 16.44 39.68 -17.70
CA VAL LA 367 17.88 39.91 -17.54
C VAL LA 367 18.22 41.27 -18.12
N VAL LA 368 18.76 42.14 -17.26
CA VAL LA 368 19.08 43.52 -17.63
C VAL LA 368 20.42 43.87 -17.01
N LEU LA 369 21.30 44.48 -17.81
CA LEU LA 369 22.63 44.85 -17.36
C LEU LA 369 22.67 46.35 -17.09
N LEU LA 370 23.19 46.73 -15.92
CA LEU LA 370 23.25 48.11 -15.49
C LEU LA 370 24.69 48.55 -15.30
N ASP LA 371 24.95 49.83 -15.52
CA ASP LA 371 26.28 50.37 -15.29
C ASP LA 371 26.43 50.75 -13.82
N LYS LA 372 27.53 51.42 -13.51
CA LYS LA 372 27.86 51.71 -12.12
C LYS LA 372 26.83 52.65 -11.48
N ASP LA 373 26.35 53.63 -12.24
CA ASP LA 373 25.37 54.56 -11.69
C ASP LA 373 23.97 53.97 -11.61
N GLY LA 374 23.75 52.77 -12.13
CA GLY LA 374 22.44 52.15 -12.08
C GLY LA 374 21.56 52.39 -13.28
N VAL LA 375 22.13 52.76 -14.43
CA VAL LA 375 21.37 53.00 -15.64
C VAL LA 375 21.41 51.75 -16.50
N VAL LA 376 20.26 51.36 -17.03
CA VAL LA 376 20.19 50.21 -17.91
C VAL LA 376 21.01 50.49 -19.17
N ARG LA 377 21.95 49.59 -19.48
CA ARG LA 377 22.78 49.71 -20.66
C ARG LA 377 22.62 48.58 -21.65
N ALA LA 378 22.19 47.40 -21.21
CA ALA LA 378 22.01 46.28 -22.11
C ALA LA 378 21.03 45.30 -21.48
N ASP LA 379 20.47 44.43 -22.30
CA ASP LA 379 19.57 43.40 -21.84
C ASP LA 379 19.34 42.39 -22.95
N VAL LA 380 18.74 41.26 -22.59
CA VAL LA 380 18.28 40.28 -23.55
C VAL LA 380 16.82 40.60 -23.87
N PRO LA 381 16.53 41.28 -24.97
CA PRO LA 381 15.17 41.75 -25.21
C PRO LA 381 14.21 40.60 -25.47
N PHE LA 382 12.97 40.77 -25.02
CA PHE LA 382 11.92 39.83 -25.38
C PHE LA 382 11.46 40.06 -26.80
N ARG LA 383 11.27 41.31 -27.19
CA ARG LA 383 10.95 41.68 -28.56
C ARG LA 383 12.25 42.05 -29.26
N ARG LA 384 12.70 41.18 -30.17
CA ARG LA 384 13.94 41.38 -30.89
C ARG LA 384 13.75 42.07 -32.23
N SER LA 385 12.54 42.50 -32.55
CA SER LA 385 12.28 43.10 -33.85
C SER LA 385 12.87 44.50 -33.95
N GLU LA 386 12.70 45.32 -32.93
CA GLU LA 386 13.12 46.72 -32.97
C GLU LA 386 13.82 47.10 -31.66
N SER LA 387 14.73 46.24 -31.22
CA SER LA 387 15.41 46.42 -29.95
C SER LA 387 16.35 47.62 -29.98
N LYS LA 388 16.57 48.22 -28.81
CA LYS LA 388 17.51 49.31 -28.66
C LYS LA 388 18.57 49.05 -27.59
N TYR LA 389 18.49 47.92 -26.90
CA TYR LA 389 19.43 47.61 -25.83
C TYR LA 389 20.08 46.24 -25.97
N SER LA 390 19.81 45.50 -27.03
CA SER LA 390 20.30 44.13 -27.12
C SER LA 390 21.81 44.09 -27.04
N ILE LA 391 22.34 43.03 -26.43
CA ILE LA 391 23.77 42.92 -26.22
C ILE LA 391 24.53 42.90 -27.54
N GLU LA 392 23.86 42.56 -28.65
CA GLU LA 392 24.53 42.63 -29.95
C GLU LA 392 24.74 44.07 -30.38
N GLN LA 393 23.77 44.94 -30.12
CA GLN LA 393 23.97 46.37 -30.38
C GLN LA 393 24.97 46.97 -29.40
N VAL LA 394 24.98 46.50 -28.16
CA VAL LA 394 25.87 47.04 -27.14
C VAL LA 394 27.25 46.38 -27.18
N GLY LA 395 27.37 45.20 -27.78
CA GLY LA 395 28.65 44.53 -27.85
C GLY LA 395 29.19 44.12 -26.49
N VAL LA 396 28.34 43.53 -25.67
CA VAL LA 396 28.72 43.10 -24.32
C VAL LA 396 29.57 41.85 -24.39
N SER LA 397 30.55 41.77 -23.50
CA SER LA 397 31.45 40.63 -23.41
C SER LA 397 31.60 40.22 -21.95
N VAL LA 398 31.89 38.93 -21.73
CA VAL LA 398 32.03 38.38 -20.39
C VAL LA 398 33.47 37.96 -20.19
N THR LA 399 34.07 38.37 -19.08
CA THR LA 399 35.41 37.95 -18.70
C THR LA 399 35.34 37.39 -17.29
N PHE LA 400 35.91 36.21 -17.09
CA PHE LA 400 35.85 35.52 -15.81
C PHE LA 400 37.17 35.66 -15.07
N TYR LA 401 37.07 36.04 -13.79
CA TYR LA 401 38.24 36.19 -12.93
C TYR LA 401 38.15 35.18 -11.80
N GLY LA 402 39.19 34.37 -11.64
CA GLY LA 402 39.20 33.33 -10.63
C GLY LA 402 38.41 32.11 -11.07
N GLY LA 403 38.43 31.10 -10.22
CA GLY LA 403 37.64 29.92 -10.47
C GLY LA 403 38.15 29.08 -11.64
N GLU LA 404 37.26 28.23 -12.14
CA GLU LA 404 37.62 27.33 -13.24
C GLU LA 404 37.98 28.12 -14.49
N LEU LA 405 37.11 29.06 -14.89
CA LEU LA 405 37.37 29.91 -16.04
C LEU LA 405 38.07 31.16 -15.51
N ASP LA 406 39.36 31.27 -15.77
CA ASP LA 406 40.13 32.43 -15.34
C ASP LA 406 40.82 33.06 -16.54
N GLY LA 407 40.54 34.32 -16.78
CA GLY LA 407 41.09 35.02 -17.91
C GLY LA 407 40.33 34.74 -19.18
N VAL LA 408 39.47 33.72 -19.14
CA VAL LA 408 38.68 33.38 -20.31
C VAL LA 408 37.64 34.46 -20.57
N THR LA 409 37.51 34.86 -21.82
CA THR LA 409 36.56 35.88 -22.20
C THR LA 409 35.71 35.38 -23.36
N PHE LA 410 34.45 35.79 -23.37
CA PHE LA 410 33.51 35.42 -24.43
C PHE LA 410 32.98 36.69 -25.05
N SER LA 411 32.83 36.68 -26.37
CA SER LA 411 32.28 37.80 -27.10
C SER LA 411 31.08 37.45 -27.95
N ASP LA 412 30.90 36.18 -28.29
CA ASP LA 412 29.73 35.77 -29.06
C ASP LA 412 28.46 35.99 -28.25
N PRO LA 413 27.42 36.59 -28.83
CA PRO LA 413 26.23 36.94 -28.05
C PRO LA 413 25.55 35.76 -27.38
N ALA LA 414 25.59 34.58 -28.01
CA ALA LA 414 24.89 33.42 -27.47
C ALA LA 414 25.43 33.03 -26.10
N THR LA 415 26.77 32.98 -25.96
CA THR LA 415 27.34 32.60 -24.67
C THR LA 415 27.27 33.74 -23.68
N VAL LA 416 27.34 34.99 -24.15
CA VAL LA 416 27.19 36.13 -23.25
C VAL LA 416 25.80 36.14 -22.63
N LYS LA 417 24.78 35.87 -23.45
CA LYS LA 417 23.42 35.75 -22.93
C LYS LA 417 23.34 34.61 -21.93
N LYS LA 418 24.02 33.50 -22.21
CA LYS LA 418 23.96 32.34 -21.32
C LYS LA 418 24.49 32.67 -19.94
N TYR LA 419 25.66 33.31 -19.87
CA TYR LA 419 26.24 33.63 -18.57
C TYR LA 419 25.55 34.81 -17.92
N ALA LA 420 24.97 35.72 -18.70
CA ALA LA 420 24.20 36.81 -18.13
C ALA LA 420 23.00 36.28 -17.36
N ARG LA 421 22.34 35.26 -17.90
CA ARG LA 421 21.26 34.61 -17.15
C ARG LA 421 21.78 33.92 -15.90
N ARG LA 422 22.96 33.30 -15.99
CA ARG LA 422 23.55 32.68 -14.81
C ARG LA 422 23.99 33.75 -13.81
N ALA LA 423 24.39 34.91 -14.28
CA ALA LA 423 24.91 35.95 -13.39
C ALA LA 423 23.81 36.51 -12.49
N GLN LA 424 22.58 36.57 -13.01
CA GLN LA 424 21.46 37.15 -12.23
C GLN LA 424 21.08 36.23 -11.07
N LEU LA 425 21.64 35.02 -11.05
CA LEU LA 425 21.36 34.06 -9.94
C LEU LA 425 22.50 34.13 -8.93
N GLY LA 426 23.37 35.13 -9.05
CA GLY LA 426 24.50 35.28 -8.11
C GLY LA 426 25.80 34.78 -8.70
N GLU LA 427 26.66 34.19 -7.87
CA GLU LA 427 27.97 33.66 -8.35
C GLU LA 427 27.72 32.51 -9.33
N ILE LA 428 28.61 32.31 -10.30
CA ILE LA 428 28.39 31.27 -11.35
C ILE LA 428 29.14 29.99 -10.98
N PHE LA 429 28.40 28.92 -10.68
CA PHE LA 429 28.99 27.64 -10.36
C PHE LA 429 28.64 26.62 -11.44
N GLU LA 430 29.43 25.56 -11.49
CA GLU LA 430 29.12 24.42 -12.33
C GLU LA 430 28.44 23.35 -11.50
N PHE LA 431 27.37 22.79 -12.05
CA PHE LA 431 26.56 21.82 -11.33
C PHE LA 431 26.50 20.52 -12.11
N ASP LA 432 26.62 19.41 -11.39
CA ASP LA 432 26.46 18.08 -11.97
C ASP LA 432 24.98 17.73 -11.93
N ARG LA 433 24.32 17.78 -13.09
CA ARG LA 433 22.90 17.48 -13.19
C ARG LA 433 22.63 16.08 -13.70
N ALA LA 434 23.66 15.26 -13.87
CA ALA LA 434 23.49 13.92 -14.41
C ALA LA 434 23.53 12.84 -13.35
N THR LA 435 24.24 13.06 -12.24
CA THR LA 435 24.36 12.05 -11.21
C THR LA 435 23.01 11.74 -10.57
N LEU LA 436 22.26 12.78 -10.21
CA LEU LA 436 20.95 12.61 -9.59
C LEU LA 436 19.80 12.85 -10.56
N GLN LA 437 20.10 13.06 -11.84
CA GLN LA 437 19.09 13.44 -12.83
C GLN LA 437 18.30 14.65 -12.34
N SER LA 438 19.03 15.68 -11.94
CA SER LA 438 18.39 16.88 -11.41
C SER LA 438 17.51 17.54 -12.45
N ASP LA 439 16.29 17.91 -12.05
CA ASP LA 439 15.34 18.50 -12.98
C ASP LA 439 15.75 19.91 -13.38
N GLY LA 440 16.21 20.71 -12.43
CA GLY LA 440 16.65 22.06 -12.72
C GLY LA 440 15.88 23.16 -12.02
N VAL LA 441 14.90 22.84 -11.18
CA VAL LA 441 14.17 23.85 -10.42
C VAL LA 441 14.71 23.86 -9.00
N PHE LA 442 14.78 25.04 -8.40
CA PHE LA 442 15.37 25.19 -7.08
C PHE LA 442 14.53 24.49 -6.03
N ARG LA 443 15.19 24.13 -4.93
CA ARG LA 443 14.55 23.47 -3.82
C ARG LA 443 14.93 24.15 -2.51
N THR LA 444 14.29 23.72 -1.44
CA THR LA 444 14.41 24.36 -0.15
C THR LA 444 15.48 23.69 0.70
N SER LA 445 16.14 24.50 1.51
CA SER LA 445 17.11 24.02 2.48
C SER LA 445 16.40 23.46 3.70
N PRO LA 446 17.12 22.71 4.55
CA PRO LA 446 16.52 22.28 5.81
C PRO LA 446 16.02 23.41 6.68
N ARG LA 447 16.58 24.61 6.52
CA ARG LA 447 16.05 25.77 7.23
C ARG LA 447 14.63 26.09 6.77
N GLY LA 448 14.38 26.02 5.47
CA GLY LA 448 13.06 26.32 4.95
C GLY LA 448 12.03 25.27 5.34
N TRP LA 449 12.42 24.00 5.29
CA TRP LA 449 11.49 22.93 5.64
C TRP LA 449 11.15 22.96 7.12
N PHE LA 450 12.14 23.21 7.97
CA PHE LA 450 11.88 23.27 9.41
C PHE LA 450 10.90 24.37 9.75
N THR LA 451 11.11 25.55 9.16
CA THR LA 451 10.24 26.69 9.46
C THR LA 451 8.82 26.42 9.03
N PHE LA 452 8.63 25.81 7.85
CA PHE LA 452 7.29 25.52 7.37
C PHE LA 452 6.60 24.51 8.27
N ALA LA 453 7.29 23.43 8.63
CA ALA LA 453 6.68 22.40 9.46
C ALA LA 453 6.28 22.95 10.81
N HIS LA 454 7.21 23.64 11.48
CA HIS LA 454 6.94 24.11 12.83
C HIS LA 454 6.09 25.38 12.85
N LEU LA 455 5.77 25.94 11.69
CA LEU LA 455 4.78 27.01 11.61
C LEU LA 455 3.36 26.48 11.40
N CYS LA 456 3.21 25.45 10.58
CA CYS LA 456 1.92 24.79 10.45
C CYS LA 456 1.52 24.11 11.75
N PHE LA 457 2.48 23.45 12.42
CA PHE LA 457 2.20 22.83 13.70
C PHE LA 457 1.82 23.88 14.73
N ALA LA 458 2.50 25.02 14.75
CA ALA LA 458 2.17 26.07 15.69
C ALA LA 458 0.76 26.58 15.46
N LEU LA 459 0.37 26.73 14.19
CA LEU LA 459 -0.98 27.26 13.88
C LEU LA 459 -2.03 26.23 14.32
N LEU LA 460 -1.85 24.96 13.93
CA LEU LA 460 -2.83 23.89 14.27
C LEU LA 460 -2.91 23.75 15.80
N PHE LA 461 -1.77 23.86 16.49
CA PHE LA 461 -1.75 23.70 17.97
C PHE LA 461 -2.50 24.85 18.63
N PHE LA 462 -2.64 25.98 17.94
CA PHE LA 462 -3.47 27.07 18.51
C PHE LA 462 -4.91 26.58 18.61
N PHE LA 463 -5.39 25.89 17.58
CA PHE LA 463 -6.77 25.32 17.63
C PHE LA 463 -6.85 24.36 18.82
N GLY LA 464 -5.80 23.56 19.05
CA GLY LA 464 -5.77 22.66 20.21
C GLY LA 464 -5.95 23.44 21.50
N HIS LA 465 -5.21 24.53 21.68
CA HIS LA 465 -5.40 25.36 22.87
C HIS LA 465 -6.85 25.79 22.98
N ILE LA 466 -7.44 26.24 21.87
CA ILE LA 466 -8.85 26.73 21.90
C ILE LA 466 -9.77 25.55 22.22
N TRP LA 467 -9.56 24.40 21.56
CA TRP LA 467 -10.45 23.23 21.76
C TRP LA 467 -10.27 22.65 23.16
N HIS LA 468 -9.08 22.14 23.46
CA HIS LA 468 -8.86 21.48 24.78
C HIS LA 468 -9.06 22.50 25.89
N GLY LA 469 -8.81 23.77 25.60
CA GLY LA 469 -9.07 24.78 26.62
C GLY LA 469 -10.56 24.98 26.87
N ALA LA 470 -11.34 25.05 25.79
CA ALA LA 470 -12.78 25.22 25.93
C ALA LA 470 -13.41 24.00 26.58
N ARG LA 471 -12.91 22.81 26.27
CA ARG LA 471 -13.47 21.60 26.85
C ARG LA 471 -13.23 21.50 28.34
N THR LA 472 -12.14 22.09 28.82
CA THR LA 472 -11.85 22.07 30.26
C THR LA 472 -12.82 22.94 31.04
N ILE LA 473 -13.02 24.17 30.58
CA ILE LA 473 -13.92 25.08 31.27
C ILE LA 473 -15.38 24.66 31.11
N PHE LA 474 -15.76 24.23 29.92
CA PHE LA 474 -17.14 23.89 29.61
C PHE LA 474 -17.38 22.39 29.72
N ARG LA 475 -16.69 21.72 30.64
CA ARG LA 475 -16.83 20.28 30.77
C ARG LA 475 -18.23 19.89 31.24
N ASP LA 476 -18.86 20.71 32.07
CA ASP LA 476 -20.17 20.35 32.62
C ASP LA 476 -21.26 20.38 31.56
N VAL LA 477 -21.02 21.09 30.46
CA VAL LA 477 -22.04 21.20 29.38
C VAL LA 477 -21.52 20.48 28.13
N PHE LA 478 -20.56 19.57 28.30
CA PHE LA 478 -19.95 18.88 27.13
C PHE LA 478 -20.99 18.00 26.43
N ALA LA 479 -21.90 17.38 27.20
CA ALA LA 479 -22.89 16.46 26.58
C ALA LA 479 -24.16 17.23 26.21
N GLY LA 480 -24.25 18.51 26.58
CA GLY LA 480 -25.41 19.30 26.25
C GLY LA 480 -25.79 20.22 27.40
N ILE LA 481 -26.59 21.22 27.07
CA ILE LA 481 -26.98 22.23 28.04
C ILE LA 481 -28.15 21.72 28.87
N ASP LA 482 -28.43 22.39 29.98
CA ASP LA 482 -29.50 21.96 30.87
C ASP LA 482 -30.86 22.17 30.22
N ALA LA 483 -31.79 21.25 30.54
CA ALA LA 483 -33.09 21.25 29.89
C ALA LA 483 -33.88 22.52 30.21
N ASP LA 484 -33.87 22.95 31.47
CA ASP LA 484 -34.61 24.13 31.89
C ASP LA 484 -33.63 25.29 32.03
N LEU LA 485 -33.30 25.91 30.90
CA LEU LA 485 -32.47 27.09 30.88
C LEU LA 485 -33.18 28.13 30.01
N ASP LA 486 -34.17 28.80 30.60
CA ASP LA 486 -34.86 29.88 29.91
C ASP LA 486 -34.85 31.15 30.74
N GLU LA 487 -35.19 31.01 32.02
CA GLU LA 487 -35.34 32.18 32.87
C GLU LA 487 -33.99 32.83 33.16
N GLN LA 488 -32.95 32.02 33.41
CA GLN LA 488 -31.64 32.57 33.72
C GLN LA 488 -30.97 33.22 32.51
N VAL LA 489 -31.50 33.01 31.31
CA VAL LA 489 -30.98 33.64 30.11
C VAL LA 489 -31.95 34.66 29.55
N GLU LA 490 -33.03 34.95 30.27
CA GLU LA 490 -33.98 35.98 29.84
C GLU LA 490 -33.33 37.34 29.85
N PHE LA 491 -33.63 38.15 28.83
CA PHE LA 491 -33.03 39.48 28.72
C PHE LA 491 -33.61 40.41 29.77
N GLY LA 492 -32.74 41.07 30.52
CA GLY LA 492 -33.17 42.02 31.52
C GLY LA 492 -33.93 41.42 32.69
N ALA LA 493 -33.80 40.12 32.92
CA ALA LA 493 -34.44 39.49 34.06
C ALA LA 493 -33.60 39.62 35.32
N PHE LA 494 -32.28 39.58 35.19
CA PHE LA 494 -31.36 39.69 36.30
C PHE LA 494 -30.39 40.82 36.05
N LEU LA 495 -29.94 41.46 37.13
CA LEU LA 495 -28.99 42.56 37.00
C LEU LA 495 -27.66 42.07 36.46
N LYS LA 496 -27.21 40.91 36.90
CA LYS LA 496 -25.95 40.31 36.45
C LYS LA 496 -26.24 39.07 35.64
N LEU LA 497 -25.43 38.85 34.60
CA LEU LA 497 -25.68 37.75 33.68
C LEU LA 497 -25.47 36.40 34.36
N GLY LA 498 -26.48 35.55 34.29
CA GLY LA 498 -26.37 34.21 34.85
C GLY LA 498 -26.22 34.19 36.36
N ASP LA 499 -26.74 35.20 37.05
CA ASP LA 499 -26.71 35.27 38.51
C ASP LA 499 -28.14 35.41 39.00
N THR LA 500 -28.64 34.38 39.68
CA THR LA 500 -30.01 34.39 40.15
C THR LA 500 -30.21 35.32 41.34
N SER LA 501 -29.15 35.68 42.04
CA SER LA 501 -29.25 36.57 43.20
C SER LA 501 -29.51 38.02 42.82
N THR LA 502 -29.48 38.35 41.53
CA THR LA 502 -29.58 39.73 41.07
C THR LA 502 -30.90 39.99 40.35
N ARG LA 503 -31.99 39.42 40.85
CA ARG LA 503 -33.30 39.60 40.25
C ARG LA 503 -33.70 41.06 40.20
N ARG LA 504 -34.27 41.47 39.06
CA ARG LA 504 -34.65 42.86 38.84
C ARG LA 504 -35.58 43.40 39.93
N GLY MA 1 -57.23 50.90 2.37
CA GLY MA 1 -56.67 49.64 1.91
C GLY MA 1 -57.05 48.47 2.80
N ARG MA 2 -56.07 47.60 3.07
CA ARG MA 2 -56.28 46.48 3.96
C ARG MA 2 -55.10 46.39 4.91
N ASP MA 3 -55.07 45.33 5.70
CA ASP MA 3 -54.02 45.12 6.68
C ASP MA 3 -53.75 43.62 6.77
N GLN MA 4 -52.67 43.28 7.47
CA GLN MA 4 -52.34 41.87 7.63
C GLN MA 4 -53.32 41.17 8.55
N GLU MA 5 -53.98 41.91 9.43
CA GLU MA 5 -54.93 41.31 10.36
C GLU MA 5 -56.09 40.67 9.61
N SER MA 6 -56.59 41.33 8.56
CA SER MA 6 -57.74 40.85 7.82
C SER MA 6 -57.36 40.12 6.53
N THR MA 7 -56.07 40.02 6.21
CA THR MA 7 -55.65 39.40 4.96
C THR MA 7 -54.66 38.27 5.14
N GLY MA 8 -53.72 38.36 6.07
CA GLY MA 8 -52.68 37.38 6.17
C GLY MA 8 -51.47 37.65 5.30
N PHE MA 9 -51.50 38.71 4.50
CA PHE MA 9 -50.35 39.13 3.71
C PHE MA 9 -49.71 40.33 4.39
N ALA MA 10 -48.40 40.27 4.59
CA ALA MA 10 -47.67 41.37 5.21
C ALA MA 10 -47.54 42.52 4.22
N TRP MA 11 -47.04 43.65 4.72
CA TRP MA 11 -46.91 44.84 3.87
C TRP MA 11 -45.95 44.59 2.71
N TRP MA 12 -44.90 43.79 2.94
CA TRP MA 12 -43.97 43.52 1.86
C TRP MA 12 -44.55 42.60 0.80
N ALA MA 13 -45.72 42.01 1.06
CA ALA MA 13 -46.51 41.32 0.05
C ALA MA 13 -47.87 41.98 -0.08
N GLY MA 14 -47.89 43.30 0.02
CA GLY MA 14 -49.16 44.01 0.11
C GLY MA 14 -49.98 43.96 -1.15
N ASN MA 15 -49.34 44.03 -2.32
CA ASN MA 15 -50.10 44.00 -3.56
C ASN MA 15 -50.76 42.66 -3.80
N ALA MA 16 -50.39 41.64 -3.02
CA ALA MA 16 -51.08 40.35 -3.08
C ALA MA 16 -52.49 40.42 -2.50
N ARG MA 17 -52.84 41.51 -1.83
CA ARG MA 17 -54.19 41.70 -1.32
C ARG MA 17 -55.16 42.11 -2.42
N LEU MA 18 -54.66 42.40 -3.62
CA LEU MA 18 -55.47 42.86 -4.73
C LEU MA 18 -55.88 41.72 -5.66
N ILE MA 19 -55.59 40.47 -5.30
CA ILE MA 19 -55.81 39.37 -6.23
C ILE MA 19 -57.29 39.24 -6.55
N ASN MA 20 -58.15 39.32 -5.54
CA ASN MA 20 -59.58 39.15 -5.73
C ASN MA 20 -60.35 40.46 -5.69
N LEU MA 21 -59.65 41.59 -5.72
CA LEU MA 21 -60.28 42.91 -5.75
C LEU MA 21 -60.13 43.45 -7.17
N SER MA 22 -61.13 43.17 -8.00
CA SER MA 22 -61.01 43.47 -9.43
C SER MA 22 -60.86 44.96 -9.68
N GLY MA 23 -61.67 45.78 -9.01
CA GLY MA 23 -61.59 47.21 -9.26
C GLY MA 23 -60.27 47.82 -8.82
N LYS MA 24 -59.82 47.48 -7.63
CA LYS MA 24 -58.54 47.99 -7.16
C LYS MA 24 -57.38 47.44 -7.98
N LEU MA 25 -57.48 46.16 -8.38
CA LEU MA 25 -56.45 45.59 -9.23
C LEU MA 25 -56.39 46.30 -10.58
N LEU MA 26 -57.56 46.69 -11.10
CA LEU MA 26 -57.58 47.44 -12.34
C LEU MA 26 -56.84 48.77 -12.18
N GLY MA 27 -57.06 49.46 -11.06
CA GLY MA 27 -56.38 50.71 -10.83
C GLY MA 27 -54.88 50.55 -10.75
N ALA MA 28 -54.42 49.47 -10.13
CA ALA MA 28 -52.98 49.23 -10.03
C ALA MA 28 -52.36 49.05 -11.40
N HIS MA 29 -53.00 48.27 -12.27
CA HIS MA 29 -52.44 48.03 -13.59
C HIS MA 29 -52.52 49.28 -14.47
N VAL MA 30 -53.58 50.08 -14.30
CA VAL MA 30 -53.67 51.33 -15.06
C VAL MA 30 -52.66 52.34 -14.54
N ALA MA 31 -52.38 52.34 -13.24
CA ALA MA 31 -51.39 53.26 -12.69
C ALA MA 31 -49.98 52.89 -13.15
N HIS MA 32 -49.61 51.61 -13.11
CA HIS MA 32 -48.29 51.22 -13.58
C HIS MA 32 -48.15 51.47 -15.07
N ALA MA 33 -49.26 51.38 -15.82
CA ALA MA 33 -49.23 51.78 -17.22
C ALA MA 33 -48.91 53.26 -17.36
N GLY MA 34 -49.48 54.09 -16.48
CA GLY MA 34 -49.13 55.50 -16.48
C GLY MA 34 -47.66 55.73 -16.19
N LEU MA 35 -47.07 54.90 -15.33
CA LEU MA 35 -45.65 55.00 -15.04
C LEU MA 35 -44.81 54.67 -16.26
N ILE MA 36 -45.20 53.65 -17.02
CA ILE MA 36 -44.45 53.29 -18.22
C ILE MA 36 -44.53 54.39 -19.25
N VAL MA 37 -45.72 54.94 -19.47
CA VAL MA 37 -45.89 56.03 -20.42
C VAL MA 37 -45.15 57.27 -19.92
N PHE MA 38 -45.18 57.52 -18.62
CA PHE MA 38 -44.48 58.67 -18.07
C PHE MA 38 -42.98 58.59 -18.35
N TRP MA 39 -42.38 57.42 -18.13
CA TRP MA 39 -40.95 57.27 -18.35
C TRP MA 39 -40.60 57.49 -19.81
N ALA MA 40 -41.43 56.96 -20.72
CA ALA MA 40 -41.16 57.13 -22.14
C ALA MA 40 -41.17 58.59 -22.53
N GLY MA 41 -42.15 59.35 -22.02
CA GLY MA 41 -42.17 60.77 -22.30
C GLY MA 41 -41.06 61.53 -21.59
N ALA MA 42 -40.83 61.20 -20.31
CA ALA MA 42 -39.83 61.92 -19.54
C ALA MA 42 -38.43 61.69 -20.08
N MET MA 43 -38.12 60.45 -20.49
CA MET MA 43 -36.80 60.18 -21.04
C MET MA 43 -36.66 60.71 -22.46
N ASN MA 44 -37.75 60.71 -23.22
CA ASN MA 44 -37.70 61.27 -24.56
C ASN MA 44 -37.36 62.76 -24.51
N LEU MA 45 -38.00 63.49 -23.60
CA LEU MA 45 -37.68 64.89 -23.44
C LEU MA 45 -36.28 65.08 -22.86
N PHE MA 46 -35.88 64.20 -21.95
CA PHE MA 46 -34.55 64.26 -21.37
C PHE MA 46 -33.49 64.05 -22.44
N GLU MA 47 -33.67 63.04 -23.28
CA GLU MA 47 -32.69 62.73 -24.32
C GLU MA 47 -32.65 63.84 -25.37
N VAL MA 48 -33.80 64.40 -25.72
CA VAL MA 48 -33.82 65.50 -26.68
C VAL MA 48 -33.11 66.72 -26.11
N ALA MA 49 -33.38 67.04 -24.84
CA ALA MA 49 -32.75 68.20 -24.22
C ALA MA 49 -31.24 68.03 -24.12
N HIS MA 50 -30.75 66.79 -24.05
CA HIS MA 50 -29.33 66.52 -23.89
C HIS MA 50 -28.69 66.05 -25.19
N PHE MA 51 -29.31 66.37 -26.33
CA PHE MA 51 -28.85 65.93 -27.63
C PHE MA 51 -28.10 67.05 -28.32
N VAL MA 52 -26.93 66.74 -28.86
CA VAL MA 52 -26.11 67.69 -29.60
C VAL MA 52 -25.82 67.09 -30.97
N PRO MA 53 -25.91 67.85 -32.06
CA PRO MA 53 -25.68 67.27 -33.39
C PRO MA 53 -24.22 66.99 -33.70
N GLU MA 54 -23.28 67.50 -32.89
CA GLU MA 54 -21.87 67.28 -33.17
C GLU MA 54 -21.46 65.83 -32.98
N LYS MA 55 -22.28 65.02 -32.30
CA LYS MA 55 -21.93 63.64 -32.03
C LYS MA 55 -23.05 62.71 -32.50
N PRO MA 56 -22.72 61.48 -32.87
CA PRO MA 56 -23.77 60.54 -33.27
C PRO MA 56 -24.62 60.13 -32.09
N MET MA 57 -25.75 59.49 -32.39
CA MET MA 57 -26.69 59.12 -31.34
C MET MA 57 -26.06 58.19 -30.32
N TYR MA 58 -25.27 57.21 -30.78
CA TYR MA 58 -24.78 56.20 -29.85
C TYR MA 58 -23.71 56.72 -28.92
N GLU MA 59 -23.13 57.89 -29.18
CA GLU MA 59 -22.14 58.46 -28.27
C GLU MA 59 -22.77 59.24 -27.14
N GLN MA 60 -24.05 59.59 -27.23
CA GLN MA 60 -24.70 60.46 -26.27
C GLN MA 60 -25.58 59.72 -25.29
N GLY MA 61 -25.46 58.39 -25.23
CA GLY MA 61 -26.20 57.62 -24.24
C GLY MA 61 -27.69 57.67 -24.42
N LEU MA 62 -28.17 57.66 -25.67
CA LEU MA 62 -29.59 57.71 -25.96
C LEU MA 62 -30.05 56.33 -26.40
N ILE MA 63 -31.15 55.87 -25.80
CA ILE MA 63 -31.72 54.58 -26.17
C ILE MA 63 -33.13 54.69 -26.73
N LEU MA 64 -33.86 55.77 -26.47
CA LEU MA 64 -35.20 55.96 -26.99
C LEU MA 64 -35.20 56.64 -28.35
N LEU MA 65 -34.38 57.67 -28.51
CA LEU MA 65 -34.26 58.32 -29.82
C LEU MA 65 -33.86 57.38 -30.93
N PRO MA 66 -32.92 56.43 -30.75
CA PRO MA 66 -32.66 55.46 -31.82
C PRO MA 66 -33.89 54.67 -32.23
N HIS MA 67 -34.81 54.39 -31.31
CA HIS MA 67 -36.06 53.71 -31.67
C HIS MA 67 -36.90 54.59 -32.59
N LEU MA 68 -36.99 55.88 -32.27
CA LEU MA 68 -37.74 56.80 -33.13
C LEU MA 68 -37.04 57.01 -34.46
N ALA MA 69 -35.72 57.01 -34.46
CA ALA MA 69 -34.97 57.14 -35.71
C ALA MA 69 -35.24 55.96 -36.63
N THR MA 70 -35.26 54.75 -36.08
CA THR MA 70 -35.52 53.57 -36.90
C THR MA 70 -36.91 53.59 -37.50
N LEU MA 71 -37.87 54.23 -36.83
CA LEU MA 71 -39.18 54.45 -37.41
C LEU MA 71 -39.19 55.53 -38.46
N GLY MA 72 -38.04 56.11 -38.78
CA GLY MA 72 -37.97 57.10 -39.84
C GLY MA 72 -38.44 58.47 -39.43
N TYR MA 73 -38.01 58.93 -38.25
CA TYR MA 73 -38.34 60.26 -37.76
C TYR MA 73 -37.07 61.07 -37.60
N GLY MA 74 -37.03 62.25 -38.22
CA GLY MA 74 -35.93 63.17 -38.02
C GLY MA 74 -34.58 62.65 -38.46
N VAL MA 75 -34.54 61.79 -39.47
CA VAL MA 75 -33.27 61.26 -39.97
C VAL MA 75 -33.25 61.40 -41.49
N GLY MA 76 -32.04 61.56 -42.02
CA GLY MA 76 -31.84 61.66 -43.44
C GLY MA 76 -30.98 60.54 -43.96
N PRO MA 77 -30.50 60.67 -45.19
CA PRO MA 77 -29.63 59.64 -45.75
C PRO MA 77 -28.36 59.48 -44.94
N GLY MA 78 -27.91 58.23 -44.79
CA GLY MA 78 -26.71 57.93 -44.06
C GLY MA 78 -26.87 57.88 -42.56
N GLY MA 79 -28.07 58.12 -42.04
CA GLY MA 79 -28.31 58.10 -40.62
C GLY MA 79 -28.14 59.43 -39.92
N GLU MA 80 -27.86 60.50 -40.66
CA GLU MA 80 -27.70 61.81 -40.05
C GLU MA 80 -29.03 62.29 -39.46
N VAL MA 81 -28.97 62.87 -38.28
CA VAL MA 81 -30.16 63.44 -37.66
C VAL MA 81 -30.37 64.85 -38.21
N ILE MA 82 -31.50 65.06 -38.89
CA ILE MA 82 -31.75 66.32 -39.58
C ILE MA 82 -32.69 67.19 -38.75
N ASP MA 83 -33.57 66.56 -37.97
CA ASP MA 83 -34.53 67.30 -37.17
C ASP MA 83 -34.76 66.56 -35.85
N THR MA 84 -35.06 67.34 -34.82
CA THR MA 84 -35.34 66.79 -33.50
C THR MA 84 -36.77 67.03 -33.05
N TYR MA 85 -37.54 67.85 -33.77
CA TYR MA 85 -38.92 68.10 -33.41
C TYR MA 85 -39.78 66.84 -33.34
N PRO MA 86 -39.69 65.90 -34.28
CA PRO MA 86 -40.49 64.67 -34.14
C PRO MA 86 -40.21 63.93 -32.84
N TYR MA 87 -38.98 63.98 -32.35
CA TYR MA 87 -38.66 63.35 -31.07
C TYR MA 87 -39.30 64.12 -29.93
N PHE MA 88 -39.44 65.44 -30.09
CA PHE MA 88 -40.02 66.26 -29.03
C PHE MA 88 -41.51 65.98 -28.89
N VAL MA 89 -42.24 65.98 -30.00
CA VAL MA 89 -43.69 65.79 -29.93
C VAL MA 89 -44.02 64.39 -29.41
N SER MA 90 -43.19 63.40 -29.78
CA SER MA 90 -43.38 62.06 -29.24
C SER MA 90 -43.23 62.05 -27.73
N GLY MA 91 -42.24 62.77 -27.20
CA GLY MA 91 -42.05 62.82 -25.77
C GLY MA 91 -43.18 63.53 -25.05
N VAL MA 92 -43.66 64.64 -25.62
CA VAL MA 92 -44.76 65.37 -25.00
C VAL MA 92 -46.03 64.52 -25.01
N LEU MA 93 -46.29 63.85 -26.13
CA LEU MA 93 -47.53 63.08 -26.26
C LEU MA 93 -47.61 61.97 -25.23
N HIS MA 94 -46.48 61.30 -24.97
CA HIS MA 94 -46.45 60.31 -23.91
C HIS MA 94 -46.58 60.97 -22.53
N LEU MA 95 -45.88 62.08 -22.32
CA LEU MA 95 -45.89 62.71 -21.01
C LEU MA 95 -47.28 63.19 -20.62
N ILE MA 96 -48.01 63.78 -21.56
CA ILE MA 96 -49.36 64.23 -21.26
C ILE MA 96 -50.29 63.04 -21.09
N SER MA 97 -50.13 62.00 -21.91
CA SER MA 97 -51.01 60.84 -21.82
C SER MA 97 -50.85 60.11 -20.49
N SER MA 98 -49.66 60.18 -19.90
CA SER MA 98 -49.45 59.55 -18.60
C SER MA 98 -50.28 60.21 -17.52
N ALA MA 99 -50.55 61.50 -17.67
CA ALA MA 99 -51.35 62.21 -16.67
C ALA MA 99 -52.77 61.67 -16.62
N VAL MA 100 -53.41 61.50 -17.77
CA VAL MA 100 -54.75 60.95 -17.78
C VAL MA 100 -54.72 59.48 -17.39
N LEU MA 101 -53.66 58.78 -17.76
CA LEU MA 101 -53.50 57.39 -17.36
C LEU MA 101 -53.30 57.27 -15.86
N GLY MA 102 -52.53 58.21 -15.28
CA GLY MA 102 -52.35 58.20 -13.83
C GLY MA 102 -53.63 58.50 -13.09
N PHE MA 103 -54.45 59.42 -13.61
CA PHE MA 103 -55.70 59.74 -12.94
C PHE MA 103 -56.63 58.54 -12.90
N GLY MA 104 -56.75 57.83 -14.02
CA GLY MA 104 -57.56 56.63 -14.02
C GLY MA 104 -57.03 55.56 -13.08
N GLY MA 105 -55.71 55.40 -13.07
CA GLY MA 105 -55.12 54.47 -12.11
C GLY MA 105 -55.36 54.89 -10.67
N VAL MA 106 -55.21 56.19 -10.40
CA VAL MA 106 -55.44 56.68 -9.05
C VAL MA 106 -56.93 56.60 -8.71
N TYR MA 107 -57.80 56.93 -9.66
CA TYR MA 107 -59.24 56.83 -9.40
C TYR MA 107 -59.66 55.38 -9.19
N HIS MA 108 -59.33 54.51 -10.14
CA HIS MA 108 -59.77 53.12 -10.07
C HIS MA 108 -59.18 52.40 -8.86
N SER MA 109 -58.13 52.95 -8.25
CA SER MA 109 -57.49 52.34 -7.09
C SER MA 109 -58.08 52.79 -5.76
N LEU MA 110 -58.32 54.08 -5.60
CA LEU MA 110 -58.76 54.63 -4.32
C LEU MA 110 -60.27 54.84 -4.24
N VAL MA 111 -60.86 55.41 -5.29
CA VAL MA 111 -62.25 55.86 -5.22
C VAL MA 111 -63.18 54.86 -5.90
N GLY MA 112 -62.73 54.30 -7.02
CA GLY MA 112 -63.56 53.40 -7.80
C GLY MA 112 -64.01 52.17 -7.02
N PRO MA 113 -64.90 51.38 -7.62
CA PRO MA 113 -65.40 50.18 -6.94
C PRO MA 113 -64.28 49.20 -6.64
N GLU MA 114 -64.37 48.54 -5.49
CA GLU MA 114 -63.36 47.56 -5.12
C GLU MA 114 -63.42 46.33 -6.00
N THR MA 115 -64.62 45.88 -6.36
CA THR MA 115 -64.83 44.77 -7.26
C THR MA 115 -65.74 45.21 -8.38
N LEU MA 116 -65.45 44.78 -9.60
CA LEU MA 116 -66.21 45.18 -10.77
C LEU MA 116 -67.34 44.22 -11.11
N GLU MA 117 -67.47 43.11 -10.41
CA GLU MA 117 -68.39 42.06 -10.83
C GLU MA 117 -69.84 42.50 -10.70
N GLU MA 118 -70.22 43.05 -9.56
CA GLU MA 118 -71.63 43.33 -9.30
C GLU MA 118 -72.11 44.54 -10.09
N SER MA 119 -71.28 45.59 -10.18
CA SER MA 119 -71.73 46.82 -10.83
C SER MA 119 -71.46 46.82 -12.33
N PHE MA 120 -70.40 46.16 -12.78
CA PHE MA 120 -70.01 46.16 -14.19
C PHE MA 120 -69.76 44.73 -14.65
N PRO MA 121 -70.81 43.99 -14.99
CA PRO MA 121 -70.62 42.59 -15.38
C PRO MA 121 -69.70 42.39 -16.57
N PHE MA 122 -69.66 43.37 -17.48
CA PHE MA 122 -68.77 43.24 -18.64
C PHE MA 122 -67.31 43.17 -18.22
N PHE MA 123 -66.91 44.00 -17.27
CA PHE MA 123 -65.53 44.02 -16.83
C PHE MA 123 -65.26 43.11 -15.63
N GLY MA 124 -66.30 42.76 -14.88
CA GLY MA 124 -66.10 41.88 -13.75
C GLY MA 124 -65.68 40.50 -14.19
N TYR MA 125 -64.84 39.86 -13.38
CA TYR MA 125 -64.32 38.55 -13.71
C TYR MA 125 -63.92 37.85 -12.44
N VAL MA 126 -63.93 36.53 -12.47
CA VAL MA 126 -63.29 35.71 -11.45
C VAL MA 126 -62.23 34.87 -12.15
N TRP MA 127 -61.07 34.71 -11.51
CA TRP MA 127 -59.94 34.00 -12.18
C TRP MA 127 -60.34 32.60 -12.65
N LYS MA 128 -61.20 31.91 -11.91
CA LYS MA 128 -61.55 30.51 -12.26
C LYS MA 128 -62.44 30.46 -13.50
N ASP MA 129 -63.00 31.61 -13.92
CA ASP MA 129 -63.88 31.65 -15.11
C ASP MA 129 -63.02 31.51 -16.37
N LYS MA 130 -62.83 30.28 -16.84
CA LYS MA 130 -61.95 30.03 -18.01
C LYS MA 130 -62.50 30.80 -19.22
N ASN MA 131 -63.81 30.86 -19.38
CA ASN MA 131 -64.43 31.55 -20.54
C ASN MA 131 -64.11 33.05 -20.46
N LYS MA 132 -64.50 33.71 -19.36
CA LYS MA 132 -64.27 35.14 -19.24
C LYS MA 132 -62.79 35.47 -19.41
N MET MA 133 -61.91 34.61 -18.89
CA MET MA 133 -60.48 34.85 -19.00
C MET MA 133 -60.02 34.85 -20.45
N THR MA 134 -60.55 33.93 -21.26
CA THR MA 134 -60.15 33.88 -22.67
C THR MA 134 -60.70 35.07 -23.44
N THR MA 135 -61.87 35.58 -23.06
CA THR MA 135 -62.39 36.77 -23.71
C THR MA 135 -61.49 37.96 -23.45
N ILE MA 136 -61.09 38.16 -22.19
CA ILE MA 136 -60.14 39.22 -21.87
C ILE MA 136 -58.84 38.98 -22.61
N LEU MA 137 -58.38 37.73 -22.63
CA LEU MA 137 -57.19 37.38 -23.42
C LEU MA 137 -57.44 37.67 -24.90
N GLY MA 138 -58.62 37.32 -25.40
CA GLY MA 138 -58.91 37.55 -26.80
C GLY MA 138 -58.97 39.01 -27.16
N ILE MA 139 -59.59 39.83 -26.30
CA ILE MA 139 -59.70 41.26 -26.59
C ILE MA 139 -58.31 41.90 -26.64
N HIS MA 140 -57.51 41.66 -25.60
CA HIS MA 140 -56.20 42.29 -25.54
C HIS MA 140 -55.25 41.68 -26.57
N LEU MA 141 -55.62 40.54 -27.13
CA LEU MA 141 -54.85 39.97 -28.24
C LEU MA 141 -55.13 40.70 -29.55
N ILE MA 142 -56.35 41.22 -29.70
CA ILE MA 142 -56.69 41.97 -30.91
C ILE MA 142 -55.98 43.32 -30.90
N VAL MA 143 -55.95 43.99 -29.74
CA VAL MA 143 -55.31 45.30 -29.67
C VAL MA 143 -53.82 45.18 -29.91
N LEU MA 144 -53.25 44.01 -29.62
CA LEU MA 144 -51.86 43.76 -30.00
C LEU MA 144 -51.73 43.59 -31.51
N GLY MA 145 -52.69 42.91 -32.13
CA GLY MA 145 -52.67 42.79 -33.57
C GLY MA 145 -52.78 44.14 -34.27
N LEU MA 146 -53.65 45.00 -33.75
CA LEU MA 146 -53.77 46.34 -34.32
C LEU MA 146 -52.47 47.12 -34.15
N GLY MA 147 -51.81 46.96 -33.00
CA GLY MA 147 -50.52 47.60 -32.81
C GLY MA 147 -49.48 47.12 -33.81
N ALA MA 148 -49.49 45.83 -34.12
CA ALA MA 148 -48.57 45.32 -35.12
C ALA MA 148 -48.89 45.86 -36.50
N TRP MA 149 -50.17 46.05 -36.81
CA TRP MA 149 -50.55 46.62 -38.10
C TRP MA 149 -50.17 48.08 -38.22
N LEU MA 150 -50.08 48.80 -37.10
CA LEU MA 150 -49.61 50.18 -37.16
C LEU MA 150 -48.19 50.25 -37.67
N LEU MA 151 -47.36 49.27 -37.31
CA LEU MA 151 -45.98 49.26 -37.79
C LEU MA 151 -45.93 49.05 -39.29
N VAL MA 152 -46.74 48.14 -39.82
CA VAL MA 152 -46.72 47.91 -41.27
C VAL MA 152 -47.41 49.06 -42.00
N TRP MA 153 -48.39 49.70 -41.37
CA TRP MA 153 -49.01 50.86 -42.00
C TRP MA 153 -48.02 52.01 -42.12
N LYS MA 154 -47.24 52.26 -41.08
CA LYS MA 154 -46.24 53.30 -41.15
C LYS MA 154 -45.17 52.99 -42.18
N ALA MA 155 -44.72 51.73 -42.23
CA ALA MA 155 -43.66 51.37 -43.16
C ALA MA 155 -44.12 51.31 -44.60
N MET MA 156 -45.42 51.17 -44.83
CA MET MA 156 -45.95 51.09 -46.19
C MET MA 156 -46.76 52.30 -46.61
N TYR MA 157 -47.40 53.00 -45.70
CA TYR MA 157 -48.29 54.10 -46.08
C TYR MA 157 -47.99 55.42 -45.40
N PHE MA 158 -47.27 55.46 -44.27
CA PHE MA 158 -47.05 56.69 -43.53
C PHE MA 158 -45.55 56.95 -43.44
N GLY MA 159 -44.99 57.57 -44.47
CA GLY MA 159 -43.60 57.97 -44.47
C GLY MA 159 -42.62 56.88 -44.76
N GLY MA 160 -42.84 55.70 -44.22
CA GLY MA 160 -41.92 54.59 -44.38
C GLY MA 160 -41.10 54.34 -43.14
N ILE MA 161 -40.11 53.46 -43.30
CA ILE MA 161 -39.25 53.03 -42.22
C ILE MA 161 -37.81 53.24 -42.66
N TYR MA 162 -36.91 53.36 -41.68
CA TYR MA 162 -35.52 53.52 -42.01
C TYR MA 162 -34.93 52.20 -42.46
N ASP MA 163 -34.37 52.17 -43.66
CA ASP MA 163 -33.77 50.97 -44.21
C ASP MA 163 -32.27 51.20 -44.30
N THR MA 164 -31.52 50.53 -43.42
CA THR MA 164 -30.08 50.67 -43.44
C THR MA 164 -29.44 49.93 -44.60
N TRP MA 165 -30.17 49.01 -45.23
CA TRP MA 165 -29.71 48.28 -46.41
C TRP MA 165 -30.19 48.92 -47.70
N ALA MA 166 -30.79 50.10 -47.63
CA ALA MA 166 -31.42 50.67 -48.80
C ALA MA 166 -30.40 50.91 -49.90
N PRO MA 167 -30.74 50.65 -51.16
CA PRO MA 167 -29.80 50.95 -52.25
C PRO MA 167 -29.54 52.45 -52.32
N GLY MA 168 -28.30 52.79 -52.67
CA GLY MA 168 -27.90 54.17 -52.67
C GLY MA 168 -27.56 54.74 -51.32
N GLY MA 169 -27.46 53.90 -50.29
CA GLY MA 169 -27.20 54.37 -48.95
C GLY MA 169 -28.42 54.23 -48.06
N GLY MA 170 -28.20 53.98 -46.77
CA GLY MA 170 -29.29 53.86 -45.84
C GLY MA 170 -30.13 55.12 -45.74
N ASP MA 171 -31.46 54.97 -45.77
CA ASP MA 171 -32.36 56.10 -45.67
C ASP MA 171 -33.74 55.59 -45.34
N VAL MA 172 -34.65 56.52 -45.04
CA VAL MA 172 -36.05 56.18 -44.82
C VAL MA 172 -36.66 55.74 -46.13
N ARG MA 173 -37.17 54.51 -46.16
CA ARG MA 173 -37.68 53.92 -47.38
C ARG MA 173 -39.08 53.38 -47.13
N ILE MA 174 -39.96 53.57 -48.10
CA ILE MA 174 -41.32 53.05 -48.01
C ILE MA 174 -41.30 51.61 -48.49
N ILE MA 175 -41.70 50.68 -47.61
CA ILE MA 175 -41.78 49.28 -47.99
C ILE MA 175 -42.99 49.06 -48.87
N THR MA 176 -42.80 48.44 -50.02
CA THR MA 176 -43.90 48.19 -50.94
C THR MA 176 -44.21 46.71 -51.11
N ASN MA 177 -43.22 45.82 -51.02
CA ASN MA 177 -43.41 44.39 -51.21
C ASN MA 177 -42.85 43.65 -49.99
N PRO MA 178 -43.57 43.66 -48.88
CA PRO MA 178 -43.11 42.90 -47.71
C PRO MA 178 -43.11 41.41 -47.98
N THR MA 179 -42.15 40.71 -47.39
CA THR MA 179 -42.00 39.28 -47.60
C THR MA 179 -43.02 38.54 -46.74
N VAL MA 180 -44.06 38.04 -47.38
CA VAL MA 180 -45.18 37.42 -46.70
C VAL MA 180 -45.24 35.92 -46.98
N SER MA 181 -44.26 35.38 -47.67
CA SER MA 181 -44.25 33.97 -48.03
C SER MA 181 -44.11 33.10 -46.79
N PRO MA 182 -44.88 32.01 -46.67
CA PRO MA 182 -44.79 31.17 -45.46
C PRO MA 182 -43.41 30.56 -45.25
N GLY MA 183 -42.72 30.18 -46.32
CA GLY MA 183 -41.42 29.55 -46.17
C GLY MA 183 -40.42 30.46 -45.50
N VAL MA 184 -40.44 31.75 -45.85
CA VAL MA 184 -39.52 32.70 -45.23
C VAL MA 184 -39.87 32.89 -43.76
N ILE MA 185 -41.15 33.06 -43.46
CA ILE MA 185 -41.57 33.34 -42.09
C ILE MA 185 -41.28 32.15 -41.19
N PHE MA 186 -41.67 30.96 -41.63
CA PHE MA 186 -41.38 29.76 -40.84
C PHE MA 186 -39.89 29.47 -40.81
N GLY MA 187 -39.14 29.96 -41.79
CA GLY MA 187 -37.71 29.75 -41.79
C GLY MA 187 -37.03 30.43 -40.61
N TYR MA 188 -37.47 31.65 -40.29
CA TYR MA 188 -36.90 32.36 -39.15
C TYR MA 188 -37.30 31.72 -37.83
N LEU MA 189 -38.57 31.31 -37.72
CA LEU MA 189 -39.08 30.82 -36.44
C LEU MA 189 -38.44 29.51 -36.01
N PHE MA 190 -38.14 28.63 -36.96
CA PHE MA 190 -37.70 27.28 -36.63
C PHE MA 190 -36.25 27.03 -37.00
N ARG MA 191 -35.47 28.08 -37.22
CA ARG MA 191 -34.04 27.90 -37.40
C ARG MA 191 -33.37 27.94 -36.03
N SER MA 192 -32.21 27.30 -35.94
CA SER MA 192 -31.54 27.16 -34.66
C SER MA 192 -31.08 28.53 -34.15
N PRO MA 193 -30.95 28.69 -32.83
CA PRO MA 193 -30.39 29.93 -32.29
C PRO MA 193 -28.88 30.02 -32.39
N PHE MA 194 -28.21 29.01 -32.92
CA PHE MA 194 -26.76 29.00 -32.92
C PHE MA 194 -26.22 29.88 -34.04
N GLY MA 195 -24.89 29.97 -34.09
CA GLY MA 195 -24.25 30.88 -35.01
C GLY MA 195 -24.57 30.54 -36.46
N GLY MA 196 -24.63 31.57 -37.27
CA GLY MA 196 -25.03 31.45 -38.66
C GLY MA 196 -26.52 31.45 -38.87
N ASP MA 197 -27.28 30.90 -37.91
CA ASP MA 197 -28.73 30.88 -37.98
C ASP MA 197 -29.34 32.00 -37.14
N GLY MA 198 -29.06 32.02 -35.85
CA GLY MA 198 -29.45 33.15 -35.01
C GLY MA 198 -30.93 33.30 -34.77
N TRP MA 199 -31.73 32.28 -35.08
CA TRP MA 199 -33.18 32.27 -34.86
C TRP MA 199 -33.77 33.53 -35.51
N ILE MA 200 -34.64 34.28 -34.83
CA ILE MA 200 -35.25 35.46 -35.43
C ILE MA 200 -34.36 36.68 -35.40
N VAL MA 201 -33.27 36.64 -34.64
CA VAL MA 201 -32.32 37.74 -34.60
C VAL MA 201 -31.64 37.98 -35.94
N SER MA 202 -31.69 37.00 -36.83
CA SER MA 202 -30.97 37.06 -38.10
C SER MA 202 -31.79 37.69 -39.22
N VAL MA 203 -32.96 38.27 -38.91
CA VAL MA 203 -33.72 38.95 -39.94
C VAL MA 203 -32.90 40.13 -40.47
N ASP MA 204 -32.70 40.16 -41.79
CA ASP MA 204 -31.66 41.00 -42.36
C ASP MA 204 -32.18 41.99 -43.41
N ASN MA 205 -33.49 42.20 -43.48
CA ASN MA 205 -34.02 43.24 -44.35
C ASN MA 205 -35.38 43.65 -43.84
N MET MA 206 -35.77 44.88 -44.16
CA MET MA 206 -37.02 45.42 -43.65
C MET MA 206 -38.24 44.86 -44.35
N GLU MA 207 -38.06 44.20 -45.50
CA GLU MA 207 -39.17 43.49 -46.12
C GLU MA 207 -39.61 42.33 -45.25
N ASP MA 208 -38.65 41.61 -44.66
CA ASP MA 208 -38.98 40.51 -43.76
C ASP MA 208 -39.55 41.01 -42.45
N VAL MA 209 -39.03 42.12 -41.94
CA VAL MA 209 -39.53 42.67 -40.69
C VAL MA 209 -40.99 43.09 -40.83
N ILE MA 210 -41.31 43.80 -41.91
CA ILE MA 210 -42.68 44.23 -42.12
C ILE MA 210 -43.56 43.05 -42.50
N GLY MA 211 -43.06 42.17 -43.36
CA GLY MA 211 -43.80 40.96 -43.68
C GLY MA 211 -44.05 40.11 -42.44
N GLY MA 212 -43.09 40.06 -41.54
CA GLY MA 212 -43.30 39.33 -40.29
C GLY MA 212 -44.36 39.96 -39.42
N HIS MA 213 -44.36 41.29 -39.30
CA HIS MA 213 -45.36 41.95 -38.47
C HIS MA 213 -46.74 41.91 -39.12
N ILE MA 214 -46.82 41.60 -40.42
CA ILE MA 214 -48.12 41.34 -41.04
C ILE MA 214 -48.67 40.01 -40.55
N TRP MA 215 -47.82 38.99 -40.46
CA TRP MA 215 -48.25 37.69 -39.92
C TRP MA 215 -48.68 37.81 -38.47
N ILE MA 216 -47.91 38.54 -37.66
CA ILE MA 216 -48.24 38.70 -36.26
C ILE MA 216 -49.55 39.45 -36.09
N GLY MA 217 -49.74 40.52 -36.87
CA GLY MA 217 -50.99 41.25 -36.81
C GLY MA 217 -52.18 40.41 -37.22
N THR MA 218 -51.99 39.55 -38.23
CA THR MA 218 -53.09 38.70 -38.68
C THR MA 218 -53.33 37.54 -37.72
N LEU MA 219 -52.26 36.95 -37.18
CA LEU MA 219 -52.42 35.86 -36.22
C LEU MA 219 -53.09 36.34 -34.94
N CYS MA 220 -52.67 37.50 -34.43
CA CYS MA 220 -53.25 38.01 -33.20
C CYS MA 220 -54.72 38.34 -33.38
N ILE MA 221 -55.10 38.93 -34.51
CA ILE MA 221 -56.51 39.24 -34.74
C ILE MA 221 -57.32 37.96 -34.85
N PHE MA 222 -56.84 36.98 -35.62
CA PHE MA 222 -57.53 35.70 -35.69
C PHE MA 222 -57.49 34.98 -34.34
N GLY MA 223 -56.33 35.00 -33.69
CA GLY MA 223 -56.24 34.40 -32.37
C GLY MA 223 -57.08 35.13 -31.35
N GLY MA 224 -57.20 36.45 -31.48
CA GLY MA 224 -58.08 37.19 -30.61
C GLY MA 224 -59.54 36.83 -30.81
N ILE MA 225 -59.96 36.74 -32.08
CA ILE MA 225 -61.33 36.35 -32.38
C ILE MA 225 -61.58 34.92 -31.93
N TRP MA 226 -60.61 34.04 -32.15
CA TRP MA 226 -60.75 32.64 -31.76
C TRP MA 226 -60.91 32.51 -30.25
N HIS MA 227 -60.04 33.17 -29.49
CA HIS MA 227 -60.10 33.08 -28.04
C HIS MA 227 -61.28 33.85 -27.46
N ILE MA 228 -61.95 34.69 -28.24
CA ILE MA 228 -63.18 35.31 -27.77
C ILE MA 228 -64.37 34.37 -27.94
N LEU MA 229 -64.50 33.74 -29.11
CA LEU MA 229 -65.67 32.92 -29.43
C LEU MA 229 -65.60 31.52 -28.84
N THR MA 230 -64.48 31.11 -28.27
CA THR MA 230 -64.33 29.77 -27.74
C THR MA 230 -63.96 29.84 -26.26
N LYS MA 231 -63.90 28.67 -25.65
CA LYS MA 231 -63.43 28.48 -24.29
C LYS MA 231 -62.44 27.33 -24.29
N PRO MA 232 -61.57 27.25 -23.29
CA PRO MA 232 -60.53 26.21 -23.28
C PRO MA 232 -61.13 24.82 -23.36
N TRP MA 233 -60.48 23.96 -24.13
CA TRP MA 233 -60.96 22.60 -24.33
C TRP MA 233 -60.59 21.71 -23.16
N ALA MA 234 -61.01 20.45 -23.24
CA ALA MA 234 -60.79 19.52 -22.15
C ALA MA 234 -59.30 19.30 -21.88
N TRP MA 235 -58.50 19.20 -22.94
CA TRP MA 235 -57.07 18.97 -22.76
C TRP MA 235 -56.38 20.17 -22.15
N ALA MA 236 -56.92 21.37 -22.40
CA ALA MA 236 -56.33 22.60 -21.83
C ALA MA 236 -56.76 22.74 -20.36
N ARG MA 237 -58.00 22.38 -20.04
CA ARG MA 237 -58.53 22.54 -18.67
C ARG MA 237 -57.78 21.63 -17.70
N ARG MA 238 -57.21 20.53 -18.20
CA ARG MA 238 -56.52 19.56 -17.30
C ARG MA 238 -55.01 19.74 -17.39
N ALA MA 239 -54.55 20.81 -18.04
CA ALA MA 239 -53.09 21.00 -18.24
C ALA MA 239 -52.63 22.35 -17.65
N PHE MA 240 -53.55 23.09 -17.01
CA PHE MA 240 -53.16 24.43 -16.53
C PHE MA 240 -53.83 24.77 -15.19
N VAL MA 241 -53.14 25.53 -14.34
CA VAL MA 241 -53.76 25.98 -13.06
C VAL MA 241 -54.57 27.24 -13.37
N TRP MA 242 -55.88 27.20 -13.11
CA TRP MA 242 -56.75 28.35 -13.47
C TRP MA 242 -56.92 29.28 -12.27
N SER MA 243 -55.86 30.01 -11.92
CA SER MA 243 -55.92 30.98 -10.79
C SER MA 243 -55.26 32.29 -11.24
N GLY MA 244 -55.44 33.36 -10.47
CA GLY MA 244 -54.83 34.63 -10.83
C GLY MA 244 -53.31 34.57 -10.84
N GLU MA 245 -52.72 34.02 -9.78
CA GLU MA 245 -51.27 33.93 -9.71
C GLU MA 245 -50.71 32.99 -10.77
N ALA MA 246 -51.48 32.01 -11.21
CA ALA MA 246 -51.02 31.13 -12.28
C ALA MA 246 -50.95 31.87 -13.61
N TYR MA 247 -51.95 32.69 -13.91
CA TYR MA 247 -51.92 33.47 -15.13
C TYR MA 247 -50.74 34.43 -15.14
N LEU MA 248 -50.42 34.99 -13.97
CA LEU MA 248 -49.27 35.87 -13.85
C LEU MA 248 -47.99 35.14 -14.18
N SER MA 249 -47.84 33.92 -13.67
CA SER MA 249 -46.62 33.16 -13.92
C SER MA 249 -46.47 32.80 -15.38
N TYR MA 250 -47.60 32.56 -16.06
CA TYR MA 250 -47.55 32.27 -17.49
C TYR MA 250 -46.94 33.45 -18.26
N SER MA 251 -47.35 34.66 -17.89
CA SER MA 251 -46.80 35.84 -18.55
C SER MA 251 -45.36 36.10 -18.14
N LEU MA 252 -45.03 35.83 -16.87
CA LEU MA 252 -43.66 36.02 -16.42
C LEU MA 252 -42.70 35.12 -17.18
N GLY MA 253 -43.11 33.89 -17.47
CA GLY MA 253 -42.30 33.03 -18.30
C GLY MA 253 -42.20 33.52 -19.73
N ALA MA 254 -43.33 33.98 -20.29
CA ALA MA 254 -43.32 34.48 -21.67
C ALA MA 254 -42.52 35.77 -21.77
N ILE MA 255 -42.75 36.70 -20.84
CA ILE MA 255 -42.01 37.95 -20.86
C ILE MA 255 -40.53 37.71 -20.62
N SER MA 256 -40.19 36.63 -19.92
CA SER MA 256 -38.78 36.29 -19.71
C SER MA 256 -38.10 35.95 -21.03
N ILE MA 257 -38.78 35.20 -21.90
CA ILE MA 257 -38.22 34.88 -23.20
C ILE MA 257 -38.02 36.15 -24.03
N MET MA 258 -39.01 37.05 -23.99
CA MET MA 258 -38.91 38.29 -24.75
C MET MA 258 -37.74 39.13 -24.28
N GLY MA 259 -37.50 39.17 -22.97
CA GLY MA 259 -36.37 39.93 -22.46
C GLY MA 259 -35.04 39.40 -22.97
N PHE MA 260 -34.89 38.07 -22.98
CA PHE MA 260 -33.67 37.48 -23.52
C PHE MA 260 -33.56 37.72 -25.02
N THR MA 261 -34.68 37.65 -25.74
CA THR MA 261 -34.65 37.90 -27.18
C THR MA 261 -34.27 39.33 -27.49
N ALA MA 262 -34.81 40.29 -26.72
CA ALA MA 262 -34.43 41.68 -26.90
C ALA MA 262 -32.95 41.89 -26.63
N CYS MA 263 -32.41 41.20 -25.61
CA CYS MA 263 -31.01 41.32 -25.29
C CYS MA 263 -30.13 40.86 -26.46
N CYS MA 264 -30.53 39.77 -27.11
CA CYS MA 264 -29.76 39.30 -28.27
C CYS MA 264 -30.05 40.14 -29.51
N MET MA 265 -31.26 40.70 -29.62
CA MET MA 265 -31.56 41.58 -30.74
C MET MA 265 -30.68 42.82 -30.72
N ALA MA 266 -30.58 43.48 -29.56
CA ALA MA 266 -29.76 44.67 -29.46
C ALA MA 266 -28.28 44.38 -29.62
N TRP MA 267 -27.85 43.15 -29.35
CA TRP MA 267 -26.44 42.82 -29.42
C TRP MA 267 -25.99 42.39 -30.80
N PHE MA 268 -26.85 41.73 -31.56
CA PHE MA 268 -26.48 41.17 -32.85
C PHE MA 268 -27.14 41.84 -34.04
N ASN MA 269 -28.41 42.17 -33.94
CA ASN MA 269 -29.15 42.64 -35.10
C ASN MA 269 -28.67 44.01 -35.54
N THR MA 270 -28.50 44.18 -36.85
CA THR MA 270 -28.12 45.46 -37.44
C THR MA 270 -29.18 45.97 -38.41
N THR MA 271 -30.34 45.33 -38.49
CA THR MA 271 -31.39 45.75 -39.40
C THR MA 271 -32.45 46.54 -38.65
N ALA MA 272 -33.06 45.93 -37.64
CA ALA MA 272 -34.01 46.63 -36.80
C ALA MA 272 -33.32 47.51 -35.77
N TYR MA 273 -32.01 47.34 -35.58
CA TYR MA 273 -31.19 48.18 -34.73
C TYR MA 273 -30.03 48.67 -35.58
N PRO MA 274 -30.26 49.68 -36.41
CA PRO MA 274 -29.19 50.15 -37.29
C PRO MA 274 -27.99 50.66 -36.51
N SER MA 275 -26.80 50.35 -37.02
CA SER MA 275 -25.58 50.81 -36.36
C SER MA 275 -25.40 52.32 -36.45
N GLU MA 276 -26.11 52.98 -37.36
CA GLU MA 276 -26.05 54.43 -37.43
C GLU MA 276 -26.66 55.08 -36.21
N PHE MA 277 -27.49 54.35 -35.46
CA PHE MA 277 -28.15 54.91 -34.29
C PHE MA 277 -27.79 54.18 -32.99
N TYR MA 278 -27.67 52.86 -33.03
CA TYR MA 278 -27.30 52.10 -31.84
C TYR MA 278 -25.82 51.84 -31.75
N GLY MA 279 -25.03 52.25 -32.75
CA GLY MA 279 -23.62 51.98 -32.75
C GLY MA 279 -23.31 50.60 -33.30
N PRO MA 280 -22.04 50.30 -33.49
CA PRO MA 280 -21.68 48.99 -34.02
C PRO MA 280 -21.98 47.88 -33.04
N THR MA 281 -22.24 46.69 -33.58
CA THR MA 281 -22.36 45.53 -32.72
C THR MA 281 -20.98 45.02 -32.34
N GLY MA 282 -20.93 44.07 -31.41
CA GLY MA 282 -19.62 43.48 -31.05
C GLY MA 282 -18.92 42.96 -32.29
N PRO MA 283 -19.55 42.07 -33.09
CA PRO MA 283 -18.94 41.54 -34.31
C PRO MA 283 -18.53 42.65 -35.29
N GLU MA 284 -19.38 43.67 -35.46
CA GLU MA 284 -19.09 44.75 -36.44
C GLU MA 284 -17.75 45.41 -36.12
N ALA MA 285 -17.52 45.76 -34.86
CA ALA MA 285 -16.28 46.46 -34.47
C ALA MA 285 -15.07 45.57 -34.75
N SER MA 286 -15.17 44.29 -34.40
CA SER MA 286 -14.04 43.35 -34.65
C SER MA 286 -13.75 43.28 -36.14
N GLN MA 287 -14.79 43.14 -36.96
CA GLN MA 287 -14.61 43.11 -38.45
C GLN MA 287 -14.06 44.46 -38.90
N SER MA 288 -14.55 45.55 -38.32
CA SER MA 288 -14.11 46.91 -38.71
C SER MA 288 -12.61 47.06 -38.47
N GLN MA 289 -12.10 46.50 -37.36
CA GLN MA 289 -10.66 46.66 -37.01
C GLN MA 289 -9.81 46.04 -38.12
N THR MA 290 -10.09 44.78 -38.48
CA THR MA 290 -9.27 44.09 -39.51
C THR MA 290 -9.41 44.82 -40.84
N PHE MA 291 -10.61 45.32 -41.15
CA PHE MA 291 -10.83 46.09 -42.40
C PHE MA 291 -9.98 47.36 -42.38
N THR MA 292 -10.01 48.08 -41.25
CA THR MA 292 -9.25 49.36 -41.14
C THR MA 292 -7.76 49.11 -41.40
N PHE MA 293 -7.18 48.10 -40.73
CA PHE MA 293 -5.72 47.84 -40.88
C PHE MA 293 -5.42 47.31 -42.29
N LEU MA 294 -6.30 46.48 -42.85
CA LEU MA 294 -6.10 45.99 -44.24
C LEU MA 294 -6.01 47.20 -45.18
N VAL MA 295 -6.93 48.15 -45.05
CA VAL MA 295 -6.91 49.36 -45.91
C VAL MA 295 -5.59 50.12 -45.69
N ARG MA 296 -5.23 50.36 -44.44
CA ARG MA 296 -4.00 51.14 -44.13
C ARG MA 296 -2.77 50.40 -44.68
N ASP MA 297 -2.68 49.10 -44.42
CA ASP MA 297 -1.48 48.32 -44.82
C ASP MA 297 -1.39 48.23 -46.35
N GLN MA 298 -2.53 48.12 -47.04
CA GLN MA 298 -2.52 48.12 -48.53
C GLN MA 298 -1.92 49.45 -49.00
N ARG MA 299 -2.32 50.56 -48.39
CA ARG MA 299 -1.80 51.90 -48.78
C ARG MA 299 -0.31 51.98 -48.47
N LEU MA 300 0.12 51.40 -47.34
CA LEU MA 300 1.56 51.38 -46.98
C LEU MA 300 2.28 50.37 -47.88
N GLY MA 301 1.53 49.65 -48.72
CA GLY MA 301 2.14 48.70 -49.68
C GLY MA 301 2.25 47.31 -49.10
N ALA MA 302 1.26 46.45 -49.37
CA ALA MA 302 1.26 45.06 -48.85
C ALA MA 302 0.18 44.24 -49.55
N ASN MA 303 0.51 43.04 -50.01
CA ASN MA 303 -0.50 42.13 -50.63
C ASN MA 303 -1.29 41.49 -49.50
N VAL MA 304 -2.33 42.18 -49.00
CA VAL MA 304 -3.09 41.68 -47.87
C VAL MA 304 -3.59 40.28 -48.16
N ALA MA 305 -3.71 39.94 -49.44
CA ALA MA 305 -4.22 38.62 -49.81
C ALA MA 305 -3.30 37.51 -49.33
N SER MA 306 -2.00 37.68 -49.52
CA SER MA 306 -1.03 36.64 -49.22
C SER MA 306 -0.20 36.93 -47.98
N ALA MA 307 -0.56 37.96 -47.22
CA ALA MA 307 0.16 38.26 -45.98
C ALA MA 307 -0.14 37.19 -44.95
N GLN MA 308 0.92 36.57 -44.44
CA GLN MA 308 0.78 35.48 -43.47
C GLN MA 308 1.02 36.01 -42.06
N GLY MA 309 0.10 35.68 -41.16
CA GLY MA 309 0.25 36.05 -39.77
C GLY MA 309 1.22 35.15 -39.04
N PRO MA 310 1.49 35.50 -37.78
CA PRO MA 310 2.44 34.70 -37.00
C PRO MA 310 2.04 33.25 -36.84
N THR MA 311 0.74 32.96 -36.83
CA THR MA 311 0.26 31.61 -36.63
C THR MA 311 0.25 30.78 -37.90
N GLY MA 312 0.50 31.38 -39.06
CA GLY MA 312 0.40 30.71 -40.33
C GLY MA 312 -0.91 30.95 -41.05
N LEU MA 313 -1.94 31.37 -40.34
CA LEU MA 313 -3.18 31.76 -40.97
C LEU MA 313 -3.02 33.13 -41.63
N GLY MA 314 -3.97 33.45 -42.50
CA GLY MA 314 -3.96 34.76 -43.15
C GLY MA 314 -4.05 35.87 -42.11
N LYS MA 315 -3.21 36.89 -42.28
CA LYS MA 315 -3.20 38.02 -41.31
C LYS MA 315 -4.45 38.87 -41.53
N TYR MA 316 -4.77 39.17 -42.79
CA TYR MA 316 -5.94 40.02 -43.11
C TYR MA 316 -7.09 39.16 -43.65
N LEU MA 317 -6.77 38.15 -44.46
CA LEU MA 317 -7.84 37.34 -45.09
C LEU MA 317 -7.57 35.85 -44.91
N MET MA 318 -8.61 35.07 -44.61
CA MET MA 318 -8.49 33.63 -44.46
C MET MA 318 -9.79 33.01 -44.96
N ARG MA 319 -9.96 31.71 -44.73
CA ARG MA 319 -11.18 31.01 -45.11
C ARG MA 319 -11.91 30.55 -43.86
N SER MA 320 -13.23 30.73 -43.88
CA SER MA 320 -14.06 30.20 -42.82
C SER MA 320 -14.11 28.69 -42.92
N PRO MA 321 -14.48 27.99 -41.83
CA PRO MA 321 -14.49 26.53 -41.86
C PRO MA 321 -15.45 25.94 -42.89
N THR MA 322 -16.18 26.75 -43.64
CA THR MA 322 -16.99 26.26 -44.75
C THR MA 322 -16.47 26.70 -46.11
N GLY MA 323 -15.48 27.59 -46.17
CA GLY MA 323 -14.81 27.95 -47.41
C GLY MA 323 -14.90 29.42 -47.78
N GLU MA 324 -15.78 30.19 -47.15
CA GLU MA 324 -15.92 31.60 -47.50
C GLU MA 324 -14.66 32.36 -47.12
N ILE MA 325 -14.28 33.31 -47.97
CA ILE MA 325 -13.15 34.18 -47.66
C ILE MA 325 -13.60 35.22 -46.63
N ILE MA 326 -12.93 35.23 -45.47
CA ILE MA 326 -13.35 36.13 -44.36
C ILE MA 326 -12.14 36.90 -43.85
N PHE MA 327 -12.37 37.92 -43.03
CA PHE MA 327 -11.25 38.68 -42.41
C PHE MA 327 -10.50 37.75 -41.45
N GLY MA 328 -9.19 37.95 -41.29
CA GLY MA 328 -8.38 37.04 -40.45
C GLY MA 328 -8.20 37.53 -39.04
N GLY MA 329 -7.52 36.75 -38.21
CA GLY MA 329 -7.32 37.10 -36.82
C GLY MA 329 -8.34 36.46 -35.91
N GLU MA 330 -8.59 37.11 -34.77
CA GLU MA 330 -9.59 36.57 -33.80
C GLU MA 330 -10.99 36.93 -34.29
N THR MA 331 -11.10 37.75 -35.33
CA THR MA 331 -12.42 38.15 -35.88
C THR MA 331 -13.03 36.98 -36.66
N MET MA 332 -12.26 35.91 -36.84
CA MET MA 332 -12.75 34.71 -37.58
C MET MA 332 -14.09 34.27 -36.96
N ARG MA 333 -14.23 34.41 -35.64
CA ARG MA 333 -15.46 33.99 -34.95
C ARG MA 333 -16.66 34.81 -35.44
N PHE MA 334 -16.42 36.05 -35.87
CA PHE MA 334 -17.53 36.94 -36.28
C PHE MA 334 -17.68 36.98 -37.80
N TRP MA 335 -17.37 35.88 -38.49
CA TRP MA 335 -17.45 35.84 -39.97
C TRP MA 335 -18.91 35.88 -40.43
N ASP MA 336 -19.85 35.61 -39.52
CA ASP MA 336 -21.29 35.65 -39.87
C ASP MA 336 -21.76 37.10 -39.97
N PHE MA 337 -21.00 38.05 -39.42
CA PHE MA 337 -21.45 39.46 -39.40
C PHE MA 337 -21.79 39.93 -40.81
N ARG MA 338 -22.93 40.61 -40.96
CA ARG MA 338 -23.30 41.20 -42.27
C ARG MA 338 -23.74 42.64 -42.03
N GLY MA 339 -23.00 43.61 -42.58
CA GLY MA 339 -23.31 44.99 -42.36
C GLY MA 339 -23.48 45.74 -43.66
N PRO MA 340 -24.22 46.87 -43.67
CA PRO MA 340 -24.47 47.61 -44.91
C PRO MA 340 -23.17 48.16 -45.52
N TRP MA 341 -22.08 48.19 -44.75
CA TRP MA 341 -20.81 48.78 -45.24
C TRP MA 341 -19.90 47.70 -45.83
N LEU MA 342 -19.98 46.48 -45.31
CA LEU MA 342 -19.06 45.40 -45.76
C LEU MA 342 -19.73 44.54 -46.84
N GLU MA 343 -21.06 44.55 -46.90
CA GLU MA 343 -21.78 43.67 -47.86
C GLU MA 343 -21.43 44.06 -49.31
N PRO MA 344 -21.41 45.35 -49.71
CA PRO MA 344 -21.02 45.70 -51.08
C PRO MA 344 -19.69 45.10 -51.50
N LEU MA 345 -18.83 44.80 -50.54
CA LEU MA 345 -17.49 44.23 -50.86
C LEU MA 345 -17.52 42.71 -50.63
N ARG MA 346 -18.70 42.09 -50.79
CA ARG MA 346 -18.83 40.63 -50.53
C ARG MA 346 -19.53 39.95 -51.70
N GLY MA 347 -18.82 39.09 -52.43
CA GLY MA 347 -19.43 38.36 -53.55
C GLY MA 347 -20.07 37.07 -53.08
N PRO MA 348 -20.51 36.17 -53.99
CA PRO MA 348 -21.10 34.89 -53.60
C PRO MA 348 -20.14 33.95 -52.90
N ASN MA 349 -18.83 34.17 -53.01
CA ASN MA 349 -17.83 33.30 -52.41
C ASN MA 349 -17.24 33.86 -51.13
N GLY MA 350 -17.74 35.01 -50.66
CA GLY MA 350 -17.15 35.72 -49.55
C GLY MA 350 -16.63 37.09 -49.98
N LEU MA 351 -15.63 37.57 -49.24
CA LEU MA 351 -15.02 38.84 -49.59
C LEU MA 351 -14.32 38.75 -50.94
N ASP MA 352 -14.48 39.79 -51.75
CA ASP MA 352 -13.89 39.83 -53.08
C ASP MA 352 -12.52 40.50 -52.98
N LEU MA 353 -11.48 39.77 -53.38
CA LEU MA 353 -10.13 40.31 -53.34
C LEU MA 353 -9.98 41.52 -54.27
N ASN MA 354 -10.58 41.44 -55.46
CA ASN MA 354 -10.49 42.55 -56.39
C ASN MA 354 -11.20 43.78 -55.84
N LYS MA 355 -12.38 43.58 -55.25
CA LYS MA 355 -13.09 44.70 -54.64
C LYS MA 355 -12.31 45.27 -53.45
N LEU MA 356 -11.73 44.39 -52.63
CA LEU MA 356 -10.95 44.85 -51.48
C LEU MA 356 -9.64 45.50 -51.88
N LYS MA 357 -9.24 45.38 -53.14
CA LYS MA 357 -7.95 45.89 -53.59
C LYS MA 357 -8.06 47.15 -54.43
N ASN MA 358 -9.18 47.35 -55.13
CA ASN MA 358 -9.32 48.48 -56.03
C ASN MA 358 -10.61 49.28 -55.84
N ASP MA 359 -11.62 48.75 -55.18
CA ASP MA 359 -12.95 49.35 -55.20
C ASP MA 359 -13.51 49.47 -53.77
N ILE MA 360 -12.71 50.02 -52.86
CA ILE MA 360 -13.16 50.32 -51.51
C ILE MA 360 -13.40 51.82 -51.45
N GLN MA 361 -14.65 52.20 -51.19
CA GLN MA 361 -14.99 53.62 -51.21
C GLN MA 361 -14.65 54.30 -49.89
N PRO MA 362 -14.37 55.60 -49.92
CA PRO MA 362 -14.01 56.29 -48.68
C PRO MA 362 -15.09 56.26 -47.61
N TRP MA 363 -16.36 56.26 -48.00
CA TRP MA 363 -17.42 56.19 -46.99
C TRP MA 363 -17.39 54.86 -46.26
N GLN MA 364 -17.01 53.79 -46.95
CA GLN MA 364 -16.83 52.50 -46.29
C GLN MA 364 -15.68 52.54 -45.30
N GLU MA 365 -14.57 53.16 -45.68
CA GLU MA 365 -13.44 53.29 -44.77
C GLU MA 365 -13.79 54.16 -43.57
N ARG MA 366 -14.54 55.24 -43.79
CA ARG MA 366 -14.96 56.09 -42.69
C ARG MA 366 -15.89 55.35 -41.75
N ARG MA 367 -16.83 54.58 -42.30
CA ARG MA 367 -17.76 53.82 -41.46
C ARG MA 367 -17.04 52.81 -40.59
N ALA MA 368 -16.09 52.08 -41.18
CA ALA MA 368 -15.38 51.06 -40.42
C ALA MA 368 -14.46 51.68 -39.40
N ALA MA 369 -13.83 52.81 -39.73
CA ALA MA 369 -12.95 53.48 -38.78
C ALA MA 369 -13.73 53.98 -37.57
N GLU MA 370 -14.90 54.57 -37.79
CA GLU MA 370 -15.71 55.04 -36.67
C GLU MA 370 -16.17 53.89 -35.80
N TYR MA 371 -16.55 52.76 -36.40
CA TYR MA 371 -17.11 51.67 -35.64
C TYR MA 371 -16.07 51.03 -34.72
N MET MA 372 -14.83 50.91 -35.18
CA MET MA 372 -13.83 50.24 -34.38
C MET MA 372 -13.46 51.06 -33.14
N THR MA 373 -13.61 52.37 -33.19
CA THR MA 373 -13.34 53.20 -32.02
C THR MA 373 -14.55 53.36 -31.12
N HIS MA 374 -15.71 52.90 -31.53
CA HIS MA 374 -16.91 52.89 -30.70
C HIS MA 374 -17.40 51.47 -30.48
N ALA MA 375 -16.46 50.55 -30.27
CA ALA MA 375 -16.82 49.19 -29.95
C ALA MA 375 -17.59 49.16 -28.63
N PRO MA 376 -18.47 48.17 -28.45
CA PRO MA 376 -19.31 48.14 -27.25
C PRO MA 376 -18.54 48.01 -25.95
N LEU MA 377 -17.23 47.82 -25.98
CA LEU MA 377 -16.46 47.71 -24.75
C LEU MA 377 -16.55 48.99 -23.94
N GLY MA 378 -16.74 48.85 -22.64
CA GLY MA 378 -16.86 50.00 -21.76
C GLY MA 378 -16.96 49.53 -20.34
N SER MA 379 -16.98 50.49 -19.43
CA SER MA 379 -16.99 50.20 -18.00
C SER MA 379 -18.29 50.69 -17.37
N LEU MA 380 -18.51 50.27 -16.12
CA LEU MA 380 -19.72 50.63 -15.41
C LEU MA 380 -19.82 52.13 -15.20
N ASN MA 381 -18.71 52.79 -14.89
CA ASN MA 381 -18.67 54.23 -14.78
C ASN MA 381 -18.54 54.93 -16.13
N SER MA 382 -18.79 54.20 -17.22
CA SER MA 382 -18.81 54.75 -18.57
C SER MA 382 -17.46 55.28 -19.00
N VAL MA 383 -16.43 54.44 -18.88
CA VAL MA 383 -15.12 54.70 -19.46
C VAL MA 383 -14.96 53.78 -20.64
N GLY MA 384 -14.90 54.34 -21.84
CA GLY MA 384 -14.82 53.52 -23.03
C GLY MA 384 -13.50 52.81 -23.16
N GLY MA 385 -13.54 51.62 -23.74
CA GLY MA 385 -12.36 50.83 -23.99
C GLY MA 385 -12.31 49.58 -23.13
N VAL MA 386 -11.25 48.81 -23.33
CA VAL MA 386 -11.02 47.59 -22.57
C VAL MA 386 -10.76 47.96 -21.11
N ALA MA 387 -10.75 46.96 -20.23
CA ALA MA 387 -10.59 47.22 -18.81
C ALA MA 387 -9.24 47.88 -18.51
N THR MA 388 -8.27 47.71 -19.40
CA THR MA 388 -6.94 48.26 -19.19
C THR MA 388 -6.80 49.64 -19.82
N GLU MA 389 -7.92 50.35 -19.94
CA GLU MA 389 -7.93 51.68 -20.52
C GLU MA 389 -7.73 52.72 -19.43
N ILE MA 390 -7.55 53.96 -19.86
CA ILE MA 390 -7.42 55.10 -18.95
C ILE MA 390 -8.65 55.98 -19.12
N ASN MA 391 -8.90 56.81 -18.12
CA ASN MA 391 -10.08 57.68 -18.16
C ASN MA 391 -9.86 58.80 -19.16
N ALA MA 392 -10.21 58.56 -20.43
CA ALA MA 392 -10.08 59.58 -21.45
C ALA MA 392 -11.40 59.80 -22.18
N VAL MA 393 -12.13 58.72 -22.43
CA VAL MA 393 -13.35 58.74 -23.24
C VAL MA 393 -14.51 58.29 -22.38
N ASN MA 394 -15.59 59.06 -22.42
CA ASN MA 394 -16.82 58.74 -21.68
C ASN MA 394 -17.80 58.16 -22.68
N TYR MA 395 -17.85 56.84 -22.76
CA TYR MA 395 -18.68 56.17 -23.76
C TYR MA 395 -18.96 54.73 -23.35
N VAL MA 396 -20.24 54.35 -23.36
CA VAL MA 396 -20.66 52.96 -23.34
C VAL MA 396 -21.74 52.80 -24.40
N SER MA 397 -21.65 51.74 -25.19
CA SER MA 397 -22.53 51.58 -26.33
C SER MA 397 -23.97 51.41 -25.87
N PRO MA 398 -24.95 51.99 -26.57
CA PRO MA 398 -26.35 51.72 -26.23
C PRO MA 398 -26.70 50.26 -26.33
N ARG MA 399 -26.06 49.52 -27.23
CA ARG MA 399 -26.27 48.08 -27.29
C ARG MA 399 -25.80 47.39 -26.01
N SER MA 400 -24.70 47.87 -25.44
CA SER MA 400 -24.23 47.30 -24.17
C SER MA 400 -25.22 47.57 -23.06
N TRP MA 401 -25.79 48.77 -23.00
CA TRP MA 401 -26.79 49.08 -21.98
C TRP MA 401 -28.05 48.25 -22.20
N LEU MA 402 -28.50 48.15 -23.45
CA LEU MA 402 -29.73 47.42 -23.73
C LEU MA 402 -29.57 45.92 -23.52
N ALA MA 403 -28.44 45.37 -23.97
CA ALA MA 403 -28.24 43.93 -23.84
C ALA MA 403 -28.09 43.53 -22.38
N THR MA 404 -27.33 44.31 -21.61
CA THR MA 404 -27.08 43.96 -20.21
C THR MA 404 -28.33 44.15 -19.36
N SER MA 405 -29.00 45.29 -19.52
CA SER MA 405 -30.16 45.58 -18.69
C SER MA 405 -31.29 44.60 -18.96
N HIS MA 406 -31.61 44.37 -20.23
CA HIS MA 406 -32.74 43.51 -20.55
C HIS MA 406 -32.39 42.03 -20.44
N PHE MA 407 -31.12 41.69 -20.23
CA PHE MA 407 -30.82 40.33 -19.80
C PHE MA 407 -31.06 40.18 -18.30
N CYS MA 408 -30.66 41.18 -17.51
CA CYS MA 408 -30.90 41.12 -16.08
C CYS MA 408 -32.39 41.08 -15.78
N LEU MA 409 -33.16 41.93 -16.47
CA LEU MA 409 -34.61 41.88 -16.33
C LEU MA 409 -35.16 40.55 -16.81
N GLY MA 410 -34.64 40.05 -17.92
CA GLY MA 410 -35.11 38.76 -18.43
C GLY MA 410 -34.88 37.64 -17.45
N PHE MA 411 -33.72 37.63 -16.79
CA PHE MA 411 -33.42 36.56 -15.85
C PHE MA 411 -34.27 36.67 -14.59
N PHE MA 412 -34.41 37.87 -14.05
CA PHE MA 412 -35.22 38.04 -12.85
C PHE MA 412 -36.67 37.67 -13.11
N PHE MA 413 -37.17 37.97 -14.31
CA PHE MA 413 -38.52 37.59 -14.63
C PHE MA 413 -38.66 36.11 -14.90
N PHE MA 414 -37.55 35.43 -15.16
CA PHE MA 414 -37.61 33.97 -15.16
C PHE MA 414 -37.76 33.43 -13.75
N VAL MA 415 -37.05 34.03 -12.78
CA VAL MA 415 -37.28 33.68 -11.38
C VAL MA 415 -38.70 34.01 -10.96
N GLY MA 416 -39.29 35.03 -11.60
CA GLY MA 416 -40.70 35.29 -11.40
C GLY MA 416 -41.57 34.14 -11.84
N HIS MA 417 -41.27 33.54 -12.99
CA HIS MA 417 -41.97 32.31 -13.38
C HIS MA 417 -41.81 31.25 -12.31
N LEU MA 418 -40.58 30.99 -11.88
CA LEU MA 418 -40.34 29.94 -10.90
C LEU MA 418 -41.08 30.21 -9.60
N TRP MA 419 -41.04 31.46 -9.13
CA TRP MA 419 -41.69 31.78 -7.86
C TRP MA 419 -43.21 31.75 -8.00
N HIS MA 420 -43.75 32.58 -8.88
CA HIS MA 420 -45.20 32.73 -8.94
C HIS MA 420 -45.88 31.51 -9.53
N ALA MA 421 -45.13 30.60 -10.16
CA ALA MA 421 -45.74 29.38 -10.69
C ALA MA 421 -45.72 28.25 -9.66
N GLY MA 422 -44.60 28.10 -8.96
CA GLY MA 422 -44.55 27.13 -7.89
C GLY MA 422 -45.59 27.42 -6.82
N ARG MA 423 -45.81 28.70 -6.54
CA ARG MA 423 -46.80 29.07 -5.52
C ARG MA 423 -48.21 28.87 -6.04
N ALA MA 424 -48.44 29.10 -7.33
CA ALA MA 424 -49.78 28.94 -7.89
C ALA MA 424 -50.24 27.50 -7.79
N ARG MA 425 -49.37 26.55 -8.12
CA ARG MA 425 -49.71 25.15 -7.96
C ARG MA 425 -49.88 24.78 -6.51
N ALA MA 426 -48.98 25.26 -5.64
CA ALA MA 426 -49.07 24.93 -4.22
C ALA MA 426 -50.32 25.54 -3.59
N ALA MA 427 -50.62 26.79 -3.94
CA ALA MA 427 -51.80 27.47 -3.37
C ALA MA 427 -53.06 26.73 -3.81
N ALA MA 428 -53.14 26.34 -5.10
CA ALA MA 428 -54.33 25.65 -5.63
C ALA MA 428 -54.46 24.27 -4.97
N ALA MA 429 -53.38 23.49 -4.93
CA ALA MA 429 -53.41 22.18 -4.26
C ALA MA 429 -53.78 22.37 -2.80
N GLY MA 430 -53.31 23.46 -2.19
CA GLY MA 430 -53.69 23.76 -0.84
C GLY MA 430 -52.62 23.63 0.23
N PHE MA 431 -51.35 23.52 -0.15
CA PHE MA 431 -50.27 23.40 0.81
C PHE MA 431 -49.20 24.46 0.59
N GLU MA 432 -49.62 25.69 0.29
CA GLU MA 432 -48.70 26.81 0.19
C GLU MA 432 -48.43 27.46 1.54
N LYS MA 433 -49.20 27.14 2.57
CA LYS MA 433 -49.00 27.68 3.90
C LYS MA 433 -48.28 26.71 4.82
N GLY MA 434 -47.90 25.54 4.32
CA GLY MA 434 -47.13 24.59 5.09
C GLY MA 434 -47.74 23.21 5.08
N ILE MA 435 -47.00 22.28 5.64
CA ILE MA 435 -47.44 20.89 5.75
C ILE MA 435 -48.40 20.76 6.91
N ASP MA 436 -49.51 20.06 6.70
CA ASP MA 436 -50.48 19.85 7.76
C ASP MA 436 -49.94 18.82 8.73
N ARG MA 437 -49.86 19.17 10.01
CA ARG MA 437 -49.32 18.24 10.99
C ARG MA 437 -50.21 17.02 11.19
N ASP MA 438 -51.51 17.15 10.94
CA ASP MA 438 -52.43 16.04 11.16
C ASP MA 438 -52.19 14.91 10.16
N ASN MA 439 -52.09 15.24 8.87
CA ASN MA 439 -51.86 14.24 7.83
C ASN MA 439 -50.71 14.71 6.95
N GLU MA 440 -49.50 14.41 7.39
CA GLU MA 440 -48.32 14.68 6.59
C GLU MA 440 -48.23 13.66 5.47
N PRO MA 441 -48.13 14.10 4.21
CA PRO MA 441 -48.15 13.14 3.09
C PRO MA 441 -47.04 12.11 3.15
N VAL MA 442 -45.86 12.48 3.63
CA VAL MA 442 -44.72 11.56 3.62
C VAL MA 442 -44.96 10.41 4.59
N LEU MA 443 -45.60 10.70 5.73
CA LEU MA 443 -45.84 9.65 6.72
C LEU MA 443 -46.71 8.52 6.13
N SER MA 444 -47.67 8.87 5.28
CA SER MA 444 -48.48 7.85 4.64
C SER MA 444 -47.67 7.04 3.63
N MET MA 445 -46.65 7.66 3.04
CA MET MA 445 -45.83 6.97 2.07
C MET MA 445 -44.99 5.88 2.73
N ARG MA 446 -44.81 4.78 2.02
CA ARG MA 446 -44.04 3.67 2.56
C ARG MA 446 -42.56 4.06 2.63
N PRO MA 447 -41.83 3.52 3.61
CA PRO MA 447 -40.44 3.93 3.79
C PRO MA 447 -39.59 3.59 2.57
N LEU MA 448 -38.62 4.45 2.30
CA LEU MA 448 -37.79 4.34 1.11
C LEU MA 448 -36.63 3.37 1.32
N LYS NA 1 -19.55 42.50 53.10
CA LYS NA 1 -18.32 42.93 52.44
C LYS NA 1 -17.95 41.99 51.32
N ARG NA 2 -17.67 42.56 50.14
CA ARG NA 2 -17.29 41.81 48.96
C ARG NA 2 -15.95 42.33 48.46
N GLY NA 3 -15.12 41.43 47.94
CA GLY NA 3 -13.78 41.82 47.47
C GLY NA 3 -13.81 42.63 46.19
N TRP NA 4 -12.68 43.21 45.80
CA TRP NA 4 -12.62 44.06 44.58
C TRP NA 4 -13.02 43.24 43.36
N PHE NA 5 -12.42 42.05 43.20
CA PHE NA 5 -12.72 41.22 42.01
C PHE NA 5 -14.22 41.00 41.93
N ASP NA 6 -14.87 40.73 43.06
CA ASP NA 6 -16.30 40.44 43.01
C ASP NA 6 -17.10 41.67 42.66
N VAL NA 7 -16.72 42.82 43.22
CA VAL NA 7 -17.45 44.10 42.93
C VAL NA 7 -17.31 44.42 41.45
N VAL NA 8 -16.08 44.40 40.93
CA VAL NA 8 -15.83 44.71 39.49
C VAL NA 8 -16.54 43.65 38.63
N ASP NA 9 -16.41 42.38 39.00
CA ASP NA 9 -17.06 41.29 38.24
C ASP NA 9 -18.55 41.59 38.14
N ASP NA 10 -19.15 42.10 39.21
CA ASP NA 10 -20.58 42.42 39.18
C ASP NA 10 -20.88 43.45 38.09
N TRP NA 11 -20.08 44.51 38.05
CA TRP NA 11 -20.37 45.58 37.10
C TRP NA 11 -20.00 45.19 35.67
N LEU NA 12 -18.90 44.46 35.50
CA LEU NA 12 -18.45 44.10 34.16
C LEU NA 12 -19.44 43.17 33.48
N ARG NA 13 -20.00 42.21 34.22
CA ARG NA 13 -20.91 41.23 33.66
C ARG NA 13 -22.37 41.53 34.00
N ARG NA 14 -22.73 42.81 34.07
CA ARG NA 14 -24.13 43.19 34.20
C ARG NA 14 -24.87 42.94 32.89
N ASP NA 15 -26.12 42.50 33.01
CA ASP NA 15 -26.95 42.29 31.84
C ASP NA 15 -27.49 43.62 31.34
N ARG NA 16 -26.73 44.29 30.49
CA ARG NA 16 -27.10 45.58 29.93
C ARG NA 16 -27.30 45.44 28.42
N PHE NA 17 -27.58 46.57 27.76
CA PHE NA 17 -27.84 46.54 26.33
C PHE NA 17 -26.64 46.04 25.56
N VAL NA 18 -25.45 46.55 25.87
CA VAL NA 18 -24.21 46.12 25.24
C VAL NA 18 -23.36 45.52 26.36
N PHE NA 19 -23.22 44.20 26.34
CA PHE NA 19 -22.45 43.50 27.36
C PHE NA 19 -20.99 43.90 27.29
N VAL NA 20 -20.39 44.16 28.45
CA VAL NA 20 -18.99 44.56 28.51
C VAL NA 20 -18.14 43.35 28.86
N GLY NA 21 -18.33 42.81 30.05
CA GLY NA 21 -17.56 41.67 30.51
C GLY NA 21 -16.09 42.01 30.73
N TRP NA 22 -15.38 41.02 31.26
CA TRP NA 22 -13.94 41.18 31.45
C TRP NA 22 -13.24 41.28 30.10
N SER NA 23 -13.67 40.48 29.13
CA SER NA 23 -13.07 40.52 27.80
C SER NA 23 -13.28 41.87 27.12
N GLY NA 24 -14.26 42.65 27.59
CA GLY NA 24 -14.47 43.96 27.04
C GLY NA 24 -13.37 44.95 27.38
N LEU NA 25 -12.66 44.72 28.49
CA LEU NA 25 -11.52 45.55 28.84
C LEU NA 25 -10.38 45.42 27.84
N LEU NA 26 -10.38 44.35 27.04
CA LEU NA 26 -9.44 44.20 25.94
C LEU NA 26 -10.07 44.45 24.59
N LEU NA 27 -11.32 44.02 24.41
CA LEU NA 27 -11.98 44.14 23.11
C LEU NA 27 -12.26 45.59 22.76
N PHE NA 28 -13.06 46.26 23.57
CA PHE NA 28 -13.57 47.58 23.17
C PHE NA 28 -12.46 48.62 22.97
N PRO NA 29 -11.46 48.76 23.84
CA PRO NA 29 -10.38 49.71 23.55
C PRO NA 29 -9.67 49.40 22.25
N THR NA 30 -9.23 48.16 22.08
CA THR NA 30 -8.50 47.79 20.87
C THR NA 30 -9.38 47.84 19.64
N ALA NA 31 -10.62 47.35 19.75
CA ALA NA 31 -11.52 47.33 18.60
C ALA NA 31 -11.84 48.74 18.12
N TYR NA 32 -12.04 49.66 19.06
CA TYR NA 32 -12.31 51.04 18.70
C TYR NA 32 -11.12 51.68 17.98
N LEU NA 33 -9.91 51.42 18.47
CA LEU NA 33 -8.73 51.99 17.83
C LEU NA 33 -8.52 51.40 16.44
N ALA NA 34 -8.72 50.10 16.28
CA ALA NA 34 -8.58 49.49 14.96
C ALA NA 34 -9.64 50.02 14.01
N LEU NA 35 -10.87 50.16 14.47
CA LEU NA 35 -11.90 50.81 13.64
C LEU NA 35 -11.54 52.26 13.37
N GLY NA 36 -11.12 52.98 14.40
CA GLY NA 36 -10.74 54.36 14.22
C GLY NA 36 -9.51 54.52 13.35
N GLY NA 37 -8.56 53.60 13.48
CA GLY NA 37 -7.37 53.67 12.65
C GLY NA 37 -7.68 53.53 11.17
N TRP NA 38 -8.58 52.62 10.83
CA TRP NA 38 -8.91 52.42 9.43
C TRP NA 38 -9.65 53.62 8.85
N PHE NA 39 -10.65 54.11 9.58
CA PHE NA 39 -11.45 55.27 9.08
C PHE NA 39 -10.53 56.48 8.93
N THR NA 40 -9.72 56.76 9.95
CA THR NA 40 -8.82 57.95 9.92
C THR NA 40 -7.82 57.82 8.76
N GLY NA 41 -7.22 56.64 8.61
CA GLY NA 41 -6.22 56.43 7.55
C GLY NA 41 -6.82 56.53 6.16
N THR NA 42 -8.00 55.94 5.96
CA THR NA 42 -8.64 55.93 4.62
C THR NA 42 -9.22 57.31 4.31
N THR NA 43 -9.33 58.19 5.29
CA THR NA 43 -9.98 59.50 5.07
C THR NA 43 -8.94 60.63 4.98
N PHE NA 44 -7.84 60.55 5.73
CA PHE NA 44 -6.87 61.68 5.75
C PHE NA 44 -5.44 61.22 5.51
N VAL NA 45 -5.08 60.00 5.89
CA VAL NA 45 -3.66 59.56 5.78
C VAL NA 45 -3.35 59.16 4.33
N THR NA 46 -2.18 59.55 3.82
CA THR NA 46 -1.79 59.26 2.41
C THR NA 46 -0.80 58.10 2.35
N SER NA 47 -0.63 57.51 1.16
CA SER NA 47 0.38 56.45 0.98
C SER NA 47 1.42 56.95 -0.02
N TRP NA 48 1.56 58.27 -0.15
CA TRP NA 48 2.48 58.84 -1.13
C TRP NA 48 3.92 58.48 -0.81
N TYR NA 49 4.29 58.48 0.46
CA TYR NA 49 5.67 58.27 0.83
C TYR NA 49 6.02 56.81 1.07
N THR NA 50 5.04 55.95 1.32
CA THR NA 50 5.33 54.52 1.50
C THR NA 50 5.12 53.71 0.23
N HIS NA 51 4.26 54.17 -0.68
CA HIS NA 51 3.95 53.40 -1.87
C HIS NA 51 3.97 54.21 -3.16
N GLY NA 52 4.11 55.53 -3.09
CA GLY NA 52 3.93 56.35 -4.27
C GLY NA 52 2.51 56.36 -4.78
N LEU NA 53 1.53 56.31 -3.89
CA LEU NA 53 0.13 56.20 -4.27
C LEU NA 53 -0.69 57.20 -3.46
N ALA NA 54 -1.88 57.51 -3.97
CA ALA NA 54 -2.89 58.21 -3.20
C ALA NA 54 -3.90 57.19 -2.69
N SER NA 55 -4.16 57.20 -1.38
CA SER NA 55 -5.05 56.15 -0.81
C SER NA 55 -5.99 56.76 0.25
N SER NA 56 -6.21 58.07 0.19
CA SER NA 56 -7.14 58.72 1.15
C SER NA 56 -8.25 59.44 0.38
N TYR NA 57 -9.43 59.58 1.00
CA TYR NA 57 -10.53 60.34 0.35
C TYR NA 57 -10.04 61.76 0.10
N LEU NA 58 -9.27 62.32 1.04
CA LEU NA 58 -8.78 63.71 0.91
C LEU NA 58 -8.01 63.85 -0.42
N GLU NA 59 -7.24 62.83 -0.79
CA GLU NA 59 -6.44 62.88 -2.04
C GLU NA 59 -7.35 62.70 -3.24
N GLY NA 60 -8.50 62.03 -3.07
CA GLY NA 60 -9.42 61.85 -4.16
C GLY NA 60 -9.78 60.42 -4.48
N CYS NA 61 -9.67 59.53 -3.49
CA CYS NA 61 -10.01 58.14 -3.69
C CYS NA 61 -11.46 57.86 -3.31
N ASN NA 62 -12.02 56.82 -3.91
CA ASN NA 62 -13.35 56.37 -3.56
C ASN NA 62 -13.27 55.46 -2.34
N PHE NA 63 -14.43 54.92 -1.94
CA PHE NA 63 -14.42 53.85 -0.95
C PHE NA 63 -13.72 52.61 -1.51
N LEU NA 64 -13.73 52.44 -2.83
CA LEU NA 64 -13.11 51.29 -3.45
C LEU NA 64 -11.59 51.39 -3.44
N THR NA 65 -11.02 52.58 -3.63
CA THR NA 65 -9.58 52.71 -3.80
C THR NA 65 -8.84 53.20 -2.55
N ALA NA 66 -9.54 53.78 -1.59
CA ALA NA 66 -8.89 54.22 -0.36
C ALA NA 66 -8.45 53.02 0.47
N ALA NA 67 -7.35 53.20 1.19
CA ALA NA 67 -6.80 52.10 1.98
C ALA NA 67 -5.89 52.66 3.06
N VAL NA 68 -5.57 51.82 4.03
CA VAL NA 68 -4.49 52.08 4.99
C VAL NA 68 -3.31 51.23 4.52
N SER NA 69 -2.39 51.86 3.82
CA SER NA 69 -1.32 51.12 3.16
C SER NA 69 -0.22 50.71 4.13
N THR NA 70 0.48 49.64 3.77
CA THR NA 70 1.55 49.11 4.59
C THR NA 70 2.75 50.05 4.59
N PRO NA 71 3.64 49.91 5.57
CA PRO NA 71 4.86 50.73 5.57
C PRO NA 71 5.75 50.39 4.39
N ALA NA 72 6.77 51.23 4.19
CA ALA NA 72 7.73 50.99 3.14
C ALA NA 72 8.53 49.72 3.43
N ASN NA 73 9.15 49.17 2.38
CA ASN NA 73 9.90 47.94 2.56
C ASN NA 73 11.19 48.15 3.32
N SER NA 74 11.74 49.36 3.29
CA SER NA 74 12.96 49.63 4.03
C SER NA 74 12.74 49.49 5.53
N MET NA 75 11.51 49.66 6.00
CA MET NA 75 11.21 49.50 7.41
C MET NA 75 11.32 48.06 7.86
N GLY NA 76 11.35 47.11 6.92
CA GLY NA 76 11.43 45.72 7.30
C GLY NA 76 10.20 45.30 8.09
N HIS NA 77 10.42 44.52 9.14
CA HIS NA 77 9.35 44.10 10.03
C HIS NA 77 9.27 44.96 11.28
N SER NA 78 9.63 46.24 11.18
CA SER NA 78 9.53 47.13 12.31
C SER NA 78 8.09 47.22 12.80
N LEU NA 79 7.92 47.22 14.12
CA LEU NA 79 6.59 47.39 14.67
C LEU NA 79 6.05 48.79 14.49
N LEU NA 80 6.92 49.76 14.16
CA LEU NA 80 6.51 51.11 13.79
C LEU NA 80 5.67 51.76 14.88
N PHE NA 81 6.21 51.76 16.09
CA PHE NA 81 5.55 52.43 17.21
C PHE NA 81 5.62 53.94 17.03
N LEU NA 82 4.66 54.63 17.65
CA LEU NA 82 4.70 56.09 17.65
C LEU NA 82 5.97 56.60 18.32
N TRP NA 83 6.45 55.89 19.33
CA TRP NA 83 7.68 56.24 20.03
C TRP NA 83 8.89 55.48 19.52
N GLY NA 84 8.73 54.70 18.46
CA GLY NA 84 9.80 53.87 17.97
C GLY NA 84 10.92 54.66 17.33
N PRO NA 85 12.05 54.00 17.06
CA PRO NA 85 13.20 54.71 16.49
C PRO NA 85 12.97 55.24 15.10
N GLU NA 86 11.97 54.74 14.38
CA GLU NA 86 11.72 55.22 13.02
C GLU NA 86 11.09 56.61 13.05
N ALA NA 87 9.91 56.72 13.66
CA ALA NA 87 9.30 58.01 13.95
C ALA NA 87 9.23 58.15 15.45
N GLN NA 88 9.91 59.16 15.99
CA GLN NA 88 10.05 59.31 17.43
C GLN NA 88 9.04 60.34 17.92
N GLY NA 89 7.81 59.90 18.11
CA GLY NA 89 6.77 60.73 18.68
C GLY NA 89 6.14 61.71 17.73
N ASP NA 90 6.64 61.83 16.51
CA ASP NA 90 6.10 62.79 15.55
C ASP NA 90 4.90 62.13 14.87
N PHE NA 91 3.70 62.51 15.32
CA PHE NA 91 2.49 61.81 14.89
C PHE NA 91 2.27 61.96 13.39
N THR NA 92 2.43 63.17 12.86
CA THR NA 92 2.19 63.40 11.44
C THR NA 92 3.20 62.64 10.59
N ARG NA 93 4.46 62.60 11.04
CA ARG NA 93 5.46 61.82 10.32
C ARG NA 93 5.22 60.32 10.49
N TRP NA 94 4.66 59.92 11.63
CA TRP NA 94 4.31 58.53 11.85
C TRP NA 94 3.25 58.07 10.86
N CYS NA 95 2.26 58.92 10.59
CA CYS NA 95 1.24 58.59 9.61
C CYS NA 95 1.82 58.47 8.20
N GLN NA 96 2.72 59.39 7.84
CA GLN NA 96 3.36 59.32 6.53
C GLN NA 96 4.23 58.08 6.38
N LEU NA 97 4.79 57.60 7.48
CA LEU NA 97 5.68 56.44 7.44
C LEU NA 97 4.93 55.12 7.35
N GLY NA 98 3.62 55.14 7.33
CA GLY NA 98 2.84 53.91 7.32
C GLY NA 98 2.66 53.28 8.68
N GLY NA 99 2.96 54.01 9.75
CA GLY NA 99 2.80 53.44 11.07
C GLY NA 99 1.37 53.19 11.45
N LEU NA 100 0.43 53.79 10.72
CA LEU NA 100 -0.98 53.56 11.00
C LEU NA 100 -1.41 52.16 10.59
N TRP NA 101 -0.68 51.53 9.67
CA TRP NA 101 -1.02 50.16 9.29
C TRP NA 101 -0.72 49.19 10.42
N THR NA 102 0.46 49.30 11.01
CA THR NA 102 0.80 48.45 12.14
C THR NA 102 -0.10 48.75 13.33
N PHE NA 103 -0.53 50.00 13.46
CA PHE NA 103 -1.47 50.35 14.51
C PHE NA 103 -2.76 49.55 14.37
N VAL NA 104 -3.31 49.49 13.15
CA VAL NA 104 -4.55 48.77 12.93
C VAL NA 104 -4.32 47.28 13.02
N ALA NA 105 -3.21 46.79 12.46
CA ALA NA 105 -2.92 45.36 12.49
C ALA NA 105 -2.71 44.87 13.91
N LEU NA 106 -2.03 45.67 14.74
CA LEU NA 106 -1.72 45.23 16.09
C LEU NA 106 -2.92 45.38 17.01
N HIS NA 107 -3.51 46.58 17.08
CA HIS NA 107 -4.70 46.75 17.90
C HIS NA 107 -5.85 45.92 17.36
N GLY NA 108 -5.87 45.68 16.05
CA GLY NA 108 -6.93 44.85 15.47
C GLY NA 108 -6.77 43.38 15.79
N SER NA 109 -5.54 42.88 15.81
CA SER NA 109 -5.33 41.48 16.14
C SER NA 109 -5.70 41.19 17.58
N PHE NA 110 -5.44 42.12 18.49
CA PHE NA 110 -5.82 41.91 19.88
C PHE NA 110 -7.32 42.03 20.07
N SER NA 111 -8.00 42.79 19.22
CA SER NA 111 -9.45 42.82 19.28
C SER NA 111 -10.07 41.49 18.88
N LEU NA 112 -9.41 40.76 17.97
CA LEU NA 112 -9.86 39.42 17.63
C LEU NA 112 -9.71 38.47 18.82
N ILE NA 113 -8.61 38.57 19.55
CA ILE NA 113 -8.46 37.81 20.78
C ILE NA 113 -9.53 38.23 21.78
N GLY NA 114 -9.76 39.53 21.90
CA GLY NA 114 -10.78 40.01 22.81
C GLY NA 114 -12.17 39.56 22.45
N PHE NA 115 -12.44 39.40 21.16
CA PHE NA 115 -13.77 38.97 20.74
C PHE NA 115 -13.97 37.47 20.99
N MET NA 116 -12.94 36.66 20.74
CA MET NA 116 -13.06 35.24 21.04
C MET NA 116 -13.20 35.02 22.55
N LEU NA 117 -12.52 35.84 23.35
CA LEU NA 117 -12.73 35.77 24.79
C LEU NA 117 -14.12 36.23 25.17
N ARG NA 118 -14.67 37.19 24.42
CA ARG NA 118 -16.05 37.67 24.68
C ARG NA 118 -17.02 36.51 24.45
N GLN NA 119 -16.77 35.71 23.42
CA GLN NA 119 -17.66 34.55 23.10
C GLN NA 119 -17.58 33.53 24.23
N PHE NA 120 -16.36 33.27 24.75
CA PHE NA 120 -16.19 32.31 25.86
C PHE NA 120 -16.84 32.84 27.12
N GLU NA 121 -16.72 34.14 27.39
CA GLU NA 121 -17.25 34.70 28.63
C GLU NA 121 -18.77 34.71 28.62
N ILE NA 122 -19.38 35.08 27.49
CA ILE NA 122 -20.82 35.10 27.41
C ILE NA 122 -21.40 33.69 27.40
N ALA NA 123 -20.72 32.77 26.71
CA ALA NA 123 -21.20 31.39 26.67
C ALA NA 123 -21.23 30.77 28.06
N ARG NA 124 -20.19 31.04 28.86
CA ARG NA 124 -20.14 30.49 30.21
C ARG NA 124 -21.22 31.09 31.11
N SER NA 125 -21.44 32.40 31.00
CA SER NA 125 -22.48 33.04 31.80
C SER NA 125 -23.86 32.54 31.43
N VAL NA 126 -24.14 32.41 30.13
CA VAL NA 126 -25.41 31.86 29.66
C VAL NA 126 -25.51 30.36 29.88
N LYS NA 127 -24.39 29.70 30.18
CA LYS NA 127 -24.34 28.26 30.45
C LYS NA 127 -24.71 27.45 29.21
N ILE NA 128 -24.02 27.74 28.11
CA ILE NA 128 -24.22 26.97 26.85
C ILE NA 128 -22.84 26.50 26.39
N ARG NA 129 -22.79 25.61 25.40
CA ARG NA 129 -21.49 25.06 24.93
C ARG NA 129 -20.74 26.15 24.16
N PRO NA 130 -19.39 26.13 24.12
CA PRO NA 130 -18.62 27.19 23.47
C PRO NA 130 -18.18 26.87 22.03
N TYR NA 131 -19.12 26.57 21.13
CA TYR NA 131 -18.74 26.16 19.75
C TYR NA 131 -18.63 27.39 18.84
N ASN NA 132 -19.30 28.49 19.19
CA ASN NA 132 -19.17 29.74 18.39
C ASN NA 132 -17.74 30.25 18.49
N ALA NA 133 -17.14 30.20 19.68
CA ALA NA 133 -15.74 30.63 19.86
C ALA NA 133 -14.82 29.72 19.06
N ILE NA 134 -15.05 28.41 19.13
CA ILE NA 134 -14.22 27.42 18.37
C ILE NA 134 -14.37 27.73 16.89
N ALA NA 135 -15.56 28.16 16.46
CA ALA NA 135 -15.80 28.52 15.05
C ALA NA 135 -15.03 29.79 14.69
N PHE NA 136 -15.06 30.80 15.58
CA PHE NA 136 -14.39 32.08 15.28
C PHE NA 136 -12.88 31.87 15.20
N SER NA 137 -12.40 30.69 15.57
CA SER NA 137 -10.95 30.38 15.46
C SER NA 137 -10.53 30.45 13.98
N ALA NA 138 -11.42 30.05 13.07
CA ALA NA 138 -11.09 30.06 11.64
C ALA NA 138 -10.86 31.47 11.10
N PRO NA 139 -11.72 32.46 11.34
CA PRO NA 139 -11.36 33.83 10.92
C PRO NA 139 -10.08 34.34 11.56
N ILE NA 140 -9.78 33.92 12.78
CA ILE NA 140 -8.54 34.36 13.44
C ILE NA 140 -7.34 33.74 12.75
N SER NA 141 -7.43 32.47 12.38
CA SER NA 141 -6.34 31.83 11.66
C SER NA 141 -6.07 32.51 10.33
N VAL NA 142 -7.14 32.94 9.65
CA VAL NA 142 -6.97 33.64 8.38
C VAL NA 142 -6.27 34.98 8.61
N PHE NA 143 -6.72 35.73 9.61
CA PHE NA 143 -6.11 37.03 9.88
C PHE NA 143 -4.66 36.86 10.30
N VAL NA 144 -4.39 35.92 11.20
CA VAL NA 144 -3.03 35.71 11.70
C VAL NA 144 -2.10 35.27 10.57
N SER NA 145 -2.55 34.31 9.76
CA SER NA 145 -1.67 33.80 8.71
C SER NA 145 -1.43 34.83 7.62
N VAL NA 146 -2.43 35.59 7.24
CA VAL NA 146 -2.32 36.51 6.11
C VAL NA 146 -1.70 37.82 6.53
N PHE NA 147 -2.25 38.49 7.55
CA PHE NA 147 -1.79 39.81 7.92
C PHE NA 147 -0.56 39.80 8.81
N LEU NA 148 -0.27 38.70 9.49
CA LEU NA 148 0.87 38.66 10.38
C LEU NA 148 1.94 37.68 9.92
N ILE NA 149 1.59 36.41 9.77
CA ILE NA 149 2.59 35.40 9.47
C ILE NA 149 3.16 35.60 8.07
N TYR NA 150 2.31 35.91 7.10
CA TYR NA 150 2.80 36.03 5.73
C TYR NA 150 3.83 37.15 5.58
N PRO NA 151 3.58 38.39 6.00
CA PRO NA 151 4.64 39.41 5.88
C PRO NA 151 5.87 39.11 6.73
N LEU NA 152 5.69 38.40 7.84
CA LEU NA 152 6.83 38.10 8.70
C LEU NA 152 7.82 37.19 8.01
N GLY NA 153 7.35 36.36 7.08
CA GLY NA 153 8.25 35.56 6.28
C GLY NA 153 8.81 36.26 5.06
N GLN NA 154 8.20 37.38 4.69
CA GLN NA 154 8.64 38.12 3.49
C GLN NA 154 9.68 39.18 3.91
N SER NA 155 9.98 40.13 3.02
CA SER NA 155 10.99 41.17 3.32
C SER NA 155 10.52 42.05 4.47
N GLY NA 156 9.22 42.38 4.50
CA GLY NA 156 8.69 43.26 5.56
C GLY NA 156 7.19 43.43 5.46
N TRP NA 157 6.63 44.33 6.29
CA TRP NA 157 5.20 44.58 6.28
C TRP NA 157 4.71 45.09 4.95
N PHE NA 158 5.61 45.57 4.09
CA PHE NA 158 5.21 46.13 2.80
C PHE NA 158 4.40 45.13 1.98
N PHE NA 159 4.70 43.86 2.11
CA PHE NA 159 4.05 42.83 1.31
C PHE NA 159 2.82 42.24 1.98
N ALA NA 160 2.46 42.71 3.16
CA ALA NA 160 1.20 42.36 3.77
C ALA NA 160 0.07 43.05 3.02
N PRO NA 161 -1.17 42.53 3.15
CA PRO NA 161 -2.30 43.20 2.50
C PRO NA 161 -2.64 44.50 3.19
N SER NA 162 -2.71 45.57 2.41
CA SER NA 162 -3.13 46.86 2.93
C SER NA 162 -4.64 46.86 3.18
N PHE NA 163 -5.06 47.57 4.22
CA PHE NA 163 -6.46 47.56 4.64
C PHE NA 163 -7.28 48.44 3.70
N GLY NA 164 -7.65 47.87 2.56
CA GLY NA 164 -8.46 48.58 1.60
C GLY NA 164 -9.07 47.63 0.60
N VAL NA 165 -10.14 48.10 -0.04
CA VAL NA 165 -10.87 47.26 -0.99
C VAL NA 165 -10.01 46.97 -2.21
N ALA NA 166 -9.55 48.03 -2.90
CA ALA NA 166 -8.68 47.83 -4.05
C ALA NA 166 -7.31 47.32 -3.62
N ALA NA 167 -6.88 47.69 -2.40
CA ALA NA 167 -5.61 47.19 -1.90
C ALA NA 167 -5.63 45.68 -1.73
N ILE NA 168 -6.74 45.13 -1.24
CA ILE NA 168 -6.86 43.68 -1.13
C ILE NA 168 -6.86 43.05 -2.51
N PHE NA 169 -7.49 43.71 -3.49
CA PHE NA 169 -7.48 43.17 -4.85
C PHE NA 169 -6.08 43.11 -5.41
N ARG NA 170 -5.27 44.13 -5.14
CA ARG NA 170 -3.86 44.07 -5.52
C ARG NA 170 -3.16 42.90 -4.85
N PHE NA 171 -3.45 42.70 -3.55
CA PHE NA 171 -2.87 41.58 -2.83
C PHE NA 171 -3.29 40.26 -3.45
N ILE NA 172 -4.55 40.15 -3.86
CA ILE NA 172 -5.04 38.94 -4.50
C ILE NA 172 -4.36 38.73 -5.84
N LEU NA 173 -4.23 39.78 -6.63
CA LEU NA 173 -3.59 39.65 -7.94
C LEU NA 173 -2.09 39.40 -7.79
N PHE NA 174 -1.49 39.93 -6.73
CA PHE NA 174 -0.08 39.66 -6.46
C PHE NA 174 0.15 38.18 -6.21
N PHE NA 175 -0.76 37.53 -5.49
CA PHE NA 175 -0.58 36.13 -5.14
C PHE NA 175 -0.69 35.23 -6.37
N GLN NA 176 -1.57 35.58 -7.29
CA GLN NA 176 -1.65 34.81 -8.53
C GLN NA 176 -0.37 34.95 -9.34
N GLY NA 177 0.11 36.18 -9.51
CA GLY NA 177 1.27 36.38 -10.35
C GLY NA 177 2.55 35.80 -9.77
N PHE NA 178 2.75 35.95 -8.47
CA PHE NA 178 4.00 35.57 -7.85
C PHE NA 178 3.98 34.22 -7.16
N HIS NA 179 2.83 33.76 -6.70
CA HIS NA 179 2.73 32.51 -5.96
C HIS NA 179 1.96 31.42 -6.68
N ASN NA 180 1.20 31.75 -7.73
CA ASN NA 180 0.28 30.81 -8.35
C ASN NA 180 -0.66 30.23 -7.31
N TRP NA 181 -1.23 31.12 -6.49
CA TRP NA 181 -1.99 30.72 -5.32
C TRP NA 181 -3.24 29.91 -5.70
N THR NA 182 -3.75 30.08 -6.92
CA THR NA 182 -4.87 29.28 -7.36
C THR NA 182 -4.51 27.80 -7.45
N LEU NA 183 -3.31 27.50 -7.95
CA LEU NA 183 -2.84 26.14 -8.08
C LEU NA 183 -2.53 25.48 -6.75
N ASN NA 184 -2.48 26.24 -5.67
CA ASN NA 184 -2.14 25.67 -4.38
C ASN NA 184 -3.29 24.82 -3.86
N PRO NA 185 -3.03 23.57 -3.46
CA PRO NA 185 -4.13 22.71 -2.99
C PRO NA 185 -4.76 23.17 -1.70
N PHE NA 186 -4.16 24.13 -0.99
CA PHE NA 186 -4.75 24.59 0.26
C PHE NA 186 -5.77 25.69 0.03
N HIS NA 187 -5.54 26.57 -0.96
CA HIS NA 187 -6.61 27.49 -1.36
C HIS NA 187 -7.75 26.70 -1.97
N MET NA 188 -7.44 25.58 -2.64
CA MET NA 188 -8.48 24.75 -3.22
C MET NA 188 -9.41 24.19 -2.15
N MET NA 189 -8.86 23.71 -1.04
CA MET NA 189 -9.69 23.25 0.06
C MET NA 189 -10.44 24.41 0.70
N GLY NA 190 -9.79 25.57 0.80
CA GLY NA 190 -10.48 26.73 1.33
C GLY NA 190 -11.62 27.18 0.45
N VAL NA 191 -11.43 27.14 -0.87
CA VAL NA 191 -12.51 27.47 -1.79
C VAL NA 191 -13.67 26.50 -1.63
N ALA NA 192 -13.36 25.20 -1.52
CA ALA NA 192 -14.41 24.21 -1.33
C ALA NA 192 -15.15 24.43 -0.02
N GLY NA 193 -14.43 24.86 1.01
CA GLY NA 193 -15.08 25.16 2.28
C GLY NA 193 -16.03 26.34 2.19
N VAL NA 194 -15.59 27.43 1.54
CA VAL NA 194 -16.43 28.62 1.45
C VAL NA 194 -17.59 28.38 0.50
N LEU NA 195 -17.32 27.78 -0.67
CA LEU NA 195 -18.40 27.49 -1.60
C LEU NA 195 -19.31 26.39 -1.04
N GLY NA 196 -18.73 25.43 -0.32
CA GLY NA 196 -19.55 24.42 0.33
C GLY NA 196 -20.40 24.98 1.45
N ALA NA 197 -19.86 25.92 2.22
CA ALA NA 197 -20.64 26.56 3.27
C ALA NA 197 -21.76 27.41 2.69
N ALA NA 198 -21.47 28.14 1.60
CA ALA NA 198 -22.51 28.93 0.96
C ALA NA 198 -23.61 28.05 0.40
N LEU NA 199 -23.24 26.89 -0.14
CA LEU NA 199 -24.24 25.93 -0.59
C LEU NA 199 -25.07 25.42 0.58
N LEU NA 200 -24.42 25.07 1.69
CA LEU NA 200 -25.14 24.57 2.86
C LEU NA 200 -26.05 25.62 3.45
N CYS NA 201 -25.60 26.88 3.45
CA CYS NA 201 -26.43 27.96 3.98
C CYS NA 201 -27.70 28.13 3.17
N ALA NA 202 -27.60 28.08 1.85
CA ALA NA 202 -28.78 28.27 1.00
C ALA NA 202 -29.71 27.06 1.05
N ILE NA 203 -29.14 25.86 1.03
CA ILE NA 203 -29.97 24.65 1.01
C ILE NA 203 -30.71 24.50 2.33
N HIS NA 204 -30.02 24.66 3.45
CA HIS NA 204 -30.67 24.51 4.74
C HIS NA 204 -31.75 25.57 4.92
N GLY NA 205 -31.45 26.80 4.53
CA GLY NA 205 -32.46 27.85 4.63
C GLY NA 205 -33.66 27.58 3.74
N ALA NA 206 -33.40 27.13 2.51
CA ALA NA 206 -34.50 26.84 1.60
C ALA NA 206 -35.29 25.63 2.06
N THR NA 207 -34.60 24.58 2.49
CA THR NA 207 -35.27 23.34 2.88
C THR NA 207 -36.18 23.58 4.07
N VAL NA 208 -35.70 24.33 5.07
CA VAL NA 208 -36.52 24.62 6.23
C VAL NA 208 -37.74 25.42 5.84
N GLU NA 209 -37.56 26.46 5.03
CA GLU NA 209 -38.67 27.32 4.65
C GLU NA 209 -39.68 26.60 3.76
N ASN NA 210 -39.30 25.50 3.13
CA ASN NA 210 -40.18 24.78 2.22
C ASN NA 210 -40.69 23.47 2.80
N THR NA 211 -40.36 23.18 4.05
CA THR NA 211 -40.94 22.05 4.75
C THR NA 211 -41.61 22.50 6.06
N LEU NA 212 -41.98 23.77 6.13
CA LEU NA 212 -42.63 24.30 7.32
C LEU NA 212 -43.96 23.61 7.54
N PHE NA 213 -44.33 23.47 8.82
CA PHE NA 213 -45.66 23.00 9.17
C PHE NA 213 -46.65 24.15 9.11
N GLU NA 214 -47.89 23.83 8.76
CA GLU NA 214 -48.94 24.84 8.70
C GLU NA 214 -49.41 25.11 10.12
N ASP NA 215 -48.83 26.13 10.74
CA ASP NA 215 -49.17 26.52 12.11
C ASP NA 215 -49.98 27.80 12.16
N GLY NA 216 -50.73 28.09 11.10
CA GLY NA 216 -51.53 29.30 11.06
C GLY NA 216 -52.35 29.32 9.80
N ASP NA 217 -53.17 30.37 9.68
CA ASP NA 217 -54.03 30.53 8.52
C ASP NA 217 -53.58 31.64 7.60
N GLY NA 218 -52.55 32.39 7.95
CA GLY NA 218 -52.09 33.45 7.09
C GLY NA 218 -51.07 32.96 6.07
N ALA NA 219 -51.04 33.65 4.94
CA ALA NA 219 -50.02 33.36 3.94
C ALA NA 219 -48.64 33.79 4.42
N ASN NA 220 -48.58 34.76 5.33
CA ASN NA 220 -47.32 35.15 5.95
C ASN NA 220 -46.97 34.10 7.00
N THR NA 221 -46.13 33.14 6.60
CA THR NA 221 -45.79 32.04 7.49
C THR NA 221 -44.79 32.41 8.56
N PHE NA 222 -44.19 33.60 8.50
CA PHE NA 222 -43.23 33.99 9.52
C PHE NA 222 -43.88 34.15 10.88
N ARG NA 223 -45.16 34.54 10.91
CA ARG NA 223 -45.81 34.83 12.17
C ARG NA 223 -46.30 33.60 12.91
N ALA NA 224 -46.35 32.45 12.24
CA ALA NA 224 -46.85 31.22 12.87
C ALA NA 224 -45.72 30.46 13.58
N PHE NA 225 -45.13 31.14 14.56
CA PHE NA 225 -44.01 30.57 15.29
C PHE NA 225 -43.90 31.22 16.66
N ASN NA 226 -43.30 30.50 17.59
CA ASN NA 226 -43.01 30.99 18.92
C ASN NA 226 -41.68 30.37 19.34
N PRO NA 227 -40.73 31.17 19.83
CA PRO NA 227 -39.42 30.59 20.18
C PRO NA 227 -39.48 29.53 21.25
N THR NA 228 -40.44 29.59 22.15
CA THR NA 228 -40.52 28.65 23.27
C THR NA 228 -41.35 27.41 22.96
N GLN NA 229 -41.86 27.26 21.75
CA GLN NA 229 -42.71 26.13 21.44
C GLN NA 229 -41.90 24.83 21.50
N ALA NA 230 -42.58 23.75 21.86
CA ALA NA 230 -41.94 22.45 21.93
C ALA NA 230 -41.89 21.74 20.59
N GLU NA 231 -42.90 21.95 19.74
CA GLU NA 231 -42.95 21.28 18.45
C GLU NA 231 -41.92 21.87 17.49
N GLU NA 232 -41.39 21.02 16.63
CA GLU NA 232 -40.54 21.49 15.54
C GLU NA 232 -41.35 22.31 14.54
N THR NA 233 -40.70 23.31 13.97
CA THR NA 233 -41.41 24.21 13.08
C THR NA 233 -41.41 23.75 11.62
N TYR NA 234 -40.62 22.74 11.27
CA TYR NA 234 -40.60 22.20 9.93
C TYR NA 234 -40.45 20.69 10.00
N SER NA 235 -40.80 20.02 8.91
CA SER NA 235 -40.84 18.56 8.86
C SER NA 235 -39.47 18.03 8.44
N MET NA 236 -38.75 17.42 9.37
CA MET NA 236 -37.49 16.79 9.04
C MET NA 236 -37.71 15.51 8.22
N VAL NA 237 -38.81 14.80 8.47
CA VAL NA 237 -39.11 13.60 7.70
C VAL NA 237 -39.39 13.93 6.25
N THR NA 238 -40.18 14.99 6.02
CA THR NA 238 -40.45 15.42 4.66
C THR NA 238 -39.20 15.95 3.98
N ALA NA 239 -38.40 16.71 4.72
CA ALA NA 239 -37.15 17.23 4.17
C ALA NA 239 -36.19 16.10 3.83
N ASN NA 240 -36.12 15.08 4.68
CA ASN NA 240 -35.22 13.96 4.42
C ASN NA 240 -35.65 13.20 3.17
N ARG NA 241 -36.95 12.98 2.99
CA ARG NA 241 -37.38 12.22 1.84
C ARG NA 241 -37.19 13.00 0.55
N PHE NA 242 -37.36 14.32 0.59
CA PHE NA 242 -37.18 15.14 -0.59
C PHE NA 242 -35.76 15.01 -1.12
N TRP NA 243 -34.76 15.21 -0.25
CA TRP NA 243 -33.39 15.19 -0.72
C TRP NA 243 -32.89 13.77 -0.95
N SER NA 244 -33.55 12.78 -0.37
CA SER NA 244 -33.17 11.39 -0.64
C SER NA 244 -33.55 10.97 -2.05
N GLN NA 245 -34.62 11.55 -2.60
CA GLN NA 245 -35.05 11.21 -3.94
C GLN NA 245 -34.54 12.18 -5.00
N ILE NA 246 -34.23 13.41 -4.61
CA ILE NA 246 -33.65 14.39 -5.52
C ILE NA 246 -32.14 14.20 -5.64
N PHE NA 247 -31.45 14.16 -4.52
CA PHE NA 247 -30.00 14.12 -4.49
C PHE NA 247 -29.43 12.75 -4.17
N GLY NA 248 -30.27 11.81 -3.73
CA GLY NA 248 -29.82 10.48 -3.37
C GLY NA 248 -29.42 10.31 -1.93
N VAL NA 249 -28.93 11.38 -1.30
CA VAL NA 249 -28.48 11.34 0.09
C VAL NA 249 -29.07 12.54 0.82
N ALA NA 250 -29.50 12.32 2.05
CA ALA NA 250 -30.08 13.39 2.85
C ALA NA 250 -29.71 13.20 4.31
N PHE NA 251 -29.75 14.30 5.04
CA PHE NA 251 -29.54 14.26 6.48
C PHE NA 251 -30.74 13.61 7.16
N SER NA 252 -30.47 12.70 8.08
CA SER NA 252 -31.50 12.18 8.96
C SER NA 252 -31.33 12.62 10.40
N ASN NA 253 -30.17 13.14 10.76
CA ASN NA 253 -29.89 13.62 12.10
C ASN NA 253 -29.75 15.14 12.04
N LYS NA 254 -30.61 15.84 12.78
CA LYS NA 254 -30.60 17.29 12.74
C LYS NA 254 -29.37 17.85 13.44
N ARG NA 255 -28.91 17.18 14.49
CA ARG NA 255 -27.70 17.63 15.17
C ARG NA 255 -26.49 17.51 14.27
N TRP NA 256 -26.39 16.42 13.52
CA TRP NA 256 -25.27 16.24 12.60
C TRP NA 256 -25.30 17.26 11.49
N LEU NA 257 -26.51 17.67 11.07
CA LEU NA 257 -26.63 18.67 10.01
C LEU NA 257 -25.98 19.98 10.43
N HIS NA 258 -26.26 20.43 11.66
CA HIS NA 258 -25.74 21.76 12.09
C HIS NA 258 -24.25 21.71 12.39
N PHE NA 259 -23.75 20.61 12.97
CA PHE NA 259 -22.29 20.50 13.18
C PHE NA 259 -21.60 20.57 11.82
N PHE NA 260 -22.19 19.93 10.81
CA PHE NA 260 -21.60 19.96 9.44
C PHE NA 260 -21.61 21.41 8.92
N MET NA 261 -22.70 22.14 9.14
CA MET NA 261 -22.72 23.54 8.73
C MET NA 261 -21.64 24.35 9.40
N LEU NA 262 -21.13 23.85 10.53
CA LEU NA 262 -20.03 24.55 11.25
C LEU NA 262 -18.68 24.00 10.78
N PHE NA 263 -18.58 22.69 10.57
CA PHE NA 263 -17.29 22.05 10.20
C PHE NA 263 -16.81 22.51 8.82
N VAL NA 264 -17.70 22.51 7.81
CA VAL NA 264 -17.25 22.85 6.42
C VAL NA 264 -16.55 24.20 6.39
N PRO NA 265 -17.19 25.32 6.81
CA PRO NA 265 -16.56 26.64 6.70
C PRO NA 265 -15.26 26.75 7.52
N VAL NA 266 -15.28 26.26 8.76
CA VAL NA 266 -14.09 26.37 9.66
C VAL NA 266 -12.92 25.59 9.06
N THR NA 267 -13.16 24.34 8.65
CA THR NA 267 -12.06 23.49 8.12
C THR NA 267 -11.51 24.15 6.85
N GLY NA 268 -12.38 24.72 6.02
CA GLY NA 268 -11.92 25.37 4.77
C GLY NA 268 -10.97 26.52 5.06
N LEU NA 269 -11.36 27.42 5.97
CA LEU NA 269 -10.51 28.60 6.28
C LEU NA 269 -9.19 28.13 6.90
N TRP NA 270 -9.25 27.12 7.76
CA TRP NA 270 -8.02 26.63 8.44
C TRP NA 270 -7.05 26.05 7.41
N MET NA 271 -7.57 25.32 6.41
CA MET NA 271 -6.70 24.74 5.35
C MET NA 271 -6.05 25.87 4.56
N SER NA 272 -6.81 26.91 4.23
CA SER NA 272 -6.23 28.08 3.52
C SER NA 272 -5.12 28.68 4.37
N ALA NA 273 -5.34 28.83 5.68
CA ALA NA 273 -4.34 29.41 6.55
C ALA NA 273 -3.04 28.60 6.53
N ILE NA 274 -3.15 27.29 6.34
CA ILE NA 274 -1.95 26.46 6.22
C ILE NA 274 -1.22 26.80 4.92
N GLY NA 275 -1.96 27.04 3.85
CA GLY NA 275 -1.32 27.36 2.58
C GLY NA 275 -0.62 28.70 2.61
N VAL NA 276 -1.21 29.69 3.26
CA VAL NA 276 -0.59 31.01 3.35
C VAL NA 276 0.67 30.94 4.20
N VAL NA 277 0.68 30.10 5.23
CA VAL NA 277 1.90 29.89 6.00
C VAL NA 277 3.01 29.38 5.09
N GLY NA 278 2.67 28.49 4.16
CA GLY NA 278 3.66 28.04 3.18
C GLY NA 278 4.12 29.17 2.28
N LEU NA 279 3.21 30.06 1.88
CA LEU NA 279 3.58 31.14 0.99
C LEU NA 279 4.41 32.19 1.70
N ALA NA 280 4.36 32.23 3.03
CA ALA NA 280 5.22 33.15 3.78
C ALA NA 280 6.68 32.85 3.50
N LEU NA 281 7.01 31.58 3.31
CA LEU NA 281 8.38 31.16 3.03
C LEU NA 281 8.62 30.90 1.55
N ASN NA 282 7.68 31.30 0.70
CA ASN NA 282 7.68 31.02 -0.74
C ASN NA 282 7.64 29.53 -1.04
N LEU NA 283 7.16 28.71 -0.10
CA LEU NA 283 6.92 27.30 -0.35
C LEU NA 283 5.59 27.18 -1.10
N ARG NA 284 5.63 27.51 -2.38
CA ARG NA 284 4.43 27.58 -3.19
C ARG NA 284 4.35 26.39 -4.14
N ALA NA 285 3.13 25.92 -4.35
CA ALA NA 285 2.85 24.91 -5.37
C ALA NA 285 2.72 25.63 -6.72
N TYR NA 286 3.84 26.21 -7.15
CA TYR NA 286 3.82 27.08 -8.31
C TYR NA 286 3.72 26.32 -9.61
N ASP NA 287 4.39 25.18 -9.74
CA ASP NA 287 4.51 24.55 -11.05
C ASP NA 287 4.53 23.04 -10.91
N PHE NA 288 4.19 22.37 -12.00
CA PHE NA 288 4.36 20.92 -12.14
C PHE NA 288 5.61 20.71 -12.99
N VAL NA 289 6.66 20.17 -12.37
CA VAL NA 289 7.94 20.06 -13.06
C VAL NA 289 7.84 19.09 -14.23
N SER NA 290 7.05 18.04 -14.08
CA SER NA 290 6.90 17.05 -15.15
C SER NA 290 6.35 17.69 -16.41
N GLN NA 291 5.37 18.58 -16.26
CA GLN NA 291 4.80 19.25 -17.42
C GLN NA 291 5.72 20.33 -17.95
N GLU NA 292 6.47 21.00 -17.06
CA GLU NA 292 7.40 22.03 -17.53
C GLU NA 292 8.58 21.40 -18.25
N ILE NA 293 9.10 20.28 -17.74
CA ILE NA 293 10.17 19.58 -18.45
C ILE NA 293 9.67 19.09 -19.79
N ARG NA 294 8.47 18.52 -19.82
CA ARG NA 294 7.89 18.05 -21.07
C ARG NA 294 7.75 19.20 -22.06
N ALA NA 295 7.17 20.31 -21.62
CA ALA NA 295 6.93 21.43 -22.52
C ALA NA 295 8.24 21.99 -23.07
N ALA NA 296 9.30 21.94 -22.28
CA ALA NA 296 10.60 22.43 -22.75
C ALA NA 296 11.19 21.50 -23.81
N GLU NA 297 10.73 20.26 -23.87
CA GLU NA 297 11.32 19.29 -24.80
C GLU NA 297 10.58 19.21 -26.12
N ASP NA 298 9.28 19.47 -26.14
CA ASP NA 298 8.56 19.58 -27.41
C ASP NA 298 7.73 20.86 -27.45
N PRO NA 299 7.89 21.71 -28.45
CA PRO NA 299 7.14 22.96 -28.49
C PRO NA 299 5.70 22.78 -28.94
N GLU NA 300 5.21 21.53 -28.94
CA GLU NA 300 3.82 21.25 -29.25
C GLU NA 300 2.96 21.01 -28.03
N PHE NA 301 3.57 20.60 -26.91
CA PHE NA 301 2.79 20.27 -25.72
C PHE NA 301 2.23 21.54 -25.09
N GLU NA 302 0.90 21.61 -25.02
CA GLU NA 302 0.20 22.75 -24.48
C GLU NA 302 -0.86 22.26 -23.52
N THR NA 303 -0.94 22.86 -22.34
CA THR NA 303 -2.01 22.61 -21.40
C THR NA 303 -2.43 23.95 -20.80
N PHE NA 304 -3.62 23.97 -20.18
CA PHE NA 304 -4.07 25.20 -19.55
C PHE NA 304 -3.14 25.61 -18.42
N TYR NA 305 -2.45 24.65 -17.82
CA TYR NA 305 -1.48 24.99 -16.78
C TYR NA 305 -0.31 25.79 -17.36
N THR NA 306 0.19 25.39 -18.53
CA THR NA 306 1.26 26.15 -19.15
C THR NA 306 0.78 27.52 -19.61
N LYS NA 307 -0.50 27.66 -19.93
CA LYS NA 307 -1.04 28.95 -20.32
C LYS NA 307 -1.13 29.88 -19.11
N ASN NA 308 -1.39 29.33 -17.93
CA ASN NA 308 -1.39 30.15 -16.72
C ASN NA 308 0.02 30.62 -16.36
N ILE NA 309 1.02 29.76 -16.57
CA ILE NA 309 2.39 30.14 -16.27
C ILE NA 309 2.80 31.33 -17.10
N LEU NA 310 2.39 31.36 -18.36
CA LEU NA 310 2.66 32.51 -19.21
C LEU NA 310 1.92 33.75 -18.72
N LEU NA 311 0.72 33.58 -18.17
CA LEU NA 311 0.00 34.70 -17.61
C LEU NA 311 0.70 35.26 -16.38
N ASN NA 312 1.28 34.39 -15.56
CA ASN NA 312 1.99 34.84 -14.38
C ASN NA 312 3.24 35.63 -14.75
N GLU NA 313 3.91 35.23 -15.84
CA GLU NA 313 5.06 35.98 -16.33
C GLU NA 313 4.66 37.42 -16.65
N GLY NA 314 3.50 37.59 -17.29
CA GLY NA 314 3.05 38.94 -17.58
C GLY NA 314 2.72 39.73 -16.33
N ILE NA 315 2.08 39.08 -15.36
CA ILE NA 315 1.71 39.77 -14.13
C ILE NA 315 2.95 40.25 -13.39
N ARG NA 316 3.95 39.37 -13.24
CA ARG NA 316 5.14 39.74 -12.50
C ARG NA 316 5.88 40.89 -13.16
N ALA NA 317 6.12 40.79 -14.47
CA ALA NA 317 6.95 41.78 -15.15
C ALA NA 317 6.27 43.14 -15.22
N TRP NA 318 4.98 43.17 -15.55
CA TRP NA 318 4.28 44.42 -15.76
C TRP NA 318 3.85 45.08 -14.47
N MET NA 319 3.87 44.37 -13.35
CA MET NA 319 3.42 44.90 -12.07
C MET NA 319 4.57 45.28 -11.15
N ALA NA 320 5.73 44.64 -11.31
CA ALA NA 320 6.81 44.75 -10.33
C ALA NA 320 7.32 46.18 -10.20
N ALA NA 321 7.43 46.89 -11.33
CA ALA NA 321 8.07 48.20 -11.32
C ALA NA 321 7.33 49.18 -10.40
N GLN NA 322 6.00 49.15 -10.42
CA GLN NA 322 5.24 50.05 -9.58
C GLN NA 322 4.85 49.40 -8.26
N ASP NA 323 4.59 48.09 -8.27
CA ASP NA 323 4.17 47.42 -7.04
C ASP NA 323 5.30 47.35 -6.03
N GLN NA 324 6.55 47.32 -6.49
CA GLN NA 324 7.72 47.20 -5.63
C GLN NA 324 8.69 48.32 -5.96
N PRO NA 325 8.37 49.56 -5.57
CA PRO NA 325 9.25 50.69 -5.92
C PRO NA 325 10.63 50.61 -5.30
N HIS NA 326 10.78 49.86 -4.20
CA HIS NA 326 12.08 49.74 -3.55
C HIS NA 326 13.07 48.98 -4.42
N GLU NA 327 12.57 48.09 -5.27
CA GLU NA 327 13.46 47.33 -6.15
C GLU NA 327 14.09 48.19 -7.23
N LYS NA 328 13.52 49.38 -7.51
CA LYS NA 328 14.06 50.33 -8.48
C LYS NA 328 14.25 49.67 -9.84
N LEU NA 329 13.27 48.90 -10.26
CA LEU NA 329 13.31 48.22 -11.54
C LEU NA 329 13.04 49.21 -12.67
N VAL NA 330 13.89 49.18 -13.68
CA VAL NA 330 13.80 50.13 -14.79
C VAL NA 330 13.64 49.38 -16.09
N PHE NA 331 12.90 48.27 -16.05
CA PHE NA 331 12.67 47.43 -17.22
C PHE NA 331 12.34 48.25 -18.46
N PRO NA 332 13.19 48.25 -19.49
CA PRO NA 332 12.80 48.86 -20.75
C PRO NA 332 11.70 48.05 -21.42
N GLU NA 333 11.04 48.69 -22.38
CA GLU NA 333 9.85 48.08 -22.99
C GLU NA 333 10.18 46.75 -23.67
N GLU NA 334 11.32 46.69 -24.35
CA GLU NA 334 11.65 45.50 -25.13
C GLU NA 334 11.84 44.27 -24.27
N VAL NA 335 12.11 44.43 -22.98
CA VAL NA 335 12.39 43.27 -22.14
C VAL NA 335 11.14 42.73 -21.48
N LEU NA 336 10.04 43.47 -21.51
CA LEU NA 336 8.79 42.96 -20.96
C LEU NA 336 8.18 41.92 -21.88
N PRO NA 337 7.73 40.78 -21.35
CA PRO NA 337 7.11 39.75 -22.20
C PRO NA 337 5.72 40.17 -22.63
N ARG NA 338 5.46 40.09 -23.93
CA ARG NA 338 4.14 40.34 -24.46
C ARG NA 338 3.95 39.55 -25.74
N GLY NA 339 2.70 39.17 -26.01
CA GLY NA 339 2.38 38.41 -27.19
C GLY NA 339 2.22 39.29 -28.42
N ASN NA 340 1.86 38.66 -29.52
CA ASN NA 340 1.70 39.36 -30.78
C ASN NA 340 0.58 40.39 -30.69
N ALA NA 341 0.80 41.53 -31.33
CA ALA NA 341 -0.19 42.61 -31.39
C ALA NA 341 -0.65 43.02 -29.99
N LEU NA 342 -1.85 42.62 -29.63
CA LEU NA 342 -2.35 42.81 -28.28
C LEU NA 342 -1.53 41.95 -27.31
N SER OA 1 -37.45 39.68 24.30
CA SER OA 1 -38.31 39.77 25.47
C SER OA 1 -37.56 40.36 26.65
N GLY OA 2 -38.19 41.29 27.35
CA GLY OA 2 -37.56 41.94 28.47
C GLY OA 2 -36.58 43.02 28.05
N ALA OA 3 -36.40 44.03 28.90
CA ALA OA 3 -35.50 45.13 28.60
C ALA OA 3 -34.47 45.24 29.72
N THR OA 4 -33.29 45.77 29.34
CA THR OA 4 -32.15 45.86 30.24
C THR OA 4 -32.19 47.11 31.11
N GLY OA 5 -33.36 47.71 31.29
CA GLY OA 5 -33.48 48.86 32.17
C GLY OA 5 -32.99 50.16 31.56
N GLU OA 6 -32.99 50.23 30.23
CA GLU OA 6 -32.55 51.47 29.52
C GLU OA 6 -33.72 52.01 28.71
N ARG OA 7 -33.75 53.32 28.47
CA ARG OA 7 -34.89 53.94 27.75
C ARG OA 7 -34.97 53.39 26.33
N PRO OA 8 -36.16 52.95 25.85
CA PRO OA 8 -36.30 52.47 24.48
C PRO OA 8 -35.87 53.56 23.48
N PHE OA 9 -35.09 53.19 22.45
CA PHE OA 9 -34.62 54.16 21.44
C PHE OA 9 -35.82 54.85 20.80
N SER OA 10 -36.90 54.11 20.57
CA SER OA 10 -38.12 54.70 19.95
C SER OA 10 -38.64 55.84 20.83
N ASP OA 11 -38.61 55.66 22.15
CA ASP OA 11 -39.05 56.72 23.09
C ASP OA 11 -38.16 57.96 22.92
N ILE OA 12 -36.85 57.75 22.84
CA ILE OA 12 -35.89 58.89 22.74
C ILE OA 12 -36.00 59.56 21.38
N LEU OA 13 -36.11 58.78 20.30
CA LEU OA 13 -36.10 59.36 18.93
C LEU OA 13 -37.47 59.93 18.57
N THR OA 14 -38.46 59.79 19.45
CA THR OA 14 -39.80 60.39 19.20
C THR OA 14 -40.00 61.58 20.15
N SER OA 15 -39.12 61.72 21.14
CA SER OA 15 -39.25 62.81 22.10
C SER OA 15 -38.79 64.12 21.49
N ILE OA 16 -39.42 65.22 21.89
CA ILE OA 16 -39.05 66.56 21.35
C ILE OA 16 -37.66 66.94 21.87
N ARG OA 17 -37.36 66.63 23.15
CA ARG OA 17 -36.07 67.05 23.74
C ARG OA 17 -34.91 66.52 22.89
N TYR OA 18 -34.98 65.26 22.47
CA TYR OA 18 -33.85 64.66 21.71
C TYR OA 18 -33.56 65.50 20.47
N TRP OA 19 -34.60 65.85 19.71
CA TRP OA 19 -34.40 66.61 18.45
C TRP OA 19 -33.99 68.05 18.76
N VAL OA 20 -34.51 68.63 19.85
CA VAL OA 20 -34.12 70.01 20.25
C VAL OA 20 -32.60 70.01 20.53
N ILE OA 21 -32.08 68.93 21.10
CA ILE OA 21 -30.63 68.87 21.46
C ILE OA 21 -29.81 68.45 20.24
N HIS OA 22 -30.25 67.44 19.49
CA HIS OA 22 -29.45 66.92 18.35
C HIS OA 22 -29.63 67.78 17.10
N SER OA 23 -30.58 68.73 17.12
CA SER OA 23 -30.75 69.65 15.98
C SER OA 23 -29.56 70.62 15.95
N ILE OA 24 -28.77 70.65 17.01
CA ILE OA 24 -27.58 71.54 17.08
C ILE OA 24 -26.32 70.67 17.15
N THR OA 25 -26.32 69.65 18.01
CA THR OA 25 -25.11 68.82 18.20
C THR OA 25 -24.71 68.15 16.88
N ILE OA 26 -25.64 67.48 16.21
CA ILE OA 26 -25.29 66.73 14.96
C ILE OA 26 -24.81 67.72 13.89
N PRO OA 27 -25.55 68.82 13.59
CA PRO OA 27 -25.08 69.80 12.61
C PRO OA 27 -23.72 70.40 12.96
N SER OA 28 -23.49 70.69 14.25
CA SER OA 28 -22.19 71.28 14.67
C SER OA 28 -21.05 70.30 14.36
N LEU OA 29 -21.24 69.01 14.65
CA LEU OA 29 -20.20 68.00 14.37
C LEU OA 29 -19.92 67.98 12.87
N PHE OA 30 -20.98 68.12 12.05
CA PHE OA 30 -20.81 68.13 10.58
C PHE OA 30 -19.99 69.36 10.18
N ILE OA 31 -20.35 70.54 10.69
CA ILE OA 31 -19.60 71.74 10.37
C ILE OA 31 -18.17 71.64 10.91
N ALA OA 32 -18.00 71.03 12.08
CA ALA OA 32 -16.66 70.86 12.63
C ALA OA 32 -15.78 70.04 11.70
N GLY OA 33 -16.34 68.96 11.16
CA GLY OA 33 -15.60 68.18 10.19
C GLY OA 33 -15.35 68.93 8.90
N TRP OA 34 -16.33 69.73 8.47
CA TRP OA 34 -16.16 70.54 7.28
C TRP OA 34 -15.01 71.53 7.45
N LEU OA 35 -14.98 72.22 8.60
CA LEU OA 35 -13.95 73.27 8.80
C LEU OA 35 -12.58 72.61 8.94
N PHE OA 36 -12.53 71.37 9.43
CA PHE OA 36 -11.24 70.65 9.59
C PHE OA 36 -10.57 70.51 8.22
N VAL OA 37 -11.35 70.17 7.20
CA VAL OA 37 -10.80 70.01 5.82
C VAL OA 37 -10.70 71.39 5.16
N SER OA 38 -11.76 72.20 5.27
CA SER OA 38 -11.78 73.53 4.61
C SER OA 38 -10.58 74.36 5.04
N THR OA 39 -10.29 74.42 6.35
CA THR OA 39 -9.21 75.26 6.84
C THR OA 39 -7.84 74.70 6.49
N GLY OA 40 -7.78 73.50 5.94
CA GLY OA 40 -6.51 72.86 5.64
C GLY OA 40 -5.87 72.16 6.81
N LEU OA 41 -6.54 72.15 7.97
CA LEU OA 41 -5.95 71.55 9.18
C LEU OA 41 -5.67 70.06 8.95
N ALA OA 42 -6.54 69.38 8.21
CA ALA OA 42 -6.38 67.93 7.96
C ALA OA 42 -5.04 67.67 7.26
N TYR OA 43 -4.71 68.48 6.25
CA TYR OA 43 -3.44 68.31 5.49
C TYR OA 43 -2.25 68.42 6.45
N ASP OA 44 -2.32 69.35 7.41
CA ASP OA 44 -1.19 69.58 8.30
C ASP OA 44 -1.14 68.60 9.45
N VAL OA 45 -2.25 67.91 9.72
CA VAL OA 45 -2.30 66.98 10.89
C VAL OA 45 -1.91 65.57 10.44
N PHE OA 46 -2.35 65.13 9.26
CA PHE OA 46 -2.08 63.73 8.83
C PHE OA 46 -0.98 63.69 7.77
N GLY OA 47 -0.50 64.86 7.32
CA GLY OA 47 0.63 64.90 6.37
C GLY OA 47 0.26 64.48 4.96
N SER OA 48 -1.03 64.52 4.61
CA SER OA 48 -1.43 64.22 3.21
C SER OA 48 -1.05 65.39 2.30
N PRO OA 49 -0.43 65.15 1.13
CA PRO OA 49 0.02 66.24 0.26
C PRO OA 49 -1.12 66.96 -0.46
N ARG OA 50 -1.19 68.29 -0.34
CA ARG OA 50 -2.18 69.04 -1.08
C ARG OA 50 -2.00 68.77 -2.58
N PRO OA 51 -3.06 68.93 -3.37
CA PRO OA 51 -2.96 68.57 -4.79
C PRO OA 51 -1.91 69.35 -5.56
N ASN OA 52 -1.28 70.34 -4.94
CA ASN OA 52 -0.23 71.11 -5.60
C ASN OA 52 1.16 70.86 -5.02
N GLU OA 53 1.34 69.81 -4.22
CA GLU OA 53 2.63 69.56 -3.60
C GLU OA 53 3.01 68.09 -3.58
N TYR OA 54 2.45 67.28 -4.48
CA TYR OA 54 2.91 65.90 -4.62
C TYR OA 54 4.34 65.86 -5.12
N PHE OA 55 4.64 66.69 -6.12
CA PHE OA 55 6.00 66.72 -6.71
C PHE OA 55 6.66 68.05 -6.37
N THR OA 56 7.97 68.03 -6.12
CA THR OA 56 8.70 69.27 -5.73
C THR OA 56 9.74 69.63 -6.80
N GLU OA 57 10.09 70.91 -6.91
CA GLU OA 57 11.08 71.36 -7.91
C GLU OA 57 12.24 70.35 -7.98
N ASP OA 58 12.70 69.85 -6.83
CA ASP OA 58 13.84 68.95 -6.83
C ASP OA 58 13.45 67.53 -7.24
N ARG OA 59 12.31 67.05 -6.72
CA ARG OA 59 11.87 65.68 -6.97
C ARG OA 59 10.64 65.72 -7.87
N GLN OA 60 10.82 65.28 -9.12
CA GLN OA 60 9.72 65.20 -10.08
C GLN OA 60 9.14 63.81 -10.18
N GLU OA 61 9.62 62.86 -9.40
CA GLU OA 61 9.12 61.50 -9.39
C GLU OA 61 8.56 61.16 -8.01
N THR OA 62 8.10 59.93 -7.85
CA THR OA 62 7.55 59.50 -6.57
C THR OA 62 8.66 59.38 -5.53
N PRO OA 63 8.37 59.68 -4.28
CA PRO OA 63 9.37 59.52 -3.22
C PRO OA 63 9.62 58.05 -2.91
N LEU OA 64 10.71 57.81 -2.18
CA LEU OA 64 11.09 56.46 -1.81
C LEU OA 64 11.91 56.52 -0.53
N ILE OA 65 11.35 55.99 0.56
CA ILE OA 65 12.06 55.93 1.83
C ILE OA 65 13.00 54.73 1.81
N THR OA 66 14.27 54.97 2.14
CA THR OA 66 15.29 53.94 2.08
C THR OA 66 15.93 53.62 3.41
N ASP OA 67 16.06 54.59 4.31
CA ASP OA 67 16.72 54.40 5.59
C ASP OA 67 15.67 54.18 6.67
N ARG OA 68 15.73 53.04 7.35
CA ARG OA 68 14.76 52.74 8.39
C ARG OA 68 14.97 53.61 9.62
N PHE OA 69 16.20 53.71 10.10
CA PHE OA 69 16.47 54.44 11.34
C PHE OA 69 16.65 55.92 11.14
N ASN OA 70 16.70 56.38 9.89
CA ASN OA 70 16.71 57.81 9.58
C ASN OA 70 15.46 58.17 8.77
N ALA OA 71 14.40 57.38 8.93
CA ALA OA 71 13.18 57.61 8.17
C ALA OA 71 12.54 58.93 8.54
N LEU OA 72 12.61 59.32 9.82
CA LEU OA 72 12.05 60.60 10.23
C LEU OA 72 12.72 61.75 9.51
N GLU OA 73 14.06 61.72 9.40
CA GLU OA 73 14.77 62.76 8.67
C GLU OA 73 14.45 62.67 7.18
N GLN OA 74 14.46 61.45 6.62
CA GLN OA 74 14.29 61.29 5.20
C GLN OA 74 12.90 61.70 4.74
N VAL OA 75 11.88 61.36 5.54
CA VAL OA 75 10.48 61.66 5.15
C VAL OA 75 10.29 63.18 5.17
N LYS OA 76 10.97 63.87 6.09
CA LYS OA 76 10.87 65.34 6.19
C LYS OA 76 11.46 65.96 4.91
N LYS OA 77 12.54 65.38 4.39
CA LYS OA 77 13.16 65.87 3.14
C LYS OA 77 12.21 65.61 1.98
N LEU OA 78 11.64 64.41 1.91
CA LEU OA 78 10.73 64.04 0.78
C LEU OA 78 9.45 64.88 0.86
N SER OA 79 9.02 65.22 2.08
CA SER OA 79 7.77 65.99 2.27
C SER OA 79 8.06 67.50 2.24
N GLU OA 80 9.35 67.87 2.20
CA GLU OA 80 9.72 69.31 2.24
C GLU OA 80 9.12 70.01 1.02
N VAL OA 81 8.50 71.18 1.23
CA VAL OA 81 7.86 71.94 0.12
C VAL OA 81 8.96 72.52 -0.79
N LYS PA 1 -46.79 51.86 35.85
CA LYS PA 1 -47.10 52.68 34.69
C LYS PA 1 -45.97 53.64 34.38
N SER PA 2 -45.46 54.29 35.42
CA SER PA 2 -44.40 55.27 35.25
C SER PA 2 -43.05 54.56 35.16
N TYR PA 3 -42.21 55.02 34.23
CA TYR PA 3 -40.87 54.50 34.05
C TYR PA 3 -39.87 55.64 34.06
N THR PA 4 -38.81 55.49 34.85
CA THR PA 4 -37.72 56.46 34.91
C THR PA 4 -36.46 55.79 34.40
N TYR PA 5 -35.81 56.43 33.44
CA TYR PA 5 -34.62 55.84 32.86
C TYR PA 5 -33.44 56.77 33.02
N PRO PA 6 -32.19 56.25 33.13
CA PRO PA 6 -31.01 57.11 33.18
C PRO PA 6 -30.64 57.66 31.80
N ILE PA 7 -30.28 58.93 31.72
CA ILE PA 7 -29.92 59.57 30.41
C ILE PA 7 -28.57 59.01 29.94
N PHE PA 8 -27.59 58.91 30.84
CA PHE PA 8 -26.23 58.46 30.45
C PHE PA 8 -25.99 57.02 30.92
N THR PA 9 -25.68 56.13 29.99
CA THR PA 9 -25.42 54.71 30.34
C THR PA 9 -24.29 54.19 29.45
N VAL PA 10 -23.85 52.95 29.66
CA VAL PA 10 -22.80 52.36 28.79
C VAL PA 10 -23.30 52.43 27.34
N ARG PA 11 -24.60 52.19 27.13
CA ARG PA 11 -25.19 52.25 25.76
C ARG PA 11 -24.97 53.65 25.17
N TRP PA 12 -25.21 54.69 25.97
CA TRP PA 12 -25.03 56.09 25.49
C TRP PA 12 -23.59 56.27 25.01
N LEU PA 13 -22.62 55.85 25.83
CA LEU PA 13 -21.19 56.00 25.46
C LEU PA 13 -20.91 55.26 24.16
N ALA PA 14 -21.41 54.03 24.03
CA ALA PA 14 -21.16 53.23 22.81
C ALA PA 14 -21.77 53.92 21.59
N VAL PA 15 -23.02 54.39 21.73
CA VAL PA 15 -23.71 55.06 20.59
C VAL PA 15 -22.90 56.29 20.16
N HIS PA 16 -22.45 57.08 21.12
CA HIS PA 16 -21.75 58.35 20.78
C HIS PA 16 -20.29 58.07 20.39
N ALA PA 17 -19.74 56.96 20.88
CA ALA PA 17 -18.34 56.59 20.53
C ALA PA 17 -18.25 56.36 19.01
N LEU PA 18 -19.35 55.93 18.39
CA LEU PA 18 -19.34 55.64 16.93
C LEU PA 18 -20.07 56.76 16.18
N ALA PA 19 -21.11 57.33 16.78
CA ALA PA 19 -21.93 58.35 16.08
C ALA PA 19 -21.17 59.68 15.98
N VAL PA 20 -20.65 60.19 17.10
CA VAL PA 20 -19.98 61.53 17.08
C VAL PA 20 -18.87 61.54 16.03
N PRO PA 21 -17.90 60.60 16.03
CA PRO PA 21 -16.79 60.64 15.08
C PRO PA 21 -17.31 60.50 13.65
N THR PA 22 -18.30 59.63 13.44
CA THR PA 22 -18.86 59.40 12.07
C THR PA 22 -19.37 60.72 11.50
N VAL PA 23 -20.18 61.45 12.26
CA VAL PA 23 -20.78 62.71 11.74
C VAL PA 23 -19.67 63.69 11.40
N PHE PA 24 -18.65 63.78 12.27
CA PHE PA 24 -17.48 64.66 11.97
C PHE PA 24 -16.84 64.19 10.66
N PHE PA 25 -16.58 62.89 10.53
CA PHE PA 25 -15.91 62.36 9.31
C PHE PA 25 -16.78 62.62 8.08
N LEU PA 26 -18.10 62.41 8.21
CA LEU PA 26 -19.01 62.62 7.05
C LEU PA 26 -18.95 64.08 6.63
N GLY PA 27 -18.96 65.00 7.61
CA GLY PA 27 -18.84 66.44 7.28
C GLY PA 27 -17.53 66.71 6.56
N ALA PA 28 -16.43 66.11 7.02
CA ALA PA 28 -15.11 66.29 6.38
C ALA PA 28 -15.16 65.71 4.96
N ILE PA 29 -15.65 64.49 4.82
CA ILE PA 29 -15.70 63.83 3.48
C ILE PA 29 -16.63 64.64 2.57
N THR PA 30 -17.69 65.23 3.13
CA THR PA 30 -18.55 66.07 2.32
C THR PA 30 -17.82 67.29 1.79
N ALA PA 31 -16.99 67.90 2.63
CA ALA PA 31 -16.22 69.10 2.21
C ALA PA 31 -15.25 68.71 1.10
N MET PA 32 -14.76 67.47 1.10
CA MET PA 32 -13.76 67.03 0.09
C MET PA 32 -14.40 66.94 -1.29
N GLN PA 33 -15.73 66.83 -1.36
CA GLN PA 33 -16.42 66.67 -2.66
C GLN PA 33 -16.40 68.00 -3.41
N PHE PA 34 -15.94 69.08 -2.76
CA PHE PA 34 -15.90 70.39 -3.39
C PHE PA 34 -14.49 70.95 -3.48
N ILE PA 35 -13.48 70.11 -3.27
CA ILE PA 35 -12.07 70.57 -3.40
C ILE PA 35 -11.67 70.40 -4.87
N GLN PA 36 -11.07 71.44 -5.46
CA GLN PA 36 -10.67 71.38 -6.89
C GLN PA 36 -9.15 71.30 -7.00
N ARG PA 37 -8.64 70.49 -7.93
CA ARG PA 37 -7.17 70.38 -8.13
C ARG PA 37 -6.66 71.67 -8.81
N GLU QA 1 -89.05 -18.75 -62.67
CA GLU QA 1 -87.92 -18.11 -63.39
C GLU QA 1 -88.43 -16.92 -64.20
N PHE QA 2 -87.79 -15.76 -64.05
CA PHE QA 2 -88.19 -14.54 -64.82
C PHE QA 2 -89.45 -13.92 -64.19
N TYR QA 3 -90.05 -14.60 -63.21
CA TYR QA 3 -91.24 -14.06 -62.51
C TYR QA 3 -91.39 -14.78 -61.16
N GLY QA 4 -91.98 -14.11 -60.16
CA GLY QA 4 -92.22 -14.75 -58.86
C GLY QA 4 -91.02 -14.69 -57.94
N PRO QA 5 -91.05 -15.33 -56.75
CA PRO QA 5 -89.96 -15.23 -55.78
C PRO QA 5 -88.67 -15.94 -56.23
N ASP QA 6 -88.79 -17.02 -57.01
CA ASP QA 6 -87.60 -17.79 -57.45
C ASP QA 6 -87.11 -17.24 -58.79
N ARG QA 7 -87.51 -16.01 -59.13
CA ARG QA 7 -87.12 -15.40 -60.42
C ARG QA 7 -85.59 -15.23 -60.45
N ALA QA 8 -85.00 -15.22 -61.63
CA ALA QA 8 -83.54 -14.96 -61.73
C ALA QA 8 -83.25 -13.59 -61.12
N LYS QA 9 -82.05 -13.40 -60.57
CA LYS QA 9 -81.73 -12.11 -59.89
C LYS QA 9 -80.40 -11.54 -60.40
N TRP QA 10 -80.15 -10.26 -60.17
CA TRP QA 10 -78.94 -9.58 -60.73
C TRP QA 10 -77.64 -10.16 -60.16
N LEU QA 11 -77.69 -10.72 -58.96
CA LEU QA 11 -76.47 -11.27 -58.32
C LEU QA 11 -76.55 -12.80 -58.35
N GLY QA 12 -77.50 -13.36 -59.10
CA GLY QA 12 -77.61 -14.79 -59.22
C GLY QA 12 -77.90 -15.46 -57.89
N PRO QA 13 -77.16 -16.51 -57.58
CA PRO QA 13 -77.40 -17.27 -56.35
C PRO QA 13 -77.19 -16.46 -55.08
N PHE QA 14 -76.41 -15.38 -55.14
CA PHE QA 14 -76.03 -14.62 -53.97
C PHE QA 14 -76.84 -13.32 -53.85
N SER QA 15 -78.05 -13.33 -54.39
CA SER QA 15 -78.90 -12.13 -54.40
C SER QA 15 -79.99 -12.18 -53.35
N GLU QA 16 -79.94 -13.14 -52.43
CA GLU QA 16 -81.03 -13.31 -51.47
C GLU QA 16 -81.18 -12.09 -50.59
N GLY QA 17 -80.07 -11.60 -50.03
CA GLY QA 17 -80.13 -10.51 -49.07
C GLY QA 17 -79.99 -9.14 -49.69
N SER QA 18 -80.11 -9.06 -51.01
CA SER QA 18 -79.93 -7.81 -51.72
C SER QA 18 -81.15 -7.34 -52.48
N VAL QA 19 -82.25 -8.08 -52.43
CA VAL QA 19 -83.45 -7.76 -53.18
C VAL QA 19 -84.34 -6.88 -52.32
N PRO QA 20 -84.71 -5.67 -52.76
CA PRO QA 20 -85.64 -4.85 -51.99
C PRO QA 20 -87.01 -5.51 -51.89
N SER QA 21 -87.71 -5.18 -50.80
CA SER QA 21 -89.01 -5.80 -50.55
C SER QA 21 -90.04 -5.42 -51.60
N TYR QA 22 -89.94 -4.19 -52.12
CA TYR QA 22 -90.92 -3.68 -53.11
C TYR QA 22 -90.74 -4.38 -54.46
N LEU QA 23 -89.56 -4.97 -54.71
CA LEU QA 23 -89.37 -5.74 -55.96
C LEU QA 23 -89.77 -7.19 -55.68
N LYS QA 24 -90.95 -7.60 -56.16
CA LYS QA 24 -91.45 -8.97 -55.82
C LYS QA 24 -91.62 -9.82 -57.09
N GLY QA 25 -91.15 -9.33 -58.23
CA GLY QA 25 -91.25 -10.10 -59.45
C GLY QA 25 -92.61 -10.06 -60.10
N GLU QA 26 -93.34 -8.96 -59.95
CA GLU QA 26 -94.61 -8.78 -60.63
C GLU QA 26 -94.44 -8.26 -62.04
N PHE QA 27 -93.29 -7.68 -62.36
CA PHE QA 27 -93.12 -7.04 -63.69
C PHE QA 27 -91.92 -7.63 -64.44
N PRO QA 28 -91.90 -7.54 -65.78
CA PRO QA 28 -90.81 -8.12 -66.57
C PRO QA 28 -89.44 -7.51 -66.23
N GLY QA 29 -88.39 -8.32 -66.19
CA GLY QA 29 -87.03 -7.80 -65.94
C GLY QA 29 -86.78 -7.47 -64.48
N ASP QA 30 -87.56 -8.09 -63.57
CA ASP QA 30 -87.35 -7.85 -62.12
C ASP QA 30 -86.26 -8.80 -61.61
N TYR QA 31 -85.00 -8.36 -61.65
CA TYR QA 31 -83.89 -9.18 -61.10
C TYR QA 31 -83.59 -8.68 -59.69
N GLY QA 32 -84.47 -7.84 -59.13
CA GLY QA 32 -84.28 -7.32 -57.77
C GLY QA 32 -83.09 -6.39 -57.69
N TRP QA 33 -82.83 -5.61 -58.74
CA TRP QA 33 -81.70 -4.66 -58.74
C TRP QA 33 -82.19 -3.23 -58.49
N ASP QA 34 -82.18 -2.78 -57.23
CA ASP QA 34 -82.53 -1.37 -56.92
C ASP QA 34 -81.67 -0.97 -55.71
N THR QA 35 -80.35 -0.94 -55.89
CA THR QA 35 -79.43 -0.66 -54.74
C THR QA 35 -79.57 0.80 -54.27
N ALA QA 36 -80.00 1.70 -55.15
CA ALA QA 36 -80.10 3.12 -54.79
C ALA QA 36 -81.51 3.46 -54.27
N GLY QA 37 -82.41 2.46 -54.27
CA GLY QA 37 -83.78 2.66 -53.77
C GLY QA 37 -84.50 3.77 -54.52
N LEU QA 38 -84.30 3.85 -55.83
CA LEU QA 38 -84.92 4.94 -56.64
C LEU QA 38 -86.36 4.57 -56.98
N SER QA 39 -86.75 3.32 -56.75
CA SER QA 39 -88.13 2.87 -57.07
C SER QA 39 -88.86 2.46 -55.79
N ALA QA 40 -88.47 3.04 -54.65
CA ALA QA 40 -89.14 2.74 -53.37
C ALA QA 40 -90.60 3.17 -53.44
N ASP QA 41 -90.86 4.43 -53.82
CA ASP QA 41 -92.23 4.91 -53.96
C ASP QA 41 -92.91 4.16 -55.10
N PRO QA 42 -94.08 3.56 -54.87
CA PRO QA 42 -94.72 2.80 -55.95
C PRO QA 42 -95.05 3.62 -57.19
N GLU QA 43 -95.38 4.89 -57.02
CA GLU QA 43 -95.75 5.70 -58.18
C GLU QA 43 -94.56 5.97 -59.08
N THR QA 44 -93.42 6.31 -58.47
CA THR QA 44 -92.19 6.60 -59.27
C THR QA 44 -91.71 5.30 -59.92
N PHE QA 45 -91.90 4.17 -59.25
CA PHE QA 45 -91.49 2.86 -59.81
C PHE QA 45 -92.25 2.61 -61.12
N ALA QA 46 -93.56 2.89 -61.12
CA ALA QA 46 -94.39 2.69 -62.34
C ALA QA 46 -93.88 3.61 -63.44
N ARG QA 47 -93.53 4.85 -63.10
CA ARG QA 47 -93.04 5.83 -64.11
C ARG QA 47 -91.71 5.32 -64.69
N TYR QA 48 -90.81 4.86 -63.83
CA TYR QA 48 -89.47 4.41 -64.29
C TYR QA 48 -89.63 3.16 -65.18
N ARG QA 49 -90.59 2.30 -64.86
CA ARG QA 49 -90.83 1.09 -65.68
C ARG QA 49 -91.21 1.54 -67.10
N GLU QA 50 -92.08 2.53 -67.22
CA GLU QA 50 -92.46 3.06 -68.56
C GLU QA 50 -91.22 3.65 -69.25
N ILE QA 51 -90.45 4.46 -68.52
CA ILE QA 51 -89.26 5.12 -69.12
C ILE QA 51 -88.27 4.03 -69.57
N GLU QA 52 -88.09 2.99 -68.75
CA GLU QA 52 -87.12 1.91 -69.08
C GLU QA 52 -87.56 1.23 -70.38
N VAL QA 53 -88.86 0.91 -70.50
CA VAL QA 53 -89.35 0.18 -71.70
C VAL QA 53 -89.23 1.09 -72.93
N ILE QA 54 -89.62 2.37 -72.80
CA ILE QA 54 -89.55 3.31 -73.96
C ILE QA 54 -88.07 3.49 -74.33
N HIS QA 55 -87.20 3.70 -73.35
CA HIS QA 55 -85.75 3.82 -73.63
C HIS QA 55 -85.27 2.52 -74.28
N ALA QA 56 -85.70 1.38 -73.75
CA ALA QA 56 -85.28 0.06 -74.30
C ALA QA 56 -85.72 -0.05 -75.75
N ARG QA 57 -86.96 0.32 -76.05
CA ARG QA 57 -87.45 0.14 -77.41
C ARG QA 57 -86.74 1.09 -78.38
N TRP QA 58 -86.50 2.32 -77.95
CA TRP QA 58 -85.73 3.24 -78.79
C TRP QA 58 -84.32 2.73 -78.99
N ALA QA 59 -83.73 2.14 -77.96
CA ALA QA 59 -82.37 1.63 -78.07
C ALA QA 59 -82.29 0.47 -79.06
N MET QA 60 -83.28 -0.43 -79.02
CA MET QA 60 -83.29 -1.56 -79.93
C MET QA 60 -83.38 -1.09 -81.38
N LEU QA 61 -84.24 -0.12 -81.64
CA LEU QA 61 -84.29 0.50 -82.96
C LEU QA 61 -82.98 1.20 -83.28
N GLY QA 62 -82.44 1.92 -82.30
CA GLY QA 62 -81.20 2.64 -82.53
C GLY QA 62 -80.00 1.74 -82.73
N ALA QA 63 -79.93 0.65 -81.97
CA ALA QA 63 -78.80 -0.27 -82.08
C ALA QA 63 -78.75 -0.89 -83.47
N LEU QA 64 -79.91 -1.33 -83.97
CA LEU QA 64 -79.97 -1.89 -85.31
C LEU QA 64 -79.73 -0.82 -86.37
N GLY QA 65 -80.26 0.38 -86.15
CA GLY QA 65 -80.09 1.44 -87.12
C GLY QA 65 -78.68 2.02 -87.15
N CYS QA 66 -77.92 1.87 -86.06
CA CYS QA 66 -76.57 2.40 -86.04
C CYS QA 66 -75.58 1.49 -86.76
N LEU QA 67 -75.96 0.26 -87.06
CA LEU QA 67 -75.08 -0.68 -87.75
C LEU QA 67 -75.53 -1.01 -89.16
N THR QA 68 -76.82 -0.93 -89.45
CA THR QA 68 -77.34 -1.40 -90.72
C THR QA 68 -76.74 -0.65 -91.91
N PRO QA 69 -76.69 0.69 -91.91
CA PRO QA 69 -76.03 1.36 -93.04
C PRO QA 69 -74.57 0.98 -93.19
N GLU QA 70 -73.86 0.78 -92.07
CA GLU QA 70 -72.46 0.40 -92.16
C GLU QA 70 -72.30 -1.02 -92.72
N LEU QA 71 -73.17 -1.93 -92.30
CA LEU QA 71 -73.11 -3.30 -92.80
C LEU QA 71 -73.28 -3.32 -94.32
N LEU QA 72 -74.26 -2.57 -94.83
CA LEU QA 72 -74.48 -2.50 -96.27
C LEU QA 72 -73.27 -1.89 -96.96
N GLN QA 73 -72.70 -0.84 -96.37
CA GLN QA 73 -71.51 -0.21 -96.95
C GLN QA 73 -70.36 -1.21 -97.01
N ASN QA 74 -70.21 -2.05 -95.99
CA ASN QA 74 -69.09 -2.98 -95.97
C ASN QA 74 -69.26 -4.09 -97.00
N ASN QA 75 -70.44 -4.70 -97.08
CA ASN QA 75 -70.67 -5.83 -97.97
C ASN QA 75 -71.47 -5.45 -99.20
N GLY QA 76 -71.25 -4.25 -99.73
CA GLY QA 76 -71.80 -3.87 -101.02
C GLY QA 76 -73.27 -3.49 -100.95
N ALA QA 77 -73.74 -2.96 -102.08
CA ALA QA 77 -75.11 -2.48 -102.24
C ALA QA 77 -75.39 -1.28 -101.35
N ALA QA 78 -74.42 -0.36 -101.27
CA ALA QA 78 -74.57 0.88 -100.52
C ALA QA 78 -73.38 1.77 -100.84
N ASP QA 79 -73.64 3.07 -100.93
CA ASP QA 79 -72.63 4.05 -101.31
C ASP QA 79 -72.65 5.25 -100.39
N PHE QA 80 -72.69 5.03 -99.07
CA PHE QA 80 -72.60 6.13 -98.12
C PHE QA 80 -71.15 6.57 -97.99
N GLY QA 81 -70.87 7.82 -98.31
CA GLY QA 81 -69.53 8.35 -98.18
C GLY QA 81 -68.98 8.26 -96.78
N GLU QA 82 -69.56 9.05 -95.87
CA GLU QA 82 -69.26 8.97 -94.45
C GLU QA 82 -70.49 8.65 -93.62
N ALA QA 83 -71.67 8.62 -94.23
CA ALA QA 83 -72.88 8.29 -93.50
C ALA QA 83 -72.92 6.83 -93.09
N ALA QA 84 -71.98 6.03 -93.58
CA ALA QA 84 -71.87 4.64 -93.11
C ALA QA 84 -71.63 4.60 -91.61
N VAL QA 85 -70.80 5.49 -91.10
CA VAL QA 85 -70.58 5.60 -89.66
C VAL QA 85 -71.79 6.28 -89.04
N TRP QA 86 -72.30 5.72 -87.94
CA TRP QA 86 -73.54 6.26 -87.34
C TRP QA 86 -73.36 7.71 -86.86
N PHE QA 87 -72.24 8.02 -86.21
CA PHE QA 87 -72.06 9.39 -85.62
C PHE QA 87 -71.67 10.41 -86.70
N LYS QA 88 -71.51 9.96 -87.95
CA LYS QA 88 -71.14 10.88 -89.06
C LYS QA 88 -72.24 10.85 -90.12
N ALA QA 89 -73.48 10.55 -89.72
CA ALA QA 89 -74.59 10.43 -90.69
C ALA QA 89 -75.46 11.69 -90.68
N GLY QA 90 -75.51 12.39 -89.55
CA GLY QA 90 -76.40 13.56 -89.45
C GLY QA 90 -75.96 14.66 -90.39
N ALA QA 91 -74.66 14.74 -90.69
CA ALA QA 91 -74.13 15.82 -91.54
C ALA QA 91 -74.43 15.54 -93.01
N SER QA 92 -74.97 14.35 -93.30
CA SER QA 92 -75.26 13.97 -94.71
C SER QA 92 -76.29 14.94 -95.31
N ILE QA 93 -77.21 15.45 -94.48
CA ILE QA 93 -78.26 16.39 -94.97
C ILE QA 93 -77.57 17.61 -95.58
N PHE QA 94 -76.32 17.88 -95.20
CA PHE QA 94 -75.62 19.10 -95.70
C PHE QA 94 -74.77 18.75 -96.92
N ASN QA 95 -74.95 17.56 -97.49
CA ASN QA 95 -74.18 17.14 -98.70
C ASN QA 95 -74.80 17.80 -99.93
N GLU QA 96 -74.02 18.00 -101.00
CA GLU QA 96 -74.53 18.62 -102.21
C GLU QA 96 -75.70 17.84 -102.80
N ASP QA 97 -75.63 16.51 -102.76
CA ASP QA 97 -76.74 15.67 -103.20
C ASP QA 97 -77.71 15.36 -102.06
N GLY QA 98 -77.40 15.78 -100.84
CA GLY QA 98 -78.31 15.61 -99.73
C GLY QA 98 -78.38 14.17 -99.24
N LEU QA 99 -79.42 13.90 -98.45
CA LEU QA 99 -79.65 12.59 -97.89
C LEU QA 99 -80.37 11.73 -98.92
N ASN QA 100 -79.68 10.73 -99.45
CA ASN QA 100 -80.26 9.80 -100.41
C ASN QA 100 -80.31 8.43 -99.72
N TYR QA 101 -81.51 7.93 -99.54
CA TYR QA 101 -81.68 6.64 -98.88
C TYR QA 101 -81.02 5.54 -99.70
N LEU QA 102 -80.21 4.72 -99.04
CA LEU QA 102 -79.41 3.68 -99.68
C LEU QA 102 -78.45 4.23 -100.71
N GLY QA 103 -78.13 5.52 -100.62
CA GLY QA 103 -77.23 6.13 -101.58
C GLY QA 103 -77.83 6.37 -102.94
N ASN QA 104 -79.15 6.25 -103.07
CA ASN QA 104 -79.82 6.40 -104.34
C ASN QA 104 -80.46 7.77 -104.43
N PRO QA 105 -80.02 8.66 -105.32
CA PRO QA 105 -80.53 10.04 -105.32
C PRO QA 105 -82.03 10.16 -105.61
N SER QA 106 -82.67 9.12 -106.14
CA SER QA 106 -84.09 9.18 -106.41
C SER QA 106 -84.94 8.87 -105.18
N LEU QA 107 -84.31 8.58 -104.05
CA LEU QA 107 -85.02 8.25 -102.81
C LEU QA 107 -84.83 9.38 -101.81
N ILE QA 108 -85.94 9.87 -101.27
CA ILE QA 108 -85.96 10.92 -100.24
C ILE QA 108 -85.35 12.20 -100.79
N HIS QA 109 -84.04 12.17 -101.04
CA HIS QA 109 -83.32 13.29 -101.65
C HIS QA 109 -83.51 14.57 -100.85
N ALA QA 110 -83.32 14.46 -99.53
CA ALA QA 110 -83.53 15.60 -98.65
C ALA QA 110 -82.33 16.54 -98.66
N GLN QA 111 -82.61 17.84 -98.66
CA GLN QA 111 -81.56 18.84 -98.66
C GLN QA 111 -81.66 19.85 -97.53
N SER QA 112 -82.79 19.93 -96.82
CA SER QA 112 -83.04 20.98 -95.84
C SER QA 112 -83.09 20.38 -94.44
N ILE QA 113 -82.21 20.87 -93.55
CA ILE QA 113 -82.24 20.41 -92.18
C ILE QA 113 -83.47 20.96 -91.46
N VAL QA 114 -84.01 22.08 -91.92
CA VAL QA 114 -85.19 22.65 -91.29
C VAL QA 114 -86.40 21.76 -91.51
N ALA QA 115 -86.57 21.27 -92.74
CA ALA QA 115 -87.76 20.49 -93.07
C ALA QA 115 -87.75 19.15 -92.33
N VAL QA 116 -86.58 18.52 -92.22
CA VAL QA 116 -86.51 17.26 -91.48
C VAL QA 116 -86.72 17.50 -89.99
N LEU QA 117 -86.51 18.74 -89.54
CA LEU QA 117 -86.70 19.06 -88.13
C LEU QA 117 -88.17 19.35 -87.83
N LEU QA 118 -88.76 20.29 -88.55
CA LEU QA 118 -90.14 20.68 -88.29
C LEU QA 118 -91.10 19.51 -88.53
N THR QA 119 -90.88 18.76 -89.60
CA THR QA 119 -91.78 17.66 -89.92
C THR QA 119 -91.66 16.54 -88.88
N GLN QA 120 -90.46 16.34 -88.35
CA GLN QA 120 -90.30 15.38 -87.25
C GLN QA 120 -91.00 15.88 -86.00
N LEU QA 121 -90.92 17.18 -85.72
CA LEU QA 121 -91.58 17.73 -84.54
C LEU QA 121 -93.09 17.50 -84.61
N VAL QA 122 -93.70 17.71 -85.77
CA VAL QA 122 -95.13 17.50 -85.90
C VAL QA 122 -95.48 16.02 -85.81
N ILE QA 123 -94.71 15.18 -86.50
CA ILE QA 123 -95.03 13.76 -86.57
C ILE QA 123 -94.76 13.09 -85.23
N MET QA 124 -93.52 13.21 -84.73
CA MET QA 124 -93.20 12.59 -83.45
C MET QA 124 -93.93 13.28 -82.31
N GLY QA 125 -94.19 14.58 -82.44
CA GLY QA 125 -94.99 15.26 -81.44
C GLY QA 125 -96.41 14.73 -81.35
N ALA QA 126 -97.04 14.54 -82.50
CA ALA QA 126 -98.40 13.98 -82.51
C ALA QA 126 -98.40 12.54 -82.03
N ALA QA 127 -97.43 11.75 -82.51
CA ALA QA 127 -97.37 10.35 -82.10
C ALA QA 127 -97.12 10.20 -80.61
N GLU QA 128 -96.21 11.02 -80.08
CA GLU QA 128 -95.86 10.89 -78.66
C GLU QA 128 -96.93 11.49 -77.76
N ALA QA 129 -97.62 12.54 -78.24
CA ALA QA 129 -98.71 13.11 -77.46
C ALA QA 129 -99.84 12.12 -77.29
N TYR QA 130 -100.14 11.34 -78.33
CA TYR QA 130 -101.15 10.29 -78.20
C TYR QA 130 -100.72 9.25 -77.18
N ARG QA 131 -99.43 8.90 -77.19
CA ARG QA 131 -98.91 7.91 -76.22
C ARG QA 131 -99.17 8.42 -74.80
N TYR QA 132 -98.82 9.68 -74.52
CA TYR QA 132 -99.04 10.26 -73.17
C TYR QA 132 -100.55 10.31 -72.89
N SER QA 133 -101.34 10.73 -73.87
CA SER QA 133 -102.81 10.81 -73.69
C SER QA 133 -103.35 9.48 -73.16
N GLY QA 134 -102.81 8.36 -73.65
CA GLY QA 134 -103.29 7.03 -73.23
C GLY QA 134 -104.41 6.55 -74.14
N GLU QA 135 -105.00 7.44 -74.93
CA GLU QA 135 -106.08 7.07 -75.81
C GLU QA 135 -105.85 7.72 -77.17
N GLY QA 136 -106.40 7.09 -78.21
CA GLY QA 136 -106.23 7.58 -79.56
C GLY QA 136 -107.19 6.94 -80.54
N PRO QA 137 -107.17 7.41 -81.79
CA PRO QA 137 -108.08 6.84 -82.80
C PRO QA 137 -107.85 5.35 -83.03
N VAL QA 138 -106.61 4.89 -82.93
CA VAL QA 138 -106.33 3.47 -83.12
C VAL QA 138 -106.86 2.69 -81.92
N GLU QA 139 -107.08 1.40 -82.11
CA GLU QA 139 -107.64 0.54 -81.07
C GLU QA 139 -106.52 -0.09 -80.27
N THR QA 140 -106.51 0.17 -78.97
CA THR QA 140 -105.51 -0.37 -78.07
C THR QA 140 -106.18 -0.86 -76.79
N SER QA 141 -105.44 -1.63 -76.01
CA SER QA 141 -105.92 -2.10 -74.72
C SER QA 141 -105.74 -1.00 -73.69
N GLY QA 142 -106.01 -1.32 -72.42
CA GLY QA 142 -105.92 -0.33 -71.37
C GLY QA 142 -104.52 -0.02 -70.89
N ASP QA 143 -103.52 -0.75 -71.36
CA ASP QA 143 -102.15 -0.58 -70.91
C ASP QA 143 -101.46 0.42 -71.84
N SER QA 144 -101.11 1.59 -71.31
CA SER QA 144 -100.41 2.58 -72.11
C SER QA 144 -99.03 2.10 -72.51
N LEU QA 145 -98.34 1.39 -71.61
CA LEU QA 145 -97.02 0.87 -71.92
C LEU QA 145 -97.11 -0.29 -72.91
N TYR QA 146 -98.17 -1.07 -72.84
CA TYR QA 146 -98.37 -2.24 -73.70
C TYR QA 146 -99.72 -2.11 -74.40
N PRO QA 147 -99.80 -1.30 -75.44
CA PRO QA 147 -101.10 -1.06 -76.09
C PRO QA 147 -101.71 -2.30 -76.70
N GLY QA 148 -101.00 -2.97 -77.59
CA GLY QA 148 -101.60 -4.07 -78.31
C GLY QA 148 -102.64 -3.57 -79.29
N GLY QA 149 -103.48 -4.48 -79.74
CA GLY QA 149 -104.52 -4.13 -80.69
C GLY QA 149 -103.96 -3.65 -82.01
N PHE QA 150 -104.06 -2.35 -82.26
CA PHE QA 150 -103.53 -1.78 -83.50
C PHE QA 150 -102.02 -2.00 -83.62
N PHE QA 151 -101.32 -2.09 -82.49
CA PHE QA 151 -99.88 -2.26 -82.48
C PHE QA 151 -99.46 -3.71 -82.35
N ASP QA 152 -100.41 -4.64 -82.46
CA ASP QA 152 -100.12 -6.07 -82.47
C ASP QA 152 -100.82 -6.70 -83.67
N PRO QA 153 -100.42 -6.34 -84.89
CA PRO QA 153 -101.09 -6.88 -86.07
C PRO QA 153 -100.97 -8.38 -86.21
N LEU QA 154 -99.86 -8.97 -85.75
CA LEU QA 154 -99.67 -10.41 -85.85
C LEU QA 154 -100.30 -11.16 -84.68
N GLY QA 155 -100.83 -10.46 -83.69
CA GLY QA 155 -101.51 -11.12 -82.60
C GLY QA 155 -100.63 -12.08 -81.82
N LEU QA 156 -99.36 -11.72 -81.63
CA LEU QA 156 -98.46 -12.57 -80.86
C LEU QA 156 -98.69 -12.46 -79.36
N ALA QA 157 -99.41 -11.44 -78.91
CA ALA QA 157 -99.68 -11.23 -77.50
C ALA QA 157 -101.05 -11.73 -77.07
N ASP QA 158 -101.75 -12.46 -77.93
CA ASP QA 158 -103.08 -12.95 -77.59
C ASP QA 158 -103.02 -13.93 -76.43
N ASP QA 159 -102.05 -14.82 -76.44
CA ASP QA 159 -101.91 -15.81 -75.38
C ASP QA 159 -101.38 -15.13 -74.13
N PRO QA 160 -102.09 -15.17 -73.00
CA PRO QA 160 -101.62 -14.43 -71.81
C PRO QA 160 -100.29 -14.89 -71.26
N ASP QA 161 -100.10 -16.18 -71.07
CA ASP QA 161 -98.83 -16.67 -70.53
C ASP QA 161 -97.68 -16.41 -71.50
N THR QA 162 -97.95 -16.50 -72.80
CA THR QA 162 -96.95 -16.13 -73.78
C THR QA 162 -96.61 -14.65 -73.69
N LEU QA 163 -97.60 -13.82 -73.33
CA LEU QA 163 -97.34 -12.39 -73.17
C LEU QA 163 -96.37 -12.13 -72.04
N ALA QA 164 -96.56 -12.83 -70.91
CA ALA QA 164 -95.67 -12.62 -69.74
C ALA QA 164 -94.22 -12.80 -70.16
N GLU QA 165 -93.88 -13.95 -70.74
CA GLU QA 165 -92.47 -14.24 -71.12
C GLU QA 165 -92.04 -13.34 -72.29
N LEU QA 166 -92.93 -13.14 -73.26
CA LEU QA 166 -92.62 -12.24 -74.41
C LEU QA 166 -92.16 -10.89 -73.86
N LYS QA 167 -92.82 -10.41 -72.80
CA LYS QA 167 -92.47 -9.11 -72.24
C LYS QA 167 -91.11 -9.15 -71.56
N VAL QA 168 -90.73 -10.30 -71.01
CA VAL QA 168 -89.38 -10.46 -70.47
C VAL QA 168 -88.36 -10.46 -71.59
N LYS QA 169 -88.70 -11.07 -72.72
CA LYS QA 169 -87.79 -11.06 -73.87
C LYS QA 169 -87.58 -9.64 -74.38
N GLU QA 170 -88.65 -8.83 -74.38
CA GLU QA 170 -88.53 -7.46 -74.88
C GLU QA 170 -87.60 -6.63 -74.01
N ILE QA 171 -87.79 -6.68 -72.69
CA ILE QA 171 -86.99 -5.86 -71.80
C ILE QA 171 -85.54 -6.35 -71.78
N LYS QA 172 -85.34 -7.66 -71.92
CA LYS QA 172 -83.98 -8.20 -71.84
C LYS QA 172 -83.22 -7.96 -73.12
N ASN QA 173 -83.87 -8.11 -74.28
CA ASN QA 173 -83.25 -7.64 -75.51
C ASN QA 173 -83.07 -6.13 -75.47
N GLY QA 174 -84.03 -5.44 -74.83
CA GLY QA 174 -83.96 -3.96 -74.75
C GLY QA 174 -82.81 -3.48 -73.90
N ARG QA 175 -82.66 -4.04 -72.69
CA ARG QA 175 -81.57 -3.63 -71.77
C ARG QA 175 -80.22 -3.86 -72.46
N LEU QA 176 -80.10 -4.95 -73.21
CA LEU QA 176 -78.84 -5.24 -73.94
C LEU QA 176 -78.58 -4.12 -74.97
N ALA QA 177 -79.61 -3.73 -75.71
CA ALA QA 177 -79.46 -2.66 -76.73
C ALA QA 177 -79.05 -1.35 -76.06
N MET QA 178 -79.69 -1.02 -74.93
CA MET QA 178 -79.37 0.24 -74.21
C MET QA 178 -77.91 0.20 -73.76
N PHE QA 179 -77.48 -0.92 -73.17
CA PHE QA 179 -76.08 -1.06 -72.72
C PHE QA 179 -75.14 -0.94 -73.93
N SER QA 180 -75.51 -1.59 -75.04
CA SER QA 180 -74.67 -1.55 -76.27
C SER QA 180 -74.67 -0.15 -76.86
N MET QA 181 -75.81 0.55 -76.82
CA MET QA 181 -75.88 1.93 -77.35
C MET QA 181 -74.99 2.83 -76.48
N PHE QA 182 -75.08 2.69 -75.16
CA PHE QA 182 -74.17 3.46 -74.27
C PHE QA 182 -72.75 3.13 -74.70
N GLY QA 183 -72.52 1.88 -75.11
CA GLY QA 183 -71.19 1.48 -75.62
C GLY QA 183 -70.89 2.18 -76.93
N PHE QA 184 -71.89 2.27 -77.83
CA PHE QA 184 -71.68 2.98 -79.09
C PHE QA 184 -71.32 4.43 -78.84
N PHE QA 185 -72.03 5.07 -77.90
CA PHE QA 185 -71.77 6.48 -77.62
C PHE QA 185 -70.36 6.68 -77.09
N VAL QA 186 -69.96 5.88 -76.11
CA VAL QA 186 -68.66 6.05 -75.50
C VAL QA 186 -67.54 5.64 -76.45
N GLN QA 187 -67.73 4.56 -77.20
CA GLN QA 187 -66.72 4.15 -78.16
C GLN QA 187 -66.59 5.17 -79.28
N GLY QA 188 -67.68 5.85 -79.63
CA GLY QA 188 -67.57 6.92 -80.59
C GLY QA 188 -66.76 8.09 -80.07
N LEU QA 189 -67.02 8.49 -78.83
CA LEU QA 189 -66.28 9.60 -78.22
C LEU QA 189 -64.82 9.24 -78.00
N VAL QA 190 -64.54 8.04 -77.52
CA VAL QA 190 -63.19 7.69 -77.13
C VAL QA 190 -62.33 7.35 -78.35
N THR QA 191 -62.74 6.33 -79.10
CA THR QA 191 -61.93 5.87 -80.22
C THR QA 191 -62.08 6.78 -81.43
N GLY QA 192 -63.27 7.32 -81.64
CA GLY QA 192 -63.50 8.14 -82.81
C GLY QA 192 -63.71 7.38 -84.09
N LYS QA 193 -63.93 6.07 -84.00
CA LYS QA 193 -64.11 5.23 -85.18
C LYS QA 193 -65.45 4.51 -85.09
N SER QA 194 -65.83 3.86 -86.18
CA SER QA 194 -67.12 3.20 -86.26
C SER QA 194 -67.15 1.97 -85.34
N PRO QA 195 -68.33 1.59 -84.85
CA PRO QA 195 -68.40 0.43 -83.96
C PRO QA 195 -67.85 -0.85 -84.56
N LEU QA 196 -68.09 -1.09 -85.85
CA LEU QA 196 -67.56 -2.29 -86.48
C LEU QA 196 -66.06 -2.18 -86.68
N GLU QA 197 -65.57 -0.96 -86.91
CA GLU QA 197 -64.12 -0.76 -86.99
C GLU QA 197 -63.46 -1.05 -85.65
N ASN QA 198 -64.12 -0.69 -84.55
CA ASN QA 198 -63.62 -1.06 -83.23
C ASN QA 198 -63.60 -2.58 -83.08
N LEU QA 199 -64.63 -3.26 -83.58
CA LEU QA 199 -64.66 -4.70 -83.51
C LEU QA 199 -63.54 -5.32 -84.36
N ALA QA 200 -63.26 -4.73 -85.51
CA ALA QA 200 -62.19 -5.25 -86.36
C ALA QA 200 -60.83 -5.14 -85.65
N ASP QA 201 -60.63 -4.05 -84.92
CA ASP QA 201 -59.36 -3.86 -84.22
C ASP QA 201 -59.21 -4.84 -83.06
N HIS QA 202 -60.29 -5.08 -82.31
CA HIS QA 202 -60.21 -6.03 -81.21
C HIS QA 202 -59.85 -7.42 -81.74
N LEU QA 203 -60.43 -7.80 -82.87
CA LEU QA 203 -60.13 -9.11 -83.44
C LEU QA 203 -58.71 -9.17 -84.00
N ALA QA 204 -58.20 -8.03 -84.48
CA ALA QA 204 -56.85 -8.00 -85.02
C ALA QA 204 -55.81 -8.28 -83.95
N GLU QA 205 -55.93 -7.63 -82.80
CA GLU QA 205 -54.99 -7.79 -81.69
C GLU QA 205 -55.73 -7.60 -80.38
N PRO QA 206 -56.39 -8.64 -79.88
CA PRO QA 206 -57.17 -8.49 -78.65
C PRO QA 206 -56.37 -8.07 -77.44
N SER QA 207 -55.13 -8.56 -77.30
CA SER QA 207 -54.35 -8.22 -76.12
C SER QA 207 -53.76 -6.82 -76.23
N VAL QA 208 -53.76 -6.24 -77.43
CA VAL QA 208 -53.24 -4.90 -77.66
C VAL QA 208 -54.36 -3.90 -77.93
N ASN QA 209 -55.25 -4.21 -78.88
CA ASN QA 209 -56.32 -3.31 -79.27
C ASN QA 209 -57.54 -3.59 -78.40
N ASN QA 210 -57.51 -3.06 -77.18
CA ASN QA 210 -58.67 -3.11 -76.31
C ASN QA 210 -58.94 -1.72 -75.74
N GLY QA 211 -59.83 -1.64 -74.77
CA GLY QA 211 -60.19 -0.34 -74.21
C GLY QA 211 -59.02 0.39 -73.57
N PHE QA 212 -58.09 -0.35 -72.96
CA PHE QA 212 -56.98 0.29 -72.27
C PHE QA 212 -55.93 0.83 -73.24
N ALA QA 213 -55.97 0.46 -74.50
CA ALA QA 213 -55.11 1.09 -75.49
C ALA QA 213 -55.53 2.54 -75.75
N SER QA 214 -56.78 2.88 -75.50
CA SER QA 214 -57.27 4.24 -75.65
C SER QA 214 -57.21 5.03 -74.37
N ALA QA 215 -56.71 4.45 -73.28
CA ALA QA 215 -56.44 5.23 -72.09
C ALA QA 215 -55.25 6.15 -72.35
N THR QA 216 -55.02 7.07 -71.40
CA THR QA 216 -54.02 8.13 -71.51
C THR QA 216 -54.37 9.11 -72.62
N LYS QA 217 -55.48 8.87 -73.32
CA LYS QA 217 -55.90 9.80 -74.36
C LYS QA 217 -56.39 11.11 -73.76
N PHE QA 218 -57.09 11.04 -72.63
CA PHE QA 218 -57.63 12.23 -71.98
C PHE QA 218 -56.83 12.64 -70.76
N LEU QA 219 -55.54 12.32 -70.73
CA LEU QA 219 -54.69 12.74 -69.65
C LEU QA 219 -54.62 14.26 -69.62
N PRO QA 220 -54.93 14.90 -68.49
CA PRO QA 220 -54.85 16.36 -68.43
C PRO QA 220 -53.40 16.81 -68.50
N LEU QA 221 -53.10 17.68 -69.45
CA LEU QA 221 -51.73 18.15 -69.50
C LEU QA 221 -51.58 19.47 -68.75
N PRO QA 222 -50.47 19.67 -68.06
CA PRO QA 222 -50.21 20.93 -67.33
C PRO QA 222 -49.81 22.05 -68.28
N ASP RA 1 -8.28 -4.01 46.47
CA ASP RA 1 -9.07 -2.78 46.43
C ASP RA 1 -8.21 -1.55 46.70
N THR RA 2 -7.09 -1.77 47.40
CA THR RA 2 -6.19 -0.67 47.70
C THR RA 2 -5.20 -0.39 46.57
N GLY RA 3 -5.08 -1.28 45.60
CA GLY RA 3 -4.15 -1.09 44.52
C GLY RA 3 -2.86 -1.86 44.71
N ILE RA 4 -2.10 -2.00 43.63
CA ILE RA 4 -0.82 -2.69 43.69
C ILE RA 4 0.17 -1.85 44.47
N SER RA 5 0.88 -2.48 45.40
CA SER RA 5 1.89 -1.81 46.21
C SER RA 5 3.27 -2.22 45.73
N THR RA 6 4.14 -1.23 45.55
CA THR RA 6 5.53 -1.46 45.16
C THR RA 6 6.43 -0.60 46.03
N PRO RA 7 7.69 -1.03 46.22
CA PRO RA 7 8.62 -0.21 47.03
C PRO RA 7 8.82 1.19 46.46
N LEU RA 8 8.89 1.32 45.15
CA LEU RA 8 9.00 2.65 44.55
C LEU RA 8 7.72 3.45 44.73
N GLY RA 9 6.56 2.77 44.67
CA GLY RA 9 5.31 3.48 44.84
C GLY RA 9 5.12 4.04 46.23
N THR RA 10 5.45 3.25 47.26
CA THR RA 10 5.33 3.73 48.62
C THR RA 10 6.32 4.87 48.90
N LEU RA 11 7.48 4.84 48.24
CA LEU RA 11 8.44 5.93 48.37
C LEU RA 11 7.89 7.22 47.81
N LEU RA 12 7.22 7.16 46.66
CA LEU RA 12 6.71 8.33 45.97
C LEU RA 12 5.30 8.73 46.41
N LYS RA 13 4.68 7.94 47.28
CA LYS RA 13 3.31 8.25 47.69
C LYS RA 13 3.14 9.64 48.30
N PRO RA 14 4.02 10.14 49.19
CA PRO RA 14 3.77 11.47 49.77
C PRO RA 14 3.66 12.58 48.75
N LEU RA 15 4.28 12.44 47.59
CA LEU RA 15 4.26 13.49 46.58
C LEU RA 15 2.93 13.56 45.84
N ASN RA 16 2.04 12.60 46.04
CA ASN RA 16 0.76 12.55 45.33
C ASN RA 16 -0.35 12.32 46.35
N SER RA 17 -0.35 13.10 47.43
CA SER RA 17 -1.31 12.88 48.50
C SER RA 17 -2.06 14.14 48.93
N GLU RA 18 -2.06 15.20 48.14
CA GLU RA 18 -2.69 16.47 48.51
C GLU RA 18 -3.51 17.02 47.34
N TYR RA 19 -4.34 16.14 46.76
CA TYR RA 19 -4.98 16.45 45.49
C TYR RA 19 -5.76 17.76 45.53
N GLY RA 20 -6.63 17.93 46.52
CA GLY RA 20 -7.50 19.08 46.52
C GLY RA 20 -7.15 20.16 47.52
N LYS RA 21 -5.94 20.11 48.05
CA LYS RA 21 -5.53 21.04 49.10
C LYS RA 21 -5.19 22.40 48.47
N VAL RA 22 -5.90 23.44 48.89
CA VAL RA 22 -5.71 24.78 48.34
C VAL RA 22 -5.57 25.78 49.47
N ALA RA 23 -4.97 26.91 49.16
CA ALA RA 23 -4.88 28.01 50.10
C ALA RA 23 -6.15 28.86 50.01
N PRO RA 24 -6.76 29.23 51.14
CA PRO RA 24 -8.04 29.94 51.09
C PRO RA 24 -7.91 31.27 50.38
N GLY RA 25 -8.98 31.65 49.67
CA GLY RA 25 -9.05 32.95 49.05
C GLY RA 25 -8.14 33.10 47.85
N TRP RA 26 -7.61 34.31 47.65
CA TRP RA 26 -6.78 34.60 46.49
C TRP RA 26 -5.34 34.15 46.66
N GLY RA 27 -4.91 33.80 47.87
CA GLY RA 27 -3.57 33.32 48.09
C GLY RA 27 -2.50 34.26 47.60
N THR RA 28 -1.57 33.75 46.79
CA THR RA 28 -0.47 34.54 46.24
C THR RA 28 -0.74 34.97 44.80
N THR RA 29 -2.00 35.22 44.46
CA THR RA 29 -2.32 35.62 43.10
C THR RA 29 -1.71 36.97 42.76
N VAL RA 30 -1.76 37.92 43.68
CA VAL RA 30 -1.17 39.23 43.44
C VAL RA 30 0.33 39.10 43.23
N LEU RA 31 0.98 38.27 44.03
CA LEU RA 31 2.40 38.02 43.84
C LEU RA 31 2.67 37.39 42.49
N MET RA 32 1.80 36.46 42.07
CA MET RA 32 1.95 35.87 40.74
C MET RA 32 1.82 36.91 39.65
N GLY RA 33 0.86 37.83 39.80
CA GLY RA 33 0.64 38.84 38.78
C GLY RA 33 1.84 39.76 38.62
N ILE RA 34 2.58 39.99 39.69
CA ILE RA 34 3.79 40.81 39.60
C ILE RA 34 4.82 40.14 38.69
N PHE RA 35 5.01 38.83 38.86
CA PHE RA 35 5.97 38.12 38.04
C PHE RA 35 5.51 38.02 36.59
N MET RA 36 4.20 37.88 36.38
CA MET RA 36 3.69 37.88 35.02
C MET RA 36 3.94 39.22 34.35
N ALA RA 37 3.68 40.32 35.05
CA ALA RA 37 3.95 41.64 34.49
C ALA RA 37 5.43 41.83 34.23
N LEU RA 38 6.29 41.37 35.14
CA LEU RA 38 7.73 41.44 34.88
C LEU RA 38 8.11 40.57 33.70
N PHE RA 39 7.53 39.39 33.58
CA PHE RA 39 7.79 38.55 32.43
C PHE RA 39 7.29 39.20 31.15
N ALA RA 40 6.13 39.84 31.22
CA ALA RA 40 5.60 40.53 30.05
C ALA RA 40 6.53 41.67 29.63
N VAL RA 41 7.05 42.42 30.60
CA VAL RA 41 7.99 43.49 30.27
C VAL RA 41 9.28 42.92 29.71
N PHE RA 42 9.75 41.81 30.28
CA PHE RA 42 10.97 41.18 29.79
C PHE RA 42 10.79 40.69 28.35
N LEU RA 43 9.64 40.08 28.07
CA LEU RA 43 9.39 39.57 26.72
C LEU RA 43 9.31 40.68 25.70
N VAL RA 44 8.75 41.83 26.09
CA VAL RA 44 8.69 42.97 25.19
C VAL RA 44 10.09 43.45 24.85
N ILE RA 45 10.97 43.54 25.86
CA ILE RA 45 12.31 44.07 25.65
C ILE RA 45 13.08 43.21 24.67
N ILE RA 46 13.07 41.89 24.89
CA ILE RA 46 13.83 41.00 24.00
C ILE RA 46 13.19 40.96 22.62
N LEU RA 47 11.88 41.17 22.55
CA LEU RA 47 11.23 41.29 21.25
C LEU RA 47 11.71 42.54 20.53
N GLU RA 48 11.82 43.66 21.24
CA GLU RA 48 12.27 44.90 20.64
C GLU RA 48 13.69 44.78 20.12
N ILE RA 49 14.56 44.10 20.88
CA ILE RA 49 15.95 43.95 20.45
C ILE RA 49 16.02 43.20 19.13
N TYR RA 50 15.32 42.07 19.04
CA TYR RA 50 15.30 41.31 17.80
C TYR RA 50 14.62 42.07 16.68
N ASN RA 51 13.61 42.88 17.00
CA ASN RA 51 12.89 43.66 16.03
C ASN RA 51 13.55 45.00 15.73
N SER RA 52 14.66 45.31 16.41
CA SER RA 52 15.41 46.56 16.25
C SER RA 52 14.59 47.78 16.63
N SER RA 53 13.51 47.62 17.37
CA SER RA 53 12.79 48.78 17.90
C SER RA 53 13.53 49.39 19.08
N VAL RA 54 14.46 48.65 19.66
CA VAL RA 54 15.36 49.16 20.69
C VAL RA 54 16.78 48.91 20.21
N LEU RA 55 17.62 49.93 20.31
CA LEU RA 55 18.98 49.89 19.78
C LEU RA 55 19.96 50.04 20.93
N LEU RA 56 20.33 48.93 21.56
CA LEU RA 56 21.34 48.97 22.60
C LEU RA 56 22.72 49.20 22.00
N ASP RA 57 23.54 49.98 22.69
CA ASP RA 57 24.84 50.37 22.15
C ASP RA 57 25.74 49.16 21.96
N ASP RA 58 25.79 48.26 22.94
CA ASP RA 58 26.73 47.16 22.88
C ASP RA 58 26.28 46.09 21.89
N VAL RA 59 24.98 45.80 21.85
CA VAL RA 59 24.50 44.75 20.96
C VAL RA 59 24.50 45.27 19.53
N THR RA 60 24.85 44.39 18.59
CA THR RA 60 24.84 44.73 17.18
C THR RA 60 23.68 44.12 16.42
N MET RA 61 23.17 42.99 16.89
CA MET RA 61 21.97 42.36 16.34
C MET RA 61 22.12 42.09 14.84
N SER RA 62 23.17 41.36 14.52
CA SER RA 62 23.39 40.88 13.15
C SER RA 62 24.36 39.72 13.24
N TRP RA 63 24.63 39.10 12.08
CA TRP RA 63 25.59 38.02 12.04
C TRP RA 63 26.98 38.49 12.44
N GLU RA 64 27.26 39.79 12.33
CA GLU RA 64 28.54 40.32 12.78
C GLU RA 64 28.72 40.20 14.29
N SER RA 65 27.63 39.93 15.02
CA SER RA 65 27.75 39.70 16.45
C SER RA 65 28.51 38.41 16.74
N LEU RA 66 28.63 37.53 15.75
CA LEU RA 66 29.45 36.33 15.92
C LEU RA 66 30.92 36.69 16.08
N ALA RA 67 31.40 37.67 15.30
CA ALA RA 67 32.79 38.08 15.35
C ALA RA 67 33.15 38.67 16.71
N MET SA 1 -23.16 9.40 -40.49
CA MET SA 1 -23.45 10.69 -39.82
C MET SA 1 -24.94 11.02 -39.95
N LEU SA 2 -25.51 10.87 -41.15
CA LEU SA 2 -26.97 11.08 -41.31
C LEU SA 2 -27.70 10.05 -40.44
N THR SA 3 -27.26 8.79 -40.49
CA THR SA 3 -27.87 7.76 -39.62
C THR SA 3 -27.76 8.23 -38.16
N LEU SA 4 -26.60 8.77 -37.78
CA LEU SA 4 -26.47 9.29 -36.43
C LEU SA 4 -27.47 10.40 -36.17
N LYS SA 5 -27.60 11.33 -37.12
CA LYS SA 5 -28.51 12.49 -36.91
C LYS SA 5 -29.95 11.98 -36.75
N ILE SA 6 -30.38 11.07 -37.62
CA ILE SA 6 -31.77 10.53 -37.57
C ILE SA 6 -31.97 9.82 -36.22
N PHE SA 7 -30.99 9.03 -35.80
CA PHE SA 7 -31.07 8.33 -34.49
C PHE SA 7 -31.24 9.37 -33.38
N VAL SA 8 -30.42 10.42 -33.39
CA VAL SA 8 -30.51 11.45 -32.35
C VAL SA 8 -31.85 12.17 -32.43
N TYR SA 9 -32.30 12.48 -33.64
CA TYR SA 9 -33.60 13.14 -33.80
C TYR SA 9 -34.73 12.28 -33.25
N THR SA 10 -34.68 10.97 -33.51
CA THR SA 10 -35.68 10.07 -32.95
C THR SA 10 -35.62 10.05 -31.43
N VAL SA 11 -34.41 10.02 -30.87
CA VAL SA 11 -34.25 9.96 -29.43
C VAL SA 11 -34.70 11.26 -28.78
N VAL SA 12 -34.26 12.40 -29.32
CA VAL SA 12 -34.64 13.69 -28.75
C VAL SA 12 -36.15 13.88 -28.83
N THR SA 13 -36.75 13.52 -29.95
CA THR SA 13 -38.20 13.68 -30.10
C THR SA 13 -38.96 12.78 -29.12
N PHE SA 14 -38.47 11.56 -28.91
CA PHE SA 14 -39.15 10.63 -28.02
C PHE SA 14 -39.22 11.19 -26.59
N PHE SA 15 -38.09 11.66 -26.07
CA PHE SA 15 -38.07 12.16 -24.70
C PHE SA 15 -38.82 13.48 -24.57
N VAL SA 16 -38.74 14.33 -25.58
CA VAL SA 16 -39.50 15.59 -25.54
C VAL SA 16 -40.99 15.31 -25.62
N SER SA 17 -41.39 14.35 -26.45
CA SER SA 17 -42.80 13.99 -26.56
C SER SA 17 -43.31 13.42 -25.25
N LEU SA 18 -42.50 12.61 -24.56
CA LEU SA 18 -42.88 12.15 -23.23
C LEU SA 18 -43.06 13.32 -22.29
N PHE SA 19 -42.16 14.29 -22.34
CA PHE SA 19 -42.25 15.46 -21.48
C PHE SA 19 -43.52 16.25 -21.74
N ILE SA 20 -43.85 16.45 -23.01
CA ILE SA 20 -45.00 17.28 -23.35
C ILE SA 20 -46.30 16.60 -22.96
N PHE SA 21 -46.44 15.33 -23.34
CA PHE SA 21 -47.68 14.62 -23.03
C PHE SA 21 -47.70 14.14 -21.59
N GLY SA 22 -46.54 14.13 -20.93
CA GLY SA 22 -46.53 13.85 -19.51
C GLY SA 22 -47.20 14.93 -18.68
N PHE SA 23 -46.94 16.20 -19.03
CA PHE SA 23 -47.57 17.30 -18.31
C PHE SA 23 -48.97 17.59 -18.78
N LEU SA 24 -49.35 17.06 -19.94
CA LEU SA 24 -50.74 17.24 -20.45
C LEU SA 24 -51.63 16.16 -19.86
N SER SA 25 -51.04 15.22 -19.10
CA SER SA 25 -51.82 14.09 -18.51
C SER SA 25 -52.31 14.45 -17.11
N ASN SA 26 -53.12 15.50 -16.99
CA ASN SA 26 -53.67 15.90 -15.67
C ASN SA 26 -52.56 15.89 -14.63
N ASP SA 27 -51.45 16.58 -14.91
CA ASP SA 27 -50.32 16.67 -13.93
C ASP SA 27 -50.77 17.44 -12.69
N PRO SA 28 -51.46 18.59 -12.81
CA PRO SA 28 -51.83 19.40 -11.65
C PRO SA 28 -52.59 18.55 -10.62
N GLY SA 29 -53.29 17.51 -11.07
CA GLY SA 29 -54.05 16.63 -10.15
C GLY SA 29 -53.16 15.63 -9.45
N ARG SA 30 -51.95 15.40 -9.96
CA ARG SA 30 -51.01 14.45 -9.33
C ARG SA 30 -50.36 15.10 -8.11
N ASN SA 31 -51.16 15.32 -7.05
CA ASN SA 31 -50.66 15.98 -5.82
C ASN SA 31 -51.32 15.33 -4.61
N PRO SA 32 -50.68 15.30 -3.43
CA PRO SA 32 -51.24 14.65 -2.25
C PRO SA 32 -52.31 15.46 -1.54
N GLY SA 33 -52.60 16.67 -2.02
CA GLY SA 33 -53.56 17.52 -1.35
C GLY SA 33 -54.98 17.01 -1.50
N GLN SA 34 -55.89 17.64 -0.76
CA GLN SA 34 -57.30 17.28 -0.81
C GLN SA 34 -58.16 18.49 -1.14
N GLY TA 1 -45.29 73.01 29.57
CA GLY TA 1 -44.58 72.02 28.81
C GLY TA 1 -45.25 71.68 27.49
N THR TA 2 -44.48 71.69 26.41
CA THR TA 2 -45.03 71.41 25.09
C THR TA 2 -45.24 69.91 24.89
N THR TA 3 -46.49 69.47 24.92
CA THR TA 3 -46.81 68.07 24.73
C THR TA 3 -46.75 67.71 23.26
N GLY TA 4 -46.43 66.45 22.99
CA GLY TA 4 -46.36 65.94 21.63
C GLY TA 4 -45.12 65.12 21.37
N ARG TA 5 -45.22 64.23 20.39
CA ARG TA 5 -44.09 63.40 19.97
C ARG TA 5 -43.95 63.48 18.46
N ILE TA 6 -42.71 63.37 18.00
CA ILE TA 6 -42.47 63.30 16.56
C ILE TA 6 -42.84 61.91 16.06
N PRO TA 7 -43.69 61.79 15.05
CA PRO TA 7 -44.03 60.46 14.53
C PRO TA 7 -42.79 59.72 14.05
N LEU TA 8 -42.75 58.41 14.32
CA LEU TA 8 -41.56 57.64 14.01
C LEU TA 8 -41.32 57.58 12.50
N TRP TA 9 -42.39 57.44 11.71
CA TRP TA 9 -42.23 57.35 10.26
C TRP TA 9 -41.65 58.63 9.69
N LEU TA 10 -42.00 59.78 10.29
CA LEU TA 10 -41.45 61.04 9.81
C LEU TA 10 -39.96 61.14 10.10
N VAL TA 11 -39.53 60.58 11.22
CA VAL TA 11 -38.10 60.55 11.53
C VAL TA 11 -37.34 59.74 10.51
N GLY TA 12 -37.83 58.54 10.20
CA GLY TA 12 -37.17 57.71 9.21
C GLY TA 12 -37.17 58.32 7.82
N THR TA 13 -38.28 58.96 7.45
CA THR TA 13 -38.37 59.59 6.14
C THR TA 13 -37.35 60.72 6.00
N VAL TA 14 -37.28 61.60 6.99
CA VAL TA 14 -36.34 62.72 6.93
C VAL TA 14 -34.90 62.20 7.01
N ALA TA 15 -34.65 61.25 7.90
CA ALA TA 15 -33.33 60.64 7.97
C ALA TA 15 -32.99 59.91 6.69
N GLY TA 16 -33.97 59.20 6.10
CA GLY TA 16 -33.72 58.51 4.85
C GLY TA 16 -33.39 59.46 3.72
N VAL TA 17 -34.11 60.58 3.64
CA VAL TA 17 -33.79 61.59 2.64
C VAL TA 17 -32.40 62.17 2.89
N ALA TA 18 -32.07 62.40 4.17
CA ALA TA 18 -30.75 62.93 4.51
C ALA TA 18 -29.64 61.97 4.09
N VAL TA 19 -29.84 60.67 4.36
CA VAL TA 19 -28.84 59.68 3.99
C VAL TA 19 -28.71 59.60 2.47
N ILE TA 20 -29.84 59.61 1.77
CA ILE TA 20 -29.81 59.55 0.31
C ILE TA 20 -29.13 60.79 -0.26
N ALA TA 21 -29.45 61.96 0.29
CA ALA TA 21 -28.84 63.20 -0.20
C ALA TA 21 -27.34 63.18 0.02
N LEU TA 22 -26.90 62.65 1.16
CA LEU TA 22 -25.47 62.55 1.42
C LEU TA 22 -24.78 61.64 0.41
N VAL TA 23 -25.40 60.51 0.08
CA VAL TA 23 -24.82 59.61 -0.91
C VAL TA 23 -24.79 60.27 -2.28
N GLY TA 24 -25.80 61.07 -2.58
CA GLY TA 24 -25.80 61.79 -3.85
C GLY TA 24 -24.63 62.73 -3.99
N ILE TA 25 -24.27 63.42 -2.90
CA ILE TA 25 -23.12 64.31 -2.94
C ILE TA 25 -21.84 63.51 -3.15
N PHE TA 26 -21.76 62.31 -2.57
CA PHE TA 26 -20.59 61.47 -2.78
C PHE TA 26 -20.49 61.03 -4.23
N PHE TA 27 -21.62 60.75 -4.87
CA PHE TA 27 -21.60 60.41 -6.29
C PHE TA 27 -21.41 61.64 -7.15
N TYR TA 28 -21.93 62.78 -6.71
CA TYR TA 28 -21.64 64.03 -7.41
C TYR TA 28 -20.15 64.33 -7.35
N GLY TA 29 -19.54 64.16 -6.18
CA GLY TA 29 -18.12 64.43 -6.04
C GLY TA 29 -17.23 63.45 -6.76
N SER TA 30 -17.79 62.31 -7.19
CA SER TA 30 -17.03 61.37 -7.99
C SER TA 30 -16.78 61.88 -9.40
N TYR TA 31 -17.57 62.84 -9.87
CA TYR TA 31 -17.47 63.34 -11.22
C TYR TA 31 -16.84 64.73 -11.31
N VAL TA 32 -16.59 65.39 -10.18
CA VAL TA 32 -16.00 66.72 -10.16
C VAL TA 32 -14.90 66.76 -9.10
N GLY TA 33 -14.02 67.74 -9.24
CA GLY TA 33 -12.98 67.96 -8.25
C GLY TA 33 -11.95 66.85 -8.26
N LEU TA 34 -11.48 66.51 -7.07
CA LEU TA 34 -10.46 65.46 -6.94
C LEU TA 34 -11.05 64.09 -7.26
N GLY TA 35 -10.21 63.25 -7.85
CA GLY TA 35 -10.61 61.90 -8.19
C GLY TA 35 -11.53 61.78 -9.37
N SER TA 36 -11.84 62.88 -10.05
CA SER TA 36 -12.78 62.87 -11.16
C SER TA 36 -12.13 62.60 -12.50
N SER TA 37 -10.80 62.44 -12.50
CA SER TA 37 -10.04 62.16 -13.74
C SER TA 37 -10.01 63.41 -14.63
N LEU TA 38 -10.87 64.39 -14.31
CA LEU TA 38 -10.89 65.67 -15.07
C LEU TA 38 -10.06 66.71 -14.32
N LYS UA 1 -31.34 69.15 -28.34
CA LYS UA 1 -31.75 70.42 -27.78
C LYS UA 1 -33.26 70.63 -27.93
N LEU UA 2 -33.89 71.14 -26.89
CA LEU UA 2 -35.31 71.44 -26.94
C LEU UA 2 -35.56 72.62 -27.88
N PRO UA 3 -36.78 72.76 -28.39
CA PRO UA 3 -37.10 73.96 -29.17
C PRO UA 3 -36.89 75.22 -28.35
N GLU UA 4 -36.51 76.30 -29.03
CA GLU UA 4 -36.11 77.54 -28.35
C GLU UA 4 -37.20 78.03 -27.41
N ALA UA 5 -38.48 77.91 -27.83
CA ALA UA 5 -39.57 78.37 -26.98
C ALA UA 5 -39.61 77.62 -25.66
N TYR UA 6 -39.15 76.37 -25.64
CA TYR UA 6 -39.14 75.55 -24.44
C TYR UA 6 -37.80 75.58 -23.71
N ALA UA 7 -36.85 76.39 -24.18
CA ALA UA 7 -35.53 76.43 -23.55
C ALA UA 7 -35.56 76.81 -22.07
N PRO UA 8 -36.32 77.82 -21.64
CA PRO UA 8 -36.33 78.12 -20.19
C PRO UA 8 -36.90 77.01 -19.33
N PHE UA 9 -37.66 76.08 -19.90
CA PHE UA 9 -38.23 74.97 -19.15
C PHE UA 9 -37.30 73.77 -19.08
N ASP UA 10 -36.08 73.91 -19.60
CA ASP UA 10 -35.11 72.82 -19.56
C ASP UA 10 -34.84 72.26 -18.17
N PRO UA 11 -34.70 73.07 -17.11
CA PRO UA 11 -34.42 72.48 -15.78
C PRO UA 11 -35.46 71.46 -15.32
N ILE UA 12 -36.74 71.67 -15.64
CA ILE UA 12 -37.75 70.70 -15.24
C ILE UA 12 -37.52 69.38 -15.95
N VAL UA 13 -37.12 69.42 -17.23
CA VAL UA 13 -36.88 68.21 -17.98
C VAL UA 13 -35.75 67.38 -17.38
N ASP UA 14 -34.72 68.05 -16.86
CA ASP UA 14 -33.57 67.34 -16.32
C ASP UA 14 -33.91 66.51 -15.09
N VAL UA 15 -34.96 66.85 -14.36
CA VAL UA 15 -35.37 66.10 -13.17
C VAL UA 15 -36.60 65.25 -13.40
N LEU UA 16 -37.25 65.37 -14.55
CA LEU UA 16 -38.44 64.57 -14.81
C LEU UA 16 -38.20 63.06 -14.79
N PRO UA 17 -37.17 62.51 -15.42
CA PRO UA 17 -37.10 61.05 -15.54
C PRO UA 17 -36.63 60.32 -14.29
N VAL UA 18 -36.62 60.98 -13.14
CA VAL UA 18 -36.30 60.27 -11.90
C VAL UA 18 -37.56 60.15 -11.06
N ILE UA 19 -38.63 60.80 -11.50
CA ILE UA 19 -39.90 60.72 -10.76
C ILE UA 19 -40.39 59.29 -10.60
N PRO UA 20 -40.32 58.41 -11.60
CA PRO UA 20 -40.77 57.03 -11.37
C PRO UA 20 -40.12 56.33 -10.19
N VAL UA 21 -38.82 56.55 -9.96
CA VAL UA 21 -38.17 55.93 -8.80
C VAL UA 21 -38.79 56.44 -7.51
N LEU UA 22 -39.16 57.72 -7.47
CA LEU UA 22 -39.76 58.29 -6.27
C LEU UA 22 -41.08 57.61 -5.93
N PHE UA 23 -41.76 57.05 -6.92
CA PHE UA 23 -43.01 56.34 -6.65
C PHE UA 23 -42.78 55.09 -5.82
N LEU UA 24 -41.68 54.39 -6.05
CA LEU UA 24 -41.34 53.24 -5.23
C LEU UA 24 -41.08 53.68 -3.79
N LEU UA 25 -40.32 54.76 -3.61
CA LEU UA 25 -40.08 55.28 -2.27
C LEU UA 25 -41.35 55.86 -1.65
N LEU UA 26 -42.25 56.36 -2.48
CA LEU UA 26 -43.50 56.92 -1.97
C LEU UA 26 -44.36 55.84 -1.33
N ALA UA 27 -44.36 54.64 -1.92
CA ALA UA 27 -45.09 53.52 -1.32
C ALA UA 27 -44.49 53.15 0.03
N LEU UA 28 -43.17 53.22 0.15
CA LEU UA 28 -42.54 52.92 1.43
C LEU UA 28 -42.93 53.94 2.49
N VAL UA 29 -42.96 55.22 2.13
CA VAL UA 29 -43.39 56.25 3.06
C VAL UA 29 -44.84 56.04 3.45
N TRP UA 30 -45.70 55.73 2.47
CA TRP UA 30 -47.10 55.52 2.76
C TRP UA 30 -47.30 54.34 3.70
N GLN UA 31 -46.57 53.26 3.49
CA GLN UA 31 -46.66 52.13 4.40
C GLN UA 31 -46.10 52.48 5.77
N ALA UA 32 -45.03 53.27 5.81
CA ALA UA 32 -44.49 53.71 7.09
C ALA UA 32 -45.48 54.60 7.83
N SER UA 33 -46.16 55.50 7.10
CA SER UA 33 -47.08 56.43 7.75
C SER UA 33 -48.26 55.72 8.39
N VAL UA 34 -48.60 54.53 7.91
CA VAL UA 34 -49.70 53.76 8.46
C VAL UA 34 -49.20 52.63 9.36
N SER UA 35 -47.95 52.74 9.83
CA SER UA 35 -47.37 51.77 10.76
C SER UA 35 -47.29 50.37 10.15
N PHE UA 36 -47.13 50.31 8.84
CA PHE UA 36 -46.92 49.05 8.12
C PHE UA 36 -48.04 48.05 8.40
N ARG UA 37 -49.26 48.55 8.56
CA ARG UA 37 -50.39 47.70 8.90
C ARG UA 37 -50.52 46.53 7.92
N ALA VA 1 -5.06 -8.91 37.84
CA ALA VA 1 -5.72 -7.90 38.67
C ALA VA 1 -7.16 -7.66 38.21
N LYS VA 2 -7.85 -6.75 38.88
CA LYS VA 2 -9.20 -6.42 38.50
C LYS VA 2 -9.21 -5.72 37.14
N PRO VA 3 -10.29 -5.88 36.38
CA PRO VA 3 -10.34 -5.26 35.04
C PRO VA 3 -10.38 -3.75 35.12
N ASN VA 4 -9.89 -3.11 34.07
CA ASN VA 4 -9.82 -1.66 34.04
C ASN VA 4 -11.22 -1.07 33.90
N PRO VA 5 -11.62 -0.13 34.75
CA PRO VA 5 -12.97 0.43 34.68
C PRO VA 5 -13.17 1.49 33.61
N ASN VA 6 -12.13 1.88 32.89
CA ASN VA 6 -12.23 2.92 31.88
C ASN VA 6 -12.48 2.37 30.48
N LYS VA 7 -12.81 1.09 30.38
CA LYS VA 7 -12.97 0.45 29.08
C LYS VA 7 -14.13 1.06 28.31
N GLN VA 8 -13.90 1.32 27.03
CA GLN VA 8 -14.91 1.85 26.11
C GLN VA 8 -14.81 1.08 24.80
N SER VA 9 -15.83 1.24 23.96
CA SER VA 9 -15.89 0.57 22.67
C SER VA 9 -16.10 1.62 21.58
N VAL VA 10 -15.20 1.63 20.59
CA VAL VA 10 -15.30 2.60 19.51
C VAL VA 10 -16.41 2.19 18.54
N GLU VA 11 -17.06 3.20 17.96
CA GLU VA 11 -18.18 2.99 17.06
C GLU VA 11 -17.94 3.77 15.77
N LEU VA 12 -18.39 3.22 14.65
CA LEU VA 12 -18.36 3.92 13.37
C LEU VA 12 -19.55 3.44 12.54
N ASN VA 13 -20.56 4.28 12.40
CA ASN VA 13 -21.72 3.88 11.61
C ASN VA 13 -21.38 3.94 10.12
N ARG VA 14 -22.32 3.47 9.29
CA ARG VA 14 -22.04 3.36 7.87
C ARG VA 14 -21.88 4.73 7.23
N THR VA 15 -22.69 5.70 7.63
CA THR VA 15 -22.58 7.03 7.06
C THR VA 15 -21.23 7.67 7.39
N SER VA 16 -20.67 7.35 8.55
CA SER VA 16 -19.32 7.81 8.86
C SER VA 16 -18.30 7.11 7.98
N LEU VA 17 -18.52 5.84 7.66
CA LEU VA 17 -17.62 5.14 6.75
C LEU VA 17 -17.59 5.79 5.39
N TYR VA 18 -18.76 6.17 4.86
CA TYR VA 18 -18.83 6.81 3.55
C TYR VA 18 -18.16 8.17 3.57
N TRP VA 19 -18.37 8.94 4.65
CA TRP VA 19 -17.67 10.21 4.77
C TRP VA 19 -16.17 10.00 4.86
N GLY VA 20 -15.74 9.03 5.66
CA GLY VA 20 -14.32 8.77 5.78
C GLY VA 20 -13.71 8.27 4.49
N LEU VA 21 -14.39 7.37 3.80
CA LEU VA 21 -13.90 6.89 2.51
C LEU VA 21 -13.88 8.00 1.48
N LEU VA 22 -14.90 8.87 1.49
CA LEU VA 22 -14.95 9.99 0.52
C LEU VA 22 -13.78 10.94 0.78
N LEU VA 23 -13.56 11.31 2.05
CA LEU VA 23 -12.47 12.26 2.39
C LEU VA 23 -11.13 11.69 1.91
N ILE VA 24 -10.86 10.42 2.23
CA ILE VA 24 -9.55 9.81 1.88
C ILE VA 24 -9.37 9.85 0.36
N PHE VA 25 -10.40 9.44 -0.40
CA PHE VA 25 -10.25 9.39 -1.85
C PHE VA 25 -10.22 10.78 -2.47
N VAL VA 26 -11.07 11.68 -1.97
CA VAL VA 26 -11.12 13.07 -2.50
C VAL VA 26 -9.78 13.75 -2.21
N LEU VA 27 -9.28 13.61 -0.98
CA LEU VA 27 -7.99 14.25 -0.59
C LEU VA 27 -6.86 13.63 -1.42
N ALA VA 28 -6.92 12.33 -1.68
CA ALA VA 28 -5.90 11.67 -2.54
C ALA VA 28 -5.99 12.23 -3.95
N VAL VA 29 -7.21 12.33 -4.50
CA VAL VA 29 -7.38 12.92 -5.82
C VAL VA 29 -6.77 14.31 -5.87
N LEU VA 30 -6.98 15.10 -4.82
CA LEU VA 30 -6.46 16.46 -4.78
C LEU VA 30 -4.94 16.48 -4.75
N PHE VA 31 -4.33 15.72 -3.85
CA PHE VA 31 -2.90 15.81 -3.63
C PHE VA 31 -2.07 14.89 -4.51
N SER VA 32 -2.70 13.96 -5.24
CA SER VA 32 -1.92 13.02 -6.05
C SER VA 32 -1.13 13.74 -7.13
N SER VA 33 -1.74 14.72 -7.78
CA SER VA 33 -1.08 15.43 -8.86
C SER VA 33 0.16 16.15 -8.35
N TYR VA 34 0.08 16.72 -7.14
CA TYR VA 34 1.21 17.45 -6.58
C TYR VA 34 2.29 16.51 -6.09
N ILE VA 35 1.90 15.37 -5.52
CA ILE VA 35 2.89 14.41 -5.02
C ILE VA 35 3.70 13.85 -6.18
N PHE VA 36 3.01 13.48 -7.27
CA PHE VA 36 3.73 13.09 -8.48
C PHE VA 36 4.53 14.24 -9.04
N ASN VA 37 3.96 15.44 -9.02
CA ASN VA 37 4.63 16.66 -9.46
C ASN VA 37 5.14 16.54 -10.89
N UNK WA 1 30.37 -0.95 -41.15
CA UNK WA 1 31.38 -1.63 -40.34
C UNK WA 1 30.81 -2.01 -38.99
N UNK WA 2 31.21 -1.28 -37.95
CA UNK WA 2 30.68 -1.53 -36.62
C UNK WA 2 29.21 -1.17 -36.56
N UNK WA 3 28.43 -1.99 -35.87
CA UNK WA 3 27.00 -1.78 -35.76
C UNK WA 3 26.63 -0.72 -34.74
N UNK WA 4 27.60 0.09 -34.29
CA UNK WA 4 27.29 1.18 -33.38
C UNK WA 4 26.41 2.23 -34.04
N UNK WA 5 26.52 2.40 -35.35
CA UNK WA 5 25.67 3.30 -36.10
C UNK WA 5 24.39 2.65 -36.59
N UNK WA 6 24.25 1.33 -36.43
CA UNK WA 6 23.03 0.64 -36.84
C UNK WA 6 21.83 1.06 -35.99
N UNK WA 7 22.00 1.03 -34.67
CA UNK WA 7 20.92 1.49 -33.80
C UNK WA 7 20.69 2.98 -33.96
N UNK WA 8 21.76 3.74 -34.26
CA UNK WA 8 21.60 5.15 -34.58
C UNK WA 8 20.84 5.33 -35.88
N UNK WA 9 21.06 4.45 -36.84
CA UNK WA 9 20.39 4.54 -38.13
C UNK WA 9 18.90 4.29 -38.03
N UNK WA 10 18.43 3.72 -36.92
CA UNK WA 10 17.00 3.53 -36.71
C UNK WA 10 16.35 4.85 -36.34
N UNK WA 11 16.31 5.79 -37.30
CA UNK WA 11 15.60 7.04 -37.08
C UNK WA 11 14.11 6.82 -36.98
N UNK WA 12 13.58 5.86 -37.75
CA UNK WA 12 12.19 5.46 -37.61
C UNK WA 12 11.97 4.90 -36.21
N UNK WA 13 11.03 5.48 -35.47
CA UNK WA 13 10.84 5.13 -34.07
C UNK WA 13 10.46 3.66 -33.92
N UNK WA 14 11.17 2.97 -33.03
CA UNK WA 14 10.92 1.56 -32.74
C UNK WA 14 10.99 1.39 -31.24
N UNK WA 15 9.84 1.54 -30.57
CA UNK WA 15 9.75 1.42 -29.13
C UNK WA 15 8.28 1.28 -28.75
N UNK WA 16 8.03 0.53 -27.68
CA UNK WA 16 6.65 0.42 -27.16
C UNK WA 16 6.07 1.82 -26.99
N UNK WA 17 4.80 2.02 -27.31
CA UNK WA 17 4.17 3.33 -27.36
C UNK WA 17 3.99 3.93 -25.98
N UNK WA 18 4.08 5.25 -25.92
CA UNK WA 18 3.77 5.98 -24.70
C UNK WA 18 2.26 6.21 -24.62
N UNK WA 19 1.77 6.58 -23.44
CA UNK WA 19 0.30 6.63 -23.26
C UNK WA 19 -0.35 7.70 -24.13
N UNK WA 20 0.42 8.65 -24.66
CA UNK WA 20 -0.14 9.71 -25.49
C UNK WA 20 0.25 9.52 -26.94
N UNK WA 21 -0.61 10.00 -27.84
CA UNK WA 21 -0.24 10.06 -29.24
C UNK WA 21 0.93 11.00 -29.46
N UNK WA 22 1.09 11.99 -28.59
CA UNK WA 22 2.24 12.87 -28.57
C UNK WA 22 3.26 12.47 -27.51
N UNK WA 23 3.14 11.24 -26.97
CA UNK WA 23 4.10 10.63 -26.07
C UNK WA 23 4.04 11.21 -24.66
N UNK WA 24 3.67 10.38 -23.67
CA UNK WA 24 3.52 10.80 -22.28
C UNK WA 24 4.34 9.87 -21.40
N UNK WA 25 5.60 10.24 -21.14
CA UNK WA 25 6.45 9.53 -20.18
C UNK WA 25 7.30 10.61 -19.51
N MET WA 26 6.77 11.29 -18.49
CA MET WA 26 7.39 12.45 -17.86
C MET WA 26 7.99 12.07 -16.50
N GLU WA 27 8.91 12.92 -16.03
CA GLU WA 27 9.67 12.65 -14.81
C GLU WA 27 8.80 12.98 -13.61
N VAL WA 28 8.11 11.98 -13.09
CA VAL WA 28 7.31 12.08 -11.88
C VAL WA 28 7.91 11.10 -10.87
N ASN WA 29 7.95 11.50 -9.60
CA ASN WA 29 8.53 10.62 -8.60
C ASN WA 29 7.64 9.41 -8.39
N ILE WA 30 8.20 8.22 -8.61
CA ILE WA 30 7.47 6.96 -8.48
C ILE WA 30 7.06 6.76 -7.03
N LEU WA 31 7.69 7.51 -6.12
CA LEU WA 31 7.24 7.53 -4.73
C LEU WA 31 5.82 8.05 -4.62
N GLY WA 32 5.34 8.77 -5.63
CA GLY WA 32 3.95 9.20 -5.63
C GLY WA 32 2.98 8.03 -5.66
N VAL WA 33 3.33 6.96 -6.38
CA VAL WA 33 2.47 5.79 -6.41
C VAL WA 33 2.38 5.16 -5.03
N ILE WA 34 3.53 4.99 -4.37
CA ILE WA 34 3.55 4.41 -3.03
C ILE WA 34 2.86 5.34 -2.04
N ALA WA 35 3.13 6.64 -2.12
CA ALA WA 35 2.51 7.58 -1.21
C ALA WA 35 1.00 7.59 -1.37
N THR WA 36 0.52 7.58 -2.62
CA THR WA 36 -0.91 7.51 -2.85
C THR WA 36 -1.48 6.19 -2.36
N ALA WA 37 -0.75 5.09 -2.59
CA ALA WA 37 -1.22 3.78 -2.17
C ALA WA 37 -1.33 3.71 -0.65
N LEU WA 38 -0.30 4.16 0.07
CA LEU WA 38 -0.34 4.12 1.52
C LEU WA 38 -1.41 5.05 2.06
N PHE WA 39 -1.55 6.24 1.47
CA PHE WA 39 -2.57 7.17 1.95
C PHE WA 39 -3.97 6.66 1.71
N ILE WA 40 -4.16 5.74 0.78
CA ILE WA 40 -5.48 5.16 0.53
C ILE WA 40 -5.73 3.95 1.41
N ILE WA 41 -4.82 2.97 1.39
CA ILE WA 41 -5.10 1.69 2.03
C ILE WA 41 -5.11 1.83 3.55
N ILE WA 42 -4.15 2.57 4.10
CA ILE WA 42 -4.00 2.64 5.56
C ILE WA 42 -5.21 3.29 6.22
N PRO WA 43 -5.68 4.47 5.78
CA PRO WA 43 -6.90 5.00 6.40
C PRO WA 43 -8.16 4.25 6.02
N THR WA 44 -8.21 3.68 4.82
CA THR WA 44 -9.36 2.88 4.42
C THR WA 44 -9.50 1.67 5.33
N SER WA 45 -8.39 0.99 5.59
CA SER WA 45 -8.41 -0.17 6.47
C SER WA 45 -8.85 0.22 7.88
N PHE WA 46 -8.38 1.37 8.35
CA PHE WA 46 -8.77 1.85 9.67
C PHE WA 46 -10.27 2.05 9.76
N LEU WA 47 -10.87 2.64 8.73
CA LEU WA 47 -12.31 2.86 8.73
C LEU WA 47 -13.08 1.54 8.62
N LEU WA 48 -12.59 0.63 7.77
CA LEU WA 48 -13.28 -0.65 7.61
C LEU WA 48 -13.20 -1.49 8.89
N ILE WA 49 -12.10 -1.39 9.62
CA ILE WA 49 -12.00 -2.10 10.89
C ILE WA 49 -13.06 -1.60 11.85
N LEU WA 50 -13.26 -0.28 11.92
CA LEU WA 50 -14.21 0.27 12.86
C LEU WA 50 -15.64 0.01 12.43
N TYR WA 51 -15.90 0.04 11.12
CA TYR WA 51 -17.28 -0.14 10.66
C TYR WA 51 -17.73 -1.58 10.81
N VAL WA 52 -16.89 -2.53 10.40
CA VAL WA 52 -17.26 -3.94 10.48
C VAL WA 52 -17.46 -4.35 11.94
N LYS WA 53 -16.63 -3.83 12.83
CA LYS WA 53 -16.84 -4.04 14.26
C LYS WA 53 -18.18 -3.49 14.70
N THR WA 54 -18.53 -2.29 14.24
CA THR WA 54 -19.79 -1.67 14.62
C THR WA 54 -20.97 -2.38 13.97
N ALA WA 55 -20.83 -2.74 12.68
CA ALA WA 55 -21.93 -3.38 11.97
C ALA WA 55 -22.28 -4.73 12.59
N SER WA 56 -21.27 -5.45 13.09
CA SER WA 56 -21.52 -6.70 13.79
C SER WA 56 -22.15 -6.48 15.17
N GLN WA 57 -22.23 -5.25 15.63
CA GLN WA 57 -22.78 -4.89 16.92
C GLN WA 57 -22.03 -5.59 18.05
N VAL XA 1 -111.07 28.59 -63.58
CA VAL XA 1 -110.00 27.55 -63.57
C VAL XA 1 -109.04 27.81 -64.73
N GLU XA 2 -108.74 29.09 -65.01
CA GLU XA 2 -107.87 29.43 -66.16
C GLU XA 2 -106.46 28.93 -65.90
N TRP XA 3 -105.94 29.08 -64.68
CA TRP XA 3 -104.54 28.69 -64.38
C TRP XA 3 -104.50 27.62 -63.29
N TYR XA 4 -105.43 27.68 -62.33
CA TYR XA 4 -105.47 26.66 -61.25
C TYR XA 4 -106.74 25.82 -61.40
N GLY XA 5 -106.71 24.57 -60.93
CA GLY XA 5 -107.92 23.71 -60.97
C GLY XA 5 -107.81 22.62 -62.02
N PRO XA 6 -108.90 21.90 -62.33
CA PRO XA 6 -108.85 20.79 -63.29
C PRO XA 6 -108.82 21.26 -64.75
N ASN XA 7 -109.29 22.48 -65.01
CA ASN XA 7 -109.35 22.99 -66.40
C ASN XA 7 -108.11 23.85 -66.68
N ARG XA 8 -107.04 23.65 -65.92
CA ARG XA 8 -105.79 24.41 -66.11
C ARG XA 8 -105.15 23.99 -67.44
N PRO XA 9 -104.32 24.84 -68.07
CA PRO XA 9 -103.62 24.45 -69.31
C PRO XA 9 -102.56 23.37 -69.00
N GLN XA 10 -102.25 22.52 -69.98
CA GLN XA 10 -101.30 21.41 -69.74
C GLN XA 10 -100.10 21.53 -70.69
N PHE XA 11 -98.99 20.84 -70.39
CA PHE XA 11 -97.75 20.98 -71.20
C PHE XA 11 -97.90 20.32 -72.57
N LEU XA 12 -98.82 19.36 -72.70
CA LEU XA 12 -99.06 18.73 -74.03
C LEU XA 12 -100.40 19.22 -74.59
N GLY XA 13 -101.01 20.20 -73.93
CA GLY XA 13 -102.27 20.77 -74.44
C GLY XA 13 -103.41 19.76 -74.46
N PRO XA 14 -104.05 19.53 -75.63
CA PRO XA 14 -105.22 18.63 -75.69
C PRO XA 14 -104.87 17.20 -75.25
N PHE XA 15 -103.79 16.62 -75.79
CA PHE XA 15 -103.40 15.23 -75.46
C PHE XA 15 -102.64 15.22 -74.13
N SER XA 16 -103.33 15.49 -73.02
CA SER XA 16 -102.60 15.60 -71.73
C SER XA 16 -103.39 14.95 -70.59
N ASN XA 17 -102.76 14.04 -69.85
CA ASN XA 17 -103.41 13.41 -68.67
C ASN XA 17 -102.57 13.75 -67.43
N PRO XA 18 -102.99 14.67 -66.55
CA PRO XA 18 -102.17 15.10 -65.41
C PRO XA 18 -101.93 13.99 -64.38
N PRO XA 19 -100.74 13.93 -63.75
CA PRO XA 19 -100.48 12.95 -62.69
C PRO XA 19 -101.45 13.17 -61.53
N SER XA 20 -101.76 12.13 -60.77
CA SER XA 20 -102.77 12.25 -59.68
C SER XA 20 -102.33 13.33 -58.68
N TYR XA 21 -101.06 13.33 -58.28
CA TYR XA 21 -100.58 14.30 -57.25
C TYR XA 21 -100.64 15.73 -57.81
N LEU XA 22 -100.49 15.90 -59.12
CA LEU XA 22 -100.61 17.24 -59.73
C LEU XA 22 -102.09 17.57 -59.91
N LYS XA 23 -102.67 18.37 -59.00
CA LYS XA 23 -104.13 18.65 -59.05
C LYS XA 23 -104.37 20.16 -59.25
N GLY XA 24 -103.42 20.85 -59.88
CA GLY XA 24 -103.56 22.30 -60.12
C GLY XA 24 -103.76 23.07 -58.83
N GLU XA 25 -102.93 22.80 -57.82
CA GLU XA 25 -103.05 23.48 -56.50
C GLU XA 25 -101.92 24.51 -56.37
N PHE XA 26 -100.94 24.47 -57.27
CA PHE XA 26 -99.78 25.38 -57.16
C PHE XA 26 -99.53 26.04 -58.52
N PRO XA 27 -98.87 27.23 -58.58
CA PRO XA 27 -98.65 27.92 -59.84
C PRO XA 27 -97.82 27.09 -60.82
N GLY XA 28 -98.05 27.26 -62.13
CA GLY XA 28 -97.25 26.56 -63.14
C GLY XA 28 -97.48 25.05 -63.13
N ASP XA 29 -98.66 24.61 -62.70
CA ASP XA 29 -98.98 23.16 -62.72
C ASP XA 29 -99.53 22.77 -64.10
N TYR XA 30 -98.64 22.66 -65.10
CA TYR XA 30 -99.08 22.20 -66.44
C TYR XA 30 -99.13 20.67 -66.47
N GLY XA 31 -99.17 20.05 -65.28
CA GLY XA 31 -99.24 18.58 -65.19
C GLY XA 31 -98.08 17.89 -65.89
N TRP XA 32 -96.85 18.29 -65.58
CA TRP XA 32 -95.65 17.70 -66.26
C TRP XA 32 -94.73 17.00 -65.24
N ASP XA 33 -95.05 15.77 -64.85
CA ASP XA 33 -94.14 15.01 -63.99
C ASP XA 33 -94.00 13.60 -64.55
N THR XA 34 -93.71 13.50 -65.84
CA THR XA 34 -93.65 12.20 -66.51
C THR XA 34 -92.62 11.27 -65.87
N ALA XA 35 -91.58 11.83 -65.24
CA ALA XA 35 -90.60 11.00 -64.56
C ALA XA 35 -91.04 10.61 -63.16
N GLY XA 36 -92.17 11.10 -62.68
CA GLY XA 36 -92.65 10.76 -61.36
C GLY XA 36 -91.72 11.21 -60.24
N LEU XA 37 -91.01 12.32 -60.44
CA LEU XA 37 -90.02 12.77 -59.48
C LEU XA 37 -90.65 13.39 -58.25
N SER XA 38 -91.85 13.94 -58.35
CA SER XA 38 -92.52 14.58 -57.23
C SER XA 38 -93.73 13.79 -56.74
N ALA XA 39 -93.67 12.46 -56.84
CA ALA XA 39 -94.75 11.64 -56.31
C ALA XA 39 -94.85 11.78 -54.80
N ASP XA 40 -93.71 11.82 -54.12
CA ASP XA 40 -93.71 12.02 -52.68
C ASP XA 40 -94.09 13.46 -52.36
N PRO XA 41 -95.10 13.68 -51.52
CA PRO XA 41 -95.52 15.07 -51.22
C PRO XA 41 -94.42 15.93 -50.63
N GLU XA 42 -93.56 15.36 -49.79
CA GLU XA 42 -92.45 16.14 -49.22
C GLU XA 42 -91.45 16.51 -50.29
N THR XA 43 -91.12 15.56 -51.17
CA THR XA 43 -90.15 15.83 -52.26
C THR XA 43 -90.74 16.87 -53.21
N PHE XA 44 -92.05 16.79 -53.49
CA PHE XA 44 -92.72 17.77 -54.38
C PHE XA 44 -92.57 19.17 -53.78
N ALA XA 45 -92.86 19.31 -52.49
CA ALA XA 45 -92.77 20.63 -51.82
C ALA XA 45 -91.36 21.19 -51.99
N ARG XA 46 -90.35 20.40 -51.63
CA ARG XA 46 -88.97 20.88 -51.74
C ARG XA 46 -88.61 21.21 -53.18
N TYR XA 47 -89.15 20.45 -54.13
CA TYR XA 47 -88.84 20.68 -55.56
C TYR XA 47 -89.46 22.01 -56.02
N ARG XA 48 -90.67 22.31 -55.54
CA ARG XA 48 -91.35 23.58 -55.92
C ARG XA 48 -90.50 24.76 -55.47
N GLU XA 49 -89.96 24.68 -54.25
CA GLU XA 49 -89.13 25.79 -53.70
C GLU XA 49 -87.89 25.98 -54.58
N LEU XA 50 -87.23 24.87 -54.94
CA LEU XA 50 -86.02 24.94 -55.79
C LEU XA 50 -86.39 25.62 -57.11
N GLU XA 51 -87.54 25.28 -57.68
CA GLU XA 51 -87.96 25.85 -58.99
C GLU XA 51 -88.10 27.37 -58.85
N VAL XA 52 -88.82 27.84 -57.83
CA VAL XA 52 -89.07 29.30 -57.67
C VAL XA 52 -87.73 30.01 -57.45
N ILE XA 53 -86.89 29.48 -56.57
CA ILE XA 53 -85.58 30.14 -56.25
C ILE XA 53 -84.71 30.12 -57.51
N HIS XA 54 -84.67 29.00 -58.22
CA HIS XA 54 -83.89 28.90 -59.47
C HIS XA 54 -84.43 29.90 -60.49
N ALA XA 55 -85.76 30.01 -60.59
CA ALA XA 55 -86.39 30.91 -61.58
C ALA XA 55 -86.00 32.36 -61.28
N ARG XA 56 -86.05 32.76 -60.00
CA ARG XA 56 -85.73 34.16 -59.63
C ARG XA 56 -84.25 34.43 -59.90
N TRP XA 57 -83.38 33.49 -59.56
CA TRP XA 57 -81.93 33.65 -59.84
C TRP XA 57 -81.72 33.71 -61.36
N ALA XA 58 -82.44 32.89 -62.11
CA ALA XA 58 -82.29 32.86 -63.56
C ALA XA 58 -82.82 34.14 -64.19
N MET XA 59 -83.93 34.67 -63.68
CA MET XA 59 -84.45 35.93 -64.19
C MET XA 59 -83.46 37.06 -63.97
N LEU XA 60 -82.86 37.13 -62.78
CA LEU XA 60 -81.79 38.10 -62.55
C LEU XA 60 -80.59 37.80 -63.43
N GLY XA 61 -80.23 36.53 -63.55
CA GLY XA 61 -79.07 36.16 -64.34
C GLY XA 61 -79.24 36.46 -65.82
N ALA XA 62 -80.42 36.15 -66.36
CA ALA XA 62 -80.66 36.40 -67.78
C ALA XA 62 -80.58 37.89 -68.10
N LEU XA 63 -81.18 38.72 -67.24
CA LEU XA 63 -81.10 40.15 -67.45
C LEU XA 63 -79.67 40.65 -67.25
N GLY XA 64 -78.97 40.10 -66.26
CA GLY XA 64 -77.61 40.55 -65.99
C GLY XA 64 -76.59 40.05 -66.97
N CYS XA 65 -76.87 38.96 -67.68
CA CYS XA 65 -75.92 38.41 -68.62
C CYS XA 65 -75.93 39.12 -69.97
N VAL XA 66 -76.97 39.90 -70.27
CA VAL XA 66 -77.06 40.60 -71.53
C VAL XA 66 -76.91 42.11 -71.39
N THR XA 67 -77.18 42.66 -70.20
CA THR XA 67 -77.17 44.10 -70.02
C THR XA 67 -75.81 44.71 -70.31
N PRO XA 68 -74.70 44.18 -69.76
CA PRO XA 68 -73.40 44.73 -70.16
C PRO XA 68 -73.10 44.59 -71.65
N GLU XA 69 -73.57 43.51 -72.27
CA GLU XA 69 -73.27 43.32 -73.69
C GLU XA 69 -74.14 44.24 -74.55
N LEU XA 70 -75.39 44.48 -74.15
CA LEU XA 70 -76.24 45.40 -74.88
C LEU XA 70 -75.69 46.81 -74.85
N LEU XA 71 -75.17 47.22 -73.69
CA LEU XA 71 -74.61 48.58 -73.54
C LEU XA 71 -73.33 48.70 -74.34
N GLN XA 72 -72.49 47.65 -74.32
CA GLN XA 72 -71.20 47.67 -75.05
C GLN XA 72 -71.48 47.75 -76.55
N ARG XA 73 -72.45 46.97 -77.04
CA ARG XA 73 -72.76 46.96 -78.50
C ARG XA 73 -73.24 48.34 -78.94
N ASN XA 74 -74.24 48.89 -78.23
CA ASN XA 74 -74.80 50.18 -78.61
C ASN XA 74 -73.89 51.34 -78.27
N GLY XA 75 -72.72 51.08 -77.68
CA GLY XA 75 -71.78 52.14 -77.36
C GLY XA 75 -72.20 52.98 -76.18
N VAL XA 76 -73.13 52.47 -75.38
CA VAL XA 76 -73.62 53.21 -74.19
C VAL XA 76 -72.51 53.25 -73.13
N ALA XA 77 -71.72 52.18 -73.04
CA ALA XA 77 -70.64 52.11 -72.03
C ALA XA 77 -69.56 51.12 -72.49
N ASN XA 78 -68.34 51.27 -71.96
CA ASN XA 78 -67.24 50.34 -72.32
C ASN XA 78 -66.83 49.55 -71.07
N PHE XA 79 -66.96 48.23 -71.13
CA PHE XA 79 -66.61 47.37 -69.96
C PHE XA 79 -65.29 46.66 -70.25
N GLY XA 80 -64.53 46.31 -69.20
CA GLY XA 80 -63.28 45.54 -69.42
C GLY XA 80 -63.59 44.24 -70.15
N GLU XA 81 -64.71 43.59 -69.80
CA GLU XA 81 -65.15 42.35 -70.50
C GLU XA 81 -66.68 42.35 -70.47
N ALA XA 82 -67.32 42.77 -71.55
CA ALA XA 82 -68.78 42.87 -71.54
C ALA XA 82 -69.45 41.51 -71.62
N VAL XA 83 -68.78 40.53 -72.25
CA VAL XA 83 -69.39 39.21 -72.40
C VAL XA 83 -69.59 38.59 -71.03
N TRP XA 84 -70.77 38.00 -70.82
CA TRP XA 84 -71.13 37.47 -69.47
C TRP XA 84 -70.14 36.41 -68.99
N PHE XA 85 -69.74 35.47 -69.86
CA PHE XA 85 -68.86 34.36 -69.41
C PHE XA 85 -67.42 34.84 -69.32
N LYS XA 86 -67.22 36.16 -69.22
CA LYS XA 86 -65.84 36.71 -69.14
C LYS XA 86 -65.79 37.87 -68.13
N ALA XA 87 -66.94 38.27 -67.60
CA ALA XA 87 -66.97 39.38 -66.66
C ALA XA 87 -66.16 39.08 -65.41
N GLY XA 88 -66.09 37.82 -65.01
CA GLY XA 88 -65.33 37.47 -63.82
C GLY XA 88 -63.85 37.77 -63.94
N ALA XA 89 -63.30 37.65 -65.14
CA ALA XA 89 -61.88 37.90 -65.37
C ALA XA 89 -61.52 39.37 -65.33
N GLN XA 90 -62.50 40.27 -65.24
CA GLN XA 90 -62.20 41.69 -65.15
C GLN XA 90 -61.40 42.01 -63.89
N ILE XA 91 -61.56 41.22 -62.84
CA ILE XA 91 -60.90 41.52 -61.57
C ILE XA 91 -59.39 41.39 -61.71
N PHE XA 92 -58.92 40.62 -62.69
CA PHE XA 92 -57.49 40.40 -62.88
C PHE XA 92 -56.85 41.36 -63.87
N GLN XA 93 -57.62 42.31 -64.40
CA GLN XA 93 -57.06 43.28 -65.33
C GLN XA 93 -56.26 44.34 -64.58
N GLU XA 94 -55.75 45.30 -65.34
CA GLU XA 94 -54.81 46.28 -64.80
C GLU XA 94 -55.43 47.13 -63.69
N GLY XA 95 -56.59 47.72 -63.97
CA GLY XA 95 -57.24 48.58 -63.02
C GLY XA 95 -58.31 47.92 -62.16
N GLY XA 96 -58.39 46.60 -62.17
CA GLY XA 96 -59.45 45.96 -61.43
C GLY XA 96 -60.79 46.13 -62.14
N LEU XA 97 -61.85 45.93 -61.38
CA LEU XA 97 -63.20 45.95 -61.91
C LEU XA 97 -63.85 47.30 -61.61
N ASP XA 98 -64.18 48.03 -62.66
CA ASP XA 98 -64.85 49.32 -62.55
C ASP XA 98 -66.25 49.19 -63.12
N TYR XA 99 -67.26 49.56 -62.33
CA TYR XA 99 -68.66 49.40 -62.77
C TYR XA 99 -68.95 50.35 -63.93
N LEU XA 100 -69.48 49.82 -65.03
CA LEU XA 100 -69.81 50.67 -66.22
C LEU XA 100 -68.56 51.44 -66.66
N GLY XA 101 -67.38 50.88 -66.42
CA GLY XA 101 -66.13 51.54 -66.82
C GLY XA 101 -65.70 52.62 -65.84
N ASN XA 102 -66.64 53.50 -65.45
CA ASN XA 102 -66.31 54.62 -64.53
C ASN XA 102 -65.39 54.13 -63.42
N PRO XA 103 -64.11 54.56 -63.37
CA PRO XA 103 -63.19 54.17 -62.29
C PRO XA 103 -63.68 54.54 -60.90
N SER XA 104 -64.63 55.47 -60.78
CA SER XA 104 -65.10 55.91 -59.48
C SER XA 104 -66.16 54.98 -58.89
N LEU XA 105 -66.57 53.95 -59.61
CA LEU XA 105 -67.64 53.06 -59.18
C LEU XA 105 -67.04 51.74 -58.75
N ILE XA 106 -67.23 51.39 -57.47
CA ILE XA 106 -66.79 50.13 -56.89
C ILE XA 106 -65.27 50.04 -56.92
N HIS XA 107 -64.70 49.99 -58.13
CA HIS XA 107 -63.25 49.99 -58.32
C HIS XA 107 -62.59 48.85 -57.55
N ALA XA 108 -63.17 47.66 -57.66
CA ALA XA 108 -62.67 46.51 -56.93
C ALA XA 108 -61.33 46.06 -57.45
N GLN XA 109 -60.51 45.50 -56.56
CA GLN XA 109 -59.14 45.17 -56.94
C GLN XA 109 -58.73 43.74 -56.58
N SER XA 110 -59.35 43.15 -55.57
CA SER XA 110 -58.95 41.84 -55.07
C SER XA 110 -60.13 40.87 -55.09
N ILE XA 111 -59.90 39.69 -55.65
CA ILE XA 111 -60.94 38.67 -55.71
C ILE XA 111 -61.23 38.11 -54.32
N VAL XA 112 -60.23 38.08 -53.44
CA VAL XA 112 -60.41 37.54 -52.10
C VAL XA 112 -61.43 38.38 -51.33
N ALA XA 113 -61.34 39.70 -51.44
CA ALA XA 113 -62.30 40.58 -50.77
C ALA XA 113 -63.70 40.36 -51.31
N ILE XA 114 -63.82 40.19 -52.63
CA ILE XA 114 -65.13 39.92 -53.23
C ILE XA 114 -65.68 38.60 -52.72
N LEU XA 115 -64.83 37.57 -52.69
CA LEU XA 115 -65.28 36.25 -52.27
C LEU XA 115 -65.69 36.23 -50.81
N LEU XA 116 -64.88 36.82 -49.93
CA LEU XA 116 -65.15 36.75 -48.50
C LEU XA 116 -66.39 37.54 -48.13
N THR XA 117 -66.57 38.72 -48.73
CA THR XA 117 -67.77 39.51 -48.46
C THR XA 117 -69.02 38.80 -48.95
N GLN XA 118 -68.94 38.18 -50.13
CA GLN XA 118 -70.10 37.47 -50.66
C GLN XA 118 -70.49 36.30 -49.77
N LEU XA 119 -69.50 35.58 -49.25
CA LEU XA 119 -69.79 34.48 -48.33
C LEU XA 119 -70.51 35.00 -47.09
N VAL XA 120 -70.02 36.10 -46.52
CA VAL XA 120 -70.64 36.65 -45.32
C VAL XA 120 -72.01 37.23 -45.65
N LEU XA 121 -72.11 38.00 -46.72
CA LEU XA 121 -73.38 38.63 -47.06
C LEU XA 121 -74.41 37.61 -47.48
N MET XA 122 -74.06 36.73 -48.41
CA MET XA 122 -75.02 35.74 -48.88
C MET XA 122 -75.28 34.67 -47.84
N GLY XA 123 -74.29 34.39 -47.00
CA GLY XA 123 -74.51 33.44 -45.92
C GLY XA 123 -75.58 33.90 -44.95
N LEU XA 124 -75.54 35.18 -44.59
CA LEU XA 124 -76.58 35.74 -43.73
C LEU XA 124 -77.90 35.85 -44.47
N ILE XA 125 -77.86 36.28 -45.73
CA ILE XA 125 -79.09 36.50 -46.49
C ILE XA 125 -79.84 35.19 -46.68
N GLU XA 126 -79.13 34.15 -47.11
CA GLU XA 126 -79.77 32.86 -47.28
C GLU XA 126 -80.21 32.28 -45.95
N GLY XA 127 -79.48 32.57 -44.88
CA GLY XA 127 -79.93 32.18 -43.56
C GLY XA 127 -81.23 32.85 -43.17
N TYR XA 128 -81.40 34.12 -43.56
CA TYR XA 128 -82.65 34.82 -43.28
C TYR XA 128 -83.79 34.23 -44.09
N ARG XA 129 -83.50 33.76 -45.31
CA ARG XA 129 -84.56 33.24 -46.15
C ARG XA 129 -85.17 31.95 -45.59
N VAL XA 130 -84.32 31.10 -45.01
CA VAL XA 130 -84.80 29.77 -44.51
C VAL XA 130 -85.22 29.84 -43.04
N ASN XA 131 -84.47 30.56 -42.20
CA ASN XA 131 -84.78 30.57 -40.74
C ASN XA 131 -85.48 31.88 -40.36
N GLY XA 132 -85.70 32.78 -41.33
CA GLY XA 132 -86.29 34.09 -41.00
C GLY XA 132 -85.26 35.00 -40.37
N GLY XA 133 -85.40 36.32 -40.54
CA GLY XA 133 -84.41 37.23 -40.00
C GLY XA 133 -84.98 38.62 -39.76
N PRO XA 134 -84.19 39.64 -40.10
CA PRO XA 134 -84.64 41.02 -39.87
C PRO XA 134 -85.92 41.38 -40.59
N ALA XA 135 -86.13 40.87 -41.79
CA ALA XA 135 -87.30 41.24 -42.56
C ALA XA 135 -88.56 40.60 -42.01
N GLY XA 136 -88.39 39.58 -41.17
CA GLY XA 136 -89.56 38.94 -40.54
C GLY XA 136 -89.35 37.46 -40.34
N GLU XA 137 -89.93 36.90 -39.27
CA GLU XA 137 -89.83 35.45 -39.00
C GLU XA 137 -91.25 34.87 -38.93
N GLY XA 138 -91.56 33.90 -39.79
CA GLY XA 138 -92.91 33.31 -39.81
C GLY XA 138 -93.63 33.62 -41.12
N LEU XA 139 -92.91 34.16 -42.09
CA LEU XA 139 -93.52 34.53 -43.40
C LEU XA 139 -93.32 33.37 -44.38
N ASP XA 140 -94.18 33.28 -45.40
CA ASP XA 140 -94.08 32.20 -46.42
C ASP XA 140 -92.62 32.06 -46.87
N ALA XA 141 -92.16 30.83 -47.08
CA ALA XA 141 -90.75 30.59 -47.49
C ALA XA 141 -90.52 31.14 -48.90
N LEU XA 142 -91.41 30.82 -49.85
CA LEU XA 142 -91.20 31.24 -51.26
C LEU XA 142 -91.81 32.63 -51.50
N TYR XA 143 -92.85 32.98 -50.73
CA TYR XA 143 -93.54 34.28 -50.96
C TYR XA 143 -93.66 35.04 -49.64
N PRO XA 144 -92.57 35.57 -49.08
CA PRO XA 144 -92.61 36.24 -47.78
C PRO XA 144 -93.48 37.51 -47.84
N GLY XA 145 -93.33 38.31 -48.90
CA GLY XA 145 -94.09 39.58 -49.02
C GLY XA 145 -93.65 40.59 -47.98
N GLU XA 146 -94.60 41.29 -47.35
CA GLU XA 146 -94.26 42.24 -46.30
C GLU XA 146 -93.22 43.24 -46.78
N ALA XA 147 -92.01 43.16 -46.20
CA ALA XA 147 -90.94 44.05 -46.64
C ALA XA 147 -90.56 43.81 -48.08
N PHE XA 148 -90.75 42.60 -48.58
CA PHE XA 148 -90.42 42.25 -49.95
C PHE XA 148 -91.57 42.47 -50.90
N ASP XA 149 -92.67 43.06 -50.43
CA ASP XA 149 -93.73 43.56 -51.29
C ASP XA 149 -94.07 44.98 -50.88
N PRO XA 150 -93.13 45.91 -51.04
CA PRO XA 150 -93.43 47.30 -50.66
C PRO XA 150 -94.55 47.91 -51.48
N LEU XA 151 -94.65 47.57 -52.76
CA LEU XA 151 -95.70 48.12 -53.60
C LEU XA 151 -97.04 47.43 -53.40
N GLY XA 152 -97.07 46.33 -52.65
CA GLY XA 152 -98.31 45.66 -52.32
C GLY XA 152 -99.07 45.16 -53.53
N LEU XA 153 -98.37 44.64 -54.52
CA LEU XA 153 -99.00 44.10 -55.71
C LEU XA 153 -99.62 42.73 -55.47
N ALA XA 154 -99.58 42.23 -54.24
CA ALA XA 154 -100.09 40.91 -53.90
C ALA XA 154 -101.15 40.97 -52.80
N ASP XA 155 -101.70 42.16 -52.53
CA ASP XA 155 -102.71 42.27 -51.49
C ASP XA 155 -104.00 41.55 -51.89
N ASP XA 156 -104.38 41.69 -53.16
CA ASP XA 156 -105.58 40.96 -53.66
C ASP XA 156 -105.22 39.49 -53.85
N PRO XA 157 -105.87 38.55 -53.14
CA PRO XA 157 -105.51 37.13 -53.24
C PRO XA 157 -105.58 36.65 -54.69
N ASP XA 158 -106.66 36.99 -55.41
CA ASP XA 158 -106.83 36.51 -56.80
C ASP XA 158 -105.64 36.97 -57.65
N THR XA 159 -105.32 38.25 -57.58
CA THR XA 159 -104.20 38.80 -58.39
C THR XA 159 -102.90 38.10 -57.98
N PHE XA 160 -102.71 37.88 -56.68
CA PHE XA 160 -101.48 37.24 -56.18
C PHE XA 160 -101.33 35.86 -56.82
N ALA XA 161 -102.42 35.10 -56.86
CA ALA XA 161 -102.38 33.74 -57.45
C ALA XA 161 -101.98 33.84 -58.93
N GLU XA 162 -102.65 34.72 -59.68
CA GLU XA 162 -102.36 34.84 -61.14
C GLU XA 162 -100.93 35.34 -61.33
N LEU XA 163 -100.49 36.28 -60.49
CA LEU XA 163 -99.14 36.88 -60.64
C LEU XA 163 -98.07 35.83 -60.30
N LYS XA 164 -98.39 34.90 -59.39
CA LYS XA 164 -97.44 33.81 -59.05
C LYS XA 164 -97.23 32.95 -60.31
N VAL XA 165 -98.28 32.74 -61.10
CA VAL XA 165 -98.14 31.98 -62.36
C VAL XA 165 -97.18 32.76 -63.27
N LYS XA 166 -97.35 34.08 -63.35
CA LYS XA 166 -96.49 34.92 -64.23
C LYS XA 166 -95.04 34.84 -63.77
N GLU XA 167 -94.80 34.81 -62.45
CA GLU XA 167 -93.43 34.72 -61.95
C GLU XA 167 -92.75 33.44 -62.43
N LEU XA 168 -93.45 32.30 -62.29
CA LEU XA 168 -92.85 31.04 -62.72
C LEU XA 168 -92.65 30.99 -64.22
N LYS XA 169 -93.63 31.46 -64.99
CA LYS XA 169 -93.54 31.34 -66.44
C LYS XA 169 -92.44 32.22 -67.00
N ASN XA 170 -92.31 33.46 -66.50
CA ASN XA 170 -91.15 34.24 -66.85
C ASN XA 170 -89.88 33.59 -66.30
N GLY XA 171 -89.97 33.01 -65.11
CA GLY XA 171 -88.81 32.36 -64.53
C GLY XA 171 -88.39 31.10 -65.28
N ARG XA 172 -89.35 30.28 -65.68
CA ARG XA 172 -89.03 29.10 -66.47
C ARG XA 172 -88.48 29.49 -67.83
N LEU XA 173 -89.02 30.56 -68.42
CA LEU XA 173 -88.46 31.06 -69.67
C LEU XA 173 -87.04 31.56 -69.46
N ALA XA 174 -86.77 32.17 -68.32
CA ALA XA 174 -85.41 32.67 -68.01
C ALA XA 174 -84.47 31.48 -67.81
N MET XA 175 -84.92 30.44 -67.10
CA MET XA 175 -84.04 29.27 -66.81
C MET XA 175 -83.64 28.60 -68.13
N VAL XA 176 -84.58 28.45 -69.06
CA VAL XA 176 -84.28 27.84 -70.38
C VAL XA 176 -83.27 28.72 -71.12
N SER XA 177 -83.49 30.04 -71.07
CA SER XA 177 -82.60 30.99 -71.79
C SER XA 177 -81.18 30.91 -71.19
N MET XA 178 -81.09 30.74 -69.87
CA MET XA 178 -79.76 30.66 -69.20
C MET XA 178 -79.03 29.41 -69.69
N LEU XA 179 -79.73 28.27 -69.77
CA LEU XA 179 -79.09 27.04 -70.32
C LEU XA 179 -78.65 27.33 -71.76
N GLY XA 180 -79.47 28.06 -72.50
CA GLY XA 180 -79.12 28.40 -73.89
C GLY XA 180 -77.84 29.23 -73.93
N PHE XA 181 -77.78 30.29 -73.12
CA PHE XA 181 -76.57 31.15 -73.06
C PHE XA 181 -75.35 30.28 -72.78
N GLY XA 182 -75.45 29.40 -71.79
CA GLY XA 182 -74.31 28.54 -71.41
C GLY XA 182 -73.88 27.64 -72.55
N VAL XA 183 -74.83 26.92 -73.16
CA VAL XA 183 -74.49 25.98 -74.27
C VAL XA 183 -73.95 26.78 -75.45
N GLN XA 184 -74.63 27.86 -75.83
CA GLN XA 184 -74.17 28.71 -76.96
C GLN XA 184 -72.77 29.25 -76.62
N GLY XA 185 -72.57 29.68 -75.38
CA GLY XA 185 -71.26 30.22 -74.97
C GLY XA 185 -70.17 29.18 -75.13
N LEU XA 186 -70.43 27.94 -74.71
CA LEU XA 186 -69.41 26.87 -74.79
C LEU XA 186 -69.15 26.52 -76.25
N ILE XA 187 -70.18 26.57 -77.10
CA ILE XA 187 -70.02 26.18 -78.53
C ILE XA 187 -69.50 27.37 -79.34
N THR XA 188 -70.33 28.40 -79.53
CA THR XA 188 -69.92 29.58 -80.35
C THR XA 188 -68.76 30.33 -79.68
N ARG XA 189 -68.69 30.29 -78.35
CA ARG XA 189 -67.64 31.06 -77.61
C ARG XA 189 -67.81 32.55 -77.92
N LYS XA 190 -69.06 32.99 -78.13
CA LYS XA 190 -69.35 34.42 -78.38
C LYS XA 190 -70.54 34.83 -77.50
N GLY XA 191 -70.61 36.10 -77.09
CA GLY XA 191 -71.70 36.56 -76.22
C GLY XA 191 -73.06 36.22 -76.79
N PRO XA 192 -74.12 36.16 -75.95
CA PRO XA 192 -75.46 35.79 -76.41
C PRO XA 192 -75.98 36.80 -77.45
N ILE XA 193 -75.80 38.10 -77.20
CA ILE XA 193 -76.28 39.15 -78.14
C ILE XA 193 -75.57 38.99 -79.48
N GLU XA 194 -74.27 38.66 -79.43
CA GLU XA 194 -73.48 38.47 -80.69
C GLU XA 194 -74.08 37.31 -81.49
N ASN XA 195 -74.41 36.21 -80.82
CA ASN XA 195 -75.03 35.05 -81.51
C ASN XA 195 -76.32 35.51 -82.20
N LEU XA 196 -77.14 36.30 -81.50
CA LEU XA 196 -78.41 36.80 -82.09
C LEU XA 196 -78.09 37.64 -83.33
N ALA XA 197 -77.15 38.58 -83.20
CA ALA XA 197 -76.78 39.45 -84.34
C ALA XA 197 -76.46 38.60 -85.56
N ASP XA 198 -75.58 37.61 -85.40
CA ASP XA 198 -75.17 36.75 -86.54
C ASP XA 198 -76.42 36.09 -87.14
N HIS XA 199 -77.29 35.54 -86.29
CA HIS XA 199 -78.49 34.82 -86.80
C HIS XA 199 -79.34 35.79 -87.62
N LEU XA 200 -79.55 37.00 -87.11
CA LEU XA 200 -80.38 38.00 -87.82
C LEU XA 200 -79.71 38.35 -89.16
N ALA XA 201 -78.38 38.44 -89.17
CA ALA XA 201 -77.65 38.81 -90.40
C ALA XA 201 -77.83 37.72 -91.46
N ALA XA 202 -77.57 36.46 -91.11
CA ALA XA 202 -77.74 35.33 -92.06
C ALA XA 202 -78.35 34.14 -91.30
N PRO XA 203 -79.68 34.10 -91.06
CA PRO XA 203 -80.27 33.03 -90.24
C PRO XA 203 -80.16 31.63 -90.86
N ASP XA 204 -79.77 31.55 -92.13
CA ASP XA 204 -79.72 30.23 -92.82
C ASP XA 204 -78.29 29.71 -92.83
N ALA XA 205 -77.31 30.57 -92.55
CA ALA XA 205 -75.89 30.14 -92.66
C ALA XA 205 -75.17 30.32 -91.31
N THR XA 206 -75.91 30.59 -90.24
CA THR XA 206 -75.27 30.85 -88.92
C THR XA 206 -75.89 29.93 -87.86
N ASN XA 207 -77.01 29.28 -88.18
CA ASN XA 207 -77.68 28.37 -87.21
C ASN XA 207 -76.68 27.30 -86.75
N PHE XA 208 -76.92 26.72 -85.58
CA PHE XA 208 -76.00 25.66 -85.04
C PHE XA 208 -75.91 24.51 -86.04
N TRP XA 209 -77.06 24.08 -86.57
CA TRP XA 209 -77.09 22.92 -87.49
C TRP XA 209 -76.13 23.14 -88.68
N VAL XA 210 -75.97 24.37 -89.14
CA VAL XA 210 -75.15 24.63 -90.36
C VAL XA 210 -73.70 24.93 -89.98
N ASP XA 211 -73.45 25.49 -88.80
CA ASP XA 211 -72.07 25.92 -88.45
C ASP XA 211 -71.35 24.92 -87.55
N TYR XA 212 -72.01 24.39 -86.52
CA TYR XA 212 -71.29 23.53 -85.54
C TYR XA 212 -71.73 22.07 -85.64
N ALA XA 213 -73.03 21.81 -85.82
CA ALA XA 213 -73.52 20.41 -85.84
C ALA XA 213 -72.65 19.56 -86.76
N PRO XA 214 -72.36 19.97 -88.02
CA PRO XA 214 -71.61 19.13 -88.95
C PRO XA 214 -70.16 18.89 -88.49
N LYS XA 215 -69.71 19.66 -87.50
CA LYS XA 215 -68.31 19.53 -86.99
C LYS XA 215 -68.33 19.04 -85.54
N SER XA 216 -69.38 18.34 -85.13
CA SER XA 216 -69.49 17.91 -83.72
C SER XA 216 -69.07 16.44 -83.59
N ALA XA 217 -68.50 15.88 -84.65
CA ALA XA 217 -68.02 14.48 -84.62
C ALA XA 217 -66.87 14.30 -85.62
N GLY XA 218 -65.63 14.22 -85.14
CA GLY XA 218 -64.49 13.95 -86.03
C GLY XA 218 -63.81 15.22 -86.51
N ILE XA 219 -64.56 16.17 -87.05
CA ILE XA 219 -63.97 17.48 -87.45
C ILE XA 219 -64.25 18.49 -86.34
N GLY XA 220 -63.23 18.89 -85.58
CA GLY XA 220 -63.44 19.80 -84.45
C GLY XA 220 -63.88 21.18 -84.89
N TYR XA 221 -64.51 21.96 -84.01
CA TYR XA 221 -64.92 23.34 -84.35
C TYR XA 221 -64.57 24.27 -83.18
N LEU YA 1 -19.88 23.63 -59.94
CA LEU YA 1 -20.60 24.71 -60.61
C LEU YA 1 -19.67 25.49 -61.53
N THR YA 2 -20.18 25.91 -62.67
CA THR YA 2 -19.41 26.79 -63.54
C THR YA 2 -19.31 28.17 -62.90
N PHE YA 3 -18.44 29.01 -63.47
CA PHE YA 3 -18.22 30.32 -62.89
C PHE YA 3 -19.50 31.16 -62.94
N ASP YA 4 -20.23 31.10 -64.07
CA ASP YA 4 -21.45 31.88 -64.18
C ASP YA 4 -22.52 31.38 -63.23
N GLN YA 5 -22.60 30.06 -63.02
CA GLN YA 5 -23.56 29.52 -62.07
C GLN YA 5 -23.26 29.99 -60.66
N LEU YA 6 -21.97 30.06 -60.31
CA LEU YA 6 -21.59 30.53 -58.98
C LEU YA 6 -21.99 31.98 -58.77
N GLN YA 7 -21.84 32.82 -59.80
CA GLN YA 7 -22.20 34.22 -59.65
C GLN YA 7 -23.70 34.42 -59.54
N GLY YA 8 -24.49 33.50 -60.08
CA GLY YA 8 -25.93 33.60 -59.95
C GLY YA 8 -26.42 33.45 -58.53
N LEU YA 9 -25.69 32.70 -57.71
CA LEU YA 9 -26.04 32.50 -56.33
C LEU YA 9 -25.72 33.75 -55.50
N THR YA 10 -26.37 33.85 -54.35
CA THR YA 10 -26.11 34.91 -53.40
C THR YA 10 -25.26 34.38 -52.26
N TYR YA 11 -24.69 35.31 -51.48
CA TYR YA 11 -23.82 34.92 -50.38
C TYR YA 11 -24.58 34.09 -49.36
N LEU YA 12 -25.85 34.41 -49.12
CA LEU YA 12 -26.64 33.64 -48.17
C LEU YA 12 -27.04 32.28 -48.69
N GLN YA 13 -27.06 32.07 -50.00
CA GLN YA 13 -27.33 30.76 -50.57
C GLN YA 13 -26.08 29.90 -50.67
N VAL YA 14 -24.90 30.48 -50.48
CA VAL YA 14 -23.65 29.74 -50.54
C VAL YA 14 -23.06 29.51 -49.16
N LYS YA 15 -23.30 30.42 -48.21
CA LYS YA 15 -22.68 30.32 -46.90
C LYS YA 15 -23.09 29.02 -46.20
N GLY YA 16 -22.10 28.30 -45.69
CA GLY YA 16 -22.33 27.07 -44.96
C GLY YA 16 -22.55 25.84 -45.81
N THR YA 17 -22.47 25.95 -47.12
CA THR YA 17 -22.74 24.84 -48.03
C THR YA 17 -21.48 24.10 -48.45
N GLY YA 18 -20.37 24.81 -48.61
CA GLY YA 18 -19.12 24.23 -49.07
C GLY YA 18 -18.76 24.62 -50.50
N ILE YA 19 -19.66 25.30 -51.21
CA ILE YA 19 -19.37 25.72 -52.58
C ILE YA 19 -18.24 26.72 -52.62
N ALA YA 20 -18.09 27.51 -51.56
CA ALA YA 20 -17.06 28.55 -51.54
C ALA YA 20 -15.66 27.95 -51.57
N ASN YA 21 -15.51 26.71 -51.11
CA ASN YA 21 -14.23 26.02 -51.09
C ASN YA 21 -14.05 25.12 -52.30
N THR YA 22 -14.63 25.48 -53.44
CA THR YA 22 -14.51 24.68 -54.64
C THR YA 22 -14.02 25.55 -55.78
N CYS YA 23 -13.29 24.94 -56.70
CA CYS YA 23 -12.90 25.71 -57.88
C CYS YA 23 -13.96 25.61 -58.95
N PRO YA 24 -14.15 26.64 -59.77
CA PRO YA 24 -15.16 26.58 -60.82
C PRO YA 24 -14.87 25.46 -61.80
N THR YA 25 -15.94 24.83 -62.29
CA THR YA 25 -15.80 23.81 -63.31
C THR YA 25 -15.90 24.45 -64.70
N LEU YA 26 -15.00 24.07 -65.58
CA LEU YA 26 -14.95 24.62 -66.93
C LEU YA 26 -15.64 23.65 -67.86
N ASP YA 27 -16.89 23.95 -68.20
CA ASP YA 27 -17.65 23.15 -69.14
C ASP YA 27 -17.47 23.72 -70.54
N SER YA 28 -18.14 23.11 -71.52
CA SER YA 28 -18.03 23.50 -72.94
C SER YA 28 -16.55 23.49 -73.30
N GLY YA 29 -16.03 24.50 -73.98
CA GLY YA 29 -14.62 24.58 -74.32
C GLY YA 29 -14.19 23.43 -75.20
N SER YA 30 -12.91 23.06 -75.07
CA SER YA 30 -12.31 21.98 -75.82
C SER YA 30 -11.03 21.58 -75.13
N SER YA 31 -10.42 20.49 -75.60
CA SER YA 31 -9.19 19.99 -74.99
C SER YA 31 -7.93 20.49 -75.70
N ASN YA 32 -8.01 20.83 -76.98
CA ASN YA 32 -6.83 21.30 -77.70
C ASN YA 32 -6.43 22.68 -77.21
N VAL YA 33 -5.25 22.79 -76.61
CA VAL YA 33 -4.78 24.06 -76.06
C VAL YA 33 -4.35 25.01 -77.16
N LYS YA 34 -4.26 24.52 -78.40
CA LYS YA 34 -3.90 25.38 -79.51
C LYS YA 34 -4.98 26.42 -79.81
N ASP YA 35 -6.18 26.26 -79.24
CA ASP YA 35 -7.23 27.25 -79.44
C ASP YA 35 -6.89 28.60 -78.81
N LEU YA 36 -5.96 28.62 -77.87
CA LEU YA 36 -5.49 29.87 -77.28
C LEU YA 36 -4.59 30.58 -78.29
N LYS YA 37 -4.77 31.88 -78.44
CA LYS YA 37 -3.89 32.67 -79.28
C LYS YA 37 -2.50 32.72 -78.67
N PRO YA 38 -1.46 32.36 -79.41
CA PRO YA 38 -0.10 32.45 -78.87
C PRO YA 38 0.27 33.86 -78.44
N GLY YA 39 0.67 34.01 -77.18
CA GLY YA 39 0.99 35.32 -76.65
C GLY YA 39 1.06 35.29 -75.14
N THR YA 40 0.90 36.47 -74.55
CA THR YA 40 0.91 36.62 -73.11
C THR YA 40 -0.49 36.95 -72.61
N TYR YA 41 -0.79 36.51 -71.38
CA TYR YA 41 -2.10 36.70 -70.80
C TYR YA 41 -1.96 37.05 -69.33
N LYS YA 42 -2.98 37.74 -68.81
CA LYS YA 42 -3.06 38.06 -67.39
C LYS YA 42 -3.85 36.94 -66.71
N LEU YA 43 -3.19 36.18 -65.85
CA LEU YA 43 -3.84 35.13 -65.10
C LEU YA 43 -4.78 35.74 -64.07
N GLY YA 44 -5.98 35.22 -63.98
CA GLY YA 44 -6.95 35.72 -63.03
C GLY YA 44 -7.87 34.61 -62.56
N LYS YA 45 -8.34 34.74 -61.33
CA LYS YA 45 -9.23 33.75 -60.71
C LYS YA 45 -8.60 32.36 -60.72
N PHE YA 46 -7.27 32.29 -60.57
CA PHE YA 46 -6.59 31.01 -60.56
C PHE YA 46 -6.87 30.30 -59.25
N CYS YA 47 -7.50 29.13 -59.33
CA CYS YA 47 -7.90 28.37 -58.17
C CYS YA 47 -7.25 27.00 -58.20
N MET YA 48 -7.01 26.42 -57.02
CA MET YA 48 -6.45 25.08 -56.90
C MET YA 48 -7.20 24.38 -55.77
N GLU YA 49 -8.13 23.51 -56.13
CA GLU YA 49 -8.91 22.78 -55.15
C GLU YA 49 -8.36 21.37 -55.00
N PRO YA 50 -7.75 21.03 -53.87
CA PRO YA 50 -7.24 19.67 -53.70
C PRO YA 50 -8.36 18.65 -53.73
N THR YA 51 -8.03 17.45 -54.18
CA THR YA 51 -8.95 16.32 -54.13
C THR YA 51 -8.40 15.17 -53.31
N SER YA 52 -7.15 15.27 -52.82
CA SER YA 52 -6.52 14.21 -52.06
C SER YA 52 -5.28 14.76 -51.38
N PHE YA 53 -5.11 14.41 -50.10
CA PHE YA 53 -3.92 14.73 -49.32
C PHE YA 53 -3.28 13.42 -48.88
N THR YA 54 -2.03 13.21 -49.24
CA THR YA 54 -1.28 12.03 -48.82
C THR YA 54 0.07 12.46 -48.28
N VAL YA 55 0.58 11.70 -47.31
CA VAL YA 55 1.81 12.01 -46.62
C VAL YA 55 2.75 10.83 -46.75
N LYS YA 56 3.99 11.11 -47.15
CA LYS YA 56 4.98 10.05 -47.26
C LYS YA 56 5.42 9.59 -45.89
N GLU YA 57 5.28 8.29 -45.64
CA GLU YA 57 5.67 7.69 -44.37
C GLU YA 57 6.80 6.70 -44.60
N GLU YA 58 7.85 6.80 -43.79
CA GLU YA 58 8.96 5.86 -43.89
C GLU YA 58 8.48 4.46 -43.52
N SER YA 59 8.88 3.48 -44.33
CA SER YA 59 8.43 2.10 -44.17
C SER YA 59 9.35 1.39 -43.19
N GLN YA 60 8.83 1.07 -42.01
CA GLN YA 60 9.58 0.24 -41.06
C GLN YA 60 9.69 -1.20 -41.53
N PHE YA 61 8.95 -1.57 -42.58
CA PHE YA 61 9.00 -2.90 -43.18
C PHE YA 61 10.21 -3.08 -44.09
N LYS YA 62 11.22 -2.20 -43.96
CA LYS YA 62 12.40 -2.21 -44.81
C LYS YA 62 12.03 -1.95 -46.26
N GLY YA 63 12.98 -2.11 -47.18
CA GLY YA 63 12.71 -1.94 -48.58
C GLY YA 63 12.57 -0.52 -49.06
N GLY YA 64 12.61 0.46 -48.17
CA GLY YA 64 12.56 1.86 -48.55
C GLY YA 64 11.36 2.24 -49.38
N ASP YA 65 10.18 1.74 -48.99
CA ASP YA 65 8.97 2.01 -49.77
C ASP YA 65 8.65 3.49 -49.80
N ALA YA 66 8.57 4.11 -48.62
CA ALA YA 66 8.27 5.53 -48.49
C ALA YA 66 6.99 5.89 -49.24
N GLU YA 67 6.00 5.02 -49.12
CA GLU YA 67 4.73 5.23 -49.79
C GLU YA 67 3.96 6.38 -49.16
N PHE YA 68 3.02 6.94 -49.91
CA PHE YA 68 2.18 8.03 -49.44
C PHE YA 68 0.91 7.45 -48.85
N VAL YA 69 0.86 7.37 -47.52
CA VAL YA 69 -0.30 6.78 -46.84
C VAL YA 69 -1.45 7.76 -46.85
N PRO YA 70 -2.69 7.32 -47.05
CA PRO YA 70 -3.83 8.25 -47.03
C PRO YA 70 -4.05 8.85 -45.65
N THR YA 71 -4.64 10.04 -45.64
CA THR YA 71 -4.82 10.82 -44.42
C THR YA 71 -6.29 11.19 -44.26
N LYS YA 72 -6.60 11.77 -43.10
CA LYS YA 72 -7.92 12.31 -42.81
C LYS YA 72 -7.78 13.78 -42.44
N LEU YA 73 -8.65 14.62 -43.01
CA LEU YA 73 -8.56 16.05 -42.80
C LEU YA 73 -9.11 16.44 -41.43
N MET YA 74 -8.42 17.37 -40.78
CA MET YA 74 -8.81 17.85 -39.46
C MET YA 74 -9.34 19.28 -39.45
N THR YA 75 -9.10 20.05 -40.50
CA THR YA 75 -9.33 21.50 -40.46
C THR YA 75 -10.48 21.95 -41.35
N ARG YA 76 -11.34 21.04 -41.81
CA ARG YA 76 -12.54 21.39 -42.54
C ARG YA 76 -12.22 22.13 -43.85
N LEU YA 77 -13.22 22.75 -44.46
CA LEU YA 77 -13.10 23.28 -45.82
C LEU YA 77 -12.37 24.63 -45.79
N THR YA 78 -11.06 24.57 -45.57
CA THR YA 78 -10.24 25.77 -45.55
C THR YA 78 -8.95 25.56 -46.32
N TYR YA 79 -9.00 24.77 -47.40
CA TYR YA 79 -7.78 24.29 -48.02
C TYR YA 79 -7.66 24.54 -49.52
N THR YA 80 -8.48 25.40 -50.11
CA THR YA 80 -8.42 25.65 -51.54
C THR YA 80 -7.83 27.03 -51.78
N LEU YA 81 -6.71 27.09 -52.48
CA LEU YA 81 -6.14 28.36 -52.90
C LEU YA 81 -7.01 28.97 -53.98
N ASP YA 82 -7.25 30.27 -53.88
CA ASP YA 82 -8.21 30.91 -54.76
C ASP YA 82 -7.80 32.34 -55.02
N GLU YA 83 -8.40 32.94 -56.04
CA GLU YA 83 -8.20 34.32 -56.46
C GLU YA 83 -6.75 34.63 -56.79
N MET YA 84 -5.94 33.62 -57.07
CA MET YA 84 -4.56 33.87 -57.45
C MET YA 84 -4.51 34.50 -58.84
N SER YA 85 -3.54 35.37 -59.04
CA SER YA 85 -3.34 36.05 -60.31
C SER YA 85 -1.86 35.98 -60.68
N GLY YA 86 -1.58 36.25 -61.95
CA GLY YA 86 -0.22 36.24 -62.41
C GLY YA 86 -0.09 36.43 -63.91
N GLN YA 87 0.79 35.65 -64.54
CA GLN YA 87 1.00 35.74 -65.97
C GLN YA 87 0.95 34.35 -66.57
N PHE YA 88 0.27 34.24 -67.72
CA PHE YA 88 0.16 32.98 -68.45
C PHE YA 88 0.75 33.20 -69.83
N LYS YA 89 1.77 32.42 -70.18
CA LYS YA 89 2.47 32.52 -71.44
C LYS YA 89 2.19 31.25 -72.24
N VAL YA 90 1.66 31.41 -73.45
CA VAL YA 90 1.37 30.29 -74.33
C VAL YA 90 2.05 30.56 -75.67
N ASP YA 91 2.71 29.54 -76.20
CA ASP YA 91 3.46 29.66 -77.44
C ASP YA 91 2.67 29.08 -78.61
N GLY YA 92 3.24 29.23 -79.80
CA GLY YA 92 2.66 28.60 -80.98
C GLY YA 92 2.75 27.08 -80.92
N SER YA 93 3.83 26.55 -80.37
CA SER YA 93 4.03 25.11 -80.28
C SER YA 93 3.26 24.47 -79.14
N GLY YA 94 2.61 25.26 -78.29
CA GLY YA 94 1.91 24.72 -77.14
C GLY YA 94 2.66 24.81 -75.83
N ASN YA 95 3.83 25.46 -75.81
CA ASN YA 95 4.58 25.60 -74.57
C ASN YA 95 3.87 26.56 -73.64
N VAL YA 96 3.82 26.21 -72.36
CA VAL YA 96 3.03 26.92 -71.37
C VAL YA 96 3.94 27.39 -70.25
N GLU YA 97 3.80 28.66 -69.86
CA GLU YA 97 4.53 29.23 -68.74
C GLU YA 97 3.54 29.93 -67.83
N LEU YA 98 3.39 29.41 -66.62
CA LEU YA 98 2.49 29.97 -65.62
C LEU YA 98 3.31 30.53 -64.48
N LYS YA 99 3.12 31.81 -64.18
CA LYS YA 99 3.83 32.50 -63.11
C LYS YA 99 2.81 33.23 -62.26
N GLU YA 100 2.66 32.80 -61.00
CA GLU YA 100 1.71 33.45 -60.11
C GLU YA 100 2.42 34.51 -59.27
N THR YA 101 1.68 35.57 -58.95
CA THR YA 101 2.23 36.70 -58.22
C THR YA 101 1.61 36.88 -56.85
N ASP YA 102 0.28 36.90 -56.76
CA ASP YA 102 -0.40 37.18 -55.51
C ASP YA 102 -1.67 36.35 -55.45
N GLY YA 103 -2.57 36.71 -54.53
CA GLY YA 103 -3.75 35.93 -54.25
C GLY YA 103 -3.66 35.29 -52.88
N ILE YA 104 -4.49 34.27 -52.67
CA ILE YA 104 -4.41 33.51 -51.43
C ILE YA 104 -3.14 32.67 -51.47
N ASP YA 105 -3.05 31.73 -52.39
CA ASP YA 105 -1.86 30.95 -52.72
C ASP YA 105 -1.18 30.32 -51.50
N TYR YA 106 -1.88 30.18 -50.38
CA TYR YA 106 -1.39 29.41 -49.25
C TYR YA 106 -2.52 29.21 -48.27
N ALA YA 107 -2.55 28.06 -47.61
CA ALA YA 107 -3.59 27.77 -46.64
C ALA YA 107 -3.09 26.70 -45.68
N PRO YA 108 -3.18 26.94 -44.36
CA PRO YA 108 -2.75 25.93 -43.39
C PRO YA 108 -3.70 24.74 -43.39
N VAL YA 109 -3.14 23.54 -43.53
CA VAL YA 109 -3.91 22.31 -43.59
C VAL YA 109 -3.31 21.33 -42.61
N THR YA 110 -4.15 20.68 -41.81
CA THR YA 110 -3.72 19.66 -40.88
C THR YA 110 -4.43 18.36 -41.21
N VAL YA 111 -3.67 17.29 -41.36
CA VAL YA 111 -4.22 15.96 -41.61
C VAL YA 111 -3.71 15.03 -40.52
N GLN YA 112 -4.41 13.93 -40.34
CA GLN YA 112 -4.05 12.95 -39.32
C GLN YA 112 -3.69 11.63 -40.01
N LEU YA 113 -2.57 11.13 -39.69
CA LEU YA 113 -2.06 9.86 -40.16
C LEU YA 113 -2.63 8.71 -39.36
N PRO YA 114 -2.69 7.51 -39.94
CA PRO YA 114 -3.05 6.32 -39.16
C PRO YA 114 -2.12 6.13 -37.98
N GLY YA 115 -2.67 6.25 -36.78
CA GLY YA 115 -1.89 6.22 -35.55
C GLY YA 115 -2.09 7.43 -34.67
N GLY YA 116 -2.80 8.46 -35.13
CA GLY YA 116 -3.06 9.63 -34.33
C GLY YA 116 -2.11 10.78 -34.54
N GLU YA 117 -1.20 10.68 -35.51
CA GLU YA 117 -0.21 11.73 -35.73
C GLU YA 117 -0.83 12.82 -36.59
N ARG YA 118 -1.00 14.01 -36.03
CA ARG YA 118 -1.43 15.18 -36.78
C ARG YA 118 -0.21 15.79 -37.45
N VAL YA 119 -0.23 15.82 -38.78
CA VAL YA 119 0.88 16.42 -39.52
C VAL YA 119 0.36 17.68 -40.21
N PRO YA 120 0.70 18.86 -39.69
CA PRO YA 120 0.29 20.10 -40.34
C PRO YA 120 1.23 20.45 -41.48
N PHE YA 121 0.71 21.17 -42.46
CA PHE YA 121 1.55 21.67 -43.53
C PHE YA 121 0.94 22.93 -44.10
N LEU YA 122 1.80 23.75 -44.71
CA LEU YA 122 1.39 25.03 -45.29
C LEU YA 122 1.23 24.83 -46.79
N PHE YA 123 0.02 24.39 -47.17
CA PHE YA 123 -0.28 24.14 -48.58
C PHE YA 123 -0.23 25.43 -49.36
N SER YA 124 0.82 25.62 -50.17
CA SER YA 124 1.06 26.89 -50.84
C SER YA 124 1.62 26.64 -52.23
N VAL YA 125 1.41 27.62 -53.11
CA VAL YA 125 2.07 27.64 -54.41
C VAL YA 125 2.72 29.01 -54.61
N LYS YA 126 3.17 29.62 -53.52
CA LYS YA 126 3.79 30.94 -53.60
C LYS YA 126 4.95 30.94 -54.59
N GLU YA 127 4.97 31.94 -55.46
CA GLU YA 127 6.04 32.13 -56.43
C GLU YA 127 6.21 30.89 -57.30
N LEU YA 128 5.09 30.40 -57.81
CA LEU YA 128 5.09 29.21 -58.67
C LEU YA 128 5.35 29.66 -60.10
N ASP YA 129 6.46 29.19 -60.67
CA ASP YA 129 6.80 29.45 -62.06
C ASP YA 129 6.87 28.10 -62.79
N ALA YA 130 5.74 27.66 -63.31
CA ALA YA 130 5.69 26.38 -64.00
C ALA YA 130 5.87 26.58 -65.50
N LYS YA 131 6.77 25.80 -66.08
CA LYS YA 131 7.06 25.87 -67.51
C LYS YA 131 7.06 24.48 -68.10
N GLY YA 132 6.46 24.34 -69.28
CA GLY YA 132 6.41 23.05 -69.94
C GLY YA 132 5.32 23.06 -70.99
N ASN YA 133 5.11 21.90 -71.59
CA ASN YA 133 4.02 21.76 -72.55
C ASN YA 133 2.70 21.63 -71.81
N ALA YA 134 1.60 21.82 -72.56
CA ALA YA 134 0.29 21.88 -71.94
C ALA YA 134 -0.09 20.58 -71.26
N ASP YA 135 0.54 19.46 -71.65
CA ASP YA 135 0.22 18.19 -71.01
C ASP YA 135 0.83 18.10 -69.61
N GLY YA 136 2.07 18.59 -69.45
CA GLY YA 136 2.77 18.38 -68.21
C GLY YA 136 3.60 19.53 -67.67
N PHE YA 137 3.15 20.77 -67.86
CA PHE YA 137 3.94 21.92 -67.44
C PHE YA 137 3.97 21.97 -65.91
N GLY YA 138 5.19 22.02 -65.35
CA GLY YA 138 5.37 22.05 -63.92
C GLY YA 138 6.50 22.98 -63.54
N GLY YA 139 6.67 23.15 -62.24
CA GLY YA 139 7.68 24.06 -61.76
C GLY YA 139 7.95 23.87 -60.28
N GLU YA 140 8.65 24.84 -59.71
CA GLU YA 140 9.03 24.84 -58.31
C GLU YA 140 8.52 26.09 -57.64
N PHE YA 141 7.85 25.93 -56.51
CA PHE YA 141 7.30 27.04 -55.74
C PHE YA 141 7.99 27.12 -54.39
N VAL YA 142 7.62 28.15 -53.63
CA VAL YA 142 8.21 28.42 -52.32
C VAL YA 142 7.24 27.97 -51.24
N VAL YA 143 7.75 27.29 -50.22
CA VAL YA 143 6.94 26.89 -49.08
C VAL YA 143 7.41 27.67 -47.86
N PRO YA 144 6.77 28.78 -47.50
CA PRO YA 144 7.17 29.51 -46.31
C PRO YA 144 6.95 28.68 -45.06
N SER YA 145 7.58 29.09 -43.98
CA SER YA 145 7.45 28.37 -42.72
C SER YA 145 6.00 28.35 -42.27
N TYR YA 146 5.58 27.22 -41.70
CA TYR YA 146 4.21 27.07 -41.26
C TYR YA 146 3.86 28.11 -40.20
N ARG YA 147 4.77 28.36 -39.27
CA ARG YA 147 4.62 29.40 -38.27
C ARG YA 147 5.52 30.57 -38.61
N GLY YA 148 5.05 31.78 -38.37
CA GLY YA 148 5.84 32.96 -38.60
C GLY YA 148 6.97 33.09 -37.59
N ALA YA 149 7.79 34.13 -37.80
CA ALA YA 149 8.92 34.35 -36.92
C ALA YA 149 8.52 34.89 -35.55
N THR YA 150 7.30 35.41 -35.41
CA THR YA 150 6.83 35.94 -34.14
C THR YA 150 5.89 34.97 -33.42
N PHE YA 151 5.78 33.73 -33.88
CA PHE YA 151 4.97 32.75 -33.18
C PHE YA 151 5.66 32.35 -31.89
N LEU YA 152 4.92 32.36 -30.79
CA LEU YA 152 5.45 31.98 -29.49
C LEU YA 152 5.01 30.57 -29.14
N ASP YA 153 5.96 29.73 -28.77
CA ASP YA 153 5.66 28.37 -28.37
C ASP YA 153 5.05 28.41 -26.97
N PRO YA 154 4.43 27.32 -26.52
CA PRO YA 154 3.77 27.33 -25.20
C PRO YA 154 4.66 27.73 -24.04
N LYS YA 155 5.97 27.78 -24.19
CA LYS YA 155 6.86 28.27 -23.15
C LYS YA 155 7.36 29.68 -23.43
N GLY YA 156 6.78 30.35 -24.42
CA GLY YA 156 7.15 31.75 -24.68
C GLY YA 156 8.35 31.90 -25.60
N ARG YA 157 8.99 30.79 -25.97
CA ARG YA 157 10.18 30.84 -26.87
C ARG YA 157 9.74 31.13 -28.30
N GLY YA 158 10.54 31.89 -29.05
CA GLY YA 158 10.22 32.21 -30.47
C GLY YA 158 11.46 32.67 -31.22
N ALA YA 159 11.32 32.92 -32.53
CA ALA YA 159 12.48 33.32 -33.33
C ALA YA 159 12.77 34.81 -33.19
N ALA YA 160 11.83 35.64 -33.60
CA ALA YA 160 12.01 37.08 -33.54
C ALA YA 160 11.48 37.71 -32.27
N THR YA 161 10.60 37.02 -31.55
CA THR YA 161 10.12 37.46 -30.26
C THR YA 161 10.06 36.27 -29.32
N GLY YA 162 10.31 36.52 -28.04
CA GLY YA 162 10.17 35.50 -27.02
C GLY YA 162 11.50 35.17 -26.36
N TYR YA 163 11.44 34.25 -25.40
CA TYR YA 163 12.67 33.84 -24.67
C TYR YA 163 13.53 32.96 -25.56
N ASP YA 164 14.83 32.86 -25.26
CA ASP YA 164 15.73 31.98 -26.04
C ASP YA 164 16.18 30.84 -25.11
N THR YA 165 15.40 30.55 -24.07
CA THR YA 165 15.78 29.51 -23.09
C THR YA 165 14.53 28.97 -22.40
N ALA YA 166 14.66 27.85 -21.67
CA ALA YA 166 13.53 27.30 -20.90
C ALA YA 166 13.44 28.01 -19.56
N VAL YA 167 12.91 29.23 -19.54
CA VAL YA 167 12.85 30.04 -18.28
C VAL YA 167 12.29 29.19 -17.14
N ALA YA 168 11.39 28.26 -17.44
CA ALA YA 168 10.77 27.46 -16.37
C ALA YA 168 11.82 26.81 -15.50
N LEU YA 169 12.90 26.34 -16.11
CA LEU YA 169 14.01 25.74 -15.38
C LEU YA 169 15.13 26.76 -15.26
N PRO YA 170 15.22 27.49 -14.14
CA PRO YA 170 16.22 28.55 -14.03
C PRO YA 170 17.64 28.03 -13.91
N ALA YA 171 17.83 26.75 -13.69
CA ALA YA 171 19.16 26.16 -13.62
C ALA YA 171 19.46 25.20 -14.77
N ALA YA 172 18.47 24.42 -15.20
CA ALA YA 172 18.67 23.47 -16.29
C ALA YA 172 18.42 24.09 -17.66
N GLY YA 173 18.01 25.37 -17.69
CA GLY YA 173 17.84 26.05 -18.99
C GLY YA 173 19.16 26.17 -19.71
N ASP YA 174 19.13 26.29 -21.05
CA ASP YA 174 20.39 26.48 -21.83
C ASP YA 174 21.22 25.21 -21.82
N ASP YA 175 20.68 24.09 -21.30
CA ASP YA 175 21.40 22.81 -21.34
C ASP YA 175 21.25 22.19 -22.73
N GLU YA 176 22.26 21.46 -23.21
CA GLU YA 176 22.20 20.87 -24.54
C GLU YA 176 20.94 20.03 -24.72
N GLU YA 177 20.31 19.67 -23.61
CA GLU YA 177 19.03 18.90 -23.67
C GLU YA 177 17.94 19.78 -24.27
N TYR YA 178 17.93 21.08 -23.95
CA TYR YA 178 16.82 21.95 -24.42
C TYR YA 178 17.32 22.96 -25.46
N LEU YA 179 18.62 22.95 -25.76
CA LEU YA 179 19.18 23.97 -26.69
C LEU YA 179 18.45 23.92 -28.03
N LYS YA 180 18.16 22.71 -28.55
CA LYS YA 180 17.49 22.59 -29.87
C LYS YA 180 16.14 23.29 -29.84
N GLU YA 181 15.34 23.04 -28.80
CA GLU YA 181 13.99 23.65 -28.69
C GLU YA 181 14.13 25.15 -28.39
N ASN YA 182 15.15 25.54 -27.62
CA ASN YA 182 15.33 26.96 -27.23
C ASN YA 182 15.54 27.81 -28.50
N ILE YA 183 16.28 27.27 -29.48
CA ILE YA 183 16.57 28.03 -30.73
C ILE YA 183 15.49 27.71 -31.77
N LYS YA 184 14.79 28.72 -32.28
CA LYS YA 184 13.68 28.50 -33.24
C LYS YA 184 14.02 29.19 -34.57
N SER YA 185 13.82 28.48 -35.69
CA SER YA 185 14.18 29.04 -37.02
C SER YA 185 12.94 29.12 -37.92
N ALA YA 186 12.78 30.20 -38.69
CA ALA YA 186 11.62 30.37 -39.54
C ALA YA 186 11.99 30.41 -41.02
N GLY YA 187 13.02 29.64 -41.41
CA GLY YA 187 13.40 29.61 -42.81
C GLY YA 187 12.38 28.91 -43.67
N ALA YA 188 12.36 29.26 -44.94
CA ALA YA 188 11.38 28.74 -45.88
C ALA YA 188 11.89 27.48 -46.57
N MET YA 189 11.01 26.84 -47.33
CA MET YA 189 11.35 25.63 -48.08
C MET YA 189 10.88 25.77 -49.52
N LYS YA 190 10.99 24.70 -50.29
CA LYS YA 190 10.55 24.70 -51.68
C LYS YA 190 9.88 23.38 -52.01
N GLY YA 191 8.93 23.42 -52.94
CA GLY YA 191 8.21 22.23 -53.35
C GLY YA 191 8.04 22.20 -54.85
N GLN YA 192 7.65 21.03 -55.34
CA GLN YA 192 7.52 20.77 -56.76
C GLN YA 192 6.05 20.53 -57.11
N ALA YA 193 5.59 21.17 -58.18
CA ALA YA 193 4.22 21.02 -58.63
C ALA YA 193 4.21 20.72 -60.13
N VAL YA 194 3.23 19.93 -60.55
CA VAL YA 194 3.02 19.59 -61.95
C VAL YA 194 1.57 19.85 -62.30
N PHE YA 195 1.33 20.60 -63.37
CA PHE YA 195 -0.01 20.93 -63.80
C PHE YA 195 -0.30 20.32 -65.16
N SER YA 196 -1.57 20.35 -65.55
CA SER YA 196 -1.99 19.86 -66.84
C SER YA 196 -3.22 20.64 -67.29
N ILE YA 197 -3.29 20.97 -68.58
CA ILE YA 197 -4.45 21.67 -69.11
C ILE YA 197 -5.39 20.65 -69.73
N ALA YA 198 -6.40 20.23 -68.96
CA ALA YA 198 -7.36 19.26 -69.47
C ALA YA 198 -8.30 19.88 -70.48
N LYS YA 199 -8.84 21.04 -70.16
CA LYS YA 199 -9.84 21.69 -71.01
C LYS YA 199 -9.53 23.18 -71.08
N VAL YA 200 -9.94 23.79 -72.19
CA VAL YA 200 -9.69 25.20 -72.44
C VAL YA 200 -10.87 25.80 -73.19
N ASP YA 201 -11.31 26.97 -72.76
CA ASP YA 201 -12.39 27.70 -73.42
C ASP YA 201 -11.82 29.04 -73.89
N ALA YA 202 -11.46 29.09 -75.18
CA ALA YA 202 -10.86 30.32 -75.71
C ALA YA 202 -11.86 31.47 -75.77
N ALA YA 203 -13.15 31.14 -75.92
CA ALA YA 203 -14.16 32.19 -76.00
C ALA YA 203 -14.20 33.03 -74.74
N THR YA 204 -14.19 32.38 -73.58
CA THR YA 204 -14.16 33.07 -72.30
C THR YA 204 -12.76 33.18 -71.72
N GLY YA 205 -11.75 32.67 -72.42
CA GLY YA 205 -10.39 32.71 -71.88
C GLY YA 205 -10.25 31.94 -70.59
N GLU YA 206 -10.85 30.76 -70.51
CA GLU YA 206 -10.87 29.98 -69.29
C GLU YA 206 -10.21 28.63 -69.55
N ILE YA 207 -9.26 28.28 -68.69
CA ILE YA 207 -8.58 27.00 -68.77
C ILE YA 207 -8.77 26.25 -67.46
N ALA YA 208 -8.72 24.92 -67.53
CA ALA YA 208 -8.87 24.08 -66.36
C ALA YA 208 -8.06 22.83 -66.57
N GLY YA 209 -7.86 22.09 -65.48
CA GLY YA 209 -7.10 20.87 -65.56
C GLY YA 209 -6.91 20.26 -64.18
N VAL YA 210 -5.86 19.46 -64.06
CA VAL YA 210 -5.51 18.81 -62.81
C VAL YA 210 -4.09 19.20 -62.46
N PHE YA 211 -3.75 19.03 -61.19
CA PHE YA 211 -2.41 19.31 -60.72
C PHE YA 211 -1.99 18.25 -59.72
N GLU YA 212 -0.68 18.13 -59.53
CA GLU YA 212 -0.11 17.28 -58.50
C GLU YA 212 1.04 18.04 -57.89
N SER YA 213 1.02 18.22 -56.58
CA SER YA 213 2.02 19.01 -55.88
C SER YA 213 2.62 18.20 -54.74
N VAL YA 214 3.93 18.21 -54.64
CA VAL YA 214 4.64 17.57 -53.54
C VAL YA 214 5.48 18.62 -52.84
N GLN YA 215 5.24 18.81 -51.54
CA GLN YA 215 5.90 19.82 -50.75
C GLN YA 215 6.18 19.29 -49.35
N PRO YA 216 7.16 19.85 -48.65
CA PRO YA 216 7.41 19.43 -47.28
C PRO YA 216 6.32 19.93 -46.34
N SER YA 217 6.19 19.24 -45.21
CA SER YA 217 5.23 19.64 -44.20
C SER YA 217 5.90 20.54 -43.16
N ASP YA 218 5.14 20.88 -42.13
CA ASP YA 218 5.63 21.78 -41.09
C ASP YA 218 6.81 21.16 -40.35
N THR YA 219 7.80 22.00 -40.05
CA THR YA 219 8.99 21.60 -39.32
C THR YA 219 8.95 22.01 -37.86
N ASP YA 220 7.82 22.55 -37.39
CA ASP YA 220 7.67 23.05 -36.02
C ASP YA 220 8.70 24.14 -35.72
N LEU YA 221 8.82 25.07 -36.66
CA LEU YA 221 9.76 26.19 -36.52
C LEU YA 221 11.17 25.68 -36.31
N GLY YA 222 11.54 24.62 -37.03
CA GLY YA 222 12.86 24.05 -36.97
C GLY YA 222 13.05 22.98 -35.91
N ALA YA 223 12.01 22.64 -35.15
CA ALA YA 223 12.13 21.69 -34.05
C ALA YA 223 11.67 20.29 -34.43
N LYS YA 224 11.42 20.03 -35.71
CA LYS YA 224 10.88 18.76 -36.15
C LYS YA 224 11.31 18.51 -37.59
N ALA YA 225 11.47 17.23 -37.93
CA ALA YA 225 11.79 16.82 -39.29
C ALA YA 225 10.54 16.84 -40.16
N PRO YA 226 10.61 17.46 -41.34
CA PRO YA 226 9.43 17.54 -42.21
C PRO YA 226 9.13 16.21 -42.89
N LYS YA 227 7.91 16.12 -43.40
CA LYS YA 227 7.48 15.01 -44.22
C LYS YA 227 7.05 15.53 -45.58
N ASP YA 228 7.11 14.65 -46.57
CA ASP YA 228 6.60 14.97 -47.91
C ASP YA 228 5.08 14.82 -47.93
N VAL YA 229 4.40 15.86 -48.37
CA VAL YA 229 2.95 15.83 -48.55
C VAL YA 229 2.66 15.97 -50.03
N LYS YA 230 1.94 15.01 -50.59
CA LYS YA 230 1.54 15.05 -51.98
C LYS YA 230 0.09 15.52 -52.06
N ILE YA 231 -0.14 16.60 -52.78
CA ILE YA 231 -1.46 17.17 -52.97
C ILE YA 231 -1.85 17.01 -54.43
N THR YA 232 -3.02 16.42 -54.67
CA THR YA 232 -3.55 16.28 -56.02
C THR YA 232 -4.94 16.91 -56.06
N GLY YA 233 -5.31 17.45 -57.21
CA GLY YA 233 -6.61 18.09 -57.31
C GLY YA 233 -6.81 18.71 -58.67
N LEU YA 234 -7.76 19.62 -58.73
CA LEU YA 234 -8.14 20.31 -59.95
C LEU YA 234 -7.80 21.79 -59.83
N TRP YA 235 -7.50 22.41 -60.95
CA TRP YA 235 -7.20 23.82 -60.98
C TRP YA 235 -8.00 24.51 -62.08
N TYR YA 236 -8.28 25.78 -61.89
CA TYR YA 236 -9.08 26.56 -62.80
C TYR YA 236 -8.45 27.95 -62.91
N ALA YA 237 -8.60 28.57 -64.08
CA ALA YA 237 -8.04 29.89 -64.29
C ALA YA 237 -8.82 30.59 -65.40
N GLN YA 238 -8.75 31.92 -65.39
CA GLN YA 238 -9.37 32.76 -66.40
C GLN YA 238 -8.29 33.61 -67.03
N LEU YA 239 -7.99 33.36 -68.30
CA LEU YA 239 -7.03 34.18 -69.02
C LEU YA 239 -7.68 35.46 -69.51
N SER YA 240 -6.95 36.56 -69.41
CA SER YA 240 -7.47 37.85 -69.84
C SER YA 240 -6.32 38.84 -70.06
N ARG ZA 1 27.73 44.63 95.00
CA ARG ZA 1 27.89 44.82 93.53
C ARG ZA 1 26.51 44.83 92.88
N SER ZA 2 25.60 45.64 93.40
CA SER ZA 2 24.21 45.71 92.85
C SER ZA 2 24.25 46.07 91.37
N GLY ZA 3 25.18 46.95 90.99
CA GLY ZA 3 25.30 47.38 89.58
C GLY ZA 3 24.32 48.50 89.25
N GLY ZA 4 23.75 48.47 88.04
CA GLY ZA 4 22.83 49.54 87.60
C GLY ZA 4 23.53 50.88 87.54
N ALA ZA 5 24.84 50.88 87.23
CA ALA ZA 5 25.62 52.14 87.21
C ALA ZA 5 26.03 52.46 85.77
N GLY ZA 6 26.25 51.43 84.94
CA GLY ZA 6 26.71 51.66 83.56
C GLY ZA 6 25.75 51.11 82.53
N TYR ZA 7 24.48 50.92 82.91
CA TYR ZA 7 23.47 50.33 81.98
C TYR ZA 7 22.07 50.62 82.52
N ARG ZA 8 21.07 50.62 81.64
CA ARG ZA 8 19.66 50.83 82.08
C ARG ZA 8 18.92 49.50 81.99
N GLN ZA 9 18.77 48.81 83.13
CA GLN ZA 9 18.11 47.47 83.11
C GLN ZA 9 16.73 47.61 82.44
N TYR ZA 10 16.43 46.73 81.49
CA TYR ZA 10 15.13 46.79 80.77
C TYR ZA 10 14.33 45.51 81.03
N SER ZA 11 13.12 45.65 81.59
CA SER ZA 11 12.25 44.47 81.83
C SER ZA 11 11.55 44.08 80.52
N GLY ZA 12 11.23 42.79 80.35
CA GLY ZA 12 10.51 42.34 79.15
C GLY ZA 12 11.42 41.55 78.22
N ASP ZA 13 10.83 40.64 77.43
CA ASP ZA 13 11.62 39.84 76.46
C ASP ZA 13 12.23 40.77 75.42
N ALA ZA 14 13.51 40.59 75.10
CA ALA ZA 14 14.16 41.40 74.05
C ALA ZA 14 13.59 40.98 72.68
N LEU ZA 15 12.90 41.88 71.99
CA LEU ZA 15 12.29 41.59 70.67
C LEU ZA 15 13.05 42.34 69.58
N TRP ZA 16 12.68 42.16 68.32
CA TRP ZA 16 13.46 42.72 67.17
C TRP ZA 16 13.22 44.21 67.00
N LEU ZA 17 12.16 44.73 67.59
CA LEU ZA 17 11.81 46.15 67.51
C LEU ZA 17 11.60 46.59 68.94
N PRO ZA 18 12.15 47.72 69.41
CA PRO ZA 18 12.02 48.07 70.81
C PRO ZA 18 10.57 47.97 71.32
N ASN ZA 19 9.57 48.35 70.53
CA ASN ZA 19 8.16 48.38 70.91
C ASN ZA 19 7.38 47.53 69.92
N THR ZA 20 7.21 46.26 70.28
CA THR ZA 20 6.39 45.35 69.44
C THR ZA 20 5.89 44.25 70.36
N GLU ZA 21 5.10 43.34 69.84
CA GLU ZA 21 4.59 42.20 70.57
C GLU ZA 21 4.91 40.92 69.82
N ARG ZA 22 5.14 39.84 70.56
CA ARG ZA 22 5.40 38.56 69.93
C ARG ZA 22 4.16 38.11 69.16
N PRO ZA 23 4.34 37.49 68.00
CA PRO ZA 23 3.20 36.85 67.34
C PRO ZA 23 2.63 35.74 68.20
N ALA ZA 24 1.33 35.49 68.04
CA ALA ZA 24 0.67 34.45 68.86
C ALA ZA 24 1.34 33.10 68.64
N TRP ZA 25 1.95 32.88 67.48
CA TRP ZA 25 2.53 31.55 67.17
C TRP ZA 25 4.00 31.47 67.61
N LEU ZA 26 4.55 32.56 68.12
CA LEU ZA 26 5.95 32.55 68.64
C LEU ZA 26 5.89 32.78 70.16
N ASP ZA 27 5.81 31.70 70.94
CA ASP ZA 27 5.66 31.85 72.38
C ASP ZA 27 6.94 32.37 73.02
N GLY ZA 28 8.09 31.98 72.49
CA GLY ZA 28 9.37 32.30 73.11
C GLY ZA 28 10.09 31.12 73.71
N SER ZA 29 9.58 29.90 73.53
CA SER ZA 29 10.23 28.73 74.09
C SER ZA 29 11.48 28.37 73.31
N LEU ZA 30 11.41 28.43 71.99
CA LEU ZA 30 12.53 28.03 71.15
C LEU ZA 30 13.69 29.00 71.32
N PRO ZA 31 14.93 28.53 71.25
CA PRO ZA 31 16.07 29.45 71.33
C PRO ZA 31 16.06 30.43 70.17
N GLY ZA 32 16.48 31.65 70.45
CA GLY ZA 32 16.51 32.69 69.44
C GLY ZA 32 15.17 33.28 69.09
N ASP ZA 33 14.13 33.00 69.86
CA ASP ZA 33 12.80 33.54 69.58
C ASP ZA 33 12.81 35.02 69.90
N ARG ZA 34 12.97 35.86 68.89
CA ARG ZA 34 13.06 37.32 69.12
C ARG ZA 34 11.78 37.96 68.62
N GLY ZA 35 10.77 37.15 68.33
CA GLY ZA 35 9.46 37.66 67.89
C GLY ZA 35 9.49 38.11 66.46
N PHE ZA 36 10.28 37.46 65.63
CA PHE ZA 36 10.47 37.97 64.26
C PHE ZA 36 9.82 37.06 63.23
N ASP ZA 37 8.54 37.28 62.94
CA ASP ZA 37 7.91 36.56 61.81
C ASP ZA 37 6.99 37.56 61.11
N PRO ZA 38 7.52 38.65 60.54
CA PRO ZA 38 6.68 39.71 59.95
C PRO ZA 38 5.77 39.17 58.84
N LEU ZA 39 6.23 38.17 58.09
CA LEU ZA 39 5.43 37.61 56.96
C LEU ZA 39 4.54 36.48 57.50
N GLY ZA 40 4.64 36.16 58.79
CA GLY ZA 40 3.79 35.12 59.40
C GLY ZA 40 3.96 33.77 58.72
N LEU ZA 41 5.20 33.43 58.35
CA LEU ZA 41 5.46 32.13 57.65
C LEU ZA 41 5.20 30.97 58.60
N SER ZA 42 5.60 31.10 59.87
CA SER ZA 42 5.44 29.98 60.84
C SER ZA 42 4.02 29.95 61.41
N ARG ZA 43 3.22 30.97 61.13
CA ARG ZA 43 1.82 31.01 61.63
C ARG ZA 43 1.10 29.75 61.16
N PRO ZA 44 0.25 29.13 62.00
CA PRO ZA 44 -0.52 27.96 61.59
C PRO ZA 44 -1.19 28.22 60.23
N ALA ZA 45 -0.99 27.32 59.27
CA ALA ZA 45 -1.53 27.54 57.91
C ALA ZA 45 -2.91 26.91 57.76
N GLU ZA 46 -3.91 27.67 57.30
CA GLU ZA 46 -5.24 27.14 57.07
C GLU ZA 46 -5.39 26.71 55.63
N TYR ZA 47 -6.14 25.63 55.42
CA TYR ZA 47 -6.31 25.08 54.08
C TYR ZA 47 -7.76 24.68 53.87
N LEU ZA 48 -8.16 24.61 52.60
CA LEU ZA 48 -9.52 24.15 52.26
C LEU ZA 48 -9.36 22.91 51.37
N GLN ZA 49 -10.22 21.90 51.54
CA GLN ZA 49 -10.14 20.69 50.70
C GLN ZA 49 -11.15 20.82 49.55
N ILE ZA 50 -10.69 20.71 48.31
CA ILE ZA 50 -11.61 20.73 47.14
C ILE ZA 50 -11.92 19.28 46.76
N ASP ZA 51 -13.19 18.98 46.47
CA ASP ZA 51 -13.59 17.58 46.16
C ASP ZA 51 -13.01 17.15 44.82
N LEU ZA 52 -12.87 15.85 44.60
CA LEU ZA 52 -12.34 15.33 43.31
C LEU ZA 52 -13.29 15.72 42.17
N ASP ZA 53 -12.75 16.30 41.10
CA ASP ZA 53 -13.54 16.66 39.93
C ASP ZA 53 -14.07 15.40 39.25
N GLU ZA 54 -15.33 15.45 38.85
CA GLU ZA 54 -15.93 14.33 38.14
C GLU ZA 54 -15.35 14.27 36.73
N LEU ZA 55 -14.67 13.18 36.42
CA LEU ZA 55 -14.03 12.99 35.12
C LEU ZA 55 -14.37 11.62 34.57
N ASP ZA 56 -15.65 11.26 34.65
CA ASP ZA 56 -16.14 10.00 34.14
C ASP ZA 56 -16.93 10.28 32.87
N GLN ZA 57 -16.49 9.69 31.75
CA GLN ZA 57 -17.20 9.91 30.50
C GLN ZA 57 -18.47 9.08 30.40
N ASN ZA 58 -18.69 8.17 31.34
CA ASN ZA 58 -19.93 7.40 31.38
C ASN ZA 58 -21.07 8.16 32.04
N ALA ZA 59 -20.82 9.38 32.50
CA ALA ZA 59 -21.82 10.20 33.15
C ALA ZA 59 -22.28 11.32 32.22
N ALA ZA 60 -23.53 11.75 32.41
CA ALA ZA 60 -24.06 12.82 31.60
C ALA ZA 60 -23.40 14.16 31.93
N VAL ZA 61 -23.29 14.48 33.22
CA VAL ZA 61 -22.76 15.75 33.67
C VAL ZA 61 -21.53 15.47 34.52
N ASN ZA 62 -20.43 16.14 34.18
CA ASN ZA 62 -19.17 16.03 34.92
C ASN ZA 62 -18.86 17.40 35.50
N LYS ZA 63 -19.33 17.64 36.72
CA LYS ZA 63 -19.13 18.98 37.35
C LYS ZA 63 -17.76 19.03 38.03
N ALA ZA 64 -17.28 20.23 38.36
CA ALA ZA 64 -15.99 20.39 39.06
C ALA ZA 64 -16.20 20.17 40.56
N GLY ZA 65 -15.14 19.76 41.27
CA GLY ZA 65 -15.26 19.50 42.72
C GLY ZA 65 -15.46 20.78 43.51
N GLY ZA 66 -16.19 20.71 44.63
CA GLY ZA 66 -16.42 21.89 45.48
C GLY ZA 66 -15.62 21.78 46.77
N VAL ZA 67 -15.82 22.73 47.69
CA VAL ZA 67 -15.01 22.75 48.94
C VAL ZA 67 -15.56 21.69 49.90
N VAL ZA 68 -14.86 20.56 50.03
CA VAL ZA 68 -15.29 19.50 50.99
C VAL ZA 68 -15.33 20.12 52.38
N GLY ZA 69 -14.39 21.02 52.68
CA GLY ZA 69 -14.36 21.69 53.98
C GLY ZA 69 -13.00 22.27 54.29
N ALA ZA 70 -12.90 23.11 55.32
CA ALA ZA 70 -11.62 23.68 55.70
C ALA ZA 70 -10.96 22.82 56.77
N PHE ZA 71 -9.63 22.84 56.78
CA PHE ZA 71 -8.88 22.07 57.75
C PHE ZA 71 -7.53 22.73 58.00
N THR ZA 72 -7.08 22.67 59.25
CA THR ZA 72 -5.76 23.17 59.63
C THR ZA 72 -4.91 21.99 60.08
N PRO ZA 73 -4.00 21.50 59.25
CA PRO ZA 73 -3.26 20.29 59.61
C PRO ZA 73 -2.32 20.54 60.78
N VAL ZA 74 -2.08 19.49 61.56
CA VAL ZA 74 -1.13 19.58 62.66
C VAL ZA 74 0.29 19.49 62.09
N ALA ZA 75 1.11 20.47 62.41
CA ALA ZA 75 2.46 20.56 61.89
C ALA ZA 75 3.43 19.83 62.81
N ASP ZA 76 4.69 19.76 62.38
CA ASP ZA 76 5.81 19.27 63.18
C ASP ZA 76 5.67 17.81 63.55
N GLN ZA 77 4.97 17.03 62.74
CA GLN ZA 77 4.82 15.58 62.96
C GLN ZA 77 5.69 14.88 61.92
N VAL ZA 78 6.84 14.39 62.36
CA VAL ZA 78 7.71 13.64 61.46
C VAL ZA 78 7.16 12.24 61.26
N SER ZA 79 7.14 11.78 60.01
CA SER ZA 79 6.62 10.47 59.65
C SER ZA 79 7.73 9.64 59.03
N THR ZA 80 7.39 8.38 58.75
CA THR ZA 80 8.38 7.46 58.19
C THR ZA 80 8.65 7.74 56.71
N ASP ZA 81 7.86 8.61 56.10
CA ASP ZA 81 8.05 8.96 54.69
C ASP ZA 81 9.43 9.56 54.46
N SER ZA 82 10.29 8.86 53.72
CA SER ZA 82 11.64 9.34 53.51
C SER ZA 82 11.65 10.64 52.70
N LEU ZA 83 10.80 10.74 51.69
CA LEU ZA 83 10.83 11.87 50.76
C LEU ZA 83 10.11 13.11 51.30
N ALA ZA 84 9.27 12.96 52.32
CA ALA ZA 84 8.59 14.10 52.92
C ALA ZA 84 8.18 13.76 54.34
N PRO ZA 85 9.13 13.78 55.29
CA PRO ZA 85 8.80 13.35 56.65
C PRO ZA 85 7.79 14.25 57.34
N TYR ZA 86 7.96 15.56 57.23
CA TYR ZA 86 7.12 16.48 58.00
C TYR ZA 86 5.70 16.54 57.43
N SER ZA 87 4.74 16.71 58.33
CA SER ZA 87 3.34 16.77 57.92
C SER ZA 87 3.06 18.03 57.10
N GLU ZA 88 3.65 19.16 57.49
CA GLU ZA 88 3.42 20.42 56.81
C GLU ZA 88 4.76 21.07 56.47
N VAL ZA 89 4.82 21.70 55.30
CA VAL ZA 89 6.00 22.46 54.93
C VAL ZA 89 6.16 23.66 55.86
N PHE ZA 90 5.07 24.39 56.10
CA PHE ZA 90 5.11 25.61 56.90
C PHE ZA 90 4.84 25.26 58.36
N GLY ZA 91 5.90 24.83 59.04
CA GLY ZA 91 5.81 24.51 60.48
C GLY ZA 91 7.01 25.08 61.20
N LEU ZA 92 6.82 25.61 62.40
CA LEU ZA 92 7.95 26.27 63.12
C LEU ZA 92 9.08 25.28 63.35
N GLN ZA 93 8.76 24.05 63.78
CA GLN ZA 93 9.82 23.08 64.12
C GLN ZA 93 10.61 22.69 62.86
N ARG ZA 94 9.92 22.49 61.73
CA ARG ZA 94 10.61 22.14 60.47
C ARG ZA 94 11.50 23.31 60.06
N PHE ZA 95 10.98 24.53 60.12
CA PHE ZA 95 11.76 25.73 59.74
C PHE ZA 95 12.98 25.86 60.65
N ARG ZA 96 12.82 25.52 61.93
CA ARG ZA 96 13.95 25.58 62.88
C ARG ZA 96 15.03 24.60 62.41
N GLU ZA 97 14.63 23.40 61.99
CA GLU ZA 97 15.61 22.46 61.47
C GLU ZA 97 16.30 23.03 60.23
N CYS ZA 98 15.54 23.67 59.35
CA CYS ZA 98 16.16 24.31 58.19
C CYS ZA 98 17.08 25.45 58.63
N GLU ZA 99 16.67 26.22 59.63
CA GLU ZA 99 17.49 27.34 60.09
C GLU ZA 99 18.80 26.84 60.67
N LEU ZA 100 18.77 25.78 61.47
CA LEU ZA 100 20.00 25.23 62.03
C LEU ZA 100 20.88 24.63 60.95
N ILE ZA 101 20.29 23.90 60.01
CA ILE ZA 101 21.08 23.25 58.97
C ILE ZA 101 21.66 24.29 58.01
N HIS ZA 102 20.83 25.24 57.56
CA HIS ZA 102 21.36 26.36 56.79
C HIS ZA 102 22.41 27.10 57.60
N GLY ZA 103 22.18 27.26 58.90
CA GLY ZA 103 23.12 28.01 59.72
C GLY ZA 103 24.44 27.29 59.95
N ARG ZA 104 24.37 25.99 60.23
CA ARG ZA 104 25.59 25.24 60.52
C ARG ZA 104 26.49 25.14 59.29
N TRP ZA 105 25.89 25.03 58.11
CA TRP ZA 105 26.69 25.06 56.88
C TRP ZA 105 27.38 26.40 56.72
N ALA ZA 106 26.66 27.50 56.99
CA ALA ZA 106 27.22 28.83 56.79
C ALA ZA 106 28.34 29.11 57.78
N MET ZA 107 28.23 28.61 59.01
CA MET ZA 107 29.32 28.75 59.96
C MET ZA 107 30.57 28.01 59.46
N LEU ZA 108 30.39 26.80 58.95
CA LEU ZA 108 31.50 26.07 58.35
C LEU ZA 108 32.02 26.77 57.11
N ALA ZA 109 31.11 27.30 56.29
CA ALA ZA 109 31.52 27.94 55.04
C ALA ZA 109 32.27 29.24 55.31
N CYS ZA 110 31.75 30.07 56.22
CA CYS ZA 110 32.39 31.36 56.49
C CYS ZA 110 33.80 31.15 57.01
N LEU ZA 111 33.99 30.19 57.91
CA LEU ZA 111 35.33 29.87 58.38
C LEU ZA 111 36.17 29.28 57.26
N GLY ZA 112 35.58 28.41 56.45
CA GLY ZA 112 36.34 27.73 55.41
C GLY ZA 112 36.84 28.67 54.33
N ALA ZA 113 35.99 29.63 53.93
CA ALA ZA 113 36.40 30.59 52.93
C ALA ZA 113 37.55 31.44 53.43
N LEU ZA 114 37.50 31.85 54.70
CA LEU ZA 114 38.56 32.66 55.27
C LEU ZA 114 39.87 31.90 55.36
N VAL ZA 115 39.81 30.65 55.80
CA VAL ZA 115 41.04 29.89 56.02
C VAL ZA 115 41.73 29.57 54.70
N GLN ZA 116 40.96 29.11 53.71
CA GLN ZA 116 41.57 28.73 52.43
C GLN ZA 116 42.15 29.95 51.73
N GLU ZA 117 41.56 31.13 51.93
CA GLU ZA 117 42.11 32.34 51.34
C GLU ZA 117 43.38 32.77 52.07
N GLY ZA 118 43.47 32.52 53.36
CA GLY ZA 118 44.68 32.85 54.08
C GLY ZA 118 45.81 31.86 53.88
N VAL ZA 119 45.51 30.68 53.37
CA VAL ZA 119 46.50 29.63 53.17
C VAL ZA 119 46.99 29.57 51.74
N THR ZA 120 46.07 29.55 50.78
CA THR ZA 120 46.44 29.45 49.37
C THR ZA 120 46.51 30.79 48.67
N GLY ZA 121 45.90 31.83 49.23
CA GLY ZA 121 45.88 33.13 48.59
C GLY ZA 121 44.86 33.27 47.49
N ASP ZA 122 44.08 32.24 47.21
CA ASP ZA 122 43.08 32.27 46.16
C ASP ZA 122 41.71 32.56 46.75
N SER ZA 123 40.91 33.31 46.00
CA SER ZA 123 39.56 33.63 46.44
C SER ZA 123 38.71 32.37 46.51
N TRP ZA 124 37.73 32.38 47.43
CA TRP ZA 124 36.90 31.19 47.62
C TRP ZA 124 36.11 30.88 46.35
N VAL ZA 125 35.72 31.90 45.59
CA VAL ZA 125 35.05 31.66 44.32
C VAL ZA 125 36.03 31.11 43.30
N ALA ZA 126 37.22 31.69 43.22
CA ALA ZA 126 38.21 31.24 42.25
C ALA ZA 126 38.76 29.87 42.61
N ALA ZA 127 38.74 29.52 43.90
CA ALA ZA 127 39.26 28.23 44.33
C ALA ZA 127 38.45 27.07 43.77
N GLN ZA 128 37.16 27.32 43.51
CA GLN ZA 128 36.29 26.26 42.96
C GLN ZA 128 36.89 25.77 41.64
N THR ZA 129 37.09 26.66 40.69
CA THR ZA 129 37.63 26.27 39.35
C THR ZA 129 39.06 25.75 39.48
N LEU ZA 130 39.90 26.40 40.30
CA LEU ZA 130 41.31 25.98 40.43
C LEU ZA 130 41.39 24.51 40.83
N VAL ZA 131 40.61 24.12 41.85
CA VAL ZA 131 40.64 22.71 42.34
C VAL ZA 131 40.06 21.79 41.27
N TYR ZA 132 39.02 22.26 40.58
CA TYR ZA 132 38.40 21.45 39.50
C TYR ZA 132 39.46 21.12 38.45
N ASN ZA 133 40.23 22.14 38.04
CA ASN ZA 133 41.30 21.94 37.03
C ASN ZA 133 42.41 21.07 37.64
N GLN ZA 134 42.83 21.38 38.87
CA GLN ZA 134 43.85 20.55 39.57
C GLN ZA 134 43.39 20.27 40.99
N PRO ZA 135 42.85 19.08 41.30
CA PRO ZA 135 42.47 18.73 42.67
C PRO ZA 135 43.67 18.97 43.60
N GLN ZA 136 43.47 19.74 44.67
CA GLN ZA 136 44.60 20.08 45.58
C GLN ZA 136 44.08 20.59 46.92
N TYR ZA 137 44.87 20.47 47.98
CA TYR ZA 137 44.49 21.01 49.30
C TYR ZA 137 45.74 21.56 49.99
N ALA ZA 138 45.69 22.81 50.44
CA ALA ZA 138 46.85 23.43 51.12
C ALA ZA 138 48.08 23.37 50.20
N GLY ZA 139 47.87 23.54 48.89
CA GLY ZA 139 48.99 23.53 47.94
C GLY ZA 139 49.55 22.14 47.72
N ILE ZA 140 48.83 21.11 48.19
CA ILE ZA 140 49.27 19.70 48.00
C ILE ZA 140 48.34 19.05 46.97
N ASP ZA 141 48.90 18.54 45.87
CA ASP ZA 141 48.07 17.89 44.82
C ASP ZA 141 47.48 16.60 45.38
N LEU ZA 142 46.15 16.47 45.35
CA LEU ZA 142 45.47 15.27 45.91
C LEU ZA 142 45.62 14.11 44.92
N PRO ZA 143 45.74 12.85 45.39
CA PRO ZA 143 45.94 11.71 44.49
C PRO ZA 143 44.61 11.20 43.94
N PHE ZA 144 43.81 12.09 43.33
CA PHE ZA 144 42.47 11.68 42.83
C PHE ZA 144 42.02 12.59 41.70
N ASP ZA 145 41.68 12.02 40.54
CA ASP ZA 145 41.15 12.81 39.45
C ASP ZA 145 39.84 13.44 39.89
N ILE ZA 146 39.51 14.61 39.31
CA ILE ZA 146 38.30 15.35 39.76
C ILE ZA 146 37.05 14.49 39.54
N TYR ZA 147 37.07 13.61 38.54
CA TYR ZA 147 35.86 12.82 38.22
C TYR ZA 147 35.52 11.91 39.41
N THR ZA 148 36.51 11.21 39.96
CA THR ZA 148 36.29 10.33 41.12
C THR ZA 148 35.83 11.18 42.32
N LEU ZA 149 36.46 12.33 42.52
CA LEU ZA 149 36.11 13.21 43.66
C LEU ZA 149 34.66 13.65 43.53
N ALA ZA 150 34.23 14.00 42.31
CA ALA ZA 150 32.85 14.47 42.09
C ALA ZA 150 31.86 13.37 42.49
N VAL ZA 151 32.11 12.15 42.00
CA VAL ZA 151 31.21 11.00 42.33
C VAL ZA 151 31.30 10.74 43.84
N LEU ZA 152 32.51 10.78 44.39
CA LEU ZA 152 32.71 10.54 45.85
C LEU ZA 152 31.94 11.58 46.65
N ASN ZA 153 32.06 12.87 46.28
CA ASN ZA 153 31.39 13.94 47.06
C ASN ZA 153 29.89 13.67 47.07
N SER ZA 154 29.32 13.37 45.90
CA SER ZA 154 27.86 13.10 45.81
C SER ZA 154 27.50 11.87 46.66
N VAL ZA 155 28.29 10.80 46.54
CA VAL ZA 155 27.99 9.54 47.30
C VAL ZA 155 28.17 9.80 48.79
N LEU ZA 156 29.30 10.39 49.19
CA LEU ZA 156 29.58 10.63 50.63
C LEU ZA 156 28.46 11.51 51.20
N MET ZA 157 28.19 12.65 50.56
CA MET ZA 157 27.16 13.54 51.07
C MET ZA 157 25.78 12.88 50.98
N GLY ZA 158 25.57 12.04 49.96
CA GLY ZA 158 24.32 11.32 49.87
C GLY ZA 158 24.11 10.40 51.05
N GLY ZA 159 25.13 9.61 51.39
CA GLY ZA 159 25.01 8.73 52.53
C GLY ZA 159 24.85 9.49 53.84
N VAL ZA 160 25.61 10.57 54.00
CA VAL ZA 160 25.57 11.35 55.23
C VAL ZA 160 24.18 11.92 55.46
N GLU ZA 161 23.58 12.48 54.41
CA GLU ZA 161 22.29 13.14 54.55
C GLU ZA 161 21.17 12.13 54.72
N LEU ZA 162 21.29 10.95 54.11
CA LEU ZA 162 20.29 9.92 54.33
C LEU ZA 162 20.32 9.44 55.78
N PHE ZA 163 21.51 9.34 56.36
CA PHE ZA 163 21.60 9.00 57.78
C PHE ZA 163 20.92 10.04 58.65
N ARG ZA 164 21.13 11.32 58.34
CA ARG ZA 164 20.52 12.39 59.13
C ARG ZA 164 19.01 12.34 59.07
N ASN ZA 165 18.46 11.99 57.90
CA ASN ZA 165 17.02 12.00 57.74
C ASN ZA 165 16.33 10.86 58.47
N SER ZA 166 17.08 9.89 58.99
CA SER ZA 166 16.46 8.73 59.62
C SER ZA 166 15.76 9.10 60.93
N GLU ZA 167 16.18 10.19 61.57
CA GLU ZA 167 15.63 10.54 62.87
C GLU ZA 167 14.16 10.94 62.74
N LEU ZA 168 13.35 10.51 63.71
CA LEU ZA 168 11.94 10.81 63.72
C LEU ZA 168 11.52 11.77 64.82
N ASP ZA 169 12.38 12.07 65.77
CA ASP ZA 169 12.07 13.04 66.81
C ASP ZA 169 12.36 14.44 66.29
N PRO ZA 170 11.36 15.33 66.24
CA PRO ZA 170 11.61 16.67 65.71
C PRO ZA 170 12.70 17.44 66.45
N GLU ZA 171 12.79 17.29 67.77
CA GLU ZA 171 13.85 17.96 68.51
C GLU ZA 171 15.21 17.33 68.24
N ARG ZA 172 15.25 16.01 68.10
CA ARG ZA 172 16.51 15.32 67.88
C ARG ZA 172 16.99 15.49 66.45
N ARG ZA 173 16.12 15.92 65.54
CA ARG ZA 173 16.54 16.23 64.19
C ARG ZA 173 17.34 17.52 64.17
N TYR ZA 175 18.97 18.53 67.22
CA TYR ZA 175 20.00 18.35 68.22
C TYR ZA 175 20.25 16.88 68.50
N PRO ZA 176 20.91 16.20 67.57
CA PRO ZA 176 21.03 14.73 67.69
C PRO ZA 176 21.75 14.28 68.94
N GLY ZA 177 22.79 14.98 69.37
CA GLY ZA 177 23.55 14.51 70.52
C GLY ZA 177 24.21 13.18 70.22
N GLY ZA 178 24.38 12.39 71.28
CA GLY ZA 178 25.02 11.10 71.12
C GLY ZA 178 26.46 11.26 70.65
N ALA ZA 179 26.77 10.67 69.50
CA ALA ZA 179 28.12 10.77 68.94
C ALA ZA 179 28.45 12.18 68.51
N PHE ZA 180 27.45 13.03 68.29
CA PHE ZA 180 27.67 14.41 67.90
C PHE ZA 180 27.77 15.36 69.08
N ASP ZA 181 27.67 14.85 70.30
CA ASP ZA 181 27.94 15.63 71.51
C ASP ZA 181 28.85 14.80 72.41
N PRO ZA 182 30.08 14.54 71.97
CA PRO ZA 182 30.98 13.71 72.79
C PRO ZA 182 31.31 14.33 74.14
N LEU ZA 183 31.41 15.66 74.22
CA LEU ZA 183 31.77 16.30 75.47
C LEU ZA 183 30.58 16.53 76.39
N ASN ZA 184 29.37 16.19 75.96
CA ASN ZA 184 28.15 16.32 76.76
C ASN ZA 184 28.02 17.75 77.30
N LEU ZA 185 28.10 18.71 76.39
CA LEU ZA 185 27.99 20.11 76.77
C LEU ZA 185 26.54 20.57 76.89
N ALA ZA 186 25.66 20.11 76.00
CA ALA ZA 186 24.27 20.53 76.01
C ALA ZA 186 23.37 19.32 75.75
N SER ZA 187 23.66 18.21 76.42
CA SER ZA 187 22.84 17.00 76.32
C SER ZA 187 21.81 16.90 77.42
N ASP ZA 188 21.63 17.96 78.21
CA ASP ZA 188 20.69 17.99 79.31
C ASP ZA 188 19.61 19.03 79.04
N ASP ZA 189 18.78 19.30 80.05
CA ASP ZA 189 17.74 20.31 79.95
C ASP ZA 189 18.05 21.54 80.80
N SER ZA 190 19.28 21.68 81.26
CA SER ZA 190 19.64 22.80 82.11
C SER ZA 190 19.58 24.11 81.33
N GLU ZA 191 19.72 25.22 82.06
CA GLU ZA 191 19.79 26.52 81.42
C GLU ZA 191 21.05 26.67 80.58
N ARG ZA 192 22.12 25.94 80.94
CA ARG ZA 192 23.32 25.95 80.12
C ARG ZA 192 23.04 25.42 78.74
N THR ZA 193 22.20 24.39 78.64
CA THR ZA 193 21.79 23.90 77.33
C THR ZA 193 21.03 24.96 76.56
N GLN ZA 194 20.14 25.67 77.25
CA GLN ZA 194 19.34 26.74 76.59
C GLN ZA 194 20.29 27.85 76.12
N LYS ZA 195 21.20 28.29 76.98
CA LYS ZA 195 22.14 29.39 76.63
C LYS ZA 195 23.03 28.95 75.46
N LEU ZA 196 23.54 27.71 75.51
CA LEU ZA 196 24.41 27.21 74.42
C LEU ZA 196 23.61 27.19 73.10
N ARG ZA 197 22.35 26.75 73.14
CA ARG ZA 197 21.54 26.74 71.93
C ARG ZA 197 21.25 28.15 71.45
N GLU ZA 198 21.08 29.09 72.38
CA GLU ZA 198 20.94 30.49 72.00
C GLU ZA 198 22.20 31.01 71.32
N ALA ZA 199 23.37 30.58 71.80
CA ALA ZA 199 24.62 31.00 71.17
C ALA ZA 199 24.76 30.40 69.78
N GLU ZA 200 24.25 29.18 69.58
CA GLU ZA 200 24.43 28.53 68.29
C GLU ZA 200 23.62 29.23 67.20
N ILE ZA 201 22.35 29.53 67.47
CA ILE ZA 201 21.52 30.16 66.44
C ILE ZA 201 22.02 31.57 66.13
N LYS ZA 202 22.54 32.28 67.13
CA LYS ZA 202 23.07 33.60 66.87
C LYS ZA 202 24.31 33.54 65.98
N HIS ZA 203 25.25 32.66 66.31
CA HIS ZA 203 26.37 32.45 65.41
C HIS ZA 203 25.89 31.91 64.07
N ALA ZA 204 24.79 31.17 64.07
CA ALA ZA 204 24.27 30.61 62.82
C ALA ZA 204 23.65 31.70 61.94
N ARG ZA 205 22.81 32.56 62.53
CA ARG ZA 205 22.21 33.63 61.76
C ARG ZA 205 23.25 34.62 61.29
N LEU ZA 206 24.27 34.89 62.12
CA LEU ZA 206 25.35 35.76 61.71
C LEU ZA 206 26.07 35.19 60.49
N ALA ZA 207 26.36 33.89 60.53
CA ALA ZA 207 27.07 33.26 59.43
C ALA ZA 207 26.26 33.27 58.14
N MET ZA 208 24.95 33.06 58.26
CA MET ZA 208 24.09 33.07 57.08
C MET ZA 208 24.11 34.44 56.41
N VAL ZA 209 23.94 35.49 57.20
CA VAL ZA 209 24.02 36.84 56.65
C VAL ZA 209 25.43 37.13 56.16
N SER ZA 210 26.43 36.71 56.91
CA SER ZA 210 27.82 36.98 56.54
C SER ZA 210 28.18 36.31 55.23
N PHE ZA 211 27.80 35.06 55.04
CA PHE ZA 211 28.13 34.39 53.78
C PHE ZA 211 27.32 34.97 52.64
N LEU ZA 212 26.10 35.46 52.91
CA LEU ZA 212 25.38 36.23 51.92
C LEU ZA 212 26.19 37.47 51.54
N GLY ZA 213 26.94 38.01 52.49
CA GLY ZA 213 27.86 39.09 52.17
C GLY ZA 213 28.98 38.65 51.26
N TYR ZA 214 29.55 37.47 51.52
CA TYR ZA 214 30.64 36.97 50.70
C TYR ZA 214 30.23 36.89 49.24
N THR ZA 215 29.08 36.29 48.97
CA THR ZA 215 28.70 36.02 47.59
C THR ZA 215 28.27 37.29 46.88
N VAL ZA 216 27.61 38.20 47.59
CA VAL ZA 216 27.22 39.47 46.98
C VAL ZA 216 28.44 40.34 46.73
N GLN ZA 217 29.39 40.35 47.66
CA GLN ZA 217 30.62 41.11 47.45
C GLN ZA 217 31.44 40.55 46.31
N ALA ZA 218 31.43 39.22 46.15
CA ALA ZA 218 32.15 38.61 45.04
C ALA ZA 218 31.47 38.92 43.71
N TRP ZA 219 30.14 39.02 43.72
CA TRP ZA 219 29.43 39.42 42.51
C TRP ZA 219 29.74 40.86 42.13
N TYR ZA 220 29.72 41.76 43.11
CA TYR ZA 220 29.88 43.19 42.83
C TYR ZA 220 31.35 43.55 42.68
N THR ZA 221 32.13 43.35 43.74
CA THR ZA 221 33.52 43.80 43.73
C THR ZA 221 34.40 42.86 42.91
N GLY ZA 222 34.07 41.58 42.90
CA GLY ZA 222 34.86 40.59 42.20
C GLY ZA 222 35.82 39.81 43.07
N GLU ZA 223 36.13 40.31 44.26
CA GLU ZA 223 37.08 39.67 45.15
C GLU ZA 223 36.37 38.77 46.16
N GLY ZA 224 37.17 37.98 46.87
CA GLY ZA 224 36.66 37.11 47.91
C GLY ZA 224 36.52 37.85 49.23
N ALA ZA 225 36.49 37.09 50.32
CA ALA ZA 225 36.32 37.70 51.65
C ALA ZA 225 37.53 38.59 51.98
N LEU ZA 226 38.71 37.99 52.12
CA LEU ZA 226 39.93 38.76 52.46
C LEU ZA 226 40.17 39.83 51.39
N GLY ZA 227 39.92 39.48 50.12
CA GLY ZA 227 40.13 40.44 49.02
C GLY ZA 227 39.24 41.66 49.16
N SER ZA 228 37.95 41.45 49.46
CA SER ZA 228 37.00 42.58 49.65
C SER ZA 228 37.51 43.45 50.81
N LEU ZA 229 37.99 42.82 51.87
CA LEU ZA 229 38.48 43.57 53.06
C LEU ZA 229 39.64 44.48 52.63
N ASN ZA 230 40.61 43.92 51.91
CA ASN ZA 230 41.81 44.70 51.49
C ASN ZA 230 41.37 45.82 50.53
N LYS ZA 231 40.49 45.49 49.58
CA LYS ZA 231 40.04 46.50 48.58
C LYS ZA 231 39.40 47.68 49.30
N PHE ZA 232 38.54 47.39 50.29
CA PHE ZA 232 37.83 48.48 51.02
C PHE ZA 232 38.85 49.35 51.74
N ALA ZA 233 39.84 48.74 52.40
CA ALA ZA 233 40.85 49.51 53.15
C ALA ZA 233 41.62 50.41 52.18
N ASN ZA 234 41.98 49.89 51.02
CA ASN ZA 234 42.76 50.68 50.02
C ASN ZA 234 41.86 51.74 49.39
N GLY ZA 235 40.55 51.47 49.30
CA GLY ZA 235 39.62 52.41 48.64
C GLY ZA 235 39.62 53.79 49.26
N PHE ZA 236 40.11 53.91 50.51
CA PHE ZA 236 40.09 55.19 51.20
C PHE ZA 236 41.15 56.13 50.66
N VAL AB 1 -95.05 34.24 -36.18
CA VAL AB 1 -95.07 35.16 -37.35
C VAL AB 1 -94.76 36.59 -36.85
N SER AB 2 -93.81 37.26 -37.49
CA SER AB 2 -93.42 38.64 -37.06
C SER AB 2 -92.71 39.36 -38.22
N ARG AB 3 -92.73 40.69 -38.21
CA ARG AB 3 -91.98 41.47 -39.24
C ARG AB 3 -90.60 41.80 -38.65
N SER AB 4 -90.38 41.44 -37.38
CA SER AB 4 -89.11 41.70 -36.73
C SER AB 4 -88.34 40.41 -36.53
N GLY AB 5 -87.04 40.52 -36.35
CA GLY AB 5 -86.21 39.36 -36.11
C GLY AB 5 -84.77 39.76 -35.91
N GLY AB 6 -83.98 38.79 -35.46
CA GLY AB 6 -82.56 39.02 -35.24
C GLY AB 6 -81.76 38.97 -36.52
N TRP AB 7 -80.49 39.36 -36.40
CA TRP AB 7 -79.59 39.42 -37.54
C TRP AB 7 -78.54 38.33 -37.54
N LEU AB 8 -78.38 37.63 -36.41
CA LEU AB 8 -77.29 36.62 -36.32
C LEU AB 8 -77.87 35.26 -35.93
N GLY AB 9 -79.05 34.92 -36.43
CA GLY AB 9 -79.61 33.58 -36.18
C GLY AB 9 -80.78 33.58 -35.21
N SER AB 10 -81.16 32.41 -34.72
CA SER AB 10 -82.32 32.28 -33.80
C SER AB 10 -82.01 32.98 -32.47
N ASP AB 11 -83.04 33.55 -31.84
CA ASP AB 11 -82.86 34.23 -30.53
C ASP AB 11 -81.70 35.24 -30.63
N SER AB 12 -81.74 36.13 -31.63
CA SER AB 12 -80.70 37.16 -31.78
C SER AB 12 -81.32 38.54 -31.57
N GLN AB 13 -82.65 38.63 -31.50
CA GLN AB 13 -83.34 39.94 -31.35
C GLN AB 13 -83.38 40.31 -29.87
N ASN AB 14 -82.23 40.64 -29.29
CA ASN AB 14 -82.16 41.00 -27.87
C ASN AB 14 -82.03 42.51 -27.79
N ILE AB 15 -83.18 43.20 -27.72
CA ILE AB 15 -83.18 44.69 -27.64
C ILE AB 15 -83.34 45.10 -26.17
N ASN AB 16 -82.28 45.63 -25.56
CA ASN AB 16 -82.37 46.10 -24.14
C ASN AB 16 -82.71 47.59 -24.14
N LEU AB 17 -84.00 47.92 -24.01
CA LEU AB 17 -84.43 49.34 -24.00
C LEU AB 17 -84.09 49.97 -22.65
N ASP AB 18 -83.73 49.15 -21.67
CA ASP AB 18 -83.39 49.67 -20.31
C ASP AB 18 -82.11 50.51 -20.37
N LYS AB 19 -81.17 50.12 -21.24
CA LYS AB 19 -79.89 50.85 -21.36
C LYS AB 19 -80.13 52.27 -21.88
N TRP AB 20 -81.20 52.46 -22.67
CA TRP AB 20 -81.43 53.79 -23.31
C TRP AB 20 -82.63 54.50 -22.67
N TYR AB 21 -83.51 53.76 -21.99
CA TYR AB 21 -84.73 54.35 -21.40
C TYR AB 21 -84.86 53.94 -19.93
N GLY AB 22 -85.40 54.82 -19.09
CA GLY AB 22 -85.64 54.46 -17.68
C GLY AB 22 -84.53 54.91 -16.76
N PRO AB 23 -84.56 54.55 -15.46
CA PRO AB 23 -83.56 55.02 -14.50
C PRO AB 23 -82.13 54.49 -14.76
N ASP AB 24 -82.02 53.28 -15.31
CA ASP AB 24 -80.67 52.68 -15.51
C ASP AB 24 -80.10 53.09 -16.87
N ARG AB 25 -80.72 54.09 -17.52
CA ARG AB 25 -80.24 54.55 -18.84
C ARG AB 25 -78.81 55.07 -18.72
N VAL AB 26 -78.03 54.98 -19.80
CA VAL AB 26 -76.62 55.47 -19.79
C VAL AB 26 -76.63 57.00 -19.68
N LEU AB 27 -75.62 57.58 -19.03
CA LEU AB 27 -75.53 59.02 -18.89
C LEU AB 27 -74.25 59.53 -19.55
N TYR AB 28 -74.20 60.84 -19.78
CA TYR AB 28 -73.08 61.43 -20.50
C TYR AB 28 -71.79 61.40 -19.72
N LEU AB 29 -71.84 61.11 -18.42
CA LEU AB 29 -70.70 60.88 -17.56
C LEU AB 29 -70.88 59.55 -16.83
N PRO AB 30 -69.80 58.86 -16.51
CA PRO AB 30 -69.93 57.54 -15.88
C PRO AB 30 -70.45 57.65 -14.46
N GLY AB 31 -70.76 56.49 -13.87
CA GLY AB 31 -71.34 56.47 -12.54
C GLY AB 31 -70.45 57.06 -11.47
N GLY AB 32 -69.14 56.91 -11.62
CA GLY AB 32 -68.22 57.43 -10.62
C GLY AB 32 -68.05 58.94 -10.63
N LEU AB 33 -68.47 59.60 -11.71
CA LEU AB 33 -68.37 61.04 -11.82
C LEU AB 33 -69.69 61.76 -11.64
N LEU AB 34 -70.79 61.14 -12.03
CA LEU AB 34 -72.09 61.80 -12.07
C LEU AB 34 -73.11 60.86 -11.45
N ALA AB 35 -73.58 61.21 -10.25
CA ALA AB 35 -74.62 60.43 -9.60
C ALA AB 35 -75.95 60.66 -10.27
N ARG AB 36 -76.84 59.68 -10.11
CA ARG AB 36 -78.11 59.71 -10.83
C ARG AB 36 -79.12 60.68 -10.24
N ASP AB 37 -78.82 61.31 -9.12
CA ASP AB 37 -79.70 62.32 -8.55
C ASP AB 37 -79.30 63.74 -8.94
N GLU AB 38 -78.30 63.91 -9.79
CA GLU AB 38 -77.89 65.24 -10.25
C GLU AB 38 -78.48 65.62 -11.60
N ILE AB 39 -79.10 64.66 -12.31
CA ILE AB 39 -79.70 64.97 -13.59
C ILE AB 39 -80.90 65.88 -13.39
N ASN AB 40 -81.13 66.76 -14.38
CA ASN AB 40 -82.31 67.60 -14.38
C ASN AB 40 -83.56 66.74 -14.29
N PRO AB 41 -84.49 67.05 -13.39
CA PRO AB 41 -85.68 66.19 -13.24
C PRO AB 41 -86.53 66.05 -14.50
N VAL AB 42 -86.54 67.05 -15.38
CA VAL AB 42 -87.37 66.96 -16.58
C VAL AB 42 -86.85 65.85 -17.50
N LEU AB 43 -85.57 65.53 -17.39
CA LEU AB 43 -85.00 64.42 -18.16
C LEU AB 43 -85.19 63.14 -17.36
N ASN AB 44 -86.36 62.53 -17.49
CA ASN AB 44 -86.72 61.37 -16.70
C ASN AB 44 -86.49 60.04 -17.41
N GLY AB 45 -85.96 60.07 -18.63
CA GLY AB 45 -85.64 58.83 -19.32
C GLY AB 45 -86.77 58.27 -20.13
N THR AB 46 -87.54 59.13 -20.79
CA THR AB 46 -88.60 58.69 -21.69
C THR AB 46 -88.37 59.08 -23.13
N LEU AB 47 -87.58 60.11 -23.40
CA LEU AB 47 -87.30 60.48 -24.77
C LEU AB 47 -86.03 59.77 -25.26
N PRO AB 48 -85.96 59.44 -26.54
CA PRO AB 48 -84.77 58.76 -27.06
C PRO AB 48 -83.53 59.62 -26.88
N GLY AB 49 -82.42 58.96 -26.52
CA GLY AB 49 -81.18 59.66 -26.32
C GLY AB 49 -81.10 60.51 -25.08
N ASP AB 50 -81.90 60.19 -24.06
CA ASP AB 50 -81.85 60.91 -22.79
C ASP AB 50 -80.63 60.43 -22.02
N TYR AB 51 -79.51 61.11 -22.24
CA TYR AB 51 -78.30 60.86 -21.47
C TYR AB 51 -78.24 61.69 -20.20
N GLY AB 52 -79.28 62.48 -19.92
CA GLY AB 52 -79.24 63.36 -18.78
C GLY AB 52 -78.35 64.55 -18.98
N TYR AB 53 -78.00 64.87 -20.22
CA TYR AB 53 -77.06 65.95 -20.51
C TYR AB 53 -77.83 67.21 -20.82
N ASP AB 54 -77.89 68.11 -19.83
CA ASP AB 54 -78.36 69.47 -20.05
C ASP AB 54 -77.78 70.39 -18.98
N PRO AB 55 -76.51 70.72 -19.08
CA PRO AB 55 -75.98 71.83 -18.29
C PRO AB 55 -76.66 73.11 -18.76
N LEU AB 56 -76.64 74.12 -17.90
CA LEU AB 56 -77.29 75.41 -18.12
C LEU AB 56 -78.80 75.29 -17.97
N GLY AB 57 -79.34 74.09 -17.80
CA GLY AB 57 -80.76 73.90 -17.58
C GLY AB 57 -81.63 74.50 -18.66
N LEU AB 58 -81.21 74.32 -19.93
CA LEU AB 58 -81.92 74.94 -21.03
C LEU AB 58 -83.36 74.46 -21.16
N ALA AB 59 -83.67 73.30 -20.59
CA ALA AB 59 -85.04 72.80 -20.53
C ALA AB 59 -85.51 72.82 -19.09
N LYS AB 60 -86.56 73.59 -18.81
CA LYS AB 60 -87.12 73.69 -17.47
C LYS AB 60 -88.51 73.11 -17.34
N ASP AB 61 -89.21 72.87 -18.44
CA ASP AB 61 -90.57 72.36 -18.42
C ASP AB 61 -90.67 71.15 -19.32
N ALA AB 62 -91.66 70.30 -19.04
CA ALA AB 62 -91.96 69.19 -19.95
C ALA AB 62 -92.39 69.72 -21.31
N GLU AB 63 -93.15 70.81 -21.33
CA GLU AB 63 -93.52 71.44 -22.59
C GLU AB 63 -92.30 71.98 -23.32
N THR AB 64 -91.37 72.59 -22.58
CA THR AB 64 -90.17 73.14 -23.19
C THR AB 64 -89.30 72.04 -23.79
N LEU AB 65 -89.18 70.91 -23.08
CA LEU AB 65 -88.41 69.79 -23.59
C LEU AB 65 -89.01 69.24 -24.88
N ALA AB 66 -90.34 69.13 -24.93
CA ALA AB 66 -91.00 68.66 -26.14
C ALA AB 66 -90.76 69.62 -27.30
N LYS AB 67 -90.82 70.92 -27.04
CA LYS AB 67 -90.55 71.91 -28.08
C LYS AB 67 -89.12 71.81 -28.58
N TYR AB 68 -88.16 71.67 -27.67
CA TYR AB 68 -86.76 71.63 -28.07
C TYR AB 68 -86.42 70.33 -28.77
N ARG AB 69 -87.06 69.23 -28.39
CA ARG AB 69 -86.83 67.96 -29.08
C ARG AB 69 -87.32 68.05 -30.52
N ALA AB 70 -88.41 68.78 -30.76
CA ALA AB 70 -88.85 68.99 -32.13
C ALA AB 70 -87.78 69.69 -32.96
N ASN AB 71 -87.10 70.66 -32.36
CA ASN AB 71 -86.00 71.32 -33.05
C ASN AB 71 -84.81 70.39 -33.20
N GLU AB 72 -84.51 69.61 -32.17
CA GLU AB 72 -83.37 68.70 -32.23
C GLU AB 72 -83.56 67.65 -33.32
N LEU AB 73 -84.76 67.07 -33.39
CA LEU AB 73 -85.01 66.00 -34.34
C LEU AB 73 -84.90 66.50 -35.78
N LEU AB 74 -85.40 67.71 -36.02
CA LEU AB 74 -85.34 68.26 -37.38
C LEU AB 74 -83.93 68.71 -37.74
N HIS AB 75 -83.25 69.39 -36.81
CA HIS AB 75 -81.85 69.74 -37.05
C HIS AB 75 -81.03 68.48 -37.29
N ALA AB 76 -81.37 67.39 -36.60
CA ALA AB 76 -80.62 66.14 -36.76
C ALA AB 76 -80.90 65.50 -38.11
N ARG AB 77 -82.17 65.39 -38.50
CA ARG AB 77 -82.52 64.73 -39.74
C ARG AB 77 -81.98 65.49 -40.94
N TRP AB 78 -82.03 66.82 -40.89
CA TRP AB 78 -81.44 67.61 -41.97
C TRP AB 78 -79.92 67.46 -41.99
N ALA AB 79 -79.30 67.37 -40.81
CA ALA AB 79 -77.85 67.19 -40.75
C ALA AB 79 -77.44 65.84 -41.33
N MET AB 80 -78.23 64.80 -41.06
CA MET AB 80 -77.91 63.47 -41.58
C MET AB 80 -77.96 63.46 -43.11
N LEU AB 81 -78.96 64.13 -43.67
CA LEU AB 81 -79.07 64.23 -45.15
C LEU AB 81 -77.89 65.06 -45.67
N ALA AB 82 -77.62 66.20 -45.04
CA ALA AB 82 -76.53 67.09 -45.50
C ALA AB 82 -75.18 66.39 -45.37
N ALA AB 83 -74.87 65.84 -44.19
CA ALA AB 83 -73.57 65.19 -43.97
C ALA AB 83 -73.27 64.24 -45.14
N ALA AB 84 -74.21 63.33 -45.44
CA ALA AB 84 -74.02 62.41 -46.54
C ALA AB 84 -73.95 63.16 -47.88
N GLY AB 85 -74.82 64.15 -48.06
CA GLY AB 85 -74.88 64.84 -49.33
C GLY AB 85 -73.78 65.86 -49.55
N ALA AB 86 -73.01 66.18 -48.52
CA ALA AB 86 -71.92 67.14 -48.66
C ALA AB 86 -70.60 66.49 -49.02
N ILE AB 87 -70.42 65.21 -48.71
CA ILE AB 87 -69.14 64.55 -48.91
C ILE AB 87 -69.21 63.51 -50.01
N ILE AB 88 -70.37 62.92 -50.25
CA ILE AB 88 -70.50 61.86 -51.26
C ILE AB 88 -70.21 62.41 -52.66
N PRO AB 89 -70.80 63.53 -53.09
CA PRO AB 89 -70.42 64.07 -54.41
C PRO AB 89 -68.95 64.41 -54.53
N GLU AB 90 -68.33 64.93 -53.46
CA GLU AB 90 -66.91 65.28 -53.54
C GLU AB 90 -66.04 64.04 -53.62
N GLY AB 91 -66.43 62.98 -52.92
CA GLY AB 91 -65.71 61.73 -53.02
C GLY AB 91 -65.78 61.15 -54.43
N LEU AB 92 -66.92 61.31 -55.09
CA LEU AB 92 -67.06 60.83 -56.46
C LEU AB 92 -66.10 61.56 -57.39
N ALA AB 93 -66.08 62.88 -57.32
CA ALA AB 93 -65.24 63.67 -58.22
C ALA AB 93 -63.77 63.36 -57.99
N ALA AB 94 -63.36 63.18 -56.74
CA ALA AB 94 -61.97 62.89 -56.45
C ALA AB 94 -61.54 61.53 -56.96
N ASN AB 95 -62.49 60.65 -57.26
CA ASN AB 95 -62.18 59.31 -57.75
C ASN AB 95 -62.39 59.16 -59.25
N GLY AB 96 -62.73 60.24 -59.95
CA GLY AB 96 -62.83 60.23 -61.39
C GLY AB 96 -64.21 60.56 -61.94
N ALA AB 97 -65.23 60.62 -61.11
CA ALA AB 97 -66.57 60.93 -61.59
C ALA AB 97 -66.61 62.37 -62.11
N ASP AB 98 -67.53 62.61 -63.05
CA ASP AB 98 -67.72 63.95 -63.61
C ASP AB 98 -68.80 64.68 -62.83
N VAL AB 99 -68.42 65.13 -61.64
CA VAL AB 99 -69.31 65.92 -60.79
C VAL AB 99 -68.89 67.37 -60.90
N LYS AB 100 -69.82 68.23 -61.30
CA LYS AB 100 -69.55 69.65 -61.41
C LYS AB 100 -69.87 70.35 -60.10
N GLY AB 101 -68.91 71.09 -59.57
CA GLY AB 101 -69.05 71.70 -58.26
C GLY AB 101 -69.16 70.66 -57.17
N ALA AB 102 -68.08 69.90 -56.96
CA ALA AB 102 -68.16 68.77 -56.03
C ALA AB 102 -68.25 69.24 -54.58
N THR AB 103 -67.40 70.20 -54.20
CA THR AB 103 -67.38 70.70 -52.80
C THR AB 103 -68.72 71.35 -52.46
N TRP AB 104 -69.28 71.01 -51.30
CA TRP AB 104 -70.62 71.54 -50.91
C TRP AB 104 -70.56 73.07 -50.82
N PHE AB 105 -69.50 73.62 -50.23
CA PHE AB 105 -69.41 75.09 -50.04
C PHE AB 105 -69.15 75.77 -51.38
N GLU AB 106 -69.18 75.01 -52.49
CA GLU AB 106 -69.00 75.61 -53.80
C GLU AB 106 -70.03 75.16 -54.82
N THR AB 107 -71.08 74.46 -54.40
CA THR AB 107 -72.11 74.03 -55.35
C THR AB 107 -72.98 75.20 -55.78
N GLY AB 108 -73.14 76.19 -54.92
CA GLY AB 108 -73.98 77.33 -55.28
C GLY AB 108 -73.42 78.13 -56.44
N ALA AB 109 -72.12 78.42 -56.41
CA ALA AB 109 -71.51 79.19 -57.48
C ALA AB 109 -71.49 78.41 -58.79
N ALA AB 110 -71.52 77.08 -58.72
CA ALA AB 110 -71.53 76.28 -59.94
C ALA AB 110 -72.78 76.52 -60.77
N MET AB 111 -73.85 76.99 -60.16
CA MET AB 111 -75.08 77.31 -60.88
C MET AB 111 -75.13 78.76 -61.35
N LEU AB 112 -74.14 79.57 -60.98
CA LEU AB 112 -74.09 80.96 -61.42
C LEU AB 112 -73.76 81.04 -62.90
N ASN AB 113 -74.17 82.16 -63.51
CA ASN AB 113 -73.90 82.43 -64.93
C ASN AB 113 -74.43 81.30 -65.81
N GLY AB 114 -75.62 80.81 -65.47
CA GLY AB 114 -76.22 79.73 -66.22
C GLY AB 114 -75.53 78.39 -66.08
N GLY AB 115 -74.71 78.22 -65.04
CA GLY AB 115 -74.04 76.95 -64.86
C GLY AB 115 -75.03 75.85 -64.52
N THR AB 116 -74.76 74.64 -65.01
CA THR AB 116 -75.63 73.50 -64.81
C THR AB 116 -74.93 72.42 -64.01
N LEU AB 117 -75.71 71.69 -63.24
CA LEU AB 117 -75.22 70.62 -62.39
C LEU AB 117 -75.59 69.27 -62.97
N ASN AB 118 -74.74 68.28 -62.73
CA ASN AB 118 -74.94 66.91 -63.19
C ASN AB 118 -75.33 66.05 -62.00
N TRP AB 119 -76.60 65.68 -61.93
CA TRP AB 119 -77.03 64.77 -60.89
C TRP AB 119 -76.62 63.34 -61.25
N PHE AB 120 -75.96 62.67 -60.32
CA PHE AB 120 -75.39 61.36 -60.53
C PHE AB 120 -76.24 60.32 -59.80
N ALA AB 121 -77.00 59.53 -60.56
CA ALA AB 121 -77.61 58.34 -59.99
C ALA AB 121 -76.53 57.28 -59.88
N VAL AB 122 -75.66 57.43 -58.87
CA VAL AB 122 -74.35 56.80 -58.81
C VAL AB 122 -74.33 55.35 -59.29
N PRO AB 123 -75.26 54.49 -58.89
CA PRO AB 123 -75.24 53.13 -59.42
C PRO AB 123 -75.34 53.06 -60.94
N PHE AB 124 -75.74 54.15 -61.60
CA PHE AB 124 -76.09 54.13 -63.02
C PHE AB 124 -75.77 55.47 -63.67
N VAL AB 125 -76.42 55.74 -64.81
CA VAL AB 125 -76.09 56.89 -65.64
C VAL AB 125 -76.05 58.18 -64.82
N ASN AB 126 -75.25 59.14 -65.30
CA ASN AB 126 -75.03 60.43 -64.66
C ASN AB 126 -75.77 61.49 -65.47
N PHE AB 127 -76.95 61.87 -64.98
CA PHE AB 127 -77.80 62.81 -65.71
C PHE AB 127 -77.14 64.18 -65.77
N ASN AB 128 -77.36 64.88 -66.89
CA ASN AB 128 -76.93 66.27 -67.04
C ASN AB 128 -78.16 67.14 -66.83
N ASN AB 129 -78.42 67.47 -65.56
CA ASN AB 129 -79.61 68.19 -65.18
C ASN AB 129 -79.62 69.58 -65.82
N PRO AB 130 -80.56 69.88 -66.75
CA PRO AB 130 -80.56 71.16 -67.45
C PRO AB 130 -81.46 72.21 -66.78
N LEU AB 131 -81.72 72.05 -65.48
CA LEU AB 131 -82.63 72.98 -64.76
C LEU AB 131 -81.87 74.27 -64.44
N PRO AB 132 -82.32 75.44 -64.93
CA PRO AB 132 -81.63 76.71 -64.69
C PRO AB 132 -81.66 77.12 -63.21
N LEU AB 133 -80.76 78.02 -62.81
CA LEU AB 133 -80.69 78.43 -61.41
C LEU AB 133 -81.99 79.07 -60.94
N PHE AB 134 -82.56 79.94 -61.78
CA PHE AB 134 -83.87 80.55 -61.42
C PHE AB 134 -84.89 79.44 -61.22
N ALA AB 135 -84.95 78.49 -62.16
CA ALA AB 135 -85.92 77.39 -62.06
C ALA AB 135 -85.64 76.56 -60.81
N VAL AB 136 -84.37 76.23 -60.56
CA VAL AB 136 -84.00 75.41 -59.37
C VAL AB 136 -84.49 76.13 -58.12
N VAL AB 137 -84.22 77.43 -58.00
CA VAL AB 137 -84.61 78.18 -56.78
C VAL AB 137 -86.13 78.12 -56.63
N ALA AB 138 -86.86 78.46 -57.69
CA ALA AB 138 -88.34 78.48 -57.62
C ALA AB 138 -88.85 77.09 -57.23
N ILE AB 139 -88.39 76.05 -57.92
CA ILE AB 139 -88.89 74.68 -57.65
C ILE AB 139 -88.56 74.28 -56.21
N ASN AB 140 -87.30 74.43 -55.81
CA ASN AB 140 -86.89 73.97 -54.46
C ASN AB 140 -87.72 74.72 -53.40
N VAL AB 141 -87.83 76.04 -53.54
CA VAL AB 141 -88.59 76.86 -52.54
C VAL AB 141 -90.05 76.39 -52.52
N ALA AB 142 -90.67 76.28 -53.69
CA ALA AB 142 -92.10 75.88 -53.76
C ALA AB 142 -92.28 74.50 -53.16
N LEU AB 143 -91.45 73.54 -53.56
CA LEU AB 143 -91.59 72.14 -53.06
C LEU AB 143 -91.37 72.13 -51.54
N MET AB 144 -90.38 72.88 -51.06
CA MET AB 144 -90.06 72.89 -49.62
C MET AB 144 -91.14 73.65 -48.84
N ALA AB 145 -91.47 74.87 -49.27
CA ALA AB 145 -92.46 75.64 -48.54
C ALA AB 145 -93.74 74.85 -48.36
N ALA AB 146 -94.18 74.16 -49.41
CA ALA AB 146 -95.38 73.33 -49.29
C ALA AB 146 -95.16 72.21 -48.28
N ALA AB 147 -94.01 71.55 -48.35
CA ALA AB 147 -93.74 70.41 -47.47
C ALA AB 147 -93.71 70.86 -46.01
N GLU AB 148 -93.05 71.96 -45.72
CA GLU AB 148 -92.96 72.44 -44.34
C GLU AB 148 -94.31 72.94 -43.83
N ASN AB 149 -95.05 73.66 -44.68
CA ASN AB 149 -96.35 74.17 -44.26
C ASN AB 149 -97.32 73.03 -43.96
N TYR AB 150 -97.26 71.96 -44.74
CA TYR AB 150 -98.08 70.79 -44.43
C TYR AB 150 -97.69 70.22 -43.07
N ARG AB 151 -96.39 70.20 -42.77
CA ARG AB 151 -95.96 69.72 -41.46
C ARG AB 151 -96.45 70.63 -40.35
N ARG AB 152 -96.38 71.95 -40.55
CA ARG AB 152 -96.85 72.87 -39.52
C ARG AB 152 -98.35 72.75 -39.31
N THR AB 153 -99.11 72.62 -40.39
CA THR AB 153 -100.56 72.47 -40.27
C THR AB 153 -100.99 71.04 -39.95
N GLU AB 154 -100.08 70.08 -40.06
CA GLU AB 154 -100.35 68.68 -39.75
C GLU AB 154 -101.49 68.12 -40.60
N ASP AB 155 -101.60 68.59 -41.84
CA ASP AB 155 -102.63 68.11 -42.76
C ASP AB 155 -102.25 68.49 -44.18
N GLY AB 156 -102.31 67.54 -45.10
CA GLY AB 156 -101.90 67.77 -46.47
C GLY AB 156 -102.82 67.11 -47.49
N PRO AB 157 -102.39 67.11 -48.74
CA PRO AB 157 -103.22 66.53 -49.81
C PRO AB 157 -103.19 65.00 -49.78
N ALA AB 158 -104.26 64.43 -50.33
CA ALA AB 158 -104.30 62.98 -50.50
C ALA AB 158 -103.34 62.56 -51.61
N GLY AB 159 -102.89 61.32 -51.53
CA GLY AB 159 -101.94 60.84 -52.50
C GLY AB 159 -101.60 59.39 -52.31
N TYR AB 160 -100.44 58.99 -52.84
CA TYR AB 160 -100.01 57.61 -52.84
C TYR AB 160 -98.65 57.47 -52.18
N ALA AB 161 -98.54 56.47 -51.31
CA ALA AB 161 -97.28 56.04 -50.71
C ALA AB 161 -97.24 54.51 -50.76
N PRO AB 162 -96.07 53.91 -50.97
CA PRO AB 162 -96.02 52.44 -51.14
C PRO AB 162 -96.56 51.65 -49.96
N GLY AB 163 -96.30 52.10 -48.73
CA GLY AB 163 -96.72 51.34 -47.58
C GLY AB 163 -98.23 51.29 -47.41
N VAL AB 164 -98.89 52.44 -47.58
CA VAL AB 164 -100.32 52.53 -47.38
C VAL AB 164 -101.10 52.47 -48.68
N GLY AB 165 -100.42 52.47 -49.83
CA GLY AB 165 -101.17 52.61 -51.06
C GLY AB 165 -101.74 54.00 -51.15
N LYS AB 166 -102.84 54.12 -51.90
CA LYS AB 166 -103.52 55.40 -52.00
C LYS AB 166 -104.21 55.73 -50.67
N PHE AB 167 -104.01 56.96 -50.19
CA PHE AB 167 -104.57 57.40 -48.93
C PHE AB 167 -105.31 58.71 -49.12
N ASP AB 168 -106.08 59.07 -48.10
CA ASP AB 168 -106.84 60.32 -48.08
C ASP AB 168 -106.25 61.27 -47.05
N GLU AB 169 -106.92 62.41 -46.88
CA GLU AB 169 -106.47 63.37 -45.88
C GLU AB 169 -106.74 62.91 -44.46
N SER AB 170 -107.46 61.81 -44.28
CA SER AB 170 -107.74 61.31 -42.93
C SER AB 170 -106.48 60.73 -42.29
N VAL AB 171 -105.56 60.20 -43.10
CA VAL AB 171 -104.38 59.54 -42.56
C VAL AB 171 -103.47 60.55 -41.88
N TYR AB 172 -103.55 61.84 -42.26
CA TYR AB 172 -102.70 62.83 -41.64
C TYR AB 172 -103.07 63.05 -40.18
N SER AB 173 -104.35 62.95 -39.84
CA SER AB 173 -104.76 63.10 -38.46
C SER AB 173 -104.24 61.93 -37.63
N ASN AB 174 -104.03 62.20 -36.34
CA ASN AB 174 -103.46 61.22 -35.40
C ASN AB 174 -102.08 60.76 -35.87
N MET AB 175 -101.30 61.69 -36.40
CA MET AB 175 -99.90 61.44 -36.74
C MET AB 175 -99.04 62.27 -35.80
N ASP AB 176 -98.05 61.62 -35.18
CA ASP AB 176 -97.12 62.35 -34.32
C ASP AB 176 -96.40 63.40 -35.13
N ASN AB 177 -96.31 64.61 -34.57
CA ASN AB 177 -95.70 65.71 -35.29
C ASN AB 177 -94.20 65.52 -35.51
N LEU AB 178 -93.60 64.54 -34.84
CA LEU AB 178 -92.19 64.20 -35.03
C LEU AB 178 -91.96 62.81 -35.59
N TYR AB 179 -92.89 61.87 -35.36
CA TYR AB 179 -92.77 60.49 -35.82
C TYR AB 179 -94.03 60.14 -36.60
N PRO AB 180 -94.21 60.71 -37.79
CA PRO AB 180 -95.49 60.53 -38.49
C PRO AB 180 -95.81 59.08 -38.83
N GLY AB 181 -94.88 58.38 -39.47
CA GLY AB 181 -95.19 57.02 -39.88
C GLY AB 181 -96.19 57.01 -41.02
N GLY AB 182 -96.90 55.89 -41.14
CA GLY AB 182 -97.88 55.72 -42.17
C GLY AB 182 -97.28 55.81 -43.56
N PRO AB 183 -97.65 56.85 -44.30
CA PRO AB 183 -97.02 57.05 -45.62
C PRO AB 183 -95.51 57.24 -45.52
N PHE AB 184 -95.01 57.75 -44.41
CA PHE AB 184 -93.59 57.97 -44.21
C PHE AB 184 -92.85 56.72 -43.76
N ASP AB 185 -93.54 55.60 -43.58
CA ASP AB 185 -92.92 54.33 -43.21
C ASP AB 185 -93.36 53.25 -44.18
N PRO AB 186 -92.91 53.32 -45.44
CA PRO AB 186 -93.35 52.31 -46.42
C PRO AB 186 -92.99 50.89 -46.04
N LEU AB 187 -91.82 50.68 -45.44
CA LEU AB 187 -91.36 49.34 -45.12
C LEU AB 187 -91.90 48.83 -43.80
N GLY AB 188 -92.64 49.65 -43.06
CA GLY AB 188 -93.24 49.22 -41.81
C GLY AB 188 -92.25 48.77 -40.77
N LEU AB 189 -91.16 49.52 -40.63
CA LEU AB 189 -90.15 49.20 -39.62
C LEU AB 189 -90.54 49.68 -38.24
N ALA AB 190 -91.63 50.43 -38.11
CA ALA AB 190 -92.11 50.94 -36.84
C ALA AB 190 -93.27 50.13 -36.28
N ASP AB 191 -93.53 48.94 -36.85
CA ASP AB 191 -94.67 48.15 -36.41
C ASP AB 191 -94.44 47.57 -35.02
N ASP AB 192 -93.22 47.14 -34.72
CA ASP AB 192 -92.93 46.54 -33.43
C ASP AB 192 -92.60 47.62 -32.40
N PRO AB 193 -93.38 47.74 -31.31
CA PRO AB 193 -93.13 48.80 -30.32
C PRO AB 193 -91.73 48.76 -29.72
N GLU AB 194 -91.22 47.57 -29.44
CA GLU AB 194 -89.88 47.45 -28.87
C GLU AB 194 -88.82 47.81 -29.90
N VAL AB 195 -89.02 47.40 -31.15
CA VAL AB 195 -88.05 47.71 -32.21
C VAL AB 195 -88.06 49.21 -32.49
N LEU AB 196 -89.24 49.83 -32.50
CA LEU AB 196 -89.33 51.26 -32.80
C LEU AB 196 -88.59 52.08 -31.75
N ALA AB 197 -88.74 51.72 -30.47
CA ALA AB 197 -88.06 52.44 -29.41
C ALA AB 197 -86.55 52.34 -29.58
N GLU AB 198 -86.06 51.16 -29.95
CA GLU AB 198 -84.63 51.00 -30.17
C GLU AB 198 -84.16 51.80 -31.38
N LEU AB 199 -84.95 51.80 -32.45
CA LEU AB 199 -84.55 52.51 -33.67
C LEU AB 199 -84.56 54.01 -33.46
N LYS AB 200 -85.46 54.51 -32.61
CA LYS AB 200 -85.49 55.94 -32.32
C LYS AB 200 -84.19 56.39 -31.67
N VAL AB 201 -83.63 55.57 -30.79
CA VAL AB 201 -82.35 55.90 -30.17
C VAL AB 201 -81.25 55.97 -31.22
N LYS AB 202 -81.32 55.09 -32.23
CA LYS AB 202 -80.34 55.13 -33.30
C LYS AB 202 -80.51 56.37 -34.17
N GLU AB 203 -81.74 56.86 -34.29
CA GLU AB 203 -82.00 58.00 -35.17
C GLU AB 203 -81.34 59.26 -34.64
N ILE AB 204 -81.57 59.59 -33.37
CA ILE AB 204 -80.99 60.81 -32.81
C ILE AB 204 -79.48 60.68 -32.69
N LYS AB 205 -79.00 59.49 -32.35
CA LYS AB 205 -77.56 59.31 -32.16
C LYS AB 205 -76.80 59.43 -33.47
N ASN AB 206 -77.31 58.82 -34.54
CA ASN AB 206 -76.73 59.10 -35.85
C ASN AB 206 -77.00 60.55 -36.24
N GLY AB 207 -78.14 61.09 -35.83
CA GLY AB 207 -78.44 62.49 -36.12
C GLY AB 207 -77.55 63.46 -35.39
N ARG AB 208 -77.37 63.24 -34.08
CA ARG AB 208 -76.47 64.11 -33.31
C ARG AB 208 -75.05 64.01 -33.82
N LEU AB 209 -74.63 62.81 -34.20
CA LEU AB 209 -73.27 62.64 -34.79
C LEU AB 209 -73.18 63.49 -36.06
N ALA AB 210 -74.23 63.48 -36.88
CA ALA AB 210 -74.22 64.26 -38.14
C ALA AB 210 -74.16 65.75 -37.85
N MET AB 211 -74.88 66.21 -36.82
CA MET AB 211 -74.92 67.66 -36.52
C MET AB 211 -73.51 68.14 -36.16
N VAL AB 212 -72.83 67.45 -35.24
CA VAL AB 212 -71.44 67.83 -34.86
C VAL AB 212 -70.55 67.68 -36.10
N SER AB 213 -70.82 66.67 -36.94
CA SER AB 213 -70.01 66.43 -38.15
C SER AB 213 -70.09 67.63 -39.09
N PHE AB 214 -71.30 68.13 -39.36
CA PHE AB 214 -71.46 69.26 -40.32
C PHE AB 214 -70.84 70.50 -39.72
N LEU AB 215 -70.90 70.64 -38.39
CA LEU AB 215 -70.21 71.79 -37.73
C LEU AB 215 -68.73 71.71 -38.12
N GLY AB 216 -68.16 70.50 -38.06
CA GLY AB 216 -66.76 70.32 -38.50
C GLY AB 216 -66.58 70.66 -39.97
N PHE AB 217 -67.50 70.17 -40.82
CA PHE AB 217 -67.44 70.46 -42.27
C PHE AB 217 -67.35 71.97 -42.48
N ALA AB 218 -68.18 72.73 -41.78
CA ALA AB 218 -68.19 74.21 -41.92
C ALA AB 218 -66.89 74.79 -41.38
N VAL AB 219 -66.55 74.47 -40.13
CA VAL AB 219 -65.33 75.04 -39.48
C VAL AB 219 -64.11 74.67 -40.35
N GLN AB 220 -64.06 73.43 -40.83
CA GLN AB 220 -62.91 73.01 -41.64
C GLN AB 220 -62.86 73.76 -42.96
N ALA AB 221 -64.01 73.97 -43.60
CA ALA AB 221 -64.01 74.71 -44.86
C ALA AB 221 -63.51 76.14 -44.65
N ALA AB 222 -63.83 76.74 -43.50
CA ALA AB 222 -63.37 78.09 -43.22
C ALA AB 222 -61.86 78.13 -43.02
N VAL AB 223 -61.30 77.08 -42.43
CA VAL AB 223 -59.88 77.08 -42.06
C VAL AB 223 -59.03 76.61 -43.22
N THR AB 224 -59.24 75.37 -43.67
CA THR AB 224 -58.35 74.80 -44.68
C THR AB 224 -58.75 75.23 -46.08
N GLY AB 225 -60.01 75.64 -46.27
CA GLY AB 225 -60.46 76.05 -47.58
C GLY AB 225 -60.73 74.92 -48.55
N GLU AB 226 -60.64 73.67 -48.11
CA GLU AB 226 -60.90 72.51 -48.94
C GLU AB 226 -62.17 71.81 -48.49
N GLY AB 227 -62.69 70.94 -49.34
CA GLY AB 227 -63.85 70.16 -49.02
C GLY AB 227 -63.53 69.12 -47.98
N PRO AB 228 -64.56 68.60 -47.30
CA PRO AB 228 -64.30 67.62 -46.23
C PRO AB 228 -63.60 66.37 -46.71
N TYR AB 229 -63.88 65.91 -47.94
CA TYR AB 229 -63.22 64.71 -48.44
C TYR AB 229 -61.73 64.94 -48.62
N ALA AB 230 -61.34 66.13 -49.11
CA ALA AB 230 -59.93 66.44 -49.25
C ALA AB 230 -59.22 66.44 -47.91
N ASN AB 231 -59.88 67.00 -46.89
CA ASN AB 231 -59.28 67.02 -45.56
C ASN AB 231 -59.09 65.60 -45.02
N TRP AB 232 -60.09 64.75 -45.22
CA TRP AB 232 -59.98 63.38 -44.74
C TRP AB 232 -58.92 62.60 -45.51
N SER AB 233 -58.95 62.71 -46.84
CA SER AB 233 -58.01 61.93 -47.65
C SER AB 233 -56.57 62.34 -47.39
N LYS AB 234 -56.35 63.62 -47.10
CA LYS AB 234 -54.99 64.07 -46.82
C LYS AB 234 -54.55 63.72 -45.40
N HIS AB 235 -55.47 63.76 -44.43
CA HIS AB 235 -55.14 63.29 -43.09
C HIS AB 235 -54.79 61.80 -43.12
N VAL AB 236 -55.57 61.02 -43.86
CA VAL AB 236 -55.30 59.59 -43.94
C VAL AB 236 -54.00 59.32 -44.68
N ALA AB 237 -53.71 60.10 -45.72
CA ALA AB 237 -52.47 59.89 -46.47
C ALA AB 237 -51.25 60.23 -45.62
N ASP AB 238 -51.24 61.41 -45.01
CA ASP AB 238 -50.11 61.88 -44.20
C ASP AB 238 -50.65 62.44 -42.89
N PRO AB 239 -50.91 61.59 -41.90
CA PRO AB 239 -51.56 62.08 -40.67
C PRO AB 239 -50.77 63.13 -39.92
N PHE AB 240 -49.51 62.85 -39.59
CA PHE AB 240 -48.70 63.83 -38.88
C PHE AB 240 -48.24 64.97 -39.78
N GLY AB 241 -48.37 64.83 -41.09
CA GLY AB 241 -47.97 65.89 -41.99
C GLY AB 241 -49.09 66.85 -42.33
N TYR AB 242 -50.33 66.40 -42.20
CA TYR AB 242 -51.50 67.18 -42.58
C TYR AB 242 -52.55 67.08 -41.48
N ASN AB 243 -52.56 68.05 -40.58
CA ASN AB 243 -53.57 68.13 -39.54
C ASN AB 243 -53.76 69.59 -39.19
N LEU AB 244 -54.55 69.83 -38.13
CA LEU AB 244 -54.87 71.20 -37.75
C LEU AB 244 -53.62 71.98 -37.39
N LEU AB 245 -52.70 71.34 -36.67
CA LEU AB 245 -51.49 72.04 -36.22
C LEU AB 245 -50.61 72.43 -37.40
N THR AB 246 -50.48 71.55 -38.39
CA THR AB 246 -49.68 71.90 -39.57
C THR AB 246 -50.33 73.04 -40.35
N ILE AB 247 -51.66 73.06 -40.40
CA ILE AB 247 -52.36 74.15 -41.08
C ILE AB 247 -52.11 75.47 -40.37
N LEU AB 248 -52.22 75.46 -39.04
CA LEU AB 248 -52.03 76.68 -38.26
C LEU AB 248 -50.62 77.22 -38.41
N SER AB 249 -49.65 76.34 -38.68
CA SER AB 249 -48.26 76.75 -38.82
C SER AB 249 -48.11 77.83 -39.89
N SER AB 250 -48.67 77.59 -41.07
CA SER AB 250 -48.67 78.55 -42.18
C SER AB 250 -47.26 78.95 -42.60
N GLU AB 251 -46.26 78.15 -42.24
CA GLU AB 251 -44.87 78.45 -42.61
C GLU AB 251 -44.07 77.16 -42.54
N ASP AB 252 -42.90 77.18 -43.17
CA ASP AB 252 -41.98 76.05 -43.16
C ASP AB 252 -41.18 76.11 -41.87
N ARG AB 253 -41.47 75.20 -40.95
CA ARG AB 253 -40.78 75.19 -39.67
C ARG AB 253 -39.31 74.86 -39.86
N ALA AB 254 -38.45 75.68 -39.27
CA ALA AB 254 -37.02 75.42 -39.33
C ALA AB 254 -36.66 74.22 -38.46
N ALA AB 255 -35.54 73.59 -38.80
CA ALA AB 255 -35.12 72.40 -38.08
C ALA AB 255 -34.77 72.73 -36.64
N VAL AB 256 -35.29 71.93 -35.71
CA VAL AB 256 -35.00 72.12 -34.29
C VAL AB 256 -33.69 71.45 -33.89
N LEU AB 257 -33.01 70.79 -34.83
CA LEU AB 257 -31.74 70.15 -34.57
C LEU AB 257 -30.73 71.09 -33.94
N MET BB 1 2.18 5.60 -15.59
CA MET BB 1 1.70 5.17 -14.26
C MET BB 1 0.75 6.23 -13.73
N GLU BB 2 1.13 7.49 -13.81
CA GLU BB 2 0.28 8.52 -13.23
C GLU BB 2 -1.14 8.45 -13.81
N ALA BB 3 -1.24 8.30 -15.13
CA ALA BB 3 -2.56 8.25 -15.77
C ALA BB 3 -3.37 7.08 -15.23
N LEU BB 4 -2.74 5.95 -14.95
CA LEU BB 4 -3.47 4.82 -14.34
C LEU BB 4 -3.90 5.15 -12.92
N VAL BB 5 -3.06 5.83 -12.15
CA VAL BB 5 -3.40 6.13 -10.73
C VAL BB 5 -4.44 7.23 -10.68
N TYR BB 6 -4.43 8.16 -11.64
CA TYR BB 6 -5.48 9.17 -11.64
C TYR BB 6 -6.84 8.57 -11.95
N THR BB 7 -6.87 7.63 -12.88
CA THR BB 7 -8.16 7.03 -13.27
C THR BB 7 -8.71 6.18 -12.13
N PHE BB 8 -7.85 5.49 -11.40
CA PHE BB 8 -8.33 4.60 -10.32
C PHE BB 8 -8.86 5.47 -9.18
N LEU BB 9 -8.18 6.57 -8.92
CA LEU BB 9 -8.66 7.46 -7.87
C LEU BB 9 -10.01 8.06 -8.24
N LEU BB 10 -10.19 8.43 -9.51
CA LEU BB 10 -11.44 9.05 -9.93
C LEU BB 10 -12.58 8.05 -9.92
N VAL BB 11 -12.37 6.88 -10.51
CA VAL BB 11 -13.44 5.85 -10.58
C VAL BB 11 -13.63 5.28 -9.19
N GLY BB 12 -12.59 5.25 -8.38
CA GLY BB 12 -12.76 4.83 -7.00
C GLY BB 12 -13.66 5.78 -6.23
N THR BB 13 -13.48 7.08 -6.45
CA THR BB 13 -14.34 8.07 -5.82
C THR BB 13 -15.77 7.96 -6.33
N LEU BB 14 -15.94 7.70 -7.63
CA LEU BB 14 -17.28 7.51 -8.17
C LEU BB 14 -17.92 6.25 -7.62
N GLY BB 15 -17.12 5.19 -7.41
CA GLY BB 15 -17.67 3.97 -6.85
C GLY BB 15 -18.21 4.17 -5.45
N ILE BB 16 -17.55 5.02 -4.65
CA ILE BB 16 -18.04 5.31 -3.31
C ILE BB 16 -19.38 6.02 -3.37
N ILE BB 17 -19.54 6.93 -4.33
CA ILE BB 17 -20.79 7.66 -4.46
C ILE BB 17 -21.94 6.71 -4.73
N PHE BB 18 -21.71 5.72 -5.59
CA PHE BB 18 -22.75 4.76 -5.90
C PHE BB 18 -23.20 4.01 -4.66
N PHE BB 19 -22.25 3.56 -3.85
CA PHE BB 19 -22.60 2.79 -2.66
C PHE BB 19 -23.23 3.69 -1.60
N ALA BB 20 -22.79 4.93 -1.50
CA ALA BB 20 -23.35 5.85 -0.51
C ALA BB 20 -24.81 6.17 -0.80
N ILE BB 21 -25.24 6.03 -2.04
CA ILE BB 21 -26.61 6.35 -2.40
C ILE BB 21 -27.52 5.13 -2.32
N PHE BB 22 -27.10 4.01 -2.90
CA PHE BB 22 -27.96 2.83 -2.94
C PHE BB 22 -27.74 1.88 -1.77
N PHE BB 23 -26.49 1.65 -1.40
CA PHE BB 23 -26.18 0.86 -0.21
C PHE BB 23 -25.97 1.73 1.01
N ARG BB 24 -26.93 2.60 1.28
CA ARG BB 24 -26.86 3.49 2.42
C ARG BB 24 -27.61 2.88 3.61
N GLU BB 25 -27.31 3.40 4.78
CA GLU BB 25 -28.07 3.03 5.97
C GLU BB 25 -29.43 3.67 5.89
N PRO BB 26 -30.52 2.91 5.88
CA PRO BB 26 -31.85 3.50 5.71
C PRO BB 26 -32.26 4.28 6.94
N PRO BB 27 -32.83 5.47 6.76
CA PRO BB 27 -33.34 6.24 7.91
C PRO BB 27 -34.69 5.69 8.35
N ARG BB 28 -34.77 5.26 9.60
CA ARG BB 28 -35.97 4.63 10.13
C ARG BB 28 -36.55 5.49 11.24
N ILE BB 29 -37.87 5.70 11.19
CA ILE BB 29 -38.54 6.46 12.21
C ILE BB 29 -38.56 5.66 13.51
N VAL BB 30 -38.13 6.31 14.60
CA VAL BB 30 -38.03 5.73 15.95
C VAL BB 30 -37.56 4.27 15.93
N ASN CB 1 -24.04 78.56 -10.55
CA ASN CB 1 -24.68 78.19 -11.81
C ASN CB 1 -26.19 78.27 -11.70
N LEU CB 2 -26.79 79.21 -12.43
CA LEU CB 2 -28.23 79.39 -12.38
C LEU CB 2 -28.97 78.14 -12.87
N GLU CB 3 -28.43 77.49 -13.90
CA GLU CB 3 -29.09 76.30 -14.45
C GLU CB 3 -29.18 75.20 -13.40
N ILE CB 4 -28.09 74.99 -12.65
CA ILE CB 4 -28.09 73.96 -11.61
C ILE CB 4 -29.01 74.37 -10.46
N VAL CB 5 -29.17 75.67 -10.23
CA VAL CB 5 -30.06 76.14 -9.17
C VAL CB 5 -31.51 75.78 -9.50
N LEU CB 6 -31.91 76.02 -10.74
CA LEU CB 6 -33.27 75.69 -11.15
C LEU CB 6 -33.50 74.19 -11.15
N GLN CB 7 -32.47 73.39 -11.45
CA GLN CB 7 -32.60 71.95 -11.43
C GLN CB 7 -32.89 71.44 -10.02
N LEU CB 8 -32.14 71.94 -9.04
CA LEU CB 8 -32.39 71.54 -7.66
C LEU CB 8 -33.70 72.13 -7.15
N THR CB 9 -34.05 73.32 -7.62
CA THR CB 9 -35.32 73.94 -7.21
C THR CB 9 -36.49 73.08 -7.68
N ALA CB 10 -36.47 72.65 -8.93
CA ALA CB 10 -37.51 71.75 -9.42
C ALA CB 10 -37.47 70.42 -8.69
N LEU CB 11 -36.27 69.96 -8.34
CA LEU CB 11 -36.14 68.73 -7.58
C LEU CB 11 -36.80 68.84 -6.21
N LEU CB 12 -36.69 70.01 -5.57
CA LEU CB 12 -37.25 70.18 -4.24
C LEU CB 12 -38.76 69.99 -4.24
N PHE CB 13 -39.45 70.54 -5.24
CA PHE CB 13 -40.90 70.43 -5.28
C PHE CB 13 -41.35 69.00 -5.52
N ILE CB 14 -40.70 68.30 -6.46
CA ILE CB 14 -41.17 66.97 -6.82
C ILE CB 14 -40.91 65.97 -5.71
N VAL CB 15 -39.76 66.08 -5.03
CA VAL CB 15 -39.48 65.15 -3.95
C VAL CB 15 -40.29 65.48 -2.70
N ALA CB 16 -40.91 66.66 -2.66
CA ALA CB 16 -41.76 67.00 -1.52
C ALA CB 16 -43.22 66.74 -1.78
N ALA CB 17 -43.63 66.66 -3.05
CA ALA CB 17 -45.04 66.44 -3.38
C ALA CB 17 -45.53 65.12 -2.82
N GLY CB 18 -44.71 64.08 -2.89
CA GLY CB 18 -45.04 62.80 -2.32
C GLY CB 18 -45.29 62.88 -0.83
N PRO CB 19 -44.27 63.28 -0.06
CA PRO CB 19 -44.47 63.46 1.38
C PRO CB 19 -45.57 64.46 1.73
N LEU CB 20 -45.76 65.49 0.91
CA LEU CB 20 -46.87 66.42 1.17
C LEU CB 20 -48.21 65.71 1.13
N VAL CB 21 -48.39 64.82 0.15
CA VAL CB 21 -49.64 64.06 0.07
C VAL CB 21 -49.82 63.19 1.31
N ILE CB 22 -48.76 62.51 1.73
CA ILE CB 22 -48.86 61.63 2.90
C ILE CB 22 -49.07 62.46 4.16
N VAL CB 23 -48.35 63.58 4.28
CA VAL CB 23 -48.49 64.43 5.46
C VAL CB 23 -49.90 65.03 5.54
N LEU CB 24 -50.40 65.54 4.42
CA LEU CB 24 -51.72 66.17 4.40
C LEU CB 24 -52.81 65.16 4.74
N LEU CB 25 -52.69 63.94 4.22
CA LEU CB 25 -53.69 62.91 4.51
C LEU CB 25 -53.61 62.45 5.96
N SER CB 26 -52.40 62.34 6.51
CA SER CB 26 -52.25 61.92 7.90
C SER CB 26 -52.85 62.93 8.85
N SER CB 27 -52.62 64.22 8.60
CA SER CB 27 -53.16 65.26 9.48
C SER CB 27 -54.68 65.31 9.41
N ARG CB 28 -55.24 65.19 8.21
CA ARG CB 28 -56.69 65.27 8.02
C ARG CB 28 -57.37 63.93 8.20
N GLY CB 29 -56.65 62.89 8.59
CA GLY CB 29 -57.27 61.59 8.80
C GLY CB 29 -57.81 60.97 7.53
N GLY CB 30 -57.10 61.13 6.43
CA GLY CB 30 -57.52 60.53 5.19
C GLY CB 30 -57.33 59.02 5.21
N ASN CB 31 -57.91 58.37 4.21
CA ASN CB 31 -57.83 56.92 4.09
C ASN CB 31 -56.53 56.53 3.37
N LEU CB 32 -55.42 56.81 4.03
CA LEU CB 32 -54.12 56.52 3.47
C LEU CB 32 -53.53 55.27 4.12
N LEU DB 1 -13.12 18.61 -53.61
CA LEU DB 1 -13.00 18.50 -52.16
C LEU DB 1 -12.29 17.22 -51.77
N VAL DB 2 -12.01 17.10 -50.47
CA VAL DB 2 -11.30 15.94 -49.95
C VAL DB 2 -12.23 14.91 -49.31
N ASP DB 3 -13.23 15.33 -48.55
CA ASP DB 3 -14.10 14.41 -47.85
C ASP DB 3 -15.54 14.93 -47.93
N ASP DB 4 -16.46 14.11 -47.43
CA ASP DB 4 -17.88 14.40 -47.49
C ASP DB 4 -18.43 14.69 -46.11
N ARG DB 5 -19.35 15.66 -46.06
CA ARG DB 5 -19.96 16.09 -44.81
C ARG DB 5 -21.38 16.54 -45.11
N LEU DB 6 -22.20 16.62 -44.05
CA LEU DB 6 -23.59 17.00 -44.23
C LEU DB 6 -23.73 18.42 -44.74
N ALA DB 7 -22.85 19.33 -44.29
CA ALA DB 7 -22.83 20.71 -44.76
C ALA DB 7 -24.16 21.40 -44.55
N GLY DB 8 -24.72 21.22 -43.37
CA GLY DB 8 -25.97 21.86 -43.01
C GLY DB 8 -25.81 22.89 -41.92
N GLU DB 9 -24.64 22.88 -41.27
CA GLU DB 9 -24.38 23.81 -40.18
C GLU DB 9 -24.36 25.25 -40.69
N GLY DB 10 -25.02 26.12 -39.95
CA GLY DB 10 -25.08 27.54 -40.32
C GLY DB 10 -25.79 27.80 -41.62
N THR DB 11 -26.87 27.09 -41.89
CA THR DB 11 -27.63 27.27 -43.12
C THR DB 11 -29.09 27.64 -42.89
N GLY DB 12 -29.52 27.72 -41.63
CA GLY DB 12 -30.86 28.18 -41.32
C GLY DB 12 -31.98 27.30 -41.82
N LYS DB 13 -31.86 26.00 -41.61
CA LYS DB 13 -32.89 25.06 -42.03
C LYS DB 13 -33.95 24.94 -40.95
N ILE DB 14 -35.20 24.75 -41.38
CA ILE DB 14 -36.30 24.59 -40.43
C ILE DB 14 -36.08 23.32 -39.62
N LEU DB 15 -35.93 23.47 -38.32
CA LEU DB 15 -35.73 22.37 -37.39
C LEU DB 15 -34.48 21.54 -37.72
N GLY DB 16 -33.58 22.10 -38.52
CA GLY DB 16 -32.41 21.35 -38.95
C GLY DB 16 -32.73 20.17 -39.83
N ILE DB 17 -33.76 20.29 -40.67
CA ILE DB 17 -34.18 19.18 -41.54
C ILE DB 17 -33.43 19.37 -42.85
N ASN DB 18 -32.26 18.74 -42.92
CA ASN DB 18 -31.47 18.78 -44.19
C ASN DB 18 -32.07 17.78 -45.17
N ASP DB 19 -32.61 16.67 -44.67
CA ASP DB 19 -33.24 15.64 -45.54
C ASP DB 19 -34.61 15.27 -44.97
N PRO DB 20 -35.56 14.78 -45.78
CA PRO DB 20 -36.93 14.50 -45.32
C PRO DB 20 -37.01 13.37 -44.28
N SER DB 21 -35.98 12.52 -44.22
CA SER DB 21 -35.98 11.38 -43.26
C SER DB 21 -36.09 11.92 -41.83
N LEU DB 22 -35.45 13.06 -41.57
CA LEU DB 22 -35.52 13.69 -40.22
C LEU DB 22 -36.97 14.08 -39.94
N PHE DB 23 -37.67 14.60 -40.96
CA PHE DB 23 -39.09 15.00 -40.79
C PHE DB 23 -39.91 13.78 -40.35
N TRP DB 24 -39.71 12.65 -41.04
CA TRP DB 24 -40.48 11.42 -40.70
C TRP DB 24 -40.15 10.98 -39.27
N ALA DB 25 -38.86 11.01 -38.90
CA ALA DB 25 -38.45 10.59 -37.55
C ALA DB 25 -39.25 11.38 -36.51
N ILE DB 26 -39.20 12.70 -36.59
CA ILE DB 26 -39.90 13.55 -35.58
C ILE DB 26 -41.40 13.26 -35.64
N THR DB 27 -41.98 13.27 -36.84
CA THR DB 27 -43.45 13.09 -36.97
C THR DB 27 -43.86 11.70 -36.45
N ILE DB 28 -43.17 10.65 -36.86
CA ILE DB 28 -43.58 9.27 -36.46
C ILE DB 28 -43.52 9.15 -34.94
N VAL DB 29 -42.40 9.55 -34.33
CA VAL DB 29 -42.25 9.39 -32.86
C VAL DB 29 -43.35 10.18 -32.15
N PHE DB 30 -43.57 11.43 -32.55
CA PHE DB 30 -44.58 12.28 -31.87
C PHE DB 30 -45.97 11.64 -32.02
N THR DB 31 -46.31 11.18 -33.22
CA THR DB 31 -47.66 10.60 -33.47
C THR DB 31 -47.85 9.36 -32.58
N ILE DB 32 -46.81 8.53 -32.45
CA ILE DB 32 -46.91 7.30 -31.62
C ILE DB 32 -47.18 7.70 -30.17
N VAL DB 33 -46.37 8.62 -29.63
CA VAL DB 33 -46.55 9.02 -28.23
C VAL DB 33 -47.87 9.74 -28.04
N TRP DB 34 -48.27 10.58 -29.00
CA TRP DB 34 -49.59 11.18 -28.93
C TRP DB 34 -50.67 10.11 -29.07
N GLY DB 35 -50.41 9.07 -29.86
CA GLY DB 35 -51.39 8.01 -30.01
C GLY DB 35 -51.66 7.28 -28.72
N VAL DB 36 -50.60 6.91 -27.98
CA VAL DB 36 -50.78 6.21 -26.72
C VAL DB 36 -51.36 7.16 -25.67
N PHE DB 37 -51.00 8.45 -25.76
CA PHE DB 37 -51.60 9.44 -24.87
C PHE DB 37 -53.08 9.62 -25.17
N TYR DB 38 -53.45 9.63 -26.44
CA TYR DB 38 -54.83 9.93 -26.82
C TYR DB 38 -55.80 8.89 -26.28
N VAL DB 39 -55.39 7.62 -26.34
CA VAL DB 39 -56.31 6.51 -25.92
C VAL DB 39 -56.39 6.45 -24.39
N SER DB 40 -55.57 7.22 -23.68
CA SER DB 40 -55.52 7.10 -22.19
C SER DB 40 -56.10 8.34 -21.51
N THR DB 41 -56.48 9.37 -22.27
CA THR DB 41 -56.95 10.64 -21.66
C THR DB 41 -58.12 10.38 -20.70
N ARG DB 42 -59.12 9.62 -21.13
CA ARG DB 42 -60.34 9.40 -20.30
C ARG DB 42 -59.95 8.75 -18.97
N GLU DB 43 -59.10 7.72 -19.02
CA GLU DB 43 -58.67 7.01 -17.79
C GLU DB 43 -57.92 7.99 -16.88
N ILE DB 44 -56.97 8.73 -17.44
CA ILE DB 44 -56.14 9.68 -16.63
C ILE DB 44 -57.08 10.62 -15.86
N ASP DB 45 -58.12 11.15 -16.53
CA ASP DB 45 -59.04 12.12 -15.89
C ASP DB 45 -59.96 11.41 -14.88
N ALA DB 46 -60.37 10.18 -15.18
CA ALA DB 46 -61.33 9.47 -14.30
C ALA DB 46 -60.81 9.45 -12.86
N ALA DB 47 -59.49 9.36 -12.68
CA ALA DB 47 -58.89 9.34 -11.33
C ALA DB 47 -59.32 10.58 -10.55
N SER DB 48 -59.51 11.70 -11.25
CA SER DB 48 -59.94 12.96 -10.58
C SER DB 48 -61.30 12.77 -9.91
N ASP DB 49 -61.99 11.67 -10.24
CA ASP DB 49 -63.35 11.43 -9.69
C ASP DB 49 -64.25 12.59 -10.13
N ARG DB 50 -63.89 13.27 -11.22
CA ARG DB 50 -64.69 14.41 -11.73
C ARG DB 50 -64.73 14.36 -13.26
N GLU DB 51 -65.79 14.85 -13.88
CA GLU DB 51 -65.85 14.92 -15.36
C GLU DB 51 -65.01 16.11 -15.83
N ASN DB 52 -64.34 15.98 -16.98
CA ASN DB 52 -63.57 17.12 -17.52
C ASN DB 52 -64.56 18.09 -18.16
N ASP DB 53 -65.40 18.72 -17.35
CA ASP DB 53 -66.38 19.73 -17.86
C ASP DB 53 -65.71 21.10 -17.86
N ASP DB 54 -66.47 22.16 -18.11
CA ASP DB 54 -65.90 23.53 -18.16
C ASP DB 54 -65.38 23.94 -16.78
N ASP DB 55 -65.86 23.30 -15.72
CA ASP DB 55 -65.45 23.68 -14.34
C ASP DB 55 -64.26 22.81 -13.89
N PHE DB 56 -63.85 21.84 -14.72
CA PHE DB 56 -62.74 20.92 -14.35
C PHE DB 56 -61.41 21.67 -14.35
N GLY DB 57 -60.45 21.22 -13.54
CA GLY DB 57 -59.11 21.85 -13.53
C GLY DB 57 -58.69 22.32 -12.16
N LEU DB 58 -57.40 22.21 -11.83
CA LEU DB 58 -56.89 22.72 -10.53
C LEU DB 58 -57.04 24.24 -10.52
N THR DB 59 -58.03 24.76 -9.79
CA THR DB 59 -58.28 26.21 -9.79
C THR DB 59 -58.26 26.76 -8.36
N LEU DB 60 -57.98 28.06 -8.21
CA LEU DB 60 -58.01 28.70 -6.87
C LEU DB 60 -58.84 29.98 -6.96
N ALA EB 1 24.52 55.07 29.47
CA ALA EB 1 24.62 54.12 28.36
C ALA EB 1 23.24 53.79 27.81
N ALA EB 2 22.21 54.36 28.43
CA ALA EB 2 20.86 54.17 27.94
C ALA EB 2 20.64 54.99 26.67
N THR EB 3 20.20 54.32 25.62
CA THR EB 3 19.96 54.98 24.35
C THR EB 3 18.57 55.61 24.36
N PRO EB 4 18.36 56.65 23.54
CA PRO EB 4 17.01 57.24 23.46
C PRO EB 4 15.96 56.25 23.02
N SER EB 5 16.36 55.26 22.21
CA SER EB 5 15.43 54.19 21.85
C SER EB 5 15.01 53.39 23.07
N LEU EB 6 15.94 53.15 23.99
CA LEU EB 6 15.61 52.42 25.21
C LEU EB 6 14.73 53.26 26.13
N ASN EB 7 14.95 54.58 26.16
CA ASN EB 7 14.15 55.43 27.03
C ASN EB 7 12.68 55.42 26.62
N ASN EB 8 12.42 55.40 25.31
CA ASN EB 8 11.04 55.34 24.84
C ASN EB 8 10.40 54.00 25.15
N LEU EB 9 11.17 52.92 25.07
CA LEU EB 9 10.63 51.60 25.42
C LEU EB 9 10.22 51.56 26.89
N ILE EB 10 11.06 52.11 27.77
CA ILE EB 10 10.71 52.18 29.18
C ILE EB 10 9.51 53.09 29.39
N GLY EB 11 9.47 54.23 28.69
CA GLY EB 11 8.33 55.12 28.80
C GLY EB 11 7.04 54.47 28.32
N SER EB 12 7.13 53.68 27.25
CA SER EB 12 5.95 52.98 26.75
C SER EB 12 5.44 51.96 27.77
N VAL EB 13 6.36 51.27 28.45
CA VAL EB 13 5.96 50.37 29.52
C VAL EB 13 5.27 51.15 30.64
N VAL EB 14 5.84 52.29 31.01
CA VAL EB 14 5.19 53.14 32.01
C VAL EB 14 3.86 53.65 31.50
N ALA EB 15 3.82 54.09 30.23
CA ALA EB 15 2.57 54.57 29.66
C ALA EB 15 1.53 53.45 29.60
N GLY EB 16 1.96 52.25 29.24
CA GLY EB 16 1.04 51.12 29.24
C GLY EB 16 0.47 50.82 30.61
N GLY EB 17 1.30 50.94 31.65
CA GLY EB 17 0.79 50.78 33.00
C GLY EB 17 -0.22 51.84 33.37
N LEU EB 18 -0.05 53.06 32.88
CA LEU EB 18 -0.98 54.16 33.25
C LEU EB 18 -2.29 53.94 32.52
N VAL EB 19 -2.26 53.44 31.30
CA VAL EB 19 -3.49 53.12 30.60
C VAL EB 19 -4.21 51.98 31.30
N LEU EB 20 -3.47 50.96 31.71
CA LEU EB 20 -4.07 49.87 32.47
C LEU EB 20 -4.61 50.36 33.80
N ALA EB 21 -3.85 51.21 34.50
CA ALA EB 21 -4.32 51.74 35.79
C ALA EB 21 -5.52 52.64 35.61
N ALA EB 22 -5.54 53.44 34.55
CA ALA EB 22 -6.67 54.36 34.29
C ALA EB 22 -7.92 53.56 33.93
N ILE EB 23 -7.77 52.41 33.28
CA ILE EB 23 -8.94 51.55 32.99
C ILE EB 23 -9.41 50.90 34.31
N ALA EB 24 -8.48 50.32 35.06
CA ALA EB 24 -8.85 49.63 36.33
C ALA EB 24 -9.48 50.63 37.30
N GLY EB 25 -8.89 51.82 37.43
CA GLY EB 25 -9.42 52.84 38.35
C GLY EB 25 -10.84 53.25 37.96
N ALA EB 26 -11.05 53.52 36.68
CA ALA EB 26 -12.41 53.90 36.21
C ALA EB 26 -13.38 52.76 36.51
N ILE EB 27 -12.99 51.53 36.15
CA ILE EB 27 -13.92 50.37 36.34
C ILE EB 27 -14.22 50.22 37.83
N THR EB 28 -13.21 50.28 38.70
CA THR EB 28 -13.43 50.06 40.15
C THR EB 28 -14.35 51.17 40.68
N ALA EB 29 -14.10 52.42 40.28
CA ALA EB 29 -14.91 53.56 40.77
C ALA EB 29 -16.38 53.34 40.39
N VAL EB 30 -16.64 53.04 39.12
CA VAL EB 30 -18.05 52.86 38.64
C VAL EB 30 -18.64 51.62 39.33
N SER EB 31 -17.85 50.55 39.45
CA SER EB 31 -18.36 49.30 40.04
C SER EB 31 -18.75 49.54 41.50
N ASN EB 32 -17.96 50.36 42.21
CA ASN EB 32 -18.24 50.66 43.64
C ASN EB 32 -19.45 51.60 43.73
N PHE EB 33 -19.51 52.59 42.84
CA PHE EB 33 -20.63 53.58 42.86
C PHE EB 33 -21.92 52.88 42.43
N ASP EB 34 -21.88 52.20 41.29
CA ASP EB 34 -23.05 51.48 40.80
C ASP EB 34 -22.96 50.00 41.18
N SER EB 35 -23.08 49.76 42.48
CA SER EB 35 -23.01 48.40 42.99
C SER EB 35 -24.38 47.73 42.88
N ILE EB 36 -24.40 46.41 43.08
CA ILE EB 36 -25.60 45.60 42.99
C ILE EB 36 -26.02 45.17 44.38
N ARG EB 37 -27.29 45.39 44.72
CA ARG EB 37 -27.90 45.03 45.99
C ARG EB 37 -26.99 45.31 47.19
N VAL FB 1 -74.31 14.51 -27.95
CA VAL FB 1 -74.00 15.77 -28.60
C VAL FB 1 -74.27 15.64 -30.10
N TRP FB 2 -73.87 14.52 -30.68
CA TRP FB 2 -74.01 14.31 -32.11
C TRP FB 2 -75.33 13.66 -32.50
N TYR FB 3 -76.14 13.25 -31.52
CA TYR FB 3 -77.42 12.63 -31.78
C TYR FB 3 -78.51 13.36 -31.02
N GLY FB 4 -79.74 13.20 -31.49
CA GLY FB 4 -80.87 13.83 -30.87
C GLY FB 4 -81.20 15.16 -31.50
N PRO FB 5 -82.11 15.91 -30.87
CA PRO FB 5 -82.54 17.19 -31.45
C PRO FB 5 -81.59 18.35 -31.26
N ASP FB 6 -80.66 18.28 -30.31
CA ASP FB 6 -79.73 19.36 -30.04
C ASP FB 6 -78.40 19.18 -30.75
N ARG FB 7 -78.36 18.35 -31.78
CA ARG FB 7 -77.14 18.11 -32.51
C ARG FB 7 -76.73 19.36 -33.29
N PRO FB 8 -75.44 19.49 -33.60
CA PRO FB 8 -75.00 20.56 -34.49
C PRO FB 8 -75.57 20.38 -35.88
N LYS FB 9 -75.79 21.50 -36.56
CA LYS FB 9 -76.48 21.51 -37.84
C LYS FB 9 -75.73 22.36 -38.86
N PHE FB 10 -76.00 22.09 -40.14
CA PHE FB 10 -75.08 22.51 -41.20
C PHE FB 10 -75.13 24.00 -41.47
N LEU FB 11 -76.25 24.65 -41.16
CA LEU FB 11 -76.36 26.09 -41.34
C LEU FB 11 -76.17 26.85 -40.05
N GLY FB 12 -75.62 26.19 -39.04
CA GLY FB 12 -75.32 26.86 -37.76
C GLY FB 12 -76.57 27.46 -37.13
N PRO FB 13 -76.60 28.78 -36.85
CA PRO FB 13 -77.74 29.40 -36.15
C PRO FB 13 -78.99 29.55 -37.03
N PHE FB 14 -78.84 29.34 -38.34
CA PHE FB 14 -80.00 29.51 -39.28
C PHE FB 14 -80.53 28.14 -39.69
N SER FB 15 -79.99 27.07 -39.11
CA SER FB 15 -80.43 25.70 -39.48
C SER FB 15 -81.56 25.23 -38.57
N ASP FB 16 -82.70 25.92 -38.61
CA ASP FB 16 -83.87 25.51 -37.78
C ASP FB 16 -85.12 25.54 -38.67
N GLY FB 17 -85.11 26.38 -39.70
CA GLY FB 17 -86.29 26.52 -40.59
C GLY FB 17 -86.19 25.61 -41.80
N LEU FB 18 -85.16 24.76 -41.87
CA LEU FB 18 -85.06 23.82 -42.98
C LEU FB 18 -84.65 22.42 -42.58
N VAL FB 19 -84.51 22.12 -41.30
CA VAL FB 19 -84.18 20.76 -40.89
C VAL FB 19 -85.41 19.89 -41.13
N PRO FB 20 -85.31 18.85 -41.93
CA PRO FB 20 -86.47 18.02 -42.23
C PRO FB 20 -86.96 17.27 -41.00
N ALA FB 21 -88.25 16.94 -41.01
CA ALA FB 21 -88.83 16.18 -39.91
C ALA FB 21 -88.21 14.80 -39.81
N TYR FB 22 -87.92 14.17 -40.95
CA TYR FB 22 -87.42 12.80 -40.94
C TYR FB 22 -85.96 12.72 -40.51
N LEU FB 23 -85.22 13.82 -40.61
CA LEU FB 23 -83.86 13.86 -40.08
C LEU FB 23 -83.94 14.20 -38.60
N THR FB 24 -84.03 13.17 -37.76
CA THR FB 24 -84.23 13.36 -36.34
C THR FB 24 -82.95 13.33 -35.53
N GLY FB 25 -81.91 12.66 -36.03
CA GLY FB 25 -80.65 12.62 -35.32
C GLY FB 25 -80.33 11.26 -34.75
N GLU FB 26 -80.89 10.21 -35.35
CA GLU FB 26 -80.59 8.85 -34.93
C GLU FB 26 -79.48 8.21 -35.73
N PHE FB 27 -78.86 8.93 -36.66
CA PHE FB 27 -77.81 8.36 -37.47
C PHE FB 27 -76.58 9.25 -37.46
N PRO FB 28 -75.39 8.67 -37.60
CA PRO FB 28 -74.17 9.48 -37.55
C PRO FB 28 -74.12 10.45 -38.73
N GLY FB 29 -73.52 11.62 -38.48
CA GLY FB 29 -73.37 12.62 -39.51
C GLY FB 29 -74.61 13.40 -39.84
N ASP FB 30 -75.64 13.31 -39.02
CA ASP FB 30 -76.91 14.00 -39.29
C ASP FB 30 -76.77 15.45 -38.87
N TYR FB 31 -76.56 16.32 -39.85
CA TYR FB 31 -76.58 17.77 -39.64
C TYR FB 31 -77.86 18.41 -40.13
N GLY FB 32 -78.85 17.61 -40.51
CA GLY FB 32 -80.11 18.15 -40.98
C GLY FB 32 -80.07 18.75 -42.37
N TRP FB 33 -79.19 18.25 -43.23
CA TRP FB 33 -79.03 18.77 -44.58
C TRP FB 33 -79.72 17.83 -45.56
N ASP FB 34 -81.00 18.09 -45.82
CA ASP FB 34 -81.68 17.44 -46.91
C ASP FB 34 -82.57 18.46 -47.64
N THR FB 35 -81.99 19.60 -47.99
CA THR FB 35 -82.76 20.67 -48.60
C THR FB 35 -83.41 20.28 -49.92
N SER FB 36 -82.94 19.23 -50.58
CA SER FB 36 -83.56 18.75 -51.80
C SER FB 36 -84.60 17.66 -51.56
N GLY FB 37 -84.78 17.24 -50.30
CA GLY FB 37 -85.79 16.23 -50.00
C GLY FB 37 -85.54 14.90 -50.67
N LEU FB 38 -84.28 14.52 -50.86
CA LEU FB 38 -83.95 13.27 -51.53
C LEU FB 38 -84.14 12.07 -50.62
N SER FB 39 -84.23 12.28 -49.31
CA SER FB 39 -84.38 11.20 -48.36
C SER FB 39 -85.73 11.25 -47.65
N ALA FB 40 -86.75 11.83 -48.29
CA ALA FB 40 -88.08 11.84 -47.70
C ALA FB 40 -88.62 10.43 -47.53
N ASP FB 41 -88.30 9.54 -48.46
CA ASP FB 41 -88.71 8.15 -48.35
C ASP FB 41 -87.83 7.43 -47.34
N PRO FB 42 -88.39 6.85 -46.28
CA PRO FB 42 -87.55 6.20 -45.26
C PRO FB 42 -86.72 5.04 -45.81
N GLU FB 43 -87.23 4.31 -46.80
CA GLU FB 43 -86.45 3.22 -47.37
C GLU FB 43 -85.31 3.75 -48.22
N THR FB 44 -85.57 4.79 -49.02
CA THR FB 44 -84.50 5.41 -49.80
C THR FB 44 -83.46 6.05 -48.89
N PHE FB 45 -83.90 6.63 -47.77
CA PHE FB 45 -82.96 7.21 -46.83
C PHE FB 45 -82.02 6.15 -46.27
N LYS FB 46 -82.54 4.94 -46.08
CA LYS FB 46 -81.69 3.83 -45.57
C LYS FB 46 -80.61 3.50 -46.60
N LYS FB 47 -80.98 3.38 -47.87
CA LYS FB 47 -80.01 3.00 -48.92
C LYS FB 47 -79.00 4.12 -49.14
N TYR FB 48 -79.47 5.37 -49.20
CA TYR FB 48 -78.55 6.53 -49.37
C TYR FB 48 -77.52 6.53 -48.24
N ARG FB 49 -77.94 6.19 -47.02
CA ARG FB 49 -77.00 6.15 -45.92
C ARG FB 49 -75.93 5.11 -46.16
N THR FB 50 -76.29 3.97 -46.76
CA THR FB 50 -75.28 2.94 -47.10
C THR FB 50 -74.35 3.48 -48.19
N ILE FB 51 -74.91 4.09 -49.24
CA ILE FB 51 -74.08 4.59 -50.37
C ILE FB 51 -73.12 5.65 -49.85
N GLU FB 52 -73.60 6.54 -48.98
CA GLU FB 52 -72.74 7.64 -48.45
C GLU FB 52 -71.54 7.03 -47.73
N VAL FB 53 -71.78 6.07 -46.83
CA VAL FB 53 -70.68 5.51 -46.05
C VAL FB 53 -69.74 4.72 -46.96
N ILE FB 54 -70.28 4.03 -47.95
CA ILE FB 54 -69.43 3.29 -48.88
C ILE FB 54 -68.64 4.26 -49.75
N HIS FB 55 -69.30 5.28 -50.31
CA HIS FB 55 -68.56 6.31 -51.04
C HIS FB 55 -67.54 6.98 -50.12
N ALA FB 56 -67.87 7.11 -48.83
CA ALA FB 56 -66.96 7.77 -47.90
C ALA FB 56 -65.75 6.91 -47.59
N ARG FB 57 -65.96 5.61 -47.34
CA ARG FB 57 -64.85 4.73 -47.04
C ARG FB 57 -63.92 4.58 -48.23
N TRP FB 58 -64.47 4.55 -49.44
CA TRP FB 58 -63.62 4.51 -50.63
C TRP FB 58 -62.85 5.80 -50.80
N ALA FB 59 -63.47 6.95 -50.50
CA ALA FB 59 -62.77 8.22 -50.65
C ALA FB 59 -61.65 8.36 -49.63
N MET FB 60 -61.85 7.84 -48.42
CA MET FB 60 -60.79 7.89 -47.42
C MET FB 60 -59.58 7.06 -47.87
N LEU FB 61 -59.84 5.88 -48.43
CA LEU FB 61 -58.77 5.12 -49.07
C LEU FB 61 -58.25 5.83 -50.30
N GLY FB 62 -59.13 6.45 -51.07
CA GLY FB 62 -58.69 7.13 -52.28
C GLY FB 62 -57.82 8.33 -52.00
N ALA FB 63 -58.22 9.15 -51.02
CA ALA FB 63 -57.46 10.36 -50.72
C ALA FB 63 -56.07 10.02 -50.20
N LEU FB 64 -55.98 9.06 -49.29
CA LEU FB 64 -54.68 8.63 -48.81
C LEU FB 64 -53.89 7.95 -49.92
N GLY FB 65 -54.55 7.12 -50.73
CA GLY FB 65 -53.85 6.43 -51.78
C GLY FB 65 -53.45 7.29 -52.96
N CYS FB 66 -54.15 8.40 -53.18
CA CYS FB 66 -53.82 9.29 -54.28
C CYS FB 66 -52.64 10.21 -53.98
N ILE FB 67 -52.29 10.40 -52.72
CA ILE FB 67 -51.24 11.32 -52.36
C ILE FB 67 -50.06 10.64 -51.67
N PHE FB 68 -50.25 9.45 -51.12
CA PHE FB 68 -49.15 8.75 -50.45
C PHE FB 68 -47.99 8.45 -51.38
N PRO FB 69 -48.19 7.92 -52.60
CA PRO FB 69 -47.05 7.75 -53.51
C PRO FB 69 -46.37 9.06 -53.87
N GLU FB 70 -47.13 10.15 -53.97
CA GLU FB 70 -46.51 11.42 -54.32
C GLU FB 70 -45.72 11.98 -53.15
N VAL FB 71 -46.20 11.78 -51.93
CA VAL FB 71 -45.44 12.18 -50.75
C VAL FB 71 -44.16 11.38 -50.65
N LEU FB 72 -44.24 10.08 -50.91
CA LEU FB 72 -43.05 9.23 -50.82
C LEU FB 72 -42.02 9.58 -51.89
N GLU FB 73 -42.46 9.85 -53.11
CA GLU FB 73 -41.49 10.12 -54.17
C GLU FB 73 -40.80 11.46 -53.98
N LYS FB 74 -41.46 12.41 -53.32
CA LYS FB 74 -40.91 13.74 -53.12
C LYS FB 74 -40.10 13.83 -51.83
N TYR FB 75 -40.62 13.27 -50.75
CA TYR FB 75 -40.00 13.38 -49.44
C TYR FB 75 -39.43 12.04 -48.96
N SER FB 76 -38.94 11.23 -49.88
CA SER FB 76 -38.25 10.00 -49.55
C SER FB 76 -37.46 9.55 -50.76
N GLY FB 77 -36.66 8.51 -50.58
CA GLY FB 77 -35.87 7.99 -51.68
C GLY FB 77 -36.61 7.09 -52.63
N VAL FB 78 -37.87 6.77 -52.35
CA VAL FB 78 -38.62 5.87 -53.22
C VAL FB 78 -38.83 6.54 -54.57
N GLN FB 79 -38.64 5.75 -55.63
CA GLN FB 79 -38.73 6.26 -57.00
C GLN FB 79 -39.76 5.41 -57.76
N PHE FB 80 -41.01 5.87 -57.74
CA PHE FB 80 -42.08 5.20 -58.47
C PHE FB 80 -41.94 5.44 -59.96
N GLY FB 81 -42.52 4.54 -60.75
CA GLY FB 81 -42.62 4.78 -62.18
C GLY FB 81 -43.43 6.02 -62.49
N GLU FB 82 -44.52 6.22 -61.76
CA GLU FB 82 -45.34 7.43 -61.88
C GLU FB 82 -46.04 7.65 -60.55
N ALA FB 83 -45.58 8.64 -59.79
CA ALA FB 83 -46.15 8.89 -58.48
C ALA FB 83 -47.52 9.55 -58.57
N VAL FB 84 -47.72 10.40 -59.58
CA VAL FB 84 -48.96 11.18 -59.65
C VAL FB 84 -50.14 10.24 -59.87
N TRP FB 85 -51.23 10.48 -59.12
CA TRP FB 85 -52.30 9.49 -59.04
C TRP FB 85 -52.99 9.30 -60.39
N PHE FB 86 -53.19 10.37 -61.14
CA PHE FB 86 -53.90 10.24 -62.42
C PHE FB 86 -52.97 9.85 -63.56
N LYS FB 87 -51.71 9.56 -63.28
CA LYS FB 87 -50.81 8.96 -64.26
C LYS FB 87 -50.35 7.58 -63.82
N ALA FB 88 -50.84 7.08 -62.68
CA ALA FB 88 -50.35 5.81 -62.15
C ALA FB 88 -50.87 4.61 -62.92
N GLY FB 89 -52.02 4.74 -63.59
CA GLY FB 89 -52.53 3.63 -64.36
C GLY FB 89 -51.65 3.28 -65.55
N ALA FB 90 -51.03 4.28 -66.16
CA ALA FB 90 -50.21 4.04 -67.34
C ALA FB 90 -48.92 3.31 -67.01
N GLN FB 91 -48.59 3.13 -65.73
CA GLN FB 91 -47.38 2.42 -65.36
C GLN FB 91 -47.37 1.00 -65.90
N ILE FB 92 -48.55 0.39 -66.04
CA ILE FB 92 -48.60 -1.02 -66.42
C ILE FB 92 -48.24 -1.20 -67.89
N PHE FB 93 -48.28 -0.14 -68.67
CA PHE FB 93 -47.85 -0.21 -70.06
C PHE FB 93 -46.36 0.06 -70.24
N ALA FB 94 -45.65 0.36 -69.15
CA ALA FB 94 -44.23 0.63 -69.24
C ALA FB 94 -43.45 -0.66 -69.49
N ASP FB 95 -42.16 -0.51 -69.83
CA ASP FB 95 -41.35 -1.66 -70.19
C ASP FB 95 -41.19 -2.63 -69.02
N GLY FB 96 -40.91 -2.10 -67.84
CA GLY FB 96 -40.79 -2.95 -66.68
C GLY FB 96 -42.09 -3.28 -66.01
N GLY FB 97 -43.21 -2.84 -66.57
CA GLY FB 97 -44.48 -3.05 -65.92
C GLY FB 97 -44.63 -2.12 -64.72
N LEU FB 98 -45.52 -2.52 -63.82
CA LEU FB 98 -45.79 -1.76 -62.61
C LEU FB 98 -45.03 -2.41 -61.46
N ASN FB 99 -44.14 -1.65 -60.85
CA ASN FB 99 -43.31 -2.14 -59.75
C ASN FB 99 -43.71 -1.41 -58.48
N TYR FB 100 -44.12 -2.17 -57.46
CA TYR FB 100 -44.53 -1.57 -56.21
C TYR FB 100 -43.34 -0.93 -55.52
N LEU FB 101 -43.52 0.31 -55.06
CA LEU FB 101 -42.46 1.11 -54.45
C LEU FB 101 -41.28 1.31 -55.40
N GLY FB 102 -41.49 1.08 -56.69
CA GLY FB 102 -40.43 1.19 -57.67
C GLY FB 102 -39.49 0.01 -57.72
N ASN FB 103 -39.70 -1.02 -56.90
CA ASN FB 103 -38.80 -2.16 -56.83
C ASN FB 103 -39.25 -3.21 -57.84
N SER FB 104 -38.33 -3.62 -58.72
CA SER FB 104 -38.67 -4.61 -59.74
C SER FB 104 -39.03 -5.96 -59.14
N GLY FB 105 -38.64 -6.22 -57.90
CA GLY FB 105 -38.95 -7.49 -57.26
C GLY FB 105 -40.26 -7.54 -56.54
N LEU FB 106 -41.06 -6.48 -56.59
CA LEU FB 106 -42.36 -6.43 -55.93
C LEU FB 106 -43.45 -6.37 -56.99
N VAL FB 107 -44.41 -7.29 -56.93
CA VAL FB 107 -45.56 -7.34 -57.82
C VAL FB 107 -45.10 -7.53 -59.26
N HIS FB 108 -44.48 -6.50 -59.83
CA HIS FB 108 -43.92 -6.56 -61.18
C HIS FB 108 -45.00 -6.91 -62.21
N ALA FB 109 -46.18 -6.33 -62.03
CA ALA FB 109 -47.30 -6.63 -62.92
C ALA FB 109 -47.04 -6.09 -64.32
N GLN FB 110 -47.47 -6.84 -65.33
CA GLN FB 110 -47.20 -6.46 -66.71
C GLN FB 110 -48.36 -6.63 -67.67
N SER FB 111 -49.49 -7.16 -67.23
CA SER FB 111 -50.66 -7.30 -68.10
C SER FB 111 -51.85 -6.65 -67.42
N ILE FB 112 -52.49 -5.71 -68.12
CA ILE FB 112 -53.63 -5.01 -67.55
C ILE FB 112 -54.83 -5.95 -67.42
N VAL FB 113 -54.98 -6.88 -68.37
CA VAL FB 113 -56.14 -7.76 -68.33
C VAL FB 113 -56.06 -8.73 -67.16
N ALA FB 114 -54.85 -9.21 -66.84
CA ALA FB 114 -54.71 -10.11 -65.70
C ALA FB 114 -55.04 -9.39 -64.40
N THR FB 115 -54.61 -8.14 -64.27
CA THR FB 115 -54.96 -7.36 -63.09
C THR FB 115 -56.47 -7.14 -63.03
N LEU FB 116 -57.08 -6.81 -64.16
CA LEU FB 116 -58.52 -6.57 -64.19
C LEU FB 116 -59.29 -7.85 -63.91
N VAL FB 117 -58.85 -8.99 -64.46
CA VAL FB 117 -59.52 -10.25 -64.20
C VAL FB 117 -59.46 -10.58 -62.72
N VAL FB 118 -58.30 -10.41 -62.10
CA VAL FB 118 -58.16 -10.69 -60.67
C VAL FB 118 -59.06 -9.76 -59.87
N GLN FB 119 -59.11 -8.48 -60.26
CA GLN FB 119 -59.90 -7.52 -59.51
C GLN FB 119 -61.38 -7.85 -59.56
N VAL FB 120 -61.92 -8.13 -60.75
CA VAL FB 120 -63.35 -8.41 -60.85
C VAL FB 120 -63.69 -9.71 -60.14
N LEU FB 121 -62.74 -10.63 -60.03
CA LEU FB 121 -62.98 -11.84 -59.25
C LEU FB 121 -62.95 -11.52 -57.76
N LEU FB 122 -61.89 -10.85 -57.30
CA LEU FB 122 -61.74 -10.56 -55.88
C LEU FB 122 -62.77 -9.53 -55.41
N MET FB 123 -62.90 -8.42 -56.15
CA MET FB 123 -63.88 -7.42 -55.76
C MET FB 123 -65.30 -7.94 -55.98
N GLY FB 124 -65.51 -8.72 -57.05
CA GLY FB 124 -66.83 -9.26 -57.29
C GLY FB 124 -67.30 -10.14 -56.16
N ALA FB 125 -66.41 -10.99 -55.65
CA ALA FB 125 -66.78 -11.85 -54.53
C ALA FB 125 -67.04 -11.03 -53.27
N VAL FB 126 -66.15 -10.09 -52.97
CA VAL FB 126 -66.26 -9.30 -51.75
C VAL FB 126 -67.50 -8.42 -51.78
N GLU FB 127 -67.77 -7.78 -52.92
CA GLU FB 127 -68.97 -6.96 -53.03
C GLU FB 127 -70.24 -7.80 -52.94
N ILE FB 128 -70.20 -9.02 -53.48
CA ILE FB 128 -71.33 -9.93 -53.35
C ILE FB 128 -71.59 -10.25 -51.89
N TYR FB 129 -70.54 -10.53 -51.12
CA TYR FB 129 -70.72 -10.85 -49.71
C TYR FB 129 -71.33 -9.69 -48.96
N ARG FB 130 -70.88 -8.47 -49.26
CA ARG FB 130 -71.46 -7.30 -48.62
C ARG FB 130 -72.89 -7.08 -49.06
N ALA FB 131 -73.18 -7.25 -50.35
CA ALA FB 131 -74.54 -7.07 -50.84
C ALA FB 131 -75.48 -8.11 -50.26
N ASN FB 132 -75.06 -9.38 -50.24
CA ASN FB 132 -75.91 -10.44 -49.73
C ASN FB 132 -75.98 -10.45 -48.21
N GLY FB 133 -74.99 -9.88 -47.53
CA GLY FB 133 -74.96 -9.87 -46.09
C GLY FB 133 -74.32 -11.09 -45.47
N GLU FB 134 -73.95 -12.09 -46.26
CA GLU FB 134 -73.27 -13.28 -45.76
C GLU FB 134 -72.15 -13.64 -46.72
N GLY FB 135 -71.00 -14.00 -46.16
CA GLY FB 135 -69.87 -14.39 -46.96
C GLY FB 135 -69.95 -15.87 -47.28
N PRO FB 136 -68.81 -16.46 -47.66
CA PRO FB 136 -68.79 -17.90 -47.92
C PRO FB 136 -69.07 -18.68 -46.65
N ASN FB 137 -70.01 -19.62 -46.73
CA ASN FB 137 -70.47 -20.41 -45.60
C ASN FB 137 -71.03 -19.52 -44.49
N GLY FB 138 -71.72 -18.46 -44.87
CA GLY FB 138 -72.36 -17.58 -43.91
C GLY FB 138 -71.39 -16.92 -42.95
N PHE FB 139 -70.29 -16.39 -43.49
CA PHE FB 139 -69.26 -15.82 -42.64
C PHE FB 139 -69.76 -14.62 -41.85
N GLY FB 140 -70.55 -13.76 -42.48
CA GLY FB 140 -71.01 -12.57 -41.81
C GLY FB 140 -72.51 -12.53 -41.59
N GLU FB 141 -73.12 -13.71 -41.52
CA GLU FB 141 -74.57 -13.78 -41.33
C GLU FB 141 -74.95 -13.21 -39.97
N GLY FB 142 -76.00 -12.40 -39.95
CA GLY FB 142 -76.48 -11.83 -38.71
C GLY FB 142 -75.74 -10.59 -38.26
N GLN FB 143 -74.81 -10.08 -39.07
CA GLN FB 143 -74.09 -8.87 -38.76
C GLN FB 143 -74.63 -7.71 -39.59
N ASP FB 144 -74.46 -6.50 -39.05
CA ASP FB 144 -74.93 -5.31 -39.75
C ASP FB 144 -74.23 -5.17 -41.09
N THR FB 145 -75.00 -4.92 -42.14
CA THR FB 145 -74.44 -4.84 -43.48
C THR FB 145 -73.63 -3.58 -43.70
N LEU FB 146 -73.74 -2.58 -42.84
CA LEU FB 146 -72.93 -1.38 -42.93
C LEU FB 146 -71.84 -1.32 -41.89
N TYR FB 147 -72.08 -1.89 -40.72
CA TYR FB 147 -71.13 -1.89 -39.61
C TYR FB 147 -70.97 -3.31 -39.10
N PRO FB 148 -70.33 -4.18 -39.88
CA PRO FB 148 -70.29 -5.60 -39.51
C PRO FB 148 -69.63 -5.88 -38.17
N GLY FB 149 -68.55 -5.17 -37.84
CA GLY FB 149 -67.82 -5.50 -36.65
C GLY FB 149 -67.24 -6.90 -36.73
N GLY FB 150 -67.14 -7.55 -35.58
CA GLY FB 150 -66.67 -8.92 -35.52
C GLY FB 150 -65.29 -9.13 -36.09
N ALA FB 151 -65.21 -9.84 -37.21
CA ALA FB 151 -63.92 -10.05 -37.87
C ALA FB 151 -63.37 -8.75 -38.43
N PHE FB 152 -64.26 -7.82 -38.80
CA PHE FB 152 -63.82 -6.55 -39.36
C PHE FB 152 -63.42 -5.55 -38.30
N ASP FB 153 -63.47 -5.93 -37.02
CA ASP FB 153 -63.02 -5.10 -35.92
C ASP FB 153 -62.07 -5.94 -35.05
N PRO FB 154 -60.90 -6.30 -35.58
CA PRO FB 154 -59.98 -7.14 -34.80
C PRO FB 154 -59.52 -6.52 -33.50
N LEU FB 155 -59.37 -5.21 -33.45
CA LEU FB 155 -58.92 -4.54 -32.24
C LEU FB 155 -60.04 -4.24 -31.26
N GLY FB 156 -61.28 -4.54 -31.64
CA GLY FB 156 -62.40 -4.35 -30.73
C GLY FB 156 -62.60 -2.91 -30.30
N LEU FB 157 -62.33 -1.97 -31.20
CA LEU FB 157 -62.44 -0.56 -30.86
C LEU FB 157 -63.88 -0.11 -30.70
N ALA FB 158 -64.85 -0.94 -31.07
CA ALA FB 158 -66.26 -0.58 -31.03
C ALA FB 158 -67.07 -1.47 -30.10
N ASP FB 159 -66.42 -2.10 -29.12
CA ASP FB 159 -67.13 -3.00 -28.23
C ASP FB 159 -68.14 -2.25 -27.37
N ASP FB 160 -67.74 -1.09 -26.86
CA ASP FB 160 -68.67 -0.25 -26.11
C ASP FB 160 -69.67 0.38 -27.08
N PRO FB 161 -70.97 0.16 -26.91
CA PRO FB 161 -71.95 0.78 -27.82
C PRO FB 161 -71.91 2.30 -27.82
N ASP FB 162 -71.62 2.92 -26.68
CA ASP FB 162 -71.54 4.38 -26.65
C ASP FB 162 -70.32 4.87 -27.41
N THR FB 163 -69.20 4.16 -27.33
CA THR FB 163 -68.03 4.53 -28.10
C THR FB 163 -68.28 4.33 -29.59
N LEU FB 164 -69.11 3.34 -29.94
CA LEU FB 164 -69.45 3.13 -31.34
C LEU FB 164 -70.15 4.34 -31.94
N ALA FB 165 -71.11 4.90 -31.20
CA ALA FB 165 -71.88 6.03 -31.71
C ALA FB 165 -70.98 7.23 -31.95
N GLU FB 166 -70.04 7.48 -31.03
CA GLU FB 166 -69.09 8.57 -31.22
C GLU FB 166 -68.18 8.30 -32.41
N LEU FB 167 -67.68 7.08 -32.52
CA LEU FB 167 -66.73 6.76 -33.57
C LEU FB 167 -67.39 6.72 -34.94
N LYS FB 168 -68.68 6.39 -35.00
CA LYS FB 168 -69.38 6.45 -36.27
C LYS FB 168 -69.42 7.87 -36.82
N VAL FB 169 -69.58 8.85 -35.94
CA VAL FB 169 -69.57 10.24 -36.37
C VAL FB 169 -68.19 10.62 -36.89
N LYS FB 170 -67.14 10.10 -36.26
CA LYS FB 170 -65.79 10.36 -36.75
C LYS FB 170 -65.57 9.75 -38.13
N GLU FB 171 -66.11 8.56 -38.36
CA GLU FB 171 -65.92 7.90 -39.65
C GLU FB 171 -66.61 8.67 -40.77
N ILE FB 172 -67.84 9.11 -40.53
CA ILE FB 172 -68.59 9.79 -41.58
C ILE FB 172 -68.04 11.20 -41.80
N LYS FB 173 -67.54 11.84 -40.74
CA LYS FB 173 -67.02 13.20 -40.90
C LYS FB 173 -65.66 13.20 -41.58
N ASN FB 174 -64.78 12.26 -41.23
CA ASN FB 174 -63.55 12.11 -41.98
C ASN FB 174 -63.85 11.67 -43.41
N GLY FB 175 -64.85 10.81 -43.58
CA GLY FB 175 -65.20 10.34 -44.91
C GLY FB 175 -65.78 11.42 -45.80
N ARG FB 176 -66.63 12.28 -45.24
CA ARG FB 176 -67.19 13.37 -46.03
C ARG FB 176 -66.11 14.35 -46.46
N LEU FB 177 -65.16 14.64 -45.56
CA LEU FB 177 -64.03 15.49 -45.92
C LEU FB 177 -63.18 14.85 -47.00
N ALA FB 178 -62.99 13.54 -46.93
CA ALA FB 178 -62.26 12.83 -47.97
C ALA FB 178 -62.99 12.86 -49.30
N MET FB 179 -64.33 12.72 -49.26
CA MET FB 179 -65.11 12.80 -50.50
C MET FB 179 -64.99 14.17 -51.14
N LEU FB 180 -65.08 15.23 -50.33
CA LEU FB 180 -64.95 16.58 -50.84
C LEU FB 180 -63.55 16.82 -51.40
N SER FB 181 -62.54 16.32 -50.72
CA SER FB 181 -61.16 16.53 -51.17
C SER FB 181 -60.88 15.74 -52.45
N MET FB 182 -61.49 14.56 -52.59
CA MET FB 182 -61.35 13.82 -53.84
C MET FB 182 -62.00 14.56 -55.00
N LEU FB 183 -63.06 15.30 -54.73
CA LEU FB 183 -63.58 16.20 -55.74
C LEU FB 183 -62.53 17.24 -56.11
N GLY FB 184 -61.83 17.77 -55.12
CA GLY FB 184 -60.72 18.66 -55.41
C GLY FB 184 -59.61 17.98 -56.19
N PHE FB 185 -59.28 16.74 -55.81
CA PHE FB 185 -58.26 16.00 -56.56
C PHE FB 185 -58.65 15.86 -58.02
N PHE FB 186 -59.93 15.57 -58.29
CA PHE FB 186 -60.39 15.41 -59.66
C PHE FB 186 -60.30 16.72 -60.43
N VAL FB 187 -60.85 17.79 -59.86
CA VAL FB 187 -60.92 19.06 -60.59
C VAL FB 187 -59.53 19.68 -60.70
N GLN FB 188 -58.73 19.61 -59.63
CA GLN FB 188 -57.39 20.16 -59.70
C GLN FB 188 -56.53 19.40 -60.70
N ALA FB 189 -56.71 18.09 -60.80
CA ALA FB 189 -56.00 17.33 -61.82
C ALA FB 189 -56.37 17.81 -63.21
N ILE FB 190 -57.66 18.05 -63.44
CA ILE FB 190 -58.13 18.49 -64.74
C ILE FB 190 -57.62 19.89 -65.05
N VAL FB 191 -57.74 20.81 -64.08
CA VAL FB 191 -57.41 22.20 -64.33
C VAL FB 191 -55.90 22.42 -64.31
N THR FB 192 -55.20 21.86 -63.34
CA THR FB 192 -53.77 22.14 -63.19
C THR FB 192 -52.88 21.17 -63.94
N GLY FB 193 -53.26 19.90 -64.05
CA GLY FB 193 -52.38 18.93 -64.65
C GLY FB 193 -51.23 18.48 -63.79
N LYS FB 194 -51.21 18.89 -62.53
CA LYS FB 194 -50.16 18.50 -61.58
C LYS FB 194 -50.79 17.61 -60.51
N GLY FB 195 -49.92 16.97 -59.73
CA GLY FB 195 -50.36 16.18 -58.62
C GLY FB 195 -50.90 17.06 -57.51
N PRO FB 196 -51.78 16.50 -56.67
CA PRO FB 196 -52.32 17.29 -55.56
C PRO FB 196 -51.25 17.78 -54.59
N LEU FB 197 -50.20 16.99 -54.38
CA LEU FB 197 -49.11 17.44 -53.52
C LEU FB 197 -48.35 18.59 -54.17
N ASP FB 198 -48.15 18.52 -55.49
CA ASP FB 198 -47.50 19.61 -56.20
C ASP FB 198 -48.32 20.88 -56.13
N ASN FB 199 -49.65 20.76 -56.18
CA ASN FB 199 -50.51 21.92 -56.06
C ASN FB 199 -50.38 22.56 -54.68
N LEU FB 200 -50.29 21.75 -53.63
CA LEU FB 200 -50.17 22.28 -52.28
C LEU FB 200 -48.87 23.05 -52.11
N LEU FB 201 -47.76 22.48 -52.58
CA LEU FB 201 -46.48 23.16 -52.46
C LEU FB 201 -46.45 24.43 -53.29
N GLN FB 202 -47.23 24.48 -54.37
CA GLN FB 202 -47.33 25.69 -55.16
C GLN FB 202 -48.04 26.80 -54.38
N HIS FB 203 -49.14 26.45 -53.70
CA HIS FB 203 -49.82 27.43 -52.84
C HIS FB 203 -48.89 27.92 -51.75
N LEU FB 204 -48.07 27.02 -51.19
CA LEU FB 204 -47.22 27.41 -50.07
C LEU FB 204 -46.04 28.26 -50.51
N GLU FB 205 -45.58 28.11 -51.76
CA GLU FB 205 -44.48 28.93 -52.24
C GLU FB 205 -44.85 30.40 -52.22
N GLU FB 206 -46.03 30.74 -52.73
CA GLU FB 206 -46.52 32.12 -52.71
C GLU FB 206 -48.04 32.07 -52.83
N PRO FB 207 -48.74 32.04 -51.71
CA PRO FB 207 -50.21 31.87 -51.77
C PRO FB 207 -50.93 32.95 -52.56
N GLY FB 208 -50.48 34.20 -52.46
CA GLY FB 208 -51.14 35.25 -53.21
C GLY FB 208 -50.98 35.11 -54.70
N GLU FB 209 -49.87 34.52 -55.14
CA GLU FB 209 -49.59 34.39 -56.56
C GLU FB 209 -50.03 33.04 -57.11
N PHE FB 210 -49.80 31.96 -56.37
CA PHE FB 210 -50.09 30.61 -56.87
C PHE FB 210 -51.39 30.11 -56.25
N ASN FB 211 -52.51 30.47 -56.87
CA ASN FB 211 -53.80 29.95 -56.48
C ASN FB 211 -54.64 29.78 -57.74
N PHE FB 212 -55.87 29.33 -57.56
CA PHE FB 212 -56.74 29.08 -58.71
C PHE FB 212 -57.05 30.36 -59.47
N TYR FB 213 -57.30 31.45 -58.75
CA TYR FB 213 -57.78 32.66 -59.40
C TYR FB 213 -56.66 33.35 -60.19
N ALA FB 214 -55.45 33.33 -59.67
CA ALA FB 214 -54.33 34.01 -60.30
C ALA FB 214 -53.66 33.17 -61.38
N LEU FB 215 -54.06 31.91 -61.55
CA LEU FB 215 -53.35 31.05 -62.48
C LEU FB 215 -54.26 30.44 -63.54
N TYR FB 216 -55.48 30.10 -63.17
CA TYR FB 216 -56.30 29.27 -64.05
C TYR FB 216 -57.70 29.79 -64.28
N ALA FB 217 -58.13 30.77 -63.49
CA ALA FB 217 -59.51 31.25 -63.60
C ALA FB 217 -59.80 31.84 -64.97
N ASN FB 218 -58.86 32.64 -65.49
CA ASN FB 218 -59.05 33.29 -66.78
C ASN FB 218 -59.18 32.29 -67.93
N SER FB 219 -58.67 31.07 -67.77
CA SER FB 219 -58.64 30.11 -68.85
C SER FB 219 -59.88 29.24 -68.95
N LEU FB 220 -60.68 29.16 -67.88
CA LEU FB 220 -61.80 28.23 -67.88
C LEU FB 220 -62.97 28.72 -68.71
N ALA FB 221 -62.94 29.94 -69.21
CA ALA FB 221 -63.98 30.44 -70.09
C ALA FB 221 -63.40 31.43 -71.08
N MET GB 1 -45.64 86.09 -29.62
CA MET GB 1 -46.44 85.15 -28.84
C MET GB 1 -45.57 84.33 -27.91
N LEU GB 2 -44.25 84.53 -28.00
CA LEU GB 2 -43.33 83.79 -27.16
C LEU GB 2 -43.59 84.05 -25.69
N LEU GB 3 -43.85 85.31 -25.34
CA LEU GB 3 -44.19 85.66 -23.97
C LEU GB 3 -45.52 85.03 -23.57
N ILE GB 4 -46.51 85.08 -24.46
CA ILE GB 4 -47.80 84.47 -24.18
C ILE GB 4 -47.66 82.97 -24.04
N PHE GB 5 -46.89 82.35 -24.93
CA PHE GB 5 -46.74 80.90 -24.92
C PHE GB 5 -46.08 80.43 -23.64
N GLN GB 6 -45.01 81.11 -23.22
CA GLN GB 6 -44.28 80.66 -22.03
C GLN GB 6 -45.08 80.87 -20.76
N LEU GB 7 -45.88 81.95 -20.71
CA LEU GB 7 -46.78 82.13 -19.59
C LEU GB 7 -47.86 81.05 -19.56
N ALA GB 8 -48.40 80.70 -20.73
CA ALA GB 8 -49.38 79.62 -20.79
C ALA GB 8 -48.76 78.30 -20.36
N LEU GB 9 -47.54 78.02 -20.81
CA LEU GB 9 -46.87 76.80 -20.40
C LEU GB 9 -46.60 76.79 -18.90
N PHE GB 10 -46.16 77.92 -18.35
CA PHE GB 10 -45.92 77.99 -16.91
C PHE GB 10 -47.21 77.79 -16.13
N ALA GB 11 -48.31 78.40 -16.59
CA ALA GB 11 -49.59 78.17 -15.95
C ALA GB 11 -50.00 76.71 -16.06
N PHE GB 12 -49.65 76.06 -17.16
CA PHE GB 12 -49.92 74.64 -17.32
C PHE GB 12 -49.13 73.82 -16.31
N ILE GB 13 -47.89 74.22 -16.03
CA ILE GB 13 -47.09 73.52 -15.03
C ILE GB 13 -47.64 73.75 -13.64
N VAL GB 14 -48.15 74.96 -13.37
CA VAL GB 14 -48.67 75.27 -12.04
C VAL GB 14 -49.92 74.44 -11.75
N VAL GB 15 -50.86 74.41 -12.69
CA VAL GB 15 -52.10 73.68 -12.46
C VAL GB 15 -51.83 72.19 -12.40
N SER GB 16 -50.82 71.72 -13.14
CA SER GB 16 -50.44 70.30 -13.05
C SER GB 16 -49.95 69.96 -11.66
N PHE GB 17 -49.14 70.85 -11.07
CA PHE GB 17 -48.65 70.60 -9.71
C PHE GB 17 -49.79 70.59 -8.70
N LEU GB 18 -50.78 71.47 -8.89
CA LEU GB 18 -51.93 71.47 -8.00
C LEU GB 18 -52.69 70.15 -8.09
N LEU GB 19 -52.87 69.65 -9.31
CA LEU GB 19 -53.57 68.38 -9.48
C LEU GB 19 -52.74 67.21 -8.99
N VAL GB 20 -51.42 67.30 -9.09
CA VAL GB 20 -50.57 66.19 -8.66
C VAL GB 20 -50.70 65.95 -7.16
N VAL GB 21 -50.86 67.03 -6.38
CA VAL GB 21 -51.05 66.92 -4.94
C VAL GB 21 -52.52 67.02 -4.56
N GLY GB 22 -53.28 67.87 -5.24
CA GLY GB 22 -54.67 68.08 -4.86
C GLY GB 22 -55.53 66.86 -5.10
N VAL GB 23 -55.39 66.21 -6.25
CA VAL GB 23 -56.25 65.08 -6.59
C VAL GB 23 -56.10 63.91 -5.63
N PRO GB 24 -54.89 63.41 -5.33
CA PRO GB 24 -54.81 62.31 -4.35
C PRO GB 24 -55.33 62.68 -2.97
N VAL GB 25 -55.18 63.94 -2.57
CA VAL GB 25 -55.62 64.36 -1.24
C VAL GB 25 -57.14 64.28 -1.13
N VAL GB 26 -57.85 64.83 -2.12
CA VAL GB 26 -59.30 64.84 -2.06
C VAL GB 26 -59.85 63.42 -2.24
N LEU GB 27 -59.18 62.60 -3.03
CA LEU GB 27 -59.63 61.22 -3.23
C LEU GB 27 -59.56 60.39 -1.96
N ALA GB 28 -58.41 60.42 -1.29
CA ALA GB 28 -58.25 59.61 -0.09
C ALA GB 28 -59.05 60.19 1.08
N THR GB 29 -59.37 61.47 1.02
CA THR GB 29 -60.24 62.07 2.02
C THR GB 29 -61.61 61.39 1.96
N PRO GB 30 -62.16 60.97 3.12
CA PRO GB 30 -63.42 60.21 3.10
C PRO GB 30 -64.55 60.92 2.37
N GLU GB 31 -64.89 62.13 2.81
CA GLU GB 31 -65.92 62.91 2.14
C GLU GB 31 -65.37 63.84 1.07
N GLY GB 32 -64.05 63.81 0.84
CA GLY GB 32 -63.43 64.70 -0.12
C GLY GB 32 -63.95 64.50 -1.53
N TRP GB 33 -64.04 63.25 -1.97
CA TRP GB 33 -64.50 62.98 -3.33
C TRP GB 33 -65.97 63.34 -3.50
N ALA GB 34 -66.77 63.17 -2.45
CA ALA GB 34 -68.18 63.52 -2.54
C ALA GB 34 -68.39 65.03 -2.57
N GLU GB 35 -67.62 65.77 -1.78
CA GLU GB 35 -67.85 67.20 -1.63
C GLU GB 35 -67.01 68.03 -2.58
N ASN GB 36 -65.70 67.80 -2.63
CA ASN GB 36 -64.79 68.59 -3.44
C ASN GB 36 -64.74 68.14 -4.90
N LYS GB 37 -65.72 67.34 -5.33
CA LYS GB 37 -65.71 66.84 -6.70
C LYS GB 37 -65.83 67.99 -7.71
N GLY GB 38 -66.53 69.05 -7.35
CA GLY GB 38 -66.68 70.17 -8.25
C GLY GB 38 -65.36 70.85 -8.56
N THR GB 39 -64.54 71.07 -7.53
CA THR GB 39 -63.25 71.71 -7.73
C THR GB 39 -62.33 70.85 -8.58
N VAL GB 40 -62.33 69.52 -8.33
CA VAL GB 40 -61.47 68.64 -9.11
C VAL GB 40 -61.87 68.65 -10.57
N PHE GB 41 -63.17 68.62 -10.84
CA PHE GB 41 -63.64 68.68 -12.22
C PHE GB 41 -63.22 69.98 -12.88
N SER GB 42 -63.31 71.09 -12.15
CA SER GB 42 -62.91 72.37 -12.70
C SER GB 42 -61.42 72.38 -13.02
N GLY GB 43 -60.60 71.84 -12.12
CA GLY GB 43 -59.17 71.81 -12.36
C GLY GB 43 -58.79 70.94 -13.55
N ILE GB 44 -59.41 69.77 -13.67
CA ILE GB 44 -59.14 68.90 -14.81
C ILE GB 44 -59.62 69.55 -16.10
N GLY GB 45 -60.77 70.23 -16.06
CA GLY GB 45 -61.20 70.97 -17.23
C GLY GB 45 -60.25 72.08 -17.60
N ILE GB 46 -59.75 72.80 -16.60
CA ILE GB 46 -58.76 73.84 -16.86
C ILE GB 46 -57.47 73.22 -17.36
N TRP GB 47 -57.10 72.05 -16.83
CA TRP GB 47 -55.88 71.39 -17.24
C TRP GB 47 -55.91 71.03 -18.72
N PHE GB 48 -57.03 70.49 -19.18
CA PHE GB 48 -57.13 70.11 -20.59
C PHE GB 48 -57.12 71.33 -21.50
N LEU GB 49 -57.76 72.41 -21.08
CA LEU GB 49 -57.76 73.62 -21.89
C LEU GB 49 -56.35 74.15 -22.09
N LEU GB 50 -55.52 74.11 -21.03
CA LEU GB 50 -54.15 74.55 -21.17
C LEU GB 50 -53.34 73.63 -22.07
N VAL GB 51 -53.67 72.34 -22.07
CA VAL GB 51 -53.00 71.41 -22.99
C VAL GB 51 -53.25 71.82 -24.44
N PHE GB 52 -54.52 72.05 -24.77
CA PHE GB 52 -54.86 72.46 -26.13
C PHE GB 52 -54.32 73.84 -26.43
N LEU GB 53 -54.39 74.75 -25.46
CA LEU GB 53 -53.93 76.11 -25.68
C LEU GB 53 -52.42 76.15 -25.94
N VAL GB 54 -51.66 75.38 -25.15
CA VAL GB 54 -50.23 75.27 -25.42
C VAL GB 54 -50.00 74.53 -26.74
N GLY GB 55 -50.83 73.54 -27.03
CA GLY GB 55 -50.71 72.78 -28.25
C GLY GB 55 -50.86 73.61 -29.51
N ILE GB 56 -51.87 74.47 -29.58
CA ILE GB 56 -52.04 75.33 -30.75
C ILE GB 56 -50.96 76.41 -30.77
N LEU GB 57 -50.62 76.96 -29.60
CA LEU GB 57 -49.64 78.04 -29.55
C LEU GB 57 -48.27 77.56 -30.01
N ASN GB 58 -47.97 76.27 -29.82
CA ASN GB 58 -46.71 75.73 -30.28
C ASN GB 58 -46.55 75.87 -31.79
N SER GB 59 -47.65 75.99 -32.51
CA SER GB 59 -47.57 76.15 -33.96
C SER GB 59 -47.04 77.53 -34.34
N PHE GB 60 -47.37 78.57 -33.57
CA PHE GB 60 -46.96 79.92 -33.88
C PHE GB 60 -45.67 80.33 -33.19
N VAL GB 61 -45.02 79.42 -32.46
CA VAL GB 61 -43.82 79.77 -31.72
C VAL GB 61 -42.71 78.77 -32.05
N VAL GB 62 -43.08 77.67 -32.70
CA VAL GB 62 -42.10 76.67 -33.11
C VAL GB 62 -42.32 76.31 -34.56
N LEU HB 1 16.71 50.25 -38.34
CA LEU HB 1 15.53 49.79 -39.05
C LEU HB 1 15.55 50.23 -40.51
N ASP HB 2 15.20 49.33 -41.41
CA ASP HB 2 15.11 49.66 -42.82
C ASP HB 2 14.03 50.71 -43.04
N LEU HB 3 14.34 51.67 -43.91
CA LEU HB 3 13.52 52.86 -44.09
C LEU HB 3 12.81 52.82 -45.43
N PHE HB 4 11.53 53.14 -45.43
CA PHE HB 4 10.72 53.12 -46.64
C PHE HB 4 10.10 54.49 -46.85
N ASP HB 5 9.79 54.78 -48.11
CA ASP HB 5 9.18 56.05 -48.50
C ASP HB 5 7.69 55.82 -48.68
N ASP HB 6 6.88 56.53 -47.91
CA ASP HB 6 5.43 56.48 -48.01
C ASP HB 6 4.81 57.87 -47.95
N ARG HB 7 5.51 58.86 -48.50
CA ARG HB 7 4.96 60.22 -48.52
C ARG HB 7 3.70 60.30 -49.37
N LYS HB 8 3.68 59.56 -50.48
CA LYS HB 8 2.50 59.55 -51.34
C LYS HB 8 1.31 58.88 -50.68
N ALA HB 9 1.52 58.12 -49.60
CA ALA HB 9 0.42 57.44 -48.93
C ALA HB 9 -0.58 58.43 -48.36
N ARG HB 10 -0.11 59.59 -47.90
CA ARG HB 10 -1.01 60.61 -47.38
C ARG HB 10 -2.02 61.04 -48.44
N GLN HB 11 -1.54 61.23 -49.67
CA GLN HB 11 -2.46 61.37 -50.80
C GLN HB 11 -3.15 60.05 -51.06
N ALA HB 12 -4.38 60.12 -51.56
CA ALA HB 12 -5.29 58.99 -51.75
C ALA HB 12 -5.85 58.53 -50.42
N GLY HB 13 -5.64 59.32 -49.37
CA GLY HB 13 -6.43 59.17 -48.16
C GLY HB 13 -5.89 58.24 -47.10
N PHE HB 14 -4.62 58.38 -46.73
CA PHE HB 14 -4.11 57.63 -45.59
C PHE HB 14 -4.79 58.07 -44.29
N ASP HB 15 -5.06 59.37 -44.16
CA ASP HB 15 -5.61 59.92 -42.93
C ASP HB 15 -7.13 59.81 -42.86
N ILE HB 16 -7.77 59.24 -43.87
CA ILE HB 16 -9.23 59.10 -43.84
C ILE HB 16 -9.66 58.29 -42.62
N ILE HB 17 -8.95 57.20 -42.34
CA ILE HB 17 -9.26 56.40 -41.18
C ILE HB 17 -8.91 57.15 -39.90
N TYR HB 18 -7.82 57.91 -39.93
CA TYR HB 18 -7.44 58.67 -38.74
C TYR HB 18 -8.32 59.90 -38.55
N GLU HB 19 -8.84 60.45 -39.64
CA GLU HB 19 -9.80 61.54 -39.51
C GLU HB 19 -11.12 61.05 -38.94
N ALA HB 20 -11.55 59.86 -39.34
CA ALA HB 20 -12.82 59.31 -38.89
C ALA HB 20 -12.79 58.88 -37.42
N ARG HB 21 -11.61 58.74 -36.83
CA ARG HB 21 -11.49 58.28 -35.45
C ARG HB 21 -11.13 59.39 -34.49
N ASP HB 22 -11.10 60.64 -34.95
CA ASP HB 22 -10.73 61.78 -34.11
C ASP HB 22 -12.00 62.29 -33.43
N LEU HB 23 -12.22 61.88 -32.19
CA LEU HB 23 -13.47 62.25 -31.48
C LEU HB 23 -13.46 63.75 -31.18
N ASP HB 24 -12.35 64.43 -31.49
CA ASP HB 24 -12.28 65.90 -31.29
C ASP HB 24 -13.05 66.59 -32.43
N LEU HB 25 -13.13 65.94 -33.59
CA LEU HB 25 -13.81 66.55 -34.77
C LEU HB 25 -15.30 66.27 -34.71
N PRO HB 26 -16.17 67.17 -35.21
CA PRO HB 26 -17.62 66.90 -35.27
C PRO HB 26 -17.90 65.64 -36.07
N GLN HB 27 -19.10 65.10 -35.84
CA GLN HB 27 -19.51 63.88 -36.54
C GLN HB 27 -19.57 64.10 -38.04
N GLY HB 28 -20.00 65.28 -38.48
CA GLY HB 28 -20.04 65.56 -39.90
C GLY HB 28 -18.67 65.48 -40.56
N VAL HB 29 -17.66 66.02 -39.89
CA VAL HB 29 -16.30 65.92 -40.40
C VAL HB 29 -15.82 64.47 -40.35
N ARG HB 30 -16.10 63.77 -39.25
CA ARG HB 30 -15.66 62.39 -39.11
C ARG HB 30 -16.28 61.50 -40.18
N ASP HB 31 -17.56 61.69 -40.47
CA ASP HB 31 -18.23 60.90 -41.49
C ASP HB 31 -18.06 61.45 -42.89
N GLY HB 32 -17.41 62.60 -43.05
CA GLY HB 32 -17.19 63.17 -44.36
C GLY HB 32 -18.37 63.90 -44.94
N LEU HB 33 -19.48 64.01 -44.21
CA LEU HB 33 -20.66 64.68 -44.74
C LEU HB 33 -20.42 66.18 -44.88
N ALA HB 34 -19.73 66.78 -43.92
CA ALA HB 34 -19.47 68.21 -43.98
C ALA HB 34 -18.60 68.58 -45.18
N GLN HB 35 -17.59 67.76 -45.47
CA GLN HB 35 -16.69 68.04 -46.59
C GLN HB 35 -17.44 68.04 -47.92
N ALA HB 36 -18.38 67.11 -48.08
CA ALA HB 36 -19.16 67.06 -49.31
C ALA HB 36 -20.03 68.30 -49.46
N ARG HB 37 -20.65 68.74 -48.37
CA ARG HB 37 -21.44 69.97 -48.42
C ARG HB 37 -20.56 71.19 -48.55
N GLU HB 38 -19.32 71.12 -48.06
CA GLU HB 38 -18.39 72.23 -48.18
C GLU HB 38 -18.06 72.50 -49.65
N ASN HB 39 -17.68 71.46 -50.38
CA ASN HB 39 -17.38 71.55 -51.80
C ASN HB 39 -18.40 70.72 -52.56
N LEU HB 40 -19.38 71.38 -53.18
CA LEU HB 40 -20.39 70.66 -53.95
C LEU HB 40 -19.75 69.95 -55.14
N ASP HB 41 -18.61 70.44 -55.61
CA ASP HB 41 -17.93 69.83 -56.74
C ASP HB 41 -17.52 68.40 -56.43
N VAL HB 42 -17.11 68.15 -55.17
CA VAL HB 42 -16.81 66.79 -54.75
C VAL HB 42 -18.07 65.94 -54.79
N ALA HB 43 -19.17 66.47 -54.25
CA ALA HB 43 -20.44 65.76 -54.30
C ALA HB 43 -20.95 65.64 -55.74
N LYS HB 44 -20.79 66.71 -56.53
CA LYS HB 44 -21.27 66.69 -57.90
C LYS HB 44 -20.49 65.67 -58.74
N ALA HB 45 -19.20 65.51 -58.44
CA ALA HB 45 -18.43 64.47 -59.13
C ALA HB 45 -18.94 63.08 -58.79
N ARG HB 46 -19.31 62.86 -57.52
CA ARG HB 46 -19.79 61.55 -57.12
C ARG HB 46 -21.14 61.23 -57.77
N ILE HB 47 -21.96 62.25 -58.00
CA ILE HB 47 -23.21 62.04 -58.73
C ILE HB 47 -22.91 61.58 -60.15
N LYS HB 48 -21.97 62.25 -60.81
CA LYS HB 48 -21.61 61.89 -62.17
C LYS HB 48 -21.02 60.49 -62.23
N GLU HB 49 -20.16 60.15 -61.27
CA GLU HB 49 -19.59 58.81 -61.23
C GLU HB 49 -20.65 57.76 -60.97
N ALA HB 50 -21.64 58.09 -60.14
CA ALA HB 50 -22.74 57.16 -59.89
C ALA HB 50 -23.53 56.89 -61.16
N GLU HB 51 -23.75 57.92 -61.98
CA GLU HB 51 -24.51 57.75 -63.20
C GLU HB 51 -23.81 56.79 -64.16
N LYS HB 52 -22.49 56.87 -64.22
CA LYS HB 52 -21.73 55.98 -65.09
C LYS HB 52 -21.92 54.53 -64.69
N ARG HB 53 -21.90 54.25 -63.37
CA ARG HB 53 -22.06 52.89 -62.89
C ARG HB 53 -23.41 52.32 -63.27
N ILE HB 54 -24.47 53.11 -63.08
CA ILE HB 54 -25.82 52.64 -63.39
C ILE HB 54 -25.99 52.45 -64.89
N ASP HB 55 -25.45 53.38 -65.67
CA ASP HB 55 -25.66 53.38 -67.12
C ASP HB 55 -24.76 52.39 -67.85
N ALA HB 56 -23.71 51.89 -67.20
CA ALA HB 56 -22.79 50.98 -67.88
C ALA HB 56 -22.68 49.63 -67.20
N ASP HB 57 -22.44 49.61 -65.89
CA ASP HB 57 -22.12 48.37 -65.21
C ASP HB 57 -23.36 47.50 -65.00
N LEU HB 58 -24.49 48.12 -64.67
CA LEU HB 58 -25.66 47.36 -64.29
C LEU HB 58 -26.22 46.53 -65.45
N ASP HB 59 -26.04 47.02 -66.68
CA ASP HB 59 -26.61 46.34 -67.83
C ASP HB 59 -25.99 44.95 -68.02
N ALA HB 60 -24.67 44.86 -67.85
CA ALA HB 60 -23.98 43.58 -68.06
C ALA HB 60 -24.35 42.58 -66.96
N TYR HB 61 -24.47 43.07 -65.72
CA TYR HB 61 -24.79 42.18 -64.61
C TYR HB 61 -26.16 41.54 -64.79
N ILE HB 62 -27.14 42.33 -65.23
CA ILE HB 62 -28.48 41.79 -65.45
C ILE HB 62 -28.48 40.82 -66.63
N ALA HB 63 -27.80 41.19 -67.71
CA ALA HB 63 -27.74 40.31 -68.87
C ALA HB 63 -27.01 39.02 -68.57
N LYS HB 64 -25.91 39.10 -67.81
CA LYS HB 64 -25.14 37.92 -67.45
C LYS HB 64 -25.69 37.20 -66.22
N ALA HB 65 -26.76 37.71 -65.62
CA ALA HB 65 -27.38 37.14 -64.43
C ALA HB 65 -26.45 37.15 -63.22
N TYR HB 66 -25.64 38.19 -63.06
CA TYR HB 66 -24.81 38.36 -61.86
C TYR HB 66 -25.61 39.21 -60.86
N TRP HB 67 -26.52 38.54 -60.15
CA TRP HB 67 -27.47 39.26 -59.31
C TRP HB 67 -26.79 39.93 -58.14
N THR HB 68 -25.89 39.22 -57.45
CA THR HB 68 -25.22 39.79 -56.30
C THR HB 68 -24.35 40.98 -56.69
N GLU HB 69 -23.66 40.89 -57.83
CA GLU HB 69 -22.86 42.01 -58.29
C GLU HB 69 -23.73 43.20 -58.68
N GLY HB 70 -24.90 42.94 -59.25
CA GLY HB 70 -25.79 44.03 -59.60
C GLY HB 70 -26.27 44.80 -58.39
N ARG HB 71 -26.61 44.07 -57.32
CA ARG HB 71 -27.04 44.74 -56.10
C ARG HB 71 -25.86 45.44 -55.40
N ASN HB 72 -24.70 44.79 -55.39
CA ASN HB 72 -23.53 45.42 -54.77
C ASN HB 72 -23.14 46.68 -55.52
N GLU HB 73 -23.19 46.66 -56.85
CA GLU HB 73 -22.90 47.86 -57.62
C GLU HB 73 -23.90 48.97 -57.31
N LEU HB 74 -25.10 48.60 -56.86
CA LEU HB 74 -26.13 49.56 -56.50
C LEU HB 74 -25.93 50.14 -55.11
N ARG HB 75 -25.01 49.60 -54.33
CA ARG HB 75 -24.74 50.08 -52.99
C ARG HB 75 -23.30 50.50 -52.76
N ARG HB 76 -22.36 50.13 -53.64
CA ARG HB 76 -20.96 50.51 -53.52
C ARG HB 76 -20.66 51.64 -54.49
N GLN HB 77 -20.16 52.75 -53.95
CA GLN HB 77 -19.87 53.99 -54.67
C GLN HB 77 -21.18 54.69 -55.00
N VAL HB 78 -22.31 53.99 -54.80
CA VAL HB 78 -23.62 54.63 -54.86
C VAL HB 78 -24.18 54.85 -53.47
N GLY HB 79 -23.51 54.32 -52.45
CA GLY HB 79 -23.94 54.48 -51.07
C GLY HB 79 -23.94 55.91 -50.59
N THR HB 80 -23.37 56.83 -51.36
CA THR HB 80 -23.45 58.26 -51.06
C THR HB 80 -24.35 59.01 -52.02
N LEU HB 81 -25.05 58.31 -52.93
CA LEU HB 81 -25.86 58.99 -53.92
C LEU HB 81 -27.02 59.73 -53.27
N ARG HB 82 -27.65 59.13 -52.27
CA ARG HB 82 -28.76 59.79 -51.59
C ARG HB 82 -28.31 61.06 -50.90
N PHE HB 83 -27.17 61.01 -50.22
CA PHE HB 83 -26.63 62.21 -49.60
C PHE HB 83 -26.24 63.24 -50.63
N ASP HB 84 -25.59 62.82 -51.71
CA ASP HB 84 -25.09 63.75 -52.71
C ASP HB 84 -26.24 64.47 -53.41
N LEU HB 85 -27.31 63.73 -53.76
CA LEU HB 85 -28.47 64.37 -54.38
C LEU HB 85 -29.10 65.37 -53.42
N ASN HB 86 -29.15 65.03 -52.13
CA ASN HB 86 -29.72 65.95 -51.14
C ASN HB 86 -28.87 67.21 -51.01
N ALA HB 87 -27.55 67.05 -51.00
CA ALA HB 87 -26.67 68.20 -50.82
C ALA HB 87 -26.80 69.19 -51.98
N VAL HB 88 -26.85 68.67 -53.21
CA VAL HB 88 -26.99 69.54 -54.37
C VAL HB 88 -28.37 70.16 -54.42
N ALA HB 89 -29.39 69.40 -54.03
CA ALA HB 89 -30.77 69.89 -54.13
C ALA HB 89 -31.01 71.05 -53.16
N ASP HB 90 -30.34 71.04 -52.01
CA ASP HB 90 -30.56 72.10 -51.04
C ASP HB 90 -30.00 73.43 -51.53
N THR HB 91 -28.91 73.40 -52.29
CA THR HB 91 -28.30 74.63 -52.78
C THR HB 91 -29.20 75.32 -53.80
N LEU HB 92 -30.10 74.59 -54.44
CA LEU HB 92 -30.98 75.19 -55.42
C LEU HB 92 -32.00 76.11 -54.74
N PRO HB 93 -32.54 77.09 -55.46
CA PRO HB 93 -33.56 77.95 -54.89
C PRO HB 93 -34.82 77.17 -54.55
N LYS HB 94 -35.65 77.77 -53.68
CA LYS HB 94 -36.79 77.06 -53.11
C LYS HB 94 -37.76 76.60 -54.19
N ALA HB 95 -38.00 77.44 -55.20
CA ALA HB 95 -38.92 77.07 -56.26
C ALA HB 95 -38.44 75.83 -57.00
N ALA HB 96 -37.15 75.77 -57.32
CA ALA HB 96 -36.61 74.59 -57.98
C ALA HB 96 -36.35 73.45 -56.99
N LYS HB 97 -36.26 73.78 -55.70
CA LYS HB 97 -35.96 72.75 -54.71
C LYS HB 97 -37.06 71.71 -54.63
N LYS HB 98 -38.31 72.14 -54.69
CA LYS HB 98 -39.42 71.18 -54.70
C LYS HB 98 -39.39 70.33 -55.96
N GLU HB 99 -39.03 70.93 -57.10
CA GLU HB 99 -38.97 70.17 -58.34
C GLU HB 99 -37.87 69.11 -58.29
N ALA HB 100 -36.69 69.50 -57.79
CA ALA HB 100 -35.59 68.56 -57.71
C ALA HB 100 -35.89 67.42 -56.74
N GLN HB 101 -36.51 67.74 -55.61
CA GLN HB 101 -36.87 66.71 -54.65
C GLN HB 101 -37.92 65.76 -55.22
N ALA HB 102 -38.91 66.32 -55.94
CA ALA HB 102 -39.93 65.46 -56.56
C ALA HB 102 -39.30 64.53 -57.59
N ALA HB 103 -38.39 65.05 -58.41
CA ALA HB 103 -37.71 64.20 -59.38
C ALA HB 103 -36.86 63.14 -58.70
N LYS HB 104 -36.19 63.50 -57.60
CA LYS HB 104 -35.34 62.54 -56.90
C LYS HB 104 -36.15 61.38 -56.34
N ASN HB 105 -37.32 61.68 -55.78
CA ASN HB 105 -38.15 60.62 -55.21
C ASN HB 105 -38.60 59.63 -56.27
N GLU HB 106 -38.87 60.11 -57.48
CA GLU HB 106 -39.22 59.21 -58.58
C GLU HB 106 -38.04 58.29 -58.90
N PHE HB 107 -36.83 58.84 -58.93
CA PHE HB 107 -35.65 58.03 -59.18
C PHE HB 107 -35.40 57.07 -58.02
N LEU HB 108 -35.56 57.54 -56.79
CA LEU HB 108 -35.30 56.68 -55.63
C LEU HB 108 -36.27 55.51 -55.59
N ALA HB 109 -37.53 55.74 -55.92
CA ALA HB 109 -38.47 54.62 -56.02
C ALA HB 109 -38.10 53.70 -57.18
N ALA HB 110 -37.51 54.27 -58.24
CA ALA HB 110 -37.11 53.45 -59.37
C ALA HB 110 -35.94 52.54 -59.02
N VAL HB 111 -34.91 53.08 -58.36
CA VAL HB 111 -33.76 52.27 -58.00
C VAL HB 111 -34.13 51.23 -56.96
N GLU HB 112 -35.08 51.55 -56.09
CA GLU HB 112 -35.55 50.56 -55.12
C GLU HB 112 -36.31 49.44 -55.80
N ALA HB 113 -37.10 49.77 -56.82
CA ALA HB 113 -37.79 48.74 -57.59
C ALA HB 113 -36.80 47.87 -58.35
N LEU HB 114 -35.74 48.48 -58.89
CA LEU HB 114 -34.71 47.69 -59.56
C LEU HB 114 -34.01 46.75 -58.58
N ASP HB 115 -33.73 47.23 -57.37
CA ASP HB 115 -33.08 46.39 -56.38
C ASP HB 115 -33.97 45.22 -55.98
N LEU HB 116 -35.28 45.45 -55.92
CA LEU HB 116 -36.20 44.37 -55.59
C LEU HB 116 -36.17 43.28 -56.65
N GLN HB 117 -36.12 43.66 -57.92
CA GLN HB 117 -36.12 42.67 -58.99
C GLN HB 117 -34.83 41.89 -59.02
N LEU HB 118 -33.71 42.52 -58.70
CA LEU HB 118 -32.45 41.80 -58.60
C LEU HB 118 -32.46 40.82 -57.43
N ARG HB 119 -33.17 41.17 -56.36
CA ARG HB 119 -33.33 40.25 -55.25
C ARG HB 119 -34.12 39.02 -55.66
N LYS HB 120 -35.17 39.21 -56.46
CA LYS HB 120 -35.98 38.10 -56.94
C LYS HB 120 -35.35 37.39 -58.13
N LYS HB 121 -34.24 37.90 -58.65
CA LYS HB 121 -33.55 37.31 -59.81
C LYS HB 121 -34.45 37.23 -61.03
N ASN HB 122 -35.32 38.23 -61.21
CA ASN HB 122 -36.23 38.28 -62.35
C ASN HB 122 -35.56 39.13 -63.42
N GLY HB 123 -34.90 38.46 -64.37
CA GLY HB 123 -34.10 39.19 -65.35
C GLY HB 123 -34.92 40.08 -66.25
N ASP HB 124 -36.06 39.58 -66.74
CA ASP HB 124 -36.90 40.36 -67.65
C ASP HB 124 -37.44 41.60 -66.96
N LYS HB 125 -37.93 41.45 -65.73
CA LYS HB 125 -38.46 42.61 -65.01
C LYS HB 125 -37.34 43.54 -64.56
N ALA HB 126 -36.17 42.99 -64.26
CA ALA HB 126 -35.04 43.83 -63.85
C ALA HB 126 -34.56 44.71 -64.98
N ALA HB 127 -34.55 44.18 -66.21
CA ALA HB 127 -34.14 44.98 -67.36
C ALA HB 127 -35.09 46.15 -67.59
N ALA HB 128 -36.39 45.90 -67.43
CA ALA HB 128 -37.37 46.98 -67.56
C ALA HB 128 -37.19 48.01 -66.45
N ALA HB 129 -36.90 47.55 -65.23
CA ALA HB 129 -36.70 48.48 -64.12
C ALA HB 129 -35.43 49.30 -64.32
N LEU HB 130 -34.37 48.69 -64.87
CA LEU HB 130 -33.14 49.44 -65.11
C LEU HB 130 -33.35 50.54 -66.13
N ALA HB 131 -34.12 50.26 -67.18
CA ALA HB 131 -34.41 51.28 -68.18
C ALA HB 131 -35.15 52.45 -67.57
N ASP HB 132 -36.12 52.16 -66.70
CA ASP HB 132 -36.82 53.23 -66.00
C ASP HB 132 -35.90 53.96 -65.02
N THR HB 133 -35.01 53.21 -64.35
CA THR HB 133 -34.09 53.82 -63.40
C THR HB 133 -33.13 54.78 -64.11
N LYS HB 134 -32.60 54.36 -65.26
CA LYS HB 134 -31.71 55.23 -66.01
C LYS HB 134 -32.42 56.47 -66.51
N ALA HB 135 -33.66 56.32 -66.98
CA ALA HB 135 -34.40 57.45 -67.48
C ALA HB 135 -34.69 58.46 -66.39
N LYS HB 136 -35.06 57.99 -65.19
CA LYS HB 136 -35.42 58.91 -64.12
C LYS HB 136 -34.19 59.54 -63.50
N LEU HB 137 -33.05 58.85 -63.54
CA LEU HB 137 -31.81 59.45 -63.03
C LEU HB 137 -31.40 60.66 -63.87
N ASP HB 138 -31.55 60.57 -65.18
CA ASP HB 138 -31.21 61.69 -66.05
C ASP HB 138 -32.12 62.88 -65.79
N ALA HB 139 -33.38 62.62 -65.42
CA ALA HB 139 -34.28 63.71 -65.09
C ALA HB 139 -33.82 64.45 -63.84
N VAL HB 140 -33.33 63.71 -62.83
CA VAL HB 140 -32.85 64.33 -61.61
C VAL HB 140 -31.59 65.14 -61.87
N ILE HB 141 -30.66 64.59 -62.66
CA ILE HB 141 -29.41 65.27 -62.91
C ILE HB 141 -29.64 66.55 -63.71
N ALA HB 142 -30.61 66.52 -64.63
CA ALA HB 142 -30.93 67.73 -65.38
C ALA HB 142 -31.44 68.83 -64.46
N LYS HB 143 -32.29 68.48 -63.49
CA LYS HB 143 -32.88 69.50 -62.62
C LYS HB 143 -31.86 70.04 -61.62
N LEU HB 144 -30.88 69.23 -61.24
CA LEU HB 144 -29.87 69.67 -60.28
C LEU HB 144 -28.82 70.55 -60.95
N ASP IB 1 15.56 -71.82 -27.17
CA ASP IB 1 15.69 -73.25 -27.53
C ASP IB 1 15.09 -74.12 -26.42
N ASN IB 2 15.93 -74.68 -25.55
CA ASN IB 2 15.44 -75.57 -24.47
C ASN IB 2 15.86 -75.00 -23.11
N ARG IB 3 16.49 -73.83 -23.11
CA ARG IB 3 16.92 -73.22 -21.85
C ARG IB 3 15.73 -72.87 -20.97
N PHE IB 4 14.67 -72.33 -21.56
CA PHE IB 4 13.45 -72.08 -20.80
C PHE IB 4 12.76 -73.39 -20.45
N GLY IB 5 12.88 -74.38 -21.34
CA GLY IB 5 12.28 -75.70 -21.04
C GLY IB 5 12.87 -76.29 -19.78
N THR IB 6 14.19 -76.49 -19.78
CA THR IB 6 14.88 -77.06 -18.59
C THR IB 6 14.35 -76.38 -17.33
N ILE IB 7 14.40 -75.06 -17.26
CA ILE IB 7 13.99 -74.34 -16.05
C ILE IB 7 12.53 -74.67 -15.73
N ALA IB 8 11.66 -74.65 -16.74
CA ALA IB 8 10.25 -74.95 -16.51
C ALA IB 8 10.04 -76.38 -16.06
N LEU IB 9 10.99 -77.26 -16.41
CA LEU IB 9 10.87 -78.69 -16.02
C LEU IB 9 11.06 -78.83 -14.51
N LEU IB 10 11.60 -77.82 -13.84
CA LEU IB 10 11.72 -77.87 -12.38
C LEU IB 10 10.35 -77.81 -11.71
N ALA IB 11 9.33 -77.33 -12.42
CA ALA IB 11 8.02 -77.18 -11.81
C ALA IB 11 7.31 -78.53 -11.64
N VAL IB 12 7.60 -79.48 -12.53
CA VAL IB 12 6.91 -80.77 -12.53
C VAL IB 12 7.11 -81.49 -11.19
N PRO IB 13 8.34 -81.64 -10.69
CA PRO IB 13 8.47 -82.23 -9.34
C PRO IB 13 7.90 -81.33 -8.26
N VAL IB 14 7.95 -80.01 -8.44
CA VAL IB 14 7.48 -79.09 -7.41
C VAL IB 14 5.96 -79.18 -7.28
N ILE IB 15 5.25 -79.08 -8.40
CA ILE IB 15 3.79 -79.11 -8.36
C ILE IB 15 3.29 -80.46 -7.87
N GLY IB 16 3.94 -81.54 -8.32
CA GLY IB 16 3.56 -82.86 -7.87
C GLY IB 16 3.71 -83.02 -6.37
N TRP IB 17 4.78 -82.47 -5.82
CA TRP IB 17 5.03 -82.60 -4.35
C TRP IB 17 3.99 -81.79 -3.58
N VAL IB 18 3.73 -80.55 -4.02
CA VAL IB 18 2.75 -79.68 -3.30
C VAL IB 18 1.37 -80.36 -3.35
N LEU IB 19 0.99 -80.88 -4.53
CA LEU IB 19 -0.31 -81.58 -4.66
C LEU IB 19 -0.30 -82.82 -3.77
N PHE IB 20 0.83 -83.52 -3.70
CA PHE IB 20 0.91 -84.69 -2.84
C PHE IB 20 0.63 -84.36 -1.38
N ASN IB 21 0.71 -83.07 -1.03
CA ASN IB 21 0.56 -82.68 0.41
C ASN IB 21 -0.61 -81.72 0.62
N ILE IB 22 -1.16 -81.12 -0.45
CA ILE IB 22 -2.21 -80.08 -0.25
C ILE IB 22 -3.52 -80.49 -0.94
N LEU IB 23 -3.46 -81.44 -1.87
CA LEU IB 23 -4.68 -81.81 -2.66
C LEU IB 23 -5.84 -82.14 -1.71
N GLY IB 24 -5.60 -83.05 -0.75
CA GLY IB 24 -6.64 -83.45 0.17
C GLY IB 24 -7.39 -82.29 0.79
N PRO IB 25 -6.68 -81.50 1.61
CA PRO IB 25 -7.34 -80.36 2.27
C PRO IB 25 -7.85 -79.32 1.30
N LEU IB 26 -7.27 -79.22 0.10
CA LEU IB 26 -7.81 -78.30 -0.91
C LEU IB 26 -9.21 -78.72 -1.31
N GLN IB 27 -9.44 -80.02 -1.49
CA GLN IB 27 -10.78 -80.51 -1.81
C GLN IB 27 -11.74 -80.23 -0.66
N ASN IB 28 -11.26 -80.33 0.58
CA ASN IB 28 -12.11 -79.99 1.72
C ASN IB 28 -12.55 -78.54 1.67
N GLN IB 29 -11.63 -77.63 1.31
CA GLN IB 29 -11.98 -76.23 1.16
C GLN IB 29 -12.99 -76.03 0.02
N LEU IB 30 -12.77 -76.74 -1.10
CA LEU IB 30 -13.65 -76.59 -2.25
C LEU IB 30 -15.06 -77.05 -1.92
N ASN IB 31 -15.19 -78.19 -1.26
CA ASN IB 31 -16.51 -78.71 -0.94
C ASN IB 31 -17.23 -77.83 0.07
N ALA IB 32 -16.49 -77.27 1.04
CA ALA IB 32 -17.11 -76.47 2.07
C ALA IB 32 -17.78 -75.22 1.51
N MET IB 33 -17.13 -74.56 0.55
CA MET IB 33 -17.66 -73.34 -0.03
C MET IB 33 -18.53 -73.59 -1.25
N SER IB 34 -18.67 -74.84 -1.68
CA SER IB 34 -19.51 -75.16 -2.83
C SER IB 34 -20.67 -76.06 -2.41
N LYS JB 1 -16.13 -53.31 27.78
CA LYS JB 1 -15.33 -54.30 28.54
C LYS JB 1 -14.81 -55.38 27.59
N ILE JB 2 -13.82 -56.16 28.04
CA ILE JB 2 -13.25 -57.24 27.19
C ILE JB 2 -13.08 -58.49 28.07
N ASP JB 3 -13.42 -59.67 27.54
CA ASP JB 3 -13.26 -60.91 28.28
C ASP JB 3 -11.94 -61.54 27.85
N ILE JB 4 -11.02 -61.70 28.80
CA ILE JB 4 -9.70 -62.22 28.48
C ILE JB 4 -9.74 -63.70 28.15
N SER JB 5 -10.77 -64.41 28.66
CA SER JB 5 -10.87 -65.83 28.37
C SER JB 5 -11.20 -66.11 26.91
N LYS JB 6 -11.82 -65.17 26.21
CA LYS JB 6 -12.21 -65.33 24.82
C LYS JB 6 -11.25 -64.61 23.87
N GLN JB 7 -10.04 -64.30 24.34
CA GLN JB 7 -9.04 -63.64 23.51
C GLN JB 7 -8.06 -64.60 22.88
N GLY JB 8 -8.21 -65.90 23.11
CA GLY JB 8 -7.39 -66.89 22.44
C GLY JB 8 -6.04 -67.18 23.07
N LEU JB 9 -5.79 -66.70 24.28
CA LEU JB 9 -4.52 -66.92 24.95
C LEU JB 9 -4.57 -68.03 25.99
N ASN JB 10 -5.70 -68.74 26.09
CA ASN JB 10 -5.90 -69.68 27.17
C ASN JB 10 -5.02 -70.92 27.09
N SER JB 11 -4.46 -71.23 25.92
CA SER JB 11 -3.68 -72.44 25.74
C SER JB 11 -2.18 -72.17 25.64
N ILE JB 12 -1.70 -71.12 26.30
CA ILE JB 12 -0.26 -70.86 26.36
C ILE JB 12 0.36 -71.77 27.42
N GLN JB 13 1.42 -72.48 27.03
CA GLN JB 13 2.04 -73.45 27.94
C GLN JB 13 2.68 -72.76 29.14
N ASN JB 14 3.40 -71.67 28.90
CA ASN JB 14 4.12 -71.00 29.97
C ASN JB 14 3.23 -69.95 30.63
N GLU JB 15 3.18 -69.98 31.96
CA GLU JB 15 2.34 -69.02 32.68
C GLU JB 15 2.84 -67.60 32.49
N THR JB 16 4.17 -67.39 32.52
CA THR JB 16 4.71 -66.05 32.36
C THR JB 16 4.39 -65.49 30.98
N VAL JB 17 4.57 -66.31 29.94
CA VAL JB 17 4.21 -65.87 28.60
C VAL JB 17 2.72 -65.61 28.51
N LYS JB 18 1.91 -66.46 29.16
CA LYS JB 18 0.47 -66.25 29.16
C LYS JB 18 0.11 -64.92 29.82
N LEU JB 19 0.75 -64.61 30.94
CA LEU JB 19 0.46 -63.35 31.62
C LEU JB 19 0.96 -62.16 30.82
N ASN JB 20 2.13 -62.28 30.20
CA ASN JB 20 2.66 -61.17 29.41
C ASN JB 20 1.78 -60.88 28.21
N LEU JB 21 1.31 -61.92 27.53
CA LEU JB 21 0.42 -61.72 26.39
C LEU JB 21 -0.94 -61.21 26.82
N MET JB 22 -1.34 -61.49 28.06
CA MET JB 22 -2.58 -60.98 28.62
C MET JB 22 -2.47 -59.57 29.15
N GLY JB 23 -1.26 -59.02 29.22
CA GLY JB 23 -1.07 -57.73 29.85
C GLY JB 23 -1.41 -57.74 31.32
N LYS JB 24 -1.08 -58.82 32.02
CA LYS JB 24 -1.40 -58.96 33.43
C LYS JB 24 -0.15 -59.36 34.19
N SER JB 25 -0.10 -58.97 35.46
CA SER JB 25 1.03 -59.33 36.34
C SER JB 25 0.49 -59.35 37.76
N LYS JB 26 0.32 -60.54 38.33
CA LYS JB 26 -0.12 -60.64 39.71
C LYS JB 26 0.94 -60.12 40.67
N THR JB 27 2.21 -60.22 40.28
CA THR JB 27 3.29 -59.75 41.14
C THR JB 27 3.24 -58.23 41.31
N MET JB 28 2.96 -57.50 40.23
CA MET JB 28 2.96 -56.05 40.31
C MET JB 28 1.70 -55.49 40.94
N GLU JB 29 0.66 -56.30 41.11
CA GLU JB 29 -0.57 -55.82 41.72
C GLU JB 29 -0.42 -55.60 43.22
N SER JB 30 0.46 -56.36 43.87
CA SER JB 30 0.66 -56.20 45.30
C SER JB 30 1.29 -54.85 45.60
N LYS JB 31 0.89 -54.24 46.71
CA LYS JB 31 1.38 -52.92 47.06
C LYS JB 31 2.76 -52.95 47.71
N ASP JB 32 3.29 -54.13 48.02
CA ASP JB 32 4.64 -54.26 48.54
C ASP JB 32 5.65 -54.63 47.47
N TRP JB 33 5.22 -54.72 46.21
CA TRP JB 33 6.14 -55.03 45.13
C TRP JB 33 7.12 -53.88 44.91
N VAL JB 34 8.36 -54.24 44.57
CA VAL JB 34 9.44 -53.28 44.40
C VAL JB 34 10.04 -53.47 43.01
N ASP JB 35 10.27 -52.37 42.31
CA ASP JB 35 10.90 -52.40 41.01
C ASP JB 35 12.33 -52.90 41.13
N PRO JB 36 12.91 -53.41 40.04
CA PRO JB 36 14.35 -53.69 40.02
C PRO JB 36 15.19 -52.46 40.29
N GLN JB 37 14.70 -51.27 40.00
CA GLN JB 37 15.41 -50.04 40.34
C GLN JB 37 15.14 -49.58 41.77
N GLY JB 38 14.27 -50.28 42.50
CA GLY JB 38 13.99 -49.95 43.88
C GLY JB 38 12.73 -49.17 44.13
N ARG JB 39 11.96 -48.87 43.09
CA ARG JB 39 10.73 -48.11 43.23
C ARG JB 39 9.60 -49.04 43.63
N LYS JB 40 8.86 -48.68 44.66
CA LYS JB 40 7.72 -49.47 45.07
C LYS JB 40 6.49 -49.10 44.24
N GLY JB 41 5.63 -50.09 44.00
CA GLY JB 41 4.44 -49.86 43.23
C GLY JB 41 3.38 -49.09 43.99
N LYS JB 42 2.42 -48.54 43.24
CA LYS JB 42 1.34 -47.76 43.80
C LYS JB 42 0.05 -48.57 43.94
N GLY JB 43 0.11 -49.88 43.75
CA GLY JB 43 -1.04 -50.75 43.86
C GLY JB 43 -1.68 -51.10 42.54
N TYR JB 44 -1.40 -50.33 41.49
CA TYR JB 44 -1.90 -50.68 40.18
C TYR JB 44 -1.17 -51.91 39.65
N GLY JB 45 -1.76 -52.54 38.65
CA GLY JB 45 -1.09 -53.62 37.97
C GLY JB 45 -0.28 -53.11 36.79
N VAL JB 46 -0.32 -53.85 35.69
CA VAL JB 46 0.36 -53.35 34.45
C VAL JB 46 -0.46 -52.16 33.94
N TYR JB 47 -1.78 -52.21 34.10
CA TYR JB 47 -2.68 -51.12 33.64
C TYR JB 47 -3.69 -50.79 34.75
N ARG JB 48 -3.81 -49.52 35.13
CA ARG JB 48 -4.71 -49.12 36.24
C ARG JB 48 -6.18 -49.21 35.82
N PHE JB 49 -6.49 -48.83 34.58
CA PHE JB 49 -7.91 -48.78 34.13
C PHE JB 49 -8.39 -50.17 33.70
N ALA JB 50 -7.56 -51.20 33.91
CA ALA JB 50 -8.03 -52.57 33.63
C ALA JB 50 -9.18 -52.87 34.58
N ASN JB 51 -9.98 -53.90 34.30
CA ASN JB 51 -11.19 -54.15 35.13
C ASN JB 51 -12.27 -53.17 34.68
N LYS JB 52 -11.94 -51.88 34.60
CA LYS JB 52 -12.90 -50.90 34.05
C LYS JB 52 -13.12 -51.22 32.57
N TYR JB 53 -12.04 -51.55 31.86
CA TYR JB 53 -12.13 -51.84 30.40
C TYR JB 53 -11.97 -53.35 30.18
N GLY JB 54 -11.50 -54.07 31.20
CA GLY JB 54 -11.39 -55.54 31.09
C GLY JB 54 -9.97 -56.00 30.87
N ALA JB 55 -9.15 -55.20 30.20
CA ALA JB 55 -7.75 -55.61 29.89
C ALA JB 55 -6.97 -54.42 29.34
N ASN JB 56 -5.66 -54.59 29.16
CA ASN JB 56 -4.83 -53.52 28.56
C ASN JB 56 -4.78 -53.73 27.04
N VAL JB 57 -3.98 -52.93 26.34
CA VAL JB 57 -3.83 -53.09 24.90
C VAL JB 57 -3.28 -54.48 24.57
N ASP JB 58 -2.48 -55.06 25.45
CA ASP JB 58 -1.92 -56.39 25.19
C ASP JB 58 -3.02 -57.44 25.12
N GLY JB 59 -4.00 -57.36 26.02
CA GLY JB 59 -5.09 -58.32 25.99
C GLY JB 59 -6.20 -57.92 25.03
N TYR JB 60 -6.28 -56.62 24.72
CA TYR JB 60 -7.33 -56.16 23.81
C TYR JB 60 -7.16 -56.72 22.42
N SER JB 61 -5.94 -56.68 21.89
CA SER JB 61 -5.65 -57.16 20.54
C SER JB 61 -4.34 -57.93 20.54
N PRO JB 62 -4.36 -59.19 20.96
CA PRO JB 62 -3.16 -60.03 20.88
C PRO JB 62 -2.80 -60.31 19.43
N ILE JB 63 -1.50 -60.54 19.21
CA ILE JB 63 -1.01 -60.94 17.89
C ILE JB 63 -0.60 -62.40 17.84
N TYR JB 64 -0.65 -63.10 18.97
CA TYR JB 64 -0.25 -64.51 19.05
C TYR JB 64 -1.32 -65.21 19.87
N THR JB 65 -2.32 -65.76 19.20
CA THR JB 65 -3.42 -66.44 19.85
C THR JB 65 -3.48 -67.89 19.40
N PRO JB 66 -2.79 -68.80 20.09
CA PRO JB 66 -2.78 -70.20 19.65
C PRO JB 66 -4.12 -70.91 19.76
N ASP JB 67 -5.09 -70.34 20.48
CA ASP JB 67 -6.40 -71.00 20.57
C ASP JB 67 -7.11 -71.03 19.22
N THR JB 68 -6.90 -70.02 18.39
CA THR JB 68 -7.53 -69.93 17.08
C THR JB 68 -6.77 -70.68 16.02
N TRP JB 69 -5.66 -71.32 16.36
CA TRP JB 69 -4.94 -72.12 15.39
C TRP JB 69 -5.72 -73.37 15.03
N SER JB 70 -5.46 -73.88 13.83
CA SER JB 70 -6.11 -75.10 13.37
C SER JB 70 -5.47 -76.30 14.03
N GLU JB 71 -6.31 -77.21 14.54
CA GLU JB 71 -5.78 -78.43 15.15
C GLU JB 71 -5.09 -79.32 14.12
N SER JB 72 -5.50 -79.22 12.86
CA SER JB 72 -4.87 -80.03 11.81
C SER JB 72 -3.41 -79.64 11.62
N GLY JB 73 -3.04 -78.43 12.01
CA GLY JB 73 -1.66 -77.99 11.90
C GLY JB 73 -0.75 -78.54 12.98
N ASP JB 74 -1.29 -79.20 14.00
CA ASP JB 74 -0.47 -79.76 15.07
C ASP JB 74 0.29 -81.00 14.65
N SER JB 75 -0.05 -81.59 13.50
CA SER JB 75 0.60 -82.82 13.08
C SER JB 75 0.57 -82.90 11.56
N TYR JB 76 1.59 -83.56 11.02
CA TYR JB 76 1.69 -83.81 9.58
C TYR JB 76 0.88 -85.05 9.25
N LYS JB 77 -0.13 -84.89 8.40
CA LYS JB 77 -1.10 -85.96 8.17
C LYS JB 77 -0.46 -87.19 7.56
N LEU JB 78 0.46 -86.99 6.62
CA LEU JB 78 1.08 -88.13 5.94
C LEU JB 78 1.98 -88.92 6.88
N GLY JB 79 2.46 -88.29 7.95
CA GLY JB 79 3.22 -89.03 8.95
C GLY JB 79 4.58 -89.46 8.43
N THR JB 80 5.06 -90.58 8.95
CA THR JB 80 6.40 -91.05 8.60
C THR JB 80 6.49 -91.38 7.11
N LYS JB 81 5.38 -91.77 6.49
CA LYS JB 81 5.39 -92.05 5.06
C LYS JB 81 5.73 -90.80 4.26
N GLY JB 82 5.12 -89.66 4.61
CA GLY JB 82 5.42 -88.43 3.91
C GLY JB 82 6.84 -87.96 4.16
N LEU JB 83 7.30 -88.05 5.41
CA LEU JB 83 8.62 -87.56 5.76
C LEU JB 83 9.71 -88.34 5.04
N ILE JB 84 9.56 -89.66 4.94
CA ILE JB 84 10.54 -90.46 4.22
C ILE JB 84 10.56 -90.07 2.74
N ALA JB 85 9.36 -89.92 2.16
CA ALA JB 85 9.29 -89.46 0.77
C ALA JB 85 9.84 -88.05 0.63
N TRP JB 86 9.56 -87.19 1.62
CA TRP JB 86 10.13 -85.85 1.62
C TRP JB 86 11.65 -85.89 1.71
N ALA JB 87 12.17 -86.76 2.59
CA ALA JB 87 13.62 -86.87 2.74
C ALA JB 87 14.26 -87.37 1.45
N GLY JB 88 13.63 -88.37 0.81
CA GLY JB 88 14.17 -88.88 -0.43
C GLY JB 88 14.09 -87.87 -1.56
N LEU JB 89 12.99 -87.12 -1.63
CA LEU JB 89 12.85 -86.10 -2.66
C LEU JB 89 13.88 -84.99 -2.49
N ILE JB 90 14.18 -84.62 -1.24
CA ILE JB 90 15.16 -83.57 -0.98
C ILE JB 90 16.52 -83.96 -1.54
N VAL JB 91 16.94 -85.19 -1.30
CA VAL JB 91 18.24 -85.65 -1.78
C VAL JB 91 18.29 -85.64 -3.31
N VAL JB 92 17.22 -86.14 -3.94
CA VAL JB 92 17.19 -86.23 -5.40
C VAL JB 92 17.22 -84.83 -6.01
N LEU JB 93 16.43 -83.91 -5.48
CA LEU JB 93 16.41 -82.56 -6.01
C LEU JB 93 17.70 -81.81 -5.71
N LEU JB 94 18.31 -82.11 -4.56
CA LEU JB 94 19.59 -81.48 -4.22
C LEU JB 94 20.67 -81.89 -5.21
N GLY JB 95 20.71 -83.17 -5.57
CA GLY JB 95 21.70 -83.62 -6.54
C GLY JB 95 21.47 -83.02 -7.91
N VAL JB 96 20.21 -82.97 -8.35
CA VAL JB 96 19.89 -82.37 -9.64
C VAL JB 96 20.21 -80.88 -9.63
N GLY JB 97 19.86 -80.20 -8.54
CA GLY JB 97 20.12 -78.77 -8.45
C GLY JB 97 21.60 -78.44 -8.51
N ILE JB 98 22.42 -79.22 -7.78
CA ILE JB 98 23.86 -78.98 -7.80
C ILE JB 98 24.43 -79.27 -9.18
N ASN JB 99 24.00 -80.37 -9.80
CA ASN JB 99 24.51 -80.72 -11.12
C ASN JB 99 24.13 -79.67 -12.16
N LEU JB 100 22.90 -79.16 -12.09
CA LEU JB 100 22.46 -78.14 -13.02
C LEU JB 100 23.27 -76.85 -12.83
N VAL JB 101 23.54 -76.49 -11.58
CA VAL JB 101 24.36 -75.31 -11.31
C VAL JB 101 25.76 -75.50 -11.85
N ILE JB 102 26.34 -76.68 -11.63
CA ILE JB 102 27.69 -76.95 -12.11
C ILE JB 102 27.73 -76.98 -13.63
N SER JB 103 26.76 -77.65 -14.24
CA SER JB 103 26.79 -77.82 -15.69
C SER JB 103 26.66 -76.49 -16.43
N THR JB 104 25.80 -75.60 -15.95
CA THR JB 104 25.51 -74.34 -16.64
C THR JB 104 26.43 -73.21 -16.22
N SER JB 105 27.63 -73.53 -15.76
CA SER JB 105 28.58 -72.52 -15.33
C SER JB 105 29.92 -72.75 -16.01
N ALA JB 106 30.73 -71.71 -16.04
CA ALA JB 106 32.07 -71.78 -16.61
C ALA JB 106 33.07 -72.52 -15.73
N LEU JB 107 32.59 -73.14 -14.65
CA LEU JB 107 33.49 -73.87 -13.76
C LEU JB 107 34.14 -75.04 -14.47
N GLY JB 108 35.45 -75.16 -14.31
CA GLY JB 108 36.20 -76.25 -14.91
C GLY JB 108 36.16 -76.27 -16.43
N ASP KB 1 -1.66 77.05 15.21
CA ASP KB 1 -2.32 78.36 15.00
C ASP KB 1 -3.70 78.36 15.69
N ASN KB 2 -4.67 79.06 15.11
CA ASN KB 2 -6.02 79.18 15.73
C ASN KB 2 -6.99 78.25 15.01
N ARG KB 3 -6.55 77.58 13.95
CA ARG KB 3 -7.46 76.70 13.16
C ARG KB 3 -8.21 75.76 14.11
N PHE KB 4 -7.47 75.08 15.01
CA PHE KB 4 -8.13 74.19 15.96
C PHE KB 4 -8.96 74.97 16.95
N GLY KB 5 -8.48 76.17 17.32
CA GLY KB 5 -9.24 77.01 18.25
C GLY KB 5 -10.64 77.29 17.71
N THR KB 6 -10.72 77.95 16.57
CA THR KB 6 -12.04 78.32 15.99
C THR KB 6 -12.98 77.09 15.99
N ILE KB 7 -12.50 75.95 15.52
CA ILE KB 7 -13.34 74.76 15.43
C ILE KB 7 -13.79 74.32 16.83
N ALA KB 8 -12.88 74.37 17.80
CA ALA KB 8 -13.24 73.96 19.15
C ALA KB 8 -14.21 74.94 19.79
N LEU KB 9 -14.21 76.19 19.32
CA LEU KB 9 -15.14 77.21 19.87
C LEU KB 9 -16.58 76.84 19.51
N LEU KB 10 -16.77 75.99 18.50
CA LEU KB 10 -18.12 75.56 18.15
C LEU KB 10 -18.74 74.69 19.23
N ALA KB 11 -17.90 74.11 20.10
CA ALA KB 11 -18.42 73.21 21.13
C ALA KB 11 -19.12 74.00 22.23
N VAL KB 12 -18.65 75.21 22.54
CA VAL KB 12 -19.15 75.97 23.67
C VAL KB 12 -20.65 76.25 23.55
N PRO KB 13 -21.16 76.74 22.41
CA PRO KB 13 -22.62 76.86 22.30
C PRO KB 13 -23.33 75.51 22.35
N VAL KB 14 -22.70 74.46 21.83
CA VAL KB 14 -23.32 73.14 21.82
C VAL KB 14 -23.37 72.57 23.24
N ILE KB 15 -22.24 72.62 23.94
CA ILE KB 15 -22.18 72.10 25.31
C ILE KB 15 -23.12 72.89 26.21
N GLY KB 16 -23.14 74.20 26.05
CA GLY KB 16 -24.05 75.02 26.83
C GLY KB 16 -25.50 74.70 26.54
N TRP KB 17 -25.81 74.46 25.27
CA TRP KB 17 -27.22 74.18 24.87
C TRP KB 17 -27.65 72.81 25.41
N VAL KB 18 -26.80 71.79 25.25
CA VAL KB 18 -27.18 70.41 25.70
C VAL KB 18 -27.49 70.48 27.19
N LEU KB 19 -26.63 71.14 27.97
CA LEU KB 19 -26.85 71.26 29.44
C LEU KB 19 -28.19 71.96 29.68
N PHE KB 20 -28.42 73.09 29.01
CA PHE KB 20 -29.65 73.84 29.23
C PHE KB 20 -30.89 72.97 29.11
N ASN KB 21 -30.77 71.84 28.41
CA ASN KB 21 -31.96 70.96 28.18
C ASN KB 21 -31.76 69.58 28.82
N ILE KB 22 -30.61 69.32 29.45
CA ILE KB 22 -30.37 67.93 29.97
C ILE KB 22 -29.92 67.97 31.44
N LEU KB 23 -29.31 69.07 31.88
CA LEU KB 23 -28.76 69.14 33.26
C LEU KB 23 -29.80 68.65 34.27
N GLY KB 24 -30.96 69.29 34.33
CA GLY KB 24 -31.96 68.94 35.31
C GLY KB 24 -32.27 67.44 35.34
N PRO KB 25 -32.66 66.88 34.20
CA PRO KB 25 -32.88 65.42 34.15
C PRO KB 25 -31.64 64.61 34.50
N LEU KB 26 -30.45 65.12 34.18
CA LEU KB 26 -29.22 64.43 34.60
C LEU KB 26 -29.10 64.39 36.11
N GLN KB 27 -29.42 65.51 36.78
CA GLN KB 27 -29.32 65.55 38.23
C GLN KB 27 -30.22 64.50 38.88
N ASN KB 28 -31.34 64.17 38.24
CA ASN KB 28 -32.18 63.09 38.74
C ASN KB 28 -31.46 61.76 38.67
N GLN KB 29 -30.54 61.61 37.72
CA GLN KB 29 -29.87 60.33 37.52
C GLN KB 29 -28.85 60.05 38.62
N LEU KB 30 -27.93 60.98 38.86
CA LEU KB 30 -26.92 60.73 39.88
C LEU KB 30 -27.49 60.84 41.29
N ASN KB 31 -28.62 61.53 41.46
CA ASN KB 31 -29.27 61.55 42.76
C ASN KB 31 -29.96 60.22 43.05
N ALA KB 32 -30.57 59.61 42.03
CA ALA KB 32 -31.21 58.32 42.22
C ALA KB 32 -30.20 57.23 42.58
N MET KB 33 -29.05 57.24 41.91
CA MET KB 33 -28.03 56.23 42.14
C MET KB 33 -27.05 56.62 43.24
N SER KB 34 -27.25 57.75 43.89
CA SER KB 34 -26.40 58.16 45.00
C SER KB 34 -26.61 57.25 46.21
N LYS LB 1 -46.72 30.41 30.26
CA LYS LB 1 -47.37 31.11 29.16
C LYS LB 1 -47.04 32.59 29.16
N ILE LB 2 -47.62 33.31 28.21
CA ILE LB 2 -47.37 34.74 28.01
C ILE LB 2 -48.69 35.49 28.13
N ASP LB 3 -48.72 36.51 28.97
CA ASP LB 3 -49.87 37.40 29.07
C ASP LB 3 -49.63 38.58 28.14
N ILE LB 4 -50.47 38.70 27.10
CA ILE LB 4 -50.27 39.75 26.10
C ILE LB 4 -50.49 41.12 26.71
N SER LB 5 -51.28 41.21 27.79
CA SER LB 5 -51.56 42.49 28.41
C SER LB 5 -50.36 43.04 29.17
N LYS LB 6 -49.35 42.21 29.44
CA LYS LB 6 -48.18 42.63 30.19
C LYS LB 6 -46.94 42.72 29.30
N GLN LB 7 -47.14 42.79 27.99
CA GLN LB 7 -46.04 42.88 27.04
C GLN LB 7 -45.78 44.31 26.59
N GLY LB 8 -46.45 45.29 27.19
CA GLY LB 8 -46.24 46.67 26.83
C GLY LB 8 -46.90 47.11 25.56
N LEU LB 9 -47.96 46.43 25.13
CA LEU LB 9 -48.62 46.71 23.86
C LEU LB 9 -50.02 47.29 24.06
N ASN LB 10 -50.33 47.82 25.24
CA ASN LB 10 -51.69 48.21 25.56
C ASN LB 10 -52.02 49.66 25.24
N SER LB 11 -51.05 50.45 24.80
CA SER LB 11 -51.30 51.86 24.52
C SER LB 11 -51.13 52.21 23.05
N ILE LB 12 -51.20 51.22 22.17
CA ILE LB 12 -51.19 51.50 20.74
C ILE LB 12 -52.55 52.05 20.33
N GLN LB 13 -52.55 53.21 19.68
CA GLN LB 13 -53.81 53.89 19.36
C GLN LB 13 -54.62 53.10 18.34
N ASN LB 14 -53.99 52.69 17.25
CA ASN LB 14 -54.69 52.00 16.19
C ASN LB 14 -54.84 50.52 16.54
N GLU LB 15 -56.08 50.04 16.61
CA GLU LB 15 -56.32 48.67 17.05
C GLU LB 15 -55.74 47.66 16.06
N THR LB 16 -55.75 47.99 14.77
CA THR LB 16 -55.13 47.11 13.78
C THR LB 16 -53.64 46.97 14.05
N VAL LB 17 -52.97 48.09 14.34
CA VAL LB 17 -51.55 48.03 14.68
C VAL LB 17 -51.35 47.28 15.99
N LYS LB 18 -52.25 47.50 16.95
CA LYS LB 18 -52.16 46.81 18.23
C LYS LB 18 -52.32 45.30 18.05
N LEU LB 19 -53.24 44.89 17.19
CA LEU LB 19 -53.41 43.46 16.92
C LEU LB 19 -52.21 42.89 16.16
N ASN LB 20 -51.66 43.66 15.22
CA ASN LB 20 -50.49 43.19 14.47
C ASN LB 20 -49.29 42.99 15.39
N LEU LB 21 -49.06 43.95 16.29
CA LEU LB 21 -47.93 43.83 17.20
C LEU LB 21 -48.13 42.72 18.23
N MET LB 22 -49.39 42.44 18.59
CA MET LB 22 -49.69 41.34 19.48
C MET LB 22 -49.65 39.99 18.80
N GLY LB 23 -49.60 39.96 17.47
CA GLY LB 23 -49.62 38.69 16.76
C GLY LB 23 -50.98 38.02 16.75
N LYS LB 24 -52.04 38.79 16.96
CA LYS LB 24 -53.40 38.26 16.97
C LYS LB 24 -54.19 38.86 15.83
N SER LB 25 -55.23 38.15 15.39
CA SER LB 25 -56.07 38.61 14.26
C SER LB 25 -57.47 38.01 14.35
N LYS LB 26 -58.44 38.78 14.86
CA LYS LB 26 -59.82 38.26 15.05
C LYS LB 26 -60.37 37.74 13.71
N THR LB 27 -60.14 38.47 12.62
CA THR LB 27 -60.71 38.07 11.31
C THR LB 27 -60.22 36.68 10.93
N MET LB 28 -58.91 36.43 11.01
CA MET LB 28 -58.33 35.13 10.59
C MET LB 28 -58.76 34.02 11.55
N GLU LB 29 -59.25 34.39 12.75
CA GLU LB 29 -59.68 33.39 13.75
C GLU LB 29 -60.92 32.65 13.24
N SER LB 30 -61.80 33.34 12.51
CA SER LB 30 -63.06 32.72 12.03
C SER LB 30 -62.76 31.57 11.05
N LYS LB 31 -63.56 30.51 11.10
CA LYS LB 31 -63.38 29.35 10.17
C LYS LB 31 -64.08 29.65 8.85
N ASP LB 32 -64.81 30.78 8.77
CA ASP LB 32 -65.48 31.18 7.51
C ASP LB 32 -64.65 32.25 6.82
N TRP LB 33 -63.50 32.63 7.42
CA TRP LB 33 -62.61 33.65 6.82
C TRP LB 33 -62.06 33.15 5.49
N VAL LB 34 -61.84 34.05 4.53
CA VAL LB 34 -61.30 33.65 3.20
C VAL LB 34 -60.06 34.49 2.89
N ASP LB 35 -58.94 33.83 2.57
CA ASP LB 35 -57.72 34.52 2.21
C ASP LB 35 -57.93 35.35 0.95
N PRO LB 36 -57.22 36.47 0.79
CA PRO LB 36 -57.41 37.32 -0.40
C PRO LB 36 -57.12 36.62 -1.72
N GLN LB 37 -56.53 35.43 -1.66
CA GLN LB 37 -56.35 34.61 -2.84
C GLN LB 37 -57.41 33.53 -3.00
N GLY LB 38 -58.40 33.46 -2.11
CA GLY LB 38 -59.47 32.50 -2.21
C GLY LB 38 -59.34 31.33 -1.26
N ARG LB 39 -58.23 31.19 -0.55
CA ARG LB 39 -58.04 30.07 0.36
C ARG LB 39 -58.89 30.28 1.60
N LYS LB 40 -59.59 29.23 2.04
CA LYS LB 40 -60.38 29.29 3.25
C LYS LB 40 -59.55 28.85 4.45
N GLY LB 41 -59.63 29.61 5.53
CA GLY LB 41 -58.85 29.30 6.71
C GLY LB 41 -59.31 28.02 7.38
N LYS LB 42 -58.37 27.34 8.04
CA LYS LB 42 -58.63 26.06 8.68
C LYS LB 42 -59.19 26.20 10.09
N GLY LB 43 -59.28 27.42 10.62
CA GLY LB 43 -59.79 27.65 11.96
C GLY LB 43 -58.77 28.26 12.90
N TYR LB 44 -57.50 28.00 12.69
CA TYR LB 44 -56.47 28.62 13.51
C TYR LB 44 -56.44 30.13 13.27
N GLY LB 45 -55.77 30.83 14.16
CA GLY LB 45 -55.60 32.24 13.97
C GLY LB 45 -54.31 32.52 13.22
N VAL LB 46 -53.54 33.50 13.69
CA VAL LB 46 -52.21 33.70 13.16
C VAL LB 46 -51.30 32.54 13.55
N TYR LB 47 -51.47 32.04 14.77
CA TYR LB 47 -50.66 30.97 15.32
C TYR LB 47 -51.60 29.96 15.96
N ARG LB 48 -51.45 28.68 15.59
CA ARG LB 48 -52.36 27.68 16.11
C ARG LB 48 -52.07 27.33 17.56
N PHE LB 49 -50.83 27.50 18.02
CA PHE LB 49 -50.44 27.23 19.39
C PHE LB 49 -50.45 28.47 20.26
N ALA LB 50 -51.23 29.48 19.88
CA ALA LB 50 -51.29 30.70 20.68
C ALA LB 50 -51.87 30.44 22.06
N ASN LB 51 -52.90 29.59 22.14
CA ASN LB 51 -53.51 29.29 23.42
C ASN LB 51 -52.59 28.48 24.31
N LYS LB 52 -51.79 27.58 23.71
CA LYS LB 52 -50.89 26.75 24.50
C LYS LB 52 -49.74 27.58 25.07
N TYR LB 53 -49.25 28.55 24.31
CA TYR LB 53 -48.05 29.28 24.69
C TYR LB 53 -48.28 30.75 25.02
N GLY LB 54 -49.49 31.27 24.79
CA GLY LB 54 -49.81 32.64 25.11
C GLY LB 54 -49.80 33.57 23.91
N ALA LB 55 -48.84 33.42 23.01
CA ALA LB 55 -48.73 34.32 21.87
C ALA LB 55 -47.79 33.78 20.79
N ASN LB 56 -47.55 34.57 19.77
CA ASN LB 56 -46.63 34.27 18.70
C ASN LB 56 -45.25 34.84 19.03
N VAL LB 57 -44.37 34.87 18.03
CA VAL LB 57 -43.12 35.62 18.16
C VAL LB 57 -43.42 37.09 18.43
N ASP LB 58 -44.45 37.64 17.79
CA ASP LB 58 -44.75 39.06 17.94
C ASP LB 58 -45.11 39.38 19.39
N GLY LB 59 -46.01 38.59 19.98
CA GLY LB 59 -46.34 38.80 21.37
C GLY LB 59 -45.20 38.46 22.31
N TYR LB 60 -44.44 37.40 21.97
CA TYR LB 60 -43.39 36.93 22.86
C TYR LB 60 -42.31 37.98 23.07
N SER LB 61 -41.82 38.58 21.97
CA SER LB 61 -40.75 39.58 22.04
C SER LB 61 -41.05 40.74 21.11
N PRO LB 62 -41.93 41.65 21.53
CA PRO LB 62 -42.17 42.85 20.71
C PRO LB 62 -40.95 43.74 20.67
N ILE LB 63 -40.83 44.52 19.60
CA ILE LB 63 -39.79 45.54 19.48
C ILE LB 63 -40.35 46.94 19.51
N TYR LB 64 -41.63 47.11 19.81
CA TYR LB 64 -42.26 48.42 19.91
C TYR LB 64 -43.28 48.34 21.03
N THR LB 65 -42.88 48.78 22.23
CA THR LB 65 -43.71 48.71 23.43
C THR LB 65 -43.84 50.10 24.02
N PRO LB 66 -44.83 50.88 23.58
CA PRO LB 66 -44.98 52.25 24.09
C PRO LB 66 -45.30 52.33 25.58
N ASP LB 67 -45.76 51.24 26.20
CA ASP LB 67 -46.06 51.28 27.63
C ASP LB 67 -44.81 51.53 28.45
N THR LB 68 -43.69 50.90 28.07
CA THR LB 68 -42.46 51.04 28.82
C THR LB 68 -41.81 52.41 28.63
N TRP LB 69 -42.31 53.21 27.70
CA TRP LB 69 -41.72 54.52 27.46
C TRP LB 69 -41.89 55.43 28.67
N SER LB 70 -40.89 56.27 28.90
CA SER LB 70 -40.97 57.23 29.99
C SER LB 70 -42.04 58.27 29.70
N GLU LB 71 -42.78 58.65 30.74
CA GLU LB 71 -43.81 59.67 30.59
C GLU LB 71 -43.22 61.05 30.34
N SER LB 72 -41.98 61.27 30.79
CA SER LB 72 -41.35 62.58 30.62
C SER LB 72 -41.09 62.88 29.15
N GLY LB 73 -40.94 61.84 28.32
CA GLY LB 73 -40.70 62.05 26.91
C GLY LB 73 -41.91 62.52 26.14
N ASP LB 74 -43.10 62.42 26.73
CA ASP LB 74 -44.30 62.85 26.03
C ASP LB 74 -44.34 64.35 25.84
N SER LB 75 -43.69 65.11 26.72
CA SER LB 75 -43.75 66.56 26.67
C SER LB 75 -42.36 67.14 26.84
N TYR LB 76 -42.17 68.34 26.30
CA TYR LB 76 -40.92 69.08 26.43
C TYR LB 76 -41.05 69.99 27.64
N LYS LB 77 -40.22 69.74 28.67
CA LYS LB 77 -40.41 70.42 29.95
C LYS LB 77 -40.23 71.93 29.82
N LEU LB 78 -39.23 72.37 29.05
CA LEU LB 78 -38.97 73.79 28.92
C LEU LB 78 -40.09 74.52 28.19
N GLY LB 79 -40.97 73.81 27.50
CA GLY LB 79 -42.13 74.43 26.91
C GLY LB 79 -41.76 75.35 25.76
N THR LB 80 -42.62 76.35 25.54
CA THR LB 80 -42.38 77.28 24.44
C THR LB 80 -41.20 78.20 24.72
N LYS LB 81 -40.92 78.45 26.00
CA LYS LB 81 -39.76 79.26 26.35
C LYS LB 81 -38.48 78.63 25.84
N GLY LB 82 -38.30 77.33 26.09
CA GLY LB 82 -37.15 76.64 25.56
C GLY LB 82 -37.26 76.41 24.06
N LEU LB 83 -38.48 76.39 23.54
CA LEU LB 83 -38.67 76.14 22.12
C LEU LB 83 -38.30 77.37 21.29
N ILE LB 84 -38.71 78.56 21.74
CA ILE LB 84 -38.34 79.78 21.02
C ILE LB 84 -36.85 80.04 21.16
N ALA LB 85 -36.26 79.72 22.31
CA ALA LB 85 -34.82 79.82 22.46
C ALA LB 85 -34.11 78.85 21.52
N TRP LB 86 -34.69 77.67 21.31
CA TRP LB 86 -34.14 76.74 20.33
C TRP LB 86 -34.20 77.32 18.92
N ALA LB 87 -35.33 77.92 18.57
CA ALA LB 87 -35.48 78.50 17.24
C ALA LB 87 -34.51 79.65 17.04
N GLY LB 88 -34.36 80.49 18.07
CA GLY LB 88 -33.41 81.59 17.96
C GLY LB 88 -31.98 81.12 17.80
N LEU LB 89 -31.59 80.10 18.58
CA LEU LB 89 -30.22 79.60 18.52
C LEU LB 89 -29.95 78.92 17.17
N ILE LB 90 -30.96 78.23 16.62
CA ILE LB 90 -30.79 77.56 15.34
C ILE LB 90 -30.45 78.56 14.25
N VAL LB 91 -31.17 79.68 14.23
CA VAL LB 91 -30.91 80.72 13.23
C VAL LB 91 -29.52 81.32 13.41
N VAL LB 92 -29.15 81.61 14.66
CA VAL LB 92 -27.85 82.24 14.93
C VAL LB 92 -26.71 81.32 14.49
N LEU LB 93 -26.81 80.04 14.86
CA LEU LB 93 -25.74 79.11 14.51
C LEU LB 93 -25.73 78.80 13.02
N LEU LB 94 -26.91 78.83 12.39
CA LEU LB 94 -26.97 78.63 10.94
C LEU LB 94 -26.23 79.75 10.22
N GLY LB 95 -26.44 80.99 10.65
CA GLY LB 95 -25.73 82.10 10.03
C GLY LB 95 -24.24 82.05 10.28
N VAL LB 96 -23.85 81.72 11.51
CA VAL LB 96 -22.42 81.60 11.82
C VAL LB 96 -21.80 80.45 11.02
N GLY LB 97 -22.52 79.32 10.93
CA GLY LB 97 -21.99 78.19 10.19
C GLY LB 97 -21.80 78.48 8.72
N ILE LB 98 -22.74 79.20 8.12
CA ILE LB 98 -22.61 79.56 6.70
C ILE LB 98 -21.45 80.54 6.51
N ASN LB 99 -21.30 81.48 7.43
CA ASN LB 99 -20.19 82.42 7.34
C ASN LB 99 -18.85 81.70 7.44
N LEU LB 100 -18.74 80.73 8.34
CA LEU LB 100 -17.50 79.99 8.50
C LEU LB 100 -17.17 79.20 7.24
N VAL LB 101 -18.17 78.56 6.65
CA VAL LB 101 -17.95 77.77 5.44
C VAL LB 101 -17.47 78.67 4.31
N ILE LB 102 -18.10 79.84 4.15
CA ILE LB 102 -17.71 80.76 3.10
C ILE LB 102 -16.35 81.38 3.40
N SER LB 103 -16.12 81.77 4.64
CA SER LB 103 -14.86 82.43 4.99
C SER LB 103 -13.66 81.53 4.78
N THR LB 104 -13.79 80.25 5.11
CA THR LB 104 -12.68 79.32 5.06
C THR LB 104 -12.54 78.63 3.71
N SER LB 105 -13.37 78.98 2.73
CA SER LB 105 -13.34 78.34 1.44
C SER LB 105 -12.47 79.12 0.46
N ALA LB 106 -12.21 78.51 -0.69
CA ALA LB 106 -11.51 79.16 -1.78
C ALA LB 106 -12.52 79.81 -2.72
N LEU LB 107 -13.65 80.22 -2.17
CA LEU LB 107 -14.71 80.81 -2.96
C LEU LB 107 -14.25 82.11 -3.61
N GLY LB 108 -14.53 82.25 -4.89
CA GLY LB 108 -14.14 83.45 -5.62
C GLY LB 108 -12.66 83.50 -5.93
N ALA MB 1 18.55 -64.37 -30.16
CA ALA MB 1 19.22 -64.84 -28.96
C ALA MB 1 20.62 -65.33 -29.27
N TYR MB 2 21.62 -64.72 -28.62
CA TYR MB 2 23.00 -65.19 -28.78
C TYR MB 2 23.14 -66.63 -28.32
N GLY MB 3 22.53 -66.96 -27.18
CA GLY MB 3 22.58 -68.31 -26.66
C GLY MB 3 23.77 -68.62 -25.77
N ASP MB 4 24.75 -67.72 -25.69
CA ASP MB 4 25.91 -67.97 -24.85
C ASP MB 4 25.54 -67.88 -23.38
N ALA MB 5 26.18 -68.71 -22.57
CA ALA MB 5 25.91 -68.75 -21.14
C ALA MB 5 26.73 -67.70 -20.41
N ALA MB 6 26.29 -67.37 -19.20
CA ALA MB 6 27.01 -66.42 -18.37
C ALA MB 6 28.26 -67.06 -17.79
N ARG MB 7 29.26 -66.22 -17.53
CA ARG MB 7 30.55 -66.69 -17.03
C ARG MB 7 30.51 -66.83 -15.50
N VAL MB 8 29.58 -67.65 -15.04
CA VAL MB 8 29.49 -67.98 -13.62
C VAL MB 8 30.62 -68.95 -13.28
N PHE MB 9 31.31 -68.67 -12.16
CA PHE MB 9 32.44 -69.48 -11.72
C PHE MB 9 33.55 -69.51 -12.77
N ALA MB 10 33.73 -68.40 -13.47
CA ALA MB 10 34.76 -68.32 -14.54
C ALA MB 10 36.15 -68.54 -13.93
N GLY MB 11 36.61 -67.59 -13.11
CA GLY MB 11 37.92 -67.74 -12.45
C GLY MB 11 39.03 -67.00 -13.17
N ASN MB 12 38.75 -66.48 -14.37
CA ASN MB 12 39.79 -65.79 -15.18
C ASN MB 12 39.22 -64.51 -15.79
N ILE MB 13 39.94 -63.39 -15.67
CA ILE MB 13 39.49 -62.13 -16.32
C ILE MB 13 40.00 -62.13 -17.76
N THR MB 14 39.15 -61.76 -18.72
CA THR MB 14 39.53 -61.81 -20.15
C THR MB 14 40.81 -60.98 -20.37
N ASN MB 15 40.82 -59.74 -19.88
CA ASN MB 15 41.99 -58.84 -20.07
C ASN MB 15 42.23 -58.03 -18.80
N LYS MB 16 43.21 -58.45 -17.99
CA LYS MB 16 43.54 -57.72 -16.73
C LYS MB 16 44.90 -57.02 -16.91
N SER MB 17 45.43 -57.00 -18.13
CA SER MB 17 46.74 -56.37 -18.41
C SER MB 17 46.61 -54.85 -18.32
N GLY MB 18 45.38 -54.32 -18.36
CA GLY MB 18 45.17 -52.86 -18.26
C GLY MB 18 45.41 -52.17 -19.59
N PHE MB 19 45.79 -52.92 -20.63
CA PHE MB 19 46.03 -52.33 -21.97
C PHE MB 19 45.28 -53.13 -23.02
N ILE MB 20 44.87 -52.49 -24.11
CA ILE MB 20 44.15 -53.18 -25.21
C ILE MB 20 44.91 -52.94 -26.52
N PRO MB 21 45.53 -53.97 -27.12
CA PRO MB 21 46.31 -53.80 -28.36
C PRO MB 21 45.52 -53.15 -29.47
N TYR MB 22 46.13 -52.18 -30.14
CA TYR MB 22 45.50 -51.46 -31.24
C TYR MB 22 46.45 -51.49 -32.43
N ALA MB 23 45.90 -51.77 -33.60
CA ALA MB 23 46.67 -51.81 -34.84
C ALA MB 23 46.16 -50.72 -35.78
N GLY MB 24 47.07 -49.86 -36.22
CA GLY MB 24 46.72 -48.81 -37.16
C GLY MB 24 47.42 -48.97 -38.49
N GLU MB 25 47.37 -47.95 -39.33
CA GLU MB 25 48.01 -47.99 -40.65
C GLU MB 25 49.49 -47.75 -40.47
N GLY MB 26 50.27 -48.83 -40.44
CA GLY MB 26 51.71 -48.71 -40.31
C GLY MB 26 52.21 -48.47 -38.90
N PHE MB 27 51.34 -48.57 -37.90
CA PHE MB 27 51.76 -48.39 -36.52
C PHE MB 27 50.91 -49.27 -35.62
N ALA MB 28 51.40 -49.48 -34.40
CA ALA MB 28 50.68 -50.23 -33.40
C ALA MB 28 51.08 -49.74 -32.02
N LEU MB 29 50.21 -49.93 -31.05
CA LEU MB 29 50.48 -49.54 -29.67
C LEU MB 29 49.49 -50.25 -28.77
N LEU MB 30 49.70 -50.10 -27.46
CA LEU MB 30 48.85 -50.69 -26.44
C LEU MB 30 48.09 -49.57 -25.75
N ILE MB 31 46.84 -49.37 -26.14
CA ILE MB 31 46.03 -48.31 -25.54
C ILE MB 31 45.59 -48.74 -24.14
N PRO MB 32 45.63 -47.86 -23.14
CA PRO MB 32 45.11 -48.23 -21.82
C PRO MB 32 43.64 -48.63 -21.89
N SER MB 33 43.27 -49.60 -21.07
CA SER MB 33 41.91 -50.14 -21.12
C SER MB 33 40.88 -49.09 -20.78
N LYS MB 34 41.14 -48.25 -19.78
CA LYS MB 34 40.14 -47.31 -19.29
C LYS MB 34 39.92 -46.12 -20.21
N TRP MB 35 40.75 -45.94 -21.23
CA TRP MB 35 40.64 -44.77 -22.08
C TRP MB 35 39.65 -45.01 -23.20
N ASN MB 36 38.96 -43.95 -23.60
CA ASN MB 36 37.92 -44.00 -24.61
C ASN MB 36 38.37 -43.29 -25.87
N PRO MB 37 37.94 -43.76 -27.05
CA PRO MB 37 38.28 -43.06 -28.29
C PRO MB 37 37.67 -41.67 -28.30
N SER MB 38 38.40 -40.74 -28.92
CA SER MB 38 37.98 -39.35 -28.99
C SER MB 38 37.95 -38.89 -30.43
N LYS MB 39 36.92 -38.12 -30.77
CA LYS MB 39 36.80 -37.54 -32.10
C LYS MB 39 37.54 -36.21 -32.24
N GLU MB 40 38.15 -35.73 -31.16
CA GLU MB 40 38.88 -34.49 -31.20
C GLU MB 40 40.14 -34.64 -32.06
N GLN MB 41 40.49 -33.58 -32.78
CA GLN MB 41 41.67 -33.55 -33.65
C GLN MB 41 42.47 -32.28 -33.34
N ASP MB 42 43.44 -32.40 -32.44
CA ASP MB 42 44.14 -31.21 -31.95
C ASP MB 42 45.11 -30.65 -32.98
N PHE MB 43 45.73 -31.50 -33.78
CA PHE MB 43 46.83 -31.14 -34.66
C PHE MB 43 46.58 -31.66 -36.05
N PRO MB 44 47.28 -31.14 -37.05
CA PRO MB 44 47.19 -31.72 -38.40
C PRO MB 44 47.71 -33.15 -38.41
N GLY MB 45 47.07 -34.00 -39.21
CA GLY MB 45 47.51 -35.36 -39.38
C GLY MB 45 47.12 -36.34 -38.30
N VAL MB 46 46.18 -35.98 -37.43
CA VAL MB 46 45.82 -36.87 -36.33
C VAL MB 46 45.05 -38.06 -36.87
N VAL MB 47 45.50 -39.26 -36.52
CA VAL MB 47 44.86 -40.49 -36.96
C VAL MB 47 44.31 -41.31 -35.81
N LEU MB 48 44.59 -40.95 -34.56
CA LEU MB 48 44.13 -41.69 -33.41
C LEU MB 48 44.17 -40.77 -32.21
N ARG MB 49 43.13 -40.83 -31.38
CA ARG MB 49 43.09 -40.07 -30.13
C ARG MB 49 42.24 -40.81 -29.13
N TYR MB 50 42.81 -41.09 -27.96
CA TYR MB 50 42.12 -41.73 -26.87
C TYR MB 50 42.30 -40.90 -25.62
N GLU MB 51 41.21 -40.61 -24.91
CA GLU MB 51 41.28 -39.86 -23.68
C GLU MB 51 40.77 -40.73 -22.53
N ASP MB 52 41.31 -40.48 -21.35
CA ASP MB 52 40.92 -41.24 -20.17
C ASP MB 52 39.47 -40.97 -19.83
N ASN MB 53 38.76 -42.02 -19.41
CA ASN MB 53 37.36 -41.86 -19.03
C ASN MB 53 37.22 -40.93 -17.83
N GLY MB 54 38.12 -41.05 -16.86
CA GLY MB 54 38.09 -40.20 -15.69
C GLY MB 54 38.44 -38.76 -15.98
N ASP MB 55 39.69 -38.50 -16.34
CA ASP MB 55 40.19 -37.15 -16.57
C ASP MB 55 40.58 -37.01 -18.04
N ALA MB 56 40.02 -35.98 -18.70
CA ALA MB 56 40.33 -35.74 -20.10
C ALA MB 56 41.74 -35.25 -20.31
N VAL MB 57 42.44 -34.85 -19.25
CA VAL MB 57 43.83 -34.41 -19.39
C VAL MB 57 44.70 -35.56 -19.84
N ASN MB 58 44.45 -36.76 -19.32
CA ASN MB 58 45.21 -37.95 -19.72
C ASN MB 58 44.69 -38.41 -21.07
N ASN MB 59 45.49 -38.21 -22.12
CA ASN MB 59 45.11 -38.63 -23.45
C ASN MB 59 46.36 -38.94 -24.26
N LEU MB 60 46.18 -39.70 -25.32
CA LEU MB 60 47.25 -39.96 -26.28
C LEU MB 60 46.75 -39.65 -27.68
N VAL MB 61 47.63 -39.12 -28.51
CA VAL MB 61 47.32 -38.78 -29.89
C VAL MB 61 48.45 -39.29 -30.77
N VAL MB 62 48.11 -39.86 -31.92
CA VAL MB 62 49.09 -40.35 -32.88
C VAL MB 62 48.95 -39.53 -34.15
N LEU MB 63 50.05 -38.93 -34.57
CA LEU MB 63 50.07 -38.05 -35.74
C LEU MB 63 50.86 -38.71 -36.86
N VAL MB 64 50.36 -38.57 -38.09
CA VAL MB 64 51.06 -39.03 -39.28
C VAL MB 64 51.11 -37.85 -40.23
N GLN MB 65 52.31 -37.29 -40.43
CA GLN MB 65 52.52 -36.14 -41.29
C GLN MB 65 53.52 -36.49 -42.38
N LYS MB 66 53.33 -35.88 -43.55
CA LYS MB 66 54.16 -36.18 -44.72
C LYS MB 66 55.38 -35.28 -44.72
N VAL MB 67 56.41 -35.68 -43.96
CA VAL MB 67 57.65 -34.91 -43.95
C VAL MB 67 58.40 -35.08 -45.27
N GLY MB 68 58.43 -36.29 -45.82
CA GLY MB 68 59.10 -36.57 -47.07
C GLY MB 68 60.48 -37.17 -46.93
N LYS MB 69 61.07 -37.12 -45.74
CA LYS MB 69 62.37 -37.74 -45.51
C LYS MB 69 62.19 -39.22 -45.23
N ASN MB 70 63.30 -39.89 -44.89
CA ASN MB 70 63.26 -41.32 -44.59
C ASN MB 70 63.81 -41.66 -43.22
N ASN MB 71 64.49 -40.74 -42.55
CA ASN MB 71 65.01 -40.98 -41.22
C ASN MB 71 64.66 -39.80 -40.32
N ILE MB 72 64.48 -40.08 -39.04
CA ILE MB 72 64.16 -39.02 -38.10
C ILE MB 72 65.34 -38.07 -37.94
N ASP MB 73 66.56 -38.57 -38.11
CA ASP MB 73 67.74 -37.70 -38.04
C ASP MB 73 67.75 -36.70 -39.19
N GLU MB 74 67.15 -37.06 -40.33
CA GLU MB 74 67.05 -36.13 -41.45
C GLU MB 74 66.11 -34.97 -41.16
N LEU MB 75 65.32 -35.04 -40.08
CA LEU MB 75 64.53 -33.92 -39.63
C LEU MB 75 65.25 -33.07 -38.60
N GLY MB 76 66.50 -33.39 -38.28
CA GLY MB 76 67.30 -32.63 -37.34
C GLY MB 76 67.76 -33.47 -36.16
N SER MB 77 68.55 -32.83 -35.31
CA SER MB 77 68.97 -33.43 -34.07
C SER MB 77 67.77 -33.55 -33.13
N PRO MB 78 67.85 -34.42 -32.12
CA PRO MB 78 66.71 -34.54 -31.19
C PRO MB 78 66.29 -33.23 -30.57
N ASP MB 79 67.23 -32.36 -30.21
CA ASP MB 79 66.87 -31.05 -29.69
C ASP MB 79 66.22 -30.18 -30.76
N LYS MB 80 66.73 -30.23 -31.98
CA LYS MB 80 66.16 -29.42 -33.05
C LYS MB 80 64.76 -29.89 -33.40
N PHE MB 81 64.54 -31.20 -33.42
CA PHE MB 81 63.22 -31.74 -33.76
C PHE MB 81 62.18 -31.28 -32.75
N LEU MB 82 62.52 -31.32 -31.47
CA LEU MB 82 61.56 -30.94 -30.44
C LEU MB 82 61.19 -29.47 -30.54
N GLN MB 83 62.18 -28.61 -30.81
CA GLN MB 83 61.89 -27.18 -30.93
C GLN MB 83 61.01 -26.88 -32.13
N ASP MB 84 61.20 -27.60 -33.23
CA ASP MB 84 60.38 -27.40 -34.41
C ASP MB 84 58.96 -27.88 -34.23
N ASN MB 85 58.68 -28.70 -33.22
CA ASN MB 85 57.35 -29.24 -32.96
C ASN MB 85 56.83 -28.79 -31.60
N ALA MB 86 57.21 -27.60 -31.15
CA ALA MB 86 56.73 -27.10 -29.87
C ALA MB 86 55.24 -26.78 -29.89
N TYR MB 87 54.62 -26.74 -31.07
CA TYR MB 87 53.18 -26.52 -31.13
C TYR MB 87 52.41 -27.65 -30.48
N LEU MB 88 53.05 -28.82 -30.34
CA LEU MB 88 52.38 -29.96 -29.73
C LEU MB 88 51.98 -29.68 -28.28
N PHE MB 89 52.77 -28.90 -27.57
CA PHE MB 89 52.51 -28.61 -26.16
C PHE MB 89 51.51 -27.50 -25.97
N GLY MB 90 50.92 -26.98 -27.04
CA GLY MB 90 50.00 -25.86 -26.96
C GLY MB 90 50.75 -24.54 -27.10
N GLU MB 91 49.95 -23.47 -27.16
CA GLU MB 91 50.48 -22.13 -27.34
C GLU MB 91 49.73 -21.16 -26.44
N SER MB 92 50.38 -20.04 -26.15
CA SER MB 92 49.76 -18.96 -25.40
C SER MB 92 49.30 -17.82 -26.31
N ALA MB 93 48.99 -18.11 -27.57
CA ALA MB 93 48.66 -17.06 -28.53
C ALA MB 93 47.42 -16.30 -28.12
N ALA MB 94 46.52 -16.94 -27.37
CA ALA MB 94 45.31 -16.26 -26.92
C ALA MB 94 45.63 -15.17 -25.90
N PHE MB 95 46.63 -15.40 -25.06
CA PHE MB 95 47.05 -14.43 -24.05
C PHE MB 95 48.25 -13.66 -24.58
N THR MB 96 48.04 -12.38 -24.89
CA THR MB 96 49.08 -11.54 -25.45
C THR MB 96 49.53 -10.43 -24.53
N GLY MB 97 48.95 -10.32 -23.33
CA GLY MB 97 49.31 -9.25 -22.42
C GLY MB 97 50.64 -9.51 -21.73
N GLU MB 98 51.11 -8.48 -21.03
CA GLU MB 98 52.34 -8.56 -20.26
C GLU MB 98 52.02 -8.81 -18.79
N THR MB 99 52.92 -9.53 -18.12
CA THR MB 99 52.71 -9.87 -16.73
C THR MB 99 54.06 -10.08 -16.05
N LEU MB 100 54.12 -9.79 -14.75
CA LEU MB 100 55.30 -10.04 -13.94
C LEU MB 100 54.95 -10.77 -12.65
N SER MB 101 53.70 -11.24 -12.52
CA SER MB 101 53.22 -11.86 -11.29
C SER MB 101 52.96 -13.34 -11.42
N GLU MB 102 53.54 -14.01 -12.42
CA GLU MB 102 53.42 -15.46 -12.55
C GLU MB 102 54.67 -16.07 -11.92
N GLY MB 103 54.52 -16.53 -10.68
CA GLY MB 103 55.67 -17.06 -9.97
C GLY MB 103 56.23 -18.30 -10.64
N GLY MB 104 57.54 -18.32 -10.80
CA GLY MB 104 58.21 -19.45 -11.42
C GLY MB 104 58.23 -19.43 -12.93
N PHE MB 105 57.87 -18.31 -13.55
CA PHE MB 105 57.83 -18.20 -15.00
C PHE MB 105 58.60 -16.96 -15.43
N LEU MB 106 59.11 -16.99 -16.66
CA LEU MB 106 59.81 -15.84 -17.20
C LEU MB 106 58.84 -14.69 -17.39
N PRO MB 107 59.34 -13.45 -17.43
CA PRO MB 107 58.46 -12.29 -17.59
C PRO MB 107 57.62 -12.39 -18.86
N ASN MB 108 56.36 -11.96 -18.74
CA ASN MB 108 55.36 -11.98 -19.80
C ASN MB 108 55.02 -13.38 -20.29
N LYS MB 109 55.42 -14.42 -19.56
CA LYS MB 109 55.15 -15.80 -19.91
C LYS MB 109 54.27 -16.42 -18.85
N VAL MB 110 53.24 -17.15 -19.28
CA VAL MB 110 52.36 -17.84 -18.37
C VAL MB 110 52.45 -19.35 -18.47
N ALA MB 111 53.21 -19.87 -19.43
CA ALA MB 111 53.41 -21.30 -19.57
C ALA MB 111 54.87 -21.59 -19.86
N ALA MB 112 55.30 -22.79 -19.50
CA ALA MB 112 56.69 -23.17 -19.68
C ALA MB 112 56.77 -24.69 -19.78
N ALA MB 113 57.48 -25.18 -20.79
CA ALA MB 113 57.69 -26.60 -20.99
C ALA MB 113 59.12 -26.94 -20.59
N SER MB 114 59.27 -27.84 -19.64
CA SER MB 114 60.56 -28.25 -19.13
C SER MB 114 60.87 -29.65 -19.65
N VAL MB 115 61.96 -29.80 -20.38
CA VAL MB 115 62.31 -31.06 -21.00
C VAL MB 115 63.17 -31.85 -20.02
N LEU MB 116 62.68 -33.03 -19.62
CA LEU MB 116 63.39 -33.84 -18.65
C LEU MB 116 64.28 -34.90 -19.29
N ASP MB 117 63.79 -35.60 -20.31
CA ASP MB 117 64.55 -36.64 -20.99
C ASP MB 117 64.51 -36.44 -22.49
N VAL MB 118 65.68 -36.51 -23.12
CA VAL MB 118 65.78 -36.53 -24.58
C VAL MB 118 66.66 -37.70 -24.99
N GLN MB 119 66.04 -38.83 -25.29
CA GLN MB 119 66.79 -39.98 -25.73
C GLN MB 119 66.49 -40.29 -27.19
N GLU MB 120 67.42 -40.96 -27.85
CA GLU MB 120 67.27 -41.38 -29.23
C GLU MB 120 67.44 -42.90 -29.29
N ALA MB 121 66.34 -43.61 -29.05
CA ALA MB 121 66.35 -45.05 -29.09
C ALA MB 121 66.20 -45.55 -30.53
N THR MB 122 66.46 -46.84 -30.72
CA THR MB 122 66.31 -47.47 -32.01
C THR MB 122 65.45 -48.72 -31.86
N ASP MB 123 64.64 -48.99 -32.87
CA ASP MB 123 63.76 -50.16 -32.83
C ASP MB 123 64.58 -51.44 -32.98
N LYS MB 124 63.99 -52.54 -32.52
CA LYS MB 124 64.61 -53.84 -32.73
C LYS MB 124 64.80 -54.11 -34.22
N LYS MB 125 63.88 -53.63 -35.05
CA LYS MB 125 64.07 -53.72 -36.50
C LYS MB 125 65.23 -52.84 -36.95
N GLY MB 126 65.30 -51.62 -36.41
CA GLY MB 126 66.36 -50.68 -36.78
C GLY MB 126 65.88 -49.24 -36.83
N LYS MB 127 64.56 -49.05 -36.94
CA LYS MB 127 63.99 -47.68 -37.06
C LYS MB 127 64.40 -46.86 -35.82
N LYS MB 128 64.94 -45.66 -36.04
CA LYS MB 128 65.40 -44.82 -34.90
C LYS MB 128 64.21 -44.01 -34.35
N TYR MB 129 64.07 -43.97 -33.03
CA TYR MB 129 62.99 -43.22 -32.40
C TYR MB 129 63.59 -42.08 -31.60
N TYR MB 130 63.01 -40.88 -31.76
CA TYR MB 130 63.43 -39.72 -30.92
C TYR MB 130 62.42 -39.60 -29.79
N LYS MB 131 62.72 -40.19 -28.63
CA LYS MB 131 61.75 -40.20 -27.50
C LYS MB 131 62.01 -38.99 -26.59
N TYR MB 132 60.94 -38.34 -26.11
CA TYR MB 132 61.09 -37.13 -25.27
C TYR MB 132 60.13 -37.14 -24.08
N GLU MB 133 60.60 -36.71 -22.91
CA GLU MB 133 59.74 -36.57 -21.73
C GLU MB 133 59.86 -35.13 -21.24
N VAL MB 134 58.74 -34.40 -21.30
CA VAL MB 134 58.73 -32.99 -20.97
C VAL MB 134 57.53 -32.71 -20.07
N LEU MB 135 57.77 -31.94 -19.01
CA LEU MB 135 56.72 -31.53 -18.07
C LEU MB 135 56.37 -30.07 -18.36
N THR MB 136 55.14 -29.84 -18.82
CA THR MB 136 54.68 -28.49 -19.13
C THR MB 136 53.92 -27.94 -17.94
N ARG MB 137 54.32 -26.76 -17.49
CA ARG MB 137 53.69 -26.10 -16.35
C ARG MB 137 53.02 -24.82 -16.81
N SER MB 138 51.98 -24.42 -16.09
CA SER MB 138 51.19 -23.25 -16.42
C SER MB 138 51.00 -22.39 -15.19
N ALA MB 139 50.71 -21.11 -15.41
CA ALA MB 139 50.41 -20.22 -14.30
C ALA MB 139 49.11 -20.62 -13.60
N ASP MB 140 48.19 -21.25 -14.32
CA ASP MB 140 46.98 -21.77 -13.68
C ASP MB 140 47.34 -22.86 -12.68
N GLY MB 141 48.40 -23.61 -12.94
CA GLY MB 141 48.76 -24.73 -12.09
C GLY MB 141 47.91 -25.95 -12.29
N ASP MB 142 47.27 -26.09 -13.46
CA ASP MB 142 46.33 -27.18 -13.68
C ASP MB 142 47.03 -28.53 -13.57
N GLU MB 143 46.41 -29.44 -12.82
CA GLU MB 143 46.91 -30.79 -12.59
C GLU MB 143 48.27 -30.83 -11.92
N GLY MB 144 48.79 -29.68 -11.49
CA GLY MB 144 50.18 -29.60 -11.05
C GLY MB 144 51.16 -29.81 -12.18
N GLY MB 145 50.78 -29.42 -13.39
CA GLY MB 145 51.60 -29.65 -14.56
C GLY MB 145 51.16 -30.90 -15.32
N ARG MB 146 51.67 -31.02 -16.54
CA ARG MB 146 51.32 -32.13 -17.43
C ARG MB 146 52.60 -32.80 -17.92
N HIS MB 147 52.66 -34.11 -17.80
CA HIS MB 147 53.79 -34.88 -18.31
C HIS MB 147 53.51 -35.28 -19.75
N GLN MB 148 54.38 -34.83 -20.66
CA GLN MB 148 54.20 -35.14 -22.09
C GLN MB 148 55.25 -36.17 -22.51
N LEU MB 149 54.82 -37.35 -22.96
CA LEU MB 149 55.76 -38.37 -23.46
C LEU MB 149 55.67 -38.40 -24.99
N ILE MB 150 56.76 -38.12 -25.70
CA ILE MB 150 56.68 -38.01 -27.19
C ILE MB 150 57.67 -38.98 -27.86
N ALA MB 151 57.17 -39.86 -28.72
CA ALA MB 151 58.03 -40.76 -29.49
C ALA MB 151 57.73 -40.53 -30.96
N ALA MB 152 58.78 -40.23 -31.75
CA ALA MB 152 58.57 -39.91 -33.18
C ALA MB 152 59.50 -40.77 -34.06
N THR MB 153 59.04 -41.10 -35.27
CA THR MB 153 59.88 -41.89 -36.22
C THR MB 153 59.44 -41.57 -37.64
N VAL MB 154 60.36 -41.64 -38.61
CA VAL MB 154 60.02 -41.37 -40.04
C VAL MB 154 59.99 -42.70 -40.80
N SER MB 155 58.83 -43.04 -41.37
CA SER MB 155 58.70 -44.30 -42.15
C SER MB 155 57.90 -44.02 -43.43
N ASN MB 156 58.43 -44.43 -44.58
CA ASN MB 156 57.72 -44.23 -45.87
C ASN MB 156 57.45 -42.73 -46.08
N GLY MB 157 58.42 -41.87 -45.72
CA GLY MB 157 58.27 -40.42 -45.95
C GLY MB 157 57.26 -39.81 -45.00
N ASN MB 158 56.81 -40.56 -44.00
CA ASN MB 158 55.78 -40.04 -43.06
C ASN MB 158 56.36 -39.96 -41.64
N LEU MB 159 56.07 -38.87 -40.92
CA LEU MB 159 56.53 -38.73 -39.53
C LEU MB 159 55.45 -39.28 -38.59
N TYR MB 160 55.63 -40.49 -38.07
CA TYR MB 160 54.66 -41.06 -37.11
C TYR MB 160 55.03 -40.56 -35.71
N LEU MB 161 54.16 -39.76 -35.09
CA LEU MB 161 54.50 -39.17 -33.76
C LEU MB 161 53.39 -39.46 -32.75
N ILE MB 162 53.74 -40.10 -31.63
CA ILE MB 162 52.78 -40.35 -30.56
C ILE MB 162 53.07 -39.35 -29.45
N LYS MB 163 52.00 -38.81 -28.86
CA LYS MB 163 52.11 -37.87 -27.76
C LYS MB 163 51.15 -38.30 -26.67
N VAL MB 164 51.68 -38.80 -25.56
CA VAL MB 164 50.88 -39.22 -24.41
C VAL MB 164 51.09 -38.18 -23.33
N GLN MB 165 50.03 -37.48 -22.95
CA GLN MB 165 50.10 -36.49 -21.89
C GLN MB 165 49.30 -36.96 -20.69
N CYS MB 166 49.81 -36.67 -19.50
CA CYS MB 166 49.18 -37.08 -18.26
C CYS MB 166 49.36 -35.98 -17.23
N GLY MB 167 48.27 -35.57 -16.60
CA GLY MB 167 48.37 -34.58 -15.54
C GLY MB 167 49.21 -35.11 -14.39
N ASP MB 168 49.96 -34.19 -13.76
CA ASP MB 168 50.87 -34.61 -12.69
C ASP MB 168 50.09 -35.23 -11.54
N LYS MB 169 48.95 -34.65 -11.20
CA LYS MB 169 48.12 -35.20 -10.13
C LYS MB 169 47.78 -36.66 -10.39
N ARG MB 170 47.48 -36.99 -11.65
CA ARG MB 170 47.17 -38.39 -12.01
C ARG MB 170 48.47 -39.19 -12.15
N TRP MB 171 49.56 -38.52 -12.51
CA TRP MB 171 50.86 -39.22 -12.76
C TRP MB 171 51.36 -39.92 -11.49
N PHE MB 172 51.43 -39.21 -10.37
CA PHE MB 172 52.01 -39.81 -9.13
C PHE MB 172 50.92 -40.57 -8.37
N LYS MB 173 49.71 -40.64 -8.92
CA LYS MB 173 48.60 -41.40 -8.28
C LYS MB 173 48.51 -42.79 -8.93
N GLY MB 174 49.21 -43.01 -10.05
CA GLY MB 174 49.22 -44.35 -10.68
C GLY MB 174 49.02 -44.31 -12.18
N ALA MB 175 48.63 -43.16 -12.74
CA ALA MB 175 48.34 -43.09 -14.18
C ALA MB 175 49.66 -43.17 -14.97
N LYS MB 176 50.79 -43.02 -14.29
CA LYS MB 176 52.11 -43.08 -14.95
C LYS MB 176 52.27 -44.42 -15.67
N ARG MB 177 51.85 -45.51 -15.03
CA ARG MB 177 52.02 -46.86 -15.64
C ARG MB 177 51.35 -46.89 -17.01
N GLU MB 178 50.10 -46.46 -17.10
CA GLU MB 178 49.35 -46.50 -18.38
C GLU MB 178 50.06 -45.63 -19.42
N ALA MB 179 50.43 -44.40 -19.04
CA ALA MB 179 51.08 -43.46 -19.98
C ALA MB 179 52.40 -44.06 -20.48
N ILE MB 180 53.30 -44.43 -19.57
CA ILE MB 180 54.63 -44.95 -19.98
C ILE MB 180 54.42 -46.24 -20.78
N GLY MB 181 53.48 -47.09 -20.36
CA GLY MB 181 53.22 -48.36 -21.06
C GLY MB 181 52.79 -48.11 -22.50
N ALA MB 182 51.92 -47.12 -22.71
CA ALA MB 182 51.46 -46.77 -24.08
C ALA MB 182 52.61 -46.13 -24.86
N TRP MB 183 53.37 -45.25 -24.21
CA TRP MB 183 54.49 -44.53 -24.90
C TRP MB 183 55.57 -45.52 -25.33
N ASP MB 184 55.73 -46.63 -24.58
CA ASP MB 184 56.81 -47.60 -24.89
C ASP MB 184 56.26 -48.71 -25.77
N SER MB 185 54.99 -48.62 -26.16
CA SER MB 185 54.37 -49.66 -27.03
C SER MB 185 54.25 -49.14 -28.46
N PHE MB 186 54.46 -47.84 -28.67
CA PHE MB 186 54.29 -47.24 -30.03
C PHE MB 186 55.38 -47.81 -30.95
N THR MB 187 54.97 -48.52 -32.00
CA THR MB 187 55.94 -49.12 -32.95
C THR MB 187 55.48 -48.83 -34.38
N VAL MB 188 56.40 -48.37 -35.24
CA VAL MB 188 56.03 -48.04 -36.65
C VAL MB 188 56.87 -48.93 -37.58
N ALA NB 1 2.86 72.15 9.20
CA ALA NB 1 1.92 73.28 9.30
C ALA NB 1 2.12 74.25 8.15
N TYR NB 2 1.74 73.81 6.95
CA TYR NB 2 1.74 74.70 5.80
C TYR NB 2 0.78 75.85 6.01
N GLY NB 3 -0.40 75.57 6.56
CA GLY NB 3 -1.38 76.59 6.85
C GLY NB 3 -2.29 76.96 5.70
N ASP NB 4 -2.10 76.39 4.52
CA ASP NB 4 -2.91 76.73 3.37
C ASP NB 4 -4.26 76.02 3.45
N ALA NB 5 -5.33 76.79 3.32
CA ALA NB 5 -6.66 76.21 3.32
C ALA NB 5 -6.88 75.37 2.07
N ALA NB 6 -7.72 74.36 2.18
CA ALA NB 6 -8.03 73.50 1.02
C ALA NB 6 -8.81 74.32 -0.02
N ARG NB 7 -8.70 73.94 -1.30
CA ARG NB 7 -9.38 74.70 -2.38
C ARG NB 7 -10.86 74.31 -2.43
N VAL NB 8 -11.61 74.58 -1.36
CA VAL NB 8 -13.06 74.29 -1.35
C VAL NB 8 -13.77 75.36 -2.18
N PHE NB 9 -14.66 74.95 -3.09
CA PHE NB 9 -15.38 75.89 -3.94
C PHE NB 9 -14.42 76.74 -4.78
N ALA NB 10 -13.30 76.13 -5.18
CA ALA NB 10 -12.29 76.88 -5.95
C ALA NB 10 -12.91 77.36 -7.26
N GLY NB 11 -13.20 76.44 -8.18
CA GLY NB 11 -13.89 76.81 -9.43
C GLY NB 11 -12.98 76.72 -10.65
N ASN NB 12 -11.66 76.90 -10.45
CA ASN NB 12 -10.73 76.92 -11.60
C ASN NB 12 -9.59 75.92 -11.38
N ILE NB 13 -9.42 74.95 -12.27
CA ILE NB 13 -8.28 74.00 -12.17
C ILE NB 13 -6.98 74.76 -12.48
N THR NB 14 -5.89 74.44 -11.79
CA THR NB 14 -4.60 75.16 -11.98
C THR NB 14 -4.15 74.99 -13.43
N ASN NB 15 -3.93 73.74 -13.86
CA ASN NB 15 -3.49 73.47 -15.26
C ASN NB 15 -4.42 72.42 -15.88
N LYS NB 16 -5.09 72.78 -16.97
CA LYS NB 16 -6.00 71.83 -17.67
C LYS NB 16 -5.70 71.86 -19.16
N SER NB 17 -4.53 72.36 -19.55
CA SER NB 17 -4.12 72.40 -20.98
C SER NB 17 -3.64 71.02 -21.40
N GLY NB 18 -3.17 70.22 -20.44
CA GLY NB 18 -2.70 68.85 -20.75
C GLY NB 18 -1.20 68.81 -20.95
N PHE NB 19 -0.54 69.97 -20.92
CA PHE NB 19 0.93 70.04 -21.12
C PHE NB 19 1.56 70.85 -19.99
N ILE NB 20 2.69 70.36 -19.46
CA ILE NB 20 3.42 71.11 -18.39
C ILE NB 20 4.72 71.64 -19.00
N PRO NB 21 4.94 72.97 -19.07
CA PRO NB 21 6.14 73.53 -19.71
C PRO NB 21 7.41 73.00 -19.06
N TYR NB 22 8.40 72.72 -19.90
CA TYR NB 22 9.70 72.26 -19.44
C TYR NB 22 10.76 73.15 -20.06
N ALA NB 23 11.68 73.63 -19.23
CA ALA NB 23 12.78 74.47 -19.68
C ALA NB 23 14.08 73.70 -19.49
N GLY NB 24 14.62 73.15 -20.57
CA GLY NB 24 15.86 72.42 -20.54
C GLY NB 24 17.05 73.34 -20.69
N GLU NB 25 18.20 72.74 -20.99
CA GLU NB 25 19.43 73.47 -21.23
C GLU NB 25 19.55 73.72 -22.73
N GLY NB 26 19.15 74.91 -23.16
CA GLY NB 26 19.19 75.26 -24.56
C GLY NB 26 17.97 74.86 -25.36
N PHE NB 27 17.00 74.19 -24.74
CA PHE NB 27 15.79 73.78 -25.44
C PHE NB 27 14.61 73.91 -24.50
N ALA NB 28 13.41 73.97 -25.08
CA ALA NB 28 12.18 74.04 -24.32
C ALA NB 28 11.10 73.28 -25.06
N LEU NB 29 10.17 72.70 -24.31
CA LEU NB 29 9.09 71.93 -24.90
C LEU NB 29 7.95 71.86 -23.89
N LEU NB 30 6.81 71.36 -24.36
CA LEU NB 30 5.62 71.19 -23.52
C LEU NB 30 5.41 69.71 -23.30
N ILE NB 31 5.88 69.21 -22.16
CA ILE NB 31 5.74 67.78 -21.85
C ILE NB 31 4.29 67.50 -21.45
N PRO NB 32 3.67 66.45 -21.99
CA PRO NB 32 2.29 66.13 -21.60
C PRO NB 32 2.19 65.87 -20.12
N SER NB 33 1.05 66.27 -19.54
CA SER NB 33 0.89 66.22 -18.10
C SER NB 33 0.93 64.79 -17.57
N LYS NB 34 0.29 63.86 -18.27
CA LYS NB 34 0.14 62.50 -17.78
C LYS NB 34 1.39 61.66 -17.97
N TRP NB 35 2.54 62.27 -18.26
CA TRP NB 35 3.77 61.54 -18.52
C TRP NB 35 4.74 61.75 -17.37
N ASN NB 36 5.38 60.70 -16.95
CA ASN NB 36 6.34 60.66 -15.86
C ASN NB 36 7.77 60.71 -16.39
N PRO NB 37 8.69 61.29 -15.64
CA PRO NB 37 10.09 61.34 -16.08
C PRO NB 37 10.72 59.96 -16.00
N SER NB 38 11.18 59.47 -17.15
CA SER NB 38 11.86 58.19 -17.19
C SER NB 38 13.32 58.36 -16.76
N LYS NB 39 13.95 57.23 -16.43
CA LYS NB 39 15.34 57.24 -15.97
C LYS NB 39 16.24 56.37 -16.85
N GLU NB 40 15.75 55.94 -18.00
CA GLU NB 40 16.56 55.14 -18.92
C GLU NB 40 17.10 56.01 -20.04
N GLN NB 41 18.24 55.60 -20.60
CA GLN NB 41 18.91 56.33 -21.66
C GLN NB 41 19.00 55.40 -22.87
N ASP NB 42 18.04 55.51 -23.77
CA ASP NB 42 17.96 54.60 -24.90
C ASP NB 42 19.08 54.84 -25.90
N PHE NB 43 19.39 56.11 -26.16
CA PHE NB 43 20.32 56.51 -27.20
C PHE NB 43 21.44 57.34 -26.62
N PRO NB 44 22.57 57.47 -27.32
CA PRO NB 44 23.61 58.38 -26.86
C PRO NB 44 23.12 59.82 -26.81
N GLY NB 45 23.55 60.54 -25.77
CA GLY NB 45 23.24 61.94 -25.63
C GLY NB 45 21.84 62.26 -25.14
N VAL NB 46 21.17 61.31 -24.49
CA VAL NB 46 19.82 61.58 -23.99
C VAL NB 46 19.90 62.47 -22.77
N VAL NB 47 19.23 63.61 -22.81
CA VAL NB 47 19.18 64.52 -21.69
C VAL NB 47 17.79 64.64 -21.08
N LEU NB 48 16.76 64.14 -21.74
CA LEU NB 48 15.40 64.21 -21.22
C LEU NB 48 14.62 63.03 -21.76
N ARG NB 49 13.86 62.36 -20.91
CA ARG NB 49 13.01 61.26 -21.34
C ARG NB 49 11.81 61.16 -20.42
N TYR NB 50 10.63 61.33 -21.00
CA TYR NB 50 9.37 61.15 -20.30
C TYR NB 50 8.58 60.05 -20.99
N GLU NB 51 7.84 59.27 -20.20
CA GLU NB 51 7.00 58.21 -20.72
C GLU NB 51 5.62 58.30 -20.10
N ASP NB 52 4.63 57.86 -20.86
CA ASP NB 52 3.25 57.90 -20.39
C ASP NB 52 3.05 56.95 -19.22
N ASN NB 53 2.22 57.38 -18.27
CA ASN NB 53 1.90 56.52 -17.13
C ASN NB 53 1.17 55.25 -17.58
N GLY NB 54 0.23 55.40 -18.52
CA GLY NB 54 -0.54 54.27 -19.00
C GLY NB 54 0.27 53.27 -19.80
N ASP NB 55 0.84 53.71 -20.91
CA ASP NB 55 1.62 52.85 -21.79
C ASP NB 55 3.03 53.38 -21.89
N ALA NB 56 4.02 52.52 -21.61
CA ALA NB 56 5.41 52.92 -21.72
C ALA NB 56 5.85 53.10 -23.17
N VAL NB 57 5.05 52.65 -24.12
CA VAL NB 57 5.35 52.89 -25.53
C VAL NB 57 5.28 54.38 -25.85
N ASN NB 58 4.28 55.07 -25.29
CA ASN NB 58 4.16 56.51 -25.47
C ASN NB 58 5.24 57.20 -24.66
N ASN NB 59 6.26 57.72 -25.34
CA ASN NB 59 7.36 58.37 -24.65
C ASN NB 59 7.98 59.41 -25.58
N LEU NB 60 8.70 60.36 -24.96
CA LEU NB 60 9.42 61.40 -25.74
C LEU NB 60 10.88 61.39 -25.27
N VAL NB 61 11.82 61.69 -26.17
CA VAL NB 61 13.26 61.75 -25.79
C VAL NB 61 13.91 62.94 -26.50
N VAL NB 62 14.63 63.79 -25.75
CA VAL NB 62 15.38 64.92 -26.37
C VAL NB 62 16.85 64.51 -26.41
N LEU NB 63 17.49 64.56 -27.57
CA LEU NB 63 18.89 64.09 -27.68
C LEU NB 63 19.81 65.22 -28.13
N VAL NB 64 20.84 65.52 -27.34
CA VAL NB 64 21.83 66.51 -27.73
C VAL NB 64 23.12 65.78 -28.04
N GLN NB 65 23.71 66.07 -29.20
CA GLN NB 65 24.93 65.41 -29.64
C GLN NB 65 25.82 66.47 -30.28
N LYS NB 66 27.04 66.59 -29.78
CA LYS NB 66 28.00 67.49 -30.41
C LYS NB 66 28.29 67.01 -31.82
N VAL NB 67 28.20 67.92 -32.79
CA VAL NB 67 28.38 67.57 -34.19
C VAL NB 67 29.32 68.53 -34.92
N GLY NB 68 29.70 69.65 -34.31
CA GLY NB 68 30.64 70.56 -34.92
C GLY NB 68 30.17 71.17 -36.22
N LYS NB 69 28.90 71.54 -36.29
CA LYS NB 69 28.32 72.16 -37.48
C LYS NB 69 27.51 73.37 -37.04
N ASN NB 70 26.94 74.09 -38.00
CA ASN NB 70 26.13 75.25 -37.70
C ASN NB 70 24.66 75.07 -38.04
N ASN NB 71 24.36 74.67 -39.27
CA ASN NB 71 22.99 74.46 -39.72
C ASN NB 71 22.77 72.99 -40.04
N ILE NB 72 21.52 72.54 -39.85
CA ILE NB 72 21.24 71.12 -39.98
C ILE NB 72 21.35 70.64 -41.41
N ASP NB 73 21.28 71.54 -42.38
CA ASP NB 73 21.48 71.15 -43.77
C ASP NB 73 22.90 70.64 -44.01
N GLU NB 74 23.85 71.13 -43.22
CA GLU NB 74 25.23 70.64 -43.32
C GLU NB 74 25.31 69.17 -42.94
N LEU NB 75 24.36 68.69 -42.14
CA LEU NB 75 24.27 67.27 -41.81
C LEU NB 75 23.68 66.45 -42.95
N GLY NB 76 23.25 67.09 -44.01
CA GLY NB 76 22.69 66.42 -45.17
C GLY NB 76 21.30 66.93 -45.50
N SER NB 77 20.75 66.36 -46.56
CA SER NB 77 19.37 66.63 -46.91
C SER NB 77 18.46 66.00 -45.87
N PRO NB 78 17.21 66.46 -45.76
CA PRO NB 78 16.29 65.84 -44.80
C PRO NB 78 16.13 64.35 -45.02
N ASP NB 79 16.19 63.89 -46.28
CA ASP NB 79 16.16 62.47 -46.54
C ASP NB 79 17.43 61.78 -46.05
N LYS NB 80 18.58 62.38 -46.33
CA LYS NB 80 19.86 61.78 -45.93
C LYS NB 80 19.99 61.77 -44.41
N PHE NB 81 19.57 62.85 -43.75
CA PHE NB 81 19.72 62.93 -42.31
C PHE NB 81 18.93 61.84 -41.61
N LEU NB 82 17.72 61.54 -42.11
CA LEU NB 82 16.92 60.48 -41.49
C LEU NB 82 17.57 59.12 -41.66
N GLN NB 83 18.12 58.86 -42.85
CA GLN NB 83 18.77 57.58 -43.09
C GLN NB 83 20.01 57.40 -42.22
N ASP NB 84 20.76 58.48 -42.02
CA ASP NB 84 21.94 58.41 -41.16
C ASP NB 84 21.56 58.11 -39.72
N ASN NB 85 20.37 58.53 -39.29
CA ASN NB 85 19.91 58.35 -37.92
C ASN NB 85 18.83 57.28 -37.81
N ALA NB 86 18.95 56.22 -38.60
CA ALA NB 86 17.98 55.13 -38.54
C ALA NB 86 18.03 54.36 -37.23
N TYR NB 87 19.08 54.57 -36.42
CA TYR NB 87 19.15 53.90 -35.12
C TYR NB 87 18.09 54.43 -34.17
N LEU NB 88 17.48 55.58 -34.50
CA LEU NB 88 16.45 56.14 -33.63
C LEU NB 88 15.23 55.24 -33.52
N PHE NB 89 14.86 54.58 -34.62
CA PHE NB 89 13.68 53.72 -34.60
C PHE NB 89 13.95 52.35 -34.03
N GLY NB 90 15.20 52.04 -33.70
CA GLY NB 90 15.57 50.73 -33.23
C GLY NB 90 16.21 49.90 -34.33
N GLU NB 91 16.65 48.71 -33.94
CA GLU NB 91 17.33 47.82 -34.85
C GLU NB 91 16.86 46.38 -34.61
N SER NB 92 17.09 45.54 -35.61
CA SER NB 92 16.80 44.11 -35.52
C SER NB 92 18.07 43.30 -35.43
N ALA NB 93 19.05 43.79 -34.65
CA ALA NB 93 20.35 43.14 -34.58
C ALA NB 93 20.24 41.75 -33.98
N ALA NB 94 19.39 41.59 -32.97
CA ALA NB 94 19.27 40.30 -32.29
C ALA NB 94 18.77 39.22 -33.24
N PHE NB 95 17.78 39.55 -34.07
CA PHE NB 95 17.23 38.58 -35.02
C PHE NB 95 18.10 38.56 -36.27
N THR NB 96 18.73 37.42 -36.53
CA THR NB 96 19.61 37.26 -37.68
C THR NB 96 19.15 36.17 -38.63
N GLY NB 97 18.06 35.48 -38.34
CA GLY NB 97 17.61 34.40 -39.18
C GLY NB 97 16.86 34.89 -40.39
N GLU NB 98 16.61 33.96 -41.32
CA GLU NB 98 15.86 34.25 -42.53
C GLU NB 98 14.42 33.75 -42.37
N THR NB 99 13.48 34.51 -42.94
CA THR NB 99 12.08 34.16 -42.85
C THR NB 99 11.33 34.73 -44.04
N LEU NB 100 10.38 33.96 -44.57
CA LEU NB 100 9.50 34.43 -45.63
C LEU NB 100 8.05 34.49 -45.18
N SER NB 101 7.77 34.23 -43.90
CA SER NB 101 6.40 34.15 -43.41
C SER NB 101 5.97 35.39 -42.66
N GLU NB 102 6.66 36.51 -42.83
CA GLU NB 102 6.26 37.77 -42.22
C GLU NB 102 5.46 38.56 -43.24
N GLY NB 103 4.15 38.33 -43.24
CA GLY NB 103 3.29 38.98 -44.22
C GLY NB 103 3.33 40.49 -44.08
N GLY NB 104 3.49 41.16 -45.22
CA GLY NB 104 3.60 42.60 -45.25
C GLY NB 104 4.99 43.15 -45.04
N PHE NB 105 6.02 42.32 -45.12
CA PHE NB 105 7.39 42.75 -44.95
C PHE NB 105 8.27 42.13 -46.03
N LEU NB 106 9.41 42.76 -46.28
CA LEU NB 106 10.37 42.22 -47.22
C LEU NB 106 10.98 40.94 -46.68
N PRO NB 107 11.54 40.10 -47.54
CA PRO NB 107 12.14 38.84 -47.07
C PRO NB 107 13.22 39.07 -46.03
N ASN NB 108 13.25 38.19 -45.04
CA ASN NB 108 14.25 38.22 -43.96
C ASN NB 108 14.19 39.54 -43.18
N LYS NB 109 12.98 40.08 -43.05
CA LYS NB 109 12.77 41.36 -42.38
C LYS NB 109 11.58 41.24 -41.45
N VAL NB 110 11.75 41.70 -40.21
CA VAL NB 110 10.68 41.64 -39.22
C VAL NB 110 10.22 43.02 -38.78
N ALA NB 111 10.90 44.09 -39.19
CA ALA NB 111 10.48 45.43 -38.85
C ALA NB 111 10.63 46.31 -40.09
N ALA NB 112 9.87 47.40 -40.11
CA ALA NB 112 9.88 48.31 -41.25
C ALA NB 112 9.38 49.67 -40.79
N ALA NB 113 10.04 50.72 -41.27
CA ALA NB 113 9.67 52.09 -40.96
C ALA NB 113 9.19 52.77 -42.22
N SER NB 114 8.00 53.34 -42.17
CA SER NB 114 7.40 54.02 -43.31
C SER NB 114 7.42 55.52 -43.05
N VAL NB 115 8.17 56.26 -43.86
CA VAL NB 115 8.26 57.71 -43.70
C VAL NB 115 7.00 58.32 -44.29
N LEU NB 116 6.22 59.00 -43.45
CA LEU NB 116 4.97 59.59 -43.92
C LEU NB 116 5.14 61.06 -44.31
N ASP NB 117 5.94 61.82 -43.57
CA ASP NB 117 6.12 63.23 -43.85
C ASP NB 117 7.57 63.63 -43.61
N VAL NB 118 8.08 64.52 -44.44
CA VAL NB 118 9.33 65.24 -44.19
C VAL NB 118 9.05 66.72 -44.44
N GLN NB 119 9.53 67.56 -43.52
CA GLN NB 119 9.30 68.99 -43.59
C GLN NB 119 10.54 69.73 -43.12
N GLU NB 120 10.93 70.76 -43.86
CA GLU NB 120 11.98 71.67 -43.42
C GLU NB 120 11.37 72.94 -42.82
N ALA NB 121 10.67 72.76 -41.70
CA ALA NB 121 10.02 73.88 -41.06
C ALA NB 121 11.07 74.82 -40.46
N THR NB 122 10.79 76.11 -40.53
CA THR NB 122 11.68 77.14 -40.01
C THR NB 122 11.04 77.81 -38.80
N ASP NB 123 11.87 78.09 -37.79
CA ASP NB 123 11.37 78.66 -36.54
C ASP NB 123 11.10 80.15 -36.72
N LYS NB 124 10.46 80.73 -35.71
CA LYS NB 124 10.24 82.17 -35.68
C LYS NB 124 11.56 82.93 -35.76
N LYS NB 125 12.62 82.40 -35.16
CA LYS NB 125 13.92 83.04 -35.16
C LYS NB 125 14.73 82.72 -36.41
N GLY NB 126 14.17 81.89 -37.29
CA GLY NB 126 14.91 81.47 -38.51
C GLY NB 126 15.76 80.24 -38.22
N LYS NB 127 15.24 79.30 -37.44
CA LYS NB 127 15.99 78.06 -37.10
C LYS NB 127 15.48 76.93 -37.99
N LYS NB 128 16.37 76.28 -38.74
CA LYS NB 128 15.95 75.21 -39.68
C LYS NB 128 15.66 73.92 -38.91
N TYR NB 129 14.42 73.46 -38.92
CA TYR NB 129 14.05 72.21 -38.27
C TYR NB 129 13.74 71.18 -39.34
N TYR NB 130 14.29 69.98 -39.18
CA TYR NB 130 13.93 68.87 -40.09
C TYR NB 130 12.91 68.00 -39.35
N LYS NB 131 11.62 68.18 -39.63
CA LYS NB 131 10.57 67.44 -38.89
C LYS NB 131 10.17 66.20 -39.68
N TYR NB 132 9.93 65.07 -39.01
CA TYR NB 132 9.62 63.80 -39.73
C TYR NB 132 8.54 63.00 -39.00
N GLU NB 133 7.61 62.41 -39.75
CA GLU NB 133 6.61 61.50 -39.18
C GLU NB 133 6.79 60.15 -39.84
N VAL NB 134 6.96 59.12 -39.03
CA VAL NB 134 7.26 57.78 -39.52
C VAL NB 134 6.47 56.77 -38.72
N LEU NB 135 5.87 55.81 -39.42
CA LEU NB 135 5.10 54.73 -38.80
C LEU NB 135 5.90 53.44 -38.90
N THR NB 136 6.55 53.08 -37.79
CA THR NB 136 7.33 51.82 -37.76
C THR NB 136 6.40 50.65 -37.45
N ARG NB 137 6.34 49.66 -38.35
CA ARG NB 137 5.46 48.48 -38.13
C ARG NB 137 6.34 47.23 -37.95
N SER NB 138 5.94 46.33 -37.06
CA SER NB 138 6.75 45.12 -36.77
C SER NB 138 5.95 43.85 -37.09
N ALA NB 139 6.63 42.71 -37.18
CA ALA NB 139 5.95 41.45 -37.44
C ALA NB 139 5.03 41.06 -36.30
N ASP NB 140 5.40 41.39 -35.06
CA ASP NB 140 4.51 41.08 -33.93
C ASP NB 140 3.31 42.00 -33.91
N GLY NB 141 3.38 43.13 -34.61
CA GLY NB 141 2.24 44.02 -34.70
C GLY NB 141 1.89 44.73 -33.42
N ASP NB 142 2.87 44.94 -32.54
CA ASP NB 142 2.61 45.56 -31.24
C ASP NB 142 2.04 46.95 -31.43
N GLU NB 143 0.96 47.25 -30.69
CA GLU NB 143 0.31 48.56 -30.74
C GLU NB 143 -0.24 48.87 -32.12
N GLY NB 144 -0.12 47.94 -33.05
CA GLY NB 144 -0.45 48.19 -34.44
C GLY NB 144 0.46 49.19 -35.12
N GLY NB 145 1.75 49.12 -34.81
CA GLY NB 145 2.70 50.10 -35.31
C GLY NB 145 2.94 51.21 -34.31
N ARG NB 146 4.01 51.97 -34.53
CA ARG NB 146 4.39 53.07 -33.67
C ARG NB 146 4.58 54.33 -34.51
N HIS NB 147 3.84 55.37 -34.17
CA HIS NB 147 4.06 56.69 -34.77
C HIS NB 147 5.21 57.37 -34.06
N GLN NB 148 6.20 57.81 -34.82
CA GLN NB 148 7.40 58.45 -34.22
C GLN NB 148 7.57 59.85 -34.80
N LEU NB 149 7.13 60.88 -34.07
CA LEU NB 149 7.31 62.29 -34.52
C LEU NB 149 8.73 62.73 -34.17
N ILE NB 150 9.51 63.14 -35.15
CA ILE NB 150 10.94 63.52 -34.89
C ILE NB 150 11.20 64.93 -35.42
N ALA NB 151 11.74 65.81 -34.58
CA ALA NB 151 12.10 67.18 -35.02
C ALA NB 151 13.54 67.45 -34.57
N ALA NB 152 14.41 67.88 -35.48
CA ALA NB 152 15.84 68.05 -35.12
C ALA NB 152 16.38 69.38 -35.64
N THR NB 153 17.31 69.99 -34.89
CA THR NB 153 17.95 71.25 -35.33
C THR NB 153 19.31 71.36 -34.64
N VAL NB 154 20.31 71.95 -35.31
CA VAL NB 154 21.68 72.01 -34.71
C VAL NB 154 21.96 73.44 -34.25
N SER NB 155 22.37 73.59 -32.99
CA SER NB 155 22.70 74.93 -32.45
C SER NB 155 24.01 74.85 -31.65
N ASN NB 156 24.93 75.79 -31.90
CA ASN NB 156 26.20 75.81 -31.15
C ASN NB 156 26.98 74.51 -31.39
N GLY NB 157 26.83 73.91 -32.57
CA GLY NB 157 27.58 72.70 -32.90
C GLY NB 157 26.99 71.45 -32.28
N ASN NB 158 25.86 71.59 -31.58
CA ASN NB 158 25.19 70.41 -30.97
C ASN NB 158 23.87 70.17 -31.69
N LEU NB 159 23.61 68.93 -32.12
CA LEU NB 159 22.32 68.59 -32.77
C LEU NB 159 21.27 68.34 -31.68
N TYR NB 160 20.20 69.12 -31.67
CA TYR NB 160 19.10 68.91 -30.69
C TYR NB 160 17.96 68.18 -31.42
N LEU NB 161 17.62 66.98 -30.95
CA LEU NB 161 16.57 66.18 -31.65
C LEU NB 161 15.49 65.77 -30.64
N ILE NB 162 14.23 65.73 -31.06
CA ILE NB 162 13.13 65.25 -30.18
C ILE NB 162 12.43 64.09 -30.88
N LYS NB 163 12.31 62.94 -30.21
CA LYS NB 163 11.55 61.81 -30.81
C LYS NB 163 10.36 61.49 -29.89
N VAL NB 164 9.14 61.75 -30.36
CA VAL NB 164 7.93 61.40 -29.57
C VAL NB 164 7.36 60.10 -30.15
N GLN NB 165 7.50 58.99 -29.41
CA GLN NB 165 6.95 57.69 -29.88
C GLN NB 165 5.53 57.52 -29.33
N CYS NB 166 4.58 57.17 -30.19
CA CYS NB 166 3.20 56.95 -29.77
C CYS NB 166 2.69 55.67 -30.40
N GLY NB 167 2.14 54.78 -29.57
CA GLY NB 167 1.54 53.57 -30.12
C GLY NB 167 0.32 53.91 -30.95
N ASP NB 168 0.08 53.10 -31.98
CA ASP NB 168 -1.00 53.41 -32.91
C ASP NB 168 -2.37 53.29 -32.26
N LYS NB 169 -2.57 52.26 -31.43
CA LYS NB 169 -3.84 52.11 -30.75
C LYS NB 169 -4.10 53.28 -29.82
N ARG NB 170 -3.03 53.93 -29.37
CA ARG NB 170 -3.19 55.12 -28.50
C ARG NB 170 -3.37 56.34 -29.42
N TRP NB 171 -2.71 56.34 -30.57
CA TRP NB 171 -2.76 57.49 -31.52
C TRP NB 171 -4.21 57.79 -31.91
N PHE NB 172 -4.96 56.78 -32.36
CA PHE NB 172 -6.35 57.01 -32.83
C PHE NB 172 -7.33 56.95 -31.66
N LYS NB 173 -6.80 56.85 -30.43
CA LYS NB 173 -7.67 56.86 -29.22
C LYS NB 173 -7.60 58.25 -28.57
N GLY NB 174 -6.64 59.08 -29.00
CA GLY NB 174 -6.57 60.46 -28.48
C GLY NB 174 -5.15 60.89 -28.10
N ALA NB 175 -4.21 59.95 -28.01
CA ALA NB 175 -2.83 60.29 -27.59
C ALA NB 175 -2.16 61.15 -28.65
N LYS NB 176 -2.76 61.24 -29.84
CA LYS NB 176 -2.19 62.04 -30.95
C LYS NB 176 -2.02 63.49 -30.50
N ARG NB 177 -3.02 64.04 -29.80
CA ARG NB 177 -2.97 65.45 -29.35
C ARG NB 177 -1.70 65.69 -28.54
N GLU NB 178 -1.47 64.86 -27.52
CA GLU NB 178 -0.29 65.04 -26.63
C GLU NB 178 0.99 64.87 -27.45
N ALA NB 179 1.07 63.82 -28.25
CA ALA NB 179 2.29 63.54 -29.04
C ALA NB 179 2.60 64.74 -29.94
N ILE NB 180 1.67 65.12 -30.81
CA ILE NB 180 1.92 66.24 -31.77
C ILE NB 180 2.20 67.52 -30.98
N GLY NB 181 1.49 67.73 -29.88
CA GLY NB 181 1.68 68.96 -29.09
C GLY NB 181 3.11 69.10 -28.61
N ALA NB 182 3.67 68.05 -28.01
CA ALA NB 182 5.06 68.07 -27.53
C ALA NB 182 6.01 68.23 -28.72
N TRP NB 183 5.72 67.54 -29.82
CA TRP NB 183 6.58 67.60 -31.03
C TRP NB 183 6.67 69.05 -31.51
N ASP NB 184 5.53 69.73 -31.60
CA ASP NB 184 5.51 71.13 -32.11
C ASP NB 184 6.15 72.07 -31.07
N SER NB 185 5.94 71.80 -29.78
CA SER NB 185 6.46 72.68 -28.70
C SER NB 185 7.99 72.69 -28.71
N PHE NB 186 8.62 71.63 -29.20
CA PHE NB 186 10.10 71.54 -29.14
C PHE NB 186 10.72 72.81 -29.75
N THR NB 187 11.55 73.51 -28.97
CA THR NB 187 12.21 74.75 -29.46
C THR NB 187 13.62 74.82 -28.88
N VAL NB 188 14.60 75.14 -29.72
CA VAL NB 188 16.02 75.17 -29.24
C VAL NB 188 16.54 76.60 -29.29
#